data_7S3D
#
_entry.id   7S3D
#
_cell.length_a   1.00
_cell.length_b   1.00
_cell.length_c   1.00
_cell.angle_alpha   90.00
_cell.angle_beta   90.00
_cell.angle_gamma   90.00
#
_symmetry.space_group_name_H-M   'P 1'
#
loop_
_entity.id
_entity.type
_entity.pdbx_description
1 polymer 'Photosystem I P700 chlorophyll a apoprotein A1'
2 polymer 'Photosystem I P700 chlorophyll a apoprotein A2'
3 polymer PsaC
4 polymer 'Photosystem I 16 kDa polypeptide'
5 polymer 'Photosystem I reaction center subunit IV'
6 polymer PSI-F
7 polymer PsaI2
8 polymer 'Photosystem I reaction center subunit IX'
9 polymer 'Photosystem I reaction center subunit PsaK'
10 polymer 'PSI subunit V'
11 polymer PsaM
12 polymer '2Fe-2S ferredoxin-type domain-containing protein'
13 non-polymer 'CHLOROPHYLL A ISOMER'
14 non-polymer 'CHLOROPHYLL A'
15 non-polymer 'Chlorophyll F'
16 non-polymer PHYLLOQUINONE
17 non-polymer 'IRON/SULFUR CLUSTER'
18 non-polymer BETA-CAROTENE
19 non-polymer 1,2-DIPALMITOYL-PHOSPHATIDYL-GLYCEROLE
20 non-polymer 1,2-DISTEAROYL-MONOGALACTOSYL-DIGLYCERIDE
21 non-polymer DODECYL-BETA-D-MALTOSIDE
22 non-polymer 'CHLORIDE ION'
23 non-polymer 'CALCIUM ION'
24 non-polymer 'FE2/S2 (INORGANIC) CLUSTER'
25 water water
#
loop_
_entity_poly.entity_id
_entity_poly.type
_entity_poly.pdbx_seq_one_letter_code
_entity_poly.pdbx_strand_id
1 'polypeptide(L)'
;MTASPPKRNQASAATEQSPIPTSFERWAKPGHFDRTLARGPKTTTWIWNLHADAHDFDSHTNDLQDISRKIFSAHFGHLA
VVFVWLSGMYFHGARFSNFSSWMADPTHIRPSAQVVWPLVGQDILNGDMGGGFRGIQITSGLFQMWRGEGFTNEFQLYCT
AIGALVMAGLMIFAGWFHYHVRSPKLEWFQNVQSMLNHHLAGLLGLGSLGWAGHLIHVALPTNKLLDAGVAPQDIPLPHE
FVLDKALMAELYPSFAQGIRPFFTLNWATYSDFLTFNGGLNPVTGGLWMTDIAHHHVAIAVLFIFAGHMYRTNWGIGHSI
RTMLEDARHPKMLPFLSFIGPVGHRGLFEVLTTSWHAQLSINLAMMGSLSIIVAQHMYSMPPYPYLATDYGTVTSLFTHH
MWIGGFLIVGAAAHAGIFMVRDYDPAENVNNVLDRVLRHRDAIISHLVWVCQFLGFHSFAMYCHNDTMRAFGRPQDMFSD
TGIQLQPIFAQWVQHIQTMAVGSAQVAEPLGDALGGIQNIALSGVGTTAPGVASPASYAFGGGLVAVGGKVAMMPISLGT
ADFLIHHIHAFTIHVTVLVLLKGVLFARNSRLIPDKSELGFRFPCDGPGRGGTCQVSAWDHVFLGLFWMYNSIAMVIFHF
FWKMQSDVWGAVDANGTVSHITGGNFAQSSITINGWLRDFLWAQATQVISSYGSALSAYGLMFLAGHFVFAFSLMFLFSG
RGYWQELIESIVWAHNKLRITTAIQPRALSITQGRAVGAAHYLLGSIVTTWAFFLARMAAIG
;
A,G,a
2 'polypeptide(L)'
;MATKFPKFSQELQQDPTTRRIFYSLATAHDFESHDGMTEESLYQRIFASHFGHLAIIFLWTSGILFHVAWQGNFEAWIKD
PLNISPIAHAIWDPQFGPAAMDAFTPAGAGNPVNFCYSGVYHWWYTIGLRTNGDLFAGAMFLLLLAAVMLYAGWLHLQPR
YRPSLAWFKNAESRLNHHLAGLFGVSSLAWTGHLVHVAIPESRGQHVGWDNFLSMPPHPEGLKPFFTGNWGAYALNPDTS
EHLFNTSQGAGTAILTFLGGFHPQTESLWLTDMAHHHLAIAVIFIIAGHMYRTNFGIGHSIKEMTESLQGPGWTGFFIAP
NTGRGHKGIYDAYNNSLHFQLGWHLACLGVVTSLVAQHMYAMPPYAFIARDYTTTAALYTHHQYIAGFLMLGAFAHGGIF
LIRDYDPVANENNVLARVLDHKEAIISHLSWVSLFLGFHTLALYVHNDCEVAFGSPDKQILVEPVFAQWIQAVHGKALYG
ISSLLSNPDSIASTAWPNHANVWLPGWLEAINNGTNSLFLAIGPGDFLVHHAIALGLHVTTLILVKGALDARGSKLMPDK
KDFGYAFPCDGPGRGGTCDISAWDSVYLATFWMLNTLGWVTFYWHWKHLAIWSGNVAQFNEGSTYLMGWFRDYLWLNSAQ
LINGYNPYGTNNLAIWAWIFLFGHLVWAISFMFLITWRGYWQELIETLMWAHENTPLSFGYPKDKPVALSIVQARLVGLV
HFTVGYIATYGAFLIASTGSRFP
;
B,H,b
3 'polypeptide(L)'
;MSHSVKIYDTCIGCTQCVRACPTDVLEMVPWDGCRAGQIAASPRTEDCVGCKRCETACPTDFLSIRVYLGAETSRSMGLA
Y
;
C,N,c
4 'polypeptide(L)'
;MALTGSMPKFGGSTGGLLTAAFVEERYAITWTSSKEQVFEMPTGGAATMNEGENLLELARKEQCLALGAQLRTKFKPKIT
DYKIYRIFPNGETTFIHPADGVFPEKVNEGRGYSGKKDRRIGENPNPATIKFSGQNTFETDMKSTDVKTTGLPRP
;
D,O,d
5 'polypeptide(L)' MVQRGSKVRILRPESYWFREVGSVASVDQSGIKYPVVVRFSKVNYAGVNTNNFSEAELVEVEAPPKKAAKK E,P,e
6 'polypeptide(L)'
;MHKTIRKFFSLLLAAFVWLSVVSPAVAASEGYTDTHLVPCASSPAFNERMQNAPEGYYFDTPYQSYAANLLCGAEGLPHQ
QLRFDRAIDVLIPFGIFFYVAGFIGWSGRAYLISSNRNSKPEETEIFIDVALAIKSFVQGLLWPLLAVKELTTGELTAPV
SEVSVSPR
;
F,Q,f
7 'polypeptide(L)' MVDATQLEGAYAAAWLPWIMIPMITYILPFPIFAIAFLWIEREGGEGGLDIDVMGSNAMSNEAMGRDISS I,R,i
8 'polypeptide(L)' MKYFAKYLTSAPIMATVALVSLSVVLIELNHFFPGLQYGTYFHSVP J,S,j
9 'polypeptide(L)'
;MLSLVAAAGVVPNTVTWGPNVAIVMIICNLIAFAIGKQVIQIPDAGPAPGTFLGLGLPALLGVTSLGHAIGVGAILGLAN
IGVL
;
K,T,k
10 'polypeptide(L)'
;MSASDAYISDDPIQPYQGNPQLGNLATPINSSNLAKAFINNLPAYRPGLTPFLRGLEIGMAHGYFLVGPEVVFGPLKEGS
HGANLSGLITAIYITVSACLGISIFALATFQGDPRGTYNSHSRDRLRPLRKKEDWYQLSGGILMGSLGGAIFAYALLENF
ELLDSILRGAVNVG
;
L,U,l
11 'polypeptide(L)' MALSDSQIFLALALALIPGFLALRLATELYK M,V,m
12 'polypeptide(L)'
;MASYKVTLVNETENLNTTIEVADDEYILDAAEEQGIDLPYSCRAGACSTCAGKLTEGTVDQSDQSFLDDDQIEAGYVLTC
VAYPTSDCTVMTHQEEELY
;
X,W,x
#
loop_
_chem_comp.id
_chem_comp.type
_chem_comp.name
_chem_comp.formula
BCR non-polymer BETA-CAROTENE 'C40 H56'
CA non-polymer 'CALCIUM ION' 'Ca 2'
CL non-polymer 'CHLORIDE ION' 'Cl -1'
CL0 non-polymer 'CHLOROPHYLL A ISOMER' 'C55 H72 Mg N4 O5 2'
CLA non-polymer 'CHLOROPHYLL A' 'C55 H72 Mg N4 O5'
F6C non-polymer 'Chlorophyll F' 'C55 H68 Mg N4 O6'
FES non-polymer 'FE2/S2 (INORGANIC) CLUSTER' 'Fe2 S2'
LHG non-polymer 1,2-DIPALMITOYL-PHOSPHATIDYL-GLYCEROLE 'C38 H75 O10 P'
LMG non-polymer 1,2-DISTEAROYL-MONOGALACTOSYL-DIGLYCERIDE 'C45 H86 O10'
LMT D-saccharide DODECYL-BETA-D-MALTOSIDE 'C24 H46 O11'
PQN non-polymer PHYLLOQUINONE 'C31 H46 O2'
SF4 non-polymer 'IRON/SULFUR CLUSTER' 'Fe4 S4'
#
# COMPACT_ATOMS: atom_id res chain seq x y z
N ALA A 11 -7.20 -89.05 28.19
CA ALA A 11 -8.44 -88.24 28.20
C ALA A 11 -8.64 -87.64 29.60
N SER A 12 -9.11 -86.39 29.66
CA SER A 12 -9.36 -85.70 30.95
C SER A 12 -10.26 -84.48 30.73
N ALA A 13 -10.33 -83.98 29.48
CA ALA A 13 -11.18 -82.82 29.15
C ALA A 13 -12.08 -83.13 27.94
N ALA A 14 -12.04 -84.37 27.45
CA ALA A 14 -12.86 -84.79 26.29
C ALA A 14 -12.70 -83.78 25.14
N THR A 15 -11.48 -83.66 24.61
CA THR A 15 -11.20 -82.72 23.50
C THR A 15 -9.97 -83.19 22.72
N GLU A 16 -10.16 -84.16 21.82
CA GLU A 16 -9.03 -84.71 21.01
C GLU A 16 -9.60 -85.49 19.81
N GLN A 17 -9.29 -86.79 19.74
CA GLN A 17 -9.77 -87.67 18.64
C GLN A 17 -9.43 -87.04 17.29
N SER A 18 -8.13 -86.90 16.99
CA SER A 18 -7.67 -86.31 15.71
C SER A 18 -7.28 -87.42 14.73
N PRO A 19 -7.57 -87.22 13.44
CA PRO A 19 -7.25 -88.20 12.40
C PRO A 19 -5.83 -87.98 11.83
N ILE A 20 -5.73 -87.87 10.50
CA ILE A 20 -4.42 -87.65 9.83
C ILE A 20 -3.43 -88.71 10.30
N PRO A 21 -3.72 -89.99 10.01
CA PRO A 21 -2.84 -91.10 10.41
C PRO A 21 -1.39 -90.85 9.98
N THR A 22 -0.43 -91.20 10.85
CA THR A 22 1.02 -91.01 10.55
C THR A 22 1.42 -91.88 9.35
N SER A 23 1.32 -91.33 8.14
CA SER A 23 1.69 -92.09 6.91
C SER A 23 3.10 -91.67 6.46
N PHE A 24 3.77 -92.55 5.72
CA PHE A 24 5.15 -92.28 5.23
C PHE A 24 5.11 -91.96 3.73
N GLU A 25 4.19 -92.59 3.00
CA GLU A 25 4.05 -92.38 1.57
C GLU A 25 3.85 -90.91 1.22
N ARG A 26 3.24 -90.15 2.12
CA ARG A 26 2.92 -88.72 1.83
C ARG A 26 4.17 -87.84 1.95
N TRP A 27 5.36 -88.42 1.81
CA TRP A 27 6.62 -87.63 1.90
C TRP A 27 7.28 -87.54 0.52
N ALA A 28 6.98 -88.48 -0.38
CA ALA A 28 7.56 -88.49 -1.74
C ALA A 28 6.56 -87.90 -2.74
N LYS A 29 5.89 -86.81 -2.36
CA LYS A 29 4.89 -86.15 -3.23
C LYS A 29 4.80 -84.67 -2.84
N PRO A 30 5.90 -83.94 -2.98
CA PRO A 30 5.96 -82.52 -2.62
C PRO A 30 4.84 -81.73 -3.29
N GLY A 31 4.33 -80.73 -2.58
CA GLY A 31 3.17 -79.99 -3.03
C GLY A 31 1.85 -80.63 -2.68
N HIS A 32 1.86 -81.64 -1.81
CA HIS A 32 0.65 -82.35 -1.42
C HIS A 32 -0.33 -81.44 -0.70
N PHE A 33 0.18 -80.38 -0.08
CA PHE A 33 -0.66 -79.42 0.69
C PHE A 33 -1.49 -78.56 -0.26
N ASP A 34 -0.88 -78.07 -1.35
CA ASP A 34 -1.59 -77.22 -2.34
C ASP A 34 -2.12 -78.11 -3.48
N ARG A 35 -3.27 -77.74 -4.05
CA ARG A 35 -3.90 -78.52 -5.15
C ARG A 35 -3.10 -78.33 -6.45
N THR A 36 -2.55 -77.13 -6.69
CA THR A 36 -1.78 -76.85 -7.93
C THR A 36 -0.31 -77.25 -7.72
N LEU A 37 0.13 -77.38 -6.47
CA LEU A 37 1.53 -77.76 -6.15
C LEU A 37 1.71 -79.27 -6.38
N ALA A 38 0.62 -80.03 -6.34
CA ALA A 38 0.67 -81.50 -6.55
C ALA A 38 0.27 -81.82 -7.99
N ARG A 39 0.39 -80.85 -8.90
CA ARG A 39 0.04 -81.03 -10.33
C ARG A 39 1.14 -81.84 -11.01
N GLY A 40 2.33 -81.25 -11.17
CA GLY A 40 3.46 -81.95 -11.81
C GLY A 40 4.56 -81.01 -12.26
N PRO A 41 5.06 -80.15 -11.35
CA PRO A 41 6.15 -79.19 -11.62
C PRO A 41 6.07 -78.39 -12.93
N LYS A 42 6.42 -79.04 -14.06
CA LYS A 42 6.46 -78.46 -15.44
C LYS A 42 7.59 -77.43 -15.55
N THR A 43 7.45 -76.25 -14.94
CA THR A 43 8.53 -75.22 -14.98
C THR A 43 9.32 -75.24 -13.67
N THR A 44 10.11 -74.20 -13.41
CA THR A 44 10.93 -74.16 -12.17
C THR A 44 10.24 -73.32 -11.09
N THR A 45 9.27 -72.48 -11.48
CA THR A 45 8.57 -71.65 -10.52
C THR A 45 7.91 -72.49 -9.43
N TRP A 46 7.56 -73.73 -9.75
CA TRP A 46 6.96 -74.64 -8.77
C TRP A 46 7.90 -74.93 -7.61
N ILE A 47 9.20 -75.07 -7.91
CA ILE A 47 10.21 -75.35 -6.89
C ILE A 47 10.25 -74.23 -5.86
N TRP A 48 10.22 -72.99 -6.34
CA TRP A 48 10.24 -71.84 -5.45
C TRP A 48 8.88 -71.63 -4.78
N ASN A 49 7.79 -72.04 -5.45
CA ASN A 49 6.46 -71.92 -4.87
C ASN A 49 6.26 -72.92 -3.75
N LEU A 50 7.03 -74.01 -3.76
CA LEU A 50 6.95 -75.02 -2.71
C LEU A 50 7.31 -74.44 -1.35
N HIS A 51 8.32 -73.57 -1.31
CA HIS A 51 8.80 -72.99 -0.03
C HIS A 51 8.24 -71.58 0.21
N ALA A 52 7.37 -71.08 -0.68
CA ALA A 52 6.81 -69.74 -0.52
C ALA A 52 5.55 -69.75 0.31
N ASP A 53 4.84 -70.88 0.35
CA ASP A 53 3.64 -71.00 1.15
C ASP A 53 3.57 -72.41 1.76
N ALA A 54 4.71 -72.91 2.24
CA ALA A 54 4.75 -74.21 2.87
C ALA A 54 4.10 -74.21 4.25
N HIS A 55 4.28 -73.13 5.01
CA HIS A 55 3.70 -73.03 6.35
C HIS A 55 2.37 -72.31 6.37
N ASP A 56 1.92 -71.78 5.23
CA ASP A 56 0.68 -71.03 5.19
C ASP A 56 -0.48 -72.00 5.26
N PHE A 57 -0.83 -72.44 6.46
CA PHE A 57 -1.88 -73.43 6.64
C PHE A 57 -3.27 -72.88 6.33
N ASP A 58 -3.38 -71.57 6.18
CA ASP A 58 -4.65 -70.93 5.90
C ASP A 58 -5.10 -71.17 4.46
N SER A 59 -4.13 -71.23 3.54
CA SER A 59 -4.43 -71.46 2.10
C SER A 59 -4.74 -72.95 1.89
N HIS A 60 -3.92 -73.82 2.48
CA HIS A 60 -4.08 -75.30 2.35
C HIS A 60 -5.54 -75.73 2.55
N THR A 61 -6.08 -75.54 3.76
CA THR A 61 -7.47 -75.97 4.07
C THR A 61 -8.39 -74.78 4.32
N ASN A 62 -9.62 -75.04 4.75
CA ASN A 62 -10.61 -73.98 5.02
C ASN A 62 -11.18 -74.05 6.42
N ASP A 63 -11.11 -75.17 7.12
CA ASP A 63 -11.64 -75.27 8.47
C ASP A 63 -10.69 -74.62 9.48
N LEU A 64 -11.25 -73.81 10.37
CA LEU A 64 -10.45 -73.14 11.39
C LEU A 64 -9.90 -74.12 12.41
N GLN A 65 -10.63 -75.21 12.68
CA GLN A 65 -10.23 -76.19 13.67
C GLN A 65 -9.03 -77.01 13.22
N ASP A 66 -8.99 -77.40 11.94
CA ASP A 66 -7.84 -78.14 11.42
C ASP A 66 -6.60 -77.24 11.39
N ILE A 67 -6.77 -75.98 11.01
CA ILE A 67 -5.67 -75.02 11.02
C ILE A 67 -5.15 -74.81 12.43
N SER A 68 -6.05 -74.70 13.41
CA SER A 68 -5.65 -74.52 14.80
C SER A 68 -4.86 -75.71 15.32
N ARG A 69 -5.31 -76.92 14.99
CA ARG A 69 -4.59 -78.13 15.37
C ARG A 69 -3.17 -78.16 14.76
N LYS A 70 -3.07 -77.82 13.47
CA LYS A 70 -1.77 -77.76 12.81
C LYS A 70 -0.86 -76.74 13.48
N ILE A 71 -1.42 -75.57 13.83
CA ILE A 71 -0.65 -74.51 14.47
C ILE A 71 -0.12 -74.95 15.82
N PHE A 72 -0.97 -75.63 16.59
CA PHE A 72 -0.58 -76.13 17.92
C PHE A 72 0.59 -77.11 17.83
N SER A 73 0.51 -78.04 16.88
CA SER A 73 1.61 -79.00 16.75
C SER A 73 2.87 -78.36 16.16
N ALA A 74 2.71 -77.36 15.30
CA ALA A 74 3.87 -76.62 14.80
C ALA A 74 4.55 -75.84 15.92
N HIS A 75 3.76 -75.31 16.86
CA HIS A 75 4.30 -74.65 18.04
C HIS A 75 5.13 -75.61 18.87
N PHE A 76 4.63 -76.83 19.03
CA PHE A 76 5.38 -77.83 19.78
C PHE A 76 6.70 -78.18 19.10
N GLY A 77 6.68 -78.34 17.78
CA GLY A 77 7.91 -78.60 17.05
C GLY A 77 8.90 -77.46 17.12
N HIS A 78 8.39 -76.23 17.12
CA HIS A 78 9.27 -75.08 17.29
C HIS A 78 9.91 -75.06 18.67
N LEU A 79 9.13 -75.35 19.71
CA LEU A 79 9.69 -75.46 21.07
C LEU A 79 10.77 -76.53 21.13
N ALA A 80 10.56 -77.64 20.43
CA ALA A 80 11.58 -78.68 20.34
C ALA A 80 12.87 -78.17 19.70
N VAL A 81 12.73 -77.38 18.64
CA VAL A 81 13.91 -76.81 17.97
C VAL A 81 14.67 -75.88 18.92
N VAL A 82 13.93 -75.07 19.67
CA VAL A 82 14.58 -74.16 20.63
C VAL A 82 15.25 -74.93 21.76
N PHE A 83 14.65 -76.03 22.21
CA PHE A 83 15.32 -76.86 23.22
C PHE A 83 16.57 -77.53 22.68
N VAL A 84 16.57 -77.94 21.41
CA VAL A 84 17.80 -78.48 20.81
C VAL A 84 18.88 -77.42 20.79
N TRP A 85 18.53 -76.18 20.45
CA TRP A 85 19.49 -75.08 20.45
C TRP A 85 20.03 -74.82 21.86
N LEU A 86 19.15 -74.82 22.86
CA LEU A 86 19.59 -74.63 24.25
C LEU A 86 20.50 -75.75 24.72
N SER A 87 20.16 -76.99 24.34
CA SER A 87 21.00 -78.13 24.65
C SER A 87 22.38 -77.97 24.04
N GLY A 88 22.42 -77.48 22.80
CA GLY A 88 23.71 -77.26 22.15
C GLY A 88 24.53 -76.18 22.80
N MET A 89 23.88 -75.11 23.26
CA MET A 89 24.63 -74.04 23.93
C MET A 89 25.17 -74.51 25.28
N TYR A 90 24.38 -75.27 26.03
CA TYR A 90 24.87 -75.79 27.30
C TYR A 90 25.97 -76.83 27.11
N PHE A 91 25.85 -77.64 26.05
CA PHE A 91 26.91 -78.62 25.76
C PHE A 91 28.19 -77.93 25.32
N HIS A 92 28.06 -76.82 24.60
CA HIS A 92 29.27 -76.08 24.15
C HIS A 92 29.91 -75.45 25.38
N GLY A 93 29.10 -74.93 26.31
CA GLY A 93 29.67 -74.44 27.55
C GLY A 93 30.18 -75.50 28.48
N ALA A 94 29.87 -76.77 28.22
CA ALA A 94 30.30 -77.84 29.10
C ALA A 94 31.42 -78.68 28.48
N ARG A 95 31.70 -78.53 27.19
CA ARG A 95 32.77 -79.31 26.59
C ARG A 95 33.83 -78.50 25.85
N PHE A 96 33.42 -77.44 25.15
CA PHE A 96 34.38 -76.70 24.35
C PHE A 96 34.53 -75.28 24.84
N SER A 97 34.61 -75.11 26.15
CA SER A 97 34.61 -73.77 26.71
C SER A 97 35.69 -73.67 27.78
N ASN A 98 36.02 -72.43 28.12
CA ASN A 98 36.87 -72.10 29.27
C ASN A 98 36.04 -71.57 30.42
N PHE A 99 34.87 -72.18 30.67
CA PHE A 99 33.96 -71.68 31.69
C PHE A 99 34.56 -71.72 33.08
N SER A 100 35.28 -72.79 33.40
CA SER A 100 35.92 -72.89 34.71
C SER A 100 37.02 -71.85 34.88
N SER A 101 37.82 -71.64 33.83
CA SER A 101 38.85 -70.62 33.86
C SER A 101 38.25 -69.23 34.03
N TRP A 102 37.15 -68.97 33.32
CA TRP A 102 36.47 -67.68 33.44
C TRP A 102 35.82 -67.54 34.82
N MET A 103 35.34 -68.66 35.38
CA MET A 103 34.80 -68.67 36.73
C MET A 103 35.85 -68.28 37.75
N ALA A 104 37.09 -68.69 37.50
CA ALA A 104 38.22 -68.34 38.39
C ALA A 104 38.48 -66.83 38.27
N ASP A 105 38.78 -66.36 37.05
CA ASP A 105 39.08 -64.94 36.78
C ASP A 105 38.18 -64.43 35.64
N PRO A 106 37.07 -63.77 35.98
CA PRO A 106 36.12 -63.26 34.98
C PRO A 106 36.40 -61.82 34.52
N THR A 107 37.62 -61.33 34.75
CA THR A 107 38.00 -59.97 34.38
C THR A 107 39.21 -60.01 33.46
N HIS A 108 39.99 -61.09 33.56
CA HIS A 108 41.18 -61.28 32.74
C HIS A 108 41.04 -62.40 31.74
N ILE A 109 40.03 -63.26 31.88
CA ILE A 109 39.78 -64.35 30.95
C ILE A 109 38.67 -63.94 30.00
N ARG A 110 38.86 -64.25 28.72
CA ARG A 110 37.83 -63.92 27.69
C ARG A 110 36.91 -65.12 27.52
N PRO A 111 35.59 -64.92 27.61
CA PRO A 111 34.66 -66.02 27.40
C PRO A 111 34.85 -66.66 26.03
N SER A 112 34.90 -67.98 26.00
CA SER A 112 35.07 -68.71 24.76
C SER A 112 34.34 -70.03 24.89
N ALA A 113 33.56 -70.38 23.87
CA ALA A 113 32.80 -71.63 23.89
C ALA A 113 32.81 -72.30 22.53
N GLN A 114 33.84 -72.06 21.73
CA GLN A 114 33.90 -72.61 20.39
C GLN A 114 35.36 -72.73 19.97
N VAL A 115 35.79 -73.94 19.64
CA VAL A 115 37.13 -74.20 19.16
C VAL A 115 37.03 -74.69 17.72
N VAL A 116 37.98 -74.32 16.91
CA VAL A 116 38.00 -74.65 15.49
C VAL A 116 38.95 -75.81 15.27
N TRP A 117 38.56 -76.73 14.40
CA TRP A 117 39.38 -77.88 14.07
C TRP A 117 40.64 -77.44 13.33
N PRO A 118 41.75 -78.17 13.48
CA PRO A 118 42.97 -77.78 12.77
C PRO A 118 42.93 -78.22 11.31
N LEU A 119 42.26 -77.42 10.48
CA LEU A 119 42.16 -77.67 9.05
C LEU A 119 42.85 -76.49 8.38
N VAL A 120 42.68 -76.36 7.06
CA VAL A 120 43.42 -75.41 6.23
C VAL A 120 43.37 -73.98 6.73
N GLY A 121 44.53 -73.47 7.14
CA GLY A 121 44.69 -72.15 7.72
C GLY A 121 43.77 -71.78 8.87
N GLN A 122 43.08 -72.77 9.42
CA GLN A 122 41.78 -72.53 10.03
C GLN A 122 41.88 -72.30 11.51
N ASP A 123 42.90 -72.88 12.16
CA ASP A 123 43.11 -72.79 13.58
C ASP A 123 43.75 -71.47 14.00
N ILE A 124 43.97 -70.56 13.07
CA ILE A 124 44.34 -69.20 13.44
C ILE A 124 43.18 -68.48 14.12
N LEU A 125 41.94 -68.92 13.89
CA LEU A 125 40.78 -68.29 14.48
C LEU A 125 40.66 -68.60 15.96
N ASN A 126 41.34 -69.67 16.39
CA ASN A 126 41.50 -69.96 17.80
C ASN A 126 42.47 -68.98 18.43
N GLY A 127 41.94 -67.92 19.04
CA GLY A 127 42.77 -66.92 19.68
C GLY A 127 43.01 -67.23 21.14
N ASP A 128 44.09 -66.68 21.69
CA ASP A 128 44.39 -66.87 23.10
C ASP A 128 43.39 -66.12 23.96
N MET A 129 42.64 -66.84 24.77
CA MET A 129 41.56 -66.28 25.57
C MET A 129 41.94 -66.08 27.03
N GLY A 130 43.21 -66.30 27.36
CA GLY A 130 43.66 -66.18 28.73
C GLY A 130 43.58 -67.51 29.44
N GLY A 131 44.68 -67.93 30.07
CA GLY A 131 44.74 -69.21 30.72
C GLY A 131 45.23 -70.35 29.85
N GLY A 132 45.79 -70.04 28.68
CA GLY A 132 46.24 -71.08 27.78
C GLY A 132 45.16 -71.66 26.90
N PHE A 133 43.96 -71.07 26.94
CA PHE A 133 42.82 -71.59 26.14
C PHE A 133 42.83 -70.97 24.76
N ARG A 134 42.98 -71.80 23.73
CA ARG A 134 42.99 -71.31 22.33
C ARG A 134 41.60 -71.54 21.74
N GLY A 135 40.79 -70.49 21.67
CA GLY A 135 39.44 -70.62 21.10
C GLY A 135 38.93 -69.31 20.54
N ILE A 136 37.63 -69.26 20.26
CA ILE A 136 36.95 -68.08 19.70
C ILE A 136 36.21 -67.36 20.83
N GLN A 137 36.38 -66.04 20.93
CA GLN A 137 35.72 -65.28 21.97
C GLN A 137 34.24 -65.11 21.70
N ILE A 138 33.39 -65.79 22.48
CA ILE A 138 31.95 -65.67 22.30
C ILE A 138 31.45 -64.39 22.92
N THR A 139 30.42 -63.80 22.30
CA THR A 139 29.84 -62.54 22.76
C THR A 139 28.36 -62.70 23.07
N SER A 140 27.93 -63.94 23.33
CA SER A 140 26.54 -64.23 23.56
C SER A 140 26.11 -64.01 25.01
N GLY A 141 27.05 -63.80 25.91
CA GLY A 141 26.71 -63.58 27.30
C GLY A 141 26.29 -64.82 28.04
N LEU A 142 26.68 -65.99 27.54
CA LEU A 142 26.28 -67.24 28.19
C LEU A 142 27.00 -67.41 29.52
N PHE A 143 28.29 -67.08 29.56
CA PHE A 143 29.08 -67.25 30.78
C PHE A 143 28.57 -66.35 31.89
N GLN A 144 28.29 -65.09 31.55
CA GLN A 144 27.76 -64.14 32.52
C GLN A 144 26.37 -64.53 33.00
N MET A 145 25.60 -65.21 32.16
CA MET A 145 24.28 -65.69 32.53
C MET A 145 24.36 -66.90 33.45
N TRP A 146 25.24 -67.84 33.12
CA TRP A 146 25.43 -69.03 33.93
C TRP A 146 26.02 -68.70 35.30
N ARG A 147 26.90 -67.69 35.36
CA ARG A 147 27.43 -67.25 36.65
C ARG A 147 26.32 -66.68 37.53
N GLY A 148 25.42 -65.90 36.95
CA GLY A 148 24.32 -65.35 37.71
C GLY A 148 23.27 -66.37 38.10
N GLU A 149 23.05 -67.38 37.27
CA GLU A 149 22.06 -68.39 37.59
C GLU A 149 22.52 -69.28 38.74
N GLY A 150 23.82 -69.57 38.80
CA GLY A 150 24.35 -70.32 39.91
C GLY A 150 25.32 -71.41 39.51
N PHE A 151 25.62 -71.51 38.23
CA PHE A 151 26.53 -72.54 37.74
C PHE A 151 27.96 -72.22 38.20
N THR A 152 28.69 -73.27 38.60
CA THR A 152 30.08 -73.10 39.00
C THR A 152 30.99 -74.02 38.23
N ASN A 153 30.52 -75.22 37.91
CA ASN A 153 31.32 -76.16 37.13
C ASN A 153 30.60 -76.57 35.85
N GLU A 154 31.35 -77.26 34.99
CA GLU A 154 30.82 -77.62 33.67
C GLU A 154 29.90 -78.81 33.72
N PHE A 155 29.95 -79.61 34.79
CA PHE A 155 29.08 -80.77 34.90
C PHE A 155 27.62 -80.36 35.02
N GLN A 156 27.37 -79.26 35.72
CA GLN A 156 26.02 -78.72 35.84
C GLN A 156 25.51 -78.27 34.48
N LEU A 157 26.39 -77.67 33.67
CA LEU A 157 26.04 -77.28 32.30
C LEU A 157 25.73 -78.51 31.45
N TYR A 158 26.51 -79.58 31.62
CA TYR A 158 26.24 -80.82 30.89
C TYR A 158 24.91 -81.42 31.28
N CYS A 159 24.58 -81.36 32.57
CA CYS A 159 23.28 -81.83 33.05
C CYS A 159 22.14 -81.02 32.45
N THR A 160 22.32 -79.70 32.37
CA THR A 160 21.30 -78.85 31.77
C THR A 160 21.15 -79.14 30.27
N ALA A 161 22.26 -79.43 29.60
CA ALA A 161 22.20 -79.80 28.18
C ALA A 161 21.42 -81.10 27.98
N ILE A 162 21.67 -82.09 28.82
CA ILE A 162 20.94 -83.36 28.73
C ILE A 162 19.46 -83.15 29.02
N GLY A 163 19.15 -82.31 30.01
CA GLY A 163 17.76 -82.00 30.30
C GLY A 163 17.05 -81.30 29.17
N ALA A 164 17.74 -80.38 28.50
CA ALA A 164 17.16 -79.69 27.36
C ALA A 164 16.95 -80.63 26.16
N LEU A 165 17.87 -81.58 25.95
CA LEU A 165 17.68 -82.56 24.89
C LEU A 165 16.50 -83.47 25.18
N VAL A 166 16.33 -83.86 26.45
CA VAL A 166 15.17 -84.66 26.85
C VAL A 166 13.89 -83.86 26.66
N MET A 167 13.91 -82.57 27.01
CA MET A 167 12.76 -81.70 26.79
C MET A 167 12.43 -81.56 25.31
N ALA A 168 13.45 -81.52 24.45
CA ALA A 168 13.22 -81.45 23.01
C ALA A 168 12.53 -82.70 22.48
N GLY A 169 12.99 -83.87 22.94
CA GLY A 169 12.30 -85.11 22.58
C GLY A 169 10.88 -85.15 23.10
N LEU A 170 10.67 -84.65 24.31
CA LEU A 170 9.34 -84.57 24.88
C LEU A 170 8.44 -83.60 24.12
N MET A 171 9.02 -82.51 23.62
CA MET A 171 8.25 -81.46 22.88
C MET A 171 7.86 -81.96 21.48
N ILE A 172 8.67 -82.86 20.89
CA ILE A 172 8.32 -83.41 19.55
C ILE A 172 7.38 -84.60 19.70
N PHE A 173 7.14 -85.04 20.94
CA PHE A 173 6.17 -86.15 21.19
C PHE A 173 4.82 -85.51 21.49
N ALA A 174 4.84 -84.36 22.16
CA ALA A 174 3.62 -83.61 22.53
C ALA A 174 2.97 -83.02 21.27
N GLY A 175 3.78 -82.70 20.26
CA GLY A 175 3.27 -82.14 19.00
C GLY A 175 2.74 -83.24 18.09
N TRP A 176 3.22 -84.46 18.28
CA TRP A 176 2.75 -85.61 17.47
C TRP A 176 1.52 -86.22 18.16
N PHE A 177 1.46 -86.12 19.49
CA PHE A 177 0.33 -86.67 20.26
C PHE A 177 -0.86 -85.72 20.21
N HIS A 178 -0.61 -84.44 19.97
CA HIS A 178 -1.72 -83.44 19.92
C HIS A 178 -2.10 -83.15 18.48
N TYR A 179 -1.95 -84.14 17.60
CA TYR A 179 -2.32 -83.97 16.18
C TYR A 179 -2.62 -85.33 15.57
N HIS A 180 -1.78 -86.32 15.87
CA HIS A 180 -1.92 -87.68 15.29
C HIS A 180 -2.62 -88.64 16.24
N VAL A 181 -2.81 -88.27 17.51
CA VAL A 181 -3.46 -89.19 18.43
C VAL A 181 -4.68 -88.52 19.02
N ARG A 182 -4.48 -87.45 19.79
CA ARG A 182 -5.59 -86.84 20.49
C ARG A 182 -5.45 -85.32 20.40
N SER A 183 -6.00 -84.77 19.31
CA SER A 183 -5.92 -83.35 19.03
C SER A 183 -7.12 -82.60 19.62
N PRO A 184 -6.93 -81.37 20.06
CA PRO A 184 -8.04 -80.63 20.69
C PRO A 184 -9.10 -80.19 19.69
N LYS A 185 -10.25 -79.83 20.23
CA LYS A 185 -11.38 -79.33 19.46
C LYS A 185 -11.18 -77.83 19.28
N LEU A 186 -12.01 -77.20 18.45
CA LEU A 186 -11.86 -75.77 18.25
C LEU A 186 -12.35 -74.98 19.46
N GLU A 187 -13.28 -75.53 20.24
CA GLU A 187 -13.79 -74.86 21.42
C GLU A 187 -12.72 -74.69 22.48
N TRP A 188 -11.71 -75.57 22.48
CA TRP A 188 -10.59 -75.45 23.39
C TRP A 188 -9.66 -74.30 23.00
N PHE A 189 -9.42 -74.11 21.70
CA PHE A 189 -8.56 -73.03 21.24
C PHE A 189 -9.20 -71.66 21.43
N GLN A 190 -10.52 -71.58 21.37
CA GLN A 190 -11.26 -70.33 21.48
C GLN A 190 -11.48 -69.91 22.92
N ASN A 191 -10.96 -70.67 23.87
CA ASN A 191 -11.07 -70.34 25.29
C ASN A 191 -9.97 -69.36 25.70
N VAL A 192 -10.15 -68.12 25.26
CA VAL A 192 -9.13 -67.09 25.47
C VAL A 192 -9.10 -66.67 26.95
N GLN A 193 -10.23 -66.79 27.63
CA GLN A 193 -10.31 -66.48 29.06
C GLN A 193 -9.41 -67.42 29.86
N SER A 194 -9.59 -68.72 29.64
CA SER A 194 -8.80 -69.74 30.30
C SER A 194 -7.32 -69.62 29.93
N MET A 195 -7.03 -69.38 28.65
CA MET A 195 -5.65 -69.23 28.20
C MET A 195 -4.97 -68.03 28.84
N LEU A 196 -5.66 -66.89 28.90
CA LEU A 196 -5.10 -65.73 29.55
C LEU A 196 -4.90 -65.94 31.04
N ASN A 197 -5.89 -66.57 31.71
CA ASN A 197 -5.77 -66.88 33.13
C ASN A 197 -4.55 -67.76 33.40
N HIS A 198 -4.37 -68.79 32.59
CA HIS A 198 -3.29 -69.74 32.83
C HIS A 198 -1.94 -69.17 32.47
N HIS A 199 -1.86 -68.45 31.36
CA HIS A 199 -0.59 -67.86 30.94
C HIS A 199 -0.18 -66.76 31.90
N LEU A 200 -1.13 -66.00 32.43
CA LEU A 200 -0.80 -64.90 33.33
C LEU A 200 -0.45 -65.41 34.72
N ALA A 201 -1.14 -66.44 35.19
CA ALA A 201 -0.90 -66.96 36.53
C ALA A 201 0.02 -68.16 36.57
N GLY A 202 -0.06 -69.06 35.59
CA GLY A 202 0.73 -70.27 35.65
C GLY A 202 2.03 -70.23 34.87
N LEU A 203 2.04 -69.53 33.73
CA LEU A 203 3.27 -69.44 32.95
C LEU A 203 4.16 -68.32 33.47
N LEU A 204 3.62 -67.11 33.54
CA LEU A 204 4.44 -65.98 33.99
C LEU A 204 4.53 -65.94 35.51
N GLY A 205 3.39 -65.99 36.19
CA GLY A 205 3.34 -65.95 37.63
C GLY A 205 4.09 -67.08 38.33
N LEU A 206 3.72 -68.32 38.03
CA LEU A 206 4.41 -69.43 38.67
C LEU A 206 5.83 -69.59 38.15
N GLY A 207 6.09 -69.20 36.91
CA GLY A 207 7.44 -69.26 36.39
C GLY A 207 8.39 -68.33 37.11
N SER A 208 7.96 -67.09 37.32
CA SER A 208 8.80 -66.16 38.04
C SER A 208 8.84 -66.48 39.53
N LEU A 209 7.78 -67.09 40.07
CA LEU A 209 7.82 -67.57 41.45
C LEU A 209 8.83 -68.70 41.63
N GLY A 210 8.84 -69.66 40.71
CA GLY A 210 9.83 -70.71 40.76
C GLY A 210 11.23 -70.19 40.57
N TRP A 211 11.40 -69.20 39.70
CA TRP A 211 12.74 -68.63 39.54
C TRP A 211 13.15 -67.85 40.76
N ALA A 212 12.22 -67.17 41.43
CA ALA A 212 12.53 -66.52 42.70
C ALA A 212 12.94 -67.51 43.77
N GLY A 213 12.31 -68.68 43.80
CA GLY A 213 12.74 -69.74 44.69
C GLY A 213 14.14 -70.23 44.39
N HIS A 214 14.44 -70.41 43.10
CA HIS A 214 15.80 -70.75 42.68
C HIS A 214 16.81 -69.71 43.11
N LEU A 215 16.50 -68.44 42.87
CA LEU A 215 17.41 -67.36 43.22
C LEU A 215 17.65 -67.29 44.71
N ILE A 216 16.59 -67.37 45.51
CA ILE A 216 16.70 -67.31 46.96
C ILE A 216 17.48 -68.49 47.52
N HIS A 217 17.41 -69.66 46.88
CA HIS A 217 18.10 -70.82 47.43
C HIS A 217 19.34 -71.29 46.66
N VAL A 218 19.56 -70.82 45.45
CA VAL A 218 20.74 -71.30 44.73
C VAL A 218 21.60 -70.12 44.31
N ALA A 219 21.02 -69.19 43.56
CA ALA A 219 21.77 -68.12 42.93
C ALA A 219 22.30 -67.10 43.92
N LEU A 220 21.46 -66.61 44.84
CA LEU A 220 21.90 -65.66 45.88
C LEU A 220 23.02 -66.23 46.75
N PRO A 221 22.94 -67.52 47.27
CA PRO A 221 24.10 -68.11 47.95
C PRO A 221 25.41 -68.10 47.19
N THR A 222 25.34 -68.67 45.98
CA THR A 222 26.52 -68.85 45.15
C THR A 222 27.13 -67.51 44.76
N ASN A 223 26.29 -66.55 44.41
CA ASN A 223 26.79 -65.23 44.04
C ASN A 223 27.34 -64.49 45.25
N LYS A 224 26.76 -64.69 46.43
CA LYS A 224 27.28 -64.03 47.62
C LYS A 224 28.66 -64.56 47.98
N LEU A 225 28.85 -65.87 47.89
CA LEU A 225 30.18 -66.44 48.13
C LEU A 225 31.17 -66.05 47.04
N LEU A 226 30.71 -66.00 45.79
CA LEU A 226 31.56 -65.58 44.67
C LEU A 226 32.03 -64.14 44.85
N ASP A 227 31.13 -63.26 45.29
CA ASP A 227 31.51 -61.87 45.52
C ASP A 227 32.37 -61.72 46.76
N ALA A 228 32.19 -62.61 47.74
CA ALA A 228 33.05 -62.61 48.91
C ALA A 228 34.50 -62.92 48.54
N GLY A 229 34.70 -63.88 47.64
CA GLY A 229 36.03 -64.18 47.16
C GLY A 229 36.33 -65.67 47.05
N VAL A 230 35.32 -66.49 47.34
CA VAL A 230 35.50 -67.94 47.35
C VAL A 230 35.75 -68.47 45.93
N ALA A 231 36.68 -69.41 45.82
CA ALA A 231 36.99 -70.03 44.54
C ALA A 231 35.82 -70.89 44.08
N PRO A 232 35.60 -71.02 42.76
CA PRO A 232 34.35 -71.66 42.27
C PRO A 232 34.17 -73.11 42.69
N GLN A 233 35.24 -73.90 42.80
CA GLN A 233 35.06 -75.26 43.28
C GLN A 233 35.29 -75.38 44.78
N ASP A 234 35.50 -74.27 45.48
CA ASP A 234 35.43 -74.25 46.94
C ASP A 234 34.02 -73.95 47.43
N ILE A 235 33.12 -73.59 46.53
CA ILE A 235 31.72 -73.25 46.84
C ILE A 235 30.92 -74.53 47.03
N PRO A 236 30.01 -74.58 48.00
CA PRO A 236 29.10 -75.73 48.10
C PRO A 236 28.17 -75.80 46.90
N LEU A 237 27.76 -77.03 46.59
CA LEU A 237 26.79 -77.25 45.54
C LEU A 237 25.43 -76.72 45.99
N PRO A 238 24.52 -76.42 45.05
CA PRO A 238 23.27 -75.73 45.43
C PRO A 238 22.38 -76.48 46.42
N HIS A 239 22.43 -77.81 46.40
CA HIS A 239 21.52 -78.58 47.24
C HIS A 239 21.89 -78.48 48.71
N GLU A 240 23.18 -78.36 49.04
CA GLU A 240 23.55 -78.07 50.43
C GLU A 240 22.97 -76.75 50.90
N PHE A 241 22.89 -75.77 49.99
CA PHE A 241 22.26 -74.47 50.34
C PHE A 241 20.78 -74.78 50.63
N VAL A 242 20.18 -75.67 49.83
CA VAL A 242 18.80 -76.09 50.09
C VAL A 242 18.72 -76.97 51.33
N LEU A 243 19.64 -77.93 51.49
CA LEU A 243 19.57 -78.91 52.58
C LEU A 243 19.69 -78.34 53.99
N ASP A 244 20.87 -77.87 54.39
CA ASP A 244 21.03 -77.47 55.79
C ASP A 244 20.88 -75.96 55.97
N LYS A 245 20.10 -75.57 56.97
CA LYS A 245 19.74 -74.17 57.13
C LYS A 245 20.79 -73.40 57.93
N ALA A 246 21.70 -74.11 58.59
CA ALA A 246 22.80 -73.44 59.28
C ALA A 246 23.76 -72.78 58.29
N LEU A 247 24.15 -73.52 57.24
CA LEU A 247 25.00 -72.97 56.19
C LEU A 247 24.35 -71.79 55.51
N MET A 248 23.05 -71.87 55.27
CA MET A 248 22.34 -70.79 54.61
C MET A 248 22.10 -69.62 55.55
N ALA A 249 22.04 -69.88 56.86
CA ALA A 249 21.84 -68.82 57.84
C ALA A 249 23.14 -68.10 58.18
N GLU A 250 24.28 -68.73 57.90
CA GLU A 250 25.55 -67.98 57.95
C GLU A 250 25.52 -66.81 56.97
N LEU A 251 25.02 -67.06 55.75
CA LEU A 251 24.98 -66.02 54.74
C LEU A 251 23.91 -64.97 55.03
N TYR A 252 22.69 -65.46 55.35
CA TYR A 252 21.55 -64.56 55.66
C TYR A 252 21.02 -64.89 57.07
N PRO A 253 20.82 -63.86 57.89
CA PRO A 253 20.32 -64.04 59.26
C PRO A 253 18.79 -64.05 59.31
N SER A 254 18.14 -63.88 58.16
CA SER A 254 16.65 -63.89 58.08
C SER A 254 16.15 -65.32 57.82
N PHE A 255 17.06 -66.24 57.48
CA PHE A 255 16.70 -67.67 57.21
C PHE A 255 16.68 -68.48 58.52
N ALA A 256 17.06 -67.85 59.64
CA ALA A 256 17.05 -68.49 60.97
C ALA A 256 15.61 -68.55 61.50
N GLN A 257 14.74 -67.68 60.99
CA GLN A 257 13.31 -67.64 61.41
C GLN A 257 12.46 -68.42 60.41
N GLY A 258 13.10 -69.05 59.42
CA GLY A 258 12.38 -69.88 58.44
C GLY A 258 11.21 -69.18 57.79
N ILE A 259 10.23 -69.94 57.30
CA ILE A 259 9.03 -69.38 56.62
C ILE A 259 7.93 -69.12 57.67
N ARG A 260 8.22 -68.27 58.65
CA ARG A 260 7.24 -67.96 59.72
C ARG A 260 6.86 -66.48 59.63
N PRO A 261 7.85 -65.61 59.39
CA PRO A 261 7.61 -64.17 59.28
C PRO A 261 6.74 -63.86 58.05
N PHE A 262 6.74 -64.78 57.07
CA PHE A 262 5.93 -64.57 55.88
C PHE A 262 4.45 -64.78 56.13
N PHE A 263 4.07 -65.80 56.89
CA PHE A 263 2.68 -66.05 57.19
C PHE A 263 2.15 -65.15 58.29
N THR A 264 3.00 -64.76 59.23
CA THR A 264 2.63 -63.79 60.26
C THR A 264 2.88 -62.36 59.82
N LEU A 265 3.21 -62.17 58.54
CA LEU A 265 3.20 -60.89 57.84
C LEU A 265 4.27 -59.92 58.37
N ASN A 266 5.29 -60.46 59.04
CA ASN A 266 6.47 -59.72 59.47
C ASN A 266 7.50 -59.73 58.35
N TRP A 267 7.23 -58.98 57.30
CA TRP A 267 8.04 -59.08 56.10
C TRP A 267 9.36 -58.34 56.18
N ALA A 268 9.51 -57.35 57.04
CA ALA A 268 10.80 -56.66 57.14
C ALA A 268 11.88 -57.53 57.77
N THR A 269 11.51 -58.67 58.35
CA THR A 269 12.46 -59.67 58.77
C THR A 269 13.28 -60.19 57.60
N TYR A 270 12.69 -60.22 56.41
CA TYR A 270 13.29 -60.83 55.24
C TYR A 270 14.09 -59.83 54.42
N SER A 271 14.37 -58.66 54.98
CA SER A 271 14.86 -57.52 54.23
C SER A 271 16.36 -57.56 53.97
N ASP A 272 17.00 -58.71 54.15
CA ASP A 272 18.41 -58.81 53.84
C ASP A 272 18.73 -59.67 52.64
N PHE A 273 17.76 -60.41 52.11
CA PHE A 273 17.92 -61.10 50.83
C PHE A 273 16.84 -60.64 49.85
N LEU A 274 15.79 -60.00 50.35
CA LEU A 274 14.89 -59.23 49.50
C LEU A 274 15.17 -57.76 49.74
N THR A 275 16.25 -57.27 49.13
CA THR A 275 16.62 -55.88 49.30
C THR A 275 15.93 -55.05 48.23
N PHE A 276 16.01 -53.74 48.34
CA PHE A 276 15.32 -52.90 47.36
C PHE A 276 16.31 -51.78 47.05
N ASN A 277 17.59 -52.15 47.01
CA ASN A 277 18.71 -51.23 46.82
C ASN A 277 18.59 -50.44 45.53
N GLY A 278 18.58 -51.15 44.42
CA GLY A 278 18.36 -50.51 43.13
C GLY A 278 19.59 -49.82 42.61
N GLY A 279 20.66 -50.57 42.37
CA GLY A 279 21.86 -50.02 41.77
C GLY A 279 22.64 -51.09 41.03
N LEU A 280 23.95 -51.12 41.25
CA LEU A 280 24.79 -52.16 40.69
C LEU A 280 25.70 -52.68 41.79
N ASN A 281 25.92 -53.99 41.81
CA ASN A 281 26.94 -54.59 42.66
C ASN A 281 28.30 -54.04 42.29
N PRO A 282 29.03 -53.44 43.24
CA PRO A 282 30.38 -52.94 42.92
C PRO A 282 31.37 -54.04 42.58
N VAL A 283 31.22 -55.23 43.17
CA VAL A 283 32.13 -56.34 42.91
C VAL A 283 32.00 -56.81 41.48
N THR A 284 30.79 -57.25 41.11
CA THR A 284 30.56 -57.82 39.78
C THR A 284 30.32 -56.75 38.73
N GLY A 285 29.38 -55.85 38.98
CA GLY A 285 29.05 -54.84 38.00
C GLY A 285 27.61 -54.99 37.60
N GLY A 286 27.05 -56.16 37.89
CA GLY A 286 25.66 -56.45 37.60
C GLY A 286 24.75 -55.92 38.68
N LEU A 287 23.46 -56.20 38.52
CA LEU A 287 22.50 -55.71 39.49
C LEU A 287 22.64 -56.46 40.81
N TRP A 288 22.10 -55.86 41.86
CA TRP A 288 22.08 -56.49 43.16
C TRP A 288 21.23 -57.75 43.11
N MET A 289 21.82 -58.88 43.47
CA MET A 289 21.17 -60.17 43.29
C MET A 289 19.96 -60.33 44.21
N THR A 290 20.09 -59.81 45.43
CA THR A 290 18.97 -59.78 46.36
C THR A 290 17.83 -58.93 45.82
N ASP A 291 18.18 -57.82 45.19
CA ASP A 291 17.21 -56.92 44.57
C ASP A 291 16.51 -57.61 43.39
N ILE A 292 17.25 -58.46 42.66
CA ILE A 292 16.69 -59.28 41.59
C ILE A 292 15.68 -60.28 42.13
N ALA A 293 16.05 -60.96 43.22
CA ALA A 293 15.15 -61.96 43.82
C ALA A 293 13.88 -61.30 44.34
N HIS A 294 14.02 -60.13 44.95
CA HIS A 294 12.85 -59.38 45.41
C HIS A 294 11.96 -58.96 44.25
N HIS A 295 12.56 -58.58 43.12
CA HIS A 295 11.82 -58.29 41.90
C HIS A 295 10.98 -59.48 41.45
N HIS A 296 11.59 -60.66 41.43
CA HIS A 296 10.88 -61.83 40.93
C HIS A 296 9.78 -62.26 41.88
N VAL A 297 10.00 -62.14 43.18
CA VAL A 297 8.93 -62.35 44.15
C VAL A 297 7.75 -61.38 43.95
N ALA A 298 8.03 -60.09 43.76
CA ALA A 298 6.97 -59.10 43.57
C ALA A 298 6.21 -59.32 42.27
N ILE A 299 6.90 -59.63 41.18
CA ILE A 299 6.18 -59.81 39.92
C ILE A 299 5.48 -61.16 39.87
N ALA A 300 5.94 -62.15 40.64
CA ALA A 300 5.15 -63.38 40.79
C ALA A 300 3.84 -63.10 41.48
N VAL A 301 3.89 -62.33 42.56
CA VAL A 301 2.66 -61.95 43.24
C VAL A 301 1.76 -61.10 42.36
N LEU A 302 2.33 -60.26 41.51
CA LEU A 302 1.55 -59.45 40.58
C LEU A 302 0.93 -60.26 39.45
N PHE A 303 1.71 -61.16 38.81
CA PHE A 303 1.20 -61.92 37.67
C PHE A 303 0.19 -62.98 38.11
N ILE A 304 0.43 -63.64 39.24
CA ILE A 304 -0.56 -64.61 39.72
C ILE A 304 -1.87 -63.91 40.03
N PHE A 305 -1.80 -62.77 40.71
CA PHE A 305 -2.99 -62.00 41.01
C PHE A 305 -3.66 -61.53 39.73
N ALA A 306 -2.89 -61.14 38.70
CA ALA A 306 -3.46 -60.79 37.40
C ALA A 306 -4.12 -61.96 36.69
N GLY A 307 -3.72 -63.20 37.00
CA GLY A 307 -4.30 -64.34 36.33
C GLY A 307 -5.71 -64.69 36.79
N HIS A 308 -6.19 -64.06 37.85
CA HIS A 308 -7.56 -64.27 38.30
C HIS A 308 -8.44 -63.09 37.87
N MET A 309 -8.53 -62.89 36.56
CA MET A 309 -9.25 -61.72 36.10
C MET A 309 -10.41 -62.10 35.20
N TYR A 310 -10.26 -63.18 34.45
CA TYR A 310 -11.18 -63.51 33.38
C TYR A 310 -12.05 -64.69 33.80
N ARG A 311 -13.36 -64.54 33.61
CA ARG A 311 -14.34 -65.54 33.97
C ARG A 311 -14.10 -66.84 33.20
N THR A 312 -13.97 -67.95 33.92
CA THR A 312 -13.67 -69.17 33.20
C THR A 312 -14.74 -70.24 33.36
N ASN A 313 -14.96 -70.75 34.58
CA ASN A 313 -16.05 -71.68 34.83
C ASN A 313 -16.77 -71.38 36.13
N TRP A 314 -16.59 -70.20 36.70
CA TRP A 314 -17.07 -70.02 38.06
C TRP A 314 -17.75 -68.69 38.30
N GLY A 315 -18.23 -68.01 37.27
CA GLY A 315 -19.05 -66.83 37.49
C GLY A 315 -18.24 -65.57 37.71
N ILE A 316 -17.36 -65.57 38.72
CA ILE A 316 -16.49 -64.45 38.98
C ILE A 316 -15.49 -64.29 37.84
N GLY A 317 -15.13 -63.05 37.55
CA GLY A 317 -14.22 -62.73 36.48
C GLY A 317 -14.80 -61.70 35.54
N HIS A 318 -14.02 -61.37 34.52
CA HIS A 318 -14.51 -60.59 33.40
C HIS A 318 -14.78 -61.47 32.19
N SER A 319 -15.67 -60.99 31.34
CA SER A 319 -15.77 -61.50 29.99
C SER A 319 -15.21 -60.42 29.08
N ILE A 320 -14.16 -60.78 28.33
CA ILE A 320 -13.45 -59.82 27.42
C ILE A 320 -14.43 -59.34 26.35
N ARG A 321 -15.43 -60.14 26.01
CA ARG A 321 -16.41 -59.77 24.96
C ARG A 321 -17.27 -58.61 25.46
N THR A 322 -17.62 -58.61 26.74
CA THR A 322 -18.45 -57.56 27.37
C THR A 322 -17.64 -56.27 27.48
N MET A 323 -16.39 -56.39 27.94
CA MET A 323 -15.51 -55.25 28.07
C MET A 323 -15.21 -54.62 26.72
N LEU A 324 -15.06 -55.44 25.68
CA LEU A 324 -14.84 -54.93 24.34
C LEU A 324 -16.09 -54.24 23.81
N GLU A 325 -17.25 -54.87 23.98
CA GLU A 325 -18.48 -54.33 23.44
C GLU A 325 -18.98 -53.10 24.19
N ASP A 326 -18.53 -52.86 25.42
CA ASP A 326 -18.95 -51.66 26.13
C ASP A 326 -18.06 -50.46 25.89
N ALA A 327 -16.85 -50.68 25.37
CA ALA A 327 -15.94 -49.57 25.08
C ALA A 327 -16.37 -48.92 23.78
N ARG A 328 -17.24 -47.91 23.90
CA ARG A 328 -17.89 -47.28 22.77
C ARG A 328 -18.59 -46.03 23.26
N HIS A 329 -18.84 -45.10 22.36
CA HIS A 329 -19.64 -43.94 22.70
C HIS A 329 -21.08 -44.38 22.95
N PRO A 330 -21.77 -43.87 23.98
CA PRO A 330 -21.42 -42.75 24.86
C PRO A 330 -20.82 -43.16 26.18
N LYS A 331 -20.21 -44.33 26.22
CA LYS A 331 -19.64 -44.87 27.45
C LYS A 331 -18.16 -44.56 27.59
N MET A 332 -17.61 -43.74 26.70
CA MET A 332 -16.18 -43.45 26.74
C MET A 332 -15.94 -42.10 27.38
N LEU A 333 -14.66 -41.76 27.54
CA LEU A 333 -14.29 -40.40 27.91
C LEU A 333 -14.74 -39.46 26.79
N PRO A 334 -15.25 -38.28 27.14
CA PRO A 334 -15.87 -37.41 26.12
C PRO A 334 -14.98 -37.02 24.95
N PHE A 335 -13.67 -36.89 25.17
CA PHE A 335 -12.79 -36.59 24.05
C PHE A 335 -12.36 -37.83 23.29
N LEU A 336 -12.58 -39.00 23.87
CA LEU A 336 -12.28 -40.28 23.24
C LEU A 336 -13.51 -40.88 22.60
N SER A 337 -14.57 -40.10 22.46
CA SER A 337 -15.88 -40.58 22.05
C SER A 337 -16.04 -40.57 20.53
N PHE A 338 -14.98 -40.27 19.80
CA PHE A 338 -15.01 -40.21 18.35
C PHE A 338 -15.05 -41.59 17.72
N ILE A 339 -14.94 -42.64 18.50
CA ILE A 339 -14.90 -43.99 17.97
C ILE A 339 -16.30 -44.57 17.79
N GLY A 340 -17.33 -43.81 18.11
CA GLY A 340 -18.68 -44.13 17.71
C GLY A 340 -19.40 -45.12 18.60
N PRO A 341 -20.63 -45.45 18.22
CA PRO A 341 -21.51 -46.19 19.13
C PRO A 341 -21.36 -47.69 19.02
N VAL A 342 -20.45 -48.13 18.15
CA VAL A 342 -20.17 -49.55 18.03
C VAL A 342 -18.88 -49.91 18.74
N GLY A 343 -17.85 -49.09 18.59
CA GLY A 343 -16.63 -49.25 19.37
C GLY A 343 -15.85 -50.48 18.99
N HIS A 344 -15.75 -51.41 19.93
CA HIS A 344 -14.95 -52.62 19.78
C HIS A 344 -15.85 -53.84 19.77
N ARG A 345 -16.99 -53.69 19.11
CA ARG A 345 -18.05 -54.69 19.23
C ARG A 345 -17.71 -55.97 18.51
N GLY A 346 -17.20 -55.88 17.29
CA GLY A 346 -16.92 -57.07 16.53
C GLY A 346 -15.49 -57.56 16.64
N LEU A 347 -14.74 -57.05 17.60
CA LEU A 347 -13.31 -57.38 17.69
C LEU A 347 -13.06 -58.64 18.50
N PHE A 348 -13.98 -59.06 19.35
CA PHE A 348 -13.78 -60.33 20.03
C PHE A 348 -13.97 -61.49 19.07
N GLU A 349 -14.81 -61.31 18.05
CA GLU A 349 -14.98 -62.34 17.04
C GLU A 349 -13.93 -62.27 15.96
N VAL A 350 -13.31 -61.10 15.77
CA VAL A 350 -12.11 -61.00 14.95
C VAL A 350 -10.94 -61.75 15.56
N LEU A 351 -10.73 -61.62 16.86
CA LEU A 351 -9.53 -62.13 17.51
C LEU A 351 -9.65 -63.56 17.97
N THR A 352 -10.85 -64.12 17.98
CA THR A 352 -11.04 -65.53 18.32
C THR A 352 -11.31 -66.38 17.10
N THR A 353 -11.41 -65.79 15.92
CA THR A 353 -11.55 -66.55 14.68
C THR A 353 -10.42 -66.33 13.70
N SER A 354 -9.63 -65.27 13.84
CA SER A 354 -8.49 -65.03 12.97
C SER A 354 -7.22 -65.30 13.74
N TRP A 355 -6.40 -66.23 13.23
CA TRP A 355 -5.08 -66.47 13.78
C TRP A 355 -4.10 -65.38 13.36
N HIS A 356 -4.34 -64.76 12.21
CA HIS A 356 -3.45 -63.70 11.71
C HIS A 356 -3.59 -62.43 12.53
N ALA A 357 -4.79 -62.12 13.01
CA ALA A 357 -4.98 -60.96 13.88
C ALA A 357 -4.21 -61.13 15.18
N GLN A 358 -4.31 -62.32 15.77
CA GLN A 358 -3.56 -62.64 16.97
C GLN A 358 -2.07 -62.60 16.71
N LEU A 359 -1.62 -63.16 15.59
CA LEU A 359 -0.19 -63.16 15.28
C LEU A 359 0.33 -61.76 15.06
N SER A 360 -0.45 -60.90 14.42
CA SER A 360 -0.04 -59.51 14.25
C SER A 360 0.14 -58.80 15.59
N ILE A 361 -0.83 -58.94 16.50
CA ILE A 361 -0.69 -58.30 17.82
C ILE A 361 0.50 -58.88 18.57
N ASN A 362 0.64 -60.20 18.56
CA ASN A 362 1.69 -60.84 19.34
C ASN A 362 3.08 -60.56 18.79
N LEU A 363 3.23 -60.48 17.46
CA LEU A 363 4.50 -60.09 16.86
C LEU A 363 4.85 -58.65 17.18
N ALA A 364 3.87 -57.74 17.15
CA ALA A 364 4.14 -56.35 17.50
C ALA A 364 4.61 -56.23 18.94
N MET A 365 3.91 -56.91 19.85
CA MET A 365 4.30 -56.88 21.26
C MET A 365 5.61 -57.60 21.52
N MET A 366 5.86 -58.70 20.82
CA MET A 366 7.10 -59.45 21.01
C MET A 366 8.30 -58.67 20.52
N GLY A 367 8.19 -58.02 19.36
CA GLY A 367 9.27 -57.19 18.87
C GLY A 367 9.51 -55.96 19.72
N SER A 368 8.42 -55.32 20.16
CA SER A 368 8.56 -54.19 21.06
C SER A 368 9.19 -54.60 22.38
N LEU A 369 8.86 -55.78 22.87
CA LEU A 369 9.40 -56.22 24.15
C LEU A 369 10.86 -56.64 24.01
N SER A 370 11.23 -57.19 22.85
CA SER A 370 12.64 -57.47 22.58
C SER A 370 13.47 -56.20 22.51
N ILE A 371 12.92 -55.15 21.91
CA ILE A 371 13.57 -53.84 21.93
C ILE A 371 13.68 -53.28 23.36
N ILE A 372 12.63 -53.45 24.17
CA ILE A 372 12.68 -53.04 25.57
C ILE A 372 13.73 -53.82 26.34
N VAL A 373 13.88 -55.12 26.06
CA VAL A 373 14.94 -55.93 26.62
C VAL A 373 16.30 -55.40 26.23
N ALA A 374 16.49 -55.02 24.98
CA ALA A 374 17.74 -54.40 24.54
C ALA A 374 18.06 -53.11 25.27
N GLN A 375 17.06 -52.26 25.49
CA GLN A 375 17.32 -50.98 26.13
C GLN A 375 17.43 -51.04 27.64
N HIS A 376 17.08 -52.17 28.27
CA HIS A 376 17.11 -52.30 29.71
C HIS A 376 18.27 -53.13 30.22
N MET A 377 19.04 -53.73 29.33
CA MET A 377 20.14 -54.58 29.76
C MET A 377 21.51 -53.98 29.49
N TYR A 378 21.59 -52.83 28.84
CA TYR A 378 22.86 -52.12 28.83
C TYR A 378 22.96 -51.17 30.01
N SER A 379 21.82 -50.61 30.42
CA SER A 379 21.77 -49.59 31.46
C SER A 379 21.57 -50.18 32.84
N MET A 380 20.91 -51.32 32.94
CA MET A 380 20.77 -52.05 34.19
C MET A 380 21.31 -53.45 33.94
N PRO A 381 22.63 -53.62 33.90
CA PRO A 381 23.22 -54.91 33.56
C PRO A 381 22.83 -55.96 34.57
N PRO A 382 22.11 -56.99 34.15
CA PRO A 382 21.52 -57.90 35.11
C PRO A 382 22.34 -59.13 35.42
N TYR A 383 23.56 -59.22 34.92
CA TYR A 383 24.37 -60.40 35.18
C TYR A 383 25.74 -59.97 35.67
N PRO A 384 26.43 -60.82 36.44
CA PRO A 384 27.77 -60.49 36.92
C PRO A 384 28.77 -60.37 35.78
N TYR A 385 29.60 -59.33 35.83
CA TYR A 385 30.69 -59.09 34.89
C TYR A 385 30.20 -59.04 33.44
N LEU A 386 29.01 -58.47 33.28
CA LEU A 386 28.39 -58.27 31.98
C LEU A 386 28.72 -56.92 31.38
N ALA A 387 28.61 -55.87 32.18
CA ALA A 387 28.80 -54.51 31.68
C ALA A 387 30.23 -54.24 31.27
N THR A 388 31.19 -54.95 31.87
CA THR A 388 32.58 -54.70 31.55
C THR A 388 33.02 -55.45 30.30
N ASP A 389 32.33 -56.53 29.93
CA ASP A 389 32.63 -57.16 28.66
C ASP A 389 31.82 -56.42 27.61
N TYR A 390 32.48 -55.46 26.95
CA TYR A 390 31.78 -54.54 26.06
C TYR A 390 31.34 -55.21 24.78
N GLY A 391 32.05 -56.25 24.35
CA GLY A 391 31.61 -57.02 23.20
C GLY A 391 30.29 -57.70 23.43
N THR A 392 30.10 -58.26 24.62
CA THR A 392 28.83 -58.89 24.98
C THR A 392 27.71 -57.87 25.10
N VAL A 393 27.97 -56.72 25.70
CA VAL A 393 26.95 -55.67 25.83
C VAL A 393 26.50 -55.19 24.45
N THR A 394 27.48 -54.93 23.58
CA THR A 394 27.22 -54.51 22.20
C THR A 394 26.41 -55.56 21.46
N SER A 395 26.83 -56.82 21.55
CA SER A 395 26.18 -57.90 20.81
C SER A 395 24.77 -58.13 21.28
N LEU A 396 24.54 -58.09 22.61
CA LEU A 396 23.20 -58.31 23.13
C LEU A 396 22.25 -57.20 22.74
N PHE A 397 22.67 -55.94 22.88
CA PHE A 397 21.83 -54.82 22.49
C PHE A 397 21.50 -54.90 21.01
N THR A 398 22.51 -55.15 20.17
CA THR A 398 22.35 -55.16 18.73
C THR A 398 21.46 -56.31 18.29
N HIS A 399 21.68 -57.50 18.85
CA HIS A 399 20.89 -58.67 18.50
C HIS A 399 19.43 -58.47 18.86
N HIS A 400 19.15 -57.94 20.05
CA HIS A 400 17.76 -57.80 20.43
C HIS A 400 17.07 -56.67 19.68
N MET A 401 17.81 -55.63 19.29
CA MET A 401 17.23 -54.63 18.40
C MET A 401 16.89 -55.21 17.03
N TRP A 402 17.74 -56.06 16.47
CA TRP A 402 17.42 -56.64 15.17
C TRP A 402 16.24 -57.60 15.25
N ILE A 403 16.20 -58.43 16.29
CA ILE A 403 15.08 -59.35 16.47
C ILE A 403 13.77 -58.56 16.64
N GLY A 404 13.82 -57.49 17.44
CA GLY A 404 12.64 -56.67 17.61
C GLY A 404 12.16 -56.02 16.34
N GLY A 405 13.08 -55.47 15.54
CA GLY A 405 12.69 -54.86 14.29
C GLY A 405 12.08 -55.84 13.30
N PHE A 406 12.67 -57.04 13.19
CA PHE A 406 12.13 -58.05 12.29
C PHE A 406 10.74 -58.49 12.72
N LEU A 407 10.56 -58.72 14.02
CA LEU A 407 9.28 -59.11 14.59
C LEU A 407 8.21 -58.04 14.36
N ILE A 408 8.58 -56.78 14.52
CA ILE A 408 7.66 -55.68 14.28
C ILE A 408 7.27 -55.58 12.81
N VAL A 409 8.19 -55.85 11.89
CA VAL A 409 7.83 -55.89 10.46
C VAL A 409 6.87 -57.04 10.18
N GLY A 410 7.08 -58.19 10.82
CA GLY A 410 6.15 -59.30 10.64
C GLY A 410 4.77 -59.02 11.20
N ALA A 411 4.69 -58.19 12.23
CA ALA A 411 3.39 -57.75 12.74
C ALA A 411 2.58 -57.04 11.66
N ALA A 412 3.21 -56.13 10.92
CA ALA A 412 2.54 -55.46 9.82
C ALA A 412 2.25 -56.40 8.68
N ALA A 413 3.14 -57.36 8.44
CA ALA A 413 2.90 -58.39 7.44
C ALA A 413 1.62 -59.14 7.72
N HIS A 414 1.38 -59.51 8.98
CA HIS A 414 0.20 -60.29 9.28
C HIS A 414 -1.04 -59.45 9.52
N ALA A 415 -0.87 -58.17 9.87
CA ALA A 415 -2.00 -57.25 9.83
C ALA A 415 -2.50 -57.05 8.41
N GLY A 416 -1.62 -57.15 7.42
CA GLY A 416 -2.04 -57.12 6.03
C GLY A 416 -2.61 -58.43 5.53
N ILE A 417 -2.16 -59.56 6.07
CA ILE A 417 -2.73 -60.85 5.67
C ILE A 417 -4.12 -61.01 6.26
N PHE A 418 -4.33 -60.54 7.49
CA PHE A 418 -5.67 -60.47 8.06
C PHE A 418 -6.61 -59.66 7.21
N MET A 419 -6.14 -58.55 6.63
CA MET A 419 -7.01 -57.69 5.85
C MET A 419 -7.50 -58.37 4.59
N VAL A 420 -6.62 -59.04 3.87
CA VAL A 420 -6.97 -59.54 2.55
C VAL A 420 -7.78 -60.82 2.71
N ARG A 421 -7.56 -61.52 3.81
CA ARG A 421 -8.08 -62.87 3.91
C ARG A 421 -9.15 -62.97 4.98
N ASP A 422 -8.86 -62.46 6.16
CA ASP A 422 -9.70 -62.76 7.31
C ASP A 422 -10.66 -61.62 7.64
N TYR A 423 -10.44 -60.44 7.08
CA TYR A 423 -11.35 -59.34 7.32
C TYR A 423 -12.67 -59.58 6.60
N ASP A 424 -13.76 -59.37 7.33
CA ASP A 424 -15.13 -59.49 6.82
C ASP A 424 -15.83 -58.16 7.06
N PRO A 425 -16.22 -57.44 6.00
CA PRO A 425 -16.95 -56.18 6.21
C PRO A 425 -18.27 -56.34 6.93
N ALA A 426 -18.99 -57.43 6.68
CA ALA A 426 -20.30 -57.62 7.31
C ALA A 426 -20.18 -57.89 8.80
N GLU A 427 -19.08 -58.52 9.22
CA GLU A 427 -18.85 -58.83 10.63
C GLU A 427 -18.66 -57.58 11.45
N ASN A 428 -17.75 -56.71 11.01
CA ASN A 428 -17.37 -55.53 11.79
C ASN A 428 -17.76 -54.24 11.09
N VAL A 429 -18.93 -53.72 11.46
CA VAL A 429 -19.58 -52.61 10.76
C VAL A 429 -19.59 -51.42 11.71
N ASN A 430 -18.95 -50.33 11.29
CA ASN A 430 -18.93 -49.05 12.01
C ASN A 430 -18.24 -49.17 13.37
N ASN A 431 -17.39 -50.17 13.52
CA ASN A 431 -16.58 -50.31 14.72
C ASN A 431 -15.23 -49.64 14.47
N VAL A 432 -14.30 -49.81 15.41
CA VAL A 432 -13.01 -49.12 15.31
C VAL A 432 -12.21 -49.59 14.10
N LEU A 433 -12.31 -50.88 13.76
CA LEU A 433 -11.60 -51.38 12.60
C LEU A 433 -12.22 -50.85 11.31
N ASP A 434 -13.54 -50.79 11.24
CA ASP A 434 -14.20 -50.24 10.06
C ASP A 434 -13.94 -48.74 9.96
N ARG A 435 -13.93 -48.04 11.09
CA ARG A 435 -13.77 -46.60 11.08
C ARG A 435 -12.33 -46.18 10.79
N VAL A 436 -11.35 -47.04 11.07
CA VAL A 436 -9.99 -46.76 10.64
C VAL A 436 -9.82 -46.90 9.15
N LEU A 437 -10.38 -47.95 8.55
CA LEU A 437 -10.36 -48.11 7.11
C LEU A 437 -11.18 -47.06 6.41
N ARG A 438 -12.02 -46.35 7.14
CA ARG A 438 -12.96 -45.40 6.57
C ARG A 438 -12.44 -43.98 6.70
N HIS A 439 -11.22 -43.78 7.22
CA HIS A 439 -10.58 -42.47 7.14
C HIS A 439 -9.07 -42.58 6.91
N ARG A 440 -8.58 -43.67 6.32
CA ARG A 440 -7.16 -43.95 6.24
C ARG A 440 -6.37 -42.94 5.42
N ASP A 441 -7.03 -42.15 4.58
CA ASP A 441 -6.34 -41.06 3.89
C ASP A 441 -5.84 -40.01 4.86
N ALA A 442 -6.63 -39.69 5.89
CA ALA A 442 -6.19 -38.78 6.93
C ALA A 442 -5.02 -39.32 7.74
N ILE A 443 -5.07 -40.58 8.14
CA ILE A 443 -3.97 -41.22 8.85
C ILE A 443 -2.70 -41.19 8.03
N ILE A 444 -2.78 -41.61 6.77
CA ILE A 444 -1.58 -41.74 5.95
C ILE A 444 -1.03 -40.39 5.55
N SER A 445 -1.89 -39.40 5.25
CA SER A 445 -1.38 -38.09 4.88
C SER A 445 -0.74 -37.38 6.06
N HIS A 446 -1.25 -37.60 7.27
CA HIS A 446 -0.64 -36.97 8.42
C HIS A 446 0.65 -37.66 8.80
N LEU A 447 0.73 -38.96 8.56
CA LEU A 447 1.99 -39.67 8.72
C LEU A 447 3.01 -39.26 7.68
N VAL A 448 2.60 -39.00 6.44
CA VAL A 448 3.46 -38.42 5.43
C VAL A 448 4.01 -37.06 5.85
N TRP A 449 3.16 -36.17 6.34
CA TRP A 449 3.64 -34.88 6.80
C TRP A 449 4.57 -34.98 7.99
N VAL A 450 4.27 -35.85 8.98
CA VAL A 450 5.16 -35.92 10.15
C VAL A 450 6.49 -36.54 9.78
N CYS A 451 6.50 -37.49 8.83
CA CYS A 451 7.76 -38.04 8.36
C CYS A 451 8.59 -36.98 7.65
N GLN A 452 7.95 -36.13 6.87
CA GLN A 452 8.67 -35.04 6.22
C GLN A 452 9.21 -34.02 7.20
N PHE A 453 8.39 -33.64 8.18
CA PHE A 453 8.82 -32.69 9.21
C PHE A 453 10.01 -33.25 9.99
N LEU A 454 9.96 -34.54 10.31
CA LEU A 454 11.04 -35.16 11.06
C LEU A 454 12.27 -35.36 10.20
N GLY A 455 12.08 -35.55 8.90
CA GLY A 455 13.23 -35.73 8.02
C GLY A 455 13.96 -34.45 7.74
N PHE A 456 13.24 -33.34 7.66
CA PHE A 456 13.93 -32.06 7.60
C PHE A 456 14.54 -31.66 8.92
N HIS A 457 13.94 -31.98 10.04
CA HIS A 457 14.38 -31.40 11.30
C HIS A 457 15.26 -32.35 12.05
N SER A 458 15.66 -33.42 11.39
CA SER A 458 16.71 -34.26 11.93
C SER A 458 17.87 -34.29 10.96
N PHE A 459 17.62 -34.70 9.71
CA PHE A 459 18.71 -34.99 8.80
C PHE A 459 19.20 -33.73 8.10
N ALA A 460 18.28 -32.85 7.71
CA ALA A 460 18.70 -31.62 7.05
C ALA A 460 19.43 -30.71 8.02
N MET A 461 19.22 -30.88 9.34
CA MET A 461 20.06 -30.19 10.31
C MET A 461 21.48 -30.74 10.32
N TYR A 462 21.64 -32.05 10.11
CA TYR A 462 22.96 -32.64 9.92
C TYR A 462 23.63 -32.08 8.67
N CYS A 463 22.86 -31.90 7.60
CA CYS A 463 23.40 -31.30 6.37
C CYS A 463 23.76 -29.83 6.56
N HIS A 464 22.96 -29.09 7.33
CA HIS A 464 23.30 -27.74 7.77
C HIS A 464 24.63 -27.72 8.50
N ASN A 465 24.84 -28.66 9.41
CA ASN A 465 26.07 -28.76 10.18
C ASN A 465 27.26 -29.08 9.30
N ASP A 466 27.10 -29.99 8.35
CA ASP A 466 28.15 -30.28 7.38
C ASP A 466 28.56 -29.04 6.61
N THR A 467 27.58 -28.31 6.10
CA THR A 467 27.88 -27.10 5.33
C THR A 467 28.53 -26.02 6.19
N MET A 468 28.08 -25.88 7.43
CA MET A 468 28.67 -24.87 8.31
C MET A 468 30.07 -25.25 8.76
N ARG A 469 30.33 -26.54 8.95
CA ARG A 469 31.66 -26.96 9.33
C ARG A 469 32.61 -26.88 8.15
N ALA A 470 32.13 -27.09 6.93
CA ALA A 470 33.00 -26.97 5.76
C ALA A 470 33.29 -25.51 5.41
N PHE A 471 32.31 -24.62 5.57
CA PHE A 471 32.52 -23.18 5.54
C PHE A 471 33.47 -22.62 6.58
N GLY A 472 33.73 -23.33 7.67
CA GLY A 472 34.57 -22.75 8.69
C GLY A 472 33.86 -21.81 9.62
N ARG A 473 32.57 -21.99 9.81
CA ARG A 473 31.76 -21.17 10.72
C ARG A 473 31.06 -22.10 11.69
N PRO A 474 31.77 -22.63 12.70
CA PRO A 474 31.17 -23.55 13.66
C PRO A 474 30.30 -22.89 14.72
N GLN A 475 30.28 -21.57 14.77
CA GLN A 475 29.37 -20.83 15.62
C GLN A 475 27.95 -20.84 15.07
N ASP A 476 27.80 -21.25 13.82
CA ASP A 476 26.54 -21.31 13.12
C ASP A 476 25.99 -22.73 13.09
N MET A 477 26.67 -23.65 13.74
CA MET A 477 26.34 -25.06 13.70
C MET A 477 25.31 -25.36 14.78
N PHE A 478 24.67 -26.52 14.67
CA PHE A 478 23.81 -27.04 15.73
C PHE A 478 24.61 -27.88 16.69
N SER A 479 25.63 -27.29 17.30
CA SER A 479 26.49 -27.99 18.25
C SER A 479 26.18 -27.53 19.67
N ASP A 480 26.90 -28.08 20.64
CA ASP A 480 26.86 -27.59 22.00
C ASP A 480 27.66 -26.30 22.17
N THR A 481 28.45 -25.94 21.16
CA THR A 481 29.16 -24.68 21.13
C THR A 481 28.60 -23.70 20.11
N GLY A 482 27.65 -24.14 19.28
CA GLY A 482 26.98 -23.28 18.33
C GLY A 482 25.55 -22.99 18.75
N ILE A 483 24.59 -23.31 17.89
CA ILE A 483 23.18 -23.23 18.25
C ILE A 483 22.80 -24.47 19.04
N GLN A 484 22.66 -24.32 20.35
CA GLN A 484 22.41 -25.47 21.21
C GLN A 484 20.97 -25.93 21.10
N LEU A 485 20.80 -27.25 21.11
CA LEU A 485 19.52 -27.94 20.98
C LEU A 485 19.36 -28.92 22.13
N GLN A 486 19.48 -28.45 23.36
CA GLN A 486 19.50 -29.35 24.50
C GLN A 486 18.16 -30.06 24.68
N PRO A 487 18.17 -31.37 24.86
CA PRO A 487 16.93 -32.12 25.14
C PRO A 487 16.48 -31.95 26.58
N ILE A 488 15.80 -30.82 26.85
CA ILE A 488 15.56 -30.38 28.22
C ILE A 488 14.61 -31.32 28.92
N PHE A 489 13.72 -31.96 28.18
CA PHE A 489 12.75 -32.88 28.77
C PHE A 489 13.41 -34.18 29.22
N ALA A 490 14.31 -34.72 28.41
CA ALA A 490 15.03 -35.92 28.82
C ALA A 490 16.06 -35.61 29.89
N GLN A 491 16.68 -34.43 29.84
CA GLN A 491 17.57 -33.98 30.90
C GLN A 491 16.83 -33.81 32.21
N TRP A 492 15.60 -33.30 32.15
CA TRP A 492 14.77 -33.17 33.32
C TRP A 492 14.33 -34.53 33.86
N VAL A 493 14.00 -35.47 32.97
CA VAL A 493 13.68 -36.82 33.42
C VAL A 493 14.89 -37.46 34.09
N GLN A 494 16.09 -37.27 33.54
CA GLN A 494 17.31 -37.78 34.15
C GLN A 494 17.54 -37.19 35.55
N HIS A 495 17.30 -35.89 35.70
CA HIS A 495 17.40 -35.24 37.01
C HIS A 495 16.36 -35.72 37.99
N ILE A 496 15.12 -35.95 37.54
CA ILE A 496 14.08 -36.54 38.39
C ILE A 496 14.45 -37.96 38.81
N GLN A 497 15.09 -38.71 37.92
CA GLN A 497 15.50 -40.07 38.27
C GLN A 497 16.63 -40.12 39.26
N THR A 498 17.53 -39.15 39.21
CA THR A 498 18.58 -39.15 40.21
C THR A 498 18.18 -38.49 41.52
N MET A 499 17.17 -37.60 41.50
CA MET A 499 16.65 -37.05 42.76
C MET A 499 15.72 -37.99 43.48
N ALA A 500 15.07 -38.90 42.75
CA ALA A 500 14.05 -39.77 43.33
C ALA A 500 14.66 -40.71 44.37
N VAL A 501 15.88 -41.15 44.13
CA VAL A 501 16.47 -42.26 44.85
C VAL A 501 17.20 -41.79 46.09
N GLY A 502 16.97 -40.54 46.50
CA GLY A 502 17.65 -40.01 47.66
C GLY A 502 17.21 -40.65 48.97
N SER A 503 17.98 -40.36 50.01
CA SER A 503 17.70 -40.85 51.36
C SER A 503 16.48 -40.16 51.95
N THR A 527 12.05 -37.12 49.24
CA THR A 527 12.17 -37.59 47.86
C THR A 527 10.92 -38.37 47.44
N THR A 528 11.02 -39.06 46.31
CA THR A 528 9.93 -39.87 45.80
C THR A 528 10.21 -41.36 45.75
N ALA A 529 11.42 -41.81 46.08
CA ALA A 529 11.66 -43.23 46.30
C ALA A 529 12.63 -43.42 47.46
N PRO A 530 12.18 -43.20 48.70
CA PRO A 530 13.09 -43.35 49.85
C PRO A 530 13.64 -44.75 50.07
N GLY A 531 12.96 -45.78 49.58
CA GLY A 531 13.42 -47.14 49.80
C GLY A 531 14.71 -47.47 49.07
N VAL A 532 14.84 -47.03 47.82
CA VAL A 532 16.05 -47.30 47.06
C VAL A 532 17.19 -46.41 47.53
N ALA A 533 18.40 -46.98 47.54
CA ALA A 533 19.61 -46.24 47.87
C ALA A 533 20.22 -45.59 46.63
N SER A 534 20.52 -46.39 45.62
CA SER A 534 21.18 -45.97 44.40
C SER A 534 20.15 -45.60 43.33
N PRO A 535 20.54 -44.94 42.23
CA PRO A 535 19.59 -44.74 41.13
C PRO A 535 19.29 -46.03 40.39
N ALA A 536 18.12 -46.12 39.76
CA ALA A 536 17.67 -47.34 39.09
C ALA A 536 18.66 -47.78 38.03
N SER A 537 19.26 -46.82 37.34
CA SER A 537 20.51 -47.05 36.65
C SER A 537 21.41 -45.86 36.89
N TYR A 538 22.71 -46.10 36.80
CA TYR A 538 23.65 -44.99 36.82
C TYR A 538 23.65 -44.23 35.52
N ALA A 539 22.98 -44.73 34.47
CA ALA A 539 22.82 -43.98 33.23
C ALA A 539 22.09 -42.67 33.44
N PHE A 540 21.12 -42.64 34.36
CA PHE A 540 20.41 -41.41 34.65
C PHE A 540 21.31 -40.41 35.36
N GLY A 541 21.99 -40.86 36.41
CA GLY A 541 22.84 -40.01 37.19
C GLY A 541 23.51 -40.82 38.27
N GLY A 542 23.63 -40.26 39.46
CA GLY A 542 24.32 -41.02 40.49
C GLY A 542 25.82 -41.03 40.23
N GLY A 543 26.43 -42.18 40.49
CA GLY A 543 27.85 -42.32 40.45
C GLY A 543 28.37 -43.15 39.30
N LEU A 544 29.58 -43.63 39.46
CA LEU A 544 30.30 -44.43 38.48
C LEU A 544 30.61 -45.78 39.08
N VAL A 545 30.20 -46.85 38.38
CA VAL A 545 30.58 -48.20 38.76
C VAL A 545 31.64 -48.65 37.76
N ALA A 546 32.83 -48.92 38.28
CA ALA A 546 33.94 -49.45 37.50
C ALA A 546 34.38 -50.77 38.11
N VAL A 547 34.55 -51.78 37.26
CA VAL A 547 34.86 -53.15 37.71
C VAL A 547 36.06 -53.65 36.92
N GLY A 548 37.11 -54.02 37.63
CA GLY A 548 38.33 -54.47 36.99
C GLY A 548 39.03 -53.39 36.18
N GLY A 549 38.96 -52.15 36.63
CA GLY A 549 39.53 -51.04 35.88
C GLY A 549 38.61 -50.44 34.87
N LYS A 550 37.81 -51.27 34.20
CA LYS A 550 36.95 -50.81 33.14
C LYS A 550 35.61 -50.34 33.71
N VAL A 551 34.96 -49.44 32.98
CA VAL A 551 33.72 -48.82 33.45
C VAL A 551 32.57 -49.80 33.24
N ALA A 552 31.84 -50.12 34.31
CA ALA A 552 30.61 -50.87 34.15
C ALA A 552 29.46 -49.95 33.74
N MET A 553 29.27 -48.84 34.46
CA MET A 553 28.21 -47.92 34.10
C MET A 553 28.51 -46.55 34.68
N MET A 554 28.12 -45.51 33.95
CA MET A 554 28.29 -44.14 34.40
C MET A 554 27.23 -43.30 33.69
N PRO A 555 26.92 -42.08 34.21
CA PRO A 555 25.91 -41.23 33.57
C PRO A 555 26.10 -40.94 32.09
N ILE A 556 25.02 -41.10 31.34
CA ILE A 556 25.02 -40.84 29.91
C ILE A 556 24.49 -39.42 29.75
N SER A 557 25.40 -38.49 29.53
CA SER A 557 25.03 -37.09 29.33
C SER A 557 24.31 -36.91 28.00
N LEU A 558 23.25 -36.11 28.02
CA LEU A 558 22.41 -35.89 26.86
C LEU A 558 22.56 -34.43 26.43
N GLY A 559 23.23 -34.20 25.33
CA GLY A 559 23.42 -32.88 24.77
C GLY A 559 22.74 -32.70 23.43
N THR A 560 23.27 -31.78 22.63
CA THR A 560 22.71 -31.49 21.32
C THR A 560 22.82 -32.66 20.35
N ALA A 561 23.94 -33.39 20.38
CA ALA A 561 24.08 -34.57 19.54
C ALA A 561 23.04 -35.62 19.86
N ASP A 562 22.65 -35.73 21.13
CA ASP A 562 21.64 -36.70 21.54
C ASP A 562 20.24 -36.29 21.13
N PHE A 563 19.94 -35.00 21.17
CA PHE A 563 18.73 -34.45 20.60
C PHE A 563 18.62 -34.79 19.12
N LEU A 564 19.70 -34.56 18.39
CA LEU A 564 19.72 -34.78 16.95
C LEU A 564 19.55 -36.25 16.60
N ILE A 565 20.22 -37.14 17.34
CA ILE A 565 20.14 -38.55 17.00
C ILE A 565 18.82 -39.17 17.48
N HIS A 566 18.21 -38.64 18.54
CA HIS A 566 16.88 -39.11 18.90
C HIS A 566 15.84 -38.67 17.89
N HIS A 567 16.04 -37.53 17.26
CA HIS A 567 15.10 -37.17 16.23
C HIS A 567 15.34 -37.92 14.93
N ILE A 568 16.57 -38.33 14.68
CA ILE A 568 16.83 -39.32 13.64
C ILE A 568 16.06 -40.60 13.92
N HIS A 569 16.06 -41.06 15.16
CA HIS A 569 15.35 -42.29 15.53
C HIS A 569 13.84 -42.15 15.35
N ALA A 570 13.29 -41.03 15.81
CA ALA A 570 11.86 -40.75 15.63
C ALA A 570 11.49 -40.71 14.16
N PHE A 571 12.31 -40.07 13.34
CA PHE A 571 12.07 -39.99 11.91
C PHE A 571 12.07 -41.37 11.25
N THR A 572 13.08 -42.19 11.55
CA THR A 572 13.18 -43.48 10.90
C THR A 572 12.08 -44.44 11.35
N ILE A 573 11.72 -44.41 12.63
CA ILE A 573 10.61 -45.23 13.12
C ILE A 573 9.31 -44.79 12.48
N HIS A 574 9.13 -43.49 12.27
CA HIS A 574 7.90 -43.00 11.67
C HIS A 574 7.80 -43.35 10.20
N VAL A 575 8.91 -43.33 9.46
CA VAL A 575 8.81 -43.70 8.06
C VAL A 575 8.61 -45.20 7.92
N THR A 576 9.18 -45.99 8.83
CA THR A 576 8.89 -47.42 8.85
C THR A 576 7.40 -47.67 9.10
N VAL A 577 6.83 -46.92 10.05
CA VAL A 577 5.40 -47.04 10.36
C VAL A 577 4.58 -46.60 9.16
N LEU A 578 4.99 -45.53 8.48
CA LEU A 578 4.32 -45.08 7.26
C LEU A 578 4.27 -46.17 6.20
N VAL A 579 5.43 -46.76 5.90
CA VAL A 579 5.51 -47.79 4.87
C VAL A 579 4.66 -48.99 5.23
N LEU A 580 4.72 -49.43 6.48
CA LEU A 580 4.01 -50.64 6.88
C LEU A 580 2.51 -50.42 7.04
N LEU A 581 2.12 -49.32 7.71
CA LEU A 581 0.72 -49.00 7.90
C LEU A 581 0.01 -48.68 6.60
N LYS A 582 0.73 -48.09 5.63
CA LYS A 582 0.13 -47.82 4.34
C LYS A 582 -0.31 -49.09 3.65
N GLY A 583 0.53 -50.13 3.69
CA GLY A 583 0.16 -51.40 3.11
C GLY A 583 -0.94 -52.10 3.85
N VAL A 584 -0.94 -52.00 5.18
CA VAL A 584 -2.03 -52.58 5.96
C VAL A 584 -3.35 -51.89 5.63
N LEU A 585 -3.36 -50.56 5.59
CA LEU A 585 -4.61 -49.82 5.43
C LEU A 585 -5.13 -49.91 4.01
N PHE A 586 -4.23 -49.98 3.02
CA PHE A 586 -4.65 -50.10 1.63
C PHE A 586 -4.45 -51.51 1.09
N ALA A 587 -4.45 -52.53 1.93
CA ALA A 587 -4.37 -53.90 1.48
C ALA A 587 -5.64 -54.38 0.76
N ARG A 588 -6.80 -53.88 1.18
CA ARG A 588 -8.08 -54.25 0.59
C ARG A 588 -8.29 -53.62 -0.77
N ASN A 589 -8.11 -52.31 -0.84
CA ASN A 589 -8.42 -51.51 -2.01
C ASN A 589 -7.83 -50.13 -1.81
N SER A 590 -7.75 -49.36 -2.89
CA SER A 590 -7.37 -47.96 -2.80
C SER A 590 -8.17 -47.19 -3.86
N ARG A 591 -7.80 -45.93 -4.06
CA ARG A 591 -8.39 -45.15 -5.12
C ARG A 591 -7.89 -45.60 -6.49
N LEU A 592 -6.69 -46.16 -6.54
CA LEU A 592 -6.11 -46.65 -7.78
C LEU A 592 -6.72 -47.98 -8.19
N ILE A 593 -6.60 -48.99 -7.35
CA ILE A 593 -7.09 -50.33 -7.64
C ILE A 593 -8.21 -50.63 -6.64
N PRO A 594 -9.48 -50.54 -7.05
CA PRO A 594 -10.58 -50.73 -6.09
C PRO A 594 -10.83 -52.16 -5.68
N ASP A 595 -10.17 -53.14 -6.28
CA ASP A 595 -10.42 -54.55 -6.01
C ASP A 595 -9.10 -55.26 -5.74
N LYS A 596 -8.28 -54.64 -4.89
CA LYS A 596 -6.96 -55.16 -4.56
C LYS A 596 -7.02 -56.40 -3.70
N SER A 597 -8.11 -56.61 -2.96
CA SER A 597 -8.26 -57.82 -2.16
C SER A 597 -8.54 -59.02 -3.03
N GLU A 598 -9.12 -58.81 -4.20
CA GLU A 598 -9.31 -59.89 -5.17
C GLU A 598 -8.01 -60.30 -5.83
N LEU A 599 -7.03 -59.40 -5.86
CA LEU A 599 -5.73 -59.70 -6.45
C LEU A 599 -4.84 -60.50 -5.51
N GLY A 600 -5.10 -60.45 -4.22
CA GLY A 600 -4.38 -61.21 -3.24
C GLY A 600 -3.65 -60.32 -2.25
N PHE A 601 -2.84 -60.95 -1.41
CA PHE A 601 -1.94 -60.24 -0.51
C PHE A 601 -0.54 -60.11 -1.08
N ARG A 602 -0.10 -61.12 -1.84
CA ARG A 602 1.21 -61.14 -2.50
C ARG A 602 0.97 -61.30 -3.99
N PHE A 603 0.90 -60.18 -4.68
CA PHE A 603 0.86 -60.15 -6.13
C PHE A 603 1.82 -59.07 -6.60
N PRO A 604 2.39 -59.21 -7.80
CA PRO A 604 3.42 -58.26 -8.22
C PRO A 604 2.90 -56.87 -8.50
N CYS A 605 1.82 -56.76 -9.25
CA CYS A 605 1.35 -55.51 -9.81
C CYS A 605 -0.05 -55.74 -10.35
N ASP A 606 -0.60 -54.72 -10.98
CA ASP A 606 -1.78 -54.83 -11.82
C ASP A 606 -1.50 -54.18 -13.16
N GLY A 607 -0.37 -54.52 -13.78
CA GLY A 607 -0.08 -54.10 -15.12
C GLY A 607 0.51 -52.71 -15.19
N PRO A 608 0.93 -52.30 -16.38
CA PRO A 608 1.49 -50.96 -16.56
C PRO A 608 0.46 -49.86 -16.72
N GLY A 609 -0.79 -50.15 -16.47
CA GLY A 609 -1.82 -49.16 -16.62
C GLY A 609 -2.06 -48.39 -15.36
N ARG A 610 -2.93 -47.39 -15.47
CA ARG A 610 -3.11 -46.34 -14.48
C ARG A 610 -1.79 -45.65 -14.14
N GLY A 611 -0.91 -45.53 -15.13
CA GLY A 611 0.43 -45.05 -14.95
C GLY A 611 1.46 -46.13 -14.66
N GLY A 612 1.03 -47.28 -14.15
CA GLY A 612 1.92 -48.34 -13.72
C GLY A 612 1.73 -48.66 -12.26
N THR A 613 1.10 -49.78 -11.95
CA THR A 613 0.80 -50.13 -10.56
C THR A 613 1.76 -51.18 -10.05
N CYS A 614 3.03 -50.81 -9.99
CA CYS A 614 4.07 -51.70 -9.48
C CYS A 614 4.11 -51.61 -7.96
N GLN A 615 4.21 -52.76 -7.29
CA GLN A 615 4.34 -52.83 -5.83
C GLN A 615 3.17 -52.21 -5.09
N VAL A 616 1.94 -52.53 -5.52
CA VAL A 616 0.75 -52.04 -4.83
C VAL A 616 0.25 -52.98 -3.75
N SER A 617 0.75 -54.21 -3.70
CA SER A 617 0.28 -55.18 -2.72
C SER A 617 0.74 -54.81 -1.32
N ALA A 618 0.12 -55.45 -0.33
CA ALA A 618 0.56 -55.30 1.04
C ALA A 618 1.90 -55.98 1.26
N TRP A 619 2.15 -57.08 0.56
CA TRP A 619 3.43 -57.76 0.64
C TRP A 619 4.56 -56.87 0.17
N ASP A 620 4.33 -56.06 -0.85
CA ASP A 620 5.36 -55.16 -1.34
C ASP A 620 5.63 -54.03 -0.35
N HIS A 621 4.65 -53.73 0.50
CA HIS A 621 4.87 -52.76 1.55
C HIS A 621 5.66 -53.36 2.69
N VAL A 622 5.48 -54.66 2.94
CA VAL A 622 6.35 -55.36 3.89
C VAL A 622 7.78 -55.43 3.36
N PHE A 623 7.93 -55.71 2.06
CA PHE A 623 9.20 -55.56 1.33
C PHE A 623 9.84 -54.20 1.52
N LEU A 624 9.12 -53.12 1.29
CA LEU A 624 9.73 -51.81 1.42
C LEU A 624 9.92 -51.37 2.86
N GLY A 625 9.17 -51.95 3.80
CA GLY A 625 9.38 -51.66 5.21
C GLY A 625 10.48 -52.47 5.84
N LEU A 626 10.89 -53.56 5.22
CA LEU A 626 12.08 -54.28 5.67
C LEU A 626 13.33 -53.41 5.52
N PHE A 627 13.44 -52.70 4.40
CA PHE A 627 14.53 -51.76 4.18
C PHE A 627 14.49 -50.62 5.19
N TRP A 628 13.30 -50.14 5.52
CA TRP A 628 13.20 -49.02 6.44
C TRP A 628 13.43 -49.44 7.87
N MET A 629 13.06 -50.66 8.23
CA MET A 629 13.45 -51.21 9.52
C MET A 629 14.95 -51.41 9.60
N TYR A 630 15.59 -51.87 8.52
CA TYR A 630 17.05 -51.90 8.50
C TYR A 630 17.63 -50.53 8.77
N ASN A 631 17.17 -49.52 8.04
CA ASN A 631 17.75 -48.20 8.13
C ASN A 631 17.49 -47.58 9.50
N SER A 632 16.38 -47.95 10.13
CA SER A 632 16.06 -47.49 11.47
C SER A 632 16.88 -48.18 12.56
N ILE A 633 17.02 -49.50 12.51
CA ILE A 633 17.70 -50.21 13.56
C ILE A 633 19.22 -50.05 13.42
N ALA A 634 19.73 -49.87 12.20
CA ALA A 634 21.15 -49.63 12.00
C ALA A 634 21.59 -48.33 12.66
N MET A 635 20.78 -47.29 12.55
CA MET A 635 21.14 -46.05 13.20
C MET A 635 21.01 -46.12 14.71
N VAL A 636 20.11 -46.94 15.22
CA VAL A 636 19.98 -47.13 16.66
C VAL A 636 21.21 -47.84 17.21
N ILE A 637 21.65 -48.91 16.55
CA ILE A 637 22.82 -49.63 17.01
C ILE A 637 24.09 -48.82 16.81
N PHE A 638 24.14 -47.96 15.79
CA PHE A 638 25.29 -47.06 15.62
C PHE A 638 25.34 -45.99 16.71
N HIS A 639 24.18 -45.39 17.03
CA HIS A 639 24.10 -44.44 18.13
C HIS A 639 24.56 -45.09 19.42
N PHE A 640 24.10 -46.31 19.69
CA PHE A 640 24.50 -46.99 20.92
C PHE A 640 26.00 -47.25 20.94
N PHE A 641 26.54 -47.78 19.85
CA PHE A 641 27.97 -48.13 19.79
C PHE A 641 28.83 -46.90 20.02
N TRP A 642 28.59 -45.82 19.28
CA TRP A 642 29.43 -44.63 19.41
C TRP A 642 29.24 -43.93 20.75
N LYS A 643 27.99 -43.75 21.20
CA LYS A 643 27.76 -43.02 22.44
C LYS A 643 28.28 -43.79 23.64
N MET A 644 28.08 -45.10 23.68
CA MET A 644 28.59 -45.89 24.79
C MET A 644 30.10 -46.00 24.75
N GLN A 645 30.68 -45.93 23.57
CA GLN A 645 32.11 -46.07 23.41
C GLN A 645 32.86 -44.76 23.64
N SER A 646 32.17 -43.64 23.55
CA SER A 646 32.85 -42.37 23.81
C SER A 646 32.42 -41.72 25.10
N ASP A 647 31.34 -42.12 25.72
CA ASP A 647 30.88 -41.40 26.88
C ASP A 647 30.58 -42.31 28.07
N VAL A 648 30.69 -43.62 27.93
CA VAL A 648 30.51 -44.51 29.06
C VAL A 648 31.74 -45.41 29.23
N TRP A 649 32.00 -46.24 28.23
CA TRP A 649 33.00 -47.27 28.36
C TRP A 649 34.39 -46.66 28.37
N GLY A 650 35.28 -47.27 29.15
CA GLY A 650 36.63 -46.76 29.23
C GLY A 650 37.49 -47.55 30.18
N ALA A 651 38.42 -46.85 30.83
CA ALA A 651 39.40 -47.47 31.71
C ALA A 651 39.63 -46.49 32.86
N VAL A 652 39.07 -46.82 34.03
CA VAL A 652 39.34 -46.04 35.22
C VAL A 652 40.72 -46.37 35.76
N ASP A 653 41.47 -45.33 36.10
CA ASP A 653 42.78 -45.48 36.71
C ASP A 653 42.64 -45.59 38.24
N ALA A 654 43.78 -45.57 38.93
CA ALA A 654 43.78 -45.65 40.38
C ALA A 654 43.08 -44.46 41.01
N ASN A 655 43.34 -43.26 40.48
CA ASN A 655 42.71 -42.05 40.98
C ASN A 655 41.20 -42.04 40.75
N GLY A 656 40.78 -42.37 39.53
CA GLY A 656 39.36 -42.36 39.22
C GLY A 656 39.05 -41.75 37.88
N THR A 657 40.08 -41.22 37.21
CA THR A 657 39.89 -40.57 35.92
C THR A 657 39.54 -41.60 34.86
N VAL A 658 38.52 -41.30 34.07
CA VAL A 658 38.00 -42.22 33.08
C VAL A 658 38.51 -41.79 31.71
N SER A 659 39.22 -42.67 31.04
CA SER A 659 39.68 -42.45 29.67
C SER A 659 38.80 -43.29 28.76
N HIS A 660 37.82 -42.64 28.14
CA HIS A 660 36.86 -43.33 27.29
C HIS A 660 37.53 -43.86 26.02
N ILE A 661 36.85 -44.82 25.38
CA ILE A 661 37.48 -45.61 24.32
C ILE A 661 37.80 -44.74 23.11
N THR A 662 36.82 -43.97 22.63
CA THR A 662 37.12 -43.07 21.52
C THR A 662 37.37 -41.64 21.99
N GLY A 663 37.11 -41.35 23.25
CA GLY A 663 37.60 -40.13 23.86
C GLY A 663 36.63 -38.98 23.88
N GLY A 664 35.34 -39.29 24.05
CA GLY A 664 34.33 -38.26 24.14
C GLY A 664 34.15 -37.43 22.88
N ASN A 665 34.23 -38.07 21.73
CA ASN A 665 34.13 -37.37 20.46
C ASN A 665 32.74 -37.49 19.82
N PHE A 666 31.78 -38.01 20.56
CA PHE A 666 30.40 -38.05 20.09
C PHE A 666 29.76 -36.67 20.11
N ALA A 667 30.15 -35.81 21.04
CA ALA A 667 29.46 -34.53 21.20
C ALA A 667 29.82 -33.52 20.13
N GLN A 668 30.90 -33.75 19.39
CA GLN A 668 31.34 -32.81 18.37
C GLN A 668 31.52 -33.43 17.00
N SER A 669 31.71 -34.73 16.88
CA SER A 669 31.83 -35.38 15.59
C SER A 669 30.55 -36.03 15.10
N SER A 670 29.65 -36.39 16.00
CA SER A 670 28.42 -37.06 15.60
C SER A 670 27.32 -36.10 15.23
N ILE A 671 27.64 -34.82 15.01
CA ILE A 671 26.66 -33.83 14.61
C ILE A 671 26.75 -33.47 13.15
N THR A 672 27.73 -34.03 12.43
CA THR A 672 27.85 -33.90 10.99
C THR A 672 27.86 -35.31 10.40
N ILE A 673 27.48 -35.41 9.12
CA ILE A 673 27.58 -36.69 8.43
C ILE A 673 29.03 -37.07 8.19
N ASN A 674 29.90 -36.08 7.99
CA ASN A 674 31.31 -36.35 7.74
C ASN A 674 32.00 -36.91 8.98
N GLY A 675 31.61 -36.45 10.16
CA GLY A 675 32.17 -37.00 11.38
C GLY A 675 31.67 -38.39 11.68
N TRP A 676 30.49 -38.74 11.17
CA TRP A 676 29.98 -40.09 11.30
C TRP A 676 30.72 -41.05 10.37
N LEU A 677 31.08 -40.58 9.19
CA LEU A 677 31.84 -41.35 8.22
C LEU A 677 33.33 -41.40 8.54
N ARG A 678 33.87 -40.41 9.23
CA ARG A 678 35.28 -40.39 9.54
C ARG A 678 35.59 -40.86 10.94
N ASP A 679 34.87 -40.38 11.95
CA ASP A 679 35.21 -40.69 13.32
C ASP A 679 34.51 -41.93 13.84
N PHE A 680 33.54 -42.45 13.10
CA PHE A 680 32.88 -43.69 13.47
C PHE A 680 33.14 -44.78 12.43
N LEU A 681 32.83 -44.56 11.16
CA LEU A 681 32.94 -45.66 10.23
C LEU A 681 34.38 -45.87 9.77
N TRP A 682 35.09 -44.81 9.39
CA TRP A 682 36.46 -44.98 8.93
C TRP A 682 37.42 -45.29 10.07
N ALA A 683 37.24 -44.65 11.23
CA ALA A 683 38.15 -44.79 12.35
C ALA A 683 37.98 -46.09 13.11
N GLN A 684 36.75 -46.52 13.35
CA GLN A 684 36.49 -47.71 14.16
C GLN A 684 36.47 -48.98 13.32
N ALA A 685 36.63 -48.88 12.01
CA ALA A 685 36.82 -50.05 11.18
C ALA A 685 38.29 -50.33 10.97
N THR A 686 39.16 -49.76 11.80
CA THR A 686 40.56 -50.11 11.82
C THR A 686 40.79 -51.54 12.26
N GLN A 687 39.98 -52.04 13.17
CA GLN A 687 40.18 -53.36 13.76
C GLN A 687 39.65 -54.49 12.91
N VAL A 688 38.80 -54.20 11.92
CA VAL A 688 38.19 -55.25 11.11
C VAL A 688 38.92 -55.40 9.77
N ILE A 689 39.53 -54.33 9.27
CA ILE A 689 40.25 -54.45 8.01
C ILE A 689 41.72 -54.74 8.24
N SER A 690 42.25 -54.43 9.43
CA SER A 690 43.62 -54.73 9.78
C SER A 690 43.71 -56.03 10.56
N SER A 691 42.72 -56.91 10.34
CA SER A 691 42.61 -58.15 11.09
C SER A 691 43.16 -59.35 10.36
N TYR A 692 43.56 -59.21 9.10
CA TYR A 692 44.13 -60.31 8.33
C TYR A 692 45.44 -60.79 8.95
N GLY A 693 45.56 -62.09 9.09
CA GLY A 693 46.71 -62.69 9.71
C GLY A 693 46.60 -62.86 11.21
N SER A 694 45.58 -62.27 11.83
CA SER A 694 45.35 -62.37 13.25
C SER A 694 44.26 -63.40 13.54
N ALA A 695 43.82 -63.48 14.79
CA ALA A 695 42.72 -64.35 15.14
C ALA A 695 41.37 -63.75 14.83
N LEU A 696 41.32 -62.45 14.51
CA LEU A 696 40.10 -61.77 14.12
C LEU A 696 39.94 -61.71 12.62
N SER A 697 40.69 -62.54 11.89
CA SER A 697 40.70 -62.46 10.43
C SER A 697 39.39 -62.94 9.83
N ALA A 698 38.68 -63.83 10.54
CA ALA A 698 37.37 -64.27 10.11
C ALA A 698 36.39 -63.10 10.09
N TYR A 699 36.57 -62.14 11.00
CA TYR A 699 35.74 -60.95 10.97
C TYR A 699 36.02 -60.09 9.75
N GLY A 700 37.28 -59.97 9.34
CA GLY A 700 37.57 -59.25 8.12
C GLY A 700 37.04 -59.94 6.88
N LEU A 701 37.12 -61.27 6.86
CA LEU A 701 36.54 -62.06 5.78
C LEU A 701 35.03 -61.88 5.72
N MET A 702 34.35 -61.87 6.88
CA MET A 702 32.91 -61.72 6.89
C MET A 702 32.48 -60.28 6.60
N PHE A 703 33.33 -59.31 6.93
CA PHE A 703 33.10 -57.91 6.54
C PHE A 703 33.07 -57.78 5.02
N LEU A 704 34.06 -58.36 4.35
CA LEU A 704 34.07 -58.35 2.89
C LEU A 704 32.92 -59.18 2.31
N ALA A 705 32.59 -60.30 2.95
CA ALA A 705 31.49 -61.14 2.49
C ALA A 705 30.16 -60.41 2.58
N GLY A 706 29.94 -59.66 3.66
CA GLY A 706 28.73 -58.87 3.77
C GLY A 706 28.64 -57.78 2.72
N HIS A 707 29.78 -57.16 2.40
CA HIS A 707 29.78 -56.21 1.27
C HIS A 707 29.42 -56.87 -0.05
N PHE A 708 29.93 -58.08 -0.29
CA PHE A 708 29.57 -58.82 -1.50
C PHE A 708 28.09 -59.10 -1.56
N VAL A 709 27.51 -59.59 -0.46
CA VAL A 709 26.11 -60.00 -0.48
C VAL A 709 25.19 -58.78 -0.59
N PHE A 710 25.60 -57.64 -0.01
CA PHE A 710 24.86 -56.40 -0.21
C PHE A 710 24.85 -56.00 -1.66
N ALA A 711 26.02 -56.00 -2.30
CA ALA A 711 26.11 -55.57 -3.69
C ALA A 711 25.42 -56.54 -4.62
N PHE A 712 25.41 -57.81 -4.28
CA PHE A 712 24.82 -58.84 -5.10
C PHE A 712 23.31 -58.77 -5.09
N SER A 713 22.73 -58.31 -3.98
CA SER A 713 21.32 -58.02 -3.83
C SER A 713 20.80 -57.00 -4.81
N LEU A 714 21.63 -56.07 -5.23
CA LEU A 714 21.21 -54.97 -6.08
C LEU A 714 20.94 -55.44 -7.50
N MET A 715 21.50 -56.59 -7.88
CA MET A 715 21.15 -57.26 -9.12
C MET A 715 19.69 -57.66 -9.15
N PHE A 716 19.16 -58.15 -8.03
CA PHE A 716 17.75 -58.51 -7.95
C PHE A 716 16.84 -57.32 -7.72
N LEU A 717 17.35 -56.27 -7.08
CA LEU A 717 16.52 -55.14 -6.72
C LEU A 717 16.38 -54.13 -7.83
N PHE A 718 17.42 -53.93 -8.65
CA PHE A 718 17.34 -52.91 -9.67
C PHE A 718 16.83 -53.48 -10.99
N SER A 719 17.09 -54.74 -11.25
CA SER A 719 16.69 -55.36 -12.51
C SER A 719 15.29 -55.94 -12.42
N GLY A 720 14.74 -56.25 -13.59
CA GLY A 720 13.42 -56.83 -13.69
C GLY A 720 13.45 -58.19 -14.35
N ARG A 721 12.29 -58.82 -14.37
CA ARG A 721 12.13 -60.24 -14.66
C ARG A 721 12.24 -60.58 -16.14
N GLY A 722 11.84 -59.66 -17.02
CA GLY A 722 11.79 -59.96 -18.44
C GLY A 722 13.15 -60.04 -19.08
N TYR A 723 14.11 -59.22 -18.62
CA TYR A 723 15.49 -59.35 -19.05
C TYR A 723 16.01 -60.76 -18.82
N TRP A 724 15.80 -61.27 -17.61
CA TRP A 724 16.38 -62.56 -17.25
C TRP A 724 15.66 -63.68 -17.97
N GLN A 725 14.35 -63.54 -18.18
CA GLN A 725 13.66 -64.57 -18.94
C GLN A 725 14.09 -64.58 -20.40
N GLU A 726 14.40 -63.42 -20.98
CA GLU A 726 14.87 -63.37 -22.35
C GLU A 726 16.31 -63.82 -22.52
N LEU A 727 17.14 -63.69 -21.47
CA LEU A 727 18.50 -64.21 -21.51
C LEU A 727 18.52 -65.73 -21.31
N ILE A 728 17.62 -66.24 -20.46
CA ILE A 728 17.45 -67.68 -20.32
C ILE A 728 17.00 -68.30 -21.64
N GLU A 729 16.34 -67.55 -22.52
CA GLU A 729 15.96 -68.07 -23.83
C GLU A 729 17.19 -68.43 -24.66
N SER A 730 18.19 -67.55 -24.67
CA SER A 730 19.43 -67.84 -25.39
C SER A 730 20.19 -68.99 -24.74
N ILE A 731 20.17 -69.05 -23.41
CA ILE A 731 20.85 -70.16 -22.74
C ILE A 731 20.15 -71.50 -23.02
N VAL A 732 18.82 -71.51 -23.06
CA VAL A 732 18.05 -72.69 -23.42
C VAL A 732 18.33 -73.08 -24.87
N TRP A 733 18.50 -72.11 -25.77
CA TRP A 733 18.87 -72.44 -27.14
C TRP A 733 20.21 -73.15 -27.19
N ALA A 734 21.20 -72.64 -26.45
CA ALA A 734 22.51 -73.27 -26.42
C ALA A 734 22.47 -74.66 -25.80
N HIS A 735 21.55 -74.88 -24.87
CA HIS A 735 21.33 -76.20 -24.30
C HIS A 735 20.63 -77.16 -25.24
N ASN A 736 19.64 -76.67 -25.99
CA ASN A 736 18.92 -77.50 -26.95
C ASN A 736 19.84 -77.95 -28.06
N LYS A 737 20.82 -77.10 -28.42
CA LYS A 737 21.76 -77.48 -29.47
C LYS A 737 22.69 -78.61 -29.03
N LEU A 738 23.05 -78.70 -27.75
CA LEU A 738 23.85 -79.82 -27.26
C LEU A 738 23.02 -81.02 -26.86
N ARG A 739 21.69 -80.96 -27.02
CA ARG A 739 20.75 -82.00 -26.59
C ARG A 739 20.90 -82.30 -25.10
N ILE A 740 21.01 -81.24 -24.30
CA ILE A 740 21.06 -81.36 -22.85
C ILE A 740 19.81 -80.72 -22.27
N THR A 741 18.70 -80.88 -22.99
CA THR A 741 17.41 -80.32 -22.59
C THR A 741 16.88 -81.04 -21.36
N THR A 742 16.29 -80.27 -20.45
CA THR A 742 15.71 -80.81 -19.23
C THR A 742 14.19 -80.64 -19.24
N ALA A 743 13.50 -81.57 -18.58
CA ALA A 743 12.05 -81.56 -18.55
C ALA A 743 11.51 -80.35 -17.79
N ILE A 744 12.05 -80.11 -16.59
CA ILE A 744 11.65 -78.93 -15.82
C ILE A 744 12.15 -77.69 -16.53
N GLN A 745 11.23 -76.89 -17.03
CA GLN A 745 11.53 -75.78 -17.91
C GLN A 745 12.08 -74.58 -17.15
N PRO A 746 13.28 -74.11 -17.48
CA PRO A 746 13.93 -73.06 -16.67
C PRO A 746 13.36 -71.68 -16.89
N ARG A 747 12.80 -71.11 -15.83
CA ARG A 747 12.13 -69.83 -15.87
C ARG A 747 12.81 -68.88 -14.90
N ALA A 748 12.77 -67.60 -15.20
CA ALA A 748 13.32 -66.61 -14.28
C ALA A 748 12.48 -66.54 -13.01
N LEU A 749 13.10 -66.04 -11.95
CA LEU A 749 12.40 -65.83 -10.68
C LEU A 749 11.25 -64.87 -10.89
N SER A 750 10.12 -65.11 -10.23
CA SER A 750 8.97 -64.23 -10.40
C SER A 750 9.26 -62.85 -9.82
N ILE A 751 8.33 -61.92 -10.07
CA ILE A 751 8.55 -60.52 -9.71
C ILE A 751 8.66 -60.35 -8.20
N THR A 752 7.68 -60.85 -7.45
CA THR A 752 7.76 -60.79 -6.00
C THR A 752 8.85 -61.71 -5.46
N GLN A 753 9.16 -62.80 -6.15
CA GLN A 753 10.27 -63.59 -5.66
C GLN A 753 11.61 -62.91 -5.90
N GLY A 754 11.80 -62.24 -7.03
CA GLY A 754 12.98 -61.43 -7.22
C GLY A 754 13.11 -60.33 -6.19
N ARG A 755 11.98 -59.72 -5.81
CA ARG A 755 11.97 -58.76 -4.71
C ARG A 755 12.36 -59.39 -3.38
N ALA A 756 11.80 -60.56 -3.05
CA ALA A 756 12.14 -61.22 -1.80
C ALA A 756 13.61 -61.62 -1.75
N VAL A 757 14.15 -62.10 -2.88
CA VAL A 757 15.55 -62.50 -2.93
C VAL A 757 16.46 -61.28 -2.77
N GLY A 758 16.13 -60.18 -3.44
CA GLY A 758 16.90 -58.96 -3.27
C GLY A 758 16.86 -58.42 -1.85
N ALA A 759 15.68 -58.44 -1.22
CA ALA A 759 15.56 -57.95 0.15
C ALA A 759 16.32 -58.82 1.13
N ALA A 760 16.21 -60.15 0.97
CA ALA A 760 16.91 -61.06 1.86
C ALA A 760 18.42 -60.90 1.74
N HIS A 761 18.91 -60.76 0.50
CA HIS A 761 20.35 -60.57 0.30
C HIS A 761 20.84 -59.23 0.83
N TYR A 762 20.08 -58.16 0.61
CA TYR A 762 20.47 -56.86 1.12
C TYR A 762 20.57 -56.90 2.63
N LEU A 763 19.53 -57.42 3.29
CA LEU A 763 19.52 -57.48 4.75
C LEU A 763 20.63 -58.36 5.27
N LEU A 764 20.84 -59.53 4.67
CA LEU A 764 21.86 -60.44 5.15
C LEU A 764 23.24 -59.83 5.03
N GLY A 765 23.60 -59.32 3.85
CA GLY A 765 24.93 -58.75 3.68
C GLY A 765 25.15 -57.52 4.52
N SER A 766 24.16 -56.63 4.57
CA SER A 766 24.30 -55.39 5.30
C SER A 766 24.33 -55.58 6.80
N ILE A 767 23.75 -56.68 7.30
CA ILE A 767 23.81 -56.96 8.73
C ILE A 767 25.06 -57.76 9.09
N VAL A 768 25.51 -58.65 8.22
CA VAL A 768 26.75 -59.38 8.45
C VAL A 768 27.94 -58.42 8.49
N THR A 769 27.90 -57.38 7.65
CA THR A 769 28.92 -56.34 7.66
C THR A 769 29.01 -55.65 9.01
N THR A 770 27.88 -55.21 9.54
CA THR A 770 27.86 -54.51 10.83
C THR A 770 28.24 -55.45 11.97
N TRP A 771 27.84 -56.71 11.86
CA TRP A 771 28.20 -57.71 12.87
C TRP A 771 29.70 -57.90 12.95
N ALA A 772 30.35 -58.06 11.78
CA ALA A 772 31.79 -58.20 11.73
C ALA A 772 32.50 -56.95 12.21
N PHE A 773 32.03 -55.77 11.80
CA PHE A 773 32.58 -54.51 12.29
C PHE A 773 32.46 -54.33 13.80
N PHE A 774 31.31 -54.65 14.39
CA PHE A 774 31.14 -54.50 15.82
C PHE A 774 32.02 -55.48 16.57
N LEU A 775 32.03 -56.73 16.13
CA LEU A 775 32.67 -57.80 16.90
C LEU A 775 34.19 -57.77 16.77
N ALA A 776 34.72 -57.41 15.59
CA ALA A 776 36.16 -57.25 15.47
C ALA A 776 36.65 -56.07 16.27
N ARG A 777 35.85 -55.01 16.31
CA ARG A 777 36.23 -53.82 17.05
C ARG A 777 36.26 -54.10 18.55
N MET A 778 35.22 -54.74 19.07
CA MET A 778 35.13 -55.04 20.49
C MET A 778 35.97 -56.21 20.97
N ALA A 779 36.53 -57.01 20.06
CA ALA A 779 37.41 -58.09 20.47
C ALA A 779 38.88 -57.72 20.37
N ALA A 780 39.17 -56.47 20.05
CA ALA A 780 40.54 -56.04 19.84
C ALA A 780 40.90 -54.92 20.80
N ILE A 781 39.96 -54.02 21.07
CA ILE A 781 40.20 -52.93 22.01
C ILE A 781 39.35 -53.18 23.25
N GLY A 782 38.95 -54.43 23.44
CA GLY A 782 38.18 -54.80 24.60
C GLY A 782 36.72 -54.41 24.50
N ALA B 2 -6.00 -28.89 -22.85
CA ALA B 2 -4.89 -28.87 -23.79
C ALA B 2 -4.04 -27.63 -23.59
N THR B 3 -2.79 -27.85 -23.20
CA THR B 3 -1.80 -26.80 -23.14
C THR B 3 -1.15 -26.61 -24.51
N LYS B 4 -0.39 -25.54 -24.65
CA LYS B 4 0.37 -25.34 -25.88
C LYS B 4 1.74 -26.00 -25.82
N PHE B 5 2.19 -26.44 -24.66
CA PHE B 5 3.45 -27.12 -24.42
C PHE B 5 3.19 -28.59 -24.15
N PRO B 6 3.93 -29.52 -24.75
CA PRO B 6 4.95 -29.28 -25.78
C PRO B 6 4.37 -29.10 -27.16
N LYS B 7 4.96 -28.26 -27.99
CA LYS B 7 4.37 -28.04 -29.30
C LYS B 7 4.68 -29.17 -30.27
N PHE B 8 5.57 -30.10 -29.90
CA PHE B 8 5.99 -31.17 -30.76
C PHE B 8 5.20 -32.46 -30.56
N SER B 9 4.16 -32.43 -29.73
CA SER B 9 3.41 -33.64 -29.45
C SER B 9 2.01 -33.28 -29.00
N GLN B 10 1.00 -33.58 -29.82
CA GLN B 10 -0.38 -33.35 -29.41
C GLN B 10 -0.80 -34.26 -28.27
N GLU B 11 -0.26 -35.48 -28.21
CA GLU B 11 -0.67 -36.43 -27.17
C GLU B 11 -0.20 -36.02 -25.79
N LEU B 12 0.91 -35.29 -25.72
CA LEU B 12 1.39 -34.80 -24.45
C LEU B 12 0.70 -33.51 -24.03
N GLN B 13 0.12 -32.77 -24.98
CA GLN B 13 -0.68 -31.60 -24.62
C GLN B 13 -2.02 -32.00 -24.00
N GLN B 14 -2.61 -33.11 -24.46
CA GLN B 14 -3.83 -33.61 -23.83
C GLN B 14 -3.60 -34.20 -22.46
N ASP B 15 -2.35 -34.44 -22.06
CA ASP B 15 -2.03 -35.08 -20.81
C ASP B 15 -2.41 -34.17 -19.64
N PRO B 16 -3.31 -34.58 -18.76
CA PRO B 16 -3.79 -33.66 -17.72
C PRO B 16 -2.96 -33.69 -16.45
N THR B 17 -1.89 -34.48 -16.44
CA THR B 17 -1.11 -34.76 -15.25
C THR B 17 0.25 -34.08 -15.32
N THR B 18 1.08 -34.33 -14.31
CA THR B 18 2.44 -33.82 -14.27
C THR B 18 3.41 -34.66 -15.08
N ARG B 19 2.90 -35.70 -15.75
CA ARG B 19 3.73 -36.53 -16.59
C ARG B 19 4.15 -35.82 -17.86
N ARG B 20 3.35 -34.86 -18.36
CA ARG B 20 3.67 -34.27 -19.64
C ARG B 20 4.86 -33.33 -19.54
N ILE B 21 5.09 -32.75 -18.37
CA ILE B 21 6.25 -31.89 -18.18
C ILE B 21 7.52 -32.71 -18.21
N PHE B 22 7.50 -33.89 -17.61
CA PHE B 22 8.64 -34.77 -17.56
C PHE B 22 8.89 -35.49 -18.88
N TYR B 23 7.83 -35.83 -19.59
CA TYR B 23 7.95 -36.47 -20.89
C TYR B 23 8.20 -35.50 -22.03
N SER B 24 7.99 -34.21 -21.81
CA SER B 24 8.36 -33.21 -22.79
C SER B 24 9.82 -32.82 -22.70
N LEU B 25 10.46 -33.14 -21.58
CA LEU B 25 11.89 -32.89 -21.40
C LEU B 25 12.75 -34.01 -21.92
N ALA B 26 12.27 -35.25 -21.83
CA ALA B 26 13.01 -36.42 -22.24
C ALA B 26 12.56 -36.98 -23.57
N THR B 27 11.72 -36.27 -24.31
CA THR B 27 11.39 -36.61 -25.69
C THR B 27 11.58 -35.40 -26.61
N ALA B 28 12.26 -34.36 -26.13
CA ALA B 28 12.36 -33.11 -26.87
C ALA B 28 13.31 -33.20 -28.04
N HIS B 29 14.38 -33.99 -27.94
CA HIS B 29 15.37 -34.09 -29.01
C HIS B 29 15.15 -35.30 -29.88
N ASP B 30 14.09 -36.04 -29.64
CA ASP B 30 13.74 -37.16 -30.50
C ASP B 30 12.85 -36.65 -31.63
N PHE B 31 13.51 -35.97 -32.58
CA PHE B 31 12.78 -35.27 -33.64
C PHE B 31 12.02 -36.22 -34.55
N GLU B 32 12.46 -37.48 -34.67
CA GLU B 32 11.78 -38.42 -35.55
C GLU B 32 10.34 -38.66 -35.12
N SER B 33 10.13 -38.81 -33.81
CA SER B 33 8.80 -39.05 -33.27
C SER B 33 8.20 -37.73 -32.78
N HIS B 34 8.06 -36.81 -33.73
CA HIS B 34 7.51 -35.50 -33.46
C HIS B 34 6.42 -35.21 -34.46
N ASP B 35 5.52 -34.32 -34.09
CA ASP B 35 4.32 -34.07 -34.88
C ASP B 35 4.65 -33.36 -36.18
N GLY B 36 4.22 -33.95 -37.29
CA GLY B 36 4.43 -33.38 -38.61
C GLY B 36 5.89 -33.25 -38.98
N MET B 37 6.66 -34.29 -38.75
CA MET B 37 8.09 -34.28 -39.03
C MET B 37 8.31 -35.10 -40.30
N THR B 38 8.81 -34.44 -41.33
CA THR B 38 9.29 -35.13 -42.51
C THR B 38 10.78 -35.40 -42.37
N GLU B 39 11.30 -36.24 -43.26
CA GLU B 39 12.72 -36.60 -43.22
C GLU B 39 13.60 -35.40 -43.51
N GLU B 40 13.20 -34.57 -44.48
CA GLU B 40 13.97 -33.40 -44.84
C GLU B 40 14.03 -32.38 -43.71
N SER B 41 12.87 -32.15 -43.08
CA SER B 41 12.75 -31.21 -41.94
C SER B 41 13.53 -31.74 -40.75
N LEU B 42 13.60 -33.06 -40.62
CA LEU B 42 14.38 -33.72 -39.57
C LEU B 42 15.86 -33.44 -39.74
N TYR B 43 16.38 -33.67 -40.94
CA TYR B 43 17.79 -33.45 -41.23
C TYR B 43 18.17 -31.98 -41.05
N GLN B 44 17.31 -31.08 -41.49
CA GLN B 44 17.58 -29.65 -41.37
C GLN B 44 17.62 -29.19 -39.91
N ARG B 45 16.69 -29.70 -39.11
CA ARG B 45 16.65 -29.38 -37.69
C ARG B 45 17.90 -29.90 -36.99
N ILE B 46 18.33 -31.11 -37.36
CA ILE B 46 19.54 -31.69 -36.78
C ILE B 46 20.77 -30.88 -37.14
N PHE B 47 20.84 -30.40 -38.40
CA PHE B 47 21.92 -29.52 -38.84
C PHE B 47 22.02 -28.26 -37.98
N ALA B 48 20.88 -27.58 -37.77
CA ALA B 48 20.90 -26.37 -36.96
C ALA B 48 21.23 -26.67 -35.50
N SER B 49 20.79 -27.82 -35.00
CA SER B 49 21.12 -28.23 -33.63
C SER B 49 22.60 -28.49 -33.48
N HIS B 50 23.23 -29.07 -34.50
CA HIS B 50 24.68 -29.28 -34.50
C HIS B 50 25.41 -27.95 -34.45
N PHE B 51 24.92 -26.96 -35.18
CA PHE B 51 25.56 -25.64 -35.15
C PHE B 51 25.46 -25.00 -33.77
N GLY B 52 24.28 -25.07 -33.14
CA GLY B 52 24.14 -24.58 -31.78
C GLY B 52 25.01 -25.33 -30.78
N HIS B 53 25.21 -26.61 -31.02
CA HIS B 53 26.10 -27.40 -30.18
C HIS B 53 27.56 -26.97 -30.30
N LEU B 54 28.03 -26.76 -31.53
CA LEU B 54 29.40 -26.24 -31.71
C LEU B 54 29.55 -24.87 -31.09
N ALA B 55 28.50 -24.05 -31.15
CA ALA B 55 28.53 -22.75 -30.48
C ALA B 55 28.70 -22.90 -28.97
N ILE B 56 28.01 -23.87 -28.37
CA ILE B 56 28.18 -24.14 -26.93
C ILE B 56 29.61 -24.60 -26.63
N ILE B 57 30.18 -25.46 -27.47
CA ILE B 57 31.56 -25.91 -27.26
C ILE B 57 32.55 -24.74 -27.34
N PHE B 58 32.36 -23.85 -28.31
CA PHE B 58 33.27 -22.71 -28.44
C PHE B 58 33.09 -21.72 -27.30
N LEU B 59 31.85 -21.54 -26.82
CA LEU B 59 31.60 -20.67 -25.68
C LEU B 59 32.22 -21.24 -24.41
N TRP B 60 32.18 -22.56 -24.25
CA TRP B 60 32.81 -23.23 -23.13
C TRP B 60 34.32 -23.03 -23.14
N THR B 61 34.95 -23.24 -24.30
CA THR B 61 36.39 -23.08 -24.38
C THR B 61 36.80 -21.62 -24.19
N SER B 62 35.99 -20.71 -24.72
CA SER B 62 36.18 -19.27 -24.52
C SER B 62 36.10 -18.91 -23.04
N GLY B 63 35.16 -19.50 -22.32
CA GLY B 63 35.04 -19.22 -20.89
C GLY B 63 36.19 -19.76 -20.07
N ILE B 64 36.69 -20.94 -20.44
CA ILE B 64 37.89 -21.49 -19.80
C ILE B 64 39.08 -20.57 -20.00
N LEU B 65 39.29 -20.13 -21.25
CA LEU B 65 40.37 -19.18 -21.57
C LEU B 65 40.19 -17.86 -20.86
N PHE B 66 38.96 -17.38 -20.75
CA PHE B 66 38.70 -16.10 -20.11
C PHE B 66 38.97 -16.17 -18.62
N HIS B 67 38.64 -17.30 -17.98
CA HIS B 67 38.81 -17.37 -16.54
C HIS B 67 40.24 -17.69 -16.15
N VAL B 68 41.00 -18.34 -17.02
CA VAL B 68 42.41 -18.47 -16.72
C VAL B 68 43.11 -17.13 -16.94
N ALA B 69 42.64 -16.32 -17.88
CA ALA B 69 43.29 -15.05 -18.20
C ALA B 69 42.92 -13.95 -17.23
N TRP B 70 41.89 -14.17 -16.41
CA TRP B 70 41.37 -13.08 -15.59
C TRP B 70 41.56 -13.43 -14.14
N GLN B 71 41.49 -14.71 -13.83
CA GLN B 71 41.51 -15.17 -12.46
C GLN B 71 42.51 -16.28 -12.18
N GLY B 72 43.19 -16.79 -13.21
CA GLY B 72 44.22 -17.77 -13.01
C GLY B 72 45.58 -17.13 -12.80
N ASN B 73 46.61 -17.97 -12.78
CA ASN B 73 47.98 -17.54 -12.59
C ASN B 73 48.86 -18.04 -13.73
N PHE B 74 48.42 -17.86 -14.97
CA PHE B 74 49.12 -18.47 -16.10
C PHE B 74 50.51 -17.89 -16.28
N GLU B 75 50.62 -16.57 -16.22
CA GLU B 75 51.91 -15.92 -16.39
C GLU B 75 52.85 -16.20 -15.22
N ALA B 76 52.30 -16.39 -14.02
CA ALA B 76 53.08 -16.75 -12.85
C ALA B 76 53.46 -18.22 -12.83
N TRP B 77 52.76 -19.07 -13.57
CA TRP B 77 52.99 -20.51 -13.56
C TRP B 77 53.99 -20.96 -14.61
N ILE B 78 54.12 -20.24 -15.72
CA ILE B 78 55.09 -20.60 -16.75
C ILE B 78 56.51 -20.39 -16.29
N LYS B 79 56.73 -19.56 -15.26
CA LYS B 79 58.06 -19.38 -14.70
C LYS B 79 58.52 -20.60 -13.92
N ASP B 80 57.59 -21.32 -13.29
CA ASP B 80 57.93 -22.53 -12.53
C ASP B 80 56.78 -23.50 -12.60
N PRO B 81 56.69 -24.32 -13.67
CA PRO B 81 55.57 -25.27 -13.82
C PRO B 81 55.79 -26.60 -13.10
N LEU B 82 56.39 -26.55 -11.92
CA LEU B 82 56.56 -27.76 -11.14
C LEU B 82 56.27 -27.51 -9.68
N ASN B 83 56.36 -26.25 -9.27
CA ASN B 83 56.16 -25.87 -7.87
C ASN B 83 55.07 -24.83 -7.72
N ILE B 84 54.26 -24.62 -8.75
CA ILE B 84 53.14 -23.70 -8.70
C ILE B 84 51.90 -24.44 -9.19
N SER B 85 50.82 -24.32 -8.42
CA SER B 85 49.56 -24.96 -8.77
C SER B 85 48.78 -24.07 -9.70
N PRO B 86 48.39 -24.54 -10.89
CA PRO B 86 47.54 -23.74 -11.77
C PRO B 86 46.17 -23.46 -11.16
N ILE B 87 45.65 -22.29 -11.45
CA ILE B 87 44.38 -21.80 -10.90
C ILE B 87 43.32 -21.81 -12.01
N ALA B 88 42.18 -22.41 -11.71
CA ALA B 88 41.04 -22.46 -12.60
C ALA B 88 40.33 -21.12 -12.67
N HIS B 89 39.76 -20.67 -11.56
CA HIS B 89 39.06 -19.41 -11.49
C HIS B 89 38.98 -19.02 -10.02
N ALA B 90 38.17 -18.04 -9.71
CA ALA B 90 38.05 -17.47 -8.37
C ALA B 90 36.76 -17.94 -7.72
N ILE B 91 36.76 -17.99 -6.39
CA ILE B 91 35.59 -18.32 -5.62
C ILE B 91 34.91 -17.01 -5.19
N TRP B 92 33.60 -16.94 -5.37
CA TRP B 92 32.77 -15.88 -4.83
C TRP B 92 31.56 -16.51 -4.15
N ASP B 93 31.82 -17.38 -3.18
CA ASP B 93 30.77 -17.85 -2.31
C ASP B 93 30.65 -16.91 -1.11
N PRO B 94 29.55 -16.16 -0.96
CA PRO B 94 29.42 -15.26 0.19
C PRO B 94 29.19 -15.99 1.49
N GLN B 95 28.97 -17.29 1.45
CA GLN B 95 28.66 -18.06 2.64
C GLN B 95 29.88 -18.62 3.33
N PHE B 96 31.07 -18.46 2.73
CA PHE B 96 32.30 -18.89 3.39
C PHE B 96 32.52 -18.15 4.69
N GLY B 97 33.07 -18.85 5.67
CA GLY B 97 33.68 -18.19 6.80
C GLY B 97 35.06 -17.75 6.39
N PRO B 98 35.69 -16.88 7.18
CA PRO B 98 37.08 -16.52 6.90
C PRO B 98 38.05 -17.68 6.96
N ALA B 99 37.71 -18.76 7.67
CA ALA B 99 38.56 -19.94 7.69
C ALA B 99 38.56 -20.68 6.37
N ALA B 100 37.49 -20.59 5.59
CA ALA B 100 37.46 -21.18 4.26
C ALA B 100 38.01 -20.21 3.21
N MET B 101 37.86 -18.91 3.46
CA MET B 101 38.50 -17.92 2.58
C MET B 101 40.01 -18.03 2.66
N ASP B 102 40.55 -18.26 3.86
CA ASP B 102 41.98 -18.50 4.03
C ASP B 102 42.44 -19.84 3.50
N ALA B 103 41.60 -20.87 3.57
CA ALA B 103 42.01 -22.21 3.15
C ALA B 103 42.09 -22.31 1.64
N PHE B 104 41.24 -21.58 0.93
CA PHE B 104 41.21 -21.60 -0.52
C PHE B 104 42.04 -20.48 -1.13
N THR B 105 42.78 -19.73 -0.31
CA THR B 105 43.74 -18.75 -0.78
C THR B 105 45.14 -19.33 -0.67
N PRO B 106 45.87 -19.48 -1.78
CA PRO B 106 47.24 -19.97 -1.71
C PRO B 106 48.19 -18.85 -1.28
N ALA B 107 49.48 -19.16 -1.34
CA ALA B 107 50.50 -18.18 -0.97
C ALA B 107 50.51 -17.00 -1.93
N GLY B 108 50.52 -17.27 -3.24
CA GLY B 108 50.54 -16.21 -4.21
C GLY B 108 49.19 -15.85 -4.80
N ALA B 109 48.23 -15.49 -3.95
CA ALA B 109 46.92 -15.07 -4.43
C ALA B 109 46.26 -14.19 -3.38
N GLY B 110 45.45 -13.25 -3.84
CA GLY B 110 44.78 -12.32 -2.95
C GLY B 110 43.29 -12.56 -2.81
N ASN B 111 42.84 -13.76 -3.21
CA ASN B 111 41.44 -14.11 -3.15
C ASN B 111 41.33 -15.63 -3.14
N PRO B 112 40.20 -16.18 -2.69
CA PRO B 112 39.99 -17.62 -2.82
C PRO B 112 39.90 -18.04 -4.27
N VAL B 113 40.58 -19.14 -4.60
CA VAL B 113 40.62 -19.65 -5.96
C VAL B 113 40.42 -21.15 -5.95
N ASN B 114 40.26 -21.71 -7.14
CA ASN B 114 40.15 -23.14 -7.36
C ASN B 114 41.43 -23.56 -8.08
N PHE B 115 42.02 -24.67 -7.68
CA PHE B 115 43.16 -25.22 -8.41
C PHE B 115 42.70 -25.98 -9.65
N CYS B 116 43.24 -25.64 -10.81
CA CYS B 116 42.86 -26.26 -12.07
C CYS B 116 43.44 -27.66 -12.19
N TYR B 117 42.60 -28.63 -12.54
CA TYR B 117 43.01 -30.00 -12.75
C TYR B 117 42.64 -30.51 -14.14
N SER B 118 42.31 -29.61 -15.05
CA SER B 118 41.95 -30.00 -16.41
C SER B 118 43.15 -30.07 -17.34
N GLY B 119 44.30 -29.56 -16.92
CA GLY B 119 45.49 -29.63 -17.74
C GLY B 119 45.60 -28.61 -18.84
N VAL B 120 44.77 -27.56 -18.81
CA VAL B 120 44.79 -26.61 -19.90
C VAL B 120 46.00 -25.71 -19.82
N TYR B 121 46.58 -25.54 -18.63
CA TYR B 121 47.80 -24.75 -18.50
C TYR B 121 48.94 -25.41 -19.26
N HIS B 122 49.11 -26.72 -19.08
CA HIS B 122 50.16 -27.45 -19.75
C HIS B 122 49.96 -27.46 -21.26
N TRP B 123 48.73 -27.64 -21.69
CA TRP B 123 48.40 -27.64 -23.10
C TRP B 123 48.66 -26.29 -23.74
N TRP B 124 48.25 -25.20 -23.07
CA TRP B 124 48.45 -23.87 -23.63
C TRP B 124 49.92 -23.47 -23.59
N TYR B 125 50.66 -23.95 -22.61
CA TYR B 125 52.10 -23.71 -22.54
C TYR B 125 52.87 -24.52 -23.57
N THR B 126 52.32 -25.63 -24.07
CA THR B 126 53.05 -26.44 -25.03
C THR B 126 52.78 -25.98 -26.46
N ILE B 127 51.78 -25.11 -26.66
CA ILE B 127 51.38 -24.72 -28.00
C ILE B 127 51.69 -23.24 -28.24
N GLY B 128 52.37 -22.60 -27.30
CA GLY B 128 52.89 -21.28 -27.57
C GLY B 128 52.33 -20.16 -26.72
N LEU B 129 51.17 -20.38 -26.10
CA LEU B 129 50.52 -19.32 -25.34
C LEU B 129 51.34 -18.97 -24.10
N ARG B 130 51.75 -17.69 -23.99
CA ARG B 130 52.66 -17.26 -22.93
C ARG B 130 52.14 -16.17 -22.01
N THR B 131 51.10 -15.42 -22.40
CA THR B 131 50.67 -14.30 -21.59
C THR B 131 49.16 -14.36 -21.42
N ASN B 132 48.66 -13.52 -20.52
CA ASN B 132 47.21 -13.40 -20.34
C ASN B 132 46.57 -12.71 -21.52
N GLY B 133 47.33 -11.87 -22.21
CA GLY B 133 46.82 -11.25 -23.43
C GLY B 133 46.59 -12.25 -24.53
N ASP B 134 47.49 -13.23 -24.65
CA ASP B 134 47.30 -14.32 -25.61
C ASP B 134 46.02 -15.11 -25.29
N LEU B 135 45.82 -15.42 -24.02
CA LEU B 135 44.63 -16.13 -23.58
C LEU B 135 43.36 -15.32 -23.83
N PHE B 136 43.41 -14.02 -23.56
CA PHE B 136 42.26 -13.17 -23.80
C PHE B 136 41.94 -13.05 -25.30
N ALA B 137 42.98 -12.96 -26.13
CA ALA B 137 42.78 -12.92 -27.57
C ALA B 137 42.15 -14.21 -28.07
N GLY B 138 42.63 -15.35 -27.58
CA GLY B 138 42.02 -16.63 -27.94
C GLY B 138 40.58 -16.74 -27.48
N ALA B 139 40.29 -16.26 -26.27
CA ALA B 139 38.93 -16.26 -25.75
C ALA B 139 38.01 -15.38 -26.57
N MET B 140 38.47 -14.23 -27.02
CA MET B 140 37.61 -13.33 -27.78
C MET B 140 37.39 -13.86 -29.19
N PHE B 141 38.42 -14.50 -29.76
CA PHE B 141 38.27 -15.19 -31.02
C PHE B 141 37.23 -16.30 -30.92
N LEU B 142 37.26 -17.08 -29.84
CA LEU B 142 36.31 -18.18 -29.70
C LEU B 142 34.90 -17.69 -29.39
N LEU B 143 34.78 -16.56 -28.70
CA LEU B 143 33.49 -15.91 -28.52
C LEU B 143 32.88 -15.53 -29.86
N LEU B 144 33.70 -14.91 -30.72
CA LEU B 144 33.22 -14.51 -32.04
C LEU B 144 32.97 -15.71 -32.94
N LEU B 145 33.75 -16.77 -32.78
CA LEU B 145 33.55 -17.99 -33.57
C LEU B 145 32.27 -18.72 -33.15
N ALA B 146 31.94 -18.68 -31.86
CA ALA B 146 30.65 -19.19 -31.41
C ALA B 146 29.51 -18.36 -31.96
N ALA B 147 29.68 -17.05 -32.05
CA ALA B 147 28.68 -16.21 -32.70
C ALA B 147 28.52 -16.57 -34.18
N VAL B 148 29.63 -16.88 -34.85
CA VAL B 148 29.59 -17.30 -36.26
C VAL B 148 28.83 -18.61 -36.42
N MET B 149 29.09 -19.57 -35.52
CA MET B 149 28.37 -20.86 -35.57
C MET B 149 26.88 -20.68 -35.29
N LEU B 150 26.54 -19.79 -34.35
CA LEU B 150 25.14 -19.48 -34.07
C LEU B 150 24.45 -18.85 -35.27
N TYR B 151 25.13 -17.93 -35.96
CA TYR B 151 24.53 -17.31 -37.13
C TYR B 151 24.40 -18.30 -38.27
N ALA B 152 25.36 -19.22 -38.40
CA ALA B 152 25.26 -20.27 -39.41
C ALA B 152 24.07 -21.18 -39.15
N GLY B 153 23.84 -21.53 -37.87
CA GLY B 153 22.72 -22.38 -37.54
C GLY B 153 21.37 -21.70 -37.77
N TRP B 154 21.27 -20.43 -37.40
CA TRP B 154 20.09 -19.66 -37.73
C TRP B 154 19.91 -19.48 -39.23
N LEU B 155 20.99 -19.33 -39.98
CA LEU B 155 20.95 -19.09 -41.41
C LEU B 155 20.41 -20.28 -42.17
N HIS B 156 20.79 -21.49 -41.79
CA HIS B 156 20.39 -22.68 -42.50
C HIS B 156 19.01 -23.18 -42.10
N LEU B 157 18.29 -22.40 -41.32
CA LEU B 157 16.88 -22.62 -41.07
C LEU B 157 16.01 -21.69 -41.91
N GLN B 158 16.63 -20.79 -42.66
CA GLN B 158 15.92 -19.89 -43.54
C GLN B 158 15.54 -20.61 -44.82
N PRO B 159 14.38 -20.29 -45.42
CA PRO B 159 13.84 -21.13 -46.50
C PRO B 159 14.71 -21.21 -47.74
N ARG B 160 15.48 -20.18 -48.05
CA ARG B 160 16.33 -20.13 -49.23
C ARG B 160 17.67 -20.81 -48.96
N TYR B 161 17.89 -21.24 -47.73
CA TYR B 161 19.17 -21.69 -47.23
C TYR B 161 19.12 -23.05 -46.56
N ARG B 162 17.95 -23.61 -46.29
CA ARG B 162 17.79 -24.96 -45.81
C ARG B 162 18.26 -25.95 -46.87
N PRO B 163 19.23 -26.82 -46.56
CA PRO B 163 19.69 -27.79 -47.55
C PRO B 163 18.63 -28.83 -47.87
N SER B 164 18.69 -29.33 -49.10
CA SER B 164 17.78 -30.38 -49.53
C SER B 164 18.20 -31.72 -48.94
N LEU B 165 17.31 -32.71 -49.03
CA LEU B 165 17.58 -34.02 -48.48
C LEU B 165 18.66 -34.76 -49.28
N ALA B 166 18.74 -34.51 -50.58
CA ALA B 166 19.79 -35.12 -51.38
C ALA B 166 21.16 -34.59 -51.02
N TRP B 167 21.24 -33.35 -50.54
CA TRP B 167 22.49 -32.82 -50.02
C TRP B 167 22.91 -33.55 -48.75
N PHE B 168 21.97 -33.83 -47.86
CA PHE B 168 22.29 -34.53 -46.62
C PHE B 168 22.63 -35.99 -46.87
N LYS B 169 22.09 -36.57 -47.94
CA LYS B 169 22.37 -37.96 -48.27
C LYS B 169 23.69 -38.16 -49.01
N ASN B 170 24.40 -37.08 -49.33
CA ASN B 170 25.64 -37.16 -50.09
C ASN B 170 26.78 -37.70 -49.24
N ALA B 171 27.01 -39.00 -49.32
CA ALA B 171 27.98 -39.69 -48.47
C ALA B 171 29.36 -39.81 -49.11
N GLU B 172 29.51 -39.29 -50.33
CA GLU B 172 30.76 -39.30 -51.07
C GLU B 172 31.46 -37.96 -51.03
N SER B 173 30.69 -36.88 -51.13
CA SER B 173 31.22 -35.54 -51.00
C SER B 173 31.63 -35.25 -49.57
N ARG B 174 30.82 -35.69 -48.59
CA ARG B 174 31.11 -35.44 -47.19
C ARG B 174 32.37 -36.16 -46.73
N LEU B 175 32.55 -37.42 -47.15
CA LEU B 175 33.74 -38.16 -46.75
C LEU B 175 35.00 -37.55 -47.35
N ASN B 176 34.92 -37.10 -48.61
CA ASN B 176 36.06 -36.43 -49.24
C ASN B 176 36.39 -35.14 -48.52
N HIS B 177 35.38 -34.35 -48.16
CA HIS B 177 35.64 -33.07 -47.53
C HIS B 177 35.99 -33.18 -46.06
N HIS B 178 35.63 -34.28 -45.40
CA HIS B 178 35.96 -34.47 -44.00
C HIS B 178 37.35 -35.08 -43.86
N LEU B 179 37.66 -36.05 -44.71
CA LEU B 179 39.00 -36.62 -44.75
C LEU B 179 40.03 -35.58 -45.19
N ALA B 180 39.77 -34.92 -46.32
CA ALA B 180 40.62 -33.86 -46.83
C ALA B 180 39.95 -32.52 -46.61
N GLY B 181 40.17 -31.93 -45.45
CA GLY B 181 39.69 -30.59 -45.24
C GLY B 181 39.15 -30.37 -43.84
N LEU B 182 38.69 -31.43 -43.20
CA LEU B 182 38.43 -31.40 -41.77
C LEU B 182 39.47 -32.16 -40.98
N PHE B 183 40.06 -33.20 -41.56
CA PHE B 183 41.14 -33.90 -40.90
C PHE B 183 42.49 -33.58 -41.50
N GLY B 184 42.56 -33.35 -42.81
CA GLY B 184 43.80 -33.04 -43.47
C GLY B 184 44.23 -31.59 -43.39
N VAL B 185 43.38 -30.68 -43.89
CA VAL B 185 43.74 -29.27 -43.92
C VAL B 185 43.82 -28.70 -42.52
N SER B 186 42.96 -29.18 -41.61
CA SER B 186 43.04 -28.76 -40.21
C SER B 186 44.34 -29.23 -39.56
N SER B 187 44.75 -30.47 -39.83
CA SER B 187 46.02 -30.95 -39.28
C SER B 187 47.21 -30.28 -39.96
N LEU B 188 47.07 -29.93 -41.24
CA LEU B 188 48.12 -29.17 -41.91
C LEU B 188 48.27 -27.78 -41.32
N ALA B 189 47.14 -27.14 -41.01
CA ALA B 189 47.17 -25.85 -40.34
C ALA B 189 47.73 -25.98 -38.92
N TRP B 190 47.48 -27.11 -38.26
CA TRP B 190 48.06 -27.26 -36.93
C TRP B 190 49.56 -27.47 -37.01
N THR B 191 50.04 -28.16 -38.05
CA THR B 191 51.48 -28.24 -38.27
C THR B 191 52.06 -26.86 -38.54
N GLY B 192 51.30 -26.04 -39.28
CA GLY B 192 51.72 -24.68 -39.53
C GLY B 192 51.87 -23.86 -38.27
N HIS B 193 50.90 -23.97 -37.36
CA HIS B 193 51.03 -23.31 -36.05
C HIS B 193 52.18 -23.88 -35.23
N LEU B 194 52.38 -25.19 -35.27
CA LEU B 194 53.43 -25.80 -34.49
C LEU B 194 54.82 -25.36 -34.91
N VAL B 195 55.04 -25.09 -36.20
CA VAL B 195 56.36 -24.64 -36.66
C VAL B 195 56.47 -23.13 -36.69
N HIS B 196 55.36 -22.41 -36.66
CA HIS B 196 55.40 -20.96 -36.64
C HIS B 196 55.30 -20.36 -35.27
N VAL B 197 54.60 -20.99 -34.34
CA VAL B 197 54.40 -20.41 -33.02
C VAL B 197 54.94 -21.34 -31.94
N ALA B 198 54.50 -22.59 -31.95
CA ALA B 198 54.75 -23.48 -30.83
C ALA B 198 56.23 -23.82 -30.66
N ILE B 199 56.89 -24.27 -31.72
CA ILE B 199 58.33 -24.56 -31.63
C ILE B 199 59.18 -23.30 -31.42
N PRO B 200 58.95 -22.16 -32.14
CA PRO B 200 59.68 -20.93 -31.76
C PRO B 200 59.50 -20.47 -30.32
N GLU B 201 58.25 -20.39 -29.83
CA GLU B 201 58.03 -19.99 -28.45
C GLU B 201 58.60 -21.00 -27.46
N SER B 202 58.73 -22.25 -27.86
CA SER B 202 59.42 -23.26 -27.07
C SER B 202 60.91 -22.99 -26.95
N ARG B 203 61.49 -22.26 -27.90
CA ARG B 203 62.90 -21.90 -27.89
C ARG B 203 63.15 -20.51 -27.34
N GLY B 204 62.09 -19.72 -27.13
CA GLY B 204 62.27 -18.41 -26.49
C GLY B 204 61.90 -17.24 -27.36
N GLN B 205 61.76 -17.46 -28.67
CA GLN B 205 61.40 -16.34 -29.57
C GLN B 205 59.90 -16.11 -29.50
N HIS B 206 59.46 -14.85 -29.48
CA HIS B 206 58.01 -14.54 -29.43
C HIS B 206 57.48 -14.37 -30.86
N VAL B 207 56.46 -15.15 -31.22
CA VAL B 207 55.82 -15.04 -32.51
C VAL B 207 54.35 -14.74 -32.27
N GLY B 208 53.86 -13.64 -32.87
CA GLY B 208 52.49 -13.23 -32.67
C GLY B 208 51.89 -12.75 -33.97
N TRP B 209 50.67 -12.20 -33.90
CA TRP B 209 50.08 -11.62 -35.10
C TRP B 209 50.57 -10.19 -35.31
N ASP B 210 51.85 -9.96 -35.10
CA ASP B 210 52.53 -8.71 -35.40
C ASP B 210 53.92 -8.92 -35.98
N ASN B 211 54.53 -10.08 -35.78
CA ASN B 211 55.86 -10.35 -36.33
C ASN B 211 56.02 -11.77 -36.89
N PHE B 212 54.92 -12.46 -37.22
CA PHE B 212 55.08 -13.80 -37.77
C PHE B 212 55.42 -13.77 -39.24
N LEU B 213 55.00 -12.70 -39.93
CA LEU B 213 55.38 -12.54 -41.33
C LEU B 213 56.85 -12.13 -41.44
N SER B 214 57.36 -11.45 -40.42
CA SER B 214 58.77 -11.15 -40.29
C SER B 214 59.60 -12.41 -40.04
N MET B 215 59.40 -13.06 -38.89
CA MET B 215 60.20 -14.19 -38.40
C MET B 215 60.00 -15.45 -39.24
N PRO B 216 61.04 -15.98 -39.87
CA PRO B 216 60.90 -17.26 -40.58
C PRO B 216 61.01 -18.44 -39.63
N PRO B 217 60.22 -19.48 -39.84
CA PRO B 217 60.34 -20.70 -39.02
C PRO B 217 61.66 -21.42 -39.14
N HIS B 218 62.42 -21.19 -40.21
CA HIS B 218 63.68 -21.86 -40.40
C HIS B 218 64.65 -20.84 -40.98
N PRO B 219 65.95 -20.97 -40.70
CA PRO B 219 66.91 -20.00 -41.25
C PRO B 219 66.89 -19.90 -42.77
N GLU B 220 66.71 -21.02 -43.46
CA GLU B 220 66.52 -21.02 -44.90
C GLU B 220 65.03 -21.19 -45.21
N GLY B 221 64.33 -20.06 -45.24
CA GLY B 221 62.90 -20.05 -45.41
C GLY B 221 62.35 -20.59 -46.72
N LEU B 222 61.74 -21.77 -46.65
CA LEU B 222 61.16 -22.50 -47.79
C LEU B 222 62.14 -22.67 -48.95
N LYS B 223 63.41 -22.72 -48.61
CA LYS B 223 64.45 -23.13 -49.54
C LYS B 223 64.61 -24.66 -49.57
N PRO B 224 64.67 -25.38 -48.44
CA PRO B 224 64.79 -26.84 -48.54
C PRO B 224 63.54 -27.52 -49.08
N PHE B 225 62.36 -26.94 -48.85
CA PHE B 225 61.13 -27.59 -49.27
C PHE B 225 60.95 -27.52 -50.78
N PHE B 226 61.18 -26.33 -51.36
CA PHE B 226 61.01 -26.16 -52.80
C PHE B 226 62.11 -26.86 -53.59
N THR B 227 63.33 -26.87 -53.06
CA THR B 227 64.45 -27.51 -53.74
C THR B 227 64.38 -29.04 -53.67
N GLY B 228 63.69 -29.59 -52.68
CA GLY B 228 63.54 -31.02 -52.54
C GLY B 228 64.40 -31.65 -51.48
N ASN B 229 65.43 -30.95 -51.00
CA ASN B 229 66.23 -31.43 -49.88
C ASN B 229 65.44 -31.21 -48.60
N TRP B 230 64.62 -32.17 -48.23
CA TRP B 230 63.79 -32.04 -47.04
C TRP B 230 64.52 -32.45 -45.77
N GLY B 231 65.68 -33.09 -45.87
CA GLY B 231 66.40 -33.50 -44.68
C GLY B 231 67.04 -32.38 -43.90
N ALA B 232 67.07 -31.18 -44.48
CA ALA B 232 67.58 -30.00 -43.78
C ALA B 232 66.68 -29.59 -42.64
N TYR B 233 65.39 -29.89 -42.70
CA TYR B 233 64.45 -29.50 -41.66
C TYR B 233 64.58 -30.39 -40.43
N ALA B 234 65.23 -31.54 -40.55
CA ALA B 234 65.45 -32.45 -39.44
C ALA B 234 66.86 -32.32 -38.87
N LEU B 235 67.61 -31.28 -39.26
CA LEU B 235 68.97 -31.08 -38.81
C LEU B 235 68.99 -30.05 -37.67
N ASN B 236 69.94 -30.27 -36.75
CA ASN B 236 70.12 -29.51 -35.52
C ASN B 236 68.82 -29.50 -34.70
N PRO B 237 68.45 -30.63 -34.08
CA PRO B 237 67.29 -30.62 -33.20
C PRO B 237 67.61 -30.04 -31.83
N ASP B 238 66.64 -30.07 -30.92
CA ASP B 238 66.86 -29.68 -29.53
C ASP B 238 67.72 -30.74 -28.87
N THR B 239 68.75 -30.27 -28.17
CA THR B 239 69.69 -31.14 -27.43
C THR B 239 69.02 -31.65 -26.15
N SER B 240 69.61 -32.68 -25.53
CA SER B 240 69.06 -33.23 -24.30
C SER B 240 68.98 -32.19 -23.20
N GLU B 241 70.00 -31.32 -23.10
CA GLU B 241 70.00 -30.28 -22.08
C GLU B 241 69.38 -29.00 -22.62
N HIS B 242 68.17 -29.14 -23.16
CA HIS B 242 67.37 -28.00 -23.58
C HIS B 242 66.34 -27.70 -22.50
N LEU B 243 66.25 -26.43 -22.13
CA LEU B 243 65.30 -25.97 -21.14
C LEU B 243 64.15 -25.30 -21.90
N PHE B 244 62.94 -25.81 -21.69
CA PHE B 244 61.76 -25.36 -22.41
C PHE B 244 61.49 -23.89 -22.13
N ASN B 245 61.05 -23.19 -23.17
CA ASN B 245 60.73 -21.76 -23.23
C ASN B 245 61.99 -20.89 -23.18
N THR B 246 63.17 -21.49 -23.12
CA THR B 246 64.44 -20.77 -23.12
C THR B 246 65.32 -21.30 -24.24
N SER B 247 66.30 -20.49 -24.65
CA SER B 247 67.15 -20.83 -25.78
C SER B 247 68.38 -21.62 -25.38
N GLN B 248 68.53 -21.96 -24.10
CA GLN B 248 69.68 -22.75 -23.66
C GLN B 248 69.43 -24.20 -24.04
N GLY B 249 70.33 -24.75 -24.87
CA GLY B 249 70.17 -26.08 -25.40
C GLY B 249 69.30 -26.18 -26.65
N ALA B 250 68.90 -25.05 -27.22
CA ALA B 250 67.91 -25.05 -28.28
C ALA B 250 68.50 -25.57 -29.58
N GLY B 251 67.61 -25.94 -30.49
CA GLY B 251 67.99 -26.28 -31.84
C GLY B 251 67.37 -25.35 -32.86
N THR B 252 67.40 -25.75 -34.13
CA THR B 252 66.72 -25.01 -35.20
C THR B 252 65.77 -25.87 -36.01
N ALA B 253 65.76 -27.19 -35.83
CA ALA B 253 64.92 -28.09 -36.60
C ALA B 253 63.45 -27.86 -36.32
N ILE B 254 62.63 -27.99 -37.37
CA ILE B 254 61.19 -27.85 -37.23
C ILE B 254 60.44 -29.16 -37.44
N LEU B 255 61.02 -30.14 -38.11
CA LEU B 255 60.36 -31.43 -38.34
C LEU B 255 61.38 -32.52 -38.16
N THR B 256 61.40 -33.15 -36.99
CA THR B 256 62.39 -34.17 -36.73
C THR B 256 61.63 -35.31 -36.07
N PHE B 257 62.24 -36.49 -36.01
CA PHE B 257 61.57 -37.72 -35.65
C PHE B 257 62.35 -38.44 -34.55
N LEU B 258 62.58 -37.75 -33.43
CA LEU B 258 63.52 -38.27 -32.43
C LEU B 258 62.95 -39.51 -31.73
N GLY B 259 61.68 -39.45 -31.35
CA GLY B 259 61.09 -40.49 -30.53
C GLY B 259 61.37 -40.26 -29.06
N GLY B 260 60.61 -40.98 -28.22
CA GLY B 260 60.79 -40.80 -26.78
C GLY B 260 60.29 -39.45 -26.31
N PHE B 261 60.92 -38.94 -25.26
CA PHE B 261 60.44 -37.74 -24.58
C PHE B 261 61.53 -36.69 -24.49
N HIS B 262 61.09 -35.44 -24.43
CA HIS B 262 61.96 -34.34 -24.02
C HIS B 262 62.40 -34.61 -22.58
N PRO B 263 63.69 -34.72 -22.30
CA PRO B 263 64.12 -35.18 -20.97
C PRO B 263 63.86 -34.17 -19.85
N GLN B 264 63.53 -32.93 -20.17
CA GLN B 264 63.32 -31.90 -19.18
C GLN B 264 61.85 -31.64 -18.89
N THR B 265 60.98 -31.72 -19.90
CA THR B 265 59.55 -31.65 -19.68
C THR B 265 58.89 -33.02 -19.53
N GLU B 266 59.63 -34.10 -19.85
CA GLU B 266 59.13 -35.48 -19.80
C GLU B 266 57.92 -35.68 -20.71
N SER B 267 57.87 -34.93 -21.80
CA SER B 267 56.76 -34.94 -22.74
C SER B 267 57.27 -35.22 -24.14
N LEU B 268 56.34 -35.40 -25.07
CA LEU B 268 56.70 -35.62 -26.46
C LEU B 268 57.36 -34.38 -27.04
N TRP B 269 58.28 -34.61 -27.97
CA TRP B 269 58.98 -33.51 -28.64
C TRP B 269 58.01 -32.76 -29.55
N LEU B 270 58.10 -31.43 -29.55
CA LEU B 270 57.28 -30.62 -30.44
C LEU B 270 57.67 -30.76 -31.90
N THR B 271 58.95 -31.01 -32.21
CA THR B 271 59.30 -31.33 -33.58
C THR B 271 58.68 -32.63 -34.02
N ASP B 272 58.66 -33.64 -33.15
CA ASP B 272 57.94 -34.88 -33.45
C ASP B 272 56.46 -34.65 -33.64
N MET B 273 55.81 -33.82 -32.82
CA MET B 273 54.38 -33.60 -33.01
C MET B 273 54.08 -32.78 -34.27
N ALA B 274 54.93 -31.83 -34.64
CA ALA B 274 54.73 -31.12 -35.91
C ALA B 274 54.94 -32.04 -37.10
N HIS B 275 55.97 -32.87 -37.06
CA HIS B 275 56.19 -33.86 -38.10
C HIS B 275 55.05 -34.86 -38.16
N HIS B 276 54.48 -35.21 -37.00
CA HIS B 276 53.36 -36.13 -36.93
C HIS B 276 52.15 -35.55 -37.61
N HIS B 277 51.78 -34.33 -37.26
CA HIS B 277 50.59 -33.75 -37.82
C HIS B 277 50.74 -33.46 -39.29
N LEU B 278 51.96 -33.20 -39.76
CA LEU B 278 52.23 -33.09 -41.19
C LEU B 278 52.08 -34.41 -41.93
N ALA B 279 52.65 -35.49 -41.39
CA ALA B 279 52.49 -36.79 -42.03
C ALA B 279 51.07 -37.33 -41.92
N ILE B 280 50.30 -36.86 -40.95
CA ILE B 280 48.88 -37.15 -40.88
C ILE B 280 48.07 -36.32 -41.87
N ALA B 281 48.41 -35.04 -42.01
CA ALA B 281 47.71 -34.16 -42.92
C ALA B 281 47.89 -34.58 -44.37
N VAL B 282 49.09 -35.00 -44.75
CA VAL B 282 49.33 -35.42 -46.12
C VAL B 282 48.54 -36.68 -46.44
N ILE B 283 48.54 -37.66 -45.53
CA ILE B 283 47.84 -38.91 -45.75
C ILE B 283 46.33 -38.69 -45.76
N PHE B 284 45.82 -37.79 -44.93
CA PHE B 284 44.38 -37.54 -44.91
C PHE B 284 43.92 -36.72 -46.10
N ILE B 285 44.73 -35.76 -46.55
CA ILE B 285 44.41 -35.04 -47.78
C ILE B 285 44.44 -35.99 -48.97
N ILE B 286 45.36 -36.95 -49.00
CA ILE B 286 45.32 -38.00 -50.00
C ILE B 286 44.03 -38.81 -49.90
N ALA B 287 43.68 -39.30 -48.71
CA ALA B 287 42.51 -40.16 -48.51
C ALA B 287 41.20 -39.47 -48.84
N GLY B 288 41.14 -38.15 -48.77
CA GLY B 288 39.93 -37.46 -49.17
C GLY B 288 39.81 -37.22 -50.66
N HIS B 289 40.35 -38.14 -51.46
CA HIS B 289 40.32 -38.09 -52.91
C HIS B 289 39.89 -39.41 -53.48
N MET B 290 39.20 -40.21 -52.67
CA MET B 290 38.89 -41.58 -53.06
C MET B 290 37.53 -41.72 -53.70
N TYR B 291 36.55 -40.93 -53.29
CA TYR B 291 35.17 -41.10 -53.72
C TYR B 291 34.78 -40.00 -54.69
N ARG B 292 33.90 -40.35 -55.63
CA ARG B 292 33.55 -39.44 -56.70
C ARG B 292 32.41 -38.55 -56.26
N THR B 293 32.54 -37.26 -56.54
CA THR B 293 31.42 -36.37 -56.28
C THR B 293 30.70 -35.93 -57.55
N ASN B 294 31.34 -35.07 -58.33
CA ASN B 294 30.80 -34.61 -59.60
C ASN B 294 31.92 -34.31 -60.60
N PHE B 295 33.02 -35.06 -60.50
CA PHE B 295 34.11 -34.92 -61.46
C PHE B 295 34.47 -36.23 -62.14
N GLY B 296 33.60 -37.22 -62.13
CA GLY B 296 33.89 -38.46 -62.84
C GLY B 296 34.86 -39.39 -62.17
N ILE B 297 36.03 -38.89 -61.79
CA ILE B 297 37.01 -39.73 -61.12
C ILE B 297 36.60 -39.97 -59.67
N GLY B 298 36.98 -41.14 -59.15
CA GLY B 298 36.67 -41.50 -57.79
C GLY B 298 35.89 -42.80 -57.70
N HIS B 299 35.74 -43.32 -56.49
CA HIS B 299 34.87 -44.47 -56.27
C HIS B 299 33.46 -44.05 -55.93
N SER B 300 32.58 -45.05 -55.97
CA SER B 300 31.25 -44.99 -55.38
C SER B 300 31.25 -45.97 -54.22
N ILE B 301 30.89 -45.48 -53.03
CA ILE B 301 30.86 -46.34 -51.85
C ILE B 301 29.80 -47.43 -51.99
N LYS B 302 28.66 -47.07 -52.59
CA LYS B 302 27.55 -48.00 -52.73
C LYS B 302 27.95 -49.17 -53.62
N GLU B 303 28.63 -48.89 -54.73
CA GLU B 303 29.09 -49.96 -55.60
C GLU B 303 30.17 -50.80 -54.94
N MET B 304 30.96 -50.23 -54.02
CA MET B 304 31.93 -51.04 -53.31
C MET B 304 31.28 -51.97 -52.30
N THR B 305 30.24 -51.49 -51.61
CA THR B 305 29.58 -52.33 -50.62
C THR B 305 28.70 -53.39 -51.27
N GLU B 306 27.95 -53.04 -52.31
CA GLU B 306 27.06 -54.01 -52.95
C GLU B 306 27.84 -55.06 -53.74
N SER B 307 29.14 -54.88 -53.93
CA SER B 307 29.99 -55.84 -54.61
C SER B 307 30.54 -56.93 -53.70
N LEU B 308 30.27 -56.87 -52.39
CA LEU B 308 30.71 -57.90 -51.45
C LEU B 308 29.63 -58.96 -51.22
N GLN B 309 28.92 -59.35 -52.27
CA GLN B 309 27.83 -60.30 -52.10
C GLN B 309 28.33 -61.71 -51.86
N GLY B 310 29.01 -62.29 -52.86
CA GLY B 310 29.13 -63.72 -52.94
C GLY B 310 30.54 -64.25 -52.86
N PRO B 311 30.77 -65.41 -53.46
CA PRO B 311 32.11 -66.01 -53.47
C PRO B 311 32.92 -65.54 -54.67
N GLY B 312 34.13 -66.06 -54.76
CA GLY B 312 35.04 -65.70 -55.83
C GLY B 312 35.92 -64.53 -55.47
N TRP B 313 36.90 -64.27 -56.34
CA TRP B 313 37.85 -63.19 -56.09
C TRP B 313 37.28 -61.82 -56.43
N THR B 314 36.19 -61.77 -57.18
CA THR B 314 35.46 -60.55 -57.46
C THR B 314 34.35 -60.35 -56.43
N GLY B 315 34.22 -61.29 -55.49
CA GLY B 315 33.19 -61.25 -54.49
C GLY B 315 33.80 -61.36 -53.11
N PHE B 316 32.93 -61.42 -52.11
CA PHE B 316 33.35 -61.42 -50.72
C PHE B 316 33.96 -62.76 -50.36
N PHE B 317 35.30 -62.87 -50.49
CA PHE B 317 35.96 -64.16 -50.43
C PHE B 317 36.46 -64.54 -49.04
N ILE B 318 36.57 -63.59 -48.11
CA ILE B 318 36.97 -63.95 -46.76
C ILE B 318 35.78 -64.38 -45.92
N ALA B 319 34.57 -64.42 -46.49
CA ALA B 319 33.42 -65.08 -45.88
C ALA B 319 32.39 -65.33 -46.97
N PRO B 320 32.62 -66.32 -47.83
CA PRO B 320 31.73 -66.50 -48.98
C PRO B 320 30.34 -67.00 -48.61
N ASN B 321 30.16 -67.56 -47.41
CA ASN B 321 28.85 -68.03 -46.97
C ASN B 321 28.17 -66.99 -46.08
N THR B 322 27.94 -65.81 -46.66
CA THR B 322 27.21 -64.74 -45.98
C THR B 322 26.03 -64.25 -46.81
N GLY B 323 25.58 -65.07 -47.75
CA GLY B 323 24.32 -64.80 -48.43
C GLY B 323 24.44 -63.63 -49.37
N ARG B 324 23.67 -62.59 -49.08
CA ARG B 324 23.71 -61.38 -49.88
C ARG B 324 24.80 -60.43 -49.44
N GLY B 325 25.64 -60.85 -48.49
CA GLY B 325 26.80 -60.08 -48.08
C GLY B 325 26.48 -58.72 -47.52
N HIS B 326 26.82 -57.68 -48.29
CA HIS B 326 26.69 -56.29 -47.85
C HIS B 326 25.68 -55.53 -48.68
N LYS B 327 24.80 -56.25 -49.35
CA LYS B 327 23.75 -55.61 -50.13
C LYS B 327 22.69 -55.06 -49.18
N GLY B 328 22.39 -53.77 -49.33
CA GLY B 328 21.50 -53.10 -48.41
C GLY B 328 22.19 -52.52 -47.19
N ILE B 329 23.47 -52.83 -46.98
CA ILE B 329 24.20 -52.29 -45.85
C ILE B 329 24.52 -50.80 -46.06
N TYR B 330 24.80 -50.38 -47.29
CA TYR B 330 24.99 -48.97 -47.57
C TYR B 330 23.73 -48.18 -47.29
N ASP B 331 22.57 -48.72 -47.67
CA ASP B 331 21.32 -48.01 -47.43
C ASP B 331 20.91 -48.06 -45.97
N ALA B 332 21.23 -49.15 -45.28
CA ALA B 332 21.03 -49.21 -43.83
C ALA B 332 21.87 -48.16 -43.13
N TYR B 333 23.10 -47.95 -43.59
CA TYR B 333 23.93 -46.89 -43.01
C TYR B 333 23.35 -45.53 -43.37
N ASN B 334 23.15 -45.26 -44.66
CA ASN B 334 22.95 -43.90 -45.14
C ASN B 334 21.55 -43.39 -44.83
N ASN B 335 20.53 -44.24 -44.94
CA ASN B 335 19.16 -43.80 -44.70
C ASN B 335 18.86 -43.67 -43.23
N SER B 336 19.44 -44.52 -42.39
CA SER B 336 19.16 -44.52 -40.97
C SER B 336 20.15 -43.60 -40.26
N LEU B 337 19.63 -42.56 -39.61
CA LEU B 337 20.46 -41.68 -38.81
C LEU B 337 20.82 -42.30 -37.47
N HIS B 338 20.03 -43.27 -37.01
CA HIS B 338 20.38 -44.00 -35.80
C HIS B 338 21.49 -45.00 -36.04
N PHE B 339 21.54 -45.62 -37.21
CA PHE B 339 22.67 -46.47 -37.57
C PHE B 339 23.95 -45.66 -37.60
N GLN B 340 23.92 -44.49 -38.23
CA GLN B 340 25.08 -43.62 -38.28
C GLN B 340 25.48 -43.18 -36.88
N LEU B 341 24.52 -42.75 -36.07
CA LEU B 341 24.86 -42.26 -34.74
C LEU B 341 25.42 -43.35 -33.85
N GLY B 342 24.80 -44.54 -33.85
CA GLY B 342 25.35 -45.63 -33.07
C GLY B 342 26.66 -46.17 -33.58
N TRP B 343 26.94 -46.01 -34.88
CA TRP B 343 28.23 -46.39 -35.44
C TRP B 343 29.31 -45.38 -35.08
N HIS B 344 28.99 -44.10 -35.18
CA HIS B 344 29.92 -43.03 -34.89
C HIS B 344 30.19 -42.92 -33.41
N LEU B 345 29.23 -43.28 -32.57
CA LEU B 345 29.44 -43.30 -31.13
C LEU B 345 30.38 -44.42 -30.74
N ALA B 346 30.32 -45.58 -31.40
CA ALA B 346 31.29 -46.63 -31.16
C ALA B 346 32.68 -46.26 -31.61
N CYS B 347 32.80 -45.61 -32.77
CA CYS B 347 34.09 -45.10 -33.21
C CYS B 347 34.66 -44.05 -32.26
N LEU B 348 33.82 -43.11 -31.81
CA LEU B 348 34.27 -42.08 -30.89
C LEU B 348 34.58 -42.63 -29.50
N GLY B 349 33.87 -43.65 -29.06
CA GLY B 349 34.15 -44.25 -27.77
C GLY B 349 35.40 -45.10 -27.77
N VAL B 350 35.76 -45.67 -28.92
CA VAL B 350 37.07 -46.29 -29.04
C VAL B 350 38.19 -45.25 -29.09
N VAL B 351 37.99 -44.16 -29.82
CA VAL B 351 38.98 -43.09 -29.89
C VAL B 351 39.19 -42.38 -28.55
N THR B 352 38.14 -42.21 -27.74
CA THR B 352 38.29 -41.57 -26.45
C THR B 352 39.05 -42.45 -25.46
N SER B 353 38.82 -43.76 -25.48
CA SER B 353 39.64 -44.67 -24.71
C SER B 353 41.08 -44.67 -25.18
N LEU B 354 41.30 -44.55 -26.49
CA LEU B 354 42.66 -44.44 -27.02
C LEU B 354 43.33 -43.18 -26.52
N VAL B 355 42.60 -42.07 -26.50
CA VAL B 355 43.09 -40.80 -25.97
C VAL B 355 43.53 -40.97 -24.52
N ALA B 356 42.68 -41.59 -23.71
CA ALA B 356 43.00 -41.80 -22.30
C ALA B 356 44.20 -42.72 -22.12
N GLN B 357 44.25 -43.81 -22.89
CA GLN B 357 45.34 -44.81 -22.77
C GLN B 357 46.66 -44.29 -23.35
N HIS B 358 46.62 -43.28 -24.22
CA HIS B 358 47.83 -42.76 -24.84
C HIS B 358 48.39 -41.53 -24.16
N MET B 359 47.54 -40.68 -23.62
CA MET B 359 48.05 -39.44 -23.05
C MET B 359 48.62 -39.60 -21.66
N TYR B 360 48.51 -40.76 -21.03
CA TYR B 360 49.25 -40.94 -19.79
C TYR B 360 50.58 -41.63 -20.04
N ALA B 361 50.62 -42.50 -21.05
CA ALA B 361 51.82 -43.24 -21.39
C ALA B 361 52.77 -42.43 -22.25
N MET B 362 52.24 -41.58 -23.12
CA MET B 362 53.06 -40.66 -23.91
C MET B 362 52.51 -39.26 -23.65
N PRO B 363 52.92 -38.62 -22.57
CA PRO B 363 52.44 -37.28 -22.26
C PRO B 363 52.82 -36.30 -23.36
N PRO B 364 51.86 -35.57 -23.90
CA PRO B 364 52.14 -34.63 -24.99
C PRO B 364 52.39 -33.19 -24.56
N TYR B 365 52.19 -32.85 -23.29
CA TYR B 365 52.28 -31.49 -22.82
C TYR B 365 53.37 -31.37 -21.77
N ALA B 366 53.97 -30.18 -21.72
CA ALA B 366 55.15 -29.94 -20.90
C ALA B 366 54.77 -29.99 -19.43
N PHE B 367 55.52 -30.80 -18.66
CA PHE B 367 55.40 -30.94 -17.20
C PHE B 367 54.01 -31.43 -16.77
N ILE B 368 53.29 -32.15 -17.63
CA ILE B 368 52.00 -32.69 -17.22
C ILE B 368 52.16 -34.07 -16.58
N ALA B 369 53.29 -34.74 -16.82
CA ALA B 369 53.55 -36.01 -16.16
C ALA B 369 53.82 -35.83 -14.68
N ARG B 370 54.29 -34.65 -14.29
CA ARG B 370 54.50 -34.31 -12.89
C ARG B 370 53.29 -33.67 -12.24
N ASP B 371 52.28 -33.25 -12.99
CA ASP B 371 51.02 -32.86 -12.36
C ASP B 371 50.22 -34.14 -12.23
N TYR B 372 50.29 -34.76 -11.06
CA TYR B 372 49.72 -36.09 -10.86
C TYR B 372 48.20 -36.06 -10.83
N THR B 373 47.63 -35.06 -10.17
CA THR B 373 46.18 -34.97 -10.07
C THR B 373 45.55 -34.65 -11.42
N THR B 374 46.22 -33.80 -12.21
CA THR B 374 45.78 -33.51 -13.56
C THR B 374 45.81 -34.74 -14.44
N THR B 375 46.88 -35.53 -14.36
CA THR B 375 47.00 -36.76 -15.14
C THR B 375 45.90 -37.74 -14.78
N ALA B 376 45.68 -37.95 -13.49
CA ALA B 376 44.64 -38.87 -13.02
C ALA B 376 43.26 -38.41 -13.43
N ALA B 377 42.97 -37.11 -13.26
CA ALA B 377 41.67 -36.58 -13.61
C ALA B 377 41.40 -36.68 -15.10
N LEU B 378 42.41 -36.41 -15.93
CA LEU B 378 42.25 -36.48 -17.37
C LEU B 378 42.00 -37.90 -17.85
N TYR B 379 42.74 -38.87 -17.30
CA TYR B 379 42.53 -40.26 -17.69
C TYR B 379 41.13 -40.72 -17.29
N THR B 380 40.73 -40.45 -16.05
CA THR B 380 39.43 -40.89 -15.56
C THR B 380 38.30 -40.21 -16.30
N HIS B 381 38.46 -38.92 -16.61
CA HIS B 381 37.52 -38.16 -17.40
C HIS B 381 37.27 -38.79 -18.75
N HIS B 382 38.34 -39.06 -19.49
CA HIS B 382 38.15 -39.60 -20.84
C HIS B 382 37.72 -41.04 -20.83
N GLN B 383 38.11 -41.84 -19.84
CA GLN B 383 37.62 -43.21 -19.80
C GLN B 383 36.16 -43.29 -19.45
N TYR B 384 35.65 -42.40 -18.60
CA TYR B 384 34.22 -42.39 -18.33
C TYR B 384 33.42 -41.84 -19.51
N ILE B 385 33.93 -40.81 -20.19
CA ILE B 385 33.30 -40.32 -21.42
C ILE B 385 33.25 -41.44 -22.46
N ALA B 386 34.33 -42.20 -22.59
CA ALA B 386 34.38 -43.31 -23.54
C ALA B 386 33.42 -44.43 -23.20
N GLY B 387 33.28 -44.77 -21.92
CA GLY B 387 32.30 -45.76 -21.52
C GLY B 387 30.88 -45.33 -21.81
N PHE B 388 30.57 -44.05 -21.59
CA PHE B 388 29.26 -43.55 -21.96
C PHE B 388 29.02 -43.55 -23.46
N LEU B 389 30.01 -43.19 -24.26
CA LEU B 389 29.89 -43.22 -25.71
C LEU B 389 29.69 -44.63 -26.22
N MET B 390 30.39 -45.61 -25.64
CA MET B 390 30.18 -47.00 -26.00
C MET B 390 28.83 -47.53 -25.55
N LEU B 391 28.26 -46.96 -24.50
CA LEU B 391 26.92 -47.34 -24.09
C LEU B 391 25.87 -46.80 -25.06
N GLY B 392 26.06 -45.56 -25.51
CA GLY B 392 25.17 -44.97 -26.49
C GLY B 392 25.29 -45.48 -27.90
N ALA B 393 26.43 -46.04 -28.25
CA ALA B 393 26.59 -46.78 -29.49
C ALA B 393 25.62 -47.94 -29.60
N PHE B 394 25.54 -48.76 -28.56
CA PHE B 394 24.61 -49.87 -28.53
C PHE B 394 23.17 -49.43 -28.31
N ALA B 395 22.97 -48.33 -27.59
CA ALA B 395 21.63 -47.73 -27.52
C ALA B 395 21.10 -47.40 -28.89
N HIS B 396 21.88 -46.73 -29.73
CA HIS B 396 21.36 -46.38 -31.03
C HIS B 396 21.45 -47.50 -32.04
N GLY B 397 22.29 -48.51 -31.80
CA GLY B 397 22.14 -49.74 -32.54
C GLY B 397 20.83 -50.46 -32.28
N GLY B 398 20.33 -50.43 -31.06
CA GLY B 398 18.99 -50.93 -30.79
C GLY B 398 17.88 -50.07 -31.34
N ILE B 399 18.04 -48.76 -31.27
CA ILE B 399 17.02 -47.85 -31.81
C ILE B 399 16.94 -47.95 -33.33
N PHE B 400 18.05 -48.21 -34.02
CA PHE B 400 18.01 -48.47 -35.44
C PHE B 400 17.22 -49.74 -35.76
N LEU B 401 17.45 -50.81 -35.01
CA LEU B 401 16.76 -52.06 -35.28
C LEU B 401 15.28 -51.97 -34.97
N ILE B 402 14.90 -51.09 -34.04
CA ILE B 402 13.50 -50.82 -33.80
C ILE B 402 12.90 -49.97 -34.92
N ARG B 403 13.50 -48.81 -35.21
CA ARG B 403 12.83 -47.77 -35.98
C ARG B 403 13.15 -47.82 -37.47
N ASP B 404 14.40 -48.10 -37.84
CA ASP B 404 14.81 -47.94 -39.23
C ASP B 404 15.14 -49.24 -39.94
N TYR B 405 15.29 -50.34 -39.21
CA TYR B 405 15.66 -51.59 -39.85
C TYR B 405 14.56 -52.11 -40.77
N ASP B 406 14.94 -52.42 -42.01
CA ASP B 406 14.02 -52.96 -43.00
C ASP B 406 14.42 -54.40 -43.28
N PRO B 407 13.61 -55.39 -42.85
CA PRO B 407 13.99 -56.79 -43.05
C PRO B 407 13.99 -57.25 -44.49
N VAL B 408 13.37 -56.51 -45.40
CA VAL B 408 13.35 -56.92 -46.81
C VAL B 408 14.45 -56.23 -47.61
N ALA B 409 14.80 -54.99 -47.27
CA ALA B 409 15.96 -54.36 -47.87
C ALA B 409 17.24 -55.02 -47.39
N ASN B 410 17.23 -55.54 -46.17
CA ASN B 410 18.36 -56.26 -45.61
C ASN B 410 18.12 -57.76 -45.64
N GLU B 411 17.48 -58.27 -46.68
CA GLU B 411 17.19 -59.70 -46.76
C GLU B 411 18.48 -60.49 -46.95
N ASN B 412 18.76 -61.36 -45.96
CA ASN B 412 19.84 -62.35 -46.01
C ASN B 412 21.20 -61.72 -46.27
N ASN B 413 21.44 -60.57 -45.64
CA ASN B 413 22.77 -59.98 -45.64
C ASN B 413 23.42 -60.19 -44.28
N VAL B 414 24.53 -59.50 -44.03
CA VAL B 414 25.27 -59.69 -42.79
C VAL B 414 24.46 -59.24 -41.58
N LEU B 415 23.73 -58.13 -41.70
CA LEU B 415 22.96 -57.61 -40.57
C LEU B 415 21.81 -58.54 -40.23
N ALA B 416 21.09 -58.96 -41.26
CA ALA B 416 19.95 -59.90 -41.09
C ALA B 416 20.49 -61.30 -40.76
N ARG B 417 21.76 -61.57 -41.06
CA ARG B 417 22.39 -62.89 -40.79
C ARG B 417 22.86 -62.97 -39.34
N VAL B 418 23.17 -61.84 -38.71
CA VAL B 418 23.53 -61.80 -37.29
C VAL B 418 22.26 -61.72 -36.47
N LEU B 419 21.19 -61.13 -37.02
CA LEU B 419 19.91 -61.16 -36.32
C LEU B 419 19.32 -62.56 -36.27
N ASP B 420 19.71 -63.43 -37.21
CA ASP B 420 19.16 -64.77 -37.27
C ASP B 420 19.70 -65.67 -36.16
N HIS B 421 21.01 -65.64 -35.95
CA HIS B 421 21.66 -66.54 -35.00
C HIS B 421 22.02 -65.84 -33.69
N LYS B 422 21.24 -64.81 -33.33
CA LYS B 422 21.54 -63.95 -32.18
C LYS B 422 21.65 -64.71 -30.87
N GLU B 423 20.99 -65.86 -30.75
CA GLU B 423 21.11 -66.68 -29.56
C GLU B 423 22.50 -67.27 -29.39
N ALA B 424 23.17 -67.60 -30.49
CA ALA B 424 24.56 -68.06 -30.40
C ALA B 424 25.49 -66.97 -29.90
N ILE B 425 25.35 -65.75 -30.40
CA ILE B 425 26.14 -64.62 -29.93
C ILE B 425 25.87 -64.34 -28.46
N ILE B 426 24.61 -64.34 -28.04
CA ILE B 426 24.28 -64.01 -26.66
C ILE B 426 24.73 -65.11 -25.72
N SER B 427 24.55 -66.38 -26.07
CA SER B 427 25.02 -67.47 -25.22
C SER B 427 26.53 -67.56 -25.15
N HIS B 428 27.25 -67.16 -26.19
CA HIS B 428 28.70 -67.20 -26.07
C HIS B 428 29.28 -66.01 -25.34
N LEU B 429 28.67 -64.83 -25.45
CA LEU B 429 29.00 -63.75 -24.52
C LEU B 429 28.69 -64.13 -23.08
N SER B 430 27.59 -64.85 -22.86
CA SER B 430 27.26 -65.35 -21.53
C SER B 430 28.30 -66.34 -21.02
N TRP B 431 28.80 -67.23 -21.89
CA TRP B 431 29.81 -68.18 -21.46
C TRP B 431 31.12 -67.48 -21.09
N VAL B 432 31.57 -66.53 -21.92
CA VAL B 432 32.81 -65.82 -21.61
C VAL B 432 32.67 -65.05 -20.31
N SER B 433 31.51 -64.40 -20.13
CA SER B 433 31.23 -63.68 -18.90
C SER B 433 31.27 -64.59 -17.69
N LEU B 434 30.61 -65.75 -17.78
CA LEU B 434 30.57 -66.68 -16.66
C LEU B 434 31.95 -67.22 -16.33
N PHE B 435 32.72 -67.61 -17.35
CA PHE B 435 34.06 -68.14 -17.13
C PHE B 435 34.94 -67.11 -16.43
N LEU B 436 34.98 -65.89 -16.98
CA LEU B 436 35.78 -64.83 -16.42
C LEU B 436 35.38 -64.50 -14.99
N GLY B 437 34.07 -64.41 -14.74
CA GLY B 437 33.60 -64.05 -13.42
C GLY B 437 33.90 -65.10 -12.37
N PHE B 438 33.56 -66.37 -12.66
CA PHE B 438 33.87 -67.45 -11.71
C PHE B 438 35.35 -67.51 -11.41
N HIS B 439 36.19 -67.46 -12.44
CA HIS B 439 37.62 -67.65 -12.20
C HIS B 439 38.25 -66.45 -11.51
N THR B 440 37.91 -65.23 -11.92
CA THR B 440 38.53 -64.06 -11.32
C THR B 440 38.09 -63.88 -9.89
N LEU B 441 36.78 -64.02 -9.62
CA LEU B 441 36.30 -63.90 -8.25
C LEU B 441 36.86 -65.00 -7.37
N ALA B 442 36.94 -66.23 -7.88
CA ALA B 442 37.43 -67.31 -7.05
C ALA B 442 38.92 -67.19 -6.77
N LEU B 443 39.70 -66.69 -7.73
CA LEU B 443 41.12 -66.44 -7.49
C LEU B 443 41.33 -65.35 -6.45
N TYR B 444 40.59 -64.25 -6.55
CA TYR B 444 40.63 -63.20 -5.55
C TYR B 444 40.20 -63.68 -4.17
N VAL B 445 39.13 -64.48 -4.09
CA VAL B 445 38.66 -64.96 -2.79
C VAL B 445 39.61 -65.99 -2.19
N HIS B 446 40.24 -66.83 -3.01
CA HIS B 446 41.29 -67.71 -2.50
C HIS B 446 42.45 -66.91 -1.94
N ASN B 447 42.86 -65.85 -2.64
CA ASN B 447 43.95 -65.02 -2.14
C ASN B 447 43.56 -64.31 -0.84
N ASP B 448 42.31 -63.84 -0.74
CA ASP B 448 41.81 -63.27 0.51
C ASP B 448 41.89 -64.28 1.65
N CYS B 449 41.44 -65.51 1.41
CA CYS B 449 41.40 -66.49 2.48
C CYS B 449 42.80 -66.97 2.86
N GLU B 450 43.74 -66.93 1.91
CA GLU B 450 45.12 -67.27 2.24
C GLU B 450 45.78 -66.17 3.06
N VAL B 451 45.61 -64.91 2.65
CA VAL B 451 46.23 -63.80 3.37
C VAL B 451 45.61 -63.63 4.75
N ALA B 452 44.29 -63.81 4.86
CA ALA B 452 43.62 -63.70 6.15
C ALA B 452 44.08 -64.78 7.11
N PHE B 453 44.31 -65.99 6.62
CA PHE B 453 44.74 -67.10 7.47
C PHE B 453 46.26 -67.15 7.61
N GLY B 454 46.93 -66.01 7.41
CA GLY B 454 48.36 -65.87 7.60
C GLY B 454 49.22 -66.67 6.66
N SER B 455 48.88 -66.69 5.37
CA SER B 455 49.71 -67.33 4.35
C SER B 455 49.67 -66.52 3.06
N PRO B 456 50.37 -65.36 3.03
CA PRO B 456 50.52 -64.65 1.76
C PRO B 456 51.33 -65.39 0.72
N ASP B 457 52.11 -66.39 1.12
CA ASP B 457 52.92 -67.19 0.20
C ASP B 457 52.11 -68.23 -0.55
N LYS B 458 50.93 -68.59 -0.06
CA LYS B 458 50.08 -69.58 -0.69
C LYS B 458 49.08 -68.97 -1.67
N GLN B 459 49.22 -67.68 -1.96
CA GLN B 459 48.38 -67.03 -2.95
C GLN B 459 48.66 -67.60 -4.33
N ILE B 460 47.63 -67.59 -5.19
CA ILE B 460 47.81 -67.97 -6.58
C ILE B 460 48.16 -66.68 -7.32
N LEU B 461 49.42 -66.58 -7.71
CA LEU B 461 49.93 -65.39 -8.39
C LEU B 461 50.35 -65.81 -9.80
N VAL B 462 49.55 -65.44 -10.78
CA VAL B 462 49.78 -65.79 -12.17
C VAL B 462 50.34 -64.57 -12.88
N GLU B 463 51.46 -64.74 -13.49
CA GLU B 463 52.08 -63.63 -14.19
C GLU B 463 51.45 -63.42 -15.56
N PRO B 464 51.32 -62.17 -15.98
CA PRO B 464 50.82 -61.88 -17.33
C PRO B 464 51.91 -62.04 -18.38
N VAL B 465 52.26 -63.30 -18.67
CA VAL B 465 53.45 -63.57 -19.47
C VAL B 465 53.26 -63.11 -20.92
N PHE B 466 52.02 -63.13 -21.42
CA PHE B 466 51.79 -62.64 -22.78
C PHE B 466 51.96 -61.14 -22.87
N ALA B 467 51.46 -60.39 -21.90
CA ALA B 467 51.65 -58.95 -21.94
C ALA B 467 53.05 -58.54 -21.52
N GLN B 468 53.69 -59.31 -20.64
CA GLN B 468 55.10 -59.08 -20.37
C GLN B 468 55.95 -59.33 -21.61
N TRP B 469 55.57 -60.31 -22.43
CA TRP B 469 56.25 -60.56 -23.70
C TRP B 469 55.97 -59.47 -24.72
N ILE B 470 54.76 -58.93 -24.77
CA ILE B 470 54.47 -57.79 -25.64
C ILE B 470 55.19 -56.54 -25.16
N GLN B 471 55.49 -56.51 -23.87
CA GLN B 471 56.30 -55.39 -23.30
C GLN B 471 57.73 -55.62 -23.80
N ALA B 472 58.16 -56.88 -23.88
CA ALA B 472 59.49 -57.22 -24.37
C ALA B 472 59.64 -57.02 -25.88
N VAL B 473 58.58 -57.22 -26.69
CA VAL B 473 58.73 -57.07 -28.13
C VAL B 473 58.82 -55.60 -28.53
N HIS B 474 58.66 -54.69 -27.58
CA HIS B 474 58.79 -53.27 -27.84
C HIS B 474 60.13 -52.74 -27.35
N GLY B 475 60.87 -53.53 -26.58
CA GLY B 475 62.21 -53.15 -26.21
C GLY B 475 62.38 -52.95 -24.73
N LYS B 476 61.57 -53.65 -23.95
CA LYS B 476 61.64 -53.58 -22.49
C LYS B 476 62.56 -54.67 -22.00
N ALA B 477 63.65 -54.26 -21.33
CA ALA B 477 64.60 -55.20 -20.77
C ALA B 477 64.33 -55.51 -19.31
N LEU B 478 63.14 -55.14 -18.84
CA LEU B 478 62.70 -55.33 -17.43
C LEU B 478 62.65 -56.83 -17.11
N TYR B 479 62.30 -57.65 -18.09
CA TYR B 479 62.23 -59.13 -17.92
C TYR B 479 63.36 -59.80 -18.71
N GLY B 480 63.51 -61.12 -18.55
CA GLY B 480 64.56 -61.85 -19.28
C GLY B 480 64.04 -62.39 -20.61
N ILE B 481 63.54 -61.49 -21.46
CA ILE B 481 62.96 -61.89 -22.78
C ILE B 481 63.64 -61.08 -23.89
N SER B 482 64.65 -61.66 -24.55
CA SER B 482 65.30 -60.97 -25.65
C SER B 482 64.46 -61.14 -26.92
N SER B 483 63.31 -60.47 -26.95
CA SER B 483 62.44 -60.52 -28.12
C SER B 483 62.74 -59.35 -29.05
N LEU B 484 61.82 -59.06 -29.99
CA LEU B 484 62.08 -58.34 -31.23
C LEU B 484 62.88 -57.03 -31.06
N LEU B 485 62.27 -56.02 -30.45
CA LEU B 485 63.03 -54.80 -30.21
C LEU B 485 63.84 -54.84 -28.94
N SER B 486 63.63 -55.86 -28.10
CA SER B 486 64.54 -56.09 -26.98
C SER B 486 65.87 -56.67 -27.45
N ASN B 487 65.86 -57.38 -28.57
CA ASN B 487 67.06 -57.96 -29.16
C ASN B 487 67.68 -56.87 -30.02
N PRO B 488 68.89 -56.38 -29.69
CA PRO B 488 69.40 -55.19 -30.40
C PRO B 488 69.83 -55.47 -31.83
N ASP B 489 70.21 -56.71 -32.16
CA ASP B 489 70.59 -57.02 -33.53
C ASP B 489 69.56 -57.96 -34.16
N SER B 490 68.29 -57.66 -33.95
CA SER B 490 67.19 -58.41 -34.53
C SER B 490 66.78 -57.76 -35.84
N ILE B 491 66.03 -58.50 -36.65
CA ILE B 491 65.51 -58.01 -37.92
C ILE B 491 64.62 -56.79 -37.72
N ALA B 492 63.90 -56.75 -36.59
CA ALA B 492 62.99 -55.63 -36.35
C ALA B 492 63.74 -54.41 -35.85
N SER B 493 64.78 -54.61 -35.04
CA SER B 493 65.54 -53.49 -34.48
C SER B 493 66.40 -52.81 -35.52
N THR B 494 67.01 -53.59 -36.41
CA THR B 494 68.00 -53.04 -37.32
C THR B 494 67.37 -52.44 -38.58
N ALA B 495 66.22 -52.97 -39.00
CA ALA B 495 65.61 -52.68 -40.30
C ALA B 495 66.58 -52.93 -41.45
N TRP B 496 67.08 -54.17 -41.54
CA TRP B 496 68.23 -54.69 -42.28
C TRP B 496 68.52 -54.03 -43.65
N PRO B 497 67.56 -53.92 -44.60
CA PRO B 497 67.92 -53.28 -45.87
C PRO B 497 68.01 -51.77 -45.76
N ASN B 498 67.33 -51.21 -44.75
CA ASN B 498 67.00 -49.80 -44.73
C ASN B 498 67.78 -49.05 -43.67
N HIS B 499 67.79 -49.56 -42.44
CA HIS B 499 68.46 -48.95 -41.29
C HIS B 499 67.97 -47.52 -41.06
N ALA B 500 66.67 -47.33 -41.27
CA ALA B 500 66.05 -46.02 -41.19
C ALA B 500 65.13 -45.85 -39.99
N ASN B 501 65.05 -46.84 -39.11
CA ASN B 501 64.33 -46.63 -37.86
C ASN B 501 65.16 -45.71 -36.98
N VAL B 502 64.87 -44.41 -37.08
CA VAL B 502 65.66 -43.41 -36.41
C VAL B 502 64.87 -43.07 -35.15
N TRP B 503 63.97 -43.97 -34.76
CA TRP B 503 63.08 -43.74 -33.63
C TRP B 503 63.53 -44.65 -32.50
N LEU B 504 64.25 -45.70 -32.85
CA LEU B 504 64.63 -46.79 -31.97
C LEU B 504 65.45 -46.32 -30.75
N PRO B 505 66.54 -45.54 -30.88
CA PRO B 505 67.27 -45.17 -29.66
C PRO B 505 66.49 -44.25 -28.75
N GLY B 506 65.75 -43.30 -29.31
CA GLY B 506 64.91 -42.43 -28.50
C GLY B 506 63.77 -43.18 -27.82
N TRP B 507 63.22 -44.19 -28.49
CA TRP B 507 62.10 -44.92 -27.91
C TRP B 507 62.57 -45.88 -26.83
N LEU B 508 63.74 -46.49 -27.03
CA LEU B 508 64.29 -47.35 -25.97
C LEU B 508 64.94 -46.56 -24.83
N GLU B 509 65.28 -45.29 -25.04
CA GLU B 509 65.63 -44.47 -23.88
C GLU B 509 64.44 -44.20 -22.98
N ALA B 510 63.22 -44.27 -23.51
CA ALA B 510 62.01 -43.96 -22.78
C ALA B 510 61.34 -45.19 -22.19
N ILE B 511 61.33 -46.31 -22.93
CA ILE B 511 60.65 -47.49 -22.43
C ILE B 511 61.47 -48.13 -21.31
N ASN B 512 62.80 -48.04 -21.41
CA ASN B 512 63.66 -48.60 -20.38
C ASN B 512 63.74 -47.68 -19.17
N ASN B 513 63.48 -46.39 -19.38
CA ASN B 513 63.40 -45.43 -18.29
C ASN B 513 62.24 -45.84 -17.40
N GLY B 514 62.53 -46.30 -16.19
CA GLY B 514 61.49 -46.86 -15.36
C GLY B 514 60.80 -45.84 -14.50
N THR B 515 60.76 -44.60 -14.96
CA THR B 515 60.14 -43.50 -14.22
C THR B 515 58.95 -42.88 -14.94
N ASN B 516 58.72 -43.19 -16.21
CA ASN B 516 57.54 -42.70 -16.90
C ASN B 516 56.45 -43.76 -16.82
N SER B 517 55.31 -43.50 -17.47
CA SER B 517 54.21 -44.44 -17.52
C SER B 517 54.15 -45.23 -18.82
N LEU B 518 55.08 -45.00 -19.74
CA LEU B 518 55.09 -45.72 -21.00
C LEU B 518 55.46 -47.17 -20.77
N PHE B 519 54.49 -48.08 -20.91
CA PHE B 519 54.64 -49.51 -20.66
C PHE B 519 55.15 -49.78 -19.24
N LEU B 520 54.26 -49.55 -18.28
CA LEU B 520 54.57 -49.79 -16.88
C LEU B 520 54.85 -51.27 -16.62
N ALA B 521 55.68 -51.54 -15.62
CA ALA B 521 55.94 -52.92 -15.22
C ALA B 521 54.68 -53.55 -14.66
N ILE B 522 54.41 -54.80 -15.06
CA ILE B 522 53.21 -55.50 -14.66
C ILE B 522 53.58 -56.82 -14.00
N GLY B 523 52.79 -57.20 -13.00
CA GLY B 523 53.01 -58.44 -12.30
C GLY B 523 51.73 -59.18 -12.05
N PRO B 524 51.73 -60.08 -11.06
CA PRO B 524 50.54 -60.90 -10.79
C PRO B 524 49.29 -60.12 -10.42
N GLY B 525 49.43 -58.97 -9.75
CA GLY B 525 48.26 -58.19 -9.40
C GLY B 525 47.64 -57.49 -10.60
N ASP B 526 48.38 -57.42 -11.70
CA ASP B 526 47.87 -56.83 -12.93
C ASP B 526 47.04 -57.83 -13.72
N PHE B 527 47.41 -59.11 -13.70
CA PHE B 527 46.73 -60.15 -14.46
C PHE B 527 45.28 -60.30 -13.99
N LEU B 528 45.08 -60.31 -12.67
CA LEU B 528 43.74 -60.45 -12.11
C LEU B 528 42.84 -59.27 -12.46
N VAL B 529 43.38 -58.05 -12.38
CA VAL B 529 42.54 -56.89 -12.63
C VAL B 529 42.29 -56.72 -14.13
N HIS B 530 43.19 -57.21 -14.97
CA HIS B 530 42.88 -57.26 -16.39
C HIS B 530 41.80 -58.27 -16.69
N HIS B 531 41.76 -59.38 -15.97
CA HIS B 531 40.68 -60.32 -16.15
C HIS B 531 39.36 -59.79 -15.61
N ALA B 532 39.41 -58.99 -14.56
CA ALA B 532 38.21 -58.28 -14.09
C ALA B 532 37.72 -57.26 -15.11
N ILE B 533 38.63 -56.54 -15.76
CA ILE B 533 38.23 -55.61 -16.81
C ILE B 533 37.65 -56.36 -18.01
N ALA B 534 38.21 -57.53 -18.32
CA ALA B 534 37.65 -58.36 -19.37
C ALA B 534 36.25 -58.82 -19.03
N LEU B 535 36.03 -59.26 -17.78
CA LEU B 535 34.71 -59.62 -17.30
C LEU B 535 33.74 -58.46 -17.41
N GLY B 536 34.18 -57.27 -17.02
CA GLY B 536 33.30 -56.11 -17.08
C GLY B 536 32.90 -55.71 -18.48
N LEU B 537 33.86 -55.68 -19.41
CA LEU B 537 33.52 -55.35 -20.79
C LEU B 537 32.65 -56.41 -21.42
N HIS B 538 32.88 -57.67 -21.06
CA HIS B 538 32.08 -58.76 -21.61
C HIS B 538 30.67 -58.75 -21.09
N VAL B 539 30.45 -58.46 -19.80
CA VAL B 539 29.08 -58.45 -19.30
C VAL B 539 28.34 -57.22 -19.80
N THR B 540 29.02 -56.07 -19.89
CA THR B 540 28.37 -54.89 -20.44
C THR B 540 27.99 -55.12 -21.90
N THR B 541 28.87 -55.77 -22.67
CA THR B 541 28.57 -56.15 -24.04
C THR B 541 27.44 -57.18 -24.11
N LEU B 542 27.42 -58.16 -23.21
CA LEU B 542 26.29 -59.07 -23.10
C LEU B 542 24.97 -58.38 -22.94
N ILE B 543 24.86 -57.46 -21.98
CA ILE B 543 23.61 -56.76 -21.74
C ILE B 543 23.20 -55.93 -22.95
N LEU B 544 24.15 -55.19 -23.52
CA LEU B 544 23.84 -54.30 -24.63
C LEU B 544 23.54 -55.07 -25.91
N VAL B 545 24.32 -56.11 -26.22
CA VAL B 545 24.09 -56.94 -27.40
C VAL B 545 22.78 -57.70 -27.27
N LYS B 546 22.49 -58.24 -26.08
CA LYS B 546 21.24 -58.93 -25.85
C LYS B 546 20.06 -58.01 -26.05
N GLY B 547 20.13 -56.79 -25.53
CA GLY B 547 19.01 -55.88 -25.68
C GLY B 547 18.87 -55.29 -27.06
N ALA B 548 19.98 -55.18 -27.80
CA ALA B 548 19.89 -54.72 -29.18
C ALA B 548 19.35 -55.82 -30.09
N LEU B 549 19.81 -57.06 -29.91
CA LEU B 549 19.38 -58.12 -30.80
C LEU B 549 17.98 -58.61 -30.47
N ASP B 550 17.58 -58.55 -29.20
CA ASP B 550 16.21 -58.84 -28.80
C ASP B 550 15.32 -57.60 -28.81
N ALA B 551 15.75 -56.52 -29.46
CA ALA B 551 14.93 -55.32 -29.50
C ALA B 551 13.68 -55.51 -30.31
N ARG B 552 13.78 -56.20 -31.45
CA ARG B 552 12.65 -56.35 -32.35
C ARG B 552 11.67 -57.41 -31.87
N GLY B 553 12.05 -58.21 -30.90
CA GLY B 553 11.18 -59.24 -30.36
C GLY B 553 11.94 -60.45 -29.89
N SER B 554 11.42 -61.10 -28.86
CA SER B 554 11.97 -62.34 -28.36
C SER B 554 10.85 -63.35 -28.22
N LYS B 555 11.11 -64.48 -27.56
CA LYS B 555 10.07 -65.47 -27.34
C LYS B 555 9.07 -65.03 -26.28
N LEU B 556 9.50 -64.23 -25.31
CA LEU B 556 8.60 -63.74 -24.28
C LEU B 556 7.71 -62.62 -24.78
N MET B 557 8.15 -61.87 -25.78
CA MET B 557 7.34 -60.80 -26.37
C MET B 557 7.66 -60.72 -27.86
N PRO B 558 6.99 -61.54 -28.68
CA PRO B 558 7.32 -61.59 -30.12
C PRO B 558 7.17 -60.28 -30.87
N ASP B 559 6.16 -59.48 -30.53
CA ASP B 559 5.95 -58.22 -31.22
C ASP B 559 6.49 -57.04 -30.42
N LYS B 560 7.76 -57.11 -30.01
CA LYS B 560 8.31 -56.05 -29.19
C LYS B 560 8.63 -54.80 -29.99
N LYS B 561 8.80 -54.93 -31.30
CA LYS B 561 9.05 -53.77 -32.16
C LYS B 561 7.82 -52.91 -32.36
N ASP B 562 6.62 -53.43 -32.06
CA ASP B 562 5.41 -52.63 -32.19
C ASP B 562 5.18 -51.74 -30.99
N PHE B 563 5.91 -51.97 -29.90
CA PHE B 563 5.74 -51.23 -28.66
C PHE B 563 6.77 -50.14 -28.49
N GLY B 564 7.78 -50.09 -29.33
CA GLY B 564 8.76 -49.03 -29.31
C GLY B 564 10.09 -49.48 -28.77
N TYR B 565 10.92 -48.48 -28.46
CA TYR B 565 12.22 -48.72 -27.86
C TYR B 565 12.13 -48.70 -26.34
N ALA B 566 11.50 -47.68 -25.78
CA ALA B 566 11.27 -47.57 -24.34
C ALA B 566 9.80 -47.76 -24.07
N PHE B 567 9.48 -48.75 -23.24
CA PHE B 567 8.14 -48.99 -22.75
C PHE B 567 8.33 -49.72 -21.44
N PRO B 568 7.43 -49.58 -20.45
CA PRO B 568 7.67 -50.17 -19.13
C PRO B 568 7.86 -51.66 -19.14
N CYS B 569 6.83 -52.35 -19.62
CA CYS B 569 6.71 -53.79 -19.51
C CYS B 569 5.61 -54.24 -20.44
N ASP B 570 5.24 -55.52 -20.36
CA ASP B 570 4.07 -56.03 -21.04
C ASP B 570 3.11 -56.62 -20.02
N GLY B 571 3.11 -56.10 -18.81
CA GLY B 571 2.22 -56.55 -17.77
C GLY B 571 2.79 -57.70 -16.97
N PRO B 572 2.02 -58.20 -16.00
CA PRO B 572 2.44 -59.36 -15.23
C PRO B 572 2.05 -60.71 -15.83
N GLY B 573 1.50 -60.73 -17.03
CA GLY B 573 1.21 -61.99 -17.67
C GLY B 573 2.48 -62.66 -18.14
N ARG B 574 2.36 -63.95 -18.45
CA ARG B 574 3.48 -64.79 -18.95
C ARG B 574 4.61 -64.83 -17.92
N GLY B 575 4.26 -64.85 -16.63
CA GLY B 575 5.25 -64.85 -15.59
C GLY B 575 5.70 -63.48 -15.13
N GLY B 576 5.50 -62.46 -15.95
CA GLY B 576 6.00 -61.14 -15.63
C GLY B 576 7.01 -60.69 -16.65
N THR B 577 6.98 -59.42 -17.03
CA THR B 577 7.80 -58.91 -18.11
C THR B 577 8.46 -57.60 -17.72
N CYS B 578 9.03 -57.55 -16.52
CA CYS B 578 9.68 -56.34 -16.06
C CYS B 578 11.00 -56.16 -16.80
N ASP B 579 11.33 -54.91 -17.13
CA ASP B 579 12.60 -54.56 -17.81
C ASP B 579 12.79 -55.29 -19.13
N ILE B 580 11.70 -55.49 -19.87
CA ILE B 580 11.74 -56.31 -21.08
C ILE B 580 12.12 -55.50 -22.32
N SER B 581 12.02 -54.18 -22.27
CA SER B 581 12.30 -53.38 -23.43
C SER B 581 13.79 -53.30 -23.71
N ALA B 582 14.13 -52.81 -24.91
CA ALA B 582 15.52 -52.65 -25.27
C ALA B 582 16.16 -51.47 -24.55
N TRP B 583 15.37 -50.46 -24.19
CA TRP B 583 15.86 -49.35 -23.41
C TRP B 583 16.32 -49.80 -22.03
N ASP B 584 15.66 -50.82 -21.49
CA ASP B 584 16.02 -51.35 -20.19
C ASP B 584 17.34 -52.10 -20.23
N SER B 585 17.78 -52.54 -21.40
CA SER B 585 19.12 -53.11 -21.49
C SER B 585 20.19 -52.04 -21.38
N VAL B 586 19.96 -50.86 -21.95
CA VAL B 586 20.93 -49.77 -21.81
C VAL B 586 20.92 -49.24 -20.37
N TYR B 587 19.73 -49.15 -19.78
CA TYR B 587 19.55 -49.05 -18.33
C TYR B 587 20.37 -50.05 -17.53
N LEU B 588 20.27 -51.34 -17.80
CA LEU B 588 20.94 -52.34 -16.97
C LEU B 588 22.42 -52.40 -17.22
N ALA B 589 22.86 -51.99 -18.41
CA ALA B 589 24.27 -51.98 -18.75
C ALA B 589 24.95 -50.68 -18.34
N THR B 590 24.20 -49.64 -18.01
CA THR B 590 24.85 -48.46 -17.45
C THR B 590 25.48 -48.76 -16.09
N PHE B 591 24.82 -49.57 -15.26
CA PHE B 591 25.40 -50.04 -14.00
C PHE B 591 26.69 -50.81 -14.24
N TRP B 592 26.70 -51.67 -15.25
CA TRP B 592 27.87 -52.48 -15.53
C TRP B 592 28.98 -51.68 -16.18
N MET B 593 28.65 -50.70 -17.01
CA MET B 593 29.64 -49.77 -17.52
C MET B 593 30.28 -48.98 -16.39
N LEU B 594 29.46 -48.48 -15.46
CA LEU B 594 29.96 -47.72 -14.34
C LEU B 594 30.85 -48.57 -13.46
N ASN B 595 30.47 -49.83 -13.23
CA ASN B 595 31.26 -50.75 -12.44
C ASN B 595 32.57 -51.11 -13.13
N THR B 596 32.54 -51.35 -14.45
CA THR B 596 33.74 -51.67 -15.19
C THR B 596 34.71 -50.49 -15.23
N LEU B 597 34.20 -49.30 -15.47
CA LEU B 597 35.06 -48.12 -15.45
C LEU B 597 35.54 -47.80 -14.05
N GLY B 598 34.76 -48.17 -13.03
CA GLY B 598 35.26 -48.11 -11.67
C GLY B 598 36.45 -49.01 -11.46
N TRP B 599 36.36 -50.25 -11.93
CA TRP B 599 37.49 -51.18 -11.84
C TRP B 599 38.71 -50.67 -12.59
N VAL B 600 38.47 -50.15 -13.81
CA VAL B 600 39.54 -49.63 -14.66
C VAL B 600 40.24 -48.45 -13.98
N THR B 601 39.47 -47.49 -13.48
CA THR B 601 40.05 -46.29 -12.92
C THR B 601 40.63 -46.55 -11.54
N PHE B 602 40.04 -47.48 -10.78
CA PHE B 602 40.63 -47.91 -9.52
C PHE B 602 41.99 -48.53 -9.74
N TYR B 603 42.10 -49.41 -10.74
CA TYR B 603 43.38 -50.02 -11.11
C TYR B 603 44.40 -48.96 -11.49
N TRP B 604 44.01 -48.06 -12.41
CA TRP B 604 44.93 -47.03 -12.87
C TRP B 604 45.40 -46.16 -11.71
N HIS B 605 44.46 -45.71 -10.88
CA HIS B 605 44.77 -44.81 -9.78
C HIS B 605 45.65 -45.46 -8.74
N TRP B 606 45.35 -46.70 -8.34
CA TRP B 606 46.19 -47.33 -7.32
C TRP B 606 47.57 -47.67 -7.86
N LYS B 607 47.64 -48.17 -9.10
CA LYS B 607 48.91 -48.44 -9.75
C LYS B 607 49.78 -47.20 -9.75
N HIS B 608 49.18 -46.06 -10.13
CA HIS B 608 49.96 -44.84 -10.21
C HIS B 608 50.23 -44.23 -8.84
N LEU B 609 49.33 -44.36 -7.86
CA LEU B 609 49.62 -43.85 -6.51
C LEU B 609 50.79 -44.60 -5.90
N ALA B 610 50.84 -45.91 -6.07
CA ALA B 610 51.97 -46.68 -5.58
C ALA B 610 53.25 -46.35 -6.34
N ILE B 611 53.16 -46.04 -7.63
CA ILE B 611 54.35 -45.62 -8.37
C ILE B 611 54.82 -44.23 -7.95
N TRP B 612 53.89 -43.29 -7.80
CA TRP B 612 54.24 -41.90 -7.50
C TRP B 612 54.77 -41.75 -6.08
N SER B 613 54.26 -42.57 -5.15
CA SER B 613 54.76 -42.54 -3.79
C SER B 613 56.14 -43.17 -3.66
N GLY B 614 56.56 -43.95 -4.64
CA GLY B 614 57.79 -44.72 -4.55
C GLY B 614 57.58 -46.11 -3.99
N ASN B 615 56.47 -46.35 -3.32
CA ASN B 615 56.17 -47.65 -2.71
C ASN B 615 55.31 -48.47 -3.66
N VAL B 616 55.95 -48.94 -4.74
CA VAL B 616 55.25 -49.72 -5.75
C VAL B 616 54.91 -51.12 -5.22
N ALA B 617 55.62 -51.57 -4.19
CA ALA B 617 55.32 -52.88 -3.60
C ALA B 617 53.98 -52.86 -2.86
N GLN B 618 53.43 -51.68 -2.58
CA GLN B 618 52.10 -51.61 -2.02
C GLN B 618 51.06 -52.16 -2.98
N PHE B 619 51.13 -51.74 -4.24
CA PHE B 619 50.21 -52.30 -5.23
C PHE B 619 50.66 -53.69 -5.65
N ASN B 620 51.97 -53.93 -5.70
CA ASN B 620 52.46 -55.21 -6.18
C ASN B 620 52.00 -56.36 -5.28
N GLU B 621 52.44 -56.37 -4.04
CA GLU B 621 51.99 -57.42 -3.13
C GLU B 621 50.81 -56.96 -2.28
N GLY B 622 49.87 -56.25 -2.89
CA GLY B 622 48.65 -55.93 -2.18
C GLY B 622 47.40 -55.88 -3.04
N SER B 623 47.55 -56.06 -4.34
CA SER B 623 46.42 -56.00 -5.26
C SER B 623 46.00 -57.38 -5.75
N THR B 624 46.59 -58.42 -5.18
CA THR B 624 46.25 -59.78 -5.54
C THR B 624 45.11 -60.34 -4.70
N TYR B 625 44.77 -59.68 -3.61
CA TYR B 625 43.65 -60.03 -2.76
C TYR B 625 42.80 -58.80 -2.53
N LEU B 626 41.52 -59.02 -2.20
CA LEU B 626 40.54 -57.93 -2.26
C LEU B 626 40.57 -57.03 -1.04
N MET B 627 41.03 -57.53 0.10
CA MET B 627 41.17 -56.65 1.26
C MET B 627 42.30 -55.66 1.08
N GLY B 628 43.28 -56.00 0.24
CA GLY B 628 44.30 -55.01 -0.10
C GLY B 628 43.74 -53.87 -0.90
N TRP B 629 42.81 -54.16 -1.81
CA TRP B 629 42.10 -53.12 -2.52
C TRP B 629 41.22 -52.32 -1.60
N PHE B 630 40.55 -52.97 -0.66
CA PHE B 630 39.67 -52.30 0.28
C PHE B 630 40.43 -51.43 1.27
N ARG B 631 41.56 -51.88 1.76
CA ARG B 631 42.26 -51.29 2.88
C ARG B 631 43.41 -50.39 2.46
N ASP B 632 44.22 -50.81 1.49
CA ASP B 632 45.36 -50.03 1.05
C ASP B 632 45.01 -49.05 -0.05
N TYR B 633 43.79 -49.09 -0.57
CA TYR B 633 43.40 -48.12 -1.58
C TYR B 633 42.25 -47.25 -1.11
N LEU B 634 41.13 -47.85 -0.71
CA LEU B 634 39.95 -47.05 -0.39
C LEU B 634 40.03 -46.47 1.00
N TRP B 635 40.36 -47.30 1.99
CA TRP B 635 40.48 -46.83 3.36
C TRP B 635 41.68 -45.91 3.54
N LEU B 636 42.82 -46.30 2.95
CA LEU B 636 44.06 -45.59 3.23
C LEU B 636 44.07 -44.21 2.60
N ASN B 637 43.67 -44.10 1.33
CA ASN B 637 43.68 -42.81 0.65
C ASN B 637 42.33 -42.10 0.83
N SER B 638 41.85 -42.12 2.06
CA SER B 638 40.59 -41.44 2.36
C SER B 638 40.82 -40.53 3.55
N ALA B 639 41.92 -40.74 4.26
CA ALA B 639 42.22 -40.06 5.50
C ALA B 639 42.39 -38.56 5.33
N GLN B 640 42.88 -38.10 4.20
CA GLN B 640 43.04 -36.68 3.91
C GLN B 640 41.76 -36.06 3.38
N LEU B 641 41.01 -36.83 2.60
CA LEU B 641 39.75 -36.36 2.03
C LEU B 641 38.70 -36.12 3.11
N ILE B 642 38.49 -37.08 3.98
CA ILE B 642 37.43 -36.98 4.98
C ILE B 642 37.82 -36.08 6.14
N ASN B 643 39.09 -35.70 6.24
CA ASN B 643 39.54 -34.68 7.16
C ASN B 643 39.62 -33.31 6.50
N GLY B 644 38.92 -33.14 5.38
CA GLY B 644 38.86 -31.84 4.73
C GLY B 644 38.21 -30.80 5.60
N TYR B 645 37.20 -31.20 6.35
CA TYR B 645 36.69 -30.41 7.46
C TYR B 645 36.44 -31.38 8.61
N ASN B 646 36.93 -31.02 9.78
CA ASN B 646 36.83 -31.82 10.99
C ASN B 646 36.42 -30.87 12.11
N PRO B 647 36.24 -31.28 13.36
CA PRO B 647 35.88 -30.30 14.40
C PRO B 647 36.99 -29.32 14.78
N TYR B 648 38.15 -29.35 14.12
CA TYR B 648 39.26 -28.46 14.43
C TYR B 648 39.51 -27.41 13.37
N GLY B 649 39.10 -27.64 12.13
CA GLY B 649 39.15 -26.61 11.12
C GLY B 649 38.83 -27.08 9.72
N THR B 650 39.17 -26.24 8.73
CA THR B 650 38.91 -26.55 7.32
C THR B 650 40.17 -26.26 6.54
N ASN B 651 40.59 -27.23 5.74
CA ASN B 651 41.58 -26.95 4.70
C ASN B 651 40.90 -26.81 3.34
N ASN B 652 41.68 -26.77 2.26
CA ASN B 652 41.13 -26.59 0.92
C ASN B 652 40.51 -27.87 0.36
N LEU B 653 40.60 -28.98 1.08
CA LEU B 653 39.92 -30.22 0.73
C LEU B 653 38.51 -30.27 1.28
N ALA B 654 38.00 -29.15 1.81
CA ALA B 654 36.68 -29.12 2.40
C ALA B 654 35.58 -29.32 1.36
N ILE B 655 35.76 -28.74 0.17
CA ILE B 655 34.79 -28.94 -0.89
C ILE B 655 34.86 -30.36 -1.43
N TRP B 656 36.03 -30.98 -1.43
CA TRP B 656 36.09 -32.35 -1.90
C TRP B 656 35.49 -33.32 -0.91
N ALA B 657 35.62 -33.06 0.40
CA ALA B 657 34.90 -33.83 1.41
C ALA B 657 33.39 -33.63 1.28
N TRP B 658 32.95 -32.40 1.05
CA TRP B 658 31.54 -32.11 0.89
C TRP B 658 30.96 -32.76 -0.36
N ILE B 659 31.71 -32.77 -1.46
CA ILE B 659 31.24 -33.38 -2.70
C ILE B 659 31.30 -34.91 -2.61
N PHE B 660 32.25 -35.44 -1.84
CA PHE B 660 32.27 -36.87 -1.53
C PHE B 660 30.99 -37.30 -0.84
N LEU B 661 30.60 -36.55 0.20
CA LEU B 661 29.35 -36.83 0.90
C LEU B 661 28.13 -36.57 0.04
N PHE B 662 28.19 -35.53 -0.79
CA PHE B 662 27.12 -35.20 -1.73
C PHE B 662 26.89 -36.33 -2.73
N GLY B 663 27.97 -36.91 -3.26
CA GLY B 663 27.84 -38.04 -4.14
C GLY B 663 27.30 -39.28 -3.46
N HIS B 664 27.70 -39.51 -2.21
CA HIS B 664 27.10 -40.59 -1.43
C HIS B 664 25.61 -40.39 -1.26
N LEU B 665 25.19 -39.16 -1.00
CA LEU B 665 23.78 -38.84 -0.84
C LEU B 665 23.00 -39.09 -2.13
N VAL B 666 23.54 -38.63 -3.26
CA VAL B 666 22.83 -38.78 -4.54
C VAL B 666 22.75 -40.25 -4.93
N TRP B 667 23.82 -40.99 -4.69
CA TRP B 667 23.84 -42.42 -4.97
C TRP B 667 22.84 -43.18 -4.11
N ALA B 668 22.70 -42.80 -2.85
CA ALA B 668 21.70 -43.41 -1.99
C ALA B 668 20.28 -43.05 -2.43
N ILE B 669 20.07 -41.79 -2.84
CA ILE B 669 18.76 -41.34 -3.32
C ILE B 669 18.35 -42.14 -4.55
N SER B 670 19.33 -42.51 -5.38
CA SER B 670 19.06 -43.37 -6.53
C SER B 670 18.35 -44.65 -6.17
N PHE B 671 18.73 -45.25 -5.04
CA PHE B 671 18.18 -46.55 -4.65
C PHE B 671 16.70 -46.44 -4.29
N MET B 672 16.25 -45.26 -3.89
CA MET B 672 14.82 -44.99 -3.73
C MET B 672 14.05 -45.13 -5.02
N PHE B 673 14.56 -44.59 -6.12
CA PHE B 673 13.89 -44.75 -7.39
C PHE B 673 14.13 -46.11 -7.98
N LEU B 674 15.18 -46.78 -7.55
CA LEU B 674 15.60 -48.03 -8.17
C LEU B 674 14.97 -49.25 -7.51
N ILE B 675 14.67 -49.18 -6.22
CA ILE B 675 14.11 -50.29 -5.46
C ILE B 675 12.61 -50.13 -5.25
N THR B 676 12.15 -48.95 -4.86
CA THR B 676 10.73 -48.69 -4.72
C THR B 676 10.16 -48.33 -6.06
N TRP B 677 9.00 -48.87 -6.37
CA TRP B 677 8.40 -48.74 -7.69
C TRP B 677 7.05 -48.02 -7.55
N ARG B 678 6.30 -47.94 -8.65
CA ARG B 678 5.42 -46.80 -8.87
C ARG B 678 4.17 -46.79 -7.99
N GLY B 679 3.56 -47.96 -7.77
CA GLY B 679 2.25 -47.97 -7.15
C GLY B 679 2.25 -47.51 -5.70
N TYR B 680 3.35 -47.77 -4.98
CA TYR B 680 3.54 -47.23 -3.65
C TYR B 680 3.38 -45.72 -3.65
N TRP B 681 4.07 -45.06 -4.56
CA TRP B 681 4.07 -43.62 -4.58
C TRP B 681 2.78 -43.06 -5.13
N GLN B 682 2.11 -43.78 -6.03
CA GLN B 682 0.83 -43.30 -6.51
C GLN B 682 -0.22 -43.32 -5.41
N GLU B 683 -0.23 -44.36 -4.58
CA GLU B 683 -1.16 -44.38 -3.45
C GLU B 683 -0.82 -43.32 -2.40
N LEU B 684 0.47 -43.07 -2.17
CA LEU B 684 0.90 -42.00 -1.28
C LEU B 684 0.43 -40.63 -1.79
N ILE B 685 0.57 -40.40 -3.10
CA ILE B 685 0.16 -39.14 -3.71
C ILE B 685 -1.36 -38.98 -3.70
N GLU B 686 -2.10 -40.08 -3.79
CA GLU B 686 -3.55 -40.01 -3.64
C GLU B 686 -3.95 -39.55 -2.24
N THR B 687 -3.27 -40.04 -1.21
CA THR B 687 -3.54 -39.52 0.14
C THR B 687 -3.17 -38.04 0.25
N LEU B 688 -2.09 -37.62 -0.41
CA LEU B 688 -1.72 -36.21 -0.41
C LEU B 688 -2.75 -35.33 -1.10
N MET B 689 -3.30 -35.80 -2.22
CA MET B 689 -4.41 -35.10 -2.87
C MET B 689 -5.63 -35.02 -1.98
N TRP B 690 -5.90 -36.05 -1.20
CA TRP B 690 -6.98 -35.93 -0.23
C TRP B 690 -6.67 -34.82 0.77
N ALA B 691 -5.44 -34.81 1.29
CA ALA B 691 -5.07 -33.85 2.34
C ALA B 691 -5.13 -32.43 1.84
N HIS B 692 -4.78 -32.20 0.58
CA HIS B 692 -4.72 -30.82 0.13
C HIS B 692 -6.09 -30.22 -0.13
N GLU B 693 -7.05 -31.00 -0.64
CA GLU B 693 -8.36 -30.47 -0.96
C GLU B 693 -9.19 -30.26 0.29
N ASN B 694 -8.71 -30.69 1.44
CA ASN B 694 -9.52 -30.65 2.65
C ASN B 694 -8.87 -29.81 3.73
N THR B 695 -7.80 -29.12 3.42
CA THR B 695 -7.14 -28.23 4.35
C THR B 695 -7.62 -26.80 4.13
N PRO B 696 -7.99 -26.08 5.17
CA PRO B 696 -8.30 -24.67 5.03
C PRO B 696 -7.07 -23.85 4.71
N LEU B 697 -7.29 -22.67 4.15
CA LEU B 697 -6.33 -21.60 3.89
C LEU B 697 -5.31 -21.97 2.82
N SER B 698 -5.45 -23.14 2.18
CA SER B 698 -4.51 -23.63 1.18
C SER B 698 -5.12 -23.43 -0.19
N PHE B 699 -4.96 -22.22 -0.72
CA PHE B 699 -5.73 -21.80 -1.88
C PHE B 699 -5.15 -22.29 -3.20
N GLY B 700 -3.91 -22.75 -3.21
CA GLY B 700 -3.36 -23.32 -4.43
C GLY B 700 -4.00 -24.65 -4.76
N TYR B 701 -3.96 -25.00 -6.02
CA TYR B 701 -4.49 -26.26 -6.49
C TYR B 701 -3.70 -26.66 -7.73
N PRO B 702 -3.29 -27.92 -7.86
CA PRO B 702 -2.52 -28.32 -9.05
C PRO B 702 -3.28 -28.21 -10.36
N LYS B 703 -2.75 -27.39 -11.26
CA LYS B 703 -3.31 -27.28 -12.60
C LYS B 703 -3.21 -28.60 -13.34
N ASP B 704 -2.08 -29.28 -13.20
CA ASP B 704 -1.89 -30.62 -13.73
C ASP B 704 -1.75 -31.60 -12.58
N LYS B 705 -2.54 -32.67 -12.63
CA LYS B 705 -2.77 -33.61 -11.56
C LYS B 705 -1.48 -34.28 -11.11
N PRO B 706 -1.17 -34.29 -9.81
CA PRO B 706 0.04 -34.96 -9.34
C PRO B 706 -0.08 -36.47 -9.51
N VAL B 707 0.87 -37.04 -10.22
CA VAL B 707 0.95 -38.49 -10.36
C VAL B 707 2.37 -38.90 -10.03
N ALA B 708 2.54 -40.16 -9.65
CA ALA B 708 3.87 -40.68 -9.45
C ALA B 708 4.62 -40.75 -10.77
N LEU B 709 5.95 -40.68 -10.69
CA LEU B 709 6.79 -40.84 -11.88
C LEU B 709 6.54 -42.19 -12.51
N SER B 710 6.54 -42.24 -13.83
CA SER B 710 6.23 -43.49 -14.51
C SER B 710 7.36 -44.50 -14.32
N ILE B 711 7.14 -45.69 -14.86
CA ILE B 711 8.07 -46.81 -14.62
C ILE B 711 9.41 -46.55 -15.31
N VAL B 712 9.37 -46.24 -16.61
CA VAL B 712 10.58 -45.91 -17.37
C VAL B 712 11.16 -44.60 -16.88
N GLN B 713 10.31 -43.65 -16.49
CA GLN B 713 10.80 -42.36 -16.01
C GLN B 713 11.61 -42.53 -14.73
N ALA B 714 11.12 -43.32 -13.80
CA ALA B 714 11.83 -43.50 -12.55
C ALA B 714 13.05 -44.37 -12.71
N ARG B 715 13.02 -45.31 -13.66
CA ARG B 715 14.24 -46.01 -14.03
C ARG B 715 15.32 -45.04 -14.50
N LEU B 716 14.95 -44.10 -15.37
CA LEU B 716 15.89 -43.10 -15.84
C LEU B 716 16.34 -42.17 -14.72
N VAL B 717 15.42 -41.75 -13.85
CA VAL B 717 15.75 -40.83 -12.76
C VAL B 717 16.71 -41.50 -11.77
N GLY B 718 16.42 -42.74 -11.39
CA GLY B 718 17.31 -43.46 -10.50
C GLY B 718 18.66 -43.75 -11.12
N LEU B 719 18.68 -44.03 -12.43
CA LEU B 719 19.95 -44.25 -13.10
C LEU B 719 20.78 -42.97 -13.19
N VAL B 720 20.12 -41.83 -13.45
CA VAL B 720 20.81 -40.55 -13.49
C VAL B 720 21.38 -40.21 -12.13
N HIS B 721 20.63 -40.49 -11.06
CA HIS B 721 21.11 -40.28 -9.70
C HIS B 721 22.29 -41.18 -9.36
N PHE B 722 22.18 -42.46 -9.71
CA PHE B 722 23.26 -43.41 -9.47
C PHE B 722 24.53 -42.97 -10.18
N THR B 723 24.39 -42.55 -11.43
CA THR B 723 25.51 -42.06 -12.22
C THR B 723 26.11 -40.80 -11.63
N VAL B 724 25.27 -39.81 -11.30
CA VAL B 724 25.78 -38.53 -10.80
C VAL B 724 26.48 -38.70 -9.46
N GLY B 725 25.91 -39.49 -8.55
CA GLY B 725 26.57 -39.78 -7.30
C GLY B 725 27.82 -40.62 -7.44
N TYR B 726 27.84 -41.57 -8.35
CA TYR B 726 29.00 -42.39 -8.63
C TYR B 726 30.15 -41.56 -9.20
N ILE B 727 29.85 -40.62 -10.08
CA ILE B 727 30.87 -39.72 -10.62
C ILE B 727 31.33 -38.72 -9.57
N ALA B 728 30.42 -38.18 -8.77
CA ALA B 728 30.79 -37.17 -7.78
C ALA B 728 31.65 -37.76 -6.67
N THR B 729 31.30 -38.93 -6.18
CA THR B 729 32.07 -39.58 -5.12
C THR B 729 33.50 -39.87 -5.57
N TYR B 730 33.64 -40.48 -6.75
CA TYR B 730 34.98 -40.84 -7.22
C TYR B 730 35.77 -39.62 -7.69
N GLY B 731 35.10 -38.62 -8.26
CA GLY B 731 35.81 -37.41 -8.62
C GLY B 731 36.32 -36.66 -7.41
N ALA B 732 35.53 -36.63 -6.34
CA ALA B 732 36.00 -36.02 -5.11
C ALA B 732 37.11 -36.83 -4.45
N PHE B 733 37.05 -38.15 -4.52
CA PHE B 733 38.10 -38.96 -3.90
C PHE B 733 39.39 -38.92 -4.70
N LEU B 734 39.32 -38.99 -6.02
CA LEU B 734 40.51 -38.99 -6.86
C LEU B 734 41.23 -37.65 -6.88
N ILE B 735 40.52 -36.53 -6.84
CA ILE B 735 41.18 -35.23 -6.76
C ILE B 735 41.78 -34.97 -5.39
N ALA B 736 41.17 -35.46 -4.32
CA ALA B 736 41.66 -35.22 -2.97
C ALA B 736 42.66 -36.25 -2.49
N SER B 737 42.59 -37.50 -2.95
CA SER B 737 43.60 -38.47 -2.55
C SER B 737 44.91 -38.25 -3.27
N THR B 738 44.88 -37.57 -4.42
CA THR B 738 46.08 -37.29 -5.18
C THR B 738 46.59 -35.88 -4.93
N GLY B 739 45.68 -34.91 -4.81
CA GLY B 739 46.09 -33.53 -4.60
C GLY B 739 46.56 -33.24 -3.19
N SER B 740 46.33 -34.16 -2.27
CA SER B 740 46.83 -34.03 -0.91
C SER B 740 48.17 -34.71 -0.71
N ARG B 741 48.31 -35.93 -1.23
CA ARG B 741 49.59 -36.64 -1.16
C ARG B 741 50.64 -35.93 -2.01
N PHE B 742 50.24 -35.45 -3.17
CA PHE B 742 51.14 -34.82 -4.13
C PHE B 742 50.55 -33.46 -4.51
N PRO B 743 50.63 -32.46 -3.56
CA PRO B 743 50.30 -31.03 -3.83
C PRO B 743 51.27 -30.37 -4.80
N SER C 2 -5.63 -42.25 -24.92
CA SER C 2 -6.31 -43.53 -24.79
C SER C 2 -5.43 -44.65 -25.29
N HIS C 3 -5.59 -45.83 -24.74
CA HIS C 3 -4.86 -46.99 -25.21
C HIS C 3 -5.57 -47.61 -26.40
N SER C 4 -4.84 -48.42 -27.16
CA SER C 4 -5.38 -49.13 -28.31
C SER C 4 -5.44 -50.60 -27.99
N VAL C 5 -6.63 -51.18 -28.02
CA VAL C 5 -6.82 -52.60 -27.78
C VAL C 5 -7.23 -53.25 -29.10
N LYS C 6 -6.38 -54.11 -29.62
CA LYS C 6 -6.55 -54.73 -30.93
C LYS C 6 -6.82 -56.22 -30.73
N ILE C 7 -7.77 -56.75 -31.49
CA ILE C 7 -8.15 -58.16 -31.42
C ILE C 7 -7.89 -58.78 -32.78
N TYR C 8 -7.18 -59.92 -32.78
CA TYR C 8 -6.70 -60.54 -34.00
C TYR C 8 -7.48 -61.82 -34.28
N ASP C 9 -7.30 -62.34 -35.50
CA ASP C 9 -8.19 -63.39 -35.97
C ASP C 9 -7.87 -64.76 -35.37
N THR C 10 -6.84 -64.85 -34.54
CA THR C 10 -6.57 -66.06 -33.76
C THR C 10 -7.48 -66.16 -32.55
N CYS C 11 -8.40 -65.22 -32.36
CA CYS C 11 -9.37 -65.26 -31.29
C CYS C 11 -10.26 -66.49 -31.42
N ILE C 12 -10.61 -67.08 -30.28
CA ILE C 12 -11.42 -68.29 -30.22
C ILE C 12 -12.71 -68.06 -29.47
N GLY C 13 -12.99 -66.82 -29.08
CA GLY C 13 -14.25 -66.48 -28.43
C GLY C 13 -14.47 -67.13 -27.08
N CYS C 14 -13.43 -67.21 -26.27
CA CYS C 14 -13.53 -67.84 -24.96
C CYS C 14 -14.13 -66.92 -23.90
N THR C 15 -14.25 -65.62 -24.19
CA THR C 15 -14.83 -64.52 -23.42
C THR C 15 -13.95 -64.11 -22.23
N GLN C 16 -12.79 -64.73 -22.03
CA GLN C 16 -12.05 -64.55 -20.79
C GLN C 16 -11.44 -63.16 -20.69
N CYS C 17 -11.12 -62.56 -21.82
CA CYS C 17 -10.66 -61.18 -21.84
C CYS C 17 -11.75 -60.22 -21.40
N VAL C 18 -12.98 -60.49 -21.81
CA VAL C 18 -14.11 -59.64 -21.46
C VAL C 18 -14.43 -59.75 -19.98
N ARG C 19 -14.30 -60.95 -19.43
CA ARG C 19 -14.60 -61.18 -18.03
C ARG C 19 -13.54 -60.59 -17.12
N ALA C 20 -12.32 -60.44 -17.61
CA ALA C 20 -11.20 -59.95 -16.83
C ALA C 20 -11.05 -58.44 -16.88
N CYS C 21 -11.82 -57.76 -17.71
CA CYS C 21 -11.66 -56.32 -17.86
C CYS C 21 -12.28 -55.60 -16.68
N PRO C 22 -11.52 -54.81 -15.92
CA PRO C 22 -12.09 -54.12 -14.77
C PRO C 22 -12.87 -52.86 -15.12
N THR C 23 -12.84 -52.41 -16.36
CA THR C 23 -13.37 -51.11 -16.70
C THR C 23 -14.38 -51.22 -17.84
N ASP C 24 -14.68 -52.44 -18.28
CA ASP C 24 -15.68 -52.73 -19.32
C ASP C 24 -15.32 -52.01 -20.63
N VAL C 25 -14.21 -52.43 -21.21
CA VAL C 25 -13.79 -51.96 -22.52
C VAL C 25 -14.22 -52.93 -23.61
N LEU C 26 -14.35 -54.20 -23.28
CA LEU C 26 -14.39 -55.30 -24.22
C LEU C 26 -15.80 -55.86 -24.22
N GLU C 27 -16.24 -56.38 -25.37
CA GLU C 27 -17.46 -57.17 -25.37
C GLU C 27 -17.36 -58.20 -26.50
N MET C 28 -18.32 -59.11 -26.57
CA MET C 28 -18.28 -60.15 -27.58
C MET C 28 -19.25 -59.83 -28.70
N VAL C 29 -18.82 -60.05 -29.94
CA VAL C 29 -19.62 -59.76 -31.13
C VAL C 29 -19.64 -61.03 -32.00
N PRO C 30 -20.71 -61.29 -32.74
CA PRO C 30 -20.75 -62.50 -33.58
C PRO C 30 -19.72 -62.46 -34.71
N TRP C 31 -19.12 -63.63 -34.98
CA TRP C 31 -18.03 -63.61 -35.95
C TRP C 31 -18.16 -64.64 -37.06
N ASP C 32 -18.50 -65.89 -36.73
CA ASP C 32 -18.37 -67.05 -37.63
C ASP C 32 -16.98 -67.13 -38.26
N GLY C 33 -15.96 -66.81 -37.46
CA GLY C 33 -14.58 -66.96 -37.87
C GLY C 33 -13.86 -67.96 -37.00
N CYS C 34 -14.54 -68.38 -35.94
CA CYS C 34 -14.15 -69.50 -35.10
C CYS C 34 -15.43 -70.24 -34.73
N ARG C 35 -15.27 -71.41 -34.10
CA ARG C 35 -16.42 -72.28 -33.89
C ARG C 35 -17.25 -71.87 -32.67
N ALA C 36 -16.73 -70.98 -31.84
CA ALA C 36 -17.57 -70.36 -30.81
C ALA C 36 -18.53 -69.34 -31.40
N GLY C 37 -18.24 -68.79 -32.57
CA GLY C 37 -19.10 -67.83 -33.22
C GLY C 37 -18.97 -66.41 -32.71
N GLN C 38 -17.99 -66.14 -31.87
CA GLN C 38 -17.79 -64.89 -31.16
C GLN C 38 -16.36 -64.41 -31.35
N ILE C 39 -16.18 -63.09 -31.28
CA ILE C 39 -14.85 -62.49 -31.22
C ILE C 39 -14.97 -61.26 -30.31
N ALA C 40 -13.88 -60.96 -29.60
CA ALA C 40 -13.87 -59.79 -28.75
C ALA C 40 -13.82 -58.51 -29.58
N ALA C 41 -14.28 -57.44 -28.97
CA ALA C 41 -14.21 -56.11 -29.56
C ALA C 41 -13.94 -55.12 -28.45
N SER C 42 -13.34 -54.00 -28.80
CA SER C 42 -12.96 -52.96 -27.84
C SER C 42 -13.48 -51.59 -28.26
N PRO C 43 -14.80 -51.32 -28.13
CA PRO C 43 -15.32 -49.98 -28.41
C PRO C 43 -15.04 -48.95 -27.35
N ARG C 44 -15.18 -49.31 -26.07
CA ARG C 44 -15.03 -48.33 -24.99
C ARG C 44 -13.58 -48.27 -24.55
N THR C 45 -12.69 -48.13 -25.53
CA THR C 45 -11.27 -48.11 -25.28
C THR C 45 -10.81 -46.77 -24.72
N GLU C 46 -11.69 -45.78 -24.70
CA GLU C 46 -11.46 -44.56 -23.93
C GLU C 46 -11.47 -44.83 -22.44
N ASP C 47 -12.06 -45.95 -22.00
CA ASP C 47 -12.07 -46.36 -20.62
C ASP C 47 -10.86 -47.19 -20.23
N CYS C 48 -10.08 -47.66 -21.20
CA CYS C 48 -8.98 -48.58 -20.92
C CYS C 48 -7.94 -47.93 -20.02
N VAL C 49 -7.64 -48.60 -18.92
CA VAL C 49 -6.59 -48.14 -18.02
C VAL C 49 -5.22 -48.69 -18.44
N GLY C 50 -5.16 -49.86 -19.03
CA GLY C 50 -3.91 -50.46 -19.43
C GLY C 50 -3.38 -51.54 -18.52
N CYS C 51 -4.26 -52.14 -17.71
CA CYS C 51 -3.83 -53.15 -16.74
C CYS C 51 -3.38 -54.43 -17.39
N LYS C 52 -3.83 -54.68 -18.63
CA LYS C 52 -3.51 -55.87 -19.43
C LYS C 52 -3.99 -57.16 -18.76
N ARG C 53 -5.07 -57.08 -17.99
CA ARG C 53 -5.72 -58.28 -17.47
C ARG C 53 -6.34 -59.09 -18.59
N CYS C 54 -6.81 -58.41 -19.64
CA CYS C 54 -7.34 -59.08 -20.81
C CYS C 54 -6.27 -59.91 -21.51
N GLU C 55 -5.03 -59.42 -21.53
CA GLU C 55 -3.94 -60.15 -22.14
C GLU C 55 -3.50 -61.32 -21.28
N THR C 56 -3.57 -61.17 -19.96
CA THR C 56 -3.27 -62.29 -19.07
C THR C 56 -4.32 -63.37 -19.19
N ALA C 57 -5.57 -63.01 -19.46
CA ALA C 57 -6.65 -63.96 -19.56
C ALA C 57 -6.70 -64.69 -20.91
N CYS C 58 -5.95 -64.24 -21.90
CA CYS C 58 -6.04 -64.81 -23.24
C CYS C 58 -5.27 -66.13 -23.31
N PRO C 59 -5.88 -67.21 -23.81
CA PRO C 59 -5.19 -68.50 -23.89
C PRO C 59 -4.41 -68.76 -25.16
N THR C 60 -4.60 -67.97 -26.22
CA THR C 60 -3.96 -68.27 -27.49
C THR C 60 -2.51 -67.82 -27.47
N ASP C 61 -1.67 -68.53 -28.22
CA ASP C 61 -0.24 -68.24 -28.33
C ASP C 61 0.08 -67.94 -29.80
N PHE C 62 0.40 -66.69 -30.13
CA PHE C 62 0.51 -65.56 -29.20
C PHE C 62 -0.86 -64.96 -28.94
N LEU C 63 -0.92 -63.89 -28.15
CA LEU C 63 -2.18 -63.32 -27.71
C LEU C 63 -3.02 -62.85 -28.88
N SER C 64 -4.31 -63.09 -28.78
CA SER C 64 -5.28 -62.58 -29.73
C SER C 64 -5.74 -61.18 -29.38
N ILE C 65 -5.33 -60.65 -28.25
CA ILE C 65 -5.67 -59.31 -27.82
C ILE C 65 -4.37 -58.62 -27.40
N ARG C 66 -4.11 -57.44 -27.95
CA ARG C 66 -2.97 -56.64 -27.52
C ARG C 66 -3.41 -55.24 -27.13
N VAL C 67 -2.86 -54.78 -26.01
CA VAL C 67 -3.08 -53.42 -25.54
C VAL C 67 -1.79 -52.66 -25.78
N TYR C 68 -1.91 -51.52 -26.44
CA TYR C 68 -0.81 -50.62 -26.70
C TYR C 68 -1.10 -49.35 -25.91
N LEU C 69 -0.32 -49.13 -24.86
CA LEU C 69 -0.48 -47.93 -24.04
C LEU C 69 -0.14 -46.69 -24.85
N GLY C 70 -1.06 -45.73 -24.87
CA GLY C 70 -0.97 -44.58 -25.73
C GLY C 70 -1.00 -43.29 -24.93
N ALA C 71 -1.69 -42.30 -25.48
CA ALA C 71 -1.85 -41.01 -24.83
C ALA C 71 -2.60 -41.18 -23.51
N GLU C 72 -2.04 -40.61 -22.45
CA GLU C 72 -2.64 -40.73 -21.13
C GLU C 72 -3.67 -39.63 -20.96
N THR C 73 -4.87 -40.04 -20.55
CA THR C 73 -5.96 -39.16 -20.18
C THR C 73 -6.19 -39.34 -18.68
N SER C 74 -7.17 -38.63 -18.13
CA SER C 74 -7.47 -38.79 -16.72
C SER C 74 -8.13 -40.13 -16.42
N ARG C 75 -8.74 -40.76 -17.43
CA ARG C 75 -9.34 -42.09 -17.28
C ARG C 75 -8.33 -43.21 -17.40
N SER C 76 -7.35 -43.08 -18.29
CA SER C 76 -6.36 -44.14 -18.46
C SER C 76 -5.30 -44.10 -17.37
N MET C 77 -5.15 -42.96 -16.69
CA MET C 77 -4.27 -42.86 -15.53
C MET C 77 -4.94 -43.33 -14.25
N GLY C 78 -6.22 -43.70 -14.30
CA GLY C 78 -6.94 -44.19 -13.15
C GLY C 78 -7.02 -43.22 -12.00
N LEU C 79 -7.33 -41.97 -12.28
CA LEU C 79 -7.29 -40.91 -11.28
C LEU C 79 -8.70 -40.61 -10.80
N ALA C 80 -8.93 -40.79 -9.51
CA ALA C 80 -10.15 -40.35 -8.86
C ALA C 80 -10.04 -38.91 -8.38
N TYR C 81 -8.89 -38.28 -8.57
CA TYR C 81 -8.73 -36.85 -8.32
C TYR C 81 -8.42 -36.15 -9.63
N ALA D 2 -32.95 -37.49 -11.30
CA ALA D 2 -33.44 -38.32 -12.39
C ALA D 2 -33.17 -39.79 -12.15
N LEU D 3 -32.15 -40.07 -11.33
CA LEU D 3 -31.81 -41.45 -11.01
C LEU D 3 -32.53 -41.89 -9.75
N THR D 4 -33.19 -43.04 -9.82
CA THR D 4 -33.97 -43.58 -8.71
C THR D 4 -33.12 -44.47 -7.82
N GLY D 5 -33.30 -44.33 -6.52
CA GLY D 5 -32.64 -45.19 -5.56
C GLY D 5 -32.25 -44.46 -4.30
N SER D 6 -32.27 -45.17 -3.19
CA SER D 6 -31.83 -44.65 -1.91
C SER D 6 -30.33 -44.85 -1.79
N MET D 7 -29.66 -43.83 -1.29
CA MET D 7 -28.23 -43.94 -1.03
C MET D 7 -28.00 -44.98 0.06
N PRO D 8 -27.03 -45.88 -0.09
CA PRO D 8 -26.78 -46.91 0.92
C PRO D 8 -26.38 -46.29 2.25
N LYS D 9 -26.76 -46.96 3.33
CA LYS D 9 -26.51 -46.47 4.67
C LYS D 9 -25.02 -46.57 4.98
N PHE D 10 -24.37 -45.43 5.14
CA PHE D 10 -22.93 -45.33 5.18
C PHE D 10 -22.57 -44.11 6.01
N GLY D 11 -21.52 -44.21 6.79
CA GLY D 11 -21.13 -43.11 7.63
C GLY D 11 -20.25 -42.07 7.00
N GLY D 12 -19.89 -42.25 5.74
CA GLY D 12 -18.94 -41.37 5.09
C GLY D 12 -17.51 -41.86 5.25
N SER D 13 -16.66 -41.42 4.33
CA SER D 13 -15.26 -41.81 4.37
C SER D 13 -14.42 -40.73 3.71
N THR D 14 -13.11 -40.83 3.89
CA THR D 14 -12.18 -39.98 3.15
C THR D 14 -11.91 -40.51 1.75
N GLY D 15 -12.40 -41.70 1.42
CA GLY D 15 -12.17 -42.32 0.14
C GLY D 15 -13.19 -41.98 -0.92
N GLY D 16 -14.10 -41.07 -0.63
CA GLY D 16 -15.19 -40.75 -1.52
C GLY D 16 -14.86 -39.69 -2.54
N LEU D 17 -15.88 -38.96 -2.96
CA LEU D 17 -15.77 -38.02 -4.06
C LEU D 17 -14.94 -36.81 -3.68
N LEU D 18 -14.17 -36.30 -4.63
CA LEU D 18 -13.30 -35.15 -4.50
C LEU D 18 -13.72 -34.12 -5.55
N THR D 19 -12.85 -33.14 -5.79
CA THR D 19 -13.15 -32.05 -6.71
C THR D 19 -13.40 -32.57 -8.13
N ALA D 20 -12.59 -33.53 -8.56
CA ALA D 20 -12.64 -34.02 -9.93
C ALA D 20 -13.95 -34.72 -10.25
N ALA D 21 -14.64 -35.18 -9.22
CA ALA D 21 -15.98 -35.73 -9.39
C ALA D 21 -16.93 -34.69 -9.94
N PHE D 22 -16.82 -33.46 -9.47
CA PHE D 22 -17.76 -32.42 -9.84
C PHE D 22 -17.23 -31.51 -10.94
N VAL D 23 -15.95 -31.58 -11.26
CA VAL D 23 -15.42 -30.76 -12.35
C VAL D 23 -15.07 -31.57 -13.61
N GLU D 24 -14.92 -32.89 -13.46
CA GLU D 24 -14.63 -33.73 -14.65
C GLU D 24 -15.79 -34.70 -14.91
N GLU D 25 -16.04 -35.62 -13.97
CA GLU D 25 -17.08 -36.64 -14.13
C GLU D 25 -17.23 -37.48 -12.88
N ARG D 26 -18.46 -37.92 -12.70
CA ARG D 26 -18.89 -38.81 -11.60
C ARG D 26 -19.58 -40.02 -12.24
N TYR D 27 -19.62 -41.12 -11.51
CA TYR D 27 -20.32 -42.30 -11.97
C TYR D 27 -21.34 -42.67 -10.90
N ALA D 28 -22.40 -43.33 -11.32
CA ALA D 28 -23.44 -43.78 -10.42
C ALA D 28 -23.73 -45.24 -10.73
N ILE D 29 -23.93 -46.03 -9.69
CA ILE D 29 -24.35 -47.42 -9.85
C ILE D 29 -25.65 -47.61 -9.08
N THR D 30 -26.64 -48.18 -9.75
CA THR D 30 -27.93 -48.49 -9.17
C THR D 30 -28.12 -49.99 -9.17
N TRP D 31 -28.72 -50.51 -8.11
CA TRP D 31 -29.01 -51.94 -8.06
C TRP D 31 -30.18 -52.18 -7.12
N THR D 32 -30.87 -53.29 -7.35
CA THR D 32 -31.97 -53.71 -6.48
C THR D 32 -31.50 -54.89 -5.64
N SER D 33 -31.69 -54.77 -4.34
CA SER D 33 -31.40 -55.84 -3.39
C SER D 33 -32.70 -56.34 -2.76
N SER D 34 -32.75 -57.64 -2.52
CA SER D 34 -33.92 -58.24 -1.89
C SER D 34 -33.92 -58.08 -0.38
N LYS D 35 -32.81 -57.68 0.22
CA LYS D 35 -32.75 -57.52 1.67
C LYS D 35 -31.71 -56.45 2.00
N GLU D 36 -31.87 -55.87 3.19
CA GLU D 36 -30.93 -54.88 3.69
C GLU D 36 -29.69 -55.60 4.23
N GLN D 37 -28.54 -55.36 3.60
CA GLN D 37 -27.37 -56.18 3.93
C GLN D 37 -26.09 -55.39 3.69
N VAL D 38 -25.02 -55.82 4.35
CA VAL D 38 -23.77 -55.08 4.37
C VAL D 38 -22.90 -55.51 3.19
N PHE D 39 -22.41 -54.53 2.44
CA PHE D 39 -21.40 -54.71 1.42
C PHE D 39 -20.18 -53.89 1.76
N GLU D 40 -19.12 -54.11 1.00
CA GLU D 40 -17.87 -53.38 1.14
C GLU D 40 -17.86 -52.26 0.12
N MET D 41 -17.66 -51.04 0.59
CA MET D 41 -17.47 -49.92 -0.30
C MET D 41 -16.15 -50.07 -1.05
N PRO D 42 -16.12 -49.76 -2.35
CA PRO D 42 -14.85 -49.75 -3.08
C PRO D 42 -13.91 -48.67 -2.63
N THR D 43 -14.42 -47.68 -1.89
CA THR D 43 -13.67 -46.59 -1.31
C THR D 43 -13.14 -46.92 0.09
N GLY D 44 -13.43 -48.12 0.60
CA GLY D 44 -12.96 -48.49 1.92
C GLY D 44 -14.04 -48.36 2.97
N GLY D 45 -14.26 -49.42 3.72
CA GLY D 45 -15.29 -49.44 4.73
C GLY D 45 -16.40 -50.40 4.37
N ALA D 46 -17.45 -50.39 5.21
CA ALA D 46 -18.61 -51.23 5.04
C ALA D 46 -19.86 -50.37 5.05
N ALA D 47 -20.68 -50.52 4.01
CA ALA D 47 -21.95 -49.83 3.95
C ALA D 47 -23.06 -50.87 3.93
N THR D 48 -24.30 -50.40 4.08
CA THR D 48 -25.47 -51.27 4.10
C THR D 48 -26.37 -50.88 2.95
N MET D 49 -26.66 -51.83 2.05
CA MET D 49 -27.63 -51.58 1.01
C MET D 49 -29.02 -51.79 1.59
N ASN D 50 -29.91 -50.88 1.19
CA ASN D 50 -31.31 -50.91 1.57
C ASN D 50 -32.04 -51.99 0.78
N GLU D 51 -33.14 -52.46 1.34
CA GLU D 51 -34.02 -53.33 0.57
C GLU D 51 -34.71 -52.50 -0.50
N GLY D 52 -34.67 -52.98 -1.74
CA GLY D 52 -35.17 -52.21 -2.84
C GLY D 52 -34.07 -51.61 -3.69
N GLU D 53 -34.28 -50.37 -4.13
CA GLU D 53 -33.43 -49.74 -5.13
C GLU D 53 -32.39 -48.87 -4.46
N ASN D 54 -31.13 -49.05 -4.83
CA ASN D 54 -29.97 -48.35 -4.28
C ASN D 54 -29.26 -47.59 -5.38
N LEU D 55 -28.73 -46.42 -5.03
CA LEU D 55 -28.01 -45.56 -5.95
C LEU D 55 -26.79 -45.01 -5.23
N LEU D 56 -25.61 -45.22 -5.79
CA LEU D 56 -24.36 -44.79 -5.18
C LEU D 56 -23.48 -44.08 -6.19
N GLU D 57 -22.99 -42.90 -5.84
CA GLU D 57 -22.06 -42.17 -6.69
C GLU D 57 -20.62 -42.47 -6.30
N LEU D 58 -19.82 -42.79 -7.32
CA LEU D 58 -18.43 -43.14 -7.17
C LEU D 58 -17.63 -42.27 -8.13
N ALA D 59 -16.31 -42.27 -7.94
CA ALA D 59 -15.45 -41.36 -8.68
C ALA D 59 -14.97 -41.93 -9.99
N ARG D 60 -14.87 -43.25 -10.09
CA ARG D 60 -14.32 -43.91 -11.26
C ARG D 60 -15.29 -44.99 -11.73
N LYS D 61 -15.19 -45.31 -13.02
CA LYS D 61 -15.96 -46.42 -13.56
C LYS D 61 -15.45 -47.75 -13.04
N GLU D 62 -14.16 -47.82 -12.74
CA GLU D 62 -13.58 -49.03 -12.18
C GLU D 62 -14.11 -49.31 -10.78
N GLN D 63 -14.40 -48.26 -10.00
CA GLN D 63 -15.00 -48.46 -8.69
C GLN D 63 -16.41 -49.00 -8.80
N CYS D 64 -17.18 -48.48 -9.77
CA CYS D 64 -18.57 -48.92 -10.00
C CYS D 64 -18.58 -50.37 -10.49
N LEU D 65 -17.56 -50.76 -11.24
CA LEU D 65 -17.47 -52.13 -11.79
C LEU D 65 -16.91 -53.08 -10.72
N ALA D 66 -16.08 -52.57 -9.79
CA ALA D 66 -15.64 -53.38 -8.67
C ALA D 66 -16.78 -53.66 -7.71
N LEU D 67 -17.60 -52.64 -7.43
CA LEU D 67 -18.81 -52.85 -6.64
C LEU D 67 -19.76 -53.82 -7.32
N GLY D 68 -19.96 -53.66 -8.63
CA GLY D 68 -20.86 -54.55 -9.35
C GLY D 68 -20.38 -55.99 -9.37
N ALA D 69 -19.06 -56.19 -9.50
CA ALA D 69 -18.50 -57.54 -9.43
C ALA D 69 -18.65 -58.12 -8.03
N GLN D 70 -18.57 -57.27 -7.00
CA GLN D 70 -18.84 -57.73 -5.65
C GLN D 70 -20.30 -58.12 -5.45
N LEU D 71 -21.21 -57.37 -6.05
CA LEU D 71 -22.64 -57.62 -5.90
C LEU D 71 -23.03 -58.97 -6.49
N ARG D 72 -22.47 -59.31 -7.65
CA ARG D 72 -22.87 -60.49 -8.39
C ARG D 72 -22.05 -61.72 -8.02
N THR D 73 -21.10 -61.59 -7.10
CA THR D 73 -20.30 -62.72 -6.65
C THR D 73 -20.28 -62.93 -5.15
N LYS D 74 -20.41 -61.90 -4.33
CA LYS D 74 -20.29 -62.07 -2.89
C LYS D 74 -21.63 -62.24 -2.19
N PHE D 75 -22.73 -62.25 -2.95
CA PHE D 75 -24.07 -62.28 -2.36
C PHE D 75 -24.86 -63.45 -2.92
N LYS D 76 -25.61 -64.10 -2.05
CA LYS D 76 -26.53 -65.17 -2.43
C LYS D 76 -27.92 -64.79 -1.94
N PRO D 77 -28.87 -64.45 -2.83
CA PRO D 77 -28.83 -64.45 -4.29
C PRO D 77 -28.02 -63.31 -4.89
N LYS D 78 -27.52 -63.53 -6.10
CA LYS D 78 -26.68 -62.57 -6.77
C LYS D 78 -27.48 -61.33 -7.17
N ILE D 79 -26.80 -60.18 -7.15
CA ILE D 79 -27.35 -58.93 -7.63
C ILE D 79 -26.72 -58.67 -8.99
N THR D 80 -27.47 -58.94 -10.04
CA THR D 80 -26.96 -58.80 -11.40
C THR D 80 -27.66 -57.70 -12.18
N ASP D 81 -28.54 -56.93 -11.55
CA ASP D 81 -29.33 -55.93 -12.24
C ASP D 81 -28.77 -54.52 -12.05
N TYR D 82 -27.49 -54.40 -11.73
CA TYR D 82 -26.90 -53.08 -11.52
C TYR D 82 -26.70 -52.37 -12.84
N LYS D 83 -26.85 -51.05 -12.82
CA LYS D 83 -26.69 -50.18 -13.97
C LYS D 83 -25.76 -49.05 -13.58
N ILE D 84 -24.81 -48.74 -14.45
CA ILE D 84 -23.79 -47.74 -14.20
C ILE D 84 -23.95 -46.62 -15.20
N TYR D 85 -23.95 -45.39 -14.69
CA TYR D 85 -24.21 -44.17 -15.43
C TYR D 85 -23.03 -43.24 -15.24
N ARG D 86 -22.75 -42.42 -16.24
CA ARG D 86 -21.72 -41.39 -16.14
C ARG D 86 -22.39 -40.03 -16.03
N ILE D 87 -22.06 -39.29 -14.98
CA ILE D 87 -22.65 -37.99 -14.68
C ILE D 87 -21.63 -36.92 -14.99
N PHE D 88 -22.05 -35.93 -15.75
CA PHE D 88 -21.23 -34.83 -16.22
C PHE D 88 -21.47 -33.57 -15.40
N PRO D 89 -20.54 -32.60 -15.40
CA PRO D 89 -20.69 -31.44 -14.51
C PRO D 89 -21.92 -30.59 -14.78
N ASN D 90 -22.47 -30.63 -15.99
CA ASN D 90 -23.71 -29.92 -16.25
C ASN D 90 -24.94 -30.67 -15.77
N GLY D 91 -24.77 -31.86 -15.20
CA GLY D 91 -25.87 -32.68 -14.75
C GLY D 91 -26.21 -33.82 -15.67
N GLU D 92 -25.68 -33.80 -16.89
CA GLU D 92 -26.02 -34.79 -17.91
C GLU D 92 -25.59 -36.18 -17.47
N THR D 93 -26.54 -37.09 -17.40
CA THR D 93 -26.31 -38.49 -17.04
C THR D 93 -26.38 -39.37 -18.29
N THR D 94 -25.42 -40.29 -18.39
CA THR D 94 -25.33 -41.15 -19.55
C THR D 94 -25.21 -42.60 -19.10
N PHE D 95 -26.15 -43.44 -19.53
CA PHE D 95 -26.16 -44.85 -19.21
C PHE D 95 -25.03 -45.55 -19.96
N ILE D 96 -24.04 -46.08 -19.23
CA ILE D 96 -22.90 -46.68 -19.90
C ILE D 96 -22.84 -48.19 -19.71
N HIS D 97 -23.15 -48.70 -18.51
CA HIS D 97 -23.04 -50.16 -18.28
C HIS D 97 -24.37 -50.74 -17.79
N PRO D 98 -24.98 -51.69 -18.52
CA PRO D 98 -24.40 -52.33 -19.71
C PRO D 98 -24.58 -51.51 -20.99
N ALA D 99 -23.49 -51.32 -21.74
CA ALA D 99 -23.46 -50.49 -22.97
C ALA D 99 -24.62 -50.84 -23.91
N ASP D 100 -24.84 -52.14 -24.15
CA ASP D 100 -25.94 -52.64 -25.04
C ASP D 100 -27.28 -52.53 -24.31
N GLY D 101 -27.76 -53.65 -23.79
CA GLY D 101 -28.43 -53.72 -22.47
C GLY D 101 -28.31 -55.10 -21.85
N VAL D 102 -27.52 -55.99 -22.49
CA VAL D 102 -27.30 -57.39 -22.02
C VAL D 102 -26.22 -57.35 -20.93
N PHE D 103 -25.00 -57.79 -21.27
CA PHE D 103 -23.81 -57.82 -20.38
C PHE D 103 -22.63 -58.25 -21.25
N PRO D 104 -21.70 -57.33 -21.52
CA PRO D 104 -20.56 -57.64 -22.39
C PRO D 104 -20.10 -59.10 -22.46
N GLU D 105 -20.25 -59.87 -21.38
CA GLU D 105 -19.73 -61.23 -21.43
C GLU D 105 -20.58 -62.14 -22.30
N LYS D 106 -21.83 -61.77 -22.55
CA LYS D 106 -22.68 -62.54 -23.45
C LYS D 106 -22.51 -62.01 -24.86
N VAL D 107 -23.20 -62.58 -25.83
CA VAL D 107 -23.06 -62.12 -27.21
C VAL D 107 -24.42 -61.66 -27.73
N ASN D 108 -24.49 -60.39 -28.09
CA ASN D 108 -25.71 -59.80 -28.60
C ASN D 108 -25.58 -59.59 -30.11
N GLU D 109 -26.67 -59.83 -30.83
CA GLU D 109 -26.73 -59.58 -32.27
C GLU D 109 -27.04 -58.11 -32.50
N GLY D 110 -26.00 -57.36 -32.87
CA GLY D 110 -26.16 -55.95 -33.14
C GLY D 110 -25.07 -55.07 -32.57
N ARG D 111 -24.11 -55.65 -31.87
CA ARG D 111 -23.05 -54.87 -31.21
C ARG D 111 -22.09 -54.25 -32.21
N GLY D 112 -21.40 -55.09 -32.99
CA GLY D 112 -20.52 -54.56 -34.01
C GLY D 112 -19.05 -54.50 -33.64
N TYR D 113 -18.20 -54.73 -34.63
CA TYR D 113 -16.76 -54.82 -34.45
C TYR D 113 -16.18 -53.45 -34.15
N SER D 114 -15.29 -53.37 -33.15
CA SER D 114 -14.68 -52.07 -32.86
C SER D 114 -13.20 -52.17 -32.54
N GLY D 115 -12.63 -53.37 -32.52
CA GLY D 115 -11.20 -53.48 -32.34
C GLY D 115 -10.57 -54.54 -33.21
N LYS D 116 -11.40 -55.19 -34.03
CA LYS D 116 -10.96 -56.36 -34.77
C LYS D 116 -9.99 -55.96 -35.87
N LYS D 117 -8.88 -56.71 -35.97
CA LYS D 117 -7.88 -56.55 -37.01
C LYS D 117 -7.66 -57.94 -37.59
N ASP D 118 -8.12 -58.16 -38.82
CA ASP D 118 -7.94 -59.48 -39.42
C ASP D 118 -6.47 -59.67 -39.77
N ARG D 119 -5.73 -60.17 -38.78
CA ARG D 119 -4.29 -60.49 -38.96
C ARG D 119 -3.99 -61.69 -38.07
N ARG D 120 -2.80 -61.70 -37.47
CA ARG D 120 -2.40 -62.81 -36.57
C ARG D 120 -1.20 -62.32 -35.78
N ILE D 121 -1.24 -61.06 -35.33
CA ILE D 121 -0.19 -60.35 -34.51
C ILE D 121 1.22 -60.36 -35.13
N GLY D 122 1.87 -61.51 -35.28
CA GLY D 122 3.21 -61.63 -35.87
C GLY D 122 3.28 -61.15 -37.32
N GLU D 123 2.24 -60.48 -37.83
CA GLU D 123 2.32 -59.98 -39.19
C GLU D 123 1.82 -58.54 -39.28
N ASN D 124 2.15 -57.73 -38.29
CA ASN D 124 1.94 -56.30 -38.45
C ASN D 124 3.00 -55.72 -39.38
N PRO D 125 2.71 -54.58 -40.05
CA PRO D 125 3.76 -53.91 -40.80
C PRO D 125 4.91 -53.43 -39.92
N ASN D 126 6.10 -53.96 -40.17
CA ASN D 126 7.27 -53.64 -39.38
C ASN D 126 7.61 -52.14 -39.49
N PRO D 127 7.98 -51.48 -38.37
CA PRO D 127 8.27 -50.04 -38.48
C PRO D 127 9.60 -49.76 -39.15
N ALA D 128 9.55 -49.51 -40.44
CA ALA D 128 10.58 -48.81 -41.18
C ALA D 128 9.87 -48.01 -42.25
N THR D 129 8.61 -48.37 -42.47
CA THR D 129 7.81 -47.95 -43.60
C THR D 129 6.74 -46.94 -43.24
N ILE D 130 6.40 -46.85 -41.96
CA ILE D 130 5.36 -45.97 -41.46
C ILE D 130 6.00 -44.88 -40.61
N LYS D 131 7.27 -44.57 -40.89
CA LYS D 131 8.08 -43.68 -40.07
C LYS D 131 7.50 -42.29 -39.93
N PHE D 132 7.54 -41.51 -41.01
CA PHE D 132 6.99 -40.16 -41.01
C PHE D 132 5.59 -40.21 -41.61
N SER D 133 4.70 -40.92 -40.93
CA SER D 133 3.33 -41.06 -41.38
C SER D 133 2.32 -40.72 -40.29
N GLY D 134 2.62 -41.09 -39.05
CA GLY D 134 1.69 -40.86 -37.96
C GLY D 134 1.07 -42.15 -37.45
N GLN D 135 0.83 -43.09 -38.36
CA GLN D 135 0.37 -44.41 -37.98
C GLN D 135 1.46 -45.19 -37.27
N ASN D 136 1.06 -46.01 -36.30
CA ASN D 136 1.98 -46.89 -35.60
C ASN D 136 1.44 -48.32 -35.58
N THR D 137 1.71 -49.07 -36.65
CA THR D 137 1.98 -50.51 -36.65
C THR D 137 0.79 -51.40 -36.30
N PHE D 138 -0.25 -50.82 -35.70
CA PHE D 138 -1.48 -51.56 -35.43
C PHE D 138 -2.67 -50.78 -35.93
N GLU D 139 -2.53 -49.45 -35.99
CA GLU D 139 -3.54 -48.59 -36.61
C GLU D 139 -3.23 -48.47 -38.09
N THR D 140 -3.23 -49.61 -38.77
CA THR D 140 -2.98 -49.70 -40.20
C THR D 140 -3.99 -50.65 -40.83
N ASP D 141 -3.75 -51.07 -42.07
CA ASP D 141 -4.77 -51.86 -42.75
C ASP D 141 -4.20 -53.08 -43.48
N MET D 142 -2.89 -53.12 -43.72
CA MET D 142 -2.31 -54.19 -44.52
C MET D 142 -1.74 -55.28 -43.61
N LYS D 143 -1.08 -56.28 -44.19
CA LYS D 143 -0.45 -57.35 -43.43
C LYS D 143 0.86 -57.81 -44.07
N SER D 144 1.98 -57.50 -43.44
CA SER D 144 3.27 -57.97 -43.95
C SER D 144 3.94 -58.91 -42.95
N VAL E 2 -3.00 -83.33 -42.84
CA VAL E 2 -2.96 -83.26 -41.38
C VAL E 2 -4.27 -83.72 -40.77
N GLN E 3 -4.21 -84.81 -40.01
CA GLN E 3 -5.33 -85.26 -39.21
C GLN E 3 -4.80 -85.77 -37.88
N ARG E 4 -5.72 -86.19 -37.01
CA ARG E 4 -5.45 -86.48 -35.60
C ARG E 4 -4.33 -87.51 -35.40
N GLY E 5 -3.31 -87.13 -34.64
CA GLY E 5 -2.17 -87.99 -34.35
C GLY E 5 -0.90 -87.61 -35.08
N SER E 6 -0.98 -86.79 -36.11
CA SER E 6 0.19 -86.46 -36.92
C SER E 6 1.07 -85.47 -36.17
N LYS E 7 2.35 -85.82 -35.99
CA LYS E 7 3.29 -84.87 -35.40
C LYS E 7 3.61 -83.79 -36.43
N VAL E 8 3.52 -82.53 -36.01
CA VAL E 8 3.72 -81.39 -36.90
C VAL E 8 4.73 -80.43 -36.31
N ARG E 9 5.49 -79.79 -37.18
CA ARG E 9 6.42 -78.73 -36.84
C ARG E 9 5.77 -77.39 -37.16
N ILE E 10 5.90 -76.44 -36.24
CA ILE E 10 5.19 -75.17 -36.31
C ILE E 10 5.98 -74.19 -37.18
N LEU E 11 5.26 -73.49 -38.07
CA LEU E 11 5.87 -72.48 -38.92
C LEU E 11 5.42 -71.08 -38.55
N ARG E 12 4.91 -70.87 -37.34
CA ARG E 12 4.42 -69.57 -36.91
C ARG E 12 5.51 -68.87 -36.11
N PRO E 13 6.06 -67.76 -36.60
CA PRO E 13 7.19 -67.12 -35.91
C PRO E 13 6.88 -66.62 -34.50
N GLU E 14 5.66 -66.17 -34.24
CA GLU E 14 5.29 -65.63 -32.95
C GLU E 14 4.87 -66.69 -31.95
N SER E 15 4.82 -67.96 -32.36
CA SER E 15 4.43 -69.03 -31.49
C SER E 15 5.57 -69.38 -30.54
N TYR E 16 5.20 -69.80 -29.33
CA TYR E 16 6.20 -70.24 -28.36
C TYR E 16 6.94 -71.48 -28.85
N TRP E 17 6.24 -72.32 -29.60
CA TRP E 17 6.78 -73.59 -30.09
C TRP E 17 7.16 -73.50 -31.56
N PHE E 18 7.69 -72.36 -31.99
CA PHE E 18 8.19 -72.22 -33.36
C PHE E 18 9.33 -73.21 -33.57
N ARG E 19 9.28 -73.92 -34.70
CA ARG E 19 10.22 -74.99 -35.03
C ARG E 19 10.24 -76.08 -33.96
N GLU E 20 9.07 -76.44 -33.47
CA GLU E 20 8.93 -77.52 -32.49
C GLU E 20 7.84 -78.48 -32.93
N VAL E 21 7.95 -79.71 -32.44
CA VAL E 21 7.07 -80.79 -32.85
C VAL E 21 5.96 -80.97 -31.81
N GLY E 22 4.72 -80.90 -32.27
CA GLY E 22 3.58 -81.14 -31.42
C GLY E 22 2.59 -82.05 -32.11
N SER E 23 1.78 -82.74 -31.30
CA SER E 23 0.85 -83.74 -31.82
C SER E 23 -0.50 -83.10 -32.13
N VAL E 24 -1.06 -83.43 -33.29
CA VAL E 24 -2.39 -82.92 -33.63
C VAL E 24 -3.44 -83.64 -32.80
N ALA E 25 -4.30 -82.86 -32.14
CA ALA E 25 -5.34 -83.39 -31.27
C ALA E 25 -6.63 -83.61 -32.05
N SER E 26 -7.07 -82.61 -32.80
CA SER E 26 -8.31 -82.69 -33.56
C SER E 26 -8.30 -81.59 -34.61
N VAL E 27 -8.78 -81.92 -35.80
CA VAL E 27 -8.94 -80.95 -36.88
C VAL E 27 -10.41 -80.66 -37.05
N ASP E 28 -10.75 -79.38 -37.15
CA ASP E 28 -12.13 -78.92 -37.26
C ASP E 28 -12.48 -78.75 -38.74
N GLN E 29 -13.56 -79.39 -39.17
CA GLN E 29 -14.00 -79.32 -40.54
C GLN E 29 -15.10 -78.29 -40.75
N SER E 30 -15.14 -77.27 -39.90
CA SER E 30 -16.16 -76.23 -39.93
C SER E 30 -15.78 -75.05 -40.80
N GLY E 31 -14.63 -75.10 -41.47
CA GLY E 31 -14.22 -74.00 -42.32
C GLY E 31 -13.72 -72.77 -41.59
N ILE E 32 -13.19 -72.96 -40.38
CA ILE E 32 -12.67 -71.85 -39.59
C ILE E 32 -11.21 -71.58 -40.01
N LYS E 33 -10.69 -70.43 -39.58
CA LYS E 33 -9.39 -69.97 -40.08
C LYS E 33 -8.24 -70.81 -39.53
N TYR E 34 -8.30 -71.17 -38.25
CA TYR E 34 -7.29 -72.00 -37.60
C TYR E 34 -7.94 -73.26 -37.05
N PRO E 35 -8.13 -74.28 -37.88
CA PRO E 35 -8.90 -75.45 -37.44
C PRO E 35 -8.09 -76.48 -36.67
N VAL E 36 -6.78 -76.57 -36.90
CA VAL E 36 -6.00 -77.65 -36.32
C VAL E 36 -5.65 -77.31 -34.87
N VAL E 37 -5.91 -78.24 -33.96
CA VAL E 37 -5.50 -78.10 -32.58
C VAL E 37 -4.21 -78.91 -32.42
N VAL E 38 -3.13 -78.26 -32.02
CA VAL E 38 -1.87 -78.94 -31.77
C VAL E 38 -1.56 -78.83 -30.28
N ARG E 39 -1.12 -79.94 -29.69
CA ARG E 39 -0.79 -80.03 -28.28
C ARG E 39 0.69 -80.36 -28.12
N PHE E 40 1.30 -79.73 -27.13
CA PHE E 40 2.75 -79.77 -26.95
C PHE E 40 3.09 -80.36 -25.59
N SER E 41 4.22 -81.06 -25.56
CA SER E 41 4.71 -81.60 -24.29
C SER E 41 5.42 -80.55 -23.47
N LYS E 42 5.60 -79.35 -24.02
CA LYS E 42 6.34 -78.28 -23.38
C LYS E 42 5.44 -77.04 -23.29
N VAL E 43 5.25 -76.52 -22.08
CA VAL E 43 4.24 -75.50 -21.87
C VAL E 43 4.83 -74.14 -22.24
N ASN E 44 3.97 -73.17 -22.54
CA ASN E 44 4.47 -71.84 -22.90
C ASN E 44 4.65 -71.01 -21.63
N TYR E 45 4.86 -69.70 -21.79
CA TYR E 45 5.08 -68.84 -20.63
C TYR E 45 3.79 -68.62 -19.85
N ALA E 46 2.65 -68.56 -20.54
CA ALA E 46 1.39 -68.30 -19.88
C ALA E 46 0.81 -69.53 -19.17
N GLY E 47 1.39 -70.70 -19.37
CA GLY E 47 0.87 -71.90 -18.77
C GLY E 47 -0.07 -72.69 -19.64
N VAL E 48 0.12 -72.66 -20.95
CA VAL E 48 -0.79 -73.26 -21.91
C VAL E 48 0.02 -74.17 -22.83
N ASN E 49 -0.44 -75.41 -23.01
CA ASN E 49 0.32 -76.39 -23.80
C ASN E 49 -0.39 -76.81 -25.08
N THR E 50 -1.34 -76.02 -25.58
CA THR E 50 -1.99 -76.35 -26.84
C THR E 50 -2.45 -75.07 -27.52
N ASN E 51 -2.69 -75.16 -28.83
CA ASN E 51 -2.99 -73.97 -29.62
C ASN E 51 -3.60 -74.34 -30.95
N ASN E 52 -4.37 -73.41 -31.52
CA ASN E 52 -4.99 -73.62 -32.82
C ASN E 52 -4.11 -73.02 -33.90
N PHE E 53 -3.75 -73.82 -34.89
CA PHE E 53 -2.96 -73.43 -36.05
C PHE E 53 -3.72 -73.75 -37.34
N SER E 54 -3.39 -73.01 -38.40
CA SER E 54 -3.81 -73.36 -39.74
C SER E 54 -3.01 -74.55 -40.24
N GLU E 55 -3.48 -75.15 -41.33
CA GLU E 55 -2.73 -76.21 -41.98
C GLU E 55 -1.53 -75.67 -42.74
N ALA E 56 -1.58 -74.40 -43.16
CA ALA E 56 -0.50 -73.79 -43.92
C ALA E 56 0.72 -73.47 -43.08
N GLU E 57 0.60 -73.44 -41.76
CA GLU E 57 1.73 -73.19 -40.86
C GLU E 57 2.13 -74.43 -40.09
N LEU E 58 1.96 -75.61 -40.71
CA LEU E 58 2.35 -76.87 -40.12
C LEU E 58 3.12 -77.68 -41.15
N VAL E 59 4.07 -78.47 -40.69
CA VAL E 59 4.78 -79.41 -41.55
C VAL E 59 4.75 -80.77 -40.89
N GLU E 60 4.18 -81.77 -41.57
CA GLU E 60 4.11 -83.12 -41.01
C GLU E 60 5.51 -83.73 -40.91
N VAL E 61 5.82 -84.26 -39.73
CA VAL E 61 7.08 -84.97 -39.50
C VAL E 61 6.87 -86.41 -39.08
N GLU E 62 5.64 -86.80 -38.72
CA GLU E 62 5.28 -88.18 -38.42
C GLU E 62 3.81 -88.37 -38.75
N ALA E 63 3.53 -89.16 -39.83
CA ALA E 63 2.20 -89.77 -40.10
C ALA E 63 1.75 -90.65 -38.92
N PRO E 64 0.49 -90.57 -38.52
CA PRO E 64 0.00 -91.33 -37.35
C PRO E 64 0.03 -92.83 -37.62
N PRO E 65 0.48 -93.62 -36.63
CA PRO E 65 0.42 -95.08 -36.70
C PRO E 65 -0.78 -95.64 -35.94
N PRO F 39 64.53 -69.38 -8.80
CA PRO F 39 63.96 -70.48 -8.03
C PRO F 39 63.68 -70.10 -6.57
N CYS F 40 62.76 -70.82 -5.93
CA CYS F 40 62.40 -70.51 -4.56
C CYS F 40 63.47 -70.96 -3.56
N ALA F 41 64.28 -71.95 -3.91
CA ALA F 41 65.32 -72.41 -3.00
C ALA F 41 66.42 -71.37 -2.82
N SER F 42 66.78 -70.66 -3.89
CA SER F 42 67.83 -69.67 -3.87
C SER F 42 67.32 -68.24 -3.77
N SER F 43 66.03 -68.06 -3.52
CA SER F 43 65.45 -66.72 -3.48
C SER F 43 65.83 -66.03 -2.17
N PRO F 44 66.44 -64.85 -2.20
CA PRO F 44 66.87 -64.21 -0.94
C PRO F 44 65.72 -63.65 -0.11
N ALA F 45 64.58 -63.33 -0.71
CA ALA F 45 63.44 -62.81 0.02
C ALA F 45 62.47 -63.88 0.48
N PHE F 46 62.62 -65.12 -0.01
CA PHE F 46 61.71 -66.20 0.34
C PHE F 46 62.08 -66.84 1.67
N ASN F 47 63.25 -66.52 2.22
CA ASN F 47 63.70 -67.09 3.47
C ASN F 47 63.29 -66.26 4.70
N GLU F 48 62.79 -65.04 4.50
CA GLU F 48 62.25 -64.30 5.63
C GLU F 48 60.83 -64.70 5.99
N ARG F 49 60.18 -65.52 5.16
CA ARG F 49 58.99 -66.25 5.56
C ARG F 49 59.28 -67.70 5.91
N MET F 50 60.50 -68.19 5.60
CA MET F 50 60.96 -69.51 6.03
C MET F 50 61.20 -69.55 7.52
N GLN F 51 62.12 -68.72 8.00
CA GLN F 51 62.75 -68.87 9.30
C GLN F 51 62.12 -67.98 10.35
N ASN F 52 60.96 -67.40 10.03
CA ASN F 52 60.14 -66.72 11.02
C ASN F 52 58.67 -66.87 10.66
N ALA F 53 58.04 -67.93 11.15
CA ALA F 53 56.64 -68.24 10.88
C ALA F 53 56.19 -69.31 11.87
N PRO F 54 54.90 -69.40 12.16
CA PRO F 54 54.38 -70.54 12.91
C PRO F 54 54.68 -71.85 12.19
N GLU F 55 55.03 -72.89 12.94
CA GLU F 55 55.34 -74.17 12.32
C GLU F 55 54.07 -74.95 12.01
N GLY F 56 53.38 -75.41 13.05
CA GLY F 56 52.11 -76.10 12.89
C GLY F 56 52.20 -77.34 12.01
N TYR F 57 51.15 -77.54 11.21
CA TYR F 57 51.11 -78.59 10.19
C TYR F 57 50.51 -78.00 8.91
N TYR F 58 50.81 -76.72 8.68
CA TYR F 58 50.29 -75.99 7.54
C TYR F 58 51.40 -75.13 6.94
N PHE F 59 52.54 -75.09 7.62
CA PHE F 59 53.69 -74.31 7.19
C PHE F 59 54.95 -75.16 7.21
N ASP F 60 54.91 -76.30 7.91
CA ASP F 60 56.09 -77.15 8.02
C ASP F 60 56.18 -78.18 6.91
N THR F 61 55.05 -78.82 6.59
CA THR F 61 55.00 -79.85 5.51
C THR F 61 54.45 -79.23 4.22
N PRO F 62 54.52 -77.89 4.10
CA PRO F 62 54.02 -77.19 2.92
C PRO F 62 55.03 -76.16 2.39
N TYR F 63 55.91 -75.64 3.26
CA TYR F 63 56.94 -74.65 2.87
C TYR F 63 58.09 -75.36 2.16
N GLN F 64 58.23 -76.68 2.37
CA GLN F 64 59.29 -77.49 1.74
C GLN F 64 58.92 -77.77 0.27
N SER F 65 58.23 -78.89 0.02
CA SER F 65 57.86 -79.27 -1.35
C SER F 65 57.59 -78.04 -2.20
N TYR F 66 57.02 -76.99 -1.60
CA TYR F 66 56.79 -75.75 -2.32
C TYR F 66 58.10 -75.11 -2.77
N ALA F 67 59.02 -74.90 -1.83
CA ALA F 67 60.27 -74.20 -2.11
C ALA F 67 61.17 -75.00 -3.04
N ALA F 68 61.09 -76.33 -2.98
CA ALA F 68 61.88 -77.17 -3.88
C ALA F 68 61.48 -76.95 -5.34
N ASN F 69 60.17 -76.84 -5.61
CA ASN F 69 59.65 -76.89 -6.97
C ASN F 69 58.71 -75.72 -7.30
N LEU F 70 59.07 -74.49 -6.93
CA LEU F 70 58.33 -73.31 -7.34
C LEU F 70 59.28 -72.25 -7.89
N LEU F 71 58.70 -71.15 -8.36
CA LEU F 71 59.45 -70.04 -8.95
C LEU F 71 58.97 -68.76 -8.28
N CYS F 72 59.78 -68.23 -7.36
CA CYS F 72 59.44 -66.99 -6.66
C CYS F 72 60.11 -65.80 -7.34
N GLY F 73 59.52 -64.63 -7.14
CA GLY F 73 60.04 -63.41 -7.71
C GLY F 73 60.95 -62.65 -6.76
N ALA F 74 60.53 -61.45 -6.37
CA ALA F 74 61.30 -60.61 -5.45
C ALA F 74 60.62 -60.37 -4.11
N GLU F 75 59.34 -60.73 -3.96
CA GLU F 75 58.60 -60.53 -2.72
C GLU F 75 58.54 -61.79 -1.87
N GLY F 76 59.30 -62.83 -2.24
CA GLY F 76 59.22 -64.10 -1.53
C GLY F 76 57.89 -64.78 -1.67
N LEU F 77 57.31 -64.77 -2.86
CA LEU F 77 55.99 -65.33 -3.10
C LEU F 77 56.04 -66.25 -4.31
N PRO F 78 55.57 -67.49 -4.21
CA PRO F 78 55.50 -68.37 -5.39
C PRO F 78 54.57 -67.82 -6.46
N HIS F 79 55.09 -67.69 -7.68
CA HIS F 79 54.33 -67.21 -8.83
C HIS F 79 54.11 -68.37 -9.78
N GLN F 80 52.84 -68.60 -10.15
CA GLN F 80 52.50 -69.67 -11.07
C GLN F 80 52.94 -69.31 -12.49
N GLN F 81 54.01 -69.95 -12.95
CA GLN F 81 54.55 -69.66 -14.27
C GLN F 81 53.92 -70.56 -15.32
N LEU F 82 54.06 -70.14 -16.59
CA LEU F 82 53.58 -70.92 -17.74
C LEU F 82 54.73 -71.02 -18.75
N ARG F 83 55.57 -72.04 -18.56
CA ARG F 83 56.72 -72.26 -19.43
C ARG F 83 56.79 -73.72 -19.85
N PHE F 84 57.92 -74.12 -20.43
CA PHE F 84 58.13 -75.52 -20.80
C PHE F 84 58.29 -76.43 -19.60
N ASP F 85 58.82 -75.92 -18.48
CA ASP F 85 58.86 -76.70 -17.26
C ASP F 85 57.47 -76.80 -16.62
N ARG F 86 56.61 -75.81 -16.87
CA ARG F 86 55.25 -75.87 -16.35
C ARG F 86 54.33 -76.71 -17.21
N ALA F 87 54.77 -77.11 -18.42
CA ALA F 87 53.95 -77.90 -19.32
C ALA F 87 53.55 -79.23 -18.71
N ILE F 88 54.48 -79.88 -18.02
CA ILE F 88 54.17 -81.10 -17.27
C ILE F 88 53.89 -80.78 -15.81
N ASP F 89 53.71 -79.50 -15.47
CA ASP F 89 53.22 -79.09 -14.16
C ASP F 89 51.77 -78.60 -14.22
N VAL F 90 51.41 -77.77 -15.20
CA VAL F 90 50.06 -77.24 -15.28
C VAL F 90 49.09 -78.19 -15.96
N LEU F 91 49.56 -79.34 -16.44
CA LEU F 91 48.65 -80.31 -17.05
C LEU F 91 47.79 -81.01 -16.00
N ILE F 92 48.33 -81.24 -14.81
CA ILE F 92 47.56 -81.92 -13.75
C ILE F 92 46.48 -81.03 -13.14
N PRO F 93 46.61 -79.65 -13.04
CA PRO F 93 45.38 -78.89 -12.75
C PRO F 93 44.44 -78.78 -13.95
N PHE F 94 44.99 -78.51 -15.13
CA PHE F 94 44.16 -78.16 -16.28
C PHE F 94 43.50 -79.39 -16.89
N GLY F 95 44.32 -80.40 -17.23
CA GLY F 95 43.78 -81.58 -17.90
C GLY F 95 42.98 -82.50 -17.01
N ILE F 96 43.32 -82.58 -15.72
CA ILE F 96 42.59 -83.48 -14.84
C ILE F 96 41.31 -82.83 -14.33
N PHE F 97 41.22 -81.50 -14.33
CA PHE F 97 39.93 -80.89 -14.11
C PHE F 97 38.99 -81.08 -15.29
N PHE F 98 39.53 -81.09 -16.51
CA PHE F 98 38.69 -81.27 -17.69
C PHE F 98 37.98 -82.62 -17.66
N TYR F 99 38.65 -83.65 -17.15
CA TYR F 99 38.03 -84.96 -17.06
C TYR F 99 36.85 -84.97 -16.09
N VAL F 100 37.02 -84.41 -14.89
CA VAL F 100 35.94 -84.46 -13.90
C VAL F 100 34.81 -83.52 -14.29
N ALA F 101 35.13 -82.38 -14.92
CA ALA F 101 34.10 -81.47 -15.41
C ALA F 101 33.29 -82.11 -16.54
N GLY F 102 33.97 -82.79 -17.47
CA GLY F 102 33.25 -83.51 -18.51
C GLY F 102 32.49 -84.71 -17.97
N PHE F 103 33.01 -85.34 -16.91
CA PHE F 103 32.27 -86.37 -16.21
C PHE F 103 30.94 -85.86 -15.68
N ILE F 104 30.97 -84.72 -15.00
CA ILE F 104 29.74 -84.13 -14.47
C ILE F 104 28.81 -83.73 -15.60
N GLY F 105 29.35 -83.12 -16.66
CA GLY F 105 28.52 -82.70 -17.77
C GLY F 105 27.95 -83.85 -18.59
N TRP F 106 28.63 -84.99 -18.62
CA TRP F 106 28.15 -86.13 -19.39
C TRP F 106 27.24 -87.03 -18.57
N SER F 107 27.45 -87.07 -17.25
CA SER F 107 26.49 -87.71 -16.36
C SER F 107 25.19 -86.92 -16.33
N GLY F 108 25.27 -85.59 -16.37
CA GLY F 108 24.08 -84.78 -16.47
C GLY F 108 23.41 -84.85 -17.83
N ARG F 109 24.14 -85.32 -18.84
CA ARG F 109 23.56 -85.50 -20.17
C ARG F 109 22.90 -86.88 -20.31
N ALA F 110 23.66 -87.93 -20.02
CA ALA F 110 23.19 -89.29 -20.24
C ALA F 110 22.07 -89.68 -19.29
N TYR F 111 22.00 -89.04 -18.12
CA TYR F 111 20.85 -89.20 -17.25
C TYR F 111 19.62 -88.51 -17.81
N LEU F 112 19.79 -87.46 -18.60
CA LEU F 112 18.70 -86.57 -18.94
C LEU F 112 18.19 -86.78 -20.36
N ILE F 113 18.94 -87.49 -21.20
CA ILE F 113 18.41 -87.93 -22.49
C ILE F 113 17.45 -89.10 -22.31
N SER F 114 17.70 -89.98 -21.35
CA SER F 114 16.84 -91.12 -21.06
C SER F 114 15.73 -90.74 -20.09
N SER F 115 14.98 -89.69 -20.43
CA SER F 115 13.88 -89.22 -19.59
C SER F 115 12.85 -88.48 -20.45
N PRO F 121 7.90 -87.11 -17.83
CA PRO F 121 9.36 -87.10 -17.71
C PRO F 121 9.85 -86.04 -16.74
N GLU F 122 8.93 -85.32 -16.11
CA GLU F 122 9.27 -84.23 -15.21
C GLU F 122 9.37 -84.68 -13.76
N GLU F 123 9.52 -85.98 -13.51
CA GLU F 123 9.70 -86.49 -12.16
C GLU F 123 11.09 -87.05 -11.91
N THR F 124 11.89 -87.24 -12.96
CA THR F 124 13.26 -87.73 -12.78
C THR F 124 14.23 -86.63 -12.39
N GLU F 125 13.87 -85.36 -12.58
CA GLU F 125 14.68 -84.25 -12.13
C GLU F 125 14.40 -83.92 -10.66
N ILE F 126 13.16 -84.09 -10.22
CA ILE F 126 12.82 -83.96 -8.82
C ILE F 126 13.43 -85.09 -8.02
N PHE F 127 13.10 -86.31 -8.39
CA PHE F 127 13.44 -87.52 -7.64
C PHE F 127 14.48 -88.24 -8.48
N ILE F 128 15.75 -88.01 -8.15
CA ILE F 128 16.85 -88.56 -8.95
C ILE F 128 16.80 -90.07 -8.90
N ASP F 129 16.52 -90.67 -10.06
CA ASP F 129 16.43 -92.13 -10.20
C ASP F 129 17.84 -92.68 -10.06
N VAL F 130 18.13 -93.31 -8.92
CA VAL F 130 19.47 -93.74 -8.59
C VAL F 130 19.97 -94.83 -9.55
N ALA F 131 19.08 -95.66 -10.09
CA ALA F 131 19.50 -96.70 -11.03
C ALA F 131 19.96 -96.10 -12.35
N LEU F 132 19.16 -95.18 -12.92
CA LEU F 132 19.58 -94.53 -14.15
C LEU F 132 20.74 -93.56 -13.89
N ALA F 133 20.84 -93.02 -12.68
CA ALA F 133 22.01 -92.22 -12.31
C ALA F 133 23.29 -93.06 -12.32
N ILE F 134 23.23 -94.28 -11.77
CA ILE F 134 24.39 -95.18 -11.81
C ILE F 134 24.67 -95.61 -13.24
N LYS F 135 23.63 -95.80 -14.05
CA LYS F 135 23.81 -96.14 -15.46
C LYS F 135 24.49 -95.02 -16.24
N SER F 136 24.21 -93.76 -15.90
CA SER F 136 24.83 -92.62 -16.56
C SER F 136 26.16 -92.22 -15.91
N PHE F 137 26.47 -92.75 -14.73
CA PHE F 137 27.78 -92.62 -14.13
C PHE F 137 28.77 -93.63 -14.67
N VAL F 138 28.34 -94.88 -14.85
CA VAL F 138 29.20 -95.92 -15.41
C VAL F 138 29.60 -95.57 -16.84
N GLN F 139 28.64 -95.08 -17.63
CA GLN F 139 28.96 -94.56 -18.95
C GLN F 139 29.65 -93.21 -18.85
N GLY F 140 29.41 -92.45 -17.78
CA GLY F 140 30.05 -91.16 -17.60
C GLY F 140 31.52 -91.24 -17.27
N LEU F 141 31.99 -92.39 -16.77
CA LEU F 141 33.41 -92.57 -16.48
C LEU F 141 34.26 -92.40 -17.73
N LEU F 142 33.92 -93.16 -18.78
CA LEU F 142 34.66 -93.09 -20.07
C LEU F 142 33.89 -92.17 -21.03
N TRP F 143 33.55 -90.96 -20.58
CA TRP F 143 32.77 -89.99 -21.39
C TRP F 143 33.64 -89.38 -22.49
N PRO F 144 34.96 -89.39 -22.30
CA PRO F 144 35.87 -88.80 -23.29
C PRO F 144 35.70 -89.50 -24.65
N LEU F 145 35.60 -90.83 -24.64
CA LEU F 145 35.42 -91.62 -25.88
C LEU F 145 34.01 -91.38 -26.44
N LEU F 146 33.00 -91.50 -25.59
CA LEU F 146 31.61 -91.31 -26.01
C LEU F 146 31.40 -89.94 -26.63
N ALA F 147 32.12 -88.92 -26.15
CA ALA F 147 31.95 -87.57 -26.69
C ALA F 147 32.44 -87.47 -28.13
N VAL F 148 33.54 -88.14 -28.47
CA VAL F 148 33.99 -88.17 -29.86
C VAL F 148 33.23 -89.20 -30.67
N LYS F 149 32.48 -90.09 -30.02
CA LYS F 149 31.55 -90.97 -30.71
C LYS F 149 30.15 -90.37 -30.85
N GLU F 150 30.03 -89.04 -30.73
CA GLU F 150 28.74 -88.38 -30.93
C GLU F 150 28.86 -87.28 -31.97
N LEU F 151 30.00 -86.60 -32.01
CA LEU F 151 30.19 -85.50 -32.96
C LEU F 151 30.25 -86.00 -34.40
N THR F 152 30.97 -87.09 -34.63
CA THR F 152 31.08 -87.64 -35.98
C THR F 152 29.78 -88.30 -36.43
N THR F 153 29.05 -88.91 -35.50
CA THR F 153 27.77 -89.52 -35.82
C THR F 153 26.66 -88.50 -35.99
N GLY F 154 26.87 -87.26 -35.55
CA GLY F 154 25.85 -86.23 -35.68
C GLY F 154 24.71 -86.34 -34.70
N GLU F 155 24.95 -86.93 -33.52
CA GLU F 155 23.93 -87.04 -32.50
C GLU F 155 24.30 -86.28 -31.23
N LEU F 156 25.31 -85.41 -31.31
CA LEU F 156 25.63 -84.48 -30.24
C LEU F 156 25.04 -83.11 -30.47
N THR F 157 24.81 -82.73 -31.72
CA THR F 157 24.23 -81.45 -32.08
C THR F 157 22.87 -81.66 -32.74
N ALA F 158 21.97 -80.72 -32.50
CA ALA F 158 20.61 -80.74 -33.00
C ALA F 158 20.50 -79.89 -34.27
N PRO F 159 19.56 -80.20 -35.15
CA PRO F 159 19.38 -79.37 -36.35
C PRO F 159 18.86 -77.99 -36.02
N VAL F 160 19.09 -77.06 -36.96
CA VAL F 160 18.66 -75.68 -36.78
C VAL F 160 17.14 -75.56 -36.81
N SER F 161 16.47 -76.45 -37.52
CA SER F 161 15.02 -76.43 -37.62
C SER F 161 14.35 -77.34 -36.60
N GLU F 162 15.13 -77.98 -35.73
CA GLU F 162 14.59 -78.84 -34.68
C GLU F 162 14.85 -78.23 -33.30
N VAL F 163 15.17 -76.95 -33.25
CA VAL F 163 15.39 -76.23 -32.00
C VAL F 163 14.61 -74.93 -32.07
N SER F 164 13.81 -74.64 -31.03
CA SER F 164 12.99 -73.45 -31.02
C SER F 164 13.83 -72.19 -30.99
N VAL F 165 13.37 -71.17 -31.72
CA VAL F 165 14.03 -69.86 -31.75
C VAL F 165 13.00 -68.79 -31.44
N SER F 166 13.43 -67.54 -31.52
CA SER F 166 12.59 -66.38 -31.23
C SER F 166 12.48 -65.52 -32.48
N PRO F 167 11.50 -64.59 -32.56
CA PRO F 167 11.43 -63.64 -33.67
C PRO F 167 12.68 -62.77 -33.83
N ASP G 3 43.86 -11.31 7.59
CA ASP G 3 44.20 -11.61 6.21
C ASP G 3 42.98 -11.56 5.27
N ALA G 4 42.16 -12.60 5.23
CA ALA G 4 40.93 -12.60 4.43
C ALA G 4 39.75 -12.60 5.39
N THR G 5 39.30 -11.40 5.75
CA THR G 5 38.09 -11.24 6.55
C THR G 5 36.83 -11.23 5.70
N GLN G 6 36.96 -11.09 4.39
CA GLN G 6 35.81 -11.03 3.50
C GLN G 6 36.27 -11.43 2.11
N LEU G 7 35.31 -11.53 1.20
CA LEU G 7 35.59 -11.92 -0.17
C LEU G 7 36.31 -10.79 -0.87
N GLU G 8 37.33 -11.12 -1.63
CA GLU G 8 38.08 -10.09 -2.35
C GLU G 8 38.25 -10.53 -3.79
N GLY G 9 38.67 -9.59 -4.61
CA GLY G 9 39.13 -9.92 -5.94
C GLY G 9 40.44 -9.22 -6.23
N ALA G 10 41.50 -10.00 -6.46
CA ALA G 10 42.79 -9.46 -6.88
C ALA G 10 42.91 -9.45 -8.38
N TYR G 11 41.80 -9.21 -9.06
CA TYR G 11 41.69 -9.26 -10.50
C TYR G 11 40.89 -8.07 -11.00
N ALA G 12 40.92 -7.88 -12.32
CA ALA G 12 40.29 -6.72 -12.93
C ALA G 12 38.78 -6.80 -12.83
N ALA G 13 38.17 -5.65 -12.56
CA ALA G 13 36.72 -5.50 -12.37
C ALA G 13 36.19 -6.51 -11.36
N ALA G 14 36.79 -6.44 -10.17
CA ALA G 14 36.50 -7.37 -9.09
C ALA G 14 35.19 -7.06 -8.38
N TRP G 15 34.54 -5.97 -8.75
CA TRP G 15 33.18 -5.67 -8.33
C TRP G 15 32.15 -6.45 -9.11
N LEU G 16 32.57 -7.15 -10.16
CA LEU G 16 31.62 -7.87 -11.01
C LEU G 16 31.11 -9.17 -10.39
N PRO G 17 31.92 -10.00 -9.72
CA PRO G 17 31.33 -11.11 -8.95
C PRO G 17 30.30 -10.66 -7.94
N TRP G 18 30.55 -9.52 -7.27
CA TRP G 18 29.71 -9.00 -6.21
C TRP G 18 28.26 -8.84 -6.65
N ILE G 19 28.04 -8.50 -7.91
CA ILE G 19 26.70 -8.31 -8.44
C ILE G 19 26.25 -9.45 -9.35
N MET G 20 27.19 -10.12 -10.00
CA MET G 20 26.90 -11.23 -10.96
C MET G 20 26.43 -12.49 -10.24
N ILE G 21 26.99 -12.78 -9.06
CA ILE G 21 26.57 -13.99 -8.35
C ILE G 21 25.14 -13.82 -7.82
N PRO G 22 24.75 -12.69 -7.22
CA PRO G 22 23.31 -12.50 -6.93
C PRO G 22 22.40 -12.59 -8.14
N MET G 23 22.77 -11.99 -9.28
CA MET G 23 21.87 -12.00 -10.43
C MET G 23 21.71 -13.40 -10.99
N ILE G 24 22.81 -14.10 -11.24
CA ILE G 24 22.74 -15.43 -11.82
C ILE G 24 22.12 -16.44 -10.86
N THR G 25 22.27 -16.25 -9.55
CA THR G 25 21.94 -17.33 -8.64
C THR G 25 20.72 -17.12 -7.76
N TYR G 26 20.38 -15.89 -7.36
CA TYR G 26 19.15 -15.75 -6.59
C TYR G 26 18.31 -14.52 -6.89
N ILE G 27 18.51 -13.85 -8.01
CA ILE G 27 17.66 -12.71 -8.34
C ILE G 27 16.93 -13.00 -9.64
N LEU G 28 17.67 -13.29 -10.68
CA LEU G 28 17.07 -13.65 -11.97
C LEU G 28 16.47 -15.06 -12.03
N PRO G 29 16.97 -16.11 -11.30
CA PRO G 29 16.32 -17.42 -11.38
C PRO G 29 14.82 -17.52 -11.09
N PHE G 30 14.26 -16.79 -10.14
CA PHE G 30 12.84 -16.99 -9.89
C PHE G 30 11.99 -16.31 -10.96
N PRO G 31 12.38 -15.13 -11.51
CA PRO G 31 11.78 -14.71 -12.78
C PRO G 31 11.90 -15.71 -13.92
N ILE G 32 13.03 -16.39 -14.07
CA ILE G 32 13.17 -17.37 -15.15
C ILE G 32 12.27 -18.57 -14.90
N PHE G 33 12.15 -18.99 -13.64
CA PHE G 33 11.26 -20.09 -13.28
C PHE G 33 9.81 -19.72 -13.53
N ALA G 34 9.44 -18.47 -13.21
CA ALA G 34 8.09 -17.99 -13.49
C ALA G 34 7.80 -17.92 -14.99
N ILE G 35 8.77 -17.47 -15.78
CA ILE G 35 8.60 -17.41 -17.23
C ILE G 35 8.45 -18.81 -17.82
N ALA G 36 9.29 -19.75 -17.39
CA ALA G 36 9.18 -21.12 -17.84
C ALA G 36 7.91 -21.82 -17.37
N PHE G 37 7.45 -21.53 -16.15
CA PHE G 37 6.19 -22.07 -15.65
C PHE G 37 5.01 -21.53 -16.44
N LEU G 38 5.00 -20.24 -16.75
CA LEU G 38 3.95 -19.67 -17.58
C LEU G 38 4.00 -20.20 -19.01
N TRP G 39 5.18 -20.56 -19.48
CA TRP G 39 5.32 -21.12 -20.82
C TRP G 39 4.80 -22.55 -20.88
N ILE G 40 5.05 -23.35 -19.84
CA ILE G 40 4.61 -24.74 -19.88
C ILE G 40 3.16 -24.92 -19.44
N GLU G 41 2.54 -23.90 -18.84
CA GLU G 41 1.16 -24.01 -18.38
C GLU G 41 0.19 -23.20 -19.20
N ARG G 42 0.65 -22.50 -20.23
CA ARG G 42 -0.25 -21.77 -21.12
C ARG G 42 -1.08 -22.74 -21.97
N GLU G 43 -2.32 -22.35 -22.20
CA GLU G 43 -3.34 -23.18 -22.83
C GLU G 43 -3.51 -22.84 -24.29
N GLY G 44 -3.94 -23.82 -25.07
CA GLY G 44 -4.26 -23.60 -26.47
C GLY G 44 -5.66 -23.06 -26.67
N MET H 1 8.01 -97.67 4.66
CA MET H 1 9.29 -97.11 4.20
C MET H 1 9.43 -97.24 2.69
N LYS H 2 8.29 -97.43 2.00
CA LYS H 2 8.30 -97.53 0.55
C LYS H 2 8.66 -96.19 -0.09
N TYR H 3 8.03 -95.12 0.35
CA TYR H 3 8.36 -93.79 -0.17
C TYR H 3 9.38 -93.06 0.68
N PHE H 4 9.83 -93.64 1.79
CA PHE H 4 10.94 -93.05 2.52
C PHE H 4 12.23 -93.10 1.72
N ALA H 5 12.43 -94.17 0.95
CA ALA H 5 13.55 -94.22 0.02
C ALA H 5 13.38 -93.19 -1.09
N LYS H 6 12.15 -93.02 -1.57
CA LYS H 6 11.89 -92.06 -2.65
C LYS H 6 12.10 -90.63 -2.20
N TYR H 7 11.72 -90.29 -0.96
CA TYR H 7 12.00 -88.98 -0.41
C TYR H 7 13.50 -88.74 -0.21
N LEU H 8 14.26 -89.79 0.06
CA LEU H 8 15.71 -89.68 0.14
C LEU H 8 16.36 -89.58 -1.22
N THR H 9 15.61 -89.76 -2.31
CA THR H 9 16.10 -89.54 -3.66
C THR H 9 15.62 -88.21 -4.23
N SER H 10 15.04 -87.35 -3.39
CA SER H 10 14.55 -86.07 -3.85
C SER H 10 15.71 -85.13 -4.15
N ALA H 11 15.39 -84.04 -4.86
CA ALA H 11 16.39 -83.04 -5.20
C ALA H 11 17.12 -82.43 -4.00
N PRO H 12 16.46 -82.03 -2.90
CA PRO H 12 17.26 -81.49 -1.77
C PRO H 12 18.13 -82.53 -1.09
N ILE H 13 17.66 -83.77 -0.97
CA ILE H 13 18.45 -84.79 -0.28
C ILE H 13 19.65 -85.20 -1.12
N MET H 14 19.46 -85.42 -2.43
CA MET H 14 20.60 -85.63 -3.33
C MET H 14 21.55 -84.43 -3.33
N ALA H 15 21.01 -83.21 -3.27
CA ALA H 15 21.84 -82.02 -3.21
C ALA H 15 22.73 -82.00 -1.97
N THR H 16 22.13 -82.19 -0.79
CA THR H 16 22.91 -82.11 0.45
C THR H 16 23.93 -83.24 0.53
N VAL H 17 23.55 -84.46 0.13
CA VAL H 17 24.51 -85.57 0.18
C VAL H 17 25.63 -85.37 -0.85
N ALA H 18 25.31 -84.80 -2.02
CA ALA H 18 26.32 -84.57 -3.04
C ALA H 18 27.33 -83.52 -2.59
N LEU H 19 26.84 -82.41 -2.02
CA LEU H 19 27.73 -81.40 -1.49
C LEU H 19 28.62 -81.93 -0.36
N VAL H 20 28.05 -82.70 0.57
CA VAL H 20 28.88 -83.18 1.68
C VAL H 20 29.82 -84.30 1.21
N SER H 21 29.44 -85.05 0.17
CA SER H 21 30.25 -86.16 -0.31
C SER H 21 31.41 -85.68 -1.17
N LEU H 22 31.18 -84.64 -1.98
CA LEU H 22 32.28 -84.06 -2.73
C LEU H 22 33.10 -83.11 -1.87
N SER H 23 32.49 -82.55 -0.82
CA SER H 23 33.14 -81.60 0.07
C SER H 23 33.79 -82.26 1.28
N VAL H 24 33.88 -83.59 1.33
CA VAL H 24 34.50 -84.29 2.45
C VAL H 24 36.00 -84.36 2.20
N VAL H 25 36.48 -83.60 1.21
CA VAL H 25 37.89 -83.55 0.85
C VAL H 25 38.71 -82.77 1.88
N LEU H 26 38.04 -82.33 2.96
CA LEU H 26 38.66 -82.12 4.26
C LEU H 26 39.74 -83.15 4.54
N ILE H 27 39.42 -84.44 4.45
CA ILE H 27 40.38 -85.49 4.76
C ILE H 27 41.43 -85.59 3.65
N GLU H 28 41.08 -85.21 2.43
CA GLU H 28 42.08 -85.16 1.37
C GLU H 28 42.98 -83.94 1.47
N LEU H 29 42.51 -82.87 2.10
CA LEU H 29 43.29 -81.65 2.22
C LEU H 29 43.87 -81.46 3.62
N ASN H 30 44.05 -82.58 4.32
CA ASN H 30 44.60 -82.62 5.70
C ASN H 30 45.48 -83.86 5.83
N HIS H 31 45.12 -84.93 5.11
CA HIS H 31 45.89 -86.20 5.12
C HIS H 31 47.31 -85.93 4.63
N PHE H 32 47.46 -85.28 3.47
CA PHE H 32 48.82 -84.99 2.93
C PHE H 32 48.91 -83.55 2.41
N PHE H 33 49.71 -82.73 3.09
CA PHE H 33 50.01 -81.35 2.69
C PHE H 33 48.80 -80.44 2.59
N PRO H 34 48.26 -79.93 3.70
CA PRO H 34 47.12 -79.00 3.64
C PRO H 34 47.32 -77.76 2.78
N GLY H 35 48.54 -77.46 2.34
CA GLY H 35 48.78 -76.46 1.32
C GLY H 35 49.41 -77.06 0.07
N LEU H 36 48.66 -77.06 -1.03
CA LEU H 36 49.11 -77.70 -2.27
C LEU H 36 49.05 -76.67 -3.40
N GLN H 37 50.21 -76.17 -3.81
CA GLN H 37 50.25 -75.16 -4.86
C GLN H 37 50.16 -75.84 -6.23
N TYR H 38 50.02 -75.03 -7.30
CA TYR H 38 49.92 -75.59 -8.65
C TYR H 38 51.11 -76.43 -9.06
N GLY H 39 52.33 -76.01 -8.72
CA GLY H 39 53.49 -76.71 -9.22
C GLY H 39 54.03 -77.74 -8.26
N THR H 40 53.29 -78.03 -7.20
CA THR H 40 53.76 -78.91 -6.14
C THR H 40 53.01 -80.24 -6.10
N TYR H 41 52.11 -80.48 -7.03
CA TYR H 41 51.53 -81.82 -7.19
C TYR H 41 51.32 -82.16 -8.67
N VAL I 10 15.06 -47.01 57.39
CA VAL I 10 15.37 -47.55 56.08
C VAL I 10 14.26 -48.47 55.58
N VAL I 11 13.89 -49.45 56.40
CA VAL I 11 12.79 -50.39 56.03
C VAL I 11 11.51 -49.88 56.70
N PRO I 12 10.35 -50.13 56.09
CA PRO I 12 9.05 -49.63 56.60
C PRO I 12 8.49 -50.28 57.88
N ASN I 13 9.24 -50.23 58.98
CA ASN I 13 8.81 -50.82 60.27
C ASN I 13 8.35 -52.26 60.07
N THR I 14 7.02 -52.46 59.97
CA THR I 14 6.29 -53.75 59.85
C THR I 14 6.33 -54.50 61.19
N VAL I 15 5.17 -54.62 61.84
CA VAL I 15 5.07 -55.34 63.15
C VAL I 15 4.96 -56.85 62.93
N THR I 16 4.95 -57.64 64.00
CA THR I 16 4.85 -59.11 63.87
C THR I 16 3.37 -59.51 63.69
N TRP I 17 2.73 -60.00 64.75
CA TRP I 17 1.30 -60.37 64.67
C TRP I 17 0.69 -60.39 66.07
N GLY I 18 -0.35 -59.58 66.28
CA GLY I 18 -0.97 -59.51 67.57
C GLY I 18 -2.44 -59.23 67.33
N PRO I 19 -3.25 -59.39 68.38
CA PRO I 19 -4.71 -59.17 68.28
C PRO I 19 -5.07 -57.93 67.48
N ASN I 20 -4.19 -56.92 67.46
CA ASN I 20 -4.43 -55.66 66.72
C ASN I 20 -4.29 -55.91 65.22
N VAL I 21 -3.46 -56.89 64.85
CA VAL I 21 -3.21 -57.23 63.42
C VAL I 21 -4.36 -58.10 62.90
N ALA I 22 -4.86 -59.01 63.73
CA ALA I 22 -5.97 -59.91 63.36
C ALA I 22 -7.25 -59.09 63.21
N ILE I 23 -7.41 -58.03 64.00
CA ILE I 23 -8.61 -57.14 63.93
C ILE I 23 -8.59 -56.45 62.55
N VAL I 24 -7.50 -55.76 62.23
CA VAL I 24 -7.38 -55.11 60.94
C VAL I 24 -7.53 -56.08 59.77
N MET I 25 -7.02 -57.31 59.87
CA MET I 25 -7.17 -58.29 58.81
C MET I 25 -8.59 -58.83 58.73
N ILE I 26 -9.39 -58.65 59.76
CA ILE I 26 -10.76 -59.16 59.74
C ILE I 26 -11.72 -58.06 59.33
N ILE I 27 -11.44 -56.84 59.80
CA ILE I 27 -12.28 -55.65 59.46
C ILE I 27 -12.11 -55.36 57.97
N CYS I 28 -10.97 -55.74 57.39
CA CYS I 28 -10.68 -55.51 55.95
C CYS I 28 -11.27 -56.66 55.13
N ASN I 29 -11.47 -57.82 55.75
CA ASN I 29 -12.08 -58.99 55.08
C ASN I 29 -13.60 -58.79 55.06
N LEU I 30 -14.12 -58.09 56.06
CA LEU I 30 -15.56 -57.81 56.10
C LEU I 30 -15.94 -56.65 55.18
N ILE I 31 -15.08 -55.63 55.04
CA ILE I 31 -15.30 -54.61 54.01
C ILE I 31 -15.30 -55.23 52.63
N ALA I 32 -14.44 -56.22 52.40
CA ALA I 32 -14.42 -56.97 51.15
C ALA I 32 -15.74 -57.70 50.92
N PHE I 33 -16.31 -58.29 51.98
CA PHE I 33 -17.60 -58.96 51.85
C PHE I 33 -18.71 -57.96 51.58
N ALA I 34 -18.66 -56.79 52.22
CA ALA I 34 -19.68 -55.76 52.03
C ALA I 34 -19.67 -55.24 50.60
N ILE I 35 -18.48 -55.03 50.03
CA ILE I 35 -18.42 -54.54 48.65
C ILE I 35 -18.50 -55.64 47.61
N GLY I 36 -18.21 -56.89 47.99
CA GLY I 36 -18.26 -58.00 47.05
C GLY I 36 -19.62 -58.62 46.88
N LYS I 37 -20.58 -58.20 47.69
CA LYS I 37 -21.97 -58.55 47.44
C LYS I 37 -22.50 -57.86 46.18
N GLN I 38 -21.93 -56.71 45.83
CA GLN I 38 -22.24 -56.02 44.57
C GLN I 38 -21.20 -56.37 43.49
N VAL I 39 -21.25 -57.63 43.07
CA VAL I 39 -20.60 -58.12 41.85
C VAL I 39 -21.69 -58.74 41.00
N ILE I 40 -21.34 -59.17 39.78
CA ILE I 40 -22.30 -59.86 38.93
C ILE I 40 -21.89 -61.32 38.71
N GLN I 41 -22.87 -62.13 38.33
CA GLN I 41 -22.67 -63.58 38.11
C GLN I 41 -22.24 -64.21 39.44
N ILE I 42 -22.85 -63.76 40.54
CA ILE I 42 -22.57 -64.31 41.91
C ILE I 42 -23.20 -65.70 42.05
N PRO I 43 -22.82 -66.42 43.11
CA PRO I 43 -23.30 -67.79 43.39
C PRO I 43 -23.23 -68.60 42.09
N ASP I 44 -22.00 -68.74 41.55
CA ASP I 44 -21.77 -69.44 40.26
C ASP I 44 -21.53 -70.94 40.47
N ALA I 45 -22.45 -71.60 41.18
CA ALA I 45 -22.42 -73.06 41.45
C ALA I 45 -21.00 -73.52 41.83
N GLY I 46 -20.43 -74.44 41.04
CA GLY I 46 -19.10 -74.99 41.32
C GLY I 46 -19.15 -75.85 42.57
N PRO I 47 -19.00 -75.22 43.74
CA PRO I 47 -19.08 -75.90 45.03
C PRO I 47 -19.92 -75.01 45.95
N ALA I 48 -20.88 -75.60 46.67
CA ALA I 48 -21.76 -74.85 47.59
C ALA I 48 -22.37 -73.65 46.86
N PRO I 49 -23.20 -73.91 45.85
CA PRO I 49 -23.84 -72.88 45.04
C PRO I 49 -24.73 -71.88 45.80
N GLY I 50 -24.12 -70.93 46.52
CA GLY I 50 -24.87 -69.89 47.25
C GLY I 50 -25.07 -70.19 48.72
N THR I 51 -24.23 -71.07 49.30
CA THR I 51 -24.37 -71.42 50.74
C THR I 51 -23.35 -70.64 51.57
N PHE I 52 -23.16 -69.35 51.28
CA PHE I 52 -22.20 -68.50 52.02
C PHE I 52 -22.79 -67.09 52.14
N LEU I 53 -24.05 -67.01 52.53
CA LEU I 53 -24.79 -65.77 52.68
C LEU I 53 -24.78 -64.99 51.36
N GLY I 54 -25.45 -65.57 50.37
CA GLY I 54 -25.53 -64.98 49.05
C GLY I 54 -24.50 -65.53 48.07
N LEU I 55 -23.23 -65.49 48.49
CA LEU I 55 -22.13 -65.90 47.64
C LEU I 55 -21.99 -67.42 47.64
N GLY I 56 -21.48 -67.95 46.54
CA GLY I 56 -21.11 -69.35 46.43
C GLY I 56 -19.72 -69.59 46.99
N LEU I 57 -19.10 -70.70 46.58
CA LEU I 57 -17.71 -70.91 46.98
C LEU I 57 -16.73 -70.14 46.10
N PRO I 58 -16.88 -70.09 44.75
CA PRO I 58 -16.05 -69.15 43.97
C PRO I 58 -16.11 -67.71 44.44
N ALA I 59 -17.31 -67.19 44.70
CA ALA I 59 -17.44 -65.81 45.13
C ALA I 59 -16.88 -65.60 46.53
N LEU I 60 -17.06 -66.56 47.44
CA LEU I 60 -16.44 -66.46 48.76
C LEU I 60 -14.93 -66.46 48.68
N LEU I 61 -14.34 -67.35 47.88
CA LEU I 61 -12.90 -67.39 47.70
C LEU I 61 -12.36 -66.12 47.05
N GLY I 62 -13.08 -65.56 46.06
CA GLY I 62 -12.65 -64.31 45.46
C GLY I 62 -12.75 -63.13 46.40
N VAL I 63 -13.84 -63.05 47.17
CA VAL I 63 -14.00 -62.01 48.16
C VAL I 63 -12.95 -62.09 49.26
N THR I 64 -12.65 -63.28 49.76
CA THR I 64 -11.63 -63.42 50.79
C THR I 64 -10.22 -63.23 50.23
N SER I 65 -9.99 -63.55 48.96
CA SER I 65 -8.69 -63.27 48.36
C SER I 65 -8.45 -61.77 48.19
N LEU I 66 -9.47 -61.04 47.73
CA LEU I 66 -9.36 -59.59 47.71
C LEU I 66 -9.28 -59.01 49.11
N GLY I 67 -9.95 -59.65 50.08
CA GLY I 67 -9.85 -59.19 51.45
C GLY I 67 -8.48 -59.38 52.05
N HIS I 68 -7.83 -60.51 51.71
CA HIS I 68 -6.45 -60.76 52.19
C HIS I 68 -5.53 -59.73 51.53
N ALA I 69 -5.70 -59.49 50.22
CA ALA I 69 -4.87 -58.50 49.54
C ALA I 69 -5.00 -57.14 50.21
N ILE I 70 -6.24 -56.69 50.43
CA ILE I 70 -6.50 -55.42 51.10
C ILE I 70 -5.95 -55.43 52.51
N GLY I 71 -6.04 -56.58 53.19
CA GLY I 71 -5.52 -56.68 54.54
C GLY I 71 -4.02 -56.56 54.63
N VAL I 72 -3.30 -57.24 53.74
CA VAL I 72 -1.85 -57.12 53.71
C VAL I 72 -1.44 -55.69 53.41
N GLY I 73 -2.09 -55.06 52.42
CA GLY I 73 -1.77 -53.67 52.11
C GLY I 73 -2.06 -52.72 53.26
N ALA I 74 -3.24 -52.84 53.88
CA ALA I 74 -3.62 -51.96 54.98
C ALA I 74 -2.78 -52.20 56.22
N ILE I 75 -2.45 -53.46 56.51
CA ILE I 75 -1.69 -53.79 57.71
C ILE I 75 -0.27 -53.29 57.58
N LEU I 76 0.35 -53.48 56.41
CA LEU I 76 1.69 -52.96 56.21
C LEU I 76 1.70 -51.43 56.17
N GLY I 77 0.65 -50.80 55.66
CA GLY I 77 0.57 -49.35 55.71
C GLY I 77 0.44 -48.82 57.13
N LEU I 78 -0.42 -49.46 57.93
CA LEU I 78 -0.61 -49.02 59.31
C LEU I 78 0.59 -49.35 60.18
N ALA I 79 1.32 -50.41 59.85
CA ALA I 79 2.54 -50.75 60.58
C ALA I 79 3.67 -49.81 60.21
N ASN I 80 3.70 -49.34 58.97
CA ASN I 80 4.71 -48.39 58.53
C ASN I 80 4.61 -47.08 59.30
N ILE I 81 3.39 -46.59 59.50
CA ILE I 81 3.18 -45.27 60.09
C ILE I 81 2.78 -45.32 61.55
N GLY I 82 3.12 -46.38 62.32
CA GLY I 82 3.07 -46.25 63.80
C GLY I 82 1.77 -46.70 64.45
N VAL I 83 0.67 -46.48 63.73
CA VAL I 83 -0.69 -46.81 64.14
C VAL I 83 -0.81 -48.30 64.49
N LEU I 84 -0.06 -49.15 63.81
CA LEU I 84 -0.10 -50.56 64.11
C LEU I 84 1.30 -51.11 64.35
N SER J 4 -26.14 -52.89 8.87
CA SER J 4 -26.80 -53.01 10.16
C SER J 4 -26.54 -51.79 11.04
N ASP J 5 -25.26 -51.49 11.27
CA ASP J 5 -24.84 -50.36 12.09
C ASP J 5 -24.32 -49.19 11.27
N ALA J 6 -24.01 -49.40 9.99
CA ALA J 6 -23.50 -48.35 9.12
C ALA J 6 -24.50 -47.24 8.96
N TYR J 7 -24.20 -46.08 9.55
CA TYR J 7 -25.11 -44.95 9.72
C TYR J 7 -26.51 -45.38 10.11
N ILE J 8 -26.61 -46.06 11.25
CA ILE J 8 -27.89 -46.27 11.92
C ILE J 8 -27.88 -45.71 13.32
N SER J 9 -26.71 -45.65 13.97
CA SER J 9 -26.52 -45.01 15.25
C SER J 9 -25.95 -43.61 15.01
N ASP J 10 -26.25 -42.68 15.92
CA ASP J 10 -25.84 -41.29 15.75
C ASP J 10 -24.57 -41.03 16.55
N ASP J 11 -23.48 -40.80 15.83
CA ASP J 11 -22.12 -40.69 16.36
C ASP J 11 -21.60 -39.26 16.27
N PRO J 12 -20.47 -38.93 16.95
CA PRO J 12 -19.92 -37.59 16.81
C PRO J 12 -19.38 -37.26 15.42
N ILE J 13 -19.00 -38.28 14.66
CA ILE J 13 -18.41 -38.09 13.35
C ILE J 13 -19.48 -38.37 12.30
N GLN J 14 -19.84 -37.34 11.55
CA GLN J 14 -20.92 -37.37 10.58
C GLN J 14 -20.34 -37.32 9.17
N PRO J 15 -21.13 -37.62 8.14
CA PRO J 15 -20.67 -37.36 6.77
C PRO J 15 -20.51 -35.88 6.51
N TYR J 16 -19.59 -35.54 5.63
CA TYR J 16 -19.37 -34.15 5.29
C TYR J 16 -20.55 -33.62 4.49
N GLN J 17 -21.20 -32.58 5.02
CA GLN J 17 -22.39 -31.94 4.43
C GLN J 17 -23.55 -32.91 4.28
N GLY J 18 -23.60 -33.91 5.16
CA GLY J 18 -24.65 -34.90 5.13
C GLY J 18 -24.58 -35.87 3.97
N ASN J 19 -23.47 -35.84 3.24
CA ASN J 19 -23.29 -36.67 2.06
C ASN J 19 -22.24 -37.71 2.36
N PRO J 20 -22.59 -38.98 2.58
CA PRO J 20 -21.58 -39.99 2.88
C PRO J 20 -20.75 -40.45 1.70
N GLN J 21 -21.05 -40.00 0.49
CA GLN J 21 -20.22 -40.35 -0.65
C GLN J 21 -19.22 -39.25 -1.00
N LEU J 22 -19.12 -38.22 -0.18
CA LEU J 22 -18.07 -37.21 -0.30
C LEU J 22 -16.81 -37.70 0.39
N GLY J 23 -15.67 -37.16 -0.04
CA GLY J 23 -14.39 -37.63 0.45
C GLY J 23 -13.91 -36.88 1.66
N ASN J 24 -14.77 -36.73 2.66
CA ASN J 24 -14.44 -36.01 3.88
C ASN J 24 -15.40 -36.48 4.96
N LEU J 25 -15.06 -36.14 6.20
CA LEU J 25 -15.87 -36.43 7.36
C LEU J 25 -16.07 -35.16 8.16
N ALA J 26 -17.18 -35.09 8.89
CA ALA J 26 -17.47 -33.94 9.75
C ALA J 26 -16.99 -34.27 11.16
N THR J 27 -15.76 -33.90 11.45
CA THR J 27 -15.08 -34.17 12.71
C THR J 27 -15.09 -32.87 13.52
N PRO J 28 -14.75 -32.89 14.83
CA PRO J 28 -14.74 -31.64 15.60
C PRO J 28 -13.72 -30.61 15.14
N ILE J 29 -12.74 -30.99 14.33
CA ILE J 29 -11.71 -30.05 13.93
C ILE J 29 -12.12 -29.28 12.68
N ASN J 30 -12.95 -29.85 11.81
CA ASN J 30 -13.46 -29.09 10.69
C ASN J 30 -14.94 -28.72 10.82
N SER J 31 -15.61 -29.12 11.90
CA SER J 31 -17.04 -28.90 11.98
C SER J 31 -17.56 -28.44 13.34
N SER J 32 -16.70 -28.18 14.32
CA SER J 32 -17.24 -27.66 15.57
C SER J 32 -17.50 -26.17 15.44
N ASN J 33 -18.27 -25.64 16.39
CA ASN J 33 -18.60 -24.22 16.34
C ASN J 33 -17.38 -23.36 16.66
N LEU J 34 -16.48 -23.84 17.52
CA LEU J 34 -15.28 -23.08 17.82
C LEU J 34 -14.30 -23.08 16.65
N ALA J 35 -14.08 -24.24 16.04
CA ALA J 35 -13.20 -24.33 14.88
C ALA J 35 -13.73 -23.54 13.71
N LYS J 36 -15.03 -23.64 13.43
CA LYS J 36 -15.62 -22.84 12.36
C LYS J 36 -15.62 -21.37 12.67
N ALA J 37 -15.91 -20.98 13.92
CA ALA J 37 -15.91 -19.57 14.29
C ALA J 37 -14.52 -18.96 14.15
N PHE J 38 -13.48 -19.73 14.43
CA PHE J 38 -12.13 -19.23 14.22
C PHE J 38 -11.77 -19.18 12.74
N ILE J 39 -11.99 -20.26 12.01
CA ILE J 39 -11.48 -20.35 10.63
C ILE J 39 -12.30 -19.48 9.69
N ASN J 40 -13.62 -19.47 9.82
CA ASN J 40 -14.48 -18.75 8.90
C ASN J 40 -14.37 -17.25 9.07
N ASN J 41 -13.76 -16.79 10.16
CA ASN J 41 -13.56 -15.37 10.41
C ASN J 41 -12.11 -14.96 10.23
N LEU J 42 -11.26 -15.89 9.83
CA LEU J 42 -9.93 -15.54 9.36
C LEU J 42 -10.07 -14.78 8.05
N PRO J 43 -9.11 -13.90 7.72
CA PRO J 43 -9.28 -13.03 6.55
C PRO J 43 -9.47 -13.77 5.24
N ALA J 44 -8.93 -14.98 5.12
CA ALA J 44 -9.16 -15.78 3.94
C ALA J 44 -10.63 -16.13 3.75
N TYR J 45 -11.38 -16.24 4.84
CA TYR J 45 -12.75 -16.74 4.80
C TYR J 45 -13.78 -15.80 5.37
N ARG J 46 -13.39 -14.65 5.91
CA ARG J 46 -14.35 -13.75 6.53
C ARG J 46 -15.36 -13.26 5.49
N PRO J 47 -16.66 -13.33 5.78
CA PRO J 47 -17.66 -13.03 4.76
C PRO J 47 -17.69 -11.56 4.38
N GLY J 48 -17.78 -11.30 3.08
CA GLY J 48 -18.03 -9.98 2.57
C GLY J 48 -16.81 -9.19 2.17
N LEU J 49 -15.64 -9.55 2.69
CA LEU J 49 -14.43 -8.78 2.45
C LEU J 49 -14.02 -8.79 0.99
N THR J 50 -13.48 -7.67 0.55
CA THR J 50 -12.85 -7.58 -0.75
C THR J 50 -11.53 -8.33 -0.70
N PRO J 51 -11.06 -8.86 -1.83
CA PRO J 51 -9.81 -9.63 -1.82
C PRO J 51 -8.59 -8.83 -1.40
N PHE J 52 -8.57 -7.52 -1.68
CA PHE J 52 -7.44 -6.70 -1.27
C PHE J 52 -7.33 -6.60 0.24
N LEU J 53 -8.45 -6.45 0.94
CA LEU J 53 -8.42 -6.34 2.39
C LEU J 53 -8.09 -7.67 3.06
N ARG J 54 -8.59 -8.77 2.49
CA ARG J 54 -8.19 -10.11 2.93
C ARG J 54 -6.69 -10.26 2.82
N GLY J 55 -6.15 -9.95 1.65
CA GLY J 55 -4.72 -10.07 1.44
C GLY J 55 -3.92 -9.13 2.30
N LEU J 56 -4.45 -7.94 2.55
CA LEU J 56 -3.75 -6.94 3.34
C LEU J 56 -3.56 -7.43 4.76
N GLU J 57 -4.62 -7.97 5.36
CA GLU J 57 -4.51 -8.48 6.73
C GLU J 57 -3.67 -9.75 6.82
N ILE J 58 -3.80 -10.64 5.84
CA ILE J 58 -2.93 -11.83 5.77
C ILE J 58 -1.47 -11.41 5.71
N GLY J 59 -1.16 -10.45 4.84
CA GLY J 59 0.21 -10.00 4.69
C GLY J 59 0.76 -9.32 5.92
N MET J 60 -0.03 -8.43 6.54
CA MET J 60 0.43 -7.78 7.76
C MET J 60 0.83 -8.79 8.82
N ALA J 61 -0.06 -9.77 9.08
CA ALA J 61 0.24 -10.82 10.05
C ALA J 61 1.46 -11.64 9.65
N HIS J 62 1.68 -11.81 8.35
CA HIS J 62 2.73 -12.72 7.90
C HIS J 62 4.09 -12.08 7.84
N GLY J 63 4.18 -10.91 7.22
CA GLY J 63 5.42 -10.17 7.20
C GLY J 63 5.88 -9.80 8.58
N TYR J 64 4.96 -9.67 9.54
CA TYR J 64 5.39 -9.37 10.89
C TYR J 64 6.21 -10.50 11.50
N PHE J 65 5.72 -11.75 11.46
CA PHE J 65 6.45 -12.77 12.17
C PHE J 65 7.64 -13.31 11.38
N LEU J 66 7.70 -13.04 10.09
CA LEU J 66 8.75 -13.61 9.25
C LEU J 66 10.09 -12.92 9.45
N VAL J 67 10.10 -11.79 10.14
CA VAL J 67 11.34 -11.09 10.44
C VAL J 67 12.16 -11.82 11.50
N GLY J 68 11.51 -12.37 12.52
CA GLY J 68 12.15 -12.96 13.67
C GLY J 68 13.13 -14.12 13.53
N PRO J 69 12.82 -15.15 12.72
CA PRO J 69 13.74 -16.30 12.60
C PRO J 69 15.16 -15.96 12.20
N GLU J 70 15.36 -15.02 11.29
CA GLU J 70 16.70 -14.60 10.91
C GLU J 70 17.30 -13.61 11.88
N VAL J 71 16.48 -12.89 12.63
CA VAL J 71 17.00 -11.99 13.65
C VAL J 71 17.65 -12.81 14.76
N VAL J 72 17.06 -13.94 15.12
CA VAL J 72 17.60 -14.74 16.21
C VAL J 72 18.64 -15.74 15.70
N PHE J 73 18.38 -16.35 14.54
CA PHE J 73 19.15 -17.49 14.08
C PHE J 73 20.03 -17.21 12.87
N GLY J 74 20.01 -16.01 12.31
CA GLY J 74 20.66 -15.78 11.04
C GLY J 74 22.15 -15.65 11.15
N PRO J 75 22.79 -15.41 10.01
CA PRO J 75 24.25 -15.22 10.02
C PRO J 75 24.68 -13.91 10.65
N LEU J 76 23.77 -12.95 10.78
CA LEU J 76 24.05 -11.64 11.33
C LEU J 76 23.68 -11.53 12.80
N LYS J 77 23.36 -12.64 13.45
CA LYS J 77 22.78 -12.65 14.79
C LYS J 77 23.73 -12.17 15.87
N GLU J 78 25.02 -12.09 15.61
CA GLU J 78 25.96 -11.62 16.62
C GLU J 78 25.84 -10.12 16.88
N GLY J 79 25.18 -9.39 16.00
CA GLY J 79 24.98 -7.96 16.17
C GLY J 79 23.55 -7.57 15.88
N SER J 80 23.01 -6.66 16.69
CA SER J 80 21.59 -6.32 16.67
C SER J 80 21.16 -5.71 15.34
N HIS J 81 21.88 -4.69 14.87
CA HIS J 81 21.48 -3.93 13.69
C HIS J 81 21.47 -4.80 12.44
N GLY J 82 22.54 -5.55 12.22
CA GLY J 82 22.60 -6.47 11.11
C GLY J 82 21.62 -7.61 11.20
N ALA J 83 21.32 -8.08 12.42
CA ALA J 83 20.34 -9.15 12.58
C ALA J 83 18.96 -8.68 12.18
N ASN J 84 18.57 -7.47 12.61
CA ASN J 84 17.26 -6.95 12.21
C ASN J 84 17.20 -6.68 10.73
N LEU J 85 18.30 -6.22 10.13
CA LEU J 85 18.29 -6.02 8.69
C LEU J 85 18.22 -7.33 7.92
N SER J 86 18.92 -8.38 8.36
CA SER J 86 18.84 -9.67 7.69
C SER J 86 17.45 -10.28 7.82
N GLY J 87 16.80 -10.13 8.97
CA GLY J 87 15.41 -10.55 9.09
C GLY J 87 14.45 -9.78 8.23
N LEU J 88 14.64 -8.45 8.14
CA LEU J 88 13.81 -7.65 7.25
C LEU J 88 13.95 -8.05 5.79
N ILE J 89 15.18 -8.26 5.32
CA ILE J 89 15.29 -8.56 3.91
C ILE J 89 14.90 -10.01 3.62
N THR J 90 15.00 -10.90 4.61
CA THR J 90 14.47 -12.24 4.43
C THR J 90 12.96 -12.24 4.29
N ALA J 91 12.27 -11.47 5.14
CA ALA J 91 10.83 -11.31 5.00
C ALA J 91 10.46 -10.66 3.67
N ILE J 92 11.24 -9.68 3.22
CA ILE J 92 10.99 -9.02 1.95
C ILE J 92 11.13 -10.01 0.80
N TYR J 93 12.17 -10.83 0.81
CA TYR J 93 12.39 -11.78 -0.27
C TYR J 93 11.34 -12.88 -0.29
N ILE J 94 10.97 -13.39 0.89
CA ILE J 94 9.94 -14.42 0.96
C ILE J 94 8.60 -13.86 0.52
N THR J 95 8.28 -12.62 0.89
CA THR J 95 7.08 -11.96 0.44
C THR J 95 7.03 -11.79 -1.07
N VAL J 96 8.12 -11.29 -1.66
CA VAL J 96 8.11 -11.04 -3.10
C VAL J 96 8.07 -12.36 -3.87
N SER J 97 8.73 -13.40 -3.38
CA SER J 97 8.64 -14.72 -4.00
C SER J 97 7.25 -15.31 -3.89
N ALA J 98 6.62 -15.22 -2.71
CA ALA J 98 5.28 -15.75 -2.52
C ALA J 98 4.25 -15.01 -3.35
N CYS J 99 4.39 -13.70 -3.49
CA CYS J 99 3.45 -12.94 -4.28
C CYS J 99 3.68 -13.10 -5.78
N LEU J 100 4.93 -13.31 -6.21
CA LEU J 100 5.19 -13.72 -7.59
C LEU J 100 4.55 -15.06 -7.87
N GLY J 101 4.59 -15.98 -6.91
CA GLY J 101 3.88 -17.23 -7.05
C GLY J 101 2.37 -17.08 -7.11
N ILE J 102 1.80 -16.20 -6.28
CA ILE J 102 0.35 -15.94 -6.34
C ILE J 102 -0.04 -15.39 -7.69
N SER J 103 0.74 -14.44 -8.22
CA SER J 103 0.48 -13.85 -9.52
C SER J 103 0.58 -14.88 -10.64
N ILE J 104 1.61 -15.74 -10.63
CA ILE J 104 1.72 -16.71 -11.70
C ILE J 104 0.75 -17.88 -11.52
N PHE J 105 0.31 -18.18 -10.29
CA PHE J 105 -0.79 -19.12 -10.11
C PHE J 105 -2.05 -18.59 -10.76
N ALA J 106 -2.37 -17.32 -10.53
CA ALA J 106 -3.54 -16.73 -11.14
C ALA J 106 -3.41 -16.63 -12.65
N LEU J 107 -2.19 -16.39 -13.14
CA LEU J 107 -1.98 -16.27 -14.57
C LEU J 107 -2.13 -17.61 -15.27
N ALA J 108 -1.62 -18.68 -14.67
CA ALA J 108 -1.70 -20.01 -15.27
C ALA J 108 -3.05 -20.67 -15.06
N THR J 109 -3.68 -20.47 -13.91
CA THR J 109 -4.90 -21.19 -13.58
C THR J 109 -6.08 -20.66 -14.38
N PHE J 110 -6.29 -19.35 -14.36
CA PHE J 110 -7.49 -18.75 -14.91
C PHE J 110 -7.26 -18.47 -16.38
N GLN J 111 -7.36 -19.53 -17.16
CA GLN J 111 -7.23 -19.51 -18.62
C GLN J 111 -8.46 -20.21 -19.16
N GLY J 112 -9.41 -19.45 -19.66
CA GLY J 112 -10.70 -20.03 -20.02
C GLY J 112 -11.42 -20.47 -18.77
N ASP J 113 -12.11 -21.60 -18.86
CA ASP J 113 -12.65 -22.23 -17.67
C ASP J 113 -11.55 -23.03 -17.00
N PRO J 114 -11.18 -22.71 -15.76
CA PRO J 114 -10.04 -23.37 -15.13
C PRO J 114 -10.31 -24.83 -14.83
N ARG J 115 -9.24 -25.54 -14.49
CA ARG J 115 -9.36 -26.98 -14.15
C ARG J 115 -9.23 -27.11 -12.63
N GLY J 116 -9.94 -28.05 -12.05
CA GLY J 116 -9.88 -28.29 -10.62
C GLY J 116 -10.82 -27.41 -9.85
N THR J 117 -10.38 -26.92 -8.68
CA THR J 117 -11.27 -26.22 -7.77
C THR J 117 -11.72 -24.87 -8.26
N TYR J 118 -11.09 -24.30 -9.28
CA TYR J 118 -11.49 -23.01 -9.78
C TYR J 118 -12.27 -23.12 -11.07
N ASN J 119 -12.67 -24.33 -11.43
CA ASN J 119 -13.66 -24.55 -12.46
C ASN J 119 -15.01 -24.05 -11.95
N SER J 120 -15.87 -23.66 -12.89
CA SER J 120 -17.16 -23.06 -12.52
C SER J 120 -18.08 -24.05 -11.82
N HIS J 121 -17.90 -25.35 -12.07
CA HIS J 121 -18.74 -26.39 -11.48
C HIS J 121 -18.20 -26.89 -10.16
N SER J 122 -17.12 -26.31 -9.64
CA SER J 122 -16.49 -26.83 -8.44
C SER J 122 -17.32 -26.51 -7.21
N ARG J 123 -17.30 -27.44 -6.25
CA ARG J 123 -18.05 -27.31 -5.02
C ARG J 123 -17.15 -27.10 -3.80
N ASP J 124 -15.89 -26.72 -4.01
CA ASP J 124 -14.97 -26.53 -2.90
C ASP J 124 -15.35 -25.30 -2.10
N ARG J 125 -15.73 -25.52 -0.85
CA ARG J 125 -16.06 -24.45 0.07
C ARG J 125 -14.82 -23.80 0.66
N LEU J 126 -13.69 -24.49 0.62
CA LEU J 126 -12.45 -24.05 1.23
C LEU J 126 -11.58 -23.21 0.31
N ARG J 127 -12.04 -22.96 -0.91
CA ARG J 127 -11.29 -22.14 -1.87
C ARG J 127 -12.25 -21.19 -2.54
N PRO J 128 -12.51 -20.04 -1.91
CA PRO J 128 -13.58 -19.15 -2.39
C PRO J 128 -13.17 -18.05 -3.35
N LEU J 129 -11.89 -17.91 -3.70
CA LEU J 129 -11.44 -16.91 -4.66
C LEU J 129 -11.53 -17.50 -6.05
N ARG J 130 -12.72 -17.37 -6.63
CA ARG J 130 -13.07 -18.07 -7.86
C ARG J 130 -12.64 -17.33 -9.11
N LYS J 131 -12.35 -16.04 -9.00
CA LYS J 131 -12.02 -15.20 -10.14
C LYS J 131 -10.55 -14.83 -10.12
N LYS J 132 -10.00 -14.50 -11.28
CA LYS J 132 -8.61 -14.08 -11.33
C LYS J 132 -8.45 -12.68 -10.78
N GLU J 133 -9.50 -11.87 -10.85
CA GLU J 133 -9.47 -10.54 -10.26
C GLU J 133 -9.32 -10.61 -8.75
N ASP J 134 -9.98 -11.59 -8.11
CA ASP J 134 -9.79 -11.85 -6.69
C ASP J 134 -8.36 -12.20 -6.39
N TRP J 135 -7.74 -13.00 -7.23
CA TRP J 135 -6.37 -13.44 -7.01
C TRP J 135 -5.36 -12.32 -7.22
N TYR J 136 -5.59 -11.44 -8.19
CA TYR J 136 -4.70 -10.30 -8.37
C TYR J 136 -4.84 -9.26 -7.27
N GLN J 137 -6.07 -9.01 -6.83
CA GLN J 137 -6.28 -8.12 -5.68
C GLN J 137 -5.67 -8.70 -4.42
N LEU J 138 -5.77 -10.02 -4.22
CA LEU J 138 -5.12 -10.71 -3.12
C LEU J 138 -3.61 -10.60 -3.19
N SER J 139 -3.02 -10.77 -4.38
CA SER J 139 -1.58 -10.68 -4.53
C SER J 139 -1.09 -9.28 -4.19
N GLY J 140 -1.77 -8.26 -4.71
CA GLY J 140 -1.40 -6.89 -4.38
C GLY J 140 -1.54 -6.56 -2.91
N GLY J 141 -2.62 -7.01 -2.28
CA GLY J 141 -2.81 -6.82 -0.86
C GLY J 141 -1.82 -7.56 0.01
N ILE J 142 -1.52 -8.82 -0.32
CA ILE J 142 -0.54 -9.58 0.46
C ILE J 142 0.83 -8.94 0.33
N LEU J 143 1.18 -8.46 -0.87
CA LEU J 143 2.46 -7.78 -1.04
C LEU J 143 2.54 -6.52 -0.20
N MET J 144 1.52 -5.66 -0.29
CA MET J 144 1.52 -4.40 0.44
C MET J 144 1.55 -4.63 1.94
N GLY J 145 0.66 -5.49 2.44
CA GLY J 145 0.56 -5.77 3.84
C GLY J 145 1.78 -6.46 4.38
N SER J 146 2.39 -7.36 3.60
CA SER J 146 3.51 -8.12 4.11
C SER J 146 4.78 -7.30 4.14
N LEU J 147 4.99 -6.46 3.13
CA LEU J 147 6.13 -5.57 3.16
C LEU J 147 5.99 -4.53 4.27
N GLY J 148 4.79 -4.01 4.49
CA GLY J 148 4.57 -3.15 5.62
C GLY J 148 4.68 -3.78 6.99
N GLY J 149 4.17 -4.99 7.17
CA GLY J 149 4.32 -5.68 8.44
C GLY J 149 5.75 -6.07 8.72
N ALA J 150 6.51 -6.44 7.68
CA ALA J 150 7.92 -6.70 7.84
C ALA J 150 8.68 -5.47 8.28
N ILE J 151 8.40 -4.31 7.67
CA ILE J 151 9.14 -3.13 8.11
C ILE J 151 8.61 -2.57 9.42
N PHE J 152 7.38 -2.92 9.82
CA PHE J 152 6.92 -2.57 11.16
C PHE J 152 7.62 -3.40 12.23
N ALA J 153 7.78 -4.70 12.00
CA ALA J 153 8.57 -5.52 12.91
C ALA J 153 10.03 -5.08 12.94
N TYR J 154 10.58 -4.70 11.79
CA TYR J 154 11.95 -4.20 11.72
C TYR J 154 12.09 -2.90 12.50
N ALA J 155 11.13 -2.00 12.40
CA ALA J 155 11.19 -0.74 13.12
C ALA J 155 11.00 -0.92 14.61
N LEU J 156 10.22 -1.92 15.02
CA LEU J 156 10.10 -2.18 16.45
C LEU J 156 11.34 -2.86 17.01
N LEU J 157 12.05 -3.63 16.20
CA LEU J 157 13.27 -4.28 16.64
C LEU J 157 14.47 -3.35 16.61
N GLU J 158 14.52 -2.41 15.66
CA GLU J 158 15.57 -1.40 15.63
C GLU J 158 15.50 -0.46 16.82
N ASN J 159 14.30 -0.07 17.22
CA ASN J 159 14.10 0.83 18.35
C ASN J 159 13.78 0.06 19.61
N PHE J 160 14.36 -1.13 19.77
CA PHE J 160 14.01 -1.97 20.92
C PHE J 160 14.49 -1.35 22.22
N GLU J 161 15.57 -0.56 22.12
CA GLU J 161 16.16 0.16 23.27
C GLU J 161 15.17 1.24 23.72
N LEU J 162 14.58 1.97 22.77
CA LEU J 162 13.56 2.96 23.07
C LEU J 162 12.26 2.32 23.52
N LEU J 163 11.76 1.32 22.78
CA LEU J 163 10.54 0.64 23.20
C LEU J 163 10.70 -0.02 24.56
N ASP J 164 11.91 -0.47 24.89
CA ASP J 164 12.16 -1.01 26.20
C ASP J 164 12.14 0.06 27.27
N SER J 165 12.78 1.21 27.05
CA SER J 165 12.76 2.26 28.06
C SER J 165 11.36 2.85 28.23
N ILE J 166 10.57 2.87 27.16
CA ILE J 166 9.16 3.28 27.27
C ILE J 166 8.35 2.34 28.13
N LEU J 167 8.43 1.04 27.88
CA LEU J 167 7.59 0.08 28.57
C LEU J 167 8.08 -0.22 29.97
N ARG J 168 9.21 0.35 30.38
CA ARG J 168 9.66 0.36 31.75
C ARG J 168 9.47 1.70 32.43
N GLY J 169 8.89 2.68 31.76
CA GLY J 169 8.71 3.99 32.35
C GLY J 169 9.99 4.77 32.54
N ALA J 170 11.03 4.46 31.77
CA ALA J 170 12.29 5.16 31.88
C ALA J 170 12.28 6.50 31.17
N VAL J 171 11.18 6.83 30.49
CA VAL J 171 11.06 8.08 29.76
C VAL J 171 10.37 9.17 30.57
N ASN J 172 10.02 8.89 31.82
CA ASN J 172 9.28 9.80 32.67
C ASN J 172 10.16 10.51 33.68
N VAL J 173 11.46 10.57 33.42
CA VAL J 173 12.41 11.25 34.28
C VAL J 173 12.37 12.76 34.01
N MET K 1 51.78 -9.27 -16.43
CA MET K 1 50.74 -8.29 -16.73
C MET K 1 49.40 -8.96 -16.46
N ALA K 2 48.37 -8.17 -16.22
CA ALA K 2 47.04 -8.67 -15.90
C ALA K 2 46.04 -7.91 -16.74
N LEU K 3 44.83 -8.45 -16.85
CA LEU K 3 43.84 -7.82 -17.71
C LEU K 3 43.37 -6.52 -17.07
N SER K 4 42.82 -5.64 -17.89
CA SER K 4 42.30 -4.37 -17.41
C SER K 4 40.80 -4.44 -17.26
N ASP K 5 40.23 -3.40 -16.64
CA ASP K 5 38.77 -3.33 -16.50
C ASP K 5 38.11 -3.20 -17.87
N SER K 6 38.74 -2.42 -18.76
CA SER K 6 38.22 -2.26 -20.11
C SER K 6 38.29 -3.54 -20.91
N GLN K 7 39.27 -4.40 -20.67
CA GLN K 7 39.32 -5.71 -21.30
C GLN K 7 38.21 -6.63 -20.80
N ILE K 8 37.80 -6.51 -19.55
CA ILE K 8 36.68 -7.29 -19.05
C ILE K 8 35.36 -6.75 -19.59
N PHE K 9 35.24 -5.43 -19.73
CA PHE K 9 34.03 -4.84 -20.27
C PHE K 9 33.89 -5.05 -21.77
N LEU K 10 35.02 -5.13 -22.49
CA LEU K 10 35.00 -5.54 -23.89
C LEU K 10 34.46 -6.95 -24.04
N ALA K 11 34.89 -7.86 -23.16
CA ALA K 11 34.38 -9.22 -23.16
C ALA K 11 32.89 -9.25 -22.89
N LEU K 12 32.45 -8.48 -21.89
CA LEU K 12 31.04 -8.45 -21.51
C LEU K 12 30.17 -7.89 -22.63
N ALA K 13 30.65 -6.87 -23.34
CA ALA K 13 29.87 -6.30 -24.43
C ALA K 13 29.92 -7.17 -25.68
N LEU K 14 31.04 -7.85 -25.91
CA LEU K 14 31.19 -8.67 -27.11
C LEU K 14 30.46 -10.01 -26.98
N ALA K 15 30.22 -10.48 -25.76
CA ALA K 15 29.45 -11.70 -25.57
C ALA K 15 27.95 -11.48 -25.70
N LEU K 16 27.50 -10.24 -25.84
CA LEU K 16 26.12 -9.97 -26.19
C LEU K 16 25.79 -10.37 -27.62
N ILE K 17 26.79 -10.56 -28.47
CA ILE K 17 26.54 -10.98 -29.84
C ILE K 17 26.22 -12.47 -29.88
N PRO K 18 27.03 -13.39 -29.30
CA PRO K 18 26.53 -14.76 -29.17
C PRO K 18 25.33 -14.88 -28.24
N GLY K 19 25.17 -13.96 -27.29
CA GLY K 19 24.03 -14.04 -26.39
C GLY K 19 22.70 -13.83 -27.06
N PHE K 20 22.61 -12.91 -28.02
CA PHE K 20 21.37 -12.70 -28.74
C PHE K 20 21.28 -13.53 -29.99
N LEU K 21 22.41 -13.93 -30.56
CA LEU K 21 22.40 -14.92 -31.63
C LEU K 21 21.89 -16.27 -31.14
N ALA K 22 22.20 -16.64 -29.90
CA ALA K 22 21.71 -17.87 -29.31
C ALA K 22 20.21 -17.81 -29.06
N LEU K 23 19.70 -16.68 -28.61
CA LEU K 23 18.27 -16.49 -28.45
C LEU K 23 17.54 -16.53 -29.78
N ARG K 24 18.13 -15.96 -30.82
CA ARG K 24 17.56 -16.03 -32.16
C ARG K 24 17.52 -17.44 -32.72
N LEU K 25 18.59 -18.22 -32.51
CA LEU K 25 18.59 -19.62 -32.93
C LEU K 25 17.61 -20.44 -32.09
N ALA K 26 17.47 -20.14 -30.80
CA ALA K 26 16.54 -20.88 -29.97
C ALA K 26 15.09 -20.64 -30.40
N THR K 27 14.74 -19.40 -30.71
CA THR K 27 13.39 -19.12 -31.18
C THR K 27 13.16 -19.49 -32.64
N GLU K 28 14.22 -19.62 -33.43
CA GLU K 28 14.08 -20.10 -34.80
C GLU K 28 13.90 -21.62 -34.85
N LEU K 29 14.38 -22.32 -33.83
CA LEU K 29 14.16 -23.76 -33.70
C LEU K 29 12.83 -24.08 -33.00
N TYR K 30 12.05 -23.06 -32.64
CA TYR K 30 10.62 -23.16 -32.33
C TYR K 30 10.20 -24.05 -31.18
N LYS K 31 10.43 -23.63 -29.94
CA LYS K 31 9.75 -24.26 -28.82
C LYS K 31 8.29 -23.87 -28.74
N SER L 3 -10.21 -98.71 -19.52
CA SER L 3 -11.61 -98.54 -20.00
C SER L 3 -12.45 -97.84 -18.92
N TYR L 4 -13.15 -96.76 -19.29
CA TYR L 4 -14.01 -96.01 -18.33
C TYR L 4 -15.31 -95.59 -19.02
N LYS L 5 -16.35 -95.34 -18.23
CA LYS L 5 -17.68 -94.93 -18.77
C LYS L 5 -18.07 -93.58 -18.17
N VAL L 6 -18.25 -92.57 -19.02
CA VAL L 6 -18.63 -91.19 -18.55
C VAL L 6 -20.04 -90.87 -19.07
N THR L 7 -20.94 -90.47 -18.18
CA THR L 7 -22.33 -90.13 -18.56
C THR L 7 -22.50 -88.60 -18.58
N LEU L 8 -22.71 -88.02 -19.75
CA LEU L 8 -22.88 -86.55 -19.90
C LEU L 8 -24.37 -86.20 -19.81
N VAL L 9 -24.74 -85.38 -18.82
CA VAL L 9 -26.17 -84.97 -18.63
C VAL L 9 -26.32 -83.51 -19.04
N ASN L 10 -27.34 -83.20 -19.85
CA ASN L 10 -27.59 -81.81 -20.31
C ASN L 10 -29.10 -81.53 -20.26
N GLU L 11 -29.51 -80.51 -19.51
CA GLU L 11 -30.95 -80.13 -19.38
C GLU L 11 -31.51 -79.78 -20.77
N THR L 12 -30.76 -78.98 -21.53
CA THR L 12 -31.20 -78.55 -22.89
C THR L 12 -31.57 -79.79 -23.72
N GLU L 13 -30.65 -80.76 -23.82
CA GLU L 13 -30.89 -82.01 -24.59
C GLU L 13 -31.82 -82.93 -23.80
N ASN L 14 -31.84 -82.78 -22.48
CA ASN L 14 -32.70 -83.63 -21.60
C ASN L 14 -32.46 -85.10 -21.92
N LEU L 15 -31.22 -85.57 -21.72
CA LEU L 15 -30.86 -86.98 -22.00
C LEU L 15 -29.54 -87.33 -21.30
N ASN L 16 -29.33 -88.60 -20.97
CA ASN L 16 -28.09 -89.06 -20.30
C ASN L 16 -27.43 -90.15 -21.13
N THR L 17 -26.55 -89.76 -22.06
CA THR L 17 -25.85 -90.72 -22.94
C THR L 17 -24.48 -91.05 -22.35
N THR L 18 -24.16 -92.34 -22.22
CA THR L 18 -22.86 -92.79 -21.65
C THR L 18 -21.87 -93.05 -22.79
N ILE L 19 -20.59 -92.77 -22.56
CA ILE L 19 -19.52 -92.98 -23.59
C ILE L 19 -18.22 -93.35 -22.89
N GLU L 20 -17.69 -94.54 -23.16
CA GLU L 20 -16.42 -95.02 -22.53
C GLU L 20 -15.27 -94.09 -22.96
N VAL L 21 -14.34 -93.80 -22.03
CA VAL L 21 -13.18 -92.91 -22.33
C VAL L 21 -11.91 -93.59 -21.80
N ALA L 22 -10.83 -93.56 -22.61
CA ALA L 22 -9.55 -94.18 -22.22
C ALA L 22 -8.92 -93.39 -21.07
N ASP L 23 -8.17 -94.08 -20.20
CA ASP L 23 -7.51 -93.42 -19.03
C ASP L 23 -6.72 -92.21 -19.51
N ASP L 24 -5.79 -92.42 -20.44
CA ASP L 24 -4.94 -91.33 -20.99
C ASP L 24 -5.68 -90.68 -22.18
N GLU L 25 -6.78 -89.97 -21.91
CA GLU L 25 -7.56 -89.29 -22.98
C GLU L 25 -8.54 -88.31 -22.34
N TYR L 26 -8.68 -87.12 -22.93
CA TYR L 26 -9.60 -86.07 -22.39
C TYR L 26 -11.05 -86.44 -22.75
N ILE L 27 -11.96 -86.24 -21.80
CA ILE L 27 -13.40 -86.56 -22.01
C ILE L 27 -13.88 -85.88 -23.29
N LEU L 28 -13.68 -84.57 -23.40
CA LEU L 28 -14.10 -83.79 -24.59
C LEU L 28 -13.49 -84.42 -25.85
N ASP L 29 -12.19 -84.73 -25.82
CA ASP L 29 -11.48 -85.34 -26.97
C ASP L 29 -12.12 -86.70 -27.29
N ALA L 30 -12.44 -87.47 -26.25
CA ALA L 30 -13.07 -88.80 -26.43
C ALA L 30 -14.54 -88.65 -26.83
N ALA L 31 -15.15 -87.52 -26.45
CA ALA L 31 -16.57 -87.25 -26.77
C ALA L 31 -16.71 -86.93 -28.27
N GLU L 32 -15.65 -86.38 -28.87
CA GLU L 32 -15.67 -86.03 -30.32
C GLU L 32 -15.62 -87.31 -31.15
N GLU L 33 -14.99 -88.36 -30.62
CA GLU L 33 -14.88 -89.66 -31.33
C GLU L 33 -15.98 -90.61 -30.84
N GLN L 34 -17.22 -90.11 -30.76
CA GLN L 34 -18.37 -90.93 -30.29
C GLN L 34 -19.68 -90.22 -30.67
N GLY L 35 -19.63 -89.37 -31.69
CA GLY L 35 -20.83 -88.64 -32.16
C GLY L 35 -21.55 -87.93 -31.02
N ILE L 36 -20.88 -86.94 -30.41
CA ILE L 36 -21.47 -86.17 -29.28
C ILE L 36 -20.99 -84.71 -29.38
N ASP L 37 -21.91 -83.76 -29.24
CA ASP L 37 -21.56 -82.31 -29.33
C ASP L 37 -21.42 -81.74 -27.90
N LEU L 38 -20.49 -80.80 -27.72
CA LEU L 38 -20.26 -80.19 -26.42
C LEU L 38 -19.72 -78.78 -26.66
N PRO L 39 -19.88 -77.86 -25.71
CA PRO L 39 -19.26 -76.54 -25.85
C PRO L 39 -17.77 -76.60 -25.51
N TYR L 40 -16.94 -76.07 -26.41
CA TYR L 40 -15.50 -75.97 -26.17
C TYR L 40 -14.88 -74.89 -27.03
N SER L 41 -14.00 -74.10 -26.41
CA SER L 41 -13.38 -72.97 -27.06
C SER L 41 -11.86 -73.13 -27.22
N CYS L 42 -11.15 -73.37 -26.11
CA CYS L 42 -9.69 -73.31 -26.15
C CYS L 42 -9.03 -74.67 -26.00
N ARG L 43 -9.71 -75.59 -25.32
CA ARG L 43 -9.19 -76.96 -25.10
C ARG L 43 -7.79 -76.87 -24.50
N ALA L 44 -7.65 -76.10 -23.41
CA ALA L 44 -6.32 -75.92 -22.76
C ALA L 44 -6.49 -75.73 -21.25
N GLY L 45 -7.71 -75.42 -20.78
CA GLY L 45 -7.89 -75.22 -19.36
C GLY L 45 -7.67 -73.78 -18.95
N ALA L 46 -7.94 -72.85 -19.86
CA ALA L 46 -7.74 -71.42 -19.62
C ALA L 46 -9.01 -70.62 -19.89
N CYS L 47 -10.17 -71.27 -19.77
CA CYS L 47 -11.46 -70.63 -19.86
C CYS L 47 -12.45 -71.45 -19.04
N SER L 48 -13.74 -71.19 -19.21
CA SER L 48 -14.77 -71.91 -18.49
C SER L 48 -15.87 -72.38 -19.43
N THR L 49 -15.54 -72.50 -20.73
CA THR L 49 -16.53 -72.81 -21.75
C THR L 49 -17.01 -74.26 -21.69
N CYS L 50 -16.20 -75.16 -21.18
CA CYS L 50 -16.53 -76.58 -21.09
C CYS L 50 -16.60 -77.04 -19.64
N ALA L 51 -17.15 -76.17 -18.79
CA ALA L 51 -17.28 -76.47 -17.34
C ALA L 51 -18.39 -77.53 -17.14
N GLY L 52 -18.01 -78.70 -16.62
CA GLY L 52 -18.98 -79.79 -16.37
C GLY L 52 -19.00 -80.19 -14.91
N LYS L 53 -20.04 -79.77 -14.18
CA LYS L 53 -20.18 -80.12 -12.73
C LYS L 53 -20.13 -81.63 -12.57
N LEU L 54 -19.36 -82.12 -11.60
CA LEU L 54 -19.23 -83.58 -11.33
C LEU L 54 -20.28 -84.00 -10.30
N THR L 55 -21.26 -84.82 -10.73
CA THR L 55 -22.34 -85.29 -9.83
C THR L 55 -21.82 -86.46 -8.97
N GLU L 56 -20.95 -87.29 -9.55
CA GLU L 56 -20.37 -88.46 -8.83
C GLU L 56 -19.13 -88.95 -9.58
N GLY L 57 -18.18 -89.56 -8.85
CA GLY L 57 -16.94 -90.08 -9.46
C GLY L 57 -15.78 -89.14 -9.24
N THR L 58 -14.70 -89.31 -10.03
CA THR L 58 -13.49 -88.46 -9.90
C THR L 58 -12.77 -88.38 -11.26
N VAL L 59 -12.28 -87.20 -11.63
CA VAL L 59 -11.56 -87.01 -12.92
C VAL L 59 -10.15 -86.50 -12.64
N ASP L 60 -9.19 -86.81 -13.53
CA ASP L 60 -7.78 -86.37 -13.35
C ASP L 60 -7.57 -85.08 -14.15
N GLN L 61 -7.86 -83.93 -13.53
CA GLN L 61 -7.70 -82.61 -14.19
C GLN L 61 -6.49 -81.89 -13.58
N SER L 62 -5.29 -82.43 -13.79
CA SER L 62 -4.04 -81.82 -13.25
C SER L 62 -3.50 -80.79 -14.25
N ASP L 63 -3.88 -80.90 -15.52
CA ASP L 63 -3.42 -79.97 -16.57
C ASP L 63 -4.29 -78.70 -16.54
N GLN L 64 -5.50 -78.80 -15.99
CA GLN L 64 -6.43 -77.64 -15.90
C GLN L 64 -5.75 -76.51 -15.12
N SER L 65 -5.95 -75.26 -15.55
CA SER L 65 -5.35 -74.08 -14.88
C SER L 65 -6.28 -72.87 -15.01
N PHE L 66 -7.42 -72.92 -14.33
CA PHE L 66 -8.41 -71.80 -14.37
C PHE L 66 -9.40 -71.95 -13.20
N LEU L 67 -9.80 -73.19 -12.91
CA LEU L 67 -10.76 -73.48 -11.81
C LEU L 67 -10.14 -73.08 -10.47
N ASP L 68 -10.95 -72.54 -9.56
CA ASP L 68 -10.46 -72.10 -8.22
C ASP L 68 -10.56 -73.27 -7.22
N ASP L 69 -9.80 -73.19 -6.13
CA ASP L 69 -9.80 -74.26 -5.09
C ASP L 69 -11.22 -74.47 -4.58
N ASP L 70 -11.93 -73.38 -4.28
CA ASP L 70 -13.33 -73.46 -3.79
C ASP L 70 -14.28 -73.77 -4.95
N GLN L 71 -13.87 -73.45 -6.18
CA GLN L 71 -14.70 -73.69 -7.39
C GLN L 71 -14.56 -75.16 -7.81
N ILE L 72 -13.38 -75.76 -7.59
CA ILE L 72 -13.13 -77.18 -7.97
C ILE L 72 -13.76 -78.10 -6.92
N GLU L 73 -14.02 -77.59 -5.72
CA GLU L 73 -14.62 -78.39 -4.62
C GLU L 73 -16.13 -78.54 -4.86
N ALA L 74 -16.73 -77.60 -5.62
CA ALA L 74 -18.17 -77.64 -5.94
C ALA L 74 -18.47 -78.82 -6.86
N GLY L 75 -17.53 -79.16 -7.74
CA GLY L 75 -17.69 -80.29 -8.69
C GLY L 75 -17.34 -79.90 -10.11
N TYR L 76 -17.24 -78.58 -10.37
CA TYR L 76 -16.91 -78.07 -11.73
C TYR L 76 -15.54 -78.63 -12.15
N VAL L 77 -15.43 -79.05 -13.42
CA VAL L 77 -14.17 -79.61 -13.96
C VAL L 77 -14.14 -79.40 -15.48
N LEU L 78 -13.17 -78.62 -15.97
CA LEU L 78 -13.04 -78.36 -17.43
C LEU L 78 -13.02 -79.70 -18.18
N THR L 79 -14.08 -79.99 -18.95
CA THR L 79 -14.17 -81.24 -19.68
C THR L 79 -13.21 -81.28 -20.86
N CYS L 80 -12.48 -80.19 -21.09
CA CYS L 80 -11.54 -80.10 -22.20
C CYS L 80 -10.16 -80.61 -21.85
N VAL L 81 -9.78 -80.44 -20.58
CA VAL L 81 -8.44 -80.90 -20.09
C VAL L 81 -8.66 -81.83 -18.89
N ALA L 82 -9.76 -82.58 -18.89
CA ALA L 82 -10.08 -83.52 -17.78
C ALA L 82 -9.63 -84.94 -18.16
N TYR L 83 -9.34 -85.77 -17.16
CA TYR L 83 -8.90 -87.18 -17.40
C TYR L 83 -9.87 -88.14 -16.72
N PRO L 84 -10.68 -88.84 -17.52
CA PRO L 84 -11.66 -89.79 -16.98
C PRO L 84 -10.96 -90.97 -16.27
N THR L 85 -10.96 -90.94 -14.93
CA THR L 85 -10.32 -92.01 -14.12
C THR L 85 -11.21 -93.27 -14.14
N SER L 86 -12.53 -93.07 -14.08
CA SER L 86 -13.50 -94.21 -14.09
C SER L 86 -14.62 -93.93 -15.10
N ASP L 87 -15.76 -93.45 -14.62
CA ASP L 87 -16.92 -93.14 -15.50
C ASP L 87 -17.91 -92.25 -14.73
N CYS L 88 -18.68 -92.83 -13.81
CA CYS L 88 -19.69 -92.08 -13.01
C CYS L 88 -20.57 -91.23 -13.93
N THR L 89 -20.71 -89.94 -13.61
CA THR L 89 -21.54 -89.01 -14.42
C THR L 89 -21.03 -87.58 -14.22
N VAL L 90 -21.23 -86.71 -15.22
CA VAL L 90 -20.78 -85.29 -15.14
C VAL L 90 -21.78 -84.40 -15.89
N MET L 91 -22.07 -83.21 -15.35
CA MET L 91 -23.04 -82.27 -15.99
C MET L 91 -22.34 -81.57 -17.17
N THR L 92 -23.13 -81.13 -18.16
CA THR L 92 -22.57 -80.44 -19.35
C THR L 92 -23.14 -79.02 -19.44
N HIS L 93 -22.42 -78.12 -20.12
CA HIS L 93 -22.85 -76.71 -20.27
C HIS L 93 -23.17 -76.09 -18.91
N GLN L 94 -22.17 -75.97 -18.04
CA GLN L 94 -22.37 -75.39 -16.69
C GLN L 94 -21.49 -74.14 -16.53
N GLU L 95 -21.30 -73.39 -17.62
CA GLU L 95 -20.46 -72.16 -17.60
C GLU L 95 -21.27 -71.02 -16.98
N GLU L 96 -22.61 -71.11 -17.03
CA GLU L 96 -23.50 -70.07 -16.47
C GLU L 96 -23.57 -70.22 -14.94
N GLU L 97 -23.26 -71.42 -14.44
CA GLU L 97 -23.29 -71.69 -12.98
C GLU L 97 -21.95 -71.29 -12.34
N LEU L 98 -20.88 -71.25 -13.16
CA LEU L 98 -19.53 -70.88 -12.67
C LEU L 98 -19.55 -69.41 -12.23
N TYR L 99 -19.87 -68.51 -13.16
CA TYR L 99 -19.92 -67.04 -12.85
C TYR L 99 -21.28 -66.69 -12.25
N ALA M 11 32.79 16.75 -86.10
CA ALA M 11 32.03 15.51 -85.91
C ALA M 11 32.99 14.35 -85.62
N SER M 12 32.60 13.45 -84.72
CA SER M 12 33.44 12.28 -84.33
C SER M 12 32.59 11.23 -83.62
N ALA M 13 31.44 11.65 -83.06
CA ALA M 13 30.54 10.73 -82.33
C ALA M 13 29.10 10.86 -82.86
N ALA M 14 28.89 11.67 -83.90
CA ALA M 14 27.54 11.89 -84.50
C ALA M 14 26.53 12.20 -83.40
N THR M 15 26.73 13.32 -82.69
CA THR M 15 25.80 13.74 -81.60
C THR M 15 25.89 15.25 -81.41
N GLU M 16 25.19 16.02 -82.25
CA GLU M 16 25.19 17.50 -82.17
C GLU M 16 24.01 18.06 -82.98
N GLN M 17 24.31 18.86 -84.00
CA GLN M 17 23.27 19.49 -84.87
C GLN M 17 22.23 20.21 -84.00
N SER M 18 22.66 21.26 -83.29
CA SER M 18 21.76 22.04 -82.40
C SER M 18 21.32 23.32 -83.11
N PRO M 19 20.05 23.73 -82.91
CA PRO M 19 19.51 24.94 -83.54
C PRO M 19 19.76 26.18 -82.67
N ILE M 20 18.70 26.93 -82.37
CA ILE M 20 18.79 28.16 -81.54
C ILE M 20 19.88 29.07 -82.12
N PRO M 21 19.68 29.55 -83.35
CA PRO M 21 20.64 30.43 -84.02
C PRO M 21 21.02 31.62 -83.11
N THR M 22 22.31 31.99 -83.12
CA THR M 22 22.81 33.13 -82.29
C THR M 22 22.16 34.44 -82.76
N SER M 23 21.02 34.80 -82.18
CA SER M 23 20.29 36.05 -82.55
C SER M 23 20.61 37.15 -81.53
N PHE M 24 20.50 38.41 -81.94
CA PHE M 24 20.78 39.56 -81.03
C PHE M 24 19.47 40.20 -80.60
N GLU M 25 18.47 40.20 -81.49
CA GLU M 25 17.17 40.80 -81.19
C GLU M 25 16.56 40.22 -79.92
N ARG M 26 16.87 38.97 -79.59
CA ARG M 26 16.25 38.29 -78.42
C ARG M 26 16.86 38.77 -77.11
N TRP M 27 17.48 39.96 -77.10
CA TRP M 27 18.10 40.50 -75.87
C TRP M 27 17.30 41.68 -75.33
N ALA M 28 16.53 42.35 -76.21
CA ALA M 28 15.72 43.52 -75.81
C ALA M 28 14.26 43.09 -75.60
N LYS M 29 14.05 41.93 -74.96
CA LYS M 29 12.69 41.41 -74.69
C LYS M 29 12.75 40.50 -73.45
N PRO M 30 13.12 41.08 -72.29
CA PRO M 30 13.23 40.33 -71.05
C PRO M 30 11.96 39.54 -70.74
N GLY M 31 12.14 38.37 -70.15
CA GLY M 31 11.03 37.47 -69.93
C GLY M 31 10.70 36.58 -71.11
N HIS M 32 11.58 36.54 -72.11
CA HIS M 32 11.37 35.74 -73.31
C HIS M 32 11.30 34.25 -73.01
N PHE M 33 11.94 33.85 -71.90
CA PHE M 33 11.99 32.41 -71.49
C PHE M 33 10.63 31.96 -70.97
N ASP M 34 9.97 32.79 -70.15
CA ASP M 34 8.64 32.45 -69.57
C ASP M 34 7.54 33.06 -70.45
N ARG M 35 6.40 32.38 -70.55
CA ARG M 35 5.26 32.86 -71.39
C ARG M 35 4.58 34.07 -70.75
N THR M 36 4.50 34.08 -69.41
CA THR M 36 3.84 35.20 -68.67
C THR M 36 4.85 36.33 -68.42
N LEU M 37 6.16 36.02 -68.51
CA LEU M 37 7.22 37.03 -68.28
C LEU M 37 7.35 37.92 -69.52
N ALA M 38 6.91 37.42 -70.68
CA ALA M 38 6.98 38.18 -71.94
C ALA M 38 5.62 38.80 -72.24
N ARG M 39 4.78 38.98 -71.21
CA ARG M 39 3.44 39.59 -71.37
C ARG M 39 3.58 41.10 -71.54
N GLY M 40 3.99 41.80 -70.48
CA GLY M 40 4.17 43.27 -70.55
C GLY M 40 4.24 43.92 -69.17
N PRO M 41 5.14 43.42 -68.31
CA PRO M 41 5.36 43.95 -66.95
C PRO M 41 4.10 44.28 -66.11
N LYS M 42 3.46 45.42 -66.41
CA LYS M 42 2.24 45.95 -65.71
C LYS M 42 2.59 46.42 -64.30
N THR M 43 2.86 45.48 -63.37
CA THR M 43 3.24 45.85 -61.98
C THR M 43 4.76 45.73 -61.81
N THR M 44 5.24 45.72 -60.56
CA THR M 44 6.71 45.63 -60.31
C THR M 44 7.11 44.19 -59.99
N THR M 45 6.15 43.35 -59.61
CA THR M 45 6.44 41.96 -59.27
C THR M 45 7.12 41.25 -60.43
N TRP M 46 6.84 41.68 -61.67
CA TRP M 46 7.48 41.10 -62.85
C TRP M 46 9.00 41.28 -62.84
N ILE M 47 9.46 42.44 -62.37
CA ILE M 47 10.89 42.74 -62.31
C ILE M 47 11.59 41.74 -61.41
N TRP M 48 11.00 41.46 -60.25
CA TRP M 48 11.57 40.50 -59.32
C TRP M 48 11.37 39.06 -59.79
N ASN M 49 10.30 38.82 -60.54
CA ASN M 49 10.05 37.48 -61.08
C ASN M 49 11.03 37.14 -62.18
N LEU M 50 11.59 38.16 -62.84
CA LEU M 50 12.58 37.96 -63.89
C LEU M 50 13.82 37.24 -63.38
N HIS M 51 14.24 37.59 -62.16
CA HIS M 51 15.49 37.00 -61.59
C HIS M 51 15.18 35.88 -60.59
N ALA M 52 13.90 35.52 -60.41
CA ALA M 52 13.53 34.47 -59.48
C ALA M 52 13.55 33.09 -60.12
N ASP M 53 13.38 33.03 -61.43
CA ASP M 53 13.42 31.76 -62.16
C ASP M 53 14.09 31.98 -63.52
N ALA M 54 15.18 32.76 -63.53
CA ALA M 54 15.91 32.99 -64.76
C ALA M 54 16.71 31.76 -65.20
N HIS M 55 17.29 31.02 -64.24
CA HIS M 55 18.07 29.84 -64.55
C HIS M 55 17.27 28.57 -64.48
N ASP M 56 16.00 28.64 -64.07
CA ASP M 56 15.20 27.43 -63.92
C ASP M 56 14.78 26.96 -65.30
N PHE M 57 15.66 26.23 -65.98
CA PHE M 57 15.38 25.79 -67.34
C PHE M 57 14.30 24.72 -67.41
N ASP M 58 13.92 24.17 -66.25
CA ASP M 58 12.92 23.13 -66.20
C ASP M 58 11.52 23.69 -66.45
N SER M 59 11.28 24.91 -65.97
CA SER M 59 9.96 25.58 -66.15
C SER M 59 9.83 26.08 -67.58
N HIS M 60 10.89 26.72 -68.09
CA HIS M 60 10.92 27.30 -69.46
C HIS M 60 10.37 26.31 -70.49
N THR M 61 11.07 25.17 -70.70
CA THR M 61 10.64 24.18 -71.72
C THR M 61 10.17 22.87 -71.06
N ASN M 62 9.91 21.84 -71.89
CA ASN M 62 9.45 20.55 -71.40
C ASN M 62 10.32 19.39 -71.86
N ASP M 63 11.12 19.54 -72.92
CA ASP M 63 11.97 18.46 -73.39
C ASP M 63 13.21 18.33 -72.51
N LEU M 64 13.54 17.09 -72.12
CA LEU M 64 14.72 16.85 -71.30
C LEU M 64 16.00 17.11 -72.07
N GLN M 65 15.99 16.87 -73.38
CA GLN M 65 17.18 17.05 -74.21
C GLN M 65 17.57 18.51 -74.36
N ASP M 66 16.59 19.40 -74.56
CA ASP M 66 16.88 20.82 -74.66
C ASP M 66 17.38 21.37 -73.33
N ILE M 67 16.79 20.92 -72.23
CA ILE M 67 17.24 21.32 -70.90
C ILE M 67 18.66 20.85 -70.64
N SER M 68 18.97 19.60 -71.05
CA SER M 68 20.32 19.06 -70.88
C SER M 68 21.35 19.86 -71.66
N ARG M 69 21.02 20.22 -72.90
CA ARG M 69 21.91 21.05 -73.71
C ARG M 69 22.16 22.41 -73.08
N LYS M 70 21.10 23.05 -72.57
CA LYS M 70 21.22 24.32 -71.88
C LYS M 70 22.11 24.20 -70.66
N ILE M 71 21.93 23.13 -69.89
CA ILE M 71 22.72 22.89 -68.67
C ILE M 71 24.20 22.73 -69.01
N PHE M 72 24.49 21.97 -70.07
CA PHE M 72 25.87 21.74 -70.51
C PHE M 72 26.56 23.05 -70.87
N SER M 73 25.87 23.90 -71.63
CA SER M 73 26.49 25.17 -72.01
C SER M 73 26.58 26.14 -70.81
N ALA M 74 25.63 26.07 -69.89
CA ALA M 74 25.73 26.87 -68.67
C ALA M 74 26.91 26.44 -67.82
N HIS M 75 27.18 25.12 -67.78
CA HIS M 75 28.36 24.60 -67.10
C HIS M 75 29.63 25.17 -67.69
N PHE M 76 29.68 25.22 -69.03
CA PHE M 76 30.86 25.78 -69.69
C PHE M 76 31.05 27.26 -69.35
N GLY M 77 29.96 28.03 -69.35
CA GLY M 77 30.06 29.43 -68.98
C GLY M 77 30.48 29.63 -67.53
N HIS M 78 30.02 28.75 -66.64
CA HIS M 78 30.47 28.81 -65.26
C HIS M 78 31.96 28.53 -65.13
N LEU M 79 32.45 27.51 -65.84
CA LEU M 79 33.88 27.22 -65.87
C LEU M 79 34.67 28.42 -66.36
N ALA M 80 34.14 29.11 -67.36
CA ALA M 80 34.77 30.34 -67.85
C ALA M 80 34.85 31.41 -66.78
N VAL M 81 33.77 31.57 -65.99
CA VAL M 81 33.77 32.55 -64.91
C VAL M 81 34.81 32.20 -63.86
N VAL M 82 34.93 30.90 -63.52
CA VAL M 82 35.93 30.47 -62.55
C VAL M 82 37.35 30.68 -63.07
N PHE M 83 37.57 30.46 -64.38
CA PHE M 83 38.89 30.73 -64.94
C PHE M 83 39.21 32.23 -64.96
N VAL M 84 38.22 33.09 -65.17
CA VAL M 84 38.44 34.53 -65.06
C VAL M 84 38.86 34.89 -63.63
N TRP M 85 38.20 34.29 -62.65
CA TRP M 85 38.56 34.53 -61.25
C TRP M 85 39.98 34.06 -60.93
N LEU M 86 40.34 32.87 -61.43
CA LEU M 86 41.69 32.35 -61.23
C LEU M 86 42.74 33.23 -61.90
N SER M 87 42.44 33.70 -63.11
CA SER M 87 43.31 34.63 -63.81
C SER M 87 43.51 35.90 -63.01
N GLY M 88 42.43 36.40 -62.41
CA GLY M 88 42.53 37.59 -61.58
C GLY M 88 43.37 37.39 -60.34
N MET M 89 43.24 36.22 -59.70
CA MET M 89 44.04 35.95 -58.51
C MET M 89 45.52 35.81 -58.85
N TYR M 90 45.84 35.14 -59.97
CA TYR M 90 47.24 35.03 -60.35
C TYR M 90 47.81 36.37 -60.80
N PHE M 91 47.00 37.20 -61.45
CA PHE M 91 47.46 38.52 -61.84
C PHE M 91 47.68 39.41 -60.63
N HIS M 92 46.84 39.24 -59.61
CA HIS M 92 47.01 40.06 -58.37
C HIS M 92 48.28 39.60 -57.67
N GLY M 93 48.54 38.29 -57.66
CA GLY M 93 49.79 37.82 -57.12
C GLY M 93 51.01 38.13 -57.95
N ALA M 94 50.82 38.58 -59.19
CA ALA M 94 51.94 38.86 -60.08
C ALA M 94 52.14 40.36 -60.29
N ARG M 95 51.20 41.20 -59.87
CA ARG M 95 51.39 42.64 -60.04
C ARG M 95 51.22 43.46 -58.78
N PHE M 96 50.25 43.11 -57.92
CA PHE M 96 50.00 43.94 -56.76
C PHE M 96 50.28 43.17 -55.48
N SER M 97 51.38 42.46 -55.43
CA SER M 97 51.66 41.59 -54.31
C SER M 97 53.10 41.75 -53.87
N ASN M 98 53.38 41.30 -52.66
CA ASN M 98 54.74 41.16 -52.13
C ASN M 98 55.18 39.70 -52.14
N PHE M 99 54.85 38.97 -53.22
CA PHE M 99 55.12 37.53 -53.28
C PHE M 99 56.61 37.24 -53.22
N SER M 100 57.43 38.04 -53.91
CA SER M 100 58.88 37.84 -53.88
C SER M 100 59.45 38.11 -52.49
N SER M 101 58.98 39.17 -51.84
CA SER M 101 59.39 39.48 -50.48
C SER M 101 59.00 38.37 -49.52
N TRP M 102 57.79 37.84 -49.67
CA TRP M 102 57.34 36.75 -48.83
C TRP M 102 58.11 35.47 -49.14
N MET M 103 58.49 35.28 -50.40
CA MET M 103 59.32 34.16 -50.81
C MET M 103 60.67 34.21 -50.13
N ALA M 104 61.20 35.41 -49.93
CA ALA M 104 62.49 35.59 -49.24
C ALA M 104 62.30 35.23 -47.76
N ASP M 105 61.38 35.91 -47.08
CA ASP M 105 61.09 35.68 -45.63
C ASP M 105 59.60 35.43 -45.43
N PRO M 106 59.19 34.16 -45.36
CA PRO M 106 57.76 33.81 -45.19
C PRO M 106 57.32 33.64 -43.72
N THR M 107 58.09 34.21 -42.79
CA THR M 107 57.78 34.11 -41.37
C THR M 107 57.68 35.51 -40.78
N HIS M 108 58.33 36.48 -41.44
CA HIS M 108 58.31 37.86 -40.99
C HIS M 108 57.58 38.79 -41.94
N ILE M 109 57.28 38.33 -43.16
CA ILE M 109 56.54 39.12 -44.14
C ILE M 109 55.10 38.65 -44.13
N ARG M 110 54.17 39.60 -44.18
CA ARG M 110 52.72 39.29 -44.20
C ARG M 110 52.26 39.21 -45.66
N PRO M 111 51.60 38.12 -46.06
CA PRO M 111 51.10 38.01 -47.43
C PRO M 111 50.15 39.16 -47.75
N SER M 112 50.36 39.77 -48.90
CA SER M 112 49.52 40.87 -49.34
C SER M 112 49.42 40.81 -50.85
N ALA M 113 48.22 40.95 -51.39
CA ALA M 113 48.01 40.91 -52.83
C ALA M 113 46.99 41.94 -53.28
N GLN M 114 46.85 43.03 -52.53
CA GLN M 114 45.84 44.03 -52.83
C GLN M 114 46.29 45.36 -52.27
N VAL M 115 46.43 46.36 -53.14
CA VAL M 115 46.78 47.71 -52.73
C VAL M 115 45.60 48.62 -53.05
N VAL M 116 45.39 49.60 -52.22
CA VAL M 116 44.26 50.52 -52.35
C VAL M 116 44.76 51.83 -52.95
N TRP M 117 43.96 52.39 -53.84
CA TRP M 117 44.30 53.65 -54.48
C TRP M 117 44.30 54.79 -53.46
N PRO M 118 45.12 55.82 -53.65
CA PRO M 118 45.11 56.93 -52.70
C PRO M 118 43.96 57.88 -52.94
N LEU M 119 42.79 57.51 -52.41
CA LEU M 119 41.58 58.31 -52.52
C LEU M 119 41.21 58.68 -51.09
N VAL M 120 40.00 59.22 -50.90
CA VAL M 120 39.56 59.82 -49.64
C VAL M 120 39.74 58.91 -48.43
N GLY M 121 40.62 59.31 -47.52
CA GLY M 121 41.00 58.56 -46.33
C GLY M 121 41.41 57.11 -46.53
N GLN M 122 41.65 56.72 -47.77
CA GLN M 122 41.42 55.35 -48.19
C GLN M 122 42.69 54.53 -48.11
N ASP M 123 43.84 55.16 -48.28
CA ASP M 123 45.12 54.51 -48.26
C ASP M 123 45.62 54.18 -46.86
N ILE M 124 44.82 54.47 -45.83
CA ILE M 124 45.14 53.96 -44.50
C ILE M 124 44.97 52.45 -44.43
N LEU M 125 44.18 51.86 -45.34
CA LEU M 125 43.96 50.43 -45.33
C LEU M 125 45.18 49.68 -45.84
N ASN M 126 46.05 50.38 -46.54
CA ASN M 126 47.36 49.85 -46.91
C ASN M 126 48.25 49.80 -45.67
N GLY M 127 48.32 48.64 -45.04
CA GLY M 127 49.15 48.47 -43.85
C GLY M 127 50.54 48.00 -44.20
N ASP M 128 51.49 48.25 -43.30
CA ASP M 128 52.84 47.79 -43.51
C ASP M 128 52.91 46.27 -43.36
N MET M 129 53.30 45.59 -44.42
CA MET M 129 53.30 44.14 -44.48
C MET M 129 54.69 43.55 -44.30
N GLY M 130 55.68 44.38 -43.99
CA GLY M 130 57.04 43.91 -43.85
C GLY M 130 57.78 44.02 -45.16
N GLY M 131 58.95 44.65 -45.14
CA GLY M 131 59.72 44.88 -46.35
C GLY M 131 59.43 46.18 -47.04
N GLY M 132 58.72 47.10 -46.39
CA GLY M 132 58.35 48.35 -47.02
C GLY M 132 57.13 48.28 -47.91
N PHE M 133 56.44 47.14 -47.90
CA PHE M 133 55.25 46.96 -48.76
C PHE M 133 54.00 47.46 -48.03
N ARG M 134 53.35 48.48 -48.60
CA ARG M 134 52.12 49.04 -48.00
C ARG M 134 50.91 48.45 -48.73
N GLY M 135 50.27 47.46 -48.13
CA GLY M 135 49.10 46.84 -48.76
C GLY M 135 48.17 46.22 -47.74
N ILE M 136 47.23 45.42 -48.22
CA ILE M 136 46.23 44.72 -47.40
C ILE M 136 46.65 43.27 -47.20
N GLN M 137 46.63 42.79 -45.96
CA GLN M 137 47.03 41.42 -45.67
C GLN M 137 45.99 40.41 -46.12
N ILE M 138 46.28 39.66 -47.18
CA ILE M 138 45.34 38.66 -47.68
C ILE M 138 45.41 37.41 -46.81
N THR M 139 44.26 36.76 -46.65
CA THR M 139 44.14 35.56 -45.83
C THR M 139 43.63 34.38 -46.65
N SER M 140 43.80 34.45 -47.97
CA SER M 140 43.29 33.43 -48.86
C SER M 140 44.23 32.24 -49.01
N GLY M 141 45.46 32.34 -48.52
CA GLY M 141 46.40 31.25 -48.63
C GLY M 141 46.98 31.06 -50.01
N LEU M 142 46.94 32.11 -50.84
CA LEU M 142 47.45 31.99 -52.20
C LEU M 142 48.97 31.87 -52.20
N PHE M 143 49.65 32.65 -51.36
CA PHE M 143 51.10 32.63 -51.31
C PHE M 143 51.62 31.27 -50.84
N GLN M 144 51.00 30.72 -49.79
CA GLN M 144 51.38 29.41 -49.28
C GLN M 144 51.10 28.32 -50.29
N MET M 145 50.09 28.49 -51.13
CA MET M 145 49.75 27.53 -52.18
C MET M 145 50.75 27.59 -53.33
N TRP M 146 51.08 28.82 -53.75
CA TRP M 146 52.04 29.00 -54.84
C TRP M 146 53.44 28.55 -54.44
N ARG M 147 53.80 28.74 -53.16
CA ARG M 147 55.09 28.23 -52.69
C ARG M 147 55.16 26.72 -52.75
N GLY M 148 54.07 26.05 -52.38
CA GLY M 148 54.04 24.60 -52.44
C GLY M 148 53.96 24.06 -53.85
N GLU M 149 53.30 24.77 -54.76
CA GLU M 149 53.18 24.29 -56.12
C GLU M 149 54.52 24.39 -56.86
N GLY M 150 55.31 25.41 -56.57
CA GLY M 150 56.63 25.51 -57.14
C GLY M 150 56.98 26.89 -57.66
N PHE M 151 56.08 27.85 -57.46
CA PHE M 151 56.33 29.21 -57.93
C PHE M 151 57.41 29.86 -57.09
N THR M 152 58.29 30.61 -57.77
CA THR M 152 59.35 31.33 -57.06
C THR M 152 59.33 32.82 -57.41
N ASN M 153 58.99 33.15 -58.64
CA ASN M 153 58.91 34.54 -59.06
C ASN M 153 57.53 34.88 -59.60
N GLU M 154 57.31 36.19 -59.79
CA GLU M 154 55.99 36.67 -60.17
C GLU M 154 55.72 36.47 -61.65
N PHE M 155 56.75 36.26 -62.47
CA PHE M 155 56.55 36.05 -63.89
C PHE M 155 55.80 34.75 -64.16
N GLN M 156 56.09 33.73 -63.37
CA GLN M 156 55.38 32.45 -63.48
C GLN M 156 53.90 32.63 -63.14
N LEU M 157 53.62 33.46 -62.13
CA LEU M 157 52.23 33.78 -61.78
C LEU M 157 51.54 34.54 -62.91
N TYR M 158 52.26 35.47 -63.55
CA TYR M 158 51.70 36.18 -64.69
C TYR M 158 51.39 35.24 -65.85
N CYS M 159 52.28 34.28 -66.08
CA CYS M 159 52.06 33.28 -67.11
C CYS M 159 50.84 32.44 -66.81
N THR M 160 50.66 32.06 -65.54
CA THR M 160 49.49 31.28 -65.15
C THR M 160 48.21 32.10 -65.30
N ALA M 161 48.28 33.40 -65.00
CA ALA M 161 47.13 34.29 -65.20
C ALA M 161 46.74 34.38 -66.67
N ILE M 162 47.73 34.51 -67.56
CA ILE M 162 47.44 34.57 -68.99
C ILE M 162 46.86 33.24 -69.47
N GLY M 163 47.40 32.12 -68.97
CA GLY M 163 46.85 30.83 -69.33
C GLY M 163 45.42 30.63 -68.86
N ALA M 164 45.10 31.12 -67.67
CA ALA M 164 43.72 31.02 -67.17
C ALA M 164 42.77 31.91 -67.96
N LEU M 165 43.22 33.08 -68.39
CA LEU M 165 42.39 33.94 -69.23
C LEU M 165 42.14 33.29 -70.59
N VAL M 166 43.15 32.66 -71.16
CA VAL M 166 42.99 31.92 -72.41
C VAL M 166 42.02 30.77 -72.23
N MET M 167 42.13 30.06 -71.10
CA MET M 167 41.20 28.97 -70.80
C MET M 167 39.78 29.47 -70.63
N ALA M 168 39.60 30.66 -70.06
CA ALA M 168 38.27 31.24 -69.93
C ALA M 168 37.66 31.55 -71.30
N GLY M 169 38.44 32.14 -72.20
CA GLY M 169 37.97 32.34 -73.55
C GLY M 169 37.64 31.04 -74.25
N LEU M 170 38.47 30.02 -74.04
CA LEU M 170 38.23 28.71 -74.62
C LEU M 170 36.96 28.07 -74.04
N MET M 171 36.69 28.30 -72.76
CA MET M 171 35.51 27.71 -72.07
C MET M 171 34.22 28.39 -72.51
N ILE M 172 34.29 29.67 -72.90
CA ILE M 172 33.06 30.38 -73.39
C ILE M 172 32.87 30.11 -74.89
N PHE M 173 33.84 29.46 -75.52
CA PHE M 173 33.69 29.07 -76.96
C PHE M 173 33.13 27.66 -77.01
N ALA M 174 33.52 26.82 -76.03
CA ALA M 174 33.05 25.42 -75.94
C ALA M 174 31.58 25.39 -75.54
N GLY M 175 31.12 26.40 -74.79
CA GLY M 175 29.71 26.48 -74.36
C GLY M 175 28.84 27.04 -75.46
N TRP M 176 29.44 27.81 -76.38
CA TRP M 176 28.68 28.38 -77.52
C TRP M 176 28.69 27.36 -78.67
N PHE M 177 29.75 26.56 -78.75
CA PHE M 177 29.88 25.55 -79.83
C PHE M 177 29.05 24.30 -79.48
N HIS M 178 28.80 24.08 -78.19
CA HIS M 178 28.03 22.88 -77.77
C HIS M 178 26.56 23.27 -77.51
N TYR M 179 26.06 24.27 -78.22
CA TYR M 179 24.66 24.70 -78.07
C TYR M 179 24.19 25.38 -79.35
N HIS M 180 25.05 26.25 -79.91
CA HIS M 180 24.68 27.03 -81.12
C HIS M 180 25.25 26.41 -82.40
N VAL M 181 26.15 25.42 -82.29
CA VAL M 181 26.70 24.84 -83.49
C VAL M 181 26.43 23.34 -83.48
N ARG M 182 27.03 22.63 -82.54
CA ARG M 182 26.91 21.18 -82.54
C ARG M 182 26.69 20.69 -81.11
N SER M 183 25.42 20.66 -80.72
CA SER M 183 25.01 20.27 -79.39
C SER M 183 24.74 18.77 -79.31
N PRO M 184 25.03 18.14 -78.17
CA PRO M 184 24.85 16.69 -78.06
C PRO M 184 23.39 16.27 -77.99
N LYS M 185 23.17 14.99 -78.23
CA LYS M 185 21.85 14.38 -78.18
C LYS M 185 21.58 14.00 -76.73
N LEU M 186 20.36 13.58 -76.42
CA LEU M 186 20.06 13.20 -75.05
C LEU M 186 20.69 11.86 -74.69
N GLU M 187 20.91 10.99 -75.69
CA GLU M 187 21.52 9.68 -75.44
C GLU M 187 22.96 9.83 -74.94
N TRP M 188 23.62 10.92 -75.31
CA TRP M 188 24.97 11.20 -74.82
C TRP M 188 24.96 11.60 -73.34
N PHE M 189 23.99 12.41 -72.92
CA PHE M 189 23.90 12.83 -71.53
C PHE M 189 23.52 11.69 -70.60
N GLN M 190 22.74 10.72 -71.09
CA GLN M 190 22.26 9.61 -70.30
C GLN M 190 23.27 8.48 -70.18
N ASN M 191 24.46 8.67 -70.75
CA ASN M 191 25.53 7.67 -70.66
C ASN M 191 26.30 7.84 -69.36
N VAL M 192 25.66 7.43 -68.27
CA VAL M 192 26.24 7.63 -66.95
C VAL M 192 27.41 6.68 -66.72
N GLN M 193 27.40 5.53 -67.40
CA GLN M 193 28.50 4.57 -67.32
C GLN M 193 29.78 5.18 -67.87
N SER M 194 29.69 5.71 -69.07
CA SER M 194 30.82 6.36 -69.73
C SER M 194 31.28 7.59 -68.95
N MET M 195 30.34 8.38 -68.46
CA MET M 195 30.67 9.57 -67.68
C MET M 195 31.40 9.21 -66.40
N LEU M 196 30.91 8.21 -65.68
CA LEU M 196 31.57 7.77 -64.46
C LEU M 196 32.96 7.21 -64.74
N ASN M 197 33.07 6.39 -65.80
CA ASN M 197 34.37 5.84 -66.19
C ASN M 197 35.37 6.94 -66.49
N HIS M 198 34.95 7.94 -67.25
CA HIS M 198 35.87 8.99 -67.66
C HIS M 198 36.21 9.93 -66.53
N HIS M 199 35.21 10.29 -65.72
CA HIS M 199 35.46 11.18 -64.60
C HIS M 199 36.32 10.52 -63.53
N LEU M 200 36.14 9.22 -63.34
CA LEU M 200 36.89 8.51 -62.32
C LEU M 200 38.31 8.23 -62.78
N ALA M 201 38.50 7.90 -64.05
CA ALA M 201 39.81 7.56 -64.57
C ALA M 201 40.51 8.72 -65.26
N GLY M 202 39.79 9.56 -65.98
CA GLY M 202 40.44 10.61 -66.74
C GLY M 202 40.48 11.96 -66.06
N LEU M 203 39.44 12.29 -65.30
CA LEU M 203 39.44 13.58 -64.59
C LEU M 203 40.18 13.47 -63.27
N LEU M 204 39.77 12.54 -62.41
CA LEU M 204 40.41 12.42 -61.11
C LEU M 204 41.71 11.64 -61.21
N GLY M 205 41.68 10.46 -61.83
CA GLY M 205 42.85 9.62 -61.98
C GLY M 205 43.99 10.27 -62.74
N LEU M 206 43.73 10.68 -63.98
CA LEU M 206 44.79 11.30 -64.75
C LEU M 206 45.15 12.68 -64.23
N GLY M 207 44.20 13.38 -63.63
CA GLY M 207 44.49 14.67 -63.04
C GLY M 207 45.46 14.58 -61.89
N SER M 208 45.22 13.64 -60.98
CA SER M 208 46.14 13.47 -59.86
C SER M 208 47.44 12.82 -60.32
N LEU M 209 47.42 12.01 -61.38
CA LEU M 209 48.66 11.50 -61.94
C LEU M 209 49.51 12.60 -62.54
N GLY M 210 48.90 13.51 -63.29
CA GLY M 210 49.63 14.65 -63.82
C GLY M 210 50.14 15.56 -62.72
N TRP M 211 49.35 15.73 -61.67
CA TRP M 211 49.85 16.56 -60.57
C TRP M 211 50.99 15.86 -59.82
N ALA M 212 50.94 14.54 -59.69
CA ALA M 212 52.06 13.81 -59.12
C ALA M 212 53.31 13.94 -59.97
N GLY M 213 53.17 13.95 -61.29
CA GLY M 213 54.30 14.23 -62.16
C GLY M 213 54.88 15.61 -61.95
N HIS M 214 53.99 16.60 -61.84
CA HIS M 214 54.43 17.97 -61.52
C HIS M 214 55.15 18.04 -60.19
N LEU M 215 54.61 17.41 -59.17
CA LEU M 215 55.22 17.42 -57.85
C LEU M 215 56.58 16.76 -57.86
N ILE M 216 56.70 15.58 -58.47
CA ILE M 216 57.95 14.85 -58.53
C ILE M 216 59.01 15.60 -59.33
N HIS M 217 58.62 16.40 -60.33
CA HIS M 217 59.62 17.09 -61.13
C HIS M 217 59.70 18.60 -60.94
N VAL M 218 58.75 19.23 -60.28
CA VAL M 218 58.85 20.68 -60.12
C VAL M 218 58.78 21.04 -58.64
N ALA M 219 57.71 20.64 -57.98
CA ALA M 219 57.43 21.07 -56.62
C ALA M 219 58.40 20.49 -55.59
N LEU M 220 58.64 19.17 -55.62
CA LEU M 220 59.58 18.55 -54.71
C LEU M 220 60.99 19.12 -54.84
N PRO M 221 61.58 19.32 -56.08
CA PRO M 221 62.86 20.05 -56.19
C PRO M 221 62.92 21.41 -55.53
N THR M 222 61.96 22.25 -55.94
CA THR M 222 61.93 23.64 -55.49
C THR M 222 61.74 23.72 -53.99
N ASN M 223 60.84 22.90 -53.45
CA ASN M 223 60.60 22.91 -52.02
C ASN M 223 61.80 22.35 -51.24
N LYS M 224 62.49 21.37 -51.81
CA LYS M 224 63.67 20.82 -51.14
C LYS M 224 64.78 21.85 -51.05
N LEU M 225 65.01 22.58 -52.14
CA LEU M 225 66.00 23.66 -52.12
C LEU M 225 65.57 24.81 -51.21
N LEU M 226 64.27 25.14 -51.21
CA LEU M 226 63.74 26.18 -50.34
C LEU M 226 63.92 25.83 -48.88
N ASP M 227 63.68 24.57 -48.52
CA ASP M 227 63.85 24.14 -47.14
C ASP M 227 65.33 24.04 -46.78
N ALA M 228 66.19 23.74 -47.77
CA ALA M 228 67.63 23.73 -47.53
C ALA M 228 68.14 25.12 -47.15
N GLY M 229 67.63 26.15 -47.82
CA GLY M 229 67.99 27.51 -47.47
C GLY M 229 68.28 28.40 -48.66
N VAL M 230 68.09 27.87 -49.86
CA VAL M 230 68.42 28.60 -51.08
C VAL M 230 67.46 29.77 -51.28
N ALA M 231 68.01 30.90 -51.71
CA ALA M 231 67.19 32.08 -51.99
C ALA M 231 66.31 31.83 -53.22
N PRO M 232 65.11 32.44 -53.27
CA PRO M 232 64.13 32.07 -54.31
C PRO M 232 64.60 32.32 -55.75
N GLN M 233 65.38 33.37 -56.01
CA GLN M 233 65.90 33.55 -57.36
C GLN M 233 67.29 32.95 -57.54
N ASP M 234 67.81 32.26 -56.53
CA ASP M 234 68.98 31.41 -56.72
C ASP M 234 68.60 29.99 -57.11
N ILE M 235 67.31 29.66 -57.07
CA ILE M 235 66.77 28.35 -57.40
C ILE M 235 66.69 28.19 -58.91
N PRO M 236 67.02 27.02 -59.47
CA PRO M 236 66.78 26.79 -60.90
C PRO M 236 65.30 26.79 -61.23
N LEU M 237 65.01 27.18 -62.45
CA LEU M 237 63.65 27.14 -62.95
C LEU M 237 63.21 25.67 -63.12
N PRO M 238 61.91 25.39 -63.12
CA PRO M 238 61.45 23.99 -63.09
C PRO M 238 61.90 23.12 -64.25
N HIS M 239 62.11 23.73 -65.42
CA HIS M 239 62.44 22.94 -66.59
C HIS M 239 63.84 22.36 -66.52
N GLU M 240 64.79 23.07 -65.89
CA GLU M 240 66.09 22.46 -65.64
C GLU M 240 65.98 21.22 -64.75
N PHE M 241 65.04 21.26 -63.81
CA PHE M 241 64.80 20.07 -62.97
C PHE M 241 64.30 18.96 -63.90
N VAL M 242 63.44 19.33 -64.87
CA VAL M 242 62.98 18.37 -65.86
C VAL M 242 64.11 17.99 -66.82
N LEU M 243 64.88 18.99 -67.32
CA LEU M 243 65.89 18.75 -68.35
C LEU M 243 67.05 17.84 -67.96
N ASP M 244 67.94 18.27 -67.06
CA ASP M 244 69.12 17.46 -66.81
C ASP M 244 68.97 16.63 -65.54
N LYS M 245 69.32 15.36 -65.64
CA LYS M 245 69.06 14.42 -64.56
C LYS M 245 70.16 14.42 -63.51
N ALA M 246 71.31 15.03 -63.83
CA ALA M 246 72.38 15.18 -62.84
C ALA M 246 71.97 16.14 -61.72
N LEU M 247 71.41 17.29 -62.10
CA LEU M 247 70.91 18.26 -61.12
C LEU M 247 69.82 17.65 -60.25
N MET M 248 68.94 16.88 -60.86
CA MET M 248 67.84 16.27 -60.13
C MET M 248 68.32 15.09 -59.28
N ALA M 249 69.42 14.44 -59.69
CA ALA M 249 69.97 13.32 -58.94
C ALA M 249 70.84 13.78 -57.78
N GLU M 250 71.32 15.04 -57.82
CA GLU M 250 71.92 15.60 -56.61
C GLU M 250 70.91 15.63 -55.47
N LEU M 251 69.68 16.02 -55.76
CA LEU M 251 68.65 16.12 -54.73
C LEU M 251 68.18 14.74 -54.28
N TYR M 252 67.86 13.89 -55.27
CA TYR M 252 67.37 12.51 -55.00
C TYR M 252 68.30 11.50 -55.68
N PRO M 253 68.73 10.48 -54.94
CA PRO M 253 69.63 9.44 -55.47
C PRO M 253 68.86 8.29 -56.15
N SER M 254 67.53 8.38 -56.14
CA SER M 254 66.67 7.35 -56.78
C SER M 254 66.39 7.73 -58.24
N PHE M 255 66.74 8.96 -58.65
CA PHE M 255 66.53 9.43 -60.04
C PHE M 255 67.73 9.06 -60.92
N ALA M 256 68.77 8.45 -60.32
CA ALA M 256 69.97 8.00 -61.07
C ALA M 256 69.65 6.68 -61.80
N GLN M 257 68.63 5.96 -61.33
CA GLN M 257 68.21 4.68 -61.95
C GLN M 257 67.03 4.93 -62.91
N GLY M 258 66.65 6.20 -63.08
CA GLY M 258 65.57 6.56 -64.02
C GLY M 258 64.30 5.76 -63.82
N ILE M 259 63.48 5.63 -64.87
CA ILE M 259 62.19 4.89 -64.80
C ILE M 259 62.44 3.42 -65.16
N ARG M 260 63.28 2.73 -64.39
CA ARG M 260 63.60 1.31 -64.66
C ARG M 260 63.11 0.46 -63.48
N PRO M 261 63.30 0.95 -62.26
CA PRO M 261 62.87 0.23 -61.05
C PRO M 261 61.34 0.14 -61.01
N PHE M 262 60.66 1.05 -61.71
CA PHE M 262 59.21 1.03 -61.74
C PHE M 262 58.65 -0.11 -62.58
N PHE M 263 59.23 -0.36 -63.76
CA PHE M 263 58.78 -1.43 -64.61
C PHE M 263 59.27 -2.79 -64.15
N THR M 264 60.45 -2.86 -63.55
CA THR M 264 60.96 -4.09 -62.96
C THR M 264 60.52 -4.25 -61.52
N LEU M 265 59.61 -3.40 -61.06
CA LEU M 265 58.83 -3.57 -59.84
C LEU M 265 59.70 -3.48 -58.57
N ASN M 266 60.88 -2.88 -58.70
CA ASN M 266 61.75 -2.56 -57.57
C ASN M 266 61.38 -1.20 -57.01
N TRP M 267 60.24 -1.14 -56.33
CA TRP M 267 59.69 0.14 -55.94
C TRP M 267 60.35 0.75 -54.71
N ALA M 268 61.02 -0.02 -53.86
CA ALA M 268 61.68 0.57 -52.70
C ALA M 268 62.91 1.38 -53.09
N THR M 269 63.36 1.27 -54.34
CA THR M 269 64.37 2.16 -54.88
C THR M 269 63.91 3.61 -54.86
N TYR M 270 62.61 3.84 -54.99
CA TYR M 270 62.04 5.16 -55.15
C TYR M 270 61.64 5.77 -53.82
N SER M 271 62.08 5.18 -52.72
CA SER M 271 61.56 5.48 -51.39
C SER M 271 62.15 6.72 -50.76
N ASP M 272 62.81 7.57 -51.54
CA ASP M 272 63.32 8.80 -50.98
C ASP M 272 62.62 10.06 -51.49
N PHE M 273 61.78 9.95 -52.50
CA PHE M 273 60.89 11.03 -52.89
C PHE M 273 59.44 10.59 -52.84
N LEU M 274 59.20 9.29 -52.77
CA LEU M 274 57.90 8.77 -52.37
C LEU M 274 58.03 8.23 -50.96
N THR M 275 58.02 9.15 -49.99
CA THR M 275 58.16 8.74 -48.61
C THR M 275 56.77 8.48 -48.03
N PHE M 276 56.71 7.93 -46.83
CA PHE M 276 55.41 7.60 -46.27
C PHE M 276 55.50 8.02 -44.81
N ASN M 277 56.21 9.13 -44.57
CA ASN M 277 56.52 9.67 -43.25
C ASN M 277 55.26 9.95 -42.45
N GLY M 278 54.43 10.84 -42.96
CA GLY M 278 53.16 11.11 -42.34
C GLY M 278 53.28 12.00 -41.13
N GLY M 279 53.76 13.23 -41.32
CA GLY M 279 53.82 14.19 -40.24
C GLY M 279 53.78 15.61 -40.77
N LEU M 280 54.66 16.45 -40.26
CA LEU M 280 54.81 17.81 -40.77
C LEU M 280 56.28 18.09 -40.98
N ASN M 281 56.61 18.78 -42.06
CA ASN M 281 57.95 19.32 -42.25
C ASN M 281 58.30 20.29 -41.14
N PRO M 282 59.38 20.04 -40.39
CA PRO M 282 59.77 20.99 -39.33
C PRO M 282 60.18 22.36 -39.85
N VAL M 283 60.76 22.42 -41.04
CA VAL M 283 61.20 23.69 -41.61
C VAL M 283 60.00 24.58 -41.94
N THR M 284 59.12 24.08 -42.80
CA THR M 284 57.98 24.86 -43.26
C THR M 284 56.82 24.81 -42.29
N GLY M 285 56.39 23.62 -41.91
CA GLY M 285 55.25 23.50 -41.05
C GLY M 285 54.17 22.72 -41.74
N GLY M 286 54.28 22.65 -43.06
CA GLY M 286 53.34 21.91 -43.89
C GLY M 286 53.67 20.45 -43.92
N LEU M 287 52.89 19.71 -44.70
CA LEU M 287 53.11 18.27 -44.79
C LEU M 287 54.39 17.98 -45.55
N TRP M 288 54.89 16.75 -45.37
CA TRP M 288 56.06 16.31 -46.10
C TRP M 288 55.74 16.24 -47.59
N MET M 289 56.54 16.95 -48.39
CA MET M 289 56.22 17.11 -49.80
C MET M 289 56.36 15.80 -50.56
N THR M 290 57.37 15.01 -50.18
CA THR M 290 57.54 13.68 -50.75
C THR M 290 56.36 12.79 -50.41
N ASP M 291 55.85 12.92 -49.18
CA ASP M 291 54.68 12.18 -48.74
C ASP M 291 53.44 12.60 -49.52
N ILE M 292 53.36 13.88 -49.88
CA ILE M 292 52.28 14.40 -50.72
C ILE M 292 52.34 13.79 -52.12
N ALA M 293 53.55 13.76 -52.70
CA ALA M 293 53.72 13.19 -54.04
C ALA M 293 53.36 11.71 -54.06
N HIS M 294 53.77 10.99 -53.03
CA HIS M 294 53.43 9.58 -52.91
C HIS M 294 51.92 9.39 -52.78
N HIS M 295 51.25 10.28 -52.05
CA HIS M 295 49.79 10.28 -51.98
C HIS M 295 49.15 10.41 -53.34
N HIS M 296 49.63 11.35 -54.13
CA HIS M 296 49.01 11.60 -55.43
C HIS M 296 49.26 10.46 -56.41
N VAL M 297 50.45 9.86 -56.34
CA VAL M 297 50.71 8.64 -57.11
C VAL M 297 49.77 7.50 -56.72
N ALA M 298 49.58 7.26 -55.42
CA ALA M 298 48.71 6.19 -54.97
C ALA M 298 47.24 6.42 -55.34
N ILE M 299 46.75 7.65 -55.20
CA ILE M 299 45.36 7.89 -55.53
C ILE M 299 45.14 7.96 -57.02
N ALA M 300 46.17 8.30 -57.80
CA ALA M 300 46.06 8.16 -59.25
C ALA M 300 45.88 6.71 -59.64
N VAL M 301 46.70 5.83 -59.07
CA VAL M 301 46.56 4.40 -59.34
C VAL M 301 45.20 3.88 -58.87
N LEU M 302 44.68 4.40 -57.75
CA LEU M 302 43.37 4.00 -57.27
C LEU M 302 42.22 4.51 -58.13
N PHE M 303 42.23 5.78 -58.53
CA PHE M 303 41.13 6.36 -59.30
C PHE M 303 41.11 5.83 -60.72
N ILE M 304 42.28 5.66 -61.35
CA ILE M 304 42.31 5.09 -62.69
C ILE M 304 41.76 3.68 -62.67
N PHE M 305 42.19 2.89 -61.69
CA PHE M 305 41.68 1.53 -61.55
C PHE M 305 40.18 1.54 -61.26
N ALA M 306 39.68 2.50 -60.47
CA ALA M 306 38.24 2.64 -60.24
C ALA M 306 37.47 3.04 -61.50
N GLY M 307 38.13 3.68 -62.46
CA GLY M 307 37.43 4.10 -63.66
C GLY M 307 37.12 2.98 -64.63
N HIS M 308 37.65 1.78 -64.40
CA HIS M 308 37.32 0.62 -65.22
C HIS M 308 36.32 -0.27 -64.49
N MET M 309 35.15 0.29 -64.21
CA MET M 309 34.21 -0.48 -63.40
C MET M 309 32.89 -0.67 -64.14
N TYR M 310 32.51 0.29 -64.97
CA TYR M 310 31.18 0.34 -65.53
C TYR M 310 31.23 -0.02 -67.01
N ARG M 311 30.35 -0.94 -67.41
CA ARG M 311 30.27 -1.43 -68.77
C ARG M 311 29.96 -0.29 -69.74
N THR M 312 30.80 -0.12 -70.75
CA THR M 312 30.55 1.00 -71.65
C THR M 312 30.25 0.58 -73.09
N ASN M 313 31.24 -0.03 -73.77
CA ASN M 313 31.00 -0.57 -75.11
C ASN M 313 31.65 -1.92 -75.29
N TRP M 314 32.04 -2.59 -74.23
CA TRP M 314 32.89 -3.76 -74.43
C TRP M 314 32.53 -4.95 -73.55
N GLY M 315 31.32 -5.02 -73.03
CA GLY M 315 30.89 -6.22 -72.35
C GLY M 315 31.31 -6.29 -70.90
N ILE M 316 32.62 -6.18 -70.65
CA ILE M 316 33.14 -6.16 -69.29
C ILE M 316 32.71 -4.89 -68.59
N GLY M 317 32.47 -4.99 -67.29
CA GLY M 317 32.01 -3.88 -66.49
C GLY M 317 30.76 -4.22 -65.71
N HIS M 318 30.29 -3.24 -64.95
CA HIS M 318 28.98 -3.31 -64.34
C HIS M 318 27.96 -2.49 -65.11
N SER M 319 26.71 -2.87 -64.96
CA SER M 319 25.59 -2.00 -65.30
C SER M 319 24.98 -1.54 -63.99
N ILE M 320 24.98 -0.24 -63.78
CA ILE M 320 24.46 0.37 -62.52
C ILE M 320 22.98 0.06 -62.37
N ARG M 321 22.27 -0.16 -63.49
CA ARG M 321 20.81 -0.46 -63.44
C ARG M 321 20.60 -1.84 -62.83
N THR M 322 21.49 -2.79 -63.14
CA THR M 322 21.40 -4.17 -62.63
C THR M 322 21.74 -4.18 -61.14
N MET M 323 22.80 -3.47 -60.76
CA MET M 323 23.22 -3.38 -59.37
C MET M 323 22.16 -2.69 -58.51
N LEU M 324 21.50 -1.68 -59.07
CA LEU M 324 20.43 -1.00 -58.37
C LEU M 324 19.21 -1.90 -58.23
N GLU M 325 18.83 -2.59 -59.30
CA GLU M 325 17.64 -3.42 -59.29
C GLU M 325 17.81 -4.70 -58.49
N ASP M 326 19.03 -5.14 -58.22
CA ASP M 326 19.22 -6.34 -57.41
C ASP M 326 19.33 -6.05 -55.93
N ALA M 327 19.58 -4.80 -55.54
CA ALA M 327 19.66 -4.45 -54.12
C ALA M 327 18.25 -4.33 -53.57
N ARG M 328 17.74 -5.44 -53.06
CA ARG M 328 16.35 -5.58 -52.65
C ARG M 328 16.20 -6.87 -51.87
N HIS M 329 15.17 -6.95 -51.05
CA HIS M 329 14.85 -8.21 -50.39
C HIS M 329 14.36 -9.21 -51.44
N PRO M 330 14.78 -10.48 -51.39
CA PRO M 330 15.52 -11.17 -50.34
C PRO M 330 17.00 -11.28 -50.60
N LYS M 331 17.54 -10.37 -51.39
CA LYS M 331 18.94 -10.39 -51.77
C LYS M 331 19.80 -9.52 -50.88
N MET M 332 19.25 -8.98 -49.81
CA MET M 332 19.99 -8.08 -48.94
C MET M 332 20.45 -8.82 -47.70
N LEU M 333 21.22 -8.12 -46.86
CA LEU M 333 21.51 -8.63 -45.54
C LEU M 333 20.22 -8.74 -44.76
N PRO M 334 20.04 -9.79 -43.95
CA PRO M 334 18.74 -10.06 -43.32
C PRO M 334 18.20 -8.94 -42.46
N PHE M 335 19.04 -8.16 -41.80
CA PHE M 335 18.54 -7.03 -41.02
C PHE M 335 18.33 -5.79 -41.86
N LEU M 336 18.87 -5.76 -43.08
CA LEU M 336 18.69 -4.67 -44.01
C LEU M 336 17.60 -4.97 -45.02
N SER M 337 16.79 -5.99 -44.75
CA SER M 337 15.82 -6.52 -45.69
C SER M 337 14.48 -5.82 -45.58
N PHE M 338 14.39 -4.78 -44.77
CA PHE M 338 13.16 -4.04 -44.56
C PHE M 338 12.81 -3.14 -45.74
N ILE M 339 13.68 -3.04 -46.73
CA ILE M 339 13.46 -2.16 -47.86
C ILE M 339 12.65 -2.84 -48.96
N GLY M 340 12.26 -4.09 -48.76
CA GLY M 340 11.24 -4.71 -49.57
C GLY M 340 11.75 -5.31 -50.87
N PRO M 341 10.82 -5.86 -51.66
CA PRO M 341 11.22 -6.69 -52.79
C PRO M 341 11.43 -5.89 -54.06
N VAL M 342 11.26 -4.58 -53.97
CA VAL M 342 11.52 -3.71 -55.11
C VAL M 342 12.86 -3.00 -54.96
N GLY M 343 13.17 -2.52 -53.76
CA GLY M 343 14.48 -1.98 -53.48
C GLY M 343 14.78 -0.70 -54.20
N HIS M 344 15.75 -0.75 -55.10
CA HIS M 344 16.23 0.42 -55.82
C HIS M 344 15.92 0.29 -57.30
N ARG M 345 14.74 -0.24 -57.58
CA ARG M 345 14.42 -0.67 -58.93
C ARG M 345 14.20 0.51 -59.87
N GLY M 346 13.44 1.50 -59.41
CA GLY M 346 13.13 2.62 -60.28
C GLY M 346 14.06 3.81 -60.12
N LEU M 347 15.18 3.62 -59.44
CA LEU M 347 16.08 4.74 -59.14
C LEU M 347 17.08 5.02 -60.25
N PHE M 348 17.35 4.06 -61.12
CA PHE M 348 18.20 4.37 -62.25
C PHE M 348 17.48 5.23 -63.26
N GLU M 349 16.16 5.11 -63.33
CA GLU M 349 15.38 5.95 -64.23
C GLU M 349 15.03 7.29 -63.58
N VAL M 350 15.03 7.35 -62.24
CA VAL M 350 14.97 8.63 -61.55
C VAL M 350 16.22 9.46 -61.78
N LEU M 351 17.40 8.85 -61.73
CA LEU M 351 18.65 9.58 -61.75
C LEU M 351 19.18 9.85 -63.14
N THR M 352 18.63 9.20 -64.16
CA THR M 352 19.03 9.47 -65.53
C THR M 352 18.00 10.29 -66.28
N THR M 353 16.88 10.62 -65.66
CA THR M 353 15.89 11.51 -66.25
C THR M 353 15.63 12.77 -65.45
N SER M 354 16.01 12.82 -64.18
CA SER M 354 15.87 14.02 -63.37
C SER M 354 17.24 14.65 -63.16
N TRP M 355 17.37 15.90 -63.58
CA TRP M 355 18.58 16.67 -63.29
C TRP M 355 18.60 17.15 -61.86
N HIS M 356 17.41 17.34 -61.27
CA HIS M 356 17.32 17.81 -59.89
C HIS M 356 17.74 16.75 -58.89
N ALA M 357 17.44 15.48 -59.18
CA ALA M 357 17.90 14.39 -58.33
C ALA M 357 19.41 14.31 -58.31
N GLN M 358 20.02 14.41 -59.48
CA GLN M 358 21.48 14.43 -59.59
C GLN M 358 22.06 15.64 -58.88
N LEU M 359 21.44 16.81 -59.06
CA LEU M 359 21.95 18.02 -58.42
C LEU M 359 21.84 17.94 -56.91
N SER M 360 20.76 17.36 -56.40
CA SER M 360 20.63 17.16 -54.96
C SER M 360 21.73 16.28 -54.39
N ILE M 361 21.99 15.13 -55.04
CA ILE M 361 23.07 14.25 -54.56
C ILE M 361 24.42 14.95 -54.65
N ASN M 362 24.68 15.62 -55.78
CA ASN M 362 25.99 16.23 -56.00
C ASN M 362 26.23 17.41 -55.08
N LEU M 363 25.20 18.20 -54.80
CA LEU M 363 25.31 19.29 -53.83
C LEU M 363 25.55 18.77 -52.42
N ALA M 364 24.86 17.70 -52.03
CA ALA M 364 25.10 17.12 -50.70
C ALA M 364 26.53 16.63 -50.57
N MET M 365 27.02 15.92 -51.58
CA MET M 365 28.39 15.41 -51.55
C MET M 365 29.41 16.54 -51.66
N MET M 366 29.13 17.55 -52.46
CA MET M 366 30.06 18.66 -52.62
C MET M 366 30.18 19.48 -51.36
N GLY M 367 29.06 19.76 -50.68
CA GLY M 367 29.11 20.47 -49.42
C GLY M 367 29.76 19.66 -48.31
N SER M 368 29.45 18.37 -48.26
CA SER M 368 30.10 17.50 -47.29
C SER M 368 31.59 17.41 -47.53
N LEU M 369 32.01 17.41 -48.79
CA LEU M 369 33.42 17.28 -49.10
C LEU M 369 34.15 18.60 -48.84
N SER M 370 33.47 19.73 -49.04
CA SER M 370 34.04 21.02 -48.65
C SER M 370 34.24 21.13 -47.15
N ILE M 371 33.28 20.61 -46.37
CA ILE M 371 33.46 20.53 -44.92
C ILE M 371 34.61 19.60 -44.54
N ILE M 372 34.75 18.47 -45.23
CA ILE M 372 35.89 17.56 -45.01
C ILE M 372 37.21 18.24 -45.35
N VAL M 373 37.23 19.05 -46.41
CA VAL M 373 38.40 19.86 -46.76
C VAL M 373 38.73 20.83 -45.64
N ALA M 374 37.73 21.49 -45.08
CA ALA M 374 37.94 22.39 -43.94
C ALA M 374 38.52 21.67 -42.73
N GLN M 375 38.05 20.47 -42.42
CA GLN M 375 38.52 19.78 -41.23
C GLN M 375 39.85 19.07 -41.43
N HIS M 376 40.35 18.95 -42.66
CA HIS M 376 41.59 18.23 -42.92
C HIS M 376 42.75 19.16 -43.23
N MET M 377 42.52 20.45 -43.34
CA MET M 377 43.59 21.36 -43.67
C MET M 377 44.01 22.26 -42.52
N TYR M 378 43.34 22.20 -41.38
CA TYR M 378 43.90 22.82 -40.20
C TYR M 378 44.80 21.85 -39.44
N SER M 379 44.45 20.57 -39.47
CA SER M 379 45.13 19.55 -38.71
C SER M 379 46.25 18.88 -39.47
N MET M 380 46.16 18.84 -40.79
CA MET M 380 47.24 18.37 -41.65
C MET M 380 47.51 19.48 -42.64
N PRO M 381 48.22 20.53 -42.22
CA PRO M 381 48.44 21.68 -43.08
C PRO M 381 49.24 21.30 -44.32
N PRO M 382 48.66 21.43 -45.48
CA PRO M 382 49.28 20.85 -46.67
C PRO M 382 50.15 21.80 -47.45
N TYR M 383 50.39 23.01 -46.96
CA TYR M 383 51.23 23.94 -47.69
C TYR M 383 52.30 24.50 -46.77
N PRO M 384 53.43 24.93 -47.34
CA PRO M 384 54.50 25.51 -46.52
C PRO M 384 54.07 26.81 -45.86
N TYR M 385 54.40 26.95 -44.57
CA TYR M 385 54.16 28.16 -43.78
C TYR M 385 52.69 28.56 -43.77
N LEU M 386 51.83 27.54 -43.76
CA LEU M 386 50.40 27.72 -43.70
C LEU M 386 49.87 27.71 -42.28
N ALA M 387 50.33 26.76 -41.46
CA ALA M 387 49.80 26.60 -40.12
C ALA M 387 50.19 27.76 -39.21
N THR M 388 51.31 28.42 -39.51
CA THR M 388 51.74 29.52 -38.66
C THR M 388 51.05 30.82 -38.99
N ASP M 389 50.54 30.96 -40.21
CA ASP M 389 49.74 32.15 -40.50
C ASP M 389 48.32 31.81 -40.06
N TYR M 390 47.98 32.25 -38.85
CA TYR M 390 46.74 31.84 -38.21
C TYR M 390 45.52 32.49 -38.85
N GLY M 391 45.70 33.68 -39.43
CA GLY M 391 44.63 34.31 -40.18
C GLY M 391 44.22 33.50 -41.38
N THR M 392 45.18 32.95 -42.11
CA THR M 392 44.91 32.10 -43.25
C THR M 392 44.24 30.79 -42.83
N VAL M 393 44.72 30.16 -41.75
CA VAL M 393 44.12 28.92 -41.28
C VAL M 393 42.67 29.14 -40.87
N THR M 394 42.43 30.21 -40.12
CA THR M 394 41.08 30.60 -39.71
C THR M 394 40.18 30.85 -40.90
N SER M 395 40.67 31.64 -41.86
CA SER M 395 39.87 32.02 -43.01
C SER M 395 39.54 30.82 -43.89
N LEU M 396 40.51 29.93 -44.10
CA LEU M 396 40.28 28.76 -44.94
C LEU M 396 39.26 27.81 -44.31
N PHE M 397 39.44 27.52 -43.01
CA PHE M 397 38.48 26.65 -42.32
C PHE M 397 37.08 27.25 -42.36
N THR M 398 36.98 28.54 -42.06
CA THR M 398 35.68 29.20 -41.97
C THR M 398 35.01 29.28 -43.33
N HIS M 399 35.77 29.64 -44.37
CA HIS M 399 35.24 29.74 -45.71
C HIS M 399 34.72 28.40 -46.21
N HIS M 400 35.47 27.33 -45.98
CA HIS M 400 35.03 26.06 -46.51
C HIS M 400 33.88 25.48 -45.70
N MET M 401 33.79 25.80 -44.41
CA MET M 401 32.59 25.44 -43.66
C MET M 401 31.35 26.18 -44.16
N TRP M 402 31.47 27.46 -44.49
CA TRP M 402 30.30 28.18 -45.00
C TRP M 402 29.88 27.68 -46.37
N ILE M 403 30.85 27.43 -47.25
CA ILE M 403 30.53 26.90 -48.59
C ILE M 403 29.88 25.53 -48.46
N GLY M 404 30.39 24.68 -47.56
CA GLY M 404 29.79 23.38 -47.36
C GLY M 404 28.37 23.45 -46.83
N GLY M 405 28.12 24.33 -45.86
CA GLY M 405 26.78 24.46 -45.34
C GLY M 405 25.78 24.97 -46.36
N PHE M 406 26.18 25.96 -47.17
CA PHE M 406 25.29 26.48 -48.20
C PHE M 406 24.98 25.42 -49.25
N LEU M 407 25.99 24.68 -49.68
CA LEU M 407 25.84 23.60 -50.64
C LEU M 407 24.92 22.50 -50.12
N ILE M 408 25.06 22.16 -48.84
CA ILE M 408 24.21 21.15 -48.22
C ILE M 408 22.75 21.62 -48.13
N VAL M 409 22.52 22.91 -47.87
CA VAL M 409 21.15 23.43 -47.90
C VAL M 409 20.57 23.38 -49.31
N GLY M 410 21.39 23.66 -50.32
CA GLY M 410 20.90 23.54 -51.69
C GLY M 410 20.60 22.12 -52.10
N ALA M 411 21.28 21.15 -51.51
CA ALA M 411 20.94 19.75 -51.73
C ALA M 411 19.52 19.45 -51.33
N ALA M 412 19.10 19.93 -50.16
CA ALA M 412 17.72 19.75 -49.71
C ALA M 412 16.75 20.56 -50.55
N ALA M 413 17.18 21.74 -51.00
CA ALA M 413 16.37 22.53 -51.90
C ALA M 413 16.03 21.76 -53.16
N HIS M 414 17.00 21.07 -53.73
CA HIS M 414 16.74 20.37 -54.98
C HIS M 414 16.15 18.98 -54.78
N ALA M 415 16.35 18.38 -53.61
CA ALA M 415 15.57 17.20 -53.25
C ALA M 415 14.09 17.52 -53.14
N GLY M 416 13.75 18.74 -52.72
CA GLY M 416 12.37 19.17 -52.73
C GLY M 416 11.84 19.59 -54.08
N ILE M 417 12.69 20.09 -54.97
CA ILE M 417 12.26 20.43 -56.32
C ILE M 417 12.02 19.17 -57.14
N PHE M 418 12.86 18.14 -56.93
CA PHE M 418 12.62 16.83 -57.51
C PHE M 418 11.28 16.27 -57.09
N MET M 419 10.89 16.46 -55.84
CA MET M 419 9.65 15.89 -55.35
C MET M 419 8.43 16.51 -56.02
N VAL M 420 8.41 17.82 -56.16
CA VAL M 420 7.19 18.49 -56.60
C VAL M 420 7.08 18.35 -58.11
N ARG M 421 8.22 18.20 -58.78
CA ARG M 421 8.22 18.34 -60.22
C ARG M 421 8.56 17.02 -60.90
N ASP M 422 9.62 16.37 -60.45
CA ASP M 422 10.18 15.26 -61.22
C ASP M 422 9.77 13.91 -60.64
N TYR M 423 9.24 13.88 -59.43
CA TYR M 423 8.79 12.62 -58.85
C TYR M 423 7.53 12.16 -59.55
N ASP M 424 7.51 10.87 -59.92
CA ASP M 424 6.38 10.21 -60.55
C ASP M 424 6.00 9.02 -59.69
N PRO M 425 4.81 9.00 -59.08
CA PRO M 425 4.40 7.84 -58.30
C PRO M 425 4.31 6.55 -59.09
N ALA M 426 3.89 6.60 -60.36
CA ALA M 426 3.74 5.40 -61.16
C ALA M 426 5.09 4.79 -61.52
N GLU M 427 6.11 5.62 -61.65
CA GLU M 427 7.45 5.16 -62.00
C GLU M 427 8.06 4.32 -60.89
N ASN M 428 8.04 4.86 -59.68
CA ASN M 428 8.73 4.23 -58.55
C ASN M 428 7.74 3.77 -57.47
N VAL M 429 7.34 2.51 -57.55
CA VAL M 429 6.25 1.95 -56.76
C VAL M 429 6.86 0.93 -55.81
N ASN M 430 6.68 1.17 -54.50
CA ASN M 430 7.11 0.25 -53.43
C ASN M 430 8.62 0.07 -53.40
N ASN M 431 9.35 1.03 -53.96
CA ASN M 431 10.80 1.02 -53.87
C ASN M 431 11.21 1.86 -52.66
N VAL M 432 12.52 2.10 -52.52
CA VAL M 432 13.02 2.80 -51.33
C VAL M 432 12.52 4.24 -51.27
N LEU M 433 12.38 4.88 -52.43
CA LEU M 433 11.86 6.25 -52.44
C LEU M 433 10.38 6.27 -52.09
N ASP M 434 9.60 5.32 -52.60
CA ASP M 434 8.20 5.24 -52.24
C ASP M 434 8.03 4.88 -50.78
N ARG M 435 8.87 3.97 -50.28
CA ARG M 435 8.73 3.49 -48.91
C ARG M 435 9.18 4.52 -47.89
N VAL M 436 10.07 5.44 -48.27
CA VAL M 436 10.41 6.55 -47.39
C VAL M 436 9.27 7.54 -47.27
N LEU M 437 8.64 7.90 -48.38
CA LEU M 437 7.48 8.76 -48.35
C LEU M 437 6.30 8.11 -47.67
N ARG M 438 6.35 6.80 -47.49
CA ARG M 438 5.24 6.03 -46.97
C ARG M 438 5.41 5.74 -45.49
N HIS M 439 6.46 6.26 -44.85
CA HIS M 439 6.53 6.23 -43.39
C HIS M 439 7.17 7.49 -42.81
N ARG M 440 7.11 8.62 -43.52
CA ARG M 440 7.84 9.82 -43.15
C ARG M 440 7.43 10.42 -41.81
N ASP M 441 6.26 10.06 -41.28
CA ASP M 441 5.89 10.49 -39.94
C ASP M 441 6.81 9.88 -38.89
N ALA M 442 7.20 8.62 -39.06
CA ALA M 442 8.17 7.98 -38.18
C ALA M 442 9.54 8.63 -38.25
N ILE M 443 10.04 8.90 -39.45
CA ILE M 443 11.31 9.58 -39.64
C ILE M 443 11.31 10.94 -38.96
N ILE M 444 10.27 11.74 -39.23
CA ILE M 444 10.25 13.11 -38.74
C ILE M 444 10.01 13.17 -37.24
N SER M 445 9.17 12.29 -36.70
CA SER M 445 8.93 12.31 -35.26
C SER M 445 10.15 11.84 -34.49
N HIS M 446 10.91 10.90 -35.05
CA HIS M 446 12.10 10.46 -34.35
C HIS M 446 13.21 11.48 -34.46
N LEU M 447 13.25 12.21 -35.56
CA LEU M 447 14.15 13.34 -35.68
C LEU M 447 13.78 14.48 -34.74
N VAL M 448 12.48 14.74 -34.55
CA VAL M 448 12.02 15.69 -33.54
C VAL M 448 12.46 15.28 -32.14
N TRP M 449 12.29 14.02 -31.76
CA TRP M 449 12.73 13.58 -30.45
C TRP M 449 14.24 13.65 -30.28
N VAL M 450 15.03 13.27 -31.30
CA VAL M 450 16.48 13.29 -31.12
C VAL M 450 16.98 14.73 -31.06
N CYS M 451 16.34 15.65 -31.80
CA CYS M 451 16.70 17.06 -31.70
C CYS M 451 16.40 17.60 -30.31
N GLN M 452 15.28 17.19 -29.72
CA GLN M 452 14.95 17.62 -28.37
C GLN M 452 15.92 17.05 -27.34
N PHE M 453 16.25 15.76 -27.47
CA PHE M 453 17.19 15.13 -26.54
C PHE M 453 18.54 15.80 -26.63
N LEU M 454 18.98 16.14 -27.83
CA LEU M 454 20.27 16.76 -28.02
C LEU M 454 20.25 18.22 -27.57
N GLY M 455 19.09 18.87 -27.68
CA GLY M 455 19.01 20.24 -27.24
C GLY M 455 18.97 20.39 -25.75
N PHE M 456 18.35 19.46 -25.05
CA PHE M 456 18.47 19.45 -23.61
C PHE M 456 19.84 19.02 -23.13
N HIS M 457 20.50 18.10 -23.81
CA HIS M 457 21.70 17.49 -23.25
C HIS M 457 22.94 18.13 -23.81
N SER M 458 22.76 19.23 -24.52
CA SER M 458 23.88 20.05 -24.88
C SER M 458 23.72 21.44 -24.30
N PHE M 459 22.61 22.10 -24.64
CA PHE M 459 22.47 23.51 -24.32
C PHE M 459 21.96 23.72 -22.90
N ALA M 460 21.02 22.89 -22.45
CA ALA M 460 20.51 23.05 -21.10
C ALA M 460 21.57 22.66 -20.08
N MET M 461 22.57 21.87 -20.48
CA MET M 461 23.73 21.67 -19.62
C MET M 461 24.58 22.92 -19.50
N TYR M 462 24.68 23.69 -20.57
CA TYR M 462 25.32 25.01 -20.51
C TYR M 462 24.56 25.95 -19.58
N CYS M 463 23.23 25.90 -19.62
CA CYS M 463 22.41 26.69 -18.72
C CYS M 463 22.54 26.24 -17.27
N HIS M 464 22.64 24.93 -17.04
CA HIS M 464 23.00 24.37 -15.73
C HIS M 464 24.30 24.94 -15.23
N ASN M 465 25.31 24.99 -16.09
CA ASN M 465 26.62 25.50 -15.74
C ASN M 465 26.58 26.99 -15.41
N ASP M 466 25.83 27.78 -16.18
CA ASP M 466 25.64 29.19 -15.88
C ASP M 466 25.03 29.39 -14.50
N THR M 467 23.98 28.64 -14.20
CA THR M 467 23.31 28.76 -12.91
C THR M 467 24.22 28.33 -11.77
N MET M 468 24.99 27.26 -11.97
CA MET M 468 25.88 26.78 -10.92
C MET M 468 27.06 27.72 -10.72
N ARG M 469 27.54 28.34 -11.78
CA ARG M 469 28.63 29.29 -11.63
C ARG M 469 28.16 30.59 -11.00
N ALA M 470 26.92 30.99 -11.26
CA ALA M 470 26.40 32.21 -10.65
C ALA M 470 26.03 32.00 -9.18
N PHE M 471 25.51 30.82 -8.82
CA PHE M 471 25.39 30.39 -7.43
C PHE M 471 26.68 30.29 -6.65
N GLY M 472 27.82 30.18 -7.29
CA GLY M 472 29.05 29.99 -6.53
C GLY M 472 29.30 28.58 -6.10
N ARG M 473 28.79 27.60 -6.84
CA ARG M 473 29.00 26.19 -6.55
C ARG M 473 29.56 25.53 -7.81
N PRO M 474 30.86 25.72 -8.08
CA PRO M 474 31.47 25.14 -9.29
C PRO M 474 31.79 23.67 -9.19
N GLN M 475 31.63 23.07 -8.01
CA GLN M 475 31.73 21.63 -7.84
C GLN M 475 30.52 20.91 -8.41
N ASP M 476 29.46 21.66 -8.69
CA ASP M 476 28.22 21.14 -9.20
C ASP M 476 28.11 21.34 -10.70
N MET M 477 29.15 21.88 -11.32
CA MET M 477 29.16 22.24 -12.71
C MET M 477 29.55 21.04 -13.55
N PHE M 478 29.28 21.11 -14.85
CA PHE M 478 29.78 20.13 -15.80
C PHE M 478 31.14 20.55 -16.32
N SER M 479 32.10 20.71 -15.43
CA SER M 479 33.44 21.12 -15.80
C SER M 479 34.39 19.92 -15.68
N ASP M 480 35.66 20.15 -15.98
CA ASP M 480 36.70 19.17 -15.71
C ASP M 480 37.08 19.13 -14.24
N THR M 481 36.62 20.10 -13.45
CA THR M 481 36.79 20.10 -12.01
C THR M 481 35.48 19.84 -11.27
N GLY M 482 34.35 19.79 -11.96
CA GLY M 482 33.08 19.45 -11.37
C GLY M 482 32.61 18.07 -11.78
N ILE M 483 31.44 17.97 -12.38
CA ILE M 483 30.97 16.71 -12.95
C ILE M 483 31.61 16.53 -14.32
N GLN M 484 32.61 15.65 -14.40
CA GLN M 484 33.35 15.48 -15.63
C GLN M 484 32.56 14.69 -16.66
N LEU M 485 32.68 15.10 -17.91
CA LEU M 485 31.99 14.53 -19.05
C LEU M 485 33.00 14.20 -20.13
N GLN M 486 34.02 13.43 -19.81
CA GLN M 486 35.12 13.20 -20.74
C GLN M 486 34.66 12.41 -21.96
N PRO M 487 35.00 12.87 -23.16
CA PRO M 487 34.69 12.15 -24.39
C PRO M 487 35.61 10.95 -24.60
N ILE M 488 35.30 9.85 -23.91
CA ILE M 488 36.25 8.75 -23.78
C ILE M 488 36.48 8.06 -25.11
N PHE M 489 35.47 8.08 -25.98
CA PHE M 489 35.58 7.44 -27.29
C PHE M 489 36.50 8.22 -28.21
N ALA M 490 36.38 9.55 -28.23
CA ALA M 490 37.30 10.35 -29.03
C ALA M 490 38.70 10.39 -28.45
N GLN M 491 38.81 10.37 -27.12
CA GLN M 491 40.10 10.26 -26.45
C GLN M 491 40.76 8.93 -26.77
N TRP M 492 39.97 7.86 -26.82
CA TRP M 492 40.50 6.57 -27.21
C TRP M 492 40.90 6.52 -28.67
N VAL M 493 40.14 7.15 -29.55
CA VAL M 493 40.54 7.25 -30.95
C VAL M 493 41.84 8.03 -31.09
N GLN M 494 41.99 9.11 -30.34
CA GLN M 494 43.23 9.90 -30.34
C GLN M 494 44.43 9.06 -29.88
N HIS M 495 44.23 8.26 -28.84
CA HIS M 495 45.26 7.35 -28.35
C HIS M 495 45.60 6.24 -29.35
N ILE M 496 44.60 5.69 -30.03
CA ILE M 496 44.84 4.73 -31.10
C ILE M 496 45.60 5.36 -32.27
N GLN M 497 45.32 6.61 -32.57
CA GLN M 497 46.01 7.30 -33.65
C GLN M 497 47.45 7.60 -33.32
N THR M 498 47.75 7.87 -32.07
CA THR M 498 49.15 8.11 -31.73
C THR M 498 49.91 6.82 -31.45
N MET M 499 49.24 5.72 -31.09
CA MET M 499 49.92 4.43 -30.96
C MET M 499 50.17 3.75 -32.29
N ALA M 500 49.35 4.06 -33.30
CA ALA M 500 49.42 3.36 -34.58
C ALA M 500 50.73 3.64 -35.29
N VAL M 501 51.25 4.84 -35.13
CA VAL M 501 52.34 5.36 -35.95
C VAL M 501 53.70 5.00 -35.37
N GLY M 502 53.72 4.10 -34.40
CA GLY M 502 54.98 3.73 -33.75
C GLY M 502 55.93 2.98 -34.67
N SER M 503 57.16 2.85 -34.20
CA SER M 503 58.20 2.12 -34.92
C SER M 503 57.95 0.62 -34.88
N THR M 527 52.86 -2.40 -33.75
CA THR M 527 51.85 -1.37 -33.97
C THR M 527 50.95 -1.72 -35.15
N THR M 528 50.16 -0.74 -35.59
CA THR M 528 49.28 -0.93 -36.72
C THR M 528 49.62 -0.07 -37.93
N ALA M 529 50.60 0.82 -37.86
CA ALA M 529 51.12 1.47 -39.05
C ALA M 529 52.63 1.63 -38.94
N PRO M 530 53.39 0.52 -39.08
CA PRO M 530 54.86 0.63 -38.95
C PRO M 530 55.54 1.49 -40.00
N GLY M 531 54.92 1.70 -41.16
CA GLY M 531 55.56 2.49 -42.20
C GLY M 531 55.69 3.96 -41.86
N VAL M 532 54.65 4.54 -41.26
CA VAL M 532 54.71 5.95 -40.90
C VAL M 532 55.57 6.16 -39.67
N ALA M 533 56.31 7.27 -39.67
CA ALA M 533 57.13 7.65 -38.52
C ALA M 533 56.32 8.49 -37.53
N SER M 534 55.77 9.61 -38.01
CA SER M 534 55.04 10.57 -37.20
C SER M 534 53.55 10.25 -37.19
N PRO M 535 52.74 10.86 -36.31
CA PRO M 535 51.29 10.68 -36.41
C PRO M 535 50.70 11.41 -37.61
N ALA M 536 49.56 10.92 -38.12
CA ALA M 536 48.95 11.47 -39.33
C ALA M 536 48.67 12.95 -39.17
N SER M 537 48.27 13.37 -37.98
CA SER M 537 48.39 14.75 -37.56
C SER M 537 48.90 14.78 -36.14
N TYR M 538 49.56 15.88 -35.79
CA TYR M 538 49.91 16.08 -34.40
C TYR M 538 48.72 16.47 -33.55
N ALA M 539 47.57 16.76 -34.17
CA ALA M 539 46.33 17.01 -33.43
C ALA M 539 45.91 15.80 -32.59
N PHE M 540 46.15 14.59 -33.09
CA PHE M 540 45.84 13.40 -32.32
C PHE M 540 46.77 13.25 -31.12
N GLY M 541 48.07 13.36 -31.35
CA GLY M 541 49.04 13.21 -30.31
C GLY M 541 50.41 13.45 -30.88
N GLY M 542 51.40 12.65 -30.46
CA GLY M 542 52.72 12.91 -30.96
C GLY M 542 53.32 14.15 -30.31
N GLY M 543 54.02 14.93 -31.11
CA GLY M 543 54.78 16.05 -30.61
C GLY M 543 54.21 17.40 -31.00
N LEU M 544 55.08 18.40 -30.93
CA LEU M 544 54.77 19.79 -31.22
C LEU M 544 55.62 20.25 -32.38
N VAL M 545 54.99 20.77 -33.42
CA VAL M 545 55.70 21.42 -34.52
C VAL M 545 55.51 22.92 -34.35
N ALA M 546 56.62 23.61 -34.14
CA ALA M 546 56.65 25.06 -34.05
C ALA M 546 57.58 25.61 -35.12
N VAL M 547 57.12 26.62 -35.85
CA VAL M 547 57.85 27.16 -36.99
C VAL M 547 57.92 28.67 -36.84
N GLY M 548 59.13 29.22 -36.80
CA GLY M 548 59.31 30.64 -36.60
C GLY M 548 58.86 31.14 -35.25
N GLY M 549 59.00 30.33 -34.21
CA GLY M 549 58.52 30.68 -32.89
C GLY M 549 57.09 30.32 -32.62
N LYS M 550 56.25 30.44 -33.64
CA LYS M 550 54.83 30.19 -33.48
C LYS M 550 54.52 28.71 -33.69
N VAL M 551 53.43 28.26 -33.08
CA VAL M 551 53.07 26.84 -33.12
C VAL M 551 52.42 26.53 -34.46
N ALA M 552 52.97 25.55 -35.18
CA ALA M 552 52.29 25.04 -36.36
C ALA M 552 51.19 24.06 -35.97
N MET M 553 51.53 23.07 -35.15
CA MET M 553 50.52 22.10 -34.75
C MET M 553 50.95 21.43 -33.46
N MET M 554 50.00 21.10 -32.61
CA MET M 554 50.25 20.40 -31.36
C MET M 554 48.98 19.67 -30.98
N PRO M 555 49.06 18.66 -30.07
CA PRO M 555 47.86 17.91 -29.68
C PRO M 555 46.69 18.73 -29.17
N ILE M 556 45.51 18.42 -29.68
CA ILE M 556 44.28 19.08 -29.29
C ILE M 556 43.65 18.20 -28.23
N SER M 557 43.81 18.59 -26.97
CA SER M 557 43.25 17.84 -25.86
C SER M 557 41.73 17.96 -25.86
N LEU M 558 41.06 16.85 -25.58
CA LEU M 558 39.60 16.78 -25.61
C LEU M 558 39.12 16.50 -24.20
N GLY M 559 38.51 17.49 -23.58
CA GLY M 559 37.96 17.39 -22.24
C GLY M 559 36.46 17.54 -22.23
N THR M 560 35.93 17.96 -21.09
CA THR M 560 34.51 18.16 -20.91
C THR M 560 33.93 19.26 -21.79
N ALA M 561 34.66 20.36 -21.98
CA ALA M 561 34.22 21.41 -22.88
C ALA M 561 34.08 20.92 -24.31
N ASP M 562 34.95 19.99 -24.71
CA ASP M 562 34.89 19.45 -26.06
C ASP M 562 33.74 18.48 -26.25
N PHE M 563 33.43 17.69 -25.23
CA PHE M 563 32.21 16.89 -25.20
C PHE M 563 30.98 17.75 -25.38
N LEU M 564 30.91 18.84 -24.62
CA LEU M 564 29.76 19.73 -24.63
C LEU M 564 29.60 20.42 -25.99
N ILE M 565 30.70 20.87 -26.58
CA ILE M 565 30.60 21.59 -27.85
C ILE M 565 30.37 20.63 -29.01
N HIS M 566 30.85 19.38 -28.93
CA HIS M 566 30.51 18.42 -29.96
C HIS M 566 29.05 18.03 -29.91
N HIS M 567 28.46 18.04 -28.72
CA HIS M 567 27.04 17.76 -28.67
C HIS M 567 26.20 18.95 -29.09
N ILE M 568 26.72 20.16 -28.91
CA ILE M 568 26.14 21.33 -29.57
C ILE M 568 26.14 21.16 -31.07
N HIS M 569 27.25 20.67 -31.63
CA HIS M 569 27.35 20.47 -33.08
C HIS M 569 26.38 19.41 -33.58
N ALA M 570 26.30 18.29 -32.86
CA ALA M 570 25.35 17.23 -33.20
C ALA M 570 23.92 17.74 -33.17
N PHE M 571 23.58 18.51 -32.14
CA PHE M 571 22.25 19.08 -32.00
C PHE M 571 21.91 20.02 -33.15
N THR M 572 22.82 20.92 -33.50
CA THR M 572 22.52 21.90 -34.54
C THR M 572 22.45 21.25 -35.92
N ILE M 573 23.33 20.28 -36.21
CA ILE M 573 23.26 19.55 -37.47
C ILE M 573 21.96 18.78 -37.56
N HIS M 574 21.50 18.21 -36.44
CA HIS M 574 20.27 17.43 -36.46
C HIS M 574 19.04 18.30 -36.64
N VAL M 575 19.02 19.50 -36.07
CA VAL M 575 17.85 20.35 -36.28
C VAL M 575 17.86 20.91 -37.70
N THR M 576 19.04 21.16 -38.27
CA THR M 576 19.11 21.54 -39.68
C THR M 576 18.56 20.42 -40.57
N VAL M 577 18.94 19.18 -40.25
CA VAL M 577 18.44 18.02 -40.99
C VAL M 577 16.94 17.89 -40.83
N LEU M 578 16.43 18.12 -39.60
CA LEU M 578 15.00 18.09 -39.35
C LEU M 578 14.26 19.09 -40.22
N VAL M 579 14.72 20.35 -40.23
CA VAL M 579 14.04 21.40 -40.99
C VAL M 579 14.06 21.08 -42.48
N LEU M 580 15.20 20.63 -42.99
CA LEU M 580 15.34 20.41 -44.42
C LEU M 580 14.64 19.13 -44.89
N LEU M 581 14.83 18.02 -44.16
CA LEU M 581 14.19 16.76 -44.49
C LEU M 581 12.69 16.83 -44.35
N LYS M 582 12.17 17.62 -43.41
CA LYS M 582 10.74 17.78 -43.26
C LYS M 582 10.12 18.37 -44.51
N GLY M 583 10.76 19.39 -45.08
CA GLY M 583 10.26 19.97 -46.31
C GLY M 583 10.40 19.05 -47.50
N VAL M 584 11.48 18.29 -47.57
CA VAL M 584 11.63 17.32 -48.65
C VAL M 584 10.56 16.24 -48.56
N LEU M 585 10.33 15.70 -47.36
CA LEU M 585 9.41 14.57 -47.21
C LEU M 585 7.95 15.00 -47.36
N PHE M 586 7.63 16.22 -46.92
CA PHE M 586 6.26 16.72 -47.06
C PHE M 586 6.14 17.75 -48.15
N ALA M 587 6.99 17.72 -49.17
CA ALA M 587 6.85 18.60 -50.31
C ALA M 587 5.66 18.27 -51.20
N ARG M 588 5.30 16.99 -51.31
CA ARG M 588 4.18 16.53 -52.12
C ARG M 588 2.84 16.85 -51.48
N ASN M 589 2.68 16.47 -50.23
CA ASN M 589 1.42 16.55 -49.51
C ASN M 589 1.71 16.29 -48.04
N SER M 590 0.74 16.61 -47.20
CA SER M 590 0.80 16.26 -45.78
C SER M 590 -0.61 15.92 -45.32
N ARG M 591 -0.77 15.78 -44.01
CA ARG M 591 -2.09 15.59 -43.44
C ARG M 591 -2.89 16.89 -43.47
N LEU M 592 -2.21 18.02 -43.46
CA LEU M 592 -2.85 19.33 -43.49
C LEU M 592 -3.33 19.66 -44.90
N ILE M 593 -2.40 19.73 -45.85
CA ILE M 593 -2.72 20.08 -47.23
C ILE M 593 -2.44 18.85 -48.10
N PRO M 594 -3.46 18.11 -48.51
CA PRO M 594 -3.23 16.87 -49.26
C PRO M 594 -2.80 17.06 -50.70
N ASP M 595 -2.82 18.28 -51.22
CA ASP M 595 -2.51 18.54 -52.62
C ASP M 595 -1.47 19.65 -52.72
N LYS M 596 -0.42 19.53 -51.92
CA LYS M 596 0.63 20.52 -51.85
C LYS M 596 1.51 20.53 -53.10
N SER M 597 1.57 19.42 -53.83
CA SER M 597 2.34 19.38 -55.07
C SER M 597 1.64 20.16 -56.17
N GLU M 598 0.32 20.29 -56.10
CA GLU M 598 -0.43 21.13 -57.03
C GLU M 598 -0.22 22.60 -56.76
N LEU M 599 0.15 22.96 -55.54
CA LEU M 599 0.40 24.35 -55.18
C LEU M 599 1.77 24.82 -55.62
N GLY M 600 2.70 23.91 -55.84
CA GLY M 600 4.03 24.22 -56.32
C GLY M 600 5.10 23.83 -55.33
N PHE M 601 6.33 24.23 -55.64
CA PHE M 601 7.45 24.10 -54.72
C PHE M 601 7.70 25.38 -53.95
N ARG M 602 7.46 26.53 -54.56
CA ARG M 602 7.61 27.85 -53.95
C ARG M 602 6.26 28.55 -54.02
N PHE M 603 5.49 28.40 -52.96
CA PHE M 603 4.25 29.15 -52.79
C PHE M 603 4.21 29.66 -51.35
N PRO M 604 3.53 30.79 -51.10
CA PRO M 604 3.60 31.36 -49.75
C PRO M 604 2.88 30.56 -48.70
N CYS M 605 1.67 30.14 -48.99
CA CYS M 605 0.77 29.57 -47.99
C CYS M 605 -0.39 28.94 -48.74
N ASP M 606 -1.36 28.45 -47.99
CA ASP M 606 -2.68 28.10 -48.50
C ASP M 606 -3.75 28.76 -47.64
N GLY M 607 -3.60 30.05 -47.39
CA GLY M 607 -4.63 30.82 -46.73
C GLY M 607 -4.57 30.70 -45.23
N PRO M 608 -5.40 31.49 -44.54
CA PRO M 608 -5.45 31.44 -43.08
C PRO M 608 -6.29 30.32 -42.52
N GLY M 609 -6.72 29.38 -43.34
CA GLY M 609 -7.54 28.30 -42.88
C GLY M 609 -6.74 27.12 -42.44
N ARG M 610 -7.45 26.13 -41.91
CA ARG M 610 -6.86 25.02 -41.15
C ARG M 610 -5.98 25.50 -40.01
N GLY M 611 -6.36 26.63 -39.41
CA GLY M 611 -5.55 27.31 -38.42
C GLY M 611 -4.61 28.35 -38.99
N GLY M 612 -4.24 28.25 -40.26
CA GLY M 612 -3.25 29.10 -40.88
C GLY M 612 -2.08 28.31 -41.42
N THR M 613 -2.01 28.15 -42.73
CA THR M 613 -0.96 27.32 -43.33
C THR M 613 0.14 28.19 -43.91
N CYS M 614 0.82 28.92 -43.05
CA CYS M 614 1.93 29.78 -43.45
C CYS M 614 3.19 28.95 -43.53
N GLN M 615 3.98 29.13 -44.59
CA GLN M 615 5.27 28.47 -44.77
C GLN M 615 5.16 26.94 -44.81
N VAL M 616 4.21 26.42 -45.57
CA VAL M 616 4.08 24.98 -45.72
C VAL M 616 4.84 24.42 -46.90
N SER M 617 5.33 25.27 -47.80
CA SER M 617 6.04 24.80 -48.97
C SER M 617 7.40 24.22 -48.62
N ALA M 618 7.98 23.49 -49.57
CA ALA M 618 9.34 23.01 -49.40
C ALA M 618 10.34 24.16 -49.46
N TRP M 619 10.05 25.18 -50.26
CA TRP M 619 10.90 26.35 -50.33
C TRP M 619 11.00 27.06 -48.99
N ASP M 620 9.90 27.09 -48.24
CA ASP M 620 9.91 27.74 -46.94
C ASP M 620 10.70 26.93 -45.94
N HIS M 621 10.84 25.64 -46.18
CA HIS M 621 11.68 24.81 -45.34
C HIS M 621 13.15 25.02 -45.67
N VAL M 622 13.46 25.29 -46.94
CA VAL M 622 14.81 25.72 -47.30
C VAL M 622 15.15 27.08 -46.69
N PHE M 623 14.19 28.00 -46.73
CA PHE M 623 14.24 29.25 -45.97
C PHE M 623 14.54 29.05 -44.49
N LEU M 624 13.80 28.20 -43.81
CA LEU M 624 14.03 28.02 -42.38
C LEU M 624 15.27 27.20 -42.08
N GLY M 625 15.74 26.38 -43.02
CA GLY M 625 16.97 25.66 -42.84
C GLY M 625 18.21 26.45 -43.15
N LEU M 626 18.08 27.54 -43.89
CA LEU M 626 19.20 28.46 -44.08
C LEU M 626 19.61 29.08 -42.75
N PHE M 627 18.63 29.48 -41.93
CA PHE M 627 18.89 30.00 -40.59
C PHE M 627 19.54 28.94 -39.71
N TRP M 628 19.11 27.70 -39.83
CA TRP M 628 19.64 26.66 -38.97
C TRP M 628 21.03 26.22 -39.42
N MET M 629 21.31 26.27 -40.71
CA MET M 629 22.67 26.08 -41.18
C MET M 629 23.58 27.21 -40.73
N TYR M 630 23.09 28.46 -40.74
CA TYR M 630 23.85 29.54 -40.14
C TYR M 630 24.18 29.24 -38.69
N ASN M 631 23.18 28.89 -37.91
CA ASN M 631 23.37 28.70 -36.48
C ASN M 631 24.28 27.51 -36.20
N SER M 632 24.27 26.51 -37.08
CA SER M 632 25.14 25.36 -36.96
C SER M 632 26.58 25.65 -37.35
N ILE M 633 26.81 26.34 -38.47
CA ILE M 633 28.16 26.56 -38.93
C ILE M 633 28.83 27.67 -38.12
N ALA M 634 28.06 28.63 -37.60
CA ALA M 634 28.63 29.68 -36.76
C ALA M 634 29.20 29.10 -35.48
N MET M 635 28.54 28.13 -34.89
CA MET M 635 29.08 27.52 -33.69
C MET M 635 30.28 26.63 -33.98
N VAL M 636 30.34 26.03 -35.17
CA VAL M 636 31.51 25.25 -35.56
C VAL M 636 32.72 26.14 -35.73
N ILE M 637 32.57 27.27 -36.42
CA ILE M 637 33.69 28.17 -36.62
C ILE M 637 34.07 28.87 -35.32
N PHE M 638 33.12 29.10 -34.40
CA PHE M 638 33.47 29.64 -33.09
C PHE M 638 34.24 28.65 -32.23
N HIS M 639 33.80 27.39 -32.24
CA HIS M 639 34.52 26.32 -31.55
C HIS M 639 35.94 26.23 -32.08
N PHE M 640 36.10 26.25 -33.40
CA PHE M 640 37.42 26.17 -33.99
C PHE M 640 38.28 27.35 -33.57
N PHE M 641 37.76 28.57 -33.69
CA PHE M 641 38.51 29.77 -33.38
C PHE M 641 39.00 29.76 -31.94
N TRP M 642 38.08 29.54 -30.99
CA TRP M 642 38.46 29.59 -29.58
C TRP M 642 39.37 28.43 -29.19
N LYS M 643 39.04 27.20 -29.61
CA LYS M 643 39.85 26.06 -29.21
C LYS M 643 41.25 26.11 -29.81
N MET M 644 41.37 26.49 -31.07
CA MET M 644 42.69 26.58 -31.69
C MET M 644 43.47 27.74 -31.13
N GLN M 645 42.79 28.78 -30.68
CA GLN M 645 43.44 29.97 -30.17
C GLN M 645 43.83 29.84 -28.72
N SER M 646 43.23 28.92 -27.99
CA SER M 646 43.61 28.75 -26.59
C SER M 646 44.37 27.46 -26.34
N ASP M 647 44.35 26.50 -27.24
CA ASP M 647 44.98 25.24 -26.93
C ASP M 647 45.93 24.75 -28.00
N VAL M 648 46.08 25.46 -29.12
CA VAL M 648 47.06 25.08 -30.12
C VAL M 648 47.98 26.26 -30.41
N TRP M 649 47.41 27.34 -30.93
CA TRP M 649 48.22 28.43 -31.44
C TRP M 649 48.88 29.19 -30.30
N GLY M 650 50.09 29.66 -30.55
CA GLY M 650 50.79 30.39 -29.53
C GLY M 650 52.17 30.82 -29.97
N ALA M 651 53.10 30.86 -29.03
CA ALA M 651 54.45 31.35 -29.26
C ALA M 651 55.38 30.49 -28.42
N VAL M 652 56.11 29.59 -29.09
CA VAL M 652 57.12 28.80 -28.41
C VAL M 652 58.36 29.65 -28.18
N ASP M 653 58.89 29.59 -26.97
CA ASP M 653 60.13 30.27 -26.61
C ASP M 653 61.32 29.38 -26.94
N ALA M 654 62.51 29.83 -26.51
CA ALA M 654 63.73 29.08 -26.75
C ALA M 654 63.70 27.71 -26.06
N ASN M 655 63.23 27.70 -24.81
CA ASN M 655 63.13 26.46 -24.05
C ASN M 655 62.13 25.48 -24.68
N GLY M 656 60.93 25.97 -25.01
CA GLY M 656 59.92 25.12 -25.58
C GLY M 656 58.54 25.35 -24.99
N THR M 657 58.46 26.24 -24.00
CA THR M 657 57.20 26.54 -23.35
C THR M 657 56.27 27.29 -24.30
N VAL M 658 55.02 26.85 -24.39
CA VAL M 658 54.05 27.40 -25.32
C VAL M 658 53.12 28.32 -24.56
N SER M 659 53.08 29.59 -24.97
CA SER M 659 52.15 30.56 -24.41
C SER M 659 51.05 30.76 -25.44
N HIS M 660 49.91 30.12 -25.20
CA HIS M 660 48.79 30.18 -26.13
C HIS M 660 48.19 31.56 -26.18
N ILE M 661 47.44 31.83 -27.26
CA ILE M 661 47.00 33.19 -27.56
C ILE M 661 46.03 33.72 -26.51
N THR M 662 45.00 32.95 -26.18
CA THR M 662 44.10 33.39 -25.13
C THR M 662 44.40 32.72 -23.80
N GLY M 663 45.28 31.71 -23.78
CA GLY M 663 45.86 31.23 -22.55
C GLY M 663 45.19 30.03 -21.95
N GLY M 664 44.69 29.13 -22.78
CA GLY M 664 44.07 27.92 -22.32
C GLY M 664 42.82 28.12 -21.50
N ASN M 665 41.99 29.08 -21.91
CA ASN M 665 40.76 29.41 -21.18
C ASN M 665 39.52 28.78 -21.80
N PHE M 666 39.69 27.91 -22.78
CA PHE M 666 38.57 27.18 -23.34
C PHE M 666 38.04 26.11 -22.39
N ALA M 667 38.88 25.53 -21.55
CA ALA M 667 38.46 24.41 -20.72
C ALA M 667 37.61 24.83 -19.54
N GLN M 668 37.61 26.12 -19.19
CA GLN M 668 36.86 26.60 -18.05
C GLN M 668 35.91 27.73 -18.36
N SER M 669 36.11 28.47 -19.45
CA SER M 669 35.20 29.54 -19.81
C SER M 669 34.20 29.15 -20.88
N SER M 670 34.52 28.16 -21.71
CA SER M 670 33.63 27.75 -22.79
C SER M 670 32.59 26.74 -22.35
N ILE M 671 32.38 26.58 -21.04
CA ILE M 671 31.39 25.65 -20.54
C ILE M 671 30.16 26.36 -20.01
N THR M 672 30.17 27.69 -20.01
CA THR M 672 29.02 28.52 -19.68
C THR M 672 28.74 29.43 -20.86
N ILE M 673 27.50 29.90 -20.97
CA ILE M 673 27.16 30.88 -22.00
C ILE M 673 27.81 32.23 -21.68
N ASN M 674 27.95 32.55 -20.39
CA ASN M 674 28.54 33.83 -20.01
C ASN M 674 30.01 33.89 -20.36
N GLY M 675 30.72 32.77 -20.26
CA GLY M 675 32.12 32.74 -20.64
C GLY M 675 32.30 32.81 -22.14
N TRP M 676 31.30 32.37 -22.89
CA TRP M 676 31.34 32.49 -24.33
C TRP M 676 31.11 33.93 -24.77
N LEU M 677 30.24 34.65 -24.06
CA LEU M 677 29.96 36.05 -24.32
C LEU M 677 31.03 36.98 -23.75
N ARG M 678 31.74 36.57 -22.72
CA ARG M 678 32.76 37.43 -22.12
C ARG M 678 34.16 37.10 -22.58
N ASP M 679 34.54 35.82 -22.56
CA ASP M 679 35.91 35.45 -22.87
C ASP M 679 36.14 35.18 -24.33
N PHE M 680 35.08 35.09 -25.14
CA PHE M 680 35.22 34.93 -26.58
C PHE M 680 34.67 36.14 -27.32
N LEU M 681 33.41 36.51 -27.11
CA LEU M 681 32.86 37.56 -27.93
C LEU M 681 33.28 38.95 -27.45
N TRP M 682 33.19 39.22 -26.15
CA TRP M 682 33.57 40.55 -25.66
C TRP M 682 35.07 40.75 -25.67
N ALA M 683 35.84 39.72 -25.30
CA ALA M 683 37.28 39.83 -25.17
C ALA M 683 38.01 39.85 -26.49
N GLN M 684 37.63 38.99 -27.43
CA GLN M 684 38.33 38.87 -28.69
C GLN M 684 37.81 39.84 -29.75
N ALA M 685 36.79 40.62 -29.44
CA ALA M 685 36.39 41.71 -30.31
C ALA M 685 37.04 43.02 -29.92
N THR M 686 38.11 42.94 -29.12
CA THR M 686 38.92 44.11 -28.83
C THR M 686 39.62 44.64 -30.07
N GLN M 687 40.03 43.75 -30.98
CA GLN M 687 40.82 44.13 -32.13
C GLN M 687 39.99 44.69 -33.28
N VAL M 688 38.68 44.48 -33.27
CA VAL M 688 37.83 44.93 -34.37
C VAL M 688 37.13 46.23 -34.04
N ILE M 689 36.88 46.50 -32.77
CA ILE M 689 36.24 47.76 -32.41
C ILE M 689 37.26 48.83 -32.07
N SER M 690 38.48 48.44 -31.72
CA SER M 690 39.55 49.38 -31.42
C SER M 690 40.44 49.55 -32.65
N SER M 691 39.87 49.33 -33.82
CA SER M 691 40.60 49.36 -35.07
C SER M 691 40.47 50.66 -35.84
N TYR M 692 39.62 51.58 -35.37
CA TYR M 692 39.45 52.87 -36.03
C TYR M 692 40.73 53.69 -35.97
N GLY M 693 41.11 54.25 -37.12
CA GLY M 693 42.34 54.99 -37.23
C GLY M 693 43.54 54.17 -37.60
N SER M 694 43.41 52.85 -37.58
CA SER M 694 44.50 51.95 -37.93
C SER M 694 44.31 51.43 -39.35
N ALA M 695 45.13 50.47 -39.75
CA ALA M 695 44.96 49.83 -41.06
C ALA M 695 43.88 48.77 -41.06
N LEU M 696 43.41 48.35 -39.87
CA LEU M 696 42.33 47.39 -39.75
C LEU M 696 40.98 48.08 -39.59
N SER M 697 40.90 49.37 -39.93
CA SER M 697 39.68 50.13 -39.68
C SER M 697 38.55 49.71 -40.61
N ALA M 698 38.90 49.18 -41.78
CA ALA M 698 37.90 48.64 -42.69
C ALA M 698 37.19 47.45 -42.05
N TYR M 699 37.90 46.69 -41.23
CA TYR M 699 37.25 45.59 -40.51
C TYR M 699 36.25 46.10 -39.48
N GLY M 700 36.58 47.19 -38.79
CA GLY M 700 35.61 47.77 -37.87
C GLY M 700 34.40 48.33 -38.58
N LEU M 701 34.62 48.97 -39.74
CA LEU M 701 33.53 49.46 -40.57
C LEU M 701 32.64 48.32 -41.04
N MET M 702 33.25 47.19 -41.45
CA MET M 702 32.45 46.07 -41.95
C MET M 702 31.77 45.31 -40.81
N PHE M 703 32.36 45.35 -39.62
CA PHE M 703 31.70 44.81 -38.42
C PHE M 703 30.41 45.55 -38.13
N LEU M 704 30.46 46.89 -38.15
CA LEU M 704 29.25 47.67 -37.97
C LEU M 704 28.28 47.51 -39.14
N ALA M 705 28.80 47.39 -40.36
CA ALA M 705 27.96 47.18 -41.54
C ALA M 705 27.21 45.86 -41.46
N GLY M 706 27.88 44.80 -41.01
CA GLY M 706 27.20 43.54 -40.84
C GLY M 706 26.12 43.59 -39.77
N HIS M 707 26.37 44.33 -38.68
CA HIS M 707 25.29 44.53 -37.71
C HIS M 707 24.10 45.27 -38.30
N PHE M 708 24.35 46.28 -39.14
CA PHE M 708 23.27 46.98 -39.82
C PHE M 708 22.46 46.05 -40.69
N VAL M 709 23.13 45.24 -41.50
CA VAL M 709 22.43 44.40 -42.48
C VAL M 709 21.67 43.28 -41.77
N PHE M 710 22.21 42.79 -40.64
CA PHE M 710 21.46 41.83 -39.83
C PHE M 710 20.17 42.45 -39.29
N ALA M 711 20.28 43.66 -38.71
CA ALA M 711 19.11 44.29 -38.14
C ALA M 711 18.10 44.71 -39.19
N PHE M 712 18.58 45.05 -40.38
CA PHE M 712 17.72 45.50 -41.46
C PHE M 712 16.92 44.35 -42.05
N SER M 713 17.47 43.14 -42.01
CA SER M 713 16.79 41.90 -42.37
C SER M 713 15.54 41.63 -41.57
N LEU M 714 15.51 42.07 -40.32
CA LEU M 714 14.41 41.77 -39.42
C LEU M 714 13.15 42.55 -39.79
N MET M 715 13.31 43.64 -40.54
CA MET M 715 12.19 44.35 -41.15
C MET M 715 11.44 43.47 -42.13
N PHE M 716 12.16 42.67 -42.93
CA PHE M 716 11.53 41.76 -43.86
C PHE M 716 11.06 40.47 -43.21
N LEU M 717 11.70 40.06 -42.13
CA LEU M 717 11.40 38.78 -41.51
C LEU M 717 10.25 38.86 -40.54
N PHE M 718 10.09 39.98 -39.83
CA PHE M 718 9.05 40.04 -38.82
C PHE M 718 7.77 40.63 -39.40
N SER M 719 7.86 41.50 -40.39
CA SER M 719 6.71 42.15 -40.96
C SER M 719 6.11 41.31 -42.10
N GLY M 720 4.88 41.67 -42.48
CA GLY M 720 4.18 41.02 -43.56
C GLY M 720 3.86 41.97 -44.69
N ARG M 721 3.31 41.39 -45.74
CA ARG M 721 3.20 42.03 -47.05
C ARG M 721 2.08 43.06 -47.14
N GLY M 722 0.99 42.86 -46.38
CA GLY M 722 -0.17 43.71 -46.51
C GLY M 722 0.04 45.09 -45.93
N TYR M 723 0.82 45.18 -44.84
CA TYR M 723 1.22 46.49 -44.31
C TYR M 723 1.90 47.34 -45.37
N TRP M 724 2.87 46.75 -46.06
CA TRP M 724 3.66 47.50 -47.01
C TRP M 724 2.86 47.84 -48.24
N GLN M 725 1.95 46.94 -48.65
CA GLN M 725 1.10 47.28 -49.78
C GLN M 725 0.12 48.39 -49.43
N GLU M 726 -0.36 48.45 -48.20
CA GLU M 726 -1.27 49.51 -47.79
C GLU M 726 -0.56 50.84 -47.55
N LEU M 727 0.73 50.81 -47.20
CA LEU M 727 1.50 52.05 -47.08
C LEU M 727 1.91 52.59 -48.45
N ILE M 728 2.21 51.69 -49.40
CA ILE M 728 2.45 52.09 -50.78
C ILE M 728 1.20 52.74 -51.37
N GLU M 729 0.01 52.42 -50.88
CA GLU M 729 -1.21 53.08 -51.36
C GLU M 729 -1.19 54.57 -51.05
N SER M 730 -0.79 54.94 -49.84
CA SER M 730 -0.68 56.36 -49.49
C SER M 730 0.43 57.04 -50.27
N ILE M 731 1.53 56.33 -50.49
CA ILE M 731 2.63 56.92 -51.26
C ILE M 731 2.22 57.13 -52.72
N VAL M 732 1.47 56.18 -53.30
CA VAL M 732 0.93 56.32 -54.65
C VAL M 732 -0.07 57.46 -54.72
N TRP M 733 -0.86 57.67 -53.67
CA TRP M 733 -1.76 58.82 -53.65
C TRP M 733 -0.98 60.12 -53.70
N ALA M 734 0.09 60.22 -52.91
CA ALA M 734 0.92 61.43 -52.91
C ALA M 734 1.60 61.64 -54.25
N HIS M 735 1.93 60.56 -54.94
CA HIS M 735 2.49 60.64 -56.29
C HIS M 735 1.46 61.05 -57.34
N ASN M 736 0.24 60.53 -57.24
CA ASN M 736 -0.82 60.87 -58.18
C ASN M 736 -1.18 62.34 -58.07
N LYS M 737 -1.09 62.88 -56.84
CA LYS M 737 -1.40 64.29 -56.65
C LYS M 737 -0.36 65.21 -57.32
N LEU M 738 0.90 64.81 -57.38
CA LEU M 738 1.91 65.59 -58.11
C LEU M 738 1.97 65.28 -59.59
N ARG M 739 1.12 64.37 -60.08
CA ARG M 739 1.13 63.89 -61.47
C ARG M 739 2.50 63.32 -61.85
N ILE M 740 3.06 62.53 -60.94
CA ILE M 740 4.32 61.82 -61.19
C ILE M 740 4.02 60.32 -61.23
N THR M 741 2.85 59.97 -61.76
CA THR M 741 2.42 58.59 -61.86
C THR M 741 3.26 57.83 -62.88
N THR M 742 3.59 56.58 -62.55
CA THR M 742 4.38 55.73 -63.41
C THR M 742 3.53 54.56 -63.91
N ALA M 743 3.84 54.09 -65.12
CA ALA M 743 3.09 53.01 -65.74
C ALA M 743 3.27 51.70 -64.97
N ILE M 744 4.51 51.34 -64.67
CA ILE M 744 4.76 50.14 -63.88
C ILE M 744 4.25 50.37 -62.46
N GLN M 745 3.23 49.64 -62.08
CA GLN M 745 2.49 49.86 -60.85
C GLN M 745 3.24 49.35 -59.63
N PRO M 746 3.53 50.21 -58.66
CA PRO M 746 4.40 49.80 -57.54
C PRO M 746 3.71 48.93 -56.51
N ARG M 747 4.21 47.71 -56.37
CA ARG M 747 3.62 46.70 -55.51
C ARG M 747 4.65 46.27 -54.47
N ALA M 748 4.19 45.86 -53.30
CA ALA M 748 5.11 45.36 -52.29
C ALA M 748 5.70 44.03 -52.73
N LEU M 749 6.84 43.68 -52.14
CA LEU M 749 7.49 42.41 -52.41
C LEU M 749 6.56 41.28 -52.01
N SER M 750 6.54 40.20 -52.79
CA SER M 750 5.65 39.09 -52.47
C SER M 750 6.08 38.40 -51.18
N ILE M 751 5.24 37.47 -50.72
CA ILE M 751 5.45 36.85 -49.41
C ILE M 751 6.74 36.04 -49.38
N THR M 752 6.89 35.13 -50.34
CA THR M 752 8.15 34.39 -50.42
C THR M 752 9.31 35.26 -50.84
N GLN M 753 9.07 36.32 -51.60
CA GLN M 753 10.19 37.20 -51.89
C GLN M 753 10.61 38.02 -50.67
N GLY M 754 9.67 38.48 -49.87
CA GLY M 754 10.02 39.11 -48.61
C GLY M 754 10.78 38.17 -47.68
N ARG M 755 10.40 36.90 -47.66
CA ARG M 755 11.18 35.90 -46.94
C ARG M 755 12.57 35.70 -47.49
N ALA M 756 12.73 35.63 -48.81
CA ALA M 756 14.05 35.47 -49.41
C ALA M 756 14.93 36.67 -49.14
N VAL M 757 14.36 37.88 -49.21
CA VAL M 757 15.12 39.10 -48.96
C VAL M 757 15.56 39.16 -47.50
N GLY M 758 14.67 38.82 -46.57
CA GLY M 758 15.04 38.78 -45.17
C GLY M 758 16.11 37.75 -44.87
N ALA M 759 16.01 36.57 -45.46
CA ALA M 759 17.00 35.53 -45.24
C ALA M 759 18.35 35.91 -45.81
N ALA M 760 18.37 36.47 -47.02
CA ALA M 760 19.62 36.89 -47.64
C ALA M 760 20.30 37.98 -46.83
N HIS M 761 19.52 38.95 -46.35
CA HIS M 761 20.09 40.02 -45.55
C HIS M 761 20.60 39.54 -44.21
N TYR M 762 19.85 38.66 -43.54
CA TYR M 762 20.28 38.12 -42.26
C TYR M 762 21.60 37.39 -42.43
N LEU M 763 21.68 36.49 -43.43
CA LEU M 763 22.88 35.71 -43.65
C LEU M 763 24.05 36.60 -44.01
N LEU M 764 23.83 37.57 -44.92
CA LEU M 764 24.91 38.44 -45.35
C LEU M 764 25.46 39.26 -44.19
N GLY M 765 24.60 39.95 -43.44
CA GLY M 765 25.08 40.77 -42.34
C GLY M 765 25.72 39.95 -41.24
N SER M 766 25.10 38.84 -40.87
CA SER M 766 25.59 38.02 -39.78
C SER M 766 26.89 37.30 -40.12
N ILE M 767 27.16 37.08 -41.41
CA ILE M 767 28.41 36.45 -41.80
C ILE M 767 29.49 37.50 -42.02
N VAL M 768 29.15 38.68 -42.53
CA VAL M 768 30.11 39.77 -42.67
C VAL M 768 30.63 40.21 -41.31
N THR M 769 29.76 40.20 -40.30
CA THR M 769 30.16 40.51 -38.94
C THR M 769 31.23 39.55 -38.42
N THR M 770 31.01 38.25 -38.58
CA THR M 770 31.97 37.24 -38.11
C THR M 770 33.25 37.29 -38.92
N TRP M 771 33.14 37.59 -40.22
CA TRP M 771 34.31 37.71 -41.07
C TRP M 771 35.21 38.85 -40.59
N ALA M 772 34.62 40.02 -40.34
CA ALA M 772 35.36 41.16 -39.83
C ALA M 772 35.96 40.90 -38.46
N PHE M 773 35.19 40.28 -37.56
CA PHE M 773 35.70 39.88 -36.26
C PHE M 773 36.86 38.90 -36.32
N PHE M 774 36.79 37.87 -37.16
CA PHE M 774 37.86 36.91 -37.28
C PHE M 774 39.11 37.56 -37.86
N LEU M 775 38.93 38.33 -38.92
CA LEU M 775 40.07 38.82 -39.69
C LEU M 775 40.77 39.99 -39.01
N ALA M 776 40.03 40.86 -38.32
CA ALA M 776 40.66 41.91 -37.54
C ALA M 776 41.42 41.34 -36.36
N ARG M 777 40.86 40.29 -35.76
CA ARG M 777 41.51 39.66 -34.61
C ARG M 777 42.81 38.99 -35.03
N MET M 778 42.78 38.22 -36.12
CA MET M 778 43.96 37.51 -36.58
C MET M 778 44.97 38.35 -37.32
N ALA M 779 44.65 39.58 -37.70
CA ALA M 779 45.62 40.45 -38.34
C ALA M 779 46.26 41.42 -37.37
N ALA M 780 45.97 41.28 -36.08
CA ALA M 780 46.46 42.21 -35.08
C ALA M 780 47.29 41.49 -34.03
N ILE M 781 46.87 40.28 -33.66
CA ILE M 781 47.61 39.50 -32.69
C ILE M 781 48.24 38.32 -33.42
N GLY M 782 48.37 38.44 -34.73
CA GLY M 782 48.98 37.40 -35.54
C GLY M 782 48.06 36.23 -35.80
N ALA N 2 -17.97 20.15 -25.80
CA ALA N 2 -18.16 21.46 -25.20
C ALA N 2 -17.73 21.46 -23.75
N THR N 3 -16.71 22.24 -23.45
CA THR N 3 -16.29 22.49 -22.09
C THR N 3 -17.10 23.63 -21.49
N LYS N 4 -16.97 23.82 -20.18
CA LYS N 4 -17.60 24.95 -19.54
C LYS N 4 -16.74 26.20 -19.55
N PHE N 5 -15.47 26.07 -19.88
CA PHE N 5 -14.49 27.15 -19.97
C PHE N 5 -14.18 27.42 -21.43
N PRO N 6 -14.17 28.68 -21.88
CA PRO N 6 -14.50 29.88 -21.11
C PRO N 6 -15.99 30.13 -21.05
N LYS N 7 -16.48 30.66 -19.93
CA LYS N 7 -17.92 30.85 -19.85
C LYS N 7 -18.40 32.07 -20.62
N PHE N 8 -17.48 32.90 -21.11
CA PHE N 8 -17.81 34.15 -21.79
C PHE N 8 -17.87 33.98 -23.30
N SER N 9 -17.74 32.78 -23.82
CA SER N 9 -17.73 32.58 -25.26
C SER N 9 -18.16 31.16 -25.58
N GLN N 10 -19.33 31.00 -26.19
CA GLN N 10 -19.76 29.68 -26.63
C GLN N 10 -18.90 29.13 -27.75
N GLU N 11 -18.38 30.00 -28.61
CA GLU N 11 -17.60 29.54 -29.76
C GLU N 11 -16.26 28.97 -29.36
N LEU N 12 -15.72 29.42 -28.23
CA LEU N 12 -14.47 28.88 -27.74
C LEU N 12 -14.69 27.60 -26.93
N GLN N 13 -15.90 27.39 -26.40
CA GLN N 13 -16.21 26.12 -25.75
C GLN N 13 -16.34 24.98 -26.74
N GLN N 14 -16.87 25.26 -27.94
CA GLN N 14 -16.92 24.26 -28.99
C GLN N 14 -15.57 23.92 -29.57
N ASP N 15 -14.55 24.71 -29.30
CA ASP N 15 -13.23 24.53 -29.88
C ASP N 15 -12.60 23.24 -29.35
N PRO N 16 -12.29 22.28 -30.22
CA PRO N 16 -11.81 20.98 -29.72
C PRO N 16 -10.31 20.91 -29.53
N THR N 17 -9.62 22.00 -29.78
CA THR N 17 -8.17 22.04 -29.83
C THR N 17 -7.60 22.79 -28.63
N THR N 18 -6.27 22.95 -28.61
CA THR N 18 -5.60 23.71 -27.58
C THR N 18 -5.64 25.20 -27.83
N ARG N 19 -6.30 25.63 -28.90
CA ARG N 19 -6.43 27.04 -29.20
C ARG N 19 -7.37 27.74 -28.23
N ARG N 20 -8.35 27.02 -27.66
CA ARG N 20 -9.33 27.71 -26.84
C ARG N 20 -8.75 28.12 -25.50
N ILE N 21 -7.74 27.42 -25.01
CA ILE N 21 -7.10 27.80 -23.77
C ILE N 21 -6.31 29.08 -23.96
N PHE N 22 -5.65 29.23 -25.09
CA PHE N 22 -4.87 30.41 -25.40
C PHE N 22 -5.73 31.59 -25.78
N TYR N 23 -6.84 31.36 -26.46
CA TYR N 23 -7.76 32.42 -26.84
C TYR N 23 -8.71 32.81 -25.72
N SER N 24 -8.83 32.00 -24.68
CA SER N 24 -9.61 32.39 -23.51
C SER N 24 -8.80 33.23 -22.56
N LEU N 25 -7.49 33.23 -22.68
CA LEU N 25 -6.61 34.06 -21.87
C LEU N 25 -6.41 35.44 -22.46
N ALA N 26 -6.41 35.56 -23.77
CA ALA N 26 -6.18 36.82 -24.46
C ALA N 26 -7.44 37.45 -25.01
N THR N 27 -8.62 36.94 -24.64
CA THR N 27 -9.89 37.59 -24.92
C THR N 27 -10.73 37.71 -23.67
N ALA N 28 -10.13 37.52 -22.50
CA ALA N 28 -10.88 37.47 -21.24
C ALA N 28 -11.33 38.84 -20.78
N HIS N 29 -10.56 39.89 -21.03
CA HIS N 29 -10.89 41.23 -20.57
C HIS N 29 -11.56 42.05 -21.65
N ASP N 30 -11.82 41.46 -22.81
CA ASP N 30 -12.55 42.14 -23.85
C ASP N 30 -14.04 41.90 -23.64
N PHE N 31 -14.59 42.60 -22.65
CA PHE N 31 -15.95 42.36 -22.22
C PHE N 31 -16.99 42.69 -23.28
N GLU N 32 -16.66 43.60 -24.20
CA GLU N 32 -17.61 43.98 -25.24
C GLU N 32 -17.99 42.80 -26.11
N SER N 33 -16.99 42.01 -26.50
CA SER N 33 -17.20 40.84 -27.35
C SER N 33 -17.33 39.60 -26.49
N HIS N 34 -18.32 39.62 -25.60
CA HIS N 34 -18.59 38.52 -24.70
C HIS N 34 -20.06 38.15 -24.79
N ASP N 35 -20.36 36.91 -24.42
CA ASP N 35 -21.69 36.37 -24.63
C ASP N 35 -22.71 37.01 -23.69
N GLY N 36 -23.76 37.55 -24.28
CA GLY N 36 -24.83 38.18 -23.53
C GLY N 36 -24.39 39.39 -22.74
N MET N 37 -23.62 40.27 -23.38
CA MET N 37 -23.10 41.46 -22.72
C MET N 37 -23.91 42.64 -23.20
N THR N 38 -24.60 43.30 -22.27
CA THR N 38 -25.22 44.57 -22.56
C THR N 38 -24.28 45.69 -22.18
N GLU N 39 -24.61 46.91 -22.61
CA GLU N 39 -23.76 48.08 -22.33
C GLU N 39 -23.71 48.36 -20.83
N GLU N 40 -24.85 48.25 -20.15
CA GLU N 40 -24.91 48.53 -18.73
C GLU N 40 -24.09 47.53 -17.93
N SER N 41 -24.22 46.25 -18.28
CA SER N 41 -23.49 45.13 -17.63
C SER N 41 -22.00 45.27 -17.91
N LEU N 42 -21.65 45.82 -19.07
CA LEU N 42 -20.27 46.09 -19.46
C LEU N 42 -19.65 47.15 -18.54
N TYR N 43 -20.35 48.28 -18.40
CA TYR N 43 -19.85 49.36 -17.55
C TYR N 43 -19.72 48.93 -16.09
N GLN N 44 -20.70 48.16 -15.60
CA GLN N 44 -20.65 47.70 -14.21
C GLN N 44 -19.49 46.73 -13.96
N ARG N 45 -19.24 45.84 -14.92
CA ARG N 45 -18.13 44.91 -14.80
C ARG N 45 -16.80 45.65 -14.83
N ILE N 46 -16.70 46.67 -15.66
CA ILE N 46 -15.48 47.49 -15.74
C ILE N 46 -15.26 48.24 -14.44
N PHE N 47 -16.33 48.77 -13.84
CA PHE N 47 -16.25 49.43 -12.54
C PHE N 47 -15.67 48.51 -11.46
N ALA N 48 -16.20 47.29 -11.37
CA ALA N 48 -15.71 46.35 -10.37
C ALA N 48 -14.27 45.91 -10.66
N SER N 49 -13.92 45.80 -11.94
CA SER N 49 -12.55 45.47 -12.32
C SER N 49 -11.58 46.58 -11.93
N HIS N 50 -12.01 47.84 -12.08
CA HIS N 50 -11.21 48.98 -11.64
C HIS N 50 -10.96 48.93 -10.14
N PHE N 51 -11.98 48.55 -9.38
CA PHE N 51 -11.81 48.45 -7.93
C PHE N 51 -10.81 47.35 -7.56
N GLY N 52 -10.92 46.19 -8.19
CA GLY N 52 -9.93 45.14 -7.97
C GLY N 52 -8.52 45.54 -8.39
N HIS N 53 -8.42 46.36 -9.43
CA HIS N 53 -7.13 46.87 -9.84
C HIS N 53 -6.52 47.83 -8.82
N LEU N 54 -7.31 48.75 -8.28
CA LEU N 54 -6.81 49.62 -7.22
C LEU N 54 -6.41 48.82 -5.99
N ALA N 55 -7.14 47.75 -5.70
CA ALA N 55 -6.77 46.87 -4.61
C ALA N 55 -5.40 46.24 -4.84
N ILE N 56 -5.13 45.81 -6.07
CA ILE N 56 -3.80 45.26 -6.40
C ILE N 56 -2.72 46.33 -6.24
N ILE N 57 -2.98 47.57 -6.67
CA ILE N 57 -2.00 48.64 -6.51
C ILE N 57 -1.72 48.92 -5.03
N PHE N 58 -2.75 48.95 -4.19
CA PHE N 58 -2.55 49.19 -2.77
C PHE N 58 -1.85 48.03 -2.09
N LEU N 59 -2.13 46.79 -2.51
CA LEU N 59 -1.45 45.62 -1.98
C LEU N 59 0.02 45.62 -2.36
N TRP N 60 0.33 46.05 -3.59
CA TRP N 60 1.70 46.18 -4.04
C TRP N 60 2.48 47.21 -3.22
N THR N 61 1.88 48.38 -3.00
CA THR N 61 2.56 49.41 -2.23
C THR N 61 2.72 48.99 -0.77
N SER N 62 1.70 48.31 -0.23
CA SER N 62 1.77 47.74 1.11
C SER N 62 2.89 46.73 1.23
N GLY N 63 3.07 45.88 0.22
CA GLY N 63 4.16 44.93 0.24
C GLY N 63 5.54 45.54 0.16
N ILE N 64 5.68 46.60 -0.64
CA ILE N 64 6.93 47.34 -0.68
C ILE N 64 7.26 47.94 0.67
N LEU N 65 6.29 48.59 1.30
CA LEU N 65 6.44 49.15 2.64
C LEU N 65 6.74 48.08 3.67
N PHE N 66 6.10 46.92 3.56
CA PHE N 66 6.31 45.85 4.52
C PHE N 66 7.70 45.26 4.40
N HIS N 67 8.22 45.16 3.18
CA HIS N 67 9.52 44.53 3.02
C HIS N 67 10.66 45.48 3.30
N VAL N 68 10.44 46.78 3.14
CA VAL N 68 11.46 47.70 3.61
C VAL N 68 11.45 47.77 5.13
N ALA N 69 10.30 47.59 5.76
CA ALA N 69 10.18 47.71 7.21
C ALA N 69 10.63 46.45 7.92
N TRP N 70 10.80 45.35 7.19
CA TRP N 70 11.03 44.08 7.86
C TRP N 70 12.41 43.58 7.45
N GLN N 71 12.81 43.89 6.23
CA GLN N 71 14.03 43.35 5.68
C GLN N 71 14.96 44.39 5.09
N GLY N 72 14.55 45.65 5.03
CA GLY N 72 15.41 46.72 4.57
C GLY N 72 16.21 47.33 5.71
N ASN N 73 16.91 48.41 5.39
CA ASN N 73 17.74 49.13 6.35
C ASN N 73 17.34 50.59 6.41
N PHE N 74 16.04 50.88 6.52
CA PHE N 74 15.56 52.25 6.40
C PHE N 74 16.07 53.12 7.54
N GLU N 75 15.98 52.62 8.77
CA GLU N 75 16.45 53.38 9.92
C GLU N 75 17.96 53.54 9.93
N ALA N 76 18.68 52.56 9.40
CA ALA N 76 20.13 52.66 9.27
C ALA N 76 20.57 53.52 8.12
N TRP N 77 19.70 53.77 7.13
CA TRP N 77 20.06 54.54 5.95
C TRP N 77 19.78 56.03 6.10
N ILE N 78 18.81 56.42 6.93
CA ILE N 78 18.52 57.84 7.14
C ILE N 78 19.65 58.54 7.88
N LYS N 79 20.49 57.79 8.59
CA LYS N 79 21.64 58.37 9.26
C LYS N 79 22.71 58.80 8.27
N ASP N 80 22.86 58.09 7.16
CA ASP N 80 23.85 58.43 6.15
C ASP N 80 23.33 58.03 4.78
N PRO N 81 22.51 58.89 4.13
CA PRO N 81 21.92 58.55 2.83
C PRO N 81 22.83 58.87 1.64
N LEU N 82 24.13 58.65 1.81
CA LEU N 82 25.06 58.87 0.70
C LEU N 82 26.08 57.75 0.63
N ASN N 83 26.28 57.06 1.76
CA ASN N 83 27.28 56.00 1.85
C ASN N 83 26.66 54.69 2.30
N ILE N 84 25.34 54.58 2.25
CA ILE N 84 24.64 53.36 2.60
C ILE N 84 23.70 53.02 1.45
N SER N 85 23.73 51.77 1.01
CA SER N 85 22.87 51.31 -0.07
C SER N 85 21.54 50.88 0.51
N PRO N 86 20.42 51.44 0.06
CA PRO N 86 19.11 50.95 0.51
C PRO N 86 18.84 49.51 0.10
N ILE N 87 18.14 48.80 0.96
CA ILE N 87 17.84 47.38 0.79
C ILE N 87 16.37 47.21 0.46
N ALA N 88 16.09 46.47 -0.61
CA ALA N 88 14.74 46.14 -1.04
C ALA N 88 14.11 45.10 -0.13
N HIS N 89 14.66 43.90 -0.11
CA HIS N 89 14.16 42.82 0.72
C HIS N 89 15.29 41.80 0.86
N ALA N 90 14.95 40.62 1.36
CA ALA N 90 15.92 39.58 1.65
C ALA N 90 15.85 38.48 0.62
N ILE N 91 16.96 37.79 0.41
CA ILE N 91 17.02 36.64 -0.47
C ILE N 91 16.82 35.39 0.35
N TRP N 92 15.96 34.48 -0.12
CA TRP N 92 15.81 33.14 0.41
C TRP N 92 15.82 32.17 -0.76
N ASP N 93 16.89 32.18 -1.52
CA ASP N 93 17.14 31.15 -2.50
C ASP N 93 17.93 30.02 -1.85
N PRO N 94 17.34 28.83 -1.67
CA PRO N 94 18.10 27.73 -1.06
C PRO N 94 19.17 27.16 -1.95
N GLN N 95 19.21 27.56 -3.21
CA GLN N 95 20.15 27.01 -4.17
C GLN N 95 21.46 27.76 -4.22
N PHE N 96 21.58 28.89 -3.51
CA PHE N 96 22.84 29.61 -3.44
C PHE N 96 23.94 28.75 -2.83
N GLY N 97 25.15 28.91 -3.33
CA GLY N 97 26.31 28.46 -2.61
C GLY N 97 26.65 29.51 -1.57
N PRO N 98 27.51 29.17 -0.63
CA PRO N 98 27.97 30.19 0.34
C PRO N 98 28.72 31.34 -0.30
N ALA N 99 29.28 31.16 -1.49
CA ALA N 99 29.93 32.26 -2.18
C ALA N 99 28.94 33.30 -2.69
N ALA N 100 27.71 32.89 -2.99
CA ALA N 100 26.67 33.84 -3.37
C ALA N 100 25.95 34.39 -2.15
N MET N 101 25.87 33.62 -1.07
CA MET N 101 25.34 34.14 0.18
C MET N 101 26.24 35.25 0.72
N ASP N 102 27.56 35.09 0.61
CA ASP N 102 28.50 36.14 0.99
C ASP N 102 28.49 37.32 0.05
N ALA N 103 28.27 37.10 -1.25
CA ALA N 103 28.32 38.18 -2.21
C ALA N 103 27.13 39.11 -2.09
N PHE N 104 25.98 38.58 -1.73
CA PHE N 104 24.75 39.34 -1.59
C PHE N 104 24.53 39.82 -0.16
N THR N 105 25.49 39.59 0.73
CA THR N 105 25.47 40.13 2.09
C THR N 105 26.39 41.34 2.15
N PRO N 106 25.89 42.52 2.45
CA PRO N 106 26.74 43.71 2.60
C PRO N 106 27.45 43.69 3.96
N ALA N 107 28.14 44.79 4.24
CA ALA N 107 28.84 44.92 5.51
C ALA N 107 27.87 44.96 6.69
N GLY N 108 26.84 45.78 6.59
CA GLY N 108 25.87 45.89 7.67
C GLY N 108 24.61 45.07 7.49
N ALA N 109 24.75 43.76 7.29
CA ALA N 109 23.59 42.89 7.16
C ALA N 109 23.98 41.48 7.55
N GLY N 110 23.02 40.73 8.08
CA GLY N 110 23.27 39.37 8.53
C GLY N 110 22.63 38.32 7.66
N ASN N 111 22.23 38.70 6.45
CA ASN N 111 21.57 37.80 5.53
C ASN N 111 21.76 38.36 4.12
N PRO N 112 21.60 37.51 3.08
CA PRO N 112 21.60 38.04 1.72
C PRO N 112 20.41 38.94 1.47
N VAL N 113 20.66 40.07 0.81
CA VAL N 113 19.63 41.06 0.54
C VAL N 113 19.76 41.53 -0.90
N ASN N 114 18.76 42.28 -1.33
CA ASN N 114 18.74 42.94 -2.64
C ASN N 114 18.89 44.43 -2.37
N PHE N 115 19.69 45.11 -3.17
CA PHE N 115 19.77 46.57 -3.09
C PHE N 115 18.62 47.22 -3.82
N CYS N 116 17.90 48.10 -3.15
CA CYS N 116 16.73 48.77 -3.73
C CYS N 116 17.15 49.84 -4.71
N TYR N 117 16.54 49.82 -5.90
CA TYR N 117 16.80 50.81 -6.94
C TYR N 117 15.53 51.52 -7.39
N SER N 118 14.46 51.39 -6.62
CA SER N 118 13.20 52.02 -6.96
C SER N 118 13.07 53.44 -6.41
N GLY N 119 13.96 53.85 -5.50
CA GLY N 119 13.92 55.18 -4.95
C GLY N 119 12.91 55.41 -3.87
N VAL N 120 12.34 54.37 -3.29
CA VAL N 120 11.29 54.57 -2.31
C VAL N 120 11.88 55.03 -0.98
N TYR N 121 13.15 54.73 -0.72
CA TYR N 121 13.79 55.23 0.49
C TYR N 121 13.88 56.75 0.48
N HIS N 122 14.31 57.31 -0.64
CA HIS N 122 14.43 58.76 -0.78
C HIS N 122 13.07 59.43 -0.68
N TRP N 123 12.07 58.84 -1.33
CA TRP N 123 10.72 59.37 -1.31
C TRP N 123 10.13 59.33 0.09
N TRP N 124 10.30 58.22 0.81
CA TRP N 124 9.75 58.12 2.15
C TRP N 124 10.51 59.00 3.13
N TYR N 125 11.79 59.21 2.91
CA TYR N 125 12.58 60.12 3.73
C TYR N 125 12.26 61.57 3.46
N THR N 126 11.71 61.91 2.29
CA THR N 126 11.43 63.30 1.98
C THR N 126 10.02 63.69 2.45
N ILE N 127 9.20 62.71 2.81
CA ILE N 127 7.80 62.98 3.15
C ILE N 127 7.56 62.72 4.63
N GLY N 128 8.61 62.42 5.40
CA GLY N 128 8.46 62.40 6.83
C GLY N 128 8.70 61.06 7.49
N LEU N 129 8.63 59.98 6.73
CA LEU N 129 8.76 58.65 7.32
C LEU N 129 10.17 58.42 7.83
N ARG N 130 10.29 58.12 9.13
CA ARG N 130 11.59 58.03 9.80
C ARG N 130 11.91 56.70 10.45
N THR N 131 10.94 55.83 10.71
CA THR N 131 11.21 54.61 11.44
C THR N 131 10.55 53.45 10.72
N ASN N 132 10.90 52.25 11.15
CA ASN N 132 10.27 51.05 10.61
C ASN N 132 8.84 50.92 11.10
N GLY N 133 8.54 51.50 12.26
CA GLY N 133 7.17 51.53 12.73
C GLY N 133 6.27 52.39 11.87
N ASP N 134 6.81 53.52 11.38
CA ASP N 134 6.07 54.35 10.43
C ASP N 134 5.76 53.59 9.15
N LEU N 135 6.76 52.86 8.64
CA LEU N 135 6.60 52.06 7.43
C LEU N 135 5.59 50.94 7.65
N PHE N 136 5.64 50.30 8.81
CA PHE N 136 4.70 49.22 9.11
C PHE N 136 3.27 49.76 9.24
N ALA N 137 3.12 50.93 9.87
CA ALA N 137 1.80 51.54 9.98
C ALA N 137 1.24 51.90 8.62
N GLY N 138 2.09 52.45 7.74
CA GLY N 138 1.64 52.74 6.38
C GLY N 138 1.27 51.49 5.60
N ALA N 139 2.06 50.42 5.77
CA ALA N 139 1.75 49.15 5.12
C ALA N 139 0.44 48.56 5.61
N MET N 140 0.15 48.65 6.91
CA MET N 140 -1.08 48.07 7.42
C MET N 140 -2.28 48.89 7.01
N PHE N 141 -2.10 50.22 6.95
CA PHE N 141 -3.14 51.09 6.41
C PHE N 141 -3.45 50.74 4.96
N LEU N 142 -2.42 50.50 4.15
CA LEU N 142 -2.64 50.19 2.74
C LEU N 142 -3.21 48.80 2.55
N LEU N 143 -2.86 47.86 3.42
CA LEU N 143 -3.50 46.54 3.43
C LEU N 143 -5.00 46.68 3.67
N LEU N 144 -5.38 47.47 4.67
CA LEU N 144 -6.78 47.67 4.97
C LEU N 144 -7.49 48.48 3.90
N LEU N 145 -6.79 49.42 3.26
CA LEU N 145 -7.37 50.20 2.17
C LEU N 145 -7.59 49.35 0.92
N ALA N 146 -6.70 48.39 0.67
CA ALA N 146 -6.93 47.43 -0.39
C ALA N 146 -8.13 46.54 -0.08
N ALA N 147 -8.30 46.17 1.18
CA ALA N 147 -9.52 45.44 1.57
C ALA N 147 -10.77 46.28 1.36
N VAL N 148 -10.69 47.59 1.64
CA VAL N 148 -11.82 48.49 1.40
C VAL N 148 -12.16 48.58 -0.08
N MET N 149 -11.14 48.68 -0.93
CA MET N 149 -11.37 48.72 -2.39
C MET N 149 -11.95 47.41 -2.90
N LEU N 150 -11.49 46.27 -2.36
CA LEU N 150 -12.06 44.98 -2.72
C LEU N 150 -13.52 44.87 -2.30
N TYR N 151 -13.86 45.35 -1.12
CA TYR N 151 -15.25 45.29 -0.67
C TYR N 151 -16.12 46.23 -1.49
N ALA N 152 -15.58 47.38 -1.89
CA ALA N 152 -16.32 48.30 -2.75
C ALA N 152 -16.59 47.67 -4.10
N GLY N 153 -15.61 46.96 -4.66
CA GLY N 153 -15.81 46.31 -5.94
C GLY N 153 -16.82 45.18 -5.89
N TRP N 154 -16.75 44.37 -4.83
CA TRP N 154 -17.77 43.36 -4.61
C TRP N 154 -19.15 43.97 -4.37
N LEU N 155 -19.20 45.10 -3.68
CA LEU N 155 -20.46 45.74 -3.31
C LEU N 155 -21.21 46.27 -4.52
N HIS N 156 -20.50 46.85 -5.48
CA HIS N 156 -21.13 47.44 -6.65
C HIS N 156 -21.46 46.43 -7.72
N LEU N 157 -21.31 45.15 -7.43
CA LEU N 157 -21.83 44.08 -8.25
C LEU N 157 -23.13 43.52 -7.71
N GLN N 158 -23.55 43.99 -6.54
CA GLN N 158 -24.80 43.57 -5.94
C GLN N 158 -25.97 44.30 -6.61
N PRO N 159 -27.13 43.65 -6.74
CA PRO N 159 -28.19 44.20 -7.59
C PRO N 159 -28.75 45.54 -7.16
N ARG N 160 -28.75 45.83 -5.86
CA ARG N 160 -29.27 47.07 -5.33
C ARG N 160 -28.24 48.19 -5.39
N TYR N 161 -27.03 47.85 -5.82
CA TYR N 161 -25.85 48.70 -5.73
C TYR N 161 -25.13 48.88 -7.05
N ARG N 162 -25.45 48.10 -8.08
CA ARG N 162 -24.93 48.30 -9.42
C ARG N 162 -25.41 49.63 -9.98
N PRO N 163 -24.51 50.52 -10.38
CA PRO N 163 -24.95 51.81 -10.93
C PRO N 163 -25.63 51.65 -12.29
N SER N 164 -26.54 52.57 -12.58
CA SER N 164 -27.23 52.58 -13.85
C SER N 164 -26.31 53.13 -14.94
N LEU N 165 -26.72 52.94 -16.19
CA LEU N 165 -25.92 53.39 -17.32
C LEU N 165 -25.89 54.91 -17.42
N ALA N 166 -26.97 55.58 -17.02
CA ALA N 166 -26.99 57.04 -17.03
C ALA N 166 -26.03 57.61 -16.00
N TRP N 167 -25.77 56.89 -14.92
CA TRP N 167 -24.75 57.29 -13.96
C TRP N 167 -23.36 57.22 -14.58
N PHE N 168 -23.08 56.16 -15.33
CA PHE N 168 -21.78 56.02 -15.97
C PHE N 168 -21.59 57.02 -17.09
N LYS N 169 -22.68 57.44 -17.73
CA LYS N 169 -22.59 58.41 -18.82
C LYS N 169 -22.48 59.85 -18.35
N ASN N 170 -22.52 60.08 -17.04
CA ASN N 170 -22.48 61.44 -16.48
C ASN N 170 -21.08 62.04 -16.58
N ALA N 171 -20.83 62.81 -17.64
CA ALA N 171 -19.50 63.33 -17.94
C ALA N 171 -19.28 64.72 -17.38
N GLU N 172 -20.28 65.28 -16.71
CA GLU N 172 -20.23 66.60 -16.09
C GLU N 172 -20.02 66.52 -14.60
N SER N 173 -20.69 65.56 -13.96
CA SER N 173 -20.49 65.33 -12.54
C SER N 173 -19.12 64.72 -12.27
N ARG N 174 -18.68 63.79 -13.11
CA ARG N 174 -17.39 63.14 -12.93
C ARG N 174 -16.24 64.10 -13.10
N LEU N 175 -16.30 64.98 -14.10
CA LEU N 175 -15.23 65.95 -14.29
C LEU N 175 -15.14 66.93 -13.13
N ASN N 176 -16.30 67.38 -12.63
CA ASN N 176 -16.32 68.25 -11.46
C ASN N 176 -15.72 67.56 -10.24
N HIS N 177 -16.08 66.30 -10.02
CA HIS N 177 -15.60 65.62 -8.83
C HIS N 177 -14.18 65.12 -8.94
N HIS N 178 -13.67 64.96 -10.16
CA HIS N 178 -12.30 64.52 -10.35
C HIS N 178 -11.35 65.71 -10.32
N LEU N 179 -11.74 66.81 -10.95
CA LEU N 179 -10.97 68.04 -10.88
C LEU N 179 -10.95 68.60 -9.46
N ALA N 180 -12.12 68.74 -8.85
CA ALA N 180 -12.25 69.20 -7.48
C ALA N 180 -12.63 68.03 -6.58
N GLY N 181 -11.63 67.31 -6.11
CA GLY N 181 -11.91 66.28 -5.14
C GLY N 181 -11.07 65.04 -5.33
N LEU N 182 -10.62 64.80 -6.54
CA LEU N 182 -9.57 63.82 -6.79
C LEU N 182 -8.25 64.47 -7.12
N PHE N 183 -8.26 65.64 -7.75
CA PHE N 183 -7.03 66.37 -7.98
C PHE N 183 -6.86 67.55 -7.04
N GLY N 184 -7.94 68.20 -6.65
CA GLY N 184 -7.87 69.34 -5.77
C GLY N 184 -7.80 68.99 -4.30
N VAL N 185 -8.79 68.28 -3.78
CA VAL N 185 -8.85 67.96 -2.36
C VAL N 185 -7.71 67.03 -1.98
N SER N 186 -7.35 66.11 -2.88
CA SER N 186 -6.21 65.23 -2.63
C SER N 186 -4.90 66.02 -2.58
N SER N 187 -4.72 66.99 -3.49
CA SER N 187 -3.52 67.80 -3.42
C SER N 187 -3.55 68.76 -2.24
N LEU N 188 -4.73 69.21 -1.83
CA LEU N 188 -4.84 70.02 -0.62
C LEU N 188 -4.49 69.22 0.61
N ALA N 189 -4.93 67.97 0.67
CA ALA N 189 -4.54 67.09 1.76
C ALA N 189 -3.04 66.78 1.72
N TRP N 190 -2.46 66.71 0.52
CA TRP N 190 -1.02 66.47 0.49
C TRP N 190 -0.25 67.70 0.95
N THR N 191 -0.77 68.90 0.66
CA THR N 191 -0.15 70.10 1.23
C THR N 191 -0.29 70.09 2.75
N GLY N 192 -1.43 69.60 3.24
CA GLY N 192 -1.61 69.47 4.66
C GLY N 192 -0.60 68.55 5.31
N HIS N 193 -0.34 67.39 4.69
CA HIS N 193 0.71 66.50 5.19
C HIS N 193 2.09 67.14 5.09
N LEU N 194 2.36 67.85 4.00
CA LEU N 194 3.67 68.45 3.81
C LEU N 194 3.99 69.50 4.86
N VAL N 195 3.00 70.24 5.34
CA VAL N 195 3.26 71.27 6.35
C VAL N 195 3.06 70.73 7.77
N HIS N 196 2.39 69.61 7.92
CA HIS N 196 2.20 69.02 9.25
C HIS N 196 3.21 67.94 9.58
N VAL N 197 3.70 67.20 8.60
CA VAL N 197 4.61 66.10 8.88
C VAL N 197 5.93 66.29 8.16
N ALA N 198 5.87 66.51 6.85
CA ALA N 198 7.07 66.44 6.04
C ALA N 198 8.06 67.57 6.34
N ILE N 199 7.60 68.82 6.34
CA ILE N 199 8.48 69.94 6.69
C ILE N 199 8.93 69.91 8.16
N PRO N 200 8.03 69.67 9.17
CA PRO N 200 8.55 69.47 10.55
C PRO N 200 9.59 68.37 10.71
N GLU N 201 9.31 67.16 10.19
CA GLU N 201 10.29 66.07 10.29
C GLU N 201 11.57 66.37 9.52
N SER N 202 11.49 67.22 8.50
CA SER N 202 12.67 67.72 7.80
C SER N 202 13.52 68.61 8.67
N ARG N 203 12.93 69.25 9.68
CA ARG N 203 13.64 70.11 10.61
C ARG N 203 14.02 69.43 11.90
N GLY N 204 13.52 68.21 12.12
CA GLY N 204 13.95 67.45 13.30
C GLY N 204 12.85 67.15 14.30
N GLN N 205 11.72 67.85 14.19
CA GLN N 205 10.61 67.61 15.15
C GLN N 205 9.83 66.39 14.69
N HIS N 206 9.43 65.53 15.62
CA HIS N 206 8.65 64.32 15.28
C HIS N 206 7.15 64.63 15.37
N VAL N 207 6.42 64.41 14.27
CA VAL N 207 4.98 64.61 14.25
C VAL N 207 4.35 63.28 13.86
N GLY N 208 3.44 62.79 14.70
CA GLY N 208 2.80 61.50 14.46
C GLY N 208 1.32 61.58 14.79
N TRP N 209 0.66 60.42 14.74
CA TRP N 209 -0.74 60.41 15.15
C TRP N 209 -0.87 60.27 16.66
N ASP N 210 -0.04 61.00 17.39
CA ASP N 210 -0.12 61.13 18.84
C ASP N 210 0.18 62.54 19.33
N ASN N 211 0.84 63.37 18.51
CA ASN N 211 1.13 64.74 18.91
C ASN N 211 0.96 65.75 17.77
N PHE N 212 0.20 65.44 16.72
CA PHE N 212 0.04 66.40 15.65
C PHE N 212 -1.02 67.44 16.00
N LEU N 213 -1.98 67.06 16.85
CA LEU N 213 -2.95 68.02 17.32
C LEU N 213 -2.32 68.98 18.32
N SER N 214 -1.30 68.51 19.03
CA SER N 214 -0.48 69.36 19.90
C SER N 214 0.35 70.35 19.09
N MET N 215 1.30 69.84 18.29
CA MET N 215 2.30 70.63 17.57
C MET N 215 1.69 71.47 16.45
N PRO N 216 1.80 72.79 16.50
CA PRO N 216 1.32 73.62 15.38
C PRO N 216 2.36 73.68 14.26
N PRO N 217 1.91 73.65 13.00
CA PRO N 217 2.83 73.80 11.87
C PRO N 217 3.55 75.13 11.80
N HIS N 218 3.03 76.15 12.46
CA HIS N 218 3.65 77.47 12.42
C HIS N 218 3.53 78.06 13.82
N PRO N 219 4.48 78.91 14.22
CA PRO N 219 4.39 79.51 15.57
C PRO N 219 3.10 80.27 15.82
N GLU N 220 2.60 80.98 14.83
CA GLU N 220 1.29 81.62 14.92
C GLU N 220 0.27 80.79 14.16
N GLY N 221 -0.29 79.81 14.88
CA GLY N 221 -1.21 78.87 14.29
C GLY N 221 -2.51 79.39 13.73
N LEU N 222 -2.61 79.40 12.39
CA LEU N 222 -3.76 79.91 11.61
C LEU N 222 -4.17 81.32 12.02
N LYS N 223 -3.21 82.09 12.49
CA LYS N 223 -3.35 83.53 12.67
C LYS N 223 -3.06 84.30 11.38
N PRO N 224 -1.98 84.02 10.62
CA PRO N 224 -1.78 84.78 9.37
C PRO N 224 -2.80 84.44 8.29
N PHE N 225 -3.33 83.22 8.29
CA PHE N 225 -4.24 82.82 7.21
C PHE N 225 -5.60 83.48 7.38
N PHE N 226 -6.14 83.48 8.61
CA PHE N 226 -7.45 84.05 8.85
C PHE N 226 -7.42 85.57 8.79
N THR N 227 -6.33 86.19 9.24
CA THR N 227 -6.20 87.64 9.23
C THR N 227 -5.95 88.18 7.83
N GLY N 228 -5.42 87.37 6.92
CA GLY N 228 -5.17 87.79 5.56
C GLY N 228 -3.72 88.10 5.25
N ASN N 229 -2.88 88.30 6.26
CA ASN N 229 -1.45 88.47 6.04
C ASN N 229 -0.85 87.12 5.76
N TRP N 230 -0.83 86.72 4.49
CA TRP N 230 -0.29 85.42 4.12
C TRP N 230 1.21 85.43 3.90
N GLY N 231 1.85 86.60 3.86
CA GLY N 231 3.28 86.64 3.66
C GLY N 231 4.10 86.22 4.85
N ALA N 232 3.46 86.05 6.00
CA ALA N 232 4.13 85.55 7.20
C ALA N 232 4.54 84.10 7.05
N TYR N 233 3.84 83.33 6.23
CA TYR N 233 4.15 81.92 6.05
C TYR N 233 5.37 81.70 5.17
N ALA N 234 5.79 82.73 4.43
CA ALA N 234 6.98 82.67 3.59
C ALA N 234 8.18 83.33 4.24
N LEU N 235 8.09 83.65 5.54
CA LEU N 235 9.17 84.31 6.25
C LEU N 235 9.98 83.29 7.04
N ASN N 236 11.28 83.55 7.15
CA ASN N 236 12.29 82.71 7.76
C ASN N 236 12.27 81.31 7.13
N PRO N 237 12.77 81.18 5.90
CA PRO N 237 12.87 79.84 5.30
C PRO N 237 14.10 79.09 5.79
N ASP N 238 14.34 77.91 5.24
CA ASP N 238 15.55 77.16 5.53
C ASP N 238 16.72 77.86 4.87
N THR N 239 17.78 78.04 5.66
CA THR N 239 19.03 78.68 5.19
C THR N 239 19.81 77.71 4.30
N SER N 240 20.79 78.23 3.56
CA SER N 240 21.61 77.40 2.68
C SER N 240 22.33 76.31 3.46
N GLU N 241 22.82 76.63 4.66
CA GLU N 241 23.52 75.63 5.47
C GLU N 241 22.54 74.94 6.42
N HIS N 242 21.47 74.41 5.84
CA HIS N 242 20.52 73.59 6.57
C HIS N 242 20.83 72.13 6.27
N LEU N 243 20.89 71.33 7.32
CA LEU N 243 21.14 69.90 7.21
C LEU N 243 19.81 69.20 7.41
N PHE N 244 19.40 68.42 6.40
CA PHE N 244 18.11 67.76 6.39
C PHE N 244 17.97 66.80 7.55
N ASN N 245 16.76 66.75 8.12
CA ASN N 245 16.34 65.95 9.27
C ASN N 245 16.92 66.48 10.58
N THR N 246 17.69 67.56 10.54
CA THR N 246 18.25 68.18 11.74
C THR N 246 17.88 69.65 11.76
N SER N 247 17.94 70.24 12.96
CA SER N 247 17.52 71.62 13.16
C SER N 247 18.62 72.63 12.92
N GLN N 248 19.82 72.19 12.54
CA GLN N 248 20.91 73.11 12.27
C GLN N 248 20.68 73.75 10.91
N GLY N 249 20.54 75.07 10.89
CA GLY N 249 20.21 75.81 9.69
C GLY N 249 18.74 75.90 9.38
N ALA N 250 17.88 75.44 10.29
CA ALA N 250 16.47 75.30 9.99
C ALA N 250 15.77 76.65 9.91
N GLY N 251 14.59 76.65 9.30
CA GLY N 251 13.73 77.81 9.32
C GLY N 251 12.41 77.52 10.01
N THR N 252 11.42 78.39 9.81
CA THR N 252 10.07 78.17 10.30
C THR N 252 9.01 78.28 9.22
N ALA N 253 9.36 78.73 8.02
CA ALA N 253 8.39 78.92 6.94
C ALA N 253 7.80 77.59 6.48
N ILE N 254 6.52 77.62 6.13
CA ILE N 254 5.85 76.44 5.63
C ILE N 254 5.46 76.55 4.16
N LEU N 255 5.37 77.76 3.60
CA LEU N 255 5.01 77.93 2.19
C LEU N 255 5.87 79.05 1.63
N THR N 256 6.95 78.69 0.93
CA THR N 256 7.85 79.69 0.42
C THR N 256 8.15 79.25 -1.01
N PHE N 257 8.71 80.15 -1.81
CA PHE N 257 8.83 79.98 -3.24
C PHE N 257 10.27 80.26 -3.68
N LEU N 258 11.22 79.52 -3.10
CA LEU N 258 12.63 79.88 -3.28
C LEU N 258 13.09 79.61 -4.70
N GLY N 259 12.73 78.46 -5.25
CA GLY N 259 13.25 78.01 -6.51
C GLY N 259 14.59 77.32 -6.36
N GLY N 260 14.99 76.62 -7.42
CA GLY N 260 16.25 75.90 -7.36
C GLY N 260 16.17 74.72 -6.42
N PHE N 261 17.30 74.39 -5.81
CA PHE N 261 17.43 73.17 -5.02
C PHE N 261 17.94 73.47 -3.62
N HIS N 262 17.57 72.59 -2.71
CA HIS N 262 18.20 72.55 -1.40
C HIS N 262 19.68 72.19 -1.62
N PRO N 263 20.62 73.03 -1.18
CA PRO N 263 22.02 72.81 -1.56
C PRO N 263 22.67 71.60 -0.90
N GLN N 264 22.03 71.01 0.10
CA GLN N 264 22.60 69.88 0.83
C GLN N 264 22.02 68.55 0.39
N THR N 265 20.72 68.50 0.07
CA THR N 265 20.12 67.31 -0.52
C THR N 265 20.10 67.33 -2.04
N GLU N 266 20.40 68.48 -2.65
CA GLU N 266 20.38 68.67 -4.11
C GLU N 266 19.00 68.37 -4.70
N SER N 267 17.96 68.61 -3.93
CA SER N 267 16.59 68.31 -4.31
C SER N 267 15.73 69.56 -4.17
N LEU N 268 14.48 69.46 -4.62
CA LEU N 268 13.56 70.58 -4.51
C LEU N 268 13.24 70.86 -3.05
N TRP N 269 12.99 72.12 -2.75
CA TRP N 269 12.65 72.53 -1.40
C TRP N 269 11.26 72.02 -1.02
N LEU N 270 11.12 71.52 0.21
CA LEU N 270 9.80 71.07 0.67
C LEU N 270 8.83 72.20 0.89
N THR N 271 9.29 73.39 1.26
CA THR N 271 8.39 74.53 1.28
C THR N 271 7.87 74.87 -0.11
N ASP N 272 8.75 74.80 -1.13
CA ASP N 272 8.30 74.97 -2.51
C ASP N 272 7.31 73.89 -2.91
N MET N 273 7.52 72.62 -2.54
CA MET N 273 6.56 71.61 -2.93
C MET N 273 5.23 71.72 -2.20
N ALA N 274 5.24 72.15 -0.93
CA ALA N 274 3.98 72.38 -0.23
C ALA N 274 3.23 73.57 -0.82
N HIS N 275 3.94 74.65 -1.13
CA HIS N 275 3.34 75.79 -1.80
C HIS N 275 2.83 75.41 -3.19
N HIS N 276 3.54 74.52 -3.87
CA HIS N 276 3.14 74.03 -5.18
C HIS N 276 1.83 73.29 -5.11
N HIS N 277 1.75 72.32 -4.21
CA HIS N 277 0.56 71.50 -4.14
C HIS N 277 -0.63 72.31 -3.65
N LEU N 278 -0.40 73.33 -2.83
CA LEU N 278 -1.46 74.25 -2.46
C LEU N 278 -1.96 75.11 -3.62
N ALA N 279 -1.05 75.68 -4.40
CA ALA N 279 -1.47 76.45 -5.57
C ALA N 279 -2.06 75.59 -6.67
N ILE N 280 -1.74 74.31 -6.70
CA ILE N 280 -2.39 73.35 -7.58
C ILE N 280 -3.77 72.96 -7.06
N ALA N 281 -3.90 72.74 -5.75
CA ALA N 281 -5.17 72.36 -5.15
C ALA N 281 -6.20 73.45 -5.30
N VAL N 282 -5.81 74.72 -5.10
CA VAL N 282 -6.77 75.80 -5.23
C VAL N 282 -7.27 75.93 -6.66
N ILE N 283 -6.37 75.85 -7.63
CA ILE N 283 -6.74 75.98 -9.03
C ILE N 283 -7.59 74.79 -9.48
N PHE N 284 -7.30 73.60 -8.99
CA PHE N 284 -8.09 72.43 -9.39
C PHE N 284 -9.45 72.40 -8.70
N ILE N 285 -9.53 72.83 -7.45
CA ILE N 285 -10.83 72.97 -6.80
C ILE N 285 -11.67 74.03 -7.50
N ILE N 286 -11.04 75.12 -7.96
CA ILE N 286 -11.76 76.07 -8.80
C ILE N 286 -12.23 75.41 -10.09
N ALA N 287 -11.36 74.73 -10.82
CA ALA N 287 -11.69 74.12 -12.11
C ALA N 287 -12.78 73.05 -12.03
N GLY N 288 -12.94 72.43 -10.87
CA GLY N 288 -14.03 71.47 -10.73
C GLY N 288 -15.36 72.09 -10.39
N HIS N 289 -15.60 73.30 -10.90
CA HIS N 289 -16.83 74.04 -10.69
C HIS N 289 -17.33 74.60 -12.00
N MET N 290 -16.93 73.98 -13.10
CA MET N 290 -17.21 74.55 -14.41
C MET N 290 -18.45 73.96 -15.06
N TYR N 291 -18.75 72.70 -14.81
CA TYR N 291 -19.81 71.99 -15.51
C TYR N 291 -21.00 71.79 -14.58
N ARG N 292 -22.20 71.81 -15.16
CA ARG N 292 -23.41 71.75 -14.37
C ARG N 292 -23.79 70.30 -14.11
N THR N 293 -24.14 70.01 -12.87
CA THR N 293 -24.65 68.68 -12.58
C THR N 293 -26.16 68.66 -12.35
N ASN N 294 -26.60 69.19 -11.23
CA ASN N 294 -28.01 69.30 -10.89
C ASN N 294 -28.29 70.52 -10.04
N PHE N 295 -27.50 71.60 -10.23
CA PHE N 295 -27.74 72.84 -9.53
C PHE N 295 -27.92 74.02 -10.47
N GLY N 296 -28.23 73.79 -11.73
CA GLY N 296 -28.49 74.92 -12.64
C GLY N 296 -27.27 75.64 -13.13
N ILE N 297 -26.39 76.09 -12.23
CA ILE N 297 -25.19 76.79 -12.64
C ILE N 297 -24.17 75.80 -13.20
N GLY N 298 -23.36 76.29 -14.13
CA GLY N 298 -22.34 75.47 -14.75
C GLY N 298 -22.48 75.40 -16.25
N HIS N 299 -21.48 74.85 -16.93
CA HIS N 299 -21.60 74.58 -18.35
C HIS N 299 -22.13 73.19 -18.64
N SER N 300 -22.49 72.99 -19.90
CA SER N 300 -22.71 71.67 -20.49
C SER N 300 -21.60 71.45 -21.49
N ILE N 301 -20.88 70.34 -21.36
CA ILE N 301 -19.78 70.03 -22.27
C ILE N 301 -20.31 69.80 -23.68
N LYS N 302 -21.46 69.14 -23.78
CA LYS N 302 -22.04 68.81 -25.08
C LYS N 302 -22.40 70.06 -25.85
N GLU N 303 -22.99 71.05 -25.17
CA GLU N 303 -23.31 72.30 -25.84
C GLU N 303 -22.06 73.08 -26.22
N MET N 304 -20.97 72.92 -25.46
CA MET N 304 -19.72 73.59 -25.86
C MET N 304 -19.10 72.94 -27.07
N THR N 305 -19.16 71.61 -27.17
CA THR N 305 -18.56 70.95 -28.33
C THR N 305 -19.40 71.10 -29.58
N GLU N 306 -20.73 70.97 -29.46
CA GLU N 306 -21.59 71.09 -30.64
C GLU N 306 -21.66 72.51 -31.16
N SER N 307 -21.16 73.49 -30.40
CA SER N 307 -21.13 74.88 -30.82
C SER N 307 -19.92 75.24 -31.67
N LEU N 308 -18.98 74.32 -31.89
CA LEU N 308 -17.81 74.56 -32.74
C LEU N 308 -18.04 74.08 -34.16
N GLN N 309 -19.24 74.30 -34.70
CA GLN N 309 -19.54 73.81 -36.04
C GLN N 309 -18.86 74.65 -37.12
N GLY N 310 -19.25 75.91 -37.23
CA GLY N 310 -19.03 76.65 -38.45
C GLY N 310 -18.12 77.85 -38.33
N PRO N 311 -18.33 78.83 -39.21
CA PRO N 311 -17.53 80.06 -39.17
C PRO N 311 -18.16 81.11 -38.26
N GLY N 312 -17.52 82.26 -38.19
CA GLY N 312 -17.98 83.36 -37.36
C GLY N 312 -17.38 83.31 -35.98
N TRP N 313 -17.63 84.38 -35.22
CA TRP N 313 -17.07 84.49 -33.88
C TRP N 313 -17.85 83.68 -32.86
N THR N 314 -19.07 83.28 -33.20
CA THR N 314 -19.86 82.38 -32.38
C THR N 314 -19.64 80.93 -32.79
N GLY N 315 -18.79 80.73 -33.79
CA GLY N 315 -18.51 79.40 -34.32
C GLY N 315 -17.03 79.16 -34.32
N PHE N 316 -16.64 78.00 -34.86
CA PHE N 316 -15.27 77.54 -34.84
C PHE N 316 -14.44 78.37 -35.82
N PHE N 317 -13.81 79.44 -35.32
CA PHE N 317 -13.22 80.45 -36.20
C PHE N 317 -11.74 80.21 -36.49
N ILE N 318 -11.06 79.38 -35.70
CA ILE N 318 -9.66 79.10 -36.01
C ILE N 318 -9.53 77.96 -37.01
N ALA N 319 -10.64 77.41 -37.49
CA ALA N 319 -10.65 76.51 -38.65
C ALA N 319 -12.07 76.45 -39.19
N PRO N 320 -12.52 77.51 -39.88
CA PRO N 320 -13.93 77.55 -40.30
C PRO N 320 -14.29 76.55 -41.37
N ASN N 321 -13.31 76.00 -42.09
CA ASN N 321 -13.57 75.01 -43.12
C ASN N 321 -13.35 73.59 -42.59
N THR N 322 -14.14 73.25 -41.57
CA THR N 322 -14.11 71.91 -40.99
C THR N 322 -15.51 71.29 -40.96
N GLY N 323 -16.41 71.81 -41.78
CA GLY N 323 -17.68 71.15 -42.01
C GLY N 323 -18.58 71.25 -40.80
N ARG N 324 -18.91 70.10 -40.23
CA ARG N 324 -19.73 70.06 -39.04
C ARG N 324 -18.93 70.23 -37.77
N GLY N 325 -17.62 70.49 -37.90
CA GLY N 325 -16.77 70.79 -36.76
C GLY N 325 -16.68 69.69 -35.73
N HIS N 326 -17.29 69.91 -34.57
CA HIS N 326 -17.20 69.00 -33.44
C HIS N 326 -18.55 68.40 -33.08
N LYS N 327 -19.48 68.41 -34.03
CA LYS N 327 -20.78 67.81 -33.83
C LYS N 327 -20.63 66.30 -33.89
N GLY N 328 -21.10 65.62 -32.85
CA GLY N 328 -20.92 64.20 -32.73
C GLY N 328 -19.63 63.78 -32.06
N ILE N 329 -18.72 64.73 -31.82
CA ILE N 329 -17.46 64.42 -31.14
C ILE N 329 -17.68 64.15 -29.66
N TYR N 330 -18.62 64.85 -29.01
CA TYR N 330 -18.97 64.55 -27.63
C TYR N 330 -19.53 63.14 -27.50
N ASP N 331 -20.39 62.73 -28.44
CA ASP N 331 -20.96 61.39 -28.37
C ASP N 331 -19.96 60.33 -28.76
N ALA N 332 -19.05 60.64 -29.67
CA ALA N 332 -17.95 59.73 -29.98
C ALA N 332 -17.06 59.51 -28.76
N TYR N 333 -16.82 60.58 -28.00
CA TYR N 333 -16.07 60.43 -26.76
C TYR N 333 -16.87 59.63 -25.74
N ASN N 334 -18.09 60.08 -25.44
CA ASN N 334 -18.80 59.61 -24.26
C ASN N 334 -19.37 58.22 -24.43
N ASN N 335 -19.89 57.90 -25.62
CA ASN N 335 -20.48 56.59 -25.84
C ASN N 335 -19.43 55.50 -26.02
N SER N 336 -18.30 55.83 -26.64
CA SER N 336 -17.26 54.85 -26.91
C SER N 336 -16.28 54.80 -25.75
N LEU N 337 -16.18 53.64 -25.12
CA LEU N 337 -15.19 53.44 -24.06
C LEU N 337 -13.80 53.24 -24.61
N HIS N 338 -13.68 52.82 -25.88
CA HIS N 338 -12.38 52.72 -26.52
C HIS N 338 -11.84 54.08 -26.91
N PHE N 339 -12.71 55.01 -27.32
CA PHE N 339 -12.27 56.38 -27.54
C PHE N 339 -11.72 56.98 -26.26
N GLN N 340 -12.44 56.81 -25.16
CA GLN N 340 -11.99 57.33 -23.88
C GLN N 340 -10.68 56.68 -23.47
N LEU N 341 -10.58 55.36 -23.60
CA LEU N 341 -9.37 54.67 -23.15
C LEU N 341 -8.17 55.04 -24.01
N GLY N 342 -8.32 55.11 -25.33
CA GLY N 342 -7.21 55.53 -26.16
C GLY N 342 -6.86 57.00 -26.03
N TRP N 343 -7.81 57.83 -25.62
CA TRP N 343 -7.54 59.23 -25.34
C TRP N 343 -6.80 59.40 -24.01
N HIS N 344 -7.26 58.69 -22.99
CA HIS N 344 -6.67 58.76 -21.66
C HIS N 344 -5.31 58.11 -21.62
N LEU N 345 -5.08 57.09 -22.46
CA LEU N 345 -3.76 56.49 -22.54
C LEU N 345 -2.76 57.42 -23.19
N ALA N 346 -3.18 58.22 -24.18
CA ALA N 346 -2.31 59.24 -24.74
C ALA N 346 -1.99 60.34 -23.75
N CYS N 347 -2.98 60.79 -22.99
CA CYS N 347 -2.74 61.74 -21.92
C CYS N 347 -1.80 61.21 -20.84
N LEU N 348 -2.01 59.96 -20.41
CA LEU N 348 -1.16 59.36 -19.40
C LEU N 348 0.24 59.06 -19.93
N GLY N 349 0.38 58.72 -21.21
CA GLY N 349 1.69 58.49 -21.76
C GLY N 349 2.49 59.75 -21.99
N VAL N 350 1.81 60.88 -22.22
CA VAL N 350 2.51 62.16 -22.19
C VAL N 350 2.90 62.56 -20.77
N VAL N 351 2.02 62.36 -19.79
CA VAL N 351 2.34 62.68 -18.41
C VAL N 351 3.46 61.80 -17.84
N THR N 352 3.55 60.52 -18.23
CA THR N 352 4.61 59.66 -17.74
C THR N 352 5.97 60.04 -18.31
N SER N 353 6.02 60.44 -19.59
CA SER N 353 7.24 60.99 -20.14
C SER N 353 7.62 62.30 -19.46
N LEU N 354 6.63 63.12 -19.12
CA LEU N 354 6.90 64.35 -18.38
C LEU N 354 7.48 64.04 -17.01
N VAL N 355 6.95 63.03 -16.33
CA VAL N 355 7.46 62.57 -15.05
C VAL N 355 8.93 62.18 -15.17
N ALA N 356 9.24 61.37 -16.18
CA ALA N 356 10.62 60.93 -16.40
C ALA N 356 11.54 62.10 -16.73
N GLN N 357 11.09 63.00 -17.60
CA GLN N 357 11.93 64.16 -18.04
C GLN N 357 12.07 65.21 -16.94
N HIS N 358 11.17 65.23 -15.95
CA HIS N 358 11.23 66.23 -14.91
C HIS N 358 11.90 65.75 -13.64
N MET N 359 11.78 64.48 -13.30
CA MET N 359 12.34 64.02 -12.04
C MET N 359 13.82 63.75 -12.09
N TYR N 360 14.46 63.81 -13.25
CA TYR N 360 15.91 63.76 -13.23
C TYR N 360 16.52 65.14 -13.27
N ALA N 361 15.83 66.10 -13.90
CA ALA N 361 16.30 67.46 -14.01
C ALA N 361 15.97 68.29 -12.78
N MET N 362 14.84 68.01 -12.14
CA MET N 362 14.48 68.64 -10.88
C MET N 362 14.19 67.53 -9.90
N PRO N 363 15.22 66.97 -9.27
CA PRO N 363 15.02 65.90 -8.31
C PRO N 363 14.17 66.35 -7.15
N PRO N 364 13.09 65.64 -6.83
CA PRO N 364 12.19 66.04 -5.74
C PRO N 364 12.47 65.39 -4.40
N TYR N 365 13.36 64.41 -4.33
CA TYR N 365 13.61 63.65 -3.12
C TYR N 365 15.04 63.82 -2.67
N ALA N 366 15.23 63.74 -1.36
CA ALA N 366 16.50 64.05 -0.73
C ALA N 366 17.55 63.00 -1.11
N PHE N 367 18.69 63.47 -1.60
CA PHE N 367 19.86 62.63 -1.94
C PHE N 367 19.56 61.60 -3.03
N ILE N 368 18.57 61.85 -3.88
CA ILE N 368 18.30 60.91 -4.96
C ILE N 368 19.11 61.26 -6.20
N ALA N 369 19.61 62.50 -6.30
CA ALA N 369 20.49 62.85 -7.40
C ALA N 369 21.84 62.17 -7.29
N ARG N 370 22.24 61.80 -6.08
CA ARG N 370 23.47 61.06 -5.84
C ARG N 370 23.28 59.56 -5.86
N ASP N 371 22.05 59.05 -5.84
CA ASP N 371 21.83 57.64 -6.11
C ASP N 371 21.70 57.51 -7.61
N TYR N 372 22.81 57.18 -8.26
CA TYR N 372 22.87 57.22 -9.72
C TYR N 372 22.07 56.09 -10.35
N THR N 373 22.17 54.89 -9.78
CA THR N 373 21.46 53.75 -10.33
C THR N 373 19.96 53.90 -10.15
N THR N 374 19.53 54.44 -9.02
CA THR N 374 18.13 54.74 -8.79
C THR N 374 17.60 55.76 -9.79
N THR N 375 18.35 56.82 -10.04
CA THR N 375 17.95 57.84 -10.99
C THR N 375 17.81 57.27 -12.40
N ALA N 376 18.80 56.48 -12.83
CA ALA N 376 18.77 55.86 -14.15
C ALA N 376 17.62 54.88 -14.28
N ALA N 377 17.41 54.04 -13.27
CA ALA N 377 16.35 53.06 -13.30
C ALA N 377 14.98 53.72 -13.33
N LEU N 378 14.80 54.79 -12.56
CA LEU N 378 13.52 55.48 -12.53
C LEU N 378 13.21 56.15 -13.85
N TYR N 379 14.20 56.79 -14.47
CA TYR N 379 13.96 57.43 -15.76
C TYR N 379 13.61 56.40 -16.81
N THR N 380 14.40 55.32 -16.88
CA THR N 380 14.18 54.29 -17.89
C THR N 380 12.84 53.59 -17.68
N HIS N 381 12.49 53.32 -16.43
CA HIS N 381 11.21 52.74 -16.06
C HIS N 381 10.05 53.58 -16.58
N HIS N 382 10.04 54.88 -16.28
CA HIS N 382 8.91 55.68 -16.68
C HIS N 382 8.89 55.98 -18.15
N GLN N 383 10.05 56.05 -18.82
CA GLN N 383 10.02 56.26 -20.25
C GLN N 383 9.54 55.02 -21.01
N TYR N 384 9.85 53.82 -20.52
CA TYR N 384 9.30 52.64 -21.15
C TYR N 384 7.82 52.45 -20.87
N ILE N 385 7.37 52.77 -19.65
CA ILE N 385 5.94 52.77 -19.35
C ILE N 385 5.21 53.77 -20.25
N ALA N 386 5.79 54.95 -20.45
CA ALA N 386 5.20 55.96 -21.31
C ALA N 386 5.13 55.54 -22.76
N GLY N 387 6.18 54.90 -23.29
CA GLY N 387 6.12 54.37 -24.63
C GLY N 387 5.06 53.33 -24.82
N PHE N 388 4.89 52.44 -23.85
CA PHE N 388 3.80 51.47 -23.91
C PHE N 388 2.42 52.11 -23.84
N LEU N 389 2.25 53.13 -22.99
CA LEU N 389 0.98 53.83 -22.91
C LEU N 389 0.65 54.56 -24.21
N MET N 390 1.65 55.16 -24.83
CA MET N 390 1.46 55.78 -26.14
C MET N 390 1.18 54.78 -27.24
N LEU N 391 1.67 53.56 -27.10
CA LEU N 391 1.35 52.52 -28.06
C LEU N 391 -0.10 52.05 -27.91
N GLY N 392 -0.56 51.92 -26.67
CA GLY N 392 -1.95 51.56 -26.41
C GLY N 392 -2.98 52.62 -26.66
N ALA N 393 -2.56 53.88 -26.63
CA ALA N 393 -3.40 54.97 -27.07
C ALA N 393 -3.84 54.81 -28.52
N PHE N 394 -2.89 54.53 -29.40
CA PHE N 394 -3.20 54.30 -30.81
C PHE N 394 -3.86 52.95 -31.05
N ALA N 395 -3.53 51.95 -30.23
CA ALA N 395 -4.27 50.69 -30.29
C ALA N 395 -5.76 50.91 -30.06
N HIS N 396 -6.12 51.65 -29.02
CA HIS N 396 -7.55 51.84 -28.79
C HIS N 396 -8.17 52.92 -29.63
N GLY N 397 -7.38 53.82 -30.20
CA GLY N 397 -7.88 54.63 -31.29
C GLY N 397 -8.27 53.84 -32.52
N GLY N 398 -7.51 52.80 -32.85
CA GLY N 398 -7.92 51.89 -33.91
C GLY N 398 -9.12 51.03 -33.54
N ILE N 399 -9.16 50.54 -32.30
CA ILE N 399 -10.29 49.71 -31.87
C ILE N 399 -11.58 50.52 -31.82
N PHE N 400 -11.52 51.82 -31.50
CA PHE N 400 -12.69 52.67 -31.58
C PHE N 400 -13.19 52.79 -33.01
N LEU N 401 -12.29 53.01 -33.97
CA LEU N 401 -12.69 53.17 -35.36
C LEU N 401 -13.24 51.89 -35.94
N ILE N 402 -12.80 50.75 -35.43
CA ILE N 402 -13.40 49.47 -35.81
C ILE N 402 -14.78 49.29 -35.18
N ARG N 403 -14.87 49.40 -33.86
CA ARG N 403 -16.01 48.91 -33.11
C ARG N 403 -17.07 49.97 -32.85
N ASP N 404 -16.67 51.19 -32.53
CA ASP N 404 -17.63 52.17 -32.05
C ASP N 404 -17.86 53.34 -32.98
N TYR N 405 -17.01 53.53 -33.98
CA TYR N 405 -17.15 54.66 -34.88
C TYR N 405 -18.42 54.58 -35.72
N ASP N 406 -19.20 55.65 -35.69
CA ASP N 406 -20.44 55.75 -36.44
C ASP N 406 -20.25 56.79 -37.54
N PRO N 407 -20.17 56.39 -38.81
CA PRO N 407 -19.93 57.35 -39.88
C PRO N 407 -21.06 58.33 -40.13
N VAL N 408 -22.27 58.06 -39.63
CA VAL N 408 -23.37 58.99 -39.84
C VAL N 408 -23.56 59.94 -38.66
N ALA N 409 -23.28 59.48 -37.43
CA ALA N 409 -23.25 60.40 -36.30
C ALA N 409 -22.07 61.34 -36.39
N ASN N 410 -20.97 60.89 -37.01
CA ASN N 410 -19.80 61.70 -37.24
C ASN N 410 -19.74 62.17 -38.68
N GLU N 411 -20.86 62.49 -39.29
CA GLU N 411 -20.87 62.92 -40.68
C GLU N 411 -20.21 64.28 -40.83
N ASN N 412 -19.12 64.33 -41.59
CA ASN N 412 -18.43 65.54 -42.02
C ASN N 412 -18.01 66.41 -40.83
N ASN N 413 -17.54 65.78 -39.78
CA ASN N 413 -16.92 66.49 -38.68
C ASN N 413 -15.40 66.31 -38.74
N VAL N 414 -14.70 66.70 -37.68
CA VAL N 414 -13.25 66.63 -37.67
C VAL N 414 -12.74 65.20 -37.76
N LEU N 415 -13.40 64.28 -37.06
CA LEU N 415 -12.95 62.89 -37.05
C LEU N 415 -13.14 62.24 -38.42
N ALA N 416 -14.33 62.46 -39.00
CA ALA N 416 -14.65 61.94 -40.34
C ALA N 416 -13.89 62.73 -41.40
N ARG N 417 -13.41 63.93 -41.06
CA ARG N 417 -12.65 64.80 -42.01
C ARG N 417 -11.18 64.39 -42.05
N VAL N 418 -10.66 63.80 -40.96
CA VAL N 418 -9.30 63.27 -40.94
C VAL N 418 -9.30 61.86 -41.51
N LEU N 419 -10.41 61.14 -41.38
CA LEU N 419 -10.51 59.84 -42.03
C LEU N 419 -10.58 59.98 -43.55
N ASP N 420 -11.03 61.13 -44.05
CA ASP N 420 -11.17 61.32 -45.49
C ASP N 420 -9.82 61.48 -46.18
N HIS N 421 -8.95 62.31 -45.62
CA HIS N 421 -7.67 62.65 -46.25
C HIS N 421 -6.51 61.91 -45.63
N LYS N 422 -6.76 60.72 -45.08
CA LYS N 422 -5.78 59.95 -44.31
C LYS N 422 -4.52 59.63 -45.10
N GLU N 423 -4.61 59.58 -46.42
CA GLU N 423 -3.43 59.34 -47.25
C GLU N 423 -2.46 60.52 -47.20
N ALA N 424 -2.96 61.75 -47.08
CA ALA N 424 -2.08 62.90 -46.91
C ALA N 424 -1.32 62.84 -45.60
N ILE N 425 -2.00 62.51 -44.50
CA ILE N 425 -1.36 62.36 -43.20
C ILE N 425 -0.32 61.25 -43.23
N ILE N 426 -0.65 60.10 -43.82
CA ILE N 426 0.27 58.98 -43.83
C ILE N 426 1.47 59.25 -44.73
N SER N 427 1.26 59.84 -45.91
CA SER N 427 2.39 60.16 -46.77
C SER N 427 3.27 61.27 -46.22
N HIS N 428 2.74 62.19 -45.43
CA HIS N 428 3.61 63.21 -44.86
C HIS N 428 4.35 62.73 -43.63
N LEU N 429 3.75 61.85 -42.81
CA LEU N 429 4.55 61.13 -41.81
C LEU N 429 5.63 60.29 -42.46
N SER N 430 5.34 59.66 -43.60
CA SER N 430 6.34 58.91 -44.34
C SER N 430 7.47 59.81 -44.84
N TRP N 431 7.14 61.01 -45.33
CA TRP N 431 8.19 61.92 -45.79
C TRP N 431 9.09 62.37 -44.65
N VAL N 432 8.50 62.75 -43.51
CA VAL N 432 9.31 63.20 -42.37
C VAL N 432 10.20 62.06 -41.89
N SER N 433 9.64 60.85 -41.83
CA SER N 433 10.40 59.67 -41.44
C SER N 433 11.57 59.42 -42.39
N LEU N 434 11.31 59.49 -43.70
CA LEU N 434 12.36 59.23 -44.68
C LEU N 434 13.45 60.29 -44.61
N PHE N 435 13.08 61.56 -44.50
CA PHE N 435 14.05 62.64 -44.43
C PHE N 435 14.95 62.47 -43.21
N LEU N 436 14.34 62.28 -42.04
CA LEU N 436 15.08 62.13 -40.80
C LEU N 436 15.99 60.91 -40.85
N GLY N 437 15.49 59.79 -41.36
CA GLY N 437 16.28 58.58 -41.40
C GLY N 437 17.47 58.67 -42.33
N PHE N 438 17.25 59.11 -43.58
CA PHE N 438 18.36 59.27 -44.52
C PHE N 438 19.40 60.21 -43.97
N HIS N 439 18.99 61.36 -43.45
CA HIS N 439 19.99 62.35 -43.03
C HIS N 439 20.72 61.93 -41.77
N THR N 440 20.01 61.40 -40.78
CA THR N 440 20.67 61.04 -39.53
C THR N 440 21.60 59.86 -39.73
N LEU N 441 21.14 58.82 -40.44
CA LEU N 441 22.00 57.68 -40.69
C LEU N 441 23.20 58.07 -41.55
N ALA N 442 23.00 58.91 -42.55
CA ALA N 442 24.12 59.27 -43.41
C ALA N 442 25.12 60.16 -42.70
N LEU N 443 24.66 61.03 -41.80
CA LEU N 443 25.59 61.83 -41.00
C LEU N 443 26.41 60.96 -40.05
N TYR N 444 25.76 60.02 -39.37
CA TYR N 444 26.46 59.07 -38.52
C TYR N 444 27.45 58.20 -39.30
N VAL N 445 27.07 57.73 -40.49
CA VAL N 445 27.96 56.87 -41.26
C VAL N 445 29.13 57.67 -41.85
N HIS N 446 28.90 58.93 -42.23
CA HIS N 446 30.01 59.78 -42.63
C HIS N 446 31.00 59.99 -41.49
N ASN N 447 30.47 60.22 -40.28
CA ASN N 447 31.34 60.39 -39.13
C ASN N 447 32.11 59.11 -38.81
N ASP N 448 31.45 57.95 -38.93
CA ASP N 448 32.15 56.67 -38.79
C ASP N 448 33.29 56.52 -39.78
N CYS N 449 33.03 56.84 -41.05
CA CYS N 449 34.06 56.65 -42.07
C CYS N 449 35.17 57.66 -41.94
N GLU N 450 34.88 58.85 -41.39
CA GLU N 450 35.95 59.81 -41.14
C GLU N 450 36.82 59.38 -39.97
N VAL N 451 36.20 58.96 -38.86
CA VAL N 451 36.97 58.56 -37.69
C VAL N 451 37.75 57.28 -37.96
N ALA N 452 37.17 56.34 -38.70
CA ALA N 452 37.87 55.11 -39.05
C ALA N 452 39.08 55.37 -39.93
N PHE N 453 38.97 56.31 -40.86
CA PHE N 453 40.07 56.63 -41.76
C PHE N 453 41.00 57.68 -41.16
N GLY N 454 41.03 57.79 -39.84
CA GLY N 454 41.93 58.67 -39.12
C GLY N 454 41.73 60.14 -39.35
N SER N 455 40.47 60.60 -39.37
CA SER N 455 40.16 62.03 -39.47
C SER N 455 38.96 62.37 -38.60
N PRO N 456 39.13 62.41 -37.28
CA PRO N 456 38.04 62.91 -36.42
C PRO N 456 37.72 64.37 -36.63
N ASP N 457 38.62 65.14 -37.23
CA ASP N 457 38.42 66.56 -37.49
C ASP N 457 37.51 66.82 -38.69
N LYS N 458 37.34 65.84 -39.58
CA LYS N 458 36.50 65.97 -40.75
C LYS N 458 35.07 65.53 -40.51
N GLN N 459 34.70 65.25 -39.27
CA GLN N 459 33.33 64.90 -38.93
C GLN N 459 32.42 66.08 -39.16
N ILE N 460 31.16 65.80 -39.50
CA ILE N 460 30.15 66.85 -39.60
C ILE N 460 29.54 66.96 -38.21
N LEU N 461 29.86 68.05 -37.53
CA LEU N 461 29.40 68.30 -36.17
C LEU N 461 28.52 69.54 -36.20
N VAL N 462 27.21 69.33 -36.11
CA VAL N 462 26.24 70.41 -36.16
C VAL N 462 25.77 70.70 -34.74
N GLU N 463 25.88 71.92 -34.33
CA GLU N 463 25.47 72.28 -33.00
C GLU N 463 23.96 72.48 -32.92
N PRO N 464 23.35 72.07 -31.82
CA PRO N 464 21.92 72.33 -31.62
C PRO N 464 21.65 73.76 -31.17
N VAL N 465 21.79 74.71 -32.11
CA VAL N 465 21.79 76.12 -31.75
C VAL N 465 20.42 76.58 -31.26
N PHE N 466 19.35 75.95 -31.74
CA PHE N 466 18.02 76.32 -31.25
C PHE N 466 17.80 75.87 -29.82
N ALA N 467 18.24 74.65 -29.47
CA ALA N 467 18.09 74.21 -28.09
C ALA N 467 19.13 74.83 -27.17
N GLN N 468 20.31 75.14 -27.70
CA GLN N 468 21.27 75.93 -26.92
C GLN N 468 20.73 77.32 -26.63
N TRP N 469 19.98 77.90 -27.57
CA TRP N 469 19.34 79.19 -27.36
C TRP N 469 18.16 79.09 -26.38
N ILE N 470 17.39 78.01 -26.42
CA ILE N 470 16.35 77.79 -25.43
C ILE N 470 16.95 77.53 -24.04
N GLN N 471 18.18 77.03 -24.03
CA GLN N 471 18.91 76.85 -22.76
C GLN N 471 19.30 78.25 -22.29
N ALA N 472 19.65 79.14 -23.23
CA ALA N 472 20.01 80.51 -22.90
C ALA N 472 18.80 81.35 -22.49
N VAL N 473 17.59 81.10 -23.03
CA VAL N 473 16.45 81.94 -22.65
C VAL N 473 15.94 81.61 -21.27
N HIS N 474 16.51 80.59 -20.62
CA HIS N 474 16.16 80.23 -19.26
C HIS N 474 17.20 80.73 -18.27
N GLY N 475 18.35 81.17 -18.74
CA GLY N 475 19.32 81.79 -17.88
C GLY N 475 20.61 81.02 -17.80
N LYS N 476 20.95 80.31 -18.86
CA LYS N 476 22.17 79.52 -18.93
C LYS N 476 23.24 80.40 -19.57
N ALA N 477 24.31 80.65 -18.82
CA ALA N 477 25.42 81.44 -19.31
C ALA N 477 26.55 80.58 -19.88
N LEU N 478 26.24 79.30 -20.11
CA LEU N 478 27.21 78.29 -20.63
C LEU N 478 27.67 78.70 -22.04
N TYR N 479 26.78 79.33 -22.81
CA TYR N 479 27.13 79.80 -24.18
C TYR N 479 27.17 81.33 -24.20
N GLY N 480 27.58 81.91 -25.34
CA GLY N 480 27.64 83.38 -25.47
C GLY N 480 26.34 83.94 -26.01
N ILE N 481 25.22 83.67 -25.33
CA ILE N 481 23.88 84.13 -25.79
C ILE N 481 23.20 84.89 -24.64
N SER N 482 23.28 86.22 -24.64
CA SER N 482 22.60 87.01 -23.61
C SER N 482 21.13 87.15 -23.99
N SER N 483 20.38 86.06 -23.88
CA SER N 483 18.95 86.09 -24.15
C SER N 483 18.17 86.32 -22.87
N LEU N 484 16.86 86.04 -22.91
CA LEU N 484 15.86 86.60 -22.00
C LEU N 484 16.23 86.53 -20.52
N LEU N 485 16.26 85.34 -19.93
CA LEU N 485 16.67 85.25 -18.54
C LEU N 485 18.19 85.17 -18.38
N SER N 486 18.91 84.98 -19.47
CA SER N 486 20.36 85.12 -19.42
C SER N 486 20.77 86.59 -19.32
N ASN N 487 19.94 87.50 -19.83
CA ASN N 487 20.17 88.94 -19.76
C ASN N 487 19.63 89.40 -18.43
N PRO N 488 20.47 89.89 -17.51
CA PRO N 488 19.99 90.16 -16.15
C PRO N 488 19.06 91.36 -16.03
N ASP N 489 19.18 92.32 -16.94
CA ASP N 489 18.29 93.48 -16.90
C ASP N 489 17.35 93.47 -18.11
N SER N 490 16.81 92.30 -18.42
CA SER N 490 15.85 92.14 -19.49
C SER N 490 14.45 92.28 -18.94
N ILE N 491 13.48 92.48 -19.83
CA ILE N 491 12.07 92.59 -19.47
C ILE N 491 11.59 91.31 -18.78
N ALA N 492 12.13 90.16 -19.18
CA ALA N 492 11.68 88.90 -18.60
C ALA N 492 12.30 88.67 -17.23
N SER N 493 13.57 89.06 -17.06
CA SER N 493 14.28 88.84 -15.80
C SER N 493 13.78 89.76 -14.70
N THR N 494 13.47 91.01 -15.03
CA THR N 494 13.16 91.99 -14.00
C THR N 494 11.69 91.97 -13.60
N ALA N 495 10.80 91.58 -14.53
CA ALA N 495 9.36 91.72 -14.37
C ALA N 495 8.96 93.15 -14.04
N TRP N 496 9.33 94.08 -14.93
CA TRP N 496 9.40 95.55 -14.81
C TRP N 496 8.33 96.22 -13.95
N PRO N 497 7.01 95.99 -14.15
CA PRO N 497 6.05 96.67 -13.28
C PRO N 497 5.96 96.04 -11.90
N ASN N 498 6.35 94.78 -11.80
CA ASN N 498 5.98 93.93 -10.68
C ASN N 498 7.16 93.60 -9.79
N HIS N 499 8.28 93.16 -10.39
CA HIS N 499 9.50 92.77 -9.68
C HIS N 499 9.22 91.69 -8.65
N ALA N 500 8.31 90.78 -9.01
CA ALA N 500 7.86 89.73 -8.11
C ALA N 500 8.33 88.34 -8.50
N ASN N 501 9.17 88.22 -9.52
CA ASN N 501 9.79 86.93 -9.78
C ASN N 501 10.83 86.67 -8.70
N VAL N 502 10.40 85.97 -7.65
CA VAL N 502 11.23 85.76 -6.49
C VAL N 502 11.80 84.36 -6.66
N TRP N 503 11.78 83.87 -7.91
CA TRP N 503 12.21 82.51 -8.22
C TRP N 503 13.53 82.60 -8.96
N LEU N 504 13.78 83.77 -9.56
CA LEU N 504 14.88 84.01 -10.47
C LEU N 504 16.26 83.75 -9.85
N PRO N 505 16.62 84.29 -8.66
CA PRO N 505 17.97 84.01 -8.16
C PRO N 505 18.18 82.55 -7.78
N GLY N 506 17.16 81.93 -7.17
CA GLY N 506 17.27 80.51 -6.85
C GLY N 506 17.33 79.63 -8.08
N TRP N 507 16.64 80.01 -9.16
CA TRP N 507 16.62 79.18 -10.36
C TRP N 507 17.92 79.35 -11.14
N LEU N 508 18.48 80.56 -11.16
CA LEU N 508 19.77 80.74 -11.81
C LEU N 508 20.94 80.27 -10.97
N GLU N 509 20.77 80.08 -9.65
CA GLU N 509 21.79 79.38 -8.89
C GLU N 509 21.87 77.91 -9.27
N ALA N 510 20.79 77.35 -9.80
CA ALA N 510 20.70 75.94 -10.12
C ALA N 510 21.00 75.64 -11.59
N ILE N 511 20.55 76.50 -12.51
CA ILE N 511 20.79 76.23 -13.91
C ILE N 511 22.25 76.49 -14.27
N ASN N 512 22.87 77.48 -13.60
CA ASN N 512 24.27 77.77 -13.86
C ASN N 512 25.18 76.79 -13.13
N ASN N 513 24.67 76.18 -12.07
CA ASN N 513 25.39 75.12 -11.37
C ASN N 513 25.57 73.96 -12.34
N GLY N 514 26.80 73.72 -12.76
CA GLY N 514 27.02 72.74 -13.81
C GLY N 514 27.22 71.34 -13.29
N THR N 515 26.62 71.04 -12.13
CA THR N 515 26.74 69.73 -11.51
C THR N 515 25.42 69.00 -11.38
N ASN N 516 24.29 69.64 -11.61
CA ASN N 516 23.01 68.96 -11.59
C ASN N 516 22.65 68.56 -13.02
N SER N 517 21.47 67.98 -13.20
CA SER N 517 20.97 67.60 -14.52
C SER N 517 19.98 68.60 -15.09
N LEU N 518 19.67 69.67 -14.38
CA LEU N 518 18.74 70.67 -14.88
C LEU N 518 19.35 71.42 -16.04
N PHE N 519 18.85 71.17 -17.26
CA PHE N 519 19.35 71.75 -18.51
C PHE N 519 20.84 71.45 -18.68
N LEU N 520 21.13 70.18 -18.98
CA LEU N 520 22.50 69.75 -19.23
C LEU N 520 23.07 70.44 -20.45
N ALA N 521 24.39 70.61 -20.46
CA ALA N 521 25.08 71.16 -21.63
C ALA N 521 24.97 70.21 -22.81
N ILE N 522 24.67 70.74 -23.98
CA ILE N 522 24.46 69.95 -25.18
C ILE N 522 25.41 70.41 -26.27
N GLY N 523 25.88 69.46 -27.07
CA GLY N 523 26.77 69.75 -28.16
C GLY N 523 26.40 69.00 -29.41
N PRO N 524 27.35 68.84 -30.34
CA PRO N 524 27.08 68.16 -31.61
C PRO N 524 26.58 66.72 -31.48
N GLY N 525 27.05 65.98 -30.47
CA GLY N 525 26.59 64.61 -30.32
C GLY N 525 25.16 64.52 -29.82
N ASP N 526 24.63 65.62 -29.31
CA ASP N 526 23.25 65.67 -28.87
C ASP N 526 22.28 65.92 -30.02
N PHE N 527 22.70 66.72 -31.01
CA PHE N 527 21.86 67.07 -32.14
C PHE N 527 21.50 65.82 -32.95
N LEU N 528 22.49 64.97 -33.20
CA LEU N 528 22.27 63.74 -33.97
C LEU N 528 21.32 62.78 -33.26
N VAL N 529 21.48 62.62 -31.95
CA VAL N 529 20.65 61.66 -31.24
C VAL N 529 19.25 62.22 -31.03
N HIS N 530 19.11 63.55 -30.97
CA HIS N 530 17.76 64.11 -30.98
C HIS N 530 17.08 63.90 -32.33
N HIS N 531 17.83 63.95 -33.41
CA HIS N 531 17.24 63.65 -34.71
C HIS N 531 16.91 62.18 -34.86
N ALA N 532 17.69 61.31 -34.23
CA ALA N 532 17.34 59.89 -34.17
C ALA N 532 16.07 59.66 -33.35
N ILE N 533 15.91 60.36 -32.24
CA ILE N 533 14.68 60.26 -31.44
C ILE N 533 13.49 60.79 -32.24
N ALA N 534 13.70 61.87 -33.00
CA ALA N 534 12.65 62.38 -33.87
C ALA N 534 12.25 61.36 -34.93
N LEU N 535 13.24 60.72 -35.55
CA LEU N 535 12.99 59.64 -36.50
C LEU N 535 12.21 58.51 -35.86
N GLY N 536 12.58 58.12 -34.65
CA GLY N 536 11.89 57.02 -33.99
C GLY N 536 10.46 57.33 -33.64
N LEU N 537 10.20 58.52 -33.10
CA LEU N 537 8.82 58.88 -32.78
C LEU N 537 7.99 59.04 -34.03
N HIS N 538 8.59 59.54 -35.11
CA HIS N 538 7.87 59.71 -36.36
C HIS N 538 7.54 58.39 -37.02
N VAL N 539 8.45 57.42 -37.00
CA VAL N 539 8.13 56.14 -37.64
C VAL N 539 7.15 55.36 -36.79
N THR N 540 7.28 55.42 -35.46
CA THR N 540 6.28 54.76 -34.63
C THR N 540 4.90 55.37 -34.82
N THR N 541 4.82 56.69 -34.94
CA THR N 541 3.58 57.38 -35.25
C THR N 541 3.08 57.03 -36.64
N LEU N 542 3.97 56.93 -37.64
CA LEU N 542 3.58 56.44 -38.96
C LEU N 542 2.91 55.08 -38.92
N ILE N 543 3.50 54.11 -38.25
CA ILE N 543 2.94 52.77 -38.19
C ILE N 543 1.59 52.79 -37.48
N LEU N 544 1.51 53.48 -36.35
CA LEU N 544 0.28 53.48 -35.56
C LEU N 544 -0.83 54.29 -36.22
N VAL N 545 -0.51 55.46 -36.78
CA VAL N 545 -1.49 56.27 -37.50
C VAL N 545 -1.97 55.57 -38.75
N LYS N 546 -1.06 54.94 -39.49
CA LYS N 546 -1.43 54.19 -40.68
C LYS N 546 -2.37 53.05 -40.33
N GLY N 547 -2.08 52.31 -39.27
CA GLY N 547 -2.93 51.20 -38.92
C GLY N 547 -4.24 51.61 -38.29
N ALA N 548 -4.29 52.76 -37.63
CA ALA N 548 -5.55 53.25 -37.11
C ALA N 548 -6.43 53.81 -38.21
N LEU N 549 -5.85 54.57 -39.14
CA LEU N 549 -6.66 55.19 -40.17
C LEU N 549 -7.05 54.20 -41.26
N ASP N 550 -6.23 53.18 -41.52
CA ASP N 550 -6.59 52.09 -42.41
C ASP N 550 -7.25 50.93 -41.68
N ALA N 551 -7.72 51.15 -40.46
CA ALA N 551 -8.38 50.07 -39.72
C ALA N 551 -9.70 49.68 -40.34
N ARG N 552 -10.48 50.66 -40.78
CA ARG N 552 -11.81 50.39 -41.30
C ARG N 552 -11.78 49.85 -42.72
N GLY N 553 -10.65 49.94 -43.40
CA GLY N 553 -10.52 49.44 -44.75
C GLY N 553 -9.54 50.26 -45.56
N SER N 554 -8.86 49.58 -46.48
CA SER N 554 -7.97 50.24 -47.42
C SER N 554 -8.29 49.76 -48.83
N LYS N 555 -7.44 50.07 -49.79
CA LYS N 555 -7.67 49.60 -51.15
C LYS N 555 -7.39 48.12 -51.32
N LEU N 556 -6.46 47.57 -50.53
CA LEU N 556 -6.16 46.14 -50.60
C LEU N 556 -7.23 45.31 -49.90
N MET N 557 -7.94 45.86 -48.93
CA MET N 557 -9.01 45.15 -48.25
C MET N 557 -10.09 46.15 -47.87
N PRO N 558 -11.02 46.45 -48.80
CA PRO N 558 -12.02 47.48 -48.55
C PRO N 558 -12.93 47.23 -47.35
N ASP N 559 -13.31 45.98 -47.10
CA ASP N 559 -14.18 45.67 -45.97
C ASP N 559 -13.40 45.15 -44.78
N LYS N 560 -12.37 45.87 -44.35
CA LYS N 560 -11.54 45.38 -43.25
C LYS N 560 -12.23 45.54 -41.90
N LYS N 561 -13.21 46.41 -41.80
CA LYS N 561 -13.95 46.58 -40.56
C LYS N 561 -14.92 45.43 -40.30
N ASP N 562 -15.23 44.62 -41.30
CA ASP N 562 -16.11 43.48 -41.09
C ASP N 562 -15.36 42.28 -40.54
N PHE N 563 -14.04 42.32 -40.56
CA PHE N 563 -13.20 41.21 -40.10
C PHE N 563 -12.66 41.41 -38.70
N GLY N 564 -12.84 42.59 -38.13
CA GLY N 564 -12.46 42.84 -36.76
C GLY N 564 -11.23 43.70 -36.65
N TYR N 565 -10.68 43.71 -35.45
CA TYR N 565 -9.45 44.43 -35.17
C TYR N 565 -8.23 43.54 -35.37
N ALA N 566 -8.26 42.35 -34.78
CA ALA N 566 -7.19 41.36 -34.95
C ALA N 566 -7.73 40.22 -35.79
N PHE N 567 -7.06 39.95 -36.91
CA PHE N 567 -7.33 38.81 -37.75
C PHE N 567 -6.03 38.55 -38.47
N PRO N 568 -5.72 37.29 -38.85
CA PRO N 568 -4.40 36.99 -39.42
C PRO N 568 -4.09 37.76 -40.68
N CYS N 569 -4.93 37.56 -41.68
CA CYS N 569 -4.69 38.03 -43.03
C CYS N 569 -5.99 37.90 -43.81
N ASP N 570 -5.92 38.14 -45.11
CA ASP N 570 -7.04 37.87 -46.00
C ASP N 570 -6.62 36.87 -47.06
N GLY N 571 -5.68 35.99 -46.73
CA GLY N 571 -5.23 34.96 -47.63
C GLY N 571 -4.10 35.43 -48.52
N PRO N 572 -3.63 34.55 -49.40
CA PRO N 572 -2.59 34.92 -50.37
C PRO N 572 -3.09 35.52 -51.66
N GLY N 573 -4.38 35.78 -51.78
CA GLY N 573 -4.88 36.44 -52.95
C GLY N 573 -4.50 37.91 -52.96
N ARG N 574 -4.62 38.53 -54.13
CA ARG N 574 -4.31 39.97 -54.35
C ARG N 574 -2.85 40.25 -54.01
N GLY N 575 -1.96 39.31 -54.33
CA GLY N 575 -0.56 39.46 -54.03
C GLY N 575 -0.15 38.97 -52.66
N GLY N 576 -1.09 38.83 -51.73
CA GLY N 576 -0.75 38.47 -50.37
C GLY N 576 -1.13 39.57 -49.41
N THR N 577 -1.64 39.22 -48.24
CA THR N 577 -2.19 40.20 -47.31
C THR N 577 -1.70 39.92 -45.91
N CYS N 578 -0.41 39.65 -45.75
CA CYS N 578 0.15 39.37 -44.44
C CYS N 578 0.21 40.66 -43.64
N ASP N 579 -0.07 40.57 -42.34
CA ASP N 579 -0.01 41.70 -41.39
C ASP N 579 -0.90 42.86 -41.82
N ILE N 580 -2.07 42.55 -42.38
CA ILE N 580 -2.92 43.59 -42.96
C ILE N 580 -3.89 44.19 -41.93
N SER N 581 -4.08 43.54 -40.79
CA SER N 581 -5.03 44.04 -39.81
C SER N 581 -4.47 45.25 -39.07
N ALA N 582 -5.35 45.93 -38.35
CA ALA N 582 -4.94 47.09 -37.57
C ALA N 582 -4.17 46.66 -36.32
N TRP N 583 -4.45 45.47 -35.80
CA TRP N 583 -3.70 44.93 -34.67
C TRP N 583 -2.24 44.72 -35.05
N ASP N 584 -1.99 44.36 -36.31
CA ASP N 584 -0.63 44.14 -36.78
C ASP N 584 0.14 45.43 -36.89
N SER N 585 -0.53 46.57 -36.94
CA SER N 585 0.20 47.84 -36.88
C SER N 585 0.71 48.11 -35.47
N VAL N 586 -0.07 47.77 -34.44
CA VAL N 586 0.41 47.93 -33.07
C VAL N 586 1.51 46.92 -32.78
N TYR N 587 1.35 45.70 -33.27
CA TYR N 587 2.45 44.74 -33.43
C TYR N 587 3.71 45.32 -34.06
N LEU N 588 3.62 45.94 -35.23
CA LEU N 588 4.81 46.38 -35.93
C LEU N 588 5.41 47.64 -35.32
N ALA N 589 4.59 48.42 -34.63
CA ALA N 589 5.06 49.62 -33.96
C ALA N 589 5.57 49.36 -32.57
N THR N 590 5.29 48.20 -31.98
CA THR N 590 5.94 47.87 -30.72
C THR N 590 7.44 47.72 -30.88
N PHE N 591 7.89 47.13 -31.98
CA PHE N 591 9.32 47.07 -32.29
C PHE N 591 9.93 48.45 -32.40
N TRP N 592 9.23 49.36 -33.05
CA TRP N 592 9.74 50.71 -33.25
C TRP N 592 9.67 51.54 -31.98
N MET N 593 8.66 51.34 -31.14
CA MET N 593 8.63 51.95 -29.82
C MET N 593 9.79 51.46 -28.99
N LEU N 594 10.04 50.17 -28.99
CA LEU N 594 11.14 49.60 -28.22
C LEU N 594 12.47 50.12 -28.71
N ASN N 595 12.64 50.24 -30.03
CA ASN N 595 13.86 50.79 -30.60
C ASN N 595 14.04 52.26 -30.27
N THR N 596 12.97 53.05 -30.35
CA THR N 596 13.04 54.47 -30.04
C THR N 596 13.35 54.70 -28.56
N LEU N 597 12.70 53.95 -27.68
CA LEU N 597 13.00 54.08 -26.26
C LEU N 597 14.38 53.53 -25.94
N GLY N 598 14.86 52.56 -26.71
CA GLY N 598 16.26 52.16 -26.61
C GLY N 598 17.20 53.29 -26.93
N TRP N 599 16.94 54.01 -28.02
CA TRP N 599 17.77 55.16 -28.37
C TRP N 599 17.71 56.24 -27.31
N VAL N 600 16.50 56.52 -26.80
CA VAL N 600 16.28 57.53 -25.78
C VAL N 600 17.05 57.19 -24.51
N THR N 601 16.90 55.96 -24.04
CA THR N 601 17.50 55.58 -22.77
C THR N 601 19.00 55.35 -22.91
N PHE N 602 19.45 54.90 -24.08
CA PHE N 602 20.88 54.82 -24.37
C PHE N 602 21.52 56.19 -24.31
N TYR N 603 20.87 57.19 -24.94
CA TYR N 603 21.35 58.57 -24.89
C TYR N 603 21.41 59.07 -23.46
N TRP N 604 20.32 58.91 -22.72
CA TRP N 604 20.27 59.40 -21.35
C TRP N 604 21.35 58.75 -20.50
N HIS N 605 21.48 57.43 -20.60
CA HIS N 605 22.42 56.68 -19.78
C HIS N 605 23.85 57.02 -20.11
N TRP N 606 24.21 57.11 -21.39
CA TRP N 606 25.60 57.43 -21.72
C TRP N 606 25.93 58.88 -21.37
N LYS N 607 25.02 59.81 -21.64
CA LYS N 607 25.20 61.21 -21.27
C LYS N 607 25.47 61.31 -19.78
N HIS N 608 24.67 60.62 -18.98
CA HIS N 608 24.85 60.70 -17.54
C HIS N 608 26.04 59.90 -17.03
N LEU N 609 26.39 58.77 -17.64
CA LEU N 609 27.59 58.04 -17.22
C LEU N 609 28.84 58.87 -17.46
N ALA N 610 28.91 59.55 -18.60
CA ALA N 610 30.04 60.43 -18.86
C ALA N 610 30.05 61.63 -17.92
N ILE N 611 28.88 62.13 -17.54
CA ILE N 611 28.83 63.23 -16.56
C ILE N 611 29.23 62.76 -15.17
N TRP N 612 28.71 61.61 -14.74
CA TRP N 612 28.95 61.12 -13.38
C TRP N 612 30.38 60.67 -13.19
N SER N 613 31.01 60.13 -14.23
CA SER N 613 32.41 59.75 -14.16
C SER N 613 33.35 60.94 -14.15
N GLY N 614 32.88 62.11 -14.55
CA GLY N 614 33.72 63.27 -14.72
C GLY N 614 34.27 63.41 -16.11
N ASN N 615 34.28 62.33 -16.89
CA ASN N 615 34.82 62.33 -18.24
C ASN N 615 33.69 62.57 -19.24
N VAL N 616 33.22 63.81 -19.27
CA VAL N 616 32.11 64.17 -20.15
C VAL N 616 32.57 64.23 -21.60
N ALA N 617 33.88 64.37 -21.83
CA ALA N 617 34.40 64.37 -23.19
C ALA N 617 34.30 63.01 -23.84
N GLN N 618 34.07 61.96 -23.06
CA GLN N 618 33.81 60.64 -23.63
C GLN N 618 32.53 60.64 -24.45
N PHE N 619 31.45 61.20 -23.91
CA PHE N 619 30.23 61.30 -24.68
C PHE N 619 30.32 62.44 -25.69
N ASN N 620 31.02 63.52 -25.34
CA ASN N 620 31.07 64.68 -26.23
C ASN N 620 31.74 64.34 -27.55
N GLU N 621 33.02 63.99 -27.51
CA GLU N 621 33.68 63.61 -28.76
C GLU N 621 33.69 62.09 -28.94
N GLY N 622 32.58 61.44 -28.64
CA GLY N 622 32.46 60.02 -28.96
C GLY N 622 31.09 59.56 -29.35
N SER N 623 30.09 60.46 -29.30
CA SER N 623 28.72 60.12 -29.62
C SER N 623 28.30 60.65 -30.98
N THR N 624 29.25 61.20 -31.73
CA THR N 624 28.96 61.72 -33.06
C THR N 624 29.14 60.66 -34.14
N TYR N 625 29.76 59.55 -33.81
CA TYR N 625 29.93 58.43 -34.71
C TYR N 625 29.48 57.15 -34.00
N LEU N 626 29.10 56.15 -34.78
CA LEU N 626 28.36 55.01 -34.22
C LEU N 626 29.25 53.99 -33.54
N MET N 627 30.54 53.92 -33.92
CA MET N 627 31.44 53.01 -33.21
C MET N 627 31.74 53.52 -31.82
N GLY N 628 31.63 54.83 -31.60
CA GLY N 628 31.74 55.35 -30.25
C GLY N 628 30.60 54.90 -29.37
N TRP N 629 29.39 54.84 -29.93
CA TRP N 629 28.26 54.28 -29.22
C TRP N 629 28.43 52.79 -28.97
N PHE N 630 28.97 52.08 -29.96
CA PHE N 630 29.17 50.64 -29.84
C PHE N 630 30.27 50.29 -28.85
N ARG N 631 31.35 51.03 -28.83
CA ARG N 631 32.57 50.69 -28.12
C ARG N 631 32.70 51.38 -26.78
N ASP N 632 32.39 52.67 -26.69
CA ASP N 632 32.52 53.42 -25.46
C ASP N 632 31.27 53.35 -24.59
N TYR N 633 30.19 52.76 -25.11
CA TYR N 633 29.01 52.62 -24.28
C TYR N 633 28.64 51.16 -24.06
N LEU N 634 28.47 50.38 -25.12
CA LEU N 634 27.98 49.01 -24.95
C LEU N 634 29.10 48.08 -24.55
N TRP N 635 30.23 48.12 -25.27
CA TRP N 635 31.36 47.26 -24.95
C TRP N 635 32.01 47.66 -23.64
N LEU N 636 32.19 48.97 -23.43
CA LEU N 636 32.98 49.42 -22.30
C LEU N 636 32.25 49.19 -20.98
N ASN N 637 30.97 49.54 -20.91
CA ASN N 637 30.21 49.38 -19.67
C ASN N 637 29.54 48.01 -19.64
N SER N 638 30.30 47.00 -20.00
CA SER N 638 29.78 45.64 -19.97
C SER N 638 30.75 44.78 -19.19
N ALA N 639 31.96 45.29 -18.99
CA ALA N 639 33.06 44.53 -18.38
C ALA N 639 32.78 44.12 -16.95
N GLN N 640 32.03 44.91 -16.19
CA GLN N 640 31.68 44.58 -14.83
C GLN N 640 30.45 43.68 -14.76
N LEU N 641 29.51 43.88 -15.67
CA LEU N 641 28.30 43.08 -15.73
C LEU N 641 28.59 41.62 -16.08
N ILE N 642 29.36 41.40 -17.15
CA ILE N 642 29.61 40.04 -17.62
C ILE N 642 30.64 39.32 -16.79
N ASN N 643 31.34 40.04 -15.92
CA ASN N 643 32.20 39.43 -14.91
C ASN N 643 31.49 39.28 -13.58
N GLY N 644 30.15 39.31 -13.60
CA GLY N 644 29.40 39.08 -12.38
C GLY N 644 29.61 37.69 -11.82
N TYR N 645 29.76 36.72 -12.70
CA TYR N 645 30.30 35.41 -12.34
C TYR N 645 31.26 35.01 -13.45
N ASN N 646 32.44 34.58 -13.06
CA ASN N 646 33.52 34.18 -13.95
C ASN N 646 34.08 32.88 -13.40
N PRO N 647 35.09 32.23 -14.00
CA PRO N 647 35.63 31.00 -13.38
C PRO N 647 36.38 31.20 -12.08
N TYR N 648 36.45 32.40 -11.53
CA TYR N 648 37.17 32.68 -10.30
C TYR N 648 36.27 33.00 -9.13
N GLY N 649 35.05 33.47 -9.37
CA GLY N 649 34.09 33.61 -8.30
C GLY N 649 32.82 34.35 -8.70
N THR N 650 32.06 34.77 -7.70
CA THR N 650 30.79 35.48 -7.91
C THR N 650 30.76 36.71 -7.02
N ASN N 651 30.48 37.86 -7.61
CA ASN N 651 30.09 39.02 -6.83
C ASN N 651 28.58 39.21 -6.84
N ASN N 652 28.10 40.35 -6.34
CA ASN N 652 26.66 40.60 -6.26
C ASN N 652 26.06 40.98 -7.61
N LEU N 653 26.87 41.11 -8.65
CA LEU N 653 26.39 41.33 -10.01
C LEU N 653 26.11 40.03 -10.73
N ALA N 654 26.10 38.91 -10.00
CA ALA N 654 25.89 37.60 -10.61
C ALA N 654 24.46 37.47 -11.14
N ILE N 655 23.48 38.00 -10.41
CA ILE N 655 22.11 37.94 -10.88
C ILE N 655 21.90 38.89 -12.06
N TRP N 656 22.63 39.99 -12.10
CA TRP N 656 22.48 40.87 -13.25
C TRP N 656 23.13 40.29 -14.50
N ALA N 657 24.24 39.57 -14.35
CA ALA N 657 24.80 38.82 -15.47
C ALA N 657 23.87 37.71 -15.93
N TRP N 658 23.26 37.00 -14.99
CA TRP N 658 22.32 35.93 -15.32
C TRP N 658 21.08 36.47 -16.01
N ILE N 659 20.56 37.61 -15.57
CA ILE N 659 19.37 38.21 -16.18
C ILE N 659 19.70 38.84 -17.53
N PHE N 660 20.93 39.34 -17.69
CA PHE N 660 21.41 39.78 -18.99
C PHE N 660 21.37 38.65 -20.01
N LEU N 661 21.91 37.49 -19.62
CA LEU N 661 21.88 36.31 -20.49
C LEU N 661 20.46 35.78 -20.68
N PHE N 662 19.65 35.84 -19.63
CA PHE N 662 18.25 35.44 -19.69
C PHE N 662 17.46 36.29 -20.67
N GLY N 663 17.68 37.60 -20.67
CA GLY N 663 17.04 38.47 -21.63
C GLY N 663 17.51 38.21 -23.05
N HIS N 664 18.80 37.93 -23.24
CA HIS N 664 19.29 37.52 -24.55
C HIS N 664 18.60 36.25 -25.04
N LEU N 665 18.41 35.29 -24.13
CA LEU N 665 17.74 34.04 -24.48
C LEU N 665 16.29 34.28 -24.88
N VAL N 666 15.57 35.10 -24.11
CA VAL N 666 14.15 35.33 -24.40
C VAL N 666 14.00 36.11 -25.71
N TRP N 667 14.88 37.08 -25.94
CA TRP N 667 14.87 37.83 -27.18
C TRP N 667 15.16 36.96 -28.38
N ALA N 668 16.09 36.00 -28.26
CA ALA N 668 16.34 35.07 -29.34
C ALA N 668 15.18 34.12 -29.56
N ILE N 669 14.53 33.67 -28.48
CA ILE N 669 13.37 32.78 -28.58
C ILE N 669 12.24 33.49 -29.33
N SER N 670 12.14 34.81 -29.15
CA SER N 670 11.16 35.60 -29.90
C SER N 670 11.27 35.42 -31.39
N PHE N 671 12.50 35.33 -31.91
CA PHE N 671 12.73 35.27 -33.35
C PHE N 671 12.22 33.96 -33.93
N MET N 672 12.13 32.91 -33.11
CA MET N 672 11.47 31.67 -33.50
C MET N 672 10.00 31.87 -33.81
N PHE N 673 9.28 32.62 -32.98
CA PHE N 673 7.88 32.89 -33.25
C PHE N 673 7.72 33.94 -34.32
N LEU N 674 8.74 34.75 -34.51
CA LEU N 674 8.63 35.92 -35.37
C LEU N 674 9.03 35.61 -36.81
N ILE N 675 9.94 34.66 -37.02
CA ILE N 675 10.43 34.30 -38.35
C ILE N 675 9.78 33.04 -38.87
N THR N 676 9.68 32.00 -38.06
CA THR N 676 9.00 30.78 -38.46
C THR N 676 7.52 30.94 -38.22
N TRP N 677 6.73 30.49 -39.17
CA TRP N 677 5.29 30.71 -39.15
C TRP N 677 4.58 29.36 -39.10
N ARG N 678 3.26 29.38 -39.23
CA ARG N 678 2.43 28.37 -38.55
C ARG N 678 2.49 26.99 -39.19
N GLY N 679 2.52 26.91 -40.52
CA GLY N 679 2.34 25.62 -41.17
C GLY N 679 3.47 24.65 -40.92
N TYR N 680 4.70 25.17 -40.77
CA TYR N 680 5.83 24.35 -40.35
C TYR N 680 5.51 23.60 -39.07
N TRP N 681 5.02 24.33 -38.08
CA TRP N 681 4.79 23.73 -36.78
C TRP N 681 3.56 22.86 -36.77
N GLN N 682 2.57 23.16 -37.60
CA GLN N 682 1.41 22.29 -37.66
C GLN N 682 1.77 20.94 -38.26
N GLU N 683 2.61 20.91 -39.29
CA GLU N 683 3.05 19.63 -39.84
C GLU N 683 3.95 18.86 -38.87
N LEU N 684 4.80 19.58 -38.12
CA LEU N 684 5.60 18.95 -37.07
C LEU N 684 4.73 18.32 -35.99
N ILE N 685 3.68 19.03 -35.57
CA ILE N 685 2.76 18.54 -34.54
C ILE N 685 1.94 17.37 -35.06
N GLU N 686 1.63 17.33 -36.36
CA GLU N 686 0.97 16.16 -36.94
C GLU N 686 1.84 14.91 -36.85
N THR N 687 3.14 15.05 -37.11
CA THR N 687 4.03 13.91 -36.92
C THR N 687 4.11 13.50 -35.45
N LEU N 688 4.07 14.47 -34.54
CA LEU N 688 4.08 14.14 -33.11
C LEU N 688 2.81 13.40 -32.68
N MET N 689 1.66 13.81 -33.22
CA MET N 689 0.43 13.07 -32.99
C MET N 689 0.50 11.66 -33.54
N TRP N 690 1.15 11.46 -34.68
CA TRP N 690 1.36 10.10 -35.14
C TRP N 690 2.20 9.32 -34.12
N ALA N 691 3.29 9.93 -33.65
CA ALA N 691 4.20 9.23 -32.76
C ALA N 691 3.56 8.87 -31.43
N HIS N 692 2.65 9.70 -30.94
CA HIS N 692 2.10 9.42 -29.63
C HIS N 692 1.07 8.31 -29.66
N GLU N 693 0.25 8.22 -30.70
CA GLU N 693 -0.80 7.21 -30.75
C GLU N 693 -0.24 5.84 -31.06
N ASN N 694 1.04 5.75 -31.38
CA ASN N 694 1.61 4.49 -31.83
C ASN N 694 2.73 4.01 -30.92
N THR N 695 2.95 4.67 -29.82
CA THR N 695 3.94 4.28 -28.84
C THR N 695 3.28 3.46 -27.74
N PRO N 696 3.85 2.31 -27.38
CA PRO N 696 3.34 1.58 -26.22
C PRO N 696 3.63 2.30 -24.92
N LEU N 697 2.87 1.94 -23.89
CA LEU N 697 3.00 2.34 -22.50
C LEU N 697 2.72 3.82 -22.27
N SER N 698 2.28 4.55 -23.29
CA SER N 698 2.03 5.98 -23.22
C SER N 698 0.53 6.22 -23.15
N PHE N 699 -0.01 6.11 -21.94
CA PHE N 699 -1.44 6.00 -21.75
C PHE N 699 -2.16 7.34 -21.79
N GLY N 700 -1.44 8.45 -21.67
CA GLY N 700 -2.07 9.74 -21.80
C GLY N 700 -2.48 10.01 -23.23
N TYR N 701 -3.46 10.87 -23.38
CA TYR N 701 -3.95 11.28 -24.69
C TYR N 701 -4.51 12.68 -24.56
N PRO N 702 -4.21 13.58 -25.50
CA PRO N 702 -4.72 14.95 -25.39
C PRO N 702 -6.23 15.07 -25.46
N LYS N 703 -6.82 15.61 -24.40
CA LYS N 703 -8.25 15.88 -24.39
C LYS N 703 -8.62 16.90 -25.44
N ASP N 704 -7.80 17.93 -25.58
CA ASP N 704 -7.93 18.92 -26.63
C ASP N 704 -6.76 18.80 -27.59
N LYS N 705 -7.07 18.71 -28.88
CA LYS N 705 -6.16 18.34 -29.94
C LYS N 705 -4.99 19.33 -30.04
N PRO N 706 -3.75 18.85 -30.06
CA PRO N 706 -2.60 19.76 -30.21
C PRO N 706 -2.58 20.39 -31.59
N VAL N 707 -2.58 21.72 -31.61
CA VAL N 707 -2.44 22.46 -32.86
C VAL N 707 -1.35 23.47 -32.65
N ALA N 708 -0.74 23.92 -33.75
CA ALA N 708 0.22 25.00 -33.68
C ALA N 708 -0.48 26.29 -33.27
N LEU N 709 0.28 27.19 -32.64
CA LEU N 709 -0.23 28.51 -32.28
C LEU N 709 -0.69 29.23 -33.54
N SER N 710 -1.78 29.98 -33.42
CA SER N 710 -2.32 30.64 -34.59
C SER N 710 -1.42 31.78 -35.03
N ILE N 711 -1.79 32.43 -36.14
CA ILE N 711 -0.94 33.43 -36.76
C ILE N 711 -0.84 34.67 -35.88
N VAL N 712 -1.98 35.21 -35.47
CA VAL N 712 -2.01 36.37 -34.57
C VAL N 712 -1.49 35.98 -33.20
N GLN N 713 -1.77 34.76 -32.75
CA GLN N 713 -1.29 34.31 -31.45
C GLN N 713 0.22 34.28 -31.40
N ALA N 714 0.85 33.74 -32.43
CA ALA N 714 2.31 33.65 -32.42
C ALA N 714 2.95 35.00 -32.66
N ARG N 715 2.28 35.88 -33.40
CA ARG N 715 2.73 37.26 -33.46
C ARG N 715 2.77 37.90 -32.08
N LEU N 716 1.71 37.71 -31.30
CA LEU N 716 1.68 38.24 -29.95
C LEU N 716 2.71 37.56 -29.04
N VAL N 717 2.89 36.25 -29.18
CA VAL N 717 3.83 35.51 -28.33
C VAL N 717 5.26 35.95 -28.63
N GLY N 718 5.62 36.05 -29.91
CA GLY N 718 6.94 36.52 -30.27
C GLY N 718 7.19 37.96 -29.88
N LEU N 719 6.15 38.80 -29.97
CA LEU N 719 6.30 40.18 -29.55
C LEU N 719 6.47 40.30 -28.04
N VAL N 720 5.75 39.48 -27.28
CA VAL N 720 5.89 39.47 -25.82
C VAL N 720 7.27 39.00 -25.43
N HIS N 721 7.80 38.00 -26.12
CA HIS N 721 9.15 37.52 -25.90
C HIS N 721 10.20 38.57 -26.22
N PHE N 722 10.05 39.22 -27.38
CA PHE N 722 10.97 40.26 -27.80
C PHE N 722 10.99 41.38 -26.77
N THR N 723 9.81 41.79 -26.31
CA THR N 723 9.68 42.83 -25.30
C THR N 723 10.31 42.42 -23.98
N VAL N 724 9.99 41.21 -23.50
CA VAL N 724 10.48 40.78 -22.19
C VAL N 724 12.00 40.64 -22.20
N GLY N 725 12.56 40.05 -23.26
CA GLY N 725 14.00 39.99 -23.38
C GLY N 725 14.68 41.31 -23.58
N TYR N 726 14.07 42.22 -24.31
CA TYR N 726 14.58 43.57 -24.51
C TYR N 726 14.59 44.37 -23.21
N ILE N 727 13.56 44.22 -22.39
CA ILE N 727 13.53 44.88 -21.09
C ILE N 727 14.49 44.23 -20.12
N ALA N 728 14.60 42.90 -20.12
CA ALA N 728 15.47 42.21 -19.18
C ALA N 728 16.93 42.49 -19.45
N THR N 729 17.34 42.46 -20.72
CA THR N 729 18.73 42.71 -21.09
C THR N 729 19.16 44.12 -20.69
N TYR N 730 18.34 45.12 -21.03
CA TYR N 730 18.72 46.49 -20.72
C TYR N 730 18.57 46.82 -19.24
N GLY N 731 17.59 46.22 -18.56
CA GLY N 731 17.49 46.42 -17.13
C GLY N 731 18.65 45.83 -16.38
N ALA N 732 19.13 44.67 -16.82
CA ALA N 732 20.30 44.08 -16.21
C ALA N 732 21.57 44.87 -16.53
N PHE N 733 21.68 45.42 -17.74
CA PHE N 733 22.87 46.18 -18.09
C PHE N 733 22.89 47.54 -17.40
N LEU N 734 21.76 48.23 -17.35
CA LEU N 734 21.70 49.55 -16.74
C LEU N 734 21.87 49.54 -15.23
N ILE N 735 21.36 48.52 -14.53
CA ILE N 735 21.59 48.41 -13.10
C ILE N 735 23.01 48.00 -12.77
N ALA N 736 23.64 47.18 -13.59
CA ALA N 736 24.99 46.71 -13.31
C ALA N 736 26.08 47.60 -13.87
N SER N 737 25.84 48.32 -14.96
CA SER N 737 26.86 49.24 -15.44
C SER N 737 26.92 50.50 -14.59
N THR N 738 25.85 50.82 -13.87
CA THR N 738 25.82 51.98 -13.01
C THR N 738 26.10 51.62 -11.56
N GLY N 739 25.56 50.50 -11.09
CA GLY N 739 25.75 50.10 -9.70
C GLY N 739 27.13 49.57 -9.41
N SER N 740 27.92 49.28 -10.45
CA SER N 740 29.29 48.84 -10.27
C SER N 740 30.28 50.01 -10.33
N ARG N 741 30.11 50.89 -11.30
CA ARG N 741 30.95 52.08 -11.40
C ARG N 741 30.71 53.01 -10.20
N PHE N 742 29.44 53.16 -9.81
CA PHE N 742 29.03 54.07 -8.75
C PHE N 742 28.21 53.27 -7.76
N PRO N 743 28.88 52.40 -6.93
CA PRO N 743 28.28 51.71 -5.75
C PRO N 743 27.88 52.66 -4.63
N SER O 2 -17.52 27.14 -37.37
CA SER O 2 -17.58 27.11 -38.82
C SER O 2 -17.36 28.50 -39.39
N HIS O 3 -16.80 28.57 -40.58
CA HIS O 3 -16.63 29.85 -41.25
C HIS O 3 -17.91 30.23 -41.98
N SER O 4 -18.02 31.52 -42.30
CA SER O 4 -19.17 32.05 -43.03
C SER O 4 -18.72 32.45 -44.42
N VAL O 5 -19.29 31.84 -45.44
CA VAL O 5 -18.98 32.17 -46.82
C VAL O 5 -20.20 32.84 -47.42
N LYS O 6 -20.06 34.12 -47.77
CA LYS O 6 -21.14 34.96 -48.24
C LYS O 6 -20.90 35.28 -49.71
N ILE O 7 -21.96 35.22 -50.51
CA ILE O 7 -21.89 35.50 -51.94
C ILE O 7 -22.78 36.69 -52.24
N TYR O 8 -22.25 37.68 -52.95
CA TYR O 8 -22.91 38.95 -53.17
C TYR O 8 -23.38 39.07 -54.60
N ASP O 9 -24.21 40.08 -54.87
CA ASP O 9 -24.91 40.13 -56.14
C ASP O 9 -24.05 40.61 -57.29
N THR O 10 -22.79 40.95 -57.03
CA THR O 10 -21.82 41.22 -58.08
C THR O 10 -21.28 39.95 -58.71
N CYS O 11 -21.76 38.79 -58.27
CA CYS O 11 -21.38 37.51 -58.86
C CYS O 11 -21.79 37.45 -60.32
N ILE O 12 -20.94 36.83 -61.13
CA ILE O 12 -21.14 36.70 -62.56
C ILE O 12 -21.24 35.26 -63.00
N GLY O 13 -21.24 34.32 -62.06
CA GLY O 13 -21.43 32.91 -62.37
C GLY O 13 -20.34 32.30 -63.20
N CYS O 14 -19.09 32.64 -62.91
CA CYS O 14 -17.96 32.12 -63.68
C CYS O 14 -17.54 30.73 -63.23
N THR O 15 -18.03 30.26 -62.09
CA THR O 15 -17.85 28.96 -61.44
C THR O 15 -16.47 28.78 -60.84
N GLN O 16 -15.59 29.77 -60.91
CA GLN O 16 -14.18 29.57 -60.58
C GLN O 16 -13.99 29.37 -59.09
N CYS O 17 -14.85 29.97 -58.28
CA CYS O 17 -14.81 29.74 -56.84
C CYS O 17 -15.17 28.31 -56.50
N VAL O 18 -16.14 27.74 -57.23
CA VAL O 18 -16.58 26.37 -56.97
C VAL O 18 -15.50 25.39 -57.39
N ARG O 19 -14.80 25.68 -58.48
CA ARG O 19 -13.76 24.79 -58.98
C ARG O 19 -12.52 24.82 -58.09
N ALA O 20 -12.30 25.93 -57.38
CA ALA O 20 -11.13 26.11 -56.54
C ALA O 20 -11.31 25.62 -55.13
N CYS O 21 -12.51 25.21 -54.75
CA CYS O 21 -12.77 24.81 -53.38
C CYS O 21 -12.22 23.41 -53.14
N PRO O 22 -11.31 23.23 -52.19
CA PRO O 22 -10.75 21.90 -51.94
C PRO O 22 -11.64 20.99 -51.11
N THR O 23 -12.73 21.51 -50.55
CA THR O 23 -13.49 20.75 -49.57
C THR O 23 -14.97 20.68 -49.98
N ASP O 24 -15.32 21.22 -51.15
CA ASP O 24 -16.68 21.18 -51.71
C ASP O 24 -17.67 21.85 -50.77
N VAL O 25 -17.50 23.15 -50.60
CA VAL O 25 -18.43 23.97 -49.84
C VAL O 25 -19.43 24.65 -50.77
N LEU O 26 -19.03 24.91 -52.00
CA LEU O 26 -19.67 25.85 -52.89
C LEU O 26 -20.34 25.06 -54.00
N GLU O 27 -21.45 25.57 -54.54
CA GLU O 27 -21.99 25.02 -55.76
C GLU O 27 -22.72 26.14 -56.50
N MET O 28 -23.16 25.86 -57.73
CA MET O 28 -23.82 26.88 -58.53
C MET O 28 -25.32 26.64 -58.53
N VAL O 29 -26.09 27.72 -58.39
CA VAL O 29 -27.55 27.66 -58.35
C VAL O 29 -28.09 28.65 -59.39
N PRO O 30 -29.24 28.39 -60.00
CA PRO O 30 -29.79 29.32 -61.00
C PRO O 30 -30.17 30.67 -60.39
N TRP O 31 -29.91 31.74 -61.14
CA TRP O 31 -30.13 33.04 -60.56
C TRP O 31 -30.97 33.99 -61.40
N ASP O 32 -30.71 34.08 -62.71
CA ASP O 32 -31.21 35.15 -63.58
C ASP O 32 -30.97 36.55 -62.99
N GLY O 33 -29.81 36.72 -62.35
CA GLY O 33 -29.38 38.02 -61.85
C GLY O 33 -28.13 38.48 -62.54
N CYS O 34 -27.55 37.58 -63.33
CA CYS O 34 -26.47 37.87 -64.26
C CYS O 34 -26.74 37.06 -65.53
N ARG O 35 -25.96 37.33 -66.57
CA ARG O 35 -26.26 36.73 -67.86
C ARG O 35 -25.77 35.30 -67.99
N ALA O 36 -24.92 34.84 -67.08
CA ALA O 36 -24.61 33.42 -66.99
C ALA O 36 -25.76 32.61 -66.43
N GLY O 37 -26.67 33.23 -65.67
CA GLY O 37 -27.80 32.55 -65.10
C GLY O 37 -27.53 31.78 -63.84
N GLN O 38 -26.33 31.92 -63.28
CA GLN O 38 -25.83 31.16 -62.15
C GLN O 38 -25.30 32.10 -61.08
N ILE O 39 -25.34 31.63 -59.84
CA ILE O 39 -24.67 32.31 -58.74
C ILE O 39 -24.15 31.24 -57.79
N ALA O 40 -23.04 31.51 -57.13
CA ALA O 40 -22.49 30.56 -56.18
C ALA O 40 -23.34 30.51 -54.92
N ALA O 41 -23.25 29.40 -54.21
CA ALA O 41 -23.89 29.22 -52.94
C ALA O 41 -22.96 28.40 -52.07
N SER O 42 -23.11 28.56 -50.75
CA SER O 42 -22.26 27.87 -49.77
C SER O 42 -23.10 27.16 -48.71
N PRO O 43 -23.73 26.01 -49.06
CA PRO O 43 -24.44 25.22 -48.05
C PRO O 43 -23.56 24.41 -47.13
N ARG O 44 -22.52 23.77 -47.66
CA ARG O 44 -21.70 22.88 -46.84
C ARG O 44 -20.55 23.67 -46.21
N THR O 45 -20.92 24.79 -45.60
CA THR O 45 -19.95 25.69 -45.00
C THR O 45 -19.45 25.16 -43.66
N GLU O 46 -20.05 24.09 -43.15
CA GLU O 46 -19.45 23.33 -42.06
C GLU O 46 -18.18 22.62 -42.48
N ASP O 47 -17.98 22.44 -43.78
CA ASP O 47 -16.77 21.84 -44.31
C ASP O 47 -15.66 22.85 -44.58
N CYS O 48 -15.99 24.14 -44.56
CA CYS O 48 -15.04 25.18 -44.94
C CYS O 48 -13.83 25.18 -44.02
N VAL O 49 -12.65 25.07 -44.62
CA VAL O 49 -11.41 25.17 -43.86
C VAL O 49 -10.94 26.61 -43.71
N GLY O 50 -11.23 27.48 -44.67
CA GLY O 50 -10.79 28.85 -44.62
C GLY O 50 -9.60 29.19 -45.47
N CYS O 51 -9.30 28.37 -46.47
CA CYS O 51 -8.12 28.57 -47.30
C CYS O 51 -8.23 29.80 -48.19
N LYS O 52 -9.47 30.24 -48.46
CA LYS O 52 -9.78 31.40 -49.30
C LYS O 52 -9.29 31.23 -50.73
N ARG O 53 -9.23 30.00 -51.21
CA ARG O 53 -8.97 29.75 -52.63
C ARG O 53 -10.12 30.24 -53.50
N CYS O 54 -11.33 30.18 -52.96
CA CYS O 54 -12.50 30.72 -53.65
C CYS O 54 -12.38 32.21 -53.86
N GLU O 55 -11.81 32.92 -52.88
CA GLU O 55 -11.63 34.36 -53.00
C GLU O 55 -10.50 34.70 -53.96
N THR O 56 -9.46 33.87 -54.00
CA THR O 56 -8.40 34.06 -54.98
C THR O 56 -8.89 33.83 -56.39
N ALA O 57 -9.84 32.90 -56.56
CA ALA O 57 -10.37 32.58 -57.88
C ALA O 57 -11.40 33.58 -58.39
N CYS O 58 -11.90 34.48 -57.55
CA CYS O 58 -12.97 35.38 -57.95
C CYS O 58 -12.42 36.52 -58.80
N PRO O 59 -13.00 36.81 -59.97
CA PRO O 59 -12.51 37.89 -60.82
C PRO O 59 -13.11 39.26 -60.57
N THR O 60 -14.21 39.36 -59.82
CA THR O 60 -14.88 40.64 -59.66
C THR O 60 -14.16 41.50 -58.64
N ASP O 61 -14.21 42.82 -58.83
CA ASP O 61 -13.59 43.80 -57.95
C ASP O 61 -14.68 44.70 -57.37
N PHE O 62 -14.98 44.59 -56.08
CA PHE O 62 -14.31 43.70 -55.12
C PHE O 62 -14.92 42.31 -55.20
N LEU O 63 -14.45 41.39 -54.37
CA LEU O 63 -14.85 40.00 -54.44
C LEU O 63 -16.34 39.82 -54.24
N SER O 64 -16.91 38.92 -55.02
CA SER O 64 -18.30 38.53 -54.88
C SER O 64 -18.46 37.41 -53.86
N ILE O 65 -17.37 36.88 -53.34
CA ILE O 65 -17.40 35.83 -52.33
C ILE O 65 -16.46 36.26 -51.20
N ARG O 66 -16.95 36.24 -49.98
CA ARG O 66 -16.10 36.52 -48.82
C ARG O 66 -16.22 35.40 -47.80
N VAL O 67 -15.08 34.99 -47.28
CA VAL O 67 -14.98 34.01 -46.21
C VAL O 67 -14.63 34.77 -44.95
N TYR O 68 -15.41 34.56 -43.91
CA TYR O 68 -15.17 35.12 -42.59
C TYR O 68 -14.85 33.95 -41.67
N LEU O 69 -13.59 33.86 -41.26
CA LEU O 69 -13.18 32.80 -40.35
C LEU O 69 -13.86 32.96 -39.00
N GLY O 70 -14.50 31.90 -38.54
CA GLY O 70 -15.34 31.95 -37.36
C GLY O 70 -14.89 30.96 -36.31
N ALA O 71 -15.87 30.33 -35.66
CA ALA O 71 -15.59 29.33 -34.65
C ALA O 71 -14.87 28.14 -35.27
N GLU O 72 -13.79 27.72 -34.64
CA GLU O 72 -13.00 26.63 -35.16
C GLU O 72 -13.56 25.32 -34.65
N THR O 73 -13.80 24.39 -35.57
CA THR O 73 -14.20 23.04 -35.29
C THR O 73 -13.05 22.13 -35.73
N SER O 74 -13.23 20.83 -35.57
CA SER O 74 -12.18 19.90 -36.01
C SER O 74 -12.09 19.81 -37.53
N ARG O 75 -13.16 20.19 -38.24
CA ARG O 75 -13.17 20.22 -39.70
C ARG O 75 -12.55 21.49 -40.25
N SER O 76 -12.80 22.64 -39.62
CA SER O 76 -12.25 23.89 -40.12
C SER O 76 -10.79 24.06 -39.76
N MET O 77 -10.31 23.33 -38.75
CA MET O 77 -8.88 23.28 -38.42
C MET O 77 -8.11 22.30 -39.27
N GLY O 78 -8.78 21.56 -40.15
CA GLY O 78 -8.13 20.61 -41.03
C GLY O 78 -7.35 19.52 -40.33
N LEU O 79 -7.95 18.93 -39.31
CA LEU O 79 -7.25 17.97 -38.45
C LEU O 79 -7.66 16.55 -38.83
N ALA O 80 -6.67 15.76 -39.26
CA ALA O 80 -6.85 14.33 -39.46
C ALA O 80 -6.61 13.54 -38.18
N TYR O 81 -6.24 14.22 -37.10
CA TYR O 81 -6.17 13.61 -35.79
C TYR O 81 -7.19 14.25 -34.87
N ALA P 2 -21.50 -2.13 -46.40
CA ALA P 2 -22.55 -1.55 -47.22
C ALA P 2 -21.97 -0.87 -48.45
N LEU P 3 -20.71 -0.46 -48.37
CA LEU P 3 -20.06 0.20 -49.49
C LEU P 3 -19.34 -0.83 -50.34
N THR P 4 -19.57 -0.78 -51.65
CA THR P 4 -18.99 -1.74 -52.59
C THR P 4 -17.66 -1.22 -53.13
N GLY P 5 -16.70 -2.12 -53.22
CA GLY P 5 -15.42 -1.80 -53.83
C GLY P 5 -14.27 -2.50 -53.14
N SER P 6 -13.25 -2.83 -53.94
CA SER P 6 -12.03 -3.42 -53.42
C SER P 6 -11.10 -2.31 -52.96
N MET P 7 -10.46 -2.52 -51.82
CA MET P 7 -9.47 -1.58 -51.34
C MET P 7 -8.29 -1.57 -52.31
N PRO P 8 -7.77 -0.40 -52.67
CA PRO P 8 -6.63 -0.33 -53.59
C PRO P 8 -5.41 -1.03 -53.03
N LYS P 9 -4.62 -1.60 -53.93
CA LYS P 9 -3.44 -2.36 -53.52
C LYS P 9 -2.38 -1.40 -53.01
N PHE P 10 -2.06 -1.50 -51.73
CA PHE P 10 -1.27 -0.51 -51.04
C PHE P 10 -0.57 -1.22 -49.88
N GLY P 11 0.66 -0.82 -49.61
CA GLY P 11 1.40 -1.46 -48.55
C GLY P 11 1.18 -0.91 -47.17
N GLY P 12 0.37 0.12 -47.03
CA GLY P 12 0.20 0.79 -45.76
C GLY P 12 1.17 1.95 -45.60
N SER P 13 0.79 2.89 -44.74
CA SER P 13 1.63 4.05 -44.49
C SER P 13 1.37 4.56 -43.08
N THR P 14 2.24 5.46 -42.64
CA THR P 14 2.00 6.18 -41.40
C THR P 14 1.05 7.36 -41.59
N GLY P 15 0.70 7.68 -42.82
CA GLY P 15 -0.16 8.80 -43.13
C GLY P 15 -1.63 8.49 -43.14
N GLY P 16 -2.02 7.29 -42.76
CA GLY P 16 -3.39 6.86 -42.83
C GLY P 16 -4.21 7.21 -41.62
N LEU P 17 -5.22 6.38 -41.36
CA LEU P 17 -6.22 6.66 -40.34
C LEU P 17 -5.62 6.56 -38.94
N LEU P 18 -6.09 7.43 -38.05
CA LEU P 18 -5.68 7.49 -36.66
C LEU P 18 -6.94 7.34 -35.80
N THR P 19 -6.82 7.69 -34.51
CA THR P 19 -7.91 7.51 -33.56
C THR P 19 -9.14 8.32 -33.97
N ALA P 20 -8.92 9.55 -34.43
CA ALA P 20 -10.02 10.45 -34.74
C ALA P 20 -10.87 9.96 -35.88
N ALA P 21 -10.32 9.09 -36.72
CA ALA P 21 -11.10 8.45 -37.75
C ALA P 21 -12.22 7.61 -37.17
N PHE P 22 -11.96 6.93 -36.08
CA PHE P 22 -12.92 6.01 -35.51
C PHE P 22 -13.67 6.61 -34.34
N VAL P 23 -13.26 7.75 -33.82
CA VAL P 23 -14.00 8.38 -32.73
C VAL P 23 -14.74 9.65 -33.16
N GLU P 24 -14.34 10.24 -34.29
CA GLU P 24 -15.05 11.44 -34.78
C GLU P 24 -15.74 11.15 -36.12
N GLU P 25 -14.96 10.84 -37.16
CA GLU P 25 -15.50 10.61 -38.50
C GLU P 25 -14.41 10.16 -39.47
N ARG P 26 -14.85 9.35 -40.40
CA ARG P 26 -14.04 8.82 -41.52
C ARG P 26 -14.75 9.18 -42.82
N TYR P 27 -14.00 9.20 -43.91
CA TYR P 27 -14.59 9.44 -45.21
C TYR P 27 -14.20 8.28 -46.11
N ALA P 28 -15.02 8.00 -47.11
CA ALA P 28 -14.75 6.95 -48.06
C ALA P 28 -14.93 7.51 -49.45
N ILE P 29 -14.07 7.12 -50.37
CA ILE P 29 -14.22 7.50 -51.77
C ILE P 29 -14.25 6.21 -52.59
N THR P 30 -15.24 6.10 -53.45
CA THR P 30 -15.40 4.97 -54.35
C THR P 30 -15.29 5.46 -55.78
N TRP P 31 -14.64 4.66 -56.61
CA TRP P 31 -14.55 5.02 -58.03
C TRP P 31 -14.36 3.76 -58.86
N THR P 32 -14.75 3.84 -60.12
CA THR P 32 -14.55 2.75 -61.07
C THR P 32 -13.43 3.13 -62.01
N SER P 33 -12.45 2.24 -62.14
CA SER P 33 -11.36 2.38 -63.08
C SER P 33 -11.46 1.31 -64.16
N SER P 34 -11.09 1.68 -65.38
CA SER P 34 -11.10 0.74 -66.50
C SER P 34 -9.87 -0.15 -66.52
N LYS P 35 -8.83 0.17 -65.75
CA LYS P 35 -7.63 -0.64 -65.75
C LYS P 35 -6.96 -0.52 -64.40
N GLU P 36 -6.13 -1.52 -64.08
CA GLU P 36 -5.36 -1.51 -62.84
C GLU P 36 -4.15 -0.61 -63.01
N GLN P 37 -4.08 0.47 -62.24
CA GLN P 37 -3.07 1.48 -62.51
C GLN P 37 -2.69 2.22 -61.23
N VAL P 38 -1.52 2.82 -61.23
CA VAL P 38 -0.94 3.40 -60.03
C VAL P 38 -1.38 4.86 -59.90
N PHE P 39 -1.89 5.21 -58.73
CA PHE P 39 -2.18 6.58 -58.34
C PHE P 39 -1.37 6.94 -57.12
N GLU P 40 -1.40 8.22 -56.79
CA GLU P 40 -0.72 8.73 -55.61
C GLU P 40 -1.73 8.84 -54.47
N MET P 41 -1.41 8.20 -53.36
CA MET P 41 -2.22 8.36 -52.17
C MET P 41 -2.12 9.80 -51.65
N PRO P 42 -3.23 10.38 -51.20
CA PRO P 42 -3.16 11.71 -50.57
C PRO P 42 -2.44 11.69 -49.24
N THR P 43 -2.24 10.51 -48.67
CA THR P 43 -1.52 10.28 -47.44
C THR P 43 -0.04 10.05 -47.68
N GLY P 44 0.42 10.05 -48.92
CA GLY P 44 1.82 9.84 -49.20
C GLY P 44 2.11 8.44 -49.68
N GLY P 45 2.77 8.31 -50.81
CA GLY P 45 3.06 7.02 -51.38
C GLY P 45 2.31 6.80 -52.68
N ALA P 46 2.44 5.59 -53.20
CA ALA P 46 1.80 5.18 -54.44
C ALA P 46 1.02 3.92 -54.21
N ALA P 47 -0.26 3.93 -54.57
CA ALA P 47 -1.10 2.76 -54.49
C ALA P 47 -1.54 2.38 -55.90
N THR P 48 -2.15 1.22 -56.03
CA THR P 48 -2.64 0.72 -57.31
C THR P 48 -4.14 0.53 -57.21
N MET P 49 -4.89 1.20 -58.09
CA MET P 49 -6.32 0.96 -58.16
C MET P 49 -6.55 -0.28 -59.00
N ASN P 50 -7.48 -1.10 -58.54
CA ASN P 50 -7.92 -2.30 -59.20
C ASN P 50 -8.81 -1.96 -60.40
N GLU P 51 -8.87 -2.88 -61.36
CA GLU P 51 -9.85 -2.73 -62.43
C GLU P 51 -11.22 -2.99 -61.85
N GLY P 52 -12.16 -2.09 -62.12
CA GLY P 52 -13.46 -2.18 -61.51
C GLY P 52 -13.66 -1.18 -60.40
N GLU P 53 -14.34 -1.60 -59.34
CA GLU P 53 -14.81 -0.70 -58.30
C GLU P 53 -13.82 -0.68 -57.14
N ASN P 54 -13.42 0.53 -56.72
CA ASN P 54 -12.46 0.77 -55.66
C ASN P 54 -13.11 1.57 -54.55
N LEU P 55 -12.70 1.27 -53.31
CA LEU P 55 -13.20 1.94 -52.13
C LEU P 55 -12.04 2.20 -51.19
N LEU P 56 -11.84 3.46 -50.80
CA LEU P 56 -10.72 3.85 -49.96
C LEU P 56 -11.21 4.75 -48.84
N GLU P 57 -10.82 4.42 -47.60
CA GLU P 57 -11.15 5.25 -46.46
C GLU P 57 -10.02 6.21 -46.14
N LEU P 58 -10.38 7.47 -45.98
CA LEU P 58 -9.45 8.56 -45.70
C LEU P 58 -9.95 9.30 -44.48
N ALA P 59 -9.09 10.16 -43.93
CA ALA P 59 -9.38 10.80 -42.66
C ALA P 59 -10.13 12.10 -42.82
N ARG P 60 -9.97 12.78 -43.94
CA ARG P 60 -10.55 14.10 -44.16
C ARG P 60 -11.30 14.10 -45.48
N LYS P 61 -12.27 15.00 -45.59
CA LYS P 61 -12.97 15.20 -46.85
C LYS P 61 -12.06 15.84 -47.88
N GLU P 62 -11.11 16.65 -47.42
CA GLU P 62 -10.16 17.28 -48.32
C GLU P 62 -9.23 16.25 -48.96
N GLN P 63 -8.90 15.18 -48.24
CA GLN P 63 -8.10 14.12 -48.83
C GLN P 63 -8.87 13.37 -49.91
N CYS P 64 -10.15 13.12 -49.66
CA CYS P 64 -11.03 12.42 -50.62
C CYS P 64 -11.22 13.28 -51.87
N LEU P 65 -11.24 14.60 -51.69
CA LEU P 65 -11.44 15.54 -52.82
C LEU P 65 -10.12 15.76 -53.54
N ALA P 66 -8.99 15.64 -52.85
CA ALA P 66 -7.69 15.69 -53.51
C ALA P 66 -7.47 14.45 -54.37
N LEU P 67 -7.82 13.28 -53.84
CA LEU P 67 -7.77 12.07 -54.62
C LEU P 67 -8.71 12.14 -55.82
N GLY P 68 -9.93 12.65 -55.62
CA GLY P 68 -10.87 12.76 -56.72
C GLY P 68 -10.42 13.72 -57.80
N ALA P 69 -9.80 14.82 -57.41
CA ALA P 69 -9.24 15.76 -58.38
C ALA P 69 -8.07 15.14 -59.13
N GLN P 70 -7.29 14.29 -58.45
CA GLN P 70 -6.23 13.54 -59.13
C GLN P 70 -6.80 12.54 -60.13
N LEU P 71 -7.90 11.88 -59.77
CA LEU P 71 -8.50 10.87 -60.65
C LEU P 71 -9.00 11.47 -61.94
N ARG P 72 -9.61 12.64 -61.87
CA ARG P 72 -10.26 13.26 -63.02
C ARG P 72 -9.33 14.16 -63.81
N THR P 73 -8.08 14.30 -63.39
CA THR P 73 -7.11 15.12 -64.11
C THR P 73 -5.82 14.41 -64.46
N LYS P 74 -5.36 13.42 -63.69
CA LYS P 74 -4.07 12.81 -63.96
C LYS P 74 -4.19 11.52 -64.77
N PHE P 75 -5.40 11.13 -65.16
CA PHE P 75 -5.62 9.86 -65.83
C PHE P 75 -6.35 10.08 -67.15
N LYS P 76 -5.92 9.33 -68.16
CA LYS P 76 -6.56 9.32 -69.47
C LYS P 76 -6.96 7.88 -69.78
N PRO P 77 -8.25 7.53 -69.79
CA PRO P 77 -9.45 8.35 -69.59
C PRO P 77 -9.68 8.79 -68.16
N LYS P 78 -10.39 9.89 -68.00
CA LYS P 78 -10.65 10.47 -66.69
C LYS P 78 -11.59 9.59 -65.89
N ILE P 79 -11.38 9.59 -64.57
CA ILE P 79 -12.26 8.92 -63.62
C ILE P 79 -13.08 10.01 -62.97
N THR P 80 -14.33 10.16 -63.41
CA THR P 80 -15.20 11.21 -62.90
C THR P 80 -16.39 10.66 -62.14
N ASP P 81 -16.46 9.35 -61.91
CA ASP P 81 -17.60 8.73 -61.25
C ASP P 81 -17.35 8.45 -59.79
N TYR P 82 -16.41 9.15 -59.16
CA TYR P 82 -16.13 8.91 -57.75
C TYR P 82 -17.23 9.49 -56.87
N LYS P 83 -17.48 8.81 -55.76
CA LYS P 83 -18.48 9.19 -54.78
C LYS P 83 -17.83 9.18 -53.41
N ILE P 84 -18.09 10.22 -52.63
CA ILE P 84 -17.48 10.40 -51.32
C ILE P 84 -18.58 10.35 -50.27
N TYR P 85 -18.34 9.57 -49.23
CA TYR P 85 -19.27 9.27 -48.16
C TYR P 85 -18.61 9.64 -46.84
N ARG P 86 -19.42 10.04 -45.87
CA ARG P 86 -18.94 10.30 -44.51
C ARG P 86 -19.40 9.19 -43.60
N ILE P 87 -18.47 8.55 -42.92
CA ILE P 87 -18.73 7.41 -42.05
C ILE P 87 -18.61 7.88 -40.61
N PHE P 88 -19.60 7.56 -39.80
CA PHE P 88 -19.72 7.97 -38.42
C PHE P 88 -19.35 6.81 -37.50
N PRO P 89 -19.01 7.08 -36.22
CA PRO P 89 -18.52 6.00 -35.36
C PRO P 89 -19.52 4.90 -35.08
N ASN P 90 -20.81 5.17 -35.22
CA ASN P 90 -21.82 4.11 -35.09
C ASN P 90 -21.96 3.27 -36.34
N GLY P 91 -21.22 3.58 -37.41
CA GLY P 91 -21.30 2.88 -38.65
C GLY P 91 -22.08 3.61 -39.72
N GLU P 92 -22.81 4.65 -39.33
CA GLU P 92 -23.69 5.36 -40.25
C GLU P 92 -22.89 6.02 -41.35
N THR P 93 -23.21 5.69 -42.60
CA THR P 93 -22.58 6.24 -43.78
C THR P 93 -23.52 7.24 -44.46
N THR P 94 -22.95 8.37 -44.87
CA THR P 94 -23.75 9.43 -45.47
C THR P 94 -23.09 9.87 -46.75
N PHE P 95 -23.82 9.78 -47.85
CA PHE P 95 -23.34 10.19 -49.17
C PHE P 95 -23.27 11.71 -49.22
N ILE P 96 -22.06 12.25 -49.36
CA ILE P 96 -21.91 13.70 -49.33
C ILE P 96 -21.50 14.27 -50.68
N HIS P 97 -20.59 13.62 -51.40
CA HIS P 97 -20.12 14.18 -52.70
C HIS P 97 -20.34 13.18 -53.84
N PRO P 98 -21.13 13.53 -54.86
CA PRO P 98 -21.71 14.87 -55.06
C PRO P 98 -23.00 15.09 -54.24
N ALA P 99 -23.06 16.21 -53.52
CA ALA P 99 -24.20 16.56 -52.64
C ALA P 99 -25.55 16.37 -53.34
N ASP P 100 -25.67 16.87 -54.57
CA ASP P 100 -26.93 16.78 -55.37
C ASP P 100 -27.05 15.36 -55.94
N GLY P 101 -26.71 15.19 -57.21
CA GLY P 101 -25.95 14.03 -57.71
C GLY P 101 -25.17 14.35 -58.96
N VAL P 102 -25.16 15.64 -59.36
CA VAL P 102 -24.43 16.14 -60.56
C VAL P 102 -22.95 16.31 -60.20
N PHE P 103 -22.52 17.56 -60.02
CA PHE P 103 -21.14 17.96 -59.63
C PHE P 103 -21.16 19.47 -59.42
N PRO P 104 -21.03 19.91 -58.17
CA PRO P 104 -21.10 21.34 -57.85
C PRO P 104 -20.69 22.33 -58.95
N GLU P 105 -19.76 21.96 -59.84
CA GLU P 105 -19.32 22.93 -60.83
C GLU P 105 -20.36 23.17 -61.90
N LYS P 106 -21.30 22.25 -62.09
CA LYS P 106 -22.39 22.43 -63.03
C LYS P 106 -23.54 23.09 -62.31
N VAL P 107 -24.63 23.36 -63.02
CA VAL P 107 -25.77 24.01 -62.38
C VAL P 107 -27.00 23.12 -62.50
N ASN P 108 -27.53 22.73 -61.34
CA ASN P 108 -28.70 21.88 -61.29
C ASN P 108 -29.92 22.69 -60.86
N GLU P 109 -31.06 22.39 -61.47
CA GLU P 109 -32.33 23.03 -61.11
C GLU P 109 -32.90 22.31 -59.89
N GLY P 110 -32.76 22.96 -58.74
CA GLY P 110 -33.28 22.40 -57.51
C GLY P 110 -32.36 22.52 -56.30
N ARG P 111 -31.17 23.08 -56.50
CA ARG P 111 -30.18 23.16 -55.43
C ARG P 111 -30.59 24.15 -54.34
N GLY P 112 -30.75 25.41 -54.70
CA GLY P 112 -31.20 26.39 -53.74
C GLY P 112 -30.11 27.24 -53.10
N TYR P 113 -30.45 28.50 -52.82
CA TYR P 113 -29.52 29.49 -52.31
C TYR P 113 -29.16 29.16 -50.87
N SER P 114 -27.87 29.23 -50.52
CA SER P 114 -27.50 28.98 -49.14
C SER P 114 -26.41 29.92 -48.63
N GLY P 115 -25.92 30.83 -49.46
CA GLY P 115 -24.98 31.82 -48.97
C GLY P 115 -25.22 33.18 -49.54
N LYS P 116 -26.25 33.30 -50.38
CA LYS P 116 -26.45 34.52 -51.16
C LYS P 116 -26.91 35.66 -50.25
N LYS P 117 -26.29 36.83 -50.45
CA LYS P 117 -26.65 38.05 -49.75
C LYS P 117 -26.80 39.10 -50.83
N ASP P 118 -28.03 39.53 -51.09
CA ASP P 118 -28.24 40.54 -52.12
C ASP P 118 -27.72 41.88 -51.62
N ARG P 119 -26.42 42.10 -51.87
CA ARG P 119 -25.75 43.37 -51.51
C ARG P 119 -24.68 43.62 -52.57
N ARG P 120 -23.54 44.16 -52.14
CA ARG P 120 -22.41 44.42 -53.06
C ARG P 120 -21.17 44.66 -52.20
N ILE P 121 -21.02 43.86 -51.13
CA ILE P 121 -19.88 43.88 -50.14
C ILE P 121 -19.65 45.25 -49.48
N GLY P 122 -19.24 46.29 -50.22
CA GLY P 122 -19.00 47.63 -49.67
C GLY P 122 -20.24 48.27 -49.04
N GLU P 123 -21.32 47.51 -48.84
CA GLU P 123 -22.49 48.10 -48.20
C GLU P 123 -23.04 47.19 -47.11
N ASN P 124 -22.17 46.55 -46.35
CA ASN P 124 -22.62 45.88 -45.14
C ASN P 124 -22.92 46.91 -44.06
N PRO P 125 -23.80 46.59 -43.10
CA PRO P 125 -23.96 47.49 -41.94
C PRO P 125 -22.69 47.64 -41.13
N ASN P 126 -22.17 48.86 -41.07
CA ASN P 126 -20.94 49.16 -40.36
C ASN P 126 -21.07 48.83 -38.87
N PRO P 127 -20.05 48.22 -38.25
CA PRO P 127 -20.18 47.88 -36.82
C PRO P 127 -20.08 49.10 -35.92
N ALA P 128 -21.22 49.66 -35.56
CA ALA P 128 -21.38 50.53 -34.41
C ALA P 128 -22.78 50.25 -33.88
N THR P 129 -23.57 49.60 -34.72
CA THR P 129 -25.01 49.46 -34.56
C THR P 129 -25.44 48.06 -34.15
N ILE P 130 -24.56 47.08 -34.37
CA ILE P 130 -24.83 45.68 -34.07
C ILE P 130 -23.95 45.23 -32.93
N LYS P 131 -23.55 46.17 -32.07
CA LYS P 131 -22.56 45.95 -31.03
C LYS P 131 -22.97 44.86 -30.04
N PHE P 132 -23.96 45.16 -29.19
CA PHE P 132 -24.45 44.20 -28.22
C PHE P 132 -25.70 43.53 -28.79
N SER P 133 -25.50 42.79 -29.90
CA SER P 133 -26.60 42.10 -30.56
C SER P 133 -26.27 40.64 -30.81
N GLY P 134 -25.02 40.33 -31.16
CA GLY P 134 -24.65 38.97 -31.48
C GLY P 134 -24.36 38.78 -32.95
N GLN P 135 -25.11 39.50 -33.80
CA GLN P 135 -24.85 39.51 -35.24
C GLN P 135 -23.54 40.24 -35.54
N ASN P 136 -22.84 39.78 -36.56
CA ASN P 136 -21.63 40.43 -37.03
C ASN P 136 -21.69 40.62 -38.55
N THR P 137 -22.32 41.71 -38.98
CA THR P 137 -21.96 42.51 -40.15
C THR P 137 -22.19 41.82 -41.50
N PHE P 138 -22.32 40.50 -41.50
CA PHE P 138 -22.64 39.77 -42.72
C PHE P 138 -23.82 38.84 -42.47
N GLU P 139 -23.99 38.43 -41.21
CA GLU P 139 -25.16 37.67 -40.79
C GLU P 139 -26.25 38.65 -40.38
N THR P 140 -26.65 39.49 -41.34
CA THR P 140 -27.69 40.49 -41.13
C THR P 140 -28.61 40.49 -42.35
N ASP P 141 -29.45 41.51 -42.49
CA ASP P 141 -30.44 41.47 -43.56
C ASP P 141 -30.57 42.79 -44.31
N MET P 142 -30.07 43.89 -43.77
CA MET P 142 -30.26 45.19 -44.38
C MET P 142 -29.03 45.58 -45.21
N LYS P 143 -29.02 46.80 -45.76
CA LYS P 143 -27.89 47.29 -46.54
C LYS P 143 -27.66 48.78 -46.31
N SER P 144 -26.57 49.13 -45.63
CA SER P 144 -26.24 50.53 -45.44
C SER P 144 -24.91 50.87 -46.11
N VAL Q 2 -24.89 55.99 -70.97
CA VAL Q 2 -23.68 55.20 -71.06
C VAL Q 2 -23.79 54.10 -72.11
N GLN Q 3 -22.97 54.19 -73.14
CA GLN Q 3 -22.84 53.12 -74.12
C GLN Q 3 -21.36 53.00 -74.50
N ARG Q 4 -21.07 52.04 -75.38
CA ARG Q 4 -19.71 51.60 -75.67
C ARG Q 4 -18.80 52.72 -76.14
N GLY Q 5 -17.66 52.90 -75.46
CA GLY Q 5 -16.69 53.93 -75.77
C GLY Q 5 -16.67 55.09 -74.80
N SER Q 6 -17.70 55.25 -73.98
CA SER Q 6 -17.79 56.40 -73.09
C SER Q 6 -16.84 56.23 -71.92
N LYS Q 7 -15.96 57.20 -71.70
CA LYS Q 7 -15.12 57.18 -70.51
C LYS Q 7 -15.95 57.51 -69.29
N VAL Q 8 -15.84 56.70 -68.24
CA VAL Q 8 -16.65 56.84 -67.04
C VAL Q 8 -15.75 56.85 -65.81
N ARG Q 9 -16.17 57.62 -64.81
CA ARG Q 9 -15.54 57.66 -63.50
C ARG Q 9 -16.36 56.80 -62.55
N ILE Q 10 -15.67 56.00 -61.74
CA ILE Q 10 -16.29 54.99 -60.89
C ILE Q 10 -16.74 55.62 -59.59
N LEU Q 11 -17.96 55.29 -59.16
CA LEU Q 11 -18.50 55.77 -57.90
C LEU Q 11 -18.65 54.66 -56.87
N ARG Q 12 -17.94 53.54 -57.06
CA ARG Q 12 -18.03 52.41 -56.15
C ARG Q 12 -16.89 52.48 -55.15
N PRO Q 13 -17.17 52.67 -53.85
CA PRO Q 13 -16.09 52.86 -52.87
C PRO Q 13 -15.16 51.65 -52.73
N GLU Q 14 -15.67 50.44 -52.88
CA GLU Q 14 -14.87 49.23 -52.70
C GLU Q 14 -14.11 48.83 -53.95
N SER Q 15 -14.28 49.55 -55.05
CA SER Q 15 -13.60 49.25 -56.29
C SER Q 15 -12.15 49.69 -56.22
N TYR Q 16 -11.28 48.96 -56.89
CA TYR Q 16 -9.87 49.34 -56.97
C TYR Q 16 -9.71 50.66 -57.71
N TRP Q 17 -10.58 50.92 -58.68
CA TRP Q 17 -10.51 52.11 -59.52
C TRP Q 17 -11.54 53.14 -59.11
N PHE Q 18 -11.79 53.28 -57.81
CA PHE Q 18 -12.67 54.33 -57.32
C PHE Q 18 -12.09 55.69 -57.69
N ARG Q 19 -12.94 56.56 -58.21
CA ARG Q 19 -12.57 57.89 -58.73
C ARG Q 19 -11.51 57.77 -59.82
N GLU Q 20 -11.67 56.80 -60.71
CA GLU Q 20 -10.77 56.61 -61.84
C GLU Q 20 -11.56 56.47 -63.12
N VAL Q 21 -10.92 56.80 -64.23
CA VAL Q 21 -11.58 56.83 -65.54
C VAL Q 21 -11.28 55.53 -66.28
N GLY Q 22 -12.34 54.85 -66.70
CA GLY Q 22 -12.21 53.65 -67.51
C GLY Q 22 -13.16 53.68 -68.68
N SER Q 23 -12.81 52.95 -69.73
CA SER Q 23 -13.60 52.97 -70.96
C SER Q 23 -14.68 51.89 -70.94
N VAL Q 24 -15.90 52.25 -71.33
CA VAL Q 24 -16.97 51.26 -71.42
C VAL Q 24 -16.73 50.34 -72.60
N ALA Q 25 -16.75 49.04 -72.34
CA ALA Q 25 -16.51 48.03 -73.36
C ALA Q 25 -17.82 47.60 -74.03
N SER Q 26 -18.82 47.27 -73.23
CA SER Q 26 -20.11 46.82 -73.75
C SER Q 26 -21.14 46.93 -72.63
N VAL Q 27 -22.34 47.36 -73.00
CA VAL Q 27 -23.46 47.43 -72.07
C VAL Q 27 -24.43 46.32 -72.43
N ASP Q 28 -24.90 45.60 -71.41
CA ASP Q 28 -25.79 44.47 -71.58
C ASP Q 28 -27.23 44.94 -71.42
N GLN Q 29 -28.06 44.66 -72.41
CA GLN Q 29 -29.46 45.05 -72.37
C GLN Q 29 -30.37 43.92 -71.89
N SER Q 30 -29.83 43.01 -71.09
CA SER Q 30 -30.56 41.85 -70.59
C SER Q 30 -31.26 42.11 -69.26
N GLY Q 31 -31.20 43.33 -68.75
CA GLY Q 31 -31.86 43.63 -67.49
C GLY Q 31 -31.16 43.09 -66.26
N ILE Q 32 -29.84 42.90 -66.33
CA ILE Q 32 -29.07 42.39 -65.20
C ILE Q 32 -28.67 43.54 -64.30
N LYS Q 33 -28.21 43.22 -63.09
CA LYS Q 33 -28.00 44.24 -62.06
C LYS Q 33 -26.80 45.13 -62.39
N TYR Q 34 -25.71 44.54 -62.88
CA TYR Q 34 -24.51 45.28 -63.27
C TYR Q 34 -24.21 45.03 -64.74
N PRO Q 35 -24.85 45.77 -65.64
CA PRO Q 35 -24.73 45.47 -67.07
C PRO Q 35 -23.50 46.06 -67.73
N VAL Q 36 -22.98 47.18 -67.23
CA VAL Q 36 -21.92 47.88 -67.93
C VAL Q 36 -20.58 47.21 -67.64
N VAL Q 37 -19.82 46.92 -68.68
CA VAL Q 37 -18.46 46.41 -68.55
C VAL Q 37 -17.53 47.60 -68.73
N VAL Q 38 -16.72 47.90 -67.74
CA VAL Q 38 -15.73 48.96 -67.83
C VAL Q 38 -14.35 48.33 -67.77
N ARG Q 39 -13.46 48.80 -68.65
CA ARG Q 39 -12.09 48.31 -68.75
C ARG Q 39 -11.12 49.42 -68.43
N PHE Q 40 -10.06 49.08 -67.72
CA PHE Q 40 -9.13 50.04 -67.16
C PHE Q 40 -7.73 49.82 -67.69
N SER Q 41 -6.99 50.90 -67.84
CA SER Q 41 -5.60 50.80 -68.26
C SER Q 41 -4.69 50.43 -67.11
N LYS Q 42 -5.24 50.36 -65.89
CA LYS Q 42 -4.47 50.10 -64.69
C LYS Q 42 -5.05 48.88 -63.98
N VAL Q 43 -4.23 47.87 -63.74
CA VAL Q 43 -4.74 46.59 -63.28
C VAL Q 43 -4.94 46.65 -61.75
N ASN Q 44 -5.79 45.79 -61.22
CA ASN Q 44 -6.02 45.79 -59.79
C ASN Q 44 -5.01 44.87 -59.10
N TYR Q 45 -5.21 44.58 -57.82
CA TYR Q 45 -4.26 43.74 -57.09
C TYR Q 45 -4.33 42.29 -57.54
N ALA Q 46 -5.52 41.81 -57.89
CA ALA Q 46 -5.69 40.41 -58.28
C ALA Q 46 -5.23 40.12 -59.70
N GLY Q 47 -4.90 41.15 -60.49
CA GLY Q 47 -4.49 40.95 -61.86
C GLY Q 47 -5.61 41.06 -62.86
N VAL Q 48 -6.60 41.90 -62.60
CA VAL Q 48 -7.80 42.02 -63.43
C VAL Q 48 -8.00 43.48 -63.78
N ASN Q 49 -8.20 43.77 -65.07
CA ASN Q 49 -8.31 45.15 -65.53
C ASN Q 49 -9.69 45.51 -66.07
N THR Q 50 -10.73 44.76 -65.70
CA THR Q 50 -12.08 45.11 -66.13
C THR Q 50 -13.09 44.61 -65.10
N ASN Q 51 -14.29 45.19 -65.14
CA ASN Q 51 -15.28 44.90 -64.11
C ASN Q 51 -16.67 45.33 -64.56
N ASN Q 52 -17.68 44.69 -63.98
CA ASN Q 52 -19.06 45.04 -64.29
C ASN Q 52 -19.59 46.01 -63.24
N PHE Q 53 -20.11 47.14 -63.70
CA PHE Q 53 -20.70 48.18 -62.87
C PHE Q 53 -22.12 48.46 -63.33
N SER Q 54 -22.94 48.97 -62.41
CA SER Q 54 -24.23 49.54 -62.75
C SER Q 54 -24.04 50.89 -63.42
N GLU Q 55 -25.11 51.39 -64.03
CA GLU Q 55 -25.09 52.73 -64.58
C GLU Q 55 -25.16 53.79 -63.49
N ALA Q 56 -25.72 53.45 -62.33
CA ALA Q 56 -25.86 54.40 -61.23
C ALA Q 56 -24.56 54.70 -60.52
N GLU Q 57 -23.53 53.88 -60.69
CA GLU Q 57 -22.22 54.10 -60.09
C GLU Q 57 -21.19 54.50 -61.13
N LEU Q 58 -21.62 55.20 -62.17
CA LEU Q 58 -20.72 55.70 -63.21
C LEU Q 58 -21.06 57.16 -63.48
N VAL Q 59 -20.04 57.93 -63.83
CA VAL Q 59 -20.24 59.31 -64.26
C VAL Q 59 -19.50 59.49 -65.59
N GLU Q 60 -20.22 59.87 -66.64
CA GLU Q 60 -19.60 60.08 -67.94
C GLU Q 60 -18.68 61.29 -67.91
N VAL Q 61 -17.45 61.10 -68.38
CA VAL Q 61 -16.48 62.19 -68.50
C VAL Q 61 -16.03 62.42 -69.93
N GLU Q 62 -16.33 61.50 -70.85
CA GLU Q 62 -16.06 61.65 -72.28
C GLU Q 62 -17.10 60.83 -73.04
N ALA Q 63 -18.03 61.54 -73.74
CA ALA Q 63 -18.87 60.97 -74.83
C ALA Q 63 -18.00 60.39 -75.94
N PRO Q 64 -18.35 59.20 -76.46
CA PRO Q 64 -17.53 58.54 -77.49
C PRO Q 64 -17.50 59.33 -78.78
N PRO Q 65 -16.33 59.46 -79.41
CA PRO Q 65 -16.20 60.06 -80.74
C PRO Q 65 -16.12 59.01 -81.84
N PRO R 39 37.47 80.83 -33.43
CA PRO R 39 37.97 80.44 -34.76
C PRO R 39 38.97 79.29 -34.70
N CYS R 40 39.11 78.57 -35.81
CA CYS R 40 40.02 77.44 -35.85
C CYS R 40 41.49 77.85 -35.90
N ALA R 41 41.78 79.06 -36.39
CA ALA R 41 43.17 79.51 -36.48
C ALA R 41 43.75 79.79 -35.10
N SER R 42 42.94 80.33 -34.18
CA SER R 42 43.38 80.67 -32.84
C SER R 42 42.96 79.64 -31.79
N SER R 43 42.46 78.48 -32.22
CA SER R 43 41.99 77.48 -31.26
C SER R 43 43.17 76.76 -30.64
N PRO R 44 43.29 76.72 -29.32
CA PRO R 44 44.47 76.08 -28.71
C PRO R 44 44.48 74.57 -28.79
N ALA R 45 43.31 73.93 -28.93
CA ALA R 45 43.23 72.48 -29.03
C ALA R 45 43.25 71.98 -30.47
N PHE R 46 43.11 72.87 -31.44
CA PHE R 46 43.08 72.46 -32.84
C PHE R 46 44.48 72.29 -33.42
N ASN R 47 45.51 72.70 -32.69
CA ASN R 47 46.89 72.58 -33.16
C ASN R 47 47.55 71.28 -32.73
N GLU R 48 46.95 70.51 -31.83
CA GLU R 48 47.49 69.20 -31.51
C GLU R 48 47.08 68.13 -32.53
N ARG R 49 46.17 68.45 -33.46
CA ARG R 49 45.98 67.68 -34.66
C ARG R 49 46.64 68.31 -35.87
N MET R 50 47.10 69.55 -35.77
CA MET R 50 47.90 70.22 -36.78
C MET R 50 49.28 69.61 -36.90
N GLN R 51 50.05 69.66 -35.81
CA GLN R 51 51.49 69.48 -35.83
C GLN R 51 51.89 68.07 -35.43
N ASN R 52 50.92 67.17 -35.36
CA ASN R 52 51.21 65.74 -35.22
C ASN R 52 50.13 64.94 -35.95
N ALA R 53 50.37 64.65 -37.22
CA ALA R 53 49.45 63.90 -38.07
C ALA R 53 50.19 63.50 -39.33
N PRO R 54 49.75 62.43 -40.00
CA PRO R 54 50.27 62.13 -41.34
C PRO R 54 50.02 63.29 -42.29
N GLU R 55 50.99 63.55 -43.16
CA GLU R 55 50.83 64.66 -44.10
C GLU R 55 50.00 64.24 -45.32
N GLY R 56 50.57 63.36 -46.15
CA GLY R 56 49.86 62.82 -47.29
C GLY R 56 49.36 63.87 -48.25
N TYR R 57 48.17 63.63 -48.80
CA TYR R 57 47.45 64.60 -49.62
C TYR R 57 45.98 64.61 -49.21
N TYR R 58 45.75 64.41 -47.91
CA TYR R 58 44.41 64.35 -47.35
C TYR R 58 44.38 65.11 -46.04
N PHE R 59 45.56 65.56 -45.59
CA PHE R 59 45.70 66.31 -44.35
C PHE R 59 46.52 67.57 -44.57
N ASP R 60 47.24 67.63 -45.69
CA ASP R 60 48.09 68.79 -45.95
C ASP R 60 47.37 69.89 -46.72
N THR R 61 46.59 69.51 -47.74
CA THR R 61 45.83 70.48 -48.55
C THR R 61 44.37 70.52 -48.07
N PRO R 62 44.11 70.09 -46.85
CA PRO R 62 42.75 70.07 -46.29
C PRO R 62 42.69 70.67 -44.88
N TYR R 63 43.81 70.61 -44.14
CA TYR R 63 43.89 71.16 -42.76
C TYR R 63 44.03 72.69 -42.82
N GLN R 64 44.47 73.22 -43.96
CA GLN R 64 44.63 74.68 -44.16
C GLN R 64 43.25 75.31 -44.40
N SER R 65 42.84 75.42 -45.67
CA SER R 65 41.56 76.05 -46.01
C SER R 65 40.52 75.81 -44.94
N TYR R 66 40.57 74.62 -44.31
CA TYR R 66 39.65 74.33 -43.21
C TYR R 66 39.89 75.26 -42.02
N ALA R 67 41.14 75.34 -41.55
CA ALA R 67 41.47 76.10 -40.35
C ALA R 67 41.28 77.59 -40.57
N ALA R 68 41.50 78.06 -41.80
CA ALA R 68 41.29 79.47 -42.12
C ALA R 68 39.83 79.88 -41.93
N ASN R 69 38.90 79.03 -42.36
CA ASN R 69 37.49 79.41 -42.45
C ASN R 69 36.54 78.42 -41.78
N LEU R 70 36.86 77.96 -40.57
CA LEU R 70 35.94 77.15 -39.79
C LEU R 70 35.84 77.71 -38.37
N LEU R 71 34.98 77.07 -37.57
CA LEU R 71 34.72 77.48 -36.19
C LEU R 71 34.83 76.22 -35.32
N CYS R 72 35.95 76.10 -34.61
CA CYS R 72 36.16 74.96 -33.72
C CYS R 72 35.78 75.31 -32.29
N GLY R 73 35.46 74.28 -31.52
CA GLY R 73 35.08 74.46 -30.13
C GLY R 73 36.23 74.29 -29.17
N ALA R 74 36.16 73.26 -28.33
CA ALA R 74 37.21 72.98 -27.36
C ALA R 74 37.93 71.65 -27.58
N GLU R 75 37.42 70.79 -28.47
CA GLU R 75 38.03 69.51 -28.75
C GLU R 75 38.90 69.53 -30.00
N GLY R 76 39.14 70.71 -30.57
CA GLY R 76 39.88 70.80 -31.81
C GLY R 76 39.16 70.18 -32.98
N LEU R 77 37.85 70.41 -33.08
CA LEU R 77 37.04 69.81 -34.13
C LEU R 77 36.19 70.88 -34.80
N PRO R 78 36.21 71.01 -36.13
CA PRO R 78 35.31 71.97 -36.80
C PRO R 78 33.85 71.64 -36.58
N HIS R 79 33.10 72.64 -36.10
CA HIS R 79 31.67 72.50 -35.86
C HIS R 79 30.92 73.34 -36.89
N GLN R 80 29.98 72.72 -37.60
CA GLN R 80 29.18 73.42 -38.59
C GLN R 80 28.18 74.35 -37.91
N GLN R 81 28.47 75.65 -37.97
CA GLN R 81 27.62 76.64 -37.33
C GLN R 81 26.53 77.13 -38.28
N LEU R 82 25.49 77.75 -37.71
CA LEU R 82 24.40 78.34 -38.48
C LEU R 82 24.19 79.77 -37.96
N ARG R 83 24.96 80.70 -38.52
CA ARG R 83 24.87 82.11 -38.14
C ARG R 83 24.79 83.01 -39.37
N PHE R 84 24.97 84.31 -39.18
CA PHE R 84 24.96 85.24 -40.29
C PHE R 84 26.19 85.09 -41.19
N ASP R 85 27.33 84.66 -40.62
CA ASP R 85 28.49 84.34 -41.45
C ASP R 85 28.29 83.04 -42.20
N ARG R 86 27.48 82.13 -41.67
CA ARG R 86 27.18 80.88 -42.36
C ARG R 86 26.10 81.03 -43.41
N ALA R 87 25.40 82.17 -43.43
CA ALA R 87 24.32 82.39 -44.39
C ALA R 87 24.81 82.33 -45.82
N ILE R 88 25.99 82.90 -46.09
CA ILE R 88 26.61 82.79 -47.40
C ILE R 88 27.65 81.65 -47.40
N ASP R 89 27.63 80.81 -46.37
CA ASP R 89 28.39 79.56 -46.37
C ASP R 89 27.51 78.34 -46.55
N VAL R 90 26.37 78.26 -45.83
CA VAL R 90 25.51 77.10 -45.93
C VAL R 90 24.57 77.16 -47.13
N LEU R 91 24.59 78.25 -47.90
CA LEU R 91 23.74 78.32 -49.09
C LEU R 91 24.25 77.42 -50.21
N ILE R 92 25.57 77.25 -50.32
CA ILE R 92 26.14 76.42 -51.37
C ILE R 92 25.94 74.91 -51.11
N PRO R 93 25.88 74.37 -49.84
CA PRO R 93 25.35 73.01 -49.71
C PRO R 93 23.84 72.93 -49.87
N PHE R 94 23.11 73.86 -49.26
CA PHE R 94 21.65 73.72 -49.17
C PHE R 94 20.97 74.10 -50.49
N GLY R 95 21.28 75.29 -51.00
CA GLY R 95 20.62 75.76 -52.21
C GLY R 95 21.06 75.09 -53.48
N ILE R 96 22.32 74.66 -53.56
CA ILE R 96 22.81 74.02 -54.78
C ILE R 96 22.45 72.55 -54.81
N PHE R 97 22.20 71.93 -53.65
CA PHE R 97 21.60 70.60 -53.68
C PHE R 97 20.14 70.64 -54.12
N PHE R 98 19.42 71.71 -53.76
CA PHE R 98 18.03 71.81 -54.14
C PHE R 98 17.87 71.84 -55.65
N TYR R 99 18.80 72.48 -56.35
CA TYR R 99 18.75 72.53 -57.81
C TYR R 99 18.92 71.15 -58.42
N VAL R 100 19.93 70.39 -57.99
CA VAL R 100 20.18 69.09 -58.61
C VAL R 100 19.10 68.08 -58.22
N ALA R 101 18.58 68.18 -56.98
CA ALA R 101 17.48 67.32 -56.56
C ALA R 101 16.21 67.61 -57.35
N GLY R 102 15.91 68.89 -57.56
CA GLY R 102 14.76 69.24 -58.39
C GLY R 102 14.98 68.90 -59.85
N PHE R 103 16.24 68.96 -60.31
CA PHE R 103 16.57 68.47 -61.65
C PHE R 103 16.23 67.01 -61.81
N ILE R 104 16.64 66.18 -60.86
CA ILE R 104 16.35 64.75 -60.93
C ILE R 104 14.84 64.52 -60.83
N GLY R 105 14.15 65.23 -59.93
CA GLY R 105 12.73 65.05 -59.79
C GLY R 105 11.90 65.57 -60.96
N TRP R 106 12.42 66.56 -61.69
CA TRP R 106 11.68 67.10 -62.83
C TRP R 106 12.03 66.37 -64.11
N SER R 107 13.25 65.82 -64.21
CA SER R 107 13.55 64.91 -65.30
C SER R 107 12.77 63.61 -65.15
N GLY R 108 12.59 63.14 -63.92
CA GLY R 108 11.74 61.98 -63.69
C GLY R 108 10.27 62.27 -63.90
N ARG R 109 9.88 63.55 -63.88
CA ARG R 109 8.50 63.91 -64.14
C ARG R 109 8.24 64.09 -65.63
N ALA R 110 9.04 64.94 -66.29
CA ALA R 110 8.81 65.28 -67.69
C ALA R 110 9.05 64.11 -68.63
N TYR R 111 9.88 63.16 -68.22
CA TYR R 111 10.02 61.91 -68.95
C TYR R 111 8.79 61.03 -68.81
N LEU R 112 8.07 61.15 -67.70
CA LEU R 112 7.08 60.16 -67.33
C LEU R 112 5.65 60.64 -67.57
N ILE R 113 5.47 61.95 -67.78
CA ILE R 113 4.17 62.44 -68.25
C ILE R 113 3.98 62.14 -69.74
N SER R 114 5.04 62.18 -70.53
CA SER R 114 4.99 61.87 -71.96
C SER R 114 5.15 60.37 -72.20
N SER R 115 4.32 59.56 -71.56
CA SER R 115 4.35 58.12 -71.70
C SER R 115 2.98 57.52 -71.37
N PRO R 121 2.30 51.91 -72.58
CA PRO R 121 3.19 52.91 -71.96
C PRO R 121 4.10 52.31 -70.90
N GLU R 122 4.02 50.99 -70.72
CA GLU R 122 4.78 50.29 -69.71
C GLU R 122 6.12 49.76 -70.23
N GLU R 123 6.59 50.27 -71.37
CA GLU R 123 7.89 49.89 -71.90
C GLU R 123 8.93 51.00 -71.82
N THR R 124 8.51 52.24 -71.53
CA THR R 124 9.46 53.34 -71.41
C THR R 124 10.15 53.37 -70.06
N GLU R 125 9.60 52.68 -69.06
CA GLU R 125 10.25 52.56 -67.76
C GLU R 125 11.27 51.43 -67.75
N ILE R 126 10.99 50.35 -68.48
CA ILE R 126 11.97 49.29 -68.68
C ILE R 126 13.13 49.77 -69.51
N PHE R 127 12.83 50.25 -70.73
CA PHE R 127 13.80 50.59 -71.74
C PHE R 127 13.77 52.11 -71.84
N ILE R 128 14.69 52.77 -71.13
CA ILE R 128 14.70 54.22 -71.06
C ILE R 128 14.93 54.80 -72.44
N ASP R 129 13.91 55.47 -72.97
CA ASP R 129 13.96 56.09 -74.29
C ASP R 129 14.91 57.28 -74.19
N VAL R 130 16.11 57.12 -74.77
CA VAL R 130 17.17 58.11 -74.61
C VAL R 130 16.81 59.44 -75.27
N ALA R 131 16.00 59.43 -76.33
CA ALA R 131 15.60 60.68 -76.97
C ALA R 131 14.65 61.49 -76.09
N LEU R 132 13.62 60.83 -75.54
CA LEU R 132 12.72 61.52 -74.63
C LEU R 132 13.40 61.83 -73.30
N ALA R 133 14.39 61.02 -72.92
CA ALA R 133 15.20 61.34 -71.74
C ALA R 133 16.00 62.62 -71.94
N ILE R 134 16.62 62.79 -73.11
CA ILE R 134 17.33 64.03 -73.42
C ILE R 134 16.36 65.20 -73.51
N LYS R 135 15.15 64.96 -74.04
CA LYS R 135 14.13 66.00 -74.11
C LYS R 135 13.68 66.45 -72.72
N SER R 136 13.62 65.53 -71.75
CA SER R 136 13.24 65.86 -70.39
C SER R 136 14.43 66.31 -69.54
N PHE R 137 15.65 66.12 -70.02
CA PHE R 137 16.84 66.69 -69.41
C PHE R 137 17.07 68.13 -69.82
N VAL R 138 16.87 68.44 -71.11
CA VAL R 138 17.02 69.79 -71.60
C VAL R 138 15.99 70.72 -70.95
N GLN R 139 14.75 70.24 -70.83
CA GLN R 139 13.75 70.97 -70.08
C GLN R 139 14.00 70.86 -68.58
N GLY R 140 14.65 69.78 -68.14
CA GLY R 140 14.95 69.62 -66.73
C GLY R 140 16.02 70.54 -66.20
N LEU R 141 16.86 71.09 -67.09
CA LEU R 141 17.89 72.05 -66.67
C LEU R 141 17.28 73.27 -66.01
N LEU R 142 16.33 73.91 -66.72
CA LEU R 142 15.64 75.12 -66.18
C LEU R 142 14.29 74.70 -65.59
N TRP R 143 14.31 73.69 -64.71
CA TRP R 143 13.08 73.16 -64.07
C TRP R 143 12.54 74.13 -63.02
N PRO R 144 13.40 74.99 -62.48
CA PRO R 144 12.98 75.95 -61.46
C PRO R 144 11.86 76.86 -61.99
N LEU R 145 12.01 77.34 -63.23
CA LEU R 145 10.99 78.21 -63.87
C LEU R 145 9.74 77.40 -64.21
N LEU R 146 9.93 76.24 -64.85
CA LEU R 146 8.81 75.38 -65.22
C LEU R 146 7.97 74.99 -64.01
N ALA R 147 8.61 74.83 -62.84
CA ALA R 147 7.86 74.43 -61.65
C ALA R 147 6.91 75.53 -61.17
N VAL R 148 7.32 76.80 -61.26
CA VAL R 148 6.41 77.88 -60.93
C VAL R 148 5.48 78.21 -62.09
N LYS R 149 5.76 77.68 -63.29
CA LYS R 149 4.81 77.75 -64.40
C LYS R 149 3.86 76.55 -64.44
N GLU R 150 3.70 75.84 -63.32
CA GLU R 150 2.74 74.74 -63.26
C GLU R 150 1.77 74.93 -62.10
N LEU R 151 2.26 75.50 -60.99
CA LEU R 151 1.40 75.68 -59.82
C LEU R 151 0.32 76.72 -60.08
N THR R 152 0.66 77.83 -60.73
CA THR R 152 -0.31 78.87 -61.01
C THR R 152 -1.29 78.44 -62.10
N THR R 153 -0.81 77.66 -63.07
CA THR R 153 -1.67 77.16 -64.13
C THR R 153 -2.57 76.02 -63.66
N GLY R 154 -2.27 75.41 -62.53
CA GLY R 154 -3.07 74.31 -62.02
C GLY R 154 -2.84 73.00 -62.73
N GLU R 155 -1.65 72.79 -63.28
CA GLU R 155 -1.34 71.52 -63.94
C GLU R 155 -0.19 70.79 -63.24
N LEU R 156 0.14 71.20 -62.02
CA LEU R 156 1.08 70.46 -61.18
C LEU R 156 0.37 69.59 -60.16
N THR R 157 -0.86 69.94 -59.79
CA THR R 157 -1.65 69.17 -58.85
C THR R 157 -2.90 68.63 -59.54
N ALA R 158 -3.32 67.45 -59.12
CA ALA R 158 -4.47 66.74 -59.66
C ALA R 158 -5.70 67.00 -58.80
N PRO R 159 -6.89 66.92 -59.37
CA PRO R 159 -8.11 67.10 -58.58
C PRO R 159 -8.33 65.96 -57.59
N VAL R 160 -9.13 66.25 -56.56
CA VAL R 160 -9.40 65.27 -55.52
C VAL R 160 -10.26 64.12 -56.06
N SER R 161 -11.07 64.39 -57.08
CA SER R 161 -11.95 63.39 -57.67
C SER R 161 -11.31 62.72 -58.88
N GLU R 162 -10.09 63.09 -59.23
CA GLU R 162 -9.36 62.48 -60.34
C GLU R 162 -8.17 61.67 -59.86
N VAL R 163 -8.15 61.32 -58.57
CA VAL R 163 -7.09 60.52 -57.97
C VAL R 163 -7.76 59.43 -57.14
N SER R 164 -7.38 58.18 -57.35
CA SER R 164 -7.98 57.07 -56.62
C SER R 164 -7.69 57.14 -55.13
N VAL R 165 -8.69 56.77 -54.34
CA VAL R 165 -8.57 56.72 -52.88
C VAL R 165 -9.01 55.35 -52.39
N SER R 166 -9.04 55.19 -51.08
CA SER R 166 -9.41 53.93 -50.44
C SER R 166 -10.65 54.18 -49.57
N PRO R 167 -11.38 53.12 -49.15
CA PRO R 167 -12.48 53.27 -48.20
C PRO R 167 -12.08 53.90 -46.87
N ASP S 3 31.39 32.56 7.83
CA ASP S 3 30.47 33.69 7.86
C ASP S 3 29.03 33.28 7.50
N ALA S 4 28.71 33.14 6.21
CA ALA S 4 27.39 32.68 5.79
C ALA S 4 27.55 31.30 5.17
N THR S 5 27.44 30.27 6.00
CA THR S 5 27.42 28.90 5.53
C THR S 5 26.05 28.43 5.10
N GLN S 6 25.01 29.19 5.44
CA GLN S 6 23.64 28.80 5.10
C GLN S 6 22.79 30.07 5.09
N LEU S 7 21.53 29.90 4.69
CA LEU S 7 20.60 31.02 4.62
C LEU S 7 20.24 31.44 6.03
N GLU S 8 20.20 32.74 6.27
CA GLU S 8 19.85 33.24 7.58
C GLU S 8 18.81 34.33 7.43
N GLY S 9 18.22 34.69 8.55
CA GLY S 9 17.40 35.88 8.61
C GLY S 9 17.75 36.71 9.83
N ALA S 10 18.24 37.92 9.61
CA ALA S 10 18.51 38.86 10.70
C ALA S 10 17.31 39.77 10.93
N TYR S 11 16.12 39.22 10.75
CA TYR S 11 14.88 39.96 10.82
C TYR S 11 13.86 39.14 11.60
N ALA S 12 12.74 39.80 11.94
CA ALA S 12 11.73 39.19 12.77
C ALA S 12 11.02 38.07 12.05
N ALA S 13 10.75 36.99 12.78
CA ALA S 13 10.10 35.77 12.28
C ALA S 13 10.82 35.26 11.03
N ALA S 14 12.10 35.02 11.20
CA ALA S 14 12.99 34.62 10.12
C ALA S 14 12.84 33.15 9.77
N TRP S 15 12.02 32.41 10.50
CA TRP S 15 11.61 31.07 10.14
C TRP S 15 10.51 31.07 9.08
N LEU S 16 9.96 32.25 8.75
CA LEU S 16 8.86 32.31 7.81
C LEU S 16 9.29 32.14 6.35
N PRO S 17 10.41 32.73 5.88
CA PRO S 17 10.89 32.34 4.54
C PRO S 17 11.13 30.85 4.38
N TRP S 18 11.64 30.20 5.44
CA TRP S 18 11.99 28.78 5.42
C TRP S 18 10.84 27.90 4.99
N ILE S 19 9.62 28.29 5.36
CA ILE S 19 8.43 27.52 5.00
C ILE S 19 7.60 28.16 3.89
N MET S 20 7.67 29.49 3.77
CA MET S 20 6.88 30.26 2.77
C MET S 20 7.42 30.05 1.36
N ILE S 21 8.74 29.94 1.19
CA ILE S 21 9.28 29.75 -0.15
C ILE S 21 8.93 28.36 -0.67
N PRO S 22 9.06 27.26 0.10
CA PRO S 22 8.50 25.99 -0.37
C PRO S 22 7.02 26.02 -0.71
N MET S 23 6.19 26.65 0.12
CA MET S 23 4.75 26.64 -0.14
C MET S 23 4.40 27.41 -1.40
N ILE S 24 4.89 28.63 -1.53
CA ILE S 24 4.57 29.46 -2.68
C ILE S 24 5.17 28.90 -3.96
N THR S 25 6.32 28.22 -3.88
CA THR S 25 7.06 27.94 -5.09
C THR S 25 7.11 26.47 -5.53
N TYR S 26 7.08 25.50 -4.62
CA TYR S 26 7.05 24.13 -5.12
C TYR S 26 6.16 23.17 -4.34
N ILE S 27 5.23 23.64 -3.52
CA ILE S 27 4.33 22.72 -2.84
C ILE S 27 2.90 23.01 -3.25
N LEU S 28 2.47 24.25 -3.08
CA LEU S 28 1.15 24.66 -3.50
C LEU S 28 0.97 24.86 -5.01
N PRO S 29 2.01 25.25 -5.83
CA PRO S 29 1.79 25.38 -7.28
C PRO S 29 1.24 24.17 -8.03
N PHE S 30 1.63 22.94 -7.73
CA PHE S 30 1.11 21.85 -8.55
C PHE S 30 -0.34 21.53 -8.18
N PRO S 31 -0.76 21.61 -6.91
CA PRO S 31 -2.21 21.69 -6.63
C PRO S 31 -2.94 22.82 -7.34
N ILE S 32 -2.36 24.01 -7.45
CA ILE S 32 -3.03 25.10 -8.15
C ILE S 32 -3.13 24.81 -9.63
N PHE S 33 -2.09 24.22 -10.20
CA PHE S 33 -2.10 23.84 -11.61
C PHE S 33 -3.13 22.76 -11.87
N ALA S 34 -3.25 21.80 -10.95
CA ALA S 34 -4.27 20.76 -11.07
C ALA S 34 -5.68 21.34 -10.96
N ILE S 35 -5.89 22.28 -10.04
CA ILE S 35 -7.20 22.93 -9.89
C ILE S 35 -7.55 23.72 -11.14
N ALA S 36 -6.61 24.49 -11.68
CA ALA S 36 -6.85 25.24 -12.91
C ALA S 36 -7.03 24.34 -14.13
N PHE S 37 -6.30 23.23 -14.21
CA PHE S 37 -6.49 22.27 -15.29
C PHE S 37 -7.86 21.62 -15.23
N LEU S 38 -8.31 21.23 -14.03
CA LEU S 38 -9.65 20.68 -13.89
C LEU S 38 -10.72 21.71 -14.16
N TRP S 39 -10.44 22.98 -13.93
CA TRP S 39 -11.39 24.03 -14.22
C TRP S 39 -11.50 24.29 -15.71
N ILE S 40 -10.39 24.24 -16.45
CA ILE S 40 -10.45 24.52 -17.87
C ILE S 40 -10.83 23.30 -18.70
N GLU S 41 -10.81 22.10 -18.13
CA GLU S 41 -11.15 20.90 -18.87
C GLU S 41 -12.48 20.30 -18.47
N ARG S 42 -13.19 20.90 -17.52
CA ARG S 42 -14.52 20.42 -17.16
C ARG S 42 -15.52 20.69 -18.27
N GLU S 43 -16.44 19.74 -18.44
CA GLU S 43 -17.39 19.69 -19.55
C GLU S 43 -18.75 20.22 -19.14
N GLY S 44 -19.48 20.74 -20.12
CA GLY S 44 -20.84 21.17 -19.89
C GLY S 44 -21.84 20.03 -19.99
N MET T 1 22.64 44.21 -84.58
CA MET T 1 22.86 45.15 -83.49
C MET T 1 21.70 46.12 -83.37
N LYS T 2 20.55 45.75 -83.94
CA LYS T 2 19.36 46.59 -83.86
C LYS T 2 18.83 46.65 -82.43
N TYR T 3 18.69 45.49 -81.79
CA TYR T 3 18.24 45.46 -80.40
C TYR T 3 19.38 45.44 -79.40
N PHE T 4 20.63 45.41 -79.86
CA PHE T 4 21.75 45.57 -78.94
C PHE T 4 21.77 46.97 -78.34
N ALA T 5 21.40 47.98 -79.12
CA ALA T 5 21.23 49.32 -78.58
C ALA T 5 20.07 49.37 -77.60
N LYS T 6 18.98 48.66 -77.91
CA LYS T 6 17.80 48.66 -77.05
C LYS T 6 18.07 47.97 -75.72
N TYR T 7 18.86 46.88 -75.73
CA TYR T 7 19.26 46.23 -74.49
C TYR T 7 20.18 47.11 -73.67
N LEU T 8 20.99 47.96 -74.31
CA LEU T 8 21.81 48.92 -73.59
C LEU T 8 21.01 50.10 -73.06
N THR T 9 19.73 50.22 -73.44
CA THR T 9 18.84 51.21 -72.87
C THR T 9 17.92 50.61 -71.81
N SER T 10 18.17 49.38 -71.39
CA SER T 10 17.34 48.73 -70.40
C SER T 10 17.56 49.36 -69.02
N ALA T 11 16.64 49.05 -68.11
CA ALA T 11 16.75 49.54 -66.74
C ALA T 11 18.04 49.16 -66.02
N PRO T 12 18.55 47.91 -66.06
CA PRO T 12 19.83 47.66 -65.37
C PRO T 12 21.02 48.36 -66.01
N ILE T 13 21.05 48.47 -67.34
CA ILE T 13 22.20 49.10 -67.99
C ILE T 13 22.20 50.60 -67.74
N MET T 14 21.05 51.27 -67.87
CA MET T 14 20.94 52.67 -67.47
C MET T 14 21.26 52.86 -65.99
N ALA T 15 20.85 51.93 -65.14
CA ALA T 15 21.17 52.00 -63.72
C ALA T 15 22.67 51.96 -63.46
N THR T 16 23.37 50.97 -64.03
CA THR T 16 24.79 50.83 -63.76
C THR T 16 25.57 52.00 -64.34
N VAL T 17 25.22 52.45 -65.56
CA VAL T 17 25.94 53.59 -66.14
C VAL T 17 25.65 54.88 -65.37
N ALA T 18 24.42 55.04 -64.87
CA ALA T 18 24.08 56.24 -64.10
C ALA T 18 24.83 56.28 -62.78
N LEU T 19 24.89 55.16 -62.07
CA LEU T 19 25.65 55.09 -60.82
C LEU T 19 27.13 55.34 -61.06
N VAL T 20 27.73 54.75 -62.10
CA VAL T 20 29.17 54.96 -62.30
C VAL T 20 29.44 56.36 -62.86
N SER T 21 28.48 56.96 -63.56
CA SER T 21 28.69 58.28 -64.15
C SER T 21 28.52 59.39 -63.12
N LEU T 22 27.57 59.23 -62.19
CA LEU T 22 27.45 60.19 -61.12
C LEU T 22 28.47 59.93 -60.02
N SER T 23 28.93 58.67 -59.90
CA SER T 23 29.87 58.27 -58.87
C SER T 23 31.32 58.36 -59.32
N VAL T 24 31.61 58.96 -60.48
CA VAL T 24 32.98 59.08 -60.97
C VAL T 24 33.58 60.36 -60.36
N VAL T 25 32.90 60.92 -59.36
CA VAL T 25 33.34 62.13 -58.66
C VAL T 25 34.53 61.82 -57.74
N LEU T 26 35.00 60.57 -57.76
CA LEU T 26 36.39 60.24 -57.46
C LEU T 26 37.37 61.30 -57.94
N ILE T 27 37.29 61.65 -59.23
CA ILE T 27 38.23 62.62 -59.79
C ILE T 27 37.88 64.02 -59.31
N GLU T 28 36.61 64.28 -58.97
CA GLU T 28 36.26 65.56 -58.38
C GLU T 28 36.65 65.65 -56.91
N LEU T 29 36.77 64.52 -56.21
CA LEU T 29 37.09 64.51 -54.80
C LEU T 29 38.55 64.09 -54.55
N ASN T 30 39.38 64.32 -55.57
CA ASN T 30 40.84 63.98 -55.51
C ASN T 30 41.60 65.07 -56.27
N HIS T 31 40.97 65.64 -57.29
CA HIS T 31 41.56 66.74 -58.11
C HIS T 31 41.89 67.92 -57.19
N PHE T 32 40.91 68.38 -56.42
CA PHE T 32 41.14 69.54 -55.51
C PHE T 32 40.53 69.30 -54.12
N PHE T 33 41.42 69.17 -53.12
CA PHE T 33 41.05 69.03 -51.71
C PHE T 33 40.17 67.81 -51.41
N PRO T 34 40.73 66.60 -51.30
CA PRO T 34 39.93 65.42 -50.96
C PRO T 34 39.13 65.52 -49.66
N GLY T 35 39.37 66.52 -48.82
CA GLY T 35 38.51 66.83 -47.70
C GLY T 35 37.90 68.20 -47.82
N LEU T 36 36.58 68.27 -48.02
CA LEU T 36 35.88 69.53 -48.25
C LEU T 36 34.75 69.68 -47.24
N GLN T 37 34.96 70.52 -46.23
CA GLN T 37 33.97 70.70 -45.19
C GLN T 37 32.87 71.67 -45.68
N TYR T 38 31.79 71.81 -44.89
CA TYR T 38 30.69 72.70 -45.28
C TYR T 38 31.12 74.15 -45.47
N GLY T 39 31.98 74.67 -44.61
CA GLY T 39 32.29 76.08 -44.68
C GLY T 39 33.53 76.39 -45.50
N THR T 40 34.07 75.38 -46.19
CA THR T 40 35.33 75.52 -46.90
C THR T 40 35.17 75.51 -48.41
N TYR T 41 33.93 75.46 -48.91
CA TYR T 41 33.70 75.69 -50.34
C TYR T 41 32.42 76.48 -50.56
N VAL U 10 62.73 -0.51 -42.27
CA VAL U 10 61.87 0.66 -42.46
C VAL U 10 61.00 0.51 -43.70
N VAL U 11 61.64 0.22 -44.83
CA VAL U 11 60.89 0.01 -46.11
C VAL U 11 60.68 -1.51 -46.28
N PRO U 12 59.59 -1.92 -46.93
CA PRO U 12 59.25 -3.35 -47.10
C PRO U 12 60.10 -4.18 -48.07
N ASN U 13 61.42 -4.24 -47.83
CA ASN U 13 62.35 -5.02 -48.68
C ASN U 13 62.15 -4.64 -50.15
N THR U 14 61.38 -5.48 -50.88
CA THR U 14 61.08 -5.40 -52.34
C THR U 14 62.33 -5.78 -53.15
N VAL U 15 62.28 -6.92 -53.83
CA VAL U 15 63.42 -7.41 -54.67
C VAL U 15 63.40 -6.74 -56.06
N THR U 16 64.40 -7.00 -56.89
CA THR U 16 64.46 -6.39 -58.23
C THR U 16 63.57 -7.20 -59.20
N TRP U 17 64.19 -8.04 -60.04
CA TRP U 17 63.41 -8.88 -60.98
C TRP U 17 64.25 -10.07 -61.41
N GLY U 18 63.75 -11.29 -61.16
CA GLY U 18 64.48 -12.47 -61.52
C GLY U 18 63.46 -13.53 -61.87
N PRO U 19 63.92 -14.62 -62.47
CA PRO U 19 63.03 -15.71 -62.90
C PRO U 19 61.97 -16.05 -61.84
N ASN U 20 62.29 -15.83 -60.56
CA ASN U 20 61.36 -16.14 -59.45
C ASN U 20 60.22 -15.11 -59.44
N VAL U 21 60.50 -13.90 -59.92
CA VAL U 21 59.48 -12.79 -59.95
C VAL U 21 58.57 -12.99 -61.16
N ALA U 22 59.14 -13.43 -62.29
CA ALA U 22 58.37 -13.65 -63.53
C ALA U 22 57.43 -14.85 -63.34
N ILE U 23 57.85 -15.83 -62.53
CA ILE U 23 57.01 -17.03 -62.26
C ILE U 23 55.78 -16.56 -61.47
N VAL U 24 56.00 -15.89 -60.33
CA VAL U 24 54.88 -15.37 -59.55
C VAL U 24 53.97 -14.43 -60.35
N MET U 25 54.52 -13.61 -61.24
CA MET U 25 53.70 -12.73 -62.07
C MET U 25 52.94 -13.49 -63.16
N ILE U 26 53.35 -14.71 -63.45
CA ILE U 26 52.69 -15.48 -64.50
C ILE U 26 51.66 -16.42 -63.87
N ILE U 27 52.02 -16.99 -62.72
CA ILE U 27 51.11 -17.91 -61.97
C ILE U 27 49.91 -17.10 -61.47
N CYS U 28 50.11 -15.79 -61.24
CA CYS U 28 49.02 -14.90 -60.76
C CYS U 28 48.19 -14.40 -61.94
N ASN U 29 48.79 -14.40 -63.14
CA ASN U 29 48.06 -13.98 -64.37
C ASN U 29 47.22 -15.16 -64.83
N LEU U 30 47.66 -16.38 -64.55
CA LEU U 30 46.88 -17.56 -64.92
C LEU U 30 45.74 -17.83 -63.95
N ILE U 31 45.93 -17.55 -62.65
CA ILE U 31 44.81 -17.58 -61.70
C ILE U 31 43.75 -16.57 -62.11
N ALA U 32 44.17 -15.41 -62.59
CA ALA U 32 43.24 -14.40 -63.11
C ALA U 32 42.47 -14.93 -64.30
N PHE U 33 43.12 -15.67 -65.20
CA PHE U 33 42.43 -16.27 -66.33
C PHE U 33 41.46 -17.35 -65.90
N ALA U 34 41.86 -18.14 -64.90
CA ALA U 34 40.99 -19.21 -64.39
C ALA U 34 39.73 -18.65 -63.76
N ILE U 35 39.86 -17.56 -62.99
CA ILE U 35 38.68 -16.97 -62.35
C ILE U 35 37.93 -16.00 -63.26
N GLY U 36 38.58 -15.47 -64.30
CA GLY U 36 37.95 -14.54 -65.21
C GLY U 36 37.17 -15.17 -66.32
N LYS U 37 37.26 -16.50 -66.46
CA LYS U 37 36.35 -17.22 -67.34
C LYS U 37 34.93 -17.20 -66.80
N GLN U 38 34.76 -17.09 -65.48
CA GLN U 38 33.46 -16.91 -64.85
C GLN U 38 33.17 -15.43 -64.61
N VAL U 39 32.97 -14.71 -65.71
CA VAL U 39 32.39 -13.37 -65.72
C VAL U 39 31.19 -13.44 -66.65
N ILE U 40 30.43 -12.34 -66.74
CA ILE U 40 29.31 -12.28 -67.67
C ILE U 40 29.56 -11.26 -68.77
N GLN U 41 28.83 -11.43 -69.89
CA GLN U 41 28.98 -10.56 -71.07
C GLN U 41 30.40 -10.70 -71.60
N ILE U 42 30.93 -11.93 -71.58
CA ILE U 42 32.30 -12.25 -72.11
C ILE U 42 32.29 -12.20 -73.65
N PRO U 43 33.48 -12.20 -74.26
CA PRO U 43 33.66 -12.12 -75.72
C PRO U 43 32.74 -11.02 -76.26
N ASP U 44 32.96 -9.79 -75.81
CA ASP U 44 32.13 -8.62 -76.18
C ASP U 44 32.66 -7.93 -77.45
N ALA U 45 32.84 -8.70 -78.52
CA ALA U 45 33.30 -8.21 -79.84
C ALA U 45 34.44 -7.20 -79.69
N GLY U 46 34.23 -5.98 -80.18
CA GLY U 46 35.26 -4.93 -80.13
C GLY U 46 36.40 -5.28 -81.07
N PRO U 47 37.35 -6.07 -80.57
CA PRO U 47 38.48 -6.54 -81.36
C PRO U 47 38.67 -8.03 -81.04
N ALA U 48 38.84 -8.87 -82.06
CA ALA U 48 39.03 -10.33 -81.87
C ALA U 48 37.92 -10.88 -80.97
N PRO U 49 36.67 -10.82 -81.45
CA PRO U 49 35.49 -11.28 -80.69
C PRO U 49 35.51 -12.76 -80.28
N GLY U 50 36.30 -13.10 -79.24
CA GLY U 50 36.34 -14.48 -78.72
C GLY U 50 37.51 -15.29 -79.25
N THR U 51 38.56 -14.64 -79.74
CA THR U 51 39.74 -15.37 -80.29
C THR U 51 40.86 -15.42 -79.24
N PHE U 52 40.52 -15.64 -77.97
CA PHE U 52 41.53 -15.71 -76.88
C PHE U 52 41.10 -16.79 -75.88
N LEU U 53 40.75 -17.97 -76.41
CA LEU U 53 40.29 -19.11 -75.62
C LEU U 53 39.08 -18.70 -74.76
N GLY U 54 37.98 -18.42 -75.46
CA GLY U 54 36.75 -17.99 -74.82
C GLY U 54 36.58 -16.49 -74.75
N LEU U 55 37.60 -15.80 -74.22
CA LEU U 55 37.54 -14.37 -74.02
C LEU U 55 37.83 -13.63 -75.31
N GLY U 56 37.28 -12.44 -75.44
CA GLY U 56 37.59 -11.53 -76.53
C GLY U 56 38.83 -10.73 -76.22
N LEU U 57 39.00 -9.58 -76.90
CA LEU U 57 40.11 -8.70 -76.53
C LEU U 57 39.77 -7.83 -75.32
N PRO U 58 38.57 -7.23 -75.19
CA PRO U 58 38.22 -6.59 -73.90
C PRO U 58 38.37 -7.49 -72.69
N ALA U 59 37.87 -8.72 -72.77
CA ALA U 59 37.95 -9.62 -71.63
C ALA U 59 39.38 -10.07 -71.36
N LEU U 60 40.19 -10.30 -72.41
CA LEU U 60 41.59 -10.60 -72.21
C LEU U 60 42.34 -9.45 -71.55
N LEU U 61 42.11 -8.22 -72.00
CA LEU U 61 42.75 -7.07 -71.38
C LEU U 61 42.30 -6.85 -69.95
N GLY U 62 41.02 -7.06 -69.64
CA GLY U 62 40.57 -6.95 -68.27
C GLY U 62 41.11 -8.03 -67.36
N VAL U 63 41.15 -9.26 -67.85
CA VAL U 63 41.74 -10.37 -67.10
C VAL U 63 43.23 -10.17 -66.85
N THR U 64 43.98 -9.72 -67.85
CA THR U 64 45.40 -9.47 -67.65
C THR U 64 45.66 -8.23 -66.82
N SER U 65 44.78 -7.23 -66.85
CA SER U 65 44.94 -6.07 -65.97
C SER U 65 44.70 -6.45 -64.51
N LEU U 66 43.66 -7.23 -64.24
CA LEU U 66 43.48 -7.75 -62.89
C LEU U 66 44.61 -8.70 -62.50
N GLY U 67 45.15 -9.44 -63.46
CA GLY U 67 46.28 -10.31 -63.17
C GLY U 67 47.54 -9.55 -62.83
N HIS U 68 47.77 -8.43 -63.52
CA HIS U 68 48.94 -7.57 -63.20
C HIS U 68 48.73 -6.98 -61.81
N ALA U 69 47.52 -6.49 -61.53
CA ALA U 69 47.25 -5.93 -60.20
C ALA U 69 47.52 -6.96 -59.11
N ILE U 70 46.98 -8.17 -59.27
CA ILE U 70 47.20 -9.26 -58.32
C ILE U 70 48.68 -9.63 -58.26
N GLY U 71 49.37 -9.58 -59.40
CA GLY U 71 50.79 -9.89 -59.42
C GLY U 71 51.64 -8.89 -58.68
N VAL U 72 51.38 -7.60 -58.89
CA VAL U 72 52.13 -6.58 -58.15
C VAL U 72 51.88 -6.72 -56.65
N GLY U 73 50.62 -6.92 -56.25
CA GLY U 73 50.32 -7.10 -54.84
C GLY U 73 50.99 -8.32 -54.24
N ALA U 74 50.89 -9.47 -54.93
CA ALA U 74 51.46 -10.72 -54.44
C ALA U 74 52.98 -10.69 -54.43
N ILE U 75 53.58 -10.08 -55.45
CA ILE U 75 55.04 -10.04 -55.56
C ILE U 75 55.62 -9.14 -54.48
N LEU U 76 55.00 -7.96 -54.26
CA LEU U 76 55.48 -7.11 -53.18
C LEU U 76 55.23 -7.72 -51.81
N GLY U 77 54.14 -8.47 -51.64
CA GLY U 77 53.94 -9.15 -50.38
C GLY U 77 54.95 -10.25 -50.13
N LEU U 78 55.27 -11.04 -51.16
CA LEU U 78 56.24 -12.11 -51.01
C LEU U 78 57.66 -11.57 -50.89
N ALA U 79 57.92 -10.41 -51.49
CA ALA U 79 59.24 -9.78 -51.35
C ALA U 79 59.41 -9.15 -49.98
N ASN U 80 58.30 -8.65 -49.41
CA ASN U 80 58.34 -8.07 -48.07
C ASN U 80 58.74 -9.11 -47.03
N ILE U 81 58.18 -10.32 -47.14
CA ILE U 81 58.35 -11.34 -46.12
C ILE U 81 59.37 -12.41 -46.49
N GLY U 82 60.34 -12.14 -47.39
CA GLY U 82 61.54 -13.03 -47.46
C GLY U 82 61.45 -14.13 -48.50
N VAL U 83 60.22 -14.64 -48.69
CA VAL U 83 59.89 -15.71 -49.62
C VAL U 83 60.33 -15.38 -51.04
N LEU U 84 60.29 -14.10 -51.40
CA LEU U 84 60.73 -13.69 -52.73
C LEU U 84 61.76 -12.58 -52.64
N SER V 4 1.21 -1.69 -59.61
CA SER V 4 1.95 -2.81 -60.14
C SER V 4 2.64 -3.61 -59.04
N ASP V 5 3.47 -2.93 -58.25
CA ASP V 5 4.20 -3.54 -57.15
C ASP V 5 3.63 -3.21 -55.78
N ALA V 6 2.76 -2.20 -55.70
CA ALA V 6 2.16 -1.79 -54.43
C ALA V 6 1.32 -2.91 -53.85
N TYR V 7 1.79 -3.48 -52.75
CA TYR V 7 1.30 -4.72 -52.14
C TYR V 7 0.92 -5.76 -53.18
N ILE V 8 1.91 -6.17 -53.96
CA ILE V 8 1.82 -7.38 -54.77
C ILE V 8 2.93 -8.37 -54.43
N SER V 9 4.06 -7.89 -53.95
CA SER V 9 5.14 -8.72 -53.45
C SER V 9 5.04 -8.77 -51.93
N ASP V 10 5.49 -9.86 -51.32
CA ASP V 10 5.36 -10.05 -49.88
C ASP V 10 6.67 -9.67 -49.19
N ASP V 11 6.62 -8.58 -48.43
CA ASP V 11 7.77 -7.94 -47.82
C ASP V 11 7.77 -8.10 -46.30
N PRO V 12 8.89 -7.78 -45.60
CA PRO V 12 8.86 -7.87 -44.13
C PRO V 12 7.94 -6.86 -43.47
N ILE V 13 7.67 -5.75 -44.12
CA ILE V 13 6.86 -4.69 -43.56
C ILE V 13 5.47 -4.77 -44.14
N GLN V 14 4.50 -5.07 -43.28
CA GLN V 14 3.12 -5.31 -43.65
C GLN V 14 2.24 -4.15 -43.20
N PRO V 15 1.00 -4.03 -43.70
CA PRO V 15 0.07 -3.06 -43.11
C PRO V 15 -0.27 -3.43 -41.68
N TYR V 16 -0.57 -2.42 -40.87
CA TYR V 16 -0.94 -2.66 -39.50
C TYR V 16 -2.32 -3.31 -39.44
N GLN V 17 -2.38 -4.50 -38.84
CA GLN V 17 -3.59 -5.31 -38.71
C GLN V 17 -4.19 -5.67 -40.06
N GLY V 18 -3.34 -5.76 -41.08
CA GLY V 18 -3.79 -6.10 -42.42
C GLY V 18 -4.57 -5.00 -43.11
N ASN V 19 -4.59 -3.82 -42.53
CA ASN V 19 -5.34 -2.70 -43.06
C ASN V 19 -4.38 -1.65 -43.58
N PRO V 20 -4.20 -1.50 -44.89
CA PRO V 20 -3.25 -0.51 -45.41
C PRO V 20 -3.72 0.93 -45.31
N GLN V 21 -4.95 1.18 -44.91
CA GLN V 21 -5.40 2.55 -44.72
C GLN V 21 -5.33 3.00 -43.27
N LEU V 22 -4.75 2.20 -42.40
CA LEU V 22 -4.44 2.61 -41.04
C LEU V 22 -3.11 3.36 -41.01
N GLY V 23 -2.95 4.19 -39.99
CA GLY V 23 -1.78 5.05 -39.92
C GLY V 23 -0.63 4.43 -39.18
N ASN V 24 -0.28 3.20 -39.54
CA ASN V 24 0.81 2.48 -38.90
C ASN V 24 1.26 1.39 -39.84
N LEU V 25 2.42 0.83 -39.54
CA LEU V 25 2.99 -0.28 -40.29
C LEU V 25 3.37 -1.39 -39.32
N ALA V 26 3.38 -2.62 -39.82
CA ALA V 26 3.76 -3.79 -39.02
C ALA V 26 5.24 -4.06 -39.27
N THR V 27 6.08 -3.47 -38.45
CA THR V 27 7.52 -3.56 -38.53
C THR V 27 8.01 -4.55 -37.47
N PRO V 28 9.27 -5.00 -37.49
CA PRO V 28 9.74 -5.94 -36.45
C PRO V 28 9.75 -5.37 -35.04
N ILE V 29 9.66 -4.06 -34.87
CA ILE V 29 9.74 -3.49 -33.54
C ILE V 29 8.36 -3.44 -32.88
N ASN V 30 7.28 -3.32 -33.64
CA ASN V 30 5.95 -3.40 -33.05
C ASN V 30 5.22 -4.70 -33.37
N SER V 31 5.82 -5.61 -34.15
CA SER V 31 5.09 -6.79 -34.57
C SER V 31 5.88 -8.10 -34.53
N SER V 32 7.11 -8.12 -34.05
CA SER V 32 7.78 -9.40 -33.96
C SER V 32 7.31 -10.15 -32.71
N ASN V 33 7.61 -11.44 -32.68
CA ASN V 33 7.19 -12.25 -31.55
C ASN V 33 7.98 -11.90 -30.29
N LEU V 34 9.24 -11.50 -30.43
CA LEU V 34 10.02 -11.12 -29.27
C LEU V 34 9.57 -9.77 -28.71
N ALA V 35 9.35 -8.80 -29.59
CA ALA V 35 8.88 -7.48 -29.16
C ALA V 35 7.50 -7.56 -28.54
N LYS V 36 6.58 -8.32 -29.16
CA LYS V 36 5.26 -8.49 -28.58
C LYS V 36 5.30 -9.29 -27.29
N ALA V 37 6.13 -10.33 -27.21
CA ALA V 37 6.23 -11.13 -26.00
C ALA V 37 6.76 -10.30 -24.84
N PHE V 38 7.66 -9.36 -25.12
CA PHE V 38 8.15 -8.48 -24.06
C PHE V 38 7.08 -7.44 -23.68
N ILE V 39 6.52 -6.74 -24.66
CA ILE V 39 5.67 -5.60 -24.36
C ILE V 39 4.32 -6.04 -23.82
N ASN V 40 3.72 -7.08 -24.40
CA ASN V 40 2.39 -7.51 -24.02
C ASN V 40 2.37 -8.14 -22.64
N ASN V 41 3.52 -8.48 -22.10
CA ASN V 41 3.64 -9.07 -20.78
C ASN V 41 4.19 -8.09 -19.77
N LEU V 42 4.45 -6.86 -20.19
CA LEU V 42 4.72 -5.78 -19.25
C LEU V 42 3.45 -5.49 -18.48
N PRO V 43 3.56 -4.98 -17.24
CA PRO V 43 2.35 -4.84 -16.39
C PRO V 43 1.29 -3.96 -16.98
N ALA V 44 1.65 -3.00 -17.82
CA ALA V 44 0.65 -2.17 -18.50
C ALA V 44 -0.23 -3.00 -19.42
N TYR V 45 0.29 -4.09 -19.98
CA TYR V 45 -0.39 -4.85 -21.00
C TYR V 45 -0.62 -6.31 -20.67
N ARG V 46 -0.13 -6.80 -19.54
CA ARG V 46 -0.27 -8.22 -19.20
C ARG V 46 -1.74 -8.59 -19.08
N PRO V 47 -2.19 -9.66 -19.74
CA PRO V 47 -3.62 -9.97 -19.78
C PRO V 47 -4.17 -10.40 -18.43
N GLY V 48 -5.33 -9.86 -18.09
CA GLY V 48 -6.08 -10.33 -16.95
C GLY V 48 -5.88 -9.55 -15.68
N LEU V 49 -4.78 -8.82 -15.55
CA LEU V 49 -4.44 -8.14 -14.32
C LEU V 49 -5.42 -7.04 -13.99
N THR V 50 -5.68 -6.88 -12.70
CA THR V 50 -6.43 -5.75 -12.20
C THR V 50 -5.57 -4.50 -12.31
N PRO V 51 -6.18 -3.33 -12.46
CA PRO V 51 -5.39 -2.10 -12.61
C PRO V 51 -4.51 -1.78 -11.42
N PHE V 52 -4.93 -2.15 -10.21
CA PHE V 52 -4.11 -1.90 -9.03
C PHE V 52 -2.81 -2.68 -9.07
N LEU V 53 -2.84 -3.94 -9.50
CA LEU V 53 -1.64 -4.74 -9.55
C LEU V 53 -0.71 -4.32 -10.68
N ARG V 54 -1.28 -3.92 -11.82
CA ARG V 54 -0.50 -3.30 -12.88
C ARG V 54 0.24 -2.08 -12.37
N GLY V 55 -0.50 -1.18 -11.72
CA GLY V 55 0.11 0.02 -11.19
C GLY V 55 1.11 -0.26 -10.11
N LEU V 56 0.86 -1.28 -9.29
CA LEU V 56 1.74 -1.62 -8.19
C LEU V 56 3.10 -2.05 -8.71
N GLU V 57 3.12 -2.92 -9.72
CA GLU V 57 4.39 -3.36 -10.29
C GLU V 57 5.10 -2.28 -11.07
N ILE V 58 4.35 -1.45 -11.82
CA ILE V 58 4.94 -0.30 -12.50
C ILE V 58 5.59 0.64 -11.50
N GLY V 59 4.89 0.93 -10.40
CA GLY V 59 5.44 1.81 -9.39
C GLY V 59 6.65 1.26 -8.69
N MET V 60 6.62 -0.02 -8.30
CA MET V 60 7.79 -0.63 -7.66
C MET V 60 9.03 -0.48 -8.52
N ALA V 61 8.91 -0.86 -9.80
CA ALA V 61 10.03 -0.73 -10.72
C ALA V 61 10.46 0.72 -10.90
N HIS V 62 9.54 1.67 -10.80
CA HIS V 62 9.86 3.05 -11.12
C HIS V 62 10.45 3.81 -9.96
N GLY V 63 9.81 3.71 -8.80
CA GLY V 63 10.34 4.31 -7.60
C GLY V 63 11.68 3.75 -7.23
N TYR V 64 11.96 2.50 -7.62
CA TYR V 64 13.27 1.95 -7.32
C TYR V 64 14.38 2.69 -8.06
N PHE V 65 14.26 2.88 -9.37
CA PHE V 65 15.41 3.45 -10.06
C PHE V 65 15.47 4.97 -9.94
N LEU V 66 14.39 5.62 -9.53
CA LEU V 66 14.34 7.06 -9.49
C LEU V 66 15.12 7.64 -8.32
N VAL V 67 15.53 6.80 -7.38
CA VAL V 67 16.34 7.24 -6.25
C VAL V 67 17.76 7.58 -6.68
N GLY V 68 18.35 6.78 -7.58
CA GLY V 68 19.73 6.87 -7.95
C GLY V 68 20.31 8.15 -8.56
N PRO V 69 19.63 8.79 -9.53
CA PRO V 69 20.20 10.00 -10.15
C PRO V 69 20.57 11.11 -9.19
N GLU V 70 19.78 11.36 -8.15
CA GLU V 70 20.12 12.37 -7.16
C GLU V 70 21.10 11.87 -6.11
N VAL V 71 21.18 10.55 -5.91
CA VAL V 71 22.17 9.99 -5.01
C VAL V 71 23.56 10.21 -5.59
N VAL V 72 23.71 10.06 -6.90
CA VAL V 72 25.03 10.20 -7.51
C VAL V 72 25.30 11.65 -7.91
N PHE V 73 24.29 12.35 -8.42
CA PHE V 73 24.49 13.64 -9.06
C PHE V 73 23.92 14.82 -8.29
N GLY V 74 23.26 14.61 -7.17
CA GLY V 74 22.51 15.66 -6.54
C GLY V 74 23.38 16.64 -5.78
N PRO V 75 22.75 17.64 -5.17
CA PRO V 75 23.50 18.61 -4.36
C PRO V 75 24.06 18.03 -3.08
N LEU V 76 23.54 16.89 -2.63
CA LEU V 76 23.95 16.23 -1.40
C LEU V 76 24.96 15.13 -1.63
N LYS V 77 25.51 15.02 -2.84
CA LYS V 77 26.31 13.87 -3.25
C LYS V 77 27.64 13.76 -2.54
N GLU V 78 28.11 14.82 -1.88
CA GLU V 78 29.37 14.77 -1.16
C GLU V 78 29.30 13.90 0.08
N GLY V 79 28.10 13.60 0.57
CA GLY V 79 27.93 12.76 1.74
C GLY V 79 26.87 11.71 1.51
N SER V 80 27.12 10.49 2.00
CA SER V 80 26.29 9.34 1.69
C SER V 80 24.85 9.48 2.21
N HIS V 81 24.71 9.83 3.49
CA HIS V 81 23.40 9.87 4.12
C HIS V 81 22.48 10.90 3.49
N GLY V 82 22.98 12.12 3.31
CA GLY V 82 22.22 13.15 2.64
C GLY V 82 21.95 12.86 1.19
N ALA V 83 22.88 12.18 0.49
CA ALA V 83 22.63 11.83 -0.90
C ALA V 83 21.49 10.84 -1.03
N ASN V 84 21.46 9.82 -0.17
CA ASN V 84 20.36 8.87 -0.22
C ASN V 84 19.05 9.52 0.18
N LEU V 85 19.08 10.44 1.13
CA LEU V 85 17.84 11.14 1.46
C LEU V 85 17.36 12.06 0.35
N SER V 86 18.26 12.77 -0.34
CA SER V 86 17.86 13.60 -1.45
C SER V 86 17.29 12.79 -2.60
N GLY V 87 17.89 11.62 -2.88
CA GLY V 87 17.32 10.71 -3.87
C GLY V 87 15.97 10.17 -3.48
N LEU V 88 15.79 9.80 -2.21
CA LEU V 88 14.49 9.33 -1.74
C LEU V 88 13.41 10.40 -1.87
N ILE V 89 13.71 11.64 -1.49
CA ILE V 89 12.63 12.62 -1.53
C ILE V 89 12.40 13.09 -2.97
N THR V 90 13.41 13.00 -3.84
CA THR V 90 13.18 13.28 -5.25
C THR V 90 12.27 12.25 -5.88
N ALA V 91 12.49 10.97 -5.57
CA ALA V 91 11.57 9.93 -6.05
C ALA V 91 10.18 10.10 -5.47
N ILE V 92 10.07 10.51 -4.20
CA ILE V 92 8.77 10.75 -3.57
C ILE V 92 8.04 11.88 -4.26
N TYR V 93 8.72 12.97 -4.55
CA TYR V 93 8.10 14.13 -5.18
C TYR V 93 7.68 13.82 -6.61
N ILE V 94 8.53 13.13 -7.37
CA ILE V 94 8.20 12.77 -8.75
C ILE V 94 7.03 11.80 -8.77
N THR V 95 6.99 10.84 -7.84
CA THR V 95 5.86 9.93 -7.70
C THR V 95 4.56 10.66 -7.41
N VAL V 96 4.58 11.56 -6.43
CA VAL V 96 3.35 12.24 -6.03
C VAL V 96 2.87 13.16 -7.14
N SER V 97 3.79 13.83 -7.85
CA SER V 97 3.43 14.65 -9.00
C SER V 97 2.85 13.82 -10.14
N ALA V 98 3.48 12.68 -10.46
CA ALA V 98 3.01 11.82 -11.54
C ALA V 98 1.66 11.22 -11.21
N CYS V 99 1.42 10.84 -9.96
CA CYS V 99 0.14 10.28 -9.59
C CYS V 99 -0.95 11.32 -9.47
N LEU V 100 -0.62 12.56 -9.07
CA LEU V 100 -1.56 13.65 -9.17
C LEU V 100 -1.94 13.91 -10.62
N GLY V 101 -0.98 13.81 -11.52
CA GLY V 101 -1.29 13.89 -12.95
C GLY V 101 -2.16 12.76 -13.45
N ILE V 102 -1.92 11.53 -13.00
CA ILE V 102 -2.76 10.40 -13.38
C ILE V 102 -4.19 10.61 -12.89
N SER V 103 -4.35 11.06 -11.65
CA SER V 103 -5.66 11.34 -11.09
C SER V 103 -6.38 12.46 -11.83
N ILE V 104 -5.70 13.55 -12.15
CA ILE V 104 -6.38 14.62 -12.87
C ILE V 104 -6.58 14.30 -14.34
N PHE V 105 -5.76 13.44 -14.95
CA PHE V 105 -6.05 12.94 -16.28
C PHE V 105 -7.34 12.15 -16.28
N ALA V 106 -7.51 11.27 -15.30
CA ALA V 106 -8.74 10.49 -15.20
C ALA V 106 -9.93 11.37 -14.88
N LEU V 107 -9.72 12.42 -14.09
CA LEU V 107 -10.82 13.30 -13.72
C LEU V 107 -11.29 14.14 -14.91
N ALA V 108 -10.36 14.63 -15.72
CA ALA V 108 -10.70 15.45 -16.87
C ALA V 108 -11.14 14.64 -18.07
N THR V 109 -10.56 13.46 -18.29
CA THR V 109 -10.83 12.69 -19.50
C THR V 109 -12.20 12.04 -19.44
N PHE V 110 -12.49 11.34 -18.36
CA PHE V 110 -13.68 10.51 -18.27
C PHE V 110 -14.82 11.37 -17.76
N GLN V 111 -15.37 12.16 -18.66
CA GLN V 111 -16.51 13.04 -18.41
C GLN V 111 -17.51 12.73 -19.51
N GLY V 112 -18.57 11.99 -19.17
CA GLY V 112 -19.45 11.50 -20.20
C GLY V 112 -18.73 10.47 -21.06
N ASP V 113 -19.01 10.49 -22.35
CA ASP V 113 -18.22 9.71 -23.28
C ASP V 113 -16.94 10.49 -23.61
N PRO V 114 -15.76 9.95 -23.30
CA PRO V 114 -14.53 10.72 -23.48
C PRO V 114 -14.21 10.96 -24.95
N ARG V 115 -13.25 11.86 -25.16
CA ARG V 115 -12.82 12.19 -26.54
C ARG V 115 -11.46 11.50 -26.77
N GLY V 116 -11.22 11.08 -27.99
CA GLY V 116 -9.97 10.44 -28.33
C GLY V 116 -9.96 8.96 -28.05
N THR V 117 -8.83 8.45 -27.55
CA THR V 117 -8.66 7.02 -27.41
C THR V 117 -9.50 6.39 -26.33
N TYR V 118 -10.09 7.16 -25.44
CA TYR V 118 -10.92 6.61 -24.39
C TYR V 118 -12.39 6.78 -24.68
N ASN V 119 -12.72 7.19 -25.90
CA ASN V 119 -14.09 7.12 -26.39
C ASN V 119 -14.46 5.66 -26.59
N SER V 120 -15.76 5.37 -26.50
CA SER V 120 -16.22 3.98 -26.56
C SER V 120 -15.98 3.35 -27.93
N HIS V 121 -15.91 4.16 -28.98
CA HIS V 121 -15.70 3.67 -30.33
C HIS V 121 -14.25 3.55 -30.71
N SER V 122 -13.33 3.80 -29.79
CA SER V 122 -11.92 3.83 -30.11
C SER V 122 -11.37 2.43 -30.33
N ARG V 123 -10.44 2.31 -31.27
CA ARG V 123 -9.83 1.03 -31.61
C ARG V 123 -8.37 0.95 -31.18
N ASP V 124 -7.92 1.82 -30.28
CA ASP V 124 -6.53 1.80 -29.84
C ASP V 124 -6.26 0.58 -28.98
N ARG V 125 -5.39 -0.29 -29.49
CA ARG V 125 -4.95 -1.48 -28.79
C ARG V 125 -3.89 -1.17 -27.75
N LEU V 126 -3.23 -0.02 -27.87
CA LEU V 126 -2.11 0.36 -27.02
C LEU V 126 -2.54 1.13 -25.79
N ARG V 127 -3.84 1.36 -25.61
CA ARG V 127 -4.36 2.09 -24.45
C ARG V 127 -5.58 1.35 -23.93
N PRO V 128 -5.37 0.34 -23.08
CA PRO V 128 -6.46 -0.55 -22.69
C PRO V 128 -7.21 -0.19 -21.41
N LEU V 129 -6.83 0.87 -20.71
CA LEU V 129 -7.54 1.30 -19.50
C LEU V 129 -8.66 2.24 -19.91
N ARG V 130 -9.80 1.64 -20.24
CA ARG V 130 -10.90 2.35 -20.88
C ARG V 130 -11.83 3.02 -19.87
N LYS V 131 -11.76 2.64 -18.62
CA LYS V 131 -12.66 3.14 -17.59
C LYS V 131 -11.91 4.04 -16.63
N LYS V 132 -12.64 4.94 -15.97
CA LYS V 132 -12.00 5.80 -14.99
C LYS V 132 -11.66 5.03 -13.73
N GLU V 133 -12.40 3.97 -13.44
CA GLU V 133 -12.09 3.12 -12.30
C GLU V 133 -10.75 2.43 -12.48
N ASP V 134 -10.44 2.01 -13.71
CA ASP V 134 -9.11 1.49 -14.02
C ASP V 134 -8.03 2.52 -13.76
N TRP V 135 -8.29 3.76 -14.11
CA TRP V 135 -7.30 4.81 -13.95
C TRP V 135 -7.10 5.20 -12.49
N TYR V 136 -8.16 5.19 -11.68
CA TYR V 136 -8.00 5.47 -10.26
C TYR V 136 -7.33 4.32 -9.52
N GLN V 137 -7.64 3.08 -9.87
CA GLN V 137 -6.95 1.94 -9.30
C GLN V 137 -5.48 1.93 -9.70
N LEU V 138 -5.18 2.30 -10.95
CA LEU V 138 -3.80 2.48 -11.41
C LEU V 138 -3.07 3.57 -10.66
N SER V 139 -3.72 4.72 -10.42
CA SER V 139 -3.08 5.81 -9.70
C SER V 139 -2.75 5.39 -8.28
N GLY V 140 -3.70 4.75 -7.59
CA GLY V 140 -3.43 4.26 -6.25
C GLY V 140 -2.33 3.23 -6.18
N GLY V 141 -2.33 2.28 -7.13
CA GLY V 141 -1.27 1.30 -7.20
C GLY V 141 0.09 1.85 -7.53
N ILE V 142 0.18 2.78 -8.49
CA ILE V 142 1.45 3.39 -8.84
C ILE V 142 1.98 4.19 -7.67
N LEU V 143 1.11 4.89 -6.95
CA LEU V 143 1.55 5.64 -5.77
C LEU V 143 2.09 4.71 -4.71
N MET V 144 1.34 3.66 -4.37
CA MET V 144 1.77 2.72 -3.32
C MET V 144 3.07 2.04 -3.69
N GLY V 145 3.13 1.47 -4.90
CA GLY V 145 4.29 0.76 -5.35
C GLY V 145 5.49 1.65 -5.51
N SER V 146 5.31 2.89 -5.96
CA SER V 146 6.44 3.76 -6.23
C SER V 146 7.02 4.30 -4.95
N LEU V 147 6.17 4.66 -3.99
CA LEU V 147 6.68 5.10 -2.70
C LEU V 147 7.36 3.96 -1.97
N GLY V 148 6.83 2.74 -2.05
CA GLY V 148 7.52 1.61 -1.49
C GLY V 148 8.81 1.22 -2.17
N GLY V 149 8.87 1.25 -3.50
CA GLY V 149 10.10 0.96 -4.19
C GLY V 149 11.17 2.01 -3.97
N ALA V 150 10.76 3.28 -3.85
CA ALA V 150 11.69 4.34 -3.50
C ALA V 150 12.27 4.14 -2.11
N ILE V 151 11.45 3.78 -1.12
CA ILE V 151 12.04 3.59 0.20
C ILE V 151 12.76 2.25 0.32
N PHE V 152 12.48 1.29 -0.56
CA PHE V 152 13.30 0.07 -0.60
C PHE V 152 14.69 0.34 -1.16
N ALA V 153 14.77 1.14 -2.23
CA ALA V 153 16.08 1.56 -2.73
C ALA V 153 16.82 2.43 -1.73
N TYR V 154 16.09 3.30 -1.02
CA TYR V 154 16.69 4.11 0.03
C TYR V 154 17.24 3.25 1.17
N ALA V 155 16.50 2.22 1.57
CA ALA V 155 16.94 1.36 2.65
C ALA V 155 18.10 0.48 2.23
N LEU V 156 18.18 0.11 0.95
CA LEU V 156 19.34 -0.64 0.50
C LEU V 156 20.57 0.23 0.36
N LEU V 157 20.38 1.52 0.06
CA LEU V 157 21.51 2.44 -0.04
C LEU V 157 21.99 2.94 1.31
N GLU V 158 21.08 3.10 2.28
CA GLU V 158 21.47 3.45 3.64
C GLU V 158 22.28 2.37 4.31
N ASN V 159 21.91 1.11 4.11
CA ASN V 159 22.61 -0.03 4.69
C ASN V 159 23.61 -0.63 3.72
N PHE V 160 24.23 0.21 2.88
CA PHE V 160 25.12 -0.31 1.85
C PHE V 160 26.38 -0.92 2.46
N GLU V 161 26.74 -0.42 3.64
CA GLU V 161 27.91 -0.92 4.40
C GLU V 161 27.60 -2.33 4.90
N LEU V 162 26.38 -2.54 5.41
CA LEU V 162 25.93 -3.88 5.83
C LEU V 162 25.70 -4.80 4.64
N LEU V 163 24.98 -4.35 3.62
CA LEU V 163 24.78 -5.17 2.43
C LEU V 163 26.10 -5.52 1.76
N ASP V 164 27.07 -4.63 1.84
CA ASP V 164 28.38 -4.93 1.30
C ASP V 164 29.10 -5.98 2.13
N SER V 165 29.09 -5.87 3.46
CA SER V 165 29.76 -6.87 4.28
C SER V 165 29.07 -8.23 4.18
N ILE V 166 27.75 -8.24 3.99
CA ILE V 166 27.03 -9.49 3.75
C ILE V 166 27.45 -10.15 2.44
N LEU V 167 27.48 -9.41 1.35
CA LEU V 167 27.74 -10.00 0.05
C LEU V 167 29.22 -10.28 -0.17
N ARG V 168 30.07 -9.92 0.79
CA ARG V 168 31.46 -10.34 0.82
C ARG V 168 31.72 -11.40 1.87
N GLY V 169 30.71 -11.87 2.56
CA GLY V 169 30.90 -12.87 3.59
C GLY V 169 31.63 -12.37 4.81
N ALA V 170 31.59 -11.07 5.08
CA ALA V 170 32.26 -10.51 6.23
C ALA V 170 31.46 -10.69 7.51
N VAL V 171 30.25 -11.27 7.41
CA VAL V 171 29.39 -11.48 8.57
C VAL V 171 29.53 -12.86 9.15
N ASN V 172 30.43 -13.68 8.61
CA ASN V 172 30.61 -15.07 9.01
C ASN V 172 31.82 -15.26 9.91
N VAL V 173 32.29 -14.20 10.55
CA VAL V 173 33.41 -14.27 11.47
C VAL V 173 32.94 -14.78 12.83
N MET W 1 15.35 50.51 15.84
CA MET W 1 14.39 49.52 16.29
C MET W 1 14.00 48.67 15.08
N ALA W 2 13.52 47.45 15.33
CA ALA W 2 13.17 46.53 14.28
C ALA W 2 11.81 45.94 14.62
N LEU W 3 11.16 45.34 13.63
CA LEU W 3 9.82 44.82 13.88
C LEU W 3 9.90 43.59 14.77
N SER W 4 8.79 43.27 15.40
CA SER W 4 8.72 42.10 16.27
C SER W 4 8.06 40.95 15.54
N ASP W 5 8.12 39.76 16.16
CA ASP W 5 7.45 38.61 15.57
C ASP W 5 5.93 38.81 15.57
N SER W 6 5.41 39.42 16.63
CA SER W 6 3.98 39.71 16.72
C SER W 6 3.54 40.73 15.69
N GLN W 7 4.40 41.67 15.32
CA GLN W 7 4.09 42.60 14.23
C GLN W 7 4.05 41.91 12.88
N ILE W 8 4.86 40.88 12.66
CA ILE W 8 4.79 40.11 11.43
C ILE W 8 3.56 39.23 11.41
N PHE W 9 3.18 38.67 12.55
CA PHE W 9 2.00 37.82 12.63
C PHE W 9 0.71 38.63 12.55
N LEU W 10 0.72 39.87 13.04
CA LEU W 10 -0.39 40.79 12.83
C LEU W 10 -0.59 41.07 11.35
N ALA W 11 0.50 41.29 10.62
CA ALA W 11 0.43 41.49 9.18
C ALA W 11 -0.13 40.27 8.49
N LEU W 12 0.34 39.08 8.87
CA LEU W 12 -0.10 37.84 8.25
C LEU W 12 -1.57 37.57 8.50
N ALA W 13 -2.06 37.87 9.71
CA ALA W 13 -3.47 37.67 10.01
C ALA W 13 -4.35 38.75 9.40
N LEU W 14 -3.85 39.97 9.29
CA LEU W 14 -4.64 41.06 8.77
C LEU W 14 -4.72 41.03 7.24
N ALA W 15 -3.76 40.40 6.58
CA ALA W 15 -3.85 40.24 5.13
C ALA W 15 -4.77 39.13 4.70
N LEU W 16 -5.32 38.36 5.63
CA LEU W 16 -6.39 37.43 5.31
C LEU W 16 -7.70 38.12 4.98
N ILE W 17 -7.84 39.40 5.34
CA ILE W 17 -9.06 40.15 5.02
C ILE W 17 -9.03 40.55 3.55
N PRO W 18 -7.99 41.22 3.00
CA PRO W 18 -7.94 41.35 1.54
C PRO W 18 -7.78 40.03 0.82
N GLY W 19 -7.22 39.01 1.46
CA GLY W 19 -7.07 37.72 0.80
C GLY W 19 -8.37 37.02 0.49
N PHE W 20 -9.34 37.10 1.39
CA PHE W 20 -10.64 36.49 1.13
C PHE W 20 -11.62 37.47 0.49
N LEU W 21 -11.43 38.77 0.69
CA LEU W 21 -12.17 39.75 -0.07
C LEU W 21 -11.84 39.67 -1.57
N ALA W 22 -10.58 39.39 -1.91
CA ALA W 22 -10.17 39.22 -3.29
C ALA W 22 -10.77 37.98 -3.92
N LEU W 23 -10.84 36.87 -3.17
CA LEU W 23 -11.50 35.67 -3.63
C LEU W 23 -12.99 35.88 -3.82
N ARG W 24 -13.63 36.64 -2.94
CA ARG W 24 -15.03 36.97 -3.09
C ARG W 24 -15.30 37.85 -4.31
N LEU W 25 -14.45 38.84 -4.57
CA LEU W 25 -14.59 39.64 -5.77
C LEU W 25 -14.29 38.83 -7.03
N ALA W 26 -13.34 37.90 -6.98
CA ALA W 26 -13.04 37.07 -8.13
C ALA W 26 -14.20 36.15 -8.48
N THR W 27 -14.83 35.54 -7.49
CA THR W 27 -15.98 34.70 -7.77
C THR W 27 -17.26 35.49 -8.03
N GLU W 28 -17.35 36.74 -7.60
CA GLU W 28 -18.48 37.59 -7.93
C GLU W 28 -18.40 38.12 -9.36
N LEU W 29 -17.19 38.21 -9.90
CA LEU W 29 -16.99 38.57 -11.30
C LEU W 29 -17.06 37.37 -12.23
N TYR W 30 -17.33 36.17 -11.69
CA TYR W 30 -17.83 35.01 -12.44
C TYR W 30 -16.96 34.44 -13.55
N LYS W 31 -15.87 33.76 -13.22
CA LYS W 31 -15.20 32.93 -14.21
C LYS W 31 -15.98 31.65 -14.49
N SER X 3 -7.06 44.50 -90.54
CA SER X 3 -8.23 43.68 -90.93
C SER X 3 -7.89 42.19 -90.79
N TYR X 4 -8.73 41.43 -90.08
CA TYR X 4 -8.50 39.97 -89.88
C TYR X 4 -9.84 39.22 -89.99
N LYS X 5 -9.78 37.93 -90.31
CA LYS X 5 -10.99 37.09 -90.45
C LYS X 5 -10.91 35.90 -89.47
N VAL X 6 -11.85 35.82 -88.54
CA VAL X 6 -11.87 34.71 -87.54
C VAL X 6 -13.11 33.84 -87.78
N THR X 7 -12.91 32.52 -87.91
CA THR X 7 -14.02 31.57 -88.16
C THR X 7 -14.35 30.83 -86.86
N LEU X 8 -15.53 31.07 -86.30
CA LEU X 8 -15.96 30.41 -85.03
C LEU X 8 -16.74 29.13 -85.37
N VAL X 9 -16.24 27.98 -84.92
CA VAL X 9 -16.89 26.66 -85.18
C VAL X 9 -17.55 26.16 -83.88
N ASN X 10 -18.81 25.72 -83.96
CA ASN X 10 -19.53 25.22 -82.77
C ASN X 10 -20.34 23.97 -83.17
N GLU X 11 -20.09 22.84 -82.51
CA GLU X 11 -20.80 21.57 -82.82
C GLU X 11 -22.30 21.76 -82.57
N THR X 12 -22.67 22.38 -81.44
CA THR X 12 -24.09 22.62 -81.10
C THR X 12 -24.80 23.33 -82.27
N GLU X 13 -24.23 24.45 -82.73
CA GLU X 13 -24.83 25.22 -83.86
C GLU X 13 -24.53 24.50 -85.18
N ASN X 14 -23.46 23.70 -85.22
CA ASN X 14 -23.06 22.96 -86.43
C ASN X 14 -22.99 23.92 -87.62
N LEU X 15 -22.09 24.91 -87.53
CA LEU X 15 -21.91 25.92 -88.62
C LEU X 15 -20.57 26.64 -88.43
N ASN X 16 -20.00 27.15 -89.52
CA ASN X 16 -18.70 27.88 -89.47
C ASN X 16 -18.89 29.28 -90.07
N THR X 17 -19.25 30.25 -89.23
CA THR X 17 -19.46 31.65 -89.70
C THR X 17 -18.18 32.47 -89.47
N THR X 18 -17.72 33.16 -90.51
CA THR X 18 -16.48 33.99 -90.42
C THR X 18 -16.86 35.44 -90.10
N ILE X 19 -16.02 36.13 -89.31
CA ILE X 19 -16.29 37.55 -88.93
C ILE X 19 -14.93 38.27 -88.78
N GLU X 20 -14.70 39.30 -89.60
CA GLU X 20 -13.43 40.08 -89.55
C GLU X 20 -13.31 40.76 -88.18
N VAL X 21 -12.09 40.81 -87.63
CA VAL X 21 -11.85 41.44 -86.30
C VAL X 21 -10.64 42.37 -86.42
N ALA X 22 -10.73 43.58 -85.83
CA ALA X 22 -9.62 44.56 -85.88
C ALA X 22 -8.44 44.06 -85.05
N ASP X 23 -7.22 44.42 -85.44
CA ASP X 23 -5.99 44.00 -84.70
C ASP X 23 -6.15 44.33 -83.21
N ASP X 24 -6.40 45.60 -82.90
CA ASP X 24 -6.57 46.05 -81.50
C ASP X 24 -8.04 45.90 -81.09
N GLU X 25 -8.51 44.65 -80.96
CA GLU X 25 -9.92 44.38 -80.57
C GLU X 25 -10.06 42.91 -80.18
N TYR X 26 -10.80 42.63 -79.10
CA TYR X 26 -11.00 41.23 -78.62
C TYR X 26 -12.01 40.52 -79.54
N ILE X 27 -11.75 39.25 -79.86
CA ILE X 27 -12.64 38.45 -80.74
C ILE X 27 -14.08 38.52 -80.18
N LEU X 28 -14.25 38.17 -78.90
CA LEU X 28 -15.58 38.20 -78.25
C LEU X 28 -16.21 39.58 -78.42
N ASP X 29 -15.44 40.63 -78.13
CA ASP X 29 -15.93 42.03 -78.24
C ASP X 29 -16.34 42.31 -79.70
N ALA X 30 -15.53 41.84 -80.65
CA ALA X 30 -15.81 42.04 -82.10
C ALA X 30 -16.95 41.12 -82.54
N ALA X 31 -17.13 40.00 -81.83
CA ALA X 31 -18.20 39.02 -82.16
C ALA X 31 -19.57 39.60 -81.77
N GLU X 32 -19.59 40.47 -80.75
CA GLU X 32 -20.85 41.10 -80.28
C GLU X 32 -21.33 42.12 -81.31
N GLU X 33 -20.39 42.73 -82.04
CA GLU X 33 -20.73 43.75 -83.07
C GLU X 33 -20.76 43.06 -84.45
N GLN X 34 -21.44 41.91 -84.55
CA GLN X 34 -21.54 41.16 -85.83
C GLN X 34 -22.66 40.12 -85.72
N GLY X 35 -23.62 40.36 -84.81
CA GLY X 35 -24.75 39.43 -84.62
C GLY X 35 -24.29 37.99 -84.42
N ILE X 36 -23.58 37.74 -83.31
CA ILE X 36 -23.07 36.36 -83.01
C ILE X 36 -23.11 36.16 -81.49
N ASP X 37 -23.64 35.02 -81.04
CA ASP X 37 -23.73 34.71 -79.58
C ASP X 37 -22.57 33.80 -79.18
N LEU X 38 -22.05 33.98 -77.96
CA LEU X 38 -20.93 33.20 -77.46
C LEU X 38 -21.05 33.13 -75.94
N PRO X 39 -20.49 32.10 -75.30
CA PRO X 39 -20.46 32.08 -73.82
C PRO X 39 -19.38 33.01 -73.29
N TYR X 40 -19.75 33.88 -72.34
CA TYR X 40 -18.81 34.75 -71.67
C TYR X 40 -19.35 35.21 -70.34
N SER X 41 -18.48 35.20 -69.33
CA SER X 41 -18.87 35.54 -67.96
C SER X 41 -18.15 36.78 -67.44
N CYS X 42 -16.82 36.80 -67.48
CA CYS X 42 -16.07 37.85 -66.79
C CYS X 42 -15.40 38.83 -67.74
N ARG X 43 -15.06 38.35 -68.95
CA ARG X 43 -14.39 39.18 -69.98
C ARG X 43 -13.16 39.83 -69.35
N ALA X 44 -12.28 39.02 -68.73
CA ALA X 44 -11.07 39.56 -68.09
C ALA X 44 -9.93 38.54 -68.15
N GLY X 45 -10.23 37.27 -68.45
CA GLY X 45 -9.18 36.28 -68.52
C GLY X 45 -8.94 35.61 -67.17
N ALA X 46 -9.99 35.52 -66.35
CA ALA X 46 -9.89 34.94 -65.02
C ALA X 46 -10.91 33.83 -64.82
N CYS X 47 -11.33 33.19 -65.91
CA CYS X 47 -12.20 32.02 -65.87
C CYS X 47 -11.91 31.22 -67.13
N SER X 48 -12.79 30.26 -67.43
CA SER X 48 -12.63 29.41 -68.60
C SER X 48 -13.93 29.33 -69.39
N THR X 49 -14.82 30.31 -69.21
CA THR X 49 -16.15 30.28 -69.79
C THR X 49 -16.14 30.51 -71.30
N CYS X 50 -15.14 31.20 -71.82
CA CYS X 50 -15.05 31.50 -73.25
C CYS X 50 -13.80 30.86 -73.85
N ALA X 51 -13.52 29.63 -73.41
CA ALA X 51 -12.34 28.87 -73.90
C ALA X 51 -12.60 28.40 -75.34
N GLY X 52 -11.80 28.88 -76.29
CA GLY X 52 -11.94 28.50 -77.71
C GLY X 52 -10.68 27.86 -78.25
N LYS X 53 -10.69 26.53 -78.41
CA LYS X 53 -9.52 25.78 -78.94
C LYS X 53 -9.12 26.37 -80.31
N LEU X 54 -7.83 26.61 -80.51
CA LEU X 54 -7.33 27.17 -81.80
C LEU X 54 -6.97 26.02 -82.75
N THR X 55 -7.73 25.88 -83.84
CA THR X 55 -7.49 24.80 -84.84
C THR X 55 -6.32 25.21 -85.76
N GLU X 56 -6.22 26.50 -86.06
CA GLU X 56 -5.13 27.02 -86.94
C GLU X 56 -5.01 28.54 -86.77
N GLY X 57 -3.81 29.09 -86.99
CA GLY X 57 -3.58 30.54 -86.86
C GLY X 57 -2.91 30.88 -85.55
N THR X 58 -2.96 32.15 -85.14
CA THR X 58 -2.34 32.61 -83.87
C THR X 58 -3.10 33.84 -83.34
N VAL X 59 -3.31 33.90 -82.03
CA VAL X 59 -4.04 35.05 -81.41
C VAL X 59 -3.12 35.71 -80.37
N ASP X 60 -3.30 37.02 -80.14
CA ASP X 60 -2.47 37.77 -79.15
C ASP X 60 -3.21 37.81 -77.81
N GLN X 61 -3.02 36.79 -76.98
CA GLN X 61 -3.68 36.71 -75.65
C GLN X 61 -2.63 36.96 -74.55
N SER X 62 -2.08 38.17 -74.50
CA SER X 62 -1.06 38.53 -73.49
C SER X 62 -1.75 39.03 -72.21
N ASP X 63 -3.00 39.49 -72.33
CA ASP X 63 -3.77 40.01 -71.16
C ASP X 63 -4.40 38.83 -70.41
N GLN X 64 -4.56 37.69 -71.09
CA GLN X 64 -5.16 36.48 -70.46
C GLN X 64 -4.32 36.07 -69.25
N SER X 65 -4.97 35.65 -68.17
CA SER X 65 -4.26 35.22 -66.93
C SER X 65 -5.05 34.11 -66.23
N PHE X 66 -5.09 32.92 -66.84
CA PHE X 66 -5.82 31.76 -66.26
C PHE X 66 -5.36 30.47 -66.95
N LEU X 67 -5.14 30.54 -68.28
CA LEU X 67 -4.70 29.36 -69.06
C LEU X 67 -3.32 28.92 -68.59
N ASP X 68 -3.07 27.60 -68.56
CA ASP X 68 -1.75 27.05 -68.12
C ASP X 68 -0.81 26.93 -69.32
N ASP X 69 0.49 26.86 -69.05
CA ASP X 69 1.52 26.74 -70.12
C ASP X 69 1.22 25.52 -70.98
N ASP X 70 0.92 24.38 -70.34
CA ASP X 70 0.60 23.12 -71.08
C ASP X 70 -0.84 23.19 -71.62
N GLN X 71 -1.68 24.03 -71.02
CA GLN X 71 -3.09 24.18 -71.46
C GLN X 71 -3.16 25.13 -72.66
N ILE X 72 -2.25 26.11 -72.71
CA ILE X 72 -2.23 27.10 -73.84
C ILE X 72 -1.55 26.45 -75.06
N GLU X 73 -0.76 25.40 -74.84
CA GLU X 73 -0.05 24.69 -75.95
C GLU X 73 -1.04 23.80 -76.70
N ALA X 74 -2.12 23.39 -76.02
CA ALA X 74 -3.15 22.52 -76.64
C ALA X 74 -3.91 23.30 -77.74
N GLY X 75 -4.09 24.61 -77.52
CA GLY X 75 -4.80 25.47 -78.50
C GLY X 75 -5.85 26.33 -77.82
N TYR X 76 -6.21 26.00 -76.59
CA TYR X 76 -7.23 26.76 -75.83
C TYR X 76 -6.78 28.22 -75.68
N VAL X 77 -7.71 29.17 -75.87
CA VAL X 77 -7.39 30.62 -75.77
C VAL X 77 -8.67 31.38 -75.39
N LEU X 78 -8.68 32.03 -74.22
CA LEU X 78 -9.86 32.80 -73.76
C LEU X 78 -10.27 33.78 -74.87
N THR X 79 -11.43 33.54 -75.49
CA THR X 79 -11.91 34.41 -76.57
C THR X 79 -12.38 35.75 -76.05
N CYS X 80 -12.33 35.96 -74.74
CA CYS X 80 -12.78 37.20 -74.13
C CYS X 80 -11.66 38.24 -74.04
N VAL X 81 -10.43 37.75 -73.87
CA VAL X 81 -9.23 38.65 -73.76
C VAL X 81 -8.22 38.23 -74.82
N ALA X 82 -8.69 37.74 -75.97
CA ALA X 82 -7.80 37.31 -77.08
C ALA X 82 -7.67 38.44 -78.11
N TYR X 83 -6.56 38.45 -78.85
CA TYR X 83 -6.32 39.49 -79.88
C TYR X 83 -6.12 38.81 -81.24
N PRO X 84 -7.11 38.95 -82.13
CA PRO X 84 -7.04 38.35 -83.47
C PRO X 84 -5.91 38.95 -84.30
N THR X 85 -4.80 38.22 -84.44
CA THR X 85 -3.62 38.69 -85.21
C THR X 85 -3.93 38.58 -86.71
N SER X 86 -4.62 37.51 -87.12
CA SER X 86 -4.98 37.29 -88.54
C SER X 86 -6.45 36.91 -88.66
N ASP X 87 -6.73 35.60 -88.78
CA ASP X 87 -8.13 35.11 -88.89
C ASP X 87 -8.16 33.60 -88.59
N CYS X 88 -7.73 32.79 -89.57
CA CYS X 88 -7.69 31.30 -89.42
C CYS X 88 -9.06 30.81 -88.92
N THR X 89 -9.07 29.99 -87.87
CA THR X 89 -10.32 29.43 -87.30
C THR X 89 -10.09 29.09 -85.82
N VAL X 90 -11.17 29.13 -85.02
CA VAL X 90 -11.07 28.81 -83.55
C VAL X 90 -12.37 28.13 -83.11
N MET X 91 -12.25 27.13 -82.23
CA MET X 91 -13.42 26.37 -81.72
C MET X 91 -14.14 27.22 -80.65
N THR X 92 -15.45 27.02 -80.49
CA THR X 92 -16.25 27.78 -79.50
C THR X 92 -16.83 26.81 -78.46
N HIS X 93 -17.14 27.33 -77.25
CA HIS X 93 -17.73 26.51 -76.16
C HIS X 93 -16.85 25.27 -75.92
N GLN X 94 -15.62 25.48 -75.47
CA GLN X 94 -14.67 24.36 -75.19
C GLN X 94 -14.26 24.39 -73.71
N GLU X 95 -15.18 24.81 -72.84
CA GLU X 95 -14.91 24.89 -71.38
C GLU X 95 -14.99 23.49 -70.78
N GLU X 96 -15.73 22.59 -71.42
CA GLU X 96 -15.89 21.19 -70.92
C GLU X 96 -14.65 20.38 -71.28
N GLU X 97 -13.87 20.83 -72.28
CA GLU X 97 -12.63 20.12 -72.70
C GLU X 97 -11.46 20.60 -71.84
N LEU X 98 -11.57 21.79 -71.26
CA LEU X 98 -10.49 22.35 -70.40
C LEU X 98 -10.35 21.50 -69.14
N TYR X 99 -11.43 21.38 -68.36
CA TYR X 99 -11.41 20.58 -67.11
C TYR X 99 -11.69 19.11 -67.44
N ALA Y 11 -56.60 63.59 39.05
CA ALA Y 11 -56.67 63.45 37.59
C ALA Y 11 -55.75 64.48 36.93
N SER Y 12 -55.06 64.07 35.85
CA SER Y 12 -54.13 64.98 35.11
C SER Y 12 -53.83 64.41 33.73
N ALA Y 13 -54.04 63.10 33.55
CA ALA Y 13 -53.78 62.43 32.25
C ALA Y 13 -55.01 61.61 31.81
N ALA Y 14 -56.10 61.68 32.57
CA ALA Y 14 -57.35 60.94 32.25
C ALA Y 14 -57.02 59.47 31.97
N THR Y 15 -56.51 58.76 32.97
CA THR Y 15 -56.14 57.32 32.83
C THR Y 15 -56.17 56.65 34.20
N GLU Y 16 -57.36 56.27 34.68
CA GLU Y 16 -57.50 55.60 36.00
C GLU Y 16 -58.89 54.95 36.10
N GLN Y 17 -59.70 55.38 37.06
CA GLN Y 17 -61.07 54.84 37.27
C GLN Y 17 -61.00 53.31 37.37
N SER Y 18 -60.34 52.79 38.42
CA SER Y 18 -60.21 51.33 38.62
C SER Y 18 -61.23 50.86 39.66
N PRO Y 19 -61.78 49.66 39.46
CA PRO Y 19 -62.77 49.10 40.38
C PRO Y 19 -62.11 48.28 41.50
N ILE Y 20 -62.53 47.03 41.68
CA ILE Y 20 -61.97 46.13 42.73
C ILE Y 20 -62.01 46.86 44.08
N PRO Y 21 -63.21 47.18 44.57
CA PRO Y 21 -63.38 47.86 45.86
C PRO Y 21 -62.60 47.16 46.98
N THR Y 22 -61.98 47.95 47.86
CA THR Y 22 -61.19 47.38 48.99
C THR Y 22 -62.13 46.62 49.94
N SER Y 23 -62.30 45.32 49.70
CA SER Y 23 -63.17 44.47 50.55
C SER Y 23 -62.32 43.68 51.55
N PHE Y 24 -62.91 43.29 52.68
CA PHE Y 24 -62.19 42.53 53.73
C PHE Y 24 -62.62 41.06 53.70
N GLU Y 25 -63.89 40.81 53.37
CA GLU Y 25 -64.42 39.46 53.30
C GLU Y 25 -63.60 38.56 52.38
N ARG Y 26 -62.99 39.15 51.36
CA ARG Y 26 -62.24 38.34 50.35
C ARG Y 26 -60.88 37.88 50.90
N TRP Y 27 -60.73 37.82 52.21
CA TRP Y 27 -59.44 37.39 52.83
C TRP Y 27 -59.61 36.01 53.48
N ALA Y 28 -60.84 35.65 53.85
CA ALA Y 28 -61.12 34.35 54.49
C ALA Y 28 -61.66 33.36 53.46
N LYS Y 29 -61.06 33.34 52.27
CA LYS Y 29 -61.49 32.42 51.18
C LYS Y 29 -60.30 32.17 50.25
N PRO Y 30 -59.23 31.58 50.78
CA PRO Y 30 -58.02 31.30 50.01
C PRO Y 30 -58.32 30.53 48.74
N GLY Y 31 -57.56 30.83 47.69
CA GLY Y 31 -57.83 30.28 46.38
C GLY Y 31 -58.86 31.05 45.59
N HIS Y 32 -59.22 32.26 46.05
CA HIS Y 32 -60.21 33.09 45.38
C HIS Y 32 -59.78 33.50 43.98
N PHE Y 33 -58.45 33.54 43.76
CA PHE Y 33 -57.88 33.95 42.45
C PHE Y 33 -58.10 32.86 41.40
N ASP Y 34 -57.89 31.59 41.77
CA ASP Y 34 -58.07 30.45 40.83
C ASP Y 34 -59.48 29.88 41.01
N ARG Y 35 -60.08 29.38 39.92
CA ARG Y 35 -61.45 28.81 39.95
C ARG Y 35 -61.45 27.46 40.66
N THR Y 36 -60.39 26.67 40.48
CA THR Y 36 -60.29 25.32 41.12
C THR Y 36 -59.71 25.46 42.54
N LEU Y 37 -59.04 26.57 42.82
CA LEU Y 37 -58.43 26.80 44.17
C LEU Y 37 -59.53 27.19 45.16
N ALA Y 38 -60.65 27.72 44.66
CA ALA Y 38 -61.78 28.14 45.53
C ALA Y 38 -62.85 27.04 45.52
N ARG Y 39 -62.46 25.80 45.21
CA ARG Y 39 -63.41 24.65 45.18
C ARG Y 39 -63.70 24.21 46.62
N GLY Y 40 -62.69 23.64 47.31
CA GLY Y 40 -62.87 23.19 48.70
C GLY Y 40 -61.78 22.23 49.16
N PRO Y 41 -60.51 22.62 48.99
CA PRO Y 41 -59.34 21.82 49.42
C PRO Y 41 -59.37 20.32 49.06
N LYS Y 42 -60.13 19.52 49.84
CA LYS Y 42 -60.28 18.05 49.72
C LYS Y 42 -58.97 17.33 50.12
N THR Y 43 -57.94 17.42 49.29
CA THR Y 43 -56.62 16.79 49.62
C THR Y 43 -55.65 17.85 50.15
N THR Y 44 -54.35 17.53 50.20
CA THR Y 44 -53.35 18.50 50.72
C THR Y 44 -52.65 19.22 49.57
N THR Y 45 -52.73 18.67 48.35
CA THR Y 45 -52.08 19.28 47.20
C THR Y 45 -52.58 20.71 46.98
N TRP Y 46 -53.82 21.00 47.41
CA TRP Y 46 -54.38 22.34 47.29
C TRP Y 46 -53.58 23.36 48.10
N ILE Y 47 -53.12 22.96 49.28
CA ILE Y 47 -52.35 23.85 50.16
C ILE Y 47 -51.07 24.28 49.46
N TRP Y 48 -50.38 23.34 48.82
CA TRP Y 48 -49.17 23.67 48.10
C TRP Y 48 -49.45 24.36 46.79
N ASN Y 49 -50.61 24.10 46.18
CA ASN Y 49 -50.99 24.78 44.94
C ASN Y 49 -51.35 26.23 45.19
N LEU Y 50 -51.73 26.56 46.42
CA LEU Y 50 -52.06 27.93 46.78
C LEU Y 50 -50.87 28.86 46.61
N HIS Y 51 -49.67 28.37 46.97
CA HIS Y 51 -48.44 29.21 46.91
C HIS Y 51 -47.61 28.91 45.65
N ALA Y 52 -48.09 28.04 44.76
CA ALA Y 52 -47.35 27.71 43.55
C ALA Y 52 -47.68 28.64 42.41
N ASP Y 53 -48.86 29.25 42.42
CA ASP Y 53 -49.25 30.21 41.40
C ASP Y 53 -50.05 31.34 42.03
N ALA Y 54 -49.59 31.82 43.20
CA ALA Y 54 -50.26 32.92 43.87
C ALA Y 54 -50.01 34.25 43.16
N HIS Y 55 -48.80 34.46 42.64
CA HIS Y 55 -48.47 35.69 41.96
C HIS Y 55 -48.65 35.61 40.46
N ASP Y 56 -49.00 34.44 39.93
CA ASP Y 56 -49.12 34.27 38.49
C ASP Y 56 -50.42 34.90 38.04
N PHE Y 57 -50.41 36.23 37.85
CA PHE Y 57 -51.63 36.95 37.49
C PHE Y 57 -52.10 36.65 36.07
N ASP Y 58 -51.26 35.98 35.29
CA ASP Y 58 -51.60 35.65 33.92
C ASP Y 58 -52.64 34.53 33.85
N SER Y 59 -52.55 33.59 34.78
CA SER Y 59 -53.50 32.44 34.83
C SER Y 59 -54.84 32.92 35.40
N HIS Y 60 -54.79 33.69 36.49
CA HIS Y 60 -56.00 34.22 37.18
C HIS Y 60 -57.01 34.79 36.17
N THR Y 61 -56.64 35.88 35.48
CA THR Y 61 -57.57 36.55 34.52
C THR Y 61 -57.08 36.40 33.08
N ASN Y 62 -57.76 37.08 32.14
CA ASN Y 62 -57.40 37.03 30.72
C ASN Y 62 -57.14 38.39 30.11
N ASP Y 63 -57.62 39.49 30.71
CA ASP Y 63 -57.40 40.82 30.17
C ASP Y 63 -55.98 41.29 30.48
N LEU Y 64 -55.30 41.84 29.46
CA LEU Y 64 -53.96 42.36 29.66
C LEU Y 64 -53.95 43.60 30.53
N GLN Y 65 -55.01 44.40 30.47
CA GLN Y 65 -55.09 45.65 31.23
C GLN Y 65 -55.22 45.40 32.73
N ASP Y 66 -56.04 44.42 33.12
CA ASP Y 66 -56.19 44.09 34.54
C ASP Y 66 -54.89 43.50 35.09
N ILE Y 67 -54.22 42.67 34.30
CA ILE Y 67 -52.94 42.11 34.70
C ILE Y 67 -51.89 43.20 34.86
N SER Y 68 -51.88 44.16 33.93
CA SER Y 68 -50.94 45.28 34.00
C SER Y 68 -51.16 46.13 35.24
N ARG Y 69 -52.42 46.40 35.57
CA ARG Y 69 -52.75 47.14 36.78
C ARG Y 69 -52.28 46.41 38.04
N LYS Y 70 -52.53 45.09 38.10
CA LYS Y 70 -52.07 44.28 39.22
C LYS Y 70 -50.55 44.31 39.34
N ILE Y 71 -49.85 44.23 38.21
CA ILE Y 71 -48.39 44.23 38.20
C ILE Y 71 -47.85 45.56 38.72
N PHE Y 72 -48.48 46.67 38.29
CA PHE Y 72 -48.06 48.00 38.73
C PHE Y 72 -48.19 48.16 40.25
N SER Y 73 -49.31 47.71 40.80
CA SER Y 73 -49.48 47.82 42.25
C SER Y 73 -48.59 46.85 43.02
N ALA Y 74 -48.32 45.67 42.44
CA ALA Y 74 -47.36 44.75 43.05
C ALA Y 74 -45.96 45.33 43.07
N HIS Y 75 -45.60 46.06 42.02
CA HIS Y 75 -44.32 46.76 41.98
C HIS Y 75 -44.22 47.78 43.10
N PHE Y 76 -45.30 48.52 43.31
CA PHE Y 76 -45.31 49.50 44.40
C PHE Y 76 -45.15 48.84 45.76
N GLY Y 77 -45.84 47.72 45.99
CA GLY Y 77 -45.69 47.00 47.24
C GLY Y 77 -44.29 46.43 47.43
N HIS Y 78 -43.67 45.99 46.34
CA HIS Y 78 -42.29 45.54 46.42
C HIS Y 78 -41.34 46.67 46.80
N LEU Y 79 -41.53 47.84 46.18
CA LEU Y 79 -40.73 49.02 46.54
C LEU Y 79 -40.89 49.36 48.02
N ALA Y 80 -42.12 49.22 48.52
CA ALA Y 80 -42.38 49.44 49.95
C ALA Y 80 -41.59 48.46 50.82
N VAL Y 81 -41.54 47.20 50.41
CA VAL Y 81 -40.78 46.18 51.15
C VAL Y 81 -39.30 46.53 51.16
N VAL Y 82 -38.77 46.97 50.02
CA VAL Y 82 -37.35 47.35 49.95
C VAL Y 82 -37.07 48.59 50.79
N PHE Y 83 -38.00 49.55 50.85
CA PHE Y 83 -37.81 50.70 51.73
C PHE Y 83 -37.87 50.31 53.21
N VAL Y 84 -38.71 49.34 53.57
CA VAL Y 84 -38.70 48.84 54.95
C VAL Y 84 -37.35 48.22 55.29
N TRP Y 85 -36.79 47.45 54.36
CA TRP Y 85 -35.47 46.86 54.56
C TRP Y 85 -34.39 47.93 54.70
N LEU Y 86 -34.42 48.95 53.86
CA LEU Y 86 -33.46 50.04 53.96
C LEU Y 86 -33.59 50.80 55.27
N SER Y 87 -34.83 51.05 55.70
CA SER Y 87 -35.08 51.67 56.99
C SER Y 87 -34.49 50.84 58.12
N GLY Y 88 -34.64 49.53 58.04
CA GLY Y 88 -34.08 48.65 59.05
C GLY Y 88 -32.56 48.68 59.08
N MET Y 89 -31.93 48.73 57.91
CA MET Y 89 -30.47 48.78 57.86
C MET Y 89 -29.95 50.09 58.41
N TYR Y 90 -30.60 51.20 58.09
CA TYR Y 90 -30.16 52.49 58.63
C TYR Y 90 -30.42 52.58 60.12
N PHE Y 91 -31.53 52.00 60.60
CA PHE Y 91 -31.80 51.99 62.03
C PHE Y 91 -30.80 51.12 62.78
N HIS Y 92 -30.37 50.02 62.15
CA HIS Y 92 -29.38 49.13 62.81
C HIS Y 92 -28.04 49.88 62.86
N GLY Y 93 -27.71 50.61 61.79
CA GLY Y 93 -26.52 51.42 61.85
C GLY Y 93 -26.62 52.63 62.74
N ALA Y 94 -27.82 52.97 63.21
CA ALA Y 94 -27.99 54.16 64.05
C ALA Y 94 -28.27 53.78 65.50
N ARG Y 95 -28.57 52.52 65.80
CA ARG Y 95 -28.81 52.15 67.19
C ARG Y 95 -27.97 50.99 67.72
N PHE Y 96 -27.72 49.98 66.89
CA PHE Y 96 -27.01 48.81 67.38
C PHE Y 96 -25.69 48.64 66.67
N SER Y 97 -24.96 49.73 66.49
CA SER Y 97 -23.74 49.67 65.70
C SER Y 97 -22.63 50.42 66.42
N ASN Y 98 -21.39 50.16 65.98
CA ASN Y 98 -20.23 50.93 66.38
C ASN Y 98 -19.78 51.87 65.27
N PHE Y 99 -20.74 52.51 64.60
CA PHE Y 99 -20.44 53.35 63.44
C PHE Y 99 -19.54 54.53 63.80
N SER Y 100 -19.80 55.15 64.95
CA SER Y 100 -18.97 56.28 65.40
C SER Y 100 -17.55 55.83 65.71
N SER Y 101 -17.42 54.69 66.38
CA SER Y 101 -16.12 54.13 66.68
C SER Y 101 -15.36 53.78 65.41
N TRP Y 102 -16.06 53.21 64.44
CA TRP Y 102 -15.43 52.88 63.16
C TRP Y 102 -15.08 54.15 62.38
N MET Y 103 -15.92 55.19 62.52
CA MET Y 103 -15.64 56.48 61.92
C MET Y 103 -14.35 57.08 62.47
N ALA Y 104 -14.09 56.84 63.75
CA ALA Y 104 -12.85 57.33 64.39
C ALA Y 104 -11.67 56.55 63.82
N ASP Y 105 -11.68 55.22 63.95
CA ASP Y 105 -10.61 54.33 63.45
C ASP Y 105 -11.20 53.24 62.56
N PRO Y 106 -11.17 53.44 61.24
CA PRO Y 106 -11.74 52.46 60.29
C PRO Y 106 -10.73 51.41 59.79
N THR Y 107 -9.63 51.22 60.51
CA THR Y 107 -8.60 50.27 60.13
C THR Y 107 -8.37 49.29 61.27
N HIS Y 108 -8.71 49.70 62.49
CA HIS Y 108 -8.56 48.87 63.66
C HIS Y 108 -9.87 48.47 64.30
N ILE Y 109 -10.97 49.09 63.90
CA ILE Y 109 -12.30 48.76 64.39
C ILE Y 109 -13.00 47.90 63.36
N ARG Y 110 -13.68 46.86 63.83
CA ARG Y 110 -14.42 45.95 62.92
C ARG Y 110 -15.87 46.43 62.82
N PRO Y 111 -16.39 46.62 61.60
CA PRO Y 111 -17.79 47.04 61.46
C PRO Y 111 -18.73 46.04 62.12
N SER Y 112 -19.67 46.57 62.89
CA SER Y 112 -20.65 45.73 63.56
C SER Y 112 -21.94 46.50 63.64
N ALA Y 113 -23.05 45.86 63.31
CA ALA Y 113 -24.36 46.51 63.35
C ALA Y 113 -25.43 45.57 63.89
N GLN Y 114 -25.05 44.61 64.71
CA GLN Y 114 -25.99 43.62 65.22
C GLN Y 114 -25.47 43.08 66.53
N VAL Y 115 -26.26 43.24 67.59
CA VAL Y 115 -25.95 42.71 68.90
C VAL Y 115 -26.97 41.64 69.25
N VAL Y 116 -26.53 40.61 69.94
CA VAL Y 116 -27.37 39.48 70.30
C VAL Y 116 -27.81 39.63 71.75
N TRP Y 117 -29.06 39.29 72.02
CA TRP Y 117 -29.60 39.36 73.36
C TRP Y 117 -28.92 38.32 74.26
N PRO Y 118 -28.80 38.59 75.57
CA PRO Y 118 -28.16 37.61 76.44
C PRO Y 118 -29.13 36.49 76.82
N LEU Y 119 -29.25 35.52 75.93
CA LEU Y 119 -30.10 34.36 76.14
C LEU Y 119 -29.17 33.16 76.15
N VAL Y 120 -29.73 31.95 76.09
CA VAL Y 120 -29.01 30.70 76.29
C VAL Y 120 -27.77 30.56 75.41
N GLY Y 121 -26.60 30.53 76.05
CA GLY Y 121 -25.30 30.48 75.40
C GLY Y 121 -25.03 31.49 74.30
N GLN Y 122 -25.89 32.50 74.20
CA GLN Y 122 -26.15 33.14 72.92
C GLN Y 122 -25.29 34.36 72.71
N ASP Y 123 -24.90 35.02 73.80
CA ASP Y 123 -24.11 36.24 73.76
C ASP Y 123 -22.63 35.96 73.52
N ILE Y 124 -22.24 34.71 73.32
CA ILE Y 124 -20.89 34.42 72.85
C ILE Y 124 -20.70 34.90 71.41
N LEU Y 125 -21.78 35.06 70.65
CA LEU Y 125 -21.69 35.51 69.26
C LEU Y 125 -21.35 36.98 69.18
N ASN Y 126 -21.57 37.71 70.27
CA ASN Y 126 -21.10 39.08 70.40
C ASN Y 126 -19.59 39.09 70.59
N GLY Y 127 -18.85 39.26 69.51
CA GLY Y 127 -17.39 39.29 69.57
C GLY Y 127 -16.87 40.70 69.79
N ASP Y 128 -15.65 40.79 70.31
CA ASP Y 128 -15.04 42.10 70.50
C ASP Y 128 -14.65 42.69 69.16
N MET Y 129 -15.23 43.85 68.83
CA MET Y 129 -15.06 44.49 67.54
C MET Y 129 -14.09 45.64 67.59
N GLY Y 130 -13.42 45.85 68.72
CA GLY Y 130 -12.52 46.97 68.87
C GLY Y 130 -13.22 48.17 69.45
N GLY Y 131 -12.66 48.74 70.50
CA GLY Y 131 -13.29 49.86 71.18
C GLY Y 131 -14.23 49.47 72.30
N GLY Y 132 -14.20 48.22 72.74
CA GLY Y 132 -15.11 47.77 73.78
C GLY Y 132 -16.48 47.39 73.30
N PHE Y 133 -16.68 47.36 71.98
CA PHE Y 133 -18.01 47.04 71.41
C PHE Y 133 -18.14 45.52 71.24
N ARG Y 134 -19.10 44.93 71.93
CA ARG Y 134 -19.35 43.47 71.85
C ARG Y 134 -20.52 43.25 70.88
N GLY Y 135 -20.21 42.87 69.64
CA GLY Y 135 -21.27 42.62 68.65
C GLY Y 135 -20.83 41.63 67.58
N ILE Y 136 -21.60 41.55 66.51
CA ILE Y 136 -21.35 40.67 65.37
C ILE Y 136 -20.75 41.47 64.23
N GLN Y 137 -19.65 40.99 63.65
CA GLN Y 137 -19.00 41.71 62.56
C GLN Y 137 -19.78 41.61 61.26
N ILE Y 138 -20.40 42.71 60.84
CA ILE Y 138 -21.16 42.72 59.60
C ILE Y 138 -20.22 42.82 58.41
N THR Y 139 -20.61 42.17 57.31
CA THR Y 139 -19.81 42.14 56.09
C THR Y 139 -20.59 42.70 54.91
N SER Y 140 -21.60 43.51 55.20
CA SER Y 140 -22.46 44.06 54.16
C SER Y 140 -21.92 45.33 53.53
N GLY Y 141 -20.87 45.90 54.09
CA GLY Y 141 -20.29 47.11 53.52
C GLY Y 141 -21.10 48.35 53.77
N LEU Y 142 -21.97 48.34 54.78
CA LEU Y 142 -22.81 49.50 55.06
C LEU Y 142 -21.98 50.65 55.59
N PHE Y 143 -21.04 50.37 56.48
CA PHE Y 143 -20.21 51.41 57.09
C PHE Y 143 -19.36 52.10 56.04
N GLN Y 144 -18.72 51.31 55.16
CA GLN Y 144 -17.90 51.87 54.09
C GLN Y 144 -18.73 52.67 53.11
N MET Y 145 -20.00 52.31 52.93
CA MET Y 145 -20.90 53.03 52.04
C MET Y 145 -21.34 54.35 52.67
N TRP Y 146 -21.69 54.32 53.95
CA TRP Y 146 -22.11 55.53 54.65
C TRP Y 146 -20.97 56.52 54.80
N ARG Y 147 -19.74 56.02 54.98
CA ARG Y 147 -18.58 56.90 55.03
C ARG Y 147 -18.38 57.63 53.70
N GLY Y 148 -18.54 56.91 52.59
CA GLY Y 148 -18.40 57.53 51.29
C GLY Y 148 -19.54 58.46 50.93
N GLU Y 149 -20.75 58.18 51.39
CA GLU Y 149 -21.88 59.03 51.08
C GLU Y 149 -21.79 60.36 51.82
N GLY Y 150 -21.28 60.35 53.04
CA GLY Y 150 -21.06 61.58 53.76
C GLY Y 150 -21.51 61.54 55.20
N PHE Y 151 -21.97 60.38 55.67
CA PHE Y 151 -22.44 60.24 57.03
C PHE Y 151 -21.25 60.30 58.00
N THR Y 152 -21.45 60.99 59.11
CA THR Y 152 -20.41 61.07 60.14
C THR Y 152 -20.93 60.64 61.50
N ASN Y 153 -22.18 60.91 61.80
CA ASN Y 153 -22.78 60.50 63.06
C ASN Y 153 -24.01 59.63 62.83
N GLU Y 154 -24.48 59.04 63.92
CA GLU Y 154 -25.58 58.07 63.83
C GLU Y 154 -26.94 58.77 63.71
N PHE Y 155 -27.02 60.04 64.06
CA PHE Y 155 -28.30 60.76 63.95
C PHE Y 155 -28.72 60.91 62.50
N GLN Y 156 -27.75 61.12 61.61
CA GLN Y 156 -28.04 61.19 60.19
C GLN Y 156 -28.56 59.85 59.67
N LEU Y 157 -28.00 58.76 60.17
CA LEU Y 157 -28.49 57.43 59.82
C LEU Y 157 -29.92 57.22 60.34
N TYR Y 158 -30.21 57.70 61.54
CA TYR Y 158 -31.56 57.60 62.08
C TYR Y 158 -32.55 58.41 61.25
N CYS Y 159 -32.12 59.59 60.79
CA CYS Y 159 -32.96 60.41 59.92
C CYS Y 159 -33.24 59.70 58.60
N THR Y 160 -32.22 59.04 58.04
CA THR Y 160 -32.40 58.30 56.80
C THR Y 160 -33.33 57.10 57.00
N ALA Y 161 -33.24 56.45 58.15
CA ALA Y 161 -34.14 55.36 58.49
C ALA Y 161 -35.59 55.82 58.56
N ILE Y 162 -35.82 56.97 59.22
CA ILE Y 162 -37.17 57.52 59.31
C ILE Y 162 -37.69 57.91 57.92
N GLY Y 163 -36.82 58.49 57.10
CA GLY Y 163 -37.21 58.84 55.74
C GLY Y 163 -37.56 57.62 54.90
N ALA Y 164 -36.81 56.53 55.06
CA ALA Y 164 -37.12 55.31 54.32
C ALA Y 164 -38.42 54.66 54.80
N LEU Y 165 -38.70 54.74 56.10
CA LEU Y 165 -39.98 54.23 56.61
C LEU Y 165 -41.16 55.05 56.07
N VAL Y 166 -40.98 56.36 56.00
CA VAL Y 166 -42.01 57.24 55.43
C VAL Y 166 -42.20 56.91 53.95
N MET Y 167 -41.10 56.69 53.23
CA MET Y 167 -41.18 56.30 51.82
C MET Y 167 -41.88 54.96 51.64
N ALA Y 168 -41.68 54.02 52.57
CA ALA Y 168 -42.37 52.73 52.50
C ALA Y 168 -43.87 52.89 52.67
N GLY Y 169 -44.29 53.72 53.64
CA GLY Y 169 -45.71 54.02 53.78
C GLY Y 169 -46.27 54.71 52.55
N LEU Y 170 -45.51 55.62 51.98
CA LEU Y 170 -45.92 56.30 50.76
C LEU Y 170 -46.01 55.35 49.57
N MET Y 171 -45.12 54.35 49.52
CA MET Y 171 -45.09 53.36 48.40
C MET Y 171 -46.26 52.38 48.51
N ILE Y 172 -46.73 52.11 49.73
CA ILE Y 172 -47.89 51.18 49.90
C ILE Y 172 -49.20 51.97 49.75
N PHE Y 173 -49.12 53.30 49.65
CA PHE Y 173 -50.34 54.11 49.41
C PHE Y 173 -50.47 54.33 47.90
N ALA Y 174 -49.33 54.44 47.22
CA ALA Y 174 -49.29 54.64 45.75
C ALA Y 174 -49.74 53.36 45.04
N GLY Y 175 -49.51 52.19 45.65
CA GLY Y 175 -49.91 50.90 45.08
C GLY Y 175 -51.38 50.63 45.34
N TRP Y 176 -51.94 51.24 46.38
CA TRP Y 176 -53.38 51.07 46.70
C TRP Y 176 -54.18 52.12 45.93
N PHE Y 177 -53.56 53.27 45.67
CA PHE Y 177 -54.25 54.37 44.94
C PHE Y 177 -54.21 54.11 43.44
N HIS Y 178 -53.25 53.31 42.98
CA HIS Y 178 -53.14 53.02 41.53
C HIS Y 178 -53.75 51.67 41.22
N TYR Y 179 -54.75 51.26 41.98
CA TYR Y 179 -55.44 49.97 41.74
C TYR Y 179 -56.86 50.05 42.31
N HIS Y 180 -57.00 50.61 43.51
CA HIS Y 180 -58.32 50.67 44.20
C HIS Y 180 -58.97 52.03 44.03
N VAL Y 181 -58.26 53.04 43.52
CA VAL Y 181 -58.88 54.34 43.38
C VAL Y 181 -58.80 54.77 41.93
N ARG Y 182 -57.59 54.99 41.42
CA ARG Y 182 -57.44 55.53 40.08
C ARG Y 182 -56.30 54.79 39.38
N SER Y 183 -56.64 53.67 38.76
CA SER Y 183 -55.69 52.80 38.08
C SER Y 183 -55.55 53.19 36.61
N PRO Y 184 -54.35 53.05 36.04
CA PRO Y 184 -54.14 53.46 34.65
C PRO Y 184 -54.81 52.54 33.64
N LYS Y 185 -54.93 53.06 32.43
CA LYS Y 185 -55.51 52.32 31.32
C LYS Y 185 -54.39 51.50 30.68
N LEU Y 186 -54.72 50.62 29.75
CA LEU Y 186 -53.68 49.82 29.11
C LEU Y 186 -52.85 50.65 28.15
N GLU Y 187 -53.43 51.70 27.58
CA GLU Y 187 -52.71 52.56 26.65
C GLU Y 187 -51.54 53.28 27.33
N TRP Y 188 -51.66 53.51 28.64
CA TRP Y 188 -50.57 54.10 29.41
C TRP Y 188 -49.41 53.14 29.59
N PHE Y 189 -49.69 51.85 29.85
CA PHE Y 189 -48.64 50.86 30.03
C PHE Y 189 -47.91 50.56 28.73
N GLN Y 190 -48.59 50.65 27.59
CA GLN Y 190 -48.03 50.34 26.29
C GLN Y 190 -47.22 51.49 25.71
N ASN Y 191 -47.08 52.59 26.45
CA ASN Y 191 -46.29 53.74 26.02
C ASN Y 191 -44.82 53.53 26.34
N VAL Y 192 -44.20 52.64 25.57
CA VAL Y 192 -42.82 52.26 25.84
C VAL Y 192 -41.86 53.39 25.46
N GLN Y 193 -42.26 54.23 24.51
CA GLN Y 193 -41.46 55.39 24.11
C GLN Y 193 -41.32 56.37 25.26
N SER Y 194 -42.46 56.73 25.86
CA SER Y 194 -42.50 57.64 27.00
C SER Y 194 -41.78 57.04 28.20
N MET Y 195 -42.00 55.74 28.45
CA MET Y 195 -41.35 55.08 29.58
C MET Y 195 -39.84 55.05 29.42
N LEU Y 196 -39.35 54.73 28.22
CA LEU Y 196 -37.92 54.73 27.98
C LEU Y 196 -37.33 56.13 28.09
N ASN Y 197 -38.03 57.14 27.53
CA ASN Y 197 -37.58 58.52 27.63
C ASN Y 197 -37.46 58.95 29.09
N HIS Y 198 -38.45 58.64 29.90
CA HIS Y 198 -38.47 59.10 31.27
C HIS Y 198 -37.48 58.32 32.13
N HIS Y 199 -37.39 57.01 31.94
CA HIS Y 199 -36.46 56.21 32.72
C HIS Y 199 -35.02 56.54 32.36
N LEU Y 200 -34.76 56.85 31.09
CA LEU Y 200 -33.40 57.14 30.66
C LEU Y 200 -32.99 58.54 31.08
N ALA Y 201 -33.90 59.50 31.01
CA ALA Y 201 -33.58 60.89 31.33
C ALA Y 201 -33.94 61.29 32.75
N GLY Y 202 -35.06 60.79 33.28
CA GLY Y 202 -35.49 61.24 34.58
C GLY Y 202 -35.11 60.33 35.73
N LEU Y 203 -35.08 59.02 35.50
CA LEU Y 203 -34.68 58.09 36.56
C LEU Y 203 -33.18 57.96 36.63
N LEU Y 204 -32.54 57.60 35.52
CA LEU Y 204 -31.10 57.41 35.53
C LEU Y 204 -30.37 58.74 35.41
N GLY Y 205 -30.72 59.54 34.40
CA GLY Y 205 -30.10 60.83 34.18
C GLY Y 205 -30.22 61.81 35.33
N LEU Y 206 -31.45 62.12 35.74
CA LEU Y 206 -31.63 63.04 36.85
C LEU Y 206 -31.20 62.44 38.16
N GLY Y 207 -31.31 61.13 38.31
CA GLY Y 207 -30.85 60.49 39.53
C GLY Y 207 -29.36 60.60 39.73
N SER Y 208 -28.60 60.33 38.68
CA SER Y 208 -27.15 60.46 38.79
C SER Y 208 -26.73 61.93 38.82
N LEU Y 209 -27.52 62.82 38.21
CA LEU Y 209 -27.24 64.26 38.35
C LEU Y 209 -27.44 64.74 39.77
N GLY Y 210 -28.54 64.31 40.40
CA GLY Y 210 -28.75 64.66 41.80
C GLY Y 210 -27.70 64.06 42.71
N TRP Y 211 -27.28 62.83 42.41
CA TRP Y 211 -26.22 62.26 43.23
C TRP Y 211 -24.89 62.97 43.02
N ALA Y 212 -24.61 63.42 41.79
CA ALA Y 212 -23.42 64.23 41.55
C ALA Y 212 -23.47 65.55 42.30
N GLY Y 213 -24.65 66.15 42.41
CA GLY Y 213 -24.81 67.33 43.24
C GLY Y 213 -24.54 67.07 44.70
N HIS Y 214 -25.06 65.94 45.20
CA HIS Y 214 -24.78 65.51 46.57
C HIS Y 214 -23.29 65.30 46.79
N LEU Y 215 -22.63 64.60 45.88
CA LEU Y 215 -21.21 64.33 45.99
C LEU Y 215 -20.39 65.60 45.98
N ILE Y 216 -20.67 66.51 45.06
CA ILE Y 216 -19.94 67.77 44.94
C ILE Y 216 -20.15 68.65 46.17
N HIS Y 217 -21.30 68.58 46.83
CA HIS Y 217 -21.54 69.45 47.96
C HIS Y 217 -21.56 68.78 49.33
N VAL Y 218 -21.62 67.46 49.41
CA VAL Y 218 -21.64 66.83 50.73
C VAL Y 218 -20.50 65.83 50.86
N ALA Y 219 -20.46 64.86 49.95
CA ALA Y 219 -19.54 63.75 50.07
C ALA Y 219 -18.09 64.13 49.85
N LEU Y 220 -17.79 64.87 48.78
CA LEU Y 220 -16.43 65.33 48.51
C LEU Y 220 -15.87 66.19 49.64
N PRO Y 221 -16.62 67.20 50.22
CA PRO Y 221 -16.14 67.89 51.43
C PRO Y 221 -15.76 67.01 52.60
N THR Y 222 -16.73 66.17 52.99
CA THR Y 222 -16.58 65.33 54.16
C THR Y 222 -15.45 64.34 53.99
N ASN Y 223 -15.36 63.74 52.81
CA ASN Y 223 -14.29 62.78 52.54
C ASN Y 223 -12.93 63.47 52.47
N LYS Y 224 -12.88 64.69 51.95
CA LYS Y 224 -11.62 65.42 51.89
C LYS Y 224 -11.10 65.75 53.29
N LEU Y 225 -12.00 66.20 54.16
CA LEU Y 225 -11.61 66.45 55.55
C LEU Y 225 -11.25 65.16 56.28
N LEU Y 226 -12.00 64.09 56.01
CA LEU Y 226 -11.71 62.79 56.63
C LEU Y 226 -10.34 62.28 56.22
N ASP Y 227 -9.99 62.44 54.95
CA ASP Y 227 -8.68 62.00 54.48
C ASP Y 227 -7.57 62.92 54.98
N ALA Y 228 -7.89 64.20 55.19
CA ALA Y 228 -6.93 65.13 55.77
C ALA Y 228 -6.54 64.71 57.19
N GLY Y 229 -7.53 64.26 57.98
CA GLY Y 229 -7.24 63.77 59.31
C GLY Y 229 -8.21 64.25 60.36
N VAL Y 230 -9.23 65.00 59.95
CA VAL Y 230 -10.18 65.59 60.89
C VAL Y 230 -11.03 64.51 61.54
N ALA Y 231 -11.27 64.66 62.84
CA ALA Y 231 -12.11 63.73 63.58
C ALA Y 231 -13.56 63.85 63.13
N PRO Y 232 -14.33 62.75 63.16
CA PRO Y 232 -15.68 62.76 62.54
C PRO Y 232 -16.65 63.77 63.12
N GLN Y 233 -16.61 64.05 64.42
CA GLN Y 233 -17.48 65.07 64.97
C GLN Y 233 -16.81 66.44 65.04
N ASP Y 234 -15.58 66.56 64.53
CA ASP Y 234 -14.99 67.87 64.29
C ASP Y 234 -15.31 68.40 62.90
N ILE Y 235 -15.92 67.58 62.06
CA ILE Y 235 -16.28 67.91 60.68
C ILE Y 235 -17.56 68.74 60.68
N PRO Y 236 -17.68 69.77 59.85
CA PRO Y 236 -18.96 70.47 59.71
C PRO Y 236 -20.02 69.57 59.11
N LEU Y 237 -21.26 69.86 59.47
CA LEU Y 237 -22.39 69.16 58.90
C LEU Y 237 -22.54 69.55 57.43
N PRO Y 238 -23.21 68.70 56.62
CA PRO Y 238 -23.22 68.95 55.16
C PRO Y 238 -23.82 70.27 54.72
N HIS Y 239 -24.76 70.81 55.48
CA HIS Y 239 -25.45 72.02 55.05
C HIS Y 239 -24.55 73.24 55.13
N GLU Y 240 -23.63 73.29 56.10
CA GLU Y 240 -22.63 74.35 56.08
C GLU Y 240 -21.77 74.32 54.83
N PHE Y 241 -21.49 73.10 54.34
CA PHE Y 241 -20.74 72.97 53.07
C PHE Y 241 -21.63 73.58 51.97
N VAL Y 242 -22.94 73.32 52.05
CA VAL Y 242 -23.87 73.93 51.10
C VAL Y 242 -24.02 75.43 51.37
N LEU Y 243 -24.16 75.83 52.64
CA LEU Y 243 -24.45 77.23 52.99
C LEU Y 243 -23.36 78.24 52.62
N ASP Y 244 -22.21 78.22 53.28
CA ASP Y 244 -21.25 79.29 53.05
C ASP Y 244 -20.14 78.83 52.08
N LYS Y 245 -19.85 79.69 51.10
CA LYS Y 245 -18.95 79.30 50.03
C LYS Y 245 -17.50 79.55 50.38
N ALA Y 246 -17.23 80.29 51.45
CA ALA Y 246 -15.86 80.46 51.92
C ALA Y 246 -15.30 79.16 52.48
N LEU Y 247 -16.08 78.48 53.31
CA LEU Y 247 -15.67 77.18 53.86
C LEU Y 247 -15.45 76.17 52.75
N MET Y 248 -16.31 76.18 51.75
CA MET Y 248 -16.19 75.23 50.64
C MET Y 248 -15.06 75.63 49.69
N ALA Y 249 -14.72 76.91 49.64
CA ALA Y 249 -13.63 77.38 48.78
C ALA Y 249 -12.27 77.20 49.43
N GLU Y 250 -12.23 77.04 50.76
CA GLU Y 250 -10.99 76.59 51.39
C GLU Y 250 -10.58 75.22 50.85
N LEU Y 251 -11.54 74.31 50.71
CA LEU Y 251 -11.24 72.96 50.23
C LEU Y 251 -10.92 72.96 48.74
N TYR Y 252 -11.79 73.62 47.96
CA TYR Y 252 -11.62 73.69 46.48
C TYR Y 252 -11.54 75.17 46.05
N PRO Y 253 -10.55 75.50 45.23
CA PRO Y 253 -10.36 76.89 44.76
C PRO Y 253 -11.16 77.17 43.47
N SER Y 254 -11.88 76.16 42.98
CA SER Y 254 -12.72 76.31 41.76
C SER Y 254 -14.14 76.74 42.15
N PHE Y 255 -14.47 76.70 43.45
CA PHE Y 255 -15.81 77.11 43.94
C PHE Y 255 -15.84 78.62 44.23
N ALA Y 256 -14.71 79.30 44.07
CA ALA Y 256 -14.62 80.76 44.25
C ALA Y 256 -15.20 81.48 43.03
N GLN Y 257 -15.25 80.79 41.89
CA GLN Y 257 -15.80 81.36 40.63
C GLN Y 257 -17.26 80.91 40.46
N GLY Y 258 -17.80 80.20 41.46
CA GLY Y 258 -19.21 79.77 41.43
C GLY Y 258 -19.60 79.06 40.14
N ILE Y 259 -20.89 79.10 39.79
CA ILE Y 259 -21.42 78.43 38.57
C ILE Y 259 -21.37 79.42 37.40
N ARG Y 260 -20.18 79.90 37.06
CA ARG Y 260 -20.02 80.88 35.95
C ARG Y 260 -19.17 80.24 34.84
N PRO Y 261 -18.12 79.50 35.23
CA PRO Y 261 -17.25 78.85 34.25
C PRO Y 261 -18.01 77.74 33.51
N PHE Y 262 -19.10 77.25 34.11
CA PHE Y 262 -19.90 76.22 33.47
C PHE Y 262 -20.72 76.74 32.32
N PHE Y 263 -21.35 77.91 32.48
CA PHE Y 263 -22.15 78.49 31.42
C PHE Y 263 -21.30 79.17 30.36
N THR Y 264 -20.16 79.73 30.74
CA THR Y 264 -19.22 80.30 29.79
C THR Y 264 -18.23 79.27 29.28
N LEU Y 265 -18.46 77.99 29.60
CA LEU Y 265 -17.83 76.83 28.98
C LEU Y 265 -16.33 76.75 29.28
N ASN Y 266 -15.89 77.43 30.34
CA ASN Y 266 -14.53 77.31 30.87
C ASN Y 266 -14.47 76.17 31.86
N TRP Y 267 -14.52 74.95 31.34
CA TRP Y 267 -14.68 73.79 32.21
C TRP Y 267 -13.39 73.36 32.90
N ALA Y 268 -12.21 73.70 32.39
CA ALA Y 268 -10.98 73.31 33.09
C ALA Y 268 -10.77 74.08 34.38
N THR Y 269 -11.55 75.12 34.61
CA THR Y 269 -11.60 75.78 35.91
C THR Y 269 -12.03 74.83 37.00
N TYR Y 270 -12.87 73.86 36.67
CA TYR Y 270 -13.51 72.99 37.64
C TYR Y 270 -12.71 71.71 37.85
N SER Y 271 -11.46 71.67 37.37
CA SER Y 271 -10.68 70.45 37.26
C SER Y 271 -10.03 70.02 38.56
N ASP Y 272 -10.44 70.57 39.69
CA ASP Y 272 -9.89 70.12 40.96
C ASP Y 272 -10.87 69.36 41.83
N PHE Y 273 -12.15 69.33 41.49
CA PHE Y 273 -13.11 68.45 42.14
C PHE Y 273 -13.78 67.55 41.11
N LEU Y 274 -13.65 67.88 39.83
CA LEU Y 274 -13.94 66.94 38.76
C LEU Y 274 -12.62 66.49 38.17
N THR Y 275 -11.94 65.58 38.87
CA THR Y 275 -10.66 65.09 38.40
C THR Y 275 -10.89 63.88 37.50
N PHE Y 276 -9.84 63.42 36.85
CA PHE Y 276 -10.02 62.32 35.93
C PHE Y 276 -8.81 61.42 36.18
N ASN Y 277 -8.41 61.33 37.46
CA ASN Y 277 -7.22 60.61 37.91
C ASN Y 277 -7.27 59.15 37.52
N GLY Y 278 -8.27 58.44 38.02
CA GLY Y 278 -8.47 57.07 37.66
C GLY Y 278 -7.53 56.12 38.37
N GLY Y 279 -7.60 56.06 39.69
CA GLY Y 279 -6.82 55.12 40.46
C GLY Y 279 -7.49 54.79 41.77
N LEU Y 280 -6.73 54.79 42.84
CA LEU Y 280 -7.27 54.60 44.18
C LEU Y 280 -6.69 55.68 45.09
N ASN Y 281 -7.52 56.22 45.98
CA ASN Y 281 -7.06 57.07 47.06
C ASN Y 281 -6.08 56.31 47.94
N PRO Y 282 -4.84 56.80 48.09
CA PRO Y 282 -3.89 56.11 48.99
C PRO Y 282 -4.32 56.12 50.45
N VAL Y 283 -5.01 57.17 50.90
CA VAL Y 283 -5.43 57.25 52.29
C VAL Y 283 -6.47 56.19 52.60
N THR Y 284 -7.59 56.22 51.88
CA THR Y 284 -8.69 55.31 52.15
C THR Y 284 -8.50 53.96 51.50
N GLY Y 285 -8.24 53.94 50.20
CA GLY Y 285 -8.11 52.69 49.50
C GLY Y 285 -9.15 52.61 48.42
N GLY Y 286 -10.18 53.44 48.56
CA GLY Y 286 -11.25 53.52 47.59
C GLY Y 286 -10.89 54.39 46.42
N LEU Y 287 -11.85 54.55 45.52
CA LEU Y 287 -11.60 55.36 44.33
C LEU Y 287 -11.50 56.83 44.71
N TRP Y 288 -10.91 57.61 43.81
CA TRP Y 288 -10.82 59.04 43.99
C TRP Y 288 -12.22 59.64 43.97
N MET Y 289 -12.56 60.36 45.03
CA MET Y 289 -13.93 60.82 45.21
C MET Y 289 -14.28 61.90 44.19
N THR Y 290 -13.32 62.76 43.87
CA THR Y 290 -13.51 63.74 42.82
C THR Y 290 -13.73 63.07 41.47
N ASP Y 291 -12.99 61.99 41.22
CA ASP Y 291 -13.13 61.20 40.00
C ASP Y 291 -14.52 60.54 39.94
N ILE Y 292 -15.04 60.13 41.10
CA ILE Y 292 -16.40 59.59 41.20
C ILE Y 292 -17.45 60.65 40.85
N ALA Y 293 -17.28 61.86 41.39
CA ALA Y 293 -18.22 62.94 41.11
C ALA Y 293 -18.21 63.32 39.64
N HIS Y 294 -17.02 63.36 39.05
CA HIS Y 294 -16.90 63.63 37.62
C HIS Y 294 -17.57 62.55 36.79
N HIS Y 295 -17.45 61.29 37.22
CA HIS Y 295 -18.16 60.18 36.59
C HIS Y 295 -19.67 60.41 36.58
N HIS Y 296 -20.21 60.79 37.73
CA HIS Y 296 -21.65 60.94 37.83
C HIS Y 296 -22.15 62.13 37.04
N VAL Y 297 -21.39 63.21 37.00
CA VAL Y 297 -21.70 64.33 36.11
C VAL Y 297 -21.71 63.91 34.64
N ALA Y 298 -20.70 63.17 34.19
CA ALA Y 298 -20.63 62.74 32.79
C ALA Y 298 -21.75 61.78 32.43
N ILE Y 299 -22.08 60.83 33.31
CA ILE Y 299 -23.13 59.88 32.94
C ILE Y 299 -24.51 60.50 33.10
N ALA Y 300 -24.66 61.54 33.93
CA ALA Y 300 -25.90 62.30 33.93
C ALA Y 300 -26.11 63.00 32.60
N VAL Y 301 -25.06 63.65 32.09
CA VAL Y 301 -25.15 64.28 30.79
C VAL Y 301 -25.40 63.26 29.69
N LEU Y 302 -24.84 62.06 29.80
CA LEU Y 302 -25.08 61.01 28.82
C LEU Y 302 -26.48 60.42 28.89
N PHE Y 303 -26.98 60.11 30.08
CA PHE Y 303 -28.30 59.50 30.21
C PHE Y 303 -29.42 60.47 29.88
N ILE Y 304 -29.29 61.74 30.32
CA ILE Y 304 -30.32 62.71 29.97
C ILE Y 304 -30.38 62.90 28.47
N PHE Y 305 -29.21 63.01 27.83
CA PHE Y 305 -29.17 63.13 26.37
C PHE Y 305 -29.74 61.88 25.71
N ALA Y 306 -29.48 60.69 26.26
CA ALA Y 306 -30.08 59.47 25.74
C ALA Y 306 -31.60 59.42 25.92
N GLY Y 307 -32.15 60.15 26.89
CA GLY Y 307 -33.57 60.12 27.11
C GLY Y 307 -34.39 60.88 26.07
N HIS Y 308 -33.73 61.63 25.20
CA HIS Y 308 -34.42 62.33 24.11
C HIS Y 308 -34.22 61.57 22.81
N MET Y 309 -34.68 60.33 22.78
CA MET Y 309 -34.41 59.55 21.59
C MET Y 309 -35.70 59.06 20.93
N TYR Y 310 -36.72 58.83 21.74
CA TYR Y 310 -37.92 58.15 21.28
C TYR Y 310 -39.07 59.13 21.14
N ARG Y 311 -39.73 59.10 19.99
CA ARG Y 311 -40.85 59.99 19.68
C ARG Y 311 -41.98 59.81 20.67
N THR Y 312 -42.41 60.89 21.30
CA THR Y 312 -43.45 60.73 22.30
C THR Y 312 -44.74 61.47 21.97
N ASN Y 313 -44.69 62.81 21.92
CA ASN Y 313 -45.85 63.58 21.50
C ASN Y 313 -45.46 64.73 20.58
N TRP Y 314 -44.26 64.71 20.02
CA TRP Y 314 -43.81 65.93 19.37
C TRP Y 314 -43.09 65.70 18.05
N GLY Y 315 -43.30 64.55 17.40
CA GLY Y 315 -42.78 64.38 16.06
C GLY Y 315 -41.33 63.93 16.01
N ILE Y 316 -40.45 64.71 16.63
CA ILE Y 316 -39.04 64.34 16.72
C ILE Y 316 -38.88 63.10 17.59
N GLY Y 317 -37.91 62.27 17.26
CA GLY Y 317 -37.64 61.04 17.97
C GLY Y 317 -37.61 59.86 17.02
N HIS Y 318 -37.38 58.69 17.61
CA HIS Y 318 -37.56 57.43 16.91
C HIS Y 318 -38.86 56.76 17.31
N SER Y 319 -39.35 55.93 16.40
CA SER Y 319 -40.36 54.94 16.75
C SER Y 319 -39.67 53.59 16.73
N ILE Y 320 -39.68 52.92 17.89
CA ILE Y 320 -38.99 51.60 18.06
C ILE Y 320 -39.63 50.58 17.12
N ARG Y 321 -40.91 50.76 16.77
CA ARG Y 321 -41.60 49.80 15.87
C ARG Y 321 -41.00 49.89 14.47
N THR Y 322 -40.65 51.10 14.03
CA THR Y 322 -40.06 51.35 12.69
C THR Y 322 -38.63 50.79 12.65
N MET Y 323 -37.86 51.05 13.70
CA MET Y 323 -36.48 50.57 13.80
C MET Y 323 -36.44 49.05 13.87
N LEU Y 324 -37.41 48.45 14.56
CA LEU Y 324 -37.51 46.99 14.62
C LEU Y 324 -37.90 46.41 13.27
N GLU Y 325 -38.90 47.00 12.62
CA GLU Y 325 -39.39 46.48 11.35
C GLU Y 325 -38.45 46.71 10.20
N ASP Y 326 -37.51 47.65 10.30
CA ASP Y 326 -36.55 47.84 9.21
C ASP Y 326 -35.31 46.99 9.34
N ALA Y 327 -35.04 46.43 10.52
CA ALA Y 327 -33.87 45.58 10.70
C ALA Y 327 -34.19 44.20 10.15
N ARG Y 328 -33.85 44.02 8.87
CA ARG Y 328 -34.24 42.85 8.10
C ARG Y 328 -33.49 42.87 6.78
N HIS Y 329 -33.34 41.71 6.18
CA HIS Y 329 -32.77 41.65 4.84
C HIS Y 329 -33.77 42.26 3.86
N PRO Y 330 -33.31 43.07 2.89
CA PRO Y 330 -31.94 43.33 2.46
C PRO Y 330 -31.34 44.60 3.03
N LYS Y 331 -31.85 45.04 4.18
CA LYS Y 331 -31.41 46.28 4.80
C LYS Y 331 -30.33 46.06 5.85
N MET Y 332 -29.83 44.84 5.97
CA MET Y 332 -28.84 44.55 6.99
C MET Y 332 -27.45 44.51 6.39
N LEU Y 333 -26.45 44.32 7.25
CA LEU Y 333 -25.11 44.03 6.77
C LEU Y 333 -25.14 42.71 6.02
N PRO Y 334 -24.40 42.59 4.90
CA PRO Y 334 -24.53 41.42 4.03
C PRO Y 334 -24.28 40.07 4.71
N PHE Y 335 -23.39 40.02 5.70
CA PHE Y 335 -23.18 38.75 6.40
C PHE Y 335 -24.17 38.54 7.51
N LEU Y 336 -24.90 39.58 7.91
CA LEU Y 336 -25.93 39.49 8.92
C LEU Y 336 -27.31 39.36 8.30
N SER Y 337 -27.37 39.07 7.00
CA SER Y 337 -28.60 39.09 6.22
C SER Y 337 -29.32 37.76 6.26
N PHE Y 338 -28.85 36.82 7.07
CA PHE Y 338 -29.44 35.49 7.17
C PHE Y 338 -30.74 35.51 7.97
N ILE Y 339 -31.12 36.63 8.54
CA ILE Y 339 -32.30 36.71 9.37
C ILE Y 339 -33.55 37.01 8.54
N GLY Y 340 -33.40 37.14 7.23
CA GLY Y 340 -34.53 37.10 6.33
C GLY Y 340 -35.26 38.41 6.16
N PRO Y 341 -36.32 38.41 5.36
CA PRO Y 341 -36.94 39.66 4.93
C PRO Y 341 -37.99 40.16 5.88
N VAL Y 342 -38.21 39.44 6.97
CA VAL Y 342 -39.14 39.88 7.99
C VAL Y 342 -38.41 40.47 9.19
N GLY Y 343 -37.32 39.85 9.62
CA GLY Y 343 -36.45 40.42 10.62
C GLY Y 343 -37.10 40.50 11.98
N HIS Y 344 -37.32 41.72 12.45
CA HIS Y 344 -37.83 41.96 13.80
C HIS Y 344 -39.20 42.60 13.72
N ARG Y 345 -40.00 42.11 12.76
CA ARG Y 345 -41.23 42.80 12.40
C ARG Y 345 -42.30 42.64 13.48
N GLY Y 346 -42.47 41.42 13.99
CA GLY Y 346 -43.52 41.20 14.96
C GLY Y 346 -43.07 41.29 16.40
N LEU Y 347 -41.87 41.82 16.63
CA LEU Y 347 -41.32 41.84 17.98
C LEU Y 347 -41.75 43.04 18.80
N PHE Y 348 -42.19 44.12 18.15
CA PHE Y 348 -42.71 45.23 18.93
C PHE Y 348 -44.07 44.88 19.51
N GLU Y 349 -44.82 44.02 18.85
CA GLU Y 349 -46.10 43.58 19.36
C GLU Y 349 -45.95 42.41 20.32
N VAL Y 350 -44.85 41.67 20.23
CA VAL Y 350 -44.48 40.71 21.27
C VAL Y 350 -44.15 41.40 22.58
N LEU Y 351 -43.38 42.48 22.54
CA LEU Y 351 -42.83 43.10 23.73
C LEU Y 351 -43.75 44.13 24.36
N THR Y 352 -44.79 44.55 23.66
CA THR Y 352 -45.77 45.48 24.23
C THR Y 352 -47.06 44.78 24.61
N THR Y 353 -47.18 43.48 24.35
CA THR Y 353 -48.33 42.72 24.79
C THR Y 353 -47.99 41.56 25.71
N SER Y 354 -46.75 41.13 25.78
CA SER Y 354 -46.33 40.09 26.70
C SER Y 354 -45.51 40.71 27.82
N TRP Y 355 -45.97 40.52 29.06
CA TRP Y 355 -45.20 40.91 30.23
C TRP Y 355 -44.07 39.93 30.50
N HIS Y 356 -44.24 38.68 30.09
CA HIS Y 356 -43.21 37.67 30.31
C HIS Y 356 -42.00 37.88 29.43
N ALA Y 357 -42.21 38.36 28.20
CA ALA Y 357 -41.10 38.68 27.31
C ALA Y 357 -40.25 39.81 27.89
N GLN Y 358 -40.92 40.85 28.39
CA GLN Y 358 -40.24 41.95 29.04
C GLN Y 358 -39.52 41.48 30.29
N LEU Y 359 -40.17 40.64 31.09
CA LEU Y 359 -39.54 40.15 32.32
C LEU Y 359 -38.33 39.29 32.02
N SER Y 360 -38.40 38.47 30.97
CA SER Y 360 -37.25 37.67 30.58
C SER Y 360 -36.05 38.55 30.19
N ILE Y 361 -36.29 39.57 29.35
CA ILE Y 361 -35.18 40.47 28.97
C ILE Y 361 -34.64 41.20 30.18
N ASN Y 362 -35.53 41.72 31.03
CA ASN Y 362 -35.11 42.54 32.16
C ASN Y 362 -34.39 41.72 33.22
N LEU Y 363 -34.82 40.47 33.45
CA LEU Y 363 -34.11 39.59 34.37
C LEU Y 363 -32.74 39.21 33.84
N ALA Y 364 -32.62 38.95 32.54
CA ALA Y 364 -31.31 38.65 31.96
C ALA Y 364 -30.37 39.82 32.13
N MET Y 365 -30.84 41.03 31.81
CA MET Y 365 -30.00 42.21 31.95
C MET Y 365 -29.71 42.55 33.40
N MET Y 366 -30.68 42.35 34.29
CA MET Y 366 -30.48 42.65 35.70
C MET Y 366 -29.49 41.70 36.34
N GLY Y 367 -29.57 40.41 36.02
CA GLY Y 367 -28.59 39.47 36.53
C GLY Y 367 -27.21 39.68 35.96
N SER Y 368 -27.13 39.97 34.66
CA SER Y 368 -25.85 40.27 34.06
C SER Y 368 -25.24 41.54 34.65
N LEU Y 369 -26.07 42.52 34.96
CA LEU Y 369 -25.55 43.77 35.50
C LEU Y 369 -25.14 43.60 36.95
N SER Y 370 -25.84 42.74 37.70
CA SER Y 370 -25.41 42.41 39.06
C SER Y 370 -24.06 41.69 39.06
N ILE Y 371 -23.84 40.79 38.10
CA ILE Y 371 -22.54 40.17 37.93
C ILE Y 371 -21.46 41.19 37.56
N ILE Y 372 -21.80 42.15 36.68
CA ILE Y 372 -20.87 43.23 36.33
C ILE Y 372 -20.55 44.09 37.55
N VAL Y 373 -21.54 44.36 38.40
CA VAL Y 373 -21.32 45.04 39.66
C VAL Y 373 -20.36 44.27 40.55
N ALA Y 374 -20.53 42.95 40.64
CA ALA Y 374 -19.60 42.12 41.41
C ALA Y 374 -18.18 42.18 40.88
N GLN Y 375 -17.99 42.18 39.57
CA GLN Y 375 -16.65 42.17 39.01
C GLN Y 375 -15.99 43.55 38.96
N HIS Y 376 -16.73 44.63 39.22
CA HIS Y 376 -16.19 45.98 39.13
C HIS Y 376 -15.95 46.60 40.50
N MET Y 377 -16.37 45.95 41.57
CA MET Y 377 -16.21 46.52 42.89
C MET Y 377 -15.16 45.83 43.73
N TYR Y 378 -14.55 44.74 43.25
CA TYR Y 378 -13.36 44.25 43.92
C TYR Y 378 -12.11 44.90 43.35
N SER Y 379 -12.13 45.20 42.05
CA SER Y 379 -10.98 45.71 41.35
C SER Y 379 -10.92 47.23 41.32
N MET Y 380 -12.06 47.89 41.39
CA MET Y 380 -12.13 49.34 41.53
C MET Y 380 -12.97 49.61 42.77
N PRO Y 381 -12.40 49.46 43.96
CA PRO Y 381 -13.17 49.59 45.18
C PRO Y 381 -13.71 51.00 45.32
N PRO Y 382 -15.02 51.16 45.33
CA PRO Y 382 -15.59 52.50 45.21
C PRO Y 382 -15.91 53.18 46.54
N TYR Y 383 -15.54 52.57 47.66
CA TYR Y 383 -15.85 53.18 48.94
C TYR Y 383 -14.59 53.23 49.79
N PRO Y 384 -14.53 54.18 50.73
CA PRO Y 384 -13.36 54.27 51.62
C PRO Y 384 -13.23 53.05 52.52
N TYR Y 385 -12.01 52.54 52.62
CA TYR Y 385 -11.65 51.44 53.52
C TYR Y 385 -12.49 50.18 53.25
N LEU Y 386 -12.79 49.99 51.97
CA LEU Y 386 -13.53 48.83 51.49
C LEU Y 386 -12.63 47.68 51.11
N ALA Y 387 -11.57 47.96 50.35
CA ALA Y 387 -10.70 46.92 49.83
C ALA Y 387 -9.92 46.23 50.93
N THR Y 388 -9.66 46.92 52.03
CA THR Y 388 -8.87 46.33 53.10
C THR Y 388 -9.73 45.46 54.02
N ASP Y 389 -11.03 45.68 54.06
CA ASP Y 389 -11.87 44.76 54.81
C ASP Y 389 -12.22 43.63 53.85
N TYR Y 390 -11.45 42.54 53.97
CA TYR Y 390 -11.53 41.47 52.98
C TYR Y 390 -12.81 40.65 53.13
N GLY Y 391 -13.36 40.60 54.33
CA GLY Y 391 -14.65 39.96 54.51
C GLY Y 391 -15.76 40.65 53.76
N THR Y 392 -15.77 41.98 53.76
CA THR Y 392 -16.73 42.75 53.01
C THR Y 392 -16.55 42.59 51.52
N VAL Y 393 -15.31 42.62 51.03
CA VAL Y 393 -15.05 42.45 49.60
C VAL Y 393 -15.51 41.07 49.13
N THR Y 394 -15.18 40.03 49.90
CA THR Y 394 -15.61 38.68 49.62
C THR Y 394 -17.12 38.56 49.59
N SER Y 395 -17.78 39.10 50.62
CA SER Y 395 -19.22 38.99 50.76
C SER Y 395 -19.94 39.73 49.64
N LEU Y 396 -19.48 40.92 49.29
CA LEU Y 396 -20.13 41.69 48.24
C LEU Y 396 -20.00 41.01 46.88
N PHE Y 397 -18.78 40.55 46.53
CA PHE Y 397 -18.60 39.85 45.27
C PHE Y 397 -19.46 38.60 45.21
N THR Y 398 -19.46 37.82 46.29
CA THR Y 398 -20.18 36.55 46.32
C THR Y 398 -21.68 36.77 46.26
N HIS Y 399 -22.18 37.74 47.03
CA HIS Y 399 -23.61 38.03 47.04
C HIS Y 399 -24.09 38.48 45.67
N HIS Y 400 -23.35 39.36 45.02
CA HIS Y 400 -23.83 39.86 43.74
C HIS Y 400 -23.69 38.82 42.65
N MET Y 401 -22.71 37.92 42.73
CA MET Y 401 -22.68 36.79 41.81
C MET Y 401 -23.87 35.86 42.00
N TRP Y 402 -24.27 35.58 43.24
CA TRP Y 402 -25.42 34.71 43.44
C TRP Y 402 -26.71 35.35 42.97
N ILE Y 403 -26.89 36.65 43.27
CA ILE Y 403 -28.09 37.35 42.80
C ILE Y 403 -28.13 37.38 41.28
N GLY Y 404 -26.99 37.63 40.64
CA GLY Y 404 -26.94 37.62 39.20
C GLY Y 404 -27.28 36.27 38.59
N GLY Y 405 -26.73 35.20 39.16
CA GLY Y 405 -27.03 33.87 38.64
C GLY Y 405 -28.49 33.50 38.78
N PHE Y 406 -29.09 33.80 39.92
CA PHE Y 406 -30.51 33.50 40.14
C PHE Y 406 -31.39 34.28 39.18
N LEU Y 407 -31.09 35.57 39.01
CA LEU Y 407 -31.82 36.43 38.08
C LEU Y 407 -31.71 35.94 36.63
N ILE Y 408 -30.51 35.49 36.24
CA ILE Y 408 -30.32 34.96 34.90
C ILE Y 408 -31.09 33.66 34.69
N VAL Y 409 -31.18 32.81 35.71
CA VAL Y 409 -32.01 31.61 35.60
C VAL Y 409 -33.49 31.97 35.47
N GLY Y 410 -33.94 32.99 36.19
CA GLY Y 410 -35.32 33.43 36.03
C GLY Y 410 -35.61 34.03 34.67
N ALA Y 411 -34.61 34.62 34.03
CA ALA Y 411 -34.77 35.08 32.66
C ALA Y 411 -35.15 33.94 31.72
N ALA Y 412 -34.47 32.80 31.84
CA ALA Y 412 -34.81 31.63 31.04
C ALA Y 412 -36.14 31.04 31.44
N ALA Y 413 -36.46 31.10 32.73
CA ALA Y 413 -37.77 30.66 33.20
C ALA Y 413 -38.88 31.42 32.52
N HIS Y 414 -38.74 32.73 32.38
CA HIS Y 414 -39.81 33.52 31.78
C HIS Y 414 -39.75 33.56 30.27
N ALA Y 415 -38.59 33.32 29.67
CA ALA Y 415 -38.53 33.06 28.24
C ALA Y 415 -39.28 31.78 27.89
N GLY Y 416 -39.29 30.79 28.77
CA GLY Y 416 -40.10 29.62 28.57
C GLY Y 416 -41.57 29.79 28.87
N ILE Y 417 -41.93 30.68 29.79
CA ILE Y 417 -43.34 30.95 30.07
C ILE Y 417 -43.94 31.75 28.94
N PHE Y 418 -43.18 32.68 28.35
CA PHE Y 418 -43.59 33.37 27.15
C PHE Y 418 -43.89 32.40 26.01
N MET Y 419 -43.07 31.36 25.87
CA MET Y 419 -43.25 30.42 24.77
C MET Y 419 -44.54 29.66 24.88
N VAL Y 420 -44.87 29.15 26.05
CA VAL Y 420 -45.98 28.23 26.19
C VAL Y 420 -47.27 29.03 26.19
N ARG Y 421 -47.21 30.28 26.63
CA ARG Y 421 -48.43 31.00 26.91
C ARG Y 421 -48.62 32.17 25.96
N ASP Y 422 -47.57 32.98 25.79
CA ASP Y 422 -47.75 34.25 25.11
C ASP Y 422 -47.30 34.21 23.67
N TYR Y 423 -46.56 33.18 23.27
CA TYR Y 423 -46.13 33.08 21.88
C TYR Y 423 -47.32 32.73 20.99
N ASP Y 424 -47.44 33.45 19.89
CA ASP Y 424 -48.48 33.24 18.88
C ASP Y 424 -47.79 33.01 17.55
N PRO Y 425 -47.92 31.82 16.96
CA PRO Y 425 -47.32 31.58 15.64
C PRO Y 425 -47.82 32.49 14.55
N ALA Y 426 -49.11 32.83 14.57
CA ALA Y 426 -49.68 33.68 13.51
C ALA Y 426 -49.17 35.10 13.59
N GLU Y 427 -48.86 35.58 14.79
CA GLU Y 427 -48.36 36.92 14.99
C GLU Y 427 -46.99 37.12 14.37
N ASN Y 428 -46.07 36.24 14.70
CA ASN Y 428 -44.67 36.38 14.30
C ASN Y 428 -44.24 35.27 13.34
N VAL Y 429 -44.34 35.55 12.05
CA VAL Y 429 -44.17 34.57 10.99
C VAL Y 429 -42.90 34.92 10.23
N ASN Y 430 -41.95 33.99 10.21
CA ASN Y 430 -40.69 34.09 9.46
C ASN Y 430 -39.83 35.26 9.93
N ASN Y 431 -40.03 35.69 11.16
CA ASN Y 431 -39.19 36.70 11.77
C ASN Y 431 -38.09 35.99 12.57
N VAL Y 432 -37.32 36.76 13.32
CA VAL Y 432 -36.16 36.19 14.03
C VAL Y 432 -36.60 35.19 15.09
N LEU Y 433 -37.73 35.45 15.74
CA LEU Y 433 -38.22 34.50 16.74
C LEU Y 433 -38.71 33.23 16.09
N ASP Y 434 -39.41 33.33 14.97
CA ASP Y 434 -39.86 32.15 14.26
C ASP Y 434 -38.68 31.39 13.67
N ARG Y 435 -37.68 32.10 13.16
CA ARG Y 435 -36.54 31.46 12.51
C ARG Y 435 -35.60 30.82 13.52
N VAL Y 436 -35.58 31.29 14.77
CA VAL Y 436 -34.82 30.58 15.80
C VAL Y 436 -35.48 29.27 16.19
N LEU Y 437 -36.80 29.28 16.37
CA LEU Y 437 -37.53 28.04 16.64
C LEU Y 437 -37.50 27.09 15.46
N ARG Y 438 -37.11 27.58 14.30
CA ARG Y 438 -37.17 26.81 13.08
C ARG Y 438 -35.80 26.25 12.71
N HIS Y 439 -34.79 26.46 13.56
CA HIS Y 439 -33.53 25.74 13.39
C HIS Y 439 -32.89 25.36 14.73
N ARG Y 440 -33.67 25.21 15.79
CA ARG Y 440 -33.16 25.05 17.14
C ARG Y 440 -32.35 23.77 17.34
N ASP Y 441 -32.49 22.78 16.46
CA ASP Y 441 -31.62 21.61 16.53
C ASP Y 441 -30.17 21.97 16.26
N ALA Y 442 -29.92 22.87 15.31
CA ALA Y 442 -28.58 23.36 15.05
C ALA Y 442 -27.99 24.13 16.23
N ILE Y 443 -28.77 25.02 16.83
CA ILE Y 443 -28.35 25.77 18.01
C ILE Y 443 -27.99 24.83 19.14
N ILE Y 444 -28.88 23.89 19.45
CA ILE Y 444 -28.70 23.03 20.61
C ILE Y 444 -27.57 22.03 20.38
N SER Y 445 -27.44 21.48 19.18
CA SER Y 445 -26.38 20.52 18.92
C SER Y 445 -25.01 21.19 18.93
N HIS Y 446 -24.93 22.44 18.49
CA HIS Y 446 -23.65 23.12 18.52
C HIS Y 446 -23.30 23.55 19.92
N LEU Y 447 -24.30 23.88 20.72
CA LEU Y 447 -24.09 24.12 22.13
C LEU Y 447 -23.68 22.86 22.88
N VAL Y 448 -24.25 21.71 22.54
CA VAL Y 448 -23.79 20.43 23.07
C VAL Y 448 -22.33 20.16 22.74
N TRP Y 449 -21.92 20.36 21.48
CA TRP Y 449 -20.53 20.14 21.13
C TRP Y 449 -19.59 21.13 21.82
N VAL Y 450 -19.96 22.40 21.94
CA VAL Y 450 -19.04 23.36 22.56
C VAL Y 450 -18.94 23.09 24.06
N CYS Y 451 -20.03 22.64 24.70
CA CYS Y 451 -19.97 22.25 26.09
C CYS Y 451 -19.04 21.06 26.29
N GLN Y 452 -19.10 20.10 25.37
CA GLN Y 452 -18.21 18.95 25.46
C GLN Y 452 -16.75 19.33 25.25
N PHE Y 453 -16.49 20.17 24.25
CA PHE Y 453 -15.14 20.62 23.97
C PHE Y 453 -14.57 21.38 25.17
N LEU Y 454 -15.40 22.20 25.80
CA LEU Y 454 -14.96 22.98 26.94
C LEU Y 454 -14.81 22.12 28.17
N GLY Y 455 -15.60 21.06 28.28
CA GLY Y 455 -15.50 20.18 29.42
C GLY Y 455 -14.29 19.28 29.37
N PHE Y 456 -13.90 18.85 28.18
CA PHE Y 456 -12.64 18.16 28.06
C PHE Y 456 -11.44 19.08 28.20
N HIS Y 457 -11.52 20.31 27.75
CA HIS Y 457 -10.33 21.14 27.65
C HIS Y 457 -10.22 22.07 28.82
N SER Y 458 -11.08 21.86 29.80
CA SER Y 458 -10.89 22.55 31.07
C SER Y 458 -10.71 21.52 32.17
N PHE Y 459 -11.67 20.61 32.32
CA PHE Y 459 -11.70 19.75 33.49
C PHE Y 459 -10.81 18.52 33.30
N ALA Y 460 -10.83 17.95 32.10
CA ALA Y 460 -9.99 16.78 31.87
C ALA Y 460 -8.52 17.16 31.85
N MET Y 461 -8.20 18.43 31.62
CA MET Y 461 -6.83 18.89 31.83
C MET Y 461 -6.47 18.93 33.31
N TYR Y 462 -7.43 19.26 34.18
CA TYR Y 462 -7.22 19.14 35.62
C TYR Y 462 -7.00 17.68 36.02
N CYS Y 463 -7.74 16.77 35.41
CA CYS Y 463 -7.54 15.34 35.66
C CYS Y 463 -6.20 14.84 35.14
N HIS Y 464 -5.75 15.34 33.99
CA HIS Y 464 -4.40 15.12 33.49
C HIS Y 464 -3.36 15.56 34.50
N ASN Y 465 -3.55 16.74 35.08
CA ASN Y 465 -2.63 17.29 36.07
C ASN Y 465 -2.59 16.46 37.34
N ASP Y 466 -3.76 16.01 37.80
CA ASP Y 466 -3.82 15.11 38.96
C ASP Y 466 -3.02 13.84 38.72
N THR Y 467 -3.23 13.22 37.55
CA THR Y 467 -2.53 11.98 37.24
C THR Y 467 -1.03 12.20 37.09
N MET Y 468 -0.63 13.32 36.50
CA MET Y 468 0.80 13.60 36.33
C MET Y 468 1.46 13.96 37.65
N ARG Y 469 0.74 14.63 38.54
CA ARG Y 469 1.30 14.95 39.84
C ARG Y 469 1.38 13.71 40.73
N ALA Y 470 0.44 12.78 40.59
CA ALA Y 470 0.50 11.56 41.37
C ALA Y 470 1.55 10.59 40.86
N PHE Y 471 1.74 10.50 39.55
CA PHE Y 471 2.90 9.83 38.94
C PHE Y 471 4.26 10.40 39.32
N GLY Y 472 4.35 11.64 39.78
CA GLY Y 472 5.66 12.18 40.05
C GLY Y 472 6.36 12.73 38.84
N ARG Y 473 5.62 13.17 37.84
CA ARG Y 473 6.18 13.76 36.64
C ARG Y 473 5.54 15.13 36.43
N PRO Y 474 5.97 16.14 37.19
CA PRO Y 474 5.39 17.47 37.07
C PRO Y 474 5.86 18.27 35.88
N GLN Y 475 6.83 17.77 35.14
CA GLN Y 475 7.25 18.35 33.87
C GLN Y 475 6.24 18.08 32.77
N ASP Y 476 5.32 17.16 33.01
CA ASP Y 476 4.31 16.74 32.09
C ASP Y 476 2.97 17.39 32.38
N MET Y 477 2.93 18.26 33.39
CA MET Y 477 1.72 18.87 33.88
C MET Y 477 1.42 20.11 33.07
N PHE Y 478 0.18 20.59 33.16
CA PHE Y 478 -0.20 21.88 32.61
C PHE Y 478 0.02 22.98 33.62
N SER Y 479 1.26 23.13 34.09
CA SER Y 479 1.61 24.13 35.07
C SER Y 479 2.39 25.26 34.40
N ASP Y 480 2.79 26.26 35.18
CA ASP Y 480 3.72 27.28 34.71
C ASP Y 480 5.15 26.77 34.67
N THR Y 481 5.41 25.60 35.24
CA THR Y 481 6.69 24.94 35.15
C THR Y 481 6.66 23.70 34.28
N GLY Y 482 5.49 23.28 33.82
CA GLY Y 482 5.35 22.16 32.90
C GLY Y 482 4.97 22.63 31.51
N ILE Y 483 3.85 22.13 30.99
CA ILE Y 483 3.31 22.63 29.73
C ILE Y 483 2.54 23.92 30.00
N GLN Y 484 3.14 25.05 29.65
CA GLN Y 484 2.54 26.34 29.96
C GLN Y 484 1.38 26.65 29.03
N LEU Y 485 0.34 27.24 29.60
CA LEU Y 485 -0.90 27.60 28.92
C LEU Y 485 -1.21 29.05 29.20
N GLN Y 486 -0.28 29.95 28.90
CA GLN Y 486 -0.43 31.34 29.27
C GLN Y 486 -1.59 32.01 28.51
N PRO Y 487 -2.46 32.71 29.21
CA PRO Y 487 -3.55 33.45 28.56
C PRO Y 487 -3.05 34.75 27.92
N ILE Y 488 -2.47 34.61 26.72
CA ILE Y 488 -1.69 35.69 26.12
C ILE Y 488 -2.60 36.86 25.76
N PHE Y 489 -3.86 36.58 25.45
CA PHE Y 489 -4.78 37.65 25.07
C PHE Y 489 -5.17 38.49 26.28
N ALA Y 490 -5.45 37.86 27.42
CA ALA Y 490 -5.75 38.63 28.62
C ALA Y 490 -4.53 39.31 29.19
N GLN Y 491 -3.36 38.68 29.06
CA GLN Y 491 -2.09 39.30 29.44
C GLN Y 491 -1.81 40.51 28.57
N TRP Y 492 -2.11 40.42 27.28
CA TRP Y 492 -1.97 41.55 26.39
C TRP Y 492 -2.96 42.65 26.69
N VAL Y 493 -4.19 42.32 27.03
CA VAL Y 493 -5.16 43.33 27.45
C VAL Y 493 -4.70 44.02 28.73
N GLN Y 494 -4.15 43.27 29.68
CA GLN Y 494 -3.61 43.84 30.90
C GLN Y 494 -2.45 44.81 30.62
N HIS Y 495 -1.58 44.45 29.69
CA HIS Y 495 -0.48 45.31 29.27
C HIS Y 495 -0.97 46.57 28.54
N ILE Y 496 -2.00 46.44 27.70
CA ILE Y 496 -2.61 47.60 27.05
C ILE Y 496 -3.27 48.51 28.09
N GLN Y 497 -3.85 47.95 29.12
CA GLN Y 497 -4.49 48.76 30.16
C GLN Y 497 -3.49 49.50 31.01
N THR Y 498 -2.32 48.93 31.24
CA THR Y 498 -1.33 49.66 32.01
C THR Y 498 -0.50 50.61 31.16
N MET Y 499 -0.40 50.38 29.83
CA MET Y 499 0.26 51.34 28.96
C MET Y 499 -0.61 52.53 28.62
N ALA Y 500 -1.93 52.35 28.65
CA ALA Y 500 -2.87 53.39 28.21
C ALA Y 500 -2.78 54.62 29.10
N VAL Y 501 -2.56 54.40 30.39
CA VAL Y 501 -2.74 55.42 31.41
C VAL Y 501 -1.47 56.24 31.61
N GLY Y 502 -0.51 56.12 30.69
CA GLY Y 502 0.73 56.83 30.83
C GLY Y 502 0.59 58.34 30.66
N SER Y 503 1.67 59.04 31.03
CA SER Y 503 1.73 60.49 30.90
C SER Y 503 1.85 60.92 29.45
N THR Y 527 0.53 57.86 24.43
CA THR Y 527 -0.35 56.82 24.94
C THR Y 527 -1.76 56.94 24.37
N THR Y 528 -2.69 56.20 24.96
CA THR Y 528 -4.09 56.25 24.55
C THR Y 528 -5.04 56.79 25.60
N ALA Y 529 -4.58 57.09 26.81
CA ALA Y 529 -5.40 57.85 27.76
C ALA Y 529 -4.51 58.82 28.54
N PRO Y 530 -4.06 59.91 27.90
CA PRO Y 530 -3.19 60.86 28.60
C PRO Y 530 -3.82 61.57 29.79
N GLY Y 531 -5.15 61.66 29.84
CA GLY Y 531 -5.80 62.36 30.95
C GLY Y 531 -5.66 61.66 32.28
N VAL Y 532 -5.80 60.33 32.28
CA VAL Y 532 -5.68 59.58 33.53
C VAL Y 532 -4.21 59.46 33.94
N ALA Y 533 -3.98 59.53 35.26
CA ALA Y 533 -2.66 59.34 35.82
C ALA Y 533 -2.39 57.87 36.11
N SER Y 534 -3.25 57.24 36.92
CA SER Y 534 -3.11 55.88 37.38
C SER Y 534 -3.84 54.92 36.45
N PRO Y 535 -3.63 53.60 36.56
CA PRO Y 535 -4.47 52.67 35.78
C PRO Y 535 -5.88 52.60 36.32
N ALA Y 536 -6.84 52.24 35.45
CA ALA Y 536 -8.26 52.23 35.83
C ALA Y 536 -8.51 51.31 37.02
N SER Y 537 -7.77 50.20 37.07
CA SER Y 537 -7.58 49.48 38.31
C SER Y 537 -6.13 49.08 38.39
N TYR Y 538 -5.64 48.90 39.61
CA TYR Y 538 -4.32 48.31 39.79
C TYR Y 538 -4.32 46.82 39.52
N ALA Y 539 -5.49 46.20 39.36
CA ALA Y 539 -5.57 44.80 38.97
C ALA Y 539 -4.93 44.54 37.61
N PHE Y 540 -5.02 45.50 36.69
CA PHE Y 540 -4.37 45.35 35.39
C PHE Y 540 -2.87 45.44 35.52
N GLY Y 541 -2.38 46.45 36.21
CA GLY Y 541 -0.96 46.67 36.37
C GLY Y 541 -0.74 47.88 37.24
N GLY Y 542 0.26 48.70 36.90
CA GLY Y 542 0.51 49.83 37.76
C GLY Y 542 1.18 49.39 39.04
N GLY Y 543 0.77 50.01 40.15
CA GLY Y 543 1.43 49.82 41.41
C GLY Y 543 0.61 49.06 42.42
N LEU Y 544 0.97 49.23 43.68
CA LEU Y 544 0.36 48.57 44.82
C LEU Y 544 -0.21 49.63 45.74
N VAL Y 545 -1.50 49.51 46.06
CA VAL Y 545 -2.12 50.36 47.07
C VAL Y 545 -2.31 49.50 48.30
N ALA Y 546 -1.65 49.90 49.39
CA ALA Y 546 -1.77 49.26 50.69
C ALA Y 546 -2.24 50.30 51.70
N VAL Y 547 -3.24 49.94 52.48
CA VAL Y 547 -3.88 50.86 53.42
C VAL Y 547 -3.94 50.19 54.78
N GLY Y 548 -3.34 50.83 55.79
CA GLY Y 548 -3.30 50.25 57.11
C GLY Y 548 -2.48 48.97 57.21
N GLY Y 549 -1.43 48.86 56.43
CA GLY Y 549 -0.63 47.65 56.39
C GLY Y 549 -1.12 46.62 55.41
N LYS Y 550 -2.43 46.49 55.28
CA LYS Y 550 -3.03 45.48 54.43
C LYS Y 550 -3.15 45.99 53.00
N VAL Y 551 -3.15 45.05 52.05
CA VAL Y 551 -3.17 45.41 50.63
C VAL Y 551 -4.59 45.79 50.23
N ALA Y 552 -4.74 46.99 49.67
CA ALA Y 552 -6.02 47.35 49.07
C ALA Y 552 -6.14 46.76 47.66
N MET Y 553 -5.13 46.98 46.83
CA MET Y 553 -5.18 46.42 45.48
C MET Y 553 -3.78 46.33 44.92
N MET Y 554 -3.54 45.30 44.11
CA MET Y 554 -2.25 45.09 43.46
C MET Y 554 -2.51 44.27 42.21
N PRO Y 555 -1.56 44.28 41.23
CA PRO Y 555 -1.76 43.50 40.00
C PRO Y 555 -2.08 42.02 40.17
N ILE Y 556 -3.10 41.57 39.44
CA ILE Y 556 -3.53 40.19 39.47
C ILE Y 556 -2.85 39.52 38.28
N SER Y 557 -1.77 38.80 38.56
CA SER Y 557 -1.05 38.10 37.51
C SER Y 557 -1.86 36.94 36.96
N LEU Y 558 -1.83 36.77 35.65
CA LEU Y 558 -2.63 35.76 34.97
C LEU Y 558 -1.66 34.76 34.35
N GLY Y 559 -1.62 33.55 34.91
CA GLY Y 559 -0.79 32.48 34.41
C GLY Y 559 -1.59 31.31 33.90
N THR Y 560 -0.99 30.13 33.93
CA THR Y 560 -1.64 28.91 33.46
C THR Y 560 -2.84 28.51 34.31
N ALA Y 561 -2.77 28.69 35.62
CA ALA Y 561 -3.91 28.41 36.48
C ALA Y 561 -5.10 29.29 36.15
N ASP Y 562 -4.85 30.52 35.75
CA ASP Y 562 -5.91 31.44 35.39
C ASP Y 562 -6.54 31.11 34.05
N PHE Y 563 -5.73 30.66 33.09
CA PHE Y 563 -6.24 30.10 31.84
C PHE Y 563 -7.18 28.93 32.11
N LEU Y 564 -6.74 28.02 32.97
CA LEU Y 564 -7.51 26.82 33.27
C LEU Y 564 -8.81 27.15 33.97
N ILE Y 565 -8.79 28.08 34.92
CA ILE Y 565 -10.00 28.38 35.67
C ILE Y 565 -10.96 29.26 34.85
N HIS Y 566 -10.45 30.08 33.93
CA HIS Y 566 -11.34 30.80 33.04
C HIS Y 566 -12.02 29.87 32.05
N HIS Y 567 -11.35 28.79 31.67
CA HIS Y 567 -12.02 27.85 30.81
C HIS Y 567 -13.00 26.96 31.56
N ILE Y 568 -12.75 26.74 32.85
CA ILE Y 568 -13.77 26.18 33.72
C ILE Y 568 -15.01 27.08 33.74
N HIS Y 569 -14.81 28.40 33.85
CA HIS Y 569 -15.93 29.34 33.87
C HIS Y 569 -16.70 29.34 32.57
N ALA Y 570 -15.99 29.36 31.45
CA ALA Y 570 -16.61 29.30 30.13
C ALA Y 570 -17.43 28.03 29.98
N PHE Y 571 -16.87 26.89 30.40
CA PHE Y 571 -17.56 25.62 30.33
C PHE Y 571 -18.83 25.59 31.15
N THR Y 572 -18.77 26.07 32.40
CA THR Y 572 -19.94 26.00 33.26
C THR Y 572 -21.03 26.97 32.81
N ILE Y 573 -20.65 28.17 32.36
CA ILE Y 573 -21.62 29.12 31.81
C ILE Y 573 -22.28 28.55 30.58
N HIS Y 574 -21.53 27.84 29.74
CA HIS Y 574 -22.07 27.28 28.52
C HIS Y 574 -23.02 26.11 28.79
N VAL Y 575 -22.72 25.29 29.79
CA VAL Y 575 -23.66 24.20 30.07
C VAL Y 575 -24.92 24.73 30.74
N THR Y 576 -24.79 25.79 31.54
CA THR Y 576 -25.98 26.46 32.07
C THR Y 576 -26.84 27.01 30.94
N VAL Y 577 -26.20 27.63 29.96
CA VAL Y 577 -26.91 28.16 28.79
C VAL Y 577 -27.55 27.03 28.00
N LEU Y 578 -26.84 25.91 27.85
CA LEU Y 578 -27.41 24.73 27.18
C LEU Y 578 -28.67 24.24 27.85
N VAL Y 579 -28.61 24.05 29.17
CA VAL Y 579 -29.75 23.54 29.92
C VAL Y 579 -30.94 24.49 29.82
N LEU Y 580 -30.69 25.79 29.97
CA LEU Y 580 -31.78 26.76 29.99
C LEU Y 580 -32.35 27.04 28.60
N LEU Y 581 -31.47 27.23 27.60
CA LEU Y 581 -31.90 27.49 26.24
C LEU Y 581 -32.61 26.28 25.64
N LYS Y 582 -32.21 25.07 26.01
CA LYS Y 582 -32.88 23.87 25.52
C LYS Y 582 -34.35 23.86 25.93
N GLY Y 583 -34.63 24.20 27.19
CA GLY Y 583 -36.00 24.26 27.63
C GLY Y 583 -36.79 25.39 27.01
N VAL Y 584 -36.14 26.54 26.81
CA VAL Y 584 -36.81 27.64 26.12
C VAL Y 584 -37.16 27.26 24.69
N LEU Y 585 -36.21 26.67 23.96
CA LEU Y 585 -36.41 26.39 22.54
C LEU Y 585 -37.36 25.24 22.32
N PHE Y 586 -37.35 24.25 23.21
CA PHE Y 586 -38.26 23.12 23.09
C PHE Y 586 -39.41 23.18 24.10
N ALA Y 587 -39.79 24.37 24.55
CA ALA Y 587 -40.95 24.53 25.41
C ALA Y 587 -42.27 24.28 24.70
N ARG Y 588 -42.36 24.61 23.42
CA ARG Y 588 -43.57 24.43 22.62
C ARG Y 588 -43.80 22.97 22.27
N ASN Y 589 -42.79 22.33 21.71
CA ASN Y 589 -42.86 21.00 21.15
C ASN Y 589 -41.45 20.51 20.88
N SER Y 590 -41.32 19.22 20.64
CA SER Y 590 -40.07 18.65 20.18
C SER Y 590 -40.38 17.50 19.23
N ARG Y 591 -39.36 16.74 18.89
CA ARG Y 591 -39.56 15.55 18.08
C ARG Y 591 -40.19 14.43 18.89
N LEU Y 592 -39.99 14.46 20.21
CA LEU Y 592 -40.57 13.46 21.11
C LEU Y 592 -42.04 13.73 21.36
N ILE Y 593 -42.35 14.90 21.92
CA ILE Y 593 -43.71 15.26 22.27
C ILE Y 593 -44.10 16.46 21.40
N PRO Y 594 -44.89 16.24 20.33
CA PRO Y 594 -45.21 17.34 19.41
C PRO Y 594 -46.21 18.34 19.93
N ASP Y 595 -46.82 18.11 21.08
CA ASP Y 595 -47.86 18.99 21.61
C ASP Y 595 -47.55 19.33 23.06
N LYS Y 596 -46.30 19.71 23.31
CA LYS Y 596 -45.84 20.02 24.65
C LYS Y 596 -46.41 21.33 25.17
N SER Y 597 -46.82 22.24 24.28
CA SER Y 597 -47.44 23.48 24.73
C SER Y 597 -48.84 23.25 25.26
N GLU Y 598 -49.50 22.20 24.79
CA GLU Y 598 -50.79 21.81 25.33
C GLU Y 598 -50.69 21.19 26.70
N LEU Y 599 -49.52 20.64 27.05
CA LEU Y 599 -49.29 20.05 28.35
C LEU Y 599 -49.00 21.09 29.42
N GLY Y 600 -48.54 22.27 29.03
CA GLY Y 600 -48.29 23.37 29.93
C GLY Y 600 -46.83 23.76 29.92
N PHE Y 601 -46.49 24.67 30.85
CA PHE Y 601 -45.12 25.03 31.11
C PHE Y 601 -44.52 24.26 32.27
N ARG Y 602 -45.34 23.94 33.27
CA ARG Y 602 -44.94 23.17 34.45
C ARG Y 602 -45.82 21.93 34.51
N PHE Y 603 -45.33 20.85 33.92
CA PHE Y 603 -45.95 19.55 34.04
C PHE Y 603 -44.86 18.53 34.30
N PRO Y 604 -45.18 17.42 34.99
CA PRO Y 604 -44.11 16.51 35.39
C PRO Y 604 -43.49 15.74 34.24
N CYS Y 605 -44.32 15.19 33.36
CA CYS Y 605 -43.88 14.24 32.36
C CYS Y 605 -45.04 14.06 31.38
N ASP Y 606 -44.85 13.15 30.43
CA ASP Y 606 -45.93 12.62 29.62
C ASP Y 606 -45.89 11.10 29.64
N GLY Y 607 -45.80 10.53 30.84
CA GLY Y 607 -45.90 9.11 31.02
C GLY Y 607 -44.61 8.37 30.75
N PRO Y 608 -44.59 7.08 31.03
CA PRO Y 608 -43.40 6.26 30.78
C PRO Y 608 -43.22 5.82 29.34
N GLY Y 609 -43.99 6.34 28.44
CA GLY Y 609 -43.88 5.95 27.05
C GLY Y 609 -42.91 6.79 26.30
N ARG Y 610 -42.70 6.40 25.04
CA ARG Y 610 -41.60 6.88 24.20
C ARG Y 610 -40.26 6.69 24.89
N GLY Y 611 -40.12 5.62 25.67
CA GLY Y 611 -38.97 5.39 26.51
C GLY Y 611 -39.08 5.95 27.91
N GLY Y 612 -39.93 6.95 28.12
CA GLY Y 612 -40.05 7.65 29.38
C GLY Y 612 -39.75 9.13 29.24
N THR Y 613 -40.78 9.96 29.28
CA THR Y 613 -40.60 11.39 29.06
C THR Y 613 -40.61 12.16 30.38
N CYS Y 614 -39.64 11.87 31.23
CA CYS Y 614 -39.53 12.53 32.51
C CYS Y 614 -38.79 13.85 32.31
N GLN Y 615 -39.28 14.91 32.95
CA GLN Y 615 -38.64 16.24 32.93
C GLN Y 615 -38.51 16.82 31.53
N VAL Y 616 -39.57 16.74 30.73
CA VAL Y 616 -39.54 17.34 29.40
C VAL Y 616 -40.05 18.78 29.36
N SER Y 617 -40.66 19.26 30.44
CA SER Y 617 -41.19 20.61 30.45
C SER Y 617 -40.08 21.64 30.49
N ALA Y 618 -40.45 22.89 30.19
CA ALA Y 618 -39.51 24.00 30.33
C ALA Y 618 -39.20 24.27 31.78
N TRP Y 619 -40.16 24.06 32.67
CA TRP Y 619 -39.95 24.24 34.10
C TRP Y 619 -38.88 23.28 34.61
N ASP Y 620 -38.85 22.05 34.09
CA ASP Y 620 -37.86 21.09 34.52
C ASP Y 620 -36.48 21.46 34.01
N HIS Y 621 -36.42 22.23 32.94
CA HIS Y 621 -35.14 22.74 32.47
C HIS Y 621 -34.67 23.90 33.32
N VAL Y 622 -35.59 24.70 33.86
CA VAL Y 622 -35.24 25.70 34.85
C VAL Y 622 -34.76 25.05 36.14
N PHE Y 623 -35.44 23.98 36.56
CA PHE Y 623 -34.97 23.09 37.62
C PHE Y 623 -33.54 22.58 37.40
N LEU Y 624 -33.24 22.04 36.23
CA LEU Y 624 -31.90 21.50 36.01
C LEU Y 624 -30.87 22.59 35.78
N GLY Y 625 -31.28 23.79 35.35
CA GLY Y 625 -30.35 24.89 35.20
C GLY Y 625 -30.08 25.63 36.49
N LEU Y 626 -30.93 25.47 37.49
CA LEU Y 626 -30.62 26.00 38.81
C LEU Y 626 -29.39 25.32 39.39
N PHE Y 627 -29.29 24.00 39.23
CA PHE Y 627 -28.12 23.25 39.66
C PHE Y 627 -26.88 23.68 38.89
N TRP Y 628 -27.02 23.94 37.60
CA TRP Y 628 -25.87 24.32 36.80
C TRP Y 628 -25.43 25.75 37.05
N MET Y 629 -26.37 26.64 37.37
CA MET Y 629 -26.01 27.97 37.84
C MET Y 629 -25.31 27.90 39.20
N TYR Y 630 -25.76 27.03 40.10
CA TYR Y 630 -25.01 26.81 41.33
C TYR Y 630 -23.59 26.38 41.04
N ASN Y 631 -23.43 25.38 40.19
CA ASN Y 631 -22.11 24.82 39.94
C ASN Y 631 -21.21 25.83 39.23
N SER Y 632 -21.80 26.71 38.44
CA SER Y 632 -21.06 27.77 37.76
C SER Y 632 -20.66 28.90 38.69
N ILE Y 633 -21.58 29.40 39.53
CA ILE Y 633 -21.27 30.54 40.38
C ILE Y 633 -20.40 30.12 41.56
N ALA Y 634 -20.52 28.87 42.02
CA ALA Y 634 -19.67 28.39 43.10
C ALA Y 634 -18.21 28.36 42.69
N MET Y 635 -17.94 27.96 41.46
CA MET Y 635 -16.56 27.96 41.01
C MET Y 635 -16.03 29.37 40.76
N VAL Y 636 -16.89 30.31 40.40
CA VAL Y 636 -16.48 31.70 40.23
C VAL Y 636 -16.10 32.30 41.59
N ILE Y 637 -16.93 32.09 42.59
CA ILE Y 637 -16.64 32.63 43.91
C ILE Y 637 -15.44 31.91 44.56
N PHE Y 638 -15.23 30.63 44.24
CA PHE Y 638 -14.03 29.94 44.72
C PHE Y 638 -12.76 30.46 44.06
N HIS Y 639 -12.81 30.66 42.74
CA HIS Y 639 -11.69 31.27 42.03
C HIS Y 639 -11.37 32.63 42.61
N PHE Y 640 -12.38 33.45 42.86
CA PHE Y 640 -12.15 34.78 43.42
C PHE Y 640 -11.51 34.68 44.79
N PHE Y 641 -12.08 33.84 45.67
CA PHE Y 641 -11.59 33.73 47.04
C PHE Y 641 -10.13 33.29 47.08
N TRP Y 642 -9.79 32.22 46.37
CA TRP Y 642 -8.43 31.71 46.42
C TRP Y 642 -7.44 32.64 45.71
N LYS Y 643 -7.79 33.14 44.53
CA LYS Y 643 -6.86 34.00 43.80
C LYS Y 643 -6.62 35.32 44.51
N MET Y 644 -7.66 35.93 45.06
CA MET Y 644 -7.48 37.18 45.78
C MET Y 644 -6.77 36.97 47.09
N GLN Y 645 -6.92 35.79 47.68
CA GLN Y 645 -6.33 35.49 48.96
C GLN Y 645 -4.88 35.04 48.85
N SER Y 646 -4.46 34.59 47.67
CA SER Y 646 -3.06 34.19 47.52
C SER Y 646 -2.26 35.14 46.66
N ASP Y 647 -2.89 36.01 45.91
CA ASP Y 647 -2.10 36.84 45.01
C ASP Y 647 -2.42 38.32 45.10
N VAL Y 648 -3.37 38.73 45.93
CA VAL Y 648 -3.62 40.15 46.13
C VAL Y 648 -3.55 40.49 47.61
N TRP Y 649 -4.44 39.89 48.40
CA TRP Y 649 -4.59 40.30 49.79
C TRP Y 649 -3.40 39.85 50.61
N GLY Y 650 -3.04 40.67 51.58
CA GLY Y 650 -1.92 40.32 52.42
C GLY Y 650 -1.63 41.38 53.45
N ALA Y 651 -0.35 41.53 53.77
CA ALA Y 651 0.11 42.43 54.82
C ALA Y 651 1.43 43.03 54.35
N VAL Y 652 1.40 44.29 53.93
CA VAL Y 652 2.63 44.99 53.59
C VAL Y 652 3.35 45.41 54.85
N ASP Y 653 4.66 45.17 54.88
CA ASP Y 653 5.51 45.58 55.98
C ASP Y 653 6.01 47.01 55.74
N ALA Y 654 6.93 47.45 56.59
CA ALA Y 654 7.50 48.79 56.47
C ALA Y 654 8.26 48.96 55.17
N ASN Y 655 9.04 47.94 54.79
CA ASN Y 655 9.80 47.98 53.55
C ASN Y 655 8.90 47.99 52.32
N GLY Y 656 7.91 47.11 52.29
CA GLY Y 656 7.02 47.03 51.15
C GLY Y 656 6.73 45.62 50.70
N THR Y 657 7.38 44.65 51.35
CA THR Y 657 7.21 43.24 51.00
C THR Y 657 5.82 42.78 51.38
N VAL Y 658 5.15 42.10 50.46
CA VAL Y 658 3.77 41.67 50.65
C VAL Y 658 3.77 40.19 50.99
N SER Y 659 3.22 39.85 52.15
CA SER Y 659 3.04 38.46 52.56
C SER Y 659 1.57 38.14 52.39
N HIS Y 660 1.25 37.44 51.29
CA HIS Y 660 -0.13 37.12 50.97
C HIS Y 660 -0.70 36.11 51.96
N ILE Y 661 -2.03 36.04 52.01
CA ILE Y 661 -2.73 35.32 53.07
C ILE Y 661 -2.44 33.82 53.01
N THR Y 662 -2.61 33.22 51.83
CA THR Y 662 -2.27 31.80 51.72
C THR Y 662 -0.90 31.58 51.10
N GLY Y 663 -0.29 32.63 50.57
CA GLY Y 663 1.12 32.59 50.25
C GLY Y 663 1.46 32.28 48.80
N GLY Y 664 0.62 32.75 47.89
CA GLY Y 664 0.86 32.55 46.47
C GLY Y 664 0.83 31.10 46.02
N ASN Y 665 -0.09 30.32 46.57
CA ASN Y 665 -0.18 28.90 46.26
C ASN Y 665 -1.28 28.59 45.24
N PHE Y 666 -1.87 29.62 44.64
CA PHE Y 666 -2.82 29.42 43.57
C PHE Y 666 -2.16 28.96 42.28
N ALA Y 667 -0.93 29.36 42.02
CA ALA Y 667 -0.29 29.08 40.75
C ALA Y 667 0.17 27.63 40.62
N GLN Y 668 0.27 26.91 41.74
CA GLN Y 668 0.75 25.54 41.70
C GLN Y 668 -0.18 24.55 42.35
N SER Y 669 -1.10 24.96 43.22
CA SER Y 669 -2.04 24.05 43.83
C SER Y 669 -3.41 24.07 43.18
N SER Y 670 -3.77 25.16 42.52
CA SER Y 670 -5.09 25.26 41.91
C SER Y 670 -5.13 24.70 40.51
N ILE Y 671 -4.13 23.92 40.11
CA ILE Y 671 -4.10 23.30 38.80
C ILE Y 671 -4.42 21.82 38.85
N THR Y 672 -4.61 21.27 40.05
CA THR Y 672 -5.08 19.91 40.25
C THR Y 672 -6.34 19.96 41.09
N ILE Y 673 -7.17 18.91 40.99
CA ILE Y 673 -8.35 18.82 41.84
C ILE Y 673 -7.94 18.56 43.28
N ASN Y 674 -6.84 17.83 43.48
CA ASN Y 674 -6.40 17.51 44.83
C ASN Y 674 -5.90 18.74 45.57
N GLY Y 675 -5.28 19.67 44.85
CA GLY Y 675 -4.85 20.91 45.48
C GLY Y 675 -6.00 21.83 45.79
N TRP Y 676 -7.10 21.69 45.06
CA TRP Y 676 -8.30 22.46 45.35
C TRP Y 676 -9.00 21.91 46.59
N LEU Y 677 -8.98 20.61 46.77
CA LEU Y 677 -9.54 19.95 47.94
C LEU Y 677 -8.65 20.03 49.16
N ARG Y 678 -7.35 20.16 48.99
CA ARG Y 678 -6.44 20.21 50.13
C ARG Y 678 -6.02 21.63 50.48
N ASP Y 679 -5.61 22.43 49.50
CA ASP Y 679 -5.07 23.74 49.79
C ASP Y 679 -6.14 24.82 49.82
N PHE Y 680 -7.35 24.52 49.38
CA PHE Y 680 -8.45 25.47 49.47
C PHE Y 680 -9.54 24.96 50.40
N LEU Y 681 -10.09 23.79 50.15
CA LEU Y 681 -11.23 23.39 50.96
C LEU Y 681 -10.82 22.85 52.33
N TRP Y 682 -9.82 21.96 52.38
CA TRP Y 682 -9.40 21.41 53.67
C TRP Y 682 -8.63 22.43 54.50
N ALA Y 683 -7.77 23.22 53.87
CA ALA Y 683 -6.90 24.15 54.58
C ALA Y 683 -7.62 25.40 55.06
N GLN Y 684 -8.48 25.99 54.23
CA GLN Y 684 -9.14 27.24 54.57
C GLN Y 684 -10.43 27.03 55.34
N ALA Y 685 -10.85 25.79 55.56
CA ALA Y 685 -11.94 25.50 56.46
C ALA Y 685 -11.45 25.22 57.86
N THR Y 686 -10.21 25.59 58.17
CA THR Y 686 -9.71 25.54 59.52
C THR Y 686 -10.44 26.50 60.44
N GLN Y 687 -10.85 27.65 59.94
CA GLN Y 687 -11.45 28.70 60.75
C GLN Y 687 -12.93 28.49 61.02
N VAL Y 688 -13.59 27.61 60.28
CA VAL Y 688 -15.03 27.41 60.43
C VAL Y 688 -15.32 26.16 61.26
N ILE Y 689 -14.43 25.18 61.25
CA ILE Y 689 -14.67 23.99 62.07
C ILE Y 689 -14.00 24.11 63.42
N SER Y 690 -12.98 24.96 63.55
CA SER Y 690 -12.31 25.19 64.82
C SER Y 690 -12.88 26.42 65.50
N SER Y 691 -14.13 26.74 65.19
CA SER Y 691 -14.79 27.95 65.68
C SER Y 691 -15.68 27.72 66.87
N TYR Y 692 -15.89 26.47 67.28
CA TYR Y 692 -16.72 26.15 68.44
C TYR Y 692 -16.10 26.71 69.71
N GLY Y 693 -16.93 27.37 70.51
CA GLY Y 693 -16.49 28.01 71.72
C GLY Y 693 -16.03 29.44 71.53
N SER Y 694 -15.88 29.89 70.30
CA SER Y 694 -15.46 31.25 70.00
C SER Y 694 -16.68 32.10 69.62
N ALA Y 695 -16.43 33.32 69.16
CA ALA Y 695 -17.51 34.16 68.66
C ALA Y 695 -17.92 33.83 67.25
N LEU Y 696 -17.13 33.01 66.54
CA LEU Y 696 -17.46 32.56 65.20
C LEU Y 696 -18.15 31.20 65.22
N SER Y 697 -18.67 30.79 66.37
CA SER Y 697 -19.23 29.45 66.51
C SER Y 697 -20.54 29.31 65.76
N ALA Y 698 -21.26 30.42 65.57
CA ALA Y 698 -22.46 30.40 64.75
C ALA Y 698 -22.15 30.04 63.31
N TYR Y 699 -20.96 30.44 62.83
CA TYR Y 699 -20.55 30.04 61.50
C TYR Y 699 -20.30 28.54 61.40
N GLY Y 700 -19.71 27.94 62.44
CA GLY Y 700 -19.54 26.49 62.44
C GLY Y 700 -20.87 25.75 62.50
N LEU Y 701 -21.81 26.28 63.30
CA LEU Y 701 -23.15 25.73 63.37
C LEU Y 701 -23.85 25.83 62.02
N MET Y 702 -23.70 26.96 61.32
CA MET Y 702 -24.37 27.11 60.03
C MET Y 702 -23.68 26.32 58.93
N PHE Y 703 -22.38 26.09 59.07
CA PHE Y 703 -21.64 25.19 58.18
C PHE Y 703 -22.21 23.77 58.24
N LEU Y 704 -22.40 23.27 59.47
CA LEU Y 704 -23.01 21.95 59.63
C LEU Y 704 -24.47 21.95 59.20
N ALA Y 705 -25.19 23.04 59.46
CA ALA Y 705 -26.60 23.15 59.05
C ALA Y 705 -26.74 23.12 57.54
N GLY Y 706 -25.85 23.80 56.82
CA GLY Y 706 -25.87 23.75 55.37
C GLY Y 706 -25.58 22.36 54.84
N HIS Y 707 -24.65 21.64 55.48
CA HIS Y 707 -24.45 20.25 55.09
C HIS Y 707 -25.68 19.39 55.31
N PHE Y 708 -26.39 19.61 56.41
CA PHE Y 708 -27.64 18.88 56.66
C PHE Y 708 -28.67 19.17 55.58
N VAL Y 709 -28.86 20.44 55.24
CA VAL Y 709 -29.92 20.79 54.30
C VAL Y 709 -29.57 20.33 52.89
N PHE Y 710 -28.27 20.32 52.55
CA PHE Y 710 -27.86 19.74 51.28
C PHE Y 710 -28.18 18.26 51.21
N ALA Y 711 -27.83 17.51 52.26
CA ALA Y 711 -28.07 16.08 52.26
C ALA Y 711 -29.54 15.74 52.33
N PHE Y 712 -30.33 16.59 52.98
CA PHE Y 712 -31.75 16.36 53.14
C PHE Y 712 -32.50 16.57 51.84
N SER Y 713 -31.99 17.46 50.98
CA SER Y 713 -32.48 17.69 49.63
C SER Y 713 -32.44 16.45 48.75
N LEU Y 714 -31.48 15.57 48.99
CA LEU Y 714 -31.27 14.41 48.14
C LEU Y 714 -32.37 13.37 48.34
N MET Y 715 -33.07 13.43 49.48
CA MET Y 715 -34.28 12.65 49.69
C MET Y 715 -35.37 13.01 48.70
N PHE Y 716 -35.52 14.29 48.39
CA PHE Y 716 -36.51 14.72 47.41
C PHE Y 716 -36.03 14.57 45.98
N LEU Y 717 -34.72 14.62 45.76
CA LEU Y 717 -34.18 14.60 44.42
C LEU Y 717 -34.00 13.20 43.88
N PHE Y 718 -33.66 12.23 44.73
CA PHE Y 718 -33.38 10.90 44.22
C PHE Y 718 -34.64 10.03 44.27
N SER Y 719 -35.54 10.29 45.19
CA SER Y 719 -36.73 9.48 45.35
C SER Y 719 -37.86 10.00 44.48
N GLY Y 720 -38.88 9.17 44.32
CA GLY Y 720 -40.06 9.52 43.56
C GLY Y 720 -41.33 9.50 44.41
N ARG Y 721 -42.41 9.92 43.78
CA ARG Y 721 -43.65 10.28 44.45
C ARG Y 721 -44.47 9.07 44.90
N GLY Y 722 -44.39 7.96 44.16
CA GLY Y 722 -45.25 6.82 44.45
C GLY Y 722 -44.85 6.07 45.71
N TYR Y 723 -43.55 6.01 46.00
CA TYR Y 723 -43.09 5.47 47.27
C TYR Y 723 -43.73 6.19 48.45
N TRP Y 724 -43.69 7.52 48.41
CA TRP Y 724 -44.18 8.29 49.54
C TRP Y 724 -45.69 8.23 49.64
N GLN Y 725 -46.37 8.17 48.50
CA GLN Y 725 -47.82 8.02 48.57
C GLN Y 725 -48.22 6.65 49.10
N GLU Y 726 -47.45 5.61 48.80
CA GLU Y 726 -47.76 4.28 49.32
C GLU Y 726 -47.38 4.11 50.79
N LEU Y 727 -46.39 4.87 51.27
CA LEU Y 727 -46.07 4.86 52.70
C LEU Y 727 -47.07 5.67 53.52
N ILE Y 728 -47.56 6.76 52.95
CA ILE Y 728 -48.64 7.52 53.57
C ILE Y 728 -49.90 6.67 53.70
N GLU Y 729 -50.08 5.67 52.83
CA GLU Y 729 -51.22 4.76 52.95
C GLU Y 729 -51.18 3.99 54.27
N SER Y 730 -50.02 3.46 54.63
CA SER Y 730 -49.87 2.76 55.90
C SER Y 730 -50.03 3.70 57.08
N ILE Y 731 -49.51 4.93 56.94
CA ILE Y 731 -49.66 5.89 58.03
C ILE Y 731 -51.14 6.29 58.21
N VAL Y 732 -51.87 6.47 57.11
CA VAL Y 732 -53.30 6.74 57.15
C VAL Y 732 -54.06 5.58 57.76
N TRP Y 733 -53.64 4.34 57.48
CA TRP Y 733 -54.27 3.19 58.12
C TRP Y 733 -54.10 3.24 59.64
N ALA Y 734 -52.88 3.55 60.09
CA ALA Y 734 -52.62 3.65 61.52
C ALA Y 734 -53.39 4.78 62.17
N HIS Y 735 -53.64 5.85 61.42
CA HIS Y 735 -54.47 6.95 61.89
C HIS Y 735 -55.95 6.60 61.94
N ASN Y 736 -56.45 5.88 60.93
CA ASN Y 736 -57.84 5.47 60.89
C ASN Y 736 -58.16 4.53 62.04
N LYS Y 737 -57.18 3.71 62.43
CA LYS Y 737 -57.39 2.79 63.54
C LYS Y 737 -57.54 3.52 64.87
N LEU Y 738 -56.84 4.64 65.07
CA LEU Y 738 -57.03 5.44 66.28
C LEU Y 738 -58.19 6.42 66.20
N ARG Y 739 -58.91 6.45 65.09
CA ARG Y 739 -59.99 7.42 64.83
C ARG Y 739 -59.48 8.85 64.94
N ILE Y 740 -58.32 9.11 64.36
CA ILE Y 740 -57.76 10.45 64.30
C ILE Y 740 -57.71 10.88 62.84
N THR Y 741 -58.73 10.47 62.08
CA THR Y 741 -58.84 10.78 60.67
C THR Y 741 -59.13 12.26 60.47
N THR Y 742 -58.49 12.85 59.46
CA THR Y 742 -58.67 14.25 59.12
C THR Y 742 -59.36 14.39 57.77
N ALA Y 743 -60.13 15.47 57.63
CA ALA Y 743 -60.88 15.72 56.40
C ALA Y 743 -59.96 15.98 55.21
N ILE Y 744 -58.99 16.88 55.40
CA ILE Y 744 -58.02 17.13 54.33
C ILE Y 744 -57.14 15.89 54.16
N GLN Y 745 -57.28 15.25 53.02
CA GLN Y 745 -56.68 13.95 52.77
C GLN Y 745 -55.18 14.05 52.48
N PRO Y 746 -54.34 13.37 53.26
CA PRO Y 746 -52.89 13.57 53.14
C PRO Y 746 -52.27 12.87 51.94
N ARG Y 747 -51.71 13.67 51.04
CA ARG Y 747 -51.15 13.20 49.80
C ARG Y 747 -49.68 13.57 49.74
N ALA Y 748 -48.90 12.77 49.04
CA ALA Y 748 -47.48 13.10 48.87
C ALA Y 748 -47.34 14.33 47.98
N LEU Y 749 -46.19 14.99 48.09
CA LEU Y 749 -45.87 16.14 47.26
C LEU Y 749 -45.87 15.73 45.80
N SER Y 750 -46.37 16.58 44.91
CA SER Y 750 -46.42 16.23 43.50
C SER Y 750 -45.01 16.13 42.91
N ILE Y 751 -44.94 15.66 41.67
CA ILE Y 751 -43.64 15.35 41.05
C ILE Y 751 -42.81 16.62 40.88
N THR Y 752 -43.38 17.64 40.24
CA THR Y 752 -42.67 18.91 40.11
C THR Y 752 -42.54 19.61 41.45
N GLN Y 753 -43.45 19.41 42.38
CA GLN Y 753 -43.24 20.02 43.69
C GLN Y 753 -42.11 19.32 44.46
N GLY Y 754 -42.02 17.99 44.38
CA GLY Y 754 -40.87 17.31 44.94
C GLY Y 754 -39.56 17.76 44.33
N ARG Y 755 -39.55 18.01 43.01
CA ARG Y 755 -38.39 18.59 42.37
C ARG Y 755 -38.08 19.99 42.86
N ALA Y 756 -39.08 20.85 43.00
CA ALA Y 756 -38.85 22.20 43.50
C ALA Y 756 -38.33 22.19 44.93
N VAL Y 757 -38.87 21.31 45.77
CA VAL Y 757 -38.44 21.21 47.16
C VAL Y 757 -37.00 20.73 47.24
N GLY Y 758 -36.65 19.71 46.44
CA GLY Y 758 -35.28 19.23 46.40
C GLY Y 758 -34.30 20.29 45.92
N ALA Y 759 -34.68 21.03 44.87
CA ALA Y 759 -33.80 22.06 44.34
C ALA Y 759 -33.62 23.20 45.34
N ALA Y 760 -34.70 23.63 45.98
CA ALA Y 760 -34.61 24.70 46.96
C ALA Y 760 -33.74 24.30 48.14
N HIS Y 761 -33.89 23.07 48.62
CA HIS Y 761 -33.08 22.59 49.73
C HIS Y 761 -31.62 22.44 49.35
N TYR Y 762 -31.33 21.91 48.16
CA TYR Y 762 -29.96 21.76 47.72
C TYR Y 762 -29.29 23.12 47.65
N LEU Y 763 -29.94 24.08 47.00
CA LEU Y 763 -29.38 25.41 46.84
C LEU Y 763 -29.18 26.08 48.19
N LEU Y 764 -30.19 26.01 49.06
CA LEU Y 764 -30.10 26.66 50.36
C LEU Y 764 -28.97 26.10 51.19
N GLY Y 765 -28.91 24.77 51.35
CA GLY Y 765 -27.86 24.19 52.16
C GLY Y 765 -26.47 24.39 51.58
N SER Y 766 -26.34 24.21 50.27
CA SER Y 766 -25.05 24.32 49.63
C SER Y 766 -24.53 25.75 49.58
N ILE Y 767 -25.42 26.74 49.64
CA ILE Y 767 -24.98 28.12 49.67
C ILE Y 767 -24.74 28.60 51.10
N VAL Y 768 -25.53 28.12 52.06
CA VAL Y 768 -25.30 28.45 53.47
C VAL Y 768 -23.96 27.90 53.93
N THR Y 769 -23.57 26.73 53.43
CA THR Y 769 -22.27 26.14 53.71
C THR Y 769 -21.13 27.06 53.26
N THR Y 770 -21.19 27.52 52.02
CA THR Y 770 -20.14 28.38 51.47
C THR Y 770 -20.13 29.74 52.16
N TRP Y 771 -21.31 30.23 52.53
CA TRP Y 771 -21.41 31.50 53.25
C TRP Y 771 -20.71 31.41 54.59
N ALA Y 772 -20.98 30.36 55.35
CA ALA Y 772 -20.34 30.14 56.64
C ALA Y 772 -18.83 29.95 56.49
N PHE Y 773 -18.41 29.16 55.51
CA PHE Y 773 -16.98 28.99 55.22
C PHE Y 773 -16.28 30.28 54.85
N PHE Y 774 -16.87 31.11 54.00
CA PHE Y 774 -16.23 32.37 53.60
C PHE Y 774 -16.16 33.32 54.78
N LEU Y 775 -17.25 33.45 55.53
CA LEU Y 775 -17.36 34.48 56.55
C LEU Y 775 -16.58 34.13 57.81
N ALA Y 776 -16.54 32.85 58.19
CA ALA Y 776 -15.71 32.45 59.32
C ALA Y 776 -14.24 32.60 59.00
N ARG Y 777 -13.88 32.31 57.75
CA ARG Y 777 -12.49 32.43 57.33
C ARG Y 777 -12.04 33.88 57.33
N MET Y 778 -12.85 34.77 56.76
CA MET Y 778 -12.49 36.18 56.67
C MET Y 778 -12.70 36.97 57.96
N ALA Y 779 -13.36 36.41 58.97
CA ALA Y 779 -13.51 37.10 60.24
C ALA Y 779 -12.49 36.64 61.27
N ALA Y 780 -11.56 35.78 60.87
CA ALA Y 780 -10.61 35.22 61.79
C ALA Y 780 -9.18 35.55 61.38
N ILE Y 781 -8.92 35.55 60.08
CA ILE Y 781 -7.60 35.90 59.57
C ILE Y 781 -7.70 37.24 58.87
N GLY Y 782 -8.74 38.00 59.19
CA GLY Y 782 -8.93 39.32 58.62
C GLY Y 782 -9.46 39.27 57.20
N ALA Z 2 -34.04 -7.49 13.31
CA ALA Z 2 -33.83 -8.50 14.32
C ALA Z 2 -32.39 -8.98 14.33
N THR Z 3 -31.71 -8.72 15.44
CA THR Z 3 -30.39 -9.26 15.68
C THR Z 3 -30.49 -10.66 16.28
N LYS Z 4 -29.36 -11.34 16.35
CA LYS Z 4 -29.33 -12.64 17.03
C LYS Z 4 -29.07 -12.52 18.52
N PHE Z 5 -28.64 -11.35 18.98
CA PHE Z 5 -28.36 -11.05 20.38
C PHE Z 5 -29.45 -10.15 20.93
N PRO Z 6 -30.00 -10.42 22.12
CA PRO Z 6 -29.71 -11.58 22.95
C PRO Z 6 -30.50 -12.81 22.53
N LYS Z 7 -29.91 -14.00 22.67
CA LYS Z 7 -30.64 -15.17 22.21
C LYS Z 7 -31.71 -15.61 23.19
N PHE Z 8 -31.75 -15.02 24.38
CA PHE Z 8 -32.68 -15.41 25.43
C PHE Z 8 -33.94 -14.57 25.44
N SER Z 9 -34.12 -13.69 24.47
CA SER Z 9 -35.29 -12.82 24.47
C SER Z 9 -35.58 -12.36 23.05
N GLN Z 10 -36.68 -12.82 22.48
CA GLN Z 10 -37.09 -12.34 21.16
C GLN Z 10 -37.49 -10.88 21.16
N GLU Z 11 -38.06 -10.40 22.27
CA GLU Z 11 -38.53 -9.02 22.33
C GLU Z 11 -37.38 -8.01 22.34
N LEU Z 12 -36.23 -8.42 22.85
CA LEU Z 12 -35.06 -7.55 22.84
C LEU Z 12 -34.32 -7.61 21.51
N GLN Z 13 -34.50 -8.68 20.74
CA GLN Z 13 -33.93 -8.74 19.39
C GLN Z 13 -34.66 -7.81 18.43
N GLN Z 14 -35.98 -7.67 18.60
CA GLN Z 14 -36.73 -6.72 17.79
C GLN Z 14 -36.46 -5.27 18.14
N ASP Z 15 -35.79 -5.01 19.25
CA ASP Z 15 -35.54 -3.66 19.73
C ASP Z 15 -34.58 -2.95 18.78
N PRO Z 16 -34.98 -1.85 18.15
CA PRO Z 16 -34.13 -1.23 17.14
C PRO Z 16 -33.15 -0.21 17.70
N THR Z 17 -33.16 -0.03 19.01
CA THR Z 17 -32.44 1.05 19.67
C THR Z 17 -31.24 0.50 20.44
N THR Z 18 -30.55 1.38 21.14
CA THR Z 18 -29.43 1.00 22.00
C THR Z 18 -29.88 0.48 23.35
N ARG Z 19 -31.18 0.39 23.58
CA ARG Z 19 -31.71 -0.13 24.82
C ARG Z 19 -31.51 -1.64 24.92
N ARG Z 20 -31.46 -2.36 23.79
CA ARG Z 20 -31.40 -3.81 23.89
C ARG Z 20 -30.05 -4.28 24.36
N ILE Z 21 -28.99 -3.52 24.10
CA ILE Z 21 -27.67 -3.88 24.58
C ILE Z 21 -27.59 -3.74 26.09
N PHE Z 22 -28.21 -2.71 26.63
CA PHE Z 22 -28.21 -2.46 28.06
C PHE Z 22 -29.17 -3.38 28.80
N TYR Z 23 -30.30 -3.73 28.19
CA TYR Z 23 -31.25 -4.63 28.79
C TYR Z 23 -30.89 -6.10 28.60
N SER Z 24 -29.97 -6.41 27.70
CA SER Z 24 -29.47 -7.76 27.58
C SER Z 24 -28.37 -8.06 28.57
N LEU Z 25 -27.77 -7.02 29.15
CA LEU Z 25 -26.75 -7.18 30.18
C LEU Z 25 -27.33 -7.30 31.57
N ALA Z 26 -28.45 -6.63 31.83
CA ALA Z 26 -29.08 -6.61 33.13
C ALA Z 26 -30.31 -7.51 33.22
N THR Z 27 -30.55 -8.35 32.21
CA THR Z 27 -31.56 -9.39 32.28
C THR Z 27 -30.98 -10.75 31.89
N ALA Z 28 -29.66 -10.85 31.83
CA ALA Z 28 -29.01 -12.06 31.33
C ALA Z 28 -29.06 -13.21 32.30
N HIS Z 29 -29.02 -12.95 33.61
CA HIS Z 29 -29.02 -14.01 34.61
C HIS Z 29 -30.39 -14.25 35.18
N ASP Z 30 -31.41 -13.56 34.67
CA ASP Z 30 -32.78 -13.82 35.10
C ASP Z 30 -33.35 -14.91 34.22
N PHE Z 31 -32.92 -16.15 34.49
CA PHE Z 31 -33.26 -17.27 33.63
C PHE Z 31 -34.74 -17.59 33.62
N GLU Z 32 -35.47 -17.24 34.68
CA GLU Z 32 -36.91 -17.53 34.73
C GLU Z 32 -37.65 -16.83 33.61
N SER Z 33 -37.33 -15.56 33.37
CA SER Z 33 -37.97 -14.77 32.34
C SER Z 33 -37.13 -14.80 31.06
N HIS Z 34 -36.94 -16.02 30.56
CA HIS Z 34 -36.16 -16.24 29.35
C HIS Z 34 -36.96 -17.10 28.41
N ASP Z 35 -36.63 -17.01 27.12
CA ASP Z 35 -37.44 -17.63 26.09
C ASP Z 35 -37.30 -19.15 26.12
N GLY Z 36 -38.43 -19.83 26.22
CA GLY Z 36 -38.47 -21.28 26.24
C GLY Z 36 -37.76 -21.88 27.42
N MET Z 37 -38.01 -21.35 28.60
CA MET Z 37 -37.36 -21.82 29.82
C MET Z 37 -38.38 -22.65 30.59
N THR Z 38 -38.07 -23.93 30.77
CA THR Z 38 -38.82 -24.77 31.68
C THR Z 38 -38.17 -24.76 33.05
N GLU Z 39 -38.88 -25.27 34.05
CA GLU Z 39 -38.37 -25.30 35.42
C GLU Z 39 -37.13 -26.19 35.53
N GLU Z 40 -37.17 -27.35 34.86
CA GLU Z 40 -36.05 -28.28 34.91
C GLU Z 40 -34.79 -27.69 34.28
N SER Z 41 -34.98 -27.06 33.11
CA SER Z 41 -33.87 -26.41 32.35
C SER Z 41 -33.33 -25.24 33.16
N LEU Z 42 -34.20 -24.57 33.92
CA LEU Z 42 -33.81 -23.48 34.81
C LEU Z 42 -32.89 -23.96 35.91
N TYR Z 43 -33.30 -25.02 36.61
CA TYR Z 43 -32.49 -25.58 37.69
C TYR Z 43 -31.15 -26.09 37.19
N GLN Z 44 -31.14 -26.74 36.03
CA GLN Z 44 -29.89 -27.27 35.47
C GLN Z 44 -28.93 -26.16 35.08
N ARG Z 45 -29.45 -25.08 34.49
CA ARG Z 45 -28.63 -23.95 34.12
C ARG Z 45 -28.04 -23.28 35.36
N ILE Z 46 -28.84 -23.18 36.42
CA ILE Z 46 -28.38 -22.59 37.67
C ILE Z 46 -27.28 -23.45 38.30
N PHE Z 47 -27.44 -24.77 38.24
CA PHE Z 47 -26.41 -25.70 38.72
C PHE Z 47 -25.07 -25.47 38.02
N ALA Z 48 -25.09 -25.40 36.69
CA ALA Z 48 -23.85 -25.18 35.94
C ALA Z 48 -23.26 -23.80 36.20
N SER Z 49 -24.13 -22.81 36.40
CA SER Z 49 -23.66 -21.46 36.74
C SER Z 49 -23.00 -21.43 38.10
N HIS Z 50 -23.52 -22.19 39.06
CA HIS Z 50 -22.90 -22.33 40.37
C HIS Z 50 -21.52 -22.94 40.26
N PHE Z 51 -21.36 -23.93 39.40
CA PHE Z 51 -20.06 -24.55 39.21
C PHE Z 51 -19.05 -23.58 38.62
N GLY Z 52 -19.46 -22.81 37.60
CA GLY Z 52 -18.59 -21.77 37.06
C GLY Z 52 -18.25 -20.69 38.06
N HIS Z 53 -19.18 -20.39 38.96
CA HIS Z 53 -18.91 -19.45 40.03
C HIS Z 53 -17.87 -19.96 41.02
N LEU Z 54 -17.99 -21.22 41.45
CA LEU Z 54 -16.96 -21.80 42.32
C LEU Z 54 -15.62 -21.83 41.63
N ALA Z 55 -15.61 -22.07 40.32
CA ALA Z 55 -14.36 -22.01 39.57
C ALA Z 55 -13.74 -20.64 39.62
N ILE Z 56 -14.55 -19.58 39.49
CA ILE Z 56 -14.03 -18.22 39.62
C ILE Z 56 -13.48 -17.96 41.02
N ILE Z 57 -14.16 -18.43 42.06
CA ILE Z 57 -13.65 -18.27 43.43
C ILE Z 57 -12.31 -18.97 43.63
N PHE Z 58 -12.18 -20.19 43.11
CA PHE Z 58 -10.92 -20.92 43.25
C PHE Z 58 -9.81 -20.28 42.43
N LEU Z 59 -10.13 -19.74 41.25
CA LEU Z 59 -9.15 -19.04 40.44
C LEU Z 59 -8.69 -17.77 41.11
N TRP Z 60 -9.60 -17.06 41.78
CA TRP Z 60 -9.26 -15.86 42.53
C TRP Z 60 -8.32 -16.18 43.69
N THR Z 61 -8.63 -17.23 44.45
CA THR Z 61 -7.77 -17.58 45.58
C THR Z 61 -6.41 -18.09 45.10
N SER Z 62 -6.41 -18.83 43.99
CA SER Z 62 -5.18 -19.26 43.36
C SER Z 62 -4.32 -18.09 42.91
N GLY Z 63 -4.95 -17.05 42.35
CA GLY Z 63 -4.20 -15.88 41.95
C GLY Z 63 -3.63 -15.08 43.11
N ILE Z 64 -4.37 -14.99 44.21
CA ILE Z 64 -3.85 -14.37 45.43
C ILE Z 64 -2.63 -15.11 45.94
N LEU Z 65 -2.73 -16.44 46.03
CA LEU Z 65 -1.61 -17.28 46.45
C LEU Z 65 -0.44 -17.17 45.50
N PHE Z 66 -0.70 -17.10 44.20
CA PHE Z 66 0.37 -17.02 43.21
C PHE Z 66 1.10 -15.69 43.30
N HIS Z 67 0.38 -14.61 43.57
CA HIS Z 67 1.04 -13.31 43.58
C HIS Z 67 1.73 -13.03 44.90
N VAL Z 68 1.29 -13.65 45.97
CA VAL Z 68 2.09 -13.55 47.19
C VAL Z 68 3.34 -14.40 47.07
N ALA Z 69 3.28 -15.52 46.35
CA ALA Z 69 4.40 -16.43 46.23
C ALA Z 69 5.42 -15.96 45.21
N TRP Z 70 5.07 -14.99 44.38
CA TRP Z 70 5.93 -14.64 43.27
C TRP Z 70 6.40 -13.21 43.45
N GLN Z 71 5.56 -12.39 44.05
CA GLN Z 71 5.82 -10.97 44.15
C GLN Z 71 5.67 -10.42 45.55
N GLY Z 72 5.23 -11.20 46.52
CA GLY Z 72 5.15 -10.79 47.89
C GLY Z 72 6.44 -11.07 48.65
N ASN Z 73 6.38 -10.85 49.95
CA ASN Z 73 7.51 -11.06 50.84
C ASN Z 73 7.13 -12.00 51.98
N PHE Z 74 6.49 -13.12 51.66
CA PHE Z 74 5.94 -13.98 52.70
C PHE Z 74 7.03 -14.60 53.57
N GLU Z 75 8.08 -15.11 52.92
CA GLU Z 75 9.16 -15.72 53.68
C GLU Z 75 9.96 -14.69 54.47
N ALA Z 76 10.04 -13.47 53.97
CA ALA Z 76 10.70 -12.38 54.69
C ALA Z 76 9.85 -11.80 55.79
N TRP Z 77 8.53 -12.00 55.75
CA TRP Z 77 7.62 -11.42 56.73
C TRP Z 77 7.38 -12.32 57.93
N ILE Z 78 7.49 -13.65 57.77
CA ILE Z 78 7.30 -14.56 58.89
C ILE Z 78 8.41 -14.44 59.91
N LYS Z 79 9.57 -13.90 59.52
CA LYS Z 79 10.66 -13.67 60.46
C LYS Z 79 10.34 -12.53 61.42
N ASP Z 80 9.59 -11.53 60.97
CA ASP Z 80 9.24 -10.40 61.82
C ASP Z 80 7.87 -9.87 61.39
N PRO Z 81 6.76 -10.48 61.89
CA PRO Z 81 5.42 -10.05 61.49
C PRO Z 81 4.87 -8.88 62.31
N LEU Z 82 5.73 -7.94 62.64
CA LEU Z 82 5.27 -6.75 63.36
C LEU Z 82 5.93 -5.50 62.81
N ASN Z 83 7.08 -5.68 62.15
CA ASN Z 83 7.84 -4.55 61.62
C ASN Z 83 8.08 -4.70 60.13
N ILE Z 84 7.36 -5.58 59.47
CA ILE Z 84 7.46 -5.76 58.02
C ILE Z 84 6.05 -5.70 57.46
N SER Z 85 5.87 -4.91 56.40
CA SER Z 85 4.59 -4.76 55.75
C SER Z 85 4.42 -5.86 54.71
N PRO Z 86 3.36 -6.67 54.79
CA PRO Z 86 3.11 -7.66 53.74
C PRO Z 86 2.84 -7.03 52.38
N ILE Z 87 3.30 -7.71 51.34
CA ILE Z 87 3.20 -7.23 49.96
C ILE Z 87 2.16 -8.06 49.22
N ALA Z 88 1.23 -7.37 48.57
CA ALA Z 88 0.21 -7.98 47.74
C ALA Z 88 0.78 -8.50 46.43
N HIS Z 89 1.27 -7.61 45.59
CA HIS Z 89 1.86 -7.97 44.30
C HIS Z 89 2.72 -6.80 43.86
N ALA Z 90 3.13 -6.81 42.61
CA ALA Z 90 4.05 -5.84 42.05
C ALA Z 90 3.30 -4.87 41.15
N ILE Z 91 3.84 -3.65 41.04
CA ILE Z 91 3.30 -2.65 40.14
C ILE Z 91 4.06 -2.72 38.83
N TRP Z 92 3.34 -2.71 37.72
CA TRP Z 92 3.90 -2.54 36.39
C TRP Z 92 3.08 -1.48 35.65
N ASP Z 93 3.01 -0.29 36.22
CA ASP Z 93 2.49 0.84 35.51
C ASP Z 93 3.62 1.53 34.76
N PRO Z 94 3.64 1.52 33.42
CA PRO Z 94 4.71 2.19 32.69
C PRO Z 94 4.62 3.70 32.74
N GLN Z 95 3.53 4.24 33.26
CA GLN Z 95 3.32 5.67 33.29
C GLN Z 95 3.86 6.34 34.53
N PHE Z 96 4.36 5.57 35.50
CA PHE Z 96 4.98 6.15 36.68
C PHE Z 96 6.20 6.97 36.31
N GLY Z 97 6.40 8.06 37.03
CA GLY Z 97 7.69 8.70 37.05
C GLY Z 97 8.58 7.96 38.01
N PRO Z 98 9.88 8.21 37.97
CA PRO Z 98 10.77 7.59 38.96
C PRO Z 98 10.47 7.99 40.39
N ALA Z 99 9.82 9.13 40.61
CA ALA Z 99 9.42 9.52 41.96
C ALA Z 99 8.31 8.64 42.52
N ALA Z 100 7.46 8.08 41.66
CA ALA Z 100 6.45 7.13 42.12
C ALA Z 100 7.00 5.71 42.16
N MET Z 101 7.97 5.39 41.30
CA MET Z 101 8.66 4.10 41.40
C MET Z 101 9.42 4.00 42.71
N ASP Z 102 10.06 5.09 43.15
CA ASP Z 102 10.72 5.13 44.44
C ASP Z 102 9.76 5.14 45.61
N ALA Z 103 8.60 5.77 45.47
CA ALA Z 103 7.66 5.88 46.59
C ALA Z 103 6.99 4.56 46.89
N PHE Z 104 6.75 3.75 45.87
CA PHE Z 104 6.10 2.46 46.01
C PHE Z 104 7.11 1.32 46.17
N THR Z 105 8.39 1.64 46.28
CA THR Z 105 9.43 0.66 46.60
C THR Z 105 9.79 0.79 48.06
N PRO Z 106 9.59 -0.24 48.88
CA PRO Z 106 10.01 -0.19 50.28
C PRO Z 106 11.51 -0.41 50.42
N ALA Z 107 11.96 -0.52 51.66
CA ALA Z 107 13.37 -0.75 51.94
C ALA Z 107 13.83 -2.12 51.42
N GLY Z 108 13.07 -3.16 51.72
CA GLY Z 108 13.44 -4.49 51.28
C GLY Z 108 12.74 -4.97 50.02
N ALA Z 109 12.84 -4.21 48.93
CA ALA Z 109 12.23 -4.62 47.66
C ALA Z 109 12.98 -3.95 46.52
N GLY Z 110 13.02 -4.63 45.39
CA GLY Z 110 13.72 -4.13 44.22
C GLY Z 110 12.81 -3.68 43.10
N ASN Z 111 11.54 -3.47 43.42
CA ASN Z 111 10.55 -3.06 42.44
C ASN Z 111 9.40 -2.41 43.17
N PRO Z 112 8.57 -1.60 42.48
CA PRO Z 112 7.36 -1.08 43.11
C PRO Z 112 6.38 -2.20 43.43
N VAL Z 113 5.80 -2.13 44.63
CA VAL Z 113 4.88 -3.15 45.10
C VAL Z 113 3.68 -2.47 45.75
N ASN Z 114 2.68 -3.28 46.05
CA ASN Z 114 1.48 -2.87 46.77
C ASN Z 114 1.56 -3.52 48.14
N PHE Z 115 1.23 -2.79 49.19
CA PHE Z 115 1.13 -3.39 50.52
C PHE Z 115 -0.19 -4.11 50.69
N CYS Z 116 -0.15 -5.37 51.10
CA CYS Z 116 -1.36 -6.18 51.25
C CYS Z 116 -2.11 -5.79 52.51
N TYR Z 117 -3.42 -5.57 52.38
CA TYR Z 117 -4.29 -5.25 53.50
C TYR Z 117 -5.45 -6.22 53.64
N SER Z 118 -5.37 -7.37 52.96
CA SER Z 118 -6.42 -8.37 53.03
C SER Z 118 -6.23 -9.35 54.18
N GLY Z 119 -5.07 -9.36 54.81
CA GLY Z 119 -4.83 -10.25 55.94
C GLY Z 119 -4.50 -11.67 55.59
N VAL Z 120 -4.17 -11.96 54.34
CA VAL Z 120 -3.94 -13.35 53.96
C VAL Z 120 -2.60 -13.83 54.46
N TYR Z 121 -1.66 -12.92 54.72
CA TYR Z 121 -0.37 -13.31 55.29
C TYR Z 121 -0.56 -13.88 56.69
N HIS Z 122 -1.35 -13.20 57.51
CA HIS Z 122 -1.61 -13.64 58.87
C HIS Z 122 -2.36 -14.96 58.88
N TRP Z 123 -3.34 -15.10 57.99
CA TRP Z 123 -4.13 -16.32 57.88
C TRP Z 123 -3.27 -17.49 57.45
N TRP Z 124 -2.42 -17.29 56.44
CA TRP Z 124 -1.58 -18.37 55.95
C TRP Z 124 -0.49 -18.72 56.95
N TYR Z 125 -0.01 -17.74 57.72
CA TYR Z 125 0.95 -18.01 58.77
C TYR Z 125 0.34 -18.70 59.97
N THR Z 126 -0.97 -18.60 60.18
CA THR Z 126 -1.59 -19.23 61.34
C THR Z 126 -2.01 -20.67 61.02
N ILE Z 127 -2.00 -21.06 59.75
CA ILE Z 127 -2.50 -22.37 59.35
C ILE Z 127 -1.36 -23.24 58.84
N GLY Z 128 -0.13 -22.76 58.94
CA GLY Z 128 0.99 -23.64 58.68
C GLY Z 128 1.87 -23.26 57.52
N LEU Z 129 1.36 -22.45 56.61
CA LEU Z 129 2.12 -22.11 55.40
C LEU Z 129 3.34 -21.27 55.74
N ARG Z 130 4.52 -21.76 55.38
CA ARG Z 130 5.78 -21.14 55.78
C ARG Z 130 6.69 -20.69 54.65
N THR Z 131 6.52 -21.19 53.42
CA THR Z 131 7.46 -20.87 52.35
C THR Z 131 6.67 -20.47 51.12
N ASN Z 132 7.39 -19.94 50.13
CA ASN Z 132 6.79 -19.61 48.85
C ASN Z 132 6.45 -20.87 48.08
N GLY Z 133 7.17 -21.95 48.33
CA GLY Z 133 6.83 -23.23 47.71
C GLY Z 133 5.50 -23.76 48.20
N ASP Z 134 5.22 -23.59 49.49
CA ASP Z 134 3.91 -23.97 50.03
C ASP Z 134 2.79 -23.17 49.37
N LEU Z 135 3.00 -21.86 49.21
CA LEU Z 135 2.03 -21.00 48.56
C LEU Z 135 1.84 -21.37 47.10
N PHE Z 136 2.92 -21.69 46.41
CA PHE Z 136 2.83 -22.09 45.01
C PHE Z 136 2.11 -23.43 44.86
N ALA Z 137 2.37 -24.37 45.77
CA ALA Z 137 1.66 -25.65 45.74
C ALA Z 137 0.17 -25.46 45.98
N GLY Z 138 -0.19 -24.61 46.94
CA GLY Z 138 -1.59 -24.31 47.16
C GLY Z 138 -2.25 -23.64 45.98
N ALA Z 139 -1.54 -22.71 45.34
CA ALA Z 139 -2.05 -22.04 44.14
C ALA Z 139 -2.26 -23.01 42.99
N MET Z 140 -1.35 -23.97 42.81
CA MET Z 140 -1.49 -24.90 41.69
C MET Z 140 -2.59 -25.90 41.96
N PHE Z 141 -2.75 -26.29 43.23
CA PHE Z 141 -3.89 -27.12 43.62
C PHE Z 141 -5.20 -26.40 43.35
N LEU Z 142 -5.28 -25.12 43.67
CA LEU Z 142 -6.53 -24.39 43.46
C LEU Z 142 -6.80 -24.12 41.98
N LEU Z 143 -5.74 -23.94 41.20
CA LEU Z 143 -5.88 -23.85 39.75
C LEU Z 143 -6.50 -25.14 39.20
N LEU Z 144 -5.99 -26.29 39.63
CA LEU Z 144 -6.52 -27.56 39.17
C LEU Z 144 -7.91 -27.82 39.72
N LEU Z 145 -8.20 -27.37 40.94
CA LEU Z 145 -9.53 -27.52 41.52
C LEU Z 145 -10.56 -26.66 40.79
N ALA Z 146 -10.16 -25.47 40.35
CA ALA Z 146 -11.03 -24.66 39.51
C ALA Z 146 -11.27 -25.33 38.17
N ALA Z 147 -10.26 -25.98 37.61
CA ALA Z 147 -10.48 -26.78 36.40
C ALA Z 147 -11.45 -27.93 36.64
N VAL Z 148 -11.37 -28.56 37.80
CA VAL Z 148 -12.30 -29.64 38.15
C VAL Z 148 -13.72 -29.11 38.25
N MET Z 149 -13.91 -27.96 38.90
CA MET Z 149 -15.24 -27.36 38.99
C MET Z 149 -15.79 -26.95 37.63
N LEU Z 150 -14.93 -26.43 36.75
CA LEU Z 150 -15.33 -26.11 35.39
C LEU Z 150 -15.76 -27.35 34.61
N TYR Z 151 -15.02 -28.44 34.75
CA TYR Z 151 -15.38 -29.67 34.06
C TYR Z 151 -16.67 -30.26 34.62
N ALA Z 152 -16.89 -30.12 35.93
CA ALA Z 152 -18.13 -30.58 36.53
C ALA Z 152 -19.32 -29.79 36.01
N GLY Z 153 -19.15 -28.47 35.86
CA GLY Z 153 -20.22 -27.65 35.35
C GLY Z 153 -20.55 -27.94 33.90
N TRP Z 154 -19.51 -28.12 33.07
CA TRP Z 154 -19.73 -28.57 31.71
C TRP Z 154 -20.35 -29.95 31.63
N LEU Z 155 -19.98 -30.85 32.54
CA LEU Z 155 -20.43 -32.22 32.54
C LEU Z 155 -21.91 -32.34 32.83
N HIS Z 156 -22.43 -31.54 33.76
CA HIS Z 156 -23.82 -31.61 34.16
C HIS Z 156 -24.75 -30.85 33.24
N LEU Z 157 -24.24 -30.36 32.12
CA LEU Z 157 -25.03 -29.84 31.03
C LEU Z 157 -25.19 -30.86 29.91
N GLN Z 158 -24.51 -31.99 30.02
CA GLN Z 158 -24.62 -33.05 29.03
C GLN Z 158 -25.91 -33.84 29.27
N PRO Z 159 -26.53 -34.35 28.19
CA PRO Z 159 -27.91 -34.88 28.32
C PRO Z 159 -28.03 -36.09 29.24
N ARG Z 160 -26.99 -36.90 29.35
CA ARG Z 160 -27.01 -38.11 30.18
C ARG Z 160 -26.67 -37.79 31.63
N TYR Z 161 -26.34 -36.53 31.89
CA TYR Z 161 -25.76 -36.08 33.14
C TYR Z 161 -26.50 -34.91 33.77
N ARG Z 162 -27.42 -34.27 33.06
CA ARG Z 162 -28.28 -33.24 33.61
C ARG Z 162 -29.21 -33.84 34.66
N PRO Z 163 -29.18 -33.35 35.90
CA PRO Z 163 -30.06 -33.90 36.93
C PRO Z 163 -31.53 -33.60 36.65
N SER Z 164 -32.40 -34.49 37.12
CA SER Z 164 -33.83 -34.30 36.98
C SER Z 164 -34.32 -33.28 37.99
N LEU Z 165 -35.56 -32.82 37.78
CA LEU Z 165 -36.13 -31.81 38.67
C LEU Z 165 -36.43 -32.37 40.06
N ALA Z 166 -36.77 -33.66 40.14
CA ALA Z 166 -37.01 -34.28 41.44
C ALA Z 166 -35.72 -34.38 42.26
N TRP Z 167 -34.57 -34.48 41.58
CA TRP Z 167 -33.30 -34.42 42.27
C TRP Z 167 -33.05 -33.04 42.88
N PHE Z 168 -33.38 -31.99 42.14
CA PHE Z 168 -33.19 -30.64 42.63
C PHE Z 168 -34.18 -30.30 43.74
N LYS Z 169 -35.35 -30.93 43.73
CA LYS Z 169 -36.36 -30.68 44.76
C LYS Z 169 -36.11 -31.46 46.06
N ASN Z 170 -35.07 -32.30 46.09
CA ASN Z 170 -34.79 -33.14 47.26
C ASN Z 170 -34.22 -32.31 48.40
N ALA Z 171 -35.08 -31.88 49.32
CA ALA Z 171 -34.70 -30.97 50.39
C ALA Z 171 -34.32 -31.70 51.68
N GLU Z 172 -34.38 -33.02 51.67
CA GLU Z 172 -34.04 -33.87 52.80
C GLU Z 172 -32.67 -34.50 52.64
N SER Z 173 -32.34 -34.93 51.43
CA SER Z 173 -31.03 -35.45 51.13
C SER Z 173 -29.98 -34.36 51.15
N ARG Z 174 -30.31 -33.18 50.60
CA ARG Z 174 -29.37 -32.07 50.54
C ARG Z 174 -29.04 -31.54 51.92
N LEU Z 175 -30.03 -31.41 52.81
CA LEU Z 175 -29.76 -30.93 54.15
C LEU Z 175 -28.90 -31.91 54.95
N ASN Z 176 -29.16 -33.21 54.78
CA ASN Z 176 -28.33 -34.23 55.42
C ASN Z 176 -26.90 -34.17 54.91
N HIS Z 177 -26.71 -34.02 53.61
CA HIS Z 177 -25.37 -34.03 53.06
C HIS Z 177 -24.64 -32.72 53.24
N HIS Z 178 -25.34 -31.63 53.46
CA HIS Z 178 -24.70 -30.33 53.68
C HIS Z 178 -24.34 -30.16 55.14
N LEU Z 179 -25.26 -30.56 56.03
CA LEU Z 179 -24.96 -30.56 57.45
C LEU Z 179 -23.85 -31.54 57.80
N ALA Z 180 -23.99 -32.78 57.35
CA ALA Z 180 -22.99 -33.82 57.56
C ALA Z 180 -22.27 -34.09 56.24
N GLY Z 181 -21.23 -33.33 55.97
CA GLY Z 181 -20.42 -33.61 54.82
C GLY Z 181 -19.95 -32.38 54.08
N LEU Z 182 -20.69 -31.29 54.21
CA LEU Z 182 -20.20 -29.99 53.81
C LEU Z 182 -19.85 -29.12 54.99
N PHE Z 183 -20.55 -29.28 56.12
CA PHE Z 183 -20.19 -28.56 57.32
C PHE Z 183 -19.50 -29.43 58.34
N GLY Z 184 -19.84 -30.71 58.41
CA GLY Z 184 -19.24 -31.62 59.36
C GLY Z 184 -17.93 -32.22 58.92
N VAL Z 185 -17.93 -32.92 57.78
CA VAL Z 185 -16.73 -33.60 57.31
C VAL Z 185 -15.66 -32.58 56.91
N SER Z 186 -16.08 -31.45 56.35
CA SER Z 186 -15.14 -30.38 56.03
C SER Z 186 -14.51 -29.79 57.29
N SER Z 187 -15.31 -29.58 58.34
CA SER Z 187 -14.74 -29.07 59.59
C SER Z 187 -13.91 -30.13 60.29
N LEU Z 188 -14.27 -31.41 60.13
CA LEU Z 188 -13.45 -32.49 60.68
C LEU Z 188 -12.10 -32.56 59.96
N ALA Z 189 -12.11 -32.39 58.65
CA ALA Z 189 -10.86 -32.32 57.90
C ALA Z 189 -10.05 -31.09 58.27
N TRP Z 190 -10.72 -29.99 58.59
CA TRP Z 190 -9.96 -28.82 59.00
C TRP Z 190 -9.33 -29.02 60.38
N THR Z 191 -10.03 -29.73 61.27
CA THR Z 191 -9.41 -30.11 62.54
C THR Z 191 -8.22 -31.02 62.30
N GLY Z 192 -8.34 -31.92 61.32
CA GLY Z 192 -7.23 -32.76 60.95
C GLY Z 192 -6.01 -32.00 60.48
N HIS Z 193 -6.22 -30.99 59.63
CA HIS Z 193 -5.12 -30.12 59.23
C HIS Z 193 -4.57 -29.33 60.40
N LEU Z 194 -5.43 -28.83 61.29
CA LEU Z 194 -4.97 -28.03 62.40
C LEU Z 194 -4.09 -28.80 63.36
N VAL Z 195 -4.32 -30.11 63.55
CA VAL Z 195 -3.49 -30.89 64.46
C VAL Z 195 -2.34 -31.57 63.73
N HIS Z 196 -2.41 -31.68 62.41
CA HIS Z 196 -1.32 -32.28 61.65
C HIS Z 196 -0.34 -31.28 61.09
N VAL Z 197 -0.79 -30.08 60.74
CA VAL Z 197 0.10 -29.11 60.11
C VAL Z 197 0.17 -27.84 60.94
N ALA Z 198 -0.98 -27.26 61.25
CA ALA Z 198 -1.00 -25.91 61.81
C ALA Z 198 -0.39 -25.84 63.21
N ILE Z 199 -0.82 -26.71 64.13
CA ILE Z 199 -0.22 -26.71 65.46
C ILE Z 199 1.24 -27.18 65.46
N PRO Z 200 1.64 -28.26 64.74
CA PRO Z 200 3.08 -28.55 64.62
C PRO Z 200 3.94 -27.43 64.07
N GLU Z 201 3.55 -26.83 62.93
CA GLU Z 201 4.31 -25.72 62.37
C GLU Z 201 4.31 -24.51 63.28
N SER Z 202 3.28 -24.36 64.11
CA SER Z 202 3.27 -23.34 65.14
C SER Z 202 4.31 -23.56 66.22
N ARG Z 203 4.73 -24.81 66.42
CA ARG Z 203 5.76 -25.15 67.38
C ARG Z 203 7.14 -25.29 66.77
N GLY Z 204 7.24 -25.26 65.44
CA GLY Z 204 8.57 -25.26 64.82
C GLY Z 204 8.85 -26.48 63.97
N GLN Z 205 8.05 -27.54 64.12
CA GLN Z 205 8.30 -28.77 63.32
C GLN Z 205 7.68 -28.58 61.94
N HIS Z 206 8.37 -29.01 60.88
CA HIS Z 206 7.84 -28.89 59.51
C HIS Z 206 7.07 -30.15 59.13
N VAL Z 207 5.80 -30.01 58.76
CA VAL Z 207 4.99 -31.12 58.31
C VAL Z 207 4.52 -30.81 56.90
N GLY Z 208 4.80 -31.72 55.96
CA GLY Z 208 4.46 -31.53 54.57
C GLY Z 208 3.93 -32.80 53.97
N TRP Z 209 3.70 -32.78 52.65
CA TRP Z 209 3.30 -34.02 51.98
C TRP Z 209 4.51 -34.87 51.64
N ASP Z 210 5.45 -34.97 52.56
CA ASP Z 210 6.60 -35.87 52.48
C ASP Z 210 6.95 -36.51 53.80
N ASN Z 211 6.50 -35.93 54.93
CA ASN Z 211 6.79 -36.51 56.24
C ASN Z 211 5.60 -36.43 57.20
N PHE Z 212 4.37 -36.29 56.71
CA PHE Z 212 3.25 -36.23 57.63
C PHE Z 212 2.81 -37.62 58.07
N LEU Z 213 3.07 -38.62 57.22
CA LEU Z 213 2.80 -40.00 57.61
C LEU Z 213 3.82 -40.48 58.62
N SER Z 214 5.03 -39.93 58.56
CA SER Z 214 6.06 -40.15 59.56
C SER Z 214 5.69 -39.53 60.90
N MET Z 215 5.61 -38.19 60.94
CA MET Z 215 5.43 -37.40 62.17
C MET Z 215 4.05 -37.59 62.79
N PRO Z 216 3.95 -38.08 64.01
CA PRO Z 216 2.64 -38.18 64.68
C PRO Z 216 2.25 -36.85 65.31
N PRO Z 217 0.96 -36.48 65.24
CA PRO Z 217 0.50 -35.25 65.90
C PRO Z 217 0.63 -35.25 67.40
N HIS Z 218 0.75 -36.41 68.03
CA HIS Z 218 0.85 -36.49 69.48
C HIS Z 218 1.86 -37.58 69.78
N PRO Z 219 2.58 -37.47 70.91
CA PRO Z 219 3.57 -38.52 71.24
C PRO Z 219 2.98 -39.92 71.35
N GLU Z 220 1.76 -40.04 71.89
CA GLU Z 220 1.05 -41.30 71.89
C GLU Z 220 0.00 -41.29 70.78
N GLY Z 221 0.43 -41.69 69.60
CA GLY Z 221 -0.40 -41.63 68.42
C GLY Z 221 -1.64 -42.49 68.40
N LEU Z 222 -2.81 -41.85 68.52
CA LEU Z 222 -4.14 -42.48 68.57
C LEU Z 222 -4.23 -43.59 69.62
N LYS Z 223 -3.43 -43.47 70.66
CA LYS Z 223 -3.58 -44.26 71.87
C LYS Z 223 -4.62 -43.68 72.82
N PRO Z 224 -4.62 -42.36 73.13
CA PRO Z 224 -5.67 -41.87 74.04
C PRO Z 224 -7.06 -41.87 73.43
N PHE Z 225 -7.18 -41.76 72.10
CA PHE Z 225 -8.50 -41.67 71.48
C PHE Z 225 -9.18 -43.03 71.47
N PHE Z 226 -8.45 -44.08 71.08
CA PHE Z 226 -9.03 -45.41 71.02
C PHE Z 226 -9.28 -45.99 72.39
N THR Z 227 -8.42 -45.70 73.36
CA THR Z 227 -8.57 -46.21 74.72
C THR Z 227 -9.69 -45.49 75.48
N GLY Z 228 -10.04 -44.27 75.09
CA GLY Z 228 -11.10 -43.53 75.72
C GLY Z 228 -10.63 -42.44 76.67
N ASN Z 229 -9.37 -42.46 77.08
CA ASN Z 229 -8.81 -41.37 77.89
C ASN Z 229 -8.54 -40.20 76.96
N TRP Z 230 -9.52 -39.34 76.75
CA TRP Z 230 -9.35 -38.20 75.86
C TRP Z 230 -8.71 -37.00 76.55
N GLY Z 231 -8.59 -37.00 77.86
CA GLY Z 231 -8.00 -35.87 78.55
C GLY Z 231 -6.51 -35.74 78.38
N ALA Z 232 -5.86 -36.76 77.82
CA ALA Z 232 -4.44 -36.69 77.52
C ALA Z 232 -4.13 -35.71 76.42
N TYR Z 233 -5.08 -35.46 75.52
CA TYR Z 233 -4.85 -34.54 74.41
C TYR Z 233 -4.90 -33.09 74.85
N ALA Z 234 -5.44 -32.81 76.03
CA ALA Z 234 -5.49 -31.47 76.59
C ALA Z 234 -4.41 -31.22 77.62
N LEU Z 235 -3.43 -32.11 77.72
CA LEU Z 235 -2.35 -32.00 78.68
C LEU Z 235 -1.11 -31.41 78.03
N ASN Z 236 -0.37 -30.64 78.81
CA ASN Z 236 0.81 -29.88 78.40
C ASN Z 236 0.48 -28.96 77.24
N PRO Z 237 -0.26 -27.87 77.47
CA PRO Z 237 -0.51 -26.91 76.38
C PRO Z 237 0.66 -25.97 76.18
N ASP Z 238 0.52 -25.01 75.29
CA ASP Z 238 1.52 -23.96 75.10
C ASP Z 238 1.49 -23.05 76.32
N THR Z 239 2.69 -22.77 76.83
CA THR Z 239 2.87 -21.88 78.00
C THR Z 239 2.68 -20.42 77.57
N SER Z 240 2.51 -19.53 78.54
CA SER Z 240 2.34 -18.12 78.25
C SER Z 240 3.55 -17.55 77.49
N GLU Z 241 4.75 -17.98 77.86
CA GLU Z 241 5.94 -17.49 77.17
C GLU Z 241 6.32 -18.43 76.02
N HIS Z 242 5.34 -18.67 75.14
CA HIS Z 242 5.56 -19.41 73.91
C HIS Z 242 5.70 -18.41 72.78
N LEU Z 243 6.72 -18.60 71.97
CA LEU Z 243 6.98 -17.75 70.81
C LEU Z 243 6.53 -18.54 69.58
N PHE Z 244 5.59 -17.96 68.83
CA PHE Z 244 4.98 -18.62 67.69
C PHE Z 244 6.02 -18.95 66.63
N ASN Z 245 5.85 -20.11 66.00
CA ASN Z 245 6.71 -20.71 64.96
C ASN Z 245 8.03 -21.22 65.54
N THR Z 246 8.25 -21.09 66.84
CA THR Z 246 9.44 -21.59 67.50
C THR Z 246 9.05 -22.50 68.66
N SER Z 247 9.99 -23.35 69.07
CA SER Z 247 9.73 -24.34 70.10
C SER Z 247 9.98 -23.83 71.51
N GLN Z 248 10.36 -22.58 71.67
CA GLN Z 248 10.58 -22.01 73.00
C GLN Z 248 9.24 -21.72 73.63
N GLY Z 249 8.95 -22.37 74.75
CA GLY Z 249 7.66 -22.25 75.41
C GLY Z 249 6.61 -23.20 74.89
N ALA Z 250 6.97 -24.12 74.01
CA ALA Z 250 5.99 -24.93 73.31
C ALA Z 250 5.36 -25.97 74.24
N GLY Z 251 4.23 -26.50 73.80
CA GLY Z 251 3.61 -27.62 74.46
C GLY Z 251 3.51 -28.83 73.55
N THR Z 252 2.69 -29.80 73.94
CA THR Z 252 2.41 -30.97 73.10
C THR Z 252 0.93 -31.20 72.87
N ALA Z 253 0.04 -30.48 73.56
CA ALA Z 253 -1.40 -30.68 73.45
C ALA Z 253 -1.89 -30.30 72.06
N ILE Z 254 -2.88 -31.07 71.57
CA ILE Z 254 -3.49 -30.78 70.28
C ILE Z 254 -4.93 -30.32 70.39
N LEU Z 255 -5.63 -30.58 71.49
CA LEU Z 255 -7.01 -30.16 71.65
C LEU Z 255 -7.19 -29.69 73.08
N THR Z 256 -7.14 -28.39 73.31
CA THR Z 256 -7.23 -27.86 74.66
C THR Z 256 -8.19 -26.69 74.57
N PHE Z 257 -8.69 -26.22 75.70
CA PHE Z 257 -9.80 -25.29 75.76
C PHE Z 257 -9.43 -24.13 76.68
N LEU Z 258 -8.33 -23.43 76.37
CA LEU Z 258 -7.78 -22.46 77.31
C LEU Z 258 -8.67 -21.23 77.44
N GLY Z 259 -9.16 -20.72 76.31
CA GLY Z 259 -9.86 -19.47 76.28
C GLY Z 259 -8.92 -18.29 76.22
N GLY Z 260 -9.49 -17.12 75.89
CA GLY Z 260 -8.65 -15.95 75.77
C GLY Z 260 -7.73 -16.01 74.56
N PHE Z 261 -6.58 -15.38 74.69
CA PHE Z 261 -5.68 -15.20 73.57
C PHE Z 261 -4.28 -15.71 73.89
N HIS Z 262 -3.58 -16.11 72.84
CA HIS Z 262 -2.15 -16.33 72.92
C HIS Z 262 -1.48 -15.00 73.25
N PRO Z 263 -0.75 -14.91 74.36
CA PRO Z 263 -0.29 -13.58 74.81
C PRO Z 263 0.79 -12.96 73.92
N GLN Z 264 1.37 -13.71 73.01
CA GLN Z 264 2.44 -13.23 72.16
C GLN Z 264 1.96 -12.86 70.77
N THR Z 265 1.01 -13.60 70.20
CA THR Z 265 0.38 -13.22 68.94
C THR Z 265 -0.90 -12.42 69.13
N GLU Z 266 -1.43 -12.36 70.36
CA GLU Z 266 -2.67 -11.67 70.69
C GLU Z 266 -3.86 -12.21 69.90
N SER Z 267 -3.81 -13.50 69.57
CA SER Z 267 -4.81 -14.17 68.76
C SER Z 267 -5.34 -15.39 69.50
N LEU Z 268 -6.36 -16.00 68.93
CA LEU Z 268 -6.94 -17.21 69.52
C LEU Z 268 -5.93 -18.35 69.46
N TRP Z 269 -6.00 -19.23 70.45
CA TRP Z 269 -5.11 -20.39 70.52
C TRP Z 269 -5.47 -21.38 69.42
N LEU Z 270 -4.45 -21.94 68.76
CA LEU Z 270 -4.69 -22.96 67.75
C LEU Z 270 -5.21 -24.27 68.31
N THR Z 271 -4.83 -24.62 69.54
CA THR Z 271 -5.46 -25.78 70.18
C THR Z 271 -6.94 -25.53 70.41
N ASP Z 272 -7.31 -24.32 70.84
CA ASP Z 272 -8.72 -23.96 70.96
C ASP Z 272 -9.43 -24.02 69.62
N MET Z 273 -8.82 -23.54 68.53
CA MET Z 273 -9.51 -23.59 67.25
C MET Z 273 -9.62 -25.01 66.71
N ALA Z 274 -8.63 -25.87 66.94
CA ALA Z 274 -8.76 -27.27 66.53
C ALA Z 274 -9.82 -27.99 67.35
N HIS Z 275 -9.86 -27.76 68.65
CA HIS Z 275 -10.91 -28.30 69.49
C HIS Z 275 -12.27 -27.77 69.09
N HIS Z 276 -12.33 -26.50 68.68
CA HIS Z 276 -13.57 -25.89 68.22
C HIS Z 276 -14.10 -26.57 66.98
N HIS Z 277 -13.25 -26.71 65.98
CA HIS Z 277 -13.70 -27.27 64.73
C HIS Z 277 -14.05 -28.74 64.88
N LEU Z 278 -13.40 -29.44 65.81
CA LEU Z 278 -13.79 -30.80 66.13
C LEU Z 278 -15.15 -30.90 66.82
N ALA Z 279 -15.41 -30.05 67.81
CA ALA Z 279 -16.71 -30.05 68.46
C ALA Z 279 -17.81 -29.52 67.56
N ILE Z 280 -17.48 -28.73 66.55
CA ILE Z 280 -18.41 -28.33 65.51
C ILE Z 280 -18.65 -29.45 64.51
N ALA Z 281 -17.61 -30.16 64.10
CA ALA Z 281 -17.74 -31.25 63.16
C ALA Z 281 -18.57 -32.39 63.71
N VAL Z 282 -18.38 -32.74 64.98
CA VAL Z 282 -19.16 -33.83 65.56
C VAL Z 282 -20.64 -33.47 65.62
N ILE Z 283 -20.94 -32.24 66.05
CA ILE Z 283 -22.34 -31.81 66.17
C ILE Z 283 -22.99 -31.69 64.80
N PHE Z 284 -22.24 -31.24 63.79
CA PHE Z 284 -22.83 -31.12 62.46
C PHE Z 284 -22.99 -32.46 61.76
N ILE Z 285 -22.04 -33.38 61.96
CA ILE Z 285 -22.22 -34.74 61.45
C ILE Z 285 -23.41 -35.41 62.13
N ILE Z 286 -23.62 -35.16 63.42
CA ILE Z 286 -24.84 -35.63 64.07
C ILE Z 286 -26.07 -35.00 63.43
N ALA Z 287 -26.11 -33.68 63.27
CA ALA Z 287 -27.27 -32.97 62.74
C ALA Z 287 -27.62 -33.36 61.32
N GLY Z 288 -26.66 -33.84 60.54
CA GLY Z 288 -26.97 -34.31 59.20
C GLY Z 288 -27.50 -35.72 59.15
N HIS Z 289 -28.23 -36.13 60.18
CA HIS Z 289 -28.82 -37.46 60.30
C HIS Z 289 -30.26 -37.33 60.72
N MET Z 290 -30.87 -36.19 60.49
CA MET Z 290 -32.20 -35.92 61.02
C MET Z 290 -33.31 -36.23 60.04
N TYR Z 291 -33.08 -36.06 58.75
CA TYR Z 291 -34.12 -36.15 57.75
C TYR Z 291 -33.95 -37.43 56.94
N ARG Z 292 -35.07 -37.99 56.51
CA ARG Z 292 -35.06 -39.28 55.84
C ARG Z 292 -34.84 -39.09 54.36
N THR Z 293 -33.94 -39.91 53.80
CA THR Z 293 -33.79 -39.87 52.36
C THR Z 293 -34.39 -41.08 51.66
N ASN Z 294 -33.76 -42.24 51.83
CA ASN Z 294 -34.25 -43.49 51.27
C ASN Z 294 -33.87 -44.68 52.16
N PHE Z 295 -33.78 -44.44 53.47
CA PHE Z 295 -33.51 -45.52 54.40
C PHE Z 295 -34.56 -45.64 55.49
N GLY Z 296 -35.74 -45.07 55.31
CA GLY Z 296 -36.80 -45.25 56.30
C GLY Z 296 -36.67 -44.40 57.54
N ILE Z 297 -35.51 -44.43 58.20
CA ILE Z 297 -35.32 -43.63 59.40
C ILE Z 297 -35.08 -42.17 59.02
N GLY Z 298 -35.50 -41.28 59.90
CA GLY Z 298 -35.36 -39.86 59.68
C GLY Z 298 -36.67 -39.11 59.73
N HIS Z 299 -36.62 -37.79 59.75
CA HIS Z 299 -37.82 -36.99 59.62
C HIS Z 299 -38.14 -36.64 58.18
N SER Z 300 -39.35 -36.14 58.00
CA SER Z 300 -39.76 -35.43 56.80
C SER Z 300 -39.97 -33.98 57.19
N ILE Z 301 -39.31 -33.06 56.48
CA ILE Z 301 -39.44 -31.64 56.79
C ILE Z 301 -40.87 -31.16 56.51
N LYS Z 302 -41.47 -31.68 55.44
CA LYS Z 302 -42.80 -31.25 55.05
C LYS Z 302 -43.83 -31.61 56.10
N GLU Z 303 -43.72 -32.82 56.65
CA GLU Z 303 -44.63 -33.23 57.72
C GLU Z 303 -44.40 -32.44 59.00
N MET Z 304 -43.16 -31.98 59.23
CA MET Z 304 -42.92 -31.15 60.41
C MET Z 304 -43.51 -29.76 60.24
N THR Z 305 -43.43 -29.19 59.04
CA THR Z 305 -43.97 -27.85 58.84
C THR Z 305 -45.48 -27.85 58.76
N GLU Z 306 -46.08 -28.82 58.06
CA GLU Z 306 -47.52 -28.86 57.92
C GLU Z 306 -48.22 -29.23 59.23
N SER Z 307 -47.46 -29.68 60.23
CA SER Z 307 -48.00 -30.02 61.54
C SER Z 307 -48.11 -28.83 62.49
N LEU Z 308 -47.66 -27.64 62.09
CA LEU Z 308 -47.77 -26.43 62.89
C LEU Z 308 -49.02 -25.63 62.54
N GLN Z 309 -50.13 -26.30 62.29
CA GLN Z 309 -51.33 -25.58 61.88
C GLN Z 309 -51.99 -24.86 63.04
N GLY Z 310 -52.48 -25.60 64.03
CA GLY Z 310 -53.50 -25.09 64.92
C GLY Z 310 -53.09 -25.01 66.37
N PRO Z 311 -54.07 -25.10 67.26
CA PRO Z 311 -53.80 -25.05 68.70
C PRO Z 311 -53.52 -26.44 69.26
N GLY Z 312 -53.29 -26.49 70.56
CA GLY Z 312 -53.01 -27.74 71.25
C GLY Z 312 -51.53 -28.03 71.30
N TRP Z 313 -51.19 -29.07 72.06
CA TRP Z 313 -49.80 -29.43 72.25
C TRP Z 313 -49.24 -30.23 71.08
N THR Z 314 -50.11 -30.76 70.22
CA THR Z 314 -49.73 -31.40 68.98
C THR Z 314 -49.73 -30.41 67.83
N GLY Z 315 -50.09 -29.16 68.12
CA GLY Z 315 -50.18 -28.12 67.12
C GLY Z 315 -49.35 -26.93 67.54
N PHE Z 316 -49.42 -25.89 66.73
CA PHE Z 316 -48.61 -24.69 66.92
C PHE Z 316 -49.10 -23.90 68.13
N PHE Z 317 -48.51 -24.16 69.29
CA PHE Z 317 -49.07 -23.67 70.55
C PHE Z 317 -48.49 -22.35 71.02
N ILE Z 318 -47.34 -21.93 70.47
CA ILE Z 318 -46.82 -20.62 70.84
C ILE Z 318 -47.41 -19.51 69.99
N ALA Z 319 -48.32 -19.82 69.09
CA ALA Z 319 -49.16 -18.83 68.42
C ALA Z 319 -50.35 -19.55 67.81
N PRO Z 320 -51.32 -19.94 68.65
CA PRO Z 320 -52.43 -20.76 68.14
C PRO Z 320 -53.37 -20.02 67.20
N ASN Z 321 -53.36 -18.69 67.21
CA ASN Z 321 -54.22 -17.89 66.33
C ASN Z 321 -53.45 -17.44 65.10
N THR Z 322 -52.96 -18.42 64.33
CA THR Z 322 -52.27 -18.15 63.07
C THR Z 322 -52.90 -18.92 61.92
N GLY Z 323 -54.15 -19.36 62.09
CA GLY Z 323 -54.92 -19.89 60.98
C GLY Z 323 -54.41 -21.23 60.55
N ARG Z 324 -53.94 -21.30 59.32
CA ARG Z 324 -53.38 -22.53 58.79
C ARG Z 324 -51.91 -22.69 59.13
N GLY Z 325 -51.36 -21.79 59.94
CA GLY Z 325 -50.01 -21.92 60.44
C GLY Z 325 -48.95 -21.95 59.37
N HIS Z 326 -48.33 -23.11 59.17
CA HIS Z 326 -47.21 -23.27 58.27
C HIS Z 326 -47.54 -24.19 57.11
N LYS Z 327 -48.83 -24.37 56.84
CA LYS Z 327 -49.27 -25.17 55.71
C LYS Z 327 -49.01 -24.40 54.42
N GLY Z 328 -48.30 -25.01 53.50
CA GLY Z 328 -47.89 -24.35 52.28
C GLY Z 328 -46.59 -23.60 52.39
N ILE Z 329 -46.04 -23.47 53.60
CA ILE Z 329 -44.76 -22.80 53.79
C ILE Z 329 -43.60 -23.64 53.27
N TYR Z 330 -43.67 -24.97 53.42
CA TYR Z 330 -42.66 -25.85 52.85
C TYR Z 330 -42.65 -25.73 51.33
N ASP Z 331 -43.81 -25.67 50.70
CA ASP Z 331 -43.87 -25.57 49.25
C ASP Z 331 -43.50 -24.19 48.77
N ALA Z 332 -43.82 -23.16 49.54
CA ALA Z 332 -43.36 -21.81 49.24
C ALA Z 332 -41.84 -21.73 49.29
N TYR Z 333 -41.23 -22.42 50.25
CA TYR Z 333 -39.77 -22.47 50.31
C TYR Z 333 -39.24 -23.28 49.13
N ASN Z 334 -39.70 -24.52 48.96
CA ASN Z 334 -39.02 -25.49 48.11
C ASN Z 334 -39.27 -25.21 46.63
N ASN Z 335 -40.48 -24.81 46.26
CA ASN Z 335 -40.79 -24.57 44.85
C ASN Z 335 -40.22 -23.26 44.35
N SER Z 336 -40.18 -22.24 45.21
CA SER Z 336 -39.71 -20.93 44.81
C SER Z 336 -38.21 -20.82 45.05
N LEU Z 337 -37.46 -20.59 43.98
CA LEU Z 337 -36.03 -20.37 44.10
C LEU Z 337 -35.71 -18.97 44.58
N HIS Z 338 -36.64 -18.02 44.40
CA HIS Z 338 -36.47 -16.68 44.94
C HIS Z 338 -36.71 -16.65 46.44
N PHE Z 339 -37.63 -17.45 46.95
CA PHE Z 339 -37.80 -17.58 48.40
C PHE Z 339 -36.53 -18.13 49.02
N GLN Z 340 -35.98 -19.20 48.43
CA GLN Z 340 -34.74 -19.76 48.94
C GLN Z 340 -33.60 -18.76 48.87
N LEU Z 341 -33.46 -18.07 47.74
CA LEU Z 341 -32.35 -17.14 47.60
C LEU Z 341 -32.47 -15.95 48.55
N GLY Z 342 -33.66 -15.38 48.69
CA GLY Z 342 -33.82 -14.30 49.64
C GLY Z 342 -33.74 -14.73 51.09
N TRP Z 343 -34.04 -15.99 51.39
CA TRP Z 343 -33.86 -16.53 52.72
C TRP Z 343 -32.39 -16.78 53.03
N HIS Z 344 -31.67 -17.37 52.09
CA HIS Z 344 -30.27 -17.70 52.25
C HIS Z 344 -29.40 -16.45 52.24
N LEU Z 345 -29.83 -15.41 51.54
CA LEU Z 345 -29.11 -14.14 51.56
C LEU Z 345 -29.25 -13.46 52.90
N ALA Z 346 -30.42 -13.56 53.56
CA ALA Z 346 -30.57 -13.05 54.91
C ALA Z 346 -29.74 -13.82 55.92
N CYS Z 347 -29.69 -15.14 55.80
CA CYS Z 347 -28.82 -15.94 56.64
C CYS Z 347 -27.34 -15.61 56.43
N LEU Z 348 -26.92 -15.48 55.18
CA LEU Z 348 -25.53 -15.15 54.88
C LEU Z 348 -25.17 -13.73 55.28
N GLY Z 349 -26.12 -12.79 55.19
CA GLY Z 349 -25.84 -11.44 55.60
C GLY Z 349 -25.79 -11.27 57.11
N VAL Z 350 -26.51 -12.11 57.84
CA VAL Z 350 -26.31 -12.14 59.30
C VAL Z 350 -24.98 -12.80 59.65
N VAL Z 351 -24.60 -13.88 58.98
CA VAL Z 351 -23.32 -14.53 59.24
C VAL Z 351 -22.12 -13.66 58.86
N THR Z 352 -22.21 -12.85 57.81
CA THR Z 352 -21.11 -11.98 57.43
C THR Z 352 -20.92 -10.84 58.44
N SER Z 353 -22.01 -10.29 58.96
CA SER Z 353 -21.90 -9.32 60.04
C SER Z 353 -21.33 -9.96 61.30
N LEU Z 354 -21.69 -11.21 61.57
CA LEU Z 354 -21.11 -11.94 62.69
C LEU Z 354 -19.61 -12.12 62.51
N VAL Z 355 -19.19 -12.46 61.30
CA VAL Z 355 -17.77 -12.59 60.95
C VAL Z 355 -17.04 -11.28 61.25
N ALA Z 356 -17.60 -10.17 60.78
CA ALA Z 356 -16.98 -8.86 61.00
C ALA Z 356 -16.93 -8.51 62.48
N GLN Z 357 -18.03 -8.74 63.19
CA GLN Z 357 -18.12 -8.37 64.64
C GLN Z 357 -17.27 -9.30 65.52
N HIS Z 358 -16.93 -10.50 65.04
CA HIS Z 358 -16.19 -11.46 65.84
C HIS Z 358 -14.70 -11.45 65.55
N MET Z 359 -14.30 -11.19 64.31
CA MET Z 359 -12.88 -11.28 64.01
C MET Z 359 -12.09 -10.05 64.39
N TYR Z 360 -12.73 -8.98 64.86
CA TYR Z 360 -11.92 -7.91 65.44
C TYR Z 360 -11.84 -8.03 66.94
N ALA Z 361 -12.87 -8.59 67.57
CA ALA Z 361 -12.92 -8.76 69.01
C ALA Z 361 -12.19 -10.01 69.46
N MET Z 362 -12.22 -11.07 68.65
CA MET Z 362 -11.46 -12.28 68.92
C MET Z 362 -10.63 -12.56 67.68
N PRO Z 363 -9.47 -11.91 67.55
CA PRO Z 363 -8.62 -12.13 66.39
C PRO Z 363 -8.17 -13.57 66.31
N PRO Z 364 -8.38 -14.22 65.17
CA PRO Z 364 -8.01 -15.63 65.01
C PRO Z 364 -6.65 -15.89 64.39
N TYR Z 365 -5.98 -14.86 63.89
CA TYR Z 365 -4.73 -15.02 63.17
C TYR Z 365 -3.61 -14.29 63.89
N ALA Z 366 -2.40 -14.84 63.75
CA ALA Z 366 -1.25 -14.37 64.49
C ALA Z 366 -0.85 -12.97 64.05
N PHE Z 367 -0.71 -12.06 65.01
CA PHE Z 367 -0.26 -10.69 64.81
C PHE Z 367 -1.16 -9.88 63.88
N ILE Z 368 -2.44 -10.24 63.78
CA ILE Z 368 -3.35 -9.46 62.95
C ILE Z 368 -4.01 -8.35 63.76
N ALA Z 369 -3.99 -8.44 65.08
CA ALA Z 369 -4.49 -7.36 65.91
C ALA Z 369 -3.58 -6.14 65.88
N ARG Z 370 -2.30 -6.36 65.57
CA ARG Z 370 -1.34 -5.28 65.40
C ARG Z 370 -1.24 -4.77 63.97
N ASP Z 371 -1.80 -5.47 63.00
CA ASP Z 371 -1.92 -4.90 61.67
C ASP Z 371 -3.23 -4.13 61.67
N TYR Z 372 -3.14 -2.83 61.93
CA TYR Z 372 -4.32 -2.01 62.17
C TYR Z 372 -5.10 -1.77 60.88
N THR Z 373 -4.40 -1.51 59.78
CA THR Z 373 -5.07 -1.24 58.52
C THR Z 373 -5.74 -2.49 57.99
N THR Z 374 -5.10 -3.65 58.15
CA THR Z 374 -5.71 -4.93 57.79
C THR Z 374 -6.97 -5.20 58.60
N THR Z 375 -6.94 -4.95 59.91
CA THR Z 375 -8.10 -5.16 60.75
C THR Z 375 -9.25 -4.26 60.35
N ALA Z 376 -8.96 -2.98 60.11
CA ALA Z 376 -9.99 -2.02 59.70
C ALA Z 376 -10.58 -2.37 58.34
N ALA Z 377 -9.71 -2.73 57.38
CA ALA Z 377 -10.17 -3.07 56.04
C ALA Z 377 -11.01 -4.32 56.05
N LEU Z 378 -10.64 -5.32 56.85
CA LEU Z 378 -11.40 -6.56 56.91
C LEU Z 378 -12.76 -6.36 57.53
N TYR Z 379 -12.83 -5.57 58.61
CA TYR Z 379 -14.13 -5.31 59.23
C TYR Z 379 -15.05 -4.56 58.28
N THR Z 380 -14.53 -3.50 57.65
CA THR Z 380 -15.33 -2.68 56.75
C THR Z 380 -15.77 -3.47 55.52
N HIS Z 381 -14.87 -4.30 54.99
CA HIS Z 381 -15.16 -5.18 53.89
C HIS Z 381 -16.34 -6.10 54.19
N HIS Z 382 -16.28 -6.80 55.31
CA HIS Z 382 -17.34 -7.76 55.60
C HIS Z 382 -18.63 -7.09 56.03
N GLN Z 383 -18.57 -5.93 56.67
CA GLN Z 383 -19.81 -5.24 57.00
C GLN Z 383 -20.50 -4.68 55.78
N TYR Z 384 -19.76 -4.21 54.78
CA TYR Z 384 -20.41 -3.76 53.55
C TYR Z 384 -20.94 -4.93 52.73
N ILE Z 385 -20.20 -6.05 52.66
CA ILE Z 385 -20.72 -7.25 52.03
C ILE Z 385 -22.00 -7.71 52.71
N ALA Z 386 -22.04 -7.67 54.04
CA ALA Z 386 -23.22 -8.07 54.79
C ALA Z 386 -24.41 -7.15 54.55
N GLY Z 387 -24.18 -5.84 54.49
CA GLY Z 387 -25.25 -4.93 54.15
C GLY Z 387 -25.82 -5.15 52.78
N PHE Z 388 -24.96 -5.44 51.80
CA PHE Z 388 -25.46 -5.79 50.48
C PHE Z 388 -26.23 -7.10 50.45
N LEU Z 389 -25.78 -8.12 51.18
CA LEU Z 389 -26.49 -9.38 51.26
C LEU Z 389 -27.85 -9.22 51.93
N MET Z 390 -27.93 -8.40 52.96
CA MET Z 390 -29.21 -8.10 53.59
C MET Z 390 -30.13 -7.29 52.70
N LEU Z 391 -29.57 -6.49 51.80
CA LEU Z 391 -30.38 -5.76 50.84
C LEU Z 391 -30.97 -6.70 49.78
N GLY Z 392 -30.17 -7.66 49.32
CA GLY Z 392 -30.62 -8.66 48.37
C GLY Z 392 -31.53 -9.72 48.92
N ALA Z 393 -31.48 -9.97 50.21
CA ALA Z 393 -32.46 -10.80 50.88
C ALA Z 393 -33.88 -10.26 50.72
N PHE Z 394 -34.07 -8.98 50.98
CA PHE Z 394 -35.37 -8.34 50.80
C PHE Z 394 -35.72 -8.12 49.34
N ALA Z 395 -34.71 -7.90 48.49
CA ALA Z 395 -34.97 -7.90 47.06
C ALA Z 395 -35.61 -9.18 46.59
N HIS Z 396 -35.05 -10.33 46.97
CA HIS Z 396 -35.64 -11.57 46.50
C HIS Z 396 -36.84 -12.01 47.30
N GLY Z 397 -37.02 -11.51 48.51
CA GLY Z 397 -38.32 -11.62 49.15
C GLY Z 397 -39.43 -10.91 48.43
N GLY Z 398 -39.15 -9.74 47.85
CA GLY Z 398 -40.11 -9.09 46.97
C GLY Z 398 -40.32 -9.79 45.65
N ILE Z 399 -39.24 -10.29 45.05
CA ILE Z 399 -39.36 -11.00 43.78
C ILE Z 399 -40.13 -12.31 43.94
N PHE Z 400 -40.01 -12.98 45.09
CA PHE Z 400 -40.84 -14.15 45.36
C PHE Z 400 -42.32 -13.79 45.43
N LEU Z 401 -42.65 -12.69 46.11
CA LEU Z 401 -44.04 -12.32 46.26
C LEU Z 401 -44.64 -11.85 44.93
N ILE Z 402 -43.81 -11.33 44.04
CA ILE Z 402 -44.26 -11.03 42.69
C ILE Z 402 -44.45 -12.29 41.86
N ARG Z 403 -43.41 -13.12 41.76
CA ARG Z 403 -43.33 -14.16 40.74
C ARG Z 403 -43.83 -15.52 41.20
N ASP Z 404 -43.53 -15.91 42.43
CA ASP Z 404 -43.79 -17.29 42.84
C ASP Z 404 -44.86 -17.43 43.91
N TYR Z 405 -45.27 -16.35 44.55
CA TYR Z 405 -46.26 -16.45 45.61
C TYR Z 405 -47.62 -16.89 45.08
N ASP Z 406 -48.17 -17.92 45.71
CA ASP Z 406 -49.48 -18.45 45.36
C ASP Z 406 -50.44 -18.16 46.50
N PRO Z 407 -51.39 -17.24 46.32
CA PRO Z 407 -52.31 -16.88 47.41
C PRO Z 407 -53.26 -17.98 47.83
N VAL Z 408 -53.45 -19.03 47.02
CA VAL Z 408 -54.35 -20.11 47.39
C VAL Z 408 -53.60 -21.27 48.03
N ALA Z 409 -52.36 -21.54 47.60
CA ALA Z 409 -51.54 -22.52 48.30
C ALA Z 409 -51.14 -22.00 49.67
N ASN Z 410 -50.99 -20.69 49.80
CA ASN Z 410 -50.68 -20.05 51.06
C ASN Z 410 -51.91 -19.42 51.67
N GLU Z 411 -53.07 -20.04 51.55
CA GLU Z 411 -54.29 -19.48 52.09
C GLU Z 411 -54.27 -19.49 53.61
N ASN Z 412 -54.32 -18.29 54.20
CA ASN Z 412 -54.50 -18.08 55.63
C ASN Z 412 -53.41 -18.77 56.47
N ASN Z 413 -52.19 -18.73 55.97
CA ASN Z 413 -51.04 -19.18 56.75
C ASN Z 413 -50.27 -17.97 57.24
N VAL Z 414 -49.06 -18.20 57.76
CA VAL Z 414 -48.27 -17.11 58.34
C VAL Z 414 -47.87 -16.10 57.28
N LEU Z 415 -47.49 -16.57 56.09
CA LEU Z 415 -47.04 -15.65 55.04
C LEU Z 415 -48.19 -14.79 54.53
N ALA Z 416 -49.33 -15.42 54.29
CA ALA Z 416 -50.54 -14.72 53.84
C ALA Z 416 -51.14 -13.91 55.00
N ARG Z 417 -50.77 -14.26 56.24
CA ARG Z 417 -51.29 -13.55 57.46
C ARG Z 417 -50.47 -12.28 57.72
N VAL Z 418 -49.20 -12.26 57.29
CA VAL Z 418 -48.38 -11.05 57.40
C VAL Z 418 -48.65 -10.15 56.20
N LEU Z 419 -49.02 -10.74 55.06
CA LEU Z 419 -49.44 -9.90 53.94
C LEU Z 419 -50.75 -9.19 54.20
N ASP Z 420 -51.58 -9.73 55.10
CA ASP Z 420 -52.88 -9.13 55.38
C ASP Z 420 -52.75 -7.85 56.18
N HIS Z 421 -51.95 -7.86 57.24
CA HIS Z 421 -51.85 -6.72 58.16
C HIS Z 421 -50.59 -5.91 57.92
N LYS Z 422 -50.10 -5.89 56.67
CA LYS Z 422 -48.82 -5.28 56.33
C LYS Z 422 -48.75 -3.79 56.67
N GLU Z 423 -49.89 -3.11 56.73
CA GLU Z 423 -49.92 -1.71 57.14
C GLU Z 423 -49.54 -1.52 58.60
N ALA Z 424 -49.88 -2.48 59.47
CA ALA Z 424 -49.44 -2.40 60.86
C ALA Z 424 -47.93 -2.54 60.98
N ILE Z 425 -47.33 -3.49 60.26
CA ILE Z 425 -45.89 -3.65 60.25
C ILE Z 425 -45.19 -2.41 59.71
N ILE Z 426 -45.70 -1.86 58.60
CA ILE Z 426 -45.03 -0.71 58.00
C ILE Z 426 -45.19 0.54 58.86
N SER Z 427 -46.36 0.77 59.43
CA SER Z 427 -46.54 1.92 60.31
C SER Z 427 -45.76 1.80 61.62
N HIS Z 428 -45.53 0.60 62.12
CA HIS Z 428 -44.74 0.50 63.34
C HIS Z 428 -43.25 0.58 63.08
N LEU Z 429 -42.76 0.06 61.95
CA LEU Z 429 -41.40 0.40 61.53
C LEU Z 429 -41.23 1.89 61.32
N SER Z 430 -42.24 2.55 60.76
CA SER Z 430 -42.22 4.01 60.61
C SER Z 430 -42.16 4.72 61.95
N TRP Z 431 -42.92 4.25 62.95
CA TRP Z 431 -42.88 4.88 64.26
C TRP Z 431 -41.51 4.72 64.91
N VAL Z 432 -40.94 3.52 64.88
CA VAL Z 432 -39.62 3.31 65.49
C VAL Z 432 -38.58 4.17 64.80
N SER Z 433 -38.65 4.23 63.46
CA SER Z 433 -37.74 5.08 62.69
C SER Z 433 -37.87 6.55 63.08
N LEU Z 434 -39.11 7.04 63.18
CA LEU Z 434 -39.32 8.43 63.51
C LEU Z 434 -38.85 8.76 64.92
N PHE Z 435 -39.15 7.90 65.88
CA PHE Z 435 -38.72 8.11 67.26
C PHE Z 435 -37.20 8.17 67.36
N LEU Z 436 -36.53 7.17 66.78
CA LEU Z 436 -35.08 7.11 66.82
C LEU Z 436 -34.46 8.31 66.13
N GLY Z 437 -34.99 8.69 64.97
CA GLY Z 437 -34.40 9.79 64.24
C GLY Z 437 -34.56 11.13 64.93
N PHE Z 438 -35.79 11.45 65.37
CA PHE Z 438 -36.00 12.71 66.10
C PHE Z 438 -35.12 12.78 67.33
N HIS Z 439 -35.08 11.71 68.13
CA HIS Z 439 -34.34 11.79 69.38
C HIS Z 439 -32.85 11.82 69.19
N THR Z 440 -32.31 10.99 68.29
CA THR Z 440 -30.87 10.95 68.10
C THR Z 440 -30.36 12.22 67.46
N LEU Z 441 -31.05 12.71 66.42
CA LEU Z 441 -30.63 13.96 65.79
C LEU Z 441 -30.76 15.12 66.75
N ALA Z 442 -31.83 15.17 67.55
CA ALA Z 442 -32.00 16.31 68.44
C ALA Z 442 -31.00 16.28 69.60
N LEU Z 443 -30.62 15.09 70.08
CA LEU Z 443 -29.58 15.00 71.09
C LEU Z 443 -28.23 15.44 70.55
N TYR Z 444 -27.87 14.99 69.35
CA TYR Z 444 -26.64 15.44 68.70
C TYR Z 444 -26.63 16.95 68.44
N VAL Z 445 -27.76 17.52 67.99
CA VAL Z 445 -27.80 18.95 67.71
C VAL Z 445 -27.78 19.77 68.99
N HIS Z 446 -28.41 19.29 70.06
CA HIS Z 446 -28.27 19.96 71.35
C HIS Z 446 -26.83 19.97 71.83
N ASN Z 447 -26.14 18.84 71.67
CA ASN Z 447 -24.73 18.77 72.05
C ASN Z 447 -23.87 19.69 71.20
N ASP Z 448 -24.15 19.77 69.89
CA ASP Z 448 -23.48 20.74 69.02
C ASP Z 448 -23.67 22.16 69.50
N CYS Z 449 -24.91 22.53 69.82
CA CYS Z 449 -25.19 23.91 70.21
C CYS Z 449 -24.63 24.23 71.58
N GLU Z 450 -24.50 23.23 72.45
CA GLU Z 450 -23.86 23.46 73.75
C GLU Z 450 -22.37 23.64 73.60
N VAL Z 451 -21.71 22.77 72.82
CA VAL Z 451 -20.27 22.86 72.67
C VAL Z 451 -19.88 24.11 71.89
N ALA Z 452 -20.67 24.48 70.88
CA ALA Z 452 -20.40 25.70 70.11
C ALA Z 452 -20.52 26.95 70.97
N PHE Z 453 -21.49 26.98 71.87
CA PHE Z 453 -21.71 28.14 72.74
C PHE Z 453 -20.87 28.06 74.01
N GLY Z 454 -19.78 27.30 73.97
CA GLY Z 454 -18.83 27.20 75.06
C GLY Z 454 -19.34 26.56 76.32
N SER Z 455 -20.09 25.47 76.19
CA SER Z 455 -20.56 24.70 77.35
C SER Z 455 -20.53 23.21 77.03
N PRO Z 456 -19.34 22.60 76.99
CA PRO Z 456 -19.28 21.13 76.87
C PRO Z 456 -19.84 20.39 78.08
N ASP Z 457 -19.98 21.06 79.22
CA ASP Z 457 -20.51 20.45 80.42
C ASP Z 457 -22.03 20.34 80.40
N LYS Z 458 -22.71 21.10 79.56
CA LYS Z 458 -24.16 21.07 79.46
C LYS Z 458 -24.67 20.08 78.42
N GLN Z 459 -23.78 19.26 77.87
CA GLN Z 459 -24.18 18.23 76.93
C GLN Z 459 -25.03 17.19 77.62
N ILE Z 460 -25.95 16.58 76.87
CA ILE Z 460 -26.72 15.45 77.38
C ILE Z 460 -25.91 14.20 77.06
N LEU Z 461 -25.33 13.61 78.10
CA LEU Z 461 -24.49 12.44 77.96
C LEU Z 461 -25.17 11.29 78.70
N VAL Z 462 -25.75 10.38 77.95
CA VAL Z 462 -26.48 9.25 78.49
C VAL Z 462 -25.60 8.01 78.38
N GLU Z 463 -25.37 7.37 79.48
CA GLU Z 463 -24.53 6.19 79.47
C GLU Z 463 -25.30 4.97 78.99
N PRO Z 464 -24.65 4.09 78.24
CA PRO Z 464 -25.28 2.83 77.83
C PRO Z 464 -25.27 1.80 78.95
N VAL Z 465 -26.11 2.00 79.96
CA VAL Z 465 -26.03 1.23 81.19
C VAL Z 465 -26.41 -0.23 80.95
N PHE Z 466 -27.29 -0.50 79.98
CA PHE Z 466 -27.66 -1.88 79.68
C PHE Z 466 -26.51 -2.62 79.02
N ALA Z 467 -25.81 -1.98 78.08
CA ALA Z 467 -24.67 -2.65 77.46
C ALA Z 467 -23.45 -2.66 78.36
N GLN Z 468 -23.29 -1.65 79.21
CA GLN Z 468 -22.25 -1.70 80.23
C GLN Z 468 -22.51 -2.84 81.21
N TRP Z 469 -23.78 -3.10 81.52
CA TRP Z 469 -24.13 -4.24 82.36
C TRP Z 469 -23.94 -5.57 81.66
N ILE Z 470 -24.23 -5.66 80.37
CA ILE Z 470 -23.91 -6.87 79.61
C ILE Z 470 -22.41 -7.07 79.47
N GLN Z 471 -21.67 -5.97 79.55
CA GLN Z 471 -20.19 -6.05 79.56
C GLN Z 471 -19.80 -6.62 80.92
N ALA Z 472 -20.52 -6.22 81.98
CA ALA Z 472 -20.27 -6.72 83.31
C ALA Z 472 -20.69 -8.17 83.51
N VAL Z 473 -21.75 -8.66 82.84
CA VAL Z 473 -22.17 -10.03 83.06
C VAL Z 473 -21.23 -11.02 82.37
N HIS Z 474 -20.25 -10.53 81.63
CA HIS Z 474 -19.25 -11.37 81.00
C HIS Z 474 -17.94 -11.36 81.76
N GLY Z 475 -17.79 -10.45 82.72
CA GLY Z 475 -16.64 -10.48 83.59
C GLY Z 475 -15.77 -9.26 83.45
N LYS Z 476 -16.37 -8.14 83.07
CA LYS Z 476 -15.66 -6.87 82.91
C LYS Z 476 -15.74 -6.11 84.22
N ALA Z 477 -14.60 -5.85 84.83
CA ALA Z 477 -14.52 -5.10 86.06
C ALA Z 477 -14.27 -3.62 85.83
N LEU Z 478 -14.43 -3.17 84.59
CA LEU Z 478 -14.21 -1.76 84.16
C LEU Z 478 -15.18 -0.85 84.89
N TYR Z 479 -16.40 -1.33 85.17
CA TYR Z 479 -17.42 -0.54 85.90
C TYR Z 479 -17.64 -1.14 87.29
N GLY Z 480 -18.46 -0.46 88.11
CA GLY Z 480 -18.75 -0.96 89.47
C GLY Z 480 -19.98 -1.86 89.48
N ILE Z 481 -19.97 -2.93 88.67
CA ILE Z 481 -21.13 -3.85 88.56
C ILE Z 481 -20.66 -5.29 88.81
N SER Z 482 -20.81 -5.79 90.04
CA SER Z 482 -20.44 -7.17 90.34
C SER Z 482 -21.55 -8.09 89.88
N SER Z 483 -21.71 -8.24 88.57
CA SER Z 483 -22.71 -9.14 88.01
C SER Z 483 -22.08 -10.50 87.73
N LEU Z 484 -22.76 -11.32 86.92
CA LEU Z 484 -22.63 -12.78 86.89
C LEU Z 484 -21.19 -13.29 86.82
N LEU Z 485 -20.51 -13.08 85.68
CA LEU Z 485 -19.12 -13.50 85.63
C LEU Z 485 -18.17 -12.45 86.19
N SER Z 486 -18.66 -11.24 86.46
CA SER Z 486 -17.86 -10.27 87.21
C SER Z 486 -17.78 -10.65 88.68
N ASN Z 487 -18.79 -11.35 89.20
CA ASN Z 487 -18.81 -11.82 90.58
C ASN Z 487 -18.05 -13.15 90.60
N PRO Z 488 -16.92 -13.22 91.30
CA PRO Z 488 -16.08 -14.44 91.17
C PRO Z 488 -16.66 -15.67 91.84
N ASP Z 489 -17.51 -15.50 92.86
CA ASP Z 489 -18.12 -16.65 93.50
C ASP Z 489 -19.61 -16.68 93.23
N SER Z 490 -19.99 -16.42 91.99
CA SER Z 490 -21.38 -16.47 91.56
C SER Z 490 -21.68 -17.86 91.02
N ILE Z 491 -22.97 -18.15 90.88
CA ILE Z 491 -23.43 -19.42 90.34
C ILE Z 491 -22.93 -19.62 88.91
N ALA Z 492 -22.81 -18.53 88.15
CA ALA Z 492 -22.37 -18.63 86.77
C ALA Z 492 -20.87 -18.82 86.66
N SER Z 493 -20.11 -18.16 87.54
CA SER Z 493 -18.65 -18.23 87.50
C SER Z 493 -18.13 -19.58 87.98
N THR Z 494 -18.76 -20.14 89.01
CA THR Z 494 -18.22 -21.33 89.64
C THR Z 494 -18.66 -22.61 88.94
N ALA Z 495 -19.85 -22.60 88.31
CA ALA Z 495 -20.52 -23.80 87.79
C ALA Z 495 -20.66 -24.86 88.87
N TRP Z 496 -21.34 -24.49 89.97
CA TRP Z 496 -21.43 -25.13 91.30
C TRP Z 496 -21.37 -26.66 91.34
N PRO Z 497 -22.22 -27.41 90.59
CA PRO Z 497 -22.10 -28.88 90.70
C PRO Z 497 -20.90 -29.43 89.93
N ASN Z 498 -20.43 -28.66 88.95
CA ASN Z 498 -19.57 -29.18 87.90
C ASN Z 498 -18.15 -28.66 88.02
N HIS Z 499 -17.98 -27.34 88.16
CA HIS Z 499 -16.69 -26.67 88.26
C HIS Z 499 -15.82 -26.98 87.05
N ALA Z 500 -16.47 -27.06 85.89
CA ALA Z 500 -15.81 -27.44 84.65
C ALA Z 500 -15.67 -26.31 83.65
N ASN Z 501 -16.05 -25.08 84.02
CA ASN Z 501 -15.75 -23.96 83.16
C ASN Z 501 -14.26 -23.68 83.25
N VAL Z 502 -13.52 -24.26 82.32
CA VAL Z 502 -12.07 -24.20 82.35
C VAL Z 502 -11.70 -23.10 81.36
N TRP Z 503 -12.67 -22.24 81.06
CA TRP Z 503 -12.51 -21.20 80.07
C TRP Z 503 -12.45 -19.87 80.80
N LEU Z 504 -12.97 -19.84 82.01
CA LEU Z 504 -13.18 -18.65 82.82
C LEU Z 504 -11.88 -17.87 83.10
N PRO Z 505 -10.78 -18.48 83.60
CA PRO Z 505 -9.59 -17.65 83.87
C PRO Z 505 -8.96 -17.10 82.61
N GLY Z 506 -8.90 -17.89 81.54
CA GLY Z 506 -8.37 -17.41 80.29
C GLY Z 506 -9.23 -16.33 79.66
N TRP Z 507 -10.55 -16.41 79.83
CA TRP Z 507 -11.43 -15.42 79.22
C TRP Z 507 -11.41 -14.12 80.01
N LEU Z 508 -11.33 -14.21 81.33
CA LEU Z 508 -11.20 -13.00 82.15
C LEU Z 508 -9.79 -12.40 82.12
N GLU Z 509 -8.77 -13.16 81.73
CA GLU Z 509 -7.49 -12.53 81.45
C GLU Z 509 -7.54 -11.65 80.21
N ALA Z 510 -8.48 -11.92 79.30
CA ALA Z 510 -8.58 -11.21 78.04
C ALA Z 510 -9.60 -10.08 78.08
N ILE Z 511 -10.73 -10.27 78.76
CA ILE Z 511 -11.74 -9.22 78.78
C ILE Z 511 -11.28 -8.08 79.68
N ASN Z 512 -10.55 -8.39 80.76
CA ASN Z 512 -10.05 -7.37 81.65
C ASN Z 512 -8.82 -6.69 81.07
N ASN Z 513 -8.11 -7.37 80.18
CA ASN Z 513 -6.99 -6.78 79.46
C ASN Z 513 -7.54 -5.65 78.62
N GLY Z 514 -7.20 -4.41 78.98
CA GLY Z 514 -7.80 -3.28 78.32
C GLY Z 514 -7.06 -2.82 77.09
N THR Z 515 -6.37 -3.76 76.43
CA THR Z 515 -5.59 -3.47 75.24
C THR Z 515 -6.08 -4.18 74.00
N ASN Z 516 -6.97 -5.16 74.12
CA ASN Z 516 -7.54 -5.81 72.95
C ASN Z 516 -8.87 -5.14 72.61
N SER Z 517 -9.56 -5.66 71.59
CA SER Z 517 -10.86 -5.15 71.20
C SER Z 517 -12.01 -5.97 71.73
N LEU Z 518 -11.75 -7.03 72.48
CA LEU Z 518 -12.80 -7.86 73.03
C LEU Z 518 -13.57 -7.09 74.11
N PHE Z 519 -14.80 -6.70 73.80
CA PHE Z 519 -15.66 -5.90 74.68
C PHE Z 519 -14.97 -4.58 75.08
N LEU Z 520 -14.87 -3.69 74.10
CA LEU Z 520 -14.29 -2.38 74.33
C LEU Z 520 -15.10 -1.59 75.34
N ALA Z 521 -14.43 -0.69 76.06
CA ALA Z 521 -15.12 0.21 76.97
C ALA Z 521 -16.01 1.17 76.21
N ILE Z 522 -17.23 1.36 76.71
CA ILE Z 522 -18.22 2.20 76.04
C ILE Z 522 -18.69 3.29 76.99
N GLY Z 523 -18.97 4.45 76.43
CA GLY Z 523 -19.44 5.57 77.20
C GLY Z 523 -20.57 6.30 76.50
N PRO Z 524 -20.80 7.55 76.88
CA PRO Z 524 -21.92 8.33 76.30
C PRO Z 524 -21.85 8.51 74.80
N GLY Z 525 -20.66 8.60 74.21
CA GLY Z 525 -20.57 8.76 72.77
C GLY Z 525 -20.90 7.50 72.02
N ASP Z 526 -20.93 6.37 72.72
CA ASP Z 526 -21.30 5.10 72.13
C ASP Z 526 -22.82 4.92 72.06
N PHE Z 527 -23.53 5.42 73.07
CA PHE Z 527 -24.98 5.28 73.15
C PHE Z 527 -25.66 5.98 71.97
N LEU Z 528 -25.22 7.20 71.66
CA LEU Z 528 -25.79 7.97 70.56
C LEU Z 528 -25.56 7.29 69.22
N VAL Z 529 -24.36 6.76 68.99
CA VAL Z 529 -24.08 6.18 67.69
C VAL Z 529 -24.73 4.80 67.56
N HIS Z 530 -24.95 4.12 68.68
CA HIS Z 530 -25.77 2.90 68.60
C HIS Z 530 -27.21 3.23 68.28
N HIS Z 531 -27.72 4.34 68.78
CA HIS Z 531 -29.07 4.73 68.41
C HIS Z 531 -29.15 5.20 66.96
N ALA Z 532 -28.09 5.79 66.44
CA ALA Z 532 -28.02 6.09 65.02
C ALA Z 532 -27.98 4.83 64.17
N ILE Z 533 -27.24 3.81 64.60
CA ILE Z 533 -27.22 2.53 63.89
C ILE Z 533 -28.60 1.86 63.95
N ALA Z 534 -29.28 1.99 65.09
CA ALA Z 534 -30.65 1.48 65.20
C ALA Z 534 -31.59 2.19 64.23
N LEU Z 535 -31.48 3.51 64.16
CA LEU Z 535 -32.24 4.29 63.20
C LEU Z 535 -31.96 3.85 61.78
N GLY Z 536 -30.70 3.64 61.45
CA GLY Z 536 -30.36 3.24 60.09
C GLY Z 536 -30.88 1.88 59.71
N LEU Z 537 -30.74 0.89 60.60
CA LEU Z 537 -31.26 -0.44 60.30
C LEU Z 537 -32.77 -0.43 60.23
N HIS Z 538 -33.42 0.39 61.06
CA HIS Z 538 -34.87 0.46 61.05
C HIS Z 538 -35.40 1.14 59.80
N VAL Z 539 -34.76 2.20 59.32
CA VAL Z 539 -35.27 2.85 58.12
C VAL Z 539 -34.97 2.00 56.89
N THR Z 540 -33.81 1.34 56.85
CA THR Z 540 -33.54 0.44 55.73
C THR Z 540 -34.53 -0.71 55.70
N THR Z 541 -34.87 -1.26 56.87
CA THR Z 541 -35.90 -2.28 56.99
C THR Z 541 -37.27 -1.75 56.63
N LEU Z 542 -37.61 -0.53 57.02
CA LEU Z 542 -38.84 0.12 56.57
C LEU Z 542 -38.97 0.18 55.07
N ILE Z 543 -37.95 0.66 54.37
CA ILE Z 543 -38.00 0.77 52.93
C ILE Z 543 -38.14 -0.60 52.28
N LEU Z 544 -37.34 -1.56 52.74
CA LEU Z 544 -37.34 -2.89 52.12
C LEU Z 544 -38.60 -3.67 52.44
N VAL Z 545 -39.07 -3.63 53.68
CA VAL Z 545 -40.31 -4.30 54.08
C VAL Z 545 -41.50 -3.67 53.39
N LYS Z 546 -41.54 -2.34 53.31
CA LYS Z 546 -42.62 -1.65 52.62
C LYS Z 546 -42.67 -2.05 51.15
N GLY Z 547 -41.52 -2.10 50.49
CA GLY Z 547 -41.51 -2.45 49.08
C GLY Z 547 -41.74 -3.91 48.81
N ALA Z 548 -41.40 -4.79 49.76
CA ALA Z 548 -41.71 -6.20 49.59
C ALA Z 548 -43.18 -6.48 49.84
N LEU Z 549 -43.75 -5.87 50.88
CA LEU Z 549 -45.14 -6.15 51.21
C LEU Z 549 -46.10 -5.45 50.27
N ASP Z 550 -45.73 -4.27 49.75
CA ASP Z 550 -46.51 -3.59 48.72
C ASP Z 550 -46.08 -3.99 47.32
N ALA Z 551 -45.35 -5.09 47.16
CA ALA Z 551 -44.92 -5.51 45.84
C ALA Z 551 -46.08 -5.97 44.98
N ARG Z 552 -47.02 -6.71 45.58
CA ARG Z 552 -48.12 -7.29 44.83
C ARG Z 552 -49.21 -6.27 44.52
N GLY Z 553 -49.17 -5.12 45.16
CA GLY Z 553 -50.16 -4.08 44.93
C GLY Z 553 -50.43 -3.27 46.17
N SER Z 554 -50.73 -1.99 45.97
CA SER Z 554 -51.14 -1.10 47.05
C SER Z 554 -52.41 -0.38 46.65
N LYS Z 555 -52.81 0.63 47.40
CA LYS Z 555 -53.99 1.40 47.04
C LYS Z 555 -53.75 2.32 45.86
N LEU Z 556 -52.52 2.80 45.67
CA LEU Z 556 -52.21 3.64 44.53
C LEU Z 556 -52.08 2.86 43.24
N MET Z 557 -51.73 1.58 43.32
CA MET Z 557 -51.63 0.72 42.14
C MET Z 557 -52.04 -0.69 42.52
N PRO Z 558 -53.35 -0.99 42.50
CA PRO Z 558 -53.83 -2.30 42.97
C PRO Z 558 -53.28 -3.50 42.22
N ASP Z 559 -53.09 -3.39 40.91
CA ASP Z 559 -52.58 -4.50 40.13
C ASP Z 559 -51.09 -4.35 39.85
N LYS Z 560 -50.29 -4.14 40.89
CA LYS Z 560 -48.86 -3.93 40.68
C LYS Z 560 -48.13 -5.23 40.37
N LYS Z 561 -48.69 -6.37 40.72
CA LYS Z 561 -48.09 -7.65 40.41
C LYS Z 561 -48.21 -8.02 38.94
N ASP Z 562 -49.09 -7.36 38.19
CA ASP Z 562 -49.22 -7.63 36.77
C ASP Z 562 -48.18 -6.89 35.94
N PHE Z 563 -47.50 -5.92 36.55
CA PHE Z 563 -46.50 -5.10 35.87
C PHE Z 563 -45.08 -5.55 36.11
N GLY Z 564 -44.88 -6.48 37.03
CA GLY Z 564 -43.58 -7.04 37.25
C GLY Z 564 -42.95 -6.57 38.55
N TYR Z 565 -41.65 -6.83 38.65
CA TYR Z 565 -40.87 -6.38 39.80
C TYR Z 565 -40.25 -5.02 39.54
N ALA Z 566 -39.61 -4.86 38.39
CA ALA Z 566 -39.03 -3.58 37.99
C ALA Z 566 -39.84 -3.03 36.83
N PHE Z 567 -40.38 -1.83 37.00
CA PHE Z 567 -41.06 -1.09 35.96
C PHE Z 567 -40.92 0.36 36.37
N PRO Z 568 -40.89 1.32 35.42
CA PRO Z 568 -40.62 2.72 35.79
C PRO Z 568 -41.61 3.30 36.76
N CYS Z 569 -42.86 3.31 36.34
CA CYS Z 569 -43.93 4.02 37.00
C CYS Z 569 -45.25 3.55 36.43
N ASP Z 570 -46.33 4.21 36.82
CA ASP Z 570 -47.63 3.99 36.20
C ASP Z 570 -48.14 5.29 35.61
N GLY Z 571 -47.24 6.17 35.19
CA GLY Z 571 -47.59 7.41 34.56
C GLY Z 571 -47.79 8.52 35.57
N PRO Z 572 -48.15 9.71 35.09
CA PRO Z 572 -48.45 10.83 35.98
C PRO Z 572 -49.88 10.92 36.46
N GLY Z 573 -50.71 9.94 36.15
CA GLY Z 573 -52.05 9.93 36.67
C GLY Z 573 -52.07 9.58 38.14
N ARG Z 574 -53.20 9.88 38.78
CA ARG Z 574 -53.43 9.62 40.23
C ARG Z 574 -52.41 10.38 41.07
N GLY Z 575 -52.06 11.60 40.64
CA GLY Z 575 -51.08 12.39 41.35
C GLY Z 575 -49.65 12.15 40.92
N GLY Z 576 -49.36 11.03 40.29
CA GLY Z 576 -48.00 10.69 39.95
C GLY Z 576 -47.57 9.43 40.67
N THR Z 577 -46.82 8.57 39.99
CA THR Z 577 -46.47 7.26 40.53
C THR Z 577 -45.00 6.97 40.32
N CYS Z 578 -44.15 7.94 40.62
CA CYS Z 578 -42.72 7.75 40.46
C CYS Z 578 -42.20 6.82 41.54
N ASP Z 579 -41.25 5.95 41.18
CA ASP Z 579 -40.61 5.00 42.12
C ASP Z 579 -41.61 4.11 42.83
N ILE Z 580 -42.65 3.68 42.11
CA ILE Z 580 -43.74 2.93 42.74
C ILE Z 580 -43.49 1.43 42.75
N SER Z 581 -42.56 0.94 41.96
CA SER Z 581 -42.32 -0.48 41.88
C SER Z 581 -41.58 -0.98 43.11
N ALA Z 582 -41.55 -2.32 43.26
CA ALA Z 582 -40.85 -2.92 44.38
C ALA Z 582 -39.34 -2.87 44.19
N TRP Z 583 -38.88 -2.84 42.94
CA TRP Z 583 -37.46 -2.68 42.65
C TRP Z 583 -36.97 -1.32 43.12
N ASP Z 584 -37.83 -0.31 43.06
CA ASP Z 584 -37.46 1.03 43.50
C ASP Z 584 -37.33 1.11 45.00
N SER Z 585 -37.90 0.17 45.75
CA SER Z 585 -37.64 0.14 47.17
C SER Z 585 -36.24 -0.37 47.47
N VAL Z 586 -35.75 -1.36 46.72
CA VAL Z 586 -34.38 -1.82 46.91
C VAL Z 586 -33.40 -0.75 46.44
N TYR Z 587 -33.72 -0.08 45.34
CA TYR Z 587 -33.11 1.20 44.97
C TYR Z 587 -33.05 2.23 46.10
N LEU Z 588 -34.15 2.53 46.75
CA LEU Z 588 -34.18 3.59 47.75
C LEU Z 588 -33.53 3.17 49.05
N ALA Z 589 -33.51 1.88 49.33
CA ALA Z 589 -32.89 1.35 50.53
C ALA Z 589 -31.41 1.07 50.36
N THR Z 590 -30.90 1.05 49.12
CA THR Z 590 -29.46 0.96 48.95
C THR Z 590 -28.77 2.20 49.49
N PHE Z 591 -29.35 3.39 49.28
CA PHE Z 591 -28.84 4.62 49.88
C PHE Z 591 -28.81 4.54 51.39
N TRP Z 592 -29.87 4.00 51.98
CA TRP Z 592 -29.95 3.92 53.43
C TRP Z 592 -29.05 2.83 53.99
N MET Z 593 -28.87 1.72 53.27
CA MET Z 593 -27.88 0.73 53.67
C MET Z 593 -26.49 1.32 53.63
N LEU Z 594 -26.16 2.06 52.58
CA LEU Z 594 -24.85 2.67 52.45
C LEU Z 594 -24.63 3.69 53.55
N ASN Z 595 -25.64 4.48 53.88
CA ASN Z 595 -25.56 5.45 54.96
C ASN Z 595 -25.40 4.79 56.32
N THR Z 596 -26.16 3.72 56.57
CA THR Z 596 -26.07 3.01 57.83
C THR Z 596 -24.71 2.34 58.00
N LEU Z 597 -24.22 1.69 56.96
CA LEU Z 597 -22.89 1.09 57.03
C LEU Z 597 -21.81 2.15 57.10
N GLY Z 598 -22.06 3.33 56.53
CA GLY Z 598 -21.16 4.45 56.75
C GLY Z 598 -21.09 4.84 58.20
N TRP Z 599 -22.24 4.94 58.86
CA TRP Z 599 -22.27 5.26 60.29
C TRP Z 599 -21.57 4.18 61.11
N VAL Z 600 -21.83 2.91 60.78
CA VAL Z 600 -21.25 1.76 61.48
C VAL Z 600 -19.73 1.78 61.35
N THR Z 601 -19.23 1.93 60.12
CA THR Z 601 -17.80 1.84 59.90
C THR Z 601 -17.09 3.11 60.35
N PHE Z 602 -17.76 4.27 60.29
CA PHE Z 602 -17.22 5.50 60.86
C PHE Z 602 -17.03 5.34 62.36
N TYR Z 603 -18.04 4.80 63.04
CA TYR Z 603 -17.96 4.54 64.48
C TYR Z 603 -16.81 3.61 64.79
N TRP Z 604 -16.75 2.46 64.09
CA TRP Z 604 -15.71 1.48 64.35
C TRP Z 604 -14.34 2.09 64.13
N HIS Z 605 -14.15 2.79 63.01
CA HIS Z 605 -12.86 3.35 62.65
C HIS Z 605 -12.41 4.42 63.62
N TRP Z 606 -13.30 5.35 63.99
CA TRP Z 606 -12.88 6.39 64.92
C TRP Z 606 -12.63 5.85 66.31
N LYS Z 607 -13.48 4.94 66.78
CA LYS Z 607 -13.28 4.28 68.07
C LYS Z 607 -11.91 3.62 68.11
N HIS Z 608 -11.55 2.91 67.05
CA HIS Z 608 -10.29 2.21 67.03
C HIS Z 608 -9.10 3.14 66.77
N LEU Z 609 -9.27 4.21 65.98
CA LEU Z 609 -8.17 5.16 65.79
C LEU Z 609 -7.82 5.84 67.10
N ALA Z 610 -8.83 6.23 67.87
CA ALA Z 610 -8.57 6.82 69.17
C ALA Z 610 -7.97 5.81 70.14
N ILE Z 611 -8.34 4.54 70.04
CA ILE Z 611 -7.72 3.52 70.90
C ILE Z 611 -6.28 3.26 70.48
N TRP Z 612 -6.01 3.13 69.18
CA TRP Z 612 -4.70 2.77 68.69
C TRP Z 612 -3.71 3.90 68.87
N SER Z 613 -4.16 5.15 68.79
CA SER Z 613 -3.29 6.28 69.04
C SER Z 613 -2.95 6.47 70.51
N GLY Z 614 -3.72 5.84 71.40
CA GLY Z 614 -3.58 6.06 72.82
C GLY Z 614 -4.47 7.17 73.35
N ASN Z 615 -4.95 8.05 72.46
CA ASN Z 615 -5.79 9.18 72.86
C ASN Z 615 -7.25 8.80 72.70
N VAL Z 616 -7.72 7.94 73.62
CA VAL Z 616 -9.10 7.47 73.57
C VAL Z 616 -10.07 8.56 73.99
N ALA Z 617 -9.58 9.58 74.69
CA ALA Z 617 -10.43 10.69 75.09
C ALA Z 617 -10.82 11.55 73.89
N GLN Z 618 -10.14 11.39 72.76
CA GLN Z 618 -10.56 12.07 71.54
C GLN Z 618 -11.93 11.58 71.09
N PHE Z 619 -12.13 10.26 71.06
CA PHE Z 619 -13.44 9.76 70.72
C PHE Z 619 -14.40 9.89 71.89
N ASN Z 620 -13.90 9.75 73.12
CA ASN Z 620 -14.78 9.78 74.28
C ASN Z 620 -15.47 11.14 74.41
N GLU Z 621 -14.70 12.19 74.65
CA GLU Z 621 -15.33 13.50 74.74
C GLU Z 621 -15.26 14.25 73.41
N GLY Z 622 -15.50 13.54 72.30
CA GLY Z 622 -15.62 14.23 71.03
C GLY Z 622 -16.62 13.63 70.07
N SER Z 623 -17.24 12.51 70.44
CA SER Z 623 -18.18 11.83 69.58
C SER Z 623 -19.62 12.04 70.04
N THR Z 624 -19.82 12.91 71.02
CA THR Z 624 -21.15 13.19 71.51
C THR Z 624 -21.80 14.35 70.78
N TYR Z 625 -21.03 15.10 70.00
CA TYR Z 625 -21.53 16.17 69.18
C TYR Z 625 -20.99 15.98 67.76
N LEU Z 626 -21.69 16.57 66.79
CA LEU Z 626 -21.45 16.19 65.39
C LEU Z 626 -20.26 16.91 64.77
N MET Z 627 -19.87 18.08 65.30
CA MET Z 627 -18.68 18.74 64.80
C MET Z 627 -17.43 17.98 65.23
N GLY Z 628 -17.50 17.23 66.33
CA GLY Z 628 -16.39 16.37 66.68
C GLY Z 628 -16.20 15.25 65.68
N TRP Z 629 -17.30 14.70 65.17
CA TRP Z 629 -17.23 13.73 64.10
C TRP Z 629 -16.72 14.34 62.82
N PHE Z 630 -17.14 15.55 62.52
CA PHE Z 630 -16.73 16.24 61.31
C PHE Z 630 -15.27 16.65 61.35
N ARG Z 631 -14.78 17.12 62.49
CA ARG Z 631 -13.49 17.77 62.61
C ARG Z 631 -12.40 16.85 63.13
N ASP Z 632 -12.69 16.03 64.15
CA ASP Z 632 -11.70 15.15 64.72
C ASP Z 632 -11.64 13.80 64.02
N TYR Z 633 -12.56 13.53 63.10
CA TYR Z 633 -12.48 12.29 62.36
C TYR Z 633 -12.27 12.51 60.88
N LEU Z 634 -13.13 13.28 60.22
CA LEU Z 634 -13.04 13.41 58.78
C LEU Z 634 -11.98 14.40 58.37
N TRP Z 635 -11.98 15.58 58.98
CA TRP Z 635 -10.99 16.60 58.66
C TRP Z 635 -9.61 16.21 59.14
N LEU Z 636 -9.53 15.68 60.36
CA LEU Z 636 -8.23 15.44 60.98
C LEU Z 636 -7.49 14.30 60.30
N ASN Z 637 -8.17 13.17 60.06
CA ASN Z 637 -7.52 12.02 59.45
C ASN Z 637 -7.65 12.09 57.92
N SER Z 638 -7.40 13.27 57.38
CA SER Z 638 -7.44 13.44 55.95
C SER Z 638 -6.15 14.08 55.50
N ALA Z 639 -5.40 14.65 56.45
CA ALA Z 639 -4.21 15.43 56.18
C ALA Z 639 -3.10 14.63 55.53
N GLN Z 640 -2.99 13.34 55.81
CA GLN Z 640 -2.00 12.47 55.21
C GLN Z 640 -2.45 11.92 53.88
N LEU Z 641 -3.76 11.66 53.75
CA LEU Z 641 -4.33 11.14 52.51
C LEU Z 641 -4.25 12.15 51.39
N ILE Z 642 -4.69 13.38 51.64
CA ILE Z 642 -4.76 14.39 50.59
C ILE Z 642 -3.40 14.99 50.29
N ASN Z 643 -2.41 14.73 51.13
CA ASN Z 643 -1.03 15.07 50.84
C ASN Z 643 -0.27 13.89 50.24
N GLY Z 644 -1.00 12.91 49.69
CA GLY Z 644 -0.36 11.80 49.02
C GLY Z 644 0.43 12.23 47.80
N TYR Z 645 -0.08 13.22 47.10
CA TYR Z 645 0.69 13.97 46.12
C TYR Z 645 0.35 15.44 46.30
N ASN Z 646 1.36 16.27 46.38
CA ASN Z 646 1.25 17.70 46.58
C ASN Z 646 2.20 18.37 45.60
N PRO Z 647 2.34 19.69 45.52
CA PRO Z 647 3.32 20.26 44.59
C PRO Z 647 4.79 20.03 44.92
N TYR Z 648 5.10 19.28 45.98
CA TYR Z 648 6.47 19.02 46.39
C TYR Z 648 6.91 17.60 46.15
N GLY Z 649 6.00 16.64 46.07
CA GLY Z 649 6.35 15.29 45.67
C GLY Z 649 5.24 14.28 45.82
N THR Z 650 5.59 13.00 45.76
CA THR Z 650 4.63 11.90 45.87
C THR Z 650 5.17 10.89 46.86
N ASN Z 651 4.36 10.52 47.84
CA ASN Z 651 4.64 9.32 48.62
C ASN Z 651 3.80 8.14 48.15
N ASN Z 652 3.78 7.05 48.90
CA ASN Z 652 3.04 5.86 48.49
C ASN Z 652 1.54 5.98 48.73
N LEU Z 653 1.09 7.08 49.33
CA LEU Z 653 -0.32 7.38 49.47
C LEU Z 653 -0.88 8.10 48.27
N ALA Z 654 -0.12 8.18 47.18
CA ALA Z 654 -0.56 8.90 45.99
C ALA Z 654 -1.72 8.21 45.32
N ILE Z 655 -1.71 6.88 45.28
CA ILE Z 655 -2.84 6.15 44.70
C ILE Z 655 -4.06 6.25 45.60
N TRP Z 656 -3.89 6.34 46.90
CA TRP Z 656 -5.04 6.48 47.76
C TRP Z 656 -5.65 7.87 47.66
N ALA Z 657 -4.83 8.90 47.48
CA ALA Z 657 -5.35 10.24 47.18
C ALA Z 657 -6.07 10.28 45.83
N TRP Z 658 -5.50 9.61 44.83
CA TRP Z 658 -6.12 9.56 43.51
C TRP Z 658 -7.44 8.80 43.54
N ILE Z 659 -7.51 7.70 44.29
CA ILE Z 659 -8.75 6.92 44.38
C ILE Z 659 -9.79 7.63 45.24
N PHE Z 660 -9.34 8.40 46.23
CA PHE Z 660 -10.23 9.27 47.00
C PHE Z 660 -10.93 10.27 46.08
N LEU Z 661 -10.15 10.93 45.22
CA LEU Z 661 -10.72 11.88 44.27
C LEU Z 661 -11.56 11.17 43.20
N PHE Z 662 -11.12 9.98 42.78
CA PHE Z 662 -11.85 9.16 41.83
C PHE Z 662 -13.22 8.77 42.36
N GLY Z 663 -13.30 8.38 43.63
CA GLY Z 663 -14.58 8.08 44.24
C GLY Z 663 -15.47 9.28 44.38
N HIS Z 664 -14.88 10.44 44.70
CA HIS Z 664 -15.66 11.68 44.70
C HIS Z 664 -16.24 11.97 43.33
N LEU Z 665 -15.46 11.75 42.28
CA LEU Z 665 -15.91 11.98 40.92
C LEU Z 665 -17.05 11.05 40.56
N VAL Z 666 -16.93 9.75 40.88
CA VAL Z 666 -17.96 8.78 40.52
C VAL Z 666 -19.24 9.05 41.30
N TRP Z 667 -19.11 9.41 42.57
CA TRP Z 667 -20.25 9.76 43.40
C TRP Z 667 -20.98 11.00 42.87
N ALA Z 668 -20.22 12.00 42.40
CA ALA Z 668 -20.85 13.17 41.80
C ALA Z 668 -21.52 12.83 40.47
N ILE Z 669 -20.90 11.96 39.67
CA ILE Z 669 -21.49 11.55 38.39
C ILE Z 669 -22.81 10.83 38.62
N SER Z 670 -22.91 10.10 39.74
CA SER Z 670 -24.18 9.47 40.11
C SER Z 670 -25.33 10.44 40.17
N PHE Z 671 -25.09 11.65 40.69
CA PHE Z 671 -26.15 12.61 40.89
C PHE Z 671 -26.71 13.11 39.57
N MET Z 672 -25.92 13.05 38.49
CA MET Z 672 -26.42 13.28 37.13
C MET Z 672 -27.49 12.30 36.72
N PHE Z 673 -27.29 11.02 36.98
CA PHE Z 673 -28.30 10.03 36.66
C PHE Z 673 -29.44 10.05 37.67
N LEU Z 674 -29.18 10.56 38.86
CA LEU Z 674 -30.12 10.47 39.95
C LEU Z 674 -31.06 11.66 40.00
N ILE Z 675 -30.61 12.84 39.57
CA ILE Z 675 -31.39 14.06 39.62
C ILE Z 675 -32.00 14.40 38.27
N THR Z 676 -31.22 14.33 37.20
CA THR Z 676 -31.72 14.56 35.86
C THR Z 676 -32.35 13.28 35.34
N TRP Z 677 -33.51 13.40 34.72
CA TRP Z 677 -34.28 12.26 34.29
C TRP Z 677 -34.43 12.29 32.77
N ARG Z 678 -35.24 11.38 32.23
CA ARG Z 678 -34.96 10.83 30.90
C ARG Z 678 -35.26 11.79 29.77
N GLY Z 679 -36.34 12.57 29.85
CA GLY Z 679 -36.78 13.34 28.70
C GLY Z 679 -35.82 14.43 28.29
N TYR Z 680 -35.13 15.03 29.26
CA TYR Z 680 -34.06 15.97 28.97
C TYR Z 680 -33.04 15.36 28.01
N TRP Z 681 -32.59 14.16 28.34
CA TRP Z 681 -31.54 13.54 27.56
C TRP Z 681 -32.07 13.01 26.23
N GLN Z 682 -33.33 12.60 26.18
CA GLN Z 682 -33.87 12.16 24.91
C GLN Z 682 -33.98 13.31 23.92
N GLU Z 683 -34.39 14.49 24.38
CA GLU Z 683 -34.41 15.65 23.48
C GLU Z 683 -33.00 16.10 23.07
N LEU Z 684 -32.04 16.00 23.98
CA LEU Z 684 -30.64 16.30 23.65
C LEU Z 684 -30.11 15.32 22.59
N ILE Z 685 -30.43 14.04 22.72
CA ILE Z 685 -29.99 13.02 21.77
C ILE Z 685 -30.69 13.20 20.42
N GLU Z 686 -31.93 13.69 20.41
CA GLU Z 686 -32.60 14.02 19.15
C GLU Z 686 -31.87 15.13 18.39
N THR Z 687 -31.41 16.16 19.11
CA THR Z 687 -30.61 17.18 18.44
C THR Z 687 -29.29 16.61 17.94
N LEU Z 688 -28.69 15.68 18.69
CA LEU Z 688 -27.45 15.05 18.23
C LEU Z 688 -27.66 14.20 16.97
N MET Z 689 -28.78 13.49 16.90
CA MET Z 689 -29.14 12.77 15.68
C MET Z 689 -29.35 13.71 14.51
N TRP Z 690 -29.93 14.88 14.76
CA TRP Z 690 -29.98 15.86 13.68
C TRP Z 690 -28.59 16.25 13.22
N ALA Z 691 -27.70 16.54 14.17
CA ALA Z 691 -26.36 17.02 13.84
C ALA Z 691 -25.56 15.98 13.08
N HIS Z 692 -25.75 14.70 13.39
CA HIS Z 692 -24.91 13.71 12.74
C HIS Z 692 -25.33 13.42 11.31
N GLU Z 693 -26.61 13.43 11.00
CA GLU Z 693 -27.07 13.13 9.65
C GLU Z 693 -26.83 14.28 8.69
N ASN Z 694 -26.39 15.42 9.20
CA ASN Z 694 -26.28 16.61 8.37
C ASN Z 694 -24.85 17.13 8.33
N THR Z 695 -23.91 16.41 8.88
CA THR Z 695 -22.51 16.77 8.84
C THR Z 695 -21.83 16.04 7.69
N PRO Z 696 -21.05 16.74 6.87
CA PRO Z 696 -20.25 16.06 5.85
C PRO Z 696 -19.12 15.25 6.48
N LEU Z 697 -18.62 14.28 5.71
CA LEU Z 697 -17.45 13.46 5.96
C LEU Z 697 -17.63 12.51 7.14
N SER Z 698 -18.82 12.44 7.73
CA SER Z 698 -19.10 11.62 8.90
C SER Z 698 -19.88 10.39 8.45
N PHE Z 699 -19.14 9.39 7.98
CA PHE Z 699 -19.74 8.28 7.25
C PHE Z 699 -20.35 7.23 8.14
N GLY Z 700 -20.03 7.21 9.43
CA GLY Z 700 -20.67 6.29 10.33
C GLY Z 700 -22.12 6.65 10.57
N TYR Z 701 -22.89 5.66 10.93
CA TYR Z 701 -24.30 5.85 11.23
C TYR Z 701 -24.70 4.78 12.25
N PRO Z 702 -25.46 5.12 13.28
CA PRO Z 702 -25.84 4.11 14.28
C PRO Z 702 -26.72 3.01 13.74
N LYS Z 703 -26.24 1.78 13.85
CA LYS Z 703 -27.03 0.62 13.47
C LYS Z 703 -28.26 0.49 14.36
N ASP Z 704 -28.09 0.74 15.64
CA ASP Z 704 -29.18 0.80 16.59
C ASP Z 704 -29.33 2.22 17.11
N LYS Z 705 -30.56 2.73 17.05
CA LYS Z 705 -30.90 4.12 17.23
C LYS Z 705 -30.52 4.61 18.62
N PRO Z 706 -29.80 5.73 18.73
CA PRO Z 706 -29.44 6.25 20.05
C PRO Z 706 -30.67 6.75 20.79
N VAL Z 707 -30.89 6.21 21.98
CA VAL Z 707 -31.96 6.68 22.84
C VAL Z 707 -31.34 6.93 24.21
N ALA Z 708 -32.01 7.78 24.99
CA ALA Z 708 -31.59 7.98 26.36
C ALA Z 708 -31.82 6.72 27.17
N LEU Z 709 -31.02 6.55 28.23
CA LEU Z 709 -31.19 5.44 29.15
C LEU Z 709 -32.58 5.48 29.75
N SER Z 710 -33.18 4.31 29.93
CA SER Z 710 -34.55 4.28 30.43
C SER Z 710 -34.60 4.70 31.90
N ILE Z 711 -35.82 4.75 32.43
CA ILE Z 711 -36.02 5.29 33.77
C ILE Z 711 -35.42 4.36 34.82
N VAL Z 712 -35.78 3.08 34.77
CA VAL Z 712 -35.21 2.08 35.69
C VAL Z 712 -33.72 1.89 35.42
N GLN Z 713 -33.33 1.96 34.14
CA GLN Z 713 -31.92 1.78 33.80
C GLN Z 713 -31.06 2.87 34.40
N ALA Z 714 -31.50 4.12 34.32
CA ALA Z 714 -30.72 5.21 34.86
C ALA Z 714 -30.77 5.24 36.37
N ARG Z 715 -31.87 4.79 36.97
CA ARG Z 715 -31.88 4.57 38.41
C ARG Z 715 -30.80 3.59 38.83
N LEU Z 716 -30.69 2.46 38.12
CA LEU Z 716 -29.66 1.48 38.42
C LEU Z 716 -28.27 2.03 38.15
N VAL Z 717 -28.08 2.78 37.06
CA VAL Z 717 -26.77 3.32 36.71
C VAL Z 717 -26.32 4.34 37.74
N GLY Z 718 -27.21 5.24 38.13
CA GLY Z 718 -26.87 6.21 39.17
C GLY Z 718 -26.64 5.57 40.52
N LEU Z 719 -27.38 4.52 40.84
CA LEU Z 719 -27.15 3.82 42.09
C LEU Z 719 -25.82 3.08 42.09
N VAL Z 720 -25.46 2.48 40.96
CA VAL Z 720 -24.16 1.80 40.85
C VAL Z 720 -23.03 2.79 40.97
N HIS Z 721 -23.18 3.97 40.37
CA HIS Z 721 -22.19 5.03 40.51
C HIS Z 721 -22.07 5.54 41.93
N PHE Z 722 -23.21 5.78 42.59
CA PHE Z 722 -23.21 6.24 43.97
C PHE Z 722 -22.52 5.23 44.86
N THR Z 723 -22.82 3.95 44.66
CA THR Z 723 -22.20 2.87 45.42
C THR Z 723 -20.71 2.78 45.16
N VAL Z 724 -20.29 2.80 43.90
CA VAL Z 724 -18.88 2.63 43.56
C VAL Z 724 -18.06 3.79 44.09
N GLY Z 725 -18.56 5.02 43.94
CA GLY Z 725 -17.87 6.17 44.50
C GLY Z 725 -17.87 6.21 46.00
N TYR Z 726 -18.95 5.78 46.65
CA TYR Z 726 -19.04 5.70 48.09
C TYR Z 726 -18.06 4.68 48.66
N ILE Z 727 -17.92 3.53 48.00
CA ILE Z 727 -16.95 2.53 48.42
C ILE Z 727 -15.53 2.98 48.15
N ALA Z 728 -15.27 3.60 46.99
CA ALA Z 728 -13.92 4.02 46.64
C ALA Z 728 -13.40 5.13 47.55
N THR Z 729 -14.25 6.12 47.84
CA THR Z 729 -13.85 7.22 48.71
C THR Z 729 -13.50 6.73 50.11
N TYR Z 730 -14.35 5.90 50.69
CA TYR Z 730 -14.11 5.43 52.06
C TYR Z 730 -13.01 4.38 52.10
N GLY Z 731 -12.87 3.55 51.07
CA GLY Z 731 -11.77 2.62 51.03
C GLY Z 731 -10.43 3.32 50.92
N ALA Z 732 -10.37 4.38 50.13
CA ALA Z 732 -9.14 5.15 50.05
C ALA Z 732 -8.86 5.92 51.33
N PHE Z 733 -9.89 6.42 52.01
CA PHE Z 733 -9.66 7.16 53.25
C PHE Z 733 -9.27 6.23 54.39
N LEU Z 734 -9.92 5.08 54.52
CA LEU Z 734 -9.64 4.16 55.61
C LEU Z 734 -8.29 3.47 55.49
N ILE Z 735 -7.85 3.15 54.28
CA ILE Z 735 -6.52 2.59 54.11
C ILE Z 735 -5.41 3.61 54.32
N ALA Z 736 -5.64 4.85 53.94
CA ALA Z 736 -4.62 5.89 54.07
C ALA Z 736 -4.64 6.61 55.41
N SER Z 737 -5.78 6.73 56.08
CA SER Z 737 -5.77 7.35 57.39
C SER Z 737 -5.21 6.41 58.46
N THR Z 738 -5.23 5.10 58.19
CA THR Z 738 -4.70 4.12 59.12
C THR Z 738 -3.29 3.69 58.75
N GLY Z 739 -3.03 3.52 57.46
CA GLY Z 739 -1.72 3.07 57.02
C GLY Z 739 -0.66 4.14 57.10
N SER Z 740 -1.06 5.39 57.30
CA SER Z 740 -0.11 6.48 57.48
C SER Z 740 0.20 6.73 58.95
N ARG Z 741 -0.83 6.78 59.79
CA ARG Z 741 -0.63 6.93 61.23
C ARG Z 741 0.08 5.73 61.81
N PHE Z 742 -0.28 4.54 61.36
CA PHE Z 742 0.25 3.28 61.87
C PHE Z 742 0.76 2.47 60.68
N PRO Z 743 1.94 2.88 60.10
CA PRO Z 743 2.68 2.10 59.08
C PRO Z 743 3.26 0.80 59.64
N SER AA 2 -44.45 -3.82 21.10
CA SER AA 2 -45.69 -3.07 21.21
C SER AA 2 -46.25 -3.19 22.62
N HIS AA 3 -46.96 -2.15 23.06
CA HIS AA 3 -47.62 -2.21 24.35
C HIS AA 3 -48.96 -2.91 24.23
N SER AA 4 -49.47 -3.35 25.37
CA SER AA 4 -50.77 -4.01 25.44
C SER AA 4 -51.75 -3.10 26.15
N VAL AA 5 -52.82 -2.71 25.47
CA VAL AA 5 -53.85 -1.87 26.07
C VAL AA 5 -55.10 -2.72 26.22
N LYS AA 6 -55.50 -2.95 27.47
CA LYS AA 6 -56.60 -3.84 27.81
C LYS AA 6 -57.74 -3.02 28.37
N ILE AA 7 -58.96 -3.32 27.95
CA ILE AA 7 -60.16 -2.61 28.39
C ILE AA 7 -61.06 -3.60 29.11
N TYR AA 8 -61.51 -3.24 30.31
CA TYR AA 8 -62.23 -4.14 31.19
C TYR AA 8 -63.70 -3.75 31.27
N ASP AA 9 -64.51 -4.65 31.85
CA ASP AA 9 -65.95 -4.48 31.73
C ASP AA 9 -66.52 -3.43 32.68
N THR AA 10 -65.67 -2.80 33.49
CA THR AA 10 -66.08 -1.64 34.27
C THR AA 10 -66.12 -0.37 33.43
N CYS AA 11 -65.83 -0.46 32.14
CA CYS AA 11 -65.94 0.66 31.22
C CYS AA 11 -67.36 1.18 31.16
N ILE AA 12 -67.49 2.51 31.06
CA ILE AA 12 -68.77 3.18 31.04
C ILE AA 12 -68.98 3.96 29.75
N GLY AA 13 -68.06 3.83 28.80
CA GLY AA 13 -68.21 4.45 27.50
C GLY AA 13 -68.22 5.97 27.51
N CYS AA 14 -67.37 6.57 28.32
CA CYS AA 14 -67.32 8.03 28.42
C CYS AA 14 -66.52 8.68 27.32
N THR AA 15 -65.77 7.90 26.54
CA THR AA 15 -64.93 8.21 25.37
C THR AA 15 -63.66 8.97 25.74
N GLN AA 16 -63.41 9.25 27.02
CA GLN AA 16 -62.35 10.17 27.40
C GLN AA 16 -60.97 9.58 27.14
N CYS AA 17 -60.85 8.26 27.21
CA CYS AA 17 -59.60 7.62 26.85
C CYS AA 17 -59.30 7.77 25.37
N VAL AA 18 -60.33 7.69 24.53
CA VAL AA 18 -60.16 7.81 23.09
C VAL AA 18 -59.78 9.24 22.72
N ARG AA 19 -60.36 10.22 23.42
CA ARG AA 19 -60.08 11.61 23.12
C ARG AA 19 -58.70 12.03 23.57
N ALA AA 20 -58.15 11.33 24.57
CA ALA AA 20 -56.86 11.66 25.15
C ALA AA 20 -55.70 10.97 24.46
N CYS AA 21 -55.96 10.05 23.54
CA CYS AA 21 -54.90 9.29 22.91
C CYS AA 21 -54.20 10.14 21.87
N PRO AA 22 -52.89 10.37 21.98
CA PRO AA 22 -52.20 11.20 21.00
C PRO AA 22 -51.85 10.49 19.71
N THR AA 23 -52.04 9.17 19.63
CA THR AA 23 -51.52 8.39 18.52
C THR AA 23 -52.63 7.57 17.87
N ASP AA 24 -53.87 7.74 18.34
CA ASP AA 24 -55.06 7.07 17.79
C ASP AA 24 -54.90 5.56 17.84
N VAL AA 25 -54.86 5.04 19.07
CA VAL AA 25 -54.86 3.61 19.31
C VAL AA 25 -56.26 3.10 19.60
N LEU AA 26 -57.11 3.94 20.15
CA LEU AA 26 -58.34 3.57 20.81
C LEU AA 26 -59.50 4.01 19.95
N GLU AA 27 -60.60 3.28 19.99
CA GLU AA 27 -61.84 3.77 19.41
C GLU AA 27 -63.00 3.18 20.19
N MET AA 28 -64.22 3.64 19.90
CA MET AA 28 -65.40 3.17 20.62
C MET AA 28 -66.16 2.17 19.75
N VAL AA 29 -66.61 1.08 20.38
CA VAL AA 29 -67.36 0.02 19.69
C VAL AA 29 -68.65 -0.22 20.46
N PRO AA 30 -69.74 -0.62 19.81
CA PRO AA 30 -70.99 -0.86 20.54
C PRO AA 30 -70.90 -2.04 21.50
N TRP AA 31 -71.54 -1.88 22.65
CA TRP AA 31 -71.37 -2.92 23.66
C TRP AA 31 -72.66 -3.47 24.25
N ASP AA 32 -73.61 -2.60 24.61
CA ASP AA 32 -74.77 -2.95 25.44
C ASP AA 32 -74.35 -3.67 26.72
N GLY AA 33 -73.23 -3.24 27.30
CA GLY AA 33 -72.77 -3.76 28.59
C GLY AA 33 -72.75 -2.66 29.62
N CYS AA 34 -72.96 -1.44 29.15
CA CYS AA 34 -73.21 -0.27 29.98
C CYS AA 34 -74.28 0.56 29.29
N ARG AA 35 -74.78 1.59 29.98
CA ARG AA 35 -75.92 2.31 29.48
C ARG AA 35 -75.55 3.34 28.42
N ALA AA 36 -74.27 3.66 28.27
CA ALA AA 36 -73.83 4.43 27.12
C ALA AA 36 -73.85 3.63 25.83
N GLY AA 37 -73.79 2.30 25.91
CA GLY AA 37 -73.83 1.45 24.74
C GLY AA 37 -72.52 1.28 24.02
N GLN AA 38 -71.44 1.80 24.61
CA GLN AA 38 -70.12 1.88 24.00
C GLN AA 38 -69.08 1.28 24.95
N ILE AA 39 -67.99 0.77 24.38
CA ILE AA 39 -66.82 0.38 25.15
C ILE AA 39 -65.60 0.69 24.29
N ALA AA 40 -64.50 1.04 24.93
CA ALA AA 40 -63.27 1.32 24.22
C ALA AA 40 -62.67 0.03 23.67
N ALA AA 41 -61.87 0.19 22.61
CA ALA AA 41 -61.12 -0.90 22.04
C ALA AA 41 -59.78 -0.36 21.59
N SER AA 42 -58.79 -1.23 21.51
CA SER AA 42 -57.42 -0.86 21.15
C SER AA 42 -56.88 -1.74 20.04
N PRO AA 43 -57.34 -1.53 18.78
CA PRO AA 43 -56.76 -2.28 17.65
C PRO AA 43 -55.40 -1.79 17.20
N ARG AA 44 -55.20 -0.48 17.12
CA ARG AA 44 -53.94 0.06 16.60
C ARG AA 44 -52.92 0.21 17.72
N THR AA 45 -52.77 -0.85 18.49
CA THR AA 45 -51.88 -0.85 19.64
C THR AA 45 -50.43 -0.98 19.23
N GLU AA 46 -50.16 -1.24 17.95
CA GLU AA 46 -48.83 -1.09 17.39
C GLU AA 46 -48.39 0.36 17.36
N ASP AA 47 -49.33 1.30 17.43
CA ASP AA 47 -49.05 2.71 17.48
C ASP AA 47 -48.83 3.23 18.88
N CYS AA 48 -49.18 2.45 19.90
CA CYS AA 48 -49.14 2.91 21.29
C CYS AA 48 -47.72 3.30 21.70
N VAL AA 49 -47.58 4.53 22.18
CA VAL AA 49 -46.30 4.97 22.70
C VAL AA 49 -46.14 4.62 24.18
N GLY AA 50 -47.22 4.58 24.94
CA GLY AA 50 -47.14 4.29 26.35
C GLY AA 50 -47.27 5.47 27.27
N CYS AA 51 -47.82 6.59 26.78
CA CYS AA 51 -47.91 7.81 27.56
C CYS AA 51 -48.89 7.69 28.71
N LYS AA 52 -49.84 6.76 28.62
CA LYS AA 52 -50.88 6.49 29.62
C LYS AA 52 -51.79 7.70 29.85
N ARG AA 53 -51.98 8.52 28.82
CA ARG AA 53 -52.98 9.58 28.87
C ARG AA 53 -54.38 9.01 28.92
N CYS AA 54 -54.58 7.86 28.28
CA CYS AA 54 -55.86 7.16 28.35
C CYS AA 54 -56.19 6.72 29.76
N GLU AA 55 -55.17 6.32 30.52
CA GLU AA 55 -55.39 5.91 31.91
C GLU AA 55 -55.63 7.11 32.80
N THR AA 56 -54.99 8.24 32.51
CA THR AA 56 -55.27 9.46 33.26
C THR AA 56 -56.67 9.97 32.99
N ALA AA 57 -57.19 9.75 31.79
CA ALA AA 57 -58.51 10.22 31.43
C ALA AA 57 -59.63 9.33 31.93
N CYS AA 58 -59.34 8.13 32.43
CA CYS AA 58 -60.38 7.19 32.83
C CYS AA 58 -60.96 7.57 34.18
N PRO AA 59 -62.28 7.65 34.31
CA PRO AA 59 -62.89 8.02 35.59
C PRO AA 59 -63.20 6.88 36.54
N THR AA 60 -63.19 5.63 36.08
CA THR AA 60 -63.60 4.52 36.92
C THR AA 60 -62.49 4.13 37.88
N ASP AA 61 -62.88 3.64 39.05
CA ASP AA 61 -61.95 3.21 40.09
C ASP AA 61 -62.19 1.72 40.36
N PHE AA 62 -61.26 0.85 39.99
CA PHE AA 62 -59.97 1.19 39.37
C PHE AA 62 -60.16 1.38 37.87
N LEU AA 63 -59.07 1.64 37.15
CA LEU AA 63 -59.14 1.99 35.74
C LEU AA 63 -59.74 0.86 34.92
N SER AA 64 -60.57 1.25 33.97
CA SER AA 64 -61.13 0.33 32.99
C SER AA 64 -60.21 0.12 31.81
N ILE AA 65 -59.11 0.86 31.73
CA ILE AA 65 -58.13 0.73 30.67
C ILE AA 65 -56.75 0.63 31.32
N ARG AA 66 -55.99 -0.40 30.96
CA ARG AA 66 -54.62 -0.52 31.43
C ARG AA 66 -53.67 -0.68 30.26
N VAL AA 67 -52.56 0.03 30.32
CA VAL AA 67 -51.48 -0.06 29.37
C VAL AA 67 -50.35 -0.81 30.05
N TYR AA 68 -49.86 -1.85 29.41
CA TYR AA 68 -48.73 -2.62 29.86
C TYR AA 68 -47.63 -2.41 28.84
N LEU AA 69 -46.59 -1.67 29.24
CA LEU AA 69 -45.45 -1.42 28.37
C LEU AA 69 -44.72 -2.72 28.07
N GLY AA 70 -44.51 -2.98 26.79
CA GLY AA 70 -43.99 -4.26 26.34
C GLY AA 70 -42.74 -4.08 25.52
N ALA AA 71 -42.62 -4.89 24.48
CA ALA AA 71 -41.48 -4.81 23.56
C ALA AA 71 -41.45 -3.45 22.88
N GLU AA 72 -40.28 -2.82 22.90
CA GLU AA 72 -40.12 -1.50 22.32
C GLU AA 72 -39.80 -1.64 20.85
N THR AA 73 -40.56 -0.93 20.02
CA THR AA 73 -40.34 -0.81 18.60
C THR AA 73 -39.96 0.64 18.33
N SER AA 74 -39.73 0.99 17.07
CA SER AA 74 -39.40 2.36 16.75
C SER AA 74 -40.61 3.29 16.87
N ARG AA 75 -41.82 2.74 16.85
CA ARG AA 75 -43.04 3.51 17.04
C ARG AA 75 -43.37 3.73 18.51
N SER AA 76 -43.14 2.72 19.35
CA SER AA 76 -43.45 2.88 20.77
C SER AA 76 -42.39 3.67 21.50
N MET AA 77 -41.18 3.78 20.94
CA MET AA 77 -40.15 4.65 21.47
C MET AA 77 -40.29 6.09 21.02
N GLY AA 78 -41.27 6.39 20.17
CA GLY AA 78 -41.52 7.74 19.71
C GLY AA 78 -40.37 8.38 18.98
N LEU AA 79 -39.73 7.64 18.07
CA LEU AA 79 -38.52 8.09 17.41
C LEU AA 79 -38.84 8.60 16.02
N ALA AA 80 -38.54 9.87 15.78
CA ALA AA 80 -38.59 10.45 14.44
C ALA AA 80 -37.29 10.26 13.70
N TYR AA 81 -36.29 9.66 14.34
CA TYR AA 81 -35.07 9.26 13.66
C TYR AA 81 -34.94 7.75 13.69
N ALA BA 2 -49.77 10.45 -5.79
CA ALA BA 2 -51.10 9.89 -5.62
C ALA BA 2 -51.92 10.68 -4.61
N LEU BA 3 -51.24 11.39 -3.71
CA LEU BA 3 -51.92 12.19 -2.71
C LEU BA 3 -52.09 13.62 -3.22
N THR BA 4 -53.31 14.13 -3.14
CA THR BA 4 -53.63 15.46 -3.63
C THR BA 4 -53.45 16.51 -2.54
N GLY BA 5 -52.88 17.64 -2.92
CA GLY BA 5 -52.75 18.77 -2.01
C GLY BA 5 -51.47 19.53 -2.23
N SER BA 6 -51.53 20.84 -1.99
CA SER BA 6 -50.36 21.68 -2.05
C SER BA 6 -49.64 21.66 -0.72
N MET BA 7 -48.33 21.58 -0.76
CA MET BA 7 -47.54 21.66 0.45
C MET BA 7 -47.70 23.03 1.08
N PRO BA 8 -47.91 23.12 2.40
CA PRO BA 8 -48.09 24.42 3.04
C PRO BA 8 -46.85 25.30 2.89
N LYS BA 9 -47.08 26.60 2.81
CA LYS BA 9 -46.01 27.55 2.59
C LYS BA 9 -45.16 27.66 3.85
N PHE BA 10 -43.91 27.23 3.75
CA PHE BA 10 -43.06 27.02 4.90
C PHE BA 10 -41.62 27.20 4.44
N GLY BA 11 -40.79 27.78 5.28
CA GLY BA 11 -39.43 28.02 4.90
C GLY BA 11 -38.47 26.88 5.15
N GLY BA 12 -38.94 25.77 5.69
CA GLY BA 12 -38.07 24.68 6.08
C GLY BA 12 -37.59 24.81 7.51
N SER BA 13 -37.21 23.68 8.09
CA SER BA 13 -36.73 23.67 9.46
C SER BA 13 -35.78 22.51 9.64
N THR BA 14 -35.07 22.51 10.76
CA THR BA 14 -34.28 21.36 11.17
C THR BA 14 -35.11 20.29 11.84
N GLY BA 15 -36.38 20.56 12.13
CA GLY BA 15 -37.26 19.63 12.79
C GLY BA 15 -38.01 18.70 11.89
N GLY BA 16 -37.72 18.71 10.60
CA GLY BA 16 -38.45 17.94 9.63
C GLY BA 16 -37.94 16.54 9.44
N LEU BA 17 -38.13 16.01 8.24
CA LEU BA 17 -37.86 14.61 7.95
C LEU BA 17 -36.37 14.33 7.94
N LEU BA 18 -36.00 13.15 8.42
CA LEU BA 18 -34.63 12.65 8.50
C LEU BA 18 -34.56 11.35 7.72
N THR BA 19 -33.48 10.58 7.93
CA THR BA 19 -33.25 9.35 7.20
C THR BA 19 -34.36 8.33 7.43
N ALA BA 20 -34.81 8.23 8.68
CA ALA BA 20 -35.79 7.21 9.06
C ALA BA 20 -37.12 7.41 8.39
N ALA BA 21 -37.40 8.63 7.95
CA ALA BA 21 -38.58 8.91 7.16
C ALA BA 21 -38.57 8.12 5.86
N PHE BA 22 -37.42 8.01 5.23
CA PHE BA 22 -37.32 7.38 3.93
C PHE BA 22 -36.84 5.94 4.01
N VAL BA 23 -36.35 5.48 5.14
CA VAL BA 23 -35.94 4.10 5.27
C VAL BA 23 -36.88 3.26 6.14
N GLU BA 24 -37.69 3.91 6.97
CA GLU BA 24 -38.66 3.16 7.80
C GLU BA 24 -40.10 3.51 7.39
N GLU BA 25 -40.50 4.76 7.57
CA GLU BA 25 -41.87 5.19 7.28
C GLU BA 25 -42.03 6.69 7.47
N ARG BA 26 -42.92 7.22 6.66
CA ARG BA 26 -43.34 8.65 6.67
C ARG BA 26 -44.86 8.68 6.82
N TYR BA 27 -45.36 9.79 7.30
CA TYR BA 27 -46.79 9.99 7.41
C TYR BA 27 -47.16 11.24 6.64
N ALA BA 28 -48.39 11.30 6.16
CA ALA BA 28 -48.89 12.46 5.44
C ALA BA 28 -50.22 12.84 6.03
N ILE BA 29 -50.47 14.13 6.16
CA ILE BA 29 -51.76 14.63 6.59
C ILE BA 29 -52.27 15.59 5.52
N THR BA 30 -53.51 15.38 5.10
CA THR BA 30 -54.17 16.21 4.12
C THR BA 30 -55.37 16.86 4.77
N TRP BA 31 -55.61 18.13 4.44
CA TRP BA 31 -56.79 18.81 4.96
C TRP BA 31 -57.19 19.93 4.02
N THR BA 32 -58.46 20.30 4.07
CA THR BA 32 -58.99 21.41 3.28
C THR BA 32 -59.23 22.59 4.20
N SER BA 33 -58.68 23.73 3.84
CA SER BA 33 -58.91 24.98 4.55
C SER BA 33 -59.69 25.95 3.67
N SER BA 34 -60.56 26.72 4.30
CA SER BA 34 -61.36 27.71 3.60
C SER BA 34 -60.59 29.00 3.32
N LYS BA 35 -59.45 29.20 3.97
CA LYS BA 35 -58.68 30.42 3.76
C LYS BA 35 -57.21 30.12 3.99
N GLU BA 36 -56.36 30.96 3.42
CA GLU BA 36 -54.92 30.86 3.61
C GLU BA 36 -54.55 31.45 4.96
N GLN BA 37 -54.03 30.62 5.86
CA GLN BA 37 -53.86 31.09 7.24
C GLN BA 37 -52.71 30.35 7.90
N VAL BA 38 -52.17 30.96 8.95
CA VAL BA 38 -50.94 30.48 9.59
C VAL BA 38 -51.30 29.49 10.68
N PHE BA 39 -50.64 28.33 10.64
CA PHE BA 39 -50.68 27.34 11.70
C PHE BA 39 -49.27 27.12 12.23
N GLU BA 40 -49.20 26.37 13.32
CA GLU BA 40 -47.94 26.01 13.94
C GLU BA 40 -47.55 24.62 13.46
N MET BA 41 -46.36 24.52 12.91
CA MET BA 41 -45.81 23.21 12.56
C MET BA 41 -45.54 22.40 13.83
N PRO BA 42 -45.86 21.11 13.83
CA PRO BA 42 -45.49 20.26 14.98
C PRO BA 42 -44.00 20.07 15.11
N THR BA 43 -43.25 20.40 14.07
CA THR BA 43 -41.79 20.36 14.03
C THR BA 43 -41.16 21.66 14.49
N GLY BA 44 -41.96 22.67 14.84
CA GLY BA 44 -41.41 23.93 15.28
C GLY BA 44 -41.45 24.99 14.20
N GLY BA 45 -42.02 26.13 14.51
CA GLY BA 45 -42.15 27.20 13.53
C GLY BA 45 -43.60 27.45 13.17
N ALA BA 46 -43.78 28.34 12.20
CA ALA BA 46 -45.10 28.72 11.71
C ALA BA 46 -45.13 28.55 10.21
N ALA BA 47 -46.12 27.81 9.72
CA ALA BA 47 -46.33 27.64 8.29
C ALA BA 47 -47.69 28.23 7.93
N THR BA 48 -47.94 28.36 6.65
CA THR BA 48 -49.20 28.90 6.14
C THR BA 48 -49.89 27.84 5.31
N MET BA 49 -51.12 27.49 5.69
CA MET BA 49 -51.90 26.59 4.87
C MET BA 49 -52.55 27.39 3.75
N ASN BA 50 -52.54 26.81 2.57
CA ASN BA 50 -53.14 27.35 1.38
C ASN BA 50 -54.66 27.21 1.44
N GLU BA 51 -55.36 28.07 0.72
CA GLU BA 51 -56.79 27.88 0.55
C GLU BA 51 -57.02 26.66 -0.34
N GLY BA 52 -57.86 25.76 0.10
CA GLY BA 52 -58.05 24.51 -0.62
C GLY BA 52 -57.38 23.35 0.06
N GLU BA 53 -56.79 22.46 -0.73
CA GLU BA 53 -56.30 21.17 -0.25
C GLU BA 53 -54.81 21.26 0.06
N ASN BA 54 -54.44 20.81 1.26
CA ASN BA 54 -53.07 20.84 1.77
C ASN BA 54 -52.61 19.43 2.08
N LEU BA 55 -51.33 19.18 1.85
CA LEU BA 55 -50.70 17.89 2.09
C LEU BA 55 -49.33 18.12 2.72
N LEU BA 56 -49.11 17.52 3.88
CA LEU BA 56 -47.86 17.72 4.62
C LEU BA 56 -47.31 16.38 5.08
N GLU BA 57 -46.03 16.14 4.81
CA GLU BA 57 -45.37 14.92 5.27
C GLU BA 57 -44.66 15.18 6.59
N LEU BA 58 -44.89 14.29 7.55
CA LEU BA 58 -44.34 14.36 8.88
C LEU BA 58 -43.68 13.02 9.19
N ALA BA 59 -42.91 13.00 10.26
CA ALA BA 59 -42.09 11.82 10.57
C ALA BA 59 -42.82 10.81 11.43
N ARG BA 60 -43.76 11.26 12.24
CA ARG BA 60 -44.46 10.41 13.19
C ARG BA 60 -45.96 10.58 13.04
N LYS BA 61 -46.70 9.55 13.43
CA LYS BA 61 -48.15 9.64 13.45
C LYS BA 61 -48.61 10.59 14.54
N GLU BA 62 -47.84 10.70 15.62
CA GLU BA 62 -48.18 11.62 16.69
C GLU BA 62 -48.07 13.06 16.24
N GLN BA 63 -47.12 13.36 15.35
CA GLN BA 63 -47.02 14.72 14.80
C GLN BA 63 -48.23 15.06 13.93
N CYS BA 64 -48.67 14.08 13.13
CA CYS BA 64 -49.83 14.26 12.23
C CYS BA 64 -51.11 14.44 13.07
N LEU BA 65 -51.17 13.76 14.21
CA LEU BA 65 -52.36 13.85 15.09
C LEU BA 65 -52.28 15.11 15.96
N ALA BA 66 -51.08 15.61 16.26
CA ALA BA 66 -50.95 16.89 16.94
C ALA BA 66 -51.35 18.03 16.03
N LEU BA 67 -50.93 17.98 14.76
CA LEU BA 67 -51.39 18.95 13.78
C LEU BA 67 -52.89 18.89 13.59
N GLY BA 68 -53.45 17.68 13.50
CA GLY BA 68 -54.88 17.54 13.31
C GLY BA 68 -55.68 18.05 14.49
N ALA BA 69 -55.19 17.83 15.72
CA ALA BA 69 -55.83 18.38 16.89
C ALA BA 69 -55.74 19.89 16.93
N GLN BA 70 -54.64 20.44 16.42
CA GLN BA 70 -54.53 21.90 16.28
C GLN BA 70 -55.51 22.45 15.26
N LEU BA 71 -55.70 21.73 14.16
CA LEU BA 71 -56.60 22.19 13.10
C LEU BA 71 -58.04 22.28 13.57
N ARG BA 72 -58.48 21.30 14.35
CA ARG BA 72 -59.87 21.19 14.76
C ARG BA 72 -60.18 21.91 16.06
N THR BA 73 -59.17 22.54 16.67
CA THR BA 73 -59.38 23.29 17.91
C THR BA 73 -58.88 24.73 17.86
N LYS BA 74 -57.84 25.06 17.09
CA LYS BA 74 -57.28 26.39 17.11
C LYS BA 74 -57.83 27.28 16.02
N PHE BA 75 -58.75 26.78 15.19
CA PHE BA 75 -59.24 27.51 14.03
C PHE BA 75 -60.74 27.61 14.07
N LYS BA 76 -61.25 28.78 13.70
CA LYS BA 76 -62.69 29.03 13.57
C LYS BA 76 -62.94 29.51 12.15
N PRO BA 77 -63.58 28.72 11.27
CA PRO BA 77 -64.19 27.40 11.47
C PRO BA 77 -63.18 26.27 11.59
N LYS BA 78 -63.60 25.20 12.27
CA LYS BA 78 -62.73 24.06 12.52
C LYS BA 78 -62.42 23.31 11.23
N ILE BA 79 -61.22 22.75 11.18
CA ILE BA 79 -60.80 21.88 10.09
C ILE BA 79 -60.86 20.47 10.63
N THR BA 80 -61.91 19.73 10.28
CA THR BA 80 -62.12 18.38 10.79
C THR BA 80 -62.02 17.33 9.69
N ASP BA 81 -61.67 17.71 8.47
CA ASP BA 81 -61.65 16.78 7.35
C ASP BA 81 -60.25 16.29 7.03
N TYR BA 82 -59.34 16.34 7.99
CA TYR BA 82 -57.98 15.88 7.74
C TYR BA 82 -57.92 14.36 7.67
N LYS BA 83 -57.04 13.87 6.82
CA LYS BA 83 -56.81 12.44 6.62
C LYS BA 83 -55.32 12.18 6.73
N ILE BA 84 -54.95 11.13 7.47
CA ILE BA 84 -53.56 10.78 7.73
C ILE BA 84 -53.27 9.44 7.10
N TYR BA 85 -52.16 9.38 6.38
CA TYR BA 85 -51.72 8.24 5.59
C TYR BA 85 -50.33 7.85 6.05
N ARG BA 86 -50.02 6.57 5.95
CA ARG BA 86 -48.67 6.09 6.24
C ARG BA 86 -48.00 5.72 4.93
N ILE BA 87 -46.83 6.30 4.68
CA ILE BA 87 -46.07 6.11 3.45
C ILE BA 87 -44.88 5.22 3.75
N PHE BA 88 -44.70 4.19 2.95
CA PHE BA 88 -43.67 3.19 3.10
C PHE BA 88 -42.54 3.43 2.11
N PRO BA 89 -41.33 2.89 2.35
CA PRO BA 89 -40.18 3.22 1.49
C PRO BA 89 -40.33 2.81 0.04
N ASN BA 90 -41.19 1.83 -0.25
CA ASN BA 90 -41.44 1.47 -1.65
C ASN BA 90 -42.44 2.40 -2.31
N GLY BA 91 -42.97 3.38 -1.59
CA GLY BA 91 -43.95 4.29 -2.10
C GLY BA 91 -45.37 4.00 -1.67
N GLU BA 92 -45.59 2.82 -1.08
CA GLU BA 92 -46.93 2.37 -0.72
C GLU BA 92 -47.52 3.28 0.34
N THR BA 93 -48.67 3.86 0.04
CA THR BA 93 -49.40 4.73 0.95
C THR BA 93 -50.62 4.00 1.52
N THR BA 94 -50.81 4.15 2.82
CA THR BA 94 -51.90 3.46 3.50
C THR BA 94 -52.69 4.45 4.33
N PHE BA 95 -53.98 4.55 4.05
CA PHE BA 95 -54.88 5.44 4.79
C PHE BA 95 -55.11 4.89 6.19
N ILE BA 96 -54.66 5.62 7.21
CA ILE BA 96 -54.76 5.10 8.56
C ILE BA 96 -55.75 5.90 9.41
N HIS BA 97 -55.77 7.23 9.30
CA HIS BA 97 -56.68 8.03 10.15
C HIS BA 97 -57.61 8.90 9.30
N PRO BA 98 -58.93 8.74 9.39
CA PRO BA 98 -59.60 7.86 10.36
C PRO BA 98 -59.64 6.39 9.91
N ALA BA 99 -59.24 5.48 10.80
CA ALA BA 99 -59.16 4.03 10.52
C ALA BA 99 -60.43 3.51 9.85
N ASP BA 100 -61.61 3.86 10.39
CA ASP BA 100 -62.93 3.44 9.87
C ASP BA 100 -63.26 4.23 8.60
N GLY BA 101 -64.11 5.25 8.75
CA GLY BA 101 -63.95 6.56 8.08
C GLY BA 101 -64.63 7.67 8.87
N VAL BA 102 -65.13 7.36 10.07
CA VAL BA 102 -65.82 8.33 10.97
C VAL BA 102 -64.76 9.14 11.71
N PHE BA 103 -64.57 8.83 13.00
CA PHE BA 103 -63.56 9.46 13.91
C PHE BA 103 -63.62 8.70 15.22
N PRO BA 104 -62.58 7.93 15.52
CA PRO BA 104 -62.56 7.10 16.75
C PRO BA 104 -63.40 7.58 17.93
N GLU BA 105 -63.58 8.89 18.11
CA GLU BA 105 -64.32 9.35 19.27
C GLU BA 105 -65.81 9.07 19.17
N LYS BA 106 -66.32 8.87 17.96
CA LYS BA 106 -67.72 8.52 17.77
C LYS BA 106 -67.84 7.00 17.78
N VAL BA 107 -69.05 6.48 17.64
CA VAL BA 107 -69.22 5.04 17.66
C VAL BA 107 -69.84 4.58 16.34
N ASN BA 108 -69.10 3.73 15.63
CA ASN BA 108 -69.56 3.20 14.36
C ASN BA 108 -69.96 1.75 14.53
N GLU BA 109 -71.04 1.37 13.83
CA GLU BA 109 -71.51 -0.01 13.82
C GLU BA 109 -70.70 -0.80 12.78
N GLY BA 110 -69.77 -1.59 13.29
CA GLY BA 110 -68.93 -2.41 12.43
C GLY BA 110 -67.46 -2.43 12.78
N ARG BA 111 -67.07 -1.69 13.83
CA ARG BA 111 -65.66 -1.59 14.19
C ARG BA 111 -65.11 -2.88 14.78
N GLY BA 112 -65.69 -3.34 15.88
CA GLY BA 112 -65.27 -4.60 16.45
C GLY BA 112 -64.28 -4.51 17.61
N TYR BA 113 -64.43 -5.44 18.55
CA TYR BA 113 -63.64 -5.45 19.78
C TYR BA 113 -62.21 -5.83 19.47
N SER BA 114 -61.24 -5.11 20.05
CA SER BA 114 -59.85 -5.48 19.83
C SER BA 114 -58.98 -5.37 21.08
N GLY BA 115 -59.55 -4.93 22.20
CA GLY BA 115 -58.78 -4.94 23.43
C GLY BA 115 -59.60 -5.37 24.62
N LYS BA 116 -60.86 -5.71 24.38
CA LYS BA 116 -61.79 -5.96 25.47
C LYS BA 116 -61.45 -7.25 26.19
N LYS BA 117 -61.46 -7.18 27.52
CA LYS BA 117 -61.24 -8.33 28.39
C LYS BA 117 -62.39 -8.30 29.39
N ASP BA 118 -63.33 -9.24 29.28
CA ASP BA 118 -64.44 -9.26 30.21
C ASP BA 118 -63.95 -9.70 31.58
N ARG BA 119 -63.49 -8.72 32.35
CA ARG BA 119 -63.03 -8.96 33.74
C ARG BA 119 -63.37 -7.70 34.55
N ARG BA 120 -62.48 -7.34 35.47
CA ARG BA 120 -62.69 -6.13 36.30
C ARG BA 120 -61.34 -5.80 36.95
N ILE BA 121 -60.26 -5.92 36.17
CA ILE BA 121 -58.83 -5.64 36.56
C ILE BA 121 -58.35 -6.41 37.81
N GLY BA 122 -58.91 -6.15 39.00
CA GLY BA 122 -58.52 -6.84 40.25
C GLY BA 122 -58.75 -8.34 40.21
N GLU BA 123 -59.05 -8.92 39.05
CA GLU BA 123 -59.23 -10.37 39.00
C GLU BA 123 -58.48 -10.98 37.81
N ASN BA 124 -57.29 -10.48 37.53
CA ASN BA 124 -56.43 -11.18 36.60
C ASN BA 124 -55.84 -12.42 37.27
N PRO BA 125 -55.45 -13.45 36.49
CA PRO BA 125 -54.72 -14.57 37.09
C PRO BA 125 -53.38 -14.15 37.68
N ASN BA 126 -53.23 -14.32 38.98
CA ASN BA 126 -52.02 -13.92 39.69
C ASN BA 126 -50.81 -14.69 39.17
N PRO BA 127 -49.65 -14.04 39.00
CA PRO BA 127 -48.50 -14.76 38.47
C PRO BA 127 -47.87 -15.68 39.49
N ALA BA 128 -48.27 -16.94 39.47
CA ALA BA 128 -47.52 -18.05 40.03
C ALA BA 128 -47.78 -19.23 39.13
N THR BA 129 -48.81 -19.09 38.30
CA THR BA 129 -49.42 -20.16 37.54
C THR BA 129 -49.10 -20.10 36.06
N ILE BA 130 -48.66 -18.95 35.58
CA ILE BA 130 -48.37 -18.72 34.18
C ILE BA 130 -46.87 -18.50 34.02
N LYS BA 131 -46.09 -19.07 34.94
CA LYS BA 131 -44.64 -18.83 35.04
C LYS BA 131 -43.88 -19.20 33.78
N PHE BA 132 -43.75 -20.50 33.52
CA PHE BA 132 -43.07 -20.99 32.32
C PHE BA 132 -44.12 -21.29 31.26
N SER BA 133 -44.81 -20.25 30.82
CA SER BA 133 -45.85 -20.39 29.81
C SER BA 133 -45.67 -19.42 28.66
N GLY BA 134 -45.24 -18.19 28.97
CA GLY BA 134 -45.11 -17.16 27.96
C GLY BA 134 -46.16 -16.08 28.07
N GLN BA 135 -47.37 -16.46 28.49
CA GLN BA 135 -48.42 -15.50 28.77
C GLN BA 135 -48.09 -14.70 30.02
N ASN BA 136 -48.49 -13.44 30.03
CA ASN BA 136 -48.34 -12.57 31.19
C ASN BA 136 -49.66 -11.88 31.52
N THR BA 137 -50.51 -12.56 32.27
CA THR BA 137 -51.42 -11.99 33.28
C THR BA 137 -52.56 -11.14 32.72
N PHE BA 138 -52.43 -10.68 31.48
CA PHE BA 138 -53.51 -9.95 30.83
C PHE BA 138 -53.79 -10.55 29.47
N GLU BA 139 -52.78 -11.18 28.88
CA GLU BA 139 -52.95 -11.94 27.64
C GLU BA 139 -53.34 -13.37 28.01
N THR BA 140 -54.47 -13.50 28.69
CA THR BA 140 -55.00 -14.79 29.12
C THR BA 140 -56.50 -14.80 28.86
N ASP BA 141 -57.22 -15.76 29.45
CA ASP BA 141 -58.62 -15.89 29.10
C ASP BA 141 -59.52 -16.13 30.32
N MET BA 142 -58.96 -16.51 31.46
CA MET BA 142 -59.77 -16.88 32.62
C MET BA 142 -59.86 -15.69 33.57
N LYS BA 143 -60.49 -15.89 34.74
CA LYS BA 143 -60.61 -14.85 35.75
C LYS BA 143 -60.52 -15.44 37.17
N SER BA 144 -59.42 -15.16 37.86
CA SER BA 144 -59.29 -15.61 39.25
C SER BA 144 -59.19 -14.42 40.19
N VAL CA 2 -80.63 -3.08 47.68
CA VAL CA 2 -79.93 -1.81 47.50
C VAL CA 2 -80.71 -0.87 46.59
N GLN CA 3 -81.14 0.26 47.14
CA GLN CA 3 -81.73 1.33 46.36
C GLN CA 3 -81.24 2.65 46.92
N ARG CA 4 -81.67 3.75 46.29
CA ARG CA 4 -81.12 5.09 46.51
C ARG CA 4 -81.19 5.54 47.97
N GLY CA 5 -80.05 5.91 48.53
CA GLY CA 5 -79.94 6.36 49.90
C GLY CA 5 -79.30 5.37 50.84
N SER CA 6 -79.18 4.10 50.46
CA SER CA 6 -78.66 3.07 51.34
C SER CA 6 -77.15 3.19 51.46
N LYS CA 7 -76.64 3.30 52.67
CA LYS CA 7 -75.20 3.30 52.88
C LYS CA 7 -74.67 1.89 52.68
N VAL CA 8 -73.63 1.74 51.87
CA VAL CA 8 -73.08 0.43 51.53
C VAL CA 8 -71.58 0.42 51.77
N ARG CA 9 -71.09 -0.75 52.16
CA ARG CA 9 -69.67 -1.03 52.31
C ARG CA 9 -69.18 -1.77 51.08
N ILE CA 10 -68.02 -1.37 50.57
CA ILE CA 10 -67.50 -1.85 49.30
C ILE CA 10 -66.76 -3.16 49.52
N LEU CA 11 -67.00 -4.14 48.65
CA LEU CA 11 -66.30 -5.42 48.71
C LEU CA 11 -65.36 -5.62 47.53
N ARG CA 12 -64.98 -4.52 46.85
CA ARG CA 12 -64.11 -4.62 45.68
C ARG CA 12 -62.67 -4.36 46.12
N PRO CA 13 -61.76 -5.34 46.02
CA PRO CA 13 -60.40 -5.16 46.54
C PRO CA 13 -59.61 -4.06 45.85
N GLU CA 14 -59.83 -3.83 44.56
CA GLU CA 14 -59.07 -2.85 43.80
C GLU CA 14 -59.65 -1.44 43.92
N SER CA 15 -60.75 -1.29 44.62
CA SER CA 15 -61.38 0.02 44.77
C SER CA 15 -60.61 0.84 45.79
N TYR CA 16 -60.60 2.15 45.58
CA TYR CA 16 -59.97 3.07 46.54
C TYR CA 16 -60.69 3.03 47.87
N TRP CA 17 -62.01 2.81 47.85
CA TRP CA 17 -62.84 2.81 49.04
C TRP CA 17 -63.21 1.41 49.48
N PHE CA 18 -62.28 0.46 49.35
CA PHE CA 18 -62.49 -0.88 49.85
C PHE CA 18 -62.69 -0.83 51.36
N ARG CA 19 -63.72 -1.53 51.84
CA ARG CA 19 -64.15 -1.53 53.24
C ARG CA 19 -64.46 -0.12 53.72
N GLU CA 20 -65.15 0.66 52.89
CA GLU CA 20 -65.58 2.00 53.24
C GLU CA 20 -67.05 2.18 52.91
N VAL CA 21 -67.68 3.11 53.61
CA VAL CA 21 -69.11 3.32 53.51
C VAL CA 21 -69.39 4.49 52.56
N GLY CA 22 -70.20 4.22 51.55
CA GLY CA 22 -70.63 5.26 50.63
C GLY CA 22 -72.12 5.18 50.39
N SER CA 23 -72.70 6.31 49.99
CA SER CA 23 -74.15 6.40 49.82
C SER CA 23 -74.54 6.06 48.39
N VAL CA 24 -75.57 5.23 48.23
CA VAL CA 24 -76.06 4.91 46.89
C VAL CA 24 -76.80 6.11 46.31
N ALA CA 25 -76.39 6.51 45.10
CA ALA CA 25 -76.97 7.66 44.42
C ALA CA 25 -78.16 7.26 43.56
N SER CA 26 -77.98 6.22 42.74
CA SER CA 26 -79.02 5.76 41.83
C SER CA 26 -78.67 4.35 41.37
N VAL CA 27 -79.68 3.49 41.29
CA VAL CA 27 -79.52 2.14 40.75
C VAL CA 27 -80.17 2.10 39.39
N ASP CA 28 -79.46 1.51 38.42
CA ASP CA 28 -79.92 1.43 37.04
C ASP CA 28 -80.61 0.09 36.83
N GLN CA 29 -81.85 0.13 36.33
CA GLN CA 29 -82.62 -1.07 36.08
C GLN CA 29 -82.54 -1.51 34.62
N SER CA 30 -81.45 -1.17 33.95
CA SER CA 30 -81.25 -1.49 32.54
C SER CA 30 -80.56 -2.82 32.31
N GLY CA 31 -80.27 -3.57 33.37
CA GLY CA 31 -79.62 -4.86 33.21
C GLY CA 31 -78.15 -4.78 32.88
N ILE CA 32 -77.47 -3.71 33.29
CA ILE CA 32 -76.05 -3.54 33.03
C ILE CA 32 -75.25 -4.23 34.13
N LYS CA 33 -73.95 -4.41 33.90
CA LYS CA 33 -73.14 -5.24 34.78
C LYS CA 33 -72.90 -4.57 36.13
N TYR CA 34 -72.63 -3.25 36.13
CA TYR CA 34 -72.43 -2.49 37.35
C TYR CA 34 -73.46 -1.37 37.41
N PRO CA 35 -74.65 -1.65 37.91
CA PRO CA 35 -75.73 -0.67 37.87
C PRO CA 35 -75.72 0.35 39.01
N VAL CA 36 -75.18 -0.02 40.17
CA VAL CA 36 -75.31 0.84 41.34
C VAL CA 36 -74.26 1.94 41.27
N VAL CA 37 -74.68 3.18 41.47
CA VAL CA 37 -73.76 4.31 41.57
C VAL CA 37 -73.60 4.58 43.06
N VAL CA 38 -72.38 4.52 43.55
CA VAL CA 38 -72.09 4.84 44.95
C VAL CA 38 -71.20 6.08 44.98
N ARG CA 39 -71.53 7.00 45.88
CA ARG CA 39 -70.81 8.26 46.03
C ARG CA 39 -70.19 8.33 47.41
N PHE CA 40 -68.98 8.86 47.47
CA PHE CA 40 -68.17 8.82 48.67
C PHE CA 40 -67.81 10.23 49.13
N SER CA 41 -67.71 10.39 50.43
CA SER CA 41 -67.30 11.68 51.00
C SER CA 41 -65.80 11.87 50.92
N LYS CA 42 -65.07 10.85 50.48
CA LYS CA 42 -63.61 10.86 50.44
C LYS CA 42 -63.15 10.56 49.01
N VAL CA 43 -62.37 11.45 48.44
CA VAL CA 43 -62.07 11.36 47.01
C VAL CA 43 -60.92 10.38 46.81
N ASN CA 44 -60.80 9.82 45.60
CA ASN CA 44 -59.73 8.88 45.33
C ASN CA 44 -58.49 9.64 44.88
N TYR CA 45 -57.48 8.91 44.37
CA TYR CA 45 -56.25 9.56 43.95
C TYR CA 45 -56.44 10.36 42.66
N ALA CA 46 -57.30 9.89 41.77
CA ALA CA 46 -57.50 10.56 40.49
C ALA CA 46 -58.40 11.79 40.60
N GLY CA 47 -59.03 12.02 41.74
CA GLY CA 47 -59.92 13.14 41.90
C GLY CA 47 -61.37 12.83 41.64
N VAL CA 48 -61.81 11.61 41.94
CA VAL CA 48 -63.15 11.14 41.62
C VAL CA 48 -63.77 10.57 42.89
N ASN CA 49 -64.99 11.00 43.21
CA ASN CA 49 -65.64 10.59 44.46
C ASN CA 49 -66.88 9.72 44.24
N THR CA 50 -67.03 9.09 43.09
CA THR CA 50 -68.15 8.20 42.87
C THR CA 50 -67.75 7.11 41.86
N ASN CA 51 -68.51 6.02 41.88
CA ASN CA 51 -68.14 4.86 41.07
C ASN CA 51 -69.32 3.91 40.91
N ASN CA 52 -69.29 3.12 39.84
CA ASN CA 52 -70.33 2.14 39.59
C ASN CA 52 -69.89 0.78 40.11
N PHE CA 53 -70.71 0.18 40.96
CA PHE CA 53 -70.50 -1.14 41.53
C PHE CA 53 -71.69 -2.05 41.23
N SER CA 54 -71.42 -3.35 41.24
CA SER CA 54 -72.47 -4.35 41.23
C SER CA 54 -73.13 -4.41 42.60
N GLU CA 55 -74.29 -5.06 42.65
CA GLU CA 55 -74.93 -5.32 43.93
C GLU CA 55 -74.22 -6.41 44.72
N ALA CA 56 -73.50 -7.30 44.04
CA ALA CA 56 -72.81 -8.40 44.70
C ALA CA 56 -71.56 -7.97 45.45
N GLU CA 57 -71.04 -6.78 45.17
CA GLU CA 57 -69.87 -6.25 45.87
C GLU CA 57 -70.23 -5.10 46.79
N LEU CA 58 -71.44 -5.13 47.35
CA LEU CA 58 -71.89 -4.14 48.30
C LEU CA 58 -72.52 -4.84 49.49
N VAL CA 59 -72.38 -4.23 50.67
CA VAL CA 59 -73.06 -4.72 51.87
C VAL CA 59 -73.79 -3.54 52.50
N GLU CA 60 -75.11 -3.66 52.65
CA GLU CA 60 -75.88 -2.58 53.27
C GLU CA 60 -75.55 -2.43 54.74
N VAL CA 61 -75.26 -1.20 55.15
CA VAL CA 61 -74.99 -0.89 56.55
C VAL CA 61 -75.98 0.12 57.12
N GLU CA 62 -76.77 0.78 56.27
CA GLU CA 62 -77.84 1.69 56.68
C GLU CA 62 -78.91 1.69 55.60
N ALA CA 63 -80.10 1.09 55.92
CA ALA CA 63 -81.36 1.31 55.18
C ALA CA 63 -81.74 2.79 55.14
N PRO CA 64 -82.18 3.31 54.00
CA PRO CA 64 -82.49 4.74 53.88
C PRO CA 64 -83.68 5.14 54.74
N PRO CA 65 -83.59 6.28 55.44
CA PRO CA 65 -84.72 6.84 56.18
C PRO CA 65 -85.45 7.93 55.41
N PRO DA 39 -19.75 11.58 92.33
CA PRO DA 39 -20.54 12.82 92.35
C PRO DA 39 -19.77 13.99 91.74
N CYS DA 40 -20.52 15.01 91.29
CA CYS DA 40 -19.90 16.17 90.67
C CYS DA 40 -19.21 17.09 91.68
N ALA DA 41 -19.65 17.06 92.94
CA ALA DA 41 -19.05 17.93 93.94
C ALA DA 41 -17.63 17.49 94.28
N SER DA 42 -17.39 16.18 94.31
CA SER DA 42 -16.08 15.63 94.65
C SER DA 42 -15.28 15.19 93.43
N SER DA 43 -15.73 15.53 92.23
CA SER DA 43 -15.04 15.10 91.02
C SER DA 43 -13.78 15.93 90.80
N PRO DA 44 -12.60 15.31 90.67
CA PRO DA 44 -11.37 16.11 90.54
C PRO DA 44 -11.22 16.79 89.19
N ALA DA 45 -11.86 16.29 88.14
CA ALA DA 45 -11.77 16.90 86.81
C ALA DA 45 -12.88 17.89 86.54
N PHE DA 46 -13.91 17.95 87.39
CA PHE DA 46 -15.03 18.85 87.17
C PHE DA 46 -14.73 20.25 87.68
N ASN DA 47 -13.63 20.44 88.42
CA ASN DA 47 -13.27 21.74 88.95
C ASN DA 47 -12.37 22.55 88.02
N GLU DA 48 -11.83 21.94 86.97
CA GLU DA 48 -11.09 22.72 85.98
C GLU DA 48 -11.99 23.42 84.98
N ARG DA 49 -13.29 23.11 84.99
CA ARG DA 49 -14.29 23.96 84.34
C ARG DA 49 -15.04 24.83 85.34
N MET DA 50 -14.88 24.58 86.64
CA MET DA 50 -15.40 25.44 87.69
C MET DA 50 -14.66 26.77 87.75
N GLN DA 51 -13.36 26.71 88.00
CA GLN DA 51 -12.58 27.85 88.46
C GLN DA 51 -11.82 28.51 87.32
N ASN DA 52 -12.15 28.15 86.08
CA ASN DA 52 -11.67 28.88 84.92
C ASN DA 52 -12.73 28.83 83.82
N ALA DA 53 -13.62 29.81 83.81
CA ALA DA 53 -14.71 29.91 82.85
C ALA DA 53 -15.31 31.30 82.95
N PRO DA 54 -15.94 31.79 81.89
CA PRO DA 54 -16.73 33.02 81.99
C PRO DA 54 -17.82 32.87 83.04
N GLU DA 55 -18.08 33.94 83.79
CA GLU DA 55 -19.11 33.87 84.82
C GLU DA 55 -20.49 34.10 84.23
N GLY DA 56 -20.75 35.34 83.78
CA GLY DA 56 -22.00 35.66 83.12
C GLY DA 56 -23.23 35.39 83.96
N TYR DA 57 -24.28 34.90 83.30
CA TYR DA 57 -25.50 34.43 83.95
C TYR DA 57 -25.94 33.13 83.28
N TYR DA 58 -24.95 32.35 82.86
CA TYR DA 58 -25.19 31.09 82.17
C TYR DA 58 -24.22 30.03 82.69
N PHE DA 59 -23.29 30.45 83.55
CA PHE DA 59 -22.29 29.57 84.13
C PHE DA 59 -22.23 29.76 85.63
N ASP DA 60 -22.77 30.87 86.14
CA ASP DA 60 -22.72 31.14 87.56
C ASP DA 60 -23.90 30.57 88.33
N THR DA 61 -25.10 30.72 87.77
CA THR DA 61 -26.34 30.19 88.42
C THR DA 61 -26.73 28.86 87.76
N PRO DA 62 -25.77 28.19 87.11
CA PRO DA 62 -26.03 26.91 86.45
C PRO DA 62 -24.98 25.84 86.80
N TYR DA 63 -23.76 26.29 87.14
CA TYR DA 63 -22.65 25.37 87.52
C TYR DA 63 -22.86 24.85 88.94
N GLN DA 64 -23.65 25.58 89.74
CA GLN DA 64 -23.95 25.18 91.14
C GLN DA 64 -24.98 24.05 91.14
N SER DA 65 -26.27 24.39 91.22
CA SER DA 65 -27.33 23.38 91.28
C SER DA 65 -26.94 22.14 90.48
N TYR DA 66 -26.23 22.33 89.37
CA TYR DA 66 -25.75 21.20 88.58
C TYR DA 66 -24.78 20.33 89.38
N ALA DA 67 -23.74 20.95 89.93
CA ALA DA 67 -22.68 20.22 90.62
C ALA DA 67 -23.18 19.58 91.90
N ALA DA 68 -24.15 20.21 92.55
CA ALA DA 68 -24.74 19.63 93.76
C ALA DA 68 -25.42 18.30 93.48
N ASN DA 69 -26.15 18.21 92.37
CA ASN DA 69 -27.04 17.08 92.12
C ASN DA 69 -26.85 16.43 90.75
N LEU DA 70 -25.60 16.21 90.32
CA LEU DA 70 -25.31 15.45 89.11
C LEU DA 70 -24.27 14.37 89.40
N LEU DA 71 -23.97 13.57 88.38
CA LEU DA 71 -23.01 12.47 88.47
C LEU DA 71 -22.05 12.60 87.30
N CYS DA 72 -20.84 13.10 87.57
CA CYS DA 72 -19.82 13.25 86.55
C CYS DA 72 -18.89 12.05 86.52
N GLY DA 73 -18.27 11.82 85.37
CA GLY DA 73 -17.34 10.72 85.21
C GLY DA 73 -15.90 11.11 85.44
N ALA DA 74 -15.08 11.03 84.39
CA ALA DA 74 -13.67 11.39 84.48
C ALA DA 74 -13.28 12.59 83.63
N GLU DA 75 -14.16 13.06 82.74
CA GLU DA 75 -13.88 14.19 81.88
C GLU DA 75 -14.46 15.50 82.42
N GLY DA 76 -14.97 15.49 83.65
CA GLY DA 76 -15.63 16.66 84.19
C GLY DA 76 -16.90 17.03 83.46
N LEU DA 77 -17.72 16.04 83.12
CA LEU DA 77 -18.94 16.26 82.36
C LEU DA 77 -20.10 15.55 83.04
N PRO DA 78 -21.21 16.23 83.31
CA PRO DA 78 -22.39 15.55 83.86
C PRO DA 78 -22.94 14.50 82.91
N HIS DA 79 -23.09 13.28 83.42
CA HIS DA 79 -23.63 12.16 82.66
C HIS DA 79 -25.02 11.81 83.21
N GLN DA 80 -26.01 11.78 82.33
CA GLN DA 80 -27.38 11.45 82.73
C GLN DA 80 -27.48 9.96 83.07
N GLN DA 81 -27.57 9.65 84.35
CA GLN DA 81 -27.64 8.27 84.80
C GLN DA 81 -29.09 7.79 84.89
N LEU DA 82 -29.25 6.46 84.92
CA LEU DA 82 -30.56 5.84 85.08
C LEU DA 82 -30.46 4.81 86.20
N ARG DA 83 -30.66 5.27 87.44
CA ARG DA 83 -30.59 4.41 88.61
C ARG DA 83 -31.79 4.64 89.52
N PHE DA 84 -31.73 4.12 90.75
CA PHE DA 84 -32.79 4.34 91.72
C PHE DA 84 -32.85 5.79 92.21
N ASP DA 85 -31.72 6.48 92.24
CA ASP DA 85 -31.74 7.90 92.55
C ASP DA 85 -32.29 8.71 91.39
N ARG DA 86 -32.13 8.22 90.16
CA ARG DA 86 -32.67 8.90 88.99
C ARG DA 86 -34.15 8.62 88.79
N ALA DA 87 -34.72 7.65 89.51
CA ALA DA 87 -36.12 7.27 89.36
C ALA DA 87 -37.05 8.44 89.68
N ILE DA 88 -36.72 9.20 90.72
CA ILE DA 88 -37.46 10.42 91.05
C ILE DA 88 -36.75 11.64 90.47
N ASP DA 89 -35.77 11.43 89.59
CA ASP DA 89 -35.18 12.50 88.80
C ASP DA 89 -35.62 12.47 87.35
N VAL DA 90 -35.62 11.29 86.71
CA VAL DA 90 -35.99 11.21 85.30
C VAL DA 90 -37.50 11.14 85.09
N LEU DA 91 -38.29 11.12 86.17
CA LEU DA 91 -39.74 11.11 86.00
C LEU DA 91 -40.27 12.47 85.55
N ILE DA 92 -39.63 13.57 85.97
CA ILE DA 92 -40.09 14.91 85.59
C ILE DA 92 -39.75 15.24 84.13
N PRO DA 93 -38.64 14.74 83.48
CA PRO DA 93 -38.62 14.86 82.01
C PRO DA 93 -39.55 13.88 81.31
N PHE DA 94 -39.56 12.62 81.75
CA PHE DA 94 -40.25 11.57 81.01
C PHE DA 94 -41.76 11.63 81.21
N GLY DA 95 -42.21 11.63 82.46
CA GLY DA 95 -43.63 11.60 82.74
C GLY DA 95 -44.35 12.91 82.46
N ILE DA 96 -43.67 14.05 82.64
CA ILE DA 96 -44.34 15.32 82.42
C ILE DA 96 -44.34 15.69 80.95
N PHE DA 97 -43.43 15.15 80.15
CA PHE DA 97 -43.56 15.29 78.72
C PHE DA 97 -44.71 14.45 78.18
N PHE DA 98 -44.97 13.28 78.78
CA PHE DA 98 -46.04 12.42 78.31
C PHE DA 98 -47.39 13.11 78.45
N TYR DA 99 -47.57 13.90 79.51
CA TYR DA 99 -48.82 14.63 79.69
C TYR DA 99 -49.03 15.67 78.60
N VAL DA 100 -48.02 16.49 78.30
CA VAL DA 100 -48.21 17.56 77.31
C VAL DA 100 -48.31 16.98 75.90
N ALA DA 101 -47.57 15.90 75.63
CA ALA DA 101 -47.68 15.23 74.33
C ALA DA 101 -49.05 14.60 74.14
N GLY DA 102 -49.59 13.95 75.18
CA GLY DA 102 -50.93 13.42 75.10
C GLY DA 102 -51.99 14.52 75.06
N PHE DA 103 -51.71 15.66 75.70
CA PHE DA 103 -52.56 16.84 75.58
C PHE DA 103 -52.67 17.28 74.13
N ILE DA 104 -51.53 17.42 73.45
CA ILE DA 104 -51.54 17.84 72.05
C ILE DA 104 -52.23 16.78 71.19
N GLY DA 105 -51.95 15.50 71.43
CA GLY DA 105 -52.57 14.45 70.64
C GLY DA 105 -54.06 14.28 70.89
N TRP DA 106 -54.54 14.63 72.07
CA TRP DA 106 -55.95 14.49 72.38
C TRP DA 106 -56.74 15.74 72.02
N SER DA 107 -56.09 16.91 72.07
CA SER DA 107 -56.69 18.11 71.51
C SER DA 107 -56.80 18.00 69.99
N GLY DA 108 -55.80 17.39 69.35
CA GLY DA 108 -55.90 17.15 67.92
C GLY DA 108 -56.90 16.06 67.57
N ARG DA 109 -57.27 15.24 68.54
CA ARG DA 109 -58.28 14.21 68.31
C ARG DA 109 -59.69 14.76 68.54
N ALA DA 110 -59.93 15.34 69.70
CA ALA DA 110 -61.28 15.79 70.08
C ALA DA 110 -61.75 16.96 69.23
N TYR DA 111 -60.83 17.75 68.70
CA TYR DA 111 -61.18 18.77 67.73
C TYR DA 111 -61.58 18.17 66.39
N LEU DA 112 -61.06 16.99 66.06
CA LEU DA 112 -61.14 16.49 64.71
C LEU DA 112 -62.17 15.37 64.56
N ILE DA 113 -62.64 14.80 65.67
CA ILE DA 113 -63.80 13.91 65.62
C ILE DA 113 -65.09 14.70 65.43
N SER DA 114 -65.19 15.89 66.02
CA SER DA 114 -66.36 16.76 65.88
C SER DA 114 -66.26 17.63 64.64
N SER DA 115 -66.04 17.01 63.49
CA SER DA 115 -65.94 17.72 62.22
C SER DA 115 -66.30 16.79 61.06
N PRO DA 121 -66.84 19.31 55.89
CA PRO DA 121 -65.99 19.19 57.09
C PRO DA 121 -64.53 19.54 56.81
N GLU DA 122 -64.25 19.94 55.58
CA GLU DA 122 -62.88 20.24 55.15
C GLU DA 122 -62.53 21.71 55.32
N GLU DA 123 -63.30 22.46 56.12
CA GLU DA 123 -62.98 23.85 56.39
C GLU DA 123 -62.54 24.10 57.82
N THR DA 124 -62.70 23.13 58.73
CA THR DA 124 -62.26 23.29 60.10
C THR DA 124 -60.76 23.04 60.26
N GLU DA 125 -60.12 22.39 59.30
CA GLU DA 125 -58.68 22.21 59.31
C GLU DA 125 -57.95 23.43 58.74
N ILE DA 126 -58.56 24.07 57.75
CA ILE DA 126 -58.04 25.32 57.23
C ILE DA 126 -58.19 26.43 58.25
N PHE DA 127 -59.42 26.66 58.70
CA PHE DA 127 -59.81 27.78 59.54
C PHE DA 127 -60.12 27.17 60.89
N ILE DA 128 -59.14 27.20 61.80
CA ILE DA 128 -59.29 26.54 63.10
C ILE DA 128 -60.40 27.21 63.87
N ASP DA 129 -61.49 26.48 64.09
CA ASP DA 129 -62.64 26.98 64.83
C ASP DA 129 -62.24 27.11 66.29
N VAL DA 130 -62.06 28.36 66.73
CA VAL DA 130 -61.51 28.64 68.05
C VAL DA 130 -62.44 28.16 69.16
N ALA DA 131 -63.76 28.16 68.93
CA ALA DA 131 -64.69 27.69 69.96
C ALA DA 131 -64.57 26.19 70.17
N LEU DA 132 -64.58 25.41 69.08
CA LEU DA 132 -64.41 23.97 69.20
C LEU DA 132 -62.97 23.63 69.62
N ALA DA 133 -62.01 24.47 69.26
CA ALA DA 133 -60.64 24.30 69.76
C ALA DA 133 -60.58 24.45 71.27
N ILE DA 134 -61.25 25.46 71.84
CA ILE DA 134 -61.30 25.62 73.28
C ILE DA 134 -62.08 24.48 73.93
N LYS DA 135 -63.13 23.99 73.26
CA LYS DA 135 -63.88 22.85 73.76
C LYS DA 135 -63.03 21.58 73.80
N SER DA 136 -62.12 21.39 72.84
CA SER DA 136 -61.24 20.24 72.82
C SER DA 136 -59.96 20.45 73.63
N PHE DA 137 -59.68 21.69 74.04
CA PHE DA 137 -58.62 21.97 74.99
C PHE DA 137 -59.06 21.76 76.43
N VAL DA 138 -60.28 22.19 76.76
CA VAL DA 138 -60.81 22.00 78.11
C VAL DA 138 -60.95 20.52 78.42
N GLN DA 139 -61.45 19.74 77.45
CA GLN DA 139 -61.47 18.30 77.58
C GLN DA 139 -60.07 17.71 77.42
N GLY DA 140 -59.19 18.39 76.67
CA GLY DA 140 -57.83 17.92 76.49
C GLY DA 140 -56.96 18.03 77.72
N LEU DA 141 -57.34 18.89 78.67
CA LEU DA 141 -56.58 19.01 79.92
C LEU DA 141 -56.54 17.69 80.68
N LEU DA 142 -57.72 17.12 80.93
CA LEU DA 142 -57.83 15.83 81.65
C LEU DA 142 -57.99 14.70 80.62
N TRP DA 143 -57.09 14.65 79.63
CA TRP DA 143 -57.15 13.63 78.55
C TRP DA 143 -56.71 12.26 79.07
N PRO DA 144 -55.91 12.24 80.15
CA PRO DA 144 -55.44 10.97 80.71
C PRO DA 144 -56.62 10.07 81.10
N LEU DA 145 -57.64 10.64 81.73
CA LEU DA 145 -58.85 9.89 82.17
C LEU DA 145 -59.67 9.50 80.93
N LEU DA 146 -59.93 10.47 80.05
CA LEU DA 146 -60.72 10.22 78.84
C LEU DA 146 -60.09 9.11 77.99
N ALA DA 147 -58.76 9.01 77.98
CA ALA DA 147 -58.10 7.99 77.17
C ALA DA 147 -58.38 6.58 77.69
N VAL DA 148 -58.42 6.40 79.01
CA VAL DA 148 -58.79 5.09 79.55
C VAL DA 148 -60.30 4.91 79.58
N LYS DA 149 -61.07 5.98 79.36
CA LYS DA 149 -62.51 5.87 79.15
C LYS DA 149 -62.88 5.70 77.68
N GLU DA 150 -61.93 5.27 76.84
CA GLU DA 150 -62.22 5.00 75.43
C GLU DA 150 -61.80 3.59 75.06
N LEU DA 151 -60.71 3.10 75.64
CA LEU DA 151 -60.21 1.77 75.31
C LEU DA 151 -61.17 0.68 75.80
N THR DA 152 -61.68 0.82 77.02
CA THR DA 152 -62.60 -0.18 77.56
C THR DA 152 -63.96 -0.11 76.88
N THR DA 153 -64.40 1.09 76.51
CA THR DA 153 -65.67 1.24 75.80
C THR DA 153 -65.59 0.83 74.35
N GLY DA 154 -64.39 0.68 73.80
CA GLY DA 154 -64.24 0.28 72.42
C GLY DA 154 -64.51 1.37 71.41
N GLU DA 155 -64.30 2.64 71.79
CA GLU DA 155 -64.49 3.76 70.88
C GLU DA 155 -63.20 4.52 70.64
N LEU DA 156 -62.06 3.93 71.00
CA LEU DA 156 -60.75 4.46 70.64
C LEU DA 156 -60.15 3.76 69.43
N THR DA 157 -60.55 2.51 69.19
CA THR DA 157 -60.08 1.74 68.05
C THR DA 157 -61.24 1.44 67.12
N ALA DA 158 -60.93 1.40 65.83
CA ALA DA 158 -61.89 1.15 64.77
C ALA DA 158 -61.87 -0.32 64.35
N PRO DA 159 -62.98 -0.84 63.84
CA PRO DA 159 -63.00 -2.23 63.39
C PRO DA 159 -62.12 -2.45 62.16
N VAL DA 160 -61.73 -3.71 61.96
CA VAL DA 160 -60.87 -4.07 60.83
C VAL DA 160 -61.60 -3.92 59.51
N SER DA 161 -62.93 -4.08 59.52
CA SER DA 161 -63.74 -3.96 58.31
C SER DA 161 -64.32 -2.57 58.13
N GLU DA 162 -63.99 -1.64 59.03
CA GLU DA 162 -64.45 -0.25 58.92
C GLU DA 162 -63.29 0.70 58.65
N VAL DA 163 -62.15 0.16 58.20
CA VAL DA 163 -60.97 0.95 57.86
C VAL DA 163 -60.48 0.45 56.50
N SER DA 164 -60.25 1.38 55.57
CA SER DA 164 -59.81 1.01 54.23
C SER DA 164 -58.43 0.38 54.25
N VAL DA 165 -58.25 -0.63 53.40
CA VAL DA 165 -56.96 -1.30 53.24
C VAL DA 165 -56.59 -1.31 51.76
N SER DA 166 -55.49 -1.98 51.45
CA SER DA 166 -54.97 -2.08 50.09
C SER DA 166 -54.94 -3.54 49.67
N PRO DA 167 -54.83 -3.85 48.37
CA PRO DA 167 -54.65 -5.24 47.92
C PRO DA 167 -53.42 -5.93 48.51
N ASP EA 3 18.49 5.04 41.69
CA ASP EA 3 17.85 3.87 42.30
C ASP EA 3 16.84 3.19 41.37
N ALA EA 4 15.62 3.71 41.25
CA ALA EA 4 14.63 3.17 40.32
C ALA EA 4 14.41 4.20 39.22
N THR EA 5 15.20 4.10 38.16
CA THR EA 5 15.00 4.93 36.98
C THR EA 5 13.97 4.35 36.02
N GLN EA 6 13.58 3.09 36.20
CA GLN EA 6 12.63 2.44 35.33
C GLN EA 6 11.98 1.30 36.08
N LEU EA 7 11.00 0.67 35.44
CA LEU EA 7 10.29 -0.44 36.05
C LEU EA 7 11.20 -1.65 36.11
N GLU EA 8 11.20 -2.35 37.23
CA GLU EA 8 12.02 -3.52 37.38
C GLU EA 8 11.17 -4.66 37.92
N GLY EA 9 11.74 -5.85 37.86
CA GLY EA 9 11.18 -6.97 38.57
C GLY EA 9 12.26 -7.72 39.31
N ALA EA 10 12.15 -7.76 40.65
CA ALA EA 10 13.06 -8.55 41.47
C ALA EA 10 12.49 -9.92 41.74
N TYR EA 11 11.78 -10.46 40.76
CA TYR EA 11 11.06 -11.72 40.88
C TYR EA 11 11.29 -12.54 39.62
N ALA EA 12 10.88 -13.81 39.68
CA ALA EA 12 11.13 -14.75 38.61
C ALA EA 12 10.30 -14.40 37.39
N ALA EA 13 10.93 -14.54 36.21
CA ALA EA 13 10.35 -14.24 34.91
C ALA EA 13 9.76 -12.82 34.91
N ALA EA 14 10.64 -11.88 35.23
CA ALA EA 14 10.27 -10.47 35.36
C ALA EA 14 10.11 -9.77 34.02
N TRP EA 15 10.38 -10.46 32.93
CA TRP EA 15 10.06 -10.00 31.59
C TRP EA 15 8.60 -10.22 31.25
N LEU EA 16 7.86 -10.94 32.10
CA LEU EA 16 6.47 -11.26 31.80
C LEU EA 16 5.52 -10.09 32.01
N PRO EA 17 5.63 -9.25 33.06
CA PRO EA 17 4.84 -8.02 33.09
C PRO EA 17 5.05 -7.14 31.86
N TRP EA 18 6.30 -7.07 31.38
CA TRP EA 18 6.69 -6.20 30.27
C TRP EA 18 5.84 -6.44 29.02
N ILE EA 19 5.43 -7.69 28.80
CA ILE EA 19 4.62 -8.04 27.64
C ILE EA 19 3.16 -8.31 28.00
N MET EA 20 2.89 -8.76 29.23
CA MET EA 20 1.53 -9.11 29.69
C MET EA 20 0.67 -7.87 29.90
N ILE EA 21 1.26 -6.77 30.38
CA ILE EA 21 0.46 -5.57 30.61
C ILE EA 21 0.04 -4.96 29.28
N PRO EA 22 0.91 -4.83 28.26
CA PRO EA 22 0.40 -4.44 26.94
C PRO EA 22 -0.66 -5.35 26.36
N MET EA 23 -0.52 -6.67 26.48
CA MET EA 23 -1.50 -7.57 25.87
C MET EA 23 -2.85 -7.46 26.56
N ILE EA 24 -2.88 -7.54 27.88
CA ILE EA 24 -4.13 -7.51 28.61
C ILE EA 24 -4.79 -6.14 28.53
N THR EA 25 -4.01 -5.06 28.41
CA THR EA 25 -4.58 -3.74 28.61
C THR EA 25 -4.70 -2.86 27.38
N TYR EA 26 -3.81 -2.97 26.38
CA TYR EA 26 -4.04 -2.14 25.20
C TYR EA 26 -3.73 -2.81 23.87
N ILE EA 27 -3.62 -4.13 23.80
CA ILE EA 27 -3.39 -4.77 22.50
C ILE EA 27 -4.53 -5.71 22.21
N LEU EA 28 -4.81 -6.63 23.10
CA LEU EA 28 -5.93 -7.54 22.95
C LEU EA 28 -7.30 -6.93 23.22
N PRO EA 29 -7.49 -5.90 24.13
CA PRO EA 29 -8.83 -5.33 24.30
C PRO EA 29 -9.58 -4.81 23.08
N PHE EA 30 -8.94 -4.18 22.11
CA PHE EA 30 -9.74 -3.65 21.01
C PHE EA 30 -10.15 -4.78 20.05
N PRO EA 31 -9.33 -5.81 19.79
CA PRO EA 31 -9.88 -7.04 19.21
C PRO EA 31 -11.04 -7.66 19.99
N ILE EA 32 -10.99 -7.68 21.33
CA ILE EA 32 -12.09 -8.25 22.09
C ILE EA 32 -13.34 -7.40 21.96
N PHE EA 33 -13.17 -6.08 21.95
CA PHE EA 33 -14.29 -5.17 21.77
C PHE EA 33 -14.90 -5.32 20.38
N ALA EA 34 -14.06 -5.51 19.37
CA ALA EA 34 -14.55 -5.76 18.02
C ALA EA 34 -15.30 -7.08 17.92
N ILE EA 35 -14.78 -8.13 18.56
CA ILE EA 35 -15.45 -9.43 18.55
C ILE EA 35 -16.79 -9.34 19.26
N ALA EA 36 -16.86 -8.68 20.42
CA ALA EA 36 -18.11 -8.51 21.12
C ALA EA 36 -19.09 -7.60 20.39
N PHE EA 37 -18.60 -6.56 19.71
CA PHE EA 37 -19.46 -5.71 18.90
C PHE EA 37 -20.05 -6.46 17.72
N LEU EA 38 -19.24 -7.29 17.05
CA LEU EA 38 -19.75 -8.11 15.96
C LEU EA 38 -20.71 -9.17 16.45
N TRP EA 39 -20.55 -9.62 17.68
CA TRP EA 39 -21.45 -10.60 18.26
C TRP EA 39 -22.80 -9.98 18.61
N ILE EA 40 -22.80 -8.75 19.13
CA ILE EA 40 -24.07 -8.14 19.52
C ILE EA 40 -24.78 -7.46 18.36
N GLU EA 41 -24.11 -7.26 17.23
CA GLU EA 41 -24.74 -6.60 16.10
C GLU EA 41 -25.02 -7.53 14.93
N ARG EA 42 -24.70 -8.81 15.06
CA ARG EA 42 -25.04 -9.78 14.02
C ARG EA 42 -26.54 -10.01 13.95
N GLU EA 43 -27.03 -10.19 12.74
CA GLU EA 43 -28.45 -10.26 12.41
C GLU EA 43 -28.91 -11.69 12.24
N GLY EA 44 -30.19 -11.91 12.51
CA GLY EA 44 -30.80 -13.21 12.29
C GLY EA 44 -31.25 -13.40 10.85
N MET FA 1 -64.83 43.85 59.12
CA MET FA 1 -63.93 43.03 59.91
C MET FA 1 -64.60 41.70 60.28
N LYS FA 2 -65.63 41.34 59.53
CA LYS FA 2 -66.33 40.07 59.75
C LYS FA 2 -65.44 38.88 59.41
N TYR FA 3 -64.80 38.92 58.24
CA TYR FA 3 -63.89 37.86 57.85
C TYR FA 3 -62.44 38.15 58.21
N PHE FA 4 -62.16 39.33 58.78
CA PHE FA 4 -60.80 39.58 59.29
C PHE FA 4 -60.50 38.68 60.48
N ALA FA 5 -61.51 38.41 61.32
CA ALA FA 5 -61.33 37.43 62.39
C ALA FA 5 -61.16 36.03 61.82
N LYS FA 6 -61.89 35.71 60.75
CA LYS FA 6 -61.80 34.39 60.14
C LYS FA 6 -60.45 34.15 59.48
N TYR FA 7 -59.88 35.18 58.85
CA TYR FA 7 -58.53 35.08 58.30
C TYR FA 7 -57.48 34.94 59.39
N LEU FA 8 -57.72 35.52 60.56
CA LEU FA 8 -56.83 35.33 61.69
C LEU FA 8 -56.98 33.95 62.34
N THR FA 9 -57.99 33.18 61.95
CA THR FA 9 -58.15 31.80 62.38
C THR FA 9 -57.67 30.81 61.34
N SER FA 10 -56.99 31.28 60.29
CA SER FA 10 -56.53 30.40 59.24
C SER FA 10 -55.35 29.56 59.73
N ALA FA 11 -55.03 28.53 58.95
CA ALA FA 11 -53.91 27.65 59.27
C ALA FA 11 -52.56 28.37 59.41
N PRO FA 12 -52.15 29.28 58.52
CA PRO FA 12 -50.85 29.95 58.77
C PRO FA 12 -50.84 30.87 59.97
N ILE FA 13 -51.96 31.57 60.24
CA ILE FA 13 -51.98 32.49 61.37
C ILE FA 13 -51.98 31.72 62.70
N MET FA 14 -52.82 30.68 62.81
CA MET FA 14 -52.74 29.79 63.97
C MET FA 14 -51.36 29.16 64.11
N ALA FA 15 -50.74 28.78 62.99
CA ALA FA 15 -49.40 28.21 63.03
C ALA FA 15 -48.39 29.19 63.61
N THR FA 16 -48.33 30.41 63.08
CA THR FA 16 -47.33 31.36 63.54
C THR FA 16 -47.57 31.76 65.00
N VAL FA 17 -48.84 31.97 65.39
CA VAL FA 17 -49.09 32.33 66.78
C VAL FA 17 -48.81 31.17 67.72
N ALA FA 18 -49.07 29.92 67.29
CA ALA FA 18 -48.80 28.76 68.11
C ALA FA 18 -47.30 28.57 68.33
N LEU FA 19 -46.51 28.69 67.26
CA LEU FA 19 -45.06 28.61 67.39
C LEU FA 19 -44.49 29.72 68.28
N VAL FA 20 -44.96 30.96 68.12
CA VAL FA 20 -44.39 32.02 68.95
C VAL FA 20 -44.91 31.94 70.39
N SER FA 21 -46.10 31.37 70.59
CA SER FA 21 -46.66 31.29 71.93
C SER FA 21 -46.07 30.14 72.73
N LEU FA 22 -45.79 29.02 72.07
CA LEU FA 22 -45.10 27.93 72.76
C LEU FA 22 -43.60 28.20 72.83
N SER FA 23 -43.07 28.99 71.90
CA SER FA 23 -41.65 29.30 71.81
C SER FA 23 -41.25 30.55 72.58
N VAL FA 24 -42.15 31.13 73.37
CA VAL FA 24 -41.85 32.35 74.12
C VAL FA 24 -41.21 31.92 75.46
N VAL FA 25 -40.81 30.66 75.55
CA VAL FA 25 -40.18 30.09 76.74
C VAL FA 25 -38.74 30.58 76.86
N LEU FA 26 -38.32 31.46 75.95
CA LEU FA 26 -37.28 32.45 76.21
C LEU FA 26 -37.32 32.97 77.64
N ILE FA 27 -38.48 33.47 78.07
CA ILE FA 27 -38.59 34.05 79.41
C ILE FA 27 -38.58 32.95 80.47
N GLU FA 28 -39.02 31.74 80.10
CA GLU FA 28 -38.91 30.62 81.03
C GLU FA 28 -37.48 30.07 81.11
N LEU FA 29 -36.68 30.25 80.07
CA LEU FA 29 -35.32 29.73 80.04
C LEU FA 29 -34.28 30.83 80.25
N ASN FA 30 -34.70 31.90 80.93
CA ASN FA 30 -33.84 33.06 81.25
C ASN FA 30 -34.22 33.57 82.65
N HIS FA 31 -35.50 33.43 83.00
CA HIS FA 31 -36.01 33.85 84.33
C HIS FA 31 -35.26 33.09 85.43
N PHE FA 32 -35.20 31.76 85.33
CA PHE FA 32 -34.50 30.96 86.36
C PHE FA 32 -33.63 29.86 85.72
N PHE FA 33 -32.30 30.02 85.86
CA PHE FA 33 -31.31 29.05 85.41
C PHE FA 33 -31.35 28.75 83.91
N PRO FA 34 -30.77 29.61 83.06
CA PRO FA 34 -30.75 29.32 81.61
C PRO FA 34 -30.11 28.00 81.21
N GLY FA 35 -29.42 27.30 82.12
CA GLY FA 35 -29.00 25.94 81.89
C GLY FA 35 -29.63 24.98 82.88
N LEU FA 36 -30.51 24.10 82.40
CA LEU FA 36 -31.26 23.20 83.25
C LEU FA 36 -31.04 21.77 82.78
N GLN FA 37 -30.22 21.01 83.51
CA GLN FA 37 -29.91 19.64 83.12
C GLN FA 37 -31.04 18.71 83.57
N TYR FA 38 -30.99 17.44 83.13
CA TYR FA 38 -32.04 16.47 83.52
C TYR FA 38 -32.18 16.29 85.02
N GLY FA 39 -31.07 16.23 85.76
CA GLY FA 39 -31.18 15.90 87.16
C GLY FA 39 -31.23 17.11 88.07
N THR FA 40 -31.38 18.29 87.47
CA THR FA 40 -31.31 19.54 88.22
C THR FA 40 -32.67 20.25 88.33
N TYR FA 41 -33.73 19.64 87.80
CA TYR FA 41 -35.08 20.15 88.08
C TYR FA 41 -36.07 19.01 88.25
N VAL GA 10 -1.58 68.87 31.36
CA VAL GA 10 -2.36 67.87 32.05
C VAL GA 10 -3.84 67.96 31.69
N VAL GA 11 -4.40 69.17 31.82
CA VAL GA 11 -5.83 69.40 31.46
C VAL GA 11 -5.87 69.97 30.04
N PRO GA 12 -6.93 69.71 29.27
CA PRO GA 12 -7.04 70.15 27.87
C PRO GA 12 -7.26 71.64 27.61
N ASN GA 13 -6.36 72.50 28.08
CA ASN GA 13 -6.45 73.96 27.90
C ASN GA 13 -7.84 74.46 28.32
N THR GA 14 -8.73 74.64 27.33
CA THR GA 14 -10.12 75.19 27.44
C THR GA 14 -10.07 76.69 27.71
N VAL GA 15 -10.50 77.50 26.75
CA VAL GA 15 -10.51 79.00 26.89
C VAL GA 15 -11.77 79.43 27.66
N THR GA 16 -11.89 80.74 27.95
CA THR GA 16 -13.07 81.25 28.67
C THR GA 16 -14.24 81.47 27.69
N TRP GA 17 -14.47 82.72 27.30
CA TRP GA 17 -15.55 83.01 26.31
C TRP GA 17 -15.29 84.37 25.66
N GLY GA 18 -15.16 84.37 24.33
CA GLY GA 18 -14.88 85.59 23.62
C GLY GA 18 -15.58 85.48 22.28
N PRO GA 19 -15.68 86.62 21.57
CA PRO GA 19 -16.34 86.65 20.26
C PRO GA 19 -15.97 85.45 19.37
N ASN GA 20 -14.78 84.90 19.56
CA ASN GA 20 -14.29 83.74 18.76
C ASN GA 20 -15.05 82.47 19.18
N VAL GA 21 -15.48 82.42 20.45
CA VAL GA 21 -16.20 81.25 21.01
C VAL GA 21 -17.68 81.31 20.59
N ALA GA 22 -18.25 82.53 20.57
CA ALA GA 22 -19.66 82.73 20.17
C ALA GA 22 -19.81 82.44 18.68
N ILE GA 23 -18.79 82.73 17.88
CA ILE GA 23 -18.82 82.47 16.42
C ILE GA 23 -18.89 80.95 16.22
N VAL GA 24 -17.94 80.21 16.78
CA VAL GA 24 -17.95 78.75 16.67
C VAL GA 24 -19.24 78.14 17.22
N MET GA 25 -19.82 78.68 18.30
CA MET GA 25 -21.08 78.15 18.83
C MET GA 25 -22.27 78.51 17.96
N ILE GA 26 -22.12 79.49 17.05
CA ILE GA 26 -23.23 79.89 16.21
C ILE GA 26 -23.12 79.19 14.86
N ILE GA 27 -21.88 79.07 14.36
CA ILE GA 27 -21.60 78.38 13.07
C ILE GA 27 -21.94 76.90 13.22
N CYS GA 28 -21.85 76.37 14.44
CA CYS GA 28 -22.16 74.95 14.73
C CYS GA 28 -23.65 74.78 14.95
N ASN GA 29 -24.34 75.86 15.35
CA ASN GA 29 -25.81 75.82 15.56
C ASN GA 29 -26.48 75.95 14.18
N LEU GA 30 -25.82 76.63 13.25
CA LEU GA 30 -26.37 76.76 11.90
C LEU GA 30 -26.14 75.51 11.06
N ILE GA 31 -24.99 74.84 11.24
CA ILE GA 31 -24.79 73.52 10.62
C ILE GA 31 -25.85 72.54 11.12
N ALA GA 32 -26.20 72.63 12.40
CA ALA GA 32 -27.27 71.81 12.96
C ALA GA 32 -28.61 72.11 12.29
N PHE GA 33 -28.89 73.39 12.02
CA PHE GA 33 -30.12 73.74 11.32
C PHE GA 33 -30.11 73.25 9.88
N ALA GA 34 -28.96 73.32 9.22
CA ALA GA 34 -28.83 72.87 7.84
C ALA GA 34 -29.06 71.37 7.73
N ILE GA 35 -28.52 70.59 8.66
CA ILE GA 35 -28.71 69.15 8.60
C ILE GA 35 -30.00 68.68 9.26
N GLY GA 36 -30.60 69.50 10.14
CA GLY GA 36 -31.82 69.14 10.81
C GLY GA 36 -33.09 69.45 10.03
N LYS GA 37 -32.95 70.14 8.91
CA LYS GA 37 -34.06 70.26 7.97
C LYS GA 37 -34.37 68.92 7.31
N GLN GA 38 -33.39 68.04 7.20
CA GLN GA 38 -33.58 66.67 6.71
C GLN GA 38 -33.75 65.71 7.89
N VAL GA 39 -34.88 65.86 8.58
CA VAL GA 39 -35.40 64.88 9.53
C VAL GA 39 -36.81 64.54 9.06
N ILE GA 40 -37.45 63.57 9.72
CA ILE GA 40 -38.83 63.23 9.40
C ILE GA 40 -39.77 63.59 10.56
N GLN GA 41 -41.05 63.73 10.22
CA GLN GA 41 -42.09 64.11 11.21
C GLN GA 41 -41.75 65.51 11.76
N ILE GA 42 -41.27 66.39 10.88
CA ILE GA 42 -40.94 67.81 11.25
C ILE GA 42 -42.23 68.61 11.45
N PRO GA 43 -42.09 69.81 12.04
CA PRO GA 43 -43.23 70.69 12.35
C PRO GA 43 -44.33 69.86 13.01
N ASP GA 44 -44.01 69.27 14.16
CA ASP GA 44 -44.95 68.36 14.89
C ASP GA 44 -45.82 69.15 15.87
N ALA GA 45 -46.50 70.19 15.39
CA ALA GA 45 -47.43 71.03 16.18
C ALA GA 45 -46.84 71.36 17.56
N GLY GA 46 -47.54 70.95 18.62
CA GLY GA 46 -47.11 71.24 20.00
C GLY GA 46 -47.23 72.73 20.28
N PRO GA 47 -46.19 73.48 19.92
CA PRO GA 47 -46.18 74.94 20.08
C PRO GA 47 -45.58 75.52 18.79
N ALA GA 48 -46.21 76.55 18.23
CA ALA GA 48 -45.75 77.20 16.99
C ALA GA 48 -45.51 76.13 15.90
N PRO GA 49 -46.59 75.45 15.48
CA PRO GA 49 -46.51 74.38 14.47
C PRO GA 49 -45.93 74.78 13.11
N GLY GA 50 -44.61 74.94 13.02
CA GLY GA 50 -43.95 75.27 11.75
C GLY GA 50 -43.63 76.75 11.58
N THR GA 51 -43.58 77.51 12.67
CA THR GA 51 -43.29 78.96 12.59
C THR GA 51 -41.83 79.23 12.91
N PHE GA 52 -40.92 78.40 12.41
CA PHE GA 52 -39.46 78.58 12.66
C PHE GA 52 -38.69 78.17 11.39
N LEU GA 53 -39.15 78.68 10.25
CA LEU GA 53 -38.57 78.40 8.93
C LEU GA 53 -38.57 76.89 8.67
N GLY GA 54 -39.78 76.35 8.55
CA GLY GA 54 -39.96 74.92 8.32
C GLY GA 54 -40.21 74.13 9.59
N LEU GA 55 -39.33 74.30 10.57
CA LEU GA 55 -39.40 73.55 11.81
C LEU GA 55 -40.43 74.16 12.75
N GLY GA 56 -41.03 73.32 13.60
CA GLY GA 56 -41.89 73.75 14.67
C GLY GA 56 -41.09 74.15 15.89
N LEU GA 57 -41.73 74.15 17.06
CA LEU GA 57 -40.97 74.40 18.29
C LEU GA 57 -40.27 73.14 18.78
N PRO GA 58 -40.88 71.94 18.78
CA PRO GA 58 -40.09 70.72 19.05
C PRO GA 58 -38.87 70.55 18.17
N ALA GA 59 -39.03 70.74 16.87
CA ALA GA 59 -37.90 70.57 15.96
C ALA GA 59 -36.86 71.65 16.14
N LEU GA 60 -37.25 72.89 16.41
CA LEU GA 60 -36.29 73.94 16.72
C LEU GA 60 -35.51 73.64 17.99
N LEU GA 61 -36.20 73.21 19.04
CA LEU GA 61 -35.52 72.85 20.28
C LEU GA 61 -34.59 71.66 20.12
N GLY GA 62 -34.99 70.65 19.34
CA GLY GA 62 -34.11 69.53 19.09
C GLY GA 62 -32.89 69.88 18.25
N VAL GA 63 -33.09 70.70 17.21
CA VAL GA 63 -31.99 71.17 16.40
C VAL GA 63 -31.02 72.04 17.19
N THR GA 64 -31.52 72.94 18.03
CA THR GA 64 -30.64 73.77 18.83
C THR GA 64 -29.98 73.00 19.96
N SER GA 65 -30.63 71.94 20.48
CA SER GA 65 -29.99 71.10 21.48
C SER GA 65 -28.85 70.29 20.88
N LEU GA 66 -29.06 69.71 19.69
CA LEU GA 66 -27.94 69.07 19.00
C LEU GA 66 -26.88 70.09 18.59
N GLY GA 67 -27.28 71.31 18.27
CA GLY GA 67 -26.31 72.34 17.94
C GLY GA 67 -25.46 72.75 19.12
N HIS GA 68 -26.09 72.81 20.30
CA HIS GA 68 -25.33 73.14 21.54
C HIS GA 68 -24.37 71.98 21.82
N ALA GA 69 -24.84 70.74 21.70
CA ALA GA 69 -23.97 69.59 21.92
C ALA GA 69 -22.76 69.64 21.00
N ILE GA 70 -23.01 69.83 19.70
CA ILE GA 70 -21.93 69.94 18.71
C ILE GA 70 -21.04 71.14 19.01
N GLY GA 71 -21.62 72.24 19.48
CA GLY GA 71 -20.84 73.40 19.81
C GLY GA 71 -19.92 73.21 20.99
N VAL GA 72 -20.42 72.60 22.06
CA VAL GA 72 -19.56 72.30 23.21
C VAL GA 72 -18.43 71.37 22.80
N GLY GA 73 -18.74 70.32 22.03
CA GLY GA 73 -17.70 69.43 21.58
C GLY GA 73 -16.66 70.08 20.69
N ALA GA 74 -17.11 70.87 19.71
CA ALA GA 74 -16.21 71.54 18.78
C ALA GA 74 -15.40 72.63 19.47
N ILE GA 75 -16.01 73.37 20.39
CA ILE GA 75 -15.33 74.47 21.06
C ILE GA 75 -14.26 73.93 21.99
N LEU GA 76 -14.58 72.87 22.75
CA LEU GA 76 -13.56 72.27 23.60
C LEU GA 76 -12.47 71.61 22.78
N GLY GA 77 -12.79 71.03 21.62
CA GLY GA 77 -11.75 70.49 20.77
C GLY GA 77 -10.83 71.55 20.20
N LEU GA 78 -11.40 72.67 19.75
CA LEU GA 78 -10.60 73.75 19.19
C LEU GA 78 -9.83 74.50 20.27
N ALA GA 79 -10.35 74.53 21.49
CA ALA GA 79 -9.63 75.14 22.60
C ALA GA 79 -8.49 74.25 23.07
N ASN GA 80 -8.68 72.93 22.99
CA ASN GA 80 -7.62 71.99 23.36
C ASN GA 80 -6.40 72.15 22.48
N ILE GA 81 -6.61 72.31 21.17
CA ILE GA 81 -5.51 72.31 20.21
C ILE GA 81 -5.13 73.71 19.73
N GLY GA 82 -5.40 74.79 20.50
CA GLY GA 82 -4.69 76.07 20.22
C GLY GA 82 -5.44 77.03 19.31
N VAL GA 83 -6.17 76.45 18.37
CA VAL GA 83 -6.97 77.17 17.36
C VAL GA 83 -7.97 78.12 18.02
N LEU GA 84 -8.47 77.75 19.20
CA LEU GA 84 -9.39 78.62 19.90
C LEU GA 84 -8.94 78.85 21.33
N SER HA 4 -48.69 33.96 5.90
CA SER HA 4 -48.58 35.27 5.27
C SER HA 4 -47.17 35.50 4.72
N ASP HA 5 -46.17 35.39 5.59
CA ASP HA 5 -44.77 35.58 5.23
C ASP HA 5 -43.99 34.29 5.14
N ALA HA 6 -44.53 33.19 5.65
CA ALA HA 6 -43.87 31.89 5.62
C ALA HA 6 -43.67 31.43 4.19
N TYR HA 7 -42.40 31.42 3.74
CA TYR HA 7 -41.99 31.23 2.35
C TYR HA 7 -42.89 31.98 1.38
N ILE HA 8 -42.95 33.30 1.53
CA ILE HA 8 -43.50 34.17 0.50
C ILE HA 8 -42.49 35.20 0.05
N SER HA 9 -41.54 35.57 0.91
CA SER HA 9 -40.42 36.43 0.57
C SER HA 9 -39.21 35.55 0.31
N ASP HA 10 -38.30 36.02 -0.55
CA ASP HA 10 -37.14 35.22 -0.95
C ASP HA 10 -35.92 35.64 -0.12
N ASP HA 11 -35.48 34.74 0.75
CA ASP HA 11 -34.45 34.97 1.75
C ASP HA 11 -33.17 34.22 1.43
N PRO HA 12 -32.04 34.51 2.10
CA PRO HA 12 -30.81 33.74 1.85
C PRO HA 12 -30.89 32.29 2.27
N ILE HA 13 -31.75 31.98 3.24
CA ILE HA 13 -31.87 30.63 3.77
C ILE HA 13 -33.09 29.96 3.16
N GLN HA 14 -32.85 28.92 2.39
CA GLN HA 14 -33.86 28.23 1.62
C GLN HA 14 -34.12 26.85 2.24
N PRO HA 15 -35.20 26.17 1.87
CA PRO HA 15 -35.37 24.77 2.27
C PRO HA 15 -34.31 23.89 1.62
N TYR HA 16 -33.94 22.82 2.31
CA TYR HA 16 -32.96 21.90 1.76
C TYR HA 16 -33.56 21.14 0.59
N GLN HA 17 -32.91 21.28 -0.58
CA GLN HA 17 -33.33 20.66 -1.83
C GLN HA 17 -34.72 21.09 -2.26
N GLY HA 18 -35.11 22.30 -1.86
CA GLY HA 18 -36.41 22.85 -2.20
C GLY HA 18 -37.56 22.21 -1.47
N ASN HA 19 -37.27 21.37 -0.48
CA ASN HA 19 -38.27 20.64 0.26
C ASN HA 19 -38.35 21.19 1.67
N PRO HA 20 -39.37 21.96 2.02
CA PRO HA 20 -39.43 22.52 3.38
C PRO HA 20 -39.82 21.53 4.46
N GLN HA 21 -40.18 20.30 4.11
CA GLN HA 21 -40.47 19.30 5.12
C GLN HA 21 -39.29 18.38 5.39
N LEU HA 22 -38.13 18.67 4.83
CA LEU HA 22 -36.90 17.98 5.17
C LEU HA 22 -36.27 18.61 6.40
N GLY HA 23 -35.45 17.83 7.10
CA GLY HA 23 -34.90 18.28 8.36
C GLY HA 23 -33.58 18.98 8.21
N ASN HA 24 -33.51 19.95 7.31
CA ASN HA 24 -32.29 20.69 7.04
C ASN HA 24 -32.67 22.00 6.37
N LEU HA 25 -31.71 22.91 6.33
CA LEU HA 25 -31.87 24.20 5.68
C LEU HA 25 -30.70 24.42 4.73
N ALA HA 26 -30.93 25.21 3.69
CA ALA HA 26 -29.89 25.54 2.72
C ALA HA 26 -29.27 26.87 3.13
N THR HA 27 -28.20 26.78 3.93
CA THR HA 27 -27.50 27.92 4.48
C THR HA 27 -26.21 28.11 3.68
N PRO HA 28 -25.49 29.23 3.83
CA PRO HA 28 -24.23 29.40 3.07
C PRO HA 28 -23.15 28.41 3.42
N ILE HA 29 -23.25 27.70 4.52
CA ILE HA 29 -22.17 26.79 4.92
C ILE HA 29 -22.37 25.41 4.29
N ASN HA 30 -23.60 25.00 4.03
CA ASN HA 30 -23.80 23.74 3.31
C ASN HA 30 -24.27 23.93 1.87
N SER HA 31 -24.46 25.16 1.40
CA SER HA 31 -25.02 25.36 0.08
C SER HA 31 -24.38 26.45 -0.75
N SER HA 32 -23.32 27.10 -0.30
CA SER HA 32 -22.70 28.07 -1.17
C SER HA 32 -21.80 27.38 -2.18
N ASN HA 33 -21.42 28.11 -3.22
CA ASN HA 33 -20.58 27.54 -4.26
C ASN HA 33 -19.17 27.28 -3.75
N LEU HA 34 -18.67 28.11 -2.84
CA LEU HA 34 -17.34 27.89 -2.29
C LEU HA 34 -17.32 26.70 -1.35
N ALA HA 35 -18.31 26.60 -0.47
CA ALA HA 35 -18.40 25.48 0.46
C ALA HA 35 -18.61 24.17 -0.28
N LYS HA 36 -19.49 24.15 -1.27
CA LYS HA 36 -19.69 22.95 -2.07
C LYS HA 36 -18.48 22.61 -2.91
N ALA HA 37 -17.83 23.62 -3.50
CA ALA HA 37 -16.64 23.36 -4.30
C ALA HA 37 -15.52 22.77 -3.47
N PHE HA 38 -15.39 23.19 -2.21
CA PHE HA 38 -14.40 22.60 -1.34
C PHE HA 38 -14.80 21.19 -0.91
N ILE HA 39 -16.02 21.02 -0.40
CA ILE HA 39 -16.41 19.74 0.22
C ILE HA 39 -16.60 18.66 -0.82
N ASN HA 40 -17.26 18.97 -1.94
CA ASN HA 40 -17.58 17.97 -2.94
C ASN HA 40 -16.36 17.48 -3.68
N ASN HA 41 -15.24 18.17 -3.56
CA ASN HA 41 -13.99 17.77 -4.18
C ASN HA 41 -12.99 17.22 -3.18
N LEU HA 42 -13.38 17.12 -1.92
CA LEU HA 42 -12.62 16.37 -0.96
C LEU HA 42 -12.69 14.90 -1.33
N PRO HA 43 -11.69 14.09 -0.96
CA PRO HA 43 -11.64 12.70 -1.45
C PRO HA 43 -12.84 11.86 -1.06
N ALA HA 44 -13.49 12.18 0.06
CA ALA HA 44 -14.70 11.49 0.45
C ALA HA 44 -15.83 11.68 -0.56
N TYR HA 45 -15.84 12.82 -1.25
CA TYR HA 45 -16.95 13.19 -2.11
C TYR HA 45 -16.58 13.47 -3.56
N ARG HA 46 -15.30 13.42 -3.92
CA ARG HA 46 -14.89 13.73 -5.28
C ARG HA 46 -15.52 12.74 -6.26
N PRO HA 47 -16.14 13.23 -7.33
CA PRO HA 47 -16.91 12.34 -8.22
C PRO HA 47 -16.00 11.39 -8.99
N GLY HA 48 -16.42 10.13 -9.06
CA GLY HA 48 -15.81 9.15 -9.93
C GLY HA 48 -14.76 8.28 -9.29
N LEU HA 49 -14.17 8.73 -8.18
CA LEU HA 49 -13.05 8.01 -7.57
C LEU HA 49 -13.48 6.65 -7.04
N THR HA 50 -12.57 5.70 -7.17
CA THR HA 50 -12.72 4.41 -6.53
C THR HA 50 -12.53 4.57 -5.03
N PRO HA 51 -13.15 3.71 -4.22
CA PRO HA 51 -13.04 3.86 -2.76
C PRO HA 51 -11.62 3.72 -2.23
N PHE HA 52 -10.78 2.92 -2.89
CA PHE HA 52 -9.41 2.76 -2.45
C PHE HA 52 -8.63 4.06 -2.58
N LEU HA 53 -8.82 4.79 -3.68
CA LEU HA 53 -8.09 6.04 -3.88
C LEU HA 53 -8.60 7.16 -2.97
N ARG HA 54 -9.92 7.18 -2.73
CA ARG HA 54 -10.49 8.06 -1.71
C ARG HA 54 -9.84 7.81 -0.37
N GLY HA 55 -9.83 6.55 0.06
CA GLY HA 55 -9.24 6.20 1.33
C GLY HA 55 -7.76 6.46 1.38
N LEU HA 56 -7.06 6.26 0.26
CA LEU HA 56 -5.63 6.46 0.22
C LEU HA 56 -5.27 7.90 0.47
N GLU HA 57 -5.97 8.83 -0.18
CA GLU HA 57 -5.70 10.24 0.02
C GLU HA 57 -6.13 10.74 1.40
N ILE HA 58 -7.28 10.25 1.90
CA ILE HA 58 -7.71 10.57 3.27
C ILE HA 58 -6.65 10.11 4.27
N GLY HA 59 -6.15 8.88 4.10
CA GLY HA 59 -5.16 8.36 5.01
C GLY HA 59 -3.84 9.10 4.96
N MET HA 60 -3.35 9.40 3.75
CA MET HA 60 -2.10 10.15 3.62
C MET HA 60 -2.18 11.46 4.39
N ALA HA 61 -3.25 12.23 4.15
CA ALA HA 61 -3.44 13.49 4.86
C ALA HA 61 -3.56 13.30 6.37
N HIS HA 62 -4.12 12.17 6.80
CA HIS HA 62 -4.42 11.99 8.22
C HIS HA 62 -3.25 11.48 9.01
N GLY HA 63 -2.61 10.42 8.51
CA GLY HA 63 -1.42 9.91 9.14
C GLY HA 63 -0.31 10.92 9.17
N TYR HA 64 -0.30 11.86 8.22
CA TYR HA 64 0.73 12.89 8.25
C TYR HA 64 0.61 13.78 9.48
N PHE HA 65 -0.58 14.33 9.76
CA PHE HA 65 -0.64 15.30 10.85
C PHE HA 65 -0.73 14.64 12.21
N LEU HA 66 -1.05 13.35 12.27
CA LEU HA 66 -1.26 12.69 13.55
C LEU HA 66 0.04 12.38 14.26
N VAL HA 67 1.17 12.52 13.57
CA VAL HA 67 2.48 12.32 14.19
C VAL HA 67 2.83 13.46 15.14
N GLY HA 68 2.52 14.68 14.79
CA GLY HA 68 2.92 15.87 15.51
C GLY HA 68 2.54 16.09 16.97
N PRO HA 69 1.28 15.83 17.36
CA PRO HA 69 0.88 16.08 18.77
C PRO HA 69 1.72 15.36 19.82
N GLU HA 70 2.12 14.13 19.57
CA GLU HA 70 2.98 13.41 20.51
C GLU HA 70 4.45 13.77 20.35
N VAL HA 71 4.85 14.27 19.19
CA VAL HA 71 6.22 14.74 19.02
C VAL HA 71 6.45 15.97 19.88
N VAL HA 72 5.45 16.85 19.96
CA VAL HA 72 5.63 18.08 20.72
C VAL HA 72 5.23 17.89 22.18
N PHE HA 73 4.16 17.14 22.42
CA PHE HA 73 3.55 17.10 23.75
C PHE HA 73 3.71 15.77 24.47
N GLY HA 74 4.32 14.77 23.86
CA GLY HA 74 4.30 13.44 24.42
C GLY HA 74 5.23 13.25 25.58
N PRO HA 75 5.27 12.03 26.12
CA PRO HA 75 6.19 11.74 27.23
C PRO HA 75 7.65 11.69 26.80
N LEU HA 76 7.91 11.56 25.51
CA LEU HA 76 9.25 11.46 24.95
C LEU HA 76 9.77 12.79 24.42
N LYS HA 77 9.06 13.88 24.69
CA LYS HA 77 9.32 15.17 24.05
C LYS HA 77 10.64 15.80 24.46
N GLU HA 78 11.28 15.33 25.52
CA GLU HA 78 12.56 15.91 25.93
C GLU HA 78 13.69 15.53 24.98
N GLY HA 79 13.49 14.53 24.14
CA GLY HA 79 14.50 14.11 23.18
C GLY HA 79 13.89 13.90 21.81
N SER HA 80 14.61 14.33 20.77
CA SER HA 80 14.09 14.38 19.41
C SER HA 80 13.74 13.00 18.87
N HIS HA 81 14.66 12.05 18.97
CA HIS HA 81 14.50 10.74 18.36
C HIS HA 81 13.32 9.97 18.97
N GLY HA 82 13.27 9.94 20.30
CA GLY HA 82 12.15 9.31 20.98
C GLY HA 82 10.84 10.02 20.77
N ALA HA 83 10.85 11.35 20.63
CA ALA HA 83 9.61 12.08 20.38
C ALA HA 83 9.04 11.73 19.02
N ASN HA 84 9.90 11.67 17.99
CA ASN HA 84 9.40 11.29 16.67
C ASN HA 84 8.93 9.86 16.64
N LEU HA 85 9.60 8.97 17.37
CA LEU HA 85 9.12 7.59 17.43
C LEU HA 85 7.80 7.47 18.17
N SER HA 86 7.61 8.20 19.27
CA SER HA 86 6.34 8.15 19.98
C SER HA 86 5.21 8.71 19.13
N GLY HA 87 5.45 9.79 18.39
CA GLY HA 87 4.47 10.28 17.45
C GLY HA 87 4.14 9.32 16.33
N LEU HA 88 5.16 8.66 15.77
CA LEU HA 88 4.93 7.65 14.74
C LEU HA 88 4.09 6.49 15.25
N ILE HA 89 4.38 5.98 16.44
CA ILE HA 89 3.62 4.80 16.87
C ILE HA 89 2.24 5.23 17.36
N THR HA 90 2.07 6.46 17.81
CA THR HA 90 0.72 6.95 18.13
C THR HA 90 -0.13 7.05 16.88
N ALA HA 91 0.43 7.58 15.79
CA ALA HA 91 -0.30 7.61 14.52
C ALA HA 91 -0.59 6.21 14.02
N ILE HA 92 0.36 5.28 14.18
CA ILE HA 92 0.15 3.89 13.77
C ILE HA 92 -0.99 3.25 14.55
N TYR HA 93 -1.02 3.45 15.86
CA TYR HA 93 -2.05 2.85 16.69
C TYR HA 93 -3.42 3.45 16.41
N ILE HA 94 -3.50 4.78 16.24
CA ILE HA 94 -4.76 5.43 15.94
C ILE HA 94 -5.26 4.99 14.57
N THR HA 95 -4.38 4.85 13.59
CA THR HA 95 -4.73 4.35 12.27
C THR HA 95 -5.27 2.93 12.33
N VAL HA 96 -4.59 2.04 13.03
CA VAL HA 96 -5.02 0.65 13.05
C VAL HA 96 -6.34 0.51 13.81
N SER HA 97 -6.53 1.28 14.88
CA SER HA 97 -7.81 1.30 15.60
C SER HA 97 -8.94 1.85 14.74
N ALA HA 98 -8.70 2.95 14.03
CA ALA HA 98 -9.72 3.55 13.19
C ALA HA 98 -10.09 2.65 12.03
N CYS HA 99 -9.11 1.95 11.45
CA CYS HA 99 -9.40 1.06 10.35
C CYS HA 99 -10.05 -0.24 10.80
N LEU HA 100 -9.72 -0.72 12.00
CA LEU HA 100 -10.46 -1.82 12.58
C LEU HA 100 -11.90 -1.42 12.83
N GLY HA 101 -12.14 -0.18 13.26
CA GLY HA 101 -13.50 0.32 13.35
C GLY HA 101 -14.21 0.43 12.03
N ILE HA 102 -13.53 0.88 10.97
CA ILE HA 102 -14.13 0.94 9.64
C ILE HA 102 -14.52 -0.45 9.16
N SER HA 103 -13.63 -1.43 9.37
CA SER HA 103 -13.91 -2.80 8.98
C SER HA 103 -15.08 -3.39 9.75
N ILE HA 104 -15.15 -3.18 11.07
CA ILE HA 104 -16.26 -3.74 11.82
C ILE HA 104 -17.55 -2.96 11.61
N PHE HA 105 -17.49 -1.67 11.27
CA PHE HA 105 -18.67 -0.94 10.85
C PHE HA 105 -19.24 -1.56 9.58
N ALA HA 106 -18.38 -1.83 8.60
CA ALA HA 106 -18.85 -2.45 7.38
C ALA HA 106 -19.35 -3.87 7.62
N LEU HA 107 -18.74 -4.59 8.55
CA LEU HA 107 -19.14 -5.95 8.83
C LEU HA 107 -20.50 -6.00 9.50
N ALA HA 108 -20.76 -5.10 10.45
CA ALA HA 108 -22.02 -5.06 11.17
C ALA HA 108 -23.14 -4.39 10.39
N THR HA 109 -22.83 -3.36 9.62
CA THR HA 109 -23.87 -2.58 8.95
C THR HA 109 -24.46 -3.34 7.77
N PHE HA 110 -23.60 -3.83 6.89
CA PHE HA 110 -24.04 -4.40 5.62
C PHE HA 110 -24.34 -5.88 5.84
N GLN HA 111 -25.51 -6.11 6.43
CA GLN HA 111 -26.04 -7.45 6.69
C GLN HA 111 -27.45 -7.45 6.12
N GLY HA 112 -27.62 -8.09 4.96
CA GLY HA 112 -28.88 -7.97 4.26
C GLY HA 112 -29.05 -6.55 3.75
N ASP HA 113 -30.28 -6.07 3.80
CA ASP HA 113 -30.52 -4.66 3.55
C ASP HA 113 -30.23 -3.88 4.82
N PRO HA 114 -29.27 -2.96 4.82
CA PRO HA 114 -28.87 -2.28 6.04
C PRO HA 114 -29.94 -1.37 6.58
N ARG HA 115 -29.75 -0.93 7.82
CA ARG HA 115 -30.72 0.00 8.46
C ARG HA 115 -30.08 1.39 8.46
N GLY HA 116 -30.91 2.42 8.32
CA GLY HA 116 -30.43 3.78 8.33
C GLY HA 116 -29.96 4.25 6.97
N THR HA 117 -28.87 5.02 6.94
CA THR HA 117 -28.45 5.68 5.71
C THR HA 117 -27.91 4.73 4.66
N TYR HA 118 -27.60 3.50 5.00
CA TYR HA 118 -27.09 2.57 4.02
C TYR HA 118 -28.15 1.58 3.58
N ASN HA 119 -29.39 1.82 3.95
CA ASN HA 119 -30.53 1.13 3.36
C ASN HA 119 -30.67 1.58 1.92
N SER HA 120 -31.24 0.70 1.08
CA SER HA 120 -31.34 0.97 -0.35
C SER HA 120 -32.25 2.15 -0.66
N HIS HA 121 -33.21 2.45 0.23
CA HIS HA 121 -34.16 3.52 0.04
C HIS HA 121 -33.68 4.85 0.60
N SER HA 122 -32.45 4.91 1.11
CA SER HA 122 -31.98 6.11 1.78
C SER HA 122 -31.65 7.21 0.77
N ARG HA 123 -31.92 8.44 1.18
CA ARG HA 123 -31.70 9.62 0.35
C ARG HA 123 -30.54 10.47 0.85
N ASP HA 124 -29.68 9.95 1.71
CA ASP HA 124 -28.57 10.73 2.24
C ASP HA 124 -27.53 10.98 1.17
N ARG HA 125 -27.36 12.25 0.82
CA ARG HA 125 -26.37 12.68 -0.15
C ARG HA 125 -24.98 12.75 0.47
N LEU HA 126 -24.89 12.83 1.80
CA LEU HA 126 -23.64 13.02 2.52
C LEU HA 126 -22.97 11.72 2.88
N ARG HA 127 -23.54 10.58 2.51
CA ARG HA 127 -22.97 9.27 2.80
C ARG HA 127 -23.07 8.41 1.56
N PRO HA 128 -22.11 8.53 0.64
CA PRO HA 128 -22.24 7.89 -0.67
C PRO HA 128 -21.62 6.51 -0.82
N LEU HA 129 -20.99 5.95 0.22
CA LEU HA 129 -20.43 4.60 0.16
C LEU HA 129 -21.51 3.61 0.56
N ARG HA 130 -22.30 3.21 -0.42
CA ARG HA 130 -23.51 2.46 -0.19
C ARG HA 130 -23.28 0.96 -0.10
N LYS HA 131 -22.15 0.48 -0.56
CA LYS HA 131 -21.85 -0.94 -0.61
C LYS HA 131 -20.78 -1.29 0.41
N LYS HA 132 -20.75 -2.55 0.82
CA LYS HA 132 -19.72 -2.98 1.75
C LYS HA 132 -18.38 -3.10 1.06
N GLU HA 133 -18.38 -3.35 -0.25
CA GLU HA 133 -17.13 -3.38 -1.01
C GLU HA 133 -16.46 -2.02 -1.02
N ASP HA 134 -17.26 -0.94 -1.12
CA ASP HA 134 -16.73 0.41 -0.99
C ASP HA 134 -16.09 0.61 0.36
N TRP HA 135 -16.70 0.11 1.42
CA TRP HA 135 -16.19 0.29 2.76
C TRP HA 135 -14.94 -0.52 3.02
N TYR HA 136 -14.83 -1.72 2.46
CA TYR HA 136 -13.60 -2.49 2.61
C TYR HA 136 -12.45 -1.93 1.80
N GLN HA 137 -12.74 -1.44 0.59
CA GLN HA 137 -11.72 -0.76 -0.20
C GLN HA 137 -11.27 0.53 0.47
N LEU HA 138 -12.20 1.27 1.08
CA LEU HA 138 -11.88 2.45 1.87
C LEU HA 138 -11.01 2.11 3.08
N SER HA 139 -11.34 1.03 3.80
CA SER HA 139 -10.56 0.64 4.96
C SER HA 139 -9.13 0.29 4.58
N GLY HA 140 -8.98 -0.50 3.51
CA GLY HA 140 -7.64 -0.83 3.03
C GLY HA 140 -6.85 0.37 2.58
N GLY HA 141 -7.48 1.28 1.84
CA GLY HA 141 -6.84 2.50 1.42
C GLY HA 141 -6.47 3.44 2.54
N ILE HA 142 -7.37 3.64 3.51
CA ILE HA 142 -7.06 4.49 4.65
C ILE HA 142 -5.92 3.92 5.45
N LEU HA 143 -5.90 2.60 5.63
CA LEU HA 143 -4.80 1.96 6.34
C LEU HA 143 -3.47 2.17 5.63
N MET HA 144 -3.43 1.88 4.32
CA MET HA 144 -2.20 2.01 3.55
C MET HA 144 -1.72 3.45 3.53
N GLY HA 145 -2.60 4.38 3.20
CA GLY HA 145 -2.26 5.78 3.11
C GLY HA 145 -1.88 6.36 4.43
N SER HA 146 -2.53 5.95 5.51
CA SER HA 146 -2.27 6.56 6.80
C SER HA 146 -0.98 6.06 7.40
N LEU HA 147 -0.69 4.77 7.25
CA LEU HA 147 0.58 4.26 7.71
C LEU HA 147 1.74 4.84 6.90
N GLY HA 148 1.56 4.99 5.59
CA GLY HA 148 2.56 5.67 4.80
C GLY HA 148 2.75 7.15 5.09
N GLY HA 149 1.66 7.90 5.30
CA GLY HA 149 1.78 9.29 5.65
C GLY HA 149 2.39 9.50 7.02
N ALA HA 150 2.08 8.62 7.98
CA ALA HA 150 2.72 8.65 9.27
C ALA HA 150 4.21 8.41 9.19
N ILE HA 151 4.64 7.43 8.39
CA ILE HA 151 6.08 7.22 8.32
C ILE HA 151 6.77 8.24 7.43
N PHE HA 152 6.04 8.93 6.54
CA PHE HA 152 6.62 10.05 5.81
C PHE HA 152 6.85 11.25 6.71
N ALA HA 153 5.89 11.56 7.59
CA ALA HA 153 6.10 12.60 8.59
C ALA HA 153 7.21 12.23 9.55
N TYR HA 154 7.28 10.96 9.95
CA TYR HA 154 8.36 10.50 10.81
C TYR HA 154 9.71 10.62 10.14
N ALA HA 155 9.82 10.29 8.86
CA ALA HA 155 11.08 10.41 8.14
C ALA HA 155 11.48 11.85 7.90
N LEU HA 156 10.50 12.75 7.75
CA LEU HA 156 10.87 14.15 7.64
C LEU HA 156 11.27 14.75 8.96
N LEU HA 157 10.74 14.24 10.07
CA LEU HA 157 11.12 14.73 11.38
C LEU HA 157 12.42 14.14 11.89
N GLU HA 158 12.72 12.89 11.52
CA GLU HA 158 14.01 12.28 11.84
C GLU HA 158 15.17 12.97 11.14
N ASN HA 159 14.98 13.34 9.89
CA ASN HA 159 16.01 14.00 9.11
C ASN HA 159 15.82 15.51 9.11
N PHE HA 160 15.32 16.07 10.21
CA PHE HA 160 15.03 17.49 10.25
C PHE HA 160 16.29 18.33 10.17
N GLU HA 161 17.40 17.75 10.64
CA GLU HA 161 18.74 18.39 10.61
C GLU HA 161 19.19 18.49 9.16
N LEU HA 162 19.00 17.41 8.37
CA LEU HA 162 19.29 17.43 6.94
C LEU HA 162 18.33 18.28 6.16
N LEU HA 163 17.01 18.12 6.37
CA LEU HA 163 16.04 18.96 5.68
C LEU HA 163 16.23 20.44 6.02
N ASP HA 164 16.69 20.73 7.22
CA ASP HA 164 17.00 22.10 7.58
C ASP HA 164 18.22 22.62 6.85
N SER HA 165 19.31 21.84 6.79
CA SER HA 165 20.50 22.30 6.08
C SER HA 165 20.26 22.42 4.58
N ILE HA 166 19.38 21.57 4.03
CA ILE HA 166 18.98 21.70 2.64
C ILE HA 166 18.22 22.99 2.37
N LEU HA 167 17.22 23.30 3.18
CA LEU HA 167 16.35 24.44 2.91
C LEU HA 167 17.01 25.75 3.31
N ARG HA 168 18.21 25.70 3.89
CA ARG HA 168 19.03 26.87 4.11
C ARG HA 168 20.20 26.95 3.15
N GLY HA 169 20.31 26.01 2.21
CA GLY HA 169 21.43 26.02 1.29
C GLY HA 169 22.76 25.68 1.90
N ALA HA 170 22.76 24.97 3.01
CA ALA HA 170 24.00 24.59 3.67
C ALA HA 170 24.66 23.39 3.03
N VAL HA 171 24.03 22.81 2.00
CA VAL HA 171 24.55 21.65 1.31
C VAL HA 171 25.32 22.01 0.06
N ASN HA 172 25.47 23.31 -0.23
CA ASN HA 172 26.11 23.80 -1.44
C ASN HA 172 27.53 24.28 -1.20
N VAL HA 173 28.15 23.82 -0.12
CA VAL HA 173 29.52 24.18 0.19
C VAL HA 173 30.48 23.31 -0.63
N MET IA 1 13.93 -18.52 49.95
CA MET IA 1 13.94 -19.05 48.60
C MET IA 1 12.84 -18.33 47.81
N ALA IA 2 12.98 -18.29 46.49
CA ALA IA 2 12.04 -17.60 45.63
C ALA IA 2 11.70 -18.53 44.48
N LEU IA 3 10.62 -18.21 43.78
CA LEU IA 3 10.18 -19.09 42.71
C LEU IA 3 11.15 -19.01 41.54
N SER IA 4 11.14 -20.02 40.69
CA SER IA 4 12.00 -20.05 39.53
C SER IA 4 11.21 -19.66 38.29
N ASP IA 5 11.92 -19.45 37.18
CA ASP IA 5 11.25 -19.14 35.93
C ASP IA 5 10.41 -20.33 35.46
N SER IA 6 10.92 -21.54 35.65
CA SER IA 6 10.20 -22.74 35.30
C SER IA 6 8.94 -22.94 36.14
N GLN IA 7 8.96 -22.51 37.40
CA GLN IA 7 7.76 -22.53 38.22
C GLN IA 7 6.70 -21.54 37.75
N ILE IA 8 7.11 -20.40 37.19
CA ILE IA 8 6.16 -19.46 36.62
C ILE IA 8 5.62 -19.98 35.30
N PHE IA 9 6.44 -20.63 34.50
CA PHE IA 9 6.00 -21.18 33.22
C PHE IA 9 5.13 -22.42 33.40
N LEU IA 10 5.37 -23.20 34.46
CA LEU IA 10 4.45 -24.27 34.83
C LEU IA 10 3.09 -23.74 35.17
N ALA IA 11 3.02 -22.64 35.92
CA ALA IA 11 1.76 -21.99 36.23
C ALA IA 11 1.06 -21.51 34.99
N LEU IA 12 1.81 -20.88 34.08
CA LEU IA 12 1.24 -20.35 32.85
C LEU IA 12 0.70 -21.45 31.95
N ALA IA 13 1.40 -22.57 31.88
CA ALA IA 13 0.93 -23.68 31.04
C ALA IA 13 -0.22 -24.44 31.71
N LEU IA 14 -0.22 -24.53 33.03
CA LEU IA 14 -1.24 -25.29 33.74
C LEU IA 14 -2.54 -24.51 33.84
N ALA IA 15 -2.49 -23.17 33.77
CA ALA IA 15 -3.72 -22.39 33.77
C ALA IA 15 -4.41 -22.36 32.41
N LEU IA 16 -3.81 -22.94 31.38
CA LEU IA 16 -4.51 -23.17 30.12
C LEU IA 16 -5.59 -24.23 30.23
N ILE IA 17 -5.55 -25.06 31.27
CA ILE IA 17 -6.58 -26.09 31.45
C ILE IA 17 -7.85 -25.44 32.00
N PRO IA 18 -7.84 -24.66 33.10
CA PRO IA 18 -9.06 -23.89 33.42
C PRO IA 18 -9.37 -22.83 32.38
N GLY IA 19 -8.39 -22.34 31.63
CA GLY IA 19 -8.67 -21.34 30.62
C GLY IA 19 -9.52 -21.82 29.47
N PHE IA 20 -9.30 -23.05 29.02
CA PHE IA 20 -10.12 -23.59 27.95
C PHE IA 20 -11.32 -24.38 28.48
N LEU IA 21 -11.25 -24.88 29.70
CA LEU IA 21 -12.43 -25.42 30.36
C LEU IA 21 -13.48 -24.35 30.60
N ALA IA 22 -13.04 -23.12 30.92
CA ALA IA 22 -13.95 -22.01 31.10
C ALA IA 22 -14.61 -21.59 29.81
N LEU IA 23 -13.86 -21.58 28.71
CA LEU IA 23 -14.43 -21.30 27.40
C LEU IA 23 -15.41 -22.37 26.97
N ARG IA 24 -15.13 -23.64 27.27
CA ARG IA 24 -16.06 -24.71 26.98
C ARG IA 24 -17.34 -24.62 27.79
N LEU IA 25 -17.24 -24.27 29.08
CA LEU IA 25 -18.44 -24.06 29.88
C LEU IA 25 -19.21 -22.81 29.43
N ALA IA 26 -18.52 -21.76 28.99
CA ALA IA 26 -19.20 -20.57 28.52
C ALA IA 26 -19.97 -20.84 27.24
N THR IA 27 -19.39 -21.59 26.31
CA THR IA 27 -20.12 -21.92 25.08
C THR IA 27 -21.14 -23.04 25.28
N GLU IA 28 -21.01 -23.85 26.31
CA GLU IA 28 -22.01 -24.85 26.62
C GLU IA 28 -23.23 -24.25 27.29
N LEU IA 29 -23.05 -23.10 27.96
CA LEU IA 29 -24.17 -22.36 28.53
C LEU IA 29 -24.80 -21.40 27.53
N TYR IA 30 -24.32 -21.38 26.28
CA TYR IA 30 -25.03 -20.86 25.11
C TYR IA 30 -25.41 -19.39 25.10
N LYS IA 31 -24.45 -18.48 24.93
CA LYS IA 31 -24.80 -17.12 24.59
C LYS IA 31 -25.26 -16.99 23.14
N SER JA 3 -85.70 25.33 47.32
CA SER JA 3 -86.52 25.03 46.12
C SER JA 3 -86.00 25.83 44.92
N TYR JA 4 -85.75 25.15 43.79
CA TYR JA 4 -85.24 25.82 42.57
C TYR JA 4 -85.94 25.22 41.34
N LYS JA 5 -85.97 25.98 40.24
CA LYS JA 5 -86.62 25.52 38.98
C LYS JA 5 -85.59 25.55 37.84
N VAL JA 6 -85.31 24.39 37.25
CA VAL JA 6 -84.31 24.30 36.13
C VAL JA 6 -85.06 23.91 34.85
N THR JA 7 -84.86 24.67 33.77
CA THR JA 7 -85.52 24.39 32.47
C THR JA 7 -84.50 23.76 31.51
N LEU JA 8 -84.70 22.49 31.15
CA LEU JA 8 -83.78 21.77 30.22
C LEU JA 8 -84.29 21.93 28.78
N VAL JA 9 -83.47 22.53 27.92
CA VAL JA 9 -83.85 22.74 26.49
C VAL JA 9 -83.04 21.78 25.62
N ASN JA 10 -83.71 21.08 24.69
CA ASN JA 10 -83.04 20.12 23.79
C ASN JA 10 -83.61 20.27 22.37
N GLU JA 11 -82.76 20.58 21.39
CA GLU JA 11 -83.20 20.75 19.98
C GLU JA 11 -83.84 19.45 19.48
N THR JA 12 -83.19 18.32 19.74
CA THR JA 12 -83.69 16.99 19.31
C THR JA 12 -85.15 16.81 19.77
N GLU JA 13 -85.40 17.00 21.08
CA GLU JA 13 -86.77 16.85 21.64
C GLU JA 13 -87.61 18.09 21.28
N ASN JA 14 -86.94 19.22 21.02
CA ASN JA 14 -87.63 20.49 20.67
C ASN JA 14 -88.72 20.78 21.71
N LEU JA 15 -88.31 20.97 22.97
CA LEU JA 15 -89.27 21.27 24.07
C LEU JA 15 -88.51 21.84 25.27
N ASN JA 16 -89.19 22.63 26.09
CA ASN JA 16 -88.56 23.24 27.30
C ASN JA 16 -89.36 22.85 28.55
N THR JA 17 -89.01 21.72 29.16
CA THR JA 17 -89.71 21.24 30.38
C THR JA 17 -88.97 21.70 31.63
N THR JA 18 -89.69 22.31 32.58
CA THR JA 18 -89.06 22.81 33.84
C THR JA 18 -89.22 21.75 34.95
N ILE JA 19 -88.22 21.65 35.82
CA ILE JA 19 -88.25 20.65 36.94
C ILE JA 19 -87.52 21.25 38.15
N GLU JA 20 -88.22 21.43 39.26
CA GLU JA 20 -87.62 22.00 40.50
C GLU JA 20 -86.51 21.06 41.01
N VAL JA 21 -85.41 21.63 41.51
CA VAL JA 21 -84.27 20.83 42.02
C VAL JA 21 -83.85 21.39 43.40
N ALA JA 22 -83.61 20.50 44.37
CA ALA JA 22 -83.19 20.91 45.73
C ALA JA 22 -81.79 21.52 45.68
N ASP JA 23 -81.52 22.48 46.57
CA ASP JA 23 -80.19 23.15 46.64
C ASP JA 23 -79.09 22.09 46.70
N ASP JA 24 -79.15 21.21 47.70
CA ASP JA 24 -78.13 20.13 47.87
C ASP JA 24 -78.56 18.91 47.05
N GLU JA 25 -78.52 19.02 45.71
CA GLU JA 25 -78.90 17.89 44.82
C GLU JA 25 -78.43 18.21 43.39
N TYR JA 26 -77.89 17.20 42.70
CA TYR JA 26 -77.40 17.37 41.31
C TYR JA 26 -78.59 17.43 40.34
N ILE JA 27 -78.53 18.33 39.36
CA ILE JA 27 -79.62 18.49 38.36
C ILE JA 27 -79.93 17.12 37.74
N LEU JA 28 -78.91 16.45 37.21
CA LEU JA 28 -79.09 15.11 36.57
C LEU JA 28 -79.76 14.16 37.57
N ASP JA 29 -79.26 14.12 38.81
CA ASP JA 29 -79.83 13.24 39.87
C ASP JA 29 -81.30 13.63 40.11
N ALA JA 30 -81.59 14.93 40.15
CA ALA JA 30 -82.97 15.41 40.37
C ALA JA 30 -83.82 15.21 39.11
N ALA JA 31 -83.16 15.17 37.95
CA ALA JA 31 -83.86 14.97 36.65
C ALA JA 31 -84.34 13.52 36.54
N GLU JA 32 -83.64 12.59 37.19
CA GLU JA 32 -84.00 11.15 37.15
C GLU JA 32 -85.27 10.93 37.98
N GLU JA 33 -85.47 11.76 39.02
CA GLU JA 33 -86.67 11.64 39.90
C GLU JA 33 -87.73 12.65 39.44
N GLN JA 34 -87.99 12.70 38.13
CA GLN JA 34 -89.00 13.63 37.56
C GLN JA 34 -89.37 13.19 36.14
N GLY JA 35 -89.15 11.91 35.83
CA GLY JA 35 -89.46 11.36 34.49
C GLY JA 35 -88.84 12.19 33.38
N ILE JA 36 -87.50 12.22 33.33
CA ILE JA 36 -86.77 13.01 32.28
C ILE JA 36 -85.49 12.23 31.91
N ASP JA 37 -85.24 12.09 30.60
CA ASP JA 37 -84.03 11.36 30.12
C ASP JA 37 -82.93 12.37 29.75
N LEU JA 38 -81.67 12.01 30.01
CA LEU JA 38 -80.54 12.88 29.71
C LEU JA 38 -79.33 11.99 29.42
N PRO JA 39 -78.35 12.49 28.67
CA PRO JA 39 -77.10 11.73 28.50
C PRO JA 39 -76.22 11.83 29.73
N TYR JA 40 -75.76 10.68 30.24
CA TYR JA 40 -74.82 10.64 31.34
C TYR JA 40 -74.07 9.32 31.37
N SER JA 41 -72.76 9.42 31.61
CA SER JA 41 -71.88 8.25 31.59
C SER JA 41 -71.25 7.98 32.95
N CYS JA 42 -70.57 8.96 33.54
CA CYS JA 42 -69.76 8.69 34.73
C CYS JA 42 -70.34 9.28 36.00
N ARG JA 43 -71.08 10.38 35.86
CA ARG JA 43 -71.71 11.07 37.01
C ARG JA 43 -70.63 11.36 38.06
N ALA JA 44 -69.53 11.99 37.63
CA ALA JA 44 -68.41 12.31 38.56
C ALA JA 44 -67.72 13.61 38.14
N GLY JA 45 -67.93 14.08 36.91
CA GLY JA 45 -67.28 15.30 36.48
C GLY JA 45 -65.94 15.03 35.83
N ALA JA 46 -65.79 13.86 35.20
CA ALA JA 46 -64.55 13.45 34.58
C ALA JA 46 -64.77 13.06 33.12
N CYS JA 47 -65.81 13.61 32.49
CA CYS JA 47 -66.06 13.46 31.07
C CYS JA 47 -66.83 14.69 30.60
N SER JA 48 -67.41 14.60 29.41
CA SER JA 48 -68.18 15.72 28.86
C SER JA 48 -69.52 15.23 28.32
N THR JA 49 -69.98 14.07 28.80
CA THR JA 49 -71.17 13.43 28.27
C THR JA 49 -72.46 14.15 28.64
N CYS JA 50 -72.46 14.87 29.76
CA CYS JA 50 -73.64 15.59 30.23
C CYS JA 50 -73.39 17.10 30.26
N ALA JA 51 -72.68 17.58 29.23
CA ALA JA 51 -72.36 19.03 29.11
C ALA JA 51 -73.62 19.81 28.75
N GLY JA 52 -74.05 20.71 29.64
CA GLY JA 52 -75.26 21.52 29.39
C GLY JA 52 -74.94 23.01 29.42
N LYS JA 53 -74.88 23.65 28.25
CA LYS JA 53 -74.58 25.10 28.15
C LYS JA 53 -75.59 25.89 28.99
N LEU JA 54 -75.11 26.85 29.79
CA LEU JA 54 -76.00 27.67 30.66
C LEU JA 54 -76.42 28.92 29.89
N THR JA 55 -77.72 29.02 29.58
CA THR JA 55 -78.26 30.19 28.83
C THR JA 55 -78.46 31.37 29.80
N GLU JA 56 -78.85 31.06 31.04
CA GLU JA 56 -79.08 32.12 32.07
C GLU JA 56 -79.09 31.47 33.46
N GLY JA 57 -78.73 32.24 34.49
CA GLY JA 57 -78.70 31.73 35.88
C GLY JA 57 -77.30 31.36 36.31
N THR JA 58 -77.19 30.57 37.39
CA THR JA 58 -75.86 30.13 37.92
C THR JA 58 -76.02 28.79 38.63
N VAL JA 59 -75.04 27.89 38.44
CA VAL JA 59 -75.07 26.54 39.09
C VAL JA 59 -73.82 26.37 39.96
N ASP JA 60 -73.92 25.57 41.02
CA ASP JA 60 -72.78 25.32 41.93
C ASP JA 60 -72.05 24.04 41.49
N GLN JA 61 -71.11 24.16 40.56
CA GLN JA 61 -70.33 22.99 40.05
C GLN JA 61 -68.91 23.06 40.59
N SER JA 62 -68.75 22.92 41.92
CA SER JA 62 -67.41 22.96 42.56
C SER JA 62 -66.79 21.57 42.57
N ASP JA 63 -67.63 20.52 42.46
CA ASP JA 63 -67.15 19.11 42.45
C ASP JA 63 -66.68 18.74 41.04
N GLN JA 64 -67.16 19.47 40.02
CA GLN JA 64 -66.78 19.20 38.62
C GLN JA 64 -65.26 19.33 38.47
N SER JA 65 -64.65 18.44 37.68
CA SER JA 65 -63.17 18.46 37.46
C SER JA 65 -62.85 17.98 36.04
N PHE JA 66 -63.20 18.78 35.03
CA PHE JA 66 -62.93 18.42 33.61
C PHE JA 66 -63.07 19.67 32.73
N LEU JA 67 -64.07 20.51 33.05
CA LEU JA 67 -64.32 21.76 32.27
C LEU JA 67 -63.11 22.69 32.41
N ASP JA 68 -62.77 23.41 31.34
CA ASP JA 68 -61.61 24.36 31.36
C ASP JA 68 -62.09 25.75 31.80
N ASP JA 69 -61.16 26.59 32.26
CA ASP JA 69 -61.49 27.96 32.72
C ASP JA 69 -62.18 28.73 31.59
N ASP JA 70 -61.64 28.63 30.37
CA ASP JA 70 -62.24 29.33 29.19
C ASP JA 70 -63.47 28.55 28.70
N GLN JA 71 -63.55 27.26 29.03
CA GLN JA 71 -64.68 26.40 28.60
C GLN JA 71 -65.86 26.61 29.56
N ILE JA 72 -65.57 26.88 30.84
CA ILE JA 72 -66.64 27.10 31.86
C ILE JA 72 -67.19 28.53 31.72
N GLU JA 73 -66.44 29.42 31.08
CA GLU JA 73 -66.87 30.83 30.89
C GLU JA 73 -67.90 30.89 29.75
N ALA JA 74 -67.86 29.91 28.83
CA ALA JA 74 -68.79 29.86 27.68
C ALA JA 74 -70.21 29.58 28.19
N GLY JA 75 -70.33 28.78 29.26
CA GLY JA 75 -71.64 28.43 29.84
C GLY JA 75 -71.77 26.95 30.08
N TYR JA 76 -70.88 26.15 29.48
CA TYR JA 76 -70.92 24.67 29.65
C TYR JA 76 -70.77 24.32 31.14
N VAL JA 77 -71.57 23.35 31.60
CA VAL JA 77 -71.51 22.90 33.02
C VAL JA 77 -72.00 21.44 33.11
N LEU JA 78 -71.13 20.54 33.55
CA LEU JA 78 -71.50 19.10 33.68
C LEU JA 78 -72.78 18.99 34.51
N THR JA 79 -73.88 18.58 33.87
CA THR JA 79 -75.16 18.46 34.56
C THR JA 79 -75.18 17.28 35.52
N CYS JA 80 -74.09 16.51 35.57
CA CYS JA 80 -74.01 15.32 36.41
C CYS JA 80 -73.49 15.66 37.80
N VAL JA 81 -72.62 16.67 37.88
CA VAL JA 81 -72.03 17.11 39.18
C VAL JA 81 -72.30 18.60 39.37
N ALA JA 82 -73.44 19.08 38.87
CA ALA JA 82 -73.82 20.51 38.99
C ALA JA 82 -74.78 20.69 40.16
N TYR JA 83 -74.79 21.90 40.75
CA TYR JA 83 -75.68 22.20 41.91
C TYR JA 83 -76.61 23.36 41.55
N PRO JA 84 -77.90 23.06 41.34
CA PRO JA 84 -78.89 24.09 40.99
C PRO JA 84 -79.06 25.11 42.12
N THR JA 85 -78.47 26.30 41.95
CA THR JA 85 -78.57 27.38 42.97
C THR JA 85 -79.96 28.02 42.92
N SER JA 86 -80.51 28.19 41.71
CA SER JA 86 -81.85 28.79 41.53
C SER JA 86 -82.68 27.94 40.56
N ASP JA 87 -82.73 28.35 39.28
CA ASP JA 87 -83.50 27.59 38.24
C ASP JA 87 -83.05 28.05 36.85
N CYS JA 88 -83.50 29.24 36.43
CA CYS JA 88 -83.15 29.79 35.09
C CYS JA 88 -83.39 28.74 34.00
N THR JA 89 -82.39 28.51 33.14
CA THR JA 89 -82.50 27.52 32.04
C THR JA 89 -81.11 27.02 31.66
N VAL JA 90 -81.02 25.79 31.14
CA VAL JA 90 -79.70 25.20 30.74
C VAL JA 90 -79.92 24.31 29.51
N MET JA 91 -78.98 24.34 28.56
CA MET JA 91 -79.07 23.51 27.32
C MET JA 91 -78.69 22.07 27.65
N THR JA 92 -79.22 21.11 26.88
CA THR JA 92 -78.93 19.67 27.11
C THR JA 92 -78.23 19.08 25.87
N HIS JA 93 -77.48 17.99 26.07
CA HIS JA 93 -76.76 17.31 24.95
C HIS JA 93 -75.90 18.34 24.19
N GLN JA 94 -74.91 18.91 24.86
CA GLN JA 94 -74.01 19.92 24.22
C GLN JA 94 -72.56 19.40 24.26
N GLU JA 95 -72.38 18.08 24.14
CA GLU JA 95 -71.04 17.46 24.16
C GLU JA 95 -70.37 17.65 22.79
N GLU JA 96 -71.17 17.84 21.74
CA GLU JA 96 -70.64 18.05 20.37
C GLU JA 96 -70.15 19.49 20.22
N GLU JA 97 -70.63 20.39 21.07
CA GLU JA 97 -70.22 21.83 21.02
C GLU JA 97 -68.94 22.02 21.84
N LEU JA 98 -68.70 21.12 22.80
CA LEU JA 98 -67.49 21.20 23.67
C LEU JA 98 -66.23 20.98 22.81
N TYR JA 99 -66.14 19.82 22.15
CA TYR JA 99 -64.98 19.49 21.29
C TYR JA 99 -65.18 20.08 19.90
MG CL0 KA . 31.16 -49.83 3.79
CHA CL0 KA . 28.73 -50.87 6.11
CHB CL0 KA . 28.88 -50.44 1.36
CHC CL0 KA . 33.47 -48.70 1.60
CHD CL0 KA . 33.40 -49.28 6.42
NA CL0 KA . 29.06 -50.56 3.71
C1A CL0 KA . 28.31 -50.95 4.67
C2A CL0 KA . 27.01 -51.53 4.25
C3A CL0 KA . 27.19 -51.49 2.79
C4A CL0 KA . 28.44 -50.77 2.58
CMA CL0 KA . 27.41 -52.93 2.50
CAA CL0 KA . 25.84 -50.58 4.50
CBA CL0 KA . 24.60 -50.84 3.68
CGA CL0 KA . 23.57 -49.81 3.99
O1A CL0 KA . 22.60 -49.56 3.31
O2A CL0 KA . 23.59 -49.06 5.05
NB CL0 KA . 31.16 -49.61 1.76
C1B CL0 KA . 30.15 -49.83 0.92
C2B CL0 KA . 30.45 -49.45 -0.47
C3B CL0 KA . 31.83 -48.95 -0.37
C4B CL0 KA . 32.17 -49.09 1.04
CMB CL0 KA . 29.55 -49.55 -1.65
CAB CL0 KA . 32.76 -48.40 -1.39
CBB CL0 KA . 32.72 -48.67 -2.66
NC CL0 KA . 33.12 -49.04 3.99
C1C CL0 KA . 33.92 -48.69 2.99
C2C CL0 KA . 35.29 -48.29 3.36
C3C CL0 KA . 35.25 -48.43 4.82
C4C CL0 KA . 33.87 -48.91 5.08
CMC CL0 KA . 36.41 -47.84 2.46
CAC CL0 KA . 36.31 -48.19 5.86
CBC CL0 KA . 36.96 -49.48 6.30
ND CL0 KA . 31.18 -49.95 5.77
C1D CL0 KA . 32.07 -49.78 6.72
C2D CL0 KA . 31.63 -50.15 8.07
C3D CL0 KA . 30.27 -50.59 7.78
C4D CL0 KA . 30.09 -50.45 6.45
CMD CL0 KA . 32.26 -50.13 9.41
CAD CL0 KA . 29.05 -51.12 8.40
OBD CL0 KA . 28.87 -51.33 9.65
CBD CL0 KA . 27.97 -51.19 7.38
CGD CL0 KA . 26.94 -50.14 7.68
O1D CL0 KA . 27.20 -48.96 7.64
O2D CL0 KA . 25.58 -50.51 8.04
CED CL0 KA . 24.64 -49.46 8.20
C1 CL0 KA . 22.87 -47.64 5.14
C2 CL0 KA . 23.71 -46.43 5.45
C3 CL0 KA . 23.62 -45.84 6.65
C4 CL0 KA . 22.71 -46.37 7.71
C5 CL0 KA . 24.46 -44.62 6.94
C6 CL0 KA . 25.47 -45.00 8.00
C7 CL0 KA . 26.65 -44.03 8.06
C8 CL0 KA . 26.24 -42.58 8.02
C9 CL0 KA . 27.35 -41.74 7.41
C10 CL0 KA . 25.90 -42.11 9.42
C11 CL0 KA . 24.56 -41.42 9.45
C12 CL0 KA . 24.53 -40.27 10.45
C13 CL0 KA . 23.17 -39.63 10.67
C14 CL0 KA . 22.93 -39.41 12.15
C15 CL0 KA . 22.04 -40.45 10.10
C16 CL0 KA . 21.11 -39.60 9.27
C17 CL0 KA . 20.43 -40.42 8.20
C18 CL0 KA . 19.54 -41.52 8.74
C19 CL0 KA . 18.09 -41.21 8.41
C20 CL0 KA . 19.95 -42.83 8.12
MG CLA LA . 20.42 -43.66 3.33
CHA CLA LA . 23.77 -43.27 2.65
CHB CLA LA . 20.50 -40.45 4.60
CHC CLA LA . 17.08 -43.91 3.80
CHD CLA LA . 20.49 -46.97 2.16
NA CLA LA . 21.92 -42.04 3.61
C1A CLA LA . 23.16 -42.09 3.33
C2A CLA LA . 23.95 -40.91 3.78
C3A CLA LA . 22.90 -40.10 4.46
C4A CLA LA . 21.69 -40.91 4.22
CMA CLA LA . 23.23 -39.82 5.91
CAA CLA LA . 24.30 -40.06 2.57
CBA CLA LA . 25.56 -39.22 2.77
CGA CLA LA . 25.15 -37.80 3.04
O1A CLA LA . 24.02 -37.36 3.01
O2A CLA LA . 25.99 -36.87 3.41
NB CLA LA . 19.01 -42.37 4.09
C1B CLA LA . 19.21 -41.11 4.50
C2B CLA LA . 17.97 -40.42 4.86
C3B CLA LA . 16.99 -41.46 4.63
C4B CLA LA . 17.72 -42.65 4.15
CMB CLA LA . 17.78 -39.04 5.38
CAB CLA LA . 15.56 -41.39 4.80
CBB CLA LA . 14.84 -40.50 4.20
NC CLA LA . 18.99 -45.20 3.00
C1C CLA LA . 17.70 -45.16 3.34
C2C CLA LA . 16.95 -46.42 3.23
C3C CLA LA . 18.00 -47.32 2.75
C4C CLA LA . 19.20 -46.47 2.64
CMC CLA LA . 15.52 -46.71 3.53
CAC CLA LA . 17.92 -48.78 2.43
CBC CLA LA . 18.27 -49.57 3.66
ND CLA LA . 21.74 -44.98 2.65
C1D CLA LA . 21.70 -46.16 2.06
C2D CLA LA . 22.95 -46.53 1.33
C3D CLA LA . 23.74 -45.33 1.63
C4D CLA LA . 23.00 -44.50 2.36
CMD CLA LA . 23.42 -47.69 0.51
CAD CLA LA . 25.06 -44.69 1.35
OBD CLA LA . 25.61 -44.76 0.20
CBD CLA LA . 25.17 -43.46 2.14
CGD CLA LA . 26.18 -43.59 3.22
O1D CLA LA . 26.06 -44.40 4.11
O2D CLA LA . 27.36 -42.77 3.21
CED CLA LA . 28.54 -43.37 3.67
C1 CLA LA . 25.54 -35.35 3.57
C2 CLA LA . 25.25 -34.52 2.36
C3 CLA LA . 25.93 -33.40 2.11
C4 CLA LA . 27.03 -32.95 3.01
C5 CLA LA . 25.59 -32.61 0.88
C6 CLA LA . 24.49 -31.64 1.29
C7 CLA LA . 23.67 -31.22 0.10
C8 CLA LA . 22.39 -30.57 0.59
C9 CLA LA . 21.53 -31.59 1.32
C10 CLA LA . 21.60 -30.01 -0.57
C11 CLA LA . 22.46 -29.08 -1.40
C12 CLA LA . 21.58 -28.09 -2.13
C13 CLA LA . 22.47 -27.23 -3.01
C14 CLA LA . 23.22 -26.23 -2.17
C15 CLA LA . 21.61 -26.55 -4.04
C16 CLA LA . 22.46 -25.69 -4.95
C17 CLA LA . 21.91 -25.75 -6.36
C18 CLA LA . 21.94 -24.40 -7.03
C19 CLA LA . 23.28 -23.71 -6.82
C20 CLA LA . 21.65 -24.56 -8.51
MG CLA MA . 25.18 -58.73 -12.11
CHA CLA MA . 24.99 -60.64 -15.05
CHB CLA MA . 27.10 -61.20 -10.79
CHC CLA MA . 25.57 -56.77 -9.39
CHD CLA MA . 23.02 -56.39 -13.53
NA CLA MA . 25.98 -60.68 -12.80
C1A CLA MA . 25.76 -61.27 -13.92
C2A CLA MA . 26.36 -62.66 -13.94
C3A CLA MA . 26.89 -62.79 -12.54
C4A CLA MA . 26.65 -61.46 -12.01
CMA CLA MA . 26.29 -63.94 -11.76
CAA CLA MA . 27.51 -62.71 -14.95
CBA CLA MA . 28.95 -62.44 -14.52
CGA CLA MA . 29.56 -63.75 -14.13
O1A CLA MA . 29.19 -64.79 -14.57
O2A CLA MA . 30.44 -63.95 -13.18
NB CLA MA . 26.20 -58.96 -10.35
C1B CLA MA . 26.94 -60.00 -9.99
C2B CLA MA . 27.59 -59.89 -8.67
C3B CLA MA . 27.12 -58.57 -8.25
C4B CLA MA . 26.26 -58.07 -9.36
CMB CLA MA . 28.47 -60.93 -8.05
CAB CLA MA . 27.42 -57.82 -7.01
CBB CLA MA . 28.53 -57.97 -6.33
NC CLA MA . 24.46 -56.82 -11.57
C1C CLA MA . 24.67 -56.21 -10.41
C2C CLA MA . 23.98 -54.92 -10.26
C3C CLA MA . 23.26 -54.81 -11.52
C4C CLA MA . 23.62 -56.04 -12.24
CMC CLA MA . 24.01 -53.97 -9.12
CAC CLA MA . 22.35 -53.73 -12.01
CBC CLA MA . 20.91 -54.15 -11.85
ND CLA MA . 24.22 -58.43 -13.84
C1D CLA MA . 23.36 -57.57 -14.31
C2D CLA MA . 22.77 -57.85 -15.62
C3D CLA MA . 23.47 -59.12 -15.89
C4D CLA MA . 24.27 -59.39 -14.84
CMD CLA MA . 21.77 -57.18 -16.50
CAD CLA MA . 23.58 -60.20 -16.90
OBD CLA MA . 23.12 -60.13 -18.09
CBD CLA MA . 24.76 -61.03 -16.51
CGD CLA MA . 24.50 -62.49 -16.73
O1D CLA MA . 23.56 -63.06 -16.25
O2D CLA MA . 25.44 -63.30 -17.47
CED CLA MA . 25.05 -64.62 -17.84
C1 CLA MA . 30.40 -65.29 -12.31
C2 CLA MA . 29.37 -65.55 -11.25
C3 CLA MA . 29.44 -64.96 -10.05
C4 CLA MA . 30.55 -64.01 -9.74
C5 CLA MA . 28.38 -65.24 -9.02
C6 CLA MA . 29.02 -65.60 -7.69
C7 CLA MA . 29.17 -67.10 -7.54
C8 CLA MA . 28.97 -67.53 -6.09
C9 CLA MA . 29.87 -66.69 -5.17
C10 CLA MA . 29.25 -69.03 -5.98
C11 CLA MA . 29.44 -69.48 -4.53
C12 CLA MA . 28.11 -69.62 -3.79
C13 CLA MA . 28.27 -70.34 -2.46
C14 CLA MA . 26.95 -70.36 -1.70
C15 CLA MA . 29.35 -69.67 -1.62
MG CLA NA . 13.71 -78.58 -0.37
CHA CLA NA . 14.94 -77.92 -3.58
CHB CLA NA . 16.15 -76.46 0.83
CHC CLA NA . 12.45 -79.14 2.71
CHD CLA NA . 11.20 -80.70 -1.75
NA CLA NA . 15.35 -77.33 -1.24
C1A CLA NA . 15.67 -77.21 -2.47
C2A CLA NA . 16.81 -76.27 -2.71
C3A CLA NA . 17.19 -75.85 -1.29
C4A CLA NA . 16.16 -76.58 -0.51
CMA CLA NA . 18.64 -75.91 -0.84
CAA CLA NA . 16.28 -75.01 -3.38
CBA CLA NA . 17.38 -74.02 -3.72
CGA CLA NA . 18.08 -74.44 -4.99
O1A CLA NA . 19.12 -75.07 -5.04
O2A CLA NA . 17.64 -74.15 -6.20
NB CLA NA . 14.23 -77.88 1.50
C1B CLA NA . 15.24 -77.06 1.82
C2B CLA NA . 15.37 -76.79 3.28
C3B CLA NA . 14.28 -77.61 3.82
C4B CLA NA . 13.62 -78.24 2.65
CMB CLA NA . 16.37 -75.94 4.02
CAB CLA NA . 13.89 -77.74 5.25
CBB CLA NA . 13.84 -78.90 5.87
NC CLA NA . 12.05 -79.69 0.35
C1C CLA NA . 11.72 -79.84 1.64
C2C CLA NA . 10.60 -80.76 1.94
C3C CLA NA . 10.22 -81.19 0.60
C4C CLA NA . 11.17 -80.49 -0.29
CMC CLA NA . 10.00 -81.12 3.27
CAC CLA NA . 9.12 -82.14 0.20
CBC CLA NA . 9.66 -83.54 0.10
ND CLA NA . 13.10 -79.23 -2.15
C1D CLA NA . 12.15 -80.03 -2.65
C2D CLA NA . 12.16 -80.16 -4.13
C3D CLA NA . 13.30 -79.29 -4.44
C4D CLA NA . 13.79 -78.80 -3.29
CMD CLA NA . 11.39 -80.86 -5.21
CAD CLA NA . 14.06 -78.81 -5.60
OBD CLA NA . 13.85 -79.13 -6.82
CBD CLA NA . 15.17 -77.93 -5.09
CGD CLA NA . 16.48 -78.50 -5.54
O1D CLA NA . 16.68 -78.68 -6.73
O2D CLA NA . 17.56 -78.82 -4.63
CED CLA NA . 18.87 -78.40 -4.98
MG CLA OA . 8.68 -77.10 7.65
CHA CLA OA . 6.14 -78.99 6.18
CHB CLA OA . 7.23 -77.82 10.70
CHC CLA OA . 11.12 -75.25 9.09
CHD CLA OA . 10.01 -76.38 4.44
NA CLA OA . 6.92 -78.26 8.38
C1A CLA OA . 6.08 -78.92 7.68
C2A CLA OA . 5.03 -79.63 8.50
C3A CLA OA . 5.38 -79.20 9.91
C4A CLA OA . 6.59 -78.37 9.66
CMA CLA OA . 4.31 -78.60 10.81
CAA CLA OA . 5.32 -81.14 8.38
CBA CLA OA . 4.96 -81.97 9.59
CGA CLA OA . 5.95 -83.09 9.81
O1A CLA OA . 6.07 -84.06 9.09
O2A CLA OA . 6.76 -83.13 10.84
NB CLA OA . 9.10 -76.61 9.61
C1B CLA OA . 8.43 -76.99 10.71
C2B CLA OA . 9.00 -76.48 11.99
C3B CLA OA . 10.16 -75.71 11.49
C4B CLA OA . 10.14 -75.85 10.01
CMB CLA OA . 8.47 -76.75 13.37
CAB CLA OA . 11.19 -74.93 12.24
CBB CLA OA . 10.97 -74.37 13.41
NC CLA OA . 10.39 -76.08 6.88
C1C CLA OA . 11.23 -75.33 7.61
C2C CLA OA . 12.26 -74.60 6.84
C3C CLA OA . 11.94 -74.99 5.47
C4C CLA OA . 10.77 -75.90 5.61
CMC CLA OA . 13.35 -73.67 7.32
CAC CLA OA . 12.64 -74.58 4.20
CBC CLA OA . 11.95 -73.41 3.52
ND CLA OA . 8.29 -77.48 5.72
C1D CLA OA . 8.83 -77.24 4.53
C2D CLA OA . 8.11 -77.86 3.37
C3D CLA OA . 7.05 -78.55 4.11
C4D CLA OA . 7.21 -78.31 5.41
CMD CLA OA . 8.24 -77.93 1.87
CAD CLA OA . 5.88 -79.42 3.88
OBD CLA OA . 5.68 -80.11 2.82
CBD CLA OA . 5.21 -79.64 5.19
CGD CLA OA . 3.88 -78.95 5.18
O1D CLA OA . 3.68 -78.00 4.43
O2D CLA OA . 2.80 -79.38 6.05
CED CLA OA . 1.46 -79.32 5.58
C1 CLA OA . 8.17 -83.88 10.75
C2 CLA OA . 8.33 -85.37 10.94
C3 CLA OA . 9.20 -85.85 11.84
C4 CLA OA . 10.03 -84.91 12.69
C5 CLA OA . 9.35 -87.33 12.02
MG CLA PA . 2.95 -69.72 15.02
CHA CLA PA . 3.37 -67.97 18.01
CHB CLA PA . 6.02 -71.14 15.62
CHC CLA PA . 2.50 -71.59 12.26
CHD CLA PA . -0.18 -68.20 14.54
NA CLA PA . 4.49 -69.61 16.61
C1A CLA PA . 4.49 -68.88 17.65
C2A CLA PA . 5.69 -69.06 18.50
C3A CLA PA . 6.50 -69.96 17.64
C4A CLA PA . 5.60 -70.29 16.56
CMA CLA PA . 7.70 -69.24 17.10
CAA CLA PA . 5.22 -69.95 19.66
CBA CLA PA . 5.97 -69.72 20.97
CGA CLA PA . 7.21 -70.56 20.88
O1A CLA PA . 7.23 -71.77 20.92
O2A CLA PA . 8.41 -70.06 20.64
NB CLA PA . 4.10 -71.18 14.10
C1B CLA PA . 5.32 -71.58 14.41
C2B CLA PA . 5.92 -72.55 13.47
C3B CLA PA . 4.86 -72.66 12.47
C4B CLA PA . 3.78 -71.77 12.95
CMB CLA PA . 7.28 -73.18 13.57
CAB CLA PA . 4.75 -73.45 11.23
CBB CLA PA . 5.47 -74.51 10.95
NC CLA PA . 1.40 -69.85 13.60
C1C CLA PA . 1.46 -70.59 12.49
C2C CLA PA . 0.40 -70.35 11.51
C3C CLA PA . -0.37 -69.31 12.18
C4C CLA PA . 0.33 -69.07 13.45
CMC CLA PA . 0.18 -71.02 10.19
CAC CLA PA . -1.59 -68.62 11.64
CBC CLA PA . -1.19 -67.24 11.20
ND CLA PA . 1.77 -68.39 15.94
C1D CLA PA . 0.57 -67.86 15.75
C2D CLA PA . 0.14 -66.94 16.84
C3D CLA PA . 1.31 -67.03 17.72
C4D CLA PA . 2.18 -67.86 17.15
CMD CLA PA . -1.04 -66.10 17.21
CAD CLA PA . 1.83 -66.52 19.00
OBD CLA PA . 1.27 -65.63 19.72
CBD CLA PA . 3.21 -67.04 19.19
CGD CLA PA . 4.20 -65.90 19.19
O1D CLA PA . 5.34 -66.05 19.60
O2D CLA PA . 3.88 -64.60 18.69
CED CLA PA . 4.96 -63.74 18.32
C1 CLA PA . 9.03 -68.85 21.48
C2 CLA PA . 9.80 -69.17 22.73
C3 CLA PA . 9.55 -68.58 23.91
C4 CLA PA . 8.48 -67.54 24.01
C5 CLA PA . 10.33 -68.97 25.13
C6 CLA PA . 11.14 -70.24 24.84
C7 CLA PA . 11.44 -71.03 26.10
C8 CLA PA . 12.38 -72.18 25.77
C9 CLA PA . 11.77 -73.08 24.72
C10 CLA PA . 12.67 -73.00 27.02
C11 CLA PA . 13.16 -72.19 28.20
C12 CLA PA . 13.27 -73.10 29.41
C13 CLA PA . 12.90 -72.36 30.69
C14 CLA PA . 14.12 -72.06 31.53
C15 CLA PA . 11.84 -73.10 31.49
C16 CLA PA . 12.04 -74.62 31.54
C17 CLA PA . 10.70 -75.32 31.61
C18 CLA PA . 10.43 -75.95 32.97
C19 CLA PA . 9.81 -74.96 33.94
C20 CLA PA . 9.54 -77.17 32.83
MG CLA QA . 12.48 -69.17 15.56
CHA CLA QA . 11.73 -70.49 12.42
CHB CLA QA . 9.80 -67.10 15.18
CHC CLA QA . 13.10 -68.05 18.70
CHD CLA QA . 15.22 -71.39 15.81
NA CLA QA . 10.93 -68.83 14.01
C1A CLA QA . 10.82 -69.40 12.88
C2A CLA QA . 9.70 -68.87 12.07
C3A CLA QA . 9.18 -67.76 12.93
C4A CLA QA . 10.01 -67.91 14.14
CMA CLA QA . 9.30 -66.40 12.30
CAA CLA QA . 8.62 -69.95 12.08
CBA CLA QA . 7.33 -69.49 11.45
CGA CLA QA . 7.43 -69.50 9.96
O1A CLA QA . 7.78 -70.45 9.30
O2A CLA QA . 7.12 -68.49 9.16
NB CLA QA . 11.56 -67.79 16.76
C1B CLA QA . 10.52 -67.01 16.47
C2B CLA QA . 10.14 -66.06 17.55
C3B CLA QA . 11.15 -66.38 18.56
C4B CLA QA . 11.97 -67.45 18.00
CMB CLA QA . 9.01 -65.08 17.53
CAB CLA QA . 11.38 -65.82 19.91
CBB CLA QA . 10.41 -65.43 20.70
NC CLA QA . 13.89 -69.69 17.05
C1C CLA QA . 14.05 -69.06 18.21
C2C CLA QA . 15.26 -69.41 18.98
C3C CLA QA . 15.83 -70.42 18.10
C4C CLA QA . 14.94 -70.51 16.95
CMC CLA QA . 15.75 -68.89 20.29
CAC CLA QA . 17.09 -71.20 18.23
CBC CLA QA . 18.18 -70.37 17.61
ND CLA QA . 13.35 -70.62 14.51
C1D CLA QA . 14.41 -71.42 14.60
C2D CLA QA . 14.70 -72.28 13.42
C3D CLA QA . 13.58 -71.85 12.58
C4D CLA QA . 12.87 -70.93 13.24
CMD CLA QA . 15.69 -73.30 12.98
CAD CLA QA . 13.00 -72.11 11.26
OBD CLA QA . 13.29 -73.13 10.55
CBD CLA QA . 11.75 -71.31 11.14
CGD CLA QA . 11.87 -70.46 9.91
O1D CLA QA . 11.26 -70.77 8.91
O2D CLA QA . 12.69 -69.28 9.89
CED CLA QA . 12.39 -68.26 8.94
C1 CLA QA . 8.17 -67.90 8.12
C2 CLA QA . 9.02 -66.70 8.45
C3 CLA QA . 9.13 -65.68 7.58
C4 CLA QA . 8.40 -65.73 6.28
C5 CLA QA . 9.98 -64.49 7.90
C6 CLA QA . 11.44 -64.85 8.12
C7 CLA QA . 11.91 -64.42 9.50
C8 CLA QA . 13.22 -63.64 9.43
C9 CLA QA . 14.37 -64.58 9.09
C10 CLA QA . 13.55 -62.90 10.73
C11 CLA QA . 12.56 -63.10 11.87
C12 CLA QA . 13.22 -63.16 13.24
C13 CLA QA . 12.89 -64.47 13.93
C14 CLA QA . 13.16 -64.37 15.42
C15 CLA QA . 13.68 -65.57 13.23
C16 CLA QA . 14.30 -66.64 14.11
C17 CLA QA . 15.70 -66.98 13.63
C18 CLA QA . 15.77 -68.31 12.90
C19 CLA QA . 15.47 -68.17 11.41
C20 CLA QA . 17.14 -68.94 13.08
MG CLA RA . 27.29 -79.00 18.18
CHA CLA RA . 30.60 -79.71 17.41
CHB CLA RA . 27.55 -76.27 16.09
CHC CLA RA . 24.04 -78.40 18.81
CHD CLA RA . 27.17 -81.85 20.28
NA CLA RA . 28.85 -78.08 16.89
C1A CLA RA . 30.05 -78.48 16.72
C2A CLA RA . 30.86 -77.64 15.79
C3A CLA RA . 29.89 -76.54 15.45
C4A CLA RA . 28.68 -76.99 16.18
CMA CLA RA . 30.37 -75.12 15.69
CAA CLA RA . 31.16 -78.32 14.46
CBA CLA RA . 30.09 -79.33 14.04
CGA CLA RA . 30.43 -79.94 12.70
O1A CLA RA . 31.49 -79.79 12.14
O2A CLA RA . 29.63 -80.71 12.01
NB CLA RA . 25.99 -77.54 17.53
C1B CLA RA . 26.24 -76.50 16.73
C2B CLA RA . 25.08 -75.59 16.51
C3B CLA RA . 24.06 -76.25 17.33
C4B CLA RA . 24.72 -77.44 17.92
CMB CLA RA . 25.04 -74.36 15.66
CAB CLA RA . 22.64 -75.93 17.61
CBB CLA RA . 22.17 -74.71 17.58
NC CLA RA . 25.81 -80.00 19.36
C1C CLA RA . 24.55 -79.59 19.50
C2C CLA RA . 23.70 -80.43 20.38
C3C CLA RA . 24.65 -81.46 20.80
C4C CLA RA . 25.91 -81.09 20.12
CMC CLA RA . 22.25 -80.27 20.73
CAC CLA RA . 24.42 -82.64 21.71
CBC CLA RA . 24.28 -82.20 23.15
ND CLA RA . 28.48 -80.49 18.79
C1D CLA RA . 28.41 -81.55 19.58
C2D CLA RA . 29.68 -82.35 19.68
C3D CLA RA . 30.51 -81.54 18.78
C4D CLA RA . 29.78 -80.52 18.32
CMD CLA RA . 30.22 -83.57 20.36
CAD CLA RA . 31.87 -81.51 18.23
OBD CLA RA . 32.87 -82.17 18.68
CBD CLA RA . 31.98 -80.33 17.33
CGD CLA RA . 33.04 -79.39 17.83
O1D CLA RA . 32.75 -78.43 18.52
O2D CLA RA . 34.43 -79.61 17.51
CED CLA RA . 35.44 -79.27 18.44
MG CLA SA . 30.13 -69.07 15.46
CHA CLA SA . 28.59 -68.56 18.57
CHB CLA SA . 28.40 -72.04 15.28
CHC CLA SA . 31.46 -69.46 12.40
CHD CLA SA . 31.87 -66.00 15.82
NA CLA SA . 28.68 -70.18 16.72
C1A CLA SA . 28.22 -69.84 17.87
C2A CLA SA . 27.23 -70.81 18.43
C3A CLA SA . 27.28 -71.92 17.43
C4A CLA SA . 28.17 -71.34 16.39
CMA CLA SA . 27.66 -73.26 18.01
CAA CLA SA . 25.87 -70.13 18.27
CBA CLA SA . 24.72 -70.93 17.63
CGA CLA SA . 24.13 -70.26 16.44
O1A CLA SA . 24.74 -69.68 15.57
O2A CLA SA . 22.83 -70.27 16.17
NB CLA SA . 29.94 -70.54 14.04
C1B CLA SA . 29.25 -71.70 14.12
C2B CLA SA . 29.39 -72.57 12.93
C3B CLA SA . 30.31 -71.77 12.11
C4B CLA SA . 30.59 -70.55 12.88
CMB CLA SA . 28.74 -73.91 12.70
CAB CLA SA . 30.90 -72.01 10.76
CBB CLA SA . 30.98 -73.18 10.18
NC CLA SA . 31.46 -67.90 14.29
C1C CLA SA . 31.92 -68.24 13.09
C2C CLA SA . 32.91 -67.33 12.49
C3C CLA SA . 33.03 -66.31 13.53
C4C CLA SA . 32.09 -66.76 14.58
CMC CLA SA . 33.61 -67.42 11.17
CAC CLA SA . 33.89 -65.08 13.54
CBC CLA SA . 35.17 -65.38 14.29
ND CLA SA . 30.30 -67.57 16.77
C1D CLA SA . 30.96 -66.43 16.89
C2D CLA SA . 30.71 -65.67 18.14
C3D CLA SA . 29.76 -66.58 18.77
C4D CLA SA . 29.57 -67.64 17.96
CMD CLA SA . 31.14 -64.39 18.80
CAD CLA SA . 28.95 -66.72 20.00
OBD CLA SA . 28.79 -65.80 20.86
CBD CLA SA . 28.11 -67.94 19.86
CGD CLA SA . 28.24 -68.79 21.10
O1D CLA SA . 27.67 -68.44 22.12
O2D CLA SA . 29.03 -69.99 21.15
CED CLA SA . 28.54 -71.08 21.94
C1 CLA SA . 22.37 -70.69 14.71
C2 CLA SA . 20.97 -71.17 14.47
C3 CLA SA . 20.73 -72.25 13.72
C4 CLA SA . 21.84 -73.03 13.10
C5 CLA SA . 19.30 -72.68 13.51
C6 CLA SA . 19.22 -74.18 13.77
C7 CLA SA . 19.20 -74.49 15.26
C8 CLA SA . 19.22 -75.98 15.49
C9 CLA SA . 20.35 -76.65 14.70
C10 CLA SA . 17.88 -76.54 15.05
C11 CLA SA . 17.79 -78.03 15.40
C12 CLA SA . 17.34 -78.84 14.19
C13 CLA SA . 16.62 -80.10 14.63
C14 CLA SA . 17.58 -81.03 15.36
C15 CLA SA . 16.03 -80.80 13.42
MG CLA TA . 35.55 -73.35 8.01
CHA CLA TA . 34.28 -74.79 10.92
CHB CLA TA . 35.37 -76.47 6.58
CHC CLA TA . 36.69 -71.93 5.16
CHD CLA TA . 35.67 -70.20 9.61
NA CLA TA . 34.90 -75.39 8.64
C1A CLA TA . 34.44 -75.75 9.78
C2A CLA TA . 34.13 -77.22 9.88
C3A CLA TA . 34.52 -77.70 8.50
C4A CLA TA . 34.95 -76.44 7.84
CMA CLA TA . 35.42 -78.91 8.45
CAA CLA TA . 32.67 -77.56 10.09
CBA CLA TA . 31.69 -76.62 9.40
CGA CLA TA . 30.40 -76.67 10.18
O1A CLA TA . 30.33 -76.56 11.39
O2A CLA TA . 29.20 -76.84 9.65
NB CLA TA . 35.96 -74.10 6.14
C1B CLA TA . 35.86 -75.37 5.72
C2B CLA TA . 36.28 -75.58 4.31
C3B CLA TA . 36.67 -74.21 3.93
C4B CLA TA . 36.44 -73.37 5.12
CMB CLA TA . 36.30 -76.86 3.52
CAB CLA TA . 37.20 -73.69 2.66
CBB CLA TA . 38.17 -74.29 2.02
NC CLA TA . 36.05 -71.36 7.45
C1C CLA TA . 36.50 -70.97 6.27
C2C CLA TA . 36.76 -69.52 6.11
C3C CLA TA . 36.41 -69.03 7.44
C4C CLA TA . 36.00 -70.23 8.17
CMC CLA TA . 37.24 -68.76 4.91
CAC CLA TA . 36.44 -67.62 7.97
CBC CLA TA . 35.09 -66.98 7.77
ND CLA TA . 35.09 -72.54 9.78
C1D CLA TA . 35.21 -71.36 10.37
C2D CLA TA . 34.88 -71.35 11.82
C3D CLA TA . 34.51 -72.76 11.97
C4D CLA TA . 34.64 -73.36 10.79
CMD CLA TA . 34.86 -70.38 12.95
CAD CLA TA . 34.04 -73.70 13.01
OBD CLA TA . 33.62 -73.37 14.17
CBD CLA TA . 33.84 -75.02 12.36
CGD CLA TA . 34.72 -76.04 13.01
O1D CLA TA . 35.93 -76.02 12.84
O2D CLA TA . 34.17 -77.08 13.83
CED CLA TA . 34.64 -77.27 15.16
MG CLA UA . -0.88 -82.07 26.98
CHA CLA UA . -3.77 -83.95 27.35
CHB CLA UA . -2.92 -79.31 26.71
CHC CLA UA . 1.93 -80.20 26.81
CHD CLA UA . 1.09 -85.01 27.16
NA CLA UA . -3.07 -81.64 27.04
C1A CLA UA . -4.02 -82.49 27.19
C2A CLA UA . -5.40 -81.90 27.11
C3A CLA UA . -5.09 -80.46 26.85
C4A CLA UA . -3.60 -80.45 26.87
CMA CLA UA . -5.80 -79.97 25.60
CAA CLA UA . -6.17 -81.92 28.42
CBA CLA UA . -5.27 -81.69 29.64
CGA CLA UA . -6.13 -81.23 30.77
O1A CLA UA . -5.81 -81.22 31.95
O2A CLA UA . -7.37 -80.77 30.63
NB CLA UA . -0.57 -80.04 26.80
C1B CLA UA . -1.47 -79.07 26.68
C2B CLA UA . -0.90 -77.72 26.51
C3B CLA UA . 0.54 -78.01 26.55
C4B CLA UA . 0.65 -79.48 26.73
CMB CLA UA . -1.66 -76.44 26.36
CAB CLA UA . 1.74 -77.15 26.43
CBB CLA UA . 1.75 -76.04 25.73
NC CLA UA . 1.20 -82.53 27.02
C1C CLA UA . 2.18 -81.64 26.94
C2C CLA UA . 3.55 -82.20 26.99
C3C CLA UA . 3.29 -83.63 27.12
C4C CLA UA . 1.81 -83.73 27.12
CMC CLA UA . 4.87 -81.47 26.94
CAC CLA UA . 4.29 -84.77 27.23
CBC CLA UA . 4.65 -85.36 25.89
ND CLA UA . -1.12 -84.04 27.21
C1D CLA UA . -0.37 -85.13 27.25
C2D CLA UA . -1.12 -86.41 27.40
C3D CLA UA . -2.48 -85.86 27.43
C4D CLA UA . -2.40 -84.53 27.34
CMD CLA UA . -0.83 -87.88 27.51
CAD CLA UA . -3.89 -86.28 27.54
OBD CLA UA . -4.31 -87.49 27.46
CBD CLA UA . -4.76 -85.07 27.39
CGD CLA UA . -5.33 -85.09 26.01
O1D CLA UA . -4.63 -85.43 25.08
O2D CLA UA . -6.66 -84.60 25.75
CED CLA UA . -7.77 -85.02 26.54
MG CLA VA . 3.56 -85.21 11.23
CHA CLA VA . 1.37 -83.63 9.01
CHB CLA VA . 3.54 -87.92 9.08
CHC CLA VA . 5.79 -86.71 13.29
CHD CLA VA . 3.32 -82.50 13.47
NA CLA VA . 2.60 -85.74 9.27
C1A CLA VA . 1.79 -85.02 8.58
C2A CLA VA . 1.31 -85.71 7.32
C3A CLA VA . 2.00 -87.06 7.40
C4A CLA VA . 2.77 -86.91 8.68
CMA CLA VA . 1.17 -88.32 7.17
CAA CLA VA . 1.79 -85.00 6.06
CBA CLA VA . 3.30 -85.09 5.83
CGA CLA VA . 3.89 -83.83 5.27
O1A CLA VA . 3.46 -82.71 5.47
O2A CLA VA . 4.96 -83.81 4.49
NB CLA VA . 4.52 -87.03 11.18
C1B CLA VA . 4.39 -88.01 10.28
C2B CLA VA . 5.20 -89.23 10.58
C3B CLA VA . 5.85 -88.84 11.82
C4B CLA VA . 5.37 -87.47 12.12
CMB CLA VA . 5.31 -90.49 9.80
CAB CLA VA . 6.80 -89.60 12.67
CBB CLA VA . 6.48 -90.78 13.17
NC CLA VA . 4.50 -84.64 13.04
C1C CLA VA . 5.38 -85.36 13.72
C2C CLA VA . 5.94 -84.76 14.94
C3C CLA VA . 5.25 -83.46 14.94
C4C CLA VA . 4.38 -83.50 13.74
CMC CLA VA . 6.95 -85.32 15.89
CAC CLA VA . 5.38 -82.34 15.93
CBC CLA VA . 6.23 -81.26 15.31
ND CLA VA . 2.62 -83.45 11.37
C1D CLA VA . 2.56 -82.42 12.22
C2D CLA VA . 1.69 -81.29 11.79
C3D CLA VA . 1.24 -81.85 10.50
C4D CLA VA . 1.79 -83.06 10.32
CMD CLA VA . 1.22 -79.95 12.27
CAD CLA VA . 0.38 -81.49 9.36
OBD CLA VA . -0.01 -80.29 9.13
CBD CLA VA . 0.59 -82.52 8.30
CGD CLA VA . -0.71 -82.97 7.68
O1D CLA VA . -1.56 -83.56 8.32
O2D CLA VA . -1.00 -82.74 6.28
CED CLA VA . -2.35 -82.51 5.89
C1 CLA VA . 6.31 -83.13 5.01
C2 CLA VA . 7.65 -83.82 4.91
C3 CLA VA . 8.68 -83.47 5.68
C4 CLA VA . 9.98 -84.21 5.51
C5 CLA VA . 8.54 -82.36 6.70
C6 CLA VA . 9.90 -81.90 7.22
C7 CLA VA . 9.78 -80.73 8.19
C8 CLA VA . 10.35 -81.09 9.55
C9 CLA VA . 9.54 -80.48 10.68
C10 CLA VA . 11.80 -80.63 9.65
C11 CLA VA . 11.92 -79.12 9.62
C12 CLA VA . 12.70 -78.60 10.83
C13 CLA VA . 14.04 -78.03 10.42
C14 CLA VA . 15.07 -79.15 10.24
C15 CLA VA . 14.50 -77.02 11.46
C16 CLA VA . 15.90 -76.50 11.13
C17 CLA VA . 15.89 -75.60 9.91
C18 CLA VA . 17.26 -75.56 9.25
C19 CLA VA . 17.18 -74.97 7.85
C20 CLA VA . 18.26 -74.78 10.11
MG CLA WA . -5.80 -75.83 34.85
CHA CLA WA . -7.82 -76.58 32.09
CHB CLA WA . -8.61 -74.53 36.34
CHC CLA WA . -3.87 -75.16 37.53
CHD CLA WA . -2.98 -77.16 33.16
NA CLA WA . -7.95 -75.59 34.32
C1A CLA WA . -8.54 -75.94 33.23
C2A CLA WA . -10.01 -75.61 33.20
C3A CLA WA . -10.19 -74.93 34.53
C4A CLA WA . -8.83 -75.02 35.11
CMA CLA WA . -10.79 -73.55 34.46
CAA CLA WA . -10.90 -76.85 33.21
CBA CLA WA . -10.55 -77.90 34.27
CGA CLA WA . -9.72 -79.01 33.68
O1A CLA WA . -10.05 -79.69 32.72
O2A CLA WA . -8.56 -79.41 34.15
NB CLA WA . -6.21 -74.98 36.67
C1B CLA WA . -7.36 -74.50 37.12
C2B CLA WA . -7.31 -73.93 38.48
C3B CLA WA . -5.89 -74.11 38.82
C4B CLA WA . -5.29 -74.78 37.63
CMB CLA WA . -8.47 -73.33 39.25
CAB CLA WA . -5.09 -73.78 40.02
CBB CLA WA . -5.61 -73.43 41.18
NC CLA WA . -3.76 -76.19 35.31
C1C CLA WA . -3.15 -75.80 36.43
C2C CLA WA . -1.70 -76.07 36.49
C3C CLA WA . -1.45 -76.70 35.20
C4C CLA WA . -2.78 -76.72 34.56
CMC CLA WA . -0.74 -75.76 37.61
CAC CLA WA . -0.16 -77.21 34.63
CBC CLA WA . -0.09 -78.73 34.71
ND CLA WA . -5.37 -76.69 33.10
C1D CLA WA . -4.29 -77.17 32.48
C2D CLA WA . -4.53 -77.68 31.09
C3D CLA WA . -5.97 -77.41 31.00
C4D CLA WA . -6.37 -76.86 32.16
CMD CLA WA . -3.75 -78.28 29.97
CAD CLA WA . -7.10 -77.55 30.07
OBD CLA WA . -7.08 -78.17 28.96
CBD CLA WA . -8.32 -77.01 30.73
CGD CLA WA . -8.90 -75.86 29.94
O1D CLA WA . -8.80 -74.71 30.33
O2D CLA WA . -9.62 -76.07 28.70
CED CLA WA . -10.13 -74.93 28.03
MG CLA XA . -0.69 -73.25 27.21
CHA CLA XA . 1.10 -72.64 24.28
CHB CLA XA . 2.32 -73.16 28.88
CHC CLA XA . -2.43 -73.74 30.05
CHD CLA XA . -3.72 -73.24 25.37
NA CLA XA . 1.46 -72.93 26.68
C1A CLA XA . 1.96 -72.72 25.52
C2A CLA XA . 3.45 -72.59 25.52
C3A CLA XA . 3.78 -72.79 26.98
C4A CLA XA . 2.44 -72.97 27.56
CMA CLA XA . 4.87 -73.77 27.34
CAA CLA XA . 3.89 -71.18 25.21
CBA CLA XA . 5.31 -71.10 24.67
CGA CLA XA . 5.97 -69.97 25.41
O1A CLA XA . 5.56 -68.81 25.41
O2A CLA XA . 7.05 -70.08 26.14
NB CLA XA . -0.12 -73.41 29.18
C1B CLA XA . 1.11 -73.37 29.69
C2B CLA XA . 1.17 -73.56 31.16
C3B CLA XA . -0.23 -73.74 31.48
C4B CLA XA . -0.96 -73.63 30.19
CMB CLA XA . 2.40 -73.56 32.03
CAB CLA XA . -0.88 -73.96 32.79
CBB CLA XA . -0.60 -73.20 33.83
NC CLA XA . -2.76 -73.43 27.64
C1C CLA XA . -3.28 -73.66 28.85
C2C CLA XA . -4.74 -73.83 28.89
C3C CLA XA . -5.12 -73.66 27.50
C4C CLA XA . -3.83 -73.43 26.82
CMC CLA XA . -5.63 -74.08 30.06
CAC CLA XA . -6.50 -73.73 26.92
CBC CLA XA . -7.17 -72.38 26.86
ND CLA XA . -1.32 -72.99 25.33
C1D CLA XA . -2.46 -73.04 24.66
C2D CLA XA . -2.33 -72.90 23.18
C3D CLA XA . -0.88 -72.74 23.10
C4D CLA XA . -0.37 -72.80 24.33
CMD CLA XA . -3.23 -72.88 21.97
CAD CLA XA . 0.18 -72.54 22.11
OBD CLA XA . 0.07 -72.86 20.87
CBD CLA XA . 1.47 -72.38 22.84
CGD CLA XA . 2.43 -73.39 22.34
O1D CLA XA . 3.60 -73.11 22.19
O2D CLA XA . 2.01 -74.74 22.04
CED CLA XA . 2.93 -75.77 22.36
C1 CLA XA . 7.69 -71.53 26.36
C2 CLA XA . 8.09 -72.05 27.71
C3 CLA XA . 8.42 -73.32 27.87
C4 CLA XA . 8.63 -72.80 29.25
C5 CLA XA . 8.84 -74.61 28.54
C6 CLA XA . 7.85 -75.74 28.24
C7 CLA XA . 6.95 -76.01 29.45
C8 CLA XA . 6.10 -77.27 29.34
C9 CLA XA . 5.32 -77.31 28.04
C10 CLA XA . 5.11 -77.32 30.50
C11 CLA XA . 5.76 -77.00 31.84
C12 CLA XA . 5.16 -77.88 32.93
C13 CLA XA . 5.01 -77.09 34.22
C14 CLA XA . 5.75 -77.76 35.37
C15 CLA XA . 3.53 -76.94 34.53
MG CLA YA . 16.56 -74.68 39.87
CHA CLA YA . 19.70 -76.11 39.47
CHB CLA YA . 16.77 -73.65 36.59
CHC CLA YA . 13.47 -73.39 40.21
CHD CLA YA . 16.52 -75.68 43.28
NA CLA YA . 18.03 -74.85 38.20
C1A CLA YA . 19.17 -75.42 38.23
C2A CLA YA . 19.94 -75.29 36.93
C3A CLA YA . 18.98 -74.48 36.09
C4A CLA YA . 17.83 -74.33 37.01
CMA CLA YA . 19.50 -73.20 35.47
CAA CLA YA . 20.23 -76.62 36.25
CBA CLA YA . 19.11 -77.24 35.43
CGA CLA YA . 19.52 -78.67 35.20
O1A CLA YA . 20.31 -79.26 35.91
O2A CLA YA . 19.11 -79.44 34.22
NB CLA YA . 15.30 -73.67 38.57
C1B CLA YA . 15.52 -73.33 37.30
C2B CLA YA . 14.42 -72.58 36.66
C3B CLA YA . 13.46 -72.50 37.76
C4B CLA YA . 14.10 -73.21 38.89
CMB CLA YA . 14.39 -72.05 35.24
CAB CLA YA . 12.11 -71.90 37.87
CBB CLA YA . 11.56 -71.11 36.96
NC CLA YA . 15.16 -74.65 41.47
C1C CLA YA . 13.99 -74.02 41.44
C2C CLA YA . 13.24 -73.99 42.69
C3C CLA YA . 14.12 -74.73 43.59
C4C CLA YA . 15.28 -75.07 42.74
CMC CLA YA . 11.90 -73.36 42.93
CAC CLA YA . 13.94 -75.05 45.05
CBC CLA YA . 14.45 -73.91 45.90
ND CLA YA . 17.72 -75.63 41.18
C1D CLA YA . 17.68 -76.01 42.46
C2D CLA YA . 18.88 -76.76 42.92
C3D CLA YA . 19.65 -76.76 41.68
C4D CLA YA . 18.95 -76.11 40.74
CMD CLA YA . 19.39 -77.42 44.19
CAD CLA YA . 20.93 -77.24 41.14
OBD CLA YA . 21.76 -78.01 41.75
CBD CLA YA . 21.01 -76.85 39.70
CGD CLA YA . 22.19 -75.97 39.47
O1D CLA YA . 23.11 -76.34 38.77
O2D CLA YA . 22.28 -74.65 40.06
CED CLA YA . 22.50 -73.53 39.21
C1 CLA YA . 18.55 -80.91 34.55
C2 CLA YA . 17.22 -81.10 35.24
C3 CLA YA . 17.05 -81.96 36.25
C4 CLA YA . 18.20 -82.78 36.76
C5 CLA YA . 15.69 -82.11 36.90
C6 CLA YA . 14.86 -80.85 36.69
C7 CLA YA . 13.60 -81.14 35.90
C8 CLA YA . 12.72 -79.89 35.79
C9 CLA YA . 11.34 -80.14 36.39
C10 CLA YA . 12.62 -79.45 34.33
MG CLA ZA . 11.46 -70.98 49.92
CHA CLA ZA . 12.83 -72.41 52.79
CHB CLA ZA . 11.41 -74.13 48.57
CHC CLA ZA . 10.14 -69.56 47.18
CHD CLA ZA . 11.63 -67.75 51.48
NA CLA ZA . 12.04 -73.03 50.57
C1A CLA ZA . 12.53 -73.39 51.69
C2A CLA ZA . 12.82 -74.85 51.81
C3A CLA ZA . 12.40 -75.35 50.44
C4A CLA ZA . 11.91 -74.10 49.81
CMA CLA ZA . 13.35 -76.26 49.67
CAA CLA ZA . 11.90 -75.53 52.81
CBA CLA ZA . 11.35 -74.59 53.85
CGA CLA ZA . 9.87 -74.42 53.67
O1A CLA ZA . 9.22 -74.90 52.75
O2A CLA ZA . 9.09 -73.73 54.49
NB CLA ZA . 10.86 -71.75 48.11
C1B CLA ZA . 10.90 -73.03 47.72
C2B CLA ZA . 10.37 -73.26 46.36
C3B CLA ZA . 9.99 -71.90 45.98
C4B CLA ZA . 10.34 -71.02 47.12
CMB CLA ZA . 10.25 -74.54 45.59
CAB CLA ZA . 9.40 -71.48 44.69
CBB CLA ZA . 8.25 -70.86 44.66
NC CLA ZA . 11.03 -68.96 49.39
C1C CLA ZA . 10.42 -68.60 48.26
C2C CLA ZA . 10.05 -67.18 48.15
C3C CLA ZA . 10.51 -66.65 49.43
C4C CLA ZA . 11.10 -67.82 50.12
CMC CLA ZA . 9.35 -66.47 47.02
CAC CLA ZA . 10.43 -65.23 49.94
CBC CLA ZA . 9.41 -65.11 51.05
ND CLA ZA . 12.06 -70.14 51.65
C1D CLA ZA . 12.09 -68.93 52.22
C2D CLA ZA . 12.61 -68.91 53.62
C3D CLA ZA . 12.89 -70.35 53.78
C4D CLA ZA . 12.54 -70.97 52.65
CMD CLA ZA . 12.87 -67.92 54.71
CAD CLA ZA . 13.40 -71.31 54.77
OBD CLA ZA . 13.39 -71.12 56.05
CBD CLA ZA . 13.45 -72.66 54.13
CGD CLA ZA . 14.87 -73.09 53.94
O1D CLA ZA . 15.79 -72.29 54.01
O2D CLA ZA . 15.19 -74.47 53.65
CED CLA ZA . 16.44 -74.78 53.03
MG CLA AB . 19.76 -81.74 42.70
CHA CLA AB . 22.68 -83.51 41.99
CHB CLA AB . 19.83 -80.64 39.43
CHC CLA AB . 16.90 -80.07 43.36
CHD CLA AB . 19.75 -83.04 46.01
NA CLA AB . 21.07 -82.03 40.91
C1A CLA AB . 22.13 -82.74 40.81
C2A CLA AB . 22.79 -82.68 39.46
C3A CLA AB . 21.87 -81.75 38.70
C4A CLA AB . 20.85 -81.46 39.74
CMA CLA AB . 22.48 -80.58 37.95
CAA CLA AB . 22.84 -84.00 38.70
CBA CLA AB . 21.50 -84.70 38.60
CGA CLA AB . 21.73 -86.03 37.91
O1A CLA AB . 22.82 -86.42 37.54
O2A CLA AB . 20.77 -86.90 37.64
NB CLA AB . 18.55 -80.54 41.55
C1B CLA AB . 18.71 -80.19 40.27
C2B CLA AB . 17.66 -79.29 39.76
C3B CLA AB . 16.81 -79.12 40.92
C4B CLA AB . 17.43 -79.93 41.99
CMB CLA AB . 17.54 -78.71 38.39
CAB CLA AB . 15.57 -78.29 41.01
CBB CLA AB . 14.41 -78.78 41.37
NC CLA AB . 18.50 -81.62 44.41
C1C CLA AB . 17.42 -80.84 44.49
C2C CLA AB . 16.74 -80.81 45.79
C3C CLA AB . 17.57 -81.72 46.57
C4C CLA AB . 18.63 -82.15 45.63
CMC CLA AB . 15.49 -80.04 46.15
CAC CLA AB . 17.42 -82.13 48.02
CBC CLA AB . 17.73 -80.94 48.88
ND CLA AB . 20.84 -82.98 43.84
C1D CLA AB . 20.84 -83.43 45.09
C2D CLA AB . 22.01 -84.29 45.44
C3D CLA AB . 22.70 -84.29 44.15
C4D CLA AB . 22.00 -83.54 43.29
CMD CLA AB . 22.54 -85.05 46.62
CAD CLA AB . 23.90 -84.83 43.51
OBD CLA AB . 24.65 -85.75 43.98
CBD CLA AB . 23.95 -84.33 42.10
CGD CLA AB . 25.16 -83.47 41.92
O1D CLA AB . 26.22 -83.94 41.55
O2D CLA AB . 25.11 -82.04 42.20
CED CLA AB . 25.62 -81.10 41.25
MG CLA BB . 7.69 -56.25 49.05
CHA CLA BB . 9.72 -53.94 50.71
CHB CLA BB . 8.96 -58.63 51.19
CHC CLA BB . 5.79 -58.51 47.41
CHD CLA BB . 6.51 -53.72 46.92
NA CLA BB . 9.14 -56.31 50.76
C1A CLA BB . 9.81 -55.33 51.26
C2A CLA BB . 10.70 -55.72 52.42
C3A CLA BB . 10.44 -57.20 52.50
C4A CLA BB . 9.45 -57.41 51.41
CMA CLA BB . 11.62 -58.14 52.57
CAA CLA BB . 10.29 -55.23 53.81
CBA CLA BB . 9.25 -54.14 54.10
CGA CLA BB . 7.85 -54.53 53.70
O1A CLA BB . 7.40 -55.65 53.80
O2A CLA BB . 6.94 -53.73 53.18
NB CLA BB . 7.43 -58.27 49.28
C1B CLA BB . 7.99 -59.08 50.18
C2B CLA BB . 7.54 -60.49 50.11
C3B CLA BB . 6.60 -60.42 48.97
C4B CLA BB . 6.60 -59.01 48.53
CMB CLA BB . 8.00 -61.63 50.99
CAB CLA BB . 5.75 -61.43 48.30
CBB CLA BB . 5.65 -62.69 48.67
NC CLA BB . 6.28 -56.11 47.48
C1C CLA BB . 5.60 -57.13 46.94
C2C CLA BB . 4.66 -56.76 45.88
C3C CLA BB . 4.83 -55.33 45.78
C4C CLA BB . 5.86 -55.03 46.80
CMC CLA BB . 3.72 -57.64 45.08
CAC CLA BB . 4.12 -54.35 44.88
CBC CLA BB . 4.94 -54.03 43.67
ND CLA BB . 8.00 -54.30 48.73
C1D CLA BB . 7.47 -53.36 47.98
C2D CLA BB . 7.91 -51.97 48.29
C3D CLA BB . 8.83 -52.28 49.39
C4D CLA BB . 8.82 -53.60 49.60
CMD CLA BB . 7.65 -50.60 47.78
CAD CLA BB . 9.72 -51.60 50.36
OBD CLA BB . 9.31 -50.59 51.03
CBD CLA BB . 10.43 -52.67 51.13
CGD CLA BB . 11.92 -52.59 50.93
O1D CLA BB . 12.47 -51.51 50.97
O2D CLA BB . 12.73 -53.77 50.73
CED CLA BB . 13.91 -53.94 51.51
C1 CLA BB . 6.03 -54.31 52.00
C2 CLA BB . 5.29 -53.38 51.08
C3 CLA BB . 4.34 -53.79 50.24
C4 CLA BB . 3.68 -52.76 49.40
C5 CLA BB . 3.95 -55.25 50.14
C6 CLA BB . 2.94 -55.48 49.02
C7 CLA BB . 1.54 -55.74 49.55
C8 CLA BB . 0.78 -56.77 48.72
C9 CLA BB . 1.63 -57.98 48.39
C10 CLA BB . 0.23 -56.11 47.46
C11 CLA BB . -0.97 -56.87 46.92
C12 CLA BB . -0.84 -57.13 45.42
C13 CLA BB . -1.21 -55.90 44.61
C14 CLA BB . -2.65 -55.97 44.12
C15 CLA BB . -0.25 -55.74 43.44
C16 CLA BB . 0.56 -54.46 43.59
C17 CLA BB . 1.32 -54.10 42.32
C18 CLA BB . 1.48 -52.59 42.18
C19 CLA BB . 2.29 -52.23 40.93
C20 CLA BB . 0.12 -51.91 42.15
MG CLA CB . 11.27 -54.33 38.68
CHA CLA CB . 13.79 -54.02 36.29
CHB CLA CB . 13.79 -54.67 41.03
CHC CLA CB . 8.86 -54.55 41.03
CHD CLA CB . 8.81 -53.94 36.17
NA CLA CB . 13.51 -54.34 38.71
C1A CLA CB . 14.29 -54.24 37.70
C2A CLA CB . 15.74 -54.33 38.05
C3A CLA CB . 15.69 -54.61 39.53
C4A CLA CB . 14.24 -54.51 39.79
CMA CLA CB . 16.37 -55.91 39.91
CAA CLA CB . 16.35 -52.94 37.87
CBA CLA CB . 17.34 -52.48 38.92
CGA CLA CB . 16.83 -51.18 39.42
O1A CLA CB . 17.46 -50.41 40.11
O2A CLA CB . 15.63 -50.70 39.16
NB CLA CB . 11.33 -54.57 40.73
C1B CLA CB . 12.41 -54.68 41.52
C2B CLA CB . 12.10 -54.90 42.95
C3B CLA CB . 10.65 -54.86 42.93
C4B CLA CB . 10.25 -54.65 41.52
CMB CLA CB . 13.07 -55.09 44.08
CAB CLA CB . 9.74 -55.01 44.08
CBB CLA CB . 9.05 -53.98 44.48
NC CLA CB . 9.15 -54.19 38.62
C1C CLA CB . 8.35 -54.43 39.65
C2C CLA CB . 6.91 -54.53 39.34
C3C CLA CB . 6.91 -54.33 37.89
C4C CLA CB . 8.33 -54.14 37.55
CMC CLA CB . 5.74 -54.79 40.23
CAC CLA CB . 5.72 -54.34 36.96
CBC CLA CB . 5.58 -55.70 36.32
ND CLA CB . 11.16 -54.04 36.71
C1D CLA CB . 10.22 -53.90 35.79
C2D CLA CB . 10.72 -53.73 34.39
C3D CLA CB . 12.16 -53.78 34.68
C4D CLA CB . 12.34 -53.96 35.99
CMD CLA CB . 10.16 -53.54 33.02
CAD CLA CB . 13.46 -53.73 33.98
OBD CLA CB . 13.64 -53.54 32.72
CBD CLA CB . 14.55 -53.87 34.99
CGD CLA CB . 15.42 -55.06 34.72
O1D CLA CB . 15.05 -56.18 34.99
O2D CLA CB . 16.74 -54.88 34.15
CED CLA CB . 17.26 -55.83 33.22
C1 CLA CB . 14.63 -50.33 40.36
C2 CLA CB . 13.33 -51.08 40.52
C3 CLA CB . 12.17 -50.42 40.49
C4 CLA CB . 12.14 -48.94 40.28
C5 CLA CB . 10.88 -51.20 40.67
C6 CLA CB . 9.81 -50.81 39.68
C7 CLA CB . 8.67 -50.06 40.36
C8 CLA CB . 7.48 -50.94 40.73
C9 CLA CB . 6.17 -50.23 40.42
C10 CLA CB . 7.56 -51.29 42.21
MG CLA DB . 12.94 -62.72 34.43
CHA CLA DB . 16.27 -63.69 34.67
CHB CLA DB . 14.03 -59.46 34.60
CHC CLA DB . 9.73 -61.77 34.12
CHD CLA DB . 11.93 -66.10 34.37
NA CLA DB . 14.89 -61.67 34.61
C1A CLA DB . 16.05 -62.19 34.71
C2A CLA DB . 17.14 -61.17 34.85
C3A CLA DB . 16.39 -59.87 34.91
C4A CLA DB . 15.01 -60.36 34.69
CMA CLA DB . 16.65 -58.92 36.07
CAA CLA DB . 17.85 -61.19 33.47
CBA CLA DB . 17.64 -60.07 32.45
CGA CLA DB . 16.41 -60.10 31.61
O1A CLA DB . 15.61 -61.01 31.59
O2A CLA DB . 16.06 -59.10 30.82
NB CLA DB . 12.03 -60.89 34.38
C1B CLA DB . 12.59 -59.69 34.43
C2B CLA DB . 11.64 -58.55 34.31
C3B CLA DB . 10.37 -59.25 34.19
C4B CLA DB . 10.72 -60.69 34.24
CMB CLA DB . 12.01 -57.10 34.34
CAB CLA DB . 8.97 -58.76 34.02
CBB CLA DB . 8.60 -57.51 34.13
NC CLA DB . 11.13 -63.78 34.21
C1C CLA DB . 9.93 -63.21 34.14
C2C CLA DB . 8.79 -64.11 34.04
C3C CLA DB . 9.44 -65.40 34.08
C4C CLA DB . 10.88 -65.09 34.20
CMC CLA DB . 7.36 -63.72 33.93
CAC CLA DB . 8.78 -66.74 34.02
CBC CLA DB . 8.42 -67.02 32.59
ND CLA DB . 13.77 -64.54 34.55
C1D CLA DB . 13.36 -65.79 34.42
C2D CLA DB . 14.46 -66.79 34.34
C3D CLA DB . 15.61 -65.88 34.45
C4D CLA DB . 15.15 -64.62 34.57
CMD CLA DB . 14.63 -68.27 34.20
CAD CLA DB . 17.07 -65.90 34.47
OBD CLA DB . 17.81 -66.90 34.20
CBD CLA DB . 17.55 -64.50 34.65
CGD CLA DB . 18.42 -64.43 35.86
O1D CLA DB . 19.37 -65.18 35.99
O2D CLA DB . 18.22 -63.48 36.93
CED CLA DB . 19.39 -62.88 37.45
C1 CLA DB . 14.95 -58.04 31.22
C2 CLA DB . 13.49 -58.22 30.87
C3 CLA DB . 12.74 -57.18 30.47
C4 CLA DB . 13.35 -55.82 30.34
C5 CLA DB . 11.28 -57.35 30.14
C6 CLA DB . 10.74 -58.66 30.70
C7 CLA DB . 9.66 -59.26 29.82
C8 CLA DB . 8.42 -59.68 30.59
C9 CLA DB . 8.05 -61.13 30.30
C10 CLA DB . 7.27 -58.77 30.22
C11 CLA DB . 6.20 -58.76 31.30
C12 CLA DB . 5.15 -57.72 30.98
C13 CLA DB . 4.88 -56.84 32.19
C14 CLA DB . 3.45 -56.30 32.15
C15 CLA DB . 5.95 -55.74 32.26
C16 CLA DB . 5.51 -54.38 31.71
C17 CLA DB . 6.06 -54.14 30.31
C18 CLA DB . 7.57 -53.96 30.30
C19 CLA DB . 8.19 -54.80 29.20
C20 CLA DB . 7.95 -52.49 30.13
MG CLA EB . -6.80 -69.77 41.65
CHA CLA EB . -9.58 -69.64 39.56
CHB CLA EB . -8.89 -69.00 44.26
CHC CLA EB . -4.08 -69.90 43.66
CHD CLA EB . -4.73 -70.39 38.86
NA CLA EB . -8.97 -69.39 41.92
C1A CLA EB . -9.88 -69.38 41.02
C2A CLA EB . -11.26 -69.08 41.54
C3A CLA EB . -10.97 -68.84 43.01
C4A CLA EB . -9.52 -69.10 43.09
CMA CLA EB . -11.43 -67.52 43.59
CAA CLA EB . -12.21 -70.28 41.52
CBA CLA EB . -11.47 -71.62 41.48
CGA CLA EB . -12.29 -72.74 42.06
O1A CLA EB . -13.42 -72.61 42.51
O2A CLA EB . -11.87 -73.98 42.15
NB CLA EB . -6.54 -69.50 43.68
C1B CLA EB . -7.47 -69.19 44.59
C2B CLA EB . -6.94 -69.04 45.97
C3B CLA EB . -5.52 -69.31 45.75
C4B CLA EB . -5.36 -69.59 44.30
CMB CLA EB . -7.68 -68.71 47.23
CAB CLA EB . -4.41 -69.32 46.73
CBB CLA EB . -4.18 -68.28 47.47
NC CLA EB . -4.75 -70.25 41.33
C1C CLA EB . -3.78 -70.17 42.25
C2C CLA EB . -2.40 -70.38 41.76
C3C CLA EB . -2.63 -70.62 40.33
C4C CLA EB . -4.09 -70.50 40.17
CMC CLA EB . -1.12 -70.37 42.52
CAC CLA EB . -1.61 -70.91 39.26
CBC CLA EB . -1.74 -72.35 38.83
ND CLA EB . -6.96 -69.97 39.68
C1D CLA EB . -6.16 -70.23 38.65
C2D CLA EB . -6.85 -70.34 37.33
C3D CLA EB . -8.22 -70.09 37.77
C4D CLA EB . -8.22 -69.88 39.09
CMD CLA EB . -6.47 -70.60 35.92
CAD CLA EB . -9.59 -69.99 37.24
OBD CLA EB . -9.96 -70.38 36.08
CBD CLA EB . -10.51 -69.65 38.37
CGD CLA EB . -11.14 -68.34 38.08
O1D CLA EB . -12.33 -68.27 37.82
O2D CLA EB . -10.38 -67.10 38.08
CED CLA EB . -11.07 -65.86 38.23
C1 CLA EB . -10.89 -74.45 43.33
C2 CLA EB . -9.87 -73.52 43.95
C3 CLA EB . -8.62 -73.94 44.21
C4 CLA EB . -8.21 -75.35 43.88
C5 CLA EB . -7.64 -72.96 44.83
C6 CLA EB . -6.22 -73.52 44.80
C7 CLA EB . -5.35 -72.89 45.88
C8 CLA EB . -3.95 -73.51 46.02
C9 CLA EB . -2.89 -72.42 46.07
C10 CLA EB . -3.60 -74.50 44.91
MG CLA FB . -3.42 -57.34 31.24
CHA CLA FB . -6.37 -56.18 29.83
CHB CLA FB . -2.75 -58.82 28.20
CHC CLA FB . -0.50 -58.37 32.56
CHD CLA FB . -4.24 -55.75 34.30
NA CLA FB . -4.40 -57.49 29.25
C1A CLA FB . -5.52 -56.98 28.90
C2A CLA FB . -5.91 -57.30 27.48
C3A CLA FB . -4.78 -58.19 27.04
C4A CLA FB . -3.91 -58.16 28.23
CMA CLA FB . -5.21 -59.57 26.62
CAA CLA FB . -5.90 -56.01 26.63
CBA CLA FB . -4.51 -55.48 26.30
CGA CLA FB . -4.31 -54.02 26.58
O1A CLA FB . -5.17 -53.17 26.62
O2A CLA FB . -3.11 -53.54 26.84
NB CLA FB . -1.86 -58.43 30.48
C1B CLA FB . -1.75 -58.95 29.26
C2B CLA FB . -0.50 -59.69 29.03
C3B CLA FB . 0.17 -59.56 30.33
C4B CLA FB . -0.75 -58.76 31.17
CMB CLA FB . -0.11 -60.38 27.76
CAB CLA FB . 1.47 -60.07 30.78
CBB CLA FB . 2.53 -60.06 30.00
NC CLA FB . -2.50 -57.08 33.14
C1C CLA FB . -1.32 -57.58 33.49
C2C CLA FB . -0.88 -57.27 34.86
C3C CLA FB . -1.99 -56.48 35.37
C4C CLA FB . -2.93 -56.43 34.23
CMC CLA FB . 0.40 -57.68 35.54
CAC CLA FB . -2.17 -55.84 36.72
CBC CLA FB . -2.52 -56.85 37.78
ND CLA FB . -4.89 -56.24 32.03
C1D CLA FB . -5.15 -55.63 33.18
C2D CLA FB . -6.44 -54.86 33.19
C3D CLA FB . -6.87 -55.12 31.80
C4D CLA FB . -5.96 -55.89 31.22
CMD CLA FB . -7.21 -54.01 34.16
CAD CLA FB . -7.97 -54.83 30.86
OBD CLA FB . -9.01 -54.13 31.07
CBD CLA FB . -7.72 -55.55 29.59
CGD CLA FB . -8.74 -56.61 29.34
O1D CLA FB . -9.21 -57.27 30.25
O2D CLA FB . -9.18 -56.89 27.98
CED CLA FB . -10.50 -56.53 27.54
C1 CLA FB . -2.62 -52.06 26.43
C2 CLA FB . -2.31 -51.63 25.02
C3 CLA FB . -1.04 -51.55 24.60
C4 CLA FB . 0.10 -51.92 25.52
C5 CLA FB . -0.71 -51.08 23.21
C6 CLA FB . -1.44 -51.86 22.12
C7 CLA FB . -0.95 -51.35 20.78
C8 CLA FB . -1.42 -52.20 19.62
C9 CLA FB . -1.21 -53.69 19.85
C10 CLA FB . -0.65 -51.78 18.37
C11 CLA FB . -1.24 -50.53 17.75
C12 CLA FB . -1.70 -50.86 16.33
C13 CLA FB . -1.40 -49.75 15.34
C14 CLA FB . -1.74 -48.38 15.89
C15 CLA FB . -2.19 -50.02 14.08
C16 CLA FB . -3.68 -50.20 14.40
C17 CLA FB . -4.51 -49.94 13.14
C18 CLA FB . -5.06 -51.24 12.61
C19 CLA FB . -6.48 -51.03 12.11
C20 CLA FB . -4.19 -51.78 11.49
MG CLA GB . -11.94 -56.29 38.38
CHA CLA GB . -15.11 -57.60 39.07
CHB CLA GB . -13.46 -53.29 37.75
CHC CLA GB . -8.87 -55.05 37.69
CHD CLA GB . -10.53 -59.46 38.91
NA CLA GB . -14.03 -55.50 38.41
C1A CLA GB . -15.10 -56.13 38.70
C2A CLA GB . -16.33 -55.28 38.63
C3A CLA GB . -15.77 -53.94 38.16
C4A CLA GB . -14.32 -54.25 38.10
CMA CLA GB . -16.43 -53.24 36.98
CAA CLA GB . -16.93 -55.11 40.05
CBA CLA GB . -16.90 -53.72 40.68
CGA CLA GB . -15.78 -53.63 41.70
O1A CLA GB . -14.76 -54.30 41.67
O2A CLA GB . -15.79 -52.82 42.74
NB CLA GB . -11.28 -54.43 37.80
C1B CLA GB . -12.00 -53.34 37.59
C2B CLA GB . -11.21 -52.14 37.19
C3B CLA GB . -9.85 -52.70 37.19
C4B CLA GB . -10.00 -54.13 37.57
CMB CLA GB . -11.73 -50.76 36.89
CAB CLA GB . -8.53 -52.11 36.88
CBB CLA GB . -8.35 -50.99 36.21
NC CLA GB . -9.98 -57.10 38.46
C1C CLA GB . -8.87 -56.46 38.11
C2C CLA GB . -7.63 -57.24 38.21
C3C CLA GB . -8.13 -58.51 38.67
C4C CLA GB . -9.59 -58.34 38.78
CMC CLA GB . -6.21 -56.82 37.91
CAC CLA GB . -7.35 -59.75 38.98
CBC CLA GB . -7.45 -60.05 40.46
ND CLA GB . -12.52 -58.14 38.87
C1D CLA GB . -11.96 -59.32 39.07
C2D CLA GB . -12.89 -60.43 39.42
C3D CLA GB . -14.14 -59.67 39.40
C4D CLA GB . -13.86 -58.40 39.10
CMD CLA GB . -12.81 -61.90 39.73
CAD CLA GB . -15.58 -59.85 39.61
OBD CLA GB . -16.18 -60.99 39.55
CBD CLA GB . -16.24 -58.53 39.42
CGD CLA GB . -17.24 -58.64 38.31
O1D CLA GB . -18.42 -58.70 38.55
O2D CLA GB . -16.81 -58.70 36.93
CED CLA GB . -17.49 -57.91 35.95
CAA F6C HB . -16.83 -48.85 32.18
CAB F6C HB . -9.28 -44.75 28.00
CAC F6C HB . -6.16 -50.97 32.06
CAD F6C HB . -14.18 -52.89 33.26
NA F6C HB . -13.74 -48.87 30.71
CBA F6C HB . -16.71 -47.40 32.64
CBB F6C HB . -8.50 -45.15 27.01
CBC F6C HB . -5.67 -51.82 30.92
CBD F6C HB . -15.16 -51.91 32.69
NB F6C HB . -11.34 -47.37 29.71
OBD F6C HB . -14.47 -54.10 33.58
CGA F6C HB . -16.21 -47.33 34.06
CGD F6C HB . -16.00 -52.56 31.64
ND F6C HB . -11.62 -50.68 32.03
CED F6C HB . -17.56 -54.46 31.31
CHA F6C HB . -14.27 -50.86 32.06
CHB F6C HB . -13.74 -46.92 29.36
CHC F6C HB . -8.85 -47.34 29.72
CHD F6C HB . -9.33 -51.32 32.48
CMA F6C HB . -16.51 -48.03 28.70
CMB F6C HB . -12.55 -44.37 27.72
CMC F6C HB . -5.86 -48.19 30.21
CMD F6C HB . -11.01 -53.95 33.99
OMB F6C HB . -13.13 -43.51 28.33
C1A F6C HB . -14.62 -49.63 31.23
C1B F6C HB . -12.31 -46.62 29.19
C1C F6C HB . -8.50 -48.52 30.50
C1D F6C HB . -10.78 -51.55 32.58
O1A F6C HB . -15.25 -47.95 34.50
O1D F6C HB . -15.66 -52.53 30.47
C2A F6C HB . -16.04 -49.22 30.92
C2B F6C HB . -11.81 -45.44 28.43
C2C F6C HB . -7.09 -48.89 30.71
C2D F6C HB . -11.42 -52.72 33.24
O2A F6C HB . -16.74 -46.57 35.00
O2D F6C HB . -17.24 -53.23 31.95
C3A F6C HB . -15.82 -48.01 30.04
C3B F6C HB . -10.36 -45.61 28.54
C3C F6C HB . -7.25 -50.09 31.51
C3D F6C HB . -12.82 -52.38 33.00
C4A F6C HB . -14.34 -47.91 30.03
C4B F6C HB . -10.17 -46.83 29.36
C4C F6C HB . -8.70 -50.26 31.67
C4D F6C HB . -12.87 -51.24 32.32
NC F6C HB . -9.41 -49.31 31.06
MG F6C HB . -11.52 -49.10 30.82
MG CLA IB . -8.78 -49.88 21.25
CHA CLA IB . -8.66 -52.02 23.98
CHB CLA IB . -9.34 -47.31 23.45
CHC CLA IB . -8.63 -47.78 18.62
CHD CLA IB . -8.34 -52.63 19.05
NA CLA IB . -8.97 -49.64 23.45
C1A CLA IB . -8.90 -50.57 24.34
C2A CLA IB . -9.15 -50.07 25.73
C3A CLA IB . -9.42 -48.60 25.50
C4A CLA IB . -9.22 -48.50 24.04
CMA CLA IB . -10.72 -48.10 26.07
CAA CLA IB . -7.87 -50.21 26.57
CBA CLA IB . -7.00 -48.97 26.73
CGA CLA IB . -5.57 -49.31 26.46
O1A CLA IB . -5.20 -50.19 25.72
O2A CLA IB . -4.55 -48.68 27.00
NB CLA IB . -8.95 -47.83 21.08
C1B CLA IB . -9.21 -46.95 22.04
C2B CLA IB . -9.34 -45.55 21.55
C3B CLA IB . -9.13 -45.73 20.12
C4B CLA IB . -8.89 -47.17 19.92
CMB CLA IB . -9.62 -44.28 22.31
CAB CLA IB . -9.12 -44.72 19.06
CBB CLA IB . -8.01 -44.10 18.76
NC CLA IB . -8.54 -50.16 19.16
C1C CLA IB . -8.48 -49.19 18.27
C2C CLA IB . -8.26 -49.61 16.89
C3C CLA IB . -8.18 -51.05 17.01
C4C CLA IB . -8.38 -51.29 18.44
CMC CLA IB . -8.13 -48.76 15.69
CAC CLA IB . -7.96 -52.03 15.89
CBC CLA IB . -9.27 -52.44 15.30
ND CLA IB . -8.52 -51.85 21.33
C1D CLA IB . -8.39 -52.86 20.49
C2D CLA IB . -8.31 -54.20 21.12
C3D CLA IB . -8.42 -53.80 22.53
C4D CLA IB . -8.54 -52.46 22.57
CMD CLA IB . -8.17 -55.62 20.69
CAD CLA IB . -8.45 -54.37 23.88
OBD CLA IB . -8.20 -55.58 24.19
CBD CLA IB . -8.51 -53.24 24.85
CGD CLA IB . -9.66 -53.43 25.78
O1D CLA IB . -9.47 -53.44 26.98
O2D CLA IB . -11.01 -53.57 25.30
CED CLA IB . -11.97 -52.58 25.59
C1 CLA IB . -3.76 -47.56 26.18
C2 CLA IB . -2.98 -47.92 24.94
C3 CLA IB . -2.22 -47.02 24.31
C4 CLA IB . -2.11 -45.62 24.82
C5 CLA IB . -1.48 -47.49 23.06
C6 CLA IB . -0.95 -46.33 22.25
C7 CLA IB . -2.01 -45.84 21.26
C8 CLA IB . -1.51 -45.82 19.84
C9 CLA IB . -2.50 -45.04 18.99
C10 CLA IB . -1.37 -47.25 19.37
MG CLA JB . -3.67 -60.63 23.79
CHA CLA JB . -1.47 -63.22 24.52
CHB CLA JB . -0.97 -58.54 23.71
CHC CLA JB . -5.83 -58.15 23.08
CHD CLA JB . -6.39 -62.92 23.88
NA CLA JB . -1.46 -60.83 24.06
C1A CLA JB . -0.80 -61.89 24.31
C2A CLA JB . 0.69 -61.69 24.39
C3A CLA JB . 0.81 -60.19 24.11
C4A CLA JB . -0.63 -59.81 23.95
CMA CLA JB . 1.77 -59.31 24.89
CAA CLA JB . 1.45 -62.41 23.30
CBA CLA JB . 2.89 -62.64 23.71
CGA CLA JB . 3.45 -63.83 22.99
O1A CLA JB . 3.66 -63.88 21.80
O2A CLA JB . 3.79 -64.96 23.59
NB CLA JB . -3.41 -58.63 23.44
C1B CLA JB . -2.28 -57.93 23.47
C2B CLA JB . -2.46 -56.47 23.22
C3B CLA JB . -3.92 -56.39 23.04
C4B CLA JB . -4.42 -57.78 23.19
CMB CLA JB . -1.40 -55.42 23.18
CAB CLA JB . -4.83 -55.27 22.76
CBB CLA JB . -4.53 -54.00 22.88
NC CLA JB . -5.76 -60.57 23.41
C1C CLA JB . -6.48 -59.46 23.24
C2C CLA JB . -7.94 -59.61 23.23
C3C CLA JB . -8.08 -61.05 23.42
C4C CLA JB . -6.70 -61.53 23.52
CMC CLA JB . -9.02 -58.58 23.06
CAC CLA JB . -9.35 -61.86 23.50
CBC CLA JB . -9.65 -62.44 22.15
ND CLA JB . -4.01 -62.58 24.09
C1D CLA JB . -5.05 -63.40 24.13
C2D CLA JB . -4.71 -64.81 24.46
C3D CLA JB . -3.26 -64.67 24.61
C4D CLA JB . -2.93 -63.40 24.39
CMD CLA JB . -5.44 -66.11 24.65
CAD CLA JB . -2.07 -65.47 24.92
OBD CLA JB . -2.11 -66.55 25.62
CBD CLA JB . -0.89 -64.57 24.88
CGD CLA JB . -0.23 -64.59 26.23
O1D CLA JB . 0.87 -65.10 26.37
O2D CLA JB . -0.85 -64.02 27.41
CED CLA JB . -0.06 -63.87 28.59
C1 CLA JB . 3.11 -66.37 23.23
C2 CLA JB . 1.64 -66.56 22.87
C3 CLA JB . 0.98 -67.66 23.27
C4 CLA JB . 1.68 -68.67 24.11
C5 CLA JB . -0.48 -67.92 22.97
C6 CLA JB . -0.78 -67.94 21.47
C7 CLA JB . -2.20 -68.45 21.20
C8 CLA JB . -3.18 -67.43 20.63
C9 CLA JB . -2.89 -66.00 21.06
C10 CLA JB . -4.61 -67.83 21.03
C11 CLA JB . -5.67 -67.41 20.02
C12 CLA JB . -6.49 -68.60 19.52
C13 CLA JB . -7.66 -68.19 18.61
C14 CLA JB . -8.31 -69.40 17.96
C15 CLA JB . -7.21 -67.24 17.52
MG CLA KB . 8.47 -48.48 18.36
CHA CLA KB . 10.57 -47.73 21.04
CHB CLA KB . 5.85 -47.42 20.31
CHC CLA KB . 6.50 -48.93 15.68
CHD CLA KB . 11.26 -49.57 16.49
NA CLA KB . 8.19 -47.65 20.41
C1A CLA KB . 9.10 -47.46 21.29
C2A CLA KB . 8.56 -46.96 22.59
C3A CLA KB . 7.07 -46.92 22.34
C4A CLA KB . 7.02 -47.38 20.93
CMA CLA KB . 6.20 -47.53 23.41
CAA CLA KB . 9.03 -45.52 22.77
CBA CLA KB . 8.23 -44.38 22.19
CGA CLA KB . 8.60 -43.14 22.92
O1A CLA KB . 9.71 -42.63 22.94
O2A CLA KB . 7.73 -42.44 23.61
NB CLA KB . 6.45 -48.20 18.06
C1B CLA KB . 5.53 -47.81 18.94
C2B CLA KB . 4.16 -47.75 18.40
C3B CLA KB . 4.37 -48.21 17.03
C4B CLA KB . 5.83 -48.46 16.91
CMB CLA KB . 2.89 -47.34 19.12
CAB CLA KB . 3.41 -48.39 15.92
CBB CLA KB . 2.53 -47.47 15.63
NC CLA KB . 8.82 -49.20 16.39
C1C CLA KB . 7.91 -49.29 15.45
C2C CLA KB . 8.37 -49.79 14.14
C3C CLA KB . 9.79 -50.01 14.42
C4C CLA KB . 9.95 -49.62 15.82
CMC CLA KB . 7.58 -49.98 12.88
CAC CLA KB . 10.88 -50.53 13.49
CBC CLA KB . 11.67 -49.40 12.92
ND CLA KB . 10.45 -48.66 18.57
C1D CLA KB . 11.48 -49.07 17.84
C2D CLA KB . 12.80 -49.00 18.51
C3D CLA KB . 12.37 -48.45 19.79
C4D CLA KB . 11.04 -48.27 19.76
CMD CLA KB . 14.23 -49.31 18.18
CAD CLA KB . 12.91 -48.03 21.10
OBD CLA KB . 14.07 -48.33 21.53
CBD CLA KB . 11.77 -47.59 21.96
CGD CLA KB . 11.65 -48.52 23.13
O1D CLA KB . 10.83 -49.40 23.16
O2D CLA KB . 12.52 -48.34 24.27
CED CLA KB . 12.64 -49.38 25.22
C1 CLA KB . 8.10 -40.99 24.15
C2 CLA KB . 8.33 -40.74 25.62
C3 CLA KB . 7.54 -39.89 26.29
C4 CLA KB . 6.42 -39.19 25.60
C5 CLA KB . 7.78 -39.65 27.76
C6 CLA KB . 6.44 -39.63 28.48
C7 CLA KB . 6.40 -40.66 29.61
C8 CLA KB . 4.97 -40.91 30.06
C9 CLA KB . 4.19 -41.64 28.97
C10 CLA KB . 4.30 -39.60 30.43
MG CLA LB . 12.46 -47.75 30.61
CHA CLA LB . 10.44 -47.16 27.84
CHB CLA LB . 9.66 -48.96 32.22
CHC CLA LB . 14.43 -48.37 33.18
CHD CLA LB . 15.27 -46.59 28.74
NA CLA LB . 10.30 -48.06 30.11
C1A CLA LB . 9.72 -47.76 29.02
C2A CLA LB . 8.26 -48.05 29.04
C3A CLA LB . 8.03 -48.55 30.45
C4A CLA LB . 9.42 -48.54 30.97
CMA CLA LB . 7.02 -47.78 31.25
CAA CLA LB . 7.98 -49.26 28.15
CBA CLA LB . 6.72 -49.04 27.34
CGA CLA LB . 5.98 -50.35 27.33
O1A CLA LB . 5.46 -50.85 28.30
O2A CLA LB . 5.82 -51.09 26.25
NB CLA LB . 12.08 -48.57 32.45
C1B CLA LB . 10.92 -49.01 32.95
C2B CLA LB . 11.04 -49.55 34.34
C3B CLA LB . 12.47 -49.36 34.60
C4B CLA LB . 13.03 -48.74 33.37
CMB CLA LB . 9.94 -50.13 35.18
CAB CLA LB . 13.29 -49.67 35.79
CBB CLA LB . 13.06 -50.66 36.60
NC CLA LB . 14.53 -47.53 30.90
C1C CLA LB . 15.13 -47.78 32.03
C2C CLA LB . 16.55 -47.42 32.08
C3C CLA LB . 16.81 -46.89 30.74
C4C CLA LB . 15.48 -47.00 30.12
CMC CLA LB . 17.47 -47.60 33.22
CAC CLA LB . 18.05 -46.33 30.10
CBC CLA LB . 18.12 -44.83 30.26
ND CLA LB . 12.91 -47.08 28.78
C1D CLA LB . 13.96 -46.59 28.14
C2D CLA LB . 13.71 -46.04 26.79
C3D CLA LB . 12.28 -46.31 26.76
C4D CLA LB . 11.89 -46.89 27.89
CMD CLA LB . 14.48 -45.39 25.69
CAD CLA LB . 11.14 -46.13 25.86
OBD CLA LB . 11.20 -45.28 24.92
CBD CLA LB . 9.92 -46.69 26.50
CGD CLA LB . 8.95 -45.58 26.70
O1D CLA LB . 9.34 -44.45 26.92
O2D CLA LB . 7.54 -45.80 26.68
CED CLA LB . 6.74 -44.76 27.20
C1 CLA LB . 4.59 -52.08 26.09
C2 CLA LB . 4.53 -53.43 26.79
C3 CLA LB . 4.91 -54.54 26.15
C4 CLA LB . 5.45 -54.48 24.74
C5 CLA LB . 4.86 -55.87 26.84
C6 CLA LB . 3.61 -56.00 27.70
C7 CLA LB . 2.40 -56.29 26.84
C8 CLA LB . 1.09 -56.24 27.62
C9 CLA LB . -0.08 -56.23 26.65
C10 CLA LB . 1.09 -55.01 28.53
C11 CLA LB . -0.30 -54.59 28.94
C12 CLA LB . -0.69 -55.28 30.24
C13 CLA LB . -1.51 -54.39 31.15
C14 CLA LB . -2.53 -53.57 30.39
C15 CLA LB . -0.56 -53.50 31.94
C16 CLA LB . -0.99 -53.38 33.39
C17 CLA LB . 0.06 -52.61 34.19
C18 CLA LB . 0.72 -53.48 35.26
C19 CLA LB . 1.98 -54.13 34.73
C20 CLA LB . 1.04 -52.67 36.50
MG CLA MB . 22.36 -62.68 16.10
CHA CLA MB . 23.05 -65.42 18.12
CHB CLA MB . 24.75 -60.97 17.92
CHC CLA MB . 21.81 -60.03 14.11
CHD CLA MB . 19.82 -64.47 14.46
NA CLA MB . 23.74 -63.09 17.81
C1A CLA MB . 23.83 -64.17 18.48
C2A CLA MB . 24.77 -64.08 19.64
C3A CLA MB . 25.19 -62.66 19.59
C4A CLA MB . 24.52 -62.19 18.37
CMA CLA MB . 24.82 -61.94 20.87
CAA CLA MB . 26.04 -64.91 19.39
CBA CLA MB . 27.02 -64.40 18.33
CGA CLA MB . 26.64 -64.87 16.95
O1A CLA MB . 26.21 -64.16 16.06
O2A CLA MB . 26.73 -66.11 16.54
NB CLA MB . 23.16 -60.79 16.05
C1B CLA MB . 24.16 -60.29 16.78
C2B CLA MB . 24.63 -58.95 16.38
C3B CLA MB . 23.73 -58.69 15.26
C4B CLA MB . 22.86 -59.88 15.12
CMB CLA MB . 25.73 -58.13 17.01
CAB CLA MB . 23.68 -57.52 14.37
CBB CLA MB . 24.75 -57.02 13.81
NC CLA MB . 21.08 -62.34 14.46
C1C CLA MB . 20.95 -61.18 13.82
C2C CLA MB . 19.89 -61.13 12.79
C3C CLA MB . 19.34 -62.48 12.87
C4C CLA MB . 20.14 -63.13 13.93
CMC CLA MB . 19.49 -59.98 11.91
CAC CLA MB . 18.22 -63.12 12.09
CBC CLA MB . 16.88 -62.63 12.60
ND CLA MB . 21.50 -64.47 16.19
C1D CLA MB . 20.59 -65.15 15.51
C2D CLA MB . 20.46 -66.58 15.91
C3D CLA MB . 21.47 -66.62 16.96
C4D CLA MB . 22.01 -65.41 17.08
CMD CLA MB . 19.65 -67.77 15.52
CAD CLA MB . 22.07 -67.55 17.93
OBD CLA MB . 21.64 -68.71 18.25
CBD CLA MB . 23.16 -66.83 18.65
CGD CLA MB . 22.88 -66.91 20.11
O1D CLA MB . 21.75 -66.70 20.48
O2D CLA MB . 23.91 -67.25 21.07
CED CLA MB . 23.59 -68.06 22.19
C1 CLA MB . 27.20 -66.40 15.04
C2 CLA MB . 26.65 -67.60 14.31
C3 CLA MB . 27.11 -68.03 13.14
C4 CLA MB . 26.49 -69.24 12.53
C5 CLA MB . 28.23 -67.30 12.43
C6 CLA MB . 28.05 -67.44 10.93
C7 CLA MB . 29.36 -67.22 10.18
C8 CLA MB . 29.47 -67.97 8.84
C9 CLA MB . 28.52 -69.16 8.74
C10 CLA MB . 30.92 -68.42 8.67
C11 CLA MB . 31.18 -69.06 7.31
C12 CLA MB . 31.72 -70.48 7.49
C13 CLA MB . 32.70 -70.94 6.40
C14 CLA MB . 32.63 -70.11 5.13
C15 CLA MB . 32.42 -72.41 6.10
MG CLA NB . 16.78 -63.65 23.52
CHA CLA NB . 18.82 -63.70 26.36
CHB CLA NB . 19.21 -65.38 21.90
CHC CLA NB . 14.76 -63.62 20.80
CHD CLA NB . 14.38 -61.77 25.27
NA CLA NB . 18.79 -64.47 24.04
C1A CLA NB . 19.41 -64.37 25.14
C2A CLA NB . 20.82 -64.92 25.08
C3A CLA NB . 20.91 -65.37 23.65
C4A CLA NB . 19.56 -65.07 23.15
CMA CLA NB . 22.08 -64.74 22.92
CAA CLA NB . 21.05 -66.13 25.99
CBA CLA NB . 20.44 -67.44 25.52
CGA CLA NB . 19.44 -67.85 26.56
O1A CLA NB . 18.90 -68.93 26.62
O2A CLA NB . 19.04 -67.06 27.52
NB CLA NB . 16.98 -64.40 21.62
C1B CLA NB . 17.97 -65.13 21.15
C2B CLA NB . 17.77 -65.61 19.76
C3B CLA NB . 16.44 -65.05 19.46
C4B CLA NB . 16.04 -64.33 20.68
CMB CLA NB . 18.72 -66.44 18.97
CAB CLA NB . 15.57 -65.13 18.27
CBB CLA NB . 15.81 -65.89 17.22
NC CLA NB . 14.83 -62.90 23.14
C1C CLA NB . 14.18 -62.95 21.96
C2C CLA NB . 12.86 -62.31 21.92
C3C CLA NB . 12.75 -61.82 23.29
C4C CLA NB . 14.00 -62.23 23.93
CMC CLA NB . 11.89 -62.20 20.78
CAC CLA NB . 11.62 -61.08 23.94
CBC CLA NB . 10.83 -62.08 24.75
ND CLA NB . 16.53 -62.86 25.33
C1D CLA NB . 15.59 -62.18 25.96
C2D CLA NB . 15.89 -61.85 27.36
C3D CLA NB . 17.20 -62.49 27.48
C4D CLA NB . 17.50 -63.04 26.30
CMD CLA NB . 15.19 -61.13 28.46
CAD CLA NB . 18.30 -62.72 28.44
OBD CLA NB . 18.34 -62.34 29.66
CBD CLA NB . 19.35 -63.55 27.77
CGD CLA NB . 20.66 -62.84 27.78
O1D CLA NB . 20.73 -61.65 27.56
O2D CLA NB . 21.89 -63.56 28.01
CED CLA NB . 22.92 -62.94 28.76
C1 CLA NB . 17.60 -67.25 28.19
C2 CLA NB . 16.85 -66.07 28.75
C3 CLA NB . 16.76 -65.90 30.07
C4 CLA NB . 17.44 -66.86 30.98
C5 CLA NB . 16.01 -64.72 30.65
C6 CLA NB . 14.52 -64.88 30.40
C7 CLA NB . 13.77 -63.78 31.12
C8 CLA NB . 12.46 -63.44 30.42
C9 CLA NB . 11.96 -62.10 30.91
C10 CLA NB . 11.43 -64.53 30.68
C11 CLA NB . 10.62 -64.82 29.43
C12 CLA NB . 9.12 -64.69 29.69
C13 CLA NB . 8.28 -65.32 28.60
C14 CLA NB . 8.68 -66.77 28.33
C15 CLA NB . 8.37 -64.49 27.32
C16 CLA NB . 6.98 -64.17 26.78
C17 CLA NB . 6.56 -62.76 27.17
C18 CLA NB . 5.14 -62.43 26.72
C19 CLA NB . 4.15 -63.49 27.16
C20 CLA NB . 4.72 -61.07 27.24
MG CLA OB . 5.50 -64.58 8.43
CHA CLA OB . 4.10 -65.41 5.36
CHB CLA OB . 4.01 -67.39 9.71
CHC CLA OB . 6.95 -63.84 11.40
CHD CLA OB . 6.87 -61.65 7.06
NA CLA OB . 4.23 -66.23 7.66
C1A CLA OB . 3.79 -66.39 6.47
C2A CLA OB . 2.97 -67.62 6.30
C3A CLA OB . 2.92 -68.17 7.70
C4A CLA OB . 3.78 -67.21 8.41
CMA CLA OB . 1.53 -68.35 8.26
CAA CLA OB . 3.68 -68.68 5.47
CBA CLA OB . 5.17 -68.84 5.79
CGA CLA OB . 5.82 -69.68 4.75
O1A CLA OB . 5.67 -69.53 3.55
O2A CLA OB . 6.64 -70.70 4.99
NB CLA OB . 5.50 -65.48 10.26
C1B CLA OB . 4.82 -66.56 10.61
C2B CLA OB . 4.96 -66.93 12.01
C3B CLA OB . 5.83 -65.88 12.54
C4B CLA OB . 6.11 -65.03 11.37
CMB CLA OB . 4.31 -68.09 12.61
CAB CLA OB . 6.35 -65.67 13.91
CBB CLA OB . 5.71 -66.02 15.01
NC CLA OB . 6.76 -63.01 9.10
C1C CLA OB . 7.31 -62.95 10.29
C2C CLA OB . 8.35 -61.93 10.48
C3C CLA OB . 8.38 -61.30 9.15
C4C CLA OB . 7.35 -62.04 8.40
CMC CLA OB . 9.13 -61.69 11.74
CAC CLA OB . 9.23 -60.16 8.65
CBC CLA OB . 10.33 -60.69 7.77
ND CLA OB . 5.59 -63.65 6.67
C1D CLA OB . 6.07 -62.52 6.20
C2D CLA OB . 5.72 -62.23 4.79
C3D CLA OB . 4.92 -63.43 4.50
C4D CLA OB . 4.89 -64.20 5.60
CMD CLA OB . 5.98 -61.12 3.81
CAD CLA OB . 4.16 -64.09 3.42
OBD CLA OB . 3.98 -63.63 2.24
CBD CLA OB . 3.72 -65.44 3.89
CGD CLA OB . 2.26 -65.56 3.60
O1D CLA OB . 1.86 -65.71 2.47
O2D CLA OB . 1.27 -65.49 4.64
CED CLA OB . -0.02 -66.00 4.38
C1 CLA OB . 8.14 -70.43 5.44
C2 CLA OB . 9.06 -69.49 4.67
C3 CLA OB . 10.39 -69.58 4.78
C4 CLA OB . 11.00 -70.62 5.68
C5 CLA OB . 11.27 -68.63 4.01
C6 CLA OB . 12.67 -68.59 4.61
C7 CLA OB . 13.64 -67.76 3.78
C8 CLA OB . 14.18 -66.60 4.61
C9 CLA OB . 13.72 -65.28 4.02
C10 CLA OB . 15.71 -66.63 4.70
C11 CLA OB . 16.17 -66.48 6.14
C12 CLA OB . 17.64 -66.10 6.24
C13 CLA OB . 18.32 -66.80 7.40
C14 CLA OB . 17.60 -66.53 8.71
C15 CLA OB . 19.79 -66.37 7.48
MG CLA PB . -7.78 -41.44 13.81
CHA CLA PB . -11.27 -41.35 14.11
CHB CLA PB . -8.00 -38.28 12.50
CHC CLA PB . -4.42 -41.46 13.60
CHD CLA PB . -7.74 -44.68 15.17
NA CLA PB . -9.40 -39.97 13.37
C1A CLA PB . -10.66 -40.11 13.55
C2A CLA PB . -11.47 -38.94 13.08
C3A CLA PB . -10.41 -38.03 12.54
C4A CLA PB . -9.19 -38.80 12.82
CMA CLA PB . -10.57 -37.64 11.09
CAA CLA PB . -12.13 -38.20 14.23
CBA CLA PB . -11.24 -38.04 15.45
CGA CLA PB . -11.50 -36.68 16.01
O1A CLA PB . -11.79 -35.72 15.35
O2A CLA PB . -11.44 -36.34 17.29
NB CLA PB . -6.42 -40.06 13.15
C1B CLA PB . -6.67 -38.86 12.64
C2B CLA PB . -5.47 -38.11 12.23
C3B CLA PB . -4.42 -39.07 12.56
C4B CLA PB . -5.09 -40.25 13.11
CMB CLA PB . -5.44 -36.74 11.63
CAB CLA PB . -2.96 -38.93 12.39
CBB CLA PB . -2.34 -37.89 12.91
NC CLA PB . -6.29 -42.85 14.36
C1C CLA PB . -5.00 -42.72 14.10
C2C CLA PB . -4.18 -43.92 14.35
C3C CLA PB . -5.18 -44.87 14.83
C4C CLA PB . -6.44 -44.10 14.79
CMC CLA PB . -2.71 -44.11 14.16
CAC CLA PB . -5.00 -46.31 15.25
CBC CLA PB . -5.04 -46.46 16.75
ND CLA PB . -9.07 -42.78 14.53
C1D CLA PB . -9.04 -44.02 14.99
C2D CLA PB . -10.35 -44.63 15.27
C3D CLA PB . -11.20 -43.50 14.90
C4D CLA PB . -10.43 -42.50 14.50
CMD CLA PB . -10.91 -45.93 15.76
CAD CLA PB . -12.62 -43.13 14.82
OBD CLA PB . -13.58 -43.96 14.87
CBD CLA PB . -12.71 -41.75 14.30
CGD CLA PB . -13.49 -41.74 13.01
O1D CLA PB . -14.17 -40.78 12.72
O2D CLA PB . -13.47 -42.78 12.02
CED CLA PB . -14.13 -42.52 10.78
C1 CLA PB . -10.13 -35.63 17.85
C2 CLA PB . -9.60 -35.95 19.23
C3 CLA PB . -8.64 -35.20 19.78
C4 CLA PB . -8.13 -35.54 21.15
C5 CLA PB . -8.06 -34.03 19.04
MG CLA QB . -4.62 -32.22 10.99
CHA CLA QB . -7.95 -33.05 10.46
CHB CLA QB . -4.62 -30.88 7.83
CHC CLA QB . -1.41 -31.29 11.52
CHD CLA QB . -4.73 -33.68 14.18
NA CLA QB . -6.09 -31.95 9.33
C1A CLA QB . -7.31 -32.33 9.31
C2A CLA QB . -8.00 -32.02 8.00
C3A CLA QB . -6.89 -31.41 7.20
C4A CLA QB . -5.80 -31.40 8.18
CMA CLA QB . -6.61 -32.08 5.87
CAA CLA QB . -9.04 -30.91 8.12
CBA CLA QB . -8.87 -30.06 9.37
CGA CLA QB . -9.28 -28.63 9.23
O1A CLA QB . -10.29 -28.26 8.66
O2A CLA QB . -8.59 -27.63 9.72
NB CLA QB . -3.23 -31.22 9.84
C1B CLA QB . -3.39 -30.79 8.59
C2B CLA QB . -2.19 -30.17 8.02
C3B CLA QB . -1.23 -30.31 9.12
C4B CLA QB . -1.98 -30.96 10.21
CMB CLA QB . -2.10 -29.61 6.64
CAB CLA QB . 0.18 -29.89 9.24
CBB CLA QB . 0.69 -28.89 8.58
NC CLA QB . -3.28 -32.43 12.63
C1C CLA QB . -2.02 -32.01 12.63
C2C CLA QB . -1.25 -32.33 13.86
C3C CLA QB . -2.25 -33.04 14.66
C4C CLA QB . -3.46 -33.05 13.79
CMC CLA QB . 0.17 -31.98 14.15
CAC CLA QB . -2.12 -33.64 16.03
CBC CLA QB . -1.82 -35.11 15.92
ND CLA QB . -5.94 -33.13 12.17
C1D CLA QB . -5.95 -33.71 13.36
C2D CLA QB . -7.23 -34.36 13.74
C3D CLA QB . -8.00 -34.05 12.53
C4D CLA QB . -7.22 -33.37 11.70
CMD CLA QB . -7.77 -35.14 14.90
CAD CLA QB . -9.34 -34.25 11.93
OBD CLA QB . -10.39 -34.47 12.62
CBD CLA QB . -9.37 -33.57 10.60
CGD CLA QB . -9.69 -34.54 9.50
O1D CLA QB . -8.95 -35.45 9.21
O2D CLA QB . -10.91 -34.40 8.73
CED CLA QB . -11.58 -35.55 8.23
C1 CLA QB . -9.08 -26.80 10.98
C2 CLA QB . -8.15 -25.86 11.68
C3 CLA QB . -8.25 -25.57 12.99
C4 CLA QB . -9.34 -26.17 13.82
C5 CLA QB . -7.28 -24.61 13.62
C6 CLA QB . -6.34 -25.36 14.55
C7 CLA QB . -5.50 -24.35 15.34
C8 CLA QB . -4.89 -24.89 16.63
C9 CLA QB . -3.42 -25.27 16.42
C10 CLA QB . -5.68 -26.05 17.20
MG CLA RB . 10.45 -25.29 10.54
CHA CLA RB . 8.31 -26.97 8.38
CHB CLA RB . 12.60 -24.90 7.89
CHC CLA RB . 12.49 -23.54 12.61
CHD CLA RB . 8.21 -25.81 13.21
NA CLA RB . 10.49 -25.84 8.38
C1A CLA RB . 9.60 -26.50 7.75
C2A CLA RB . 9.99 -26.81 6.32
C3A CLA RB . 11.36 -26.20 6.26
C4A CLA RB . 11.50 -25.59 7.59
CMA CLA RB . 12.46 -27.19 5.94
CAA CLA RB . 9.10 -26.08 5.33
CBA CLA RB . 9.67 -25.96 3.94
CGA CLA RB . 8.90 -26.84 3.01
O1A CLA RB . 8.31 -26.44 2.03
O2A CLA RB . 8.74 -28.13 3.15
NB CLA RB . 12.28 -24.36 10.28
C1B CLA RB . 13.00 -24.27 9.15
C2B CLA RB . 14.24 -23.48 9.30
C3B CLA RB . 14.17 -23.09 10.69
C4B CLA RB . 12.94 -23.70 11.22
CMB CLA RB . 15.28 -23.15 8.27
CAB CLA RB . 15.15 -22.29 11.47
CBB CLA RB . 14.89 -21.06 11.80
NC CLA RB . 10.36 -24.74 12.60
C1C CLA RB . 11.29 -24.07 13.26
C2C CLA RB . 11.04 -23.85 14.70
C3C CLA RB . 9.75 -24.52 14.85
C4C CLA RB . 9.44 -25.04 13.51
CMC CLA RB . 11.88 -23.12 15.72
CAC CLA RB . 8.92 -24.67 16.10
CBC CLA RB . 9.32 -25.95 16.78
ND CLA RB . 8.68 -26.14 10.87
C1D CLA RB . 7.86 -26.32 11.90
C2D CLA RB . 6.62 -27.08 11.56
C3D CLA RB . 6.86 -27.31 10.13
C4D CLA RB . 8.03 -26.75 9.81
CMD CLA RB . 5.39 -27.57 12.26
CAD CLA RB . 6.25 -27.95 8.95
OBD CLA RB . 5.10 -28.50 8.90
CBD CLA RB . 7.16 -27.76 7.79
CGD CLA RB . 7.65 -29.09 7.31
O1D CLA RB . 8.45 -29.71 7.95
O2D CLA RB . 7.20 -29.65 6.06
CED CLA RB . 6.63 -30.95 6.03
C1 CLA RB . 9.00 -29.15 1.95
C2 CLA RB . 9.57 -28.85 0.58
C3 CLA RB . 9.11 -29.49 -0.50
C4 CLA RB . 7.99 -30.50 -0.38
C5 CLA RB . 9.67 -29.19 -1.87
C6 CLA RB . 11.19 -29.26 -1.89
C7 CLA RB . 11.76 -28.32 -2.94
C8 CLA RB . 11.51 -28.78 -4.37
C9 CLA RB . 12.84 -28.98 -5.08
C10 CLA RB . 10.66 -27.75 -5.09
C11 CLA RB . 9.93 -28.28 -6.32
C12 CLA RB . 9.27 -27.15 -7.08
C13 CLA RB . 8.31 -27.59 -8.18
C14 CLA RB . 7.44 -28.76 -7.74
C15 CLA RB . 9.06 -27.91 -9.47
MG CLA SB . 20.05 -24.08 7.49
CHA CLA SB . 21.37 -20.93 8.14
CHB CLA SB . 18.20 -23.71 10.36
CHC CLA SB . 18.62 -27.03 6.75
CHD CLA SB . 22.10 -24.34 4.61
NA CLA SB . 19.78 -22.54 9.07
C1A CLA SB . 20.36 -21.41 9.15
C2A CLA SB . 19.98 -20.63 10.37
C3A CLA SB . 19.05 -21.57 11.07
C4A CLA SB . 19.00 -22.69 10.11
CMA CLA SB . 19.43 -21.91 12.49
CAA CLA SB . 19.07 -19.45 10.01
CBA CLA SB . 18.25 -19.62 8.75
CGA CLA SB . 16.84 -19.16 8.92
O1A CLA SB . 16.36 -18.77 9.96
O2A CLA SB . 15.95 -19.13 7.94
NB CLA SB . 18.61 -25.19 8.43
C1B CLA SB . 17.98 -24.93 9.57
C2B CLA SB . 17.00 -25.95 9.99
C3B CLA SB . 17.16 -26.91 8.91
C4B CLA SB . 18.16 -26.37 7.98
CMB CLA SB . 16.12 -25.99 11.20
CAB CLA SB . 16.43 -28.17 8.74
CBB CLA SB . 15.15 -28.07 8.47
NC CLA SB . 20.31 -25.47 5.91
C1C CLA SB . 19.67 -26.64 5.80
C2C CLA SB . 20.07 -27.49 4.66
C3C CLA SB . 21.11 -26.66 4.05
C4C CLA SB . 21.17 -25.46 4.90
CMC CLA SB . 19.56 -28.82 4.24
CAC CLA SB . 21.95 -26.93 2.84
CBC CLA SB . 22.97 -27.98 3.15
ND CLA SB . 21.42 -23.01 6.50
C1D CLA SB . 22.17 -23.12 5.41
C2D CLA SB . 23.05 -21.96 5.11
C3D CLA SB . 22.68 -21.12 6.26
C4D CLA SB . 21.77 -21.77 6.99
CMD CLA SB . 24.05 -21.53 4.08
CAD CLA SB . 22.97 -19.80 6.85
OBD CLA SB . 23.76 -18.93 6.36
CBD CLA SB . 22.15 -19.64 8.07
CGD CLA SB . 23.09 -19.42 9.21
O1D CLA SB . 23.78 -18.43 9.22
O2D CLA SB . 23.23 -20.31 10.32
CED CLA SB . 23.34 -19.72 11.59
C1 CLA SB . 14.52 -18.45 8.10
C2 CLA SB . 13.32 -19.24 8.54
C3 CLA SB . 12.08 -18.85 8.25
C4 CLA SB . 11.84 -17.59 7.45
C5 CLA SB . 10.87 -19.63 8.69
C6 CLA SB . 11.24 -20.75 9.63
C7 CLA SB . 10.09 -21.74 9.71
C8 CLA SB . 9.06 -21.34 10.73
C9 CLA SB . 9.69 -21.02 12.08
C10 CLA SB . 8.02 -22.45 10.85
C11 CLA SB . 7.07 -22.22 12.01
C12 CLA SB . 5.89 -23.17 11.94
C13 CLA SB . 4.94 -22.94 13.10
C14 CLA SB . 5.51 -23.48 14.40
C15 CLA SB . 3.60 -23.58 12.81
C16 CLA SB . 2.50 -22.58 13.14
C17 CLA SB . 1.21 -23.24 13.58
C18 CLA SB . 0.04 -22.26 13.48
C19 CLA SB . -1.24 -22.88 14.01
C20 CLA SB . 0.35 -20.96 14.21
MG CLA TB . 9.95 -41.84 35.53
CHA CLA TB . 10.50 -43.46 38.58
CHB CLA TB . 11.14 -44.65 33.97
CHC CLA TB . 9.38 -40.25 32.62
CHD CLA TB . 8.72 -39.01 37.26
NA CLA TB . 10.72 -43.84 36.16
C1A CLA TB . 10.87 -44.27 37.36
C2A CLA TB . 11.47 -45.65 37.43
C3A CLA TB . 11.73 -45.93 35.99
C4A CLA TB . 11.17 -44.74 35.30
CMA CLA TB . 13.20 -46.19 35.75
CAA CLA TB . 10.42 -46.64 37.94
CBA CLA TB . 9.33 -47.04 36.96
CGA CLA TB . 7.96 -47.01 37.57
O1A CLA TB . 7.74 -46.95 38.77
O2A CLA TB . 6.82 -47.06 36.89
NB CLA TB . 10.23 -42.39 33.59
C1B CLA TB . 10.68 -43.55 33.11
C2B CLA TB . 10.69 -43.60 31.62
C3B CLA TB . 10.16 -42.29 31.27
C4B CLA TB . 9.92 -41.61 32.54
CMB CLA TB . 11.10 -44.73 30.75
CAB CLA TB . 9.88 -41.61 29.98
CBB CLA TB . 10.48 -41.93 28.86
NC CLA TB . 9.12 -39.95 35.02
C1C CLA TB . 8.95 -39.49 33.79
C2C CLA TB . 8.30 -38.19 33.65
C3C CLA TB . 8.06 -37.86 35.05
C4C CLA TB . 8.61 -39.01 35.80
CMC CLA TB . 7.96 -37.43 32.39
CAC CLA TB . 7.39 -36.66 35.66
CBC CLA TB . 5.94 -36.99 35.93
ND CLA TB . 9.61 -41.26 37.41
C1D CLA TB . 9.20 -40.15 38.04
C2D CLA TB . 9.27 -40.20 39.52
C3D CLA TB . 9.81 -41.56 39.67
C4D CLA TB . 9.97 -42.09 38.46
CMD CLA TB . 8.95 -39.29 40.66
CAD CLA TB . 10.22 -42.51 40.72
OBD CLA TB . 10.52 -42.20 41.92
CBD CLA TB . 10.60 -43.78 40.06
CGD CLA TB . 12.00 -44.15 40.46
O1D CLA TB . 12.91 -43.35 40.38
O2D CLA TB . 12.29 -45.49 40.95
CED CLA TB . 13.34 -45.69 41.89
C1 CLA TB . 6.22 -48.46 36.41
C2 CLA TB . 5.81 -48.79 35.00
C3 CLA TB . 5.88 -50.06 34.56
C4 CLA TB . 6.37 -51.13 35.47
C5 CLA TB . 5.48 -50.45 33.16
C6 CLA TB . 4.20 -49.75 32.72
C7 CLA TB . 3.94 -50.01 31.24
C8 CLA TB . 2.71 -50.89 31.04
C9 CLA TB . 3.02 -52.09 30.17
C10 CLA TB . 1.62 -50.07 30.40
C11 CLA TB . 0.40 -50.01 31.30
C12 CLA TB . -0.29 -48.66 31.17
C13 CLA TB . -1.73 -48.75 30.68
C14 CLA TB . -1.97 -49.89 29.70
C15 CLA TB . -2.06 -47.42 30.01
MG CLA UB . 6.61 -42.61 44.65
CHA CLA UB . 7.46 -45.21 46.78
CHB CLA UB . 7.27 -44.75 42.04
CHC CLA UB . 5.69 -40.12 42.61
CHD CLA UB . 6.05 -40.50 47.47
NA CLA UB . 7.28 -44.74 44.40
C1A CLA UB . 7.56 -45.58 45.32
C2A CLA UB . 8.04 -46.91 44.80
C3A CLA UB . 7.99 -46.70 43.30
C4A CLA UB . 7.48 -45.30 43.23
CMA CLA UB . 9.21 -47.09 42.48
CAA CLA UB . 7.11 -48.08 45.20
CBA CLA UB . 6.09 -48.55 44.18
CGA CLA UB . 4.70 -48.25 44.69
O1A CLA UB . 4.37 -47.21 45.21
O2A CLA UB . 3.69 -49.10 44.60
NB CLA UB . 6.49 -42.46 42.61
C1B CLA UB . 6.80 -43.40 41.72
C2B CLA UB . 6.61 -42.99 40.32
C3B CLA UB . 6.14 -41.61 40.46
C4B CLA UB . 6.10 -41.36 41.93
CMB CLA UB . 6.86 -43.82 39.09
CAB CLA UB . 5.81 -40.74 39.30
CBB CLA UB . 5.21 -39.57 39.32
NC CLA UB . 5.89 -40.65 45.00
C1C CLA UB . 5.61 -39.76 44.04
C2C CLA UB . 5.23 -38.41 44.49
C3C CLA UB . 5.29 -38.56 45.94
C4C CLA UB . 5.71 -39.96 46.14
CMC CLA UB . 4.85 -37.19 43.68
CAC CLA UB . 5.01 -37.54 47.01
CBC CLA UB . 6.27 -36.73 47.28
ND CLA UB . 6.68 -42.68 46.65
C1D CLA UB . 6.47 -41.88 47.69
C2D CLA UB . 6.72 -42.49 49.02
C3D CLA UB . 7.12 -43.83 48.59
C4D CLA UB . 7.07 -43.87 47.25
CMD CLA UB . 6.68 -42.11 50.48
CAD CLA UB . 7.55 -45.11 49.15
OBD CLA UB . 8.04 -45.27 50.32
CBD CLA UB . 7.77 -46.04 48.01
CGD CLA UB . 9.21 -46.40 47.97
O1D CLA UB . 10.07 -45.56 48.02
O2D CLA UB . 9.62 -47.78 47.88
CED CLA UB . 10.12 -48.28 49.09
MG CLA VB . 16.93 -43.12 24.46
CHA CLA VB . 16.14 -41.15 27.23
CHB CLA VB . 13.67 -42.69 23.44
CHC CLA VB . 17.74 -44.84 21.69
CHD CLA VB . 20.26 -43.44 25.62
NA CLA VB . 15.12 -42.04 25.21
C1A CLA VB . 15.00 -41.36 26.27
C2A CLA VB . 13.61 -40.84 26.52
C3A CLA VB . 12.87 -41.38 25.31
C4A CLA VB . 13.97 -42.07 24.59
CMA CLA VB . 11.63 -42.18 25.57
CAA CLA VB . 13.55 -39.31 26.48
CBA CLA VB . 12.14 -38.81 26.64
CGA CLA VB . 11.89 -38.24 27.99
O1A CLA VB . 12.01 -38.87 29.01
O2A CLA VB . 11.48 -37.03 28.20
NB CLA VB . 15.85 -43.66 22.80
C1B CLA VB . 14.56 -43.47 22.56
C2B CLA VB . 14.08 -44.09 21.30
C3B CLA VB . 15.31 -44.73 20.81
C4B CLA VB . 16.35 -44.40 21.81
CMB CLA VB . 12.69 -44.06 20.74
CAB CLA VB . 15.63 -45.54 19.62
CBB CLA VB . 14.82 -45.74 18.61
NC CLA VB . 18.76 -43.95 23.74
C1C CLA VB . 18.84 -44.72 22.65
C2C CLA VB . 20.08 -45.46 22.47
C3C CLA VB . 20.85 -45.04 23.63
C4C CLA VB . 19.93 -44.10 24.35
CMC CLA VB . 20.44 -46.40 21.35
CAC CLA VB . 22.23 -45.50 24.01
CBC CLA VB . 23.25 -44.42 23.83
ND CLA VB . 18.07 -42.47 25.96
C1D CLA VB . 19.29 -42.68 26.42
C2D CLA VB . 19.55 -42.12 27.78
C3D CLA VB . 18.24 -41.52 28.02
C4D CLA VB . 17.46 -41.74 26.98
CMD CLA VB . 20.62 -42.03 28.81
CAD CLA VB . 17.55 -40.75 29.07
OBD CLA VB . 17.80 -40.88 30.31
CBD CLA VB . 16.20 -40.43 28.56
CGD CLA VB . 15.21 -41.03 29.51
O1D CLA VB . 14.30 -40.38 29.95
O2D CLA VB . 15.32 -42.42 29.90
CED CLA VB . 14.18 -43.22 29.71
C1 CLA VB . 9.94 -36.67 28.02
C2 CLA VB . 9.26 -35.74 28.99
C3 CLA VB . 8.01 -35.32 28.76
C4 CLA VB . 7.36 -34.38 29.74
C5 CLA VB . 7.27 -35.74 27.53
MG CLA WB . 10.73 -33.90 20.12
CHA CLA WB . 12.69 -35.16 22.67
CHB CLA WB . 10.13 -37.16 19.15
CHC CLA WB . 8.75 -32.68 17.66
CHD CLA WB . 11.48 -30.60 21.13
NA CLA WB . 11.30 -35.95 20.79
C1A CLA WB . 12.07 -36.22 21.77
C2A CLA WB . 12.30 -37.70 21.96
C3A CLA WB . 11.50 -38.29 20.82
C4A CLA WB . 10.94 -37.07 20.20
CMA CLA WB . 12.17 -39.37 19.98
CAA CLA WB . 11.70 -38.22 23.25
CBA CLA WB . 10.19 -38.20 23.35
CGA CLA WB . 9.59 -36.97 23.97
O1A CLA WB . 8.43 -36.92 24.33
O2A CLA WB . 10.17 -35.82 24.22
NB CLA WB . 9.61 -34.80 18.63
C1B CLA WB . 9.47 -36.10 18.38
C2B CLA WB . 8.61 -36.42 17.24
C3B CLA WB . 8.19 -35.10 16.80
C4B CLA WB . 8.87 -34.14 17.72
CMB CLA WB . 8.25 -37.76 16.69
CAB CLA WB . 7.30 -34.81 15.66
CBB CLA WB . 6.26 -34.02 15.72
NC CLA WB . 10.16 -31.94 19.52
C1C CLA WB . 9.37 -31.64 18.50
C2C CLA WB . 9.13 -30.22 18.26
C3C CLA WB . 9.92 -29.61 19.32
C4C CLA WB . 10.53 -30.76 20.03
CMC CLA WB . 8.28 -29.57 17.21
CAC CLA WB . 10.12 -28.16 19.64
CBC CLA WB . 9.17 -27.75 20.74
ND CLA WB . 11.82 -32.97 21.49
C1D CLA WB . 12.04 -31.71 21.90
C2D CLA WB . 12.87 -31.59 23.13
C3D CLA WB . 13.10 -33.01 23.38
C4D CLA WB . 12.48 -33.72 22.43
CMD CLA WB . 13.43 -30.51 24.00
CAD CLA WB . 13.78 -33.91 24.33
OBD CLA WB . 14.02 -33.60 25.54
CBD CLA WB . 13.58 -35.31 23.89
CGD CLA WB . 14.88 -35.96 23.57
O1D CLA WB . 15.67 -35.47 22.78
O2D CLA WB . 15.27 -37.20 24.21
CED CLA WB . 16.66 -37.49 24.30
C1 CLA WB . 9.34 -34.48 24.04
C2 CLA WB . 8.47 -34.24 22.83
C3 CLA WB . 8.02 -33.03 22.51
C4 CLA WB . 8.36 -31.85 23.31
C5 CLA WB . 7.15 -32.88 21.29
C6 CLA WB . 6.81 -31.43 21.01
C7 CLA WB . 5.33 -31.16 21.20
C8 CLA WB . 4.45 -31.42 19.96
C9 CLA WB . 3.69 -32.72 20.10
C10 CLA WB . 5.25 -31.40 18.66
C11 CLA WB . 4.32 -31.48 17.48
C12 CLA WB . 3.83 -30.09 17.10
C13 CLA WB . 3.86 -29.89 15.60
C14 CLA WB . 5.24 -30.24 15.01
C15 CLA WB . 3.49 -28.45 15.32
C16 CLA WB . 1.99 -28.31 15.25
C17 CLA WB . 1.51 -28.38 13.81
C18 CLA WB . 0.42 -27.36 13.58
C19 CLA WB . 0.03 -27.34 12.11
C20 CLA WB . -0.79 -27.65 14.44
MG CLA XB . 3.68 -39.91 16.41
CHA CLA XB . 5.93 -40.88 18.87
CHB CLA XB . 3.25 -43.25 15.68
CHC CLA XB . 1.51 -38.96 14.01
CHD CLA XB . 4.15 -36.52 17.29
NA CLA XB . 4.47 -41.85 17.17
C1A CLA XB . 5.33 -42.02 18.10
C2A CLA XB . 5.73 -43.45 18.28
C3A CLA XB . 4.89 -44.15 17.23
C4A CLA XB . 4.13 -43.02 16.66
CMA CLA XB . 5.64 -45.00 16.23
CAA CLA XB . 5.42 -44.02 19.65
CBA CLA XB . 4.03 -43.72 20.13
CGA CLA XB . 4.05 -44.07 21.58
O1A CLA XB . 4.72 -43.48 22.40
O2A CLA XB . 3.41 -45.10 22.11
NB CLA XB . 2.56 -40.96 15.05
C1B CLA XB . 2.44 -42.28 14.93
C2B CLA XB . 1.46 -42.70 13.88
C3B CLA XB . 0.99 -41.40 13.41
C4B CLA XB . 1.72 -40.39 14.18
CMB CLA XB . 1.10 -44.10 13.48
CAB CLA XB . 0.00 -41.00 12.39
CBB CLA XB . -1.01 -41.75 12.04
NC CLA XB . 2.90 -38.03 15.78
C1C CLA XB . 2.07 -37.85 14.78
C2C CLA XB . 1.72 -36.46 14.46
C3C CLA XB . 2.49 -35.74 15.47
C4C CLA XB . 3.18 -36.80 16.23
CMC CLA XB . 0.81 -35.95 13.38
CAC CLA XB . 2.57 -34.26 15.72
CBC CLA XB . 1.67 -33.93 16.88
ND CLA XB . 4.75 -38.82 17.69
C1D CLA XB . 4.87 -37.54 18.04
C2D CLA XB . 5.77 -37.29 19.19
C3D CLA XB . 6.16 -38.68 19.47
C4D CLA XB . 5.55 -39.48 18.61
CMD CLA XB . 6.28 -36.13 19.99
CAD CLA XB . 7.00 -39.46 20.39
OBD CLA XB . 7.57 -39.02 21.44
CBD CLA XB . 7.00 -40.88 19.94
CGD CLA XB . 8.32 -41.22 19.33
O1D CLA XB . 9.09 -40.36 18.99
O2D CLA XB . 8.74 -42.58 19.14
CED CLA XB . 10.02 -42.83 18.60
C1 CLA XB . 3.06 -45.12 23.66
C2 CLA XB . 2.09 -44.14 24.29
C3 CLA XB . 2.50 -43.24 25.20
C4 CLA XB . 3.95 -43.16 25.59
C5 CLA XB . 1.52 -42.28 25.82
MG CLA YB . 24.64 -75.11 -18.08
CHA CLA YB . 26.18 -72.80 -20.18
CHB CLA YB . 26.29 -77.58 -19.83
CHC CLA YB . 23.19 -77.38 -16.02
CHD CLA YB . 22.98 -72.50 -16.38
NA CLA YB . 26.09 -75.23 -19.78
C1A CLA YB . 26.55 -74.24 -20.45
C2A CLA YB . 27.52 -74.69 -21.52
C3A CLA YB . 27.50 -76.20 -21.40
C4A CLA YB . 26.57 -76.36 -20.26
CMA CLA YB . 27.29 -77.07 -22.64
CAA CLA YB . 29.00 -74.35 -21.25
CBA CLA YB . 29.43 -73.59 -20.00
CGA CLA YB . 29.32 -74.35 -18.71
O1A CLA YB . 29.25 -75.54 -18.60
O2A CLA YB . 29.32 -73.75 -17.54
NB CLA YB . 24.74 -77.16 -17.95
C1B CLA YB . 25.41 -78.00 -18.73
C2B CLA YB . 25.23 -79.43 -18.40
C3B CLA YB . 24.30 -79.33 -17.27
C4B CLA YB . 24.06 -77.90 -17.07
CMB CLA YB . 25.82 -80.62 -19.06
CAB CLA YB . 23.70 -80.42 -16.47
CBB CLA YB . 24.46 -81.30 -15.85
NC CLA YB . 23.31 -74.96 -16.45
C1C CLA YB . 22.89 -75.99 -15.69
C2C CLA YB . 22.12 -75.64 -14.49
C3C CLA YB . 22.08 -74.20 -14.60
C4C CLA YB . 22.83 -73.88 -15.84
CMC CLA YB . 21.54 -76.52 -13.41
CAC CLA YB . 21.45 -73.24 -13.64
CBC CLA YB . 22.52 -72.86 -12.62
ND CLA YB . 24.51 -73.11 -18.14
C1D CLA YB . 23.88 -72.14 -17.48
C2D CLA YB . 24.15 -70.75 -17.99
C3D CLA YB . 25.07 -71.10 -19.07
C4D CLA YB . 25.23 -72.43 -19.10
CMD CLA YB . 23.74 -69.34 -17.69
CAD CLA YB . 25.89 -70.46 -20.13
OBD CLA YB . 25.95 -69.22 -20.36
CBD CLA YB . 26.63 -71.53 -20.87
CGD CLA YB . 26.26 -71.49 -22.32
O1D CLA YB . 25.19 -71.04 -22.67
O2D CLA YB . 27.18 -71.98 -23.34
CED CLA YB . 27.45 -71.26 -24.53
C1 CLA YB . 28.04 -73.05 -16.92
C2 CLA YB . 27.35 -73.76 -15.77
C3 CLA YB . 26.57 -73.13 -14.88
C4 CLA YB . 26.35 -71.65 -14.97
C5 CLA YB . 25.92 -73.91 -13.77
C6 CLA YB . 25.98 -75.41 -14.05
C7 CLA YB . 26.41 -76.18 -12.82
C8 CLA YB . 25.53 -77.40 -12.61
C9 CLA YB . 25.51 -77.81 -11.15
C10 CLA YB . 26.03 -78.55 -13.48
MG CLA ZB . 18.02 -76.38 -13.81
CHA CLA ZB . 18.65 -79.80 -13.64
CHB CLA ZB . 16.51 -76.66 -10.73
CHC CLA ZB . 17.60 -73.04 -13.90
CHD CLA ZB . 19.55 -76.26 -17.03
NA CLA ZB . 17.63 -78.02 -12.33
C1A CLA ZB . 17.93 -79.26 -12.42
C2A CLA ZB . 17.46 -80.10 -11.25
C3A CLA ZB . 16.77 -79.07 -10.39
C4A CLA ZB . 16.98 -77.83 -11.20
CMA CLA ZB . 15.37 -79.36 -9.87
CAA CLA ZB . 18.66 -80.69 -10.48
CBA CLA ZB . 18.55 -80.74 -8.95
CGA CLA ZB . 19.50 -81.76 -8.38
O1A CLA ZB . 19.91 -81.76 -7.23
O2A CLA ZB . 20.01 -82.77 -9.07
NB CLA ZB . 17.18 -75.05 -12.48
C1B CLA ZB . 16.60 -75.33 -11.32
C2B CLA ZB . 16.02 -74.14 -10.63
C3B CLA ZB . 16.34 -73.08 -11.58
C4B CLA ZB . 17.07 -73.73 -12.71
CMB CLA ZB . 15.30 -74.08 -9.31
CAB CLA ZB . 16.03 -71.66 -11.40
CBB CLA ZB . 15.33 -71.00 -12.29
NC CLA ZB . 18.55 -74.88 -15.22
C1C CLA ZB . 18.28 -73.57 -15.09
C2C CLA ZB . 18.72 -72.71 -16.20
C3C CLA ZB . 19.33 -73.67 -17.10
C4C CLA ZB . 19.17 -74.97 -16.41
CMC CLA ZB . 18.59 -71.22 -16.37
CAC CLA ZB . 19.98 -73.42 -18.44
CBC CLA ZB . 18.98 -73.65 -19.54
ND CLA ZB . 18.90 -77.61 -15.12
C1D CLA ZB . 19.48 -77.54 -16.32
C2D CLA ZB . 20.01 -78.84 -16.84
C3D CLA ZB . 19.65 -79.70 -15.71
C4D CLA ZB . 19.03 -78.95 -14.78
CMD CLA ZB . 20.72 -79.36 -18.07
CAD CLA ZB . 19.74 -81.10 -15.29
OBD CLA ZB . 20.54 -81.98 -15.79
CBD CLA ZB . 19.10 -81.22 -13.95
CGD CLA ZB . 17.93 -82.14 -14.05
O1D CLA ZB . 17.13 -82.04 -14.95
O2D CLA ZB . 17.74 -83.14 -13.02
CED CLA ZB . 18.32 -84.43 -13.22
MG CLA AC . 21.26 -66.96 -2.49
CHA CLA AC . 17.99 -67.34 -1.36
CHB CLA AC . 22.17 -66.48 0.79
CHC CLA AC . 24.45 -66.68 -3.57
CHD CLA AC . 20.19 -67.31 -5.84
NA CLA AC . 20.24 -66.93 -0.50
C1A CLA AC . 18.99 -67.09 -0.26
C2A CLA AC . 18.63 -66.94 1.19
C3A CLA AC . 19.97 -66.63 1.82
C4A CLA AC . 20.87 -66.68 0.64
CMA CLA AC . 20.02 -65.37 2.67
CAA CLA AC . 18.06 -68.23 1.82
CBA CLA AC . 19.10 -69.28 2.21
CGA CLA AC . 19.06 -70.42 1.22
O1A CLA AC . 19.79 -71.39 1.28
O2A CLA AC . 18.23 -70.49 0.20
NB CLA AC . 23.05 -66.62 -1.51
C1B CLA AC . 23.25 -66.45 -0.21
C2B CLA AC . 24.66 -66.22 0.17
C3B CLA AC . 25.32 -66.26 -1.14
C4B CLA AC . 24.24 -66.53 -2.13
CMB CLA AC . 25.25 -65.98 1.52
CAB CLA AC . 26.77 -66.11 -1.41
CBB CLA AC . 27.25 -65.18 -2.21
NC CLA AC . 22.18 -67.08 -4.40
C1C CLA AC . 23.48 -66.91 -4.65
C2C CLA AC . 23.89 -66.97 -6.07
C3C CLA AC . 22.61 -67.20 -6.72
C4C CLA AC . 21.64 -67.23 -5.61
CMC CLA AC . 25.27 -66.83 -6.64
CAC CLA AC . 22.31 -67.37 -8.20
CBC CLA AC . 22.02 -66.03 -8.84
ND CLA AC . 19.57 -67.25 -3.50
C1D CLA AC . 19.19 -67.39 -4.77
C2D CLA AC . 17.75 -67.61 -4.96
C3D CLA AC . 17.32 -67.59 -3.56
C4D CLA AC . 18.39 -67.38 -2.79
CMD CLA AC . 16.81 -67.83 -6.10
CAD CLA AC . 16.10 -67.71 -2.73
OBD CLA AC . 14.96 -68.12 -3.14
CBD CLA AC . 16.49 -67.51 -1.30
CGD CLA AC . 15.87 -66.25 -0.77
O1D CLA AC . 16.40 -65.18 -0.98
O2D CLA AC . 14.64 -66.26 0.00
CED CLA AC . 13.77 -65.15 -0.10
C1 CLA AC . 18.69 -71.10 -1.21
C2 CLA AC . 20.05 -70.80 -1.78
C3 CLA AC . 20.26 -70.70 -3.11
C4 CLA AC . 19.14 -70.87 -4.08
C5 CLA AC . 21.65 -70.39 -3.59
C6 CLA AC . 21.81 -70.70 -5.08
C7 CLA AC . 22.62 -71.96 -5.31
C8 CLA AC . 23.99 -71.68 -5.96
C9 CLA AC . 24.95 -71.07 -4.96
C10 CLA AC . 23.81 -70.77 -7.18
MG CLA BC . -0.68 -48.78 51.30
CHA CLA BC . 2.52 -48.24 49.99
CHB CLA BC . 0.06 -46.41 53.68
CHC CLA BC . -3.81 -49.25 52.51
CHD CLA BC . -1.32 -51.18 48.76
NA CLA BC . 1.05 -47.46 51.80
C1A CLA BC . 2.19 -47.38 51.19
C2A CLA BC . 3.14 -46.37 51.81
C3A CLA BC . 2.31 -45.84 52.97
C4A CLA BC . 1.05 -46.62 52.81
CMA CLA BC . 2.92 -45.67 54.35
CAA CLA BC . 3.50 -45.25 50.83
CBA CLA BC . 2.93 -43.86 51.08
CGA CLA BC . 2.26 -43.39 49.81
O1A CLA BC . 2.84 -43.13 48.78
O2A CLA BC . 0.96 -43.20 49.69
NB CLA BC . -1.72 -47.94 52.87
C1B CLA BC . -1.28 -47.02 53.75
C2B CLA BC . -2.29 -46.66 54.79
C3B CLA BC . -3.39 -47.51 54.42
C4B CLA BC . -2.97 -48.27 53.22
CMB CLA BC . -2.16 -45.68 55.92
CAB CLA BC . -4.72 -47.62 55.08
CBB CLA BC . -5.01 -48.64 55.84
NC CLA BC . -2.33 -49.99 50.68
C1C CLA BC . -3.51 -50.05 51.30
C2C CLA BC . -4.52 -50.96 50.71
C3C CLA BC . -3.78 -51.50 49.57
C4C CLA BC . -2.45 -50.84 49.65
CMC CLA BC . -5.92 -51.24 51.15
CAC CLA BC . -4.25 -52.48 48.52
CBC CLA BC . -3.73 -53.87 48.79
ND CLA BC . 0.23 -49.58 49.71
C1D CLA BC . -0.02 -50.51 48.79
C2D CLA BC . 1.10 -50.82 47.86
C3D CLA BC . 2.09 -49.86 48.39
C4D CLA BC . 1.54 -49.20 49.43
CMD CLA BC . 1.41 -51.73 46.69
CAD CLA BC . 3.47 -49.42 48.16
OBD CLA BC . 4.36 -50.12 47.55
CBD CLA BC . 3.76 -48.31 49.11
CGD CLA BC . 5.01 -48.58 49.89
O1D CLA BC . 5.76 -47.66 50.19
O2D CLA BC . 5.37 -49.89 50.35
CED CLA BC . 6.11 -49.97 51.57
C1 PQN CC . 17.76 -61.40 -11.10
O1 PQN CC . 18.53 -60.51 -10.74
C2 PQN CC . 18.31 -62.71 -11.55
C2M PQN CC . 19.78 -62.93 -11.58
C3 PQN CC . 17.40 -63.78 -12.01
C4 PQN CC . 15.94 -63.56 -11.98
O4 PQN CC . 15.18 -64.46 -12.36
C5 PQN CC . 15.38 -62.28 -11.53
C6 PQN CC . 14.02 -62.07 -11.52
C7 PQN CC . 13.52 -60.86 -11.09
C8 PQN CC . 14.35 -59.84 -10.68
C9 PQN CC . 15.73 -59.99 -10.67
C10 PQN CC . 16.28 -61.19 -11.09
C11 PQN CC . 17.92 -65.11 -12.48
C12 PQN CC . 18.05 -66.00 -11.27
C13 PQN CC . 17.71 -67.28 -11.30
C14 PQN CC . 17.16 -67.91 -12.54
C15 PQN CC . 17.86 -68.09 -10.04
C16 PQN CC . 19.28 -68.60 -9.91
C17 PQN CC . 19.32 -69.89 -9.12
C18 PQN CC . 20.14 -70.94 -9.86
C19 PQN CC . 19.58 -71.10 -11.27
C20 PQN CC . 20.19 -72.23 -9.05
C21 PQN CC . 19.40 -73.40 -9.65
C22 PQN CC . 20.34 -74.51 -10.14
C23 PQN CC . 19.93 -75.92 -9.73
C24 PQN CC . 19.19 -75.98 -8.40
C25 PQN CC . 21.19 -76.77 -9.67
C26 PQN CC . 22.09 -76.31 -8.54
C27 PQN CC . 23.19 -77.33 -8.28
C28 PQN CC . 23.11 -77.95 -6.90
C29 PQN CC . 22.07 -79.07 -6.87
C30 PQN CC . 24.47 -78.46 -6.47
FE1 SF4 DC . 6.79 -55.31 -13.62
FE2 SF4 DC . 5.72 -52.93 -12.84
FE3 SF4 DC . 4.11 -55.12 -13.15
FE4 SF4 DC . 5.20 -53.89 -15.34
S1 SF4 DC . 3.68 -52.99 -13.88
S2 SF4 DC . 5.10 -56.14 -14.92
S3 SF4 DC . 7.22 -53.25 -14.51
S4 SF4 DC . 5.80 -54.86 -11.63
C1 BCR EC . -13.74 -59.71 43.59
C2 BCR EC . -14.73 -58.62 43.22
C3 BCR EC . -14.16 -57.24 43.45
C4 BCR EC . -12.94 -57.01 42.59
C5 BCR EC . -11.98 -58.17 42.70
C6 BCR EC . -12.37 -59.42 43.02
C7 BCR EC . -11.44 -60.55 42.78
C8 BCR EC . -10.64 -61.12 43.66
C9 BCR EC . -9.90 -62.08 43.26
C10 BCR EC . -8.67 -62.03 43.41
C11 BCR EC . -7.69 -62.64 43.65
C33 BCR EC . -10.54 -57.87 42.38
C31 BCR EC . -14.23 -61.05 43.08
C32 BCR EC . -13.64 -59.76 45.11
C34 BCR EC . -10.52 -63.28 42.62
C12 BCR EC . -6.63 -63.24 43.92
C13 BCR EC . -5.79 -64.42 44.17
C14 BCR EC . -4.46 -64.28 44.27
C15 BCR EC . -3.60 -65.42 44.53
C16 BCR EC . -2.43 -66.00 44.83
C17 BCR EC . -1.27 -66.12 45.11
C18 BCR EC . 0.00 -65.79 45.27
C19 BCR EC . 1.01 -66.76 45.70
C20 BCR EC . 2.09 -66.96 46.46
C21 BCR EC . 3.01 -67.45 47.05
C22 BCR EC . 4.22 -67.50 47.63
C23 BCR EC . 4.65 -68.73 48.32
C24 BCR EC . 5.94 -68.96 48.60
C25 BCR EC . 6.42 -70.16 49.33
C26 BCR EC . 6.67 -71.32 48.67
C27 BCR EC . 7.36 -72.48 49.34
C28 BCR EC . 8.13 -72.02 50.56
C29 BCR EC . 7.15 -71.31 51.46
C30 BCR EC . 6.65 -70.02 50.83
C35 BCR EC . -6.42 -65.77 44.33
C36 BCR EC . 0.42 -64.36 45.07
C37 BCR EC . 5.13 -66.33 47.58
C38 BCR EC . 6.29 -71.54 47.25
C39 BCR EC . 7.69 -68.93 51.05
C40 BCR EC . 5.38 -69.66 51.58
C1 BCR FC . 15.90 -77.28 31.19
C2 BCR FC . 16.17 -76.84 29.76
C3 BCR FC . 17.20 -75.74 29.65
C4 BCR FC . 16.70 -74.54 30.42
C5 BCR FC . 16.54 -74.96 31.87
C6 BCR FC . 16.02 -76.15 32.20
C7 BCR FC . 15.57 -76.44 33.59
C8 BCR FC . 14.46 -76.00 34.20
C9 BCR FC . 14.21 -76.36 35.40
C10 BCR FC . 13.05 -76.35 35.86
C11 BCR FC . 12.40 -76.13 36.81
C33 BCR FC . 17.01 -73.99 32.90
C31 BCR FC . 16.89 -78.34 31.62
C32 BCR FC . 14.50 -77.86 31.23
C34 BCR FC . 15.30 -76.84 36.29
C12 BCR FC . 11.66 -75.96 37.81
C13 BCR FC . 10.59 -75.28 38.56
C14 BCR FC . 10.35 -75.54 39.84
C15 BCR FC . 9.27 -74.83 40.51
C16 BCR FC . 8.18 -74.69 41.28
C17 BCR FC . 7.31 -74.13 41.87
C18 BCR FC . 6.22 -73.36 42.03
C19 BCR FC . 5.59 -73.15 43.34
C20 BCR FC . 4.50 -72.78 44.01
C21 BCR FC . 3.74 -72.50 44.88
C22 BCR FC . 2.69 -71.89 45.44
C23 BCR FC . 2.31 -72.06 46.86
C24 BCR FC . 1.03 -72.14 47.17
C25 BCR FC . 0.54 -72.29 48.56
C26 BCR FC . 0.31 -71.16 49.25
C27 BCR FC . 0.48 -71.11 50.74
C28 BCR FC . -0.06 -72.40 51.35
C29 BCR FC . 0.61 -73.59 50.66
C30 BCR FC . 0.24 -73.63 49.19
C35 BCR FC . 9.73 -74.30 37.82
C36 BCR FC . 5.66 -72.65 40.85
C37 BCR FC . 1.87 -70.96 44.60
C38 BCR FC . -0.12 -69.92 48.52
C39 BCR FC . -1.26 -73.90 49.06
C40 BCR FC . 0.98 -74.79 48.52
C1 BCR GC . 3.06 -77.31 43.49
C2 BCR GC . 2.67 -78.34 44.54
C3 BCR GC . 3.80 -79.34 44.77
C4 BCR GC . 4.13 -80.07 43.49
C5 BCR GC . 4.43 -79.06 42.42
C6 BCR GC . 3.64 -78.00 42.26
C7 BCR GC . 3.30 -77.50 40.91
C8 BCR GC . 3.92 -76.49 40.31
C9 BCR GC . 3.58 -76.09 39.14
C10 BCR GC . 4.01 -75.01 38.71
C11 BCR GC . 4.71 -74.48 37.94
C33 BCR GC . 5.60 -79.29 41.53
C31 BCR GC . 4.13 -76.39 44.05
C32 BCR GC . 1.80 -76.51 43.12
C34 BCR GC . 2.74 -76.95 38.26
C12 BCR GC . 5.47 -73.90 37.14
C13 BCR GC . 5.89 -73.34 35.85
C14 BCR GC . 7.09 -72.80 35.72
C15 BCR GC . 7.60 -72.23 34.47
C16 BCR GC . 8.51 -71.50 33.88
C17 BCR GC . 9.18 -70.89 33.08
C18 BCR GC . 10.18 -70.11 32.67
C19 BCR GC . 10.29 -69.74 31.26
C20 BCR GC . 10.99 -69.35 30.22
C21 BCR GC . 11.86 -68.92 29.54
C22 BCR GC . 13.04 -68.59 29.02
C23 BCR GC . 13.01 -68.09 27.65
C24 BCR GC . 14.07 -67.50 27.09
C25 BCR GC . 13.98 -67.00 25.71
C26 BCR GC . 13.16 -65.98 25.41
C27 BCR GC . 12.51 -65.91 24.06
C28 BCR GC . 13.56 -66.21 23.02
C29 BCR GC . 14.19 -67.56 23.28
C30 BCR GC . 14.86 -67.64 24.65
C35 BCR GC . 4.97 -73.41 34.67
C36 BCR GC . 11.21 -69.66 33.66
C37 BCR GC . 14.30 -68.70 29.82
C38 BCR GC . 12.85 -64.90 26.40
C39 BCR GC . 16.19 -66.93 24.59
C40 BCR GC . 15.10 -69.10 24.97
C1 BCR HC . -6.28 -56.23 14.96
C2 BCR HC . -6.52 -56.37 13.46
C3 BCR HC . -5.22 -56.60 12.72
C4 BCR HC . -4.34 -55.38 12.90
C5 BCR HC . -4.08 -55.22 14.37
C6 BCR HC . -5.05 -55.40 15.28
C7 BCR HC . -4.88 -54.86 16.65
C8 BCR HC . -5.05 -53.59 16.99
C9 BCR HC . -4.87 -53.23 18.19
C10 BCR HC . -4.70 -52.01 18.40
C11 BCR HC . -4.89 -51.13 19.13
C33 BCR HC . -2.70 -54.90 14.81
C31 BCR HC . -6.00 -57.56 15.58
C32 BCR HC . -7.53 -55.68 15.63
C34 BCR HC . -4.88 -54.18 19.33
C12 BCR HC . -5.07 -50.14 19.86
C13 BCR HC . -5.25 -49.41 21.12
C14 BCR HC . -5.39 -48.10 21.02
C15 BCR HC . -5.58 -47.25 22.19
C16 BCR HC . -5.72 -46.04 22.72
C17 BCR HC . -5.80 -44.86 22.72
C18 BCR HC . -5.91 -43.60 23.17
C19 BCR HC . -6.01 -43.33 24.61
C20 BCR HC . -5.90 -42.50 25.63
C21 BCR HC . -5.58 -41.52 26.26
C22 BCR HC . -5.34 -40.24 26.54
C23 BCR HC . -4.99 -39.79 27.90
C24 BCR HC . -5.90 -39.19 28.66
C25 BCR HC . -5.62 -38.69 30.03
C26 BCR HC . -5.63 -39.46 31.12
C27 BCR HC . -6.49 -39.01 32.27
C28 BCR HC . -6.04 -37.61 32.63
C29 BCR HC . -6.10 -36.69 31.41
C30 BCR HC . -5.30 -37.22 30.23
C35 BCR HC . -5.24 -50.12 22.42
C36 BCR HC . -5.94 -42.48 22.18
C37 BCR HC . -5.35 -39.25 25.43
C38 BCR HC . -4.80 -40.70 31.26
C39 BCR HC . -3.80 -37.10 30.50
C40 BCR HC . -5.68 -36.42 28.99
C1 BCR IC . 2.44 -51.15 12.42
C2 BCR IC . 1.78 -51.50 11.11
C3 BCR IC . 0.30 -51.78 11.33
C4 BCR IC . 0.17 -53.05 12.12
C5 BCR IC . 1.08 -53.04 13.33
C6 BCR IC . 2.12 -52.20 13.46
C7 BCR IC . 3.00 -52.35 14.65
C8 BCR IC . 2.82 -51.65 15.77
C9 BCR IC . 3.56 -51.82 16.79
C10 BCR IC . 3.04 -51.70 17.91
C11 BCR IC . 3.12 -51.25 19.00
C33 BCR IC . 0.78 -54.07 14.38
C31 BCR IC . 1.94 -49.78 12.85
C32 BCR IC . 3.95 -51.11 12.23
C34 BCR IC . 5.00 -52.17 16.69
C12 BCR IC . 3.11 -50.77 20.14
C13 BCR IC . 3.58 -50.42 21.48
C14 BCR IC . 2.74 -49.73 22.24
C15 BCR IC . 3.07 -49.31 23.58
C16 BCR IC . 2.75 -48.62 24.65
C17 BCR IC . 2.73 -48.09 25.72
C18 BCR IC . 2.18 -47.42 26.73
C19 BCR IC . 2.94 -46.96 27.89
C20 BCR IC . 2.84 -46.39 29.07
C21 BCR IC . 3.06 -45.87 30.12
C22 BCR IC . 2.78 -45.13 31.19
C23 BCR IC . 3.78 -44.93 32.22
C24 BCR IC . 4.04 -43.65 32.50
C25 BCR IC . 5.02 -43.21 33.50
C26 BCR IC . 6.26 -43.71 33.55
C27 BCR IC . 6.82 -44.04 34.89
C28 BCR IC . 6.71 -42.75 35.68
C29 BCR IC . 5.26 -42.34 35.81
C30 BCR IC . 4.64 -42.11 34.46
C35 BCR IC . 4.93 -50.80 21.98
C36 BCR IC . 0.72 -47.13 26.69
C37 BCR IC . 1.42 -44.51 31.31
C38 BCR IC . 7.09 -43.92 32.32
C39 BCR IC . 5.15 -40.78 33.90
C40 BCR IC . 3.12 -42.04 34.61
C1 BCR JC . 25.82 -63.39 11.23
C2 BCR JC . 25.55 -61.90 11.27
C3 BCR JC . 24.16 -61.58 11.76
C4 BCR JC . 23.11 -62.21 10.86
C5 BCR JC . 23.41 -63.68 10.79
C6 BCR JC . 24.66 -64.12 10.59
C7 BCR JC . 24.87 -65.35 9.79
C8 BCR JC . 24.86 -65.38 8.47
C9 BCR JC . 25.05 -66.49 7.88
C10 BCR JC . 25.54 -66.54 6.73
C11 BCR JC . 26.26 -66.08 5.92
C33 BCR JC . 22.29 -64.66 10.97
C31 BCR JC . 25.91 -63.93 12.65
C32 BCR JC . 27.12 -63.66 10.49
C34 BCR JC . 24.67 -67.78 8.53
C12 BCR JC . 27.02 -65.74 5.00
C13 BCR JC . 27.71 -64.88 4.03
C14 BCR JC . 28.42 -65.50 3.09
C15 BCR JC . 29.17 -64.85 2.04
C16 BCR JC . 29.94 -64.90 0.95
C17 BCR JC . 30.63 -64.58 0.03
C18 BCR JC . 31.35 -64.71 -1.08
C19 BCR JC . 31.52 -66.02 -1.71
C20 BCR JC . 32.28 -66.79 -2.46
C21 BCR JC . 32.67 -67.72 -3.10
C22 BCR JC . 33.28 -68.29 -4.13
C23 BCR JC . 33.39 -69.76 -4.23
C24 BCR JC . 32.93 -70.35 -5.34
C25 BCR JC . 32.96 -71.80 -5.69
C26 BCR JC . 33.22 -72.07 -6.98
C27 BCR JC . 33.79 -73.39 -7.45
C28 BCR JC . 33.49 -74.52 -6.49
C29 BCR JC . 32.39 -74.19 -5.50
C30 BCR JC . 32.73 -72.93 -4.70
C35 BCR JC . 27.60 -63.38 4.08
C36 BCR JC . 32.06 -63.55 -1.70
C37 BCR JC . 33.86 -67.43 -5.20
C38 BCR JC . 32.94 -71.02 -8.02
C39 BCR JC . 33.97 -73.18 -3.85
C40 BCR JC . 31.53 -72.65 -3.79
O1 LHG KC . 1.81 -69.63 -6.51
C1 LHG KC . 1.81 -69.17 -5.16
C2 LHG KC . 3.21 -68.72 -4.78
O2 LHG KC . 3.36 -68.74 -3.36
C3 LHG KC . 3.44 -67.31 -5.31
O3 LHG KC . 4.35 -66.63 -4.46
P LHG KC . 5.78 -66.10 -5.01
O4 LHG KC . 6.37 -67.19 -5.87
O5 LHG KC . 5.58 -64.74 -5.60
O6 LHG KC . 6.64 -66.01 -3.65
C4 LHG KC . 7.52 -64.93 -3.34
C5 LHG KC . 8.22 -65.28 -2.04
C6 LHG KC . 7.21 -65.23 -0.90
O7 LHG KC . 8.69 -66.62 -2.18
C7 LHG KC . 10.12 -66.82 -1.96
O9 LHG KC . 10.92 -66.05 -2.47
C8 LHG KC . 10.59 -67.98 -1.11
C9 LHG KC . 12.00 -68.40 -1.49
C10 LHG KC . 12.24 -69.88 -1.17
O8 LHG KC . 7.70 -64.54 0.25
C23 LHG KC . 7.72 -65.18 1.56
O10 LHG KC . 7.53 -66.38 1.64
C24 LHG KC . 7.97 -64.37 2.81
C11 LHG KC . 13.29 -70.08 -0.09
C12 LHG KC . 14.14 -71.30 -0.41
C13 LHG KC . 15.13 -71.73 0.68
C14 LHG KC . 14.78 -71.21 2.08
C15 LHG KC . 15.62 -71.91 3.14
C16 LHG KC . 16.10 -70.94 4.22
C17 LHG KC . 16.02 -71.57 5.60
C18 LHG KC . 16.22 -70.53 6.71
C19 LHG KC . 16.48 -71.22 8.05
C25 LHG KC . 9.45 -64.05 3.00
C26 LHG KC . 9.72 -62.55 2.82
C27 LHG KC . 10.89 -62.08 3.70
C28 LHG KC . 12.22 -62.09 2.95
C29 LHG KC . 13.28 -61.24 3.67
C30 LHG KC . 13.70 -61.76 5.03
C31 LHG KC . 15.03 -61.13 5.44
C32 LHG KC . 16.11 -62.14 5.82
C33 LHG KC . 17.35 -61.41 6.34
C34 LHG KC . 18.34 -62.33 7.03
O3 LHG LC . -20.52 -44.36 33.70
P LHG LC . -20.36 -44.43 32.10
O4 LHG LC . -20.34 -45.88 31.69
O5 LHG LC . -21.35 -43.49 31.46
O6 LHG LC . -18.89 -43.84 31.87
C4 LHG LC . -18.65 -43.00 30.75
C5 LHG LC . -17.27 -42.40 30.86
C6 LHG LC . -17.42 -40.89 30.96
O7 LHG LC . -16.65 -42.89 32.03
C7 LHG LC . -15.22 -43.11 31.88
O9 LHG LC . -14.49 -42.17 31.72
C8 LHG LC . -14.66 -44.51 31.92
C9 LHG LC . -13.40 -44.54 32.77
C10 LHG LC . -12.18 -44.44 31.89
O8 LHG LC . -17.18 -40.58 32.34
C23 LHG LC . -16.72 -39.28 32.78
O10 LHG LC . -17.13 -38.27 32.25
C24 LHG LC . -15.72 -39.28 33.90
C11 LHG LC . -10.87 -44.63 32.64
C12 LHG LC . -9.81 -43.77 31.99
C13 LHG LC . -8.43 -44.36 32.18
C14 LHG LC . -7.40 -43.45 31.55
C15 LHG LC . -6.07 -44.17 31.34
C16 LHG LC . -5.64 -44.10 29.89
C17 LHG LC . -4.18 -44.50 29.75
C18 LHG LC . -3.73 -44.45 28.30
C19 LHG LC . -2.22 -44.26 28.23
C20 LHG LC . -1.80 -42.92 28.82
C21 LHG LC . -1.61 -41.87 27.73
C22 LHG LC . -1.03 -40.60 28.33
C25 LHG LC . -15.07 -37.91 34.06
C26 LHG LC . -14.92 -37.61 35.55
C27 LHG LC . -13.75 -36.66 35.76
C28 LHG LC . -12.96 -37.02 37.01
C29 LHG LC . -12.05 -35.86 37.39
C30 LHG LC . -11.25 -36.19 38.65
C31 LHG LC . -11.74 -35.36 39.83
C32 LHG LC . -10.92 -35.69 41.07
C33 LHG LC . -11.34 -34.81 42.25
C34 LHG LC . -10.13 -34.27 42.99
C35 LHG LC . -9.13 -33.60 42.04
C36 LHG LC . -8.87 -32.15 42.42
C37 LHG LC . -7.39 -31.82 42.35
C38 LHG LC . -6.89 -31.86 40.92
C1 LMG MC . 19.81 -21.20 20.97
O1 LMG MC . 19.08 -22.42 20.80
C2 LMG MC . 21.25 -21.49 21.32
O2 LMG MC . 21.29 -22.11 22.60
C3 LMG MC . 22.11 -20.23 21.38
O3 LMG MC . 23.48 -20.62 21.27
C4 LMG MC . 21.81 -19.21 20.29
O4 LMG MC . 22.58 -19.49 19.11
C5 LMG MC . 20.32 -19.10 19.95
O5 LMG MC . 20.59 -16.97 18.88
C6 LMG MC . 20.15 -18.32 18.66
O6 LMG MC . 19.76 -20.41 19.77
C7 LMG MC . 17.91 -22.26 20.01
C8 LMG MC . 17.02 -23.51 20.08
C9 LMG MC . 16.53 -23.66 21.51
O7 LMG MC . 15.91 -23.39 19.19
C10 LMG MC . 16.13 -24.04 17.90
O9 LMG MC . 17.25 -24.05 17.42
C11 LMG MC . 15.00 -24.70 17.14
C12 LMG MC . 15.48 -25.14 15.76
C13 LMG MC . 14.40 -25.93 15.02
C14 LMG MC . 14.16 -27.30 15.63
C15 LMG MC . 12.68 -27.58 15.78
C16 LMG MC . 12.30 -28.99 15.37
C17 LMG MC . 12.89 -30.05 16.28
C18 LMG MC . 12.29 -31.37 15.87
O8 LMG MC . 17.41 -24.59 22.16
C28 LMG MC . 17.04 -25.25 23.39
O10 LMG MC . 17.75 -25.08 24.37
C29 LMG MC . 15.80 -26.13 23.48
C30 LMG MC . 15.87 -27.37 22.59
C31 LMG MC . 15.57 -27.11 21.12
C32 LMG MC . 14.20 -27.63 20.72
C33 LMG MC . 13.32 -26.52 20.16
C34 LMG MC . 12.94 -25.53 21.26
C35 LMG MC . 12.25 -26.19 22.45
C36 LMG MC . 12.36 -25.26 23.63
C37 LMG MC . 11.62 -25.40 24.72
C38 LMG MC . 10.58 -26.49 24.83
C39 LMG MC . 9.23 -25.91 24.51
C40 LMG MC . 8.19 -26.74 24.36
C41 LMG MC . 6.82 -26.20 24.03
C42 LMG MC . 5.92 -27.38 23.80
C43 LMG MC . 5.76 -28.29 24.75
C44 LMG MC . 4.86 -29.47 24.53
C45 LMG MC . 3.52 -29.00 24.02
C1B LMT NC . 20.32 -30.80 34.23
C2B LMT NC . 21.63 -30.35 33.56
C3B LMT NC . 21.97 -31.29 32.40
C4B LMT NC . 21.99 -32.77 32.86
C5B LMT NC . 20.65 -33.05 33.56
C6B LMT NC . 20.59 -34.48 34.03
O1B LMT NC . 19.26 -30.64 33.35
O2B LMT NC . 21.48 -29.08 33.12
O3B LMT NC . 23.14 -30.93 31.79
O4' LMT NC . 22.14 -33.62 31.79
O5B LMT NC . 20.40 -32.15 34.62
O6B LMT NC . 21.24 -34.62 35.23
C1' LMT NC . 15.86 -28.63 32.18
C2' LMT NC . 17.14 -27.80 32.25
C3' LMT NC . 18.33 -28.78 32.26
C4' LMT NC . 18.34 -29.58 33.55
C5' LMT NC . 16.94 -30.19 33.74
C6' LMT NC . 16.28 -29.92 35.08
O1' LMT NC . 14.85 -28.06 32.89
O2' LMT NC . 17.21 -27.03 31.13
O3' LMT NC . 19.50 -28.10 32.14
O5' LMT NC . 16.04 -29.97 32.65
O6' LMT NC . 17.05 -30.58 35.97
C1 LMT NC . 13.75 -27.67 32.12
C2 LMT NC . 12.80 -28.80 32.26
C3 LMT NC . 11.53 -28.69 31.50
C4 LMT NC . 10.73 -29.92 31.85
C5 LMT NC . 9.28 -29.64 31.71
C6 LMT NC . 8.46 -30.62 32.47
C7 LMT NC . 7.01 -30.31 32.29
C8 LMT NC . 6.61 -30.67 30.90
C1B LMT OC . 0.87 -39.85 18.27
C2B LMT OC . -0.13 -39.18 17.31
C3B LMT OC . -1.29 -40.13 16.97
C4B LMT OC . -0.84 -41.62 17.02
C5B LMT OC . -0.26 -41.90 18.42
C6B LMT OC . 0.78 -43.00 18.36
O1B LMT OC . 1.61 -38.89 18.94
O2B LMT OC . -0.58 -38.04 17.93
O3B LMT OC . -1.88 -39.80 15.79
O4' LMT OC . -1.90 -42.44 16.81
O5B LMT OC . 0.24 -40.77 19.09
O6B LMT OC . 0.29 -44.07 17.67
C1' LMT OC . 3.57 -37.91 22.31
C2' LMT OC . 3.14 -39.39 22.34
C3' LMT OC . 2.71 -39.79 20.91
C4' LMT OC . 1.63 -38.82 20.34
C5' LMT OC . 2.15 -37.38 20.60
C6' LMT OC . 1.25 -36.30 20.09
O1' LMT OC . 3.98 -37.47 23.51
O2' LMT OC . 4.21 -40.16 22.71
O3' LMT OC . 2.25 -41.06 20.93
O5' LMT OC . 2.43 -37.17 21.95
O6' LMT OC . 1.60 -35.18 20.78
C1 LMT OC . 5.07 -36.58 23.43
C2 LMT OC . 4.97 -35.72 24.63
C3 LMT OC . 4.08 -34.53 24.51
C4 LMT OC . 4.96 -33.33 24.33
C5 LMT OC . 5.72 -33.04 25.58
C1B LMT PC . 39.27 -86.40 18.97
C2B LMT PC . 40.11 -85.35 19.73
C3B LMT PC . 41.32 -84.91 18.88
C4B LMT PC . 42.12 -86.13 18.38
C5B LMT PC . 41.13 -87.09 17.70
C6B LMT PC . 41.87 -88.33 17.18
O1B LMT PC . 38.65 -85.80 17.87
O2B LMT PC . 39.30 -84.29 20.02
O3B LMT PC . 42.11 -84.01 19.56
O4' LMT PC . 43.08 -85.75 17.47
O5B LMT PC . 40.08 -87.46 18.55
O6B LMT PC . 41.42 -88.65 15.92
C1' LMT PC . 34.77 -85.03 16.51
C2' LMT PC . 35.25 -84.21 17.75
C3' LMT PC . 36.79 -84.30 17.89
C4' LMT PC . 37.25 -85.76 17.87
C5' LMT PC . 36.73 -86.30 16.52
C6' LMT PC . 37.26 -87.65 16.13
O1' LMT PC . 33.41 -85.18 16.56
O2' LMT PC . 34.90 -82.91 17.56
O3' LMT PC . 37.19 -83.70 19.04
O5' LMT PC . 35.32 -86.34 16.56
O6' LMT PC . 38.52 -87.43 15.67
C1 LMT PC . 32.75 -85.01 15.34
C2 LMT PC . 31.30 -84.84 15.72
C3 LMT PC . 30.66 -83.55 15.36
C4 LMT PC . 29.24 -83.60 15.85
C5 LMT PC . 28.46 -82.46 15.28
C6 LMT PC . 27.17 -82.25 16.00
C7 LMT PC . 26.45 -81.08 15.41
C8 LMT PC . 25.11 -80.97 16.04
C9 LMT PC . 24.22 -79.95 15.42
O1B LMT QC . 30.03 -90.17 36.19
C1' LMT QC . 26.53 -88.80 34.52
C2' LMT QC . 26.31 -89.73 35.73
C3' LMT QC . 27.65 -89.99 36.47
C4' LMT QC . 28.81 -90.33 35.50
C5' LMT QC . 28.76 -89.27 34.37
C6' LMT QC . 29.91 -89.34 33.40
O1' LMT QC . 25.40 -88.71 33.77
O2' LMT QC . 25.44 -89.11 36.59
O3' LMT QC . 27.52 -91.00 37.37
O5' LMT QC . 27.55 -89.35 33.69
O6' LMT QC . 30.36 -90.64 33.43
C1 LMT QC . 24.91 -87.41 33.59
C2 LMT QC . 23.56 -87.43 34.25
C3 LMT QC . 22.79 -86.16 34.19
C4 LMT QC . 21.43 -86.49 33.65
C5 LMT QC . 20.51 -85.34 33.78
C6 LMT QC . 19.20 -85.59 33.12
C7 LMT QC . 18.24 -84.50 33.43
C8 LMT QC . 16.98 -84.75 32.68
C9 LMT QC . 15.86 -83.83 33.03
C10 LMT QC . 14.63 -84.34 32.33
C11 LMT QC . 13.47 -83.43 32.54
C12 LMT QC . 13.72 -82.07 32.01
CL CL RC . 33.23 -33.17 10.76
MG CLA SC . 32.09 -45.42 0.31
CHA CLA SC . 32.87 -45.11 -3.09
CHB CLA SC . 28.92 -46.20 -0.62
CHC CLA SC . 31.41 -45.90 3.59
CHD CLA SC . 35.37 -44.51 1.14
NA CLA SC . 30.98 -45.64 -1.62
C1A CLA SC . 31.42 -45.40 -2.79
C2A CLA SC . 30.35 -45.41 -3.82
C3A CLA SC . 29.15 -45.63 -2.99
C4A CLA SC . 29.71 -45.86 -1.66
CMA CLA SC . 28.46 -44.28 -3.06
CAA CLA SC . 30.42 -46.68 -4.63
CBA CLA SC . 29.48 -46.70 -5.81
CGA CLA SC . 29.65 -48.08 -6.36
O1A CLA SC . 28.94 -48.63 -7.17
O2A CLA SC . 30.63 -48.84 -5.98
NB CLA SC . 30.39 -45.97 1.32
C1B CLA SC . 29.23 -46.35 0.80
C2B CLA SC . 28.27 -46.86 1.80
C3B CLA SC . 29.04 -46.75 3.04
C4B CLA SC . 30.34 -46.18 2.64
CMB CLA SC . 26.89 -47.39 1.56
CAB CLA SC . 28.73 -47.07 4.45
CBB CLA SC . 27.52 -47.06 4.94
NC CLA SC . 33.22 -45.26 2.08
C1C CLA SC . 32.78 -45.43 3.31
C2C CLA SC . 33.73 -45.15 4.39
C3C CLA SC . 34.90 -44.75 3.64
C4C CLA SC . 34.47 -44.84 2.25
CMC CLA SC . 33.53 -45.26 5.85
CAC CLA SC . 36.24 -44.31 4.14
CBC CLA SC . 36.17 -42.84 4.41
ND CLA SC . 33.77 -44.93 -0.61
C1D CLA SC . 34.98 -44.57 -0.26
C2D CLA SC . 35.88 -44.23 -1.35
C3D CLA SC . 34.99 -44.46 -2.50
C4D CLA SC . 33.80 -44.84 -1.99
CMD CLA SC . 37.30 -43.79 -1.43
CAD CLA SC . 34.93 -44.39 -3.97
OBD CLA SC . 35.94 -44.24 -4.73
CBD CLA SC . 33.71 -45.14 -4.36
CGD CLA SC . 33.10 -44.66 -5.66
O1D CLA SC . 32.83 -43.51 -5.89
O2D CLA SC . 32.82 -45.60 -6.70
CED CLA SC . 33.46 -45.43 -7.96
C1 CLA SC . 31.36 -49.87 -6.94
C2 CLA SC . 32.22 -50.90 -6.24
C3 CLA SC . 33.48 -51.12 -6.61
C4 CLA SC . 34.10 -50.35 -7.73
C5 CLA SC . 34.26 -52.16 -5.86
C6 CLA SC . 35.27 -51.43 -5.00
C7 CLA SC . 35.94 -52.31 -3.95
C8 CLA SC . 36.81 -53.45 -4.46
C9 CLA SC . 37.37 -54.19 -3.25
C10 CLA SC . 37.92 -52.97 -5.37
C11 CLA SC . 37.63 -53.43 -6.78
C12 CLA SC . 38.86 -53.55 -7.65
C13 CLA SC . 39.07 -54.99 -8.08
C14 CLA SC . 40.17 -55.04 -9.11
C15 CLA SC . 37.81 -55.55 -8.70
C16 CLA SC . 37.50 -56.93 -8.17
C17 CLA SC . 37.45 -57.90 -9.31
C18 CLA SC . 36.26 -58.84 -9.20
C19 CLA SC . 36.08 -59.61 -10.49
C20 CLA SC . 36.42 -59.79 -8.03
MG CLA TC . 30.45 -55.28 -7.07
CHA CLA TC . 31.38 -54.35 -3.83
CHB CLA TC . 32.68 -57.84 -6.82
CHC CLA TC . 29.38 -56.28 -10.14
CHD CLA TC . 28.27 -52.53 -7.24
NA CLA TC . 31.88 -56.02 -5.52
C1A CLA TC . 32.14 -55.52 -4.37
C2A CLA TC . 33.31 -56.18 -3.69
C3A CLA TC . 33.69 -57.24 -4.71
C4A CLA TC . 32.69 -57.02 -5.76
CMA CLA TC . 35.13 -57.28 -5.16
CAA CLA TC . 33.06 -56.75 -2.29
CBA CLA TC . 33.20 -58.23 -2.07
CGA CLA TC . 34.59 -58.68 -1.77
O1A CLA TC . 35.44 -58.06 -1.18
O2A CLA TC . 34.97 -59.87 -2.17
NB CLA TC . 30.98 -56.84 -8.29
C1B CLA TC . 31.85 -57.81 -8.01
C2B CLA TC . 31.93 -58.86 -9.03
C3B CLA TC . 30.98 -58.38 -10.01
C4B CLA TC . 30.41 -57.12 -9.47
CMB CLA TC . 32.81 -60.08 -9.01
CAB CLA TC . 30.58 -59.00 -11.28
CBB CLA TC . 30.37 -60.29 -11.44
NC CLA TC . 28.97 -54.56 -8.44
C1C CLA TC . 28.77 -55.02 -9.68
C2C CLA TC . 27.91 -54.18 -10.54
C3C CLA TC . 27.58 -53.07 -9.65
C4C CLA TC . 28.29 -53.41 -8.40
CMC CLA TC . 27.49 -54.38 -11.96
CAC CLA TC . 26.75 -51.84 -9.89
CBC CLA TC . 27.60 -50.64 -10.23
ND CLA TC . 29.94 -53.70 -5.96
C1D CLA TC . 28.99 -52.78 -6.01
C2D CLA TC . 28.75 -52.05 -4.76
C3D CLA TC . 29.75 -52.71 -3.92
C4D CLA TC . 30.39 -53.63 -4.65
CMD CLA TC . 27.79 -50.97 -4.36
CAD CLA TC . 30.25 -52.72 -2.53
OBD CLA TC . 29.44 -52.67 -1.54
CBD CLA TC . 31.31 -53.75 -2.44
CGD CLA TC . 32.54 -53.21 -1.78
O1D CLA TC . 33.19 -53.87 -1.01
O2D CLA TC . 33.02 -51.87 -1.97
CED CLA TC . 34.04 -51.49 -1.08
C1 CLA TC . 34.74 -61.10 -1.21
C2 CLA TC . 35.85 -61.42 -0.26
C3 CLA TC . 35.74 -62.27 0.75
C4 CLA TC . 36.95 -62.45 1.58
C5 CLA TC . 34.46 -63.02 1.06
C6 CLA TC . 34.68 -64.51 0.94
C7 CLA TC . 34.75 -65.19 2.30
C8 CLA TC . 33.52 -66.03 2.58
C9 CLA TC . 33.25 -66.07 4.07
C10 CLA TC . 33.73 -67.43 2.02
MG CLA UC . 13.61 -42.53 0.88
CHA CLA UC . 10.37 -41.72 1.86
CHB CLA UC . 14.38 -39.20 1.18
CHC CLA UC . 16.78 -43.35 0.30
CHD CLA UC . 12.62 -45.83 0.29
NA CLA UC . 12.53 -40.67 1.44
C1A CLA UC . 11.29 -40.54 1.73
C2A CLA UC . 10.92 -39.12 1.93
C3A CLA UC . 12.18 -38.38 1.62
C4A CLA UC . 13.10 -39.49 1.39
CMA CLA UC . 12.09 -37.30 0.56
CAA CLA UC . 10.82 -38.96 3.45
CBA CLA UC . 10.20 -37.66 3.93
CGA CLA UC . 11.25 -36.69 4.35
O1A CLA UC . 12.27 -36.99 4.94
O2A CLA UC . 11.23 -35.39 4.13
NB CLA UC . 15.34 -41.42 0.77
C1B CLA UC . 15.49 -40.11 0.91
C2B CLA UC . 16.90 -39.64 0.79
C3B CLA UC . 17.58 -40.90 0.52
C4B CLA UC . 16.53 -41.93 0.52
CMB CLA UC . 17.42 -38.23 0.93
CAB CLA UC . 19.01 -41.22 0.31
CBB CLA UC . 19.90 -40.69 1.09
NC CLA UC . 14.54 -44.37 0.40
C1C CLA UC . 15.83 -44.45 0.18
C2C CLA UC . 16.31 -45.76 -0.20
C3C CLA UC . 15.11 -46.58 -0.21
C4C CLA UC . 14.05 -45.58 0.16
CMC CLA UC . 17.72 -46.07 -0.44
CAC CLA UC . 15.12 -48.05 -0.57
CBC CLA UC . 14.07 -48.96 0.00
ND CLA UC . 11.96 -43.63 1.01
C1D CLA UC . 11.62 -44.89 0.77
C2D CLA UC . 10.19 -45.21 0.99
C3D CLA UC . 9.73 -43.89 1.43
C4D CLA UC . 10.77 -43.06 1.41
CMD CLA UC . 9.32 -46.42 0.85
CAD CLA UC . 8.52 -43.19 1.86
OBD CLA UC . 7.44 -43.76 2.21
CBD CLA UC . 8.99 -41.91 2.45
CGD CLA UC . 8.01 -40.80 2.20
O1D CLA UC . 7.50 -40.61 1.13
O2D CLA UC . 7.70 -39.93 3.31
CED CLA UC . 6.60 -39.06 3.24
C1 CLA UC . 12.59 -34.59 3.97
C2 CLA UC . 13.42 -34.67 2.72
C3 CLA UC . 14.68 -35.12 2.72
C4 CLA UC . 15.32 -35.60 3.99
C5 CLA UC . 15.42 -35.16 1.41
C6 CLA UC . 16.71 -34.37 1.52
C7 CLA UC . 16.42 -32.89 1.70
C8 CLA UC . 17.68 -32.08 1.80
C9 CLA UC . 18.43 -32.47 3.05
C10 CLA UC . 17.31 -30.61 1.83
C11 CLA UC . 17.39 -29.96 0.46
C12 CLA UC . 17.51 -28.45 0.61
C13 CLA UC . 16.77 -27.70 -0.48
C14 CLA UC . 15.30 -28.09 -0.56
C15 CLA UC . 17.46 -27.96 -1.81
C16 CLA UC . 16.84 -27.08 -2.88
C17 CLA UC . 17.87 -26.80 -3.96
C18 CLA UC . 17.19 -26.48 -5.27
C19 CLA UC . 18.23 -26.12 -6.31
C20 CLA UC . 16.33 -27.64 -5.74
MG CLA VC . 16.61 -28.27 -25.98
CHA CLA VC . 13.54 -27.77 -27.53
CHB CLA VC . 18.10 -27.53 -29.00
CHC CLA VC . 19.59 -28.62 -24.45
CHD CLA VC . 14.96 -29.21 -22.99
NA CLA VC . 15.94 -27.70 -28.03
C1A CLA VC . 14.74 -27.57 -28.43
C2A CLA VC . 14.63 -27.19 -29.87
C3A CLA VC . 16.08 -27.18 -30.31
C4A CLA VC . 16.77 -27.48 -29.03
CMA CLA VC . 16.41 -28.04 -31.51
CAA CLA VC . 14.08 -25.77 -30.00
CBA CLA VC . 14.98 -24.66 -29.49
CGA CLA VC . 14.61 -24.25 -28.10
O1A CLA VC . 13.50 -23.92 -27.73
O2A CLA VC . 15.44 -24.17 -27.12
NB CLA VC . 18.55 -28.10 -26.64
C1B CLA VC . 18.98 -27.81 -27.88
C2B CLA VC . 20.46 -27.78 -28.03
C3B CLA VC . 20.89 -28.13 -26.67
C4B CLA VC . 19.64 -28.29 -25.88
CMB CLA VC . 21.24 -27.49 -29.29
CAB CLA VC . 22.25 -28.27 -26.11
CBB CLA VC . 23.26 -28.73 -26.79
NC CLA VC . 17.18 -28.73 -23.98
C1C CLA VC . 18.44 -28.91 -23.57
C2C CLA VC . 18.58 -29.39 -22.18
C3C CLA VC . 17.20 -29.50 -21.76
C4C CLA VC . 16.43 -29.08 -22.94
CMC CLA VC . 19.81 -29.69 -21.38
CAC CLA VC . 16.66 -29.96 -20.43
CBC CLA VC . 16.34 -28.77 -19.55
ND CLA VC . 14.75 -28.51 -25.30
C1D CLA VC . 14.15 -28.80 -24.15
C2D CLA VC . 12.67 -28.71 -24.17
C3D CLA VC . 12.48 -28.29 -25.55
C4D CLA VC . 13.68 -28.20 -26.13
CMD CLA VC . 11.51 -28.93 -23.23
CAD CLA VC . 11.41 -27.95 -26.50
OBD CLA VC . 10.24 -27.56 -26.16
CBD CLA VC . 12.06 -27.54 -27.78
CGD CLA VC . 11.50 -28.31 -28.94
O1D CLA VC . 10.70 -27.79 -29.69
O2D CLA VC . 11.91 -29.65 -29.25
CED CLA VC . 11.98 -29.98 -30.62
C1 CLA VC . 15.27 -25.09 -25.83
C2 CLA VC . 14.49 -24.61 -24.65
C3 CLA VC . 15.06 -24.61 -23.45
C4 CLA VC . 14.27 -24.11 -22.28
C5 CLA VC . 16.48 -25.11 -23.29
C6 CLA VC . 16.86 -25.23 -21.83
C7 CLA VC . 18.04 -24.33 -21.51
C8 CLA VC . 18.72 -24.74 -20.21
C9 CLA VC . 19.02 -26.23 -20.21
C10 CLA VC . 17.81 -24.41 -19.03
C11 CLA VC . 18.58 -23.96 -17.79
C12 CLA VC . 17.69 -23.06 -16.97
C13 CLA VC . 18.36 -22.57 -15.69
C14 CLA VC . 17.61 -23.10 -14.47
C15 CLA VC . 18.44 -21.04 -15.76
C16 CLA VC . 18.02 -20.28 -14.51
C17 CLA VC . 19.07 -19.27 -14.05
C18 CLA VC . 19.34 -18.13 -15.04
C19 CLA VC . 19.26 -16.78 -14.36
C20 CLA VC . 20.71 -18.25 -15.69
MG CLA WC . 23.24 -35.29 -33.36
CHA CLA WC . 26.55 -36.10 -34.24
CHB CLA WC . 24.55 -32.86 -31.30
CHC CLA WC . 20.07 -34.39 -32.64
CHD CLA WC . 22.06 -37.75 -35.57
NA CLA WC . 25.27 -34.53 -32.84
C1A CLA WC . 26.40 -34.97 -33.25
C2A CLA WC . 27.55 -34.23 -32.68
C3A CLA WC . 26.86 -33.34 -31.69
C4A CLA WC . 25.46 -33.56 -31.98
CMA CLA WC . 27.20 -33.71 -30.28
CAA CLA WC . 28.12 -33.39 -33.83
CBA CLA WC . 28.13 -31.86 -33.70
CGA CLA WC . 29.36 -31.44 -32.94
O1A CLA WC . 29.40 -30.52 -32.14
O2A CLA WC . 30.52 -32.03 -33.06
NB CLA WC . 22.45 -33.81 -32.16
C1B CLA WC . 23.09 -32.96 -31.37
C2B CLA WC . 22.22 -32.08 -30.55
C3B CLA WC . 20.89 -32.55 -30.96
C4B CLA WC . 21.14 -33.63 -31.95
CMB CLA WC . 22.67 -31.01 -29.58
CAB CLA WC . 19.54 -32.12 -30.54
CBB CLA WC . 19.25 -30.93 -30.05
NC CLA WC . 21.35 -36.00 -33.97
C1C CLA WC . 20.18 -35.57 -33.51
C2C CLA WC . 19.02 -36.36 -33.91
C3C CLA WC . 19.63 -37.39 -34.74
C4C CLA WC . 21.07 -37.07 -34.70
CMC CLA WC . 17.57 -36.16 -33.58
CAC CLA WC . 18.98 -38.55 -35.44
CBC CLA WC . 19.23 -39.78 -34.61
ND CLA WC . 23.99 -36.62 -34.64
C1D CLA WC . 23.50 -37.56 -35.44
C2D CLA WC . 24.53 -38.36 -36.15
C3D CLA WC . 25.74 -37.72 -35.62
C4D CLA WC . 25.35 -36.76 -34.78
CMD CLA WC . 24.58 -39.49 -37.12
CAD CLA WC . 27.20 -37.81 -35.72
OBD CLA WC . 27.82 -38.83 -36.19
CBD CLA WC . 27.78 -36.78 -34.82
CGD CLA WC . 28.65 -37.40 -33.77
O1D CLA WC . 29.49 -36.77 -33.18
O2D CLA WC . 28.53 -38.79 -33.38
CED CLA WC . 28.84 -39.13 -32.04
C1 CLA WC . 31.16 -33.00 -31.95
C2 CLA WC . 32.66 -33.13 -31.95
C3 CLA WC . 33.27 -34.22 -32.44
C4 CLA WC . 34.75 -34.31 -32.41
C5 CLA WC . 32.48 -35.37 -33.01
C6 CLA WC . 33.09 -35.81 -34.33
C7 CLA WC . 32.19 -35.39 -35.48
C8 CLA WC . 32.55 -36.06 -36.80
C9 CLA WC . 34.04 -35.90 -37.10
C10 CLA WC . 31.71 -35.48 -37.93
C11 CLA WC . 30.46 -36.30 -38.16
C12 CLA WC . 29.37 -35.51 -38.87
C13 CLA WC . 28.12 -36.37 -38.91
C14 CLA WC . 28.37 -37.59 -39.76
C15 CLA WC . 26.92 -35.58 -39.42
C16 CLA WC . 25.69 -36.48 -39.52
C17 CLA WC . 24.42 -35.73 -39.20
C18 CLA WC . 23.75 -35.22 -40.47
C19 CLA WC . 23.47 -36.36 -41.43
C20 CLA WC . 22.49 -34.44 -40.16
MG CLA XC . 27.84 -32.43 -25.52
CHA CLA XC . 24.39 -32.19 -25.05
CHB CLA XC . 27.26 -35.37 -27.14
CHC CLA XC . 31.13 -32.50 -26.21
CHD CLA XC . 28.26 -29.36 -23.84
NA CLA XC . 26.05 -33.64 -26.06
C1A CLA XC . 24.83 -33.42 -25.78
C2A CLA XC . 23.91 -34.53 -26.21
C3A CLA XC . 24.88 -35.51 -26.76
C4A CLA XC . 26.16 -34.80 -26.67
CMA CLA XC . 24.90 -36.80 -25.97
CAA CLA XC . 23.15 -34.12 -27.47
CBA CLA XC . 21.69 -33.77 -27.26
CGA CLA XC . 20.75 -34.94 -27.37
O1A CLA XC . 20.45 -35.45 -28.41
O2A CLA XC . 20.12 -35.50 -26.36
NB CLA XC . 29.01 -33.76 -26.56
C1B CLA XC . 28.65 -34.90 -27.12
C2B CLA XC . 29.79 -35.67 -27.72
C3B CLA XC . 30.90 -34.78 -27.41
C4B CLA XC . 30.34 -33.63 -26.70
CMB CLA XC . 29.75 -36.99 -28.44
CAB CLA XC . 32.35 -34.91 -27.71
CBB CLA XC . 32.77 -35.15 -28.92
NC CLA XC . 29.44 -31.10 -25.13
C1C CLA XC . 30.71 -31.33 -25.42
C2C CLA XC . 31.70 -30.35 -24.92
C3C CLA XC . 30.81 -29.42 -24.25
C4C CLA XC . 29.46 -29.97 -24.43
CMC CLA XC . 33.18 -30.33 -25.09
CAC CLA XC . 31.13 -28.17 -23.49
CBC CLA XC . 31.31 -28.58 -22.07
ND CLA XC . 26.72 -31.02 -24.66
C1D CLA XC . 26.92 -29.90 -23.98
C2D CLA XC . 25.71 -29.28 -23.38
C3D CLA XC . 24.74 -30.26 -23.86
C4D CLA XC . 25.36 -31.20 -24.56
CMD CLA XC . 25.37 -28.08 -22.56
CAD CLA XC . 23.30 -30.51 -23.80
OBD CLA XC . 22.45 -29.76 -23.24
CBD CLA XC . 23.00 -31.70 -24.65
CGD CLA XC . 22.21 -32.68 -23.82
O1D CLA XC . 21.01 -32.65 -23.81
O2D CLA XC . 22.90 -33.67 -23.03
CED CLA XC . 22.13 -34.60 -22.28
C1 CLA XC . 20.92 -36.41 -25.33
C2 CLA XC . 20.51 -37.81 -24.97
C3 CLA XC . 21.24 -38.52 -24.11
C4 CLA XC . 20.81 -39.89 -23.76
C5 CLA XC . 22.50 -37.99 -23.49
C6 CLA XC . 23.10 -38.90 -22.44
C7 CLA XC . 24.01 -38.06 -21.54
C8 CLA XC . 25.32 -38.75 -21.21
C9 CLA XC . 25.92 -38.13 -19.94
C10 CLA XC . 26.27 -38.65 -22.41
C11 CLA XC . 27.74 -38.62 -22.03
C12 CLA XC . 28.64 -38.55 -23.27
C13 CLA XC . 28.91 -37.14 -23.80
C14 CLA XC . 30.27 -37.12 -24.45
C15 CLA XC . 28.87 -36.11 -22.69
C16 CLA XC . 27.89 -34.99 -22.96
C17 CLA XC . 28.39 -33.76 -22.22
C18 CLA XC . 27.30 -32.82 -21.77
C19 CLA XC . 26.05 -33.54 -21.30
C20 CLA XC . 27.84 -31.89 -20.69
MG CLA YC . 31.85 -16.70 -16.72
CHA CLA YC . 31.69 -15.39 -13.48
CHB CLA YC . 31.35 -19.78 -15.29
CHC CLA YC . 31.94 -17.97 -19.81
CHD CLA YC . 32.31 -13.47 -17.99
NA CLA YC . 31.54 -17.52 -14.67
C1A CLA YC . 31.52 -16.87 -13.57
C2A CLA YC . 31.34 -17.71 -12.35
C3A CLA YC . 31.33 -19.08 -12.96
C4A CLA YC . 31.40 -18.79 -14.41
CMA CLA YC . 32.47 -19.93 -12.45
CAA CLA YC . 29.97 -17.52 -11.70
CBA CLA YC . 28.73 -17.55 -12.59
CGA CLA YC . 28.39 -16.23 -13.24
O1A CLA YC . 28.29 -15.17 -12.66
O2A CLA YC . 28.13 -16.11 -14.52
NB CLA YC . 31.67 -18.62 -17.43
C1B CLA YC . 31.45 -19.75 -16.75
C2B CLA YC . 31.34 -20.95 -17.60
C3B CLA YC . 31.53 -20.38 -18.93
C4B CLA YC . 31.71 -18.93 -18.72
CMB CLA YC . 31.10 -22.39 -17.21
CAB CLA YC . 31.52 -21.05 -20.23
CBB CLA YC . 30.40 -21.58 -20.67
NC CLA YC . 32.05 -15.83 -18.64
C1C CLA YC . 32.18 -16.53 -19.76
C2C CLA YC . 32.58 -15.76 -20.95
C3C CLA YC . 32.67 -14.41 -20.40
C4C CLA YC . 32.34 -14.57 -18.97
CMC CLA YC . 32.82 -16.22 -22.37
CAC CLA YC . 33.07 -13.16 -21.14
CBC CLA YC . 31.85 -12.30 -21.31
ND CLA YC . 32.00 -14.82 -16.05
C1D CLA YC . 32.14 -13.61 -16.55
C2D CLA YC . 32.12 -12.50 -15.57
C3D CLA YC . 31.94 -13.29 -14.34
C4D CLA YC . 31.87 -14.58 -14.68
CMD CLA YC . 32.22 -11.00 -15.56
CAD CLA YC . 31.80 -13.13 -12.87
OBD CLA YC . 31.22 -12.12 -12.34
CBD CLA YC . 31.76 -14.50 -12.27
CGD CLA YC . 33.01 -14.80 -11.49
O1D CLA YC . 34.10 -14.54 -11.92
O2D CLA YC . 32.96 -15.44 -10.19
CED CLA YC . 33.99 -15.18 -9.25
C1 CLA YC . 28.32 -14.77 -15.35
C2 CLA YC . 28.32 -14.88 -16.86
C3 CLA YC . 28.45 -13.87 -17.71
C4 CLA YC . 28.58 -12.47 -17.18
C5 CLA YC . 28.44 -14.09 -19.19
C6 CLA YC . 28.39 -15.57 -19.51
C7 CLA YC . 28.51 -15.81 -21.00
C8 CLA YC . 28.68 -17.29 -21.27
C9 CLA YC . 29.37 -17.50 -22.61
C10 CLA YC . 27.34 -18.01 -21.23
C11 CLA YC . 27.52 -19.48 -21.58
C12 CLA YC . 26.18 -20.15 -21.90
C13 CLA YC . 26.36 -21.63 -22.16
C14 CLA YC . 27.35 -21.87 -23.30
C15 CLA YC . 25.01 -22.27 -22.45
C16 CLA YC . 24.88 -23.63 -21.79
C17 CLA YC . 23.43 -24.13 -21.83
C18 CLA YC . 22.96 -24.86 -20.58
C19 CLA YC . 22.61 -26.31 -20.90
C20 CLA YC . 23.92 -24.80 -19.40
MG CLA ZC . 34.52 -24.93 -11.48
CHA CLA ZC . 37.03 -25.37 -13.85
CHB CLA ZC . 32.71 -23.27 -13.90
CHC CLA ZC . 32.04 -24.61 -9.20
CHD CLA ZC . 36.46 -26.63 -9.09
NA CLA ZC . 34.79 -24.36 -13.61
C1A CLA ZC . 35.83 -24.58 -14.32
C2A CLA ZC . 35.68 -24.14 -15.72
C3A CLA ZC . 34.38 -23.40 -15.70
C4A CLA ZC . 33.91 -23.67 -14.32
CMA CLA ZC . 34.53 -21.94 -16.08
CAA CLA ZC . 35.41 -25.38 -16.60
CBA CLA ZC . 34.27 -26.38 -16.26
CGA CLA ZC . 34.43 -27.27 -15.02
O1A CLA ZC . 35.35 -28.02 -14.80
O2A CLA ZC . 33.60 -27.30 -14.01
NB CLA ZC . 32.66 -24.06 -11.56
C1B CLA ZC . 32.08 -23.44 -12.59
C2B CLA ZC . 30.71 -22.99 -12.31
C3B CLA ZC . 30.55 -23.40 -10.92
C4B CLA ZC . 31.80 -24.05 -10.54
CMB CLA ZC . 29.71 -22.28 -13.16
CAB CLA ZC . 29.37 -23.18 -10.09
CBB CLA ZC . 28.62 -24.20 -9.74
NC CLA ZC . 34.28 -25.53 -9.46
C1C CLA ZC . 33.21 -25.32 -8.70
C2C CLA ZC . 33.29 -25.88 -7.33
C3C CLA ZC . 34.62 -26.47 -7.33
C4C CLA ZC . 35.13 -26.19 -8.68
CMC CLA ZC . 32.27 -25.85 -6.25
CAC CLA ZC . 35.36 -27.20 -6.26
CBC CLA ZC . 35.09 -28.66 -6.41
ND CLA ZC . 36.32 -25.75 -11.33
C1D CLA ZC . 36.97 -26.49 -10.45
C2D CLA ZC . 38.19 -27.12 -10.93
C3D CLA ZC . 38.18 -26.64 -12.31
C4D CLA ZC . 37.10 -25.85 -12.47
CMD CLA ZC . 39.20 -28.03 -10.33
CAD CLA ZC . 38.95 -26.72 -13.56
OBD CLA ZC . 39.66 -27.73 -13.83
CBD CLA ZC . 38.22 -25.93 -14.60
CGD CLA ZC . 39.10 -24.94 -15.32
O1D CLA ZC . 39.96 -25.32 -16.09
O2D CLA ZC . 38.96 -23.51 -15.16
CED CLA ZC . 39.30 -22.65 -16.23
C1 CLA ZC . 33.98 -28.10 -12.67
C2 CLA ZC . 32.98 -28.28 -11.55
C3 CLA ZC . 33.25 -29.01 -10.46
C4 CLA ZC . 34.58 -29.66 -10.30
C5 CLA ZC . 32.23 -29.19 -9.36
C6 CLA ZC . 31.14 -28.14 -9.44
C7 CLA ZC . 29.82 -28.74 -9.83
C8 CLA ZC . 29.02 -27.77 -10.69
C9 CLA ZC . 27.54 -28.06 -10.55
C10 CLA ZC . 29.47 -27.89 -12.13
C11 CLA ZC . 28.73 -26.94 -13.06
C12 CLA ZC . 29.67 -26.26 -14.05
C13 CLA ZC . 29.47 -26.81 -15.45
C14 CLA ZC . 30.48 -27.91 -15.73
C15 CLA ZC . 29.62 -25.72 -16.50
C16 CLA ZC . 29.78 -26.30 -17.90
C17 CLA ZC . 29.53 -25.30 -19.01
C18 CLA ZC . 28.36 -25.70 -19.90
C19 CLA ZC . 28.35 -24.86 -21.17
C20 CLA ZC . 28.41 -27.18 -20.24
MG CLA AD . 29.84 -23.38 -2.66
CHA CLA AD . 31.17 -21.88 -5.50
CHB CLA AD . 26.83 -22.02 -3.50
CHC CLA AD . 28.49 -25.15 -0.10
CHD CLA AD . 33.02 -24.57 -1.78
NA CLA AD . 29.05 -22.11 -4.30
C1A CLA AD . 29.70 -21.60 -5.26
C2A CLA AD . 28.86 -20.68 -6.11
C3A CLA AD . 27.55 -20.70 -5.39
C4A CLA AD . 27.81 -21.69 -4.34
CMA CLA AD . 27.14 -19.33 -4.89
CAA CLA AD . 28.63 -21.38 -7.43
CBA CLA AD . 27.34 -21.07 -8.17
CGA CLA AD . 27.55 -19.84 -9.00
O1A CLA AD . 27.84 -18.76 -8.55
O2A CLA AD . 27.41 -19.79 -10.30
NB CLA AD . 27.94 -23.56 -1.92
C1B CLA AD . 26.86 -22.93 -2.36
C2B CLA AD . 25.67 -23.22 -1.57
C3B CLA AD . 26.15 -24.14 -0.55
C4B CLA AD . 27.58 -24.30 -0.86
CMB CLA AD . 24.32 -22.67 -1.83
CAB CLA AD . 25.44 -24.81 0.56
CBB CLA AD . 24.33 -24.38 1.12
NC CLA AD . 30.65 -24.68 -1.19
C1C CLA AD . 29.95 -25.22 -0.19
C2C CLA AD . 30.72 -25.89 0.85
C3C CLA AD . 32.08 -25.71 0.37
C4C CLA AD . 31.91 -24.95 -0.89
CMC CLA AD . 30.14 -26.54 2.06
CAC CLA AD . 33.37 -26.14 1.00
CBC CLA AD . 33.94 -24.96 1.73
ND CLA AD . 31.71 -23.29 -3.33
C1D CLA AD . 32.87 -23.82 -3.02
C2D CLA AD . 33.97 -23.58 -3.98
C3D CLA AD . 33.22 -22.78 -4.96
C4D CLA AD . 31.96 -22.65 -4.54
CMD CLA AD . 35.41 -23.96 -4.09
CAD CLA AD . 33.40 -22.07 -6.25
OBD CLA AD . 34.41 -22.18 -7.03
CBD CLA AD . 32.07 -21.54 -6.67
CGD CLA AD . 32.10 -20.08 -6.98
O1D CLA AD . 32.46 -19.26 -6.17
O2D CLA AD . 31.68 -19.60 -8.27
CED CLA AD . 32.04 -18.29 -8.64
C1 CLA AD . 26.07 -20.36 -10.94
C2 CLA AD . 26.04 -21.72 -11.59
C3 CLA AD . 25.16 -22.64 -11.22
C4 CLA AD . 24.19 -22.34 -10.12
C5 CLA AD . 25.19 -23.98 -11.92
C6 CLA AD . 24.43 -25.06 -11.16
C7 CLA AD . 23.08 -25.36 -11.82
C8 CLA AD . 23.00 -26.58 -12.74
C9 CLA AD . 21.93 -27.54 -12.25
C10 CLA AD . 24.32 -27.31 -12.89
C11 CLA AD . 24.94 -26.98 -14.24
C12 CLA AD . 24.08 -27.43 -15.42
C13 CLA AD . 24.35 -28.86 -15.88
C14 CLA AD . 23.32 -29.84 -15.34
C15 CLA AD . 25.76 -29.32 -15.54
C16 CLA AD . 26.65 -29.18 -16.76
C17 CLA AD . 26.65 -30.51 -17.50
C18 CLA AD . 27.22 -31.58 -16.60
C19 CLA AD . 26.58 -32.93 -16.88
C20 CLA AD . 28.72 -31.62 -16.75
CAA F6C BD . 24.40 -15.38 3.83
CAB F6C BD . 23.62 -19.33 -4.97
CAC F6C BD . 19.22 -24.18 -0.31
CAD F6C BD . 20.56 -18.20 5.26
NA F6C BD . 22.89 -17.24 1.24
CBA F6C BD . 24.53 -13.94 4.30
CBB F6C BD . 23.89 -20.57 -5.29
CBC F6C BD . 20.12 -25.25 0.25
CBD F6C BD . 21.43 -17.09 4.80
NB F6C BD . 22.82 -18.55 -1.42
OBD F6C BD . 19.66 -18.05 6.13
CGA F6C BD . 23.24 -13.15 4.53
CGD F6C BD . 20.54 -15.89 4.61
ND F6C BD . 21.19 -19.70 2.10
CED F6C BD . 19.29 -14.00 5.48
CHA F6C BD . 21.88 -17.53 3.43
CHB F6C BD . 24.04 -16.52 -0.71
CHC F6C BD . 21.82 -20.46 -2.61
CHD F6C BD . 20.09 -21.82 1.68
CMA F6C BD . 23.99 -13.85 0.66
CMB F6C BD . 25.16 -16.66 -3.76
CMC F6C BD . 20.30 -23.15 -3.31
CMD F6C BD . 18.94 -21.23 4.82
OMB F6C BD . 25.36 -15.52 -3.42
C1 F6C BD . 21.53 -11.39 3.90
C1A F6C BD . 22.75 -16.81 2.43
C1B F6C BD . 23.69 -17.57 -1.69
C1C F6C BD . 21.17 -21.28 -1.61
C1D F6C BD . 20.39 -20.68 2.53
O1A F6C BD . 22.82 -12.81 5.61
O1D F6C BD . 19.93 -15.70 3.59
C2 F6C BD . 20.16 -11.34 3.33
C2A F6C BD . 23.42 -15.48 2.65
C2B F6C BD . 24.20 -17.58 -3.08
C2C F6C BD . 20.48 -22.52 -1.95
C2D F6C BD . 19.84 -20.49 3.89
O2A F6C BD . 22.47 -12.64 3.61
O2D F6C BD . 20.37 -14.89 5.63
C3 F6C BD . 19.92 -10.93 2.09
C3A F6C BD . 24.09 -15.21 1.32
C3B F6C BD . 23.52 -18.77 -3.60
C3C F6C BD . 20.02 -22.96 -0.64
C3D F6C BD . 20.49 -19.21 4.19
C4 F6C BD . 18.49 -10.94 1.69
C4A F6C BD . 23.65 -16.39 0.55
C4B F6C BD . 22.69 -19.29 -2.51
C4C F6C BD . 20.50 -21.90 0.27
C4D F6C BD . 21.23 -18.83 3.16
C5 F6C BD . 20.99 -10.47 1.11
C6 F6C BD . 20.40 -10.39 -0.30
C7 F6C BD . 20.58 -9.01 -0.91
C8 F6C BD . 19.37 -8.41 -1.65
C9 F6C BD . 18.94 -7.10 -0.99
C10 F6C BD . 18.15 -9.31 -1.79
C11 F6C BD . 17.25 -8.73 -2.88
C12 F6C BD . 15.77 -8.85 -2.58
C13 F6C BD . 14.89 -8.40 -3.76
C14 F6C BD . 13.47 -8.13 -3.29
C15 F6C BD . 14.99 -9.42 -4.88
NC F6C BD . 21.19 -20.93 -0.33
MG F6C BD . 21.97 -19.08 0.38
C16 F6C BD . 13.76 -9.51 -5.79
C17 F6C BD . 13.07 -10.86 -5.65
C18 F6C BD . 13.18 -11.77 -6.87
C19 F6C BD . 11.98 -12.71 -6.93
C20 F6C BD . 13.32 -10.99 -8.17
MG CLA CD . 27.30 -22.50 -45.08
CHA CLA CD . 25.70 -21.74 -48.10
CHB CLA CD . 27.03 -25.81 -45.95
CHC CLA CD . 28.99 -23.24 -42.24
CHD CLA CD . 27.49 -19.06 -44.29
NA CLA CD . 26.50 -23.67 -46.80
C1A CLA CD . 25.92 -23.20 -47.84
C2A CLA CD . 25.44 -24.28 -48.76
C3A CLA CD . 25.81 -25.53 -48.03
C4A CLA CD . 26.50 -24.98 -46.85
CMA CLA CD . 24.62 -26.43 -47.80
CAA CLA CD . 26.20 -24.30 -50.09
CBA CLA CD . 27.71 -24.18 -49.96
CGA CLA CD . 28.27 -24.70 -51.26
O1A CLA CD . 27.69 -25.54 -51.93
O2A CLA CD . 29.37 -24.35 -51.88
NB CLA CD . 27.92 -24.27 -44.24
C1B CLA CD . 27.73 -25.51 -44.69
C2B CLA CD . 28.30 -26.58 -43.83
C3B CLA CD . 28.87 -25.78 -42.74
C4B CLA CD . 28.58 -24.37 -43.08
CMB CLA CD . 28.25 -28.06 -44.10
CAB CLA CD . 29.60 -26.16 -41.51
CBB CLA CD . 29.80 -27.39 -41.10
NC CLA CD . 28.12 -21.32 -43.51
C1C CLA CD . 28.78 -21.79 -42.46
C2C CLA CD . 29.31 -20.79 -41.52
C3C CLA CD . 28.87 -19.55 -42.15
C4C CLA CD . 28.14 -19.99 -43.35
CMC CLA CD . 30.11 -21.01 -40.27
CAC CLA CD . 29.08 -18.13 -41.69
CBC CLA CD . 27.87 -17.64 -40.95
ND CLA CD . 26.80 -20.74 -45.89
C1D CLA CD . 26.85 -19.46 -45.55
C2D CLA CD . 26.19 -18.53 -46.52
C3D CLA CD . 25.76 -19.52 -47.52
C4D CLA CD . 26.13 -20.73 -47.10
CMD CLA CD . 25.93 -17.06 -46.68
CAD CLA CD . 25.05 -19.60 -48.81
OBD CLA CD . 24.74 -18.60 -49.54
CBD CLA CD . 25.04 -21.03 -49.25
CGD CLA CD . 23.64 -21.52 -49.43
O1D CLA CD . 22.97 -21.86 -48.48
O2D CLA CD . 23.03 -21.62 -50.74
CED CLA CD . 21.68 -21.22 -50.94
C1 CLA CD . 30.71 -23.85 -51.16
C2 CLA CD . 32.04 -24.07 -51.85
C3 CLA CD . 33.19 -23.56 -51.38
C4 CLA CD . 34.46 -23.81 -52.11
C5 CLA CD . 33.20 -22.73 -50.13
C6 CLA CD . 33.67 -21.32 -50.45
C7 CLA CD . 34.69 -20.81 -49.44
C8 CLA CD . 34.05 -19.84 -48.45
C9 CLA CD . 33.31 -18.71 -49.15
C10 CLA CD . 35.14 -19.27 -47.54
C11 CLA CD . 34.96 -19.72 -46.11
C12 CLA CD . 36.00 -19.11 -45.18
C13 CLA CD . 36.79 -20.20 -44.45
C14 CLA CD . 35.87 -21.03 -43.56
C15 CLA CD . 37.91 -19.55 -43.64
MG CLA DD . 34.18 -27.82 -51.43
CHA CLA DD . 30.80 -28.48 -52.01
CHB CLA DD . 34.83 -29.42 -54.42
CHC CLA DD . 37.44 -27.15 -50.90
CHD CLA DD . 33.36 -26.21 -48.39
NA CLA DD . 32.98 -28.81 -53.04
C1A CLA DD . 31.72 -28.97 -53.10
C2A CLA DD . 31.24 -29.71 -54.33
C3A CLA DD . 32.54 -30.02 -55.00
C4A CLA DD . 33.52 -29.36 -54.11
CMA CLA DD . 32.80 -31.47 -55.29
CAA CLA DD . 30.43 -28.90 -55.35
CBA CLA DD . 30.26 -27.39 -55.15
CGA CLA DD . 31.38 -26.57 -55.76
O1A CLA DD . 32.36 -27.03 -56.31
O2A CLA DD . 31.41 -25.26 -55.74
NB CLA DD . 35.88 -28.22 -52.53
C1B CLA DD . 35.98 -28.88 -53.69
C2B CLA DD . 37.38 -29.03 -54.18
C3B CLA DD . 38.13 -28.35 -53.13
C4B CLA DD . 37.12 -27.88 -52.14
CMB CLA DD . 37.88 -29.69 -55.42
CAB CLA DD . 39.59 -28.17 -53.06
CBB CLA DD . 40.13 -26.98 -53.19
NC CLA DD . 35.23 -26.78 -49.91
C1C CLA DD . 36.56 -26.63 -49.85
C2C CLA DD . 37.08 -25.93 -48.67
C3C CLA DD . 35.85 -25.62 -47.94
C4C CLA DD . 34.78 -26.20 -48.78
CMC CLA DD . 38.51 -25.61 -48.32
CAC CLA DD . 35.71 -24.91 -46.63
CBC CLA DD . 35.29 -23.47 -46.87
ND CLA DD . 32.57 -27.36 -50.37
C1D CLA DD . 32.28 -26.78 -49.20
C2D CLA DD . 30.85 -26.79 -48.84
C3D CLA DD . 30.30 -27.49 -50.01
C4D CLA DD . 31.32 -27.78 -50.82
CMD CLA DD . 29.98 -26.32 -47.70
CAD CLA DD . 29.02 -27.97 -50.56
OBD CLA DD . 27.85 -27.73 -50.09
CBD CLA DD . 29.29 -28.59 -51.88
CGD CLA DD . 28.83 -30.03 -51.93
O1D CLA DD . 29.60 -30.96 -51.77
O2D CLA DD . 27.45 -30.36 -52.20
CED CLA DD . 27.04 -31.69 -51.95
MG CLA ED . 30.68 -30.58 -43.10
CHA CLA ED . 29.05 -31.28 -40.09
CHB CLA ED . 33.32 -29.43 -41.22
CHC CLA ED . 32.26 -29.98 -45.99
CHD CLA ED . 27.92 -31.90 -44.89
NA CLA ED . 31.15 -30.38 -40.93
C1A CLA ED . 30.43 -30.70 -39.93
C2A CLA ED . 31.07 -30.41 -38.60
C3A CLA ED . 32.38 -29.80 -39.03
C4A CLA ED . 32.29 -29.87 -40.50
CMA CLA ED . 32.79 -28.47 -38.43
CAA CLA ED . 31.30 -31.77 -37.92
CBA CLA ED . 32.65 -32.04 -37.29
CGA CLA ED . 32.74 -31.24 -36.02
O1A CLA ED . 31.79 -31.01 -35.31
O2A CLA ED . 33.81 -30.66 -35.61
NB CLA ED . 32.54 -29.81 -43.53
C1B CLA ED . 33.47 -29.39 -42.68
C2B CLA ED . 34.69 -28.85 -43.33
C3B CLA ED . 34.36 -29.02 -44.74
C4B CLA ED . 33.00 -29.62 -44.77
CMB CLA ED . 35.91 -28.30 -42.65
CAB CLA ED . 35.14 -28.69 -45.96
CBB CLA ED . 36.44 -28.89 -46.04
NC CLA ED . 30.18 -30.95 -45.14
C1C CLA ED . 30.94 -30.61 -46.17
C2C CLA ED . 30.37 -30.89 -47.49
C3C CLA ED . 29.10 -31.49 -47.16
C4C CLA ED . 29.08 -31.47 -45.69
CMC CLA ED . 30.94 -30.64 -48.85
CAC CLA ED . 28.05 -31.98 -48.14
CBC CLA ED . 28.15 -33.46 -48.39
ND CLA ED . 28.91 -31.43 -42.73
C1D CLA ED . 27.86 -31.88 -43.42
C2D CLA ED . 26.70 -32.32 -42.61
C3D CLA ED . 27.24 -32.06 -41.27
C4D CLA ED . 28.48 -31.57 -41.42
CMD CLA ED . 25.33 -32.89 -42.85
CAD CLA ED . 26.89 -32.16 -39.85
OBD CLA ED . 25.73 -32.47 -39.40
CBD CLA ED . 27.98 -31.54 -39.05
CGD CLA ED . 27.47 -30.21 -38.64
O1D CLA ED . 26.47 -29.77 -39.13
O2D CLA ED . 28.11 -29.35 -37.68
CED CLA ED . 27.57 -28.04 -37.65
C1 CLA ED . 35.07 -31.45 -35.05
C2 CLA ED . 35.87 -32.53 -35.71
C3 CLA ED . 37.20 -32.34 -35.82
C4 CLA ED . 37.87 -31.09 -35.33
C5 CLA ED . 38.04 -33.40 -36.45
C6 CLA ED . 37.81 -34.64 -35.62
C7 CLA ED . 38.99 -35.60 -35.70
C8 CLA ED . 39.16 -36.34 -34.39
C9 CLA ED . 37.89 -37.04 -33.98
C10 CLA ED . 39.58 -35.31 -33.36
C11 CLA ED . 40.97 -34.79 -33.68
C12 CLA ED . 41.96 -35.63 -32.92
C13 CLA ED . 42.95 -34.78 -32.14
C14 CLA ED . 43.67 -35.68 -31.17
C15 CLA ED . 42.26 -33.61 -31.43
C16 CLA ED . 43.09 -33.03 -30.31
C17 CLA ED . 42.60 -31.63 -30.01
C18 CLA ED . 42.70 -31.32 -28.53
C19 CLA ED . 44.14 -31.31 -28.09
C20 CLA ED . 42.04 -29.99 -28.23
MG CLA FD . 47.49 -20.36 -34.91
CHA CLA FD . 47.93 -17.95 -32.41
CHB CLA FD . 45.34 -21.96 -32.75
CHC CLA FD . 46.88 -22.50 -37.39
CHD CLA FD . 49.86 -18.64 -36.93
NA CLA FD . 46.71 -20.03 -32.85
C1A CLA FD . 47.00 -19.07 -32.04
C2A CLA FD . 46.32 -19.17 -30.71
C3A CLA FD . 45.60 -20.48 -30.85
C4A CLA FD . 45.87 -20.85 -32.24
CMA CLA FD . 46.06 -21.50 -29.84
CAA CLA FD . 45.23 -18.10 -30.56
CBA CLA FD . 44.54 -17.77 -31.88
CGA CLA FD . 43.73 -16.51 -31.87
O1A CLA FD . 43.91 -15.56 -31.14
O2A CLA FD . 42.74 -16.31 -32.71
NB CLA FD . 46.26 -22.00 -35.04
C1B CLA FD . 45.51 -22.55 -34.09
C2B CLA FD . 44.82 -23.80 -34.49
C3B CLA FD . 45.29 -23.94 -35.87
C4B CLA FD . 46.18 -22.79 -36.12
CMB CLA FD . 43.88 -24.64 -33.63
CAB CLA FD . 44.99 -24.99 -36.88
CBB CLA FD . 44.58 -26.20 -36.61
NC CLA FD . 48.22 -20.50 -36.90
C1C CLA FD . 47.91 -21.49 -37.74
C2C CLA FD . 48.64 -21.49 -39.02
C3C CLA FD . 49.50 -20.32 -38.89
C4C CLA FD . 49.16 -19.79 -37.54
CMC CLA FD . 48.55 -22.42 -40.19
CAC CLA FD . 50.52 -19.80 -39.89
CBC CLA FD . 50.11 -18.51 -40.52
ND CLA FD . 48.67 -18.74 -34.84
C1D CLA FD . 49.53 -18.11 -35.62
C2D CLA FD . 50.12 -16.87 -35.05
C3D CLA FD . 49.44 -16.86 -33.76
C4D CLA FD . 48.64 -17.94 -33.70
CMD CLA FD . 51.10 -15.81 -35.46
CAD CLA FD . 49.34 -16.06 -32.52
OBD CLA FD . 49.69 -14.84 -32.39
CBD CLA FD . 48.35 -16.72 -31.63
CGD CLA FD . 49.01 -17.00 -30.31
O1D CLA FD . 48.60 -16.44 -29.31
O2D CLA FD . 50.13 -17.89 -30.19
CED CLA FD . 50.65 -18.07 -28.89
C1 CLA FD . 43.00 -15.62 -34.13
C2 CLA FD . 42.78 -14.15 -34.34
C3 CLA FD . 43.11 -13.53 -35.48
C4 CLA FD . 42.85 -12.06 -35.62
C5 CLA FD . 43.76 -14.28 -36.62
C6 CLA FD . 42.79 -14.37 -37.80
C7 CLA FD . 43.01 -15.65 -38.62
C8 CLA FD . 41.75 -16.50 -38.61
C9 CLA FD . 41.49 -17.01 -37.21
C10 CLA FD . 41.85 -17.67 -39.59
C11 CLA FD . 40.46 -18.15 -40.00
C12 CLA FD . 40.10 -19.50 -39.40
C13 CLA FD . 38.60 -19.62 -39.15
C14 CLA FD . 38.04 -18.41 -38.45
C15 CLA FD . 38.31 -20.88 -38.33
C16 CLA FD . 37.55 -21.91 -39.16
C17 CLA FD . 36.08 -21.94 -38.77
C18 CLA FD . 35.21 -21.29 -39.84
C19 CLA FD . 34.08 -22.20 -40.26
C20 CLA FD . 34.65 -19.96 -39.36
MG CLA GD . 54.29 -22.25 -43.58
CHA CLA GD . 56.47 -19.64 -44.36
CHB CLA GD . 51.71 -20.03 -44.05
CHC CLA GD . 52.17 -24.80 -43.08
CHD CLA GD . 57.06 -24.44 -43.08
NA CLA GD . 54.07 -20.10 -44.16
C1A CLA GD . 55.01 -19.27 -44.41
C2A CLA GD . 54.49 -17.89 -44.71
C3A CLA GD . 52.99 -18.05 -44.58
C4A CLA GD . 52.91 -19.49 -44.24
CMA CLA GD . 52.21 -17.02 -43.79
CAA CLA GD . 54.72 -17.49 -46.16
CBA CLA GD . 54.68 -18.65 -47.15
CGA CLA GD . 53.96 -18.23 -48.40
O1A CLA GD . 54.00 -18.81 -49.47
O2A CLA GD . 53.17 -17.18 -48.47
NB CLA GD . 52.24 -22.38 -43.57
C1B CLA GD . 51.34 -21.41 -43.73
C2B CLA GD . 49.93 -21.83 -43.60
C3B CLA GD . 50.10 -23.25 -43.29
C4B CLA GD . 51.56 -23.50 -43.30
CMB CLA GD . 48.70 -20.97 -43.73
CAB CLA GD . 49.10 -24.30 -43.03
CBB CLA GD . 48.03 -24.42 -43.78
NC CLA GD . 54.57 -24.30 -43.10
C1C CLA GD . 53.59 -25.16 -42.98
C2C CLA GD . 53.98 -26.56 -42.76
C3C CLA GD . 55.43 -26.46 -42.74
C4C CLA GD . 55.70 -25.02 -42.95
CMC CLA GD . 53.06 -27.71 -42.65
CAC CLA GD . 56.43 -27.57 -42.57
CBC CLA GD . 56.90 -28.05 -43.92
ND CLA GD . 56.28 -22.21 -43.68
C1D CLA GD . 57.30 -23.04 -43.46
C2D CLA GD . 58.66 -22.42 -43.60
C3D CLA GD . 58.24 -21.06 -43.96
C4D CLA GD . 56.90 -21.01 -43.99
CMD CLA GD . 60.10 -22.80 -43.47
CAD CLA GD . 58.80 -19.76 -44.30
OBD CLA GD . 60.04 -19.47 -44.28
CBD CLA GD . 57.71 -18.81 -44.66
CGD CLA GD . 57.88 -17.56 -43.85
O1D CLA GD . 58.65 -17.49 -42.94
O2D CLA GD . 57.16 -16.33 -44.11
CED CLA GD . 56.90 -15.51 -42.98
MG CLA HD . 58.37 -37.12 -43.76
CHA CLA HD . 61.50 -37.96 -42.48
CHB CLA HD . 59.59 -33.94 -44.25
CHC CLA HD . 55.36 -36.33 -45.08
CHD CLA HD . 57.23 -40.42 -43.14
NA CLA HD . 60.30 -36.05 -43.43
C1A CLA HD . 61.38 -36.52 -42.93
C2A CLA HD . 62.47 -35.50 -42.79
C3A CLA HD . 61.81 -34.26 -43.31
C4A CLA HD . 60.47 -34.78 -43.71
CMA CLA HD . 61.84 -33.02 -42.45
CAA CLA HD . 63.65 -35.73 -43.74
CBA CLA HD . 63.21 -36.52 -44.97
CGA CLA HD . 63.64 -35.99 -46.31
O1A CLA HD . 64.70 -35.48 -46.56
O2A CLA HD . 62.87 -36.05 -47.38
NB CLA HD . 57.61 -35.38 -44.55
C1B CLA HD . 58.22 -34.20 -44.68
C2B CLA HD . 57.39 -33.14 -45.29
C3B CLA HD . 56.15 -33.87 -45.52
C4B CLA HD . 56.37 -35.25 -45.04
CMB CLA HD . 57.79 -31.71 -45.56
CAB CLA HD . 54.86 -33.42 -46.12
CBB CLA HD . 54.83 -32.62 -47.16
NC CLA HD . 56.59 -38.24 -44.11
C1C CLA HD . 55.48 -37.74 -44.65
C2C CLA HD . 54.35 -38.69 -44.77
C3C CLA HD . 54.93 -39.90 -44.23
C4C CLA HD . 56.31 -39.51 -43.85
CMC CLA HD . 52.97 -38.48 -45.33
CAC CLA HD . 54.26 -41.25 -44.07
CBC CLA HD . 54.77 -42.23 -45.10
ND CLA HD . 59.05 -38.85 -43.00
C1D CLA HD . 58.61 -40.08 -42.79
C2D CLA HD . 59.61 -41.02 -42.20
C3D CLA HD . 60.75 -40.10 -42.11
C4D CLA HD . 60.37 -38.90 -42.57
CMD CLA HD . 59.70 -42.45 -41.77
CAD CLA HD . 62.15 -40.08 -41.66
OBD CLA HD . 62.83 -41.10 -41.28
CBD CLA HD . 62.68 -38.70 -41.90
CGD CLA HD . 63.12 -38.09 -40.60
O1D CLA HD . 62.34 -37.46 -39.92
O2D CLA HD . 64.49 -38.22 -40.13
CED CLA HD . 64.78 -37.96 -38.76
MG CLA ID . 52.29 -40.94 -34.92
CHA CLA ID . 51.57 -41.05 -31.52
CHB CLA ID . 54.96 -38.92 -34.08
CHC CLA ID . 53.15 -40.98 -38.18
CHD CLA ID . 49.49 -42.97 -35.63
NA CLA ID . 53.19 -40.10 -33.05
C1A CLA ID . 52.78 -40.25 -31.85
C2A CLA ID . 53.61 -39.52 -30.83
C3A CLA ID . 54.64 -38.82 -31.69
C4A CLA ID . 54.26 -39.32 -33.02
CMA CLA ID . 54.86 -37.34 -31.48
CAA CLA ID . 54.37 -40.46 -29.92
CBA CLA ID . 55.04 -41.60 -30.65
CGA CLA ID . 56.42 -41.76 -30.07
O1A CLA ID . 57.09 -40.83 -29.64
O2A CLA ID . 57.06 -42.89 -29.96
NB CLA ID . 53.84 -40.09 -35.95
C1B CLA ID . 54.76 -39.26 -35.49
C2B CLA ID . 55.63 -38.69 -36.52
C3B CLA ID . 55.09 -39.30 -37.73
C4B CLA ID . 53.97 -40.16 -37.29
CMB CLA ID . 56.73 -37.71 -36.35
CAB CLA ID . 55.55 -39.10 -39.12
CBB CLA ID . 56.33 -40.01 -39.66
NC CLA ID . 51.46 -41.88 -36.64
C1C CLA ID . 51.91 -41.71 -37.88
C2C CLA ID . 51.10 -42.30 -38.96
C3C CLA ID . 50.02 -42.91 -38.19
C4C CLA ID . 50.34 -42.60 -36.78
CMC CLA ID . 51.33 -42.29 -40.44
CAC CLA ID . 48.84 -43.69 -38.72
CBC CLA ID . 49.08 -45.16 -38.53
ND CLA ID . 50.83 -41.88 -33.94
C1D CLA ID . 49.77 -42.61 -34.23
C2D CLA ID . 48.93 -42.98 -33.05
C3D CLA ID . 49.72 -42.33 -32.00
C4D CLA ID . 50.77 -41.73 -32.56
CMD CLA ID . 47.67 -43.74 -32.76
CAD CLA ID . 49.72 -42.11 -30.55
OBD CLA ID . 48.63 -41.96 -29.89
CBD CLA ID . 50.91 -41.30 -30.18
CGD CLA ID . 50.41 -40.00 -29.64
O1D CLA ID . 49.79 -39.25 -30.36
O2D CLA ID . 50.69 -39.62 -28.27
CED CLA ID . 49.69 -38.95 -27.50
C1 CLA ID . 58.24 -43.32 -30.95
C2 CLA ID . 58.07 -43.85 -32.34
C3 CLA ID . 57.38 -44.97 -32.62
C4 CLA ID . 56.69 -45.75 -31.54
C5 CLA ID . 57.29 -45.45 -34.05
C6 CLA ID . 55.87 -45.35 -34.55
C7 CLA ID . 55.63 -43.96 -35.11
C8 CLA ID . 54.23 -43.85 -35.69
C9 CLA ID . 53.21 -44.26 -34.65
C10 CLA ID . 54.11 -44.72 -36.94
C11 CLA ID . 55.13 -44.31 -37.99
C12 CLA ID . 54.47 -44.18 -39.36
C13 CLA ID . 55.42 -44.69 -40.44
C14 CLA ID . 55.20 -43.91 -41.73
C15 CLA ID . 55.18 -46.16 -40.64
MG CLA JD . 46.17 -34.10 -33.12
CHA CLA JD . 47.38 -32.14 -30.55
CHB CLA JD . 47.93 -36.73 -31.75
CHC CLA JD . 44.92 -36.09 -35.58
CHD CLA JD . 44.45 -31.35 -34.48
NA CLA JD . 47.50 -34.44 -31.36
C1A CLA JD . 47.87 -33.57 -30.51
C2A CLA JD . 48.83 -34.10 -29.50
C3A CLA JD . 49.05 -35.53 -29.98
C4A CLA JD . 48.09 -35.59 -31.10
CMA CLA JD . 50.47 -36.02 -30.20
CAA CLA JD . 48.09 -34.14 -28.15
CBA CLA JD . 47.77 -35.49 -27.50
CGA CLA JD . 46.48 -36.07 -28.00
O1A CLA JD . 45.79 -35.48 -28.78
O2A CLA JD . 46.08 -37.28 -27.70
NB CLA JD . 46.40 -36.10 -33.58
C1B CLA JD . 47.10 -37.02 -32.92
C2B CLA JD . 47.00 -38.39 -33.48
C3B CLA JD . 46.12 -38.16 -34.62
C4B CLA JD . 45.80 -36.72 -34.60
CMB CLA JD . 47.68 -39.63 -32.97
CAB CLA JD . 45.58 -39.09 -35.65
CBB CLA JD . 46.31 -40.03 -36.19
NC CLA JD . 44.88 -33.78 -34.77
C1C CLA JD . 44.50 -34.68 -35.66
C2C CLA JD . 43.61 -34.21 -36.73
C3C CLA JD . 43.47 -32.81 -36.38
C4C CLA JD . 44.30 -32.64 -35.17
CMC CLA JD . 43.01 -34.99 -37.85
CAC CLA JD . 42.70 -31.76 -37.09
CBC CLA JD . 41.37 -31.51 -36.43
ND CLA JD . 45.92 -32.17 -32.76
C1D CLA JD . 45.20 -31.16 -33.23
C2D CLA JD . 45.24 -29.91 -32.43
C3D CLA JD . 46.14 -30.37 -31.37
C4D CLA JD . 46.47 -31.65 -31.60
CMD CLA JD . 44.66 -28.53 -32.47
CAD CLA JD . 46.79 -29.89 -30.13
OBD CLA JD . 46.43 -28.87 -29.45
CBD CLA JD . 47.70 -30.97 -29.63
CGD CLA JD . 49.14 -30.60 -29.79
O1D CLA JD . 49.58 -30.17 -30.84
O2D CLA JD . 50.06 -30.75 -28.69
CED CLA JD . 51.08 -29.79 -28.49
C1 CLA JD . 46.08 -38.41 -28.84
C2 CLA JD . 44.83 -38.69 -29.62
C3 CLA JD . 44.51 -39.92 -30.02
C4 CLA JD . 45.39 -41.08 -29.69
C5 CLA JD . 43.23 -40.14 -30.79
C6 CLA JD . 43.38 -39.66 -32.22
C7 CLA JD . 42.56 -40.52 -33.20
C8 CLA JD . 43.23 -41.84 -33.58
C9 CLA JD . 44.75 -41.72 -33.57
C10 CLA JD . 42.75 -42.27 -34.96
C11 CLA JD . 42.35 -43.74 -35.08
C12 CLA JD . 43.42 -44.76 -34.68
C13 CLA JD . 43.99 -45.59 -35.83
C14 CLA JD . 45.07 -46.53 -35.32
C15 CLA JD . 44.54 -44.70 -36.93
MG CLA KD . 39.40 -44.88 -45.03
CHA CLA KD . 37.75 -47.36 -46.79
CHB CLA KD . 36.45 -44.38 -43.32
CHC CLA KD . 41.06 -42.65 -43.14
CHD CLA KD . 42.36 -45.49 -46.92
NA CLA KD . 37.36 -45.75 -45.02
C1A CLA KD . 36.90 -46.68 -45.75
C2A CLA KD . 35.45 -47.01 -45.48
C3A CLA KD . 35.09 -45.99 -44.45
C4A CLA KD . 36.38 -45.34 -44.23
CMA CLA KD . 33.99 -45.03 -44.84
CAA CLA KD . 35.33 -48.37 -44.77
CBA CLA KD . 36.58 -48.77 -43.96
CGA CLA KD . 36.33 -49.80 -42.88
O1A CLA KD . 36.15 -50.98 -43.07
O2A CLA KD . 36.26 -49.49 -41.60
NB CLA KD . 38.84 -43.72 -43.45
C1B CLA KD . 37.61 -43.59 -42.93
C2B CLA KD . 37.51 -42.57 -41.88
C3B CLA KD . 38.86 -42.07 -41.82
C4B CLA KD . 39.62 -42.83 -42.84
CMB CLA KD . 36.30 -42.16 -41.11
CAB CLA KD . 39.38 -41.00 -40.94
CBB CLA KD . 39.99 -41.35 -39.84
NC CLA KD . 41.41 -44.18 -45.04
C1C CLA KD . 41.87 -43.27 -44.20
C2C CLA KD . 43.28 -42.90 -44.37
C3C CLA KD . 43.69 -43.75 -45.49
C4C CLA KD . 42.45 -44.50 -45.82
CMC CLA KD . 44.06 -41.92 -43.54
CAC CLA KD . 45.04 -43.85 -46.14
CBC CLA KD . 45.09 -43.10 -47.45
ND CLA KD . 40.05 -46.09 -46.49
C1D CLA KD . 41.16 -46.28 -47.21
C2D CLA KD . 41.04 -47.32 -48.28
C3D CLA KD . 39.64 -47.72 -48.05
C4D CLA KD . 39.16 -46.99 -47.04
CMD CLA KD . 41.89 -47.93 -49.36
CAD CLA KD . 38.60 -48.64 -48.57
OBD CLA KD . 38.61 -49.21 -49.70
CBD CLA KD . 37.38 -48.47 -47.75
CGD CLA KD . 36.28 -47.96 -48.61
O1D CLA KD . 36.40 -46.92 -49.24
O2D CLA KD . 35.02 -48.68 -48.64
CED CLA KD . 33.83 -47.97 -48.90
C1 CLA KD . 37.28 -50.03 -40.50
C2 CLA KD . 37.52 -51.49 -40.22
C3 CLA KD . 38.17 -51.93 -39.13
C4 CLA KD . 38.37 -53.41 -38.95
C5 CLA KD . 38.72 -50.99 -38.08
C6 CLA KD . 40.16 -50.60 -38.43
C7 CLA KD . 41.23 -51.15 -37.47
C8 CLA KD . 42.21 -50.09 -36.96
C9 CLA KD . 41.76 -48.65 -37.20
C10 CLA KD . 43.63 -50.30 -37.50
C11 CLA KD . 43.73 -50.26 -39.02
C12 CLA KD . 44.38 -49.01 -39.58
C13 CLA KD . 45.90 -49.11 -39.62
C14 CLA KD . 46.53 -47.92 -38.93
C15 CLA KD . 46.35 -49.18 -41.06
C16 CLA KD . 47.68 -49.91 -41.19
C17 CLA KD . 47.67 -51.24 -40.43
C18 CLA KD . 47.89 -52.43 -41.37
C19 CLA KD . 48.19 -53.68 -40.58
C20 CLA KD . 46.67 -52.63 -42.27
MG CLA LD . 41.62 -31.65 -54.62
CHA CLA LD . 38.89 -33.32 -56.05
CHB CLA LD . 43.26 -32.04 -57.60
CHC CLA LD . 44.22 -30.04 -53.19
CHD CLA LD . 39.86 -31.45 -51.53
NA CLA LD . 41.16 -32.55 -56.61
C1A CLA LD . 40.08 -33.15 -56.97
C2A CLA LD . 40.13 -33.68 -58.39
C3A CLA LD . 41.53 -33.28 -58.81
C4A CLA LD . 42.02 -32.57 -57.60
CMA CLA LD . 42.43 -34.34 -59.43
CAA CLA LD . 39.10 -33.03 -59.32
CBA CLA LD . 39.55 -31.76 -60.05
CGA CLA LD . 38.79 -30.60 -59.46
O1A CLA LD . 38.83 -29.44 -59.84
O2A CLA LD . 37.96 -30.74 -58.45
NB CLA LD . 43.47 -31.12 -55.32
C1B CLA LD . 43.98 -31.33 -56.53
C2B CLA LD . 45.37 -30.80 -56.70
C3B CLA LD . 45.62 -30.23 -55.38
C4B CLA LD . 44.40 -30.47 -54.58
CMB CLA LD . 46.28 -30.86 -57.89
CAB CLA LD . 46.84 -29.54 -54.88
CBB CLA LD . 46.84 -28.23 -54.72
NC CLA LD . 41.91 -30.72 -52.72
C1C CLA LD . 43.07 -30.20 -52.29
C2C CLA LD . 43.13 -29.81 -50.87
C3C CLA LD . 41.79 -30.15 -50.42
C4C CLA LD . 41.13 -30.71 -51.62
CMC CLA LD . 44.27 -29.21 -50.11
CAC CLA LD . 41.19 -29.99 -49.05
CBC CLA LD . 40.29 -28.78 -49.00
ND CLA LD . 39.86 -32.21 -53.83
C1D CLA LD . 39.21 -32.07 -52.68
C2D CLA LD . 37.83 -32.61 -52.67
C3D CLA LD . 37.76 -33.09 -54.05
C4D CLA LD . 38.93 -32.85 -54.66
CMD CLA LD . 36.69 -32.73 -51.72
CAD CLA LD . 36.83 -33.76 -54.97
OBD CLA LD . 35.85 -34.49 -54.59
CBD CLA LD . 37.51 -33.93 -56.28
CGD CLA LD . 37.48 -35.40 -56.56
O1D CLA LD . 36.71 -35.84 -57.39
O2D CLA LD . 38.33 -36.33 -55.86
CED CLA LD . 38.52 -37.61 -56.43
MG CLA MD . 41.69 -45.95 -56.12
CHA CLA MD . 40.32 -45.32 -59.27
CHB CLA MD . 41.70 -49.27 -56.95
CHC CLA MD . 43.03 -46.55 -53.07
CHD CLA MD . 41.59 -42.51 -55.40
NA CLA MD . 41.11 -47.17 -57.89
C1A CLA MD . 40.60 -46.77 -58.99
C2A CLA MD . 40.28 -47.87 -59.96
C3A CLA MD . 40.68 -49.08 -59.15
C4A CLA MD . 41.21 -48.47 -57.91
CMA CLA MD . 39.55 -50.04 -58.90
CAA CLA MD . 41.12 -47.84 -61.25
CBA CLA MD . 42.59 -48.21 -61.06
CGA CLA MD . 43.26 -48.33 -62.40
O1A CLA MD . 44.47 -48.39 -62.56
O2A CLA MD . 42.62 -48.41 -63.55
NB CLA MD . 42.28 -47.67 -55.17
C1B CLA MD . 42.24 -48.91 -55.63
C2B CLA MD . 42.75 -49.94 -54.68
C3B CLA MD . 43.12 -49.10 -53.54
C4B CLA MD . 42.81 -47.72 -53.93
CMB CLA MD . 42.82 -51.43 -54.91
CAB CLA MD . 43.72 -49.43 -52.22
CBB CLA MD . 44.34 -50.56 -51.96
NC CLA MD . 42.31 -44.71 -54.52
C1C CLA MD . 42.81 -45.12 -53.35
C2C CLA MD . 43.12 -44.07 -52.37
C3C CLA MD . 42.73 -42.88 -53.11
C4C CLA MD . 42.24 -43.38 -54.41
CMC CLA MD . 43.69 -44.20 -50.98
CAC CLA MD . 42.80 -41.44 -52.71
CBC CLA MD . 43.99 -40.80 -53.39
ND CLA MD . 41.15 -44.24 -57.01
C1D CLA MD . 41.10 -42.94 -56.71
C2D CLA MD . 40.50 -42.06 -57.75
C3D CLA MD . 40.21 -43.09 -58.75
C4D CLA MD . 40.60 -44.27 -58.28
CMD CLA MD . 40.20 -40.61 -57.96
CAD CLA MD . 39.64 -43.23 -60.11
OBD CLA MD . 38.84 -42.38 -60.65
CBD CLA MD . 39.68 -44.67 -60.49
CGD CLA MD . 38.26 -45.11 -60.65
O1D CLA MD . 37.68 -44.88 -61.69
O2D CLA MD . 37.55 -45.79 -59.58
CED CLA MD . 36.72 -46.91 -59.86
CAA F6C ND . 36.56 -56.40 -56.01
CAB F6C ND . 38.83 -58.79 -47.13
CAC F6C ND . 41.90 -51.33 -48.20
CAD F6C ND . 37.49 -51.78 -55.28
NA F6C ND . 37.07 -55.79 -52.77
CBA F6C ND . 37.99 -56.76 -55.69
CBB F6C ND . 39.53 -58.05 -46.31
CBC F6C ND . 43.34 -51.59 -48.57
CBD F6C ND . 36.85 -53.11 -55.54
NB F6C ND . 38.16 -56.66 -50.12
OBD F6C ND . 37.28 -50.71 -55.96
CGA F6C ND . 38.48 -57.79 -56.67
CGD F6C ND . 35.37 -52.91 -55.71
ND F6C ND . 38.68 -53.21 -52.20
CED F6C ND . 33.56 -51.78 -56.97
CHA F6C ND . 37.16 -53.87 -54.28
CHB F6C ND . 36.67 -57.86 -51.69
CHC F6C ND . 39.60 -55.92 -48.22
CHD F6C ND . 40.11 -51.81 -50.83
CMA F6C ND . 34.30 -57.95 -53.65
CMB F6C ND . 36.83 -60.18 -49.43
CMC F6C ND . 41.57 -54.15 -46.44
CMD F6C ND . 39.49 -49.65 -53.50
OMB F6C ND . 36.54 -60.72 -48.38
C1 F6C ND . 40.59 -59.18 -56.80
C1A F6C ND . 36.71 -55.24 -53.86
C1B F6C ND . 37.44 -57.74 -50.44
C1C F6C ND . 40.03 -54.57 -48.60
C1D F6C ND . 39.29 -52.05 -52.03
O1A F6C ND . 38.36 -57.69 -57.88
O1D F6C ND . 34.59 -53.74 -55.28
C2 F6C ND . 41.76 -58.73 -55.97
C2A F6C ND . 35.82 -56.07 -54.73
C2B F6C ND . 37.49 -58.83 -49.43
C2C F6C ND . 40.94 -53.78 -47.76
C2D F6C ND . 39.09 -51.05 -53.14
O2A F6C ND . 39.09 -58.91 -56.33
O2D F6C ND . 34.84 -51.74 -56.37
C3 F6C ND . 42.44 -59.59 -55.20
C3A F6C ND . 35.67 -57.33 -53.87
C3B F6C ND . 38.36 -58.22 -48.42
C3C F6C ND . 41.08 -52.55 -48.54
C3D F6C ND . 38.22 -51.86 -54.00
C4 F6C ND . 42.05 -61.04 -55.16
C4A F6C ND . 36.52 -56.99 -52.70
C4B F6C ND . 38.72 -56.88 -48.93
C4C F6C ND . 40.23 -52.78 -49.73
C4D F6C ND . 38.02 -53.05 -53.42
C5 F6C ND . 43.60 -59.10 -54.36
C6 F6C ND . 44.42 -60.30 -53.91
C7 F6C ND . 43.74 -61.02 -52.76
C8 F6C ND . 44.38 -60.67 -51.43
C9 F6C ND . 45.82 -60.20 -51.62
C10 F6C ND . 44.32 -61.88 -50.50
NC F6C ND . 39.63 -53.98 -49.74
MG F6C ND . 38.38 -54.92 -51.18
MG CLA OD . 31.43 -55.72 -42.70
CHA CLA OD . 32.95 -53.26 -44.59
CHB CLA OD . 34.03 -57.80 -43.61
CHC CLA OD . 29.99 -58.12 -40.80
CHD CLA OD . 28.83 -53.48 -41.79
NA CLA OD . 33.28 -55.57 -43.94
C1A CLA OD . 33.70 -54.55 -44.59
C2A CLA OD . 34.99 -54.77 -45.33
C3A CLA OD . 35.28 -56.22 -45.00
C4A CLA OD . 34.13 -56.57 -44.13
CMA CLA OD . 35.72 -57.18 -46.10
CAA CLA OD . 36.13 -53.97 -44.72
CBA CLA OD . 37.38 -54.00 -45.59
CGA CLA OD . 37.64 -52.63 -46.14
O1A CLA OD . 36.94 -52.06 -46.96
O2A CLA OD . 38.69 -51.92 -45.80
NB CLA OD . 31.95 -57.68 -42.28
C1B CLA OD . 33.00 -58.37 -42.73
C2B CLA OD . 33.06 -59.77 -42.23
C3B CLA OD . 31.84 -59.83 -41.41
C4B CLA OD . 31.23 -58.49 -41.51
CMB CLA OD . 34.10 -60.82 -42.51
CAB CLA OD . 31.24 -60.91 -40.60
CBB CLA OD . 31.35 -62.19 -40.89
NC CLA OD . 29.71 -55.77 -41.46
C1C CLA OD . 29.25 -56.85 -40.83
C2C CLA OD . 27.97 -56.71 -40.13
C3C CLA OD . 27.64 -55.33 -40.43
C4C CLA OD . 28.77 -54.85 -41.25
CMC CLA OD . 27.21 -57.74 -39.33
CAC CLA OD . 26.42 -54.54 -40.02
CBC CLA OD . 26.56 -54.17 -38.57
ND CLA OD . 30.89 -53.84 -43.03
C1D CLA OD . 29.91 -53.00 -42.66
C2D CLA OD . 30.03 -51.63 -43.22
C3D CLA OD . 31.26 -51.79 -43.98
C4D CLA OD . 31.69 -53.05 -43.83
CMD CLA OD . 29.25 -50.33 -43.16
CAD CLA OD . 32.18 -51.04 -44.86
OBD CLA OD . 31.91 -49.91 -45.40
CBD CLA OD . 33.22 -51.98 -45.36
CGD CLA OD . 33.00 -52.26 -46.81
O1D CLA OD . 32.04 -52.90 -47.18
O2D CLA OD . 33.87 -51.75 -47.83
CED CLA OD . 33.32 -51.55 -49.13
C1 CLA OD . 39.22 -52.05 -44.30
C2 CLA OD . 40.22 -51.06 -43.74
C3 CLA OD . 40.94 -51.34 -42.65
C4 CLA OD . 41.89 -50.31 -42.17
C5 CLA OD . 40.81 -52.65 -41.89
C6 CLA OD . 42.07 -53.52 -41.97
C7 CLA OD . 43.04 -53.36 -40.80
C8 CLA OD . 43.17 -54.57 -39.88
C9 CLA OD . 43.98 -55.68 -40.53
C10 CLA OD . 41.78 -54.99 -39.38
C11 CLA OD . 41.57 -56.49 -39.26
C12 CLA OD . 40.16 -56.77 -38.79
C13 CLA OD . 40.14 -58.01 -37.89
C14 CLA OD . 40.73 -59.21 -38.62
C15 CLA OD . 38.72 -58.28 -37.40
C16 CLA OD . 37.72 -58.33 -38.53
C17 CLA OD . 37.03 -59.69 -38.62
C18 CLA OD . 35.67 -59.68 -37.96
C19 CLA OD . 34.76 -58.63 -38.57
C20 CLA OD . 35.03 -61.06 -38.06
MG CLA PD . 31.69 -43.78 -42.25
CHA CLA PD . 31.95 -40.53 -40.98
CHB CLA PD . 33.55 -44.81 -39.59
CHC CLA PD . 31.34 -46.94 -43.41
CHD CLA PD . 29.75 -42.60 -44.95
NA CLA PD . 32.63 -42.81 -40.46
C1A CLA PD . 32.62 -41.58 -40.12
C2A CLA PD . 33.38 -41.29 -38.83
C3A CLA PD . 33.81 -42.71 -38.44
C4A CLA PD . 33.29 -43.50 -39.57
CMA CLA PD . 35.18 -43.12 -37.90
CAA CLA PD . 32.53 -40.61 -37.75
CBA CLA PD . 32.83 -41.05 -36.32
CGA CLA PD . 33.21 -39.91 -35.43
O1A CLA PD . 32.48 -38.96 -35.22
O2A CLA PD . 34.35 -39.81 -34.76
NB CLA PD . 32.34 -45.60 -41.56
C1B CLA PD . 33.14 -45.85 -40.53
C2B CLA PD . 33.57 -47.25 -40.39
C3B CLA PD . 32.87 -47.85 -41.54
C4B CLA PD . 32.15 -46.76 -42.21
CMB CLA PD . 34.45 -47.82 -39.31
CAB CLA PD . 32.81 -49.22 -42.08
CBB CLA PD . 33.29 -50.26 -41.45
NC CLA PD . 30.66 -44.63 -43.90
C1C CLA PD . 30.62 -45.93 -44.21
C2C CLA PD . 29.84 -46.29 -45.41
C3C CLA PD . 29.35 -44.98 -45.82
C4C CLA PD . 29.93 -44.05 -44.84
CMC CLA PD . 29.58 -47.64 -46.01
CAC CLA PD . 28.49 -44.61 -46.98
CBC CLA PD . 27.05 -44.49 -46.50
ND CLA PD . 30.95 -42.07 -42.91
C1D CLA PD . 30.23 -41.66 -43.95
C2D CLA PD . 29.98 -40.20 -44.00
C3D CLA PD . 30.70 -39.80 -42.78
C4D CLA PD . 31.21 -40.90 -42.22
CMD CLA PD . 29.27 -39.27 -44.94
CAD CLA PD . 31.02 -38.61 -41.99
OBD CLA PD . 30.78 -37.40 -42.34
CBD CLA PD . 31.90 -39.02 -40.86
CGD CLA PD . 33.25 -38.41 -41.12
O1D CLA PD . 33.48 -37.26 -40.82
O2D CLA PD . 34.31 -39.17 -41.76
CED CLA PD . 35.62 -38.63 -41.76
C1 CLA PD . 35.57 -40.83 -34.94
C2 CLA PD . 36.93 -40.29 -35.32
C3 CLA PD . 37.99 -41.02 -35.69
C4 CLA PD . 39.25 -40.30 -36.05
C5 CLA PD . 37.96 -42.52 -35.78
C6 CLA PD . 38.76 -42.98 -37.00
C7 CLA PD . 38.95 -44.49 -37.07
C8 CLA PD . 38.27 -45.07 -38.30
C9 CLA PD . 37.75 -46.48 -38.02
C10 CLA PD . 39.21 -45.06 -39.50
C11 CLA PD . 40.46 -45.89 -39.24
C12 CLA PD . 40.58 -47.03 -40.26
C13 CLA PD . 40.80 -46.52 -41.67
C14 CLA PD . 39.88 -47.28 -42.61
C15 CLA PD . 42.28 -46.66 -42.03
C16 CLA PD . 42.57 -47.01 -43.48
C17 CLA PD . 43.93 -47.67 -43.63
C18 CLA PD . 44.12 -48.25 -45.03
C19 CLA PD . 45.27 -47.59 -45.75
C20 CLA PD . 44.33 -49.76 -44.98
MG CLA QD . 35.58 -51.63 -25.47
CHA CLA QD . 38.90 -50.65 -24.98
CHB CLA QD . 36.63 -53.31 -28.28
CHC CLA QD . 32.43 -52.74 -25.80
CHD CLA QD . 34.60 -49.71 -22.67
NA CLA QD . 37.51 -51.97 -26.53
C1A CLA QD . 38.65 -51.50 -26.21
C2A CLA QD . 39.73 -51.90 -27.16
C3A CLA QD . 38.98 -52.66 -28.20
C4A CLA QD . 37.61 -52.66 -27.64
CMA CLA QD . 39.17 -52.14 -29.61
CAA CLA QD . 40.51 -52.96 -26.39
CBA CLA QD . 41.16 -54.08 -27.17
CGA CLA QD . 41.38 -55.13 -26.13
O1A CLA QD . 40.58 -55.38 -25.24
O2A CLA QD . 42.44 -55.87 -26.03
NB CLA QD . 34.67 -52.86 -26.85
C1B CLA QD . 35.21 -53.43 -27.93
C2B CLA QD . 34.26 -54.24 -28.73
C3B CLA QD . 33.01 -54.04 -27.97
C4B CLA QD . 33.38 -53.18 -26.83
CMB CLA QD . 34.57 -55.02 -29.98
CAB CLA QD . 31.63 -54.55 -28.17
CBB CLA QD . 31.23 -55.26 -29.20
NC CLA QD . 33.81 -51.34 -24.34
C1C CLA QD . 32.62 -51.87 -24.64
C2C CLA QD . 31.52 -51.50 -23.76
C3C CLA QD . 32.18 -50.64 -22.78
C4C CLA QD . 33.58 -50.60 -23.24
CMC CLA QD . 30.08 -51.94 -23.84
CAC CLA QD . 31.61 -49.93 -21.58
CBC CLA QD . 32.03 -50.67 -20.32
ND CLA QD . 36.41 -50.45 -24.08
C1D CLA QD . 36.01 -49.75 -23.02
C2D CLA QD . 37.10 -49.03 -22.31
C3D CLA QD . 38.23 -49.44 -23.15
C4D CLA QD . 37.78 -50.23 -24.12
CMD CLA QD . 37.21 -48.13 -21.11
CAD CLA QD . 39.69 -49.25 -23.26
OBD CLA QD . 40.38 -48.34 -22.69
CBD CLA QD . 40.17 -50.05 -24.42
CGD CLA QD . 40.90 -49.14 -25.37
O1D CLA QD . 42.08 -48.89 -25.18
O2D CLA QD . 40.26 -48.56 -26.52
CED CLA QD . 41.06 -48.14 -27.61
C1 CLA QD . 42.95 -56.65 -27.32
C2 CLA QD . 42.72 -58.14 -27.48
C3 CLA QD . 43.74 -59.01 -27.66
C4 CLA QD . 43.40 -60.46 -27.80
C5 CLA QD . 45.19 -58.56 -27.67
C6 CLA QD . 45.66 -58.04 -29.03
C7 CLA QD . 45.88 -59.14 -30.06
C8 CLA QD . 47.26 -59.12 -30.73
C9 CLA QD . 48.30 -58.42 -29.86
C10 CLA QD . 47.15 -58.49 -32.11
C11 CLA QD . 48.51 -58.31 -32.77
C12 CLA QD . 48.97 -59.58 -33.46
C13 CLA QD . 50.09 -59.30 -34.46
C14 CLA QD . 49.58 -58.54 -35.66
C15 CLA QD . 50.71 -60.64 -34.86
C16 CLA QD . 51.81 -60.49 -35.90
C17 CLA QD . 52.23 -61.85 -36.44
C18 CLA QD . 53.62 -62.26 -35.94
C19 CLA QD . 53.51 -63.12 -34.68
C20 CLA QD . 54.42 -62.98 -37.01
MG CLA RD . 48.31 -48.38 -28.15
CHA CLA RD . 45.23 -49.97 -28.54
CHB CLA RD . 48.23 -47.76 -31.53
CHC CLA RD . 51.18 -46.70 -27.75
CHD CLA RD . 48.20 -48.99 -24.66
NA CLA RD . 46.91 -48.79 -29.86
C1A CLA RD . 45.80 -49.43 -29.83
C2A CLA RD . 45.17 -49.62 -31.19
C3A CLA RD . 46.17 -48.92 -32.10
C4A CLA RD . 47.17 -48.45 -31.10
CMA CLA RD . 46.70 -49.62 -33.33
CAA CLA RD . 43.84 -48.91 -31.37
CBA CLA RD . 43.10 -49.43 -32.59
CGA CLA RD . 41.93 -48.55 -32.88
O1A CLA RD . 41.49 -47.71 -32.12
O2A CLA RD . 41.24 -48.57 -34.01
NB CLA RD . 49.51 -47.37 -29.47
C1B CLA RD . 49.36 -47.22 -30.79
C2B CLA RD . 50.43 -46.44 -31.45
C3B CLA RD . 51.30 -46.14 -30.31
C4B CLA RD . 50.65 -46.75 -29.13
CMB CLA RD . 50.52 -46.11 -32.92
CAB CLA RD . 52.58 -45.39 -30.24
CBB CLA RD . 52.85 -44.36 -31.01
NC CLA RD . 49.51 -47.92 -26.46
C1C CLA RD . 50.66 -47.27 -26.50
C2C CLA RD . 51.39 -47.15 -25.23
C3C CLA RD . 50.50 -47.84 -24.31
C4C CLA RD . 49.38 -48.27 -25.18
CMC CLA RD . 52.71 -46.47 -24.96
CAC CLA RD . 50.63 -48.09 -22.82
CBC CLA RD . 51.11 -49.50 -22.53
ND CLA RD . 47.10 -49.21 -26.81
C1D CLA RD . 47.11 -49.47 -25.51
C2D CLA RD . 45.97 -50.26 -25.01
C3D CLA RD . 45.26 -50.42 -26.27
C4D CLA RD . 45.94 -49.82 -27.25
CMD CLA RD . 45.48 -50.82 -23.70
CAD CLA RD . 44.05 -51.04 -26.81
OBD CLA RD . 43.52 -52.04 -26.23
CBD CLA RD . 43.93 -50.70 -28.25
CGD CLA RD . 43.73 -51.95 -29.07
O1D CLA RD . 42.93 -51.96 -29.98
O2D CLA RD . 44.49 -53.15 -28.81
CED CLA RD . 44.89 -53.95 -29.91
C1 CLA RD . 39.85 -47.81 -34.19
C2 CLA RD . 38.54 -48.52 -33.97
C3 CLA RD . 37.39 -47.83 -34.04
C4 CLA RD . 37.39 -46.36 -34.30
C5 CLA RD . 36.08 -48.55 -33.81
C6 CLA RD . 35.44 -48.89 -35.14
C7 CLA RD . 34.40 -49.98 -34.93
C8 CLA RD . 33.39 -49.99 -36.07
C9 CLA RD . 31.98 -50.11 -35.50
C10 CLA RD . 33.68 -51.09 -37.09
C11 CLA RD . 34.63 -52.19 -36.64
C12 CLA RD . 33.85 -53.41 -36.21
C13 CLA RD . 34.74 -54.58 -35.87
C14 CLA RD . 35.61 -54.99 -37.04
C15 CLA RD . 33.87 -55.73 -35.39
C16 CLA RD . 34.57 -56.53 -34.31
C17 CLA RD . 33.61 -57.50 -33.63
C18 CLA RD . 34.17 -57.99 -32.30
C19 CLA RD . 33.34 -59.17 -31.79
C20 CLA RD . 35.62 -58.41 -32.41
MG CLA SD . 34.50 -34.63 -16.33
CHA CLA SD . 35.50 -31.37 -16.97
CHB CLA SD . 37.37 -34.98 -14.48
CHC CLA SD . 33.49 -37.77 -15.62
CHD CLA SD . 31.68 -34.17 -18.37
NA CLA SD . 36.25 -33.36 -15.77
C1A CLA SD . 36.49 -32.16 -16.14
C2A CLA SD . 37.83 -31.64 -15.71
C3A CLA SD . 38.40 -32.85 -15.04
C4A CLA SD . 37.27 -33.80 -15.09
CMA CLA SD . 39.71 -33.31 -15.65
CAA CLA SD . 37.76 -30.54 -14.63
CBA CLA SD . 36.99 -30.85 -13.34
CGA CLA SD . 37.94 -31.23 -12.23
O1A CLA SD . 38.99 -30.67 -12.04
O2A CLA SD . 37.85 -32.27 -11.41
NB CLA SD . 35.32 -36.14 -15.21
C1B CLA SD . 36.44 -36.10 -14.47
C2B CLA SD . 36.69 -37.32 -13.68
C3B CLA SD . 35.53 -38.12 -14.05
C4B CLA SD . 34.74 -37.32 -14.99
CMB CLA SD . 37.85 -37.58 -12.76
CAB CLA SD . 35.14 -39.46 -13.59
CBB CLA SD . 34.90 -39.69 -12.32
NC CLA SD . 32.78 -35.76 -16.84
C1C CLA SD . 32.59 -37.03 -16.52
C2C CLA SD . 31.41 -37.67 -17.13
C3C CLA SD . 30.84 -36.57 -17.91
C4C CLA SD . 31.78 -35.46 -17.66
CMC CLA SD . 30.93 -39.08 -16.97
CAC CLA SD . 29.62 -36.56 -18.80
CBC CLA SD . 28.47 -35.82 -18.18
ND CLA SD . 33.71 -33.24 -17.50
C1D CLA SD . 32.57 -33.05 -18.15
C2D CLA SD . 32.32 -31.67 -18.60
C3D CLA SD . 33.55 -31.05 -18.11
C4D CLA SD . 34.28 -31.98 -17.50
CMD CLA SD . 31.27 -30.92 -19.35
CAD CLA SD . 34.23 -29.75 -18.07
OBD CLA SD . 33.75 -28.65 -18.51
CBD CLA SD . 35.53 -29.92 -17.38
CGD CLA SD . 36.61 -29.66 -18.35
O1D CLA SD . 36.55 -30.18 -19.43
O2D CLA SD . 37.72 -28.79 -18.03
CED CLA SD . 38.22 -27.93 -19.03
C1 CLA SD . 36.51 -32.77 -10.69
C2 CLA SD . 35.76 -33.97 -11.17
C3 CLA SD . 34.59 -34.33 -10.64
C4 CLA SD . 33.91 -35.54 -11.19
C5 CLA SD . 33.96 -33.50 -9.52
C6 CLA SD . 32.56 -33.97 -9.16
C7 CLA SD . 31.45 -33.04 -9.65
C8 CLA SD . 30.13 -33.78 -9.82
C9 CLA SD . 30.38 -35.03 -10.65
C10 CLA SD . 29.04 -32.94 -10.48
C11 CLA SD . 27.97 -33.79 -11.20
C12 CLA SD . 27.84 -33.44 -12.68
C13 CLA SD . 28.09 -34.61 -13.66
C14 CLA SD . 27.73 -35.96 -13.07
C15 CLA SD . 29.52 -34.65 -14.23
C16 CLA SD . 30.30 -33.36 -14.05
C17 CLA SD . 31.79 -33.53 -14.27
C18 CLA SD . 32.56 -32.21 -14.32
C19 CLA SD . 31.71 -30.97 -14.32
C20 CLA SD . 33.53 -32.12 -13.17
MG CLA TD . 38.34 -34.10 -24.58
CHA CLA TD . 41.48 -32.62 -24.12
CHB CLA TD . 37.17 -32.00 -22.16
CHC CLA TD . 35.30 -35.45 -25.10
CHD CLA TD . 39.70 -36.24 -27.03
NA CLA TD . 39.18 -32.49 -23.29
C1A CLA TD . 40.39 -32.08 -23.24
C2A CLA TD . 40.60 -31.00 -22.22
C3A CLA TD . 39.27 -30.92 -21.56
C4A CLA TD . 38.48 -31.86 -22.38
CMA CLA TD . 39.41 -31.28 -20.09
CAA CLA TD . 40.86 -29.67 -22.96
CBA CLA TD . 39.66 -28.79 -23.32
CGA CLA TD . 39.62 -28.51 -24.80
O1A CLA TD . 39.92 -29.30 -25.67
O2A CLA TD . 39.22 -27.38 -25.33
NB CLA TD . 36.51 -33.76 -23.74
C1B CLA TD . 36.21 -32.88 -22.80
C2B CLA TD . 34.78 -32.85 -22.45
C3B CLA TD . 34.23 -33.90 -23.33
C4B CLA TD . 35.40 -34.40 -24.09
CMB CLA TD . 34.17 -31.95 -21.43
CAB CLA TD . 32.87 -34.44 -23.53
CBB CLA TD . 31.84 -34.08 -22.81
NC CLA TD . 37.61 -35.58 -25.91
C1C CLA TD . 36.35 -35.99 -25.97
C2C CLA TD . 36.06 -37.04 -26.97
C3C CLA TD . 37.38 -37.24 -27.56
C4C CLA TD . 38.25 -36.30 -26.83
CMC CLA TD . 34.74 -37.68 -27.27
CAC CLA TD . 37.79 -38.17 -28.66
CBC CLA TD . 37.82 -37.39 -29.95
ND CLA TD . 40.09 -34.44 -25.47
C1D CLA TD . 40.57 -35.27 -26.37
C2D CLA TD . 42.02 -35.14 -26.62
C3D CLA TD . 42.33 -34.06 -25.69
C4D CLA TD . 41.21 -33.71 -25.08
CMD CLA TD . 43.00 -35.81 -27.50
CAD CLA TD . 43.46 -33.25 -25.21
OBD CLA TD . 44.69 -33.36 -25.55
CBD CLA TD . 42.94 -32.24 -24.24
CGD CLA TD . 43.64 -32.37 -22.93
O1D CLA TD . 43.84 -33.45 -22.42
O2D CLA TD . 44.05 -31.18 -22.21
CED CLA TD . 45.17 -31.26 -21.36
C1 CLA TD . 38.47 -27.34 -26.75
C2 CLA TD . 39.15 -27.30 -28.10
C3 CLA TD . 38.53 -26.74 -29.15
C4 CLA TD . 37.16 -26.16 -29.01
C5 CLA TD . 39.17 -26.68 -30.52
C6 CLA TD . 40.22 -27.75 -30.74
C7 CLA TD . 40.90 -27.52 -32.09
C8 CLA TD . 40.33 -28.44 -33.17
C9 CLA TD . 40.62 -29.89 -32.85
C10 CLA TD . 40.92 -28.06 -34.53
C11 CLA TD . 40.41 -26.71 -35.02
C12 CLA TD . 40.57 -26.60 -36.53
C13 CLA TD . 40.75 -25.16 -36.99
C14 CLA TD . 39.44 -24.39 -36.92
C15 CLA TD . 41.34 -25.18 -38.40
C16 CLA TD . 41.17 -23.85 -39.13
C17 CLA TD . 42.37 -23.56 -40.02
C18 CLA TD . 41.92 -23.01 -41.37
C19 CLA TD . 42.28 -21.55 -41.52
C20 CLA TD . 42.56 -23.81 -42.49
MG CLA UD . 21.03 -40.84 -27.08
CHA CLA UD . 17.61 -41.35 -27.07
CHB CLA UD . 20.49 -38.37 -29.41
CHC CLA UD . 24.39 -40.30 -27.16
CHD CLA UD . 21.51 -43.41 -24.76
NA CLA UD . 19.29 -39.93 -28.12
C1A CLA UD . 18.07 -40.24 -27.98
C2A CLA UD . 17.13 -39.41 -28.81
C3A CLA UD . 18.09 -38.54 -29.57
C4A CLA UD . 19.38 -38.97 -29.00
CMA CLA UD . 17.97 -38.65 -31.06
CAA CLA UD . 16.32 -38.47 -27.93
CBA CLA UD . 17.07 -37.87 -26.74
CGA CLA UD . 16.09 -37.03 -25.97
O1A CLA UD . 15.08 -37.49 -25.51
O2A CLA UD . 16.12 -35.74 -25.77
NB CLA UD . 22.24 -39.54 -28.12
C1B CLA UD . 21.86 -38.63 -29.00
C2B CLA UD . 22.95 -37.85 -29.55
C3B CLA UD . 24.13 -38.41 -28.91
C4B CLA UD . 23.58 -39.46 -28.04
CMB CLA UD . 22.77 -36.76 -30.53
CAB CLA UD . 25.56 -38.06 -29.05
CBB CLA UD . 26.09 -37.63 -30.17
NC CLA UD . 22.68 -41.69 -26.07
C1C CLA UD . 23.93 -41.26 -26.16
C2C CLA UD . 24.87 -41.80 -25.19
C3C CLA UD . 23.99 -42.68 -24.41
C4C CLA UD . 22.68 -42.56 -25.06
CMC CLA UD . 26.31 -41.44 -25.09
CAC CLA UD . 24.35 -43.56 -23.24
CBC CLA UD . 24.28 -42.74 -21.98
ND CLA UD . 19.94 -42.14 -26.07
C1D CLA UD . 20.14 -43.13 -25.22
C2D CLA UD . 18.91 -43.85 -24.81
C3D CLA UD . 17.91 -43.10 -25.60
C4D CLA UD . 18.56 -42.15 -26.27
CMD CLA UD . 18.56 -45.01 -23.93
CAD CLA UD . 16.47 -43.01 -25.90
OBD CLA UD . 15.55 -43.70 -25.32
CBD CLA UD . 16.21 -41.88 -26.83
CGD CLA UD . 15.52 -42.36 -28.09
O1D CLA UD . 16.05 -42.40 -29.17
O2D CLA UD . 14.15 -42.81 -28.06
CED CLA UD . 13.79 -43.95 -28.84
C1 CLA UD . 16.50 -35.03 -24.39
C2 CLA UD . 16.77 -35.75 -23.09
C3 CLA UD . 17.20 -35.06 -22.03
C4 CLA UD . 17.44 -33.58 -22.12
C5 CLA UD . 17.48 -35.78 -20.73
C6 CLA UD . 18.62 -35.10 -19.97
C7 CLA UD . 18.90 -35.84 -18.66
C8 CLA UD . 20.13 -36.72 -18.79
C9 CLA UD . 19.73 -38.18 -18.97
C10 CLA UD . 21.04 -36.55 -17.58
C11 CLA UD . 21.30 -35.08 -17.29
C12 CLA UD . 22.51 -34.91 -16.36
C13 CLA UD . 22.13 -34.28 -15.01
C14 CLA UD . 21.04 -33.24 -15.15
C15 CLA UD . 23.38 -33.66 -14.40
C16 CLA UD . 23.04 -32.91 -13.11
C17 CLA UD . 24.05 -33.19 -12.01
C18 CLA UD . 24.22 -32.06 -10.98
C19 CLA UD . 23.49 -30.78 -11.35
C20 CLA UD . 23.81 -32.51 -9.60
MG CLA VD . 28.67 -65.40 -36.29
CHA CLA VD . 27.60 -66.85 -39.27
CHB CLA VD . 28.51 -68.52 -34.89
CHC CLA VD . 29.75 -63.99 -33.39
CHD CLA VD . 28.82 -62.25 -37.84
NA CLA VD . 28.14 -67.46 -36.97
C1A CLA VD . 27.77 -67.82 -38.14
C2A CLA VD . 27.48 -69.28 -38.27
C3A CLA VD . 27.73 -69.75 -36.86
C4A CLA VD . 28.16 -68.50 -36.19
CMA CLA VD . 26.59 -70.49 -36.22
CAA CLA VD . 28.49 -69.99 -39.20
CBA CLA VD . 29.88 -70.22 -38.60
CGA CLA VD . 30.78 -71.01 -39.51
O1A CLA VD . 30.92 -70.83 -40.70
O2A CLA VD . 31.54 -72.02 -39.10
NB CLA VD . 29.07 -66.17 -34.43
C1B CLA VD . 28.95 -67.43 -34.02
C2B CLA VD . 29.33 -67.65 -32.61
C3B CLA VD . 29.67 -66.30 -32.19
C4B CLA VD . 29.49 -65.44 -33.38
CMB CLA VD . 29.32 -68.93 -31.84
CAB CLA VD . 30.14 -65.82 -30.88
CBB CLA VD . 31.22 -66.33 -30.33
NC CLA VD . 29.24 -63.43 -35.72
C1C CLA VD . 29.59 -63.04 -34.50
C2C CLA VD . 29.83 -61.60 -34.32
C3C CLA VD . 29.57 -61.10 -35.66
C4C CLA VD . 29.20 -62.30 -36.42
CMC CLA VD . 30.25 -60.86 -33.07
CAC CLA VD . 29.63 -59.67 -36.14
CBC CLA VD . 30.93 -59.41 -36.85
ND CLA VD . 28.37 -64.60 -38.09
C1D CLA VD . 28.35 -63.40 -38.63
C2D CLA VD . 27.84 -63.34 -40.03
C3D CLA VD . 27.57 -64.76 -40.21
C4D CLA VD . 27.88 -65.42 -39.09
CMD CLA VD . 27.59 -62.33 -41.11
CAD CLA VD . 27.06 -65.68 -41.23
OBD CLA VD . 26.60 -65.34 -42.37
CBD CLA VD . 27.12 -67.06 -40.69
CGD CLA VD . 25.75 -67.64 -40.73
O1D CLA VD . 25.45 -68.46 -41.58
O2D CLA VD . 24.72 -67.28 -39.77
CED CLA VD . 23.93 -68.35 -39.25
MG CLA WD . 30.98 -72.65 -29.78
CHA CLA WD . 28.80 -73.31 -32.38
CHB CLA WD . 28.90 -74.53 -27.78
CHC CLA WD . 33.20 -72.22 -27.28
CHD CLA WD . 33.01 -70.67 -31.92
NA CLA WD . 29.10 -73.81 -30.02
C1A CLA WD . 28.40 -73.94 -31.08
C2A CLA WD . 27.12 -74.72 -30.88
C3A CLA WD . 27.17 -75.01 -29.41
C4A CLA WD . 28.49 -74.44 -29.04
CMA CLA WD . 25.99 -74.44 -28.66
CAA CLA WD . 27.11 -76.10 -31.57
CBA CLA WD . 28.49 -76.64 -31.93
CGA CLA WD . 28.95 -77.76 -31.02
O1A CLA WD . 29.15 -77.64 -29.82
O2A CLA WD . 29.19 -78.99 -31.43
NB CLA WD . 31.04 -73.31 -27.82
C1B CLA WD . 30.13 -74.02 -27.17
C2B CLA WD . 30.43 -74.25 -25.74
C3B CLA WD . 31.70 -73.53 -25.61
C4B CLA WD . 32.00 -72.99 -26.95
CMB CLA WD . 29.59 -75.00 -24.75
CAB CLA WD . 32.59 -73.36 -24.44
CBB CLA WD . 32.82 -74.32 -23.57
NC CLA WD . 32.83 -71.61 -29.64
C1C CLA WD . 33.55 -71.52 -28.52
C2C CLA WD . 34.73 -70.65 -28.59
C3C CLA WD . 34.68 -70.18 -29.97
C4C CLA WD . 33.46 -70.83 -30.52
CMC CLA WD . 35.70 -70.40 -27.48
CAC CLA WD . 35.62 -69.23 -30.66
CBC CLA WD . 36.60 -69.97 -31.53
ND CLA WD . 31.04 -72.07 -31.68
C1D CLA WD . 31.80 -71.31 -32.47
C2D CLA WD . 31.30 -71.16 -33.87
C3D CLA WD . 30.09 -71.99 -33.75
C4D CLA WD . 30.01 -72.47 -32.51
CMD CLA WD . 31.68 -70.47 -35.14
CAD CLA WD . 28.96 -72.47 -34.57
OBD CLA WD . 29.03 -72.59 -35.84
CBD CLA WD . 28.09 -73.34 -33.71
CGD CLA WD . 26.71 -72.75 -33.59
O1D CLA WD . 26.53 -71.63 -33.15
O2D CLA WD . 25.56 -73.54 -33.99
CED CLA WD . 24.47 -72.90 -34.62
C1 CLA WD . 30.25 -79.91 -30.64
C2 CLA WD . 31.68 -79.46 -30.44
C3 CLA WD . 32.52 -80.12 -29.63
C4 CLA WD . 32.05 -81.33 -28.86
C5 CLA WD . 33.94 -79.65 -29.44
C6 CLA WD . 34.68 -79.55 -30.76
C7 CLA WD . 35.65 -78.38 -30.77
C8 CLA WD . 37.10 -78.74 -30.43
C9 CLA WD . 37.46 -80.17 -30.81
C10 CLA WD . 37.37 -78.49 -28.94
MG CLA XD . 37.45 -74.32 -14.48
CHA CLA XD . 34.48 -73.96 -16.24
CHB CLA XD . 35.53 -74.62 -11.63
CHC CLA XD . 40.32 -74.81 -12.77
CHD CLA XD . 39.29 -74.02 -17.51
NA CLA XD . 35.27 -74.31 -13.96
C1A CLA XD . 34.30 -74.16 -14.76
C2A CLA XD . 32.95 -74.18 -14.10
C3A CLA XD . 33.33 -74.35 -12.64
C4A CLA XD . 34.80 -74.43 -12.74
CMA CLA XD . 32.70 -73.42 -11.62
CAA CLA XD . 32.26 -75.50 -14.45
CBA CLA XD . 30.76 -75.35 -14.69
CGA CLA XD . 30.14 -76.73 -14.67
O1A CLA XD . 30.41 -77.60 -13.85
O2A CLA XD . 29.26 -77.19 -15.55
NB CLA XD . 37.84 -74.68 -12.49
C1B CLA XD . 36.98 -74.73 -11.48
C2B CLA XD . 37.60 -74.97 -10.15
C3B CLA XD . 39.02 -75.02 -10.53
C4B CLA XD . 39.08 -74.83 -11.99
CMB CLA XD . 36.89 -75.10 -8.83
CAB CLA XD . 40.24 -75.24 -9.72
CBB CLA XD . 40.26 -75.78 -8.53
NC CLA XD . 39.50 -74.45 -15.06
C1C CLA XD . 40.52 -74.60 -14.21
C2C CLA XD . 41.86 -74.53 -14.82
C3C CLA XD . 41.54 -74.32 -16.23
C4C CLA XD . 40.06 -74.28 -16.26
CMC CLA XD . 43.21 -74.66 -14.17
CAC CLA XD . 42.47 -74.16 -17.40
CBC CLA XD . 42.94 -72.73 -17.45
ND CLA XD . 37.13 -74.08 -16.43
C1D CLA XD . 37.83 -73.94 -17.55
C2D CLA XD . 37.02 -73.71 -18.78
C3D CLA XD . 35.68 -73.73 -18.18
C4D CLA XD . 35.81 -73.95 -16.87
CMD CLA XD . 37.23 -73.49 -20.26
CAD CLA XD . 34.26 -73.59 -18.55
OBD CLA XD . 33.83 -73.10 -19.66
CBD CLA XD . 33.46 -73.65 -17.30
CGD CLA XD . 32.97 -72.28 -17.01
O1D CLA XD . 33.77 -71.39 -16.85
O2D CLA XD . 31.57 -71.97 -16.89
CED CLA XD . 31.06 -70.97 -17.77
C1 CLA XD . 29.74 -78.19 -16.70
C2 CLA XD . 31.16 -78.08 -17.20
C3 CLA XD . 31.50 -78.20 -18.50
C4 CLA XD . 30.45 -78.46 -19.53
C5 CLA XD . 32.96 -78.06 -18.87
C6 CLA XD . 33.17 -78.01 -20.38
C7 CLA XD . 34.50 -78.65 -20.75
C8 CLA XD . 34.41 -79.37 -22.10
C9 CLA XD . 35.36 -80.56 -22.14
C10 CLA XD . 34.70 -78.41 -23.23
C11 CLA XD . 36.05 -77.73 -23.06
C12 CLA XD . 35.94 -76.22 -23.23
C13 CLA XD . 36.69 -75.75 -24.48
C14 CLA XD . 38.15 -76.20 -24.45
C15 CLA XD . 36.60 -74.24 -24.60
CAA F6C YD . 44.67 -76.85 -3.20
CAB F6C YD . 39.45 -70.89 -8.30
CAC F6C YD . 37.17 -69.55 -0.48
CAD F6C YD . 43.80 -74.38 1.01
NA F6C YD . 43.07 -73.90 -3.67
CBA F6C YD . 43.20 -77.24 -3.23
CBB F6C YD . 38.94 -71.48 -9.36
CBC F6C YD . 36.19 -70.56 0.09
CBD F6C YD . 44.53 -74.81 -0.22
NB F6C YD . 41.05 -72.38 -5.26
OBD F6C YD . 44.34 -74.31 2.17
CGA F6C YD . 43.08 -78.75 -3.24
CGD F6C YD . 45.82 -74.05 -0.29
ND F6C YD . 41.51 -72.75 -1.25
CED F6C YD . 47.42 -73.10 -1.95
CHA F6C YD . 43.64 -74.35 -1.34
CHB F6C YD . 42.98 -73.74 -6.02
CHC F6C YD . 39.05 -70.92 -5.09
CHD F6C YD . 39.79 -71.38 -0.25
CMA F6C YD . 45.82 -74.77 -5.84
CMB F6C YD . 42.11 -72.80 -8.91
CMC F6C YD . 36.78 -69.14 -3.80
CMD F6C YD . 41.41 -72.48 2.61
OMB F6C YD . 41.94 -72.11 -9.90
C1A F6C YD . 43.80 -74.51 -2.83
C1B F6C YD . 41.84 -72.86 -6.24
C1C F6C YD . 38.85 -70.80 -3.62
C1D F6C YD . 40.94 -72.27 -0.14
O1A F6C YD . 42.05 -79.36 -3.00
O1D F6C YD . 46.66 -74.17 0.58
C2A F6C YD . 44.88 -75.36 -3.45
C2B F6C YD . 41.45 -72.44 -7.61
C2C F6C YD . 37.78 -69.96 -3.06
C2D F6C YD . 41.59 -72.70 1.13
O2A F6C YD . 44.08 -79.56 -3.50
O2D F6C YD . 46.12 -73.11 -1.37
C3A F6C YD . 44.66 -75.11 -4.92
C3B F6C YD . 40.29 -71.61 -7.32
C3C F6C YD . 37.96 -70.15 -1.62
C3D F6C YD . 42.66 -73.53 0.58
C4A F6C YD . 43.48 -74.20 -4.88
C4B F6C YD . 40.12 -71.62 -5.84
C4C F6C YD . 39.12 -71.06 -1.53
C4D F6C YD . 42.55 -73.52 -0.76
NC F6C YD . 39.61 -71.42 -2.72
MG F6C YD . 41.33 -72.56 -3.23
MG CLA ZD . 53.41 -53.79 -31.31
CHA CLA ZD . 55.63 -51.43 -32.60
CHB CLA ZD . 51.46 -51.16 -30.29
CHC CLA ZD . 51.19 -56.08 -30.18
CHD CLA ZD . 55.60 -56.39 -32.31
NA CLA ZD . 53.50 -51.57 -31.44
C1A CLA ZD . 54.42 -50.85 -31.95
C2A CLA ZD . 54.19 -49.37 -31.80
C3A CLA ZD . 52.94 -49.36 -30.99
C4A CLA ZD . 52.59 -50.79 -30.90
CMA CLA ZD . 53.31 -48.82 -29.64
CAA CLA ZD . 53.92 -48.69 -33.15
CBA CLA ZD . 52.54 -48.97 -33.74
CGA CLA ZD . 52.39 -48.51 -35.15
O1A CLA ZD . 52.68 -47.41 -35.58
O2A CLA ZD . 51.90 -49.28 -36.09
NB CLA ZD . 51.58 -53.62 -30.38
C1B CLA ZD . 50.94 -52.50 -30.03
C2B CLA ZD . 49.63 -52.74 -29.35
C3B CLA ZD . 49.59 -54.19 -29.33
C4B CLA ZD . 50.83 -54.67 -29.98
CMB CLA ZD . 48.64 -51.74 -28.83
CAB CLA ZD . 48.50 -55.02 -28.77
CBB CLA ZD . 48.67 -55.64 -27.63
NC CLA ZD . 53.34 -55.92 -31.35
C1C CLA ZD . 52.39 -56.66 -30.80
C2C CLA ZD . 52.62 -58.13 -30.85
C3C CLA ZD . 53.90 -58.19 -31.55
C4C CLA ZD . 54.26 -56.79 -31.80
CMC CLA ZD . 51.78 -59.25 -30.35
CAC CLA ZD . 54.68 -59.42 -31.91
CBC CLA ZD . 54.47 -59.70 -33.38
ND CLA ZD . 55.17 -54.02 -32.24
C1D CLA ZD . 55.99 -55.01 -32.58
C2D CLA ZD . 57.28 -54.57 -33.20
C3D CLA ZD . 57.06 -53.13 -33.18
C4D CLA ZD . 55.87 -52.88 -32.64
CMD CLA ZD . 58.54 -55.16 -33.77
CAD CLA ZD . 57.73 -51.88 -33.57
OBD CLA ZD . 58.78 -51.79 -34.31
CBD CLA ZD . 56.85 -50.74 -33.18
CGD CLA ZD . 57.51 -49.97 -32.07
O1D CLA ZD . 57.58 -50.41 -30.95
O2D CLA ZD . 58.07 -48.66 -32.29
CED CLA ZD . 59.24 -48.39 -31.53
C1 CLA ZD . 50.85 -48.74 -37.16
C2 CLA ZD . 51.28 -48.26 -38.52
C3 CLA ZD . 51.93 -49.04 -39.39
C4 CLA ZD . 52.31 -48.48 -40.74
C5 CLA ZD . 52.31 -50.47 -39.06
C6 CLA ZD . 51.23 -51.44 -39.51
C7 CLA ZD . 51.82 -52.59 -40.30
C8 CLA ZD . 52.50 -53.60 -39.38
C9 CLA ZD . 53.95 -53.76 -39.77
C10 CLA ZD . 51.75 -54.93 -39.46
C11 CLA ZD . 52.28 -55.92 -38.44
C12 CLA ZD . 52.13 -57.36 -38.89
C13 CLA ZD . 53.45 -58.11 -38.74
C14 CLA ZD . 54.52 -57.39 -39.55
C15 CLA ZD . 53.31 -59.56 -39.20
C16 CLA ZD . 54.64 -60.23 -39.49
C17 CLA ZD . 54.59 -61.03 -40.78
C18 CLA ZD . 55.90 -61.73 -41.14
C19 CLA ZD . 56.77 -60.84 -42.03
C20 CLA ZD . 56.67 -62.21 -39.92
MG CLA AE . 57.97 -54.03 -38.07
CHA CLA AE . 59.66 -51.65 -39.97
CHB CLA AE . 55.75 -51.55 -37.21
CHC CLA AE . 56.20 -56.39 -36.39
CHD CLA AE . 60.38 -56.48 -38.94
NA CLA AE . 57.71 -51.85 -38.52
C1A CLA AE . 58.45 -51.11 -39.25
C2A CLA AE . 58.01 -49.65 -39.27
C3A CLA AE . 56.79 -49.68 -38.36
C4A CLA AE . 56.75 -51.12 -38.00
CMA CLA AE . 56.65 -48.62 -37.28
CAA CLA AE . 57.58 -49.13 -40.64
CBA CLA AE . 56.30 -49.76 -41.16
CGA CLA AE . 55.99 -49.30 -42.56
O1A CLA AE . 56.83 -48.99 -43.39
O2A CLA AE . 54.77 -49.20 -43.05
NB CLA AE . 56.22 -53.96 -36.97
C1B CLA AE . 55.47 -52.90 -36.71
C2B CLA AE . 54.29 -53.18 -35.86
C3B CLA AE . 54.44 -54.61 -35.64
C4B CLA AE . 55.67 -55.02 -36.36
CMB CLA AE . 53.25 -52.19 -35.41
CAB CLA AE . 53.59 -55.54 -34.86
CBB CLA AE . 52.29 -55.51 -34.90
NC CLA AE . 58.23 -56.11 -37.75
C1C CLA AE . 57.41 -56.90 -37.04
C2C CLA AE . 57.80 -58.31 -36.93
C3C CLA AE . 59.03 -58.34 -37.71
C4C CLA AE . 59.22 -56.94 -38.17
CMC CLA AE . 57.10 -59.44 -36.22
CAC CLA AE . 59.91 -59.52 -37.98
CBC CLA AE . 59.65 -60.06 -39.37
ND CLA AE . 59.64 -54.18 -39.15
C1D CLA AE . 60.52 -55.12 -39.49
C2D CLA AE . 61.60 -54.67 -40.40
C3D CLA AE . 61.19 -53.27 -40.55
C4D CLA AE . 60.10 -53.05 -39.83
CMD CLA AE . 62.81 -55.22 -41.11
CAD CLA AE . 61.62 -52.04 -41.25
OBD CLA AE . 62.40 -52.04 -42.27
CBD CLA AE . 60.62 -50.98 -40.94
CGD CLA AE . 61.31 -49.79 -40.35
O1D CLA AE . 61.98 -49.90 -39.35
O2D CLA AE . 61.18 -48.50 -40.99
CED CLA AE . 62.33 -47.73 -41.31
MG CLA BE . 61.28 -54.93 -45.59
CHA CLA BE . 62.34 -52.67 -48.02
CHB CLA BE . 59.04 -52.52 -44.56
CHC CLA BE . 60.21 -57.14 -43.30
CHD CLA BE . 63.61 -57.34 -46.80
NA CLA BE . 60.72 -52.85 -46.20
C1A CLA BE . 61.23 -52.16 -47.15
C2A CLA BE . 60.65 -50.76 -47.27
C3A CLA BE . 59.63 -50.75 -46.14
C4A CLA BE . 59.80 -52.13 -45.59
CMA CLA BE . 59.56 -49.56 -45.20
CAA CLA BE . 59.92 -50.53 -48.61
CBA CLA BE . 58.52 -51.16 -48.73
CGA CLA BE . 58.57 -52.63 -49.10
O1A CLA BE . 57.80 -53.47 -48.66
O2A CLA BE . 59.43 -53.17 -49.93
NB CLA BE . 59.82 -54.83 -44.14
C1B CLA BE . 59.03 -53.80 -43.84
C2B CLA BE . 58.10 -54.07 -42.71
C3B CLA BE . 58.44 -55.43 -42.35
C4B CLA BE . 59.53 -55.83 -43.28
CMB CLA BE . 57.07 -53.17 -42.09
CAB CLA BE . 57.80 -56.18 -41.24
CBB CLA BE . 57.55 -57.47 -41.25
NC CLA BE . 61.80 -56.95 -45.16
C1C CLA BE . 61.27 -57.66 -44.17
C2C CLA BE . 61.80 -59.03 -43.99
C3C CLA BE . 62.80 -59.09 -45.06
C4C CLA BE . 62.72 -57.76 -45.70
CMC CLA BE . 61.38 -60.06 -42.98
CAC CLA BE . 63.72 -60.24 -45.42
CBC CLA BE . 64.80 -60.39 -44.38
ND CLA BE . 62.65 -55.12 -47.03
C1D CLA BE . 63.54 -56.03 -47.46
C2D CLA BE . 64.40 -55.59 -48.59
C3D CLA BE . 63.86 -54.23 -48.78
C4D CLA BE . 62.88 -54.04 -47.87
CMD CLA BE . 65.51 -56.12 -49.45
CAD CLA BE . 64.05 -53.04 -49.62
OBD CLA BE . 64.98 -52.86 -50.48
CBD CLA BE . 63.12 -51.98 -49.13
CGD CLA BE . 63.93 -50.86 -48.54
O1D CLA BE . 64.96 -51.09 -47.93
O2D CLA BE . 63.47 -49.48 -48.67
CED CLA BE . 64.30 -48.52 -49.32
MG CLA CE . 45.94 -52.36 -20.42
CHA CLA CE . 48.60 -54.07 -21.88
CHB CLA CE . 43.91 -53.88 -22.74
CHC CLA CE . 43.37 -50.82 -18.89
CHD CLA CE . 48.16 -50.97 -18.03
NA CLA CE . 46.19 -53.81 -22.10
C1A CLA CE . 47.28 -54.35 -22.52
C2A CLA CE . 47.11 -55.22 -23.73
C3A CLA CE . 45.64 -55.08 -23.99
C4A CLA CE . 45.20 -54.22 -22.87
CMA CLA CE . 45.32 -54.61 -25.39
CAA CLA CE . 47.37 -56.70 -23.44
CBA CLA CE . 47.65 -57.44 -24.74
CGA CLA CE . 48.02 -58.88 -24.48
O1A CLA CE . 48.87 -59.24 -23.68
O2A CLA CE . 47.49 -59.92 -25.07
NB CLA CE . 43.91 -52.37 -20.78
C1B CLA CE . 43.26 -53.01 -21.74
C2B CLA CE . 41.80 -52.76 -21.75
C3B CLA CE . 41.66 -51.85 -20.62
C4B CLA CE . 43.02 -51.66 -20.06
CMB CLA CE . 40.74 -53.29 -22.67
CAB CLA CE . 40.39 -51.26 -20.14
CBB CLA CE . 40.20 -49.97 -20.01
NC CLA CE . 45.79 -51.12 -18.69
C1C CLA CE . 44.66 -50.60 -18.23
C2C CLA CE . 44.78 -49.78 -17.00
C3C CLA CE . 46.22 -49.85 -16.72
C4C CLA CE . 46.74 -50.70 -17.83
CMC CLA CE . 43.71 -49.07 -16.24
CAC CLA CE . 47.00 -49.25 -15.58
CBC CLA CE . 47.88 -48.08 -15.94
ND CLA CE . 47.86 -52.45 -19.92
C1D CLA CE . 48.69 -51.84 -19.06
C2D CLA CE . 50.13 -52.12 -19.27
C3D CLA CE . 50.02 -53.02 -20.42
C4D CLA CE . 48.74 -53.17 -20.73
CMD CLA CE . 51.44 -51.72 -18.67
CAD CLA CE . 50.86 -53.82 -21.33
OBD CLA CE . 52.13 -53.92 -21.25
CBD CLA CE . 49.98 -54.51 -22.30
CGD CLA CE . 50.31 -53.97 -23.65
O1D CLA CE . 50.91 -54.63 -24.46
O2D CLA CE . 49.88 -52.64 -24.03
CED CLA CE . 49.40 -52.43 -25.34
C1 CLA CE . 48.33 -61.10 -25.76
C2 CLA CE . 48.52 -61.13 -27.26
C3 CLA CE . 49.23 -62.09 -27.87
C4 CLA CE . 49.90 -63.17 -27.07
C5 CLA CE . 49.39 -62.06 -29.37
C6 CLA CE . 48.68 -63.25 -30.02
C7 CLA CE . 48.41 -62.98 -31.50
C8 CLA CE . 46.92 -62.98 -31.89
C9 CLA CE . 46.01 -62.68 -30.71
C10 CLA CE . 46.54 -64.30 -32.55
C11 CLA CE . 45.41 -64.13 -33.57
C12 CLA CE . 44.07 -64.59 -33.03
C13 CLA CE . 43.23 -65.33 -34.06
C14 CLA CE . 41.99 -64.53 -34.43
C15 CLA CE . 42.84 -66.70 -33.48
C16 CLA CE . 42.10 -67.53 -34.50
C17 CLA CE . 40.96 -68.30 -33.84
C18 CLA CE . 41.22 -69.80 -33.84
C19 CLA CE . 40.02 -70.56 -33.28
C20 CLA CE . 41.59 -70.32 -35.22
MG CLA DE . 43.61 -64.57 -20.53
CHA CLA DE . 46.02 -62.07 -20.50
CHB CLA DE . 41.37 -62.19 -21.60
CHC CLA DE . 41.31 -67.02 -20.65
CHD CLA DE . 46.04 -66.91 -19.41
NA CLA DE . 43.65 -62.40 -21.02
C1A CLA DE . 44.65 -61.61 -20.93
C2A CLA DE . 44.36 -60.22 -21.39
C3A CLA DE . 42.89 -60.27 -21.66
C4A CLA DE . 42.60 -61.71 -21.41
CMA CLA DE . 42.04 -59.24 -20.94
CAA CLA DE . 45.05 -59.99 -22.75
CBA CLA DE . 44.69 -60.87 -23.96
CGA CLA DE . 45.08 -62.33 -23.93
O1A CLA DE . 46.19 -62.79 -24.10
O2A CLA DE . 44.22 -63.30 -23.69
NB CLA DE . 41.63 -64.59 -21.05
C1B CLA DE . 40.87 -63.56 -21.43
C2B CLA DE . 39.46 -63.91 -21.72
C3B CLA DE . 39.46 -65.34 -21.42
C4B CLA DE . 40.85 -65.67 -21.02
CMB CLA DE . 38.35 -63.00 -22.17
CAB CLA DE . 38.37 -66.34 -21.49
CBB CLA DE . 37.52 -66.38 -22.49
NC CLA DE . 43.69 -66.66 -20.15
C1C CLA DE . 42.64 -67.47 -20.21
C2C CLA DE . 42.89 -68.87 -19.81
C3C CLA DE . 44.32 -68.84 -19.49
C4C CLA DE . 44.70 -67.42 -19.72
CMC CLA DE . 41.94 -70.03 -19.78
CAC CLA DE . 45.21 -69.95 -19.00
CBC CLA DE . 45.30 -69.91 -17.48
ND CLA DE . 45.56 -64.63 -20.04
C1D CLA DE . 46.45 -65.53 -19.63
C2D CLA DE . 47.83 -64.99 -19.43
C3D CLA DE . 47.58 -63.59 -19.80
C4D CLA DE . 46.30 -63.46 -20.13
CMD CLA DE . 49.18 -65.49 -19.00
CAD CLA DE . 48.29 -62.31 -19.92
OBD CLA DE . 49.51 -62.23 -20.27
CBD CLA DE . 47.31 -61.29 -20.37
CGD CLA DE . 47.18 -60.20 -19.35
O1D CLA DE . 47.20 -60.43 -18.15
O2D CLA DE . 47.01 -58.83 -19.79
CED CLA DE . 47.71 -57.83 -19.10
C1 CLA DE . 44.26 -64.74 -24.35
C2 CLA DE . 44.96 -65.94 -23.76
C3 CLA DE . 44.43 -67.15 -23.95
C4 CLA DE . 45.14 -68.35 -23.38
C5 CLA DE . 43.14 -67.34 -24.71
C6 CLA DE . 42.25 -68.35 -23.99
C7 CLA DE . 40.86 -68.44 -24.61
C8 CLA DE . 40.38 -69.89 -24.63
C9 CLA DE . 39.16 -70.05 -25.52
C10 CLA DE . 40.06 -70.39 -23.23
C11 CLA DE . 39.82 -71.88 -23.24
C12 CLA DE . 40.39 -72.56 -22.00
C13 CLA DE . 41.45 -73.59 -22.36
C14 CLA DE . 40.93 -75.01 -22.19
C15 CLA DE . 42.69 -73.38 -21.49
MG CLA EE . 35.81 -61.46 -26.82
CHA CLA EE . 38.40 -59.37 -25.75
CHB CLA EE . 33.98 -58.64 -27.44
CHC CLA EE . 33.38 -63.52 -27.89
CHD CLA EE . 37.80 -64.27 -26.00
NA CLA EE . 36.12 -59.26 -26.65
C1A CLA EE . 37.16 -58.65 -26.20
C2A CLA EE . 36.98 -57.15 -26.08
C3A CLA EE . 35.55 -56.99 -26.58
C4A CLA EE . 35.19 -58.38 -26.92
CMA CLA EE . 34.59 -56.24 -25.68
CAA CLA EE . 37.86 -56.26 -26.94
CBA CLA EE . 38.67 -56.90 -28.06
CGA CLA EE . 38.24 -56.40 -29.42
O1A CLA EE . 37.27 -56.81 -30.01
O2A CLA EE . 38.88 -55.53 -30.15
NB CLA EE . 33.93 -61.11 -27.56
C1B CLA EE . 33.36 -59.92 -27.79
C2B CLA EE . 32.03 -60.01 -28.41
C3B CLA EE . 31.84 -61.45 -28.53
C4B CLA EE . 33.08 -62.07 -27.98
CMB CLA EE . 31.09 -58.90 -28.81
CAB CLA EE . 30.64 -62.07 -29.14
CBB CLA EE . 30.15 -63.26 -28.85
NC CLA EE . 35.67 -63.56 -27.05
C1C CLA EE . 34.58 -64.23 -27.42
C2C CLA EE . 34.65 -65.69 -27.34
C3C CLA EE . 36.01 -65.88 -26.85
C4C CLA EE . 36.53 -64.52 -26.70
CMC CLA EE . 33.61 -66.72 -27.69
CAC CLA EE . 36.79 -67.13 -26.53
CBC CLA EE . 37.74 -67.41 -27.68
ND CLA EE . 37.60 -61.88 -26.04
C1D CLA EE . 38.35 -62.95 -25.82
C2D CLA EE . 39.74 -62.68 -25.38
C3D CLA EE . 39.68 -61.24 -25.37
C4D CLA EE . 38.46 -60.83 -25.75
CMD CLA EE . 40.97 -63.45 -25.00
CAD CLA EE . 40.53 -60.08 -25.08
OBD CLA EE . 41.77 -60.11 -24.83
CBD CLA EE . 39.74 -58.86 -25.27
CGD CLA EE . 39.70 -58.20 -23.94
O1D CLA EE . 40.69 -57.67 -23.50
O2D CLA EE . 38.51 -58.15 -23.16
CED CLA EE . 38.32 -56.88 -22.57
C1 CLA EE . 39.82 -56.04 -31.34
C2 CLA EE . 41.32 -56.17 -31.16
C3 CLA EE . 42.08 -56.84 -32.04
C4 CLA EE . 43.55 -56.92 -31.82
C5 CLA EE . 41.46 -57.53 -33.24
C6 CLA EE . 42.40 -57.42 -34.44
C7 CLA EE . 42.83 -58.79 -34.95
C8 CLA EE . 44.34 -58.85 -35.26
C9 CLA EE . 44.83 -57.61 -35.99
C10 CLA EE . 44.62 -60.10 -36.08
CAA F6C FE . 0.68 -28.72 4.61
CAB F6C FE . 0.61 -24.41 -3.79
CAC F6C FE . 5.46 -30.72 -4.89
CAD F6C FE . 2.70 -32.85 2.59
NA F6C FE . 0.81 -28.67 1.22
CBA F6C FE . 1.77 -27.70 4.44
CBB F6C FE . 1.07 -23.21 -3.72
CBC F6C FE . 6.80 -30.56 -4.23
CBD F6C FE . 1.82 -31.84 3.27
NB F6C FE . 1.09 -27.05 -1.27
OBD F6C FE . 3.46 -33.64 3.24
CGA F6C FE . 2.97 -28.33 5.05
CGD F6C FE . 0.51 -32.45 3.69
ND F6C FE . 2.69 -30.60 -0.22
CED F6C FE . -0.84 -33.21 5.66
CHA F6C FE . 1.67 -30.76 2.22
CHB F6C FE . -0.31 -26.65 0.72
CHC F6C FE . 2.26 -26.97 -3.47
CHD F6C FE . 3.96 -31.31 -2.14
CMA F6C FE . -2.18 -27.99 2.71
CMB F6C FE . -1.22 -24.06 -0.92
CMC F6C FE . 4.25 -27.76 -5.83
CMD F6C FE . 4.59 -33.90 -0.24
OMB F6C FE . -1.37 -23.05 -1.57
C1 F6C FE . 4.58 -27.84 3.27
C1A F6C FE . 0.85 -29.49 2.21
C1B F6C FE . 0.20 -26.31 -0.61
C1C F6C FE . 3.04 -28.21 -3.49
C1D F6C FE . 3.46 -31.50 -0.79
O1A F6C FE . 3.14 -28.43 6.24
O1D F6C FE . -0.15 -33.13 2.93
C2 F6C FE . 4.86 -28.22 1.84
C2A F6C FE . -0.06 -29.10 3.33
C2B F6C FE . -0.23 -25.10 -1.36
C2C F6C FE . 3.93 -28.54 -4.61
C2D F6C FE . 3.77 -32.68 0.02
O2A F6C FE . 3.96 -28.82 4.36
O2D F6C FE . -0.01 -32.24 5.02
C3 F6C FE . 4.93 -27.29 0.89
C3A F6C FE . -0.69 -27.85 2.80
C3B F6C FE . 0.54 -25.24 -2.58
C3C F6C FE . 4.45 -29.83 -4.19
C3D F6C FE . 3.02 -32.34 1.23
C4 F6C FE . 5.24 -27.73 -0.50
C4A F6C FE . 0.00 -27.68 1.51
C4B F6C FE . 1.34 -26.47 -2.44
C4C F6C FE . 3.79 -30.08 -2.91
C4D F6C FE . 2.44 -31.15 1.03
C5 F6C FE . 4.73 -25.82 1.21
C6 F6C FE . 3.98 -25.17 0.05
C7 F6C FE . 3.80 -23.66 0.19
C8 F6C FE . 3.61 -22.93 -1.14
C9 F6C FE . 4.28 -23.68 -2.27
C10 F6C FE . 4.13 -21.50 -1.03
C11 F6C FE . 4.62 -20.92 -2.36
C12 F6C FE . 6.10 -20.49 -2.33
C13 F6C FE . 6.50 -19.49 -3.43
C14 F6C FE . 5.29 -19.00 -4.20
C15 F6C FE . 7.52 -20.09 -4.39
NC F6C FE . 2.96 -29.10 -2.52
MG F6C FE . 1.84 -28.88 -0.74
C16 F6C FE . 8.21 -19.05 -5.27
C17 F6C FE . 7.82 -19.16 -6.73
C18 F6C FE . 8.94 -18.80 -7.69
C19 F6C FE . 9.94 -19.95 -7.77
C20 F6C FE . 8.38 -18.50 -9.06
CAA F6C GE . 4.05 -25.18 -9.92
CAB F6C GE . 5.87 -34.35 -9.03
CAC F6C GE . 0.47 -32.69 -3.26
CAD F6C GE . -0.06 -25.51 -7.37
NA F6C GE . 3.17 -28.37 -9.38
CBA F6C GE . 5.07 -25.60 -8.88
CBB F6C GE . 5.84 -35.18 -10.04
CBC F6C GE . -0.87 -33.30 -3.56
CBD F6C GE . 0.81 -25.40 -8.58
NB F6C GE . 4.04 -31.16 -8.77
OBD F6C GE . -0.48 -24.51 -6.71
CGA F6C GE . 4.96 -24.87 -7.58
CGD F6C GE . 0.06 -25.12 -9.86
ND F6C GE . 1.20 -28.86 -7.06
CED F6C GE . -1.29 -23.51 -11.21
CHA F6C GE . 1.53 -26.74 -8.60
CHB F6C GE . 4.85 -29.59 -10.50
CHC F6C GE . 3.62 -33.11 -7.27
CHD F6C GE . 0.30 -30.18 -5.24
CMA F6C GE . 4.37 -27.48 -12.64
CMB F6C GE . 6.77 -31.97 -11.27
CMC F6C GE . 2.63 -34.75 -4.71
CMD F6C GE . -1.38 -27.26 -4.77
OMB F6C GE . 6.44 -32.11 -12.43
C1 F6C GE . 6.02 -24.54 -5.32
C1A F6C GE . 2.66 -27.20 -9.48
C1B F6C GE . 4.84 -30.87 -9.80
C1C F6C GE . 2.64 -32.60 -6.31
C1D F6C GE . 0.40 -28.95 -6.01
O1A F6C GE . 3.93 -24.61 -6.97
O1D F6C GE . -0.15 -25.99 -10.68
C2 F6C GE . 7.21 -24.15 -4.46
C2A F6C GE . 3.28 -26.35 -10.54
C2B F6C GE . 5.74 -31.98 -10.19
C2C F6C GE . 2.20 -33.38 -5.15
C2D F6C GE . -0.38 -27.72 -5.74
O2A F6C GE . 6.01 -24.44 -6.91
O2D F6C GE . -0.37 -23.77 -10.16
C3 F6C GE . 7.67 -25.00 -3.54
C3A F6C GE . 4.30 -27.30 -11.13
C3B F6C GE . 5.36 -33.00 -9.21
C3C F6C GE . 1.25 -32.48 -4.53
C3D F6C GE . 0.11 -26.87 -6.82
C4 F6C GE . 7.03 -26.34 -3.36
C4A F6C GE . 4.11 -28.51 -10.29
C4B F6C GE . 4.30 -32.41 -8.38
C4C F6C GE . 1.25 -31.29 -5.40
C4D F6C GE . 1.00 -27.57 -7.52
C5 F6C GE . 8.85 -24.63 -2.67
C6 F6C GE . 8.45 -23.50 -1.72
C7 F6C GE . 8.86 -23.80 -0.29
C8 F6C GE . 8.93 -22.52 0.54
C9 F6C GE . 9.58 -22.77 1.88
C10 F6C GE . 7.54 -21.97 0.77
C11 F6C GE . 7.61 -20.67 1.58
C12 F6C GE . 6.24 -20.36 2.15
C13 F6C GE . 6.12 -18.92 2.61
C14 F6C GE . 6.64 -18.79 4.04
C15 F6C GE . 4.66 -18.52 2.48
NC F6C GE . 2.09 -31.39 -6.44
MG F6C GE . 2.61 -29.97 -7.93
C16 F6C GE . 4.25 -17.33 3.33
C17 F6C GE . 4.55 -16.05 2.56
C18 F6C GE . 3.80 -14.85 3.11
C19 F6C GE . 4.13 -13.61 2.30
C20 F6C GE . 2.30 -15.08 3.13
MG CLA HE . 16.61 -35.14 -7.44
CHA CLA HE . 16.36 -35.08 -10.91
CHB CLA HE . 19.90 -34.21 -7.82
CHC CLA HE . 16.87 -35.21 -4.08
CHD CLA HE . 13.26 -36.18 -7.18
NA CLA HE . 17.99 -34.68 -9.13
C1A CLA HE . 17.73 -34.72 -10.38
C2A CLA HE . 18.93 -34.47 -11.26
C3A CLA HE . 20.02 -34.25 -10.24
C4A CLA HE . 19.26 -34.39 -8.98
CMA CLA HE . 21.22 -35.14 -10.37
CAA CLA HE . 18.83 -33.22 -12.09
CBA CLA HE . 18.15 -32.11 -11.31
CGA CLA HE . 18.13 -30.91 -12.18
O1A CLA HE . 17.32 -30.70 -13.06
O2A CLA HE . 19.00 -29.94 -12.09
NB CLA HE . 18.16 -34.77 -6.15
C1B CLA HE . 19.40 -34.35 -6.45
C2B CLA HE . 20.24 -34.06 -5.28
C3B CLA HE . 19.33 -34.37 -4.18
C4B CLA HE . 18.07 -34.80 -4.81
CMB CLA HE . 21.64 -33.57 -5.26
CAB CLA HE . 19.61 -34.27 -2.73
CBB CLA HE . 19.35 -33.16 -2.06
NC CLA HE . 15.24 -35.52 -5.87
C1C CLA HE . 15.54 -35.55 -4.58
C2C CLA HE . 14.46 -35.92 -3.66
C3C CLA HE . 13.36 -36.17 -4.60
C4C CLA HE . 13.97 -35.89 -5.92
CMC CLA HE . 14.58 -36.01 -2.15
CAC CLA HE . 11.91 -36.55 -4.41
CBC CLA HE . 11.65 -37.66 -3.43
ND CLA HE . 15.09 -35.58 -8.64
C1D CLA HE . 13.82 -35.94 -8.51
C2D CLA HE . 13.09 -36.10 -9.80
C3D CLA HE . 14.16 -35.74 -10.72
C4D CLA HE . 15.26 -35.45 -10.00
CMD CLA HE . 11.71 -36.47 -10.26
CAD CLA HE . 14.44 -35.58 -12.15
OBD CLA HE . 13.54 -35.56 -13.07
CBD CLA HE . 15.86 -35.20 -12.33
CGD CLA HE . 16.60 -36.27 -13.07
O1D CLA HE . 17.10 -37.19 -12.47
O2D CLA HE . 16.75 -36.24 -14.51
CED CLA HE . 16.55 -37.43 -15.26
C1 CLA HE . 18.67 -28.78 -11.08
C2 CLA HE . 17.35 -28.04 -11.14
C3 CLA HE . 17.27 -26.82 -10.62
C4 CLA HE . 18.47 -26.21 -9.96
C5 CLA HE . 15.98 -26.06 -10.65
C6 CLA HE . 15.17 -26.49 -9.44
C7 CLA HE . 14.77 -25.29 -8.60
C8 CLA HE . 13.42 -25.53 -7.94
C9 CLA HE . 12.39 -25.87 -8.98
C10 CLA HE . 13.01 -24.28 -7.17
C11 CLA HE . 12.86 -24.57 -5.69
C12 CLA HE . 13.29 -23.38 -4.85
C13 CLA HE . 12.13 -22.85 -4.03
C14 CLA HE . 11.33 -21.86 -4.85
C15 CLA HE . 12.68 -22.25 -2.74
C16 CLA HE . 11.79 -21.17 -2.13
C17 CLA HE . 12.61 -19.92 -1.84
C18 CLA HE . 12.14 -19.17 -0.60
C19 CLA HE . 13.01 -17.95 -0.39
C20 CLA HE . 10.69 -18.75 -0.68
MG CLA IE . 37.70 -66.67 -43.78
CHA CLA IE . 34.70 -68.31 -43.14
CHB CLA IE . 37.05 -64.78 -40.98
CHC CLA IE . 40.63 -65.09 -44.33
CHD CLA IE . 38.23 -68.67 -46.66
NA CLA IE . 36.10 -66.54 -42.23
C1A CLA IE . 35.03 -67.25 -42.13
C2A CLA IE . 34.16 -66.90 -40.95
C3A CLA IE . 34.94 -65.75 -40.33
C4A CLA IE . 36.12 -65.69 -41.23
CMA CLA IE . 34.25 -64.42 -40.08
CAA CLA IE . 34.08 -68.05 -39.95
CBA CLA IE . 33.62 -67.66 -38.54
CGA CLA IE . 32.19 -67.16 -38.53
O1A CLA IE . 31.36 -67.44 -39.37
O2A CLA IE . 31.65 -66.37 -37.62
NB CLA IE . 38.68 -65.16 -42.78
C1B CLA IE . 38.29 -64.49 -41.69
C2B CLA IE . 39.21 -63.42 -41.25
C3B CLA IE . 40.26 -63.53 -42.26
C4B CLA IE . 39.85 -64.63 -43.17
CMB CLA IE . 39.07 -62.48 -40.07
CAB CLA IE . 41.51 -62.75 -42.41
CBB CLA IE . 41.47 -61.43 -42.41
NC CLA IE . 39.24 -66.92 -45.23
C1C CLA IE . 40.30 -66.11 -45.33
C2C CLA IE . 41.15 -66.32 -46.52
C3C CLA IE . 40.46 -67.41 -47.18
C4C CLA IE . 39.28 -67.69 -46.31
CMC CLA IE . 42.41 -65.58 -46.91
CAC CLA IE . 40.81 -68.09 -48.48
CBC CLA IE . 40.40 -67.19 -49.62
ND CLA IE . 36.80 -68.15 -44.78
C1D CLA IE . 37.01 -68.89 -45.87
C2D CLA IE . 35.93 -69.89 -46.17
C3D CLA IE . 35.04 -69.60 -45.03
C4D CLA IE . 35.58 -68.62 -44.30
CMD CLA IE . 35.61 -70.95 -47.19
CAD CLA IE . 33.76 -70.04 -44.44
OBD CLA IE . 33.11 -71.09 -44.80
CBD CLA IE . 33.46 -69.19 -43.26
CGD CLA IE . 32.27 -68.33 -43.54
O1D CLA IE . 31.99 -68.04 -44.68
O2D CLA IE . 31.44 -67.82 -42.45
CED CLA IE . 30.26 -67.06 -42.70
C1 CLA IE . 32.39 -65.06 -37.07
C2 CLA IE . 32.63 -64.70 -35.63
C3 CLA IE . 33.00 -65.56 -34.67
C4 CLA IE . 33.21 -67.02 -34.91
C5 CLA IE . 33.21 -65.05 -33.26
C6 CLA IE . 33.73 -63.62 -33.24
C7 CLA IE . 33.95 -63.16 -31.80
C8 CLA IE . 35.43 -63.17 -31.43
C9 CLA IE . 35.85 -64.51 -30.85
C10 CLA IE . 35.68 -62.04 -30.43
C11 CLA IE . 37.05 -61.41 -30.64
C12 CLA IE . 38.08 -61.91 -29.62
C13 CLA IE . 39.31 -61.04 -29.46
C14 CLA IE . 39.24 -59.73 -30.22
C15 CLA IE . 40.54 -61.79 -29.91
C16 CLA IE . 40.79 -63.04 -29.08
C17 CLA IE . 42.17 -63.61 -29.40
C18 CLA IE . 42.67 -64.54 -28.31
C19 CLA IE . 42.49 -65.99 -28.71
C20 CLA IE . 44.13 -64.24 -27.97
C1 PQN JE . 10.23 -42.85 -6.25
O1 PQN JE . 11.22 -43.36 -5.73
C2 PQN JE . 9.72 -41.55 -5.76
C2M PQN JE . 10.45 -40.92 -4.63
C3 PQN JE . 8.53 -40.94 -6.38
C4 PQN JE . 7.85 -41.64 -7.49
O4 PQN JE . 6.85 -41.12 -8.00
C5 PQN JE . 8.35 -42.93 -7.97
C6 PQN JE . 7.72 -43.58 -9.00
C7 PQN JE . 8.22 -44.79 -9.44
C8 PQN JE . 9.33 -45.38 -8.84
C9 PQN JE . 10.00 -44.75 -7.82
C10 PQN JE . 9.54 -43.55 -7.36
C11 PQN JE . 7.96 -39.63 -5.93
C12 PQN JE . 8.80 -38.49 -6.46
C13 PQN JE . 8.27 -37.43 -7.04
C14 PQN JE . 6.79 -37.31 -7.23
C15 PQN JE . 9.22 -36.38 -7.52
C16 PQN JE . 8.68 -35.01 -7.16
C17 PQN JE . 9.66 -34.27 -6.28
C18 PQN JE . 9.79 -32.81 -6.69
C19 PQN JE . 8.44 -32.20 -7.04
C20 PQN JE . 10.73 -32.72 -7.86
C21 PQN JE . 12.16 -32.55 -7.41
C22 PQN JE . 12.88 -31.64 -8.39
C23 PQN JE . 14.28 -32.11 -8.70
C24 PQN JE . 15.21 -31.91 -7.52
C25 PQN JE . 14.78 -31.35 -9.90
C26 PQN JE . 13.89 -31.62 -11.10
C27 PQN JE . 13.88 -30.40 -12.00
C28 PQN JE . 14.03 -30.82 -13.46
C29 PQN JE . 12.87 -31.71 -13.88
C30 PQN JE . 14.11 -29.59 -14.35
C1 BCR KE . 53.93 -24.61 -47.44
C2 BCR KE . 54.04 -23.09 -47.27
C3 BCR KE . 52.77 -22.38 -46.85
C4 BCR KE . 51.55 -22.95 -47.53
C5 BCR KE . 51.46 -24.40 -47.15
C6 BCR KE . 52.55 -25.18 -47.25
C7 BCR KE . 52.42 -26.66 -47.17
C8 BCR KE . 52.01 -27.45 -48.17
C9 BCR KE . 51.94 -28.71 -47.96
C10 BCR KE . 50.89 -29.34 -48.17
C11 BCR KE . 50.30 -30.09 -48.87
C33 BCR KE . 50.15 -24.92 -46.64
C31 BCR KE . 54.88 -25.31 -46.47
C32 BCR KE . 54.36 -24.92 -48.87
C34 BCR KE . 53.16 -29.42 -47.45
C12 BCR KE . 49.61 -30.86 -49.60
C13 BCR KE . 49.29 -32.15 -50.26
C14 BCR KE . 48.26 -32.20 -51.11
C15 BCR KE . 47.88 -33.43 -51.80
C16 BCR KE . 47.15 -34.06 -52.71
C17 BCR KE . 46.65 -34.89 -53.43
C18 BCR KE . 45.88 -35.27 -54.46
C19 BCR KE . 45.68 -36.64 -54.91
C20 BCR KE . 45.27 -37.34 -55.96
C21 BCR KE . 44.99 -38.20 -56.76
C22 BCR KE . 44.28 -38.80 -57.70
C23 BCR KE . 44.75 -40.07 -58.27
C24 BCR KE . 43.95 -41.12 -58.42
C25 BCR KE . 44.40 -42.41 -59.00
C26 BCR KE . 44.89 -43.38 -58.23
C27 BCR KE . 44.42 -44.81 -58.39
C28 BCR KE . 43.77 -44.99 -59.76
C29 BCR KE . 44.41 -44.11 -60.82
C30 BCR KE . 44.27 -42.64 -60.49
C35 BCR KE . 50.10 -33.37 -49.98
C36 BCR KE . 45.20 -34.21 -55.24
C37 BCR KE . 43.00 -38.20 -58.19
C38 BCR KE . 45.94 -43.13 -57.17
C39 BCR KE . 42.91 -42.12 -60.95
C40 BCR KE . 45.39 -41.90 -61.23
C1 BCR LE . 44.85 -23.46 -46.95
C2 BCR LE . 45.94 -24.43 -47.37
C3 BCR LE . 45.41 -25.84 -47.59
C4 BCR LE . 44.37 -25.87 -48.70
C5 BCR LE . 43.50 -24.64 -48.66
C6 BCR LE . 43.53 -23.81 -47.61
C7 BCR LE . 42.27 -23.17 -47.18
C8 BCR LE . 41.26 -23.78 -46.55
C9 BCR LE . 40.22 -23.12 -46.24
C10 BCR LE . 39.31 -23.60 -45.52
C11 BCR LE . 39.02 -24.18 -44.54
C33 BCR LE . 42.60 -24.36 -49.83
C31 BCR LE . 45.21 -22.04 -47.33
C32 BCR LE . 44.68 -23.55 -45.44
C34 BCR LE . 39.99 -21.72 -46.76
C12 BCR LE . 38.62 -24.79 -43.52
C13 BCR LE . 38.74 -25.56 -42.27
C14 BCR LE . 37.73 -25.51 -41.40
C15 BCR LE . 37.71 -26.20 -40.12
C16 BCR LE . 37.12 -26.41 -38.94
C17 BCR LE . 36.85 -26.76 -37.83
C18 BCR LE . 36.12 -26.80 -36.70
C19 BCR LE . 36.50 -27.58 -35.52
C20 BCR LE . 36.13 -28.09 -34.35
C21 BCR LE . 36.15 -28.65 -33.29
C22 BCR LE . 35.66 -29.17 -32.17
C23 BCR LE . 36.51 -29.81 -31.16
C24 BCR LE . 36.00 -30.84 -30.48
C25 BCR LE . 36.73 -31.56 -29.43
C26 BCR LE . 37.80 -32.32 -29.71
C27 BCR LE . 38.90 -32.55 -28.71
C28 BCR LE . 38.61 -31.79 -27.43
C29 BCR LE . 37.17 -32.03 -27.01
C30 BCR LE . 36.22 -31.43 -28.01
C35 BCR LE . 39.95 -26.38 -42.02
C36 BCR LE . 34.87 -25.97 -36.63
C37 BCR LE . 34.20 -29.10 -31.91
C38 BCR LE . 37.93 -33.00 -31.03
C39 BCR LE . 36.02 -29.96 -27.67
C40 BCR LE . 34.89 -32.17 -27.91
C1 BCR ME . 49.27 -18.96 -48.20
C2 BCR ME . 49.42 -19.51 -49.61
C3 BCR ME . 49.76 -18.44 -50.62
C4 BCR ME . 48.61 -17.45 -50.63
C5 BCR ME . 48.51 -16.84 -49.27
C6 BCR ME . 49.00 -17.47 -48.19
C7 BCR ME . 49.29 -16.66 -46.97
C8 BCR ME . 48.52 -16.66 -45.87
C9 BCR ME . 48.83 -15.93 -44.87
C10 BCR ME . 48.49 -16.29 -43.71
C11 BCR ME . 47.82 -17.03 -43.09
C33 BCR ME . 47.87 -15.48 -49.14
C31 BCR ME . 50.54 -19.22 -47.42
C32 BCR ME . 48.09 -19.68 -47.55
C34 BCR ME . 49.59 -14.65 -45.05
C12 BCR ME . 47.17 -17.81 -42.36
C13 BCR ME . 45.99 -18.36 -41.68
C14 BCR ME . 46.18 -18.89 -40.46
C15 BCR ME . 45.13 -19.45 -39.63
C16 BCR ME . 44.62 -19.70 -38.42
C17 BCR ME . 43.92 -20.09 -37.52
C18 BCR ME . 43.42 -20.13 -36.28
C19 BCR ME . 42.40 -21.13 -35.90
C20 BCR ME . 41.68 -21.74 -34.97
C21 BCR ME . 41.25 -22.10 -33.90
C22 BCR ME . 40.44 -22.65 -32.99
C23 BCR ME . 40.75 -22.60 -31.55
C24 BCR ME . 41.97 -22.25 -31.14
C25 BCR ME . 42.32 -22.18 -29.69
C26 BCR ME . 42.35 -20.98 -29.10
C27 BCR ME . 43.11 -20.74 -27.83
C28 BCR ME . 43.15 -21.99 -26.98
C29 BCR ME . 43.60 -23.19 -27.79
C30 BCR ME . 42.64 -23.46 -28.94
C35 BCR ME . 44.63 -18.32 -42.32
C36 BCR ME . 43.90 -19.13 -35.27
C37 BCR ME . 39.18 -23.34 -33.41
C38 BCR ME . 41.65 -19.80 -29.72
C39 BCR ME . 41.36 -24.04 -28.38
C40 BCR ME . 43.30 -24.46 -29.88
C1 BCR NE . 46.23 -55.17 -47.13
C2 BCR NE . 47.00 -53.95 -47.59
C3 BCR NE . 48.35 -53.83 -46.92
C4 BCR NE . 48.20 -53.76 -45.41
C5 BCR NE . 47.39 -54.96 -44.98
C6 BCR NE . 46.26 -55.28 -45.61
C7 BCR NE . 45.09 -55.73 -44.81
C8 BCR NE . 44.68 -57.00 -44.78
C9 BCR NE . 43.68 -57.33 -44.06
C10 BCR NE . 42.58 -56.74 -44.22
C11 BCR NE . 41.48 -56.64 -43.81
C33 BCR NE . 47.87 -55.78 -43.82
C31 BCR NE . 46.87 -56.44 -47.68
C32 BCR NE . 44.81 -55.03 -47.65
C34 BCR NE . 43.81 -58.42 -43.05
C12 BCR NE . 40.31 -56.49 -43.39
C13 BCR NE . 39.08 -56.84 -42.68
C14 BCR NE . 38.22 -55.86 -42.40
C15 BCR NE . 36.97 -56.08 -41.69
C16 BCR NE . 35.85 -55.62 -41.17
C17 BCR NE . 34.81 -55.53 -40.60
C18 BCR NE . 33.68 -54.95 -40.18
C19 BCR NE . 32.76 -55.61 -39.25
C20 BCR NE . 31.76 -55.41 -38.42
C21 BCR NE . 30.93 -55.54 -37.58
C22 BCR NE . 30.03 -55.15 -36.68
C23 BCR NE . 29.35 -56.12 -35.81
C24 BCR NE . 28.67 -55.66 -34.78
C25 BCR NE . 27.96 -56.55 -33.84
C26 BCR NE . 26.87 -57.20 -34.24
C27 BCR NE . 26.66 -58.64 -33.81
C28 BCR NE . 27.18 -58.88 -32.40
C29 BCR NE . 27.55 -57.61 -31.65
C30 BCR NE . 28.47 -56.69 -32.44
C35 BCR NE . 38.77 -58.25 -42.27
C36 BCR NE . 33.35 -53.58 -40.65
C37 BCR NE . 29.73 -53.69 -36.54
C38 BCR NE . 25.87 -56.53 -35.13
C39 BCR NE . 29.90 -57.21 -32.43
C40 BCR NE . 28.44 -55.32 -31.79
C1 BCR OE . 48.27 -52.80 -35.74
C2 BCR OE . 49.39 -51.99 -35.13
C3 BCR OE . 49.98 -52.61 -33.88
C4 BCR OE . 48.89 -52.77 -32.85
C5 BCR OE . 47.86 -53.66 -33.44
C6 BCR OE . 47.39 -53.41 -34.67
C7 BCR OE . 45.98 -53.74 -34.97
C8 BCR OE . 44.96 -53.08 -34.43
C9 BCR OE . 43.76 -53.38 -34.73
C10 BCR OE . 42.84 -53.03 -33.98
C11 BCR OE . 41.69 -53.03 -33.78
C33 BCR OE . 47.38 -54.83 -32.63
C31 BCR OE . 48.82 -53.97 -36.55
C32 BCR OE . 47.45 -51.89 -36.64
C34 BCR OE . 43.41 -54.15 -35.96
C12 BCR OE . 40.47 -53.02 -33.56
C13 BCR OE . 39.06 -53.39 -33.65
C14 BCR OE . 38.17 -52.70 -32.93
C15 BCR OE . 36.77 -53.03 -32.98
C16 BCR OE . 35.51 -52.80 -32.65
C17 BCR OE . 34.64 -52.22 -32.11
C18 BCR OE . 33.47 -51.80 -31.65
C19 BCR OE . 32.16 -52.30 -32.06
C20 BCR OE . 30.88 -51.95 -32.15
C21 BCR OE . 29.72 -51.91 -32.34
C22 BCR OE . 28.44 -51.54 -32.18
C23 BCR OE . 27.40 -52.08 -33.05
C24 BCR OE . 26.16 -51.56 -33.06
C25 BCR OE . 25.05 -52.05 -33.91
C26 BCR OE . 24.21 -53.00 -33.45
C27 BCR OE . 22.79 -53.10 -33.92
C28 BCR OE . 22.52 -52.41 -35.25
C29 BCR OE . 23.76 -52.19 -36.06
C30 BCR OE . 24.83 -51.44 -35.29
C35 BCR OE . 38.64 -54.52 -34.54
C36 BCR OE . 33.49 -50.69 -30.66
C37 BCR OE . 28.09 -50.56 -31.12
C38 BCR OE . 24.61 -54.02 -32.43
C39 BCR OE . 24.55 -49.96 -35.20
C40 BCR OE . 26.07 -51.60 -36.13
C1 BCR PE . 41.67 -79.85 -9.22
C2 BCR PE . 42.91 -79.33 -8.51
C3 BCR PE . 42.59 -78.24 -7.48
C4 BCR PE . 41.59 -78.71 -6.42
C5 BCR PE . 40.74 -79.82 -6.95
C6 BCR PE . 40.50 -79.95 -8.25
C7 BCR PE . 39.14 -80.21 -8.74
C8 BCR PE . 38.18 -79.30 -8.59
C9 BCR PE . 36.97 -79.47 -8.98
C10 BCR PE . 36.17 -78.51 -8.88
C11 BCR PE . 35.07 -78.10 -9.06
C33 BCR PE . 40.15 -80.81 -5.98
C31 BCR PE . 41.92 -81.24 -9.79
C32 BCR PE . 41.29 -78.89 -10.34
C34 BCR PE . 36.50 -80.79 -9.49
C12 BCR PE . 33.93 -77.59 -9.19
C13 BCR PE . 32.62 -77.28 -9.78
C14 BCR PE . 31.97 -76.23 -9.25
C15 BCR PE . 30.66 -75.72 -9.68
C16 BCR PE . 29.74 -74.77 -9.57
C17 BCR PE . 28.80 -74.01 -9.67
C18 BCR PE . 27.83 -73.19 -9.24
C19 BCR PE . 26.99 -72.41 -10.15
C20 BCR PE . 26.44 -71.22 -10.43
C21 BCR PE . 25.81 -70.36 -10.97
C22 BCR PE . 25.22 -69.17 -11.15
C23 BCR PE . 24.47 -68.85 -12.38
C24 BCR PE . 23.48 -67.95 -12.32
C25 BCR PE . 22.64 -67.48 -13.46
C26 BCR PE . 21.62 -68.19 -14.00
C27 BCR PE . 20.35 -67.51 -14.40
C28 BCR PE . 20.64 -66.27 -15.23
C29 BCR PE . 22.12 -65.93 -15.33
C30 BCR PE . 22.91 -66.12 -14.04
C35 BCR PE . 32.04 -78.09 -10.89
C36 BCR PE . 27.58 -73.08 -7.77
C37 BCR PE . 25.37 -68.11 -10.11
C38 BCR PE . 21.68 -69.67 -14.25
C39 BCR PE . 22.56 -65.06 -12.99
C40 BCR PE . 24.38 -65.99 -14.38
C1 BCR QE . 27.39 -26.10 -5.52
C2 BCR QE . 28.79 -25.76 -5.03
C3 BCR QE . 29.31 -26.86 -4.14
C4 BCR QE . 29.49 -28.13 -4.95
C5 BCR QE . 28.25 -28.46 -5.72
C6 BCR QE . 27.31 -27.55 -6.00
C7 BCR QE . 26.16 -27.94 -6.86
C8 BCR QE . 24.97 -28.33 -6.41
C9 BCR QE . 24.06 -28.64 -7.24
C10 BCR QE . 23.23 -29.52 -6.94
C11 BCR QE . 22.14 -29.72 -6.55
C33 BCR QE . 28.13 -29.88 -6.20
C31 BCR QE . 27.02 -25.17 -6.66
C32 BCR QE . 26.42 -25.89 -4.38
C34 BCR QE . 23.97 -27.97 -8.57
C12 BCR QE . 21.01 -29.99 -6.10
C13 BCR QE . 19.61 -30.37 -6.18
C14 BCR QE . 18.98 -30.57 -5.03
C15 BCR QE . 17.59 -30.98 -4.95
C16 BCR QE . 16.56 -31.36 -4.21
C17 BCR QE . 15.50 -31.71 -3.83
C18 BCR QE . 14.58 -32.08 -2.95
C19 BCR QE . 13.22 -32.41 -3.36
C20 BCR QE . 12.04 -32.88 -3.04
C21 BCR QE . 11.17 -33.47 -2.47
C22 BCR QE . 10.26 -33.86 -1.60
C23 BCR QE . 9.31 -34.87 -2.05
C24 BCR QE . 8.07 -34.92 -1.59
C25 BCR QE . 7.14 -35.97 -2.05
C26 BCR QE . 6.33 -35.74 -3.09
C27 BCR QE . 5.53 -36.83 -3.76
C28 BCR QE . 5.40 -38.10 -2.93
C29 BCR QE . 5.76 -37.91 -1.46
C30 BCR QE . 7.12 -37.27 -1.30
C35 BCR QE . 18.92 -30.56 -7.49
C36 BCR QE . 14.91 -32.12 -1.51
C37 BCR QE . 10.27 -33.37 -0.19
C38 BCR QE . 6.19 -34.35 -3.65
C39 BCR QE . 8.22 -38.21 -1.79
C40 BCR QE . 7.35 -37.01 0.18
C1 LMG RE . 9.90 -42.28 -24.45
O1 LMG RE . 10.57 -42.54 -23.20
C2 LMG RE . 10.10 -43.40 -25.46
O2 LMG RE . 11.39 -43.36 -26.08
C3 LMG RE . 9.09 -43.35 -26.61
O3 LMG RE . 9.13 -44.61 -27.31
C4 LMG RE . 7.68 -43.07 -26.14
O4 LMG RE . 7.22 -44.17 -25.37
C5 LMG RE . 7.70 -41.83 -25.27
O5 LMG RE . 5.52 -42.62 -24.60
C6 LMG RE . 6.28 -41.44 -24.85
O6 LMG RE . 8.51 -42.13 -24.13
C7 LMG RE . 11.98 -42.25 -23.21
C8 LMG RE . 12.49 -41.98 -21.81
C9 LMG RE . 14.01 -41.94 -21.80
O7 LMG RE . 12.02 -40.70 -21.40
C10 LMG RE . 10.93 -40.78 -20.47
O9 LMG RE . 9.82 -41.04 -20.88
C11 LMG RE . 11.21 -40.55 -19.01
C12 LMG RE . 10.95 -39.12 -18.55
C13 LMG RE . 12.05 -38.73 -17.57
C14 LMG RE . 12.08 -37.25 -17.26
C15 LMG RE . 13.48 -36.67 -17.40
C16 LMG RE . 13.48 -35.19 -17.05
C17 LMG RE . 14.85 -34.54 -17.27
C18 LMG RE . 14.88 -33.30 -16.41
C19 LMG RE . 15.92 -32.49 -16.29
C20 LMG RE . 17.22 -32.71 -17.03
C21 LMG RE . 18.18 -31.63 -16.62
C22 LMG RE . 17.77 -30.37 -16.55
C23 LMG RE . 18.70 -29.27 -16.12
C24 LMG RE . 19.96 -29.31 -16.94
O8 LMG RE . 14.52 -40.79 -22.49
C28 LMG RE . 15.96 -40.62 -22.59
O10 LMG RE . 16.43 -39.55 -22.93
C29 LMG RE . 16.87 -41.77 -22.28
C30 LMG RE . 18.18 -41.23 -21.75
C31 LMG RE . 19.12 -42.37 -21.35
C32 LMG RE . 20.36 -41.80 -20.69
C33 LMG RE . 21.05 -42.79 -19.77
C34 LMG RE . 22.21 -42.07 -19.10
C35 LMG RE . 22.44 -42.49 -17.66
C36 LMG RE . 22.59 -41.23 -16.85
C37 LMG RE . 23.45 -40.28 -17.20
C38 LMG RE . 23.55 -39.05 -16.33
C39 LMG RE . 24.93 -38.44 -16.43
C1B LMT SE . 22.26 -21.23 -55.05
C2B LMT SE . 21.83 -21.44 -56.53
C3B LMT SE . 21.46 -20.10 -57.18
C4B LMT SE . 20.46 -19.31 -56.30
C5B LMT SE . 21.05 -19.20 -54.89
C6B LMT SE . 20.09 -18.44 -53.98
O1B LMT SE . 23.52 -20.66 -55.02
O2B LMT SE . 22.88 -22.04 -57.18
O3B LMT SE . 21.01 -20.27 -58.46
O4' LMT SE . 20.27 -18.04 -56.81
O5B LMT SE . 21.34 -20.47 -54.34
O6B LMT SE . 20.71 -18.09 -52.81
C1' LMT SE . 27.12 -20.77 -52.97
C2' LMT SE . 26.53 -22.16 -53.30
C3' LMT SE . 25.37 -22.04 -54.32
C4' LMT SE . 24.35 -20.95 -53.92
C5' LMT SE . 25.20 -19.69 -53.63
C6' LMT SE . 24.42 -18.44 -53.37
O1' LMT SE . 28.00 -20.88 -51.93
O2' LMT SE . 27.53 -22.92 -53.87
O3' LMT SE . 24.75 -23.24 -54.46
O5' LMT SE . 26.06 -19.93 -52.56
O6' LMT SE . 23.44 -18.78 -52.50
C1 LMT SE . 28.13 -19.74 -51.11
C2 LMT SE . 29.33 -20.00 -50.26
C3 LMT SE . 29.13 -20.90 -49.08
C4 LMT SE . 30.26 -20.62 -48.13
C5 LMT SE . 30.04 -21.27 -46.81
C6 LMT SE . 30.61 -22.64 -46.74
C7 LMT SE . 31.48 -22.76 -45.54
C8 LMT SE . 31.43 -24.15 -45.08
C9 LMT SE . 32.69 -24.69 -44.51
C10 LMT SE . 32.64 -24.53 -43.03
C11 LMT SE . 33.78 -25.25 -42.39
C12 LMT SE . 33.45 -25.74 -41.02
C1B LMT TE . 24.31 -76.22 -39.05
C2B LMT TE . 23.98 -76.87 -40.41
C3B LMT TE . 24.46 -75.99 -41.57
C4B LMT TE . 23.97 -74.53 -41.42
C5B LMT TE . 24.37 -74.03 -40.02
C6B LMT TE . 23.88 -72.61 -39.82
O1B LMT TE . 25.68 -76.32 -38.84
O2B LMT TE . 24.59 -78.08 -40.44
O3B LMT TE . 24.14 -76.53 -42.79
O4' LMT TE . 24.58 -73.73 -42.36
O5B LMT TE . 23.88 -74.88 -38.99
O6B LMT TE . 24.31 -72.13 -38.61
C1' LMT TE . 28.65 -76.76 -36.10
C2' LMT TE . 27.38 -77.54 -35.71
C3' LMT TE . 26.38 -77.55 -36.89
C4' LMT TE . 26.18 -76.14 -37.52
C5' LMT TE . 27.58 -75.51 -37.68
C6' LMT TE . 27.57 -74.15 -38.31
O1' LMT TE . 29.50 -76.65 -35.05
O2' LMT TE . 27.75 -78.83 -35.44
O3' LMT TE . 25.18 -78.05 -36.47
O5' LMT TE . 28.24 -75.46 -36.46
O6' LMT TE . 28.72 -73.54 -37.91
C1 LMT TE . 30.66 -75.92 -35.36
C2 LMT TE . 31.44 -75.87 -34.08
C3 LMT TE . 32.66 -75.03 -34.11
C4 LMT TE . 33.21 -74.96 -32.72
C5 LMT TE . 34.44 -74.14 -32.71
C6 LMT TE . 35.19 -74.26 -31.43
C7 LMT TE . 36.55 -73.66 -31.62
C8 LMT TE . 37.17 -73.45 -30.27
C9 LMT TE . 38.54 -72.89 -30.32
C10 LMT TE . 38.98 -72.65 -28.91
C11 LMT TE . 40.10 -71.67 -28.84
C12 LMT TE . 41.17 -72.12 -27.91
C1B LMT UE . 66.18 -40.68 -43.49
C2B LMT UE . 67.08 -39.41 -43.66
C3B LMT UE . 68.07 -39.17 -42.49
C4B LMT UE . 68.34 -40.43 -41.60
C5B LMT UE . 68.14 -41.67 -42.48
C6B LMT UE . 68.63 -42.92 -41.74
O1B LMT UE . 65.64 -41.05 -44.72
O2B LMT UE . 67.73 -39.52 -44.86
O3B LMT UE . 67.70 -38.09 -41.74
O4' LMT UE . 69.62 -40.41 -41.10
O5B LMT UE . 66.81 -41.81 -42.89
O6B LMT UE . 69.39 -43.68 -42.57
C1' LMT UE . 61.79 -40.71 -46.48
C2' LMT UE . 62.82 -39.55 -46.77
C3' LMT UE . 64.29 -39.88 -46.32
C4' LMT UE . 64.32 -40.65 -44.99
C5' LMT UE . 63.46 -41.87 -45.35
C6' LMT UE . 63.69 -43.10 -44.52
O1' LMT UE . 60.50 -40.31 -46.25
O2' LMT UE . 62.86 -39.31 -48.12
O3' LMT UE . 65.07 -38.77 -46.23
O5' LMT UE . 62.13 -41.47 -45.32
O6' LMT UE . 64.97 -43.48 -44.79
C1 LMT UE . 60.11 -38.97 -46.51
C2 LMT UE . 58.71 -39.09 -47.04
C3 LMT UE . 58.13 -37.86 -47.65
C4 LMT UE . 56.73 -38.20 -48.08
C5 LMT UE . 56.18 -37.11 -48.94
C6 LMT UE . 54.70 -37.05 -48.88
C7 LMT UE . 54.18 -36.41 -50.14
C8 LMT UE . 54.10 -34.94 -49.93
C9 LMT UE . 53.67 -34.19 -51.15
C10 LMT UE . 53.68 -32.72 -50.82
C11 LMT UE . 53.63 -31.88 -52.06
C12 LMT UE . 53.60 -30.43 -51.74
C1B LMT VE . 36.20 -52.70 -61.60
C2B LMT VE . 35.34 -51.47 -61.20
C3B LMT VE . 33.87 -51.88 -60.93
C4B LMT VE . 33.32 -52.81 -62.02
C5B LMT VE . 34.30 -53.98 -62.16
C6B LMT VE . 33.77 -54.98 -63.19
O1B LMT VE . 36.54 -53.39 -60.44
O2B LMT VE . 35.91 -50.94 -60.07
O3B LMT VE . 33.08 -50.77 -60.75
O4' LMT VE . 32.08 -53.31 -61.66
O5B LMT VE . 35.58 -53.54 -62.52
O6B LMT VE . 33.43 -56.16 -62.59
C1' LMT VE . 39.45 -54.48 -58.14
C2' LMT VE . 40.08 -53.89 -59.40
C3' LMT VE . 38.93 -53.28 -60.25
C4' LMT VE . 37.70 -54.20 -60.44
C5' LMT VE . 37.51 -55.12 -59.20
C6' LMT VE . 36.64 -56.30 -59.52
O1' LMT VE . 40.42 -54.95 -57.29
O2' LMT VE . 40.95 -52.91 -59.04
O3' LMT VE . 39.43 -52.89 -61.47
O5' LMT VE . 38.70 -55.57 -58.62
O6' LMT VE . 35.36 -55.82 -59.56
C1 LMT VE . 40.62 -54.21 -56.11
C2 LMT VE . 41.47 -55.06 -55.24
C3 LMT VE . 41.47 -54.76 -53.78
C4 LMT VE . 41.30 -56.07 -53.05
C5 LMT VE . 41.96 -56.02 -51.72
C6 LMT VE . 41.95 -57.35 -51.04
C7 LMT VE . 42.65 -57.25 -49.71
C8 LMT VE . 42.69 -58.59 -49.08
FE1 SF4 WE . -7.28 -53.63 -18.69
FE2 SF4 WE . -9.69 -53.89 -19.95
FE3 SF4 WE . -7.44 -54.90 -21.11
FE4 SF4 WE . -7.80 -52.19 -20.96
S1 SF4 WE . -9.08 -53.68 -22.14
S2 SF4 WE . -5.88 -53.35 -20.49
S3 SF4 WE . -8.88 -52.01 -18.94
S4 SF4 WE . -8.38 -55.59 -19.15
FE1 SF4 XE . -8.31 -63.83 -26.16
FE2 SF4 XE . -10.60 -62.48 -25.51
FE3 SF4 XE . -10.58 -65.22 -25.50
FE4 SF4 XE . -10.45 -63.86 -27.87
S1 SF4 XE . -12.20 -63.87 -26.40
S2 SF4 XE . -9.18 -65.66 -27.26
S3 SF4 XE . -9.19 -62.04 -27.28
S4 SF4 XE . -9.38 -63.83 -24.13
C1 BCR YE . 26.52 -20.98 -16.90
C2 BCR YE . 27.52 -20.25 -17.76
C3 BCR YE . 27.90 -18.95 -17.10
C4 BCR YE . 26.70 -18.03 -17.11
C5 BCR YE . 25.43 -18.75 -16.70
C6 BCR YE . 25.36 -20.08 -16.53
C7 BCR YE . 24.12 -20.70 -16.00
C8 BCR YE . 23.87 -20.89 -14.70
C9 BCR YE . 22.79 -21.43 -14.31
C10 BCR YE . 22.14 -20.87 -13.40
C11 BCR YE . 21.52 -21.02 -12.41
C33 BCR YE . 24.23 -17.90 -16.52
C31 BCR YE . 27.20 -21.44 -15.64
C32 BCR YE . 25.98 -22.19 -17.65
C34 BCR YE . 22.29 -22.71 -14.92
C12 BCR YE . 20.90 -21.10 -11.34
C13 BCR YE . 19.82 -21.60 -10.47
C14 BCR YE . 19.64 -21.05 -9.26
C15 BCR YE . 18.59 -21.49 -8.36
C16 BCR YE . 17.93 -21.51 -7.20
C17 BCR YE . 17.67 -21.36 -6.04
C18 BCR YE . 17.39 -20.76 -4.89
C19 BCR YE . 17.05 -21.54 -3.69
C20 BCR YE . 16.59 -21.60 -2.46
C21 BCR YE . 16.30 -22.06 -1.39
C22 BCR YE . 16.13 -22.06 -0.07
C23 BCR YE . 15.73 -23.29 0.64
C24 BCR YE . 15.50 -23.24 1.94
C25 BCR YE . 15.14 -24.45 2.72
C26 BCR YE . 14.00 -25.10 2.52
C27 BCR YE . 13.93 -26.61 2.58
C28 BCR YE . 15.04 -27.19 3.42
C29 BCR YE . 15.60 -26.19 4.43
C30 BCR YE . 16.12 -24.94 3.76
C35 BCR YE . 18.96 -22.72 -10.92
C36 BCR YE . 17.49 -19.27 -4.76
C37 BCR YE . 16.40 -20.82 0.70
C38 BCR YE . 12.76 -24.34 2.21
C39 BCR YE . 17.45 -25.20 3.09
C40 BCR YE . 16.29 -23.87 4.81
C1 BCR ZE . 18.58 -16.43 -0.24
C2 BCR ZE . 18.32 -15.62 -1.48
C3 BCR ZE . 18.53 -14.15 -1.17
C4 BCR ZE . 17.43 -13.71 -0.25
C5 BCR ZE . 17.31 -14.64 0.94
C6 BCR ZE . 17.72 -15.93 0.90
C7 BCR ZE . 17.36 -16.82 2.02
C8 BCR ZE . 16.16 -17.40 2.11
C9 BCR ZE . 15.83 -18.15 3.08
C10 BCR ZE . 14.75 -18.75 2.96
C11 BCR ZE . 13.87 -19.29 3.51
C33 BCR ZE . 16.72 -14.03 2.17
C31 BCR ZE . 20.01 -16.16 0.14
C32 BCR ZE . 18.44 -17.91 -0.50
C34 BCR ZE . 16.64 -18.27 4.31
C12 BCR ZE . 12.89 -19.84 4.03
C13 BCR ZE . 12.18 -20.83 4.82
C14 BCR ZE . 10.86 -20.74 4.86
C15 BCR ZE . 10.05 -21.66 5.60
C16 BCR ZE . 8.85 -22.12 5.91
C17 BCR ZE . 7.94 -22.69 6.39
C18 BCR ZE . 6.70 -23.13 6.47
C19 BCR ZE . 6.24 -23.87 7.63
C20 BCR ZE . 5.19 -24.34 8.27
C21 BCR ZE . 4.03 -24.50 8.44
C22 BCR ZE . 2.84 -24.90 8.83
C23 BCR ZE . 1.73 -24.23 8.17
C24 BCR ZE . 0.47 -24.46 8.46
C25 BCR ZE . -0.58 -23.73 7.73
C26 BCR ZE . -1.07 -22.61 8.28
C27 BCR ZE . -2.08 -21.75 7.58
C28 BCR ZE . -2.24 -22.14 6.13
C29 BCR ZE . -2.40 -23.64 6.03
C30 BCR ZE . -1.09 -24.30 6.42
C35 BCR ZE . 12.90 -21.93 5.53
C36 BCR ZE . 5.76 -22.86 5.35
C37 BCR ZE . 2.64 -25.94 9.87
C38 BCR ZE . -0.66 -22.18 9.66
C39 BCR ZE . -0.12 -24.10 5.26
C40 BCR ZE . -1.32 -25.79 6.61
C1 LMG AF . 33.73 0.00 -8.41
O1 LMG AF . 32.53 0.71 -8.69
C2 LMG AF . 34.93 0.89 -8.66
O2 LMG AF . 35.02 1.18 -10.05
C3 LMG AF . 36.24 0.24 -8.23
O3 LMG AF . 37.28 1.21 -8.21
C4 LMG AF . 36.13 -0.39 -6.85
O4 LMG AF . 36.02 0.63 -5.86
C5 LMG AF . 34.89 -1.28 -6.81
O5 LMG AF . 35.68 -3.18 -5.58
C6 LMG AF . 34.80 -2.06 -5.50
O6 LMG AF . 33.74 -0.45 -7.04
C7 LMG AF . 31.61 -0.06 -9.45
C8 LMG AF . 30.96 0.81 -10.52
C9 LMG AF . 32.04 1.48 -11.35
O7 LMG AF . 30.16 0.01 -11.40
C10 LMG AF . 28.75 0.33 -11.29
O9 LMG AF . 28.25 0.41 -10.19
C11 LMG AF . 27.91 0.51 -12.53
C12 LMG AF . 27.90 -0.76 -13.36
C13 LMG AF . 26.50 -1.25 -13.66
C14 LMG AF . 26.41 -2.74 -13.35
C15 LMG AF . 25.19 -3.42 -13.95
C16 LMG AF . 25.35 -4.93 -13.87
C17 LMG AF . 24.05 -5.65 -14.19
O8 LMG AF . 32.73 0.50 -12.11
C28 LMG AF . 33.90 0.86 -12.90
O10 LMG AF . 34.96 0.29 -12.66
C29 LMG AF . 33.81 1.90 -13.98
C30 LMG AF . 33.21 1.31 -15.25
C31 LMG AF . 31.70 1.15 -15.17
C32 LMG AF . 31.10 1.05 -16.56
C33 LMG AF . 31.13 -0.38 -17.10
C34 LMG AF . 29.85 -1.10 -16.72
C35 LMG AF . 29.96 -2.61 -16.94
C36 LMG AF . 28.58 -3.19 -17.07
C37 LMG AF . 28.41 -4.49 -16.93
C1B LMT BF . 35.33 0.44 0.18
C2B LMT BF . 35.37 0.89 1.67
C3B LMT BF . 34.82 2.33 1.84
C4B LMT BF . 35.48 3.29 0.84
C5B LMT BF . 35.31 2.70 -0.57
C6B LMT BF . 35.90 3.64 -1.60
O1B LMT BF . 34.03 0.08 -0.17
O2B LMT BF . 34.60 -0.01 2.38
O3B LMT BF . 34.95 2.75 3.14
O4' LMT BF . 34.85 4.52 0.88
O5B LMT BF . 35.86 1.41 -0.68
O6B LMT BF . 34.93 4.44 -2.15
C1' LMT BF . 31.94 -2.20 -2.94
C2' LMT BF . 33.12 -2.91 -2.26
C3' LMT BF . 33.63 -2.12 -1.03
C4' LMT BF . 33.84 -0.64 -1.36
C5' LMT BF . 32.50 -0.20 -1.97
C6' LMT BF . 32.36 1.27 -2.18
O1' LMT BF . 31.66 -2.78 -4.14
O2' LMT BF . 32.69 -4.14 -1.84
O3' LMT BF . 34.79 -2.67 -0.56
O5' LMT BF . 32.29 -0.86 -3.19
O6' LMT BF . 32.46 1.47 -3.53
C1 LMT BF . 30.29 -2.89 -4.41
C2 LMT BF . 30.18 -2.98 -5.89
C3 LMT BF . 29.12 -2.13 -6.50
C4 LMT BF . 28.44 -2.91 -7.58
C5 LMT BF . 27.33 -2.09 -8.14
C6 LMT BF . 26.57 -2.81 -9.18
C7 LMT BF . 25.10 -2.65 -8.92
C8 LMT BF . 24.57 -1.61 -9.84
C9 LMT BF . 23.63 -2.12 -10.87
C10 LMT BF . 22.55 -2.84 -10.15
C11 LMT BF . 21.85 -3.78 -11.07
C12 LMT BF . 20.69 -4.38 -10.39
MG CLA CF . -5.13 -66.12 56.73
CHA CLA CF . -6.29 -64.35 59.51
CHB CLA CF . -8.02 -67.96 56.86
CHC CLA CF . -4.02 -67.73 53.98
CHD CLA CF . -2.19 -64.13 56.72
NA CLA CF . -6.96 -66.17 58.00
C1A CLA CF . -7.24 -65.42 59.01
C2A CLA CF . -8.55 -65.76 59.68
C3A CLA CF . -9.06 -66.90 58.81
C4A CLA CF . -7.96 -67.02 57.82
CMA CLA CF . -9.63 -68.15 59.45
CAA CLA CF . -9.55 -64.59 59.80
CBA CLA CF . -10.55 -64.41 58.68
CGA CLA CF . -9.93 -63.62 57.55
O1A CLA CF . -9.29 -62.61 57.70
O2A CLA CF . -10.03 -63.95 56.27
NB CLA CF . -5.93 -67.63 55.58
C1B CLA CF . -7.08 -68.29 55.78
C2B CLA CF . -7.32 -69.39 54.79
C3B CLA CF . -6.12 -69.29 53.97
C4B CLA CF . -5.32 -68.17 54.53
CMB CLA CF . -8.48 -70.34 54.69
CAB CLA CF . -5.74 -70.12 52.81
CBB CLA CF . -4.82 -71.05 52.91
NC CLA CF . -3.41 -65.88 55.48
C1C CLA CF . -3.10 -66.68 54.46
C2C CLA CF . -1.78 -66.47 53.83
C3C CLA CF . -1.25 -65.35 54.62
C4C CLA CF . -2.32 -65.09 55.61
CMC CLA CF . -1.16 -67.21 52.68
CAC CLA CF . 0.10 -64.69 54.47
CBC CLA CF . 0.05 -63.20 54.16
ND CLA CF . -4.31 -64.61 57.76
C1D CLA CF . -3.20 -63.87 57.73
C2D CLA CF . -3.10 -62.83 58.80
C3D CLA CF . -4.37 -63.09 59.47
C4D CLA CF . -5.00 -64.08 58.84
CMD CLA CF . -2.13 -61.77 59.25
CAD CLA CF . -5.16 -62.59 60.61
OBD CLA CF . -4.62 -61.95 61.59
CBD CLA CF . -6.35 -63.46 60.73
CGD CLA CF . -6.17 -64.32 61.95
O1D CLA CF . -6.41 -63.87 63.06
O2D CLA CF . -5.72 -65.69 61.84
CED CLA CF . -6.37 -66.73 62.57
C1 BCR DF . 0.02 -64.27 49.32
C2 BCR DF . 1.26 -63.67 48.69
C3 BCR DF . 1.42 -62.22 49.11
C4 BCR DF . 0.26 -61.41 48.60
C5 BCR DF . -1.04 -62.05 49.04
C6 BCR DF . -1.17 -63.38 49.08
C7 BCR DF . -2.50 -63.98 48.83
C8 BCR DF . -3.34 -64.45 49.77
C9 BCR DF . -4.44 -64.94 49.35
C10 BCR DF . -4.99 -65.94 49.90
C11 BCR DF . -6.04 -66.31 50.22
C33 BCR DF . -2.16 -61.14 49.42
C31 BCR DF . 0.24 -64.36 50.80
C32 BCR DF . -0.23 -65.67 48.82
C34 BCR DF . -5.14 -64.32 48.18
C12 BCR DF . -7.19 -66.76 50.51
C13 BCR DF . -8.20 -67.59 51.17
C14 BCR DF . -9.00 -66.98 52.04
C15 BCR DF . -10.07 -67.65 52.78
C16 BCR DF . -11.02 -67.59 53.68
C17 BCR DF . -11.94 -67.82 54.41
C18 BCR DF . -12.70 -67.68 55.49
C19 BCR DF . -13.96 -68.39 55.68
C20 BCR DF . -15.13 -68.35 56.30
C21 BCR DF . -16.23 -68.62 56.69
C22 BCR DF . -17.27 -68.73 57.51
C23 BCR DF . -18.51 -69.29 56.95
C24 BCR DF . -19.46 -69.80 57.73
C25 BCR DF . -20.73 -70.38 57.18
C26 BCR DF . -20.79 -71.70 56.91
C27 BCR DF . -22.04 -72.47 57.28
C28 BCR DF . -23.31 -71.66 57.03
C29 BCR DF . -23.06 -70.33 56.34
C30 BCR DF . -21.96 -69.51 57.01
C35 BCR DF . -8.36 -69.04 50.87
C36 BCR DF . -12.25 -66.76 56.59
C37 BCR DF . -17.18 -68.30 58.94
C38 BCR DF . -19.69 -72.47 56.26
C39 BCR DF . -22.43 -69.05 58.39
C40 BCR DF . -21.71 -68.29 56.13
CA CA EF . 27.70 -14.38 11.84
MG CLA FF . -7.46 -9.99 12.54
CHA CLA FF . -7.09 -6.71 11.45
CHB CLA FF . -4.05 -10.16 12.69
CHC CLA FF . -7.88 -13.18 13.44
CHD CLA FF . -11.01 -9.55 12.51
NA CLA FF . -5.74 -8.62 12.13
C1A CLA FF . -5.80 -7.42 11.73
C2A CLA FF . -4.47 -6.75 11.56
C3A CLA FF . -3.53 -7.88 11.95
C4A CLA FF . -4.49 -8.96 12.29
CMA CLA FF . -2.39 -8.17 11.00
CAA CLA FF . -4.35 -5.52 12.46
CBA CLA FF . -4.40 -5.77 13.95
CGA CLA FF . -5.81 -5.68 14.45
O1A CLA FF . -6.60 -4.82 14.17
O2A CLA FF . -6.38 -6.53 15.27
NB CLA FF . -6.13 -11.47 13.00
C1B CLA FF . -4.80 -11.39 13.04
C2B CLA FF . -4.16 -12.65 13.46
C3B CLA FF . -5.31 -13.51 13.68
C4B CLA FF . -6.50 -12.69 13.37
CMB CLA FF . -2.70 -12.96 13.62
CAB CLA FF . -5.37 -14.92 14.13
CBB CLA FF . -4.30 -15.66 14.19
NC CLA FF . -9.19 -11.19 12.88
C1C CLA FF . -9.15 -12.44 13.29
C2C CLA FF . -10.43 -13.08 13.60
C3C CLA FF . -11.36 -11.99 13.32
C4C CLA FF . -10.49 -10.88 12.88
CMC CLA FF . -10.70 -14.48 14.08
CAC CLA FF . -12.85 -11.98 13.43
CBC CLA FF . -13.25 -11.27 14.70
ND CLA FF . -8.84 -8.58 12.12
C1D CLA FF . -10.15 -8.44 12.11
C2D CLA FF . -10.64 -7.10 11.71
C3D CLA FF . -9.36 -6.46 11.46
C4D CLA FF . -8.39 -7.34 11.70
CMD CLA FF . -11.95 -6.40 11.54
CAD CLA FF . -8.78 -5.17 11.03
OBD CLA FF . -9.44 -4.32 10.35
CBD CLA FF . -7.31 -5.33 10.88
CGD CLA FF . -6.96 -5.27 9.41
O1D CLA FF . -7.80 -5.41 8.54
O2D CLA FF . -5.62 -5.00 8.96
CED CLA FF . -5.32 -4.98 7.57
C1 CLA FF . -7.89 -6.98 15.14
C2 CLA FF . -8.21 -8.36 15.63
C3 CLA FF . -9.44 -8.76 15.92
C4 CLA FF . -10.62 -7.86 15.77
C5 CLA FF . -9.63 -10.17 16.41
C6 CLA FF . -8.31 -10.86 16.59
C7 CLA FF . -8.57 -12.24 17.15
C8 CLA FF . -7.35 -13.13 17.06
C9 CLA FF . -7.71 -14.56 17.39
C10 CLA FF . -6.27 -12.60 17.97
C11 CLA FF . -4.97 -13.39 17.83
C12 CLA FF . -3.98 -13.01 18.91
C13 CLA FF . -3.99 -14.02 20.04
C14 CLA FF . -5.37 -14.17 20.64
C15 CLA FF . -3.00 -13.60 21.11
C16 CLA FF . -1.64 -13.34 20.48
C17 CLA FF . -1.56 -11.91 19.96
C18 CLA FF . -0.13 -11.41 19.99
C19 CLA FF . 0.84 -12.56 19.78
C20 CLA FF . 0.07 -10.31 18.96
MG CLA GF . -0.36 -18.89 7.41
CHA CLA GF . -3.27 -17.27 8.40
CHB CLA GF . 0.78 -18.48 10.66
CHC CLA GF . 2.46 -20.48 6.48
CHD CLA GF . -1.59 -19.13 4.13
NA CLA GF . -1.12 -18.01 9.32
C1A CLA GF . -2.26 -17.46 9.50
C2A CLA GF . -2.51 -16.99 10.89
C3A CLA GF . -1.18 -17.31 11.53
C4A CLA GF . -0.45 -17.98 10.44
CMA CLA GF . -0.51 -16.09 12.13
CAA CLA GF . -3.55 -17.90 11.58
CBA CLA GF . -3.34 -19.36 11.21
CGA CLA GF . -4.27 -20.38 11.77
O1A CLA GF . -4.40 -20.63 12.95
O2A CLA GF . -5.03 -21.11 11.00
NB CLA GF . 1.36 -19.40 8.44
C1B CLA GF . 1.67 -19.16 9.71
C2B CLA GF . 2.99 -19.67 10.12
C3B CLA GF . 3.47 -20.25 8.87
C4B CLA GF . 2.40 -20.05 7.89
CMB CLA GF . 3.64 -19.57 11.46
CAB CLA GF . 4.76 -20.90 8.63
CBB CLA GF . 5.86 -20.18 8.57
NC CLA GF . 0.28 -19.78 5.60
C1C CLA GF . 1.45 -20.37 5.41
C2C CLA GF . 1.68 -20.89 4.06
C3C CLA GF . 0.43 -20.53 3.39
C4C CLA GF . -0.34 -19.84 4.42
CMC CLA GF . 2.87 -21.61 3.52
CAC CLA GF . 0.00 -20.80 1.97
CBC CLA GF . -0.92 -22.00 1.98
ND CLA GF . -1.99 -18.39 6.38
C1D CLA GF . -2.43 -18.48 5.13
C2D CLA GF . -3.75 -17.86 4.88
C3D CLA GF . -4.05 -17.38 6.25
C4D CLA GF . -3.03 -17.73 7.03
CMD CLA GF . -4.67 -17.67 3.72
CAD CLA GF . -5.08 -16.68 7.04
OBD CLA GF . -6.23 -16.35 6.64
CBD CLA GF . -4.57 -16.50 8.43
CGD CLA GF . -4.25 -15.05 8.67
O1D CLA GF . -3.55 -14.44 7.91
O2D CLA GF . -4.74 -14.34 9.82
CED CLA GF . -4.47 -12.94 9.90
C1 CLA GF . -5.24 -22.68 11.26
C2 CLA GF . -4.20 -23.73 11.03
C3 CLA GF . -4.31 -24.57 9.99
C4 CLA GF . -5.45 -24.44 9.03
C5 CLA GF . -3.26 -25.65 9.78
C6 CLA GF . -3.33 -26.70 10.86
C7 CLA GF . -4.55 -27.58 10.67
C8 CLA GF . -4.69 -28.68 11.70
C9 CLA GF . -6.14 -29.15 11.65
C10 CLA GF . -4.31 -28.25 13.10
C11 CLA GF . -4.86 -29.22 14.14
C12 CLA GF . -3.88 -29.44 15.28
C13 CLA GF . -4.59 -29.75 16.59
C14 CLA GF . -3.57 -30.08 17.68
C15 CLA GF . -5.56 -30.90 16.40
MG CLA HF . 8.29 -14.56 16.48
CHA CLA HF . 8.21 -11.39 17.88
CHB CLA HF . 11.70 -14.51 16.96
CHC CLA HF . 8.36 -17.64 15.15
CHD CLA HF . 4.77 -14.52 16.13
NA CLA HF . 9.80 -13.15 17.32
C1A CLA HF . 9.58 -11.99 17.81
C2A CLA HF . 10.81 -11.28 18.26
C3A CLA HF . 11.89 -12.26 17.89
C4A CLA HF . 11.09 -13.39 17.36
CMA CLA HF . 13.04 -11.73 17.05
CAA CLA HF . 10.81 -11.41 19.78
CBA CLA HF . 10.53 -10.19 20.63
CGA CLA HF . 11.62 -9.17 20.52
O1A CLA HF . 12.74 -9.39 20.08
O2A CLA HF . 11.50 -7.94 20.93
NB CLA HF . 9.82 -15.87 16.11
C1B CLA HF . 11.12 -15.72 16.38
C2B CLA HF . 11.94 -16.90 16.01
C3B CLA HF . 10.93 -17.81 15.47
C4B CLA HF . 9.66 -17.08 15.58
CMB CLA HF . 13.40 -17.06 16.18
CAB CLA HF . 11.05 -19.19 14.92
CBB CLA HF . 12.12 -19.62 14.28
NC CLA HF . 6.78 -15.88 15.79
C1C CLA HF . 7.02 -17.09 15.29
C2C CLA HF . 5.85 -17.86 14.88
C3C CLA HF . 4.77 -16.94 15.20
C4C CLA HF . 5.45 -15.76 15.74
CMC CLA HF . 5.84 -19.25 14.31
CAC CLA HF . 3.27 -17.13 15.03
CBC CLA HF . 2.81 -16.61 13.71
ND CLA HF . 6.76 -13.36 16.88
C1D CLA HF . 5.44 -13.35 16.71
C2D CLA HF . 4.76 -12.11 17.15
C3D CLA HF . 5.93 -11.36 17.62
C4D CLA HF . 7.00 -12.12 17.45
CMD CLA HF . 3.37 -11.58 17.20
CAD CLA HF . 6.30 -10.05 18.22
OBD CLA HF . 5.52 -9.09 18.49
CBD CLA HF . 7.79 -10.01 18.31
CGD CLA HF . 8.34 -9.02 17.33
O1D CLA HF . 8.39 -9.28 16.14
O2D CLA HF . 8.84 -7.74 17.73
CED CLA HF . 8.79 -6.70 16.78
C1 CLA HF . 10.33 -7.52 21.93
C2 CLA HF . 8.95 -7.15 21.47
C3 CLA HF . 8.72 -5.95 20.92
C4 CLA HF . 9.84 -4.97 20.71
C5 CLA HF . 7.33 -5.59 20.47
C6 CLA HF . 6.35 -6.06 21.54
C7 CLA HF . 5.03 -6.47 20.92
C8 CLA HF . 4.14 -5.25 20.69
C9 CLA HF . 4.00 -4.45 21.98
C10 CLA HF . 2.79 -5.72 20.17
C11 CLA HF . 2.90 -6.37 18.81
C12 CLA HF . 1.61 -6.22 18.02
C13 CLA HF . 0.70 -7.39 18.28
C14 CLA HF . 1.26 -8.65 17.64
C15 CLA HF . -0.69 -7.08 17.72
C16 CLA HF . -1.59 -8.30 17.69
C17 CLA HF . -2.55 -8.22 16.51
C18 CLA HF . -3.75 -9.12 16.72
C19 CLA HF . -3.31 -10.57 16.73
C20 CLA HF . -4.46 -8.77 18.02
C1 BCR IF . 13.87 -25.58 -17.72
C2 BCR IF . 13.98 -26.02 -19.18
C3 BCR IF . 12.73 -26.56 -19.85
C4 BCR IF . 11.47 -25.96 -19.29
C5 BCR IF . 11.49 -26.30 -17.82
C6 BCR IF . 12.55 -25.94 -17.09
C7 BCR IF . 12.39 -25.94 -15.62
C8 BCR IF . 11.95 -24.85 -14.98
C9 BCR IF . 11.77 -24.84 -13.73
C10 BCR IF . 10.64 -24.49 -13.36
C11 BCR IF . 9.97 -24.03 -12.53
C33 BCR IF . 10.31 -27.02 -17.23
C31 BCR IF . 14.12 -24.08 -17.64
C32 BCR IF . 14.93 -26.33 -16.92
C34 BCR IF . 12.83 -25.23 -12.76
C12 BCR IF . 9.17 -23.52 -11.73
C13 BCR IF . 8.58 -23.15 -10.45
C14 BCR IF . 7.39 -22.54 -10.54
C15 BCR IF . 6.61 -22.11 -9.41
C16 BCR IF . 5.45 -21.77 -8.91
C17 BCR IF . 4.56 -21.42 -8.19
C18 BCR IF . 3.31 -21.22 -7.83
C19 BCR IF . 2.96 -20.67 -6.52
C20 BCR IF . 1.98 -20.41 -5.70
C21 BCR IF . 1.27 -20.01 -4.84
C22 BCR IF . 0.14 -19.84 -4.19
C23 BCR IF . 0.04 -18.95 -3.05
C24 BCR IF . -0.59 -19.28 -1.94
C25 BCR IF . -0.72 -18.31 -0.82
C26 BCR IF . 0.33 -17.78 -0.18
C27 BCR IF . 0.17 -16.48 0.54
C28 BCR IF . -1.06 -16.59 1.41
C29 BCR IF . -2.29 -16.84 0.57
C30 BCR IF . -2.15 -17.94 -0.48
C35 BCR IF . 9.25 -23.45 -9.14
C36 BCR IF . 2.20 -21.54 -8.79
C37 BCR IF . -1.09 -20.54 -4.66
C38 BCR IF . 1.70 -18.41 -0.12
C39 BCR IF . -2.86 -17.46 -1.73
C40 BCR IF . -2.87 -19.19 0.01
C1 BCR JF . 17.61 -5.06 -20.80
C2 BCR JF . 17.35 -6.51 -21.23
C3 BCR JF . 15.97 -7.03 -20.86
C4 BCR JF . 14.86 -6.13 -21.41
C5 BCR JF . 15.21 -4.69 -21.12
C6 BCR JF . 16.30 -4.41 -20.41
C7 BCR JF . 16.20 -3.43 -19.31
C8 BCR JF . 15.60 -3.69 -18.16
C9 BCR JF . 15.56 -2.76 -17.28
C10 BCR JF . 15.82 -3.01 -16.09
C11 BCR JF . 15.46 -2.88 -14.99
C33 BCR JF . 14.34 -3.59 -21.64
C31 BCR JF . 18.19 -4.28 -21.95
C32 BCR JF . 18.57 -5.02 -19.63
C34 BCR JF . 15.20 -1.37 -17.69
C12 BCR JF . 15.12 -2.80 -13.78
C13 BCR JF . 14.44 -2.25 -12.61
C14 BCR JF . 14.10 -3.13 -11.66
C15 BCR JF . 13.43 -2.78 -10.43
C16 BCR JF . 12.92 -3.18 -9.29
C17 BCR JF . 12.38 -3.22 -8.22
C18 BCR JF . 12.08 -3.79 -7.06
C19 BCR JF . 11.17 -3.19 -6.09
C20 BCR JF . 10.83 -3.20 -4.81
C21 BCR JF . 10.33 -3.00 -3.74
C22 BCR JF . 9.96 -3.31 -2.50
C23 BCR JF . 9.27 -2.33 -1.66
C24 BCR JF . 8.87 -2.68 -0.45
C25 BCR JF . 8.15 -1.85 0.57
C26 BCR JF . 6.85 -1.52 0.45
C27 BCR JF . 6.00 -0.99 1.58
C28 BCR JF . 6.79 -0.51 2.78
C29 BCR JF . 8.25 -0.27 2.46
C30 BCR JF . 8.92 -1.46 1.80
C35 BCR JF . 14.16 -0.79 -12.46
C36 BCR JF . 12.71 -5.09 -6.71
C37 BCR JF . 10.28 -4.66 -1.95
C38 BCR JF . 6.09 -1.66 -0.83
C39 BCR JF . 9.02 -2.63 2.76
C40 BCR JF . 10.36 -1.07 1.47
O6 LHG KF . -13.53 -24.87 8.73
C4 LHG KF . -14.18 -25.27 7.51
C5 LHG KF . -15.13 -24.19 7.00
C6 LHG KF . -14.42 -23.27 6.02
O7 LHG KF . -16.22 -24.79 6.32
C7 LHG KF . -17.47 -24.60 7.04
O9 LHG KF . -17.77 -23.51 7.46
C8 LHG KF . -18.39 -25.77 7.28
C9 LHG KF . -19.42 -25.82 6.15
C10 LHG KF . -20.82 -25.58 6.68
O8 LHG KF . -15.22 -22.83 4.93
C23 LHG KF . -15.42 -21.40 4.77
O10 LHG KF . -15.19 -20.70 5.72
C24 LHG KF . -15.87 -20.77 3.48
C11 LHG KF . -20.89 -24.54 7.80
C12 LHG KF . -22.24 -24.51 8.47
C13 LHG KF . -23.31 -24.02 7.50
C14 LHG KF . -24.44 -25.04 7.34
C25 LHG KF . -17.37 -20.93 3.35
C26 LHG KF . -17.91 -20.24 2.11
C27 LHG KF . -19.35 -20.67 1.89
C28 LHG KF . -20.28 -20.25 3.03
C29 LHG KF . -21.23 -19.13 2.64
C30 LHG KF . -22.03 -19.46 1.38
C31 LHG KF . -21.81 -18.41 0.30
O1 LHG LF . -22.20 -22.59 13.30
C1 LHG LF . -21.01 -21.81 13.19
C2 LHG LF . -20.96 -20.72 14.27
O2 LHG LF . -19.78 -20.88 15.04
C3 LHG LF . -22.20 -20.82 15.16
O3 LHG LF . -21.85 -20.73 16.54
P LHG LF . -22.86 -20.06 17.59
O4 LHG LF . -23.50 -18.86 16.94
O5 LHG LF . -23.73 -21.13 18.20
O6 LHG LF . -21.84 -19.54 18.71
C4 LHG LF . -22.27 -18.82 19.86
C5 LHG LF . -21.29 -19.05 21.01
C6 LHG LF . -20.10 -19.86 20.52
O7 LHG LF . -20.81 -17.80 21.48
C7 LHG LF . -20.60 -17.78 22.91
O9 LHG LF . -20.73 -18.80 23.55
C8 LHG LF . -20.24 -16.50 23.63
C9 LHG LF . -19.85 -16.84 25.06
C10 LHG LF . -18.33 -16.86 25.24
O8 LHG LF . -19.24 -19.04 19.73
C23 LHG LF . -17.82 -19.31 19.70
O10 LHG LF . -17.44 -20.47 19.76
C24 LHG LF . -16.83 -18.17 19.65
C11 LHG LF . -17.98 -16.20 26.57
C12 LHG LF . -16.46 -16.21 26.81
C13 LHG LF . -16.17 -15.94 28.29
C14 LHG LF . -15.49 -17.13 28.94
C15 LHG LF . -14.04 -16.85 29.30
C16 LHG LF . -13.13 -17.72 28.45
C17 LHG LF . -11.68 -17.58 28.84
C18 LHG LF . -10.82 -17.82 27.62
C19 LHG LF . -9.39 -18.17 27.97
C20 LHG LF . -8.70 -18.74 26.75
C21 LHG LF . -7.20 -18.78 26.93
C22 LHG LF . -6.83 -19.75 28.01
C25 LHG LF . -16.31 -17.89 21.05
C26 LHG LF . -15.30 -16.76 21.04
C27 LHG LF . -14.45 -16.80 22.30
C28 LHG LF . -13.35 -15.74 22.27
C29 LHG LF . -13.48 -14.77 23.44
C30 LHG LF . -12.12 -14.33 23.96
C31 LHG LF . -12.03 -14.49 25.47
C32 LHG LF . -10.80 -13.80 26.05
C33 LHG LF . -9.51 -14.28 25.39
C34 LHG LF . -8.32 -13.42 25.81
C35 LHG LF . -8.17 -13.37 27.31
C36 LHG LF . -6.71 -13.42 27.74
C37 LHG LF . -6.47 -14.29 28.98
C38 LHG LF . -7.61 -14.24 29.98
C1' LMT MF . -21.77 -12.33 9.20
O1' LMT MF . -22.08 -12.62 10.50
C1 LMT MF . -21.17 -13.48 11.14
C2 LMT MF . -20.35 -12.58 12.02
C3 LMT MF . -20.22 -12.98 13.45
C4 LMT MF . -19.01 -12.27 13.98
C5 LMT MF . -18.55 -12.91 15.25
C6 LMT MF . -17.06 -13.03 15.30
C7 LMT MF . -16.69 -14.34 15.91
C8 LMT MF . -15.21 -14.47 15.92
C9 LMT MF . -14.71 -15.45 16.91
C10 LMT MF . -13.24 -15.60 16.65
C11 LMT MF . -12.60 -16.47 17.67
C12 LMT MF . -11.69 -15.67 18.54
C1B LMT NF . 18.16 -8.32 21.59
C2B LMT NF . 19.06 -7.54 22.59
C3B LMT NF . 18.81 -6.01 22.53
C4B LMT NF . 18.68 -5.49 21.08
C5B LMT NF . 17.60 -6.36 20.43
C6B LMT NF . 17.19 -5.83 19.06
O1B LMT NF . 16.87 -8.61 22.09
O2B LMT NF . 18.80 -8.03 23.82
O3B LMT NF . 19.75 -5.32 23.24
O4' LMT NF . 18.32 -4.18 21.06
O5B LMT NF . 18.05 -7.68 20.36
O6B LMT NF . 17.71 -4.59 18.84
C1' LMT NF . 14.23 -11.91 22.23
C2' LMT NF . 14.73 -11.38 23.59
C3' LMT NF . 15.46 -10.01 23.43
C4' LMT NF . 16.47 -9.96 22.25
C5' LMT NF . 15.63 -10.52 21.04
C6' LMT NF . 16.19 -10.43 19.64
O1' LMT NF . 13.85 -13.23 22.32
O2' LMT NF . 13.65 -11.21 24.40
O3' LMT NF . 16.07 -9.65 24.59
O5' LMT NF . 15.30 -11.86 21.29
O6' LMT NF . 15.68 -11.50 18.99
C1 LMT NF . 13.03 -13.67 21.25
C2 LMT NF . 12.50 -15.02 21.63
C3 LMT NF . 11.69 -15.74 20.59
C4 LMT NF . 10.30 -15.20 20.68
C5 LMT NF . 9.34 -16.07 19.96
C6 LMT NF . 7.99 -15.44 19.93
C7 LMT NF . 6.96 -16.47 19.59
C8 LMT NF . 5.63 -15.90 19.86
C9 LMT NF . 4.50 -16.74 19.37
C10 LMT NF . 3.31 -15.85 19.28
C11 LMT NF . 2.07 -16.61 19.04
C12 LMT NF . 0.95 -16.10 19.89
C1B LMT OF . 19.37 -15.62 22.50
C2B LMT OF . 20.59 -15.86 23.42
C3B LMT OF . 20.38 -15.25 24.82
C4B LMT OF . 19.32 -14.10 24.91
C5B LMT OF . 19.09 -13.42 23.52
C6B LMT OF . 20.06 -12.24 23.35
O1B LMT OF . 18.25 -16.32 22.96
O2B LMT OF . 20.77 -17.22 23.48
O3B LMT OF . 21.58 -14.89 25.39
O4' LMT OF . 18.12 -14.58 25.38
O5B LMT OF . 19.09 -14.26 22.36
O6B LMT OF . 20.95 -12.49 22.34
C1' LMT OF . 15.33 -19.03 21.67
C2' LMT OF . 16.65 -19.64 22.20
C3' LMT OF . 17.50 -18.59 22.96
C4' LMT OF . 17.65 -17.30 22.15
C5' LMT OF . 16.19 -16.89 21.88
C6' LMT OF . 16.04 -15.50 21.33
O1' LMT OF . 14.76 -19.84 20.74
O2' LMT OF . 16.33 -20.65 23.08
O3' LMT OF . 18.73 -19.08 23.29
O5' LMT OF . 15.60 -17.81 21.00
O6' LMT OF . 16.10 -14.67 22.42
C1 LMT OF . 13.37 -19.90 20.77
C2 LMT OF . 12.92 -19.38 19.44
C3 LMT OF . 11.91 -20.19 18.72
C4 LMT OF . 10.56 -19.60 18.99
C5 LMT OF . 9.52 -20.40 18.30
C6 LMT OF . 8.20 -19.70 18.28
C7 LMT OF . 7.15 -20.61 17.73
C8 LMT OF . 5.82 -20.06 18.09
C9 LMT OF . 4.68 -20.81 17.49
C10 LMT OF . 3.43 -20.03 17.75
C11 LMT OF . 2.22 -20.91 17.70
C12 LMT OF . 1.02 -20.23 18.26
MG CLA PF . 19.09 -8.15 -34.71
CHA CLA PF . 17.88 -9.51 -37.69
CHB CLA PF . 21.37 -10.72 -34.63
CHC CLA PF . 20.37 -6.70 -31.92
CHD CLA PF . 16.66 -5.57 -34.88
NA CLA PF . 19.60 -9.91 -35.99
C1A CLA PF . 19.02 -10.28 -37.07
C2A CLA PF . 19.55 -11.56 -37.66
C3A CLA PF . 20.60 -11.93 -36.66
C4A CLA PF . 20.54 -10.80 -35.69
CMA CLA PF . 20.51 -13.36 -36.16
CAA CLA PF . 20.31 -11.37 -38.97
CBA CLA PF . 21.09 -10.07 -39.02
CGA CLA PF . 22.26 -10.21 -39.93
O1A CLA PF . 22.33 -10.99 -40.86
O2A CLA PF . 23.36 -9.49 -39.85
NB CLA PF . 20.66 -8.65 -33.47
C1B CLA PF . 21.46 -9.72 -33.56
C2B CLA PF . 22.46 -9.77 -32.47
C3B CLA PF . 22.14 -8.58 -31.68
C4B CLA PF . 21.01 -7.95 -32.38
CMB CLA PF . 23.52 -10.79 -32.21
CAB CLA PF . 22.80 -8.09 -30.46
CBB CLA PF . 23.60 -7.06 -30.50
NC CLA PF . 18.61 -6.40 -33.60
C1C CLA PF . 19.21 -6.00 -32.48
C2C CLA PF . 18.65 -4.81 -31.81
C3C CLA PF . 17.55 -4.48 -32.71
C4C CLA PF . 17.62 -5.51 -33.76
CMC CLA PF . 19.10 -4.13 -30.55
CAC CLA PF . 16.57 -3.36 -32.59
CBC CLA PF . 15.56 -3.72 -31.52
ND CLA PF . 17.60 -7.56 -35.89
C1D CLA PF . 16.71 -6.58 -35.95
C2D CLA PF . 15.82 -6.63 -37.13
C3D CLA PF . 16.33 -7.82 -37.77
C4D CLA PF . 17.33 -8.30 -37.04
CMD CLA PF . 14.69 -5.84 -37.71
CAD CLA PF . 16.09 -8.64 -38.97
OBD CLA PF . 15.35 -8.30 -39.95
CBD CLA PF . 17.12 -9.73 -38.98
CGD CLA PF . 16.42 -11.05 -39.09
O1D CLA PF . 15.76 -11.47 -38.18
O2D CLA PF . 16.55 -11.84 -40.30
CED CLA PF . 15.40 -12.21 -41.05
C1 CLA PF . 24.80 -10.19 -39.86
C2 CLA PF . 25.88 -9.73 -40.80
C3 CLA PF . 27.02 -10.43 -40.94
C4 CLA PF . 28.08 -9.94 -41.86
C5 CLA PF . 27.22 -11.70 -40.15
C1 BCR QF . 20.49 -23.90 -25.44
C2 BCR QF . 19.23 -24.57 -25.95
C3 BCR QF . 18.54 -23.68 -26.97
C4 BCR QF . 19.36 -23.52 -28.22
C5 BCR QF . 20.81 -23.32 -27.86
C6 BCR QF . 21.23 -23.23 -26.58
C7 BCR QF . 22.49 -22.49 -26.33
C8 BCR QF . 22.56 -21.18 -26.15
C9 BCR QF . 23.70 -20.65 -25.96
C10 BCR QF . 23.88 -19.89 -24.99
C11 BCR QF . 24.09 -18.78 -24.64
C33 BCR QF . 21.79 -23.22 -28.99
C31 BCR QF . 21.39 -24.91 -24.78
C32 BCR QF . 20.09 -22.88 -24.39
C34 BCR QF . 24.82 -20.93 -26.92
C12 BCR QF . 24.29 -17.63 -24.21
C13 BCR QF . 25.07 -16.41 -23.96
C14 BCR QF . 24.58 -15.47 -23.15
C15 BCR QF . 25.36 -14.27 -22.89
C16 BCR QF . 25.66 -13.11 -22.34
C17 BCR QF . 25.69 -12.05 -21.78
C18 BCR QF . 26.35 -11.01 -21.27
C19 BCR QF . 25.74 -9.84 -20.62
C20 BCR QF . 25.85 -8.53 -20.43
C21 BCR QF . 26.26 -7.40 -20.56
C22 BCR QF . 26.41 -6.09 -20.32
C23 BCR QF . 27.25 -5.24 -21.19
C24 BCR QF . 27.19 -3.90 -21.10
C25 BCR QF . 27.96 -2.91 -21.92
C26 BCR QF . 27.43 -2.41 -23.05
C27 BCR QF . 27.81 -1.06 -23.62
C28 BCR QF . 29.23 -0.65 -23.27
C29 BCR QF . 30.05 -1.76 -22.61
C30 BCR QF . 29.32 -2.41 -21.44
C35 BCR QF . 26.41 -16.23 -24.60
C36 BCR QF . 27.83 -11.03 -21.38
C37 BCR QF . 25.74 -5.49 -19.13
C38 BCR QF . 26.39 -3.15 -23.83
C39 BCR QF . 29.10 -1.37 -20.34
C40 BCR QF . 30.21 -3.51 -20.90
C1B LMT RF . 10.93 -12.84 -39.94
C2B LMT RF . 11.14 -14.33 -40.23
C3B LMT RF . 12.10 -14.53 -41.42
C4B LMT RF . 11.60 -13.74 -42.64
C5B LMT RF . 11.47 -12.27 -42.20
C6B LMT RF . 10.98 -11.44 -43.37
O1B LMT RF . 12.07 -12.33 -39.31
O2B LMT RF . 11.65 -14.91 -39.10
O3B LMT RF . 12.30 -15.84 -41.70
O4' LMT RF . 12.49 -13.83 -43.68
O5B LMT RF . 10.61 -12.11 -41.09
O6B LMT RF . 11.78 -11.64 -44.45
C1' LMT RF . 13.11 -10.37 -35.81
C2' LMT RF . 12.35 -11.70 -35.63
C3' LMT RF . 12.44 -12.50 -36.94
C4' LMT RF . 11.87 -11.66 -38.09
C5' LMT RF . 12.69 -10.36 -38.10
C6' LMT RF . 12.36 -9.46 -39.26
O1' LMT RF . 12.96 -9.60 -34.70
O2' LMT RF . 12.92 -12.42 -34.61
O3' LMT RF . 11.77 -13.67 -36.84
O5' LMT RF . 12.53 -9.66 -36.88
O6' LMT RF . 13.02 -9.98 -40.32
C1 LMT RF . 13.95 -8.62 -34.50
C2 LMT RF . 13.31 -7.63 -33.60
C3 LMT RF . 13.90 -7.48 -32.24
C4 LMT RF . 12.83 -6.92 -31.34
C5 LMT RF . 13.43 -6.46 -30.06
C6 LMT RF . 12.80 -7.09 -28.88
C7 LMT RF . 13.03 -6.24 -27.67
C8 LMT RF . 12.66 -6.99 -26.45
C9 LMT RF . 13.58 -8.12 -26.15
C10 LMT RF . 13.46 -8.42 -24.69
C11 LMT RF . 14.28 -9.62 -24.32
C12 LMT RF . 14.11 -9.97 -22.88
FE1 FES SF . -11.43 -73.66 -23.26
FE2 FES SF . -12.15 -75.99 -22.11
S1 FES SF . -12.52 -75.34 -24.18
S2 FES SF . -10.78 -74.46 -21.31
MG CL0 TF . 27.17 41.50 -31.69
CHA CL0 TF . 27.95 38.91 -33.93
CHB CL0 TF . 24.02 41.42 -32.94
CHC CL0 TF . 26.42 43.91 -29.43
CHD CL0 TF . 30.48 41.47 -30.54
NA CL0 TF . 26.09 40.33 -33.23
C1A CL0 TF . 26.55 39.42 -34.01
C2A CL0 TF . 25.59 38.94 -35.05
C3A CL0 TF . 24.46 39.85 -34.76
C4A CL0 TF . 24.86 40.58 -33.55
CMA CL0 TF . 24.56 40.78 -35.93
CAA CL0 TF . 25.03 37.56 -34.73
CBA CL0 TF . 23.72 37.22 -35.40
CGA CL0 TF . 23.27 35.87 -34.94
O1A CL0 TF . 22.16 35.42 -35.07
O2A CL0 TF . 24.06 34.98 -34.40
NB CL0 TF . 25.44 42.52 -31.26
C1B CL0 TF . 24.25 42.33 -31.80
C2B CL0 TF . 23.20 43.15 -31.16
C3B CL0 TF . 23.93 43.88 -30.13
C4B CL0 TF . 25.33 43.43 -30.28
CMB CL0 TF . 21.75 43.17 -31.50
CAB CL0 TF . 23.52 44.87 -29.12
CBB CL0 TF . 22.46 45.66 -29.23
NC CL0 TF . 28.28 42.49 -30.16
C1C CL0 TF . 27.82 43.47 -29.39
C2C CL0 TF . 28.80 44.10 -28.49
C3C CL0 TF . 30.01 43.34 -28.81
C4C CL0 TF . 29.56 42.39 -29.84
CMC CL0 TF . 28.58 45.22 -27.51
CAC CL0 TF . 31.40 43.45 -28.25
CBC CL0 TF . 32.31 44.22 -29.18
ND CL0 TF . 28.86 40.50 -32.02
C1D CL0 TF . 30.09 40.57 -31.59
C2D CL0 TF . 31.04 39.66 -32.27
C3D CL0 TF . 30.12 39.01 -33.21
C4D CL0 TF . 28.91 39.54 -33.01
CMD CL0 TF . 32.48 39.38 -32.13
CAD CL0 TF . 30.07 38.01 -34.29
OBD CL0 TF . 31.05 37.29 -34.69
CBD CL0 TF . 28.65 37.81 -34.69
CGD CL0 TF . 28.20 36.45 -34.24
O1D CL0 TF . 28.13 36.16 -33.06
O2D CL0 TF . 27.82 35.42 -35.18
CED CL0 TF . 27.30 34.21 -34.67
C1 CL0 TF . 23.54 33.82 -33.44
C2 CL0 TF . 24.06 33.75 -32.03
C3 CL0 TF . 24.92 32.79 -31.67
C4 CL0 TF . 25.40 31.77 -32.67
C5 CL0 TF . 25.43 32.74 -30.26
C6 CL0 TF . 26.91 33.06 -30.29
C7 CL0 TF . 27.45 33.48 -28.93
C8 CL0 TF . 26.97 32.60 -27.79
C9 CL0 TF . 26.94 33.38 -26.48
C10 CL0 TF . 27.90 31.39 -27.68
C11 CL0 TF . 27.10 30.11 -27.64
C12 CL0 TF . 27.75 29.06 -26.74
C13 CL0 TF . 27.11 27.68 -26.77
C14 CL0 TF . 28.18 26.60 -26.85
C15 CL0 TF . 26.15 27.51 -27.93
C16 CL0 TF . 24.84 26.93 -27.46
C17 CL0 TF . 23.70 27.36 -28.37
C18 CL0 TF . 23.83 26.88 -29.80
C19 CL0 TF . 22.75 25.87 -30.10
C20 CL0 TF . 23.74 28.06 -30.74
MG CLA UF . 20.13 31.36 -30.71
CHA CLA UF . 21.30 33.99 -28.86
CHB CLA UF . 20.75 29.39 -27.96
CHC CLA UF . 18.76 28.78 -32.43
CHD CLA UF . 19.69 33.43 -33.52
NA CLA UF . 20.93 31.62 -28.65
C1A CLA UF . 21.36 32.70 -28.14
C2A CLA UF . 21.97 32.53 -26.79
C3A CLA UF . 21.86 31.06 -26.60
C4A CLA UF . 21.13 30.64 -27.81
CMA CLA UF . 23.20 30.39 -26.38
CAA CLA UF . 21.04 33.08 -25.74
CBA CLA UF . 21.75 33.53 -24.48
CGA CLA UF . 21.55 32.49 -23.40
O1A CLA UF . 20.86 31.52 -23.49
O2A CLA UF . 22.15 32.52 -22.25
NB CLA UF . 19.82 29.39 -30.25
C1B CLA UF . 20.07 28.77 -29.09
C2B CLA UF . 19.61 27.38 -29.05
C3B CLA UF . 19.06 27.23 -30.37
C4B CLA UF . 19.22 28.51 -31.06
CMB CLA UF . 19.72 26.39 -27.94
CAB CLA UF . 18.42 26.06 -30.94
CBB CLA UF . 17.40 25.50 -30.38
NC CLA UF . 19.32 31.15 -32.67
C1C CLA UF . 18.90 30.00 -33.22
C2C CLA UF . 18.60 30.04 -34.66
C3C CLA UF . 18.90 31.44 -34.97
C4C CLA UF . 19.33 32.02 -33.68
CMC CLA UF . 18.13 28.96 -35.58
CAC CLA UF . 18.81 32.17 -36.28
CBC CLA UF . 20.14 32.09 -36.97
ND CLA UF . 20.47 33.23 -31.25
C1D CLA UF . 20.13 34.03 -32.26
C2D CLA UF . 20.24 35.48 -31.98
C3D CLA UF . 20.73 35.40 -30.58
C4D CLA UF . 20.83 34.12 -30.25
CMD CLA UF . 19.99 36.76 -32.71
CAD CLA UF . 21.12 36.24 -29.43
OBD CLA UF . 20.46 37.29 -29.11
CBD CLA UF . 21.65 35.37 -28.36
CGD CLA UF . 23.12 35.58 -28.18
O1D CLA UF . 23.90 35.35 -29.06
O2D CLA UF . 23.60 36.09 -26.94
CED CLA UF . 24.71 36.96 -27.02
C1 CLA UF . 21.83 31.47 -21.11
C2 CLA UF . 20.54 31.57 -20.34
C3 CLA UF . 20.53 31.74 -19.02
C4 CLA UF . 21.81 31.85 -18.25
C5 CLA UF . 19.21 31.82 -18.32
C6 CLA UF . 18.82 30.40 -17.97
C7 CLA UF . 17.32 30.26 -17.80
C8 CLA UF . 16.95 28.79 -17.83
C9 CLA UF . 17.25 28.21 -19.20
C10 CLA UF . 15.48 28.62 -17.53
C11 CLA UF . 15.12 29.30 -16.23
C12 CLA UF . 13.89 28.65 -15.64
C13 CLA UF . 13.50 29.41 -14.40
C14 CLA UF . 14.46 29.08 -13.27
C15 CLA UF . 12.09 29.06 -14.03
C16 CLA UF . 11.66 29.82 -12.79
C17 CLA UF . 10.20 30.20 -12.91
C18 CLA UF . 9.46 30.03 -11.61
C19 CLA UF . 10.25 30.59 -10.44
C20 CLA UF . 8.10 30.68 -11.71
MG CLA VF . 12.07 49.51 -40.39
CHA CLA VF . 9.81 51.78 -41.86
CHB CLA VF . 14.58 51.23 -41.93
CHC CLA VF . 14.26 47.50 -38.79
CHD CLA VF . 9.39 47.74 -39.06
NA CLA VF . 12.22 51.28 -41.72
C1A CLA VF . 11.27 51.99 -42.21
C2A CLA VF . 11.77 53.00 -43.20
C3A CLA VF . 13.23 52.70 -43.25
C4A CLA VF . 13.36 51.67 -42.22
CMA CLA VF . 13.74 52.32 -44.62
CAA CLA VF . 11.54 54.42 -42.63
CBA CLA VF . 12.63 55.11 -41.82
CGA CLA VF . 13.49 55.90 -42.78
O1A CLA VF . 13.08 56.31 -43.83
O2A CLA VF . 14.77 56.10 -42.68
NB CLA VF . 14.13 49.40 -40.36
C1B CLA VF . 14.98 50.16 -41.02
C2B CLA VF . 16.40 49.88 -40.79
C3B CLA VF . 16.30 48.77 -39.86
C4B CLA VF . 14.85 48.53 -39.65
CMB CLA VF . 17.54 50.62 -41.43
CAB CLA VF . 17.38 47.99 -39.20
CBB CLA VF . 18.56 48.50 -38.94
NC CLA VF . 11.85 47.90 -39.05
C1C CLA VF . 12.84 47.17 -38.54
C2C CLA VF . 12.41 46.04 -37.71
C3C CLA VF . 10.95 46.16 -37.77
C4C CLA VF . 10.73 47.32 -38.63
CMC CLA VF . 13.23 45.05 -36.97
CAC CLA VF . 9.90 45.30 -37.14
CBC CLA VF . 9.33 44.35 -38.15
ND CLA VF . 10.08 49.63 -40.34
C1D CLA VF . 9.11 48.89 -39.87
C2D CLA VF . 7.74 49.31 -40.24
C3D CLA VF . 8.08 50.48 -41.04
C4D CLA VF . 9.42 50.60 -41.06
CMD CLA VF . 6.38 48.77 -39.95
CAD CLA VF . 7.47 51.56 -41.84
OBD CLA VF . 6.21 51.85 -41.84
CBD CLA VF . 8.53 52.55 -42.13
CGD CLA VF . 8.44 53.10 -43.52
O1D CLA VF . 8.40 52.39 -44.49
O2D CLA VF . 8.44 54.53 -43.75
CED CLA VF . 8.12 54.99 -45.05
C1 CLA VF . 15.68 56.17 -44.00
C2 CLA VF . 16.04 54.95 -44.80
C3 CLA VF . 17.00 54.10 -44.38
C4 CLA VF . 17.71 54.34 -43.09
C5 CLA VF . 17.32 52.89 -45.21
C6 CLA VF . 18.83 52.78 -45.42
C7 CLA VF . 19.26 53.44 -46.71
C8 CLA VF . 20.42 52.69 -47.34
C9 CLA VF . 21.54 52.49 -46.32
C10 CLA VF . 20.89 53.46 -48.57
C11 CLA VF . 22.26 53.00 -49.07
C12 CLA VF . 22.18 51.69 -49.85
C13 CLA VF . 23.48 51.38 -50.58
C14 CLA VF . 23.41 50.01 -51.25
C15 CLA VF . 24.65 51.43 -49.61
MG CLA WF . 18.67 43.10 -64.45
CHA CLA WF . 16.55 45.46 -62.96
CHB CLA WF . 20.65 43.33 -61.65
CHC CLA WF . 20.64 40.75 -65.85
CHD CLA WF . 16.49 42.92 -67.26
NA CLA WF . 18.63 44.23 -62.52
C1A CLA WF . 17.76 45.08 -62.14
C2A CLA WF . 18.04 45.67 -60.78
C3A CLA WF . 19.34 44.99 -60.41
C4A CLA WF . 19.56 44.12 -61.59
CMA CLA WF . 20.51 45.83 -59.89
CAA CLA WF . 17.00 45.12 -59.81
CBA CLA WF . 17.16 45.68 -58.41
CGA CLA WF . 16.54 47.06 -58.33
O1A CLA WF . 17.15 48.10 -58.46
O2A CLA WF . 15.25 47.27 -58.12
NB CLA WF . 20.39 42.17 -63.81
C1B CLA WF . 21.08 42.38 -62.69
C2B CLA WF . 22.33 41.58 -62.56
C3B CLA WF . 22.31 40.83 -63.82
C4B CLA WF . 21.07 41.25 -64.54
CMB CLA WF . 23.34 41.56 -61.45
CAB CLA WF . 23.32 39.83 -64.27
CBB CLA WF . 23.97 39.94 -65.40
NC CLA WF . 18.54 41.96 -66.24
C1C CLA WF . 19.46 41.09 -66.66
C2C CLA WF . 19.24 40.49 -68.01
C3C CLA WF . 17.99 41.12 -68.40
C4C CLA WF . 17.65 42.01 -67.26
CMC CLA WF . 20.09 39.48 -68.74
CAC CLA WF . 17.21 40.93 -69.68
CBC CLA WF . 17.63 41.98 -70.69
ND CLA WF . 16.96 43.90 -65.09
C1D CLA WF . 16.15 43.80 -66.15
C2D CLA WF . 14.94 44.68 -66.10
C3D CLA WF . 15.17 45.30 -64.80
C4D CLA WF . 16.31 44.83 -64.28
CMD CLA WF . 13.73 44.99 -66.93
CAD CLA WF . 14.53 46.29 -63.90
OBD CLA WF . 13.45 46.93 -64.14
CBD CLA WF . 15.42 46.45 -62.70
CGD CLA WF . 15.83 47.89 -62.59
O1D CLA WF . 14.97 48.75 -62.54
O2D CLA WF . 17.21 48.31 -62.53
CED CLA WF . 17.57 49.28 -61.54
MG CLA XF . 22.42 34.45 -66.21
CHA CLA XF . 20.13 34.20 -68.82
CHB CLA XF . 24.29 32.06 -67.83
CHC CLA XF . 24.66 34.69 -63.67
CHD CLA XF . 20.36 36.87 -64.62
NA CLA XF . 22.27 33.27 -68.09
C1A CLA XF . 21.33 33.31 -68.97
C2A CLA XF . 21.55 32.40 -70.15
C3A CLA XF . 22.86 31.71 -69.76
C4A CLA XF . 23.17 32.39 -68.48
CMA CLA XF . 22.93 30.20 -69.80
CAA CLA XF . 21.84 33.31 -71.35
CBA CLA XF . 22.78 32.73 -72.39
CGA CLA XF . 23.64 33.81 -73.00
O1A CLA XF . 23.26 34.70 -73.73
O2A CLA XF . 24.95 33.86 -72.80
NB CLA XF . 24.20 33.50 -65.82
C1B CLA XF . 24.82 32.57 -66.57
C2B CLA XF . 26.11 32.08 -66.02
C3B CLA XF . 26.20 32.87 -64.77
C4B CLA XF . 24.98 33.72 -64.74
CMB CLA XF . 27.01 31.05 -66.64
CAB CLA XF . 27.26 32.88 -63.73
CBB CLA XF . 28.03 31.85 -63.45
NC CLA XF . 22.54 35.68 -64.48
C1C CLA XF . 23.49 35.59 -63.53
C2C CLA XF . 23.29 36.46 -62.34
C3C CLA XF . 22.05 37.14 -62.67
C4C CLA XF . 21.67 36.59 -64.00
CMC CLA XF . 24.13 36.60 -61.10
CAC CLA XF . 21.30 38.16 -61.85
CBC CLA XF . 20.19 37.54 -61.03
ND CLA XF . 20.67 35.38 -66.50
C1D CLA XF . 19.93 36.32 -65.91
C2D CLA XF . 18.68 36.70 -66.64
C3D CLA XF . 18.82 35.81 -67.80
C4D CLA XF . 19.95 35.11 -67.67
CMD CLA XF . 17.50 37.63 -66.49
CAD CLA XF . 18.13 35.45 -69.05
OBD CLA XF . 17.24 36.17 -69.64
CBD CLA XF . 18.89 34.34 -69.70
CGD CLA XF . 18.07 33.09 -69.64
O1D CLA XF . 17.20 32.95 -68.80
O2D CLA XF . 18.28 32.00 -70.59
CED CLA XF . 17.17 31.25 -71.07
C1 CLA XF . 25.74 35.24 -72.86
C2 CLA XF . 26.20 35.88 -74.15
C3 CLA XF . 27.49 36.22 -74.31
C4 CLA XF . 28.50 35.98 -73.22
C5 CLA XF . 27.95 36.86 -75.60
MG CLA YF . 24.39 23.20 -62.91
CHA CLA YF . 26.85 21.15 -61.51
CHB CLA YF . 26.74 25.69 -62.94
CHC CLA YF . 22.12 25.15 -64.46
CHD CLA YF . 22.09 20.54 -62.83
NA CLA YF . 26.52 23.41 -62.33
C1A CLA YF . 27.27 22.54 -61.80
C2A CLA YF . 28.65 23.02 -61.54
C3A CLA YF . 28.51 24.46 -61.90
C4A CLA YF . 27.17 24.53 -62.46
CMA CLA YF . 28.59 25.33 -60.68
CAA CLA YF . 29.50 22.43 -62.67
CBA CLA YF . 30.94 22.17 -62.30
CGA CLA YF . 31.67 23.48 -62.51
O1A CLA YF . 31.89 23.97 -63.59
O2A CLA YF . 32.04 24.27 -61.52
NB CLA YF . 24.46 25.14 -63.61
C1B CLA YF . 25.44 26.03 -63.49
C2B CLA YF . 25.11 27.39 -63.99
C3B CLA YF . 23.73 27.20 -64.43
C4B CLA YF . 23.42 25.78 -64.16
CMB CLA YF . 26.02 28.59 -63.98
CAB CLA YF . 22.75 28.14 -65.03
CBB CLA YF . 23.07 29.25 -65.66
NC CLA YF . 22.39 22.89 -63.52
C1C CLA YF . 21.61 23.84 -64.04
C2C CLA YF . 20.20 23.51 -64.16
C3C CLA YF . 20.18 22.15 -63.65
C4C CLA YF . 21.58 21.87 -63.27
CMC CLA YF . 19.08 24.35 -64.71
CAC CLA YF . 18.98 21.27 -63.48
CBC CLA YF . 18.63 21.23 -62.01
ND CLA YF . 24.32 21.29 -62.33
C1D CLA YF . 23.45 20.29 -62.34
C2D CLA YF . 23.99 19.00 -61.83
C3D CLA YF . 25.35 19.42 -61.51
C4D CLA YF . 25.47 20.71 -61.82
CMD CLA YF . 23.55 17.59 -61.63
CAD CLA YF . 26.62 18.88 -60.98
OBD CLA YF . 26.80 17.72 -60.50
CBD CLA YF . 27.60 20.00 -60.88
CGD CLA YF . 27.96 20.26 -59.44
O1D CLA YF . 28.93 20.92 -59.13
O2D CLA YF . 27.18 19.74 -58.34
CED CLA YF . 27.32 20.37 -57.07
C1 CLA YF . 32.89 23.75 -60.27
C2 CLA YF . 34.38 23.77 -60.38
C3 CLA YF . 35.13 22.69 -60.09
C4 CLA YF . 34.50 21.42 -59.62
C5 CLA YF . 36.64 22.77 -60.24
C6 CLA YF . 37.01 24.03 -61.01
C7 CLA YF . 38.34 23.91 -61.72
C8 CLA YF . 38.75 25.25 -62.31
C9 CLA YF . 37.68 25.76 -63.26
C10 CLA YF . 40.06 25.13 -63.07
C11 CLA YF . 41.18 24.51 -62.26
C12 CLA YF . 42.39 24.31 -63.18
C13 CLA YF . 43.14 23.03 -62.81
C14 CLA YF . 44.45 23.35 -62.12
C15 CLA YF . 43.35 22.14 -64.02
C16 CLA YF . 43.72 22.89 -65.30
C17 CLA YF . 43.17 22.18 -66.51
C18 CLA YF . 44.25 21.51 -67.35
C19 CLA YF . 44.58 20.11 -66.85
C20 CLA YF . 43.84 21.45 -68.82
MG CLA ZF . 29.86 29.61 -58.39
CHA CLA ZF . 27.04 31.34 -59.53
CHB CLA ZF . 27.80 27.01 -57.64
CHC CLA ZF . 32.63 27.90 -57.48
CHD CLA ZF . 31.86 32.39 -59.23
NA CLA ZF . 27.69 29.18 -58.56
C1A CLA ZF . 26.78 29.96 -58.99
C2A CLA ZF . 25.41 29.36 -58.92
C3A CLA ZF . 25.69 28.05 -58.25
C4A CLA ZF . 27.16 28.06 -58.16
CMA CLA ZF . 25.02 27.91 -56.90
CAA CLA ZF . 25.01 29.02 -60.34
CBA CLA ZF . 23.73 28.23 -60.41
CGA CLA ZF . 22.54 29.12 -60.20
O1A CLA ZF . 22.32 30.13 -60.83
O2A CLA ZF . 21.57 28.90 -59.35
NB CLA ZF . 30.15 27.71 -57.68
C1B CLA ZF . 29.23 26.79 -57.41
C2B CLA ZF . 29.78 25.53 -56.84
C3B CLA ZF . 31.22 25.84 -56.81
C4B CLA ZF . 31.35 27.20 -57.34
CMB CLA ZF . 29.03 24.31 -56.45
CAB CLA ZF . 32.38 25.04 -56.36
CBB CLA ZF . 32.46 23.75 -56.52
NC CLA ZF . 31.93 30.04 -58.43
C1C CLA ZF . 32.88 29.28 -57.92
C2C CLA ZF . 34.22 29.88 -57.81
C3C CLA ZF . 33.95 31.20 -58.36
C4C CLA ZF . 32.53 31.20 -58.70
CMC CLA ZF . 35.50 29.30 -57.29
CAC CLA ZF . 34.84 32.37 -58.54
CBC CLA ZF . 34.79 33.15 -57.26
ND CLA ZF . 29.66 31.43 -59.20
C1D CLA ZF . 30.43 32.48 -59.47
C2D CLA ZF . 29.72 33.69 -59.97
C3D CLA ZF . 28.36 33.15 -59.98
C4D CLA ZF . 28.40 31.89 -59.53
CMD CLA ZF . 30.04 35.08 -60.41
CAD CLA ZF . 26.99 33.56 -60.31
OBD CLA ZF . 26.70 34.58 -61.01
CBD CLA ZF . 26.11 32.38 -60.11
CGD CLA ZF . 25.02 32.78 -59.16
O1D CLA ZF . 23.91 33.00 -59.57
O2D CLA ZF . 25.26 32.89 -57.74
CED CLA ZF . 24.16 32.76 -56.85
C1 CLA ZF . 21.17 29.97 -58.23
C2 CLA ZF . 21.72 29.92 -56.84
C3 CLA ZF . 20.91 30.05 -55.78
C4 CLA ZF . 19.44 30.24 -55.98
C5 CLA ZF . 21.44 29.99 -54.38
C6 CLA ZF . 22.46 31.09 -54.11
C7 CLA ZF . 23.80 30.50 -53.67
C8 CLA ZF . 24.34 31.16 -52.42
C9 CLA ZF . 24.80 32.59 -52.72
C10 CLA ZF . 25.48 30.39 -51.76
C11 CLA ZF . 25.92 29.13 -52.50
C12 CLA ZF . 27.43 28.90 -52.41
C13 CLA ZF . 28.02 28.84 -53.81
C14 CLA ZF . 29.39 28.18 -53.78
C15 CLA ZF . 28.01 30.25 -54.37
C16 CLA ZF . 29.23 30.67 -55.18
C17 CLA ZF . 29.65 32.09 -54.82
C18 CLA ZF . 29.27 33.10 -55.89
C19 CLA ZF . 27.85 33.62 -55.73
C20 CLA ZF . 30.24 34.26 -55.90
MG CLA AG . 41.41 43.08 -61.15
CHA CLA AG . 42.65 46.22 -60.27
CHB CLA AG . 39.42 43.27 -58.35
CHC CLA AG . 40.11 40.12 -62.07
CHD CLA AG . 43.53 43.04 -64.00
NA CLA AG . 41.04 44.55 -59.51
C1A CLA AG . 41.61 45.68 -59.33
C2A CLA AG . 41.14 46.41 -58.11
C3A CLA AG . 40.17 45.42 -57.51
C4A CLA AG . 40.19 44.34 -58.51
CMA CLA AG . 40.41 45.05 -56.06
CAA CLA AG . 40.29 47.64 -58.45
CBA CLA AG . 39.52 47.51 -59.76
CGA CLA AG . 38.69 48.74 -60.00
O1A CLA AG . 38.75 49.76 -59.35
O2A CLA AG . 37.78 48.85 -60.96
NB CLA AG . 39.96 41.88 -60.32
C1B CLA AG . 39.28 42.07 -59.19
C2B CLA AG . 38.34 40.97 -58.85
C3B CLA AG . 38.58 40.05 -59.97
C4B CLA AG . 39.60 40.71 -60.82
CMB CLA AG . 37.43 40.87 -57.66
CAB CLA AG . 38.00 38.73 -60.31
CBB CLA AG . 37.54 37.89 -59.43
NC CLA AG . 41.75 41.79 -62.81
C1C CLA AG . 41.14 40.63 -63.00
C2C CLA AG . 41.54 39.88 -64.22
C3C CLA AG . 42.55 40.77 -64.79
C4C CLA AG . 42.60 41.91 -63.84
CMC CLA AG . 41.03 38.56 -64.74
CAC CLA AG . 43.36 40.61 -66.04
CBC CLA AG . 44.41 39.54 -65.88
ND CLA AG . 42.78 44.24 -62.04
C1D CLA AG . 43.57 44.21 -63.11
C2D CLA AG . 44.44 45.41 -63.28
C3D CLA AG . 44.01 46.17 -62.11
C4D CLA AG . 43.09 45.46 -61.45
CMD CLA AG . 45.47 45.95 -64.24
CAD CLA AG . 44.29 47.45 -61.43
OBD CLA AG . 45.29 48.20 -61.65
CBD CLA AG . 43.41 47.52 -60.22
CGD CLA AG . 44.26 47.62 -58.99
O1D CLA AG . 44.53 46.64 -58.33
O2D CLA AG . 44.76 48.91 -58.55
CED CLA AG . 46.04 48.99 -57.92
MG CLA BG . 39.20 42.48 -50.71
CHA CLA BG . 40.88 39.46 -51.27
CHB CLA BG . 38.56 42.56 -54.09
CHC CLA BG . 37.42 45.26 -50.14
CHD CLA BG . 39.97 42.26 -47.27
NA CLA BG . 39.63 41.19 -52.48
C1A CLA BG . 40.30 40.10 -52.51
C2A CLA BG . 40.38 39.48 -53.86
C3A CLA BG . 39.73 40.53 -54.72
C4A CLA BG . 39.26 41.49 -53.70
CMA CLA BG . 40.62 41.04 -55.83
CAA CLA BG . 39.40 38.29 -53.82
CBA CLA BG . 38.39 38.15 -54.96
CGA CLA BG . 36.97 38.07 -54.47
O1A CLA BG . 36.50 38.74 -53.59
O2A CLA BG . 36.07 37.28 -55.00
NB CLA BG . 38.14 43.72 -51.96
C1B CLA BG . 38.01 43.66 -53.29
C2B CLA BG . 37.22 44.78 -53.87
C3B CLA BG . 36.90 45.56 -52.67
C4B CLA BG . 37.52 44.83 -51.54
CMB CLA BG . 36.88 44.99 -55.33
CAB CLA BG . 36.14 46.81 -52.47
CBB CLA BG . 35.88 47.68 -53.42
NC CLA BG . 38.75 43.58 -48.96
C1C CLA BG . 38.06 44.72 -48.94
C2C CLA BG . 37.96 45.39 -47.62
C3C CLA BG . 38.72 44.47 -46.78
C4C CLA BG . 39.18 43.41 -47.70
CMC CLA BG . 37.24 46.65 -47.25
CAC CLA BG . 39.03 44.58 -45.31
CBC CLA BG . 40.38 45.22 -45.12
ND CLA BG . 40.16 41.26 -49.45
C1D CLA BG . 40.43 41.20 -48.15
C2D CLA BG . 41.23 40.01 -47.73
C3D CLA BG . 41.37 39.37 -49.03
C4D CLA BG . 40.76 40.11 -49.95
CMD CLA BG . 41.81 39.44 -46.47
CAD CLA BG . 41.99 38.17 -49.63
OBD CLA BG . 42.49 37.19 -48.99
CBD CLA BG . 41.60 38.13 -51.08
CGD CLA BG . 42.84 37.91 -51.92
O1D CLA BG . 43.32 36.80 -51.98
O2D CLA BG . 43.48 38.96 -52.68
CED CLA BG . 44.03 38.65 -53.95
C1 CLA BG . 34.67 37.91 -55.40
C2 CLA BG . 33.79 37.22 -56.41
C3 CLA BG . 33.20 37.90 -57.40
C4 CLA BG . 33.39 39.38 -57.56
C5 CLA BG . 32.33 37.16 -58.37
C6 CLA BG . 32.72 37.59 -59.77
C7 CLA BG . 33.99 36.90 -60.23
C8 CLA BG . 34.41 37.42 -61.59
C9 CLA BG . 34.47 38.94 -61.61
C10 CLA BG . 33.42 36.91 -62.62
C11 CLA BG . 33.87 37.26 -64.03
C12 CLA BG . 32.75 37.95 -64.80
C13 CLA BG . 32.92 37.70 -66.30
C14 CLA BG . 34.19 38.39 -66.81
C15 CLA BG . 31.70 38.23 -67.04
MG CLA CG . 36.53 52.26 -51.36
CHA CLA CG . 38.51 50.35 -53.53
CHB CLA CG . 35.71 54.20 -54.06
CHC CLA CG . 34.57 54.04 -49.27
CHD CLA CG . 37.46 50.16 -48.68
NA CLA CG . 37.01 52.29 -53.55
C1A CLA CG . 37.77 51.49 -54.20
C2A CLA CG . 37.92 51.83 -55.65
C3A CLA CG . 37.03 53.06 -55.76
C4A CLA CG . 36.54 53.20 -54.37
CMA CLA CG . 37.66 54.24 -56.45
CAA CLA CG . 37.35 50.79 -56.62
CBA CLA CG . 36.12 50.06 -56.11
CGA CLA CG . 36.08 48.72 -56.80
O1A CLA CG . 37.03 47.97 -56.88
O2A CLA CG . 35.03 48.21 -57.41
NB CLA CG . 35.31 53.89 -51.65
C1B CLA CG . 35.10 54.57 -52.77
C2B CLA CG . 34.19 55.73 -52.62
C3B CLA CG . 33.87 55.65 -51.19
C4B CLA CG . 34.61 54.48 -50.68
CMB CLA CG . 33.73 56.71 -53.66
CAB CLA CG . 33.01 56.51 -50.34
CBB CLA CG . 33.10 57.81 -50.39
NC CLA CG . 36.04 52.08 -49.30
C1C CLA CG . 35.24 52.89 -48.62
C2C CLA CG . 35.04 52.57 -47.20
C3C CLA CG . 35.88 51.38 -47.06
C4C CLA CG . 36.45 51.19 -48.40
CMC CLA CG . 34.18 53.25 -46.17
CAC CLA CG . 36.12 50.53 -45.85
CBC CLA CG . 35.14 49.39 -45.83
ND CLA CG . 37.63 50.62 -51.04
C1D CLA CG . 38.02 49.90 -50.00
C2D CLA CG . 39.05 48.87 -50.30
C3D CLA CG . 39.19 49.09 -51.74
C4D CLA CG . 38.36 50.09 -52.09
CMD CLA CG . 39.83 47.82 -49.57
CAD CLA CG . 39.94 48.59 -52.90
OBD CLA CG . 40.63 47.51 -52.93
CBD CLA CG . 39.48 49.35 -54.10
CGD CLA CG . 40.66 50.07 -54.70
O1D CLA CG . 41.15 51.02 -54.15
O2D CLA CG . 41.19 49.65 -55.98
CED CLA CG . 42.57 49.36 -56.09
MG CLA DG . 34.13 19.08 -76.99
CHA CLA DG . 33.18 17.57 -79.96
CHB CLA DG . 32.39 16.60 -75.38
CHC CLA DG . 35.21 20.44 -74.11
CHD CLA DG . 35.77 21.65 -78.80
NA CLA DG . 32.95 17.28 -77.56
C1A CLA DG . 32.69 16.86 -78.74
C2A CLA DG . 31.79 15.66 -78.79
C3A CLA DG . 31.53 15.42 -77.34
C4A CLA DG . 32.34 16.49 -76.70
CMA CLA DG . 30.04 15.37 -77.07
CAA CLA DG . 32.48 14.39 -79.30
CBA CLA DG . 33.93 14.29 -78.85
CGA CLA DG . 34.35 12.85 -78.94
O1A CLA DG . 35.50 12.45 -78.93
O2A CLA DG . 33.50 11.85 -79.03
NB CLA DG . 33.85 18.56 -75.03
C1B CLA DG . 33.12 17.56 -74.54
C2B CLA DG . 33.09 17.50 -73.05
C3B CLA DG . 33.92 18.67 -72.71
C4B CLA DG . 34.35 19.25 -73.99
CMB CLA DG . 32.35 16.50 -72.21
CAB CLA DG . 34.34 19.22 -71.41
CBB CLA DG . 33.60 19.16 -70.33
NC CLA DG . 35.35 20.76 -76.53
C1C CLA DG . 35.67 21.15 -75.30
C2C CLA DG . 36.53 22.36 -75.21
C3C CLA DG . 36.70 22.70 -76.62
C4C CLA DG . 35.94 21.66 -77.33
CMC CLA DG . 37.08 23.03 -73.99
CAC CLA DG . 37.50 23.83 -77.22
CBC CLA DG . 36.67 25.08 -77.45
ND CLA DG . 34.48 19.61 -78.89
C1D CLA DG . 35.10 20.59 -79.55
C2D CLA DG . 34.99 20.50 -81.04
C3D CLA DG . 34.22 19.26 -81.13
C4D CLA DG . 33.97 18.81 -79.90
CMD CLA DG . 35.46 21.28 -82.24
CAD CLA DG . 33.61 18.35 -82.13
OBD CLA DG . 33.49 18.61 -83.38
CBD CLA DG . 32.85 17.30 -81.40
CGD CLA DG . 31.39 17.64 -81.50
O1D CLA DG . 31.05 18.79 -81.39
O2D CLA DG . 30.38 16.61 -81.60
CED CLA DG . 30.53 15.55 -82.54
MG CLA EG . 23.87 32.18 -76.09
CHA CLA EG . 20.62 31.13 -75.35
CHB CLA EG . 22.48 34.48 -78.27
CHC CLA EG . 27.01 33.32 -76.70
CHD CLA EG . 25.20 29.66 -74.01
NA CLA EG . 21.81 32.78 -76.75
C1A CLA EG . 20.70 32.26 -76.37
C2A CLA EG . 19.50 32.88 -77.05
C3A CLA EG . 20.13 33.90 -77.98
C4A CLA EG . 21.58 33.71 -77.66
CMA CLA EG . 19.69 33.95 -79.43
CAA CLA EG . 18.59 33.62 -76.05
CBA CLA EG . 19.23 34.88 -75.48
CGA CLA EG . 18.89 35.09 -74.03
O1A CLA EG . 18.66 34.20 -73.22
O2A CLA EG . 18.81 36.28 -73.46
NB CLA EG . 24.61 33.68 -77.30
C1B CLA EG . 23.94 34.48 -78.13
C2B CLA EG . 24.81 35.41 -78.90
C3B CLA EG . 26.14 35.04 -78.42
C4B CLA EG . 25.91 33.96 -77.43
CMB CLA EG . 24.40 36.46 -79.90
CAB CLA EG . 27.45 35.60 -78.79
CBB CLA EG . 27.87 35.59 -80.04
NC CLA EG . 25.79 31.65 -75.38
C1C CLA EG . 26.94 32.22 -75.73
C2C CLA EG . 28.16 31.71 -75.09
C3C CLA EG . 27.59 30.66 -74.23
C4C CLA EG . 26.14 30.70 -74.49
CMC CLA EG . 29.58 32.18 -75.27
CAC CLA EG . 28.33 29.76 -73.28
CBC CLA EG . 28.11 30.27 -71.88
ND CLA EG . 23.22 30.70 -74.93
C1D CLA EG . 23.75 29.75 -74.13
C2D CLA EG . 22.74 28.88 -73.45
C3D CLA EG . 21.52 29.49 -73.99
C4D CLA EG . 21.85 30.49 -74.81
CMD CLA EG . 22.70 27.71 -72.50
CAD CLA EG . 20.06 29.33 -73.90
OBD CLA EG . 19.48 28.66 -72.97
CBD CLA EG . 19.44 30.49 -74.62
CGD CLA EG . 18.30 30.07 -75.50
O1D CLA EG . 18.47 29.35 -76.46
O2D CLA EG . 16.95 30.53 -75.26
CED CLA EG . 15.86 29.66 -75.58
C1 CLA EG . 19.86 36.69 -72.33
C2 CLA EG . 20.59 38.01 -72.36
C3 CLA EG . 21.73 38.20 -71.69
C4 CLA EG . 22.40 39.55 -71.77
C5 CLA EG . 22.34 37.08 -70.88
C6 CLA EG . 23.43 37.60 -69.94
C7 CLA EG . 24.00 36.49 -69.06
C8 CLA EG . 25.49 36.32 -69.29
C9 CLA EG . 25.90 34.86 -69.23
C10 CLA EG . 26.28 37.13 -68.28
C11 CLA EG . 26.10 36.60 -66.86
C12 CLA EG . 27.44 36.29 -66.20
C13 CLA EG . 27.74 37.26 -65.07
C14 CLA EG . 28.30 38.57 -65.61
C15 CLA EG . 28.69 36.61 -64.08
C16 CLA EG . 29.09 37.58 -62.99
C17 CLA EG . 27.93 37.85 -62.03
C18 CLA EG . 28.12 39.19 -61.33
C19 CLA EG . 26.81 39.65 -60.68
C20 CLA EG . 29.25 39.12 -60.31
MG CLA FG . 37.11 8.62 -74.42
CHA CLA FG . 33.85 8.96 -75.66
CHB CLA FG . 36.66 5.22 -74.65
CHC CLA FG . 40.28 8.28 -73.31
CHD CLA FG . 37.40 12.14 -74.21
NA CLA FG . 35.49 7.24 -75.08
C1A CLA FG . 34.33 7.54 -75.51
C2A CLA FG . 33.47 6.36 -75.84
C3A CLA FG . 34.36 5.22 -75.47
C4A CLA FG . 35.59 5.93 -75.04
CMA CLA FG . 33.78 4.25 -74.48
CAA CLA FG . 33.18 6.23 -77.35
CBA CLA FG . 34.41 6.35 -78.25
CGA CLA FG . 34.52 7.73 -78.83
O1A CLA FG . 33.64 8.30 -79.46
O2A CLA FG . 35.60 8.50 -78.74
NB CLA FG . 38.29 6.98 -74.05
C1B CLA FG . 37.97 5.70 -74.17
C2B CLA FG . 39.05 4.75 -73.79
C3B CLA FG . 40.11 5.68 -73.39
C4B CLA FG . 39.55 7.04 -73.58
CMB CLA FG . 38.97 3.24 -73.84
CAB CLA FG . 41.49 5.46 -72.89
CBB CLA FG . 42.12 4.31 -72.92
NC CLA FG . 38.64 10.01 -73.92
C1C CLA FG . 39.84 9.68 -73.44
C2C CLA FG . 40.71 10.82 -73.07
C3C CLA FG . 39.86 11.96 -73.38
C4C CLA FG . 38.61 11.35 -73.89
CMC CLA FG . 42.11 10.77 -72.51
CAC CLA FG . 40.16 13.43 -73.22
CBC CLA FG . 40.47 14.06 -74.56
ND CLA FG . 36.02 10.25 -74.81
C1D CLA FG . 36.16 11.57 -74.71
C2D CLA FG . 34.95 12.36 -75.10
C3D CLA FG . 34.06 11.25 -75.47
C4D CLA FG . 34.73 10.10 -75.29
CMD CLA FG . 34.52 13.78 -75.18
CAD CLA FG . 32.70 10.99 -75.98
OBD CLA FG . 31.87 11.87 -76.40
CBD CLA FG . 32.51 9.52 -76.09
CGD CLA FG . 31.38 9.04 -75.22
O1D CLA FG . 31.58 8.42 -74.19
O2D CLA FG . 30.00 9.28 -75.57
CED CLA FG . 29.00 8.80 -74.69
MG CLA GG . 33.11 15.42 -69.05
CHA CLA GG . 31.54 18.04 -67.38
CHB CLA GG . 36.09 16.65 -67.86
CHC CLA GG . 34.62 12.81 -70.56
CHD CLA GG . 29.96 14.20 -70.12
NA CLA GG . 33.77 17.12 -67.77
C1A CLA GG . 33.04 18.03 -67.24
C2A CLA GG . 33.82 19.07 -66.49
C3A CLA GG . 35.24 18.60 -66.68
C4A CLA GG . 35.03 17.38 -67.49
CMA CLA GG . 36.27 19.61 -67.13
CAA CLA GG . 33.59 18.97 -64.99
CBA CLA GG . 33.88 20.25 -64.24
CGA CLA GG . 34.69 19.85 -63.03
O1A CLA GG . 34.30 19.08 -62.17
O2A CLA GG . 35.89 20.30 -62.76
NB CLA GG . 35.08 14.82 -69.16
C1B CLA GG . 36.15 15.43 -68.66
C2B CLA GG . 37.44 14.75 -68.97
C3B CLA GG . 36.97 13.62 -69.78
C4B CLA GG . 35.50 13.74 -69.85
CMB CLA GG . 38.82 15.16 -68.55
CAB CLA GG . 37.75 12.53 -70.41
CBB CLA GG . 38.65 11.85 -69.72
NC CLA GG . 32.38 13.75 -70.15
C1C CLA GG . 33.14 12.81 -70.71
C2C CLA GG . 32.42 11.79 -71.49
C3C CLA GG . 31.04 12.20 -71.34
C4C CLA GG . 31.13 13.42 -70.51
CMC CLA GG . 32.96 10.61 -72.24
CAC CLA GG . 29.83 11.53 -71.93
CBC CLA GG . 29.22 10.52 -71.01
ND CLA GG . 31.17 15.86 -68.86
C1D CLA GG . 30.01 15.42 -69.31
C2D CLA GG . 28.82 16.25 -68.97
C3D CLA GG . 29.51 17.28 -68.20
C4D CLA GG . 30.83 17.01 -68.17
CMD CLA GG . 27.34 16.26 -69.20
CAD CLA GG . 29.22 18.51 -67.45
OBD CLA GG . 28.19 19.24 -67.64
CBD CLA GG . 30.50 18.98 -66.84
CGD CLA GG . 30.75 20.39 -67.27
O1D CLA GG . 31.20 21.20 -66.49
O2D CLA GG . 30.47 20.81 -68.61
CED CLA GG . 31.39 21.73 -69.18
C1 CLA GG . 36.62 21.25 -63.82
C2 CLA GG . 38.04 21.02 -64.25
C3 CLA GG . 38.54 21.72 -65.27
C4 CLA GG . 39.73 20.90 -64.88
C5 CLA GG . 39.51 22.19 -66.33
C6 CLA GG . 38.90 22.11 -67.73
C7 CLA GG . 39.46 20.91 -68.49
C8 CLA GG . 39.11 20.87 -69.97
C9 CLA GG . 37.62 21.03 -70.20
C10 CLA GG . 39.55 19.55 -70.58
C11 CLA GG . 40.95 19.15 -70.17
C12 CLA GG . 41.68 18.50 -71.34
C13 CLA GG . 42.56 17.35 -70.85
C14 CLA GG . 44.01 17.55 -71.27
C15 CLA GG . 42.00 16.04 -71.38
MG CLA HG . 53.07 21.69 -64.39
CHA CLA HG . 54.64 24.79 -64.26
CHB CLA HG . 50.31 23.19 -62.99
CHC CLA HG . 51.51 18.72 -64.59
CHD CLA HG . 56.03 20.22 -65.69
NA CLA HG . 52.50 23.74 -63.71
C1A CLA HG . 53.22 24.79 -63.74
C2A CLA HG . 52.53 25.99 -63.14
C3A CLA HG . 51.19 25.42 -62.72
C4A CLA HG . 51.33 24.01 -63.19
CMA CLA HG . 50.76 25.60 -61.29
CAA CLA HG . 52.32 27.14 -64.12
CBA CLA HG . 51.14 27.02 -65.07
CGA CLA HG . 51.37 28.05 -66.14
O1A CLA HG . 52.46 28.49 -66.42
O2A CLA HG . 50.45 28.61 -66.90
NB CLA HG . 51.18 21.06 -63.87
C1B CLA HG . 50.19 21.76 -63.32
C2B CLA HG . 48.94 21.00 -63.04
C3B CLA HG . 49.34 19.66 -63.52
C4B CLA HG . 50.73 19.80 -64.01
CMB CLA HG . 47.67 21.52 -62.42
CAB CLA HG . 48.61 18.37 -63.56
CBB CLA HG . 47.46 18.13 -63.00
NC CLA HG . 53.66 19.79 -65.14
C1C CLA HG . 52.91 18.70 -65.08
C2C CLA HG . 53.54 17.44 -65.52
C3C CLA HG . 54.87 17.91 -65.90
C4C CLA HG . 54.84 19.36 -65.62
CMC CLA HG . 52.94 16.08 -65.55
CAC CLA HG . 56.04 17.12 -66.44
CBC CLA HG . 56.85 16.56 -65.30
ND CLA HG . 54.93 22.22 -64.89
C1D CLA HG . 56.02 21.65 -65.39
C2D CLA HG . 57.16 22.58 -65.60
C3D CLA HG . 56.54 23.82 -65.13
C4D CLA HG . 55.29 23.56 -64.74
CMD CLA HG . 58.58 22.54 -66.12
CAD CLA HG . 56.86 25.25 -64.95
OBD CLA HG . 57.92 25.84 -65.35
CBD CLA HG . 55.64 25.92 -64.40
CGD CLA HG . 55.95 26.55 -63.07
O1D CLA HG . 55.90 27.75 -62.93
O2D CLA HG . 56.29 25.73 -61.92
CED CLA HG . 55.54 25.88 -60.72
C1 CLA HG . 50.63 28.64 -68.49
C2 CLA HG . 50.53 27.37 -69.32
C3 CLA HG . 51.41 27.06 -70.28
C4 CLA HG . 52.57 27.97 -70.58
C5 CLA HG . 51.24 25.77 -71.07
C6 CLA HG . 50.44 24.76 -70.27
C7 CLA HG . 49.14 24.40 -70.98
C8 CLA HG . 48.40 23.29 -70.23
C9 CLA HG . 48.20 22.06 -71.11
C10 CLA HG . 47.07 23.82 -69.71
MG CLA IG . 58.16 10.97 -64.42
CHA CLA IG . 61.48 11.01 -65.45
CHB CLA IG . 57.47 12.99 -67.09
CHC CLA IG . 54.95 10.90 -63.40
CHD CLA IG . 59.07 8.90 -61.64
NA CLA IG . 59.32 11.90 -66.08
C1A CLA IG . 60.56 11.80 -66.32
C2A CLA IG . 61.03 12.57 -67.52
C3A CLA IG . 59.74 13.20 -67.99
C4A CLA IG . 58.77 12.66 -67.00
CMA CLA IG . 59.74 14.69 -68.31
CAA CLA IG . 61.46 11.63 -68.64
CBA CLA IG . 61.91 10.26 -68.16
CGA CLA IG . 60.94 9.21 -68.62
O1A CLA IG . 59.90 9.45 -69.21
O2A CLA IG . 61.10 7.92 -68.43
NB CLA IG . 56.45 11.84 -65.15
C1B CLA IG . 56.34 12.61 -66.24
C2B CLA IG . 54.96 13.06 -66.52
C3B CLA IG . 54.24 12.43 -65.41
C4B CLA IG . 55.23 11.69 -64.61
CMB CLA IG . 54.45 13.93 -67.63
CAB CLA IG . 52.78 12.53 -65.14
CBB CLA IG . 52.05 11.44 -65.08
NC CLA IG . 57.18 10.09 -62.73
C1C CLA IG . 55.87 10.11 -62.54
C2C CLA IG . 55.36 9.31 -61.42
C3C CLA IG . 56.60 8.73 -60.89
C4C CLA IG . 57.65 9.28 -61.77
CMC CLA IG . 53.95 9.12 -60.95
CAC CLA IG . 56.77 7.81 -59.71
CBC CLA IG . 57.12 6.41 -60.17
ND CLA IG . 59.78 10.12 -63.61
C1D CLA IG . 60.10 9.32 -62.58
C2D CLA IG . 61.54 8.93 -62.50
C3D CLA IG . 62.03 9.64 -63.69
C4D CLA IG . 61.01 10.28 -64.25
CMD CLA IG . 62.44 8.11 -61.62
CAD CLA IG . 63.28 9.89 -64.44
OBD CLA IG . 64.30 9.11 -64.42
CBD CLA IG . 62.98 10.83 -65.55
CGD CLA IG . 63.64 12.15 -65.30
O1D CLA IG . 64.06 12.45 -64.20
O2D CLA IG . 63.78 13.12 -66.37
CED CLA IG . 63.98 14.49 -66.04
MG CLA JG . 58.18 25.45 -69.66
CHA CLA JG . 59.42 28.69 -69.91
CHB CLA JG . 55.35 26.80 -68.28
CHC CLA JG . 56.97 22.30 -69.46
CHD CLA JG . 61.13 24.18 -71.21
NA CLA JG . 57.44 27.48 -69.15
C1A CLA JG . 58.04 28.61 -69.32
C2A CLA JG . 57.26 29.80 -68.83
C3A CLA JG . 56.00 29.15 -68.30
C4A CLA JG . 56.26 27.72 -68.60
CMA CLA JG . 55.53 29.52 -66.90
CAA CLA JG . 56.85 30.81 -69.91
CBA CLA JG . 56.16 30.17 -71.10
CGA CLA JG . 55.90 31.26 -72.10
O1A CLA JG . 56.23 32.42 -71.95
O2A CLA JG . 55.30 31.08 -73.27
NB CLA JG . 56.40 24.68 -68.98
C1B CLA JG . 55.38 25.34 -68.45
C2B CLA JG . 54.26 24.48 -68.02
C3B CLA JG . 54.74 23.16 -68.38
C4B CLA JG . 56.09 23.37 -68.96
CMB CLA JG . 52.97 24.89 -67.40
CAB CLA JG . 54.04 21.87 -68.17
CBB CLA JG . 53.77 21.02 -69.14
NC CLA JG . 58.92 23.54 -70.29
C1C CLA JG . 58.30 22.38 -70.08
C2C CLA JG . 59.01 21.17 -70.48
C3C CLA JG . 60.24 21.74 -71.01
C4C CLA JG . 60.09 23.20 -70.85
CMC CLA JG . 58.53 19.74 -70.37
CAC CLA JG . 61.42 21.02 -71.62
CBC CLA JG . 62.13 20.26 -70.52
ND CLA JG . 59.90 26.13 -70.44
C1D CLA JG . 61.01 25.63 -70.98
C2D CLA JG . 62.06 26.64 -71.29
C3D CLA JG . 61.35 27.85 -70.85
C4D CLA JG . 60.15 27.50 -70.37
CMD CLA JG . 63.44 26.71 -71.89
CAD CLA JG . 61.53 29.31 -70.75
OBD CLA JG . 62.47 29.98 -71.30
CBD CLA JG . 60.32 29.89 -70.11
CGD CLA JG . 60.69 30.51 -68.80
O1D CLA JG . 61.02 31.68 -68.73
O2D CLA JG . 60.68 29.73 -67.57
CED CLA JG . 60.03 30.21 -66.41
MG CLA KG . 53.23 2.53 -52.73
CHA CLA KG . 55.34 2.14 -49.98
CHB CLA KG . 56.03 3.30 -54.57
CHC CLA KG . 51.18 2.98 -55.39
CHD CLA KG . 50.45 1.78 -50.72
NA CLA KG . 55.43 2.68 -52.37
C1A CLA KG . 56.06 2.49 -51.26
C2A CLA KG . 57.55 2.67 -51.36
C3A CLA KG . 57.70 3.06 -52.81
C4A CLA KG . 56.30 3.01 -53.30
CMA CLA KG . 58.53 4.28 -53.15
CAA CLA KG . 58.43 1.41 -51.26
CBA CLA KG . 57.94 0.04 -50.76
CGA CLA KG . 56.92 -0.59 -51.65
O1A CLA KG . 56.93 -0.50 -52.86
O2A CLA KG . 55.88 -1.32 -51.28
NB CLA KG . 53.58 3.06 -54.69
C1B CLA KG . 54.74 3.32 -55.28
C2B CLA KG . 54.65 3.63 -56.72
C3B CLA KG . 53.20 3.53 -56.93
C4B CLA KG . 52.62 3.18 -55.62
CMB CLA KG . 55.80 3.96 -57.64
CAB CLA KG . 52.34 3.70 -58.13
CBB CLA KG . 52.78 3.95 -59.34
NC CLA KG . 51.14 2.30 -53.04
C1C CLA KG . 50.49 2.52 -54.17
C2C CLA KG . 49.04 2.26 -54.14
C3C CLA KG . 48.84 1.83 -52.76
C4C CLA KG . 50.20 1.91 -52.16
CMC CLA KG . 48.02 2.38 -55.22
CAC CLA KG . 47.56 1.41 -52.09
CBC CLA KG . 46.93 2.53 -51.30
ND CLA KG . 52.83 2.12 -50.83
C1D CLA KG . 51.78 1.74 -50.12
C2D CLA KG . 52.07 1.33 -48.73
C3D CLA KG . 53.53 1.51 -48.73
C4D CLA KG . 53.88 1.96 -49.94
CMD CLA KG . 51.30 0.83 -47.55
CAD CLA KG . 54.71 1.35 -47.86
OBD CLA KG . 54.89 0.27 -47.19
CBD CLA KG . 55.89 1.89 -48.59
CGD CLA KG . 56.50 3.06 -47.86
O1D CLA KG . 56.67 2.98 -46.67
O2D CLA KG . 56.94 4.26 -48.55
CED CLA KG . 58.25 4.75 -48.28
C1 CLA KG . 54.50 -1.10 -52.05
C2 CLA KG . 53.20 -1.52 -51.42
C3 CLA KG . 52.06 -1.58 -52.11
C4 CLA KG . 50.84 -2.04 -51.37
C5 CLA KG . 51.97 -1.20 -53.57
C6 CLA KG . 50.54 -1.23 -54.07
C7 CLA KG . 50.27 -2.44 -54.98
C8 CLA KG . 49.33 -2.11 -56.13
C9 CLA KG . 49.70 -0.80 -56.80
C10 CLA KG . 47.89 -2.10 -55.63
C11 CLA KG . 46.91 -2.37 -56.75
C12 CLA KG . 45.78 -1.34 -56.78
C13 CLA KG . 44.72 -1.69 -55.73
C14 CLA KG . 43.55 -2.44 -56.36
C15 CLA KG . 44.23 -0.42 -55.04
C16 CLA KG . 44.60 -0.45 -53.56
C17 CLA KG . 43.90 0.65 -52.77
C18 CLA KG . 43.64 0.21 -51.34
C19 CLA KG . 42.99 1.32 -50.52
C20 CLA KG . 42.78 -1.04 -51.30
MG CLA LG . 46.23 9.97 -48.28
CHA CLA LG . 45.54 12.96 -46.66
CHB CLA LG . 49.58 10.67 -47.78
CHC CLA LG . 46.92 7.03 -49.79
CHD CLA LG . 42.77 9.37 -48.70
NA CLA LG . 47.44 11.59 -47.34
C1A CLA LG . 47.01 12.66 -46.80
C2A CLA LG . 48.09 13.56 -46.29
C3A CLA LG . 49.34 12.84 -46.74
C4A CLA LG . 48.76 11.61 -47.30
CMA CLA LG . 50.22 13.68 -47.65
CAA CLA LG . 48.07 13.52 -44.77
CBA CLA LG . 49.40 13.48 -44.04
CGA CLA LG . 49.34 12.29 -43.17
O1A CLA LG . 50.14 12.05 -42.29
O2A CLA LG . 48.42 11.36 -43.22
NB CLA LG . 48.01 9.00 -48.71
C1B CLA LG . 49.25 9.40 -48.45
C2B CLA LG . 50.31 8.49 -48.93
C3B CLA LG . 49.51 7.43 -49.52
C4B CLA LG . 48.08 7.82 -49.34
CMB CLA LG . 51.80 8.67 -48.81
CAB CLA LG . 50.00 6.20 -50.17
CBB CLA LG . 49.81 5.04 -49.59
NC CLA LG . 45.02 8.40 -49.07
C1C CLA LG . 45.48 7.35 -49.74
C2C CLA LG . 44.47 6.52 -50.42
C3C CLA LG . 43.24 7.21 -50.06
C4C CLA LG . 43.69 8.36 -49.24
CMC CLA LG . 44.63 5.28 -51.24
CAC CLA LG . 41.83 6.86 -50.48
CBC CLA LG . 41.43 7.68 -51.69
ND CLA LG . 44.48 10.83 -47.84
C1D CLA LG . 43.20 10.59 -48.02
C2D CLA LG . 42.28 11.65 -47.49
C3D CLA LG . 43.28 12.56 -46.95
C4D CLA LG . 44.50 12.05 -47.19
CMD CLA LG . 40.80 11.90 -47.39
CAD CLA LG . 43.40 13.85 -46.27
OBD CLA LG . 42.42 14.59 -45.87
CBD CLA LG . 44.84 14.16 -46.05
CGD CLA LG . 45.26 15.44 -46.69
O1D CLA LG . 45.46 15.49 -47.89
O2D CLA LG . 45.47 16.64 -45.91
CED CLA LG . 45.11 17.91 -46.43
C1 CLA LG . 48.82 9.83 -43.46
C2 CLA LG . 48.39 9.09 -44.69
C3 CLA LG . 47.63 8.00 -44.61
C4 CLA LG . 47.23 7.47 -43.27
C5 CLA LG . 47.22 7.29 -45.88
C6 CLA LG . 45.75 6.89 -45.87
C7 CLA LG . 45.59 5.37 -45.76
C8 CLA LG . 45.40 4.68 -47.11
C9 CLA LG . 44.33 3.60 -47.00
C10 CLA LG . 46.72 4.07 -47.56
MG CLA MG . 44.84 17.01 -54.59
CHA CLA MG . 46.96 19.71 -54.05
CHB CLA MG . 45.07 16.34 -51.23
CHC CLA MG . 42.72 14.43 -55.08
CHD CLA MG . 44.75 17.72 -58.05
NA CLA MG . 45.87 17.89 -52.83
C1A CLA MG . 46.65 18.89 -52.82
C2A CLA MG . 47.19 19.19 -51.45
C3A CLA MG . 46.66 18.05 -50.62
C4A CLA MG . 45.81 17.38 -51.62
CMA CLA MG . 47.61 17.21 -49.79
CAA CLA MG . 46.44 20.45 -51.01
CBA CLA MG . 45.31 20.40 -49.97
CGA CLA MG . 43.94 19.96 -50.43
O1A CLA MG . 43.64 19.77 -51.59
O2A CLA MG . 42.96 19.73 -49.60
NB CLA MG . 44.03 15.61 -53.33
C1B CLA MG . 44.20 15.47 -52.02
C2B CLA MG . 43.42 14.38 -51.40
C3B CLA MG . 42.74 13.81 -52.57
C4B CLA MG . 43.18 14.64 -53.71
CMB CLA MG . 43.42 14.02 -49.96
CAB CLA MG . 41.78 12.68 -52.70
CBB CLA MG . 41.48 11.82 -51.75
NC CLA MG . 43.85 16.25 -56.30
C1C CLA MG . 43.05 15.18 -56.29
C2C CLA MG . 42.50 14.76 -57.57
C3C CLA MG . 43.07 15.77 -58.46
C4C CLA MG . 43.89 16.62 -57.58
CMC CLA MG . 41.58 13.62 -57.82
CAC CLA MG . 42.87 15.87 -59.94
CBC CLA MG . 41.52 16.50 -60.17
ND CLA MG . 45.65 18.30 -55.88
C1D CLA MG . 45.50 18.61 -57.16
C2D CLA MG . 46.18 19.87 -57.57
C3D CLA MG . 46.74 20.25 -56.28
C4D CLA MG . 46.41 19.33 -55.37
CMD CLA MG . 46.37 20.68 -58.81
CAD CLA MG . 47.56 21.31 -55.67
OBD CLA MG . 47.87 22.42 -56.22
CBD CLA MG . 47.75 20.99 -54.24
CGD CLA MG . 49.21 20.93 -53.94
O1D CLA MG . 49.93 21.87 -54.22
O2D CLA MG . 49.85 19.81 -53.29
CED CLA MG . 50.83 20.13 -52.32
C1 CLA MG . 42.53 18.25 -49.16
C2 CLA MG . 41.49 17.44 -49.91
C3 CLA MG . 40.61 16.69 -49.26
C4 CLA MG . 40.63 16.63 -47.76
C5 CLA MG . 39.57 15.88 -50.00
C6 CLA MG . 39.95 15.73 -51.46
C7 CLA MG . 38.73 15.67 -52.37
C8 CLA MG . 38.77 14.53 -53.37
C9 CLA MG . 38.54 15.03 -54.79
C10 CLA MG . 37.70 13.51 -53.01
C11 CLA MG . 38.03 12.14 -53.57
C12 CLA MG . 37.05 11.12 -53.05
C13 CLA MG . 37.78 9.89 -52.52
C14 CLA MG . 36.90 8.64 -52.65
C15 CLA MG . 38.25 10.16 -51.09
C16 CLA MG . 37.36 9.59 -49.99
C17 CLA MG . 36.46 10.63 -49.38
C18 CLA MG . 37.22 11.67 -48.57
C19 CLA MG . 36.77 13.06 -48.94
C20 CLA MG . 37.06 11.41 -47.07
MG CLA NG . 41.33 1.67 -70.21
CHA CLA NG . 38.09 0.71 -71.05
CHB CLA NG . 42.27 -1.60 -70.73
CHC CLA NG . 44.47 2.60 -69.39
CHD CLA NG . 40.20 4.94 -69.55
NA CLA NG . 40.34 -0.23 -70.83
C1A CLA NG . 39.10 -0.40 -71.11
C2A CLA NG . 38.75 -1.82 -71.49
C3A CLA NG . 40.10 -2.50 -71.32
C4A CLA NG . 40.97 -1.38 -70.95
CMA CLA NG . 40.13 -3.70 -70.41
CAA CLA NG . 38.41 -1.99 -72.98
CBA CLA NG . 38.97 -0.87 -73.86
CGA CLA NG . 39.18 -1.32 -75.27
O1A CLA NG . 38.94 -2.44 -75.70
O2A CLA NG . 39.66 -0.53 -76.22
NB CLA NG . 43.11 0.64 -70.09
C1B CLA NG . 43.32 -0.66 -70.32
C2B CLA NG . 44.75 -1.08 -70.12
C3B CLA NG . 45.36 0.18 -69.73
C4B CLA NG . 44.28 1.19 -69.73
CMB CLA NG . 45.34 -2.45 -70.29
CAB CLA NG . 46.76 0.46 -69.38
CBB CLA NG . 47.35 -0.22 -68.41
NC CLA NG . 42.23 3.53 -69.72
C1C CLA NG . 43.50 3.70 -69.35
C2C CLA NG . 43.86 5.07 -68.89
C3C CLA NG . 42.60 5.77 -69.04
C4C CLA NG . 41.66 4.74 -69.53
CMC CLA NG . 45.19 5.58 -68.42
CAC CLA NG . 42.28 7.21 -68.73
CBC CLA NG . 42.07 7.95 -70.03
ND CLA NG . 39.63 2.70 -70.23
C1D CLA NG . 39.24 3.95 -70.00
C2D CLA NG . 37.80 4.21 -70.24
C3D CLA NG . 37.39 2.87 -70.66
C4D CLA NG . 38.46 2.08 -70.63
CMD CLA NG . 36.87 5.36 -70.15
CAD CLA NG . 36.20 2.12 -71.10
OBD CLA NG . 35.10 2.64 -71.47
CBD CLA NG . 36.60 0.70 -71.33
CGD CLA NG . 35.83 -0.16 -70.38
O1D CLA NG . 34.97 -0.91 -70.80
O2D CLA NG . 36.06 -0.13 -68.95
CED CLA NG . 35.62 -1.23 -68.16
C1 CLA NG . 41.24 -0.27 -76.36
C2 CLA NG . 42.16 -0.24 -75.16
C3 CLA NG . 43.11 0.69 -75.02
C4 CLA NG . 43.27 1.77 -76.07
C5 CLA NG . 44.00 0.67 -73.80
C6 CLA NG . 44.82 1.94 -73.69
C7 CLA NG . 46.09 1.73 -72.87
C8 CLA NG . 47.05 2.93 -72.84
C9 CLA NG . 47.50 3.21 -71.42
C10 CLA NG . 46.46 4.19 -73.46
MG CLA OG . 32.63 4.57 -56.42
CHA CLA OG . 29.70 2.71 -56.49
CHB CLA OG . 30.68 7.33 -57.11
CHC CLA OG . 35.45 6.42 -56.25
CHD CLA OG . 34.50 1.65 -55.71
NA CLA OG . 30.47 5.01 -56.74
C1A CLA OG . 29.51 4.17 -56.74
C2A CLA OG . 28.16 4.78 -57.02
C3A CLA OG . 28.54 6.21 -57.29
C4A CLA OG . 29.99 6.19 -57.02
CMA CLA OG . 28.16 6.71 -58.66
CAA CLA OG . 27.28 4.72 -55.76
CBA CLA OG . 27.65 5.69 -54.65
CGA CLA OG . 27.79 5.07 -53.29
O1A CLA OG . 27.23 4.06 -52.91
O2A CLA OG . 28.57 5.59 -52.37
NB CLA OG . 33.00 6.58 -56.64
C1B CLA OG . 32.12 7.54 -56.93
C2B CLA OG . 32.71 8.88 -57.03
C3B CLA OG . 34.12 8.61 -56.77
C4B CLA OG . 34.21 7.15 -56.54
CMB CLA OG . 31.96 10.14 -57.33
CAB CLA OG . 35.27 9.53 -56.73
CBB CLA OG . 35.19 10.71 -56.16
NC CLA OG . 34.66 4.10 -56.01
C1C CLA OG . 35.66 4.98 -55.99
C2C CLA OG . 37.00 4.43 -55.70
C3C CLA OG . 36.70 3.01 -55.52
C4C CLA OG . 35.25 2.92 -55.74
CMC CLA OG . 38.29 5.16 -55.59
CAC CLA OG . 37.63 1.87 -55.18
CBC CLA OG . 38.48 1.48 -56.35
ND CLA OG . 32.33 2.61 -56.16
C1D CLA OG . 33.05 1.53 -55.85
C2D CLA OG . 32.26 0.28 -55.72
C3D CLA OG . 30.93 0.82 -55.98
C4D CLA OG . 31.04 2.13 -56.22
CMD CLA OG . 32.54 -1.17 -55.40
CAD CLA OG . 29.51 0.41 -56.08
OBD CLA OG . 29.02 -0.75 -55.93
CBD CLA OG . 28.70 1.59 -56.48
CGD CLA OG . 28.09 1.42 -57.83
O1D CLA OG . 28.70 0.86 -58.73
O2D CLA OG . 26.77 1.96 -58.13
CED CLA OG . 25.65 1.09 -58.32
C1 CLA OG . 28.27 5.56 -50.80
C2 CLA OG . 27.20 6.37 -50.11
C3 CLA OG . 27.52 7.48 -49.45
C4 CLA OG . 28.94 7.97 -49.40
C5 CLA OG . 26.46 8.29 -48.73
C6 CLA OG . 25.29 8.67 -49.61
C7 CLA OG . 24.36 9.54 -48.78
C8 CLA OG . 23.26 10.19 -49.62
C9 CLA OG . 23.80 10.84 -50.89
C10 CLA OG . 22.58 11.25 -48.78
C11 CLA OG . 21.56 10.63 -47.84
C12 CLA OG . 20.19 11.21 -48.16
C13 CLA OG . 19.35 11.50 -46.92
C14 CLA OG . 19.43 10.38 -45.90
C15 CLA OG . 17.92 11.71 -47.35
C16 CLA OG . 17.41 10.54 -48.18
C17 CLA OG . 15.90 10.52 -48.17
C18 CLA OG . 15.35 10.94 -49.52
C19 CLA OG . 14.14 10.10 -49.88
C20 CLA OG . 14.96 12.41 -49.49
MG CLA PG . 33.85 -5.95 -59.96
CHA CLA PG . 32.93 -8.07 -62.57
CHB CLA PG . 32.06 -7.97 -57.86
CHC CLA PG . 34.74 -3.85 -57.46
CHD CLA PG . 35.53 -3.88 -62.26
NA CLA PG . 32.65 -7.81 -60.15
C1A CLA PG . 32.41 -8.49 -61.21
C2A CLA PG . 31.57 -9.70 -60.97
C3A CLA PG . 31.27 -9.60 -59.48
C4A CLA PG . 32.05 -8.38 -59.13
CMA CLA PG . 29.84 -9.73 -59.00
CAA CLA PG . 32.40 -10.98 -61.24
CBA CLA PG . 32.74 -11.88 -60.05
CGA CLA PG . 34.16 -11.66 -59.62
O1A CLA PG . 34.78 -10.62 -59.77
O2A CLA PG . 34.90 -12.56 -59.01
NB CLA PG . 33.45 -5.93 -57.95
C1B CLA PG . 32.73 -6.80 -57.25
C2B CLA PG . 32.64 -6.51 -55.79
C3B CLA PG . 33.45 -5.27 -55.72
C4B CLA PG . 33.90 -5.00 -57.10
CMB CLA PG . 31.90 -7.31 -54.76
CAB CLA PG . 33.81 -4.40 -54.58
CBB CLA PG . 33.19 -4.38 -53.43
NC CLA PG . 35.09 -4.23 -59.86
C1C CLA PG . 35.30 -3.50 -58.76
C2C CLA PG . 36.16 -2.32 -58.94
C3C CLA PG . 36.46 -2.39 -60.35
C4C CLA PG . 35.75 -3.60 -60.83
CMC CLA PG . 36.61 -1.30 -57.93
CAC CLA PG . 37.33 -1.48 -61.16
CBC CLA PG . 38.54 -2.24 -61.65
ND CLA PG . 34.23 -5.86 -61.93
C1D CLA PG . 34.87 -5.06 -62.77
C2D CLA PG . 34.83 -5.46 -64.20
C3D CLA PG . 34.04 -6.69 -64.05
C4D CLA PG . 33.74 -6.85 -62.76
CMD CLA PG . 35.35 -4.96 -65.52
CAD CLA PG . 33.47 -7.78 -64.86
OBD CLA PG . 33.26 -7.71 -66.12
CBD CLA PG . 32.76 -8.71 -63.94
CGD CLA PG . 31.32 -8.78 -64.34
O1D CLA PG . 30.90 -9.75 -64.92
O2D CLA PG . 30.40 -7.69 -64.05
CED CLA PG . 29.11 -7.99 -63.51
CAA F6C QG . 24.98 -9.25 -54.67
CAB F6C QG . 24.93 -3.20 -47.29
CAC F6C QG . 30.91 -0.54 -51.99
CAD F6C QG . 27.88 -6.22 -57.29
NA F6C QG . 25.41 -6.19 -53.21
CBA F6C QG . 25.21 -10.03 -53.39
CBB F6C QG . 24.57 -1.94 -47.20
CBC F6C QG . 30.34 0.80 -52.40
CBD F6C QG . 26.75 -7.03 -56.77
NB F6C QG . 25.63 -4.53 -50.72
OBD F6C QG . 28.17 -6.10 -58.54
CGA F6C QG . 26.65 -10.46 -53.27
CGD F6C QG . 25.51 -6.79 -57.59
ND F6C QG . 27.91 -4.61 -54.08
CED F6C QG . 24.71 -6.96 -59.92
CHA F6C QG . 26.53 -6.48 -55.37
CHB F6C QG . 24.00 -6.28 -51.30
CHC F6C QG . 26.98 -2.74 -49.62
CHD F6C QG . 29.61 -2.93 -53.72
CMA F6C QG . 22.12 -7.48 -53.41
CMB F6C QG . 22.88 -5.59 -48.31
CMC F6C QG . 29.10 -0.47 -49.15
CMD F6C QG . 30.35 -3.86 -56.96
OMB F6C QG . 22.96 -6.71 -47.86
C1A F6C QG . 25.48 -6.80 -54.34
C1B F6C QG . 24.57 -5.27 -50.40
C1C F6C QG . 27.99 -2.41 -50.63
C1D F6C QG . 28.94 -3.94 -54.55
O1A F6C QG . 27.61 -9.74 -53.46
O1D F6C QG . 24.73 -5.93 -57.28
C2A F6C QG . 24.40 -7.84 -54.53
C2B F6C QG . 24.04 -4.99 -49.03
C2C F6C QG . 28.96 -1.35 -50.37
C2D F6C QG . 29.33 -4.27 -55.95
O2A F6C QG . 27.03 -11.67 -52.93
O2D F6C QG . 25.22 -7.60 -58.76
C3A F6C QG . 23.60 -7.71 -53.24
C3B F6C QG . 24.93 -3.92 -48.59
C3C F6C QG . 29.73 -1.40 -51.60
C3D F6C QG . 28.32 -5.31 -56.23
C4A F6C QG . 24.39 -6.67 -52.52
C4B F6C QG . 25.88 -3.71 -49.69
C4C F6C QG . 29.10 -2.47 -52.40
C4D F6C QG . 27.57 -5.45 -55.13
NC F6C QG . 28.07 -3.05 -51.79
MG F6C QG . 26.72 -4.55 -52.47
MG CLA RG . 20.34 2.97 -50.88
CHA CLA RG . 22.99 2.47 -53.06
CHB CLA RG . 21.49 0.30 -49.08
CHC CLA RG . 17.93 3.63 -48.63
CHD CLA RG . 19.16 5.64 -52.90
NA CLA RG . 22.05 1.54 -51.01
C1A CLA RG . 22.94 1.50 -51.92
C2A CLA RG . 23.90 0.35 -51.73
C3A CLA RG . 23.34 -0.33 -50.51
C4A CLA RG . 22.22 0.56 -50.16
CMA CLA RG . 23.06 -1.80 -50.68
CAA CLA RG . 25.30 0.88 -51.41
CBA CLA RG . 25.71 0.91 -49.94
CGA CLA RG . 26.31 2.24 -49.60
O1A CLA RG . 26.02 3.28 -50.15
O2A CLA RG . 27.22 2.43 -48.66
NB CLA RG . 19.81 2.09 -49.11
C1B CLA RG . 20.33 1.01 -48.53
C2B CLA RG . 19.65 0.59 -47.28
C3B CLA RG . 18.60 1.60 -47.19
C4B CLA RG . 18.77 2.47 -48.35
CMB CLA RG . 19.95 -0.56 -46.36
CAB CLA RG . 17.56 1.75 -46.16
CBB CLA RG . 17.83 2.47 -45.09
NC CLA RG . 18.78 4.41 -50.80
C1C CLA RG . 17.92 4.52 -49.80
C2C CLA RG . 16.96 5.61 -49.92
C3C CLA RG . 17.31 6.20 -51.19
C4C CLA RG . 18.43 5.38 -51.65
CMC CLA RG . 15.90 6.00 -48.96
CAC CLA RG . 16.66 7.38 -51.85
CBC CLA RG . 15.51 6.91 -52.70
ND CLA RG . 20.84 3.93 -52.56
C1D CLA RG . 20.37 4.92 -53.31
C2D CLA RG . 21.13 5.19 -54.55
C3D CLA RG . 22.18 4.18 -54.40
C4D CLA RG . 21.96 3.50 -53.26
CMD CLA RG . 21.06 6.13 -55.71
CAD CLA RG . 23.37 3.66 -55.07
OBD CLA RG . 23.94 4.18 -56.09
CBD CLA RG . 23.99 2.62 -54.20
CGD CLA RG . 24.18 1.36 -54.97
O1D CLA RG . 25.28 0.85 -55.05
O2D CLA RG . 23.07 0.70 -55.63
CED CLA RG . 22.65 -0.57 -55.17
C1 CLA RG . 26.78 2.98 -47.23
C2 CLA RG . 26.22 4.36 -47.07
C3 CLA RG . 25.97 4.90 -45.87
C4 CLA RG . 26.25 4.10 -44.63
C5 CLA RG . 25.40 6.30 -45.83
C6 CLA RG . 24.82 6.64 -44.46
C7 CLA RG . 23.37 6.20 -44.36
C8 CLA RG . 22.46 7.33 -43.97
C9 CLA RG . 21.10 6.74 -43.61
C10 CLA RG . 22.35 8.29 -45.14
MG CLA SG . 26.80 9.81 -58.62
CHA CLA SG . 28.96 12.10 -60.09
CHB CLA SG . 27.85 10.96 -55.57
CHC CLA SG . 24.68 7.59 -57.24
CHD CLA SG . 25.75 8.74 -61.86
NA CLA SG . 28.22 11.36 -57.88
C1A CLA SG . 28.95 12.15 -58.58
C2A CLA SG . 29.78 13.11 -57.76
C3A CLA SG . 29.38 12.71 -56.35
C4A CLA SG . 28.42 11.60 -56.60
CMA CLA SG . 30.41 12.63 -55.23
CAA CLA SG . 29.38 14.55 -57.96
CBA CLA SG . 30.53 15.48 -57.59
CGA CLA SG . 30.41 16.77 -58.34
O1A CLA SG . 29.55 17.59 -58.16
O2A CLA SG . 31.25 17.17 -59.28
NB CLA SG . 26.34 9.35 -56.67
C1B CLA SG . 26.87 9.86 -55.56
C2B CLA SG . 26.34 9.25 -54.32
C3B CLA SG . 25.40 8.27 -54.85
C4B CLA SG . 25.47 8.40 -56.31
CMB CLA SG . 26.73 9.61 -52.90
CAB CLA SG . 24.51 7.28 -54.20
CBB CLA SG . 24.59 6.90 -52.94
NC CLA SG . 25.34 8.47 -59.42
C1C CLA SG . 24.66 7.58 -58.72
C2C CLA SG . 23.89 6.58 -59.48
C3C CLA SG . 24.18 6.98 -60.84
C4C CLA SG . 25.08 8.13 -60.70
CMC CLA SG . 23.03 5.45 -58.99
CAC CLA SG . 23.70 6.35 -62.13
CBC CLA SG . 22.50 7.11 -62.62
ND CLA SG . 27.14 10.23 -60.54
C1D CLA SG . 26.75 9.80 -61.74
C2D CLA SG . 27.42 10.44 -62.89
C3D CLA SG . 28.29 11.35 -62.16
C4D CLA SG . 28.10 11.19 -60.85
CMD CLA SG . 27.37 10.35 -64.38
CAD CLA SG . 29.31 12.38 -62.41
OBD CLA SG . 30.02 12.43 -63.46
CBD CLA SG . 29.78 12.90 -61.08
CGD CLA SG . 31.25 12.65 -60.97
O1D CLA SG . 32.03 13.58 -60.97
O2D CLA SG . 31.81 11.32 -60.86
CED CLA SG . 33.19 11.19 -60.52
C1 CLA SG . 30.80 17.46 -60.79
C2 CLA SG . 29.75 16.67 -61.55
C3 CLA SG . 29.89 16.42 -62.87
C4 CLA SG . 31.11 16.90 -63.56
C5 CLA SG . 28.89 15.64 -63.69
C6 CLA SG . 27.49 16.24 -63.66
C7 CLA SG . 26.60 15.57 -64.70
C8 CLA SG . 25.43 14.73 -64.14
C9 CLA SG . 25.73 14.11 -62.78
C10 CLA SG . 25.07 13.65 -65.15
C11 CLA SG . 23.59 13.24 -65.12
C12 CLA SG . 22.92 13.41 -66.48
C13 CLA SG . 21.48 12.89 -66.51
C14 CLA SG . 20.76 13.27 -67.80
C15 CLA SG . 20.67 13.41 -65.33
MG CLA TG . 26.96 16.52 -41.90
CHA CLA TG . 30.20 16.27 -40.64
CHB CLA TG . 27.02 13.10 -42.30
CHC CLA TG . 23.75 16.72 -42.84
CHD CLA TG . 27.06 20.02 -41.46
NA CLA TG . 28.40 14.85 -41.52
C1A CLA TG . 29.58 14.96 -41.05
C2A CLA TG . 30.29 13.65 -40.99
C3A CLA TG . 29.30 12.68 -41.56
C4A CLA TG . 28.16 13.59 -41.82
CMA CLA TG . 29.80 11.72 -42.62
CAA CLA TG . 30.48 13.29 -39.51
CBA CLA TG . 29.40 12.54 -38.77
CGA CLA TG . 30.02 11.90 -37.58
O1A CLA TG . 30.55 12.47 -36.66
O2A CLA TG . 30.03 10.60 -37.41
NB CLA TG . 25.58 15.09 -42.48
C1B CLA TG . 25.76 13.78 -42.63
C2B CLA TG . 24.57 13.05 -43.10
C3B CLA TG . 23.63 14.14 -43.26
C4B CLA TG . 24.33 15.37 -42.85
CMB CLA TG . 24.43 11.57 -43.36
CAB CLA TG . 22.21 14.12 -43.71
CBB CLA TG . 21.36 13.25 -43.24
NC CLA TG . 25.62 18.14 -42.17
C1C CLA TG . 24.35 18.02 -42.53
C2C CLA TG . 23.58 19.28 -42.62
C3C CLA TG . 24.60 20.26 -42.24
C4C CLA TG . 25.81 19.45 -41.99
CMC CLA TG . 22.14 19.47 -42.99
CAC CLA TG . 24.51 21.76 -42.14
CBC CLA TG . 24.28 22.18 -40.72
ND CLA TG . 28.21 17.92 -41.23
C1D CLA TG . 28.23 19.23 -41.07
C2D CLA TG . 29.48 19.80 -40.52
C3D CLA TG . 30.22 18.56 -40.36
C4D CLA TG . 29.47 17.54 -40.77
CMD CLA TG . 30.01 21.15 -40.16
CAD CLA TG . 31.54 18.07 -39.91
OBD CLA TG . 32.57 18.80 -39.73
CBD CLA TG . 31.58 16.60 -40.11
CGD CLA TG . 32.64 16.25 -41.11
O1D CLA TG . 32.35 16.01 -42.27
O2D CLA TG . 34.02 16.19 -40.72
CED CLA TG . 35.03 16.20 -41.71
C1 CLA TG . 30.47 9.97 -36.02
C2 CLA TG . 31.77 9.22 -35.86
C3 CLA TG . 31.78 7.94 -35.52
C4 CLA TG . 30.49 7.19 -35.29
C5 CLA TG . 33.08 7.21 -35.37
C6 CLA TG . 32.98 5.83 -36.00
C7 CLA TG . 34.04 5.62 -37.08
C8 CLA TG . 33.70 4.45 -37.97
C9 CLA TG . 32.48 4.77 -38.83
C10 CLA TG . 33.44 3.20 -37.12
MG CLA UG . 39.16 12.46 -40.95
CHA CLA UG . 35.70 12.24 -40.97
CHB CLA UG . 39.19 10.07 -43.43
CHC CLA UG . 42.45 12.76 -40.95
CHD CLA UG . 38.95 15.04 -38.49
NA CLA UG . 37.65 11.29 -42.09
C1A CLA UG . 36.38 11.33 -41.95
C2A CLA UG . 35.66 10.37 -42.84
C3A CLA UG . 36.79 9.67 -43.54
C4A CLA UG . 37.96 10.39 -43.00
CMA CLA UG . 36.80 8.16 -43.38
CAA CLA UG . 34.96 11.16 -43.93
CBA CLA UG . 33.58 10.60 -44.19
CGA CLA UG . 33.36 10.61 -45.67
O1A CLA UG . 33.97 9.92 -46.45
O2A CLA UG . 32.50 11.40 -46.29
NB CLA UG . 40.62 11.52 -42.06
C1B CLA UG . 40.49 10.60 -43.01
C2B CLA UG . 41.78 10.16 -43.60
C3B CLA UG . 42.73 10.98 -42.84
C4B CLA UG . 41.92 11.79 -41.92
CMB CLA UG . 41.98 9.14 -44.68
CAB CLA UG . 44.22 11.06 -42.90
CBB CLA UG . 44.91 10.87 -43.99
NC CLA UG . 40.48 13.72 -39.89
C1C CLA UG . 41.80 13.64 -39.98
C2C CLA UG . 42.53 14.50 -39.06
C3C CLA UG . 41.48 15.19 -38.33
C4C CLA UG . 40.26 14.62 -38.92
CMC CLA UG . 44.00 14.62 -38.95
CAC CLA UG . 41.53 16.20 -37.22
CBC CLA UG . 41.47 15.54 -35.86
ND CLA UG . 37.79 13.50 -39.95
C1D CLA UG . 37.74 14.42 -38.98
C2D CLA UG . 36.41 14.72 -38.43
C3D CLA UG . 35.65 13.81 -39.28
C4D CLA UG . 36.47 13.16 -40.11
CMD CLA UG . 35.80 15.61 -37.39
CAD CLA UG . 34.27 13.40 -39.52
OBD CLA UG . 33.40 13.61 -38.62
CBD CLA UG . 34.24 12.40 -40.62
CGD CLA UG . 33.72 11.12 -40.05
O1D CLA UG . 33.93 10.81 -38.91
O2D CLA UG . 32.98 10.20 -40.86
CED CLA UG . 32.84 8.89 -40.33
C1 CLA UG . 31.84 11.00 -47.68
C2 CLA UG . 32.58 11.14 -48.99
C3 CLA UG . 32.44 12.24 -49.75
C4 CLA UG . 31.55 13.36 -49.30
C5 CLA UG . 33.18 12.37 -51.05
C6 CLA UG . 33.25 11.05 -51.80
C7 CLA UG . 31.92 10.76 -52.49
C8 CLA UG . 31.86 9.36 -53.09
C9 CLA UG . 30.43 9.03 -53.47
C10 CLA UG . 32.44 8.35 -52.09
C11 CLA UG . 31.98 6.94 -52.35
C12 CLA UG . 32.94 6.24 -53.29
C13 CLA UG . 33.14 4.77 -52.94
C14 CLA UG . 31.83 4.11 -52.56
C15 CLA UG . 34.18 4.66 -51.84
C16 CLA UG . 35.13 3.50 -52.08
C17 CLA UG . 36.25 3.52 -51.04
C18 CLA UG . 37.61 3.78 -51.66
C19 CLA UG . 37.94 5.26 -51.64
C20 CLA UG . 38.70 3.01 -50.93
MG CLA VG . 34.63 33.80 -48.40
CHA CLA VG . 37.09 34.34 -50.79
CHB CLA VG . 37.16 33.83 -46.05
CHC CLA VG . 32.28 33.36 -46.03
CHD CLA VG . 32.17 33.59 -50.91
NA CLA VG . 36.84 34.04 -48.37
C1A CLA VG . 37.61 34.20 -49.38
C2A CLA VG . 39.06 34.21 -49.03
C3A CLA VG . 39.03 33.95 -47.56
C4A CLA VG . 37.59 33.92 -47.30
CMA CLA VG . 39.79 32.69 -47.22
CAA CLA VG . 39.67 35.61 -49.19
CBA CLA VG . 39.22 36.69 -48.20
CGA CLA VG . 37.94 37.37 -48.62
O1A CLA VG . 36.87 37.24 -48.07
O2A CLA VG . 37.83 38.18 -49.64
NB CLA VG . 34.73 33.62 -46.36
C1B CLA VG . 35.80 33.73 -45.57
C2B CLA VG . 35.52 33.73 -44.12
C3B CLA VG . 34.07 33.58 -44.14
C4B CLA VG . 33.66 33.52 -45.56
CMB CLA VG . 36.50 33.85 -42.99
CAB CLA VG . 33.12 33.54 -43.01
CBB CLA VG . 33.15 34.42 -42.03
NC CLA VG . 32.51 33.61 -48.44
C1C CLA VG . 31.74 33.37 -47.40
C2C CLA VG . 30.32 33.14 -47.69
C3C CLA VG . 30.29 33.26 -49.14
C4C CLA VG . 31.70 33.55 -49.50
CMC CLA VG . 29.20 32.86 -46.73
CAC CLA VG . 29.14 33.14 -50.10
CBC CLA VG . 28.78 31.69 -50.30
ND CLA VG . 34.50 33.87 -50.39
C1D CLA VG . 33.55 33.86 -51.31
C2D CLA VG . 34.02 34.15 -52.68
C3D CLA VG . 35.45 34.33 -52.40
C4D CLA VG . 35.65 34.16 -51.10
CMD CLA VG . 33.44 34.27 -54.05
CAD CLA VG . 36.71 34.63 -53.10
OBD CLA VG . 36.91 34.63 -54.35
CBD CLA VG . 37.79 34.73 -52.07
CGD CLA VG . 38.86 33.76 -52.43
O1D CLA VG . 38.54 32.65 -52.77
O2D CLA VG . 40.27 34.13 -52.40
CED CLA VG . 41.15 33.64 -53.38
C1 CLA VG . 36.88 39.45 -49.54
C2 CLA VG . 36.17 39.95 -50.75
C3 CLA VG . 35.50 41.11 -50.81
C4 CLA VG . 34.83 41.50 -52.10
C5 CLA VG . 35.41 41.99 -49.60
C6 CLA VG . 34.08 42.75 -49.63
C7 CLA VG . 34.12 44.02 -48.78
C8 CLA VG . 33.18 45.12 -49.24
C9 CLA VG . 32.75 44.98 -50.71
C10 CLA VG . 33.88 46.46 -49.01
C11 CLA VG . 32.98 47.66 -49.31
C12 CLA VG . 33.63 48.55 -50.37
C13 CLA VG . 33.31 50.04 -50.24
C14 CLA VG . 32.09 50.33 -49.38
C15 CLA VG . 33.14 50.62 -51.64
MG CLA WG . 37.95 26.11 -52.51
CHA CLA WG . 41.41 26.07 -52.02
CHB CLA WG . 38.17 29.48 -52.84
CHC CLA WG . 34.60 26.11 -53.04
CHD CLA WG . 37.85 22.63 -52.06
NA CLA WG . 39.57 27.63 -52.45
C1A CLA WG . 40.82 27.44 -52.22
C2A CLA WG . 41.60 28.73 -52.11
C3A CLA WG . 40.53 29.76 -52.31
C4A CLA WG . 39.34 28.92 -52.55
CMA CLA WG . 40.45 30.75 -51.16
CAA CLA WG . 42.66 28.92 -53.19
CBA CLA WG . 42.14 29.27 -54.58
CGA CLA WG . 42.52 28.15 -55.49
O1A CLA WG . 42.45 28.18 -56.70
O2A CLA WG . 43.00 27.00 -55.06
NB CLA WG . 36.60 27.59 -52.89
C1B CLA WG . 36.84 28.89 -53.06
C2B CLA WG . 35.65 29.68 -53.42
C3B CLA WG . 34.61 28.65 -53.46
C4B CLA WG . 35.29 27.39 -53.12
CMB CLA WG . 35.62 31.16 -53.66
CAB CLA WG . 33.16 28.70 -53.76
CBB CLA WG . 32.53 29.76 -54.21
NC CLA WG . 36.47 24.59 -52.65
C1C CLA WG . 35.17 24.78 -52.83
C2C CLA WG . 34.32 23.56 -52.82
C3C CLA WG . 35.32 22.53 -52.58
C4C CLA WG . 36.60 23.27 -52.48
CMC CLA WG . 32.85 23.43 -53.00
CAC CLA WG . 35.16 21.05 -52.48
CBC CLA WG . 35.56 20.46 -53.81
ND CLA WG . 39.20 24.61 -52.14
C1D CLA WG . 39.13 23.31 -51.99
C2D CLA WG . 40.41 22.62 -51.73
C3D CLA WG . 41.31 23.79 -51.75
C4D CLA WG . 40.56 24.87 -51.99
CMD CLA WG . 40.83 21.22 -51.51
CAD CLA WG . 42.72 24.16 -51.60
OBD CLA WG . 43.70 23.36 -51.38
CBD CLA WG . 42.84 25.62 -51.82
CGD CLA WG . 43.45 26.29 -50.62
O1D CLA WG . 43.12 25.95 -49.50
O2D CLA WG . 44.40 27.36 -50.77
CED CLA WG . 45.49 27.44 -49.86
C1 CLA WG . 42.81 25.68 -55.92
C2 CLA WG . 42.69 24.33 -55.26
C3 CLA WG . 43.72 23.48 -55.29
C4 CLA WG . 44.99 23.88 -55.97
C5 CLA WG . 43.63 22.13 -54.64
C6 CLA WG . 42.65 21.25 -55.38
C7 CLA WG . 42.68 19.86 -54.80
C8 CLA WG . 41.36 19.14 -54.99
C9 CLA WG . 41.29 17.94 -54.06
C10 CLA WG . 41.18 18.70 -56.43
C11 CLA WG . 39.74 18.91 -56.90
C12 CLA WG . 39.14 17.62 -57.44
C13 CLA WG . 37.87 17.86 -58.25
C14 CLA WG . 38.09 18.91 -59.34
C15 CLA WG . 36.74 18.27 -57.33
C16 CLA WG . 35.49 17.42 -57.56
C17 CLA WG . 35.39 16.32 -56.54
C18 CLA WG . 34.21 15.39 -56.80
C19 CLA WG . 34.20 14.88 -58.22
C20 CLA WG . 34.21 14.23 -55.81
MG CLA XG . 19.50 26.48 -56.44
CHA CLA XG . 16.33 27.48 -57.44
CHB CLA XG . 20.19 25.88 -59.75
CHC CLA XG . 22.64 25.62 -55.50
CHD CLA XG . 18.67 27.00 -53.08
NA CLA XG . 18.44 26.66 -58.39
C1A CLA XG . 17.23 27.07 -58.57
C2A CLA XG . 16.83 27.07 -60.01
C3A CLA XG . 18.06 26.50 -60.69
C4A CLA XG . 18.97 26.34 -59.55
CMA CLA XG . 17.81 25.27 -61.52
CAA CLA XG . 16.68 28.49 -60.56
CBA CLA XG . 17.77 29.45 -60.11
CGA CLA XG . 17.38 30.85 -60.46
O1A CLA XG . 16.28 31.33 -60.25
O2A CLA XG . 18.16 31.74 -61.04
NB CLA XG . 21.16 25.86 -57.47
C1B CLA XG . 21.25 25.64 -58.77
C2B CLA XG . 22.55 25.13 -59.19
C3B CLA XG . 23.30 25.04 -57.95
C4B CLA XG . 22.35 25.52 -56.92
CMB CLA XG . 22.86 24.82 -60.59
CAB CLA XG . 24.69 24.58 -57.69
CBB CLA XG . 25.31 23.67 -58.40
NC CLA XG . 20.51 26.38 -54.58
C1C CLA XG . 21.79 26.11 -54.42
C2C CLA XG . 22.33 26.33 -53.09
C3C CLA XG . 21.16 26.81 -52.36
C4C CLA XG . 20.08 26.77 -53.37
CMC CLA XG . 23.76 26.12 -52.69
CAC CLA XG . 21.03 27.23 -50.92
CBC CLA XG . 20.97 28.73 -50.82
ND CLA XG . 17.95 27.10 -55.38
C1D CLA XG . 17.65 27.25 -54.10
C2D CLA XG . 16.25 27.64 -53.84
C3D CLA XG . 15.77 27.72 -55.22
C4D CLA XG . 16.77 27.41 -56.03
CMD CLA XG . 15.42 27.90 -52.62
CAD CLA XG . 14.56 28.02 -56.01
OBD CLA XG . 13.40 28.34 -55.54
CBD CLA XG . 14.91 28.02 -57.45
CGD CLA XG . 13.90 27.16 -58.15
O1D CLA XG . 12.78 27.55 -58.34
O2D CLA XG . 14.22 25.84 -58.64
CED CLA XG . 13.39 25.25 -59.62
C1 CLA XG . 19.30 32.48 -60.20
C2 CLA XG . 19.02 33.16 -58.89
C3 CLA XG . 19.83 34.12 -58.41
C4 CLA XG . 21.06 34.51 -59.18
C5 CLA XG . 19.51 34.78 -57.09
C6 CLA XG . 20.76 35.46 -56.52
C7 CLA XG . 20.47 36.27 -55.26
C8 CLA XG . 21.27 35.72 -54.09
C9 CLA XG . 20.33 35.15 -53.04
C10 CLA XG . 22.16 36.81 -53.48
C11 CLA XG . 23.59 36.29 -53.32
C12 CLA XG . 24.40 37.15 -52.35
C13 CLA XG . 25.84 37.31 -52.82
C14 CLA XG . 26.50 35.95 -53.04
C15 CLA XG . 26.62 38.14 -51.81
MG CLA YG . 13.42 4.21 -42.04
CHA CLA YG . 11.80 1.47 -43.49
CHB CLA YG . 11.75 3.43 -39.15
CHC CLA YG . 15.06 6.78 -40.60
CHD CLA YG . 15.07 4.85 -45.08
NA CLA YG . 11.98 2.65 -41.36
C1A CLA YG . 11.49 1.69 -42.05
C2A CLA YG . 10.48 0.87 -41.30
C3A CLA YG . 10.46 1.56 -39.97
C4A CLA YG . 11.47 2.61 -40.16
CMA CLA YG . 9.12 2.06 -39.51
CAA CLA YG . 10.98 -0.55 -41.06
CBA CLA YG . 12.44 -0.63 -40.67
CGA CLA YG . 12.57 -1.69 -39.63
O1A CLA YG . 11.71 -1.94 -38.82
O2A CLA YG . 13.61 -2.47 -39.45
NB CLA YG . 13.40 4.98 -40.14
C1B CLA YG . 12.67 4.57 -39.11
C2B CLA YG . 12.86 5.35 -37.88
C3B CLA YG . 13.84 6.34 -38.32
C4B CLA YG . 14.12 6.04 -39.74
CMB CLA YG . 12.17 5.13 -36.57
CAB CLA YG . 14.46 7.44 -37.56
CBB CLA YG . 15.06 7.16 -36.43
NC CLA YG . 14.89 5.58 -42.73
C1C CLA YG . 15.35 6.61 -42.02
C2C CLA YG . 16.18 7.57 -42.77
C3C CLA YG . 16.19 6.98 -44.12
C4C CLA YG . 15.36 5.76 -43.96
CMC CLA YG . 16.83 8.83 -42.29
CAC CLA YG . 16.84 7.49 -45.37
CBC CLA YG . 18.10 6.71 -45.70
ND CLA YG . 13.54 3.43 -43.87
C1D CLA YG . 14.13 3.73 -45.02
C2D CLA YG . 13.75 2.88 -46.17
C3D CLA YG . 12.81 1.99 -45.49
C4D CLA YG . 12.76 2.34 -44.20
CMD CLA YG . 14.06 2.75 -47.62
CAD CLA YG . 11.94 0.85 -45.75
OBD CLA YG . 11.59 0.47 -46.91
CBD CLA YG . 11.24 0.48 -44.49
CGD CLA YG . 9.75 0.61 -44.66
O1D CLA YG . 9.01 -0.12 -44.07
O2D CLA YG . 9.10 1.60 -45.48
CED CLA YG . 7.68 1.68 -45.38
C1 CLA YG . 14.68 -2.13 -38.31
C2 CLA YG . 16.15 -2.36 -38.53
C3 CLA YG . 17.01 -2.27 -37.51
C4 CLA YG . 18.47 -2.51 -37.75
C5 CLA YG . 16.52 -1.94 -36.12
MG CLA ZG . 11.41 4.18 -32.09
CHA CLA ZG . 9.31 2.38 -34.21
CHB CLA ZG . 8.57 5.33 -30.54
CHC CLA ZG . 13.43 5.84 -29.95
CHD CLA ZG . 14.22 2.98 -33.83
NA CLA ZG . 9.20 3.90 -32.30
C1A CLA ZG . 8.59 3.19 -33.16
C2A CLA ZG . 7.08 3.25 -33.03
C3A CLA ZG . 6.91 4.25 -31.91
C4A CLA ZG . 8.32 4.50 -31.54
CMA CLA ZG . 6.06 5.45 -32.23
CAA CLA ZG . 6.45 1.96 -32.49
CBA CLA ZG . 7.46 1.06 -31.80
CGA CLA ZG . 6.91 0.24 -30.69
O1A CLA ZG . 5.85 -0.34 -30.72
O2A CLA ZG . 7.55 0.06 -29.54
NB CLA ZG . 11.03 5.39 -30.48
C1B CLA ZG . 9.86 5.77 -30.01
C2B CLA ZG . 9.93 6.71 -28.88
C3B CLA ZG . 11.38 6.86 -28.72
C4B CLA ZG . 11.98 6.00 -29.75
CMB CLA ZG . 8.74 7.28 -28.17
CAB CLA ZG . 12.17 7.64 -27.75
CBB CLA ZG . 11.75 7.96 -26.55
NC CLA ZG . 13.51 4.35 -31.90
C1C CLA ZG . 14.13 5.10 -30.99
C2C CLA ZG . 15.60 5.12 -31.08
C3C CLA ZG . 15.84 4.25 -32.24
C4C CLA ZG . 14.48 3.85 -32.67
CMC CLA ZG . 16.56 5.85 -30.19
CAC CLA ZG . 17.14 3.85 -32.87
CBC CLA ZG . 17.44 4.76 -34.04
ND CLA ZG . 11.82 2.95 -33.62
C1D CLA ZG . 12.90 2.55 -34.27
C2D CLA ZG . 12.61 1.69 -35.46
C3D CLA ZG . 11.15 1.66 -35.37
C4D CLA ZG . 10.77 2.38 -34.31
CMD CLA ZG . 13.41 0.99 -36.52
CAD CLA ZG . 9.96 1.09 -36.05
OBD CLA ZG . 10.01 0.04 -36.77
CBD CLA ZG . 8.74 1.50 -35.31
CGD CLA ZG . 7.79 2.27 -36.19
O1D CLA ZG . 8.09 3.35 -36.64
O2D CLA ZG . 6.47 1.74 -36.49
CED CLA ZG . 5.87 2.01 -37.75
C1 CLA ZG . 8.20 -1.33 -29.16
C2 CLA ZG . 9.15 -1.43 -27.98
C3 CLA ZG . 10.13 -2.34 -27.93
C4 CLA ZG . 10.34 -3.33 -29.03
C5 CLA ZG . 11.04 -2.38 -26.73
C6 CLA ZG . 12.43 -1.87 -27.09
C7 CLA ZG . 13.37 -2.11 -25.92
C8 CLA ZG . 14.86 -2.15 -26.30
C9 CLA ZG . 15.53 -0.81 -25.98
C10 CLA ZG . 15.09 -2.54 -27.74
MG CLA AH . 18.06 12.49 -19.37
CHA CLA AH . 15.36 12.82 -21.54
CHB CLA AH . 16.95 15.34 -17.79
CHC CLA AH . 20.61 12.13 -17.17
CHD CLA AH . 19.16 9.63 -21.10
NA CLA AH . 16.37 13.91 -19.60
C1A CLA AH . 15.46 13.89 -20.49
C2A CLA AH . 14.54 15.09 -20.44
C3A CLA AH . 15.12 15.87 -19.30
C4A CLA AH . 16.21 14.98 -18.85
CMA CLA AH . 15.59 17.24 -19.68
CAA CLA AH . 13.12 14.66 -20.05
CBA CLA AH . 12.25 15.80 -19.54
CGA CLA AH . 11.19 16.10 -20.55
O1A CLA AH . 10.01 16.03 -20.34
O2A CLA AH . 11.42 16.45 -21.80
NB CLA AH . 18.67 13.58 -17.74
C1B CLA AH . 18.11 14.66 -17.21
C2B CLA AH . 18.78 15.17 -15.98
C3B CLA AH . 19.85 14.20 -15.82
C4B CLA AH . 19.72 13.26 -16.95
CMB CLA AH . 18.44 16.34 -15.12
CAB CLA AH . 20.90 14.16 -14.77
CBB CLA AH . 20.85 13.27 -13.82
NC CLA AH . 19.64 11.08 -19.16
C1C CLA AH . 20.59 11.11 -18.23
C2C CLA AH . 21.62 10.06 -18.30
C3C CLA AH . 21.16 9.32 -19.48
C4C CLA AH . 19.95 10.03 -19.92
CMC CLA AH . 22.79 9.82 -17.41
CAC CLA AH . 21.77 8.10 -20.11
CBC CLA AH . 22.75 8.56 -21.17
ND CLA AH . 17.51 11.38 -20.93
C1D CLA AH . 17.95 10.30 -21.56
C2D CLA AH . 17.13 9.90 -22.73
C3D CLA AH . 16.10 10.94 -22.67
C4D CLA AH . 16.37 11.74 -21.64
CMD CLA AH . 17.13 8.83 -23.78
CAD CLA AH . 14.89 11.41 -23.37
OBD CLA AH . 14.31 10.84 -24.35
CBD CLA AH . 14.38 12.62 -22.68
CGD CLA AH . 14.44 13.80 -23.61
O1D CLA AH . 15.49 14.29 -23.89
O2D CLA AH . 13.24 14.39 -24.16
CED CLA AH . 13.11 14.54 -25.55
C1 CLA AH . 10.71 17.72 -22.47
C2 CLA AH . 9.84 18.75 -21.78
C3 CLA AH . 8.78 19.27 -22.44
C4 CLA AH . 8.44 18.81 -23.82
C5 CLA AH . 7.89 20.29 -21.77
C6 CLA AH . 8.70 21.44 -21.17
C7 CLA AH . 7.99 22.03 -19.97
C8 CLA AH . 6.74 22.83 -20.32
C9 CLA AH . 6.89 24.26 -19.84
C10 CLA AH . 5.53 22.16 -19.68
C11 CLA AH . 4.21 22.53 -20.33
C12 CLA AH . 3.05 21.97 -19.51
C13 CLA AH . 1.68 22.06 -20.19
C14 CLA AH . 1.75 21.68 -21.66
C15 CLA AH . 1.07 23.44 -20.00
MG CLA BH . 20.48 20.63 -13.81
CHA CLA BH . 21.25 19.92 -10.50
CHB CLA BH . 21.82 17.57 -14.62
CHC CLA BH . 19.53 21.22 -16.98
CHD CLA BH . 19.21 23.79 -12.84
NA CLA BH . 21.41 18.93 -12.73
C1A CLA BH . 21.62 18.84 -11.48
C2A CLA BH . 22.32 17.57 -11.09
C3A CLA BH . 22.55 16.91 -12.41
C4A CLA BH . 21.88 17.86 -13.32
CMA CLA BH . 23.98 16.54 -12.71
CAA CLA BH . 21.36 16.61 -10.38
CBA CLA BH . 19.89 16.77 -10.74
CGA CLA BH . 19.21 15.45 -10.96
O1A CLA BH . 19.77 14.37 -10.92
O2A CLA BH . 17.92 15.33 -11.20
NB CLA BH . 20.64 19.54 -15.54
C1B CLA BH . 21.24 18.35 -15.70
C2B CLA BH . 21.20 17.84 -17.09
C3B CLA BH . 20.53 18.94 -17.76
C4B CLA BH . 20.22 19.95 -16.73
CMB CLA BH . 21.75 16.55 -17.65
CAB CLA BH . 20.19 19.03 -19.18
CBB CLA BH . 19.27 18.20 -19.60
NC CLA BH . 19.50 22.25 -14.77
C1C CLA BH . 19.24 22.34 -16.08
C2C CLA BH . 18.64 23.61 -16.53
C3C CLA BH . 18.56 24.35 -15.28
C4C CLA BH . 19.12 23.43 -14.27
CMC CLA BH . 18.22 24.03 -17.90
CAC CLA BH . 18.05 25.74 -15.01
CBC CLA BH . 19.01 26.74 -15.56
ND CLA BH . 20.22 21.72 -12.15
C1D CLA BH . 19.73 22.90 -11.81
C2D CLA BH . 19.78 23.21 -10.35
C3D CLA BH . 20.41 21.97 -9.89
C4D CLA BH . 20.63 21.18 -10.94
CMD CLA BH . 19.40 24.33 -9.43
CAD CLA BH . 20.87 21.32 -8.66
OBD CLA BH . 20.75 21.78 -7.47
CBD CLA BH . 21.42 19.98 -9.00
CGD CLA BH . 22.84 19.96 -8.54
O1D CLA BH . 23.07 20.04 -7.36
O2D CLA BH . 23.97 19.84 -9.40
CED CLA BH . 24.99 18.96 -8.97
C1 CLA BH . 17.18 13.92 -11.22
C2 CLA BH . 17.02 13.13 -12.49
C3 CLA BH . 16.06 12.22 -12.64
C4 CLA BH . 15.09 11.95 -11.53
C5 CLA BH . 15.90 11.43 -13.90
C6 CLA BH . 17.05 11.66 -14.86
C7 CLA BH . 16.66 11.21 -16.26
C8 CLA BH . 16.89 9.71 -16.45
C9 CLA BH . 18.29 9.31 -16.06
C10 CLA BH . 16.60 9.37 -17.90
C11 CLA BH . 17.02 7.95 -18.25
C12 CLA BH . 16.47 7.53 -19.59
C13 CLA BH . 16.89 6.11 -19.93
C14 CLA BH . 18.36 6.04 -20.32
C15 CLA BH . 16.03 5.55 -21.04
C16 CLA BH . 15.56 4.16 -20.66
C17 CLA BH . 15.34 3.26 -21.86
C18 CLA BH . 14.49 2.05 -21.45
C19 CLA BH . 14.33 1.10 -22.63
C20 CLA BH . 15.07 1.33 -20.25
MG CLA CH . 41.05 5.48 -37.30
CHA CLA CH . 44.12 4.91 -38.87
CHB CLA CH . 40.79 8.38 -39.12
CHC CLA CH . 38.07 5.99 -35.78
CHD CLA CH . 41.40 2.46 -35.49
NA CLA CH . 42.28 6.54 -38.83
C1A CLA CH . 43.42 6.18 -39.29
C2A CLA CH . 44.00 7.15 -40.27
C3A CLA CH . 42.98 8.25 -40.25
C4A CLA CH . 41.94 7.71 -39.34
CMA CLA CH . 43.61 9.55 -39.83
CAA CLA CH . 44.02 6.53 -41.68
CBA CLA CH . 42.67 6.43 -42.39
CGA CLA CH . 42.45 5.09 -43.03
O1A CLA CH . 43.32 4.26 -43.20
O2A CLA CH . 41.27 4.66 -43.47
NB CLA CH . 39.66 6.98 -37.44
C1B CLA CH . 39.67 8.05 -38.23
C2B CLA CH . 38.45 8.88 -38.11
C3B CLA CH . 37.68 8.14 -37.11
C4B CLA CH . 38.51 6.99 -36.76
CMB CLA CH . 38.11 10.13 -38.84
CAB CLA CH . 36.36 8.36 -36.49
CBB CLA CH . 35.79 9.52 -36.38
NC CLA CH . 39.89 4.37 -35.91
C1C CLA CH . 38.71 4.72 -35.43
C2C CLA CH . 38.04 3.78 -34.52
C3C CLA CH . 39.04 2.70 -34.50
C4C CLA CH . 40.12 3.18 -35.36
CMC CLA CH . 36.71 3.90 -33.85
CAC CLA CH . 39.00 1.38 -33.77
CBC CLA CH . 38.50 0.32 -34.71
ND CLA CH . 42.33 3.97 -37.14
C1D CLA CH . 42.47 2.87 -36.41
C2D CLA CH . 43.75 2.14 -36.59
C3D CLA CH . 44.36 3.01 -37.59
C4D CLA CH . 43.52 4.02 -37.85
CMD CLA CH . 44.40 0.91 -36.02
CAD CLA CH . 45.60 3.15 -38.37
OBD CLA CH . 46.71 2.58 -38.10
CBD CLA CH . 45.45 4.31 -39.28
CGD CLA CH . 46.58 5.27 -39.06
O1D CLA CH . 46.89 5.64 -37.94
O2D CLA CH . 47.34 5.78 -40.19
CED CLA CH . 48.71 6.10 -40.02
C1 CLA CH . 40.76 5.06 -44.93
C2 CLA CH . 39.42 5.68 -45.24
C3 CLA CH . 39.28 6.48 -46.29
C4 CLA CH . 40.46 6.80 -47.14
C5 CLA CH . 37.96 7.13 -46.66
C6 CLA CH . 36.81 6.14 -46.52
C7 CLA CH . 35.48 6.87 -46.70
C8 CLA CH . 34.78 6.45 -47.99
C9 CLA CH . 34.41 7.65 -48.83
C10 CLA CH . 33.55 5.66 -47.65
C11 CLA CH . 33.63 4.25 -48.22
C12 CLA CH . 32.96 3.25 -47.29
C13 CLA CH . 31.78 2.51 -47.93
C14 CLA CH . 31.02 3.34 -48.95
C15 CLA CH . 30.85 2.09 -46.82
MG CLA DH . 46.95 -1.58 -40.47
CHA CLA DH . 49.58 -1.02 -42.69
CHB CLA DH . 45.46 1.22 -41.80
CHC CLA DH . 44.40 -2.19 -38.39
CHD CLA DH . 48.68 -4.40 -39.14
NA CLA DH . 47.42 -0.06 -42.06
C1A CLA DH . 48.47 0.00 -42.80
C2A CLA DH . 48.48 1.19 -43.74
C3A CLA DH . 47.17 1.88 -43.39
C4A CLA DH . 46.64 0.96 -42.35
CMA CLA DH . 47.20 3.37 -43.13
CAA CLA DH . 48.50 0.78 -45.22
CBA CLA DH . 47.17 0.79 -45.97
CGA CLA DH . 46.80 -0.62 -46.36
O1A CLA DH . 46.90 -1.59 -45.62
O2A CLA DH . 46.33 -0.95 -47.54
NB CLA DH . 45.17 -0.61 -40.15
C1B CLA DH . 44.73 0.48 -40.76
C2B CLA DH . 43.40 0.93 -40.31
C3B CLA DH . 43.07 -0.06 -39.30
C4B CLA DH . 44.24 -0.99 -39.26
CMB CLA DH . 42.65 2.13 -40.81
CAB CLA DH . 41.80 -0.03 -38.52
CBB CLA DH . 41.32 -0.97 -37.73
NC CLA DH . 46.56 -3.11 -39.07
C1C CLA DH . 45.48 -3.16 -38.28
C2C CLA DH . 45.46 -4.26 -37.28
C3C CLA DH . 46.72 -4.93 -37.56
C4C CLA DH . 47.32 -4.15 -38.66
CMC CLA DH . 44.40 -4.60 -36.26
CAC CLA DH . 47.32 -6.15 -36.89
CBC CLA DH . 48.08 -5.71 -35.65
ND CLA DH . 48.66 -2.58 -40.74
C1D CLA DH . 49.29 -3.64 -40.23
C2D CLA DH . 50.64 -3.92 -40.82
C3D CLA DH . 50.68 -2.83 -41.80
C4D CLA DH . 49.56 -2.12 -41.71
CMD CLA DH . 51.76 -4.90 -40.67
CAD CLA DH . 51.57 -2.29 -42.84
OBD CLA DH . 52.83 -2.50 -42.90
CBD CLA DH . 50.89 -1.12 -43.44
CGD CLA DH . 51.67 0.10 -43.14
O1D CLA DH . 52.05 0.35 -42.02
O2D CLA DH . 52.01 1.02 -44.18
CED CLA DH . 53.37 0.95 -44.56
MG CLA EH . 35.76 17.11 -34.18
CHA CLA EH . 37.35 14.21 -33.06
CHB CLA EH . 33.11 15.12 -35.06
CHC CLA EH . 34.14 19.93 -35.04
CHD CLA EH . 38.55 19.04 -33.17
NA CLA EH . 35.25 14.94 -34.07
C1A CLA EH . 35.97 13.99 -33.63
C2A CLA EH . 35.34 12.62 -33.79
C3A CLA EH . 34.03 12.97 -34.45
C4A CLA EH . 34.12 14.44 -34.52
CMA CLA EH . 33.69 12.26 -35.73
CAA CLA EH . 35.06 11.97 -32.44
CBA CLA EH . 34.37 10.63 -32.61
CGA CLA EH . 35.27 9.48 -32.38
O1A CLA EH . 36.28 9.28 -33.00
O2A CLA EH . 35.04 8.57 -31.48
NB CLA EH . 33.88 17.46 -34.93
C1B CLA EH . 32.95 16.57 -35.28
C2B CLA EH . 31.75 17.17 -35.90
C3B CLA EH . 32.10 18.59 -35.89
C4B CLA EH . 33.43 18.67 -35.26
CMB CLA EH . 30.54 16.43 -36.41
CAB CLA EH . 31.40 19.82 -36.35
CBB CLA EH . 30.16 19.85 -36.74
NC CLA EH . 36.25 19.18 -34.05
C1C CLA EH . 35.51 20.15 -34.57
C2C CLA EH . 36.13 21.47 -34.69
C3C CLA EH . 37.44 21.21 -34.11
C4C CLA EH . 37.41 19.78 -33.76
CMC CLA EH . 35.54 22.73 -35.24
CAC CLA EH . 38.57 22.21 -33.98
CBC CLA EH . 38.80 22.60 -32.55
ND CLA EH . 37.52 16.85 -33.28
C1D CLA EH . 38.59 17.59 -32.99
C2D CLA EH . 39.77 16.80 -32.54
C3D CLA EH . 39.19 15.46 -32.58
C4D CLA EH . 37.93 15.56 -33.00
CMD CLA EH . 41.18 16.99 -32.11
CAD CLA EH . 39.57 14.07 -32.32
OBD CLA EH . 40.76 13.63 -32.46
CBD CLA EH . 38.37 13.23 -32.55
CGD CLA EH . 38.73 12.25 -33.62
O1D CLA EH . 38.52 11.06 -33.47
O2D CLA EH . 39.31 12.69 -34.86
CED CLA EH . 38.67 12.30 -36.05
C1 CLA EH . 34.01 7.39 -31.80
C2 CLA EH . 34.32 5.98 -31.38
C3 CLA EH . 33.40 5.01 -31.50
C4 CLA EH . 33.73 3.62 -31.06
C5 CLA EH . 32.04 5.32 -32.06
MG CLA FH . 27.46 11.10 -28.07
CHA CLA FH . 30.81 11.68 -28.66
CHB CLA FH . 26.81 12.56 -31.14
CHC CLA FH . 24.18 10.49 -27.54
CHD CLA FH . 28.21 9.71 -24.91
NA CLA FH . 28.63 12.00 -29.74
C1A CLA FH . 29.90 12.14 -29.77
C2A CLA FH . 30.38 12.83 -31.01
C3A CLA FH . 29.11 13.12 -31.76
C4A CLA FH . 28.10 12.53 -30.83
CMA CLA FH . 28.92 14.51 -32.34
CAA CLA FH . 31.22 11.92 -31.89
CBA CLA FH . 30.49 10.74 -32.53
CGA CLA FH . 30.51 9.46 -31.75
O1A CLA FH . 30.18 8.40 -32.24
O2A CLA FH . 30.86 9.27 -30.51
NB CLA FH . 25.75 11.46 -29.19
C1B CLA FH . 25.67 12.06 -30.38
C2B CLA FH . 24.30 12.17 -30.90
C3B CLA FH . 23.53 11.55 -29.85
C4B CLA FH . 24.50 11.15 -28.81
CMB CLA FH . 23.85 12.77 -32.21
CAB CLA FH . 22.05 11.41 -29.83
CBB CLA FH . 21.42 10.28 -29.59
NC CLA FH . 26.37 10.19 -26.49
C1C CLA FH . 25.04 10.05 -26.45
C2C CLA FH . 24.50 9.40 -25.25
C3C CLA FH . 25.72 9.16 -24.49
C4C CLA FH . 26.80 9.69 -25.33
CMC CLA FH . 23.09 9.08 -24.90
CAC CLA FH . 25.87 8.51 -23.13
CBC CLA FH . 26.23 7.06 -23.30
ND CLA FH . 29.04 10.74 -26.92
C1D CLA FH . 29.31 10.17 -25.76
C2D CLA FH . 30.77 10.06 -25.43
C3D CLA FH . 31.30 10.68 -26.64
C4D CLA FH . 30.30 11.05 -27.43
CMD CLA FH . 31.62 9.53 -24.32
CAD CLA FH . 32.59 11.03 -27.25
OBD CLA FH . 33.68 10.43 -27.02
CBD CLA FH . 32.32 11.72 -28.55
CGD CLA FH . 32.86 13.12 -28.53
O1D CLA FH . 32.55 13.91 -27.67
O2D CLA FH . 33.78 13.56 -29.56
CED CLA FH . 34.65 14.64 -29.23
C1 CLA FH . 30.06 8.20 -29.63
C2 CLA FH . 28.56 8.12 -29.67
C3 CLA FH . 27.86 7.46 -28.73
C4 CLA FH . 28.54 6.78 -27.62
C5 CLA FH . 26.36 7.43 -28.83
C6 CLA FH . 25.74 6.72 -27.64
C7 CLA FH . 25.06 5.43 -28.06
C8 CLA FH . 23.60 5.57 -28.52
C9 CLA FH . 23.50 5.48 -30.04
C10 CLA FH . 22.94 6.85 -28.01
C11 CLA FH . 21.47 6.86 -28.34
C12 CLA FH . 20.69 6.12 -27.27
C13 CLA FH . 19.44 6.88 -26.91
C14 CLA FH . 19.73 8.33 -26.56
C15 CLA FH . 18.77 6.16 -25.75
C16 CLA FH . 17.89 5.03 -26.25
C17 CLA FH . 16.46 5.50 -26.36
C18 CLA FH . 15.53 4.41 -25.88
C19 CLA FH . 14.09 4.91 -25.87
C20 CLA FH . 15.65 3.18 -26.76
MG CLA GH . 21.49 10.50 -36.05
CHA CLA GH . 24.89 11.21 -36.23
CHB CLA GH . 21.16 11.97 -39.14
CHC CLA GH . 18.20 9.84 -35.85
CHD CLA GH . 21.98 8.95 -32.91
NA CLA GH . 22.83 11.46 -37.54
C1A CLA GH . 24.10 11.66 -37.43
C2A CLA GH . 24.67 12.46 -38.56
C3A CLA GH . 23.46 12.71 -39.42
C4A CLA GH . 22.41 11.99 -38.67
CMA CLA GH . 23.15 14.15 -39.74
CAA CLA GH . 25.73 11.73 -39.36
CBA CLA GH . 25.34 10.33 -39.74
CGA CLA GH . 26.62 9.70 -40.21
O1A CLA GH . 27.57 9.49 -39.49
O2A CLA GH . 26.87 9.39 -41.47
NB CLA GH . 19.93 10.86 -37.32
C1B CLA GH . 19.94 11.39 -38.54
C2B CLA GH . 18.62 11.43 -39.21
C3B CLA GH . 17.79 10.80 -38.20
C4B CLA GH . 18.68 10.48 -37.07
CMB CLA GH . 18.30 11.97 -40.58
CAB CLA GH . 16.35 10.46 -38.13
CBB CLA GH . 15.63 10.23 -39.21
NC CLA GH . 20.29 9.48 -34.63
C1C CLA GH . 18.97 9.34 -34.70
C2C CLA GH . 18.31 8.68 -33.56
C3C CLA GH . 19.46 8.39 -32.72
C4C CLA GH . 20.61 8.93 -33.46
CMC CLA GH . 16.85 8.39 -33.38
CAC CLA GH . 19.48 7.70 -31.38
CBC CLA GH . 19.94 6.28 -31.60
ND CLA GH . 22.97 10.12 -34.77
C1D CLA GH . 23.13 9.49 -33.61
C2D CLA GH . 24.54 9.42 -33.13
C3D CLA GH . 25.19 10.13 -34.23
C4D CLA GH . 24.25 10.49 -35.11
CMD CLA GH . 25.30 8.86 -31.97
CAD CLA GH . 26.52 10.58 -34.68
OBD CLA GH . 27.63 10.22 -34.17
CBD CLA GH . 26.35 11.41 -35.90
CGD CLA GH . 26.60 12.84 -35.57
O1D CLA GH . 26.60 13.22 -34.43
O2D CLA GH . 26.88 13.82 -36.59
CED CLA GH . 27.14 15.15 -36.20
C1 CLA GH . 27.97 8.28 -41.82
C2 CLA GH . 27.84 6.83 -41.43
C3 CLA GH . 28.68 6.26 -40.56
C4 CLA GH . 29.76 7.06 -39.91
C5 CLA GH . 28.53 4.81 -40.19
MG CLA HH . 9.26 59.22 -54.61
CHA CLA HH . 7.99 60.51 -51.64
CHB CLA HH . 9.06 62.40 -55.92
CHC CLA HH . 10.54 57.99 -57.51
CHD CLA HH . 9.40 55.99 -53.18
NA CLA HH . 8.64 61.25 -53.90
C1A CLA HH . 8.18 61.54 -52.74
C2A CLA HH . 7.88 63.01 -52.60
C3A CLA HH . 8.19 63.56 -53.98
C4A CLA HH . 8.67 62.33 -54.65
CMA CLA HH . 7.18 64.44 -54.70
CAA CLA HH . 8.83 63.79 -51.69
CBA CLA HH . 10.00 63.12 -50.97
CGA CLA HH . 11.13 62.64 -51.84
O1A CLA HH . 11.35 63.04 -52.97
O2A CLA HH . 12.02 61.77 -51.44
NB CLA HH . 9.73 60.08 -56.41
C1B CLA HH . 9.56 61.34 -56.79
C2B CLA HH . 9.96 61.63 -58.19
C3B CLA HH . 10.38 60.31 -58.63
C4B CLA HH . 10.21 59.42 -57.47
CMB CLA HH . 9.90 62.92 -58.93
CAB CLA HH . 10.90 59.89 -59.96
CBB CLA HH . 11.94 60.47 -60.48
NC CLA HH . 9.88 57.30 -55.25
C1C CLA HH . 10.44 57.01 -56.43
C2C CLA HH . 10.98 55.65 -56.58
C3C CLA HH . 10.65 55.08 -55.29
C4C CLA HH . 9.98 56.16 -54.54
CMC CLA HH . 11.71 55.02 -57.74
CAC CLA HH . 10.98 53.71 -54.82
CBC CLA HH . 12.33 53.77 -54.13
ND CLA HH . 8.84 58.31 -52.86
C1D CLA HH . 8.90 57.09 -52.34
C2D CLA HH . 8.43 56.99 -50.93
C3D CLA HH . 8.08 58.40 -50.71
C4D CLA HH . 8.32 59.08 -51.83
CMD CLA HH . 8.25 55.94 -49.87
CAD CLA HH . 7.53 59.29 -49.68
OBD CLA HH . 7.18 58.94 -48.50
CBD CLA HH . 7.47 60.68 -50.23
CGD CLA HH . 6.06 61.19 -50.18
O1D CLA HH . 5.13 60.41 -50.21
O2D CLA HH . 5.79 62.62 -50.11
CED CLA HH . 4.82 63.15 -49.20
C1 CLA HH . 11.74 60.19 -51.45
C2 CLA HH . 12.43 59.36 -52.50
C3 CLA HH . 12.65 58.05 -52.37
C4 CLA HH . 12.25 57.32 -51.14
C5 CLA HH . 13.35 57.31 -53.49
C6 CLA HH . 13.37 58.13 -54.77
C7 CLA HH . 14.74 58.11 -55.42
C8 CLA HH . 14.63 57.86 -56.91
C9 CLA HH . 15.90 57.22 -57.45
C10 CLA HH . 14.34 59.17 -57.63
MG CLA IH . 9.47 52.62 -59.08
CHA CLA IH . 10.46 54.41 -61.90
CHB CLA IH . 11.26 49.97 -60.34
CHC CLA IH . 8.66 50.96 -56.26
CHD CLA IH . 7.59 55.42 -57.95
NA CLA IH . 10.73 52.20 -60.89
C1A CLA IH . 10.99 53.00 -61.86
C2A CLA IH . 11.85 52.38 -62.95
C3A CLA IH . 12.04 50.97 -62.42
C4A CLA IH . 11.30 51.04 -61.13
CMA CLA IH . 11.77 49.79 -63.35
CAA CLA IH . 13.22 53.08 -63.05
CBA CLA IH . 14.43 52.19 -63.32
CGA CLA IH . 15.57 53.00 -63.89
O1A CLA IH . 16.74 52.66 -63.86
O2A CLA IH . 15.42 54.16 -64.50
NB CLA IH . 9.92 50.73 -58.40
C1B CLA IH . 10.61 49.78 -59.03
C2B CLA IH . 10.71 48.50 -58.30
C3B CLA IH . 9.93 48.80 -57.11
C4B CLA IH . 9.48 50.21 -57.24
CMB CLA IH . 11.41 47.23 -58.71
CAB CLA IH . 9.69 47.88 -55.98
CBB CLA IH . 8.48 47.57 -55.58
NC CLA IH . 8.35 53.13 -57.35
C1C CLA IH . 8.12 52.32 -56.31
C2C CLA IH . 7.31 52.88 -55.21
C3C CLA IH . 7.02 54.22 -55.72
C4C CLA IH . 7.70 54.27 -57.03
CMC CLA IH . 6.87 52.26 -53.91
CAC CLA IH . 6.22 55.32 -55.06
CBC CLA IH . 4.80 55.29 -55.56
ND CLA IH . 9.03 54.48 -59.65
C1D CLA IH . 8.33 55.53 -59.20
C2D CLA IH . 8.37 56.74 -60.07
C3D CLA IH . 9.25 56.22 -61.14
C4D CLA IH . 9.58 54.95 -60.84
CMD CLA IH . 7.81 58.14 -60.10
CAD CLA IH . 9.85 56.64 -62.41
OBD CLA IH . 9.99 57.87 -62.78
CBD CLA IH . 10.65 55.50 -62.92
CGD CLA IH . 10.08 55.09 -64.25
O1D CLA IH . 8.88 54.96 -64.40
O2D CLA IH . 10.98 54.82 -65.35
CED CLA IH . 11.31 55.89 -66.23
MG CLA JH . 19.21 44.88 -50.56
CHA CLA JH . 18.46 42.05 -52.43
CHB CLA JH . 22.36 43.56 -50.11
CHC CLA JH . 19.97 47.68 -48.81
CHD CLA JH . 15.89 46.07 -50.95
NA CLA JH . 20.32 43.05 -51.19
C1A CLA JH . 19.87 42.08 -51.90
C2A CLA JH . 20.87 40.96 -52.10
C3A CLA JH . 22.05 41.46 -51.31
C4A CLA JH . 21.55 42.78 -50.84
CMA CLA JH . 22.60 40.51 -50.26
CAA CLA JH . 21.27 40.74 -53.56
CBA CLA JH . 22.30 41.72 -54.11
CGA CLA JH . 21.64 42.71 -55.03
O1A CLA JH . 22.22 43.62 -55.60
O2A CLA JH . 20.34 42.69 -55.33
NB CLA JH . 20.92 45.52 -49.61
C1B CLA JH . 22.09 44.88 -49.51
C2B CLA JH . 23.12 45.61 -48.73
C3B CLA JH . 22.40 46.81 -48.35
C4B CLA JH . 21.05 46.68 -48.94
CMB CLA JH . 24.53 45.20 -48.42
CAB CLA JH . 22.93 47.95 -47.55
CBB CLA JH . 22.38 48.34 -46.43
NC CLA JH . 18.13 46.64 -50.04
C1C CLA JH . 18.59 47.65 -49.31
C2C CLA JH . 17.64 48.73 -49.02
C3C CLA JH . 16.45 48.26 -49.71
C4C CLA JH . 16.85 46.97 -50.29
CMC CLA JH . 17.88 49.99 -48.25
CAC CLA JH . 15.09 48.91 -49.81
CBC CLA JH . 14.19 48.48 -48.68
ND CLA JH . 17.51 44.32 -51.42
C1D CLA JH . 16.28 44.80 -51.57
C2D CLA JH . 15.37 43.94 -52.37
C3D CLA JH . 16.30 42.85 -52.69
C4D CLA JH . 17.49 43.12 -52.13
CMD CLA JH . 13.95 43.96 -52.83
CAD CLA JH . 16.37 41.57 -53.41
OBD CLA JH . 15.47 41.14 -54.22
CBD CLA JH . 17.73 40.99 -53.23
CGD CLA JH . 17.65 39.73 -52.43
O1D CLA JH . 17.60 39.77 -51.22
O2D CLA JH . 17.64 38.42 -53.05
CED CLA JH . 16.92 37.37 -52.42
C1 CLA JH . 19.52 44.05 -55.52
C2 CLA JH . 19.71 45.23 -54.60
C3 CLA JH . 18.72 46.06 -54.26
C4 CLA JH . 17.33 45.84 -54.79
C5 CLA JH . 19.01 47.20 -53.33
C6 CLA JH . 17.89 48.25 -53.38
C7 CLA JH . 18.34 49.50 -54.13
C8 CLA JH . 18.49 50.72 -53.21
C9 CLA JH . 19.74 50.63 -52.36
C10 CLA JH . 17.24 50.88 -52.33
MG CLA KH . 49.50 -7.91 -49.90
CHA CLA KH . 50.03 -5.10 -47.88
CHB CLA KH . 51.52 -9.66 -47.73
CHC CLA KH . 48.91 -10.65 -51.80
CHD CLA KH . 47.40 -5.99 -52.03
NA CLA KH . 50.64 -7.47 -48.03
C1A CLA KH . 50.74 -6.35 -47.40
C2A CLA KH . 51.61 -6.42 -46.16
C3A CLA KH . 52.06 -7.88 -46.17
C4A CLA KH . 51.37 -8.38 -47.39
CMA CLA KH . 53.50 -8.24 -45.92
CAA CLA KH . 50.83 -6.08 -44.88
CBA CLA KH . 50.51 -7.22 -43.92
CGA CLA KH . 49.04 -7.21 -43.63
O1A CLA KH . 48.44 -6.35 -43.02
O2A CLA KH . 48.21 -8.17 -44.01
NB CLA KH . 50.12 -9.87 -49.76
C1B CLA KH . 50.95 -10.41 -48.86
C2B CLA KH . 51.23 -11.86 -49.08
C3B CLA KH . 50.46 -12.11 -50.29
C4B CLA KH . 49.80 -10.83 -50.65
CMB CLA KH . 52.09 -12.79 -48.29
CAB CLA KH . 50.32 -13.39 -51.03
CBB CLA KH . 50.95 -13.58 -52.15
NC CLA KH . 48.29 -8.27 -51.61
C1C CLA KH . 48.18 -9.44 -52.25
C2C CLA KH . 47.29 -9.47 -53.43
C3C CLA KH . 46.81 -8.08 -53.46
C4C CLA KH . 47.50 -7.44 -52.31
CMC CLA KH . 46.95 -10.61 -54.33
CAC CLA KH . 45.84 -7.45 -54.43
CBC CLA KH . 46.54 -6.63 -55.48
ND CLA KH . 48.79 -6.05 -50.04
C1D CLA KH . 48.03 -5.34 -50.88
C2D CLA KH . 47.90 -3.89 -50.56
C3D CLA KH . 48.72 -3.86 -49.34
C4D CLA KH . 49.20 -5.09 -49.11
CMD CLA KH . 47.23 -2.66 -51.11
CAD CLA KH . 49.21 -2.91 -48.33
OBD CLA KH . 49.28 -1.64 -48.50
CBD CLA KH . 49.99 -3.69 -47.31
CGD CLA KH . 51.35 -3.09 -47.11
O1D CLA KH . 51.85 -3.08 -46.00
O2D CLA KH . 52.12 -2.53 -48.19
CED CLA KH . 53.54 -2.61 -48.07
C1 PQN LH . 9.35 44.69 -46.09
O1 PQN LH . 9.93 44.67 -45.00
C2 PQN LH . 9.45 45.88 -46.96
C2M PQN LH . 10.26 47.06 -46.54
C3 PQN LH . 8.75 45.91 -48.27
C4 PQN LH . 7.95 44.74 -48.69
O4 PQN LH . 7.37 44.77 -49.79
C5 PQN LH . 7.85 43.55 -47.83
C6 PQN LH . 7.10 42.46 -48.24
C7 PQN LH . 7.00 41.36 -47.42
C8 PQN LH . 7.65 41.31 -46.19
C9 PQN LH . 8.41 42.38 -45.74
C10 PQN LH . 8.53 43.52 -46.53
C11 PQN LH . 8.85 47.10 -49.19
C12 PQN LH . 10.04 46.91 -50.06
C13 PQN LH . 10.03 47.21 -51.36
C14 PQN LH . 8.79 47.76 -52.01
C15 PQN LH . 11.28 46.98 -52.16
C16 PQN LH . 12.22 48.16 -52.01
C17 PQN LH . 13.09 48.30 -53.25
C18 PQN LH . 13.06 49.73 -53.76
C19 PQN LH . 11.62 50.16 -53.98
C20 PQN LH . 13.96 49.87 -54.98
C21 PQN LH . 13.21 50.12 -56.30
C22 PQN LH . 13.47 51.52 -56.83
C23 PQN LH . 13.80 51.60 -58.32
C24 PQN LH . 14.53 50.36 -58.85
C25 PQN LH . 14.66 52.83 -58.56
C26 PQN LH . 16.02 52.67 -57.88
C27 PQN LH . 16.96 53.77 -58.35
C28 PQN LH . 18.16 53.22 -59.10
C29 PQN LH . 17.81 52.92 -60.55
C30 PQN LH . 19.32 54.19 -59.04
FE1 SF4 MH . 0.47 35.51 -45.04
FE2 SF4 MH . 0.21 33.31 -43.46
FE3 SF4 MH . -0.60 33.22 -46.08
FE4 SF4 MH . -2.02 34.69 -44.27
S1 SF4 MH . -1.74 32.43 -44.26
S2 SF4 MH . -1.39 35.34 -46.37
S3 SF4 MH . -0.34 35.45 -42.90
S4 SF4 MH . 1.54 33.52 -45.31
C1 BCR NH . 37.74 -8.66 -64.40
C2 BCR NH . 36.72 -9.63 -63.81
C3 BCR NH . 37.02 -9.92 -62.35
C4 BCR NH . 36.94 -8.66 -61.53
C5 BCR NH . 37.71 -7.53 -62.16
C6 BCR NH . 37.95 -7.47 -63.48
C7 BCR NH . 38.41 -6.19 -64.07
C8 BCR NH . 39.66 -5.85 -64.35
C9 BCR NH . 39.87 -4.69 -64.84
C10 BCR NH . 40.65 -3.90 -64.28
C11 BCR NH . 41.46 -3.06 -64.44
C33 BCR NH . 38.17 -6.44 -61.25
C31 BCR NH . 37.25 -8.18 -65.76
C32 BCR NH . 39.06 -9.39 -64.57
C34 BCR NH . 39.19 -4.28 -66.10
C12 BCR NH . 42.34 -2.17 -64.56
C13 BCR NH . 43.18 -1.20 -65.28
C14 BCR NH . 43.94 -0.36 -64.59
C15 BCR NH . 44.80 0.61 -65.27
C16 BCR NH . 45.74 1.53 -65.33
C17 BCR NH . 46.62 2.28 -64.97
C18 BCR NH . 47.39 2.98 -64.13
C19 BCR NH . 48.44 3.89 -64.64
C20 BCR NH . 49.67 4.35 -64.44
C21 BCR NH . 50.72 4.90 -64.54
C22 BCR NH . 51.86 5.49 -64.15
C23 BCR NH . 52.84 5.93 -65.14
C24 BCR NH . 53.80 6.82 -64.83
C25 BCR NH . 54.85 7.28 -65.79
C26 BCR NH . 54.61 8.30 -66.63
C27 BCR NH . 55.70 8.93 -67.45
C28 BCR NH . 57.06 8.64 -66.85
C29 BCR NH . 57.18 7.14 -66.75
C30 BCR NH . 56.20 6.58 -65.73
C35 BCR NH . 43.16 -1.19 -66.78
C36 BCR NH . 47.23 2.80 -62.66
C37 BCR NH . 52.13 5.68 -62.69
C38 BCR NH . 53.25 8.88 -66.83
C39 BCR NH . 56.77 6.75 -64.33
C40 BCR NH . 56.09 5.09 -66.03
C1 BCR OH . 45.89 27.01 -65.99
C2 BCR OH . 44.78 27.80 -65.31
C3 BCR OH . 45.08 28.15 -63.87
C4 BCR OH . 45.27 26.86 -63.11
C5 BCR OH . 46.44 26.13 -63.71
C6 BCR OH . 46.62 26.07 -65.05
C7 BCR OH . 47.58 25.12 -65.65
C8 BCR OH . 47.43 23.79 -65.81
C9 BCR OH . 48.35 23.11 -66.38
C10 BCR OH . 48.11 22.01 -66.92
C11 BCR OH . 48.52 20.92 -67.11
C33 BCR OH . 47.41 25.51 -62.76
C31 BCR OH . 46.92 27.95 -66.57
C32 BCR OH . 45.27 26.21 -67.11
C34 BCR OH . 49.74 23.61 -66.45
C12 BCR OH . 48.94 19.78 -67.40
C13 BCR OH . 48.88 18.30 -67.33
C14 BCR OH . 49.86 17.54 -67.82
C15 BCR OH . 49.73 16.09 -67.72
C16 BCR OH . 49.77 14.84 -68.14
C17 BCR OH . 49.70 13.64 -68.09
C18 BCR OH . 49.15 12.44 -67.88
C19 BCR OH . 49.87 11.17 -68.12
C20 BCR OH . 49.79 9.87 -68.34
C21 BCR OH . 50.06 8.72 -68.51
C22 BCR OH . 49.88 7.40 -68.47
C23 BCR OH . 50.88 6.44 -68.95
C24 BCR OH . 50.46 5.35 -69.61
C25 BCR OH . 51.38 4.31 -70.12
C26 BCR OH . 51.66 3.29 -69.29
C27 BCR OH . 52.99 2.58 -69.34
C28 BCR OH . 53.39 2.41 -70.80
C29 BCR OH . 53.36 3.76 -71.50
C30 BCR OH . 51.94 4.31 -71.53
C35 BCR OH . 47.66 17.66 -66.74
C36 BCR OH . 47.76 12.37 -67.36
C37 BCR OH . 48.60 6.87 -67.91
C38 BCR OH . 50.65 2.85 -68.27
C39 BCR OH . 51.08 3.40 -72.40
C40 BCR OH . 51.95 5.70 -72.17
C1 BCR PH . 49.25 10.99 -72.95
C2 BCR PH . 50.08 10.58 -74.16
C3 BCR PH . 51.02 11.68 -74.60
C4 BCR PH . 50.25 12.93 -74.96
C5 BCR PH . 49.36 13.31 -73.81
C6 BCR PH . 48.65 12.37 -73.18
C7 BCR PH . 47.27 12.66 -72.72
C8 BCR PH . 46.95 13.01 -71.47
C9 BCR PH . 45.74 13.22 -71.14
C10 BCR PH . 45.45 13.32 -69.92
C11 BCR PH . 45.10 14.03 -69.06
C33 BCR PH . 49.28 14.75 -73.40
C31 BCR PH . 50.15 11.09 -71.72
C32 BCR PH . 48.16 9.95 -72.72
C34 BCR PH . 44.68 13.45 -72.16
C12 BCR PH . 44.76 14.78 -68.13
C13 BCR PH . 43.82 15.54 -67.31
C14 BCR PH . 44.28 16.26 -66.28
C15 BCR PH . 43.43 17.07 -65.41
C16 BCR PH . 43.31 17.75 -64.28
C17 BCR PH . 42.92 18.41 -63.37
C18 BCR PH . 43.00 19.05 -62.20
C19 BCR PH . 41.83 19.73 -61.67
C20 BCR PH . 41.27 20.64 -60.88
C21 BCR PH . 41.11 21.47 -60.04
C22 BCR PH . 41.27 22.47 -59.19
C23 BCR PH . 40.04 22.98 -58.58
C24 BCR PH . 40.05 23.80 -57.54
C25 BCR PH . 38.78 24.29 -56.97
C26 BCR PH . 37.94 23.43 -56.38
C27 BCR PH . 36.45 23.66 -56.43
C28 BCR PH . 36.20 25.11 -56.13
C29 BCR PH . 36.95 25.99 -57.10
C30 BCR PH . 38.45 25.76 -57.05
C35 BCR PH . 42.36 15.54 -67.62
C36 BCR PH . 44.29 19.07 -61.46
C37 BCR PH . 42.61 23.00 -58.83
C38 BCR PH . 38.43 22.21 -55.65
C39 BCR PH . 39.02 26.47 -55.83
C40 BCR PH . 39.08 26.37 -58.30
C1 BCR QH . 17.39 10.86 -54.78
C2 BCR QH . 16.05 11.56 -54.83
C3 BCR QH . 16.15 13.01 -54.39
C4 BCR QH . 16.59 13.04 -52.94
C5 BCR QH . 17.93 12.35 -52.86
C6 BCR QH . 18.20 11.24 -53.54
C7 BCR QH . 19.34 10.39 -53.15
C8 BCR QH . 19.34 9.55 -52.12
C9 BCR QH . 20.38 8.87 -51.85
C10 BCR QH . 20.47 8.38 -50.72
C11 BCR QH . 20.86 7.48 -50.09
C33 BCR QH . 18.99 12.99 -52.03
C31 BCR QH . 18.27 11.29 -55.92
C32 BCR QH . 17.20 9.37 -54.90
C34 BCR QH . 21.48 8.67 -52.85
C12 BCR QH . 21.21 6.53 -49.37
C13 BCR QH . 22.06 5.42 -48.94
C14 BCR QH . 21.71 4.81 -47.81
C15 BCR QH . 22.44 3.70 -47.25
C16 BCR QH . 22.62 2.80 -46.31
C17 BCR QH . 22.41 2.23 -45.28
C18 BCR QH . 22.54 1.40 -44.25
C19 BCR QH . 23.64 0.43 -44.22
C20 BCR QH . 24.42 -0.40 -43.54
C21 BCR QH . 24.98 -0.92 -42.62
C22 BCR QH . 25.15 -1.44 -41.39
C23 BCR QH . 26.39 -2.10 -41.00
C24 BCR QH . 26.46 -3.44 -40.94
C25 BCR QH . 27.67 -4.17 -40.51
C26 BCR QH . 28.68 -4.45 -41.34
C27 BCR QH . 29.11 -5.89 -41.43
C28 BCR QH . 29.45 -6.35 -40.03
C29 BCR QH . 28.27 -6.12 -39.10
C30 BCR QH . 27.79 -4.67 -39.10
C35 BCR QH . 23.25 5.01 -49.72
C36 BCR QH . 21.53 1.43 -43.14
C37 BCR QH . 24.07 -1.25 -40.37
C38 BCR QH . 29.43 -3.41 -42.12
C39 BCR QH . 28.79 -3.78 -38.37
C40 BCR QH . 26.43 -4.61 -38.38
C1 BCR RH . 19.19 16.46 -46.19
C2 BCR RH . 17.79 16.84 -46.63
C3 BCR RH . 17.23 15.77 -47.55
C4 BCR RH . 18.01 15.77 -48.84
C5 BCR RH . 19.50 15.77 -48.58
C6 BCR RH . 20.04 16.11 -47.39
C7 BCR RH . 21.52 16.16 -47.29
C8 BCR RH . 22.26 15.13 -46.87
C9 BCR RH . 23.52 15.19 -46.81
C10 BCR RH . 24.16 14.15 -47.07
C11 BCR RH . 25.03 13.44 -46.75
C33 BCR RH . 20.37 15.43 -49.74
C31 BCR RH . 19.07 15.29 -45.23
C32 BCR RH . 19.83 17.65 -45.48
C34 BCR RH . 24.26 16.43 -46.50
C12 BCR RH . 25.91 12.61 -46.46
C13 BCR RH . 27.23 12.08 -46.09
C14 BCR RH . 27.31 10.76 -45.92
C15 BCR RH . 28.53 10.09 -45.56
C16 BCR RH . 29.15 8.98 -45.21
C17 BCR RH . 29.95 8.17 -44.85
C18 BCR RH . 30.40 6.94 -44.61
C19 BCR RH . 31.70 6.68 -44.01
C20 BCR RH . 32.54 5.72 -43.67
C21 BCR RH . 33.46 5.10 -43.24
C22 BCR RH . 34.08 4.00 -42.82
C23 BCR RH . 35.45 4.08 -42.32
C24 BCR RH . 35.63 3.59 -41.11
C25 BCR RH . 36.93 3.57 -40.40
C26 BCR RH . 37.70 4.65 -40.33
C27 BCR RH . 39.17 4.48 -40.54
C28 BCR RH . 39.57 3.43 -39.52
C29 BCR RH . 38.85 2.13 -39.79
C30 BCR RH . 37.34 2.31 -39.69
C35 BCR RH . 28.44 12.94 -45.92
C36 BCR RH . 29.53 5.78 -44.98
C37 BCR RH . 33.37 2.68 -42.85
C38 BCR RH . 37.15 6.02 -40.02
C39 BCR RH . 36.96 2.43 -38.23
C40 BCR RH . 36.65 1.10 -40.30
C1 BCR SH . 32.52 39.26 -46.99
C2 BCR SH . 32.19 38.42 -45.77
C3 BCR SH . 31.81 37.00 -46.14
C4 BCR SH . 30.59 37.00 -47.05
C5 BCR SH . 30.91 37.86 -48.23
C6 BCR SH . 31.48 39.06 -48.06
C7 BCR SH . 31.12 40.16 -48.98
C8 BCR SH . 30.01 40.89 -48.87
C9 BCR SH . 29.79 41.82 -49.71
C10 BCR SH . 29.11 42.82 -49.42
C11 BCR SH . 28.75 43.59 -48.60
C33 BCR SH . 30.61 37.36 -49.60
C31 BCR SH . 33.83 38.78 -47.59
C32 BCR SH . 32.66 40.72 -46.59
C34 BCR SH . 30.32 41.73 -51.11
C12 BCR SH . 28.34 44.50 -47.86
C13 BCR SH . 27.77 45.16 -46.68
C14 BCR SH . 27.47 46.45 -46.83
C15 BCR SH . 26.89 47.30 -45.79
C16 BCR SH . 26.41 48.46 -45.38
C17 BCR SH . 25.96 49.33 -44.70
C18 BCR SH . 25.45 50.53 -44.38
C19 BCR SH . 25.19 51.53 -45.41
C20 BCR SH . 25.10 52.81 -45.68
C21 BCR SH . 24.92 53.84 -46.27
C22 BCR SH . 24.46 55.08 -46.41
C23 BCR SH . 24.66 55.84 -47.67
C24 BCR SH . 23.58 56.34 -48.26
C25 BCR SH . 23.53 57.17 -49.50
C26 BCR SH . 22.63 58.16 -49.48
C27 BCR SH . 22.74 59.38 -50.37
C28 BCR SH . 23.55 59.12 -51.63
C29 BCR SH . 23.75 57.64 -51.91
C30 BCR SH . 24.39 56.93 -50.73
C35 BCR SH . 27.52 44.43 -45.39
C36 BCR SH . 25.13 50.88 -42.97
C37 BCR SH . 23.76 55.72 -45.26
C38 BCR SH . 21.46 58.09 -48.54
C39 BCR SH . 25.80 57.47 -50.53
C40 BCR SH . 24.45 55.45 -51.10
O1 LHG TH . 5.85 34.03 -60.82
C1 LHG TH . 6.92 33.09 -60.58
C2 LHG TH . 7.91 33.72 -59.61
O2 LHG TH . 9.18 33.07 -59.73
C3 LHG TH . 7.38 33.58 -58.19
O3 LHG TH . 8.48 33.51 -57.29
P LHG TH . 8.70 34.62 -56.15
O4 LHG TH . 8.47 35.97 -56.76
O5 LHG TH . 7.91 34.22 -54.94
O6 LHG TH . 10.28 34.48 -55.85
C4 LHG TH . 10.85 34.49 -54.54
C5 LHG TH . 12.36 34.45 -54.70
C6 LHG TH . 12.76 33.07 -55.22
O7 LHG TH . 12.69 35.42 -55.68
C7 LHG TH . 13.68 36.43 -55.27
O9 LHG TH . 13.56 36.96 -54.18
C8 LHG TH . 14.80 36.79 -56.21
C9 LHG TH . 15.30 38.20 -55.94
C10 LHG TH . 15.91 38.81 -57.20
O8 LHG TH . 13.88 32.51 -54.52
C23 LHG TH . 15.07 32.08 -55.24
O10 LHG TH . 15.21 32.39 -56.40
C24 LHG TH . 16.12 31.24 -54.54
C11 LHG TH . 17.41 39.08 -57.05
C12 LHG TH . 17.77 40.39 -57.74
C13 LHG TH . 19.27 40.68 -57.83
C14 LHG TH . 20.17 39.46 -57.68
C15 LHG TH . 21.62 39.79 -58.07
C16 LHG TH . 22.61 39.15 -57.11
C17 LHG TH . 23.82 38.60 -57.87
C18 LHG TH . 24.70 37.72 -56.99
C19 LHG TH . 26.05 37.45 -57.64
C25 LHG TH . 17.02 32.09 -53.64
C26 LHG TH . 16.80 31.76 -52.17
C27 LHG TH . 18.07 31.93 -51.36
C28 LHG TH . 18.18 33.30 -50.70
C29 LHG TH . 19.20 33.33 -49.57
C30 LHG TH . 20.65 33.11 -50.01
C31 LHG TH . 21.60 33.60 -48.93
C32 LHG TH . 22.65 34.60 -49.42
C33 LHG TH . 23.63 34.90 -48.29
C34 LHG TH . 24.88 35.64 -48.77
O3 LHG UH . 23.60 -14.65 -52.41
P LHG UH . 22.36 -13.64 -52.23
O4 LHG UH . 22.25 -12.79 -53.47
O5 LHG UH . 21.16 -14.40 -51.74
O6 LHG UH . 22.88 -12.68 -51.04
C4 LHG UH . 21.94 -12.25 -50.06
C5 LHG UH . 22.68 -11.56 -48.93
C6 LHG UH . 22.47 -12.36 -47.66
O7 LHG UH . 24.06 -11.54 -49.25
C7 LHG UH . 24.74 -10.32 -48.83
O9 LHG UH . 24.85 -10.10 -47.63
C8 LHG UH . 25.27 -9.35 -49.83
C9 LHG UH . 26.66 -8.88 -49.42
C10 LHG UH . 26.56 -7.55 -48.70
O8 LHG UH . 23.69 -13.05 -47.44
C23 LHG UH . 24.11 -13.50 -46.14
O10 LHG UH . 23.30 -13.94 -45.33
C24 LHG UH . 25.58 -13.40 -45.82
C11 LHG UH . 27.91 -6.93 -48.40
C12 LHG UH . 27.81 -6.16 -47.09
C13 LHG UH . 28.80 -5.02 -47.06
C14 LHG UH . 28.69 -4.30 -45.73
C15 LHG UH . 29.35 -2.93 -45.78
C16 LHG UH . 28.35 -1.86 -45.36
C17 LHG UH . 29.07 -0.55 -45.08
C18 LHG UH . 28.10 0.55 -44.67
C19 LHG UH . 28.82 1.60 -43.84
C20 LHG UH . 29.33 1.02 -42.53
C21 LHG UH . 28.38 1.32 -41.38
C22 LHG UH . 28.99 0.88 -40.07
C25 LHG UH . 25.86 -13.56 -44.35
C26 LHG UH . 27.12 -14.39 -44.18
C27 LHG UH . 27.79 -14.06 -42.86
C28 LHG UH . 29.30 -14.02 -42.98
C29 LHG UH . 29.94 -14.04 -41.60
C30 LHG UH . 31.45 -14.01 -41.71
C31 LHG UH . 32.05 -15.35 -41.30
C32 LHG UH . 33.57 -15.29 -41.39
C33 LHG UH . 34.19 -16.61 -40.91
C34 LHG UH . 35.37 -16.35 -39.99
C35 LHG UH . 35.02 -15.39 -38.86
C36 LHG UH . 35.26 -16.01 -37.49
C37 LHG UH . 35.95 -15.03 -36.55
C38 LHG UH . 35.03 -13.87 -36.21
C1 LMG VH . 31.12 11.92 -12.89
O1 LMG VH . 30.78 12.01 -14.28
C2 LMG VH . 32.24 12.90 -12.57
O2 LMG VH . 33.42 12.50 -13.26
C3 LMG VH . 32.55 12.97 -11.09
O3 LMG VH . 33.26 14.19 -10.84
C4 LMG VH . 31.34 12.92 -10.18
O4 LMG VH . 30.81 14.22 -9.95
C5 LMG VH . 30.24 11.98 -10.69
O5 LMG VH . 29.18 11.87 -8.53
C6 LMG VH . 28.96 12.23 -9.89
O6 LMG VH . 29.99 12.21 -12.07
C7 LMG VH . 29.48 11.51 -14.56
C8 LMG VH . 29.24 11.36 -16.05
C9 LMG VH . 30.19 10.29 -16.57
O7 LMG VH . 27.89 10.98 -16.33
C10 LMG VH . 27.03 12.11 -16.66
O9 LMG VH . 27.24 13.18 -16.13
C11 LMG VH . 25.89 11.97 -17.64
C12 LMG VH . 25.06 13.26 -17.68
C13 LMG VH . 23.99 13.20 -18.77
C14 LMG VH . 24.58 13.28 -20.17
C15 LMG VH . 23.94 12.23 -21.06
C16 LMG VH . 23.62 12.77 -22.44
C17 LMG VH . 24.85 13.14 -23.25
C18 LMG VH . 24.37 13.49 -24.64
O8 LMG VH . 31.34 10.96 -17.10
C28 LMG VH . 32.26 10.30 -17.99
O10 LMG VH . 33.43 10.21 -17.64
C29 LMG VH . 31.81 9.72 -19.32
C30 LMG VH . 31.28 10.76 -20.30
C31 LMG VH . 29.86 11.23 -20.03
C32 LMG VH . 28.87 10.68 -21.03
C33 LMG VH . 27.78 9.87 -20.35
C34 LMG VH . 28.35 8.59 -19.75
C35 LMG VH . 29.06 7.71 -20.78
C36 LMG VH . 29.97 6.76 -20.03
C37 LMG VH . 30.49 5.69 -20.60
C38 LMG VH . 30.19 5.34 -22.03
C39 LMG VH . 29.11 4.28 -22.06
C40 LMG VH . 28.56 3.95 -23.23
C41 LMG VH . 27.48 2.91 -23.30
C42 LMG VH . 26.97 2.87 -24.72
C43 LMG VH . 27.82 2.62 -25.71
C44 LMG VH . 27.33 2.58 -27.14
C45 LMG VH . 26.12 1.67 -27.23
C1B LMT WH . 43.86 9.12 -22.81
C2B LMT WH . 43.93 10.25 -21.78
C3B LMT WH . 43.29 11.52 -22.33
C4B LMT WH . 43.91 11.90 -23.69
C5B LMT WH . 43.81 10.66 -24.60
C6B LMT WH . 44.40 10.97 -25.97
O1B LMT WH . 42.54 8.75 -23.02
O2B LMT WH . 43.30 9.84 -20.63
O3B LMT WH . 43.36 12.55 -21.44
O4' LMT WH . 43.22 12.94 -24.28
O5B LMT WH . 44.43 9.53 -24.02
O6B LMT WH . 45.75 10.84 -25.95
C1' LMT WH . 39.46 6.07 -22.54
C2' LMT WH . 40.07 6.62 -21.25
C3' LMT WH . 40.85 7.89 -21.62
C4' LMT WH . 42.06 7.54 -22.49
C5' LMT WH . 41.56 6.66 -23.65
C6' LMT WH . 42.27 5.36 -23.85
O1' LMT WH . 39.41 4.71 -22.54
O2' LMT WH . 39.05 6.96 -20.41
O3' LMT WH . 41.28 8.53 -20.50
O5' LMT WH . 40.13 6.52 -23.72
O6' LMT WH . 43.52 5.70 -24.23
C1 LMT WH . 38.13 4.18 -22.57
C2 LMT WH . 37.90 3.87 -24.01
C3 LMT WH . 36.57 3.32 -24.37
C4 LMT WH . 36.61 3.07 -25.85
C5 LMT WH . 35.69 1.96 -26.22
C6 LMT WH . 36.02 1.37 -27.53
C7 LMT WH . 35.06 0.28 -27.86
C8 LMT WH . 33.74 0.89 -28.19
C1B LMT XH . 21.53 7.42 -37.42
C2B LMT XH . 20.09 6.93 -37.13
C3B LMT XH . 19.34 6.66 -38.44
C4B LMT XH . 19.84 7.59 -39.59
C5B LMT XH . 21.35 7.36 -39.76
C6B LMT XH . 22.03 8.62 -40.29
O1B LMT XH . 22.34 7.19 -36.31
O2B LMT XH . 20.20 5.79 -36.38
O3B LMT XH . 18.00 6.74 -38.26
O4' LMT XH . 19.22 7.27 -40.76
O5B LMT XH . 22.02 6.90 -38.61
O6B LMT XH . 21.36 9.08 -41.38
C1' LMT XH . 26.05 6.38 -35.00
C2' LMT XH . 26.07 6.67 -36.50
C3' LMT XH . 24.70 7.29 -36.88
C4' LMT XH . 23.52 6.41 -36.40
C5' LMT XH . 23.79 6.05 -34.93
C6' LMT XH . 22.72 5.22 -34.29
O1' LMT XH . 27.21 5.83 -34.55
O2' LMT XH . 27.06 7.57 -36.78
O3' LMT XH . 24.65 7.49 -38.22
O5' LMT XH . 25.04 5.43 -34.76
O6' LMT XH . 23.32 4.63 -33.21
C1 LMT XH . 27.59 6.31 -33.28
C2 LMT XH . 28.41 5.21 -32.69
C3 LMT XH . 27.64 4.14 -31.99
C4 LMT XH . 27.79 4.37 -30.51
C5 LMT XH . 29.19 4.13 -30.07
C1B LMT YH . 49.58 54.48 -62.72
C2B LMT YH . 50.51 54.24 -61.51
C3B LMT YH . 50.39 55.39 -60.50
C4B LMT YH . 50.58 56.76 -61.20
C5B LMT YH . 49.63 56.82 -62.41
C6B LMT YH . 49.77 58.15 -63.12
O1B LMT YH . 48.25 54.38 -62.33
O2B LMT YH . 50.16 53.04 -60.93
O3B LMT YH . 51.23 55.22 -59.43
O4' LMT YH . 50.28 57.79 -60.34
O5B LMT YH . 49.83 55.73 -63.29
O6B LMT YH . 48.53 58.64 -63.46
C1' LMT YH . 44.93 51.96 -63.14
C2' LMT YH . 46.08 51.29 -62.35
C3' LMT YH . 47.05 52.38 -61.78
C4' LMT YH . 47.49 53.34 -62.90
C5' LMT YH . 46.17 53.91 -63.44
C6' LMT YH . 46.33 55.07 -64.38
O1' LMT YH . 44.27 51.01 -63.87
O2' LMT YH . 45.56 50.60 -61.30
O3' LMT YH . 48.14 51.80 -61.21
O5' LMT YH . 45.46 52.88 -64.09
O6' LMT YH . 46.60 56.15 -63.59
C1 LMT YH . 42.87 51.11 -63.85
C2 LMT YH . 42.39 49.78 -64.37
C3 LMT YH . 41.55 48.96 -63.45
C4 LMT YH . 41.21 47.69 -64.16
C5 LMT YH . 40.14 46.96 -63.41
C6 LMT YH . 40.02 45.54 -63.85
C7 LMT YH . 38.97 44.85 -63.05
C8 LMT YH . 38.76 43.49 -63.60
C9 LMT YH . 37.61 42.75 -63.00
O1B LMT ZH . 59.52 39.97 -72.06
C1' LMT ZH . 56.06 37.77 -72.14
C2' LMT ZH . 57.09 37.33 -73.21
C3' LMT ZH . 58.46 38.02 -72.94
C4' LMT ZH . 58.32 39.52 -72.65
C5' LMT ZH . 57.21 39.67 -71.58
C6' LMT ZH . 57.02 41.06 -71.04
O1' LMT ZH . 54.82 37.31 -72.46
O2' LMT ZH . 57.26 35.97 -73.12
O3' LMT ZH . 59.29 37.85 -74.01
O5' LMT ZH . 56.00 39.18 -72.10
O6' LMT ZH . 57.47 41.92 -72.01
C1 LMT ZH . 54.22 36.50 -71.48
C2 LMT ZH . 54.04 35.18 -72.15
C3 LMT ZH . 53.39 34.11 -71.34
C4 LMT ZH . 52.26 33.56 -72.16
C5 LMT ZH . 51.71 32.33 -71.53
C6 LMT ZH . 50.50 31.84 -72.25
C7 LMT ZH . 50.08 30.51 -71.71
C8 LMT ZH . 48.82 30.11 -72.40
C9 LMT ZH . 48.38 28.72 -72.09
C10 LMT ZH . 47.22 28.42 -73.00
C11 LMT ZH . 46.64 27.08 -72.71
C12 LMT ZH . 46.11 26.99 -71.32
CL CL AI . 31.59 32.25 -16.68
MG CLA BI . 24.11 42.23 -26.94
CHA CLA BI . 21.65 44.50 -25.93
CHB CLA BI . 21.76 40.76 -28.89
CHC CLA BI . 26.55 40.15 -28.03
CHD CLA BI . 26.43 43.78 -24.81
NA CLA BI . 21.96 42.55 -27.38
C1A CLA BI . 21.18 43.41 -26.84
C2A CLA BI . 19.75 43.20 -27.20
C3A CLA BI . 19.84 41.97 -28.00
C4A CLA BI . 21.27 41.74 -28.12
CMA CLA BI . 19.21 40.94 -27.10
CAA CLA BI . 19.31 44.23 -28.22
CBA CLA BI . 17.82 44.18 -28.51
CGA CLA BI . 17.66 45.18 -29.60
O1A CLA BI . 16.69 45.34 -30.30
O2A CLA BI . 18.62 46.01 -29.89
NB CLA BI . 24.14 40.67 -28.28
C1B CLA BI . 23.14 40.27 -29.06
C2B CLA BI . 23.53 39.23 -30.05
C3B CLA BI . 24.96 39.08 -29.75
C4B CLA BI . 25.23 40.00 -28.64
CMB CLA BI . 22.68 38.59 -31.08
CAB CLA BI . 26.01 38.22 -30.35
CBB CLA BI . 25.78 37.06 -30.91
NC CLA BI . 26.17 42.03 -26.51
C1C CLA BI . 26.98 41.10 -27.00
C2C CLA BI . 28.34 41.09 -26.46
C3C CLA BI . 28.29 42.18 -25.52
C4C CLA BI . 26.93 42.67 -25.62
CMC CLA BI . 29.48 40.20 -26.82
CAC CLA BI . 29.36 42.70 -24.61
CBC CLA BI . 29.34 41.89 -23.34
ND CLA BI . 24.17 43.75 -25.67
C1D CLA BI . 25.07 44.28 -24.87
C2D CLA BI . 24.59 45.39 -24.06
C3D CLA BI . 23.19 45.45 -24.51
C4D CLA BI . 23.03 44.48 -25.42
CMD CLA BI . 25.22 46.28 -23.05
CAD CLA BI . 21.93 46.19 -24.31
OBD CLA BI . 21.81 47.28 -23.65
CBD CLA BI . 21.06 45.82 -25.46
CGD CLA BI . 19.59 45.88 -25.14
O1D CLA BI . 19.09 45.34 -24.19
O2D CLA BI . 18.70 46.64 -25.98
CED CLA BI . 17.97 47.72 -25.40
C1 CLA BI . 18.37 47.50 -30.40
C2 CLA BI . 19.55 48.17 -31.03
C3 CLA BI . 19.96 49.38 -30.65
C4 CLA BI . 19.24 50.12 -29.57
C5 CLA BI . 21.16 49.99 -31.33
C6 CLA BI . 22.30 49.93 -30.35
C7 CLA BI . 23.66 50.24 -30.97
C8 CLA BI . 23.88 51.61 -31.57
C9 CLA BI . 25.29 51.67 -32.12
C10 CLA BI . 23.63 52.71 -30.54
C11 CLA BI . 22.37 53.47 -30.92
C12 CLA BI . 22.33 54.89 -30.40
C13 CLA BI . 22.29 55.87 -31.54
C14 CLA BI . 22.04 57.25 -30.99
C15 CLA BI . 21.19 55.52 -32.52
C16 CLA BI . 21.68 55.58 -33.94
C17 CLA BI . 20.84 56.58 -34.71
C18 CLA BI . 20.44 56.04 -36.07
C19 CLA BI . 19.38 56.93 -36.69
C20 CLA BI . 21.65 55.91 -36.98
MG CLA CI . 18.57 49.16 -35.62
CHA CLA CI . 21.62 47.70 -34.76
CHB CLA CI . 20.35 51.72 -36.98
CHC CLA CI . 15.60 50.48 -36.63
CHD CLA CI . 16.86 46.52 -34.07
NA CLA CI . 20.73 49.68 -35.85
C1A CLA CI . 21.76 49.04 -35.42
C2A CLA CI . 23.04 49.79 -35.59
C3A CLA CI . 22.56 51.07 -36.27
C4A CLA CI . 21.12 50.82 -36.38
CMA CLA CI . 22.96 52.38 -35.62
CAA CLA CI . 24.16 49.09 -36.37
CBA CLA CI . 24.64 49.69 -37.67
CGA CLA CI . 25.70 50.73 -37.51
O1A CLA CI . 26.55 50.77 -36.64
O2A CLA CI . 25.76 51.72 -38.36
NB CLA CI . 18.07 50.87 -36.65
C1B CLA CI . 18.91 51.75 -37.18
C2B CLA CI . 18.28 52.81 -37.96
C3B CLA CI . 16.87 52.44 -37.83
C4B CLA CI . 16.82 51.22 -37.00
CMB CLA CI . 18.95 53.95 -38.68
CAB CLA CI . 15.69 53.10 -38.42
CBB CLA CI . 15.65 53.59 -39.64
NC CLA CI . 16.53 48.54 -35.45
C1C CLA CI . 15.47 49.26 -35.81
C2C CLA CI . 14.17 48.75 -35.32
C3C CLA CI . 14.57 47.56 -34.59
C4C CLA CI . 16.04 47.53 -34.73
CMC CLA CI . 12.79 49.29 -35.52
CAC CLA CI . 13.73 46.56 -33.80
CBC CLA CI . 13.73 46.86 -32.31
ND CLA CI . 18.98 47.54 -34.56
C1D CLA CI . 18.30 46.49 -34.13
C2D CLA CI . 19.10 45.33 -33.72
C3D CLA CI . 20.45 45.87 -33.99
C4D CLA CI . 20.31 47.12 -34.45
CMD CLA CI . 18.77 43.96 -33.21
CAD CLA CI . 21.87 45.49 -33.95
OBD CLA CI . 22.25 44.34 -34.36
CBD CLA CI . 22.66 46.64 -34.42
CGD CLA CI . 23.78 46.95 -33.48
O1D CLA CI . 24.87 47.28 -33.90
O2D CLA CI . 23.68 46.85 -32.05
CED CLA CI . 24.91 46.95 -31.38
C1 CLA CI . 26.62 51.54 -39.68
C2 CLA CI . 28.05 51.98 -39.59
C3 CLA CI . 28.94 51.71 -40.52
C4 CLA CI . 30.31 52.21 -40.25
C5 CLA CI . 28.64 50.92 -41.77
C6 CLA CI . 28.88 51.77 -43.01
C7 CLA CI . 30.15 51.36 -43.74
C8 CLA CI . 29.83 50.66 -45.05
C9 CLA CI . 30.94 49.67 -45.37
C10 CLA CI . 29.70 51.70 -46.15
MG CLA DI . 14.27 27.25 -32.34
CHA CLA DI . 13.24 24.02 -33.12
CHB CLA DI . 14.45 26.26 -29.07
CHC CLA DI . 15.61 30.23 -31.65
CHD CLA DI . 13.74 28.23 -35.66
NA CLA DI . 13.90 25.39 -31.20
C1A CLA DI . 13.46 24.28 -31.66
C2A CLA DI . 13.21 23.29 -30.57
C3A CLA DI . 13.51 24.07 -29.33
C4A CLA DI . 13.99 25.33 -29.90
CMA CLA DI . 12.42 24.13 -28.27
CAA CLA DI . 14.40 22.33 -30.64
CBA CLA DI . 14.26 21.08 -29.81
CGA CLA DI . 15.04 21.21 -28.52
O1A CLA DI . 16.12 21.75 -28.43
O2A CLA DI . 14.64 20.77 -27.36
NB CLA DI . 14.94 28.11 -30.60
C1B CLA DI . 14.95 27.60 -29.38
C2B CLA DI . 15.54 28.48 -28.33
C3B CLA DI . 15.87 29.66 -29.14
C4B CLA DI . 15.45 29.33 -30.52
CMB CLA DI . 15.71 28.20 -26.86
CAB CLA DI . 16.50 30.94 -28.80
CBB CLA DI . 17.54 30.95 -28.01
NC CLA DI . 14.65 28.96 -33.53
C1C CLA DI . 15.16 30.05 -33.03
C2C CLA DI . 15.31 31.15 -33.96
C3C CLA DI . 14.78 30.63 -35.20
C4C CLA DI . 14.38 29.24 -34.81
CMC CLA DI . 15.90 32.45 -33.59
CAC CLA DI . 14.70 31.45 -36.47
CBC CLA DI . 14.75 30.76 -37.81
ND CLA DI . 13.68 26.45 -34.06
C1D CLA DI . 13.47 26.85 -35.30
C2D CLA DI . 12.93 25.84 -36.23
C3D CLA DI . 12.87 24.71 -35.29
C4D CLA DI . 13.28 25.12 -34.09
CMD CLA DI . 12.54 25.77 -37.66
CAD CLA DI . 12.48 23.29 -35.24
OBD CLA DI . 12.27 22.56 -36.26
CBD CLA DI . 13.02 22.78 -33.95
CGD CLA DI . 12.12 21.73 -33.35
O1D CLA DI . 10.93 21.87 -33.27
O2D CLA DI . 12.76 20.54 -32.83
CED CLA DI . 11.97 19.42 -32.51
C1 CLA DI . 15.12 21.51 -26.03
C2 CLA DI . 14.54 22.83 -25.61
C3 CLA DI . 15.28 23.93 -25.47
C4 CLA DI . 16.75 23.91 -25.76
C5 CLA DI . 14.60 25.20 -25.03
C6 CLA DI . 15.25 25.75 -23.77
C7 CLA DI . 15.02 24.81 -22.60
C8 CLA DI . 15.67 25.34 -21.34
C9 CLA DI . 17.16 25.38 -21.52
C10 CLA DI . 15.27 24.44 -20.19
C11 CLA DI . 14.08 24.97 -19.41
C12 CLA DI . 14.05 24.34 -18.03
C13 CLA DI . 12.63 24.09 -17.54
C14 CLA DI . 11.84 23.22 -18.51
C15 CLA DI . 11.93 25.42 -17.33
C16 CLA DI . 10.59 25.17 -16.68
C17 CLA DI . 10.20 26.39 -15.87
C18 CLA DI . 8.69 26.47 -15.72
C19 CLA DI . 8.32 27.65 -14.83
C20 CLA DI . 8.02 26.60 -17.07
MG CLA EI . -8.58 38.06 -15.18
CHA CLA EI . -11.59 36.44 -15.87
CHB CLA EI . -10.41 40.46 -13.53
CHC CLA EI . -5.66 39.55 -14.40
CHD CLA EI . -6.84 35.62 -17.07
NA CLA EI . -10.73 38.44 -14.72
C1A CLA EI . -11.72 37.73 -15.07
C2A CLA EI . -13.04 38.28 -14.61
C3A CLA EI . -12.63 39.56 -13.93
C4A CLA EI . -11.15 39.50 -14.06
CMA CLA EI . -13.32 40.82 -14.42
CAA CLA EI . -13.65 37.36 -13.55
CBA CLA EI . -12.91 37.26 -12.23
CGA CLA EI . -12.02 36.06 -12.20
O1A CLA EI . -12.34 34.93 -12.42
O2A CLA EI . -10.75 36.10 -11.88
NB CLA EI . -8.12 39.76 -14.11
C1B CLA EI . -8.96 40.63 -13.53
C2B CLA EI . -8.30 41.77 -12.85
C3B CLA EI . -6.89 41.48 -13.13
C4B CLA EI . -6.87 40.22 -13.92
CMB CLA EI . -8.97 42.90 -12.12
CAB CLA EI . -5.67 42.23 -12.75
CBB CLA EI . -5.62 43.53 -12.65
NC CLA EI . -6.55 37.58 -15.58
C1C CLA EI . -5.50 38.34 -15.24
C2C CLA EI . -4.19 37.89 -15.76
C3C CLA EI . -4.57 36.70 -16.51
C4C CLA EI . -6.03 36.61 -16.34
CMC CLA EI . -2.83 38.49 -15.61
CAC CLA EI . -3.68 35.78 -17.32
CBC CLA EI . -3.31 34.58 -16.48
ND CLA EI . -8.97 36.43 -16.28
C1D CLA EI . -8.29 35.50 -16.93
C2D CLA EI . -9.11 34.39 -17.49
C3D CLA EI . -10.43 34.83 -17.02
C4D CLA EI . -10.28 35.98 -16.36
CMD CLA EI . -8.92 33.12 -18.28
CAD CLA EI . -11.84 34.42 -17.06
OBD CLA EI . -12.24 33.22 -17.25
CBD CLA EI . -12.62 35.42 -16.28
CGD CLA EI . -13.77 35.96 -17.06
O1D CLA EI . -14.89 35.57 -16.86
O2D CLA EI . -13.60 36.99 -18.07
CED CLA EI . -14.66 37.92 -18.17
C1 CLA EI . -9.64 35.66 -12.93
C2 CLA EI . -9.16 34.25 -12.96
C3 CLA EI . -7.84 34.02 -12.86
C4 CLA EI . -7.38 32.60 -12.88
C5 CLA EI . -6.88 35.18 -12.71
C6 CLA EI . -5.44 34.71 -12.83
C7 CLA EI . -4.68 35.02 -11.56
C8 CLA EI . -3.18 34.98 -11.78
C9 CLA EI . -2.79 35.82 -12.98
C10 CLA EI . -2.73 33.54 -12.01
C11 CLA EI . -1.36 33.24 -11.43
C12 CLA EI . -1.28 31.76 -11.08
C13 CLA EI . 0.07 31.35 -10.52
C14 CLA EI . 0.76 30.36 -11.45
C15 CLA EI . -0.17 30.81 -9.10
C16 CLA EI . 0.53 29.50 -8.73
C17 CLA EI . 1.31 29.60 -7.43
C18 CLA EI . 0.47 29.85 -6.19
C19 CLA EI . 0.79 28.87 -5.09
C20 CLA EI . 0.68 31.25 -5.63
MG CLA FI . -10.12 49.82 -17.77
CHA CLA FI . -8.97 53.05 -16.98
CHB CLA FI . -8.08 48.65 -15.27
CHC CLA FI . -11.35 46.75 -18.40
CHD CLA FI . -12.22 51.19 -20.23
NA CLA FI . -8.72 50.70 -16.29
C1A CLA FI . -8.39 51.93 -16.15
C2A CLA FI . -7.41 52.15 -15.05
C3A CLA FI . -7.10 50.74 -14.66
C4A CLA FI . -8.05 49.97 -15.43
CMA CLA FI . -5.68 50.38 -15.01
CAA CLA FI . -8.19 52.84 -13.92
CBA CLA FI . -8.30 52.14 -12.56
CGA CLA FI . -7.08 52.43 -11.74
O1A CLA FI . -6.54 51.64 -11.00
O2A CLA FI . -6.47 53.60 -11.77
NB CLA FI . -9.77 47.97 -16.93
C1B CLA FI . -8.90 47.66 -15.97
C2B CLA FI . -8.82 46.22 -15.65
C3B CLA FI . -9.79 45.66 -16.60
C4B CLA FI . -10.33 46.83 -17.35
CMB CLA FI . -7.93 45.58 -14.63
CAB CLA FI . -10.23 44.27 -16.85
CBB CLA FI . -10.16 43.30 -15.96
NC CLA FI . -11.54 49.08 -19.15
C1C CLA FI . -11.84 47.80 -19.32
C2C CLA FI . -12.68 47.50 -20.48
C3C CLA FI . -12.89 48.83 -21.05
C4C CLA FI . -12.13 49.72 -20.15
CMC CLA FI . -13.21 46.18 -20.95
CAC CLA FI . -13.65 49.23 -22.27
CBC CLA FI . -12.64 49.46 -23.37
ND CLA FI . -10.59 51.62 -18.50
C1D CLA FI . -11.38 52.10 -19.46
C2D CLA FI . -11.30 53.57 -19.65
C3D CLA FI . -10.31 53.89 -18.63
C4D CLA FI . -9.96 52.75 -18.01
CMD CLA FI . -11.91 54.61 -20.51
CAD CLA FI . -9.60 55.04 -18.06
OBD CLA FI . -9.49 56.18 -18.64
CBD CLA FI . -8.70 54.54 -16.98
CGD CLA FI . -7.26 54.87 -17.30
O1D CLA FI . -6.41 54.90 -16.43
O2D CLA FI . -6.80 55.16 -18.63
CED CLA FI . -5.47 54.79 -18.96
C1 CLA FI . -5.07 53.87 -12.48
C2 CLA FI . -4.24 55.02 -11.96
C3 CLA FI . -4.15 56.18 -12.62
C4 CLA FI . -3.32 57.28 -12.05
C5 CLA FI . -4.88 56.39 -13.92
C6 CLA FI . -5.59 57.74 -13.91
C7 CLA FI . -7.10 57.54 -13.77
C8 CLA FI . -7.89 58.80 -14.07
C9 CLA FI . -7.37 59.98 -13.26
C10 CLA FI . -9.37 58.55 -13.78
C11 CLA FI . -10.11 58.11 -15.03
C12 CLA FI . -11.40 57.37 -14.70
C13 CLA FI . -11.98 56.84 -16.00
C14 CLA FI . -12.37 58.00 -16.89
C15 CLA FI . -13.16 55.93 -15.76
C16 CLA FI . -13.75 55.46 -17.07
C17 CLA FI . -14.29 54.04 -16.99
C18 CLA FI . -15.77 54.04 -16.66
C19 CLA FI . -16.55 54.82 -17.70
C20 CLA FI . -16.31 52.61 -16.54
MG CLA GI . -1.58 47.72 -14.14
CHA CLA GI . -3.06 44.84 -15.46
CHB CLA GI . -2.78 49.41 -16.84
CHC CLA GI . -0.37 50.53 -12.71
CHD CLA GI . -0.40 45.83 -11.40
NA CLA GI . -2.79 47.23 -15.94
C1A CLA GI . -3.24 46.09 -16.30
C2A CLA GI . -3.93 46.11 -17.62
C3A CLA GI . -3.72 47.53 -18.03
C4A CLA GI . -3.08 48.11 -16.86
CMA CLA GI . -2.87 47.65 -19.27
CAA CLA GI . -5.45 46.07 -17.44
CBA CLA GI . -6.12 44.74 -17.78
CGA CLA GI . -6.53 44.61 -19.21
O1A CLA GI . -7.48 45.18 -19.69
O2A CLA GI . -5.94 43.84 -20.10
NB CLA GI . -1.61 49.69 -14.70
C1B CLA GI . -2.10 50.22 -15.82
C2B CLA GI . -1.88 51.68 -15.95
C3B CLA GI . -1.15 51.96 -14.72
C4B CLA GI . -1.03 50.68 -14.01
CMB CLA GI . -2.29 52.60 -17.07
CAB CLA GI . -0.61 53.23 -14.18
CBB CLA GI . -1.36 54.30 -14.08
NC CLA GI . -0.58 48.12 -12.31
C1C CLA GI . -0.12 49.31 -11.94
C2C CLA GI . 0.67 49.34 -10.70
C3C CLA GI . 0.63 47.93 -10.31
C4C CLA GI . -0.16 47.29 -11.37
CMC CLA GI . 1.33 50.49 -10.02
CAC CLA GI . 1.24 47.23 -9.15
CBC CLA GI . 2.59 46.76 -9.59
ND CLA GI . -1.65 45.85 -13.45
C1D CLA GI . -1.15 45.15 -12.44
C2D CLA GI . -1.40 43.70 -12.47
C3D CLA GI . -2.17 43.65 -13.72
C4D CLA GI . -2.28 44.87 -14.21
CMD CLA GI . -1.08 42.49 -11.64
CAD CLA GI . -2.86 42.69 -14.57
OBD CLA GI . -2.96 41.44 -14.33
CBD CLA GI . -3.54 43.42 -15.66
CGD CLA GI . -3.13 42.81 -16.97
O1D CLA GI . -3.77 41.91 -17.47
O2D CLA GI . -1.95 43.29 -17.66
CED CLA GI . -1.61 42.73 -18.91
C1 CLA GI . -4.52 44.26 -20.70
C2 CLA GI . -4.23 44.34 -22.16
C3 CLA GI . -3.02 44.70 -22.60
C4 CLA GI . -2.76 44.77 -24.05
C5 CLA GI . -1.91 45.06 -21.64
C6 CLA GI . -0.58 45.30 -22.33
C7 CLA GI . 0.53 45.12 -21.29
C8 CLA GI . 1.61 46.18 -21.39
C9 CLA GI . 2.89 45.67 -20.71
C10 CLA GI . 1.11 47.48 -20.76
C11 CLA GI . 2.20 48.34 -20.13
C12 CLA GI . 1.64 49.64 -19.54
C13 CLA GI . 1.14 49.53 -18.11
C14 CLA GI . 1.31 50.87 -17.42
C15 CLA GI . 1.88 48.47 -17.32
C16 CLA GI . 0.97 47.43 -16.71
C17 CLA GI . 1.67 46.89 -15.48
C18 CLA GI . 1.31 45.45 -15.16
C19 CLA GI . 1.15 44.59 -16.40
C20 CLA GI . 2.36 44.88 -14.22
MG CLA HI . 5.56 39.27 0.66
CHA CLA HI . 7.96 36.85 1.38
CHB CLA HI . 6.93 39.43 -2.48
CHC CLA HI . 3.22 41.55 -0.08
CHD CLA HI . 4.25 38.94 3.90
NA CLA HI . 7.21 38.28 -0.45
C1A CLA HI . 8.03 37.40 0.00
C2A CLA HI . 9.06 36.96 -0.97
C3A CLA HI . 8.76 37.85 -2.12
C4A CLA HI . 7.55 38.56 -1.67
CMA CLA HI . 9.91 38.76 -2.47
CAA CLA HI . 8.84 35.52 -1.46
CBA CLA HI . 7.44 35.12 -1.93
CGA CLA HI . 6.53 34.66 -0.81
O1A CLA HI . 6.79 33.84 0.03
O2A CLA HI . 5.30 35.13 -0.66
NB CLA HI . 5.14 40.33 -1.06
C1B CLA HI . 5.76 40.28 -2.24
C2B CLA HI . 5.18 41.17 -3.27
C3B CLA HI . 4.09 41.78 -2.52
C4B CLA HI . 4.14 41.21 -1.17
CMB CLA HI . 5.59 41.37 -4.71
CAB CLA HI . 3.10 42.76 -2.98
CBB CLA HI . 2.21 42.40 -3.88
NC CLA HI . 3.94 40.09 1.74
C1C CLA HI . 3.17 41.10 1.30
C2C CLA HI . 2.27 41.71 2.30
C3C CLA HI . 2.59 40.92 3.49
C4C CLA HI . 3.62 39.97 3.03
CMC CLA HI . 1.30 42.85 2.16
CAC CLA HI . 2.00 41.09 4.85
CBC CLA HI . 1.08 39.92 5.13
ND CLA HI . 5.91 38.23 2.32
C1D CLA HI . 5.38 38.11 3.52
C2D CLA HI . 6.03 37.09 4.40
C3D CLA HI . 7.07 36.62 3.47
C4D CLA HI . 6.94 37.30 2.34
CMD CLA HI . 5.86 36.54 5.78
CAD CLA HI . 8.19 35.65 3.38
OBD CLA HI . 8.17 34.52 3.97
CBD CLA HI . 8.87 35.87 2.08
CGD CLA HI . 10.23 36.48 2.25
O1D CLA HI . 10.42 37.41 3.01
O2D CLA HI . 11.38 36.01 1.51
CED CLA HI . 12.68 36.14 2.07
C1 CLA HI . 4.51 35.16 0.71
C2 CLA HI . 3.28 36.03 0.78
C3 CLA HI . 2.49 36.14 1.85
C4 CLA HI . 2.78 35.38 3.09
C5 CLA HI . 1.28 37.04 1.81
C6 CLA HI . 1.20 37.80 0.50
C7 CLA HI . 0.06 38.80 0.51
C8 CLA HI . 0.15 39.69 -0.72
C9 CLA HI . -0.55 41.00 -0.44
C10 CLA HI . -0.41 38.98 -1.94
C11 CLA HI . -0.41 39.92 -3.13
C12 CLA HI . -1.27 39.41 -4.26
C13 CLA HI . -1.17 40.31 -5.49
C14 CLA HI . -1.56 41.73 -5.15
C15 CLA HI . -2.05 39.74 -6.60
C16 CLA HI . -1.36 39.86 -7.96
C17 CLA HI . -2.10 39.04 -9.03
C18 CLA HI . -1.20 38.32 -10.03
C19 CLA HI . -1.44 38.85 -11.44
C20 CLA HI . 0.29 38.34 -9.69
MG CLA II . 12.56 41.81 -6.17
CHA CLA II . 11.99 45.11 -5.21
CHB CLA II . 9.33 41.12 -5.18
CHC CLA II . 13.08 38.65 -7.22
CHD CLA II . 15.83 42.65 -7.14
NA CLA II . 10.85 42.94 -5.30
C1A CLA II . 10.84 44.17 -4.97
C2A CLA II . 9.53 44.63 -4.47
C3A CLA II . 8.75 43.36 -4.37
C4A CLA II . 9.69 42.39 -4.99
CMA CLA II . 8.29 43.08 -2.96
CAA CLA II . 8.84 45.43 -5.61
CBA CLA II . 8.68 44.84 -7.02
CGA CLA II . 9.92 44.66 -7.89
O1A CLA II . 10.70 45.52 -8.21
O2A CLA II . 10.32 43.51 -8.41
NB CLA II . 11.37 40.15 -6.19
C1B CLA II . 10.11 40.03 -5.76
C2B CLA II . 9.55 38.68 -5.97
C3B CLA II . 10.67 37.99 -6.57
C4B CLA II . 11.76 38.95 -6.66
CMB CLA II . 8.20 38.12 -5.67
CAB CLA II . 10.70 36.59 -6.98
CBB CLA II . 10.74 36.27 -8.26
NC CLA II . 14.20 40.80 -7.05
C1C CLA II . 14.23 39.53 -7.41
C2C CLA II . 15.49 39.07 -8.03
C3C CLA II . 16.29 40.29 -8.00
C4C CLA II . 15.41 41.26 -7.37
CMC CLA II . 15.85 37.72 -8.57
CAC CLA II . 17.70 40.55 -8.45
CBC CLA II . 17.65 41.06 -9.86
ND CLA II . 13.77 43.38 -6.16
C1D CLA II . 14.95 43.69 -6.64
C2D CLA II . 15.31 45.11 -6.63
C3D CLA II . 14.08 45.65 -6.03
C4D CLA II . 13.26 44.62 -5.78
CMD CLA II . 16.47 45.90 -7.08
CAD CLA II . 13.47 46.93 -5.63
OBD CLA II . 13.76 48.01 -6.22
CBD CLA II . 12.09 46.63 -5.12
CGD CLA II . 11.81 47.24 -3.77
O1D CLA II . 11.71 48.44 -3.65
O2D CLA II . 11.66 46.45 -2.58
CED CLA II . 10.84 46.92 -1.53
C1 CLA II . 11.75 43.40 -9.11
C2 CLA II . 12.17 42.15 -9.84
C3 CLA II . 13.34 42.06 -10.49
C4 CLA II . 14.28 43.21 -10.53
C5 CLA II . 13.73 40.80 -11.22
C6 CLA II . 12.94 39.60 -10.73
C7 CLA II . 11.98 39.09 -11.80
C8 CLA II . 10.70 38.58 -11.17
C9 CLA II . 10.06 37.54 -12.08
C10 CLA II . 9.76 39.74 -10.92
C11 CLA II . 8.45 39.30 -10.28
C12 CLA II . 8.03 40.24 -9.16
C13 CLA II . 6.84 41.09 -9.57
C14 CLA II . 7.32 42.43 -10.10
C15 CLA II . 5.89 41.31 -8.41
C16 CLA II . 4.90 42.43 -8.71
C17 CLA II . 3.68 42.43 -7.78
C18 CLA II . 2.38 42.24 -8.54
C19 CLA II . 1.20 42.56 -7.65
C20 CLA II . 2.35 43.08 -9.80
MG CLA JI . 17.17 32.98 -7.82
CHA CLA JI . 15.28 34.85 -5.56
CHB CLA JI . 14.65 30.67 -7.80
CHC CLA JI . 18.83 31.35 -10.27
CHD CLA JI . 19.77 35.31 -7.63
NA CLA JI . 15.19 32.76 -6.82
C1A CLA JI . 14.66 33.54 -5.97
C2A CLA JI . 13.38 33.00 -5.42
C3A CLA JI . 13.27 31.67 -6.09
C4A CLA JI . 14.44 31.69 -6.97
CMA CLA JI . 13.26 30.54 -5.09
CAA CLA JI . 12.25 33.85 -5.99
CBA CLA JI . 10.90 33.18 -6.18
CGA CLA JI . 10.14 33.27 -4.89
O1A CLA JI . 10.51 32.78 -3.85
O2A CLA JI . 8.98 33.86 -4.76
NB CLA JI . 16.78 31.27 -8.89
C1B CLA JI . 15.76 30.46 -8.73
C2B CLA JI . 15.81 29.27 -9.59
C3B CLA JI . 17.06 29.46 -10.32
C4B CLA JI . 17.59 30.74 -9.81
CMB CLA JI . 14.79 28.21 -9.65
CAB CLA JI . 17.70 28.63 -11.36
CBB CLA JI . 17.51 27.33 -11.51
NC CLA JI . 19.02 33.30 -8.80
C1C CLA JI . 19.55 32.49 -9.70
C2C CLA JI . 20.92 32.75 -10.10
C3C CLA JI . 21.23 33.94 -9.29
C4C CLA JI . 19.98 34.18 -8.53
CMC CLA JI . 21.73 31.96 -11.07
CAC CLA JI . 22.51 34.72 -9.19
CBC CLA JI . 23.25 34.24 -7.97
ND CLA JI . 17.59 34.67 -6.86
C1D CLA JI . 18.56 35.56 -6.87
C2D CLA JI . 18.30 36.78 -6.07
C3D CLA JI . 16.96 36.44 -5.55
C4D CLA JI . 16.63 35.24 -6.04
CMD CLA JI . 19.04 38.04 -5.78
CAD CLA JI . 15.89 36.97 -4.70
OBD CLA JI . 15.80 38.18 -4.28
CBD CLA JI . 14.75 36.01 -4.74
CGD CLA JI . 14.29 35.59 -3.39
O1D CLA JI . 15.04 35.07 -2.59
O2D CLA JI . 12.92 35.78 -3.00
CED CLA JI . 12.61 35.69 -1.62
C1 CLA JI . 7.81 33.47 -5.77
C2 CLA JI . 7.46 34.37 -6.93
C3 CLA JI . 7.43 33.91 -8.18
C4 CLA JI . 7.78 32.48 -8.44
C5 CLA JI . 7.07 34.88 -9.28
C6 CLA JI . 7.45 34.36 -10.66
C7 CLA JI . 6.23 33.86 -11.42
C8 CLA JI . 5.60 34.80 -12.45
C9 CLA JI . 5.58 34.17 -13.83
C10 CLA JI . 6.29 36.16 -12.52
C11 CLA JI . 5.45 37.21 -11.81
C12 CLA JI . 4.07 37.40 -12.44
C13 CLA JI . 4.04 38.45 -13.55
C14 CLA JI . 4.09 37.81 -14.94
C15 CLA JI . 5.15 39.48 -13.39
C16 CLA JI . 4.60 40.74 -12.75
C17 CLA JI . 4.17 41.70 -13.85
C18 CLA JI . 5.39 42.06 -14.68
C19 CLA JI . 5.01 42.32 -16.13
C20 CLA JI . 6.07 43.27 -14.06
CAA F6C KI . 18.46 22.14 -3.74
CAB F6C KI . 11.33 28.00 -6.58
CAC F6C KI . 13.56 24.30 -13.37
CAD F6C KI . 18.03 19.75 -8.08
NA F6C KI . 15.78 23.23 -5.74
CBA F6C KI . 18.71 21.37 -2.43
CBB F6C KI . 11.37 28.89 -7.55
CBC F6C KI . 14.67 25.10 -13.99
CBD F6C KI . 17.92 20.16 -6.65
NB F6C KI . 13.73 25.18 -6.64
OBD F6C KI . 18.24 18.55 -8.43
CGA F6C KI . 18.09 19.99 -2.31
CGD F6C KI . 17.13 19.12 -5.93
ND F6C KI . 15.95 22.56 -8.78
CED F6C KI . 16.89 16.94 -4.88
CHA F6C KI . 17.10 21.42 -6.69
CHB F6C KI . 14.66 24.82 -4.39
CHC F6C KI . 12.47 25.89 -8.64
CHD F6C KI . 15.32 22.86 -11.10
CMA F6C KI . 15.38 22.93 -2.17
CMB F6C KI . 12.74 27.36 -3.68
CMC F6C KI . 11.48 26.28 -11.63
CMD F6C KI . 17.24 20.07 -11.43
OMB F6C KI . 12.97 26.82 -2.61
C1 F6C KI . 16.39 18.34 -1.40
C1A F6C KI . 16.62 22.29 -5.56
C1B F6C KI . 13.82 25.54 -5.36
C1C F6C KI . 13.10 25.22 -9.77
C1D F6C KI . 16.03 22.15 -10.05
O1A F6C KI . 18.70 18.95 -2.32
O1D F6C KI . 15.92 19.15 -5.92
C2 F6C KI . 15.17 17.63 -1.87
C2A F6C KI . 16.97 22.11 -4.11
C2B F6C KI . 12.93 26.66 -4.99
C2C F6C KI . 12.61 25.42 -11.15
C2D F6C KI . 16.83 20.93 -10.27
O2A F6C KI . 16.83 19.72 -2.08
O2D F6C KI . 17.74 18.03 -5.24
C3 F6C KI . 13.96 17.96 -1.46
C3A F6C KI . 16.18 23.22 -3.42
C3B F6C KI . 12.32 26.96 -6.28
C3C F6C KI . 13.52 24.55 -11.89
C3D F6C KI . 17.24 20.69 -8.87
C4 F6C KI . 12.86 17.14 -2.04
C4A F6C KI . 15.49 23.80 -4.59
C4B F6C KI . 12.85 25.98 -7.23
C4C F6C KI . 14.39 23.97 -10.84
C4D F6C KI . 16.72 21.64 -8.10
C5 F6C KI . 13.65 19.08 -0.48
C6 F6C KI . 12.15 19.39 -0.50
C7 F6C KI . 11.52 19.26 0.89
C8 F6C KI . 10.18 18.54 0.99
C9 F6C KI . 10.30 17.33 1.90
C10 F6C KI . 9.54 18.10 -0.32
C11 F6C KI . 8.06 17.80 -0.07
C12 F6C KI . 7.54 16.60 -0.86
C13 F6C KI . 6.03 16.42 -0.67
C14 F6C KI . 5.61 15.01 -1.11
C15 F6C KI . 5.29 17.53 -1.43
NC F6C KI . 14.11 24.39 -9.61
MG F6C KI . 14.84 23.80 -7.69
C16 F6C KI . 3.89 17.16 -1.93
C17 F6C KI . 3.83 17.15 -3.45
C18 F6C KI . 3.02 18.27 -4.08
C19 F6C KI . 2.47 17.83 -5.43
C20 F6C KI . 1.89 18.76 -3.18
MG CLA LI . -19.60 53.79 -3.21
CHA CLA LI . -23.07 53.95 -2.88
CHB CLA LI . -19.98 55.46 -6.20
CHC CLA LI . -16.25 53.79 -3.48
CHD CLA LI . -19.37 52.05 -0.15
NA CLA LI . -21.28 54.62 -4.41
C1A CLA LI . -22.53 54.58 -4.12
C2A CLA LI . -23.41 55.18 -5.19
C3A CLA LI . -22.41 55.58 -6.24
C4A CLA LI . -21.13 55.20 -5.58
CMA CLA LI . -22.72 54.97 -7.58
CAA CLA LI . -24.09 56.47 -4.73
CBA CLA LI . -23.19 57.45 -3.98
CGA CLA LI . -23.91 58.78 -4.06
O1A CLA LI . -24.64 59.07 -4.99
O2A CLA LI . -23.88 59.77 -3.20
NB CLA LI . -18.31 54.52 -4.64
C1B CLA LI . -18.61 55.16 -5.77
C2B CLA LI . -17.43 55.56 -6.58
C3B CLA LI . -16.34 55.04 -5.76
C4B CLA LI . -16.98 54.42 -4.58
CMB CLA LI . -17.45 56.28 -7.90
CAB CLA LI . -14.86 55.06 -5.92
CBB CLA LI . -14.23 55.50 -6.98
NC CLA LI . -18.04 53.04 -1.99
C1C CLA LI . -16.74 53.15 -2.25
C2C CLA LI . -15.82 52.61 -1.24
C3C CLA LI . -16.77 52.10 -0.24
C4C CLA LI . -18.10 52.42 -0.81
CMC CLA LI . -14.32 52.61 -1.23
CAC CLA LI . -16.49 51.42 1.07
CBC CLA LI . -16.58 49.93 0.90
ND CLA LI . -20.81 53.13 -1.76
C1D CLA LI . -20.69 52.44 -0.64
C2D CLA LI . -21.99 52.10 0.03
C3D CLA LI . -22.90 52.74 -0.93
C4D CLA LI . -22.18 53.30 -1.90
CMD CLA LI . -22.48 51.38 1.25
CAD CLA LI . -24.35 52.97 -1.15
OBD CLA LI . -25.27 52.71 -0.31
CBD CLA LI . -24.50 53.79 -2.38
CGD CLA LI . -25.34 53.07 -3.41
O1D CLA LI . -24.84 52.22 -4.10
O2D CLA LI . -26.73 53.39 -3.61
CED CLA LI . -27.68 52.34 -3.81
C1 CLA LI . -22.63 60.14 -2.26
C2 CLA LI . -22.47 61.57 -1.81
C3 CLA LI . -21.54 61.94 -0.92
C4 CLA LI . -21.43 63.38 -0.51
C5 CLA LI . -20.61 60.93 -0.31
C6 CLA LI . -20.85 60.86 1.20
C7 CLA LI . -19.54 60.83 1.97
C8 CLA LI . -19.19 59.43 2.46
C9 CLA LI . -20.35 58.80 3.22
C10 CLA LI . -17.95 59.49 3.33
C11 CLA LI . -16.78 58.75 2.67
C12 CLA LI . -15.55 58.77 3.56
C13 CLA LI . -14.36 59.39 2.84
C14 CLA LI . -13.98 58.59 1.60
C15 CLA LI . -13.18 59.49 3.80
MG CLA MI . -20.41 64.49 -4.31
CHA CLA MI . -22.61 62.60 -6.28
CHB CLA MI . -22.32 67.24 -5.12
CHC CLA MI . -18.34 66.29 -2.36
CHD CLA MI . -18.57 61.56 -3.56
NA CLA MI . -22.25 64.89 -5.52
C1A CLA MI . -22.95 64.07 -6.19
C2A CLA MI . -24.11 64.70 -6.92
C3A CLA MI . -23.93 66.15 -6.56
C4A CLA MI . -22.76 66.10 -5.66
CMA CLA MI . -23.82 67.10 -7.71
CAA CLA MI . -25.52 64.32 -6.42
CBA CLA MI . -25.67 63.46 -5.16
CGA CLA MI . -25.70 64.27 -3.89
O1A CLA MI . -25.57 65.47 -3.81
O2A CLA MI . -25.87 63.74 -2.69
NB CLA MI . -20.35 66.48 -3.80
C1B CLA MI . -21.17 67.46 -4.22
C2B CLA MI . -20.82 68.80 -3.69
C3B CLA MI . -19.64 68.49 -2.89
C4B CLA MI . -19.42 67.03 -3.01
CMB CLA MI . -21.48 70.12 -3.93
CAB CLA MI . -18.82 69.44 -2.11
CBB CLA MI . -18.83 69.41 -0.80
NC CLA MI . -18.74 63.98 -3.09
C1C CLA MI . -18.01 64.86 -2.40
C2C CLA MI . -16.85 64.29 -1.69
C3C CLA MI . -16.95 62.89 -2.02
C4C CLA MI . -18.14 62.80 -2.89
CMC CLA MI . -15.84 65.01 -0.83
CAC CLA MI . -16.04 61.76 -1.59
CBC CLA MI . -16.67 60.99 -0.46
ND CLA MI . -20.47 62.53 -4.70
C1D CLA MI . -19.73 61.45 -4.44
C2D CLA MI . -20.19 60.21 -5.11
C3D CLA MI . -21.36 60.73 -5.83
C4D CLA MI . -21.45 62.04 -5.56
CMD CLA MI . -19.78 58.78 -5.19
CAD CLA MI . -22.43 60.30 -6.75
OBD CLA MI . -22.70 59.10 -7.08
CBD CLA MI . -23.29 61.49 -7.05
CGD CLA MI . -23.36 61.78 -8.51
O1D CLA MI . -22.69 62.64 -9.04
O2D CLA MI . -24.28 61.06 -9.37
CED CLA MI . -24.10 61.18 -10.77
MG CLA NI . -14.95 58.56 -9.24
CHA CLA NI . -13.21 56.03 -10.91
CHB CLA NI . -12.15 58.98 -7.29
CHC CLA NI . -16.60 61.02 -7.69
CHD CLA NI . -17.72 58.08 -11.40
NA CLA NI . -12.92 57.64 -9.10
C1A CLA NI . -12.43 56.71 -9.81
C2A CLA NI . -11.03 56.34 -9.44
C3A CLA NI . -10.77 57.27 -8.27
C4A CLA NI . -12.03 58.02 -8.22
CMA CLA NI . -10.25 56.67 -6.97
CAA CLA NI . -10.14 56.70 -10.63
CBA CLA NI . -8.84 57.45 -10.36
CGA CLA NI . -7.86 56.49 -9.77
O1A CLA NI . -7.81 55.32 -10.03
O2A CLA NI . -7.03 56.80 -8.83
NB CLA NI . -14.43 59.83 -7.70
C1B CLA NI . -13.29 59.86 -7.02
C2B CLA NI . -13.25 60.88 -5.94
C3B CLA NI . -14.58 61.47 -6.07
C4B CLA NI . -15.24 60.76 -7.19
CMB CLA NI . -12.12 61.17 -5.00
CAB CLA NI . -15.23 62.57 -5.30
CBB CLA NI . -14.57 63.65 -4.91
NC CLA NI . -16.85 59.45 -9.55
C1C CLA NI . -17.36 60.43 -8.79
C2C CLA NI . -18.72 60.85 -9.14
C3C CLA NI . -19.04 60.00 -10.27
C4C CLA NI . -17.83 59.17 -10.43
CMC CLA NI . -19.57 61.89 -8.51
CAC CLA NI . -20.34 59.97 -11.05
CBC CLA NI . -20.28 60.79 -12.30
ND CLA NI . -15.46 57.42 -10.80
C1D CLA NI . -16.53 57.23 -11.57
C2D CLA NI . -16.41 56.13 -12.56
C3D CLA NI . -15.05 55.69 -12.24
C4D CLA NI . -14.58 56.46 -11.26
CMD CLA NI . -17.26 55.49 -13.63
CAD CLA NI . -14.04 54.69 -12.65
OBD CLA NI . -14.23 53.75 -13.48
CBD CLA NI . -12.88 54.80 -11.72
CGD CLA NI . -13.01 53.65 -10.79
O1D CLA NI . -14.03 53.01 -10.79
O2D CLA NI . -12.00 53.24 -9.86
CED CLA NI . -12.46 52.28 -8.92
C1 CLA NI . -5.78 57.75 -9.06
C2 CLA NI . -5.74 59.14 -9.61
C3 CLA NI . -5.15 60.09 -8.86
C4 CLA NI . -4.57 59.79 -7.51
C5 CLA NI . -5.05 61.50 -9.37
C6 CLA NI . -4.31 61.40 -10.69
C7 CLA NI . -3.60 62.70 -11.01
C8 CLA NI . -2.31 62.42 -11.76
C9 CLA NI . -2.55 61.55 -12.99
C10 CLA NI . -1.39 61.72 -10.78
C11 CLA NI . -0.98 62.70 -9.68
C12 CLA NI . 0.31 63.35 -10.10
C13 CLA NI . 1.36 63.29 -9.00
C14 CLA NI . 2.68 63.67 -9.61
C15 CLA NI . 1.40 61.92 -8.34
C16 CLA NI . 2.69 61.67 -7.59
C17 CLA NI . 2.46 60.57 -6.57
C18 CLA NI . 3.70 59.71 -6.42
C19 CLA NI . 4.85 60.52 -5.84
C20 CLA NI . 3.40 58.51 -5.55
MG CLA OI . -0.67 62.07 6.20
CHA CLA OI . 1.29 60.03 8.24
CHB CLA OI . 0.21 60.01 3.58
CHC CLA OI . -2.74 63.87 4.30
CHD CLA OI . -1.34 64.17 8.98
NA CLA OI . 0.57 60.24 5.91
C1A CLA OI . 1.25 59.61 6.80
C2A CLA OI . 2.02 58.44 6.28
C3A CLA OI . 1.72 58.53 4.81
C4A CLA OI . 0.75 59.66 4.75
CMA CLA OI . 2.95 58.74 3.96
CAA CLA OI . 1.40 57.11 6.73
CBA CLA OI . -0.11 57.20 6.89
CGA CLA OI . -0.73 56.07 7.67
O1A CLA OI . -0.17 55.41 8.52
O2A CLA OI . -1.99 55.72 7.52
NB CLA OI . -1.19 61.93 4.21
C1B CLA OI . -0.73 61.10 3.28
C2B CLA OI . -1.24 61.33 1.90
C3B CLA OI . -2.11 62.49 2.14
C4B CLA OI . -2.02 62.79 3.59
CMB CLA OI . -0.90 60.54 0.66
CAB CLA OI . -2.96 63.26 1.20
CBB CLA OI . -2.77 63.33 -0.10
NC CLA OI . -1.92 63.74 6.61
C1C CLA OI . -2.63 64.38 5.68
C2C CLA OI . -3.31 65.62 6.15
C3C CLA OI . -2.92 65.68 7.55
C4C CLA OI . -2.06 64.48 7.72
CMC CLA OI . -4.18 66.57 5.40
CAC CLA OI . -3.27 66.75 8.56
CBC CLA OI . -4.22 66.25 9.62
ND CLA OI . -0.22 62.21 8.14
C1D CLA OI . -0.50 63.01 9.17
C2D CLA OI . 0.10 62.60 10.47
C3D CLA OI . 0.81 61.40 10.02
C4D CLA OI . 0.58 61.23 8.72
CMD CLA OI . 0.12 63.09 11.88
CAD CLA OI . 1.67 60.32 10.55
OBD CLA OI . 1.78 60.00 11.78
CBD CLA OI . 1.97 59.39 9.44
CGD CLA OI . 3.46 59.27 9.32
O1D CLA OI . 4.00 58.20 9.53
O2D CLA OI . 4.30 60.39 8.99
CED CLA OI . 5.69 60.13 8.89
C1 CLA OI . -3.12 56.40 8.41
C2 CLA OI . -3.64 55.73 9.66
C3 CLA OI . -4.50 56.33 10.49
C4 CLA OI . -4.98 55.60 11.71
C5 CLA OI . -5.00 57.74 10.23
C6 CLA OI . -6.48 57.71 9.88
C7 CLA OI . -6.86 58.85 8.92
C8 CLA OI . -7.40 58.29 7.61
C9 CLA OI . -6.29 57.55 6.88
C10 CLA OI . -7.98 59.37 6.72
C11 CLA OI . -9.00 58.79 5.74
C12 CLA OI . -8.48 58.77 4.31
C13 CLA OI . -9.06 57.60 3.51
C14 CLA OI . -8.96 56.30 4.29
C15 CLA OI . -8.34 57.47 2.17
C16 CLA OI . -9.29 57.78 1.03
C17 CLA OI . -9.75 56.51 0.32
C18 CLA OI . -11.19 56.20 0.66
C19 CLA OI . -12.02 55.99 -0.60
C20 CLA OI . -11.30 54.97 1.55
MG CLA PI . -3.96 72.52 8.41
CHA CLA PI . -3.84 73.44 11.77
CHB CLA PI . -6.07 69.97 9.35
CHC CLA PI . -4.30 71.77 5.15
CHD CLA PI . -1.74 75.17 7.57
NA CLA PI . -4.88 71.78 10.31
C1A CLA PI . -4.71 72.23 11.49
C2A CLA PI . -5.44 71.46 12.54
C3A CLA PI . -6.12 70.36 11.74
C4A CLA PI . -5.66 70.72 10.37
CMA CLA PI . -6.03 68.92 12.23
CAA CLA PI . -6.60 72.25 13.17
CBA CLA PI . -7.26 73.24 12.22
CGA CLA PI . -8.74 73.21 12.42
O1A CLA PI . -9.52 74.07 12.04
O2A CLA PI . -9.39 72.23 13.04
NB CLA PI . -5.04 71.08 7.41
C1B CLA PI . -5.79 70.10 7.92
C2B CLA PI . -6.38 69.18 6.92
C3B CLA PI . -5.82 69.73 5.69
C4B CLA PI . -5.01 70.90 6.09
CMB CLA PI . -7.27 67.99 7.17
CAB CLA PI . -5.98 69.30 4.28
CBB CLA PI . -7.16 68.97 3.80
NC CLA PI . -3.10 73.32 6.65
C1C CLA PI . -3.41 72.90 5.43
C2C CLA PI . -2.81 73.65 4.32
C3C CLA PI . -2.04 74.66 5.04
C4C CLA PI . -2.28 74.36 6.46
CMC CLA PI . -3.04 73.40 2.88
CAC CLA PI . -1.19 75.76 4.45
CBC CLA PI . -1.99 77.02 4.37
ND CLA PI . -2.98 74.01 9.32
C1D CLA PI . -2.12 74.98 8.98
C2D CLA PI . -1.62 75.78 10.14
C3D CLA PI . -2.35 75.11 11.21
C4D CLA PI . -3.09 74.12 10.69
CMD CLA PI . -0.68 76.93 10.39
CAD CLA PI . -2.52 75.16 12.67
OBD CLA PI . -1.88 75.93 13.45
CBD CLA PI . -3.55 74.15 13.08
CGD CLA PI . -2.97 73.31 14.19
O1D CLA PI . -1.81 73.36 14.47
O2D CLA PI . -3.75 72.42 15.01
CED CLA PI . -3.07 71.28 15.51
MG CLA QI . 0.28 81.81 -3.14
CHA CLA QI . 3.15 83.75 -2.69
CHB CLA QI . 0.06 81.63 0.29
CHC CLA QI . -2.54 80.02 -3.57
CHD CLA QI . 0.69 82.03 -6.66
NA CLA QI . 1.43 82.60 -1.40
C1A CLA QI . 2.49 83.30 -1.41
C2A CLA QI . 3.05 83.59 -0.03
C3A CLA QI . 2.06 82.87 0.85
C4A CLA QI . 1.11 82.34 -0.15
CMA CLA QI . 2.62 81.90 1.87
CAA CLA QI . 2.91 85.06 0.37
CBA CLA QI . 1.78 85.74 -0.38
CGA CLA QI . 0.82 86.55 0.43
O1A CLA QI . 1.10 87.26 1.39
O2A CLA QI . -0.48 86.61 0.17
NB CLA QI . -1.03 80.97 -1.82
C1B CLA QI . -1.00 80.98 -0.48
C2B CLA QI . -2.11 80.26 0.19
C3B CLA QI . -2.85 79.78 -0.98
C4B CLA QI . -2.13 80.26 -2.18
CMB CLA QI . -2.33 80.11 1.67
CAB CLA QI . -4.10 79.00 -1.05
CBB CLA QI . -5.10 79.19 -0.23
NC CLA QI . -0.80 81.18 -4.86
C1C CLA QI . -1.91 80.45 -4.83
C2C CLA QI . -2.48 80.10 -6.15
C3C CLA QI . -1.52 80.73 -7.05
C4C CLA QI . -0.53 81.36 -6.16
CMC CLA QI . -3.70 79.31 -6.49
CAC CLA QI . -1.55 80.71 -8.56
CBC CLA QI . -2.00 82.06 -9.10
ND CLA QI . 1.53 82.62 -4.48
C1D CLA QI . 1.65 82.70 -5.80
C2D CLA QI . 2.82 83.51 -6.27
C3D CLA QI . 3.37 83.89 -4.98
C4D CLA QI . 2.61 83.37 -4.01
CMD CLA QI . 3.44 83.93 -7.58
CAD CLA QI . 4.49 84.67 -4.40
OBD CLA QI . 5.32 85.37 -5.07
CBD CLA QI . 4.38 84.61 -2.92
CGD CLA QI . 5.60 83.96 -2.33
O1D CLA QI . 5.64 82.75 -2.18
O2D CLA QI . 6.74 84.75 -1.92
CED CLA QI . 7.99 84.12 -1.72
MG CLA RI . 4.96 74.19 -10.19
CHA CLA RI . 7.41 71.87 -11.00
CHB CLA RI . 6.78 74.82 -7.34
CHC CLA RI . 2.70 76.59 -9.47
CHD CLA RI . 3.17 73.38 -13.13
NA CLA RI . 6.86 73.48 -9.26
C1A CLA RI . 7.67 72.59 -9.71
C2A CLA RI . 8.85 72.32 -8.82
C3A CLA RI . 8.59 73.26 -7.66
C4A CLA RI . 7.34 73.92 -8.12
CMA CLA RI . 8.66 72.68 -6.26
CAA CLA RI . 10.16 72.78 -9.44
CBA CLA RI . 10.08 74.15 -10.09
CGA CLA RI . 11.32 74.90 -9.70
O1A CLA RI . 11.90 74.77 -8.65
O2A CLA RI . 11.93 75.77 -10.47
NB CLA RI . 4.80 75.52 -8.65
C1B CLA RI . 5.56 75.60 -7.56
C2B CLA RI . 5.07 76.54 -6.55
C3B CLA RI . 3.87 77.06 -7.18
C4B CLA RI . 3.77 76.38 -8.49
CMB CLA RI . 5.66 76.83 -5.23
CAB CLA RI . 2.94 78.07 -6.65
CBB CLA RI . 3.04 79.30 -7.07
NC CLA RI . 3.23 74.92 -11.19
C1C CLA RI . 2.40 75.84 -10.70
C2C CLA RI . 1.16 76.08 -11.45
C3C CLA RI . 1.31 75.14 -12.56
C4C CLA RI . 2.62 74.47 -12.29
CMC CLA RI . 0.04 77.05 -11.17
CAC CLA RI . 0.36 74.88 -13.69
CBC CLA RI . 0.86 75.58 -14.94
ND CLA RI . 5.13 72.98 -11.76
C1D CLA RI . 4.42 72.67 -12.85
C2D CLA RI . 5.01 71.58 -13.67
C3D CLA RI . 6.22 71.31 -12.87
C4D CLA RI . 6.21 72.13 -11.82
CMD CLA RI . 4.70 70.82 -14.93
CAD CLA RI . 7.39 70.43 -12.85
OBD CLA RI . 7.33 69.22 -13.26
CBD CLA RI . 8.20 70.76 -11.65
CGD CLA RI . 8.20 69.56 -10.76
O1D CLA RI . 7.16 69.18 -10.28
O2D CLA RI . 9.43 68.85 -10.46
CED CLA RI . 9.44 67.43 -10.38
C1 CLA RI . 11.80 77.35 -10.23
C2 CLA RI . 10.62 78.21 -10.62
C3 CLA RI . 10.19 78.34 -11.88
C4 CLA RI . 10.83 77.57 -13.00
C5 CLA RI . 9.02 79.25 -12.18
C6 CLA RI . 7.83 78.44 -12.64
C7 CLA RI . 7.03 77.99 -11.43
C8 CLA RI . 5.79 77.23 -11.87
C9 CLA RI . 6.16 76.09 -12.81
C10 CLA RI . 4.82 78.18 -12.56
C11 CLA RI . 4.41 79.33 -11.63
C12 CLA RI . 2.91 79.54 -11.64
C13 CLA RI . 2.59 81.03 -11.56
C14 CLA RI . 1.29 81.26 -10.82
C15 CLA RI . 2.53 81.59 -12.97
MG CLA SI . 2.16 65.89 -6.90
CHA CLA SI . 4.66 64.55 -4.92
CHB CLA SI . 4.63 67.53 -8.66
CHC CLA SI . -0.26 67.14 -8.92
CHD CLA SI . -0.30 64.22 -5.01
NA CLA SI . 4.38 66.04 -6.84
C1A CLA SI . 5.16 65.49 -5.99
C2A CLA SI . 6.60 65.87 -6.17
C3A CLA SI . 6.53 66.87 -7.30
C4A CLA SI . 5.09 66.82 -7.63
CMA CLA SI . 7.17 68.24 -7.11
CAA CLA SI . 7.32 64.60 -6.68
CBA CLA SI . 7.89 64.58 -8.10
CGA CLA SI . 6.89 64.16 -9.12
O1A CLA SI . 5.78 63.84 -8.80
O2A CLA SI . 7.08 64.21 -10.41
NB CLA SI . 2.20 67.14 -8.53
C1B CLA SI . 3.26 67.68 -9.14
C2B CLA SI . 2.94 68.50 -10.34
C3B CLA SI . 1.49 68.36 -10.38
C4B CLA SI . 1.12 67.52 -9.23
CMB CLA SI . 3.92 69.22 -11.22
CAB CLA SI . 0.49 68.92 -11.33
CBB CLA SI . 0.56 70.14 -11.79
NC CLA SI . 0.05 65.71 -6.97
C1C CLA SI . -0.75 66.30 -7.84
C2C CLA SI . -2.19 66.03 -7.68
C3C CLA SI . -2.18 65.16 -6.52
C4C CLA SI . -0.77 65.03 -6.15
CMC CLA SI . -3.33 66.53 -8.50
CAC CLA SI . -3.35 64.54 -5.83
CBC CLA SI . -3.55 63.11 -6.26
ND CLA SI . 2.04 64.70 -5.31
C1D CLA SI . 1.11 64.01 -4.67
C2D CLA SI . 1.62 63.09 -3.62
C3D CLA SI . 3.04 63.35 -3.77
C4D CLA SI . 3.22 64.26 -4.74
CMD CLA SI . 1.06 62.10 -2.63
CAD CLA SI . 4.35 62.95 -3.20
OBD CLA SI . 4.57 61.90 -2.52
CBD CLA SI . 5.41 63.80 -3.84
CGD CLA SI . 6.00 64.78 -2.87
O1D CLA SI . 5.30 65.49 -2.18
O2D CLA SI . 7.44 64.91 -2.74
CED CLA SI . 7.99 65.16 -1.46
C1 CLA SI . 6.32 65.31 -11.29
C2 CLA SI . 5.04 64.93 -11.98
C3 CLA SI . 4.72 65.43 -13.18
C4 CLA SI . 5.63 66.39 -13.88
C5 CLA SI . 3.43 65.01 -13.84
C6 CLA SI . 2.25 65.69 -13.18
C7 CLA SI . 1.12 65.99 -14.18
C8 CLA SI . 1.36 67.23 -15.04
C9 CLA SI . 2.16 68.29 -14.28
C10 CLA SI . 0.02 67.82 -15.46
C11 CLA SI . -0.08 68.21 -16.95
C12 CLA SI . 0.98 69.19 -17.45
C13 CLA SI . 0.45 70.59 -17.82
C14 CLA SI . 1.60 71.49 -18.24
C15 CLA SI . -0.31 71.22 -16.65
MG CLA TI . -9.76 71.96 -18.08
CHA CLA TI . -11.73 72.74 -20.81
CHB CLA TI . -9.99 68.66 -19.10
CHC CLA TI . -7.64 71.19 -15.60
CHD CLA TI . -9.66 75.37 -17.15
NA CLA TI . -10.71 70.82 -19.74
C1A CLA TI . -11.43 71.27 -20.69
C2A CLA TI . -11.93 70.21 -21.64
C3A CLA TI . -11.42 68.95 -21.00
C4A CLA TI . -10.63 69.51 -19.88
CMA CLA TI . -12.47 67.96 -20.56
CAA CLA TI . -11.19 70.29 -22.98
CBA CLA TI . -9.80 70.93 -22.91
CGA CLA TI . -8.89 70.60 -24.04
O1A CLA TI . -8.96 71.07 -25.16
O2A CLA TI . -7.90 69.73 -23.95
NB CLA TI . -8.92 70.18 -17.47
C1B CLA TI . -9.16 68.96 -17.93
C2B CLA TI . -8.50 67.88 -17.19
C3B CLA TI . -7.81 68.64 -16.16
C4B CLA TI . -8.12 70.06 -16.40
CMB CLA TI . -8.56 66.42 -17.44
CAB CLA TI . -6.95 68.08 -15.09
CBB CLA TI . -5.65 68.07 -15.26
NC CLA TI . -8.80 73.12 -16.60
C1C CLA TI . -7.99 72.62 -15.68
C2C CLA TI . -7.42 73.58 -14.71
C3C CLA TI . -8.01 74.83 -15.18
C4C CLA TI . -8.85 74.44 -16.34
CMC CLA TI . -6.48 73.28 -13.60
CAC CLA TI . -7.83 76.22 -14.61
CBC CLA TI . -8.99 76.65 -13.76
ND CLA TI . -10.44 73.72 -18.71
C1D CLA TI . -10.42 75.00 -18.33
C2D CLA TI . -11.23 75.92 -19.19
C3D CLA TI . -11.73 74.94 -20.17
C4D CLA TI . -11.25 73.74 -19.85
CMD CLA TI . -11.57 77.38 -19.25
CAD CLA TI . -12.57 74.85 -21.38
OBD CLA TI . -13.43 75.72 -21.77
CBD CLA TI . -12.57 73.45 -21.84
CGD CLA TI . -13.95 72.89 -21.77
O1D CLA TI . -14.56 72.90 -20.71
O2D CLA TI . -14.54 72.31 -22.95
CED CLA TI . -15.50 71.28 -22.79
C1 CLA TI . -6.36 70.10 -24.13
C2 CLA TI . -5.78 70.74 -25.37
C3 CLA TI . -4.46 70.80 -25.61
C4 CLA TI . -3.99 71.46 -26.86
C5 CLA TI . -3.43 70.23 -24.65
C6 CLA TI . -3.01 71.31 -23.64
C7 CLA TI . -1.58 71.79 -23.78
C8 CLA TI . -0.77 71.79 -22.48
C9 CLA TI . -1.42 70.98 -21.36
C10 CLA TI . -0.44 73.21 -22.00
C11 CLA TI . -1.64 74.09 -21.74
C12 CLA TI . -1.95 74.35 -20.27
C13 CLA TI . -1.16 75.51 -19.71
C14 CLA TI . -0.42 75.10 -18.45
C15 CLA TI . -2.11 76.65 -19.42
C16 CLA TI . -1.38 78.00 -19.48
C17 CLA TI . -0.57 78.13 -20.76
C18 CLA TI . -1.06 79.28 -21.62
C19 CLA TI . -0.05 79.61 -22.71
C20 CLA TI . -2.41 78.98 -22.22
MG CLA UI . -18.52 73.22 -4.17
CHA CLA UI . -20.92 72.72 -6.68
CHB CLA UI . -20.06 76.21 -3.48
CHC CLA UI . -16.18 73.67 -1.78
CHD CLA UI . -16.92 70.19 -5.10
NA CLA UI . -20.29 74.35 -4.95
C1A CLA UI . -21.08 74.01 -5.91
C2A CLA UI . -22.15 75.04 -6.19
C3A CLA UI . -21.81 76.12 -5.18
C4A CLA UI . -20.65 75.53 -4.48
CMA CLA UI . -21.69 77.56 -5.68
CAA CLA UI . -23.57 74.53 -5.94
CBA CLA UI . -24.13 74.71 -4.53
CGA CLA UI . -24.22 73.35 -3.90
O1A CLA UI . -24.68 73.11 -2.78
O2A CLA UI . -23.81 72.26 -4.49
NB CLA UI . -18.19 74.73 -2.82
C1B CLA UI . -18.90 75.85 -2.64
C2B CLA UI . -18.37 76.73 -1.56
C3B CLA UI . -17.22 75.95 -1.09
C4B CLA UI . -17.19 74.74 -1.93
CMB CLA UI . -18.87 78.07 -1.08
CAB CLA UI . -16.27 76.28 -0.01
CBB CLA UI . -16.32 75.65 1.15
NC CLA UI . -16.92 72.02 -3.43
C1C CLA UI . -16.03 72.42 -2.52
C2C CLA UI . -14.88 71.52 -2.30
C3C CLA UI . -15.16 70.44 -3.24
C4C CLA UI . -16.43 70.85 -3.88
CMC CLA UI . -13.72 71.69 -1.36
CAC CLA UI . -14.37 69.20 -3.51
CBC CLA UI . -14.99 68.01 -2.82
ND CLA UI . -18.72 71.76 -5.51
C1D CLA UI . -18.13 70.60 -5.80
C2D CLA UI . -18.78 69.81 -6.88
C3D CLA UI . -19.90 70.71 -7.19
C4D CLA UI . -19.81 71.79 -6.39
CMD CLA UI . -18.58 68.51 -7.59
CAD CLA UI . -21.06 70.81 -8.07
OBD CLA UI . -21.16 70.20 -9.19
CBD CLA UI . -21.77 72.09 -7.78
CGD CLA UI . -21.79 72.84 -9.08
O1D CLA UI . -22.82 72.91 -9.72
O2D CLA UI . -20.61 73.46 -9.64
CED CLA UI . -20.80 74.45 -10.63
MG CLA VI . -17.61 80.07 -16.78
CHA CLA VI . -21.06 80.53 -16.44
CHB CLA VI . -17.80 81.92 -19.65
CHC CLA VI . -14.26 79.65 -17.09
CHD CLA VI . -17.57 78.18 -13.83
NA CLA VI . -19.20 81.12 -17.92
C1A CLA VI . -20.45 81.19 -17.64
C2A CLA VI . -21.26 81.94 -18.66
C3A CLA VI . -20.20 82.30 -19.66
C4A CLA VI . -18.97 81.77 -19.03
CMA CLA VI . -20.45 81.75 -21.04
CAA CLA VI . -21.89 83.24 -18.13
CBA CLA VI . -20.89 84.36 -17.84
CGA CLA VI . -21.63 85.63 -17.52
O1A CLA VI . -21.11 86.62 -17.03
O2A CLA VI . -22.92 85.81 -17.72
NB CLA VI . -16.24 80.72 -18.18
C1B CLA VI . -16.46 81.46 -19.26
C2B CLA VI . -15.24 81.75 -20.07
C3B CLA VI . -14.22 81.05 -19.28
C4B CLA VI . -14.92 80.45 -18.14
CMB CLA VI . -15.18 82.54 -21.34
CAB CLA VI . -12.76 80.91 -19.47
CBB CLA VI . -12.03 81.67 -20.24
NC CLA VI . -16.12 79.14 -15.59
C1C CLA VI . -14.83 79.04 -15.89
C2C CLA VI . -14.00 78.30 -14.91
C3C CLA VI . -15.00 77.93 -13.93
C4C CLA VI . -16.26 78.48 -14.44
CMC CLA VI . -12.52 78.02 -14.93
CAC CLA VI . -14.83 77.15 -12.66
CBC CLA VI . -14.86 78.13 -11.49
ND CLA VI . -18.88 79.44 -15.37
C1D CLA VI . -18.86 78.71 -14.28
C2D CLA VI . -20.17 78.47 -13.61
C3D CLA VI . -21.01 79.23 -14.54
C4D CLA VI . -20.23 79.76 -15.49
CMD CLA VI . -20.72 77.76 -12.42
CAD CLA VI . -22.42 79.62 -14.76
OBD CLA VI . -23.42 78.97 -14.28
CBD CLA VI . -22.49 80.45 -15.99
CGD CLA VI . -23.33 79.69 -16.98
O1D CLA VI . -24.54 79.74 -16.90
O2D CLA VI . -22.71 78.89 -18.01
CED CLA VI . -23.23 78.90 -19.34
CAA F6C WI . -18.70 80.66 -28.35
CAB F6C WI . -9.75 78.48 -30.54
CAC F6C WI . -10.10 78.18 -22.42
CAD F6C WI . -18.28 79.02 -23.90
NA F6C WI . -15.82 79.01 -27.96
CBA F6C WI . -17.60 81.68 -28.10
CBB F6C WI . -8.80 78.25 -29.67
CBC F6C WI . -9.60 79.54 -21.99
CBD F6C WI . -18.65 79.24 -25.34
NB F6C WI . -12.90 78.73 -28.59
OBD F6C WI . -19.11 78.76 -22.96
CGA F6C WI . -18.02 83.00 -28.70
CGD F6C WI . -19.60 78.16 -25.78
ND F6C WI . -14.87 78.80 -25.04
CED F6C WI . -21.80 77.07 -25.39
CHA F6C WI . -17.31 79.09 -26.04
CHB F6C WI . -14.83 79.00 -30.11
CHC F6C WI . -10.66 78.44 -27.52
CHD F6C WI . -13.18 78.51 -23.31
CMA F6C WI . -17.70 78.39 -30.98
CMB F6C WI . -12.52 78.87 -32.38
CMC F6C WI . -8.39 78.18 -25.30
CMD F6C WI . -16.04 78.61 -21.34
OMB F6C WI . -11.73 78.31 -33.11
C1 F6C WI . -16.79 85.19 -29.03
C1A F6C WI . -17.00 79.12 -27.49
C1B F6C WI . -13.39 78.84 -29.82
C1C F6C WI . -10.96 78.41 -26.08
C1D F6C WI . -14.57 78.67 -23.74
O1A F6C WI . -19.09 83.52 -28.52
O1D F6C WI . -19.54 77.71 -26.90
C2 F6C WI . -15.54 85.40 -28.22
C2A F6C WI . -18.07 79.28 -28.53
C2B F6C WI . -12.35 78.78 -30.89
C2C F6C WI . -9.88 78.27 -25.08
C2D F6C WI . -15.75 78.70 -22.82
O2A F6C WI . -17.24 83.73 -29.48
O2D F6C WI . -20.61 77.66 -24.87
C3 F6C WI . -14.41 85.83 -28.78
C3A F6C WI . -17.26 79.24 -29.82
C3B F6C WI . -11.15 78.61 -30.09
C3C F6C WI . -10.64 78.28 -23.83
C3D F6C WI . -16.81 78.87 -23.81
C4 F6C WI . -14.36 86.13 -30.25
C4A F6C WI . -15.87 79.08 -29.27
C4B F6C WI . -11.57 78.59 -28.67
C4C F6C WI . -12.06 78.41 -24.26
C4D F6C WI . -16.26 78.92 -25.02
C5 F6C WI . -13.17 86.03 -27.94
C6 F6C WI . -12.17 86.88 -28.72
C7 F6C WI . -11.47 86.05 -29.78
C8 F6C WI . -10.06 85.65 -29.35
C9 F6C WI . -9.52 86.60 -28.30
C10 F6C WI . -9.15 85.60 -30.57
NC F6C WI . -12.20 78.48 -25.59
MG F6C WI . -13.93 78.74 -26.81
MG CLA XI . -10.46 69.42 -31.48
CHA CLA XI . -11.60 70.52 -28.40
CHB CLA XI . -9.53 72.68 -32.13
CHC CLA XI . -9.31 68.35 -34.47
CHD CLA XI . -11.43 66.10 -30.70
NA CLA XI . -10.54 71.38 -30.41
C1A CLA XI . -11.00 71.60 -29.24
C2A CLA XI . -10.90 73.03 -28.80
C3A CLA XI . -10.25 73.68 -30.02
C4A CLA XI . -10.09 72.51 -30.93
CMA CLA XI . -10.79 74.99 -30.55
CAA CLA XI . -9.90 73.20 -27.67
CBA CLA XI . -9.95 74.59 -27.07
CGA CLA XI . -10.47 74.52 -25.66
O1A CLA XI . -11.61 74.21 -25.34
O2A CLA XI . -9.73 74.79 -24.61
NB CLA XI . -9.56 70.39 -33.06
C1B CLA XI . -9.26 71.68 -33.17
C2B CLA XI . -8.61 72.04 -34.47
C3B CLA XI . -8.57 70.73 -35.13
C4B CLA XI . -9.17 69.78 -34.18
CMB CLA XI . -8.13 73.39 -34.92
CAB CLA XI . -8.05 70.30 -36.46
CBB CLA XI . -8.05 71.08 -37.52
NC CLA XI . -10.35 67.51 -32.41
C1C CLA XI . -9.90 67.29 -33.65
C2C CLA XI . -10.04 65.91 -34.15
C3C CLA XI . -10.66 65.25 -33.02
C4C CLA XI . -10.81 66.32 -32.01
CMC CLA XI . -9.63 65.36 -35.49
CAC CLA XI . -11.09 63.82 -32.89
CBC CLA XI . -9.87 62.99 -32.66
ND CLA XI . -11.32 68.41 -30.00
C1D CLA XI . -11.66 67.16 -29.70
C2D CLA XI . -12.27 66.96 -28.36
C3D CLA XI . -12.21 68.35 -27.88
C4D CLA XI . -11.67 69.10 -28.84
CMD CLA XI . -12.81 65.82 -27.54
CAD CLA XI . -12.57 69.18 -26.71
OBD CLA XI . -13.32 68.81 -25.76
CBD CLA XI . -12.28 70.60 -27.06
CGD CLA XI . -13.57 71.33 -27.23
O1D CLA XI . -14.29 71.10 -28.17
O2D CLA XI . -14.02 72.31 -26.28
CED CLA XI . -15.42 72.53 -26.20
C1 CLA XI . -8.18 74.42 -24.67
C2 CLA XI . -7.34 74.42 -23.43
C3 CLA XI . -6.00 74.48 -23.49
C4 CLA XI . -5.24 74.47 -22.20
C5 CLA XI . -5.24 74.52 -24.80
C6 CLA XI . -4.50 75.84 -25.03
C7 CLA XI . -3.03 75.84 -24.60
C8 CLA XI . -2.02 75.94 -25.74
C9 CLA XI . -1.97 77.35 -26.31
C10 CLA XI . -2.29 74.85 -26.77
C11 CLA XI . -2.07 75.25 -28.22
C12 CLA XI . -2.39 74.08 -29.13
C13 CLA XI . -1.47 74.10 -30.34
C14 CLA XI . -1.58 75.42 -31.10
C15 CLA XI . -1.78 72.92 -31.26
C16 CLA XI . -3.25 72.82 -31.60
C17 CLA XI . -3.48 72.94 -33.10
C18 CLA XI . -3.67 71.58 -33.76
C19 CLA XI . -4.83 70.81 -33.13
C20 CLA XI . -3.89 71.75 -35.26
MG CLA YI . -11.73 64.36 -20.73
CHA CLA YI . -11.03 62.50 -17.84
CHB CLA YI . -8.37 64.69 -21.16
CHC CLA YI . -12.42 66.05 -23.58
CHD CLA YI . -15.19 63.91 -20.19
NA CLA YI . -9.89 63.66 -19.66
C1A CLA YI . -9.79 62.95 -18.60
C2A CLA YI . -8.36 62.69 -18.17
C3A CLA YI . -7.59 63.39 -19.29
C4A CLA YI . -8.69 63.95 -20.10
CMA CLA YI . -6.35 64.26 -19.14
CAA CLA YI . -8.02 61.19 -18.05
CBA CLA YI . -6.60 60.83 -18.48
CGA CLA YI . -5.83 60.14 -17.39
O1A CLA YI . -6.19 59.10 -16.89
O2A CLA YI . -4.68 60.56 -16.90
NB CLA YI . -10.55 65.22 -22.16
C1B CLA YI . -9.23 65.35 -22.15
C2B CLA YI . -8.67 66.17 -23.25
C3B CLA YI . -9.91 66.54 -23.94
C4B CLA YI . -11.01 65.91 -23.20
CMB CLA YI . -7.21 66.46 -23.50
CAB CLA YI . -10.19 67.36 -25.14
CBB CLA YI . -9.26 67.81 -25.93
NC CLA YI . -13.53 64.87 -21.75
C1C CLA YI . -13.62 65.55 -22.89
C2C CLA YI . -14.98 65.78 -23.41
C3C CLA YI . -15.77 65.11 -22.39
C4C CLA YI . -14.80 64.60 -21.42
CMC CLA YI . -15.42 66.48 -24.65
CAC CLA YI . -17.27 64.94 -22.31
CBC CLA YI . -17.65 63.59 -22.86
ND CLA YI . -12.94 63.47 -19.43
C1D CLA YI . -14.25 63.33 -19.25
C2D CLA YI . -14.65 62.57 -18.05
C3D CLA YI . -13.30 62.26 -17.52
C4D CLA YI . -12.39 62.79 -18.35
CMD CLA YI . -15.94 62.17 -17.41
CAD CLA YI . -12.65 61.56 -16.41
OBD CLA YI . -13.25 61.07 -15.39
CBD CLA YI . -11.18 61.77 -16.54
CGD CLA YI . -10.77 62.64 -15.38
O1D CLA YI . -10.56 62.16 -14.27
O2D CLA YI . -10.60 64.07 -15.53
CED CLA YI . -9.99 64.80 -14.48
C1 CLA YI . -4.01 61.98 -17.26
C2 CLA YI . -3.69 62.94 -16.15
C3 CLA YI . -3.33 64.23 -16.32
C4 CLA YI . -3.05 65.04 -15.08
C5 CLA YI . -3.19 64.89 -17.66
C6 CLA YI . -3.71 66.32 -17.58
C7 CLA YI . -3.44 67.13 -18.84
C8 CLA YI . -4.73 67.54 -19.52
C9 CLA YI . -4.58 67.61 -21.04
C10 CLA YI . -5.23 68.87 -18.96
C11 CLA YI . -4.23 70.00 -19.21
C12 CLA YI . -4.84 71.11 -20.05
C13 CLA YI . -5.98 71.82 -19.33
C14 CLA YI . -7.14 71.98 -20.31
C15 CLA YI . -5.45 73.15 -18.78
C16 CLA YI . -6.46 74.29 -18.82
C17 CLA YI . -5.77 75.65 -18.80
C18 CLA YI . -6.74 76.78 -19.08
C19 CLA YI . -6.82 77.74 -17.90
C20 CLA YI . -6.35 77.54 -20.35
MG CLA ZI . 5.47 61.37 -28.02
CHA CLA ZI . 7.50 63.11 -25.79
CHB CLA ZI . 3.95 64.35 -28.75
CHC CLA ZI . 3.68 59.71 -30.34
CHD CLA ZI . 6.99 58.33 -27.05
NA CLA ZI . 5.68 63.49 -27.38
C1A CLA ZI . 6.49 63.94 -26.51
C2A CLA ZI . 6.33 65.42 -26.29
C3A CLA ZI . 5.17 65.76 -27.17
C4A CLA ZI . 4.91 64.45 -27.82
CMA CLA ZI . 4.03 66.44 -26.47
CAA CLA ZI . 7.53 66.01 -27.00
CBA CLA ZI . 7.40 67.37 -27.64
CGA CLA ZI . 8.54 67.41 -28.61
O1A CLA ZI . 8.89 66.45 -29.26
O2A CLA ZI . 9.30 68.44 -28.83
NB CLA ZI . 4.02 61.97 -29.36
C1B CLA ZI . 3.50 63.19 -29.52
C2B CLA ZI . 2.44 63.27 -30.56
C3B CLA ZI . 2.38 61.87 -31.00
C4B CLA ZI . 3.39 61.15 -30.20
CMB CLA ZI . 1.68 64.49 -30.98
CAB CLA ZI . 1.54 61.18 -32.02
CBB CLA ZI . 0.58 61.75 -32.71
NC CLA ZI . 5.42 59.34 -28.66
C1C CLA ZI . 4.62 58.87 -29.60
C2C CLA ZI . 4.71 57.42 -29.85
C3C CLA ZI . 5.74 57.02 -28.91
C4C CLA ZI . 6.10 58.28 -28.22
CMC CLA ZI . 3.93 56.61 -30.85
CAC CLA ZI . 6.33 55.66 -28.66
CBC CLA ZI . 7.71 55.58 -29.28
ND CLA ZI . 6.89 60.72 -26.77
C1D CLA ZI . 7.46 59.57 -26.44
C2D CLA ZI . 8.53 59.66 -25.41
C3D CLA ZI . 8.50 61.11 -25.19
C4D CLA ZI . 7.56 61.65 -25.99
CMD CLA ZI . 9.45 58.72 -24.69
CAD CLA ZI . 9.15 62.16 -24.39
OBD CLA ZI . 9.86 61.98 -23.34
CBD CLA ZI . 8.57 63.48 -24.77
CGD CLA ZI . 8.03 64.14 -23.54
O1D CLA ZI . 8.77 64.79 -22.82
O2D CLA ZI . 6.64 64.05 -23.15
CED CLA ZI . 6.09 65.05 -22.30
C1 CLA ZI . 8.63 69.83 -29.16
C2 CLA ZI . 8.59 70.39 -30.56
C3 CLA ZI . 9.12 71.58 -30.88
C4 CLA ZI . 9.02 72.02 -32.31
C5 CLA ZI . 9.81 72.46 -29.85
C6 CLA ZI . 8.86 73.32 -29.03
C7 CLA ZI . 8.28 74.50 -29.80
C8 CLA ZI . 8.46 75.86 -29.12
C9 CLA ZI . 9.63 75.85 -28.14
C10 CLA ZI . 7.15 76.27 -28.45
C11 CLA ZI . 7.31 77.55 -27.61
C12 CLA ZI . 7.17 78.78 -28.48
C13 CLA ZI . 6.90 80.03 -27.63
C14 CLA ZI . 5.50 79.99 -27.04
C15 CLA ZI . 7.09 81.25 -28.53
C16 CLA ZI . 6.79 82.55 -27.79
C17 CLA ZI . 6.77 83.73 -28.77
C18 CLA ZI . 8.00 84.63 -28.61
C19 CLA ZI . 9.11 84.23 -29.56
C20 CLA ZI . 7.63 86.09 -28.78
MG CLA AJ . 9.55 70.73 -19.35
CHA CLA AJ . 7.83 69.36 -22.05
CHB CLA AJ . 6.61 72.25 -18.44
CHC CLA AJ . 11.19 71.90 -16.66
CHD CLA AJ . 12.50 69.01 -20.34
NA CLA AJ . 7.46 70.81 -20.12
C1A CLA AJ . 6.98 70.25 -21.17
C2A CLA AJ . 5.54 70.62 -21.45
C3A CLA AJ . 5.23 71.54 -20.29
C4A CLA AJ . 6.51 71.53 -19.55
CMA CLA AJ . 4.58 72.89 -20.54
CAA CLA AJ . 4.58 69.44 -21.36
CBA CLA AJ . 3.25 69.79 -22.00
CGA CLA AJ . 2.24 68.72 -21.68
O1A CLA AJ . 2.51 67.64 -21.21
O2A CLA AJ . 0.94 68.85 -21.87
NB CLA AJ . 8.96 71.90 -17.77
C1B CLA AJ . 7.76 72.44 -17.55
C2B CLA AJ . 7.66 73.25 -16.32
C3B CLA AJ . 9.03 73.14 -15.81
C4B CLA AJ . 9.76 72.28 -16.77
CMB CLA AJ . 6.45 73.98 -15.81
CAB CLA AJ . 9.66 73.72 -14.60
CBB CLA AJ . 9.01 73.90 -13.48
NC CLA AJ . 11.54 70.49 -18.61
C1C CLA AJ . 12.03 71.08 -17.53
C2C CLA AJ . 13.47 70.87 -17.26
C3C CLA AJ . 13.85 70.00 -18.37
C4C CLA AJ . 12.59 69.84 -19.14
CMC CLA AJ . 14.28 71.40 -16.12
CAC CLA AJ . 15.20 69.40 -18.71
CBC CLA AJ . 15.90 70.18 -19.79
ND CLA AJ . 10.16 69.47 -20.77
C1D CLA AJ . 11.29 68.87 -21.14
C2D CLA AJ . 11.21 68.10 -22.39
C3D CLA AJ . 9.80 68.34 -22.70
C4D CLA AJ . 9.25 69.12 -21.75
CMD CLA AJ . 12.12 67.27 -23.25
CAD CLA AJ . 8.80 68.00 -23.72
OBD CLA AJ . 9.15 67.74 -24.91
CBD CLA AJ . 7.48 68.56 -23.29
CGD CLA AJ . 6.89 69.39 -24.39
O1D CLA AJ . 5.70 69.30 -24.64
O2D CLA AJ . 7.69 70.30 -25.18
CED CLA AJ . 7.11 71.52 -25.60
C1 CLA AJ . -0.07 67.61 -21.77
C2 CLA AJ . -0.49 66.83 -22.99
C3 CLA AJ . -1.26 65.74 -22.87
C4 CLA AJ . -1.70 65.27 -21.51
C5 CLA AJ . -1.66 64.98 -24.09
C6 CLA AJ . -3.05 65.36 -24.51
C7 CLA AJ . -3.27 64.96 -25.95
C8 CLA AJ . -4.75 64.84 -26.28
C9 CLA AJ . -5.02 63.55 -27.04
C10 CLA AJ . -5.29 66.06 -27.02
C11 CLA AJ . -4.24 66.98 -27.64
C12 CLA AJ . -4.14 66.68 -29.13
C13 CLA AJ . -3.18 67.63 -29.83
C14 CLA AJ . -3.63 69.08 -29.69
C15 CLA AJ . -3.08 67.23 -31.29
C16 CLA AJ . -1.69 67.49 -31.83
C17 CLA AJ . -1.50 66.82 -33.19
C18 CLA AJ . -0.03 66.71 -33.55
C19 CLA AJ . 0.14 66.32 -35.01
C20 CLA AJ . 0.73 68.00 -33.28
MG CLA BJ . 9.96 48.50 -14.31
CHA CLA BJ . 9.49 48.21 -10.89
CHB CLA BJ . 13.09 49.73 -13.61
CHC CLA BJ . 10.48 48.69 -17.64
CHD CLA BJ . 6.69 47.36 -14.89
NA CLA BJ . 11.18 48.93 -12.49
C1A CLA BJ . 10.81 48.80 -11.28
C2A CLA BJ . 11.81 49.33 -10.28
C3A CLA BJ . 12.86 49.89 -11.19
C4A CLA BJ . 12.35 49.49 -12.53
CMA CLA BJ . 13.12 51.36 -10.97
CAA CLA BJ . 12.51 48.23 -9.46
CBA CLA BJ . 13.21 47.10 -10.21
CGA CLA BJ . 14.71 47.36 -10.27
O1A CLA BJ . 15.34 47.78 -9.34
O2A CLA BJ . 15.50 47.27 -11.33
NB CLA BJ . 11.56 49.13 -15.44
C1B CLA BJ . 12.76 49.52 -15.01
C2B CLA BJ . 13.74 49.77 -16.09
C3B CLA BJ . 12.93 49.47 -17.27
C4B CLA BJ . 11.60 49.07 -16.77
CMB CLA BJ . 15.16 50.23 -15.93
CAB CLA BJ . 13.30 49.50 -18.69
CBB CLA BJ . 14.27 48.73 -19.14
NC CLA BJ . 8.79 48.00 -16.01
C1C CLA BJ . 9.14 48.22 -17.27
C2C CLA BJ . 8.10 47.96 -18.28
C3C CLA BJ . 6.99 47.51 -17.45
C4C CLA BJ . 7.52 47.59 -16.08
CMC CLA BJ . 8.18 48.11 -19.76
CAC CLA BJ . 5.59 47.10 -17.86
CBC CLA BJ . 5.37 45.61 -17.76
ND CLA BJ . 8.35 47.98 -13.27
C1D CLA BJ . 7.18 47.43 -13.53
C2D CLA BJ . 6.46 46.91 -12.34
C3D CLA BJ . 7.44 47.28 -11.31
C4D CLA BJ . 8.47 47.87 -11.90
CMD CLA BJ . 5.17 46.23 -12.04
CAD CLA BJ . 7.64 47.20 -9.86
OBD CLA BJ . 6.86 46.63 -9.02
CBD CLA BJ . 8.94 47.85 -9.54
CGD CLA BJ . 8.68 49.06 -8.72
O1D CLA BJ . 7.82 49.82 -9.10
O2D CLA BJ . 9.40 49.32 -7.50
CED CLA BJ . 8.70 49.86 -6.39
C1 CLA BJ . 15.45 46.13 -12.43
C2 CLA BJ . 14.84 46.34 -13.79
C3 CLA BJ . 14.69 45.34 -14.67
C4 CLA BJ . 14.05 45.66 -15.97
C5 CLA BJ . 15.16 43.94 -14.33
C6 CLA BJ . 14.79 42.91 -15.39
C7 CLA BJ . 13.64 41.98 -14.96
C8 CLA BJ . 12.91 41.43 -16.18
C9 CLA BJ . 12.54 42.59 -17.09
C10 CLA BJ . 11.66 40.64 -15.83
C11 CLA BJ . 10.62 40.60 -16.96
C12 CLA BJ . 9.26 41.17 -16.54
C13 CLA BJ . 8.75 42.37 -17.35
C14 CLA BJ . 9.25 42.36 -18.79
C15 CLA BJ . 9.06 43.73 -16.72
C16 CLA BJ . 9.42 43.67 -15.24
C17 CLA BJ . 10.07 44.95 -14.73
C18 CLA BJ . 10.24 44.99 -13.21
C19 CLA BJ . 9.60 43.84 -12.46
C20 CLA BJ . 11.70 45.02 -12.85
MG CLA CJ . 5.09 55.56 -11.24
CHA CLA CJ . 6.91 56.96 -8.62
CHB CLA CJ . 6.15 52.50 -10.13
CHC CLA CJ . 3.22 54.19 -13.69
CHD CLA CJ . 4.08 58.77 -12.29
NA CLA CJ . 6.36 54.79 -9.59
C1A CLA CJ . 6.98 55.47 -8.70
C2A CLA CJ . 7.78 54.63 -7.77
C3A CLA CJ . 7.62 53.26 -8.35
C4A CLA CJ . 6.65 53.52 -9.42
CMA CLA CJ . 8.95 52.71 -8.79
CAA CLA CJ . 7.11 54.65 -6.39
CBA CLA CJ . 6.04 53.61 -6.06
CGA CLA CJ . 4.73 54.27 -5.66
O1A CLA CJ . 4.30 55.28 -6.13
O2A CLA CJ . 3.91 53.79 -4.75
NB CLA CJ . 4.74 53.62 -11.82
C1B CLA CJ . 5.23 52.53 -11.27
C2B CLA CJ . 4.75 51.28 -11.90
C3B CLA CJ . 3.89 51.80 -12.96
C4B CLA CJ . 3.95 53.27 -12.83
CMB CLA CJ . 5.14 49.90 -11.47
CAB CLA CJ . 3.08 51.15 -14.01
CBB CLA CJ . 3.07 49.85 -14.21
NC CLA CJ . 3.80 56.36 -12.72
C1C CLA CJ . 3.13 55.65 -13.63
C2C CLA CJ . 2.32 56.42 -14.58
C3C CLA CJ . 2.55 57.79 -14.13
C4C CLA CJ . 3.48 57.63 -13.00
CMC CLA CJ . 1.45 55.90 -15.69
CAC CLA CJ . 2.00 59.08 -14.65
CBC CLA CJ . 0.81 59.47 -13.79
ND CLA CJ . 5.33 57.45 -10.68
C1D CLA CJ . 4.95 58.64 -11.12
C2D CLA CJ . 5.50 59.77 -10.36
C3D CLA CJ . 6.28 59.05 -9.37
C4D CLA CJ . 6.14 57.74 -9.61
CMD CLA CJ . 5.40 61.25 -10.44
CAD CLA CJ . 7.17 59.26 -8.20
OBD CLA CJ . 7.55 60.39 -7.74
CBD CLA CJ . 7.54 57.94 -7.65
CGD CLA CJ . 9.03 57.79 -7.61
O1D CLA CJ . 9.72 58.11 -8.55
O2D CLA CJ . 9.67 57.20 -6.46
CED CLA CJ . 10.99 57.59 -6.13
C1 CLA CJ . 2.34 54.00 -4.88
C2 CLA CJ . 1.57 55.21 -4.40
C3 CLA CJ . 0.26 55.10 -4.04
C4 CLA CJ . -0.43 53.77 -4.13
C5 CLA CJ . -0.53 56.27 -3.54
C6 CLA CJ . 0.01 57.61 -4.03
C7 CLA CJ . -0.78 58.74 -3.39
C8 CLA CJ . -1.85 59.30 -4.32
C9 CLA CJ . -1.21 59.95 -5.54
C10 CLA CJ . -2.72 60.30 -3.58
C11 CLA CJ . -3.61 59.63 -2.52
C12 CLA CJ . -4.79 60.52 -2.19
C13 CLA CJ . -5.29 60.30 -0.76
C14 CLA CJ . -6.05 58.99 -0.65
C15 CLA CJ . -6.14 61.50 -0.37
C16 CLA CJ . -7.04 61.23 0.83
C17 CLA CJ . -7.18 62.46 1.71
C18 CLA CJ . -8.62 62.64 2.17
C19 CLA CJ . -8.78 62.37 3.66
C20 CLA CJ . -9.10 64.04 1.85
MG CLA DJ . -5.26 47.14 -24.42
CHA CLA DJ . -7.01 44.85 -26.34
CHB CLA DJ . -7.86 46.97 -22.17
CHC CLA DJ . -3.61 49.39 -22.48
CHD CLA DJ . -2.69 47.29 -26.79
NA CLA DJ . -7.19 46.05 -24.22
C1A CLA DJ . -7.68 45.21 -25.05
C2A CLA DJ . -8.99 44.63 -24.61
C3A CLA DJ . -9.24 45.37 -23.33
C4A CLA DJ . -8.02 46.19 -23.22
CMA CLA DJ . -10.53 46.15 -23.31
CAA CLA DJ . -8.83 43.17 -24.21
CBA CLA DJ . -7.54 42.82 -23.48
CGA CLA DJ . -7.56 41.35 -23.26
O1A CLA DJ . -7.63 40.54 -24.14
O2A CLA DJ . -7.56 40.70 -22.11
NB CLA DJ . -5.67 48.04 -22.61
C1B CLA DJ . -6.74 47.86 -21.86
C2B CLA DJ . -6.74 48.63 -20.62
C3B CLA DJ . -5.49 49.36 -20.70
C4B CLA DJ . -4.89 48.92 -21.98
CMB CLA DJ . -7.81 48.56 -19.63
CAB CLA DJ . -4.89 50.34 -19.75
CBB CLA DJ . -5.61 51.15 -19.01
NC CLA DJ . -3.40 48.14 -24.59
C1C CLA DJ . -2.87 48.92 -23.66
C2C CLA DJ . -1.49 49.30 -23.85
C3C CLA DJ . -1.17 48.62 -25.10
C4C CLA DJ . -2.44 47.95 -25.49
CMC CLA DJ . -0.69 50.15 -22.91
CAC CLA DJ . 0.11 48.60 -25.88
CBC CLA DJ . 1.00 47.52 -25.33
ND CLA DJ . -4.81 46.33 -26.17
C1D CLA DJ . -3.84 46.43 -27.07
C2D CLA DJ . -4.06 45.62 -28.29
C3D CLA DJ . -5.36 45.01 -27.94
C4D CLA DJ . -5.72 45.44 -26.73
CMD CLA DJ . -3.34 45.37 -29.58
CAD CLA DJ . -6.39 44.07 -28.46
OBD CLA DJ . -6.30 43.38 -29.53
CBD CLA DJ . -7.47 43.93 -27.45
CGD CLA DJ . -8.81 44.30 -28.04
O1D CLA DJ . -9.43 45.29 -27.71
O2D CLA DJ . -9.45 43.48 -29.03
CED CLA DJ . -10.14 44.12 -30.10
C1 CLA DJ . -6.30 39.95 -21.47
C2 CLA DJ . -4.97 39.73 -22.15
C3 CLA DJ . -3.96 39.19 -21.46
C4 CLA DJ . -4.15 38.79 -20.03
C5 CLA DJ . -2.62 38.98 -22.14
C6 CLA DJ . -1.49 39.11 -21.14
C7 CLA DJ . -0.15 38.91 -21.83
C8 CLA DJ . 0.54 40.25 -22.07
C9 CLA DJ . 0.40 40.67 -23.53
C10 CLA DJ . 2.00 40.18 -21.66
C11 CLA DJ . 2.18 39.61 -20.27
C12 CLA DJ . 3.56 39.89 -19.71
C13 CLA DJ . 4.40 38.64 -19.45
C14 CLA DJ . 3.54 37.47 -18.98
C15 CLA DJ . 5.48 38.94 -18.44
C16 CLA DJ . 6.25 37.68 -18.07
C17 CLA DJ . 7.75 37.95 -18.00
C18 CLA DJ . 8.53 37.04 -17.04
C19 CLA DJ . 7.64 36.18 -16.16
C20 CLA DJ . 9.52 36.17 -17.78
MG CLA EJ . -5.18 67.97 -42.08
CHA CLA EJ . -8.01 69.42 -43.49
CHB CLA EJ . -3.63 68.42 -45.10
CHC CLA EJ . -2.40 66.60 -40.69
CHD CLA EJ . -6.86 67.61 -39.02
NA CLA EJ . -5.71 68.82 -44.06
C1A CLA EJ . -6.83 69.34 -44.42
C2A CLA EJ . -6.87 69.82 -45.84
C3A CLA EJ . -5.50 69.42 -46.31
C4A CLA EJ . -4.89 68.85 -45.09
CMA CLA EJ . -5.47 68.55 -47.53
CAA CLA EJ . -7.00 71.34 -45.94
CBA CLA EJ . -5.73 72.13 -45.61
CGA CLA EJ . -5.89 73.61 -45.83
O1A CLA EJ . -6.85 74.28 -45.46
O2A CLA EJ . -4.99 74.36 -46.45
NB CLA EJ . -3.29 67.57 -42.81
C1B CLA EJ . -2.83 67.81 -44.04
C2B CLA EJ . -1.43 67.40 -44.24
C3B CLA EJ . -1.10 66.86 -42.92
C4B CLA EJ . -2.31 67.01 -42.10
CMB CLA EJ . -0.60 67.50 -45.48
CAB CLA EJ . 0.18 66.29 -42.45
CBB CLA EJ . 1.28 66.98 -42.51
NC CLA EJ . -4.69 67.26 -40.14
C1C CLA EJ . -3.54 66.69 -39.78
C2C CLA EJ . -3.47 66.16 -38.41
C3C CLA EJ . -4.81 66.48 -37.91
C4C CLA EJ . -5.46 67.14 -39.05
CMC CLA EJ . -2.34 65.48 -37.71
CAC CLA EJ . -5.39 66.20 -36.56
CBC CLA EJ . -5.33 67.43 -35.67
ND CLA EJ . -6.95 68.40 -41.28
C1D CLA EJ . -7.59 68.18 -40.14
C2D CLA EJ . -9.03 68.54 -40.15
C3D CLA EJ . -9.13 69.03 -41.52
C4D CLA EJ . -7.93 68.94 -42.11
CMD CLA EJ . -10.22 68.52 -39.23
CAD CLA EJ . -10.11 69.60 -42.45
OBD CLA EJ . -11.35 69.75 -42.21
CBD CLA EJ . -9.41 69.93 -43.73
CGD CLA EJ . -10.09 69.20 -44.83
O1D CLA EJ . -10.84 69.78 -45.59
O2D CLA EJ . -9.91 67.79 -45.06
CED CLA EJ . -9.73 67.37 -46.41
MG CLA FJ . 2.56 69.16 -48.34
CHA CLA FJ . -0.68 69.26 -49.56
CHB CLA FJ . 3.39 67.35 -51.14
CHC CLA FJ . 5.77 69.24 -47.29
CHD CLA FJ . 1.56 70.96 -45.45
NA CLA FJ . 1.52 68.41 -50.15
C1A CLA FJ . 0.28 68.53 -50.45
C2A CLA FJ . -0.12 67.82 -51.72
C3A CLA FJ . 1.18 67.18 -52.13
C4A CLA FJ . 2.10 67.69 -51.09
CMA CLA FJ . 1.08 65.67 -52.20
CAA CLA FJ . -0.48 68.76 -52.88
CBA CLA FJ . 0.03 70.18 -52.74
CGA CLA FJ . 1.20 70.49 -53.64
O1A CLA FJ . 2.28 69.93 -53.59
O2A CLA FJ . 1.17 71.41 -54.60
NB CLA FJ . 4.31 68.42 -49.12
C1B CLA FJ . 4.47 67.68 -50.23
C2B CLA FJ . 5.86 67.23 -50.46
C3B CLA FJ . 6.55 67.79 -49.30
C4B CLA FJ . 5.51 68.50 -48.53
CMB CLA FJ . 6.35 66.40 -51.62
CAB CLA FJ . 7.97 67.72 -48.90
CBB CLA FJ . 8.96 67.82 -49.76
NC CLA FJ . 3.52 69.99 -46.63
C1C CLA FJ . 4.81 69.86 -46.36
C2C CLA FJ . 5.25 70.40 -45.08
C3C CLA FJ . 4.01 70.92 -44.52
C4C CLA FJ . 2.99 70.60 -45.55
CMC CLA FJ . 6.66 70.40 -44.56
CAC CLA FJ . 3.80 71.58 -43.17
CBC CLA FJ . 3.70 73.08 -43.32
ND CLA FJ . 0.92 69.99 -47.57
C1D CLA FJ . 0.56 70.65 -46.47
C2D CLA FJ . -0.90 70.98 -46.39
C3D CLA FJ . -1.33 70.39 -47.67
C4D CLA FJ . -0.27 69.86 -48.28
CMD CLA FJ . -1.86 71.66 -45.45
CAD CLA FJ . -2.54 70.21 -48.49
OBD CLA FJ . -3.54 71.00 -48.42
CBD CLA FJ . -2.16 69.48 -49.73
CGD CLA FJ . -2.88 68.16 -49.81
O1D CLA FJ . -2.78 67.32 -48.95
O2D CLA FJ . -3.71 67.86 -50.97
CED CLA FJ . -4.92 67.16 -50.80
C1 CLA FJ . 2.53 72.13 -55.05
C2 CLA FJ . 3.39 72.88 -54.06
C3 CLA FJ . 4.62 73.32 -54.38
C4 CLA FJ . 5.18 73.06 -55.75
C5 CLA FJ . 5.46 74.05 -53.37
C6 CLA FJ . 4.73 75.27 -52.82
C7 CLA FJ . 5.08 75.49 -51.34
C8 CLA FJ . 6.20 76.51 -51.09
C9 CLA FJ . 6.29 77.59 -52.17
C10 CLA FJ . 7.54 75.80 -50.92
MG CLA GJ . 18.99 66.26 -48.83
CHA CLA GJ . 15.89 64.91 -49.57
CHB CLA GJ . 20.37 63.44 -50.24
CHC CLA GJ . 22.02 67.63 -48.22
CHD CLA GJ . 17.42 69.11 -47.42
NA CLA GJ . 18.26 64.39 -49.80
C1A CLA GJ . 17.04 64.04 -50.00
C2A CLA GJ . 16.88 62.71 -50.68
C3A CLA GJ . 18.32 62.27 -50.82
C4A CLA GJ . 19.04 63.43 -50.25
CMA CLA GJ . 18.69 60.86 -50.38
CAA CLA GJ . 16.40 62.95 -52.11
CBA CLA GJ . 15.39 61.93 -52.60
CGA CLA GJ . 15.28 62.06 -54.10
O1A CLA GJ . 16.24 62.16 -54.85
O2A CLA GJ . 14.14 62.08 -54.79
NB CLA GJ . 20.90 65.62 -49.20
C1B CLA GJ . 21.30 64.46 -49.75
C2B CLA GJ . 22.77 64.30 -49.84
C3B CLA GJ . 23.22 65.55 -49.23
C4B CLA GJ . 22.00 66.31 -48.87
CMB CLA GJ . 23.51 63.11 -50.41
CAB CLA GJ . 24.57 66.09 -48.99
CBB CLA GJ . 25.67 65.68 -49.61
NC CLA GJ . 19.62 68.11 -48.00
C1C CLA GJ . 20.89 68.47 -47.78
C2C CLA GJ . 21.09 69.75 -47.08
C3C CLA GJ . 19.72 70.18 -46.87
C4C CLA GJ . 18.90 69.12 -47.45
CMC CLA GJ . 22.38 70.42 -46.69
CAC CLA GJ . 19.23 71.43 -46.19
CBC CLA GJ . 19.22 71.20 -44.70
ND CLA GJ . 17.16 66.98 -48.52
C1D CLA GJ . 16.58 68.05 -47.97
C2D CLA GJ . 15.09 68.02 -47.96
C3D CLA GJ . 14.88 66.74 -48.62
C4D CLA GJ . 16.08 66.21 -48.92
CMD CLA GJ . 13.94 68.89 -47.50
CAD CLA GJ . 13.79 65.85 -49.07
OBD CLA GJ . 12.57 65.92 -48.69
CBD CLA GJ . 14.41 64.60 -49.61
CGD CLA GJ . 14.19 63.51 -48.61
O1D CLA GJ . 14.61 63.63 -47.49
O2D CLA GJ . 13.48 62.31 -48.95
CED CLA GJ . 12.34 61.99 -48.18
C1 CLA GJ . 13.59 63.48 -55.34
C2 CLA GJ . 13.91 64.73 -54.57
C3 CLA GJ . 13.05 65.73 -54.38
C4 CLA GJ . 11.65 65.64 -54.95
C5 CLA GJ . 13.49 66.94 -53.59
C6 CLA GJ . 12.34 67.89 -53.29
C7 CLA GJ . 12.84 69.33 -53.24
C8 CLA GJ . 11.78 70.30 -53.77
C9 CLA GJ . 12.43 71.52 -54.43
C10 CLA GJ . 10.85 70.73 -52.65
C11 CLA GJ . 11.62 71.33 -51.48
C12 CLA GJ . 11.19 70.71 -50.16
C13 CLA GJ . 10.48 71.74 -49.28
C14 CLA GJ . 11.35 72.96 -49.06
C15 CLA GJ . 10.11 71.10 -47.94
CAA F6C HJ . 32.62 66.44 -49.29
CAB F6C HJ . 24.69 62.93 -45.60
CAC F6C HJ . 29.77 56.46 -46.29
CAD F6C HJ . 35.28 62.50 -47.93
NA F6C HJ . 30.93 64.30 -47.28
CBA F6C HJ . 31.86 65.56 -50.28
CBB F6C HJ . 23.62 63.37 -46.23
CBC F6C HJ . 29.88 55.86 -47.67
CBD F6C HJ . 34.71 63.88 -47.87
NB F6C HJ . 28.29 63.07 -46.60
OBD F6C HJ . 36.52 62.24 -47.78
CGA F6C HJ . 32.01 66.11 -51.67
CGD F6C HJ . 35.23 64.53 -46.62
ND F6C HJ . 31.93 61.38 -47.20
CED F6C HJ . 34.57 66.21 -44.90
CHA F6C HJ . 33.23 63.64 -47.71
CHB F6C HJ . 28.90 65.44 -46.91
CHC F6C HJ . 27.16 60.90 -46.17
CHD F6C HJ . 31.64 59.00 -46.83
CMA F6C HJ . 30.72 67.84 -46.63
CMB F6C HJ . 25.90 65.98 -46.10
CMC F6C HJ . 26.74 57.80 -45.70
CMD F6C HJ . 35.05 59.09 -47.45
OMB F6C HJ . 24.86 66.12 -45.45
C1A F6C HJ . 32.11 64.63 -47.61
C1B F6C HJ . 27.97 64.37 -46.57
C1C F6C HJ . 28.24 59.91 -46.32
C1D F6C HJ . 32.48 60.16 -47.14
O1A F6C HJ . 31.75 65.49 -52.68
O1D F6C HJ . 36.42 64.73 -46.47
C2A F6C HJ . 32.30 66.11 -47.83
C2B F6C HJ . 26.57 64.65 -46.21
C2C F6C HJ . 28.02 58.47 -46.09
C2D F6C HJ . 33.95 60.12 -47.39
O2A F6C HJ . 32.45 67.32 -51.93
O2D F6C HJ . 34.36 64.94 -45.53
C3A F6C HJ . 30.91 66.64 -47.54
C3B F6C HJ . 26.06 63.30 -46.00
C3C F6C HJ . 29.34 57.90 -46.35
C3D F6C HJ . 34.19 61.55 -47.62
C4A F6C HJ . 30.18 65.38 -47.23
C4B F6C HJ . 27.20 62.38 -46.26
C4C F6C HJ . 30.17 59.08 -46.68
C4D F6C HJ . 33.02 62.19 -47.50
NC F6C HJ . 29.49 60.24 -46.65
MG F6C HJ . 30.16 62.24 -46.88
MG CLA IJ . 10.47 78.42 -21.64
CHA CLA IJ . 10.23 79.76 -18.42
CHB CLA IJ . 9.88 75.34 -20.23
CHC CLA IJ . 10.56 77.15 -24.77
CHD CLA IJ . 11.21 81.64 -22.91
NA CLA IJ . 10.09 77.62 -19.60
C1A CLA IJ . 10.03 78.27 -18.50
C2A CLA IJ . 9.82 77.41 -17.29
C3A CLA IJ . 9.84 76.05 -17.91
C4A CLA IJ . 9.92 76.34 -19.35
CMA CLA IJ . 11.06 75.36 -17.42
CAA CLA IJ . 8.45 77.66 -16.64
CBA CLA IJ . 7.27 77.08 -17.42
CGA CLA IJ . 5.94 77.56 -16.90
O1A CLA IJ . 5.58 77.53 -15.74
O2A CLA IJ . 5.02 78.03 -17.69
NB CLA IJ . 10.25 76.51 -22.38
C1B CLA IJ . 10.03 75.39 -21.70
C2B CLA IJ . 9.92 74.17 -22.54
C3B CLA IJ . 10.14 74.73 -23.86
C4B CLA IJ . 10.33 76.18 -23.68
CMB CLA IJ . 9.67 72.75 -22.14
CAB CLA IJ . 10.14 73.98 -25.14
CBB CLA IJ . 11.27 73.75 -25.76
NC CLA IJ . 10.72 79.29 -23.56
C1C CLA IJ . 10.78 78.60 -24.71
C2C CLA IJ . 11.07 79.40 -25.91
C3C CLA IJ . 11.19 80.74 -25.35
C4C CLA IJ . 10.96 80.57 -23.90
CMC CLA IJ . 11.22 78.99 -27.34
CAC CLA IJ . 11.48 82.03 -26.07
CBC CLA IJ . 10.19 82.79 -26.24
ND CLA IJ . 10.67 80.30 -20.98
C1D CLA IJ . 10.98 81.50 -21.47
C2D CLA IJ . 11.08 82.59 -20.46
C3D CLA IJ . 10.76 81.82 -19.27
C4D CLA IJ . 10.54 80.55 -19.61
CMD CLA IJ . 11.38 84.07 -20.38
CAD CLA IJ . 10.61 81.99 -17.81
OBD CLA IJ . 10.56 83.12 -17.20
CBD CLA IJ . 10.30 80.66 -17.21
CGD CLA IJ . 11.46 80.21 -16.36
O1D CLA IJ . 12.50 79.85 -16.86
O2D CLA IJ . 11.38 80.20 -14.93
CED CLA IJ . 12.60 80.52 -14.27
C1 CLA IJ . 3.48 77.62 -17.54
C2 CLA IJ . 2.51 78.47 -16.76
C3 CLA IJ . 2.25 79.75 -17.09
C4 CLA IJ . 1.25 80.51 -16.26
C5 CLA IJ . 2.94 80.43 -18.24
C6 CLA IJ . 2.13 80.30 -19.52
C7 CLA IJ . 1.96 81.64 -20.21
C8 CLA IJ . 3.24 82.06 -20.93
C9 CLA IJ . 3.71 83.40 -20.41
C10 CLA IJ . 2.96 82.11 -22.43
C11 CLA IJ . 4.25 82.35 -23.20
C12 CLA IJ . 4.02 83.10 -24.51
C13 CLA IJ . 4.95 84.30 -24.63
C14 CLA IJ . 4.75 85.21 -23.43
C15 CLA IJ . 4.71 85.04 -25.94
C16 CLA IJ . 5.29 86.46 -25.93
C17 CLA IJ . 4.29 87.45 -26.53
C18 CLA IJ . 4.80 88.89 -26.54
C19 CLA IJ . 4.40 89.64 -25.28
C20 CLA IJ . 6.30 89.01 -26.79
MG CLA JJ . 7.33 85.51 -19.11
CHA CLA JJ . 6.30 86.77 -16.03
CHB CLA JJ . 6.49 82.39 -17.94
CHC CLA JJ . 8.11 84.29 -22.18
CHD CLA JJ . 8.25 88.77 -20.18
NA CLA JJ . 6.48 84.65 -17.23
C1A CLA JJ . 6.17 85.28 -16.16
C2A CLA JJ . 5.70 84.36 -15.03
C3A CLA JJ . 5.81 82.99 -15.69
C4A CLA JJ . 6.29 83.36 -17.04
CMA CLA JJ . 6.46 81.85 -14.92
CAA CLA JJ . 4.25 84.57 -14.59
CBA CLA JJ . 3.23 84.18 -15.65
CGA CLA JJ . 1.82 84.53 -15.21
O1A CLA JJ . 1.54 85.46 -14.48
O2A CLA JJ . 0.75 83.87 -15.60
NB CLA JJ . 7.29 83.62 -19.93
C1B CLA JJ . 6.95 82.48 -19.34
C2B CLA JJ . 7.06 81.28 -20.19
C3B CLA JJ . 7.56 81.86 -21.43
C4B CLA JJ . 7.66 83.32 -21.18
CMB CLA JJ . 6.75 79.87 -19.79
CAB CLA JJ . 7.88 81.21 -22.72
CBB CLA JJ . 7.13 80.27 -23.24
NC CLA JJ . 8.04 86.40 -20.91
C1C CLA JJ . 8.31 85.75 -22.05
C2C CLA JJ . 8.82 86.56 -23.15
C3C CLA JJ . 8.83 87.89 -22.57
C4C CLA JJ . 8.34 87.68 -21.18
CMC CLA JJ . 9.20 86.14 -24.55
CAC CLA JJ . 9.26 89.18 -23.22
CBC CLA JJ . 8.04 89.96 -23.64
ND CLA JJ . 7.35 87.38 -18.41
C1D CLA JJ . 7.67 88.59 -18.84
C2D CLA JJ . 7.41 89.68 -17.86
C3D CLA JJ . 6.87 88.89 -16.76
C4D CLA JJ . 6.86 87.60 -17.13
CMD CLA JJ . 7.55 91.18 -17.75
CAD CLA JJ . 6.34 89.06 -15.40
OBD CLA JJ . 5.90 90.18 -14.95
CBD CLA JJ . 5.90 87.73 -14.91
CGD CLA JJ . 6.58 87.41 -13.63
O1D CLA JJ . 7.80 87.40 -13.54
O2D CLA JJ . 5.79 87.11 -12.44
CED CLA JJ . 6.02 87.81 -11.23
MG CLA KJ . 2.98 92.38 -17.63
CHA CLA KJ . 1.17 93.52 -14.88
CHB CLA KJ . 2.28 89.18 -16.55
CHC CLA KJ . 4.63 91.29 -20.34
CHD CLA KJ . 3.57 95.75 -18.65
NA CLA KJ . 1.86 91.44 -15.93
C1A CLA KJ . 1.23 92.03 -14.98
C2A CLA KJ . 0.61 91.09 -13.98
C3A CLA KJ . 1.01 89.72 -14.54
C4A CLA KJ . 1.77 90.13 -15.76
CMA CLA KJ . 1.58 88.67 -13.61
CAA CLA KJ . -0.92 91.18 -13.94
CBA CLA KJ . -1.68 90.50 -15.08
CGA CLA KJ . -1.74 91.34 -16.33
O1A CLA KJ . -1.66 90.90 -17.46
O2A CLA KJ . -1.90 92.65 -16.35
NB CLA KJ . 3.39 90.49 -18.34
C1B CLA KJ . 3.05 89.32 -17.79
C2B CLA KJ . 3.54 88.13 -18.56
C3B CLA KJ . 4.22 88.76 -19.67
C4B CLA KJ . 4.09 90.23 -19.46
CMB CLA KJ . 3.37 86.67 -18.28
CAB CLA KJ . 4.91 88.00 -20.75
CBB CLA KJ . 4.96 88.37 -22.01
NC CLA KJ . 3.91 93.37 -19.27
C1C CLA KJ . 4.56 92.75 -20.25
C2C CLA KJ . 5.19 93.61 -21.27
C3C CLA KJ . 4.85 94.94 -20.78
C4C CLA KJ . 4.07 94.67 -19.53
CMC CLA KJ . 5.96 93.19 -22.49
CAC CLA KJ . 5.21 96.27 -21.36
CBC CLA KJ . 6.68 96.57 -21.15
ND CLA KJ . 2.53 94.25 -17.04
C1D CLA KJ . 2.79 95.50 -17.43
C2D CLA KJ . 2.24 96.56 -16.54
C3D CLA KJ . 1.60 95.70 -15.53
C4D CLA KJ . 1.80 94.41 -15.88
CMD CLA KJ . 2.20 98.06 -16.43
CAD CLA KJ . 0.82 95.78 -14.29
OBD CLA KJ . 0.58 96.86 -13.63
CBD CLA KJ . 0.58 94.41 -13.79
CGD CLA KJ . 1.34 94.20 -12.51
O1D CLA KJ . 2.43 94.72 -12.35
O2D CLA KJ . 0.77 93.37 -11.46
CED CLA KJ . 0.53 93.92 -10.17
MG CLA LJ . 15.32 66.46 -24.83
CHA CLA LJ . 15.78 69.92 -25.04
CHB CLA LJ . 12.53 66.89 -26.78
CHC CLA LJ . 14.98 63.13 -24.72
CHD CLA LJ . 18.28 66.21 -22.90
NA CLA LJ . 14.27 68.17 -25.82
C1A CLA LJ . 14.58 69.41 -25.79
C2A CLA LJ . 13.62 70.32 -26.50
C3A CLA LJ . 12.60 69.33 -26.98
C4A CLA LJ . 13.17 68.04 -26.52
CMA CLA LJ . 11.19 69.65 -26.52
CAA CLA LJ . 14.22 70.97 -27.74
CBA CLA LJ . 13.39 72.19 -28.14
CGA CLA LJ . 14.03 72.92 -29.30
O1A CLA LJ . 15.19 73.25 -29.35
O2A CLA LJ . 13.40 73.29 -30.40
NB CLA LJ . 13.94 65.18 -25.66
C1B CLA LJ . 12.88 65.52 -26.40
C2B CLA LJ . 12.05 64.34 -26.79
C3B CLA LJ . 12.78 63.25 -26.17
C4B CLA LJ . 13.95 63.86 -25.48
CMB CLA LJ . 10.81 64.29 -27.62
CAB CLA LJ . 12.43 61.81 -26.24
CBB CLA LJ . 12.23 61.07 -25.19
NC CLA LJ . 16.50 64.91 -23.98
C1C CLA LJ . 16.19 63.61 -24.04
C2C CLA LJ . 17.16 62.70 -23.40
C3C CLA LJ . 18.17 63.62 -22.88
C4C CLA LJ . 17.65 64.95 -23.30
CMC CLA LJ . 17.11 61.20 -23.32
CAC CLA LJ . 19.45 63.31 -22.14
CBC CLA LJ . 19.43 63.66 -20.67
ND CLA LJ . 16.78 67.64 -24.13
C1D CLA LJ . 17.83 67.52 -23.34
C2D CLA LJ . 18.47 68.80 -22.94
C3D CLA LJ . 17.59 69.72 -23.66
C4D CLA LJ . 16.67 69.01 -24.31
CMD CLA LJ . 19.62 69.26 -22.09
CAD CLA LJ . 17.42 71.15 -23.91
OBD CLA LJ . 18.17 72.08 -23.47
CBD CLA LJ . 16.25 71.34 -24.80
CGD CLA LJ . 15.21 72.08 -24.02
O1D CLA LJ . 14.96 73.23 -24.25
O2D CLA LJ . 14.46 71.42 -22.96
CED CLA LJ . 13.09 71.69 -22.83
C1 CLA LJ . 13.45 74.78 -31.00
C2 CLA LJ . 12.31 75.74 -30.78
C3 CLA LJ . 12.33 77.00 -31.26
C4 CLA LJ . 13.51 77.49 -32.04
C5 CLA LJ . 11.16 77.91 -30.99
C6 CLA LJ . 10.42 78.23 -32.29
C7 CLA LJ . 9.00 78.73 -32.00
C8 CLA LJ . 7.88 77.86 -32.59
C9 CLA LJ . 8.33 76.42 -32.84
C10 CLA LJ . 7.32 78.49 -33.86
C11 CLA LJ . 5.84 78.16 -34.07
C12 CLA LJ . 5.65 77.08 -35.13
C13 CLA LJ . 4.45 77.34 -36.03
C14 CLA LJ . 3.37 76.30 -35.79
C15 CLA LJ . 4.93 77.31 -37.48
C16 CLA LJ . 3.80 77.67 -38.44
C17 CLA LJ . 3.87 76.81 -39.69
C18 CLA LJ . 4.23 77.62 -40.92
C19 CLA LJ . 4.17 76.76 -42.18
C20 CLA LJ . 3.36 78.86 -41.06
MG CLA MJ . 15.80 69.95 -36.73
CHA CLA MJ . 16.74 70.64 -33.47
CHB CLA MJ . 13.35 67.90 -35.45
CHC CLA MJ . 14.84 69.35 -39.91
CHD CLA MJ . 18.38 72.09 -37.92
NA CLA MJ . 15.10 69.33 -34.73
C1A CLA MJ . 15.58 69.68 -33.60
C2A CLA MJ . 14.85 69.14 -32.43
C3A CLA MJ . 13.84 68.24 -33.08
C4A CLA MJ . 14.10 68.49 -34.51
CMA CLA MJ . 13.82 66.80 -32.59
CAA CLA MJ . 14.04 70.28 -31.77
CBA CLA MJ . 12.97 71.04 -32.57
CGA CLA MJ . 13.42 71.93 -33.71
O1A CLA MJ . 13.95 73.02 -33.63
O2A CLA MJ . 13.32 71.57 -34.98
NB CLA MJ . 14.30 68.79 -37.55
C1B CLA MJ . 13.43 68.01 -36.91
C2B CLA MJ . 12.49 67.29 -37.80
C3B CLA MJ . 12.96 67.73 -39.11
C4B CLA MJ . 14.07 68.66 -38.86
CMB CLA MJ . 11.39 66.35 -37.41
CAB CLA MJ . 12.47 67.39 -40.47
CBB CLA MJ . 11.18 67.34 -40.76
NC CLA MJ . 16.47 70.68 -38.63
C1C CLA MJ . 15.98 70.28 -39.80
C2C CLA MJ . 16.65 70.83 -40.98
C3C CLA MJ . 17.68 71.68 -40.38
C4C CLA MJ . 17.48 71.49 -38.93
CMC CLA MJ . 16.35 70.60 -42.44
CAC CLA MJ . 18.72 72.53 -41.06
CBC CLA MJ . 20.04 71.76 -41.15
ND CLA MJ . 17.25 71.12 -36.02
C1D CLA MJ . 18.21 71.92 -36.48
C2D CLA MJ . 19.04 72.59 -35.43
C3D CLA MJ . 18.39 72.03 -34.25
C4D CLA MJ . 17.40 71.23 -34.65
CMD CLA MJ . 20.19 73.55 -35.35
CAD CLA MJ . 18.47 72.08 -32.78
OBD CLA MJ . 18.83 73.13 -32.15
CBD CLA MJ . 17.42 71.18 -32.23
CGD CLA MJ . 18.04 70.08 -31.43
O1D CLA MJ . 19.08 69.54 -31.76
O2D CLA MJ . 17.38 69.62 -30.24
CED CLA MJ . 18.18 69.33 -29.10
C1 CLA MJ . 13.00 72.56 -36.18
C2 CLA MJ . 14.03 73.25 -37.02
C3 CLA MJ . 13.78 73.49 -38.32
C4 CLA MJ . 14.81 74.18 -39.15
C5 CLA MJ . 12.48 73.04 -38.95
C6 CLA MJ . 12.76 72.42 -40.31
C7 CLA MJ . 11.52 71.79 -40.92
C8 CLA MJ . 11.45 72.05 -42.42
C9 CLA MJ . 10.08 71.71 -42.98
C10 CLA MJ . 12.53 71.26 -43.16
C11 CLA MJ . 12.60 71.72 -44.61
C12 CLA MJ . 14.05 71.75 -45.11
C13 CLA MJ . 14.47 73.15 -45.55
C14 CLA MJ . 14.55 73.26 -47.06
C15 CLA MJ . 15.82 73.48 -44.91
MG CLA NJ . 5.93 66.39 -36.58
CHA CLA NJ . 7.90 66.81 -33.73
CHB CLA NJ . 4.02 64.20 -34.77
CHC CLA NJ . 4.06 66.05 -39.34
CHD CLA NJ . 8.09 68.56 -38.33
NA CLA NJ . 5.92 65.59 -34.49
C1A CLA NJ . 6.75 65.84 -33.55
C2A CLA NJ . 6.53 65.02 -32.31
C3A CLA NJ . 5.33 64.20 -32.71
C4A CLA NJ . 5.06 64.69 -34.08
CMA CLA NJ . 5.46 62.69 -32.56
CAA CLA NJ . 6.16 65.76 -31.02
CBA CLA NJ . 5.75 67.23 -31.12
CGA CLA NJ . 4.32 67.45 -30.71
O1A CLA NJ . 3.37 67.23 -31.43
O2A CLA NJ . 3.93 67.94 -29.56
NB CLA NJ . 4.25 65.27 -36.99
C1B CLA NJ . 3.58 64.49 -36.14
C2B CLA NJ . 2.36 63.88 -36.72
C3B CLA NJ . 2.39 64.41 -38.08
C4B CLA NJ . 3.60 65.28 -38.17
CMB CLA NJ . 1.37 62.96 -36.08
CAB CLA NJ . 1.33 64.13 -39.08
CBB CLA NJ . 1.48 64.12 -40.39
NC CLA NJ . 5.98 67.28 -38.49
C1C CLA NJ . 5.19 66.96 -39.51
C2C CLA NJ . 5.51 67.60 -40.81
C3C CLA NJ . 6.68 68.40 -40.45
C4C CLA NJ . 6.87 68.12 -39.03
CMC CLA NJ . 4.82 67.45 -42.14
CAC CLA NJ . 7.54 69.31 -41.28
CBC CLA NJ . 7.14 70.74 -40.98
ND CLA NJ . 7.60 67.43 -36.28
C1D CLA NJ . 8.34 68.31 -36.93
C2D CLA NJ . 9.41 68.97 -36.16
C3D CLA NJ . 9.17 68.31 -34.88
C4D CLA NJ . 8.15 67.48 -35.01
CMD CLA NJ . 10.50 69.98 -36.37
CAD CLA NJ . 9.70 68.30 -33.53
OBD CLA NJ . 10.57 69.07 -33.05
CBD CLA NJ . 8.93 67.31 -32.74
CGD CLA NJ . 9.92 66.29 -32.32
O1D CLA NJ . 10.75 66.54 -31.48
O2D CLA NJ . 9.94 64.98 -32.88
CED CLA NJ . 10.12 63.99 -31.90
C1 CLA NJ . 3.52 69.49 -29.48
C2 CLA NJ . 4.48 70.53 -28.97
C3 CLA NJ . 4.26 71.84 -29.15
C4 CLA NJ . 5.24 72.83 -28.61
C5 CLA NJ . 3.03 72.33 -29.89
C6 CLA NJ . 2.52 73.62 -29.25
C7 CLA NJ . 2.53 74.79 -30.23
C8 CLA NJ . 3.08 76.08 -29.61
C9 CLA NJ . 2.56 76.32 -28.21
C10 CLA NJ . 2.75 77.26 -30.51
CAA F6C OJ . 8.41 10.04 -25.96
CAB F6C OJ . 0.74 12.73 -21.15
CAC F6C OJ . 3.37 19.51 -24.59
CAD F6C OJ . 8.42 14.33 -28.55
NA F6C OJ . 5.66 11.95 -25.46
CBA F6C OJ . 8.70 10.49 -24.55
CBB F6C OJ . 0.87 12.53 -19.87
CBC F6C OJ . 4.61 20.06 -23.96
CBD F6C OJ . 8.37 12.91 -28.10
NB F6C OJ . 3.49 12.83 -23.60
OBD F6C OJ . 9.49 14.86 -29.00
CGA F6C OJ . 9.94 11.30 -24.67
CGD F6C OJ . 8.11 11.97 -29.26
ND F6C OJ . 5.75 14.90 -26.22
CED F6C OJ . 9.14 10.24 -30.75
CHA F6C OJ . 7.25 12.91 -27.08
CHB F6C OJ . 4.34 10.56 -24.07
CHC F6C OJ . 2.28 14.84 -22.78
CHD F6C OJ . 4.94 17.17 -26.08
CMA F6C OJ . 5.20 8.68 -26.31
CMB F6C OJ . 2.10 9.71 -21.96
CMC F6C OJ . 1.49 17.90 -22.35
CMD F6C OJ . 7.23 17.68 -28.36
OMB F6C OJ . 1.34 9.52 -21.04
C1 F6C OJ . 9.24 13.24 -23.33
C1A F6C OJ . 6.61 11.79 -26.29
C1B F6C OJ . 3.46 11.51 -23.39
C1C F6C OJ . 2.85 15.94 -23.55
C1D F6C OJ . 5.83 16.15 -26.61
O1A F6C OJ . 11.04 10.82 -24.83
O1D F6C OJ . 7.22 12.19 -30.06
C2 F6C OJ . 8.27 14.38 -23.40
C2A F6C OJ . 7.01 10.35 -26.46
C2B F6C OJ . 2.42 11.10 -22.41
C2C F6C OJ . 2.46 17.33 -23.33
C2D F6C OJ . 6.83 16.44 -27.64
O2A F6C OJ . 9.97 12.61 -24.60
O2D F6C OJ . 8.90 10.78 -29.44
C3 F6C OJ . 7.39 14.55 -22.42
C3A F6C OJ . 6.04 9.66 -25.55
C3B F6C OJ . 1.84 12.38 -22.06
C3C F6C OJ . 3.28 18.03 -24.31
C3D F6C OJ . 7.39 15.09 -27.80
C4 F6C OJ . 6.45 15.71 -22.52
C4A F6C OJ . 5.31 10.79 -24.96
C4B F6C OJ . 2.56 13.41 -22.84
C4C F6C OJ . 4.02 16.95 -24.96
C4D F6C OJ . 6.74 14.28 -26.96
C5 F6C OJ . 7.32 13.62 -21.23
C6 F6C OJ . 5.86 13.43 -20.82
C7 F6C OJ . 5.66 12.58 -19.57
C8 F6C OJ . 4.34 12.86 -18.84
C9 F6C OJ . 3.87 14.29 -19.10
C10 F6C OJ . 4.49 12.60 -17.35
C11 F6C OJ . 3.57 13.43 -16.47
C12 F6C OJ . 4.30 14.30 -15.45
C13 F6C OJ . 3.46 14.77 -14.25
C14 F6C OJ . 2.09 14.10 -14.24
C15 F6C OJ . 3.30 16.28 -14.24
NC F6C OJ . 3.75 15.73 -24.50
MG F6C OJ . 4.61 13.85 -24.98
C16 F6C OJ . 2.78 16.83 -12.91
C17 F6C OJ . 1.37 17.39 -13.02
C18 F6C OJ . 1.13 18.58 -12.11
C19 F6C OJ . 1.76 19.83 -12.70
C20 F6C OJ . -0.37 18.79 -11.91
CAA F6C PJ . -2.40 18.90 -19.66
CAB F6C PJ . 0.67 23.58 -27.20
CAC F6C PJ . 2.33 15.81 -28.69
CAD F6C PJ . -2.43 14.66 -22.02
NA F6C PJ . -1.95 19.30 -22.96
CBA F6C PJ . -0.92 19.26 -19.72
CBB F6C PJ . -0.05 24.45 -27.83
CBC F6C PJ . 1.48 15.27 -29.77
CBD F6C PJ . -2.98 15.90 -21.40
NB F6C PJ . -0.56 20.77 -25.15
OBD F6C PJ . -2.25 13.58 -21.36
CGA F6C PJ . -0.01 18.15 -19.26
CGD F6C PJ . -4.49 15.94 -21.32
ND F6C PJ . -0.99 16.81 -24.50
CED F6C PJ . -6.57 15.01 -20.31
CHA F6C PJ . -2.42 16.99 -22.28
CHB F6C PJ . -1.79 21.65 -23.19
CHC F6C PJ . 0.75 20.47 -27.24
CHD F6C PJ . 0.23 15.72 -26.28
CMA F6C PJ . -4.15 21.57 -21.27
CMB F6C PJ . -1.05 24.46 -24.42
CMC F6C PJ . 2.60 19.04 -29.44
CMD F6C PJ . -0.70 13.01 -24.43
OMB F6C PJ . -2.17 24.91 -24.54
C1 F6C PJ . 2.39 17.56 -18.78
C1A F6C PJ . -2.48 18.50 -22.12
C1B F6C PJ . -1.02 21.79 -24.42
C1C F6C PJ . 0.94 19.02 -27.32
C1D F6C PJ . -0.54 15.69 -25.06
O1A F6C PJ . -0.10 16.98 -19.54
O1D F6C PJ . -5.15 16.60 -22.10
C2 F6C PJ . 3.67 17.80 -18.00
C2A F6C PJ . -3.15 19.18 -20.96
C2B F6C PJ . -0.71 23.12 -24.99
C2C F6C PJ . 1.80 18.39 -28.35
C2D F6C PJ . -0.91 14.47 -24.32
O2A F6C PJ . 1.04 18.38 -18.50
O2D F6C PJ . -5.17 15.22 -20.26
C3 F6C PJ . 4.82 17.99 -18.67
C3A F6C PJ . -2.96 20.63 -21.31
C3B F6C PJ . 0.05 22.73 -26.17
C3C F6C PJ . 1.68 16.99 -28.02
C3D F6C PJ . -1.68 15.05 -23.22
C4 F6C PJ . 4.83 17.99 -20.17
C4A F6C PJ . -2.18 20.54 -22.57
C4B F6C PJ . 0.09 21.26 -26.20
C4C F6C PJ . 0.77 16.97 -26.86
C4D F6C PJ . -1.68 16.38 -23.39
C5 F6C PJ . 6.12 18.22 -17.94
C6 F6C PJ . 6.52 16.94 -17.21
C7 F6C PJ . 7.98 16.59 -17.47
C8 F6C PJ . 8.50 15.66 -16.39
C9 F6C PJ . 10.01 15.51 -16.48
C10 F6C PJ . 7.88 14.29 -16.52
C11 F6C PJ . 8.39 13.36 -15.43
C12 F6C PJ . 8.09 11.92 -15.80
C13 F6C PJ . 8.20 10.98 -14.61
C14 F6C PJ . 9.65 10.53 -14.43
C15 F6C PJ . 7.25 9.82 -14.86
NC F6C PJ . 0.37 18.18 -26.47
MG F6C PJ . -0.81 18.77 -24.79
C16 F6C PJ . 7.55 8.55 -14.07
C17 F6C PJ . 6.88 8.65 -12.70
C18 F6C PJ . 6.77 7.31 -12.01
C19 F6C PJ . 6.08 7.48 -10.67
C20 F6C PJ . 6.02 6.31 -12.87
MG CLA QJ . 7.86 30.86 -23.47
CHA CLA QJ . 4.83 32.54 -23.14
CHB CLA QJ . 9.17 33.08 -21.19
CHC CLA QJ . 10.81 29.26 -23.81
CHD CLA QJ . 6.44 28.72 -25.87
NA CLA QJ . 7.14 32.60 -22.28
C1A CLA QJ . 5.95 33.10 -22.29
C2A CLA QJ . 5.83 34.35 -21.45
C3A CLA QJ . 7.22 34.49 -20.90
C4A CLA QJ . 7.90 33.32 -21.49
CMA CLA QJ . 7.90 35.82 -21.16
CAA CLA QJ . 4.90 34.19 -20.26
CBA CLA QJ . 5.02 32.81 -19.66
CGA CLA QJ . 4.10 32.77 -18.49
O1A CLA QJ . 2.91 32.57 -18.55
O2A CLA QJ . 4.49 32.96 -17.26
NB CLA QJ . 9.72 31.14 -22.62
C1B CLA QJ . 10.06 32.02 -21.67
C2B CLA QJ . 11.44 31.89 -21.21
C3B CLA QJ . 11.92 30.76 -21.99
C4B CLA QJ . 10.78 30.35 -22.84
CMB CLA QJ . 12.13 32.69 -20.16
CAB CLA QJ . 13.25 30.12 -21.95
CBB CLA QJ . 13.51 29.11 -21.15
NC CLA QJ . 8.50 29.17 -24.59
C1C CLA QJ . 9.74 28.70 -24.63
C2C CLA QJ . 9.97 27.57 -25.53
C3C CLA QJ . 8.64 27.38 -26.12
C4C CLA QJ . 7.82 28.42 -25.46
CMC CLA QJ . 11.30 26.88 -25.73
CAC CLA QJ . 8.08 26.39 -27.10
CBC CLA QJ . 8.93 26.13 -28.33
ND CLA QJ . 6.12 30.59 -24.38
C1D CLA QJ . 5.60 29.76 -25.27
C2D CLA QJ . 4.16 29.98 -25.57
C3D CLA QJ . 3.91 31.11 -24.68
C4D CLA QJ . 5.05 31.40 -24.04
CMD CLA QJ . 3.10 29.39 -26.44
CAD CLA QJ . 2.85 32.03 -24.26
OBD CLA QJ . 1.60 31.87 -24.52
CBD CLA QJ . 3.40 32.99 -23.28
CGD CLA QJ . 3.34 34.39 -23.84
O1D CLA QJ . 4.25 34.81 -24.52
O2D CLA QJ . 2.21 35.26 -23.58
CED CLA QJ . 1.66 36.02 -24.65
C1 CLA QJ . 4.99 31.67 -16.47
C2 CLA QJ . 4.13 30.44 -16.37
C3 CLA QJ . 4.34 29.58 -15.37
C4 CLA QJ . 5.44 29.85 -14.39
C5 CLA QJ . 3.50 28.34 -15.24
C6 CLA QJ . 4.14 27.28 -16.11
C7 CLA QJ . 4.45 26.03 -15.31
C8 CLA QJ . 4.32 24.79 -16.17
C9 CLA QJ . 2.93 24.75 -16.81
C10 CLA QJ . 4.54 23.55 -15.32
C11 CLA QJ . 5.74 22.75 -15.82
C12 CLA QJ . 6.49 22.12 -14.67
C13 CLA QJ . 6.49 20.60 -14.78
C14 CLA QJ . 5.22 20.05 -14.14
C15 CLA QJ . 7.75 20.05 -14.15
C16 CLA QJ . 7.62 18.62 -13.64
C17 CLA QJ . 8.11 18.53 -12.21
C18 CLA QJ . 8.79 17.21 -11.88
C19 CLA QJ . 9.24 17.22 -10.43
C20 CLA QJ . 7.88 16.02 -12.11
MG CLA RJ . -6.39 79.14 -38.47
CHA CLA RJ . -7.22 77.30 -41.32
CHB CLA RJ . -4.68 76.36 -37.39
CHC CLA RJ . -5.52 80.92 -35.74
CHD CLA RJ . -8.20 81.93 -39.71
NA CLA RJ . -5.97 77.08 -39.24
C1A CLA RJ . -6.36 76.56 -40.33
C2A CLA RJ . -5.90 75.14 -40.52
C3A CLA RJ . -5.13 74.88 -39.23
C4A CLA RJ . -5.26 76.19 -38.58
CMA CLA RJ . -5.48 73.69 -38.36
CAA CLA RJ . -4.93 75.01 -41.70
CBA CLA RJ . -4.06 73.75 -41.72
CGA CLA RJ . -4.89 72.49 -41.89
O1A CLA RJ . -5.99 72.46 -42.39
O2A CLA RJ . -4.54 71.27 -41.52
NB CLA RJ . -5.25 78.69 -36.82
C1B CLA RJ . -4.66 77.53 -36.52
C2B CLA RJ . -3.96 77.51 -35.20
C3B CLA RJ . -4.22 78.88 -34.74
C4B CLA RJ . -5.03 79.52 -35.80
CMB CLA RJ . -3.19 76.37 -34.57
CAB CLA RJ . -3.80 79.53 -33.48
CBB CLA RJ . -4.01 78.96 -32.31
NC CLA RJ . -6.73 81.15 -37.87
C1C CLA RJ . -6.37 81.66 -36.68
C2C CLA RJ . -6.87 83.00 -36.36
C3C CLA RJ . -7.63 83.31 -37.57
C4C CLA RJ . -7.49 82.10 -38.42
CMC CLA RJ . -6.63 83.82 -35.12
CAC CLA RJ . -8.42 84.56 -37.88
CBC CLA RJ . -9.72 84.50 -37.11
ND CLA RJ . -7.47 79.65 -40.08
C1D CLA RJ . -8.16 80.72 -40.53
C2D CLA RJ . -8.83 80.51 -41.85
C3D CLA RJ . -8.41 79.12 -42.10
C4D CLA RJ . -7.65 78.70 -41.08
CMD CLA RJ . -9.70 81.28 -42.81
CAD CLA RJ . -8.55 78.05 -43.10
OBD CLA RJ . -9.03 78.21 -44.29
CBD CLA RJ . -7.84 76.83 -42.62
CGD CLA RJ . -8.84 75.76 -42.32
O1D CLA RJ . -9.99 76.06 -42.04
O2D CLA RJ . -8.46 74.35 -42.35
CED CLA RJ . -9.42 73.31 -42.15
C1 CLA RJ . -3.89 70.97 -40.09
C2 CLA RJ . -2.60 70.22 -39.83
C3 CLA RJ . -1.48 70.31 -40.55
C4 CLA RJ . -1.36 71.20 -41.75
C5 CLA RJ . -0.28 69.49 -40.17
C6 CLA RJ . -0.20 69.26 -38.66
C7 CLA RJ . 1.05 68.44 -38.32
C8 CLA RJ . 2.16 69.32 -37.74
C9 CLA RJ . 3.06 69.88 -38.83
C10 CLA RJ . 2.96 68.50 -36.74
C11 CLA RJ . 3.42 69.34 -35.56
C12 CLA RJ . 4.88 69.74 -35.69
C13 CLA RJ . 5.55 70.18 -34.39
C14 CLA RJ . 4.68 70.00 -33.16
C15 CLA RJ . 5.95 71.65 -34.49
C16 CLA RJ . 6.96 71.90 -35.59
C17 CLA RJ . 7.51 73.31 -35.48
C18 CLA RJ . 8.82 73.47 -36.23
C19 CLA RJ . 8.60 74.17 -37.55
C20 CLA RJ . 9.83 74.23 -35.37
C1 PQN SJ . 6.59 28.80 -33.27
O1 PQN SJ . 7.63 29.45 -33.36
C2 PQN SJ . 6.53 27.62 -32.38
C2M PQN SJ . 7.77 27.28 -31.61
C3 PQN SJ . 5.29 26.83 -32.27
C4 PQN SJ . 4.10 27.23 -33.04
O4 PQN SJ . 3.07 26.57 -32.96
C5 PQN SJ . 4.16 28.40 -33.94
C6 PQN SJ . 3.06 28.77 -34.68
C7 PQN SJ . 3.15 29.88 -35.49
C8 PQN SJ . 4.33 30.61 -35.60
C9 PQN SJ . 5.44 30.28 -34.87
C10 PQN SJ . 5.40 29.19 -34.05
C11 PQN SJ . 5.16 25.62 -31.38
C12 PQN SJ . 5.00 26.05 -29.95
C13 PQN SJ . 4.08 25.54 -29.15
C14 PQN SJ . 3.11 24.51 -29.66
C15 PQN SJ . 4.02 26.04 -27.74
C16 PQN SJ . 3.84 24.89 -26.79
C17 PQN SJ . 4.98 24.81 -25.81
C18 PQN SJ . 4.50 24.51 -24.41
C19 PQN SJ . 3.39 23.47 -24.39
C20 PQN SJ . 4.01 25.80 -23.78
C21 PQN SJ . 5.13 26.53 -23.07
C22 PQN SJ . 4.55 27.20 -21.84
C23 PQN SJ . 5.13 28.59 -21.62
C24 PQN SJ . 6.56 28.53 -21.17
C25 PQN SJ . 4.28 29.28 -20.59
C26 PQN SJ . 2.84 29.40 -21.07
C27 PQN SJ . 1.90 29.38 -19.88
C28 PQN SJ . 0.84 30.44 -20.02
C29 PQN SJ . 0.00 30.20 -21.26
C30 PQN SJ . -0.05 30.47 -18.78
C1 BCR TJ . -7.01 75.35 6.60
C2 BCR TJ . -7.05 74.70 7.98
C3 BCR TJ . -7.48 73.24 8.03
C4 BCR TJ . -8.61 72.96 7.06
C5 BCR TJ . -8.12 73.30 5.69
C6 BCR TJ . -7.50 74.47 5.45
C7 BCR TJ . -7.29 74.95 4.07
C8 BCR TJ . -8.23 75.52 3.30
C9 BCR TJ . -7.90 75.90 2.13
C10 BCR TJ . -8.55 75.50 1.12
C11 BCR TJ . -9.33 75.76 0.28
C33 BCR TJ . -8.33 72.29 4.60
C31 BCR TJ . -5.60 75.80 6.26
C32 BCR TJ . -7.93 76.56 6.66
C34 BCR TJ . -6.71 76.80 1.95
C12 BCR TJ . -10.18 75.99 -0.62
C13 BCR TJ . -10.72 76.65 -1.83
C14 BCR TJ . -11.96 76.38 -2.23
C15 BCR TJ . -12.56 76.99 -3.40
C16 BCR TJ . -13.61 77.23 -4.18
C17 BCR TJ . -14.36 77.60 -5.04
C18 BCR TJ . -15.57 77.76 -5.61
C19 BCR TJ . -15.85 78.44 -6.87
C20 BCR TJ . -16.84 79.00 -7.55
C21 BCR TJ . -17.52 79.57 -8.34
C22 BCR TJ . -18.60 79.84 -9.09
C23 BCR TJ . -18.63 81.02 -9.95
C24 BCR TJ . -19.03 80.95 -11.22
C25 BCR TJ . -19.07 82.14 -12.11
C26 BCR TJ . -18.02 82.48 -12.87
C27 BCR TJ . -18.20 82.82 -14.32
C28 BCR TJ . -19.66 83.17 -14.61
C29 BCR TJ . -20.33 83.84 -13.42
C30 BCR TJ . -20.35 82.95 -12.20
C35 BCR TJ . -9.87 77.60 -2.61
C36 BCR TJ . -16.74 77.24 -4.86
C37 BCR TJ . -19.78 78.91 -9.02
C38 BCR TJ . -16.62 82.56 -12.32
C39 BCR TJ . -21.53 81.99 -12.27
C40 BCR TJ . -20.47 83.85 -10.97
C1 BCR UJ . -11.63 67.99 3.66
C2 BCR UJ . -11.25 69.41 3.31
C3 BCR UJ . -11.52 69.73 1.85
C4 BCR UJ . -12.98 69.59 1.50
C5 BCR UJ . -13.60 68.42 2.23
C6 BCR UJ . -12.84 67.54 2.87
C7 BCR UJ . -13.25 66.11 2.85
C8 BCR UJ . -13.17 65.29 1.79
C9 BCR UJ . -13.58 64.08 1.91
C10 BCR UJ . -13.39 63.23 1.01
C11 BCR UJ . -12.65 62.74 0.24
C33 BCR UJ . -15.10 68.28 2.24
C31 BCR UJ . -11.97 67.86 5.14
C32 BCR UJ . -10.46 67.08 3.34
C34 BCR UJ . -14.34 63.62 3.11
C12 BCR UJ . -11.92 62.15 -0.59
C13 BCR UJ . -10.71 61.88 -1.38
C14 BCR UJ . -10.52 60.64 -1.86
C15 BCR UJ . -9.36 60.22 -2.64
C16 BCR UJ . -8.67 59.25 -3.21
C17 BCR UJ . -7.83 58.59 -3.78
C18 BCR UJ . -7.28 57.46 -4.25
C19 BCR UJ . -5.98 57.43 -4.93
C20 BCR UJ . -5.13 56.74 -5.67
C21 BCR UJ . -4.15 56.42 -6.29
C22 BCR UJ . -3.40 55.66 -7.10
C23 BCR UJ . -2.02 56.00 -7.43
C24 BCR UJ . -1.57 55.69 -8.64
C25 BCR UJ . -0.20 55.95 -9.10
C26 BCR UJ . 0.26 57.20 -9.29
C27 BCR UJ . 1.71 57.56 -9.14
C28 BCR UJ . 2.52 56.34 -8.73
C29 BCR UJ . 2.12 55.16 -9.61
C30 BCR UJ . 0.69 54.75 -9.36
C35 BCR UJ . -9.72 62.97 -1.62
C36 BCR UJ . -8.02 56.17 -4.07
C37 BCR UJ . -3.99 54.42 -7.70
C38 BCR UJ . -0.68 58.30 -9.68
C39 BCR UJ . 0.65 53.81 -8.17
C40 BCR UJ . 0.18 54.04 -10.61
C1 BCR VJ . -10.98 69.99 9.73
C2 BCR VJ . -11.99 71.10 9.47
C3 BCR VJ . -12.81 71.45 10.70
C4 BCR VJ . -13.58 70.21 11.09
C5 BCR VJ . -12.59 69.13 11.44
C6 BCR VJ . -11.34 69.16 10.96
C7 BCR VJ . -10.30 68.38 11.66
C8 BCR VJ . -9.79 67.22 11.21
C9 BCR VJ . -8.90 66.60 11.88
C10 BCR VJ . -8.07 65.88 11.28
C11 BCR VJ . -7.79 65.36 10.26
C33 BCR VJ . -13.04 68.04 12.36
C31 BCR VJ . -9.61 70.61 9.96
C32 BCR VJ . -10.96 69.09 8.50
C34 BCR VJ . -8.84 66.72 13.37
C12 BCR VJ . -7.41 64.82 9.19
C13 BCR VJ . -7.40 63.81 8.11
C14 BCR VJ . -6.21 63.51 7.58
C15 BCR VJ . -6.00 62.53 6.53
C16 BCR VJ . -5.22 61.62 5.95
C17 BCR VJ . -4.79 60.78 5.21
C18 BCR VJ . -4.01 59.75 4.81
C19 BCR VJ . -4.10 59.22 3.43
C20 BCR VJ . -3.63 58.45 2.46
C21 BCR VJ . -2.91 57.70 1.84
C22 BCR VJ . -2.50 56.86 0.88
C23 BCR VJ . -1.15 56.29 0.91
C24 BCR VJ . -0.20 56.80 1.69
C25 BCR VJ . 1.17 56.24 1.73
C26 BCR VJ . 1.50 55.43 2.75
C27 BCR VJ . 2.94 55.19 3.15
C28 BCR VJ . 3.85 55.29 1.95
C29 BCR VJ . 3.58 56.55 1.16
C30 BCR VJ . 2.16 56.59 0.65
C35 BCR VJ . -8.67 63.16 7.65
C36 BCR VJ . -3.07 59.14 5.80
C37 BCR VJ . -3.42 56.45 -0.22
C38 BCR VJ . 0.44 54.77 3.58
C39 BCR VJ . 2.03 55.60 -0.50
C40 BCR VJ . 1.89 58.00 0.14
C1 BCR WJ . -6.33 82.36 -24.13
C2 BCR WJ . -6.48 82.66 -22.65
C3 BCR WJ . -5.21 83.24 -22.04
C4 BCR WJ . -4.06 82.27 -22.22
C5 BCR WJ . -3.94 81.95 -23.69
C6 BCR WJ . -5.03 81.60 -24.39
C7 BCR WJ . -4.92 80.51 -25.39
C8 BCR WJ . -4.92 80.73 -26.71
C9 BCR WJ . -4.81 79.75 -27.51
C10 BCR WJ . -5.62 78.79 -27.44
C11 BCR WJ . -5.87 77.72 -27.86
C33 BCR WJ . -2.59 82.02 -24.35
C31 BCR WJ . -6.25 83.66 -24.93
C32 BCR WJ . -7.54 81.54 -24.56
C34 BCR WJ . -3.74 79.74 -28.55
C12 BCR WJ . -6.18 76.59 -28.28
C13 BCR WJ . -6.19 75.44 -29.21
C14 BCR WJ . -6.58 74.26 -28.73
C15 BCR WJ . -6.62 73.06 -29.54
C16 BCR WJ . -6.85 71.76 -29.67
C17 BCR WJ . -6.94 70.65 -30.10
C18 BCR WJ . -7.29 69.36 -30.11
C19 BCR WJ . -6.91 68.47 -31.21
C20 BCR WJ . -6.78 67.20 -31.55
C21 BCR WJ . -6.51 66.19 -32.13
C22 BCR WJ . -6.30 64.89 -32.26
C23 BCR WJ . -5.80 64.33 -33.53
C24 BCR WJ . -5.38 63.07 -33.53
C25 BCR WJ . -4.84 62.42 -34.74
C26 BCR WJ . -5.65 62.13 -35.75
C27 BCR WJ . -5.20 62.33 -37.16
C28 BCR WJ . -3.70 62.05 -37.33
C29 BCR WJ . -3.07 61.38 -36.12
C30 BCR WJ . -3.37 62.09 -34.81
C35 BCR WJ . -5.81 75.59 -30.65
C36 BCR WJ . -8.06 68.80 -28.99
C37 BCR WJ . -6.56 63.99 -31.11
C38 BCR WJ . -7.03 61.59 -35.48
C39 BCR WJ . -2.53 63.34 -34.67
C40 BCR WJ . -3.05 61.15 -33.66
C1 BCR XJ . 3.89 76.67 -22.46
C2 BCR XJ . 4.87 76.82 -21.30
C3 BCR XJ . 6.32 76.83 -21.75
C4 BCR XJ . 6.62 75.54 -22.49
C5 BCR XJ . 5.71 75.48 -23.66
C6 BCR XJ . 4.40 75.69 -23.49
C7 BCR XJ . 3.44 74.98 -24.36
C8 BCR XJ . 3.25 73.67 -24.26
C9 BCR XJ . 2.40 73.08 -25.02
C10 BCR XJ . 2.48 71.85 -25.18
C11 BCR XJ . 2.03 70.91 -25.70
C33 BCR XJ . 6.30 75.18 -25.01
C31 BCR XJ . 3.68 78.00 -23.16
C32 BCR XJ . 2.57 76.18 -21.88
C34 BCR XJ . 1.30 73.82 -25.72
C12 BCR XJ . 1.56 69.90 -26.24
C13 BCR XJ . 0.78 69.08 -27.17
C14 BCR XJ . 0.81 67.75 -27.01
C15 BCR XJ . 0.06 66.90 -27.91
C16 BCR XJ . -0.36 65.71 -28.27
C17 BCR XJ . -0.48 64.53 -28.19
C18 BCR XJ . -0.78 63.26 -28.37
C19 BCR XJ . -1.75 62.74 -29.34
C20 BCR XJ . -2.54 61.71 -29.55
C21 BCR XJ . -3.34 60.94 -30.00
C22 BCR XJ . -3.95 59.78 -30.23
C23 BCR XJ . -5.14 59.71 -31.06
C24 BCR XJ . -5.89 58.60 -31.12
C25 BCR XJ . -7.12 58.46 -31.95
C26 BCR XJ . -7.04 58.01 -33.21
C27 BCR XJ . -8.18 57.26 -33.86
C28 BCR XJ . -9.53 57.49 -33.21
C29 BCR XJ . -9.58 58.74 -32.37
C30 BCR XJ . -8.47 58.80 -31.34
C35 BCR XJ . -0.01 69.72 -28.25
C36 BCR XJ . -0.10 62.27 -27.49
C37 BCR XJ . -3.40 58.53 -29.63
C38 BCR XJ . -5.83 58.17 -34.07
C39 BCR XJ . -8.77 57.91 -30.14
C40 BCR XJ . -8.49 60.22 -30.85
C1 BCR YJ . 26.44 68.79 -52.58
C2 BCR YJ . 27.62 69.08 -51.66
C3 BCR YJ . 28.14 67.84 -50.94
C4 BCR YJ . 28.56 66.73 -51.90
C5 BCR YJ . 27.83 66.86 -53.21
C6 BCR YJ . 26.65 67.46 -53.27
C7 BCR YJ . 25.54 66.83 -54.03
C8 BCR YJ . 25.02 65.67 -53.65
C9 BCR YJ . 24.08 65.07 -54.28
C10 BCR YJ . 23.59 64.04 -53.76
C11 BCR YJ . 22.79 63.18 -53.85
C33 BCR YJ . 28.46 66.32 -54.46
C31 BCR YJ . 26.33 69.86 -53.65
C32 BCR YJ . 25.16 68.72 -51.75
C34 BCR YJ . 23.60 65.56 -55.61
C12 BCR YJ . 22.00 62.19 -53.87
C13 BCR YJ . 20.76 61.42 -54.09
C14 BCR YJ . 20.68 60.23 -53.48
C15 BCR YJ . 19.56 59.30 -53.54
C16 BCR YJ . 19.02 58.17 -53.10
C17 BCR YJ . 18.32 57.22 -52.81
C18 BCR YJ . 18.04 55.94 -52.54
C19 BCR YJ . 16.71 55.49 -52.10
C20 BCR YJ . 16.01 54.76 -51.24
C21 BCR YJ . 15.09 54.23 -50.66
C22 BCR YJ . 14.45 53.40 -49.84
C23 BCR YJ . 12.98 53.38 -49.73
C24 BCR YJ . 12.35 52.25 -49.35
C25 BCR YJ . 10.89 52.07 -49.18
C26 BCR YJ . 10.02 51.92 -50.18
C27 BCR YJ . 8.89 50.92 -50.07
C28 BCR YJ . 8.18 51.06 -48.73
C29 BCR YJ . 8.84 52.05 -47.78
C30 BCR YJ . 10.36 52.00 -47.76
C35 BCR YJ . 19.65 61.95 -54.93
C36 BCR YJ . 19.11 54.92 -52.72
C37 BCR YJ . 15.24 52.49 -48.95
C38 BCR YJ . 10.06 52.70 -51.45
C39 BCR YJ . 10.88 50.73 -47.09
C40 BCR YJ . 10.84 53.21 -46.97
C1 BCR ZJ . 13.88 33.89 -10.97
C2 BCR ZJ . 14.98 34.49 -10.14
C3 BCR ZJ . 16.17 34.85 -10.99
C4 BCR ZJ . 15.79 35.95 -11.95
C5 BCR ZJ . 14.52 35.61 -12.70
C6 BCR ZJ . 13.65 34.69 -12.25
C7 BCR ZJ . 12.38 34.49 -13.01
C8 BCR ZJ . 12.18 33.53 -13.90
C9 BCR ZJ . 11.04 33.46 -14.48
C10 BCR ZJ . 10.98 33.06 -15.66
C11 BCR ZJ . 10.76 32.14 -16.35
C33 BCR ZJ . 14.27 36.37 -13.96
C31 BCR ZJ . 12.59 33.85 -10.17
C32 BCR ZJ . 14.27 32.47 -11.33
C34 BCR ZJ . 9.79 33.84 -13.77
C12 BCR ZJ . 10.57 31.18 -17.12
C13 BCR ZJ . 9.81 30.37 -18.06
C14 BCR ZJ . 10.45 29.37 -18.65
C15 BCR ZJ . 9.84 28.48 -19.62
C16 BCR ZJ . 9.96 27.50 -20.48
C17 BCR ZJ . 9.75 26.66 -21.29
C18 BCR ZJ . 10.06 25.67 -22.12
C19 BCR ZJ . 9.04 25.05 -22.96
C20 BCR ZJ . 8.75 24.21 -23.92
C21 BCR ZJ . 8.84 23.51 -24.88
C22 BCR ZJ . 9.14 22.53 -25.73
C23 BCR ZJ . 8.41 22.51 -26.99
C24 BCR ZJ . 8.13 21.37 -27.61
C25 BCR ZJ . 7.40 21.39 -28.90
C26 BCR ZJ . 6.08 21.27 -28.92
C27 BCR ZJ . 5.25 21.51 -30.17
C28 BCR ZJ . 6.06 21.49 -31.45
C29 BCR ZJ . 7.45 20.88 -31.31
C30 BCR ZJ . 8.21 21.52 -30.17
C35 BCR ZJ . 8.38 30.66 -18.38
C36 BCR ZJ . 11.44 25.14 -22.18
C37 BCR ZJ . 10.24 21.56 -25.44
C38 BCR ZJ . 5.34 20.88 -27.68
C39 BCR ZJ . 8.54 22.97 -30.48
C40 BCR ZJ . 9.52 20.77 -30.00
C1 LMG AK . -8.81 38.20 -30.79
O1 LMG AK . -7.38 38.13 -30.86
C2 LMG AK . -9.39 39.37 -31.59
O2 LMG AK . -9.21 40.64 -30.93
C3 LMG AK . -10.89 39.24 -31.84
O3 LMG AK . -11.25 40.16 -32.88
C4 LMG AK . -11.28 37.84 -32.25
O4 LMG AK . -10.72 37.54 -33.53
C5 LMG AK . -10.73 36.85 -31.24
O5 LMG AK . -11.21 35.24 -32.96
C6 LMG AK . -11.20 35.44 -31.54
O6 LMG AK . -9.31 36.96 -31.29
C7 LMG AK . -6.67 39.04 -30.01
C8 LMG AK . -5.27 38.53 -29.71
C9 LMG AK . -4.46 39.62 -29.02
O7 LMG AK . -5.38 37.44 -28.81
C10 LMG AK . -5.18 36.17 -29.46
O9 LMG AK . -6.06 35.68 -30.12
C11 LMG AK . -3.85 35.48 -29.31
C12 LMG AK . -3.82 34.45 -28.19
C13 LMG AK . -2.47 34.55 -27.49
C14 LMG AK . -2.42 33.78 -26.17
C15 LMG AK . -1.87 34.64 -25.04
C16 LMG AK . -1.79 33.83 -23.74
C17 LMG AK . -1.35 34.67 -22.56
C18 LMG AK . -0.80 33.71 -21.54
C19 LMG AK . -0.27 34.07 -20.37
C20 LMG AK . -0.15 35.50 -19.93
C21 LMG AK . 0.56 35.52 -18.60
C22 LMG AK . 0.19 34.65 -17.65
C23 LMG AK . 0.88 34.64 -16.32
C24 LMG AK . 0.88 36.02 -15.72
O8 LMG AK . -4.93 39.88 -27.71
C28 LMG AK . -4.27 40.91 -26.91
O10 LMG AK . -4.47 40.99 -25.71
C29 LMG AK . -3.36 41.89 -27.59
C30 LMG AK . -2.29 42.33 -26.61
C31 LMG AK . -1.29 43.26 -27.27
C32 LMG AK . -0.16 43.56 -26.30
C33 LMG AK . 1.12 44.00 -27.00
C34 LMG AK . 2.19 44.16 -25.93
C35 LMG AK . 3.57 43.73 -26.38
C36 LMG AK . 4.14 42.88 -25.28
C37 LMG AK . 4.18 43.29 -24.02
C38 LMG AK . 4.77 42.39 -22.98
C39 LMG AK . 5.33 43.18 -21.81
C1B LMT BK . -30.79 55.02 -3.10
C2B LMT BK . -32.21 55.59 -3.30
C3B LMT BK . -33.15 55.11 -2.18
C4B LMT BK . -33.08 53.58 -2.00
C5B LMT BK . -31.60 53.19 -1.82
C6B LMT BK . -31.48 51.68 -1.65
O1B LMT BK . -30.17 55.68 -2.05
O2B LMT BK . -32.11 56.95 -3.30
O3B LMT BK . -34.43 55.55 -2.39
O4' LMT BK . -33.79 53.18 -0.89
O5B LMT BK . -30.80 53.63 -2.89
O6B LMT BK . -30.22 51.35 -1.20
C1' LMT BK . -26.52 57.22 -0.84
C2' LMT BK . -26.90 57.57 -2.30
C3' LMT BK . -28.40 57.21 -2.56
C4' LMT BK . -28.76 55.80 -2.07
C5' LMT BK . -28.26 55.74 -0.61
C6' LMT BK . -28.65 54.50 0.13
O1' LMT BK . -25.16 57.34 -0.67
O2' LMT BK . -26.73 58.91 -2.48
O3' LMT BK . -28.66 57.35 -3.89
O5' LMT BK . -26.87 55.88 -0.59
O6' LMT BK . -28.40 53.45 -0.69
C1 LMT BK . -24.59 56.51 0.31
C2 LMT BK . -23.19 57.04 0.48
C3 LMT BK . -22.18 56.62 -0.53
C4 LMT BK . -20.84 56.82 0.10
C5 LMT BK . -19.77 56.21 -0.74
C6 LMT BK . -19.21 57.16 -1.73
C7 LMT BK . -17.72 57.20 -1.60
C8 LMT BK . -17.16 57.49 -2.94
C9 LMT BK . -15.93 58.33 -2.93
C10 LMT BK . -14.74 57.42 -2.99
C11 LMT BK . -13.49 58.20 -3.21
C12 LMT BK . -12.47 57.42 -3.94
C1B LMT CK . -8.20 70.82 -53.32
C2B LMT CK . -9.40 71.59 -53.89
C3B LMT CK . -10.24 72.21 -52.76
C4B LMT CK . -10.60 71.17 -51.68
C5B LMT CK . -9.30 70.48 -51.24
C6B LMT CK . -9.60 69.42 -50.18
O1B LMT CK . -7.27 71.75 -52.84
O2B LMT CK . -8.91 72.57 -54.71
O3B LMT CK . -11.34 72.86 -53.24
O4' LMT CK . -11.16 71.78 -50.59
O5B LMT CK . -8.57 69.93 -52.31
O6B LMT CK . -8.43 68.88 -49.71
C1' LMT CK . -3.34 72.61 -52.29
C2' LMT CK . -3.57 71.80 -53.58
C3' LMT CK . -5.09 71.72 -53.87
C4' LMT CK . -5.93 71.33 -52.63
C5' LMT CK . -5.41 72.17 -51.44
C6' LMT CK . -6.14 71.93 -50.15
O1' LMT CK . -2.03 72.62 -51.94
O2' LMT CK . -2.96 72.47 -54.60
O3' LMT CK . -5.31 70.84 -54.88
O5' LMT CK . -4.04 71.96 -51.25
O6' LMT CK . -5.29 72.29 -49.16
C1 LMT CK . -1.77 73.32 -50.75
C2 LMT CK . -0.30 73.17 -50.53
C3 LMT CK . 0.21 73.73 -49.24
C4 LMT CK . 1.65 73.34 -49.11
C5 LMT CK . 2.19 73.89 -47.85
C6 LMT CK . 3.67 73.80 -47.78
C7 LMT CK . 4.16 74.63 -46.64
C8 LMT CK . 5.58 74.26 -46.34
C9 LMT CK . 6.19 75.06 -45.24
C10 LMT CK . 7.56 74.50 -45.00
C11 LMT CK . 8.07 74.88 -43.64
C12 LMT CK . 9.49 75.33 -43.70
C1B LMT DK . 5.22 88.84 -3.01
C2B LMT DK . 5.36 89.06 -1.47
C3B LMT DK . 6.83 89.04 -0.96
C4B LMT DK . 7.90 89.28 -2.07
C5B LMT DK . 7.26 90.14 -3.17
C6B LMT DK . 8.31 90.61 -4.17
O1B LMT DK . 3.96 89.27 -3.42
O2B LMT DK . 4.73 90.23 -1.15
O3B LMT DK . 7.10 87.91 -0.24
O4' LMT DK . 9.00 89.93 -1.57
O5B LMT DK . 6.22 89.45 -3.81
O6B LMT DK . 8.14 91.94 -4.42
C1' LMT DK . 0.38 87.29 -4.57
C2' LMT DK . 0.53 87.70 -3.06
C3' LMT DK . 1.73 88.67 -2.77
C4' LMT DK . 2.97 88.30 -3.61
C5' LMT DK . 2.39 88.38 -5.03
C6' LMT DK . 3.39 88.60 -6.13
O1' LMT DK . -0.18 86.05 -4.79
O2' LMT DK . -0.62 88.37 -2.67
O3' LMT DK . 2.06 88.73 -1.45
O5' LMT DK . 1.64 87.22 -5.24
O6' LMT DK . 3.91 89.84 -5.88
C1 LMT DK . -0.80 85.35 -3.73
C2 LMT DK . -1.96 84.67 -4.38
C3 LMT DK . -2.96 84.06 -3.46
C4 LMT DK . -4.02 83.42 -4.31
C5 LMT DK . -5.19 83.03 -3.47
C6 LMT DK . -5.95 81.89 -4.06
C7 LMT DK . -7.37 81.92 -3.57
C8 LMT DK . -7.46 81.14 -2.30
C9 LMT DK . -8.82 81.17 -1.67
C10 LMT DK . -8.75 80.40 -0.40
C11 LMT DK . -9.93 80.67 0.48
C12 LMT DK . -9.90 79.87 1.74
C1B LMT EK . -24.08 81.88 -24.55
C2B LMT EK . -24.40 80.53 -23.86
C3B LMT EK . -24.90 79.48 -24.88
C4B LMT EK . -25.97 80.07 -25.84
C5B LMT EK . -25.39 81.34 -26.45
C6B LMT EK . -26.38 81.94 -27.45
O1B LMT EK . -22.84 81.79 -25.16
O2B LMT EK . -23.23 80.11 -23.27
O3B LMT EK . -25.34 78.35 -24.25
O4' LMT EK . -26.26 79.17 -26.85
O5B LMT EK . -25.07 82.29 -25.45
O6B LMT EK . -25.87 81.85 -28.73
C1' LMT EK . -19.21 83.12 -25.14
C2' LMT EK . -20.00 84.01 -24.21
C3' LMT EK . -21.43 83.39 -24.05
C4' LMT EK . -22.10 82.97 -25.38
C5' LMT EK . -21.04 82.55 -26.43
C6' LMT EK . -21.59 82.58 -27.83
O1' LMT EK . -17.91 83.56 -25.26
O2' LMT EK . -19.39 84.04 -22.99
O3' LMT EK . -22.23 84.25 -23.35
O5' LMT EK . -19.84 83.29 -26.39
O6' LMT EK . -22.38 81.47 -27.95
C1 LMT EK . -16.94 82.74 -24.64
C2 LMT EK . -15.62 83.26 -25.13
C3 LMT EK . -14.46 82.34 -25.04
C4 LMT EK . -13.74 82.37 -26.37
C5 LMT EK . -12.30 82.10 -26.19
C6 LMT EK . -11.54 82.28 -27.46
C7 LMT EK . -10.08 82.03 -27.23
C8 LMT EK . -9.33 82.28 -28.49
FE1 SF4 FK . -11.52 27.33 -48.99
FE2 SF4 FK . -13.81 26.36 -50.12
FE3 SF4 FK . -13.43 29.06 -49.91
FE4 SF4 FK . -13.90 27.58 -47.67
S1 SF4 FK . -15.34 27.91 -49.41
S2 SF4 FK . -12.31 29.20 -47.93
S3 SF4 FK . -12.82 25.62 -48.20
S4 SF4 FK . -12.20 27.59 -51.16
FE1 SF4 GK . -16.77 34.90 -57.72
FE2 SF4 GK . -17.65 32.32 -57.56
FE3 SF4 GK . -17.23 33.47 -60.00
FE4 SF4 GK . -19.33 34.29 -58.45
S1 SF4 GK . -19.03 32.21 -59.38
S2 SF4 GK . -17.87 35.63 -59.59
S3 SF4 GK . -18.43 34.11 -56.35
S4 SF4 GK . -15.65 33.02 -58.40
C1 BCR HK . 3.18 37.28 -5.45
C2 BCR HK . 2.89 38.18 -4.26
C3 BCR HK . 3.46 37.54 -3.01
C4 BCR HK . 2.68 36.30 -2.71
C5 BCR HK . 2.44 35.45 -3.93
C6 BCR HK . 2.75 35.87 -5.18
C7 BCR HK . 2.60 34.93 -6.33
C8 BCR HK . 3.59 34.13 -6.76
C9 BCR HK . 3.41 33.35 -7.76
C10 BCR HK . 3.73 32.16 -7.64
C11 BCR HK . 4.25 31.22 -8.14
C33 BCR HK . 1.82 34.12 -3.72
C31 BCR HK . 4.67 37.29 -5.71
C32 BCR HK . 2.46 37.80 -6.68
C34 BCR HK . 2.83 33.86 -9.04
C12 BCR HK . 4.82 30.22 -8.61
C13 BCR HK . 5.06 29.18 -9.62
C14 BCR HK . 5.88 28.16 -9.34
C15 BCR HK . 6.12 27.09 -10.30
C16 BCR HK . 6.73 25.99 -10.73
C17 BCR HK . 7.54 25.11 -10.84
C18 BCR HK . 8.26 24.02 -10.55
C19 BCR HK . 9.19 23.45 -11.54
C20 BCR HK . 9.98 22.47 -11.93
C21 BCR HK . 10.78 21.87 -12.59
C22 BCR HK . 11.79 21.04 -12.82
C23 BCR HK . 12.34 20.87 -14.16
C24 BCR HK . 13.31 19.98 -14.37
C25 BCR HK . 13.94 19.80 -15.70
C26 BCR HK . 13.25 19.35 -16.75
C27 BCR HK . 13.49 19.89 -18.14
C28 BCR HK . 14.88 20.50 -18.28
C29 BCR HK . 15.86 19.93 -17.27
C30 BCR HK . 15.39 20.16 -15.84
C35 BCR HK . 4.36 29.27 -10.94
C36 BCR HK . 8.19 23.41 -9.19
C37 BCR HK . 12.39 20.29 -11.68
C38 BCR HK . 12.23 18.29 -16.56
C39 BCR HK . 15.58 21.60 -15.43
C40 BCR HK . 16.21 19.25 -14.93
C1 BCR IK . 12.12 20.56 -6.70
C2 BCR IK . 10.83 20.70 -5.94
C3 BCR IK . 10.98 20.07 -4.58
C4 BCR IK . 11.10 18.57 -4.76
C5 BCR IK . 12.15 18.24 -5.78
C6 BCR IK . 12.54 19.09 -6.75
C7 BCR IK . 13.40 18.60 -7.84
C8 BCR IK . 12.92 17.93 -8.88
C9 BCR IK . 13.65 17.47 -9.81
C10 BCR IK . 13.08 17.00 -10.79
C11 BCR IK . 13.15 16.29 -11.72
C33 BCR IK . 12.76 16.89 -5.63
C31 BCR IK . 13.16 21.28 -5.89
C32 BCR IK . 12.04 21.21 -8.06
C34 BCR IK . 15.14 17.44 -9.70
C12 BCR IK . 13.13 15.53 -12.68
C13 BCR IK . 13.56 15.00 -13.97
C14 BCR IK . 12.87 13.97 -14.46
C15 BCR IK . 13.20 13.36 -15.72
C16 BCR IK . 12.88 12.52 -16.68
C17 BCR IK . 12.88 11.83 -17.64
C18 BCR IK . 12.35 11.07 -18.57
C19 BCR IK . 13.18 10.41 -19.57
C20 BCR IK . 13.21 9.50 -20.51
C21 BCR IK . 12.76 8.63 -21.17
C22 BCR IK . 12.51 7.73 -22.10
C23 BCR IK . 11.26 6.99 -21.89
C24 BCR IK . 10.86 6.01 -22.67
C25 BCR IK . 9.59 5.33 -22.39
C26 BCR IK . 9.62 4.21 -21.65
C27 BCR IK . 8.37 3.49 -21.23
C28 BCR IK . 7.13 4.33 -21.49
C29 BCR IK . 7.19 4.90 -22.88
C30 BCR IK . 8.31 5.91 -22.96
C35 BCR IK . 14.70 15.59 -14.73
C36 BCR IK . 10.87 10.88 -18.61
C37 BCR IK . 13.43 7.43 -23.23
C38 BCR IK . 10.92 3.58 -21.25
C39 BCR IK . 7.83 7.17 -22.23
C40 BCR IK . 8.56 6.25 -24.41
C1 LMG JK . 10.99 29.14 15.46
O1 LMG JK . 10.00 28.12 15.62
C2 LMG JK . 11.28 29.78 16.82
O2 LMG JK . 10.13 30.48 17.26
C3 LMG JK . 12.44 30.77 16.73
O3 LMG JK . 12.86 31.12 18.06
C4 LMG JK . 13.63 30.20 15.95
O4 LMG JK . 14.23 29.15 16.71
C5 LMG JK . 13.13 29.65 14.63
O5 LMG JK . 14.85 30.35 13.11
C6 LMG JK . 14.28 29.20 13.74
O6 LMG JK . 12.19 28.60 14.90
C7 LMG JK . 8.99 28.18 14.62
C8 LMG JK . 7.62 27.92 15.25
C9 LMG JK . 7.41 28.89 16.41
O7 LMG JK . 6.58 28.15 14.29
C10 LMG JK . 5.87 26.95 13.94
O9 LMG JK . 6.51 25.95 13.69
C11 LMG JK . 4.36 26.93 13.90
C12 LMG JK . 3.85 27.91 12.86
C13 LMG JK . 2.93 27.25 11.84
C14 LMG JK . 3.37 27.64 10.43
C15 LMG JK . 2.31 27.37 9.37
C16 LMG JK . 2.69 28.07 8.08
C17 LMG JK . 1.83 27.60 6.91
O8 LMG JK . 7.28 30.21 15.91
C28 LMG JK . 7.21 31.35 16.81
O10 LMG JK . 8.05 32.22 16.74
C29 LMG JK . 6.10 31.43 17.84
C30 LMG JK . 4.81 31.93 17.19
C31 LMG JK . 4.11 30.85 16.40
C32 LMG JK . 2.64 31.22 16.21
C33 LMG JK . 2.43 32.12 15.01
C34 LMG JK . 2.16 31.28 13.77
C35 LMG JK . 2.26 32.12 12.50
C36 LMG JK . 1.49 31.43 11.40
C37 LMG JK . 1.72 31.77 10.13
C1B LMT KK . 18.92 25.46 15.55
C2B LMT KK . 20.11 24.49 15.79
C3B LMT KK . 19.74 23.40 16.83
C4B LMT KK . 19.11 24.01 18.10
C5B LMT KK . 17.95 24.90 17.65
C6B LMT KK . 17.26 25.51 18.88
O1B LMT KK . 17.98 24.85 14.71
O2B LMT KK . 20.41 23.92 14.59
O3B LMT KK . 20.83 22.61 17.12
O4' LMT KK . 18.63 23.02 18.93
O5B LMT KK . 18.34 25.91 16.75
O6B LMT KK . 16.16 24.76 19.23
C1' LMT KK . 14.90 25.79 12.09
C2' LMT KK . 16.20 26.58 11.89
C3' LMT KK . 17.39 25.94 12.67
C4' LMT KK . 16.99 25.66 14.12
C5' LMT KK . 15.70 24.83 14.01
C6' LMT KK . 15.23 24.23 15.30
O1' LMT KK . 13.84 26.48 11.59
O2' LMT KK . 16.51 26.55 10.55
O3' LMT KK . 18.47 26.77 12.61
O5' LMT KK . 14.68 25.62 13.47
O6' LMT KK . 14.14 24.95 15.68
C1 LMT KK . 12.89 25.68 10.94
C2 LMT KK . 11.62 26.44 10.98
C3 LMT KK . 10.43 25.64 11.35
C4 LMT KK . 9.27 26.06 10.48
C5 LMT KK . 8.09 25.21 10.82
C6 LMT KK . 6.93 25.52 9.96
C7 LMT KK . 6.33 24.25 9.44
C8 LMT KK . 5.13 23.93 10.25
C9 LMT KK . 3.85 24.02 9.52
C10 LMT KK . 3.97 23.14 8.32
C11 LMT KK . 2.98 23.52 7.28
C12 LMT KK . 3.01 22.55 6.17
MG CLA LK . 54.23 -6.83 -67.96
CHA CLA LK . 55.65 -9.93 -67.21
CHB CLA LK . 53.07 -8.25 -70.88
CHC CLA LK . 52.76 -3.86 -68.61
CHD CLA LK . 55.50 -5.52 -64.91
NA CLA LK . 54.31 -8.85 -68.94
C1A CLA LK . 54.90 -9.91 -68.51
C2A CLA LK . 54.79 -11.09 -69.45
C3A CLA LK . 53.96 -10.51 -70.59
C4A CLA LK . 53.75 -9.11 -70.12
CMA CLA LK . 54.38 -10.75 -72.03
CAA CLA LK . 54.19 -12.36 -68.85
CBA CLA LK . 52.69 -12.56 -68.98
CGA CLA LK . 51.97 -11.83 -67.89
O1A CLA LK . 52.29 -11.87 -66.71
O2A CLA LK . 50.90 -11.07 -68.08
NB CLA LK . 53.06 -6.17 -69.53
C1B CLA LK . 52.72 -6.84 -70.64
C2B CLA LK . 51.94 -6.02 -71.61
C3B CLA LK . 51.87 -4.73 -70.91
C4B CLA LK . 52.59 -4.92 -69.63
CMB CLA LK . 51.37 -6.40 -72.95
CAB CLA LK . 51.22 -3.48 -71.36
CBB CLA LK . 51.94 -2.48 -71.80
NC CLA LK . 54.07 -5.01 -66.88
C1C CLA LK . 53.50 -3.89 -67.34
C2C CLA LK . 53.66 -2.68 -66.51
C3C CLA LK . 54.43 -3.19 -65.38
C4C CLA LK . 54.63 -4.63 -65.71
CMC CLA LK . 53.15 -1.29 -66.78
CAC CLA LK . 54.93 -2.40 -64.17
CBC CLA LK . 54.42 -2.90 -62.83
ND CLA LK . 55.29 -7.43 -66.38
C1D CLA LK . 55.75 -6.92 -65.24
C2D CLA LK . 56.55 -7.86 -64.39
C3D CLA LK . 56.46 -9.03 -65.24
C4D CLA LK . 55.74 -8.75 -66.33
CMD CLA LK . 57.28 -7.85 -63.07
CAD CLA LK . 56.92 -10.44 -65.25
OBD CLA LK . 57.92 -10.85 -64.58
CBD CLA LK . 56.50 -11.00 -66.57
CGD CLA LK . 57.74 -11.19 -67.41
O1D CLA LK . 58.47 -12.15 -67.23
O2D CLA LK . 58.09 -10.21 -68.43
CED CLA LK . 58.51 -10.65 -69.72
C1 BCR MK . 50.54 0.16 -63.25
C2 BCR MK . 50.60 1.16 -62.10
C3 BCR MK . 50.82 0.44 -60.79
C4 BCR MK . 49.64 -0.48 -60.50
C5 BCR MK . 49.40 -1.39 -61.68
C6 BCR MK . 49.56 -0.95 -62.93
C7 BCR MK . 48.75 -1.53 -64.01
C8 BCR MK . 49.14 -2.46 -64.90
C9 BCR MK . 48.28 -2.82 -65.77
C10 BCR MK . 48.59 -3.10 -66.95
C11 BCR MK . 48.35 -3.89 -67.79
C33 BCR MK . 48.98 -2.79 -61.39
C31 BCR MK . 51.91 -0.45 -63.40
C32 BCR MK . 50.21 0.84 -64.55
C34 BCR MK . 46.84 -2.95 -65.37
C12 BCR MK . 48.03 -4.70 -68.70
C13 BCR MK . 48.18 -5.44 -69.96
C14 BCR MK . 48.38 -6.75 -69.86
C15 BCR MK . 48.53 -7.64 -71.00
C16 BCR MK . 48.76 -8.85 -71.45
C17 BCR MK . 48.90 -9.82 -72.14
C18 BCR MK . 49.39 -11.03 -72.47
C19 BCR MK . 48.97 -11.75 -73.67
C20 BCR MK . 48.86 -12.95 -74.21
C21 BCR MK . 48.62 -13.85 -74.96
C22 BCR MK . 48.76 -15.01 -75.60
C23 BCR MK . 47.73 -15.37 -76.58
C24 BCR MK . 47.94 -16.27 -77.54
C25 BCR MK . 46.90 -16.65 -78.53
C26 BCR MK . 46.82 -16.00 -79.71
C27 BCR MK . 46.59 -16.78 -80.98
C28 BCR MK . 45.57 -17.91 -80.77
C29 BCR MK . 44.93 -17.91 -79.39
C30 BCR MK . 45.96 -17.82 -78.26
C35 BCR MK . 48.05 -4.79 -71.30
C36 BCR MK . 50.38 -11.68 -71.58
C37 BCR MK . 49.94 -15.90 -75.34
C38 BCR MK . 46.99 -14.52 -79.84
C39 BCR MK . 46.79 -19.10 -78.19
C40 BCR MK . 45.19 -17.68 -76.96
CA CA NK . 26.74 19.77 -2.34
MG CLA OK . 7.86 -8.04 -13.58
CHA CLA OK . 6.66 -8.54 -10.35
CHB CLA OK . 9.84 -5.56 -12.29
CHC CLA OK . 8.86 -7.50 -16.72
CHD CLA OK . 5.88 -10.79 -14.71
NA CLA OK . 8.24 -7.14 -11.57
C1A CLA OK . 7.69 -7.47 -10.47
C2A CLA OK . 8.16 -6.69 -9.29
C3A CLA OK . 9.16 -5.74 -9.93
C4A CLA OK . 9.09 -6.16 -11.35
CMA CLA OK . 9.03 -4.28 -9.60
CAA CLA OK . 8.79 -7.61 -8.22
CBA CLA OK . 10.05 -8.34 -8.65
CGA CLA OK . 9.70 -9.68 -9.24
O1A CLA OK . 8.90 -10.45 -8.76
O2A CLA OK . 10.20 -10.18 -10.33
NB CLA OK . 9.18 -6.70 -14.39
C1B CLA OK . 9.91 -5.79 -13.75
C2B CLA OK . 10.80 -5.01 -14.66
C3B CLA OK . 10.49 -5.61 -15.95
C4B CLA OK . 9.48 -6.65 -15.68
CMB CLA OK . 11.76 -3.91 -14.33
CAB CLA OK . 11.03 -5.31 -17.29
CBB CLA OK . 11.76 -4.25 -17.50
NC CLA OK . 7.40 -8.98 -15.43
C1C CLA OK . 7.95 -8.64 -16.59
C2C CLA OK . 7.61 -9.48 -17.74
C3C CLA OK . 6.72 -10.46 -17.14
C4C CLA OK . 6.66 -10.06 -15.72
CMC CLA OK . 8.07 -9.35 -19.17
CAC CLA OK . 6.01 -11.61 -17.78
CBC CLA OK . 6.76 -12.88 -17.47
ND CLA OK . 6.56 -9.40 -12.86
C1D CLA OK . 5.84 -10.42 -13.30
C2D CLA OK . 5.04 -11.11 -12.27
C3D CLA OK . 5.42 -10.30 -11.10
C4D CLA OK . 6.27 -9.37 -11.50
CMD CLA OK . 4.09 -12.26 -12.18
CAD CLA OK . 5.19 -10.20 -9.66
OBD CLA OK . 4.14 -10.66 -9.09
CBD CLA OK . 5.87 -8.97 -9.15
CGD CLA OK . 4.82 -7.96 -8.77
O1D CLA OK . 3.67 -8.03 -9.16
O2D CLA OK . 5.13 -6.84 -7.92
CED CLA OK . 4.13 -5.88 -7.60
C1 CLA OK . 9.35 -11.01 -11.37
C2 CLA OK . 9.79 -10.94 -12.80
C3 CLA OK . 9.43 -11.82 -13.72
C4 CLA OK . 8.54 -12.98 -13.41
C5 CLA OK . 9.94 -11.64 -15.12
C6 CLA OK . 10.92 -10.49 -15.19
C7 CLA OK . 11.44 -10.41 -16.61
C8 CLA OK . 12.15 -9.09 -16.87
C9 CLA OK . 12.45 -8.94 -18.34
C10 CLA OK . 13.41 -9.03 -16.03
C11 CLA OK . 14.09 -7.67 -16.17
C12 CLA OK . 15.47 -7.69 -15.52
C13 CLA OK . 16.56 -7.89 -16.57
C14 CLA OK . 16.33 -9.16 -17.37
C15 CLA OK . 17.92 -7.92 -15.89
C16 CLA OK . 18.08 -6.72 -15.00
C17 CLA OK . 17.48 -6.97 -13.63
C18 CLA OK . 18.19 -6.15 -12.57
C19 CLA OK . 18.71 -4.84 -13.16
C20 CLA OK . 17.28 -5.90 -11.38
MG CLA PK . 8.72 3.64 -17.92
CHA CLA PK . 7.74 0.30 -17.82
CHB CLA PK . 11.96 2.53 -17.43
CHC CLA PK . 9.69 6.87 -18.02
CHD CLA PK . 5.36 4.62 -18.27
NA CLA PK . 9.77 1.69 -17.67
C1A CLA PK . 9.23 0.53 -17.69
C2A CLA PK . 10.18 -0.61 -17.53
C3A CLA PK . 11.47 0.14 -17.32
C4A CLA PK . 11.06 1.55 -17.49
CMA CLA PK . 12.14 -0.21 -16.03
CAA CLA PK . 10.33 -1.36 -18.87
CBA CLA PK . 10.36 -0.39 -20.05
CGA CLA PK . 10.47 -0.96 -21.42
O1A CLA PK . 11.42 -1.57 -21.85
O2A CLA PK . 9.55 -0.78 -22.32
NB CLA PK . 10.57 4.56 -17.75
C1B CLA PK . 11.75 3.98 -17.55
C2B CLA PK . 12.88 4.93 -17.49
C3B CLA PK . 12.19 6.20 -17.66
C4B CLA PK . 10.76 5.88 -17.82
CMB CLA PK . 14.33 4.65 -17.27
CAB CLA PK . 12.77 7.55 -17.67
CBB CLA PK . 13.20 8.07 -16.54
NC CLA PK . 7.70 5.47 -18.22
C1C CLA PK . 8.25 6.67 -18.23
C2C CLA PK . 7.32 7.78 -18.44
C3C CLA PK . 6.04 7.09 -18.59
C4C CLA PK . 6.38 5.68 -18.42
CMC CLA PK . 7.62 9.25 -18.51
CAC CLA PK . 4.68 7.67 -18.85
CBC CLA PK . 4.37 7.49 -20.31
ND CLA PK . 6.92 2.80 -18.05
C1D CLA PK . 5.66 3.20 -18.17
C2D CLA PK . 4.65 2.11 -18.16
C3D CLA PK . 5.56 0.96 -18.01
C4D CLA PK . 6.80 1.42 -17.98
CMD CLA PK . 3.15 2.00 -18.24
CAD CLA PK . 5.56 -0.51 -17.92
OBD CLA PK . 4.56 -1.28 -18.07
CBD CLA PK . 6.96 -0.97 -17.70
CGD CLA PK . 7.11 -1.48 -16.29
O1D CLA PK . 6.77 -0.81 -15.36
O2D CLA PK . 7.70 -2.75 -15.99
CED CLA PK . 7.71 -3.18 -14.64
C1 CLA PK . 9.87 -0.42 -23.85
C2 CLA PK . 10.40 0.91 -24.32
C3 CLA PK . 9.60 1.74 -24.99
C4 CLA PK . 8.17 1.38 -25.26
C5 CLA PK . 10.14 3.08 -25.48
C6 CLA PK . 11.17 2.88 -26.59
C7 CLA PK . 10.48 2.46 -27.87
C8 CLA PK . 11.42 2.26 -29.04
C9 CLA PK . 10.69 1.43 -30.07
C10 CLA PK . 12.73 1.59 -28.65
C11 CLA PK . 13.45 1.04 -29.87
C12 CLA PK . 14.95 1.23 -29.78
C13 CLA PK . 15.71 0.13 -30.52
C14 CLA PK . 17.20 0.41 -30.51
C15 CLA PK . 15.20 0.02 -31.94
MG CLA QK . 20.24 3.21 -11.36
CHA CLA QK . 20.90 1.05 -8.73
CHB CLA QK . 22.46 5.40 -9.92
CHC CLA QK . 19.64 5.28 -13.94
CHD CLA QK . 18.05 0.81 -12.80
NA CLA QK . 21.55 3.25 -9.56
C1A CLA QK . 21.66 2.35 -8.67
C2A CLA QK . 22.58 2.69 -7.56
C3A CLA QK . 23.00 4.09 -7.92
C4A CLA QK . 22.30 4.27 -9.22
CMA CLA QK . 22.84 5.17 -6.87
CAA CLA QK . 23.85 1.92 -7.85
CBA CLA QK . 24.24 0.75 -6.97
CGA CLA QK . 24.59 1.18 -5.58
O1A CLA QK . 24.85 2.31 -5.25
O2A CLA QK . 24.68 0.36 -4.57
NB CLA QK . 20.96 5.08 -11.84
C1B CLA QK . 21.85 5.80 -11.18
C2B CLA QK . 22.16 7.09 -11.85
C3B CLA QK . 21.30 7.03 -13.03
C4B CLA QK . 20.60 5.74 -12.94
CMB CLA QK . 23.10 8.14 -11.39
CAB CLA QK . 21.12 7.99 -14.14
CBB CLA QK . 21.21 9.30 -14.01
NC CLA QK . 19.06 3.04 -13.12
C1C CLA QK . 18.95 3.99 -14.04
C2C CLA QK . 18.10 3.68 -15.20
C3C CLA QK . 17.64 2.33 -14.86
C4C CLA QK . 18.29 2.04 -13.58
CMC CLA QK . 17.82 4.55 -16.37
CAC CLA QK . 16.74 1.41 -15.66
CBC CLA QK . 15.31 1.58 -15.24
ND CLA QK . 19.57 1.36 -11.00
C1D CLA QK . 18.74 0.50 -11.54
C2D CLA QK . 18.55 -0.75 -10.76
C3D CLA QK . 19.45 -0.48 -9.65
C4D CLA QK . 20.00 0.72 -9.84
CMD CLA QK . 17.76 -2.02 -10.89
CAD CLA QK . 19.96 -1.07 -8.39
OBD CLA QK . 19.61 -2.20 -7.89
CBD CLA QK . 20.82 -0.06 -7.72
CGD CLA QK . 20.16 0.46 -6.49
O1D CLA QK . 19.24 1.25 -6.56
O2D CLA QK . 20.57 0.07 -5.17
CED CLA QK . 19.59 0.11 -4.14
C1 CLA QK . 24.82 -1.21 -4.82
C2 CLA QK . 23.64 -2.13 -5.02
C3 CLA QK . 22.88 -2.49 -3.98
C4 CLA QK . 23.16 -1.99 -2.60
C5 CLA QK . 21.72 -3.43 -4.20
C6 CLA QK . 22.15 -4.51 -5.18
C7 CLA QK . 20.98 -4.97 -6.03
C8 CLA QK . 20.15 -6.00 -5.30
C9 CLA QK . 21.02 -7.14 -4.80
C10 CLA QK . 19.05 -6.50 -6.23
C11 CLA QK . 18.08 -5.42 -6.62
C12 CLA QK . 16.71 -5.99 -6.94
C13 CLA QK . 16.60 -6.30 -8.42
C14 CLA QK . 16.58 -5.02 -9.22
C15 CLA QK . 15.35 -7.14 -8.66
C16 CLA QK . 15.03 -7.27 -10.15
C17 CLA QK . 13.53 -7.36 -10.34
C18 CLA QK . 13.21 -7.97 -11.69
C19 CLA QK . 13.65 -7.05 -12.81
C20 CLA QK . 13.85 -9.33 -11.83
C1 BCR RK . -3.57 30.45 -14.90
C2 BCR RK . -4.66 31.50 -15.08
C3 BCR RK . -5.81 31.19 -16.02
C4 BCR RK . -6.10 29.71 -16.10
C5 BCR RK . -4.83 29.07 -16.55
C6 BCR RK . -3.70 29.29 -15.87
C7 BCR RK . -2.56 28.38 -16.09
C8 BCR RK . -2.44 27.26 -15.39
C9 BCR RK . -1.49 26.44 -15.60
C10 BCR RK . -1.84 25.28 -15.81
C11 BCR RK . -1.58 24.14 -15.78
C33 BCR RK . -4.86 28.20 -17.77
C31 BCR RK . -3.60 29.96 -13.46
C32 BCR RK . -2.23 31.09 -15.21
C34 BCR RK . -0.05 26.86 -15.61
C12 BCR RK . -1.42 22.92 -15.76
C13 BCR RK . -0.72 21.64 -15.84
C14 BCR RK . -1.52 20.57 -15.79
C15 BCR RK . -1.06 19.20 -15.87
C16 BCR RK . -1.32 17.94 -16.11
C17 BCR RK . -1.24 16.76 -16.28
C18 BCR RK . -1.65 15.56 -16.67
C19 BCR RK . -0.83 14.37 -16.48
C20 BCR RK . -0.70 13.10 -16.76
C21 BCR RK . -0.43 11.95 -16.80
C22 BCR RK . -0.52 10.70 -17.22
C23 BCR RK . 0.24 9.63 -16.59
C24 BCR RK . 0.88 8.71 -17.29
C25 BCR RK . 1.59 7.61 -16.60
C26 BCR RK . 2.62 7.81 -15.75
C27 BCR RK . 2.92 6.75 -14.74
C28 BCR RK . 3.02 5.43 -15.46
C29 BCR RK . 1.69 5.09 -16.13
C30 BCR RK . 1.06 6.23 -16.93
C35 BCR RK . 0.77 21.54 -15.96
C36 BCR RK . -2.99 15.42 -17.32
C37 BCR RK . -1.45 10.36 -18.32
C38 BCR RK . 3.49 9.03 -15.73
C39 BCR RK . -0.44 6.19 -16.65
C40 BCR RK . 1.26 5.96 -18.40
C1 BCR SK . -7.19 26.25 5.44
C2 BCR SK . -7.47 26.92 4.09
C3 BCR SK . -7.83 25.92 2.98
C4 BCR SK . -9.00 25.03 3.38
C5 BCR SK . -8.80 24.53 4.78
C6 BCR SK . -7.67 24.81 5.42
C7 BCR SK . -6.95 23.74 6.12
C8 BCR SK . -6.28 22.78 5.50
C9 BCR SK . -5.71 21.90 6.21
C10 BCR SK . -4.54 21.53 5.97
C11 BCR SK . -3.83 20.62 5.80
C33 BCR SK . -9.85 23.72 5.46
C31 BCR SK . -7.96 26.99 6.53
C32 BCR SK . -5.70 26.30 5.76
C34 BCR SK . -6.44 21.27 7.35
C12 BCR SK . -3.02 19.69 5.59
C13 BCR SK . -2.49 18.32 5.66
C14 BCR SK . -1.76 17.94 4.62
C15 BCR SK . -1.14 16.62 4.49
C16 BCR SK . -0.40 15.80 3.79
C17 BCR SK . 0.20 14.85 3.39
C18 BCR SK . 1.09 14.23 2.63
C19 BCR SK . 1.33 12.79 2.65
C20 BCR SK . 2.21 11.85 2.36
C21 BCR SK . 2.79 10.82 2.19
C22 BCR SK . 3.68 10.01 1.62
C23 BCR SK . 3.85 8.64 2.10
C24 BCR SK . 4.71 7.83 1.47
C25 BCR SK . 5.05 6.42 1.79
C26 BCR SK . 4.20 5.39 1.55
C27 BCR SK . 4.60 3.94 1.53
C28 BCR SK . 5.95 3.67 2.16
C29 BCR SK . 6.44 4.80 3.04
C30 BCR SK . 6.43 6.15 2.34
C35 BCR SK . -2.74 17.43 6.82
C36 BCR SK . 1.91 15.05 1.69
C37 BCR SK . 4.51 10.52 0.47
C38 BCR SK . 2.75 5.60 1.24
C39 BCR SK . 7.44 6.19 1.20
C40 BCR SK . 6.85 7.20 3.33
O6 LHG TK . 3.66 -4.16 -29.07
C4 LHG TK . 2.37 -3.81 -29.57
C5 LHG TK . 1.27 -4.67 -28.95
C6 LHG TK . 0.69 -4.01 -27.70
O7 LHG TK . 0.21 -4.84 -29.88
C7 LHG TK . 0.11 -6.22 -30.33
O9 LHG TK . 0.14 -7.12 -29.52
C8 LHG TK . -0.01 -6.52 -31.80
C9 LHG TK . -1.49 -6.65 -32.15
C10 LHG TK . -1.84 -8.05 -32.60
O8 LHG TK . -0.71 -4.18 -27.54
C23 LHG TK . -1.16 -4.83 -26.32
O10 LHG TK . -0.34 -5.48 -25.70
C24 LHG TK . -2.56 -4.74 -25.80
C11 LHG TK . -1.09 -9.14 -31.83
C12 LHG TK . -1.27 -10.51 -32.46
C13 LHG TK . -2.72 -10.97 -32.36
C14 LHG TK . -3.29 -11.27 -33.74
C25 LHG TK . -3.45 -5.68 -26.57
C26 LHG TK . -4.88 -5.70 -26.04
C27 LHG TK . -5.76 -6.44 -27.02
C28 LHG TK . -5.37 -7.91 -27.18
C29 LHG TK . -6.38 -8.86 -26.54
C30 LHG TK . -7.79 -8.62 -27.03
C31 LHG TK . -8.74 -8.30 -25.86
O1 LHG UK . 2.48 -13.91 -31.28
C1 LHG UK . 2.93 -13.30 -30.05
C2 LHG UK . 3.67 -14.31 -29.19
O2 LHG UK . 4.98 -13.80 -28.90
C3 LHG UK . 3.77 -15.65 -29.92
O3 LHG UK . 5.09 -16.18 -29.84
P LHG UK . 5.32 -17.77 -29.79
O4 LHG UK . 4.26 -18.39 -28.91
O5 LHG UK . 5.53 -18.28 -31.19
O6 LHG UK . 6.73 -17.85 -29.02
C4 LHG UK . 7.34 -19.10 -28.69
C5 LHG UK . 8.86 -18.92 -28.61
C6 LHG UK . 9.21 -17.43 -28.77
O7 LHG UK . 9.32 -19.34 -27.33
C7 LHG UK . 10.63 -19.98 -27.39
O9 LHG UK . 11.24 -19.99 -28.44
C8 LHG UK . 11.21 -20.63 -26.18
C9 LHG UK . 12.66 -20.98 -26.48
C10 LHG UK . 13.63 -19.98 -25.86
O8 LHG UK . 8.89 -16.72 -27.57
C23 LHG UK . 9.67 -15.56 -27.20
O10 LHG UK . 10.09 -14.83 -28.08
C24 LHG UK . 9.98 -15.30 -25.76
C11 LHG UK . 14.84 -20.70 -25.27
C12 LHG UK . 15.85 -19.75 -24.66
C13 LHG UK . 17.19 -20.44 -24.47
C14 LHG UK . 18.27 -19.80 -25.32
C15 LHG UK . 19.31 -19.05 -24.49
C16 LHG UK . 19.22 -17.57 -24.78
C17 LHG UK . 20.30 -16.79 -24.06
C18 LHG UK . 19.77 -15.39 -23.78
C19 LHG UK . 20.89 -14.39 -23.52
C20 LHG UK . 20.32 -12.99 -23.60
C21 LHG UK . 21.28 -11.97 -23.01
C22 LHG UK . 22.53 -11.89 -23.84
C25 LHG UK . 11.39 -15.79 -25.44
C26 LHG UK . 11.75 -15.52 -23.99
C27 LHG UK . 13.26 -15.57 -23.80
C28 LHG UK . 13.67 -15.20 -22.38
C29 LHG UK . 14.42 -16.34 -21.71
C30 LHG UK . 15.51 -15.81 -20.78
C31 LHG UK . 16.84 -16.50 -21.06
C32 LHG UK . 17.88 -16.21 -19.98
C33 LHG UK . 18.09 -14.71 -19.78
C34 LHG UK . 18.95 -14.43 -18.56
C35 LHG UK . 20.28 -15.16 -18.62
C36 LHG UK . 21.43 -14.31 -18.08
C37 LHG UK . 22.71 -14.45 -18.91
C38 LHG UK . 22.92 -15.83 -19.46
C1' LMT VK . -2.22 -15.66 -21.43
O1' LMT VK . -1.27 -16.47 -21.97
C1 LMT VK . -0.11 -15.79 -22.42
C2 LMT VK . 0.92 -16.06 -21.37
C3 LMT VK . 2.24 -16.58 -21.84
C4 LMT VK . 3.23 -16.27 -20.75
C5 LMT VK . 4.62 -16.35 -21.27
C6 LMT VK . 5.48 -15.25 -20.74
C7 LMT VK . 6.38 -14.76 -21.83
C8 LMT VK . 7.19 -13.64 -21.31
C9 LMT VK . 8.43 -13.39 -22.09
C10 LMT VK . 9.02 -12.13 -21.57
C11 LMT VK . 10.35 -11.86 -22.18
C12 LMT VK . 11.44 -12.00 -21.18
C1B LMT WK . 28.85 5.00 -2.14
C2B LMT WK . 30.03 4.79 -1.17
C3B LMT WK . 29.63 3.99 0.11
C4B LMT WK . 28.28 4.48 0.68
C5B LMT WK . 27.29 4.40 -0.48
C6B LMT WK . 25.85 4.62 -0.03
O1B LMT WK . 28.61 3.91 -3.00
O2B LMT WK . 31.00 4.13 -1.87
O3B LMT WK . 30.62 4.01 1.05
O4' LMT WK . 27.86 3.66 1.70
O5B LMT WK . 27.66 5.33 -1.47
O6B LMT WK . 25.75 4.60 1.33
C1' LMT WK . 27.81 3.30 -7.12
C2' LMT WK . 29.13 2.71 -6.58
C3' LMT WK . 29.17 2.74 -5.02
C4' LMT WK . 28.74 4.09 -4.41
C5' LMT WK . 27.36 4.37 -5.13
C6' LMT WK . 26.49 5.50 -4.65
O1' LMT WK . 27.87 3.52 -8.47
O2' LMT WK . 29.19 1.40 -6.99
O3' LMT WK . 30.41 2.41 -4.58
O5' LMT WK . 27.59 4.56 -6.50
O6' LMT WK . 25.83 5.94 -5.75
C1 LMT WK . 26.62 3.70 -9.10
C2 LMT WK . 26.85 3.66 -10.58
C3 LMT WK . 25.65 3.95 -11.44
C4 LMT WK . 24.90 2.65 -11.57
C5 LMT WK . 23.93 2.70 -12.68
C6 LMT WK . 23.09 1.48 -12.69
C7 LMT WK . 22.41 1.35 -14.01
C8 LMT WK . 21.83 0.00 -14.10
C9 LMT WK . 20.95 -0.21 -15.28
C10 LMT WK . 20.10 -1.41 -14.98
C11 LMT WK . 19.35 -1.86 -16.17
C12 LMT WK . 19.39 -3.35 -16.29
C1B LMT XK . 31.34 8.45 -8.26
C2B LMT XK . 32.78 8.94 -8.07
C3B LMT XK . 33.76 7.76 -7.76
C4B LMT XK . 33.09 6.46 -7.20
C5B LMT XK . 31.71 6.76 -6.54
C6B LMT XK . 31.91 7.06 -5.04
O1B LMT XK . 31.22 7.67 -9.43
O2B LMT XK . 33.14 9.60 -9.20
O3B LMT XK . 34.81 8.17 -6.99
O4' LMT XK . 32.91 5.53 -8.21
O5B LMT XK . 30.86 7.74 -7.15
O6B LMT XK . 31.58 8.36 -4.77
C1' LMT XK . 28.99 7.38 -12.94
C2' LMT XK . 30.23 8.31 -13.00
C3' LMT XK . 31.17 8.07 -11.77
C4' LMT XK . 30.37 8.09 -10.46
C5' LMT XK . 29.31 7.00 -10.68
C6' LMT XK . 28.57 6.60 -9.45
O1' LMT XK . 28.04 7.81 -13.82
O2' LMT XK . 30.94 8.02 -14.14
O3' LMT XK . 32.17 8.99 -11.73
O5' LMT XK . 28.40 7.43 -11.66
O6' LMT XK . 29.37 5.70 -8.81
C1 LMT XK . 27.32 6.80 -14.48
C2 LMT XK . 25.90 6.99 -14.04
C3 LMT XK . 24.88 6.98 -15.12
C4 LMT XK . 24.29 5.60 -15.21
C5 LMT XK . 23.28 5.55 -16.28
C6 LMT XK . 22.47 4.31 -16.22
C7 LMT XK . 21.58 4.23 -17.41
C8 LMT XK . 21.08 2.83 -17.54
C9 LMT XK . 20.09 2.64 -18.64
C10 LMT XK . 19.52 1.26 -18.51
C11 LMT XK . 18.96 0.77 -19.80
C12 LMT XK . 18.67 -0.68 -19.77
MG CLA YK . -17.51 36.18 4.92
CHA CLA YK . -20.43 37.48 3.52
CHB CLA YK . -15.84 38.87 3.57
CHC CLA YK . -14.72 35.00 6.44
CHD CLA YK . -19.33 33.43 6.20
NA CLA YK . -18.05 37.98 3.71
C1A CLA YK . -19.20 38.31 3.25
C2A CLA YK . -19.21 39.55 2.39
C3A CLA YK . -17.75 39.93 2.40
C4A CLA YK . -17.16 38.87 3.29
CMA CLA YK . -17.18 40.17 1.02
CAA CLA YK . -19.93 40.73 3.04
CBA CLA YK . -19.74 40.77 4.54
CGA CLA YK . -19.85 42.19 5.03
O1A CLA YK . -20.47 43.06 4.46
O2A CLA YK . -19.30 42.64 6.14
NB CLA YK . -15.57 36.86 5.00
C1B CLA YK . -15.05 37.93 4.39
C2B CLA YK . -13.60 38.09 4.65
C3B CLA YK . -13.30 36.94 5.48
C4B CLA YK . -14.58 36.23 5.66
CMB CLA YK . -12.67 39.15 4.17
CAB CLA YK . -12.00 36.55 6.06
CBB CLA YK . -11.76 36.72 7.34
NC CLA YK . -17.10 34.50 6.16
C1C CLA YK . -15.91 34.16 6.64
C2C CLA YK . -15.83 32.89 7.39
C3C CLA YK . -17.21 32.44 7.31
C4C CLA YK . -17.91 33.49 6.54
CMC CLA YK . -14.64 32.24 8.05
CAC CLA YK . -17.82 31.18 7.88
CBC CLA YK . -17.41 30.02 7.00
ND CLA YK . -19.37 35.50 4.94
C1D CLA YK . -20.04 34.46 5.44
C2D CLA YK . -21.50 34.47 5.16
C3D CLA YK . -21.59 35.70 4.38
C4D CLA YK . -20.37 36.23 4.29
CMD CLA YK . -22.71 33.64 5.44
CAD CLA YK . -22.59 36.52 3.69
OBD CLA YK . -23.86 36.37 3.77
CBD CLA YK . -21.89 37.72 3.15
CGD CLA YK . -22.14 37.83 1.68
O1D CLA YK . -21.68 37.03 0.91
O2D CLA YK . -22.97 38.91 1.16
CED CLA YK . -24.15 38.62 0.43
C1 CLA YK . -18.44 43.99 6.13
C2 CLA YK . -18.70 45.09 7.13
C3 CLA YK . -18.11 46.28 6.99
C4 CLA YK . -18.39 47.36 8.00
C5 CLA YK . -17.15 46.54 5.85
C1 BCR ZK . -6.71 38.75 -9.66
C2 BCR ZK . -7.71 38.40 -10.74
C3 BCR ZK . -9.05 38.08 -10.13
C4 BCR ZK . -9.68 39.28 -9.48
C5 BCR ZK . -8.63 40.05 -8.72
C6 BCR ZK . -7.37 39.64 -8.62
C7 BCR ZK . -6.59 40.11 -7.43
C8 BCR ZK . -6.60 39.50 -6.25
C9 BCR ZK . -5.91 40.01 -5.31
C10 BCR ZK . -5.12 39.30 -4.67
C11 BCR ZK . -4.88 38.81 -3.63
C33 BCR ZK . -9.07 41.34 -8.09
C31 BCR ZK . -5.52 39.47 -10.26
C32 BCR ZK . -6.19 37.46 -9.05
C34 BCR ZK . -6.06 41.46 -4.98
C12 BCR ZK . -4.59 38.23 -2.56
C13 BCR ZK . -4.14 38.16 -1.16
C14 BCR ZK . -3.87 36.96 -0.63
C15 BCR ZK . -3.42 36.89 0.76
C16 BCR ZK . -2.97 36.32 1.86
C17 BCR ZK . -2.64 35.59 2.76
C18 BCR ZK . -2.02 35.36 3.91
C19 BCR ZK . -1.98 34.08 4.64
C20 BCR ZK . -1.96 33.50 5.83
C21 BCR ZK . -2.02 33.40 7.04
C22 BCR ZK . -1.93 32.83 8.24
C23 BCR ZK . -2.33 33.56 9.46
C24 BCR ZK . -2.50 32.90 10.63
C25 BCR ZK . -2.90 33.49 11.94
C26 BCR ZK . -4.20 33.51 12.29
C27 BCR ZK . -4.67 33.53 13.73
C28 BCR ZK . -3.68 34.21 14.66
C29 BCR ZK . -2.53 34.91 13.94
C30 BCR ZK . -1.86 34.01 12.92
C35 BCR ZK . -3.98 39.40 -0.35
C36 BCR ZK . -1.32 36.51 4.55
C37 BCR ZK . -1.39 31.44 8.36
C38 BCR ZK . -5.30 33.49 11.28
C39 BCR ZK . -1.21 32.82 13.63
C40 BCR ZK . -0.77 34.83 12.26
C1B LMT AL . -25.52 35.04 -2.18
C2B LMT AL . -25.44 35.98 -3.40
C3B LMT AL . -25.88 37.41 -3.02
C4B LMT AL . -27.28 37.36 -2.39
C5B LMT AL . -27.20 36.43 -1.18
C6B LMT AL . -28.56 36.34 -0.51
O1B LMT AL . -24.48 35.32 -1.31
O2B LMT AL . -24.13 35.98 -3.83
O3B LMT AL . -25.81 38.25 -4.08
O4' LMT AL . -27.66 38.62 -1.97
O5B LMT AL . -26.77 35.13 -1.53
O6B LMT AL . -29.00 37.61 -0.22
C1' LMT AL . -21.29 33.35 0.49
C2' LMT AL . -21.35 33.25 -1.05
C3' LMT AL . -22.28 34.37 -1.57
C4' LMT AL . -23.66 34.22 -0.94
C5' LMT AL . -23.43 34.29 0.58
C6' LMT AL . -24.70 34.30 1.38
O1' LMT AL . -20.56 32.32 0.99
O2' LMT AL . -20.10 33.42 -1.56
O3' LMT AL . -22.38 34.32 -2.93
O5' LMT AL . -22.60 33.22 1.01
O6' LMT AL . -25.15 35.57 1.32
C1 LMT AL . -20.02 32.52 2.26
C2 LMT AL . -19.75 31.15 2.77
C3 LMT AL . -18.33 30.77 3.01
C4 LMT AL . -18.24 29.28 2.95
C5 LMT AL . -16.92 28.83 3.47
C6 LMT AL . -16.18 27.98 2.48
C7 LMT AL . -15.19 27.14 3.22
C8 LMT AL . -14.25 26.53 2.24
C9 LMT AL . -13.35 27.50 1.59
C10 LMT AL . -12.15 26.75 1.09
C11 LMT AL . -11.22 27.65 0.34
C12 LMT AL . -10.07 26.90 -0.22
FE1 FES BL . -14.55 35.17 -68.20
FE2 FES BL . -13.63 35.00 -70.72
S1 FES BL . -15.65 35.58 -70.06
S2 FES BL . -12.47 34.92 -68.85
MG CL0 CL . -17.98 19.62 52.49
CHA CL0 CL . -19.05 22.50 50.76
CHB CL0 CL . -20.69 18.04 51.21
CHC CL0 CL . -16.86 16.84 54.05
CHD CL0 CL . -15.24 21.42 53.74
NA CL0 CL . -19.67 20.17 51.14
C1A CL0 CL . -19.94 21.31 50.62
C2A CL0 CL . -21.25 21.37 49.90
C3A CL0 CL . -21.74 20.01 50.20
C4A CL0 CL . -20.63 19.33 50.88
CMA CL0 CL . -22.80 20.33 51.21
CAA CL0 CL . -21.06 21.37 48.39
CBA CL0 CL . -22.28 20.92 47.59
CGA CL0 CL . -21.94 20.91 46.13
O1A CL0 CL . -22.57 20.36 45.27
O2A CL0 CL . -20.93 21.56 45.62
NB CL0 CL . -18.69 17.71 52.61
C1B CL0 CL . -19.75 17.20 51.98
C2B CL0 CL . -19.91 15.74 52.19
C3B CL0 CL . -18.77 15.43 53.04
C4B CL0 CL . -18.08 16.71 53.25
CMB CL0 CL . -20.97 14.86 51.62
CAB CL0 CL . -18.29 14.16 53.63
CBB CL0 CL . -19.07 13.13 53.89
NC CL0 CL . -16.27 19.18 53.66
C1C CL0 CL . -16.02 18.02 54.26
C2C CL0 CL . -14.83 17.99 55.14
C3C CL0 CL . -14.34 19.36 55.01
C4C CL0 CL . -15.30 20.00 54.10
CMC CL0 CL . -14.29 16.83 55.93
CAC CL0 CL . -13.15 20.03 55.65
CBC CL0 CL . -13.54 20.87 56.83
ND CL0 CL . -17.21 21.45 52.35
C1D CL0 CL . -16.20 22.09 52.88
C2D CL0 CL . -16.12 23.52 52.56
C3D CL0 CL . -17.31 23.64 51.70
C4D CL0 CL . -17.86 22.44 51.62
CMD CL0 CL . -15.21 24.62 52.91
CAD CL0 CL . -18.08 24.62 50.89
OBD CL0 CL . -17.79 25.84 50.72
CBD CL0 CL . -19.13 23.88 50.16
CGD CL0 CL . -18.80 23.87 48.69
O1D CL0 CL . -17.82 23.31 48.26
O2D CL0 CL . -19.64 24.54 47.72
CED CL0 CL . -19.31 24.40 46.35
C1 CL0 CL . -20.25 21.15 44.25
C2 CL0 CL . -18.79 20.80 44.24
C3 CL0 CL . -17.88 21.63 43.72
C4 CL0 CL . -18.30 22.95 43.13
C5 CL0 CL . -16.43 21.26 43.72
C6 CL0 CL . -15.70 22.22 44.64
C7 CL0 CL . -14.35 21.69 45.09
C8 CL0 CL . -13.52 21.11 43.97
C9 CL0 CL . -12.58 20.05 44.50
C10 CL0 CL . -12.76 22.22 43.27
C11 CL0 CL . -12.96 22.16 41.77
C12 CL0 CL . -11.72 22.58 41.01
C13 CL0 CL . -11.88 22.71 39.50
C14 CL0 CL . -11.22 23.99 39.01
C15 CL0 CL . -13.33 22.72 39.07
C16 CL0 CL . -13.56 21.74 37.94
C17 CL0 CL . -14.98 21.23 37.94
C18 CL0 CL . -16.02 22.30 37.73
C19 CL0 CL . -16.72 22.10 36.40
C20 CL0 CL . -17.03 22.24 38.87
MG CLA DL . -19.44 18.22 40.26
CHA CLA DL . -17.65 16.96 42.91
CHB CLA DL . -16.51 18.01 38.44
CHC CLA DL . -21.20 19.24 37.56
CHD CLA DL . -22.30 18.55 42.26
NA CLA DL . -17.33 17.57 40.60
C1A CLA DL . -16.83 17.17 41.69
C2A CLA DL . -15.35 16.95 41.65
C3A CLA DL . -15.03 17.38 40.25
C4A CLA DL . -16.37 17.68 39.72
CMA CLA DL . -14.03 18.51 40.21
CAA CLA DL . -15.06 15.46 41.62
CBA CLA DL . -13.69 15.11 42.18
CGA CLA DL . -12.76 14.81 41.04
O1A CLA DL . -13.06 14.77 39.87
O2A CLA DL . -11.47 14.62 41.19
NB CLA DL . -18.92 18.57 38.30
C1B CLA DL . -17.73 18.39 37.73
C2B CLA DL . -17.73 18.61 36.28
C3B CLA DL . -19.11 18.98 36.07
C4B CLA DL . -19.79 18.94 37.36
CMB CLA DL . -16.61 18.51 35.30
CAB CLA DL . -19.75 19.32 34.81
CBB CLA DL . -19.75 18.51 33.80
NC CLA DL . -21.46 18.78 39.94
C1C CLA DL . -21.97 19.26 38.81
C2C CLA DL . -23.35 19.80 38.89
C3C CLA DL . -23.64 19.59 40.29
C4C CLA DL . -22.42 18.97 40.84
CMC CLA DL . -24.19 20.40 37.81
CAC CLA DL . -24.88 19.93 41.06
CBC CLA DL . -24.74 21.32 41.65
ND CLA DL . -19.98 17.97 42.15
C1D CLA DL . -21.11 17.94 42.83
C2D CLA DL . -21.03 17.27 44.15
C3D CLA DL . -19.59 16.90 44.12
C4D CLA DL . -19.07 17.33 42.97
CMD CLA DL . -21.97 16.94 45.26
CAD CLA DL . -18.56 16.20 44.90
OBD CLA DL . -18.79 15.12 45.53
CBD CLA DL . -17.25 16.37 44.24
CGD CLA DL . -16.35 17.25 45.02
O1D CLA DL . -16.63 18.39 45.27
O2D CLA DL . -15.13 16.73 45.55
CED CLA DL . -14.73 17.20 46.81
C1 CLA DL . -10.54 14.20 39.97
C2 CLA DL . -10.60 12.81 39.42
C3 CLA DL . -9.54 12.02 39.42
C4 CLA DL . -8.23 12.48 39.97
C5 CLA DL . -9.68 10.64 38.84
C6 CLA DL . -9.38 10.77 37.36
C7 CLA DL . -10.02 9.64 36.58
C8 CLA DL . -10.03 10.00 35.10
C9 CLA DL . -10.91 11.21 34.87
C10 CLA DL . -10.52 8.84 34.28
C11 CLA DL . -9.74 7.58 34.58
C12 CLA DL . -9.81 6.64 33.40
C13 CLA DL . -9.10 5.36 33.78
C14 CLA DL . -7.60 5.59 33.76
C15 CLA DL . -9.49 4.29 32.80
C16 CLA DL . -8.81 2.99 33.16
C17 CLA DL . -9.74 1.83 32.90
C18 CLA DL . -9.03 0.66 32.26
C19 CLA DL . -7.72 0.36 32.99
C20 CLA DL . -9.94 -0.56 32.27
MG CLA EL . -34.48 9.99 54.19
CHA CLA EL . -37.23 8.18 55.41
CHB CLA EL . -34.67 11.93 56.97
CHC CLA EL . -31.67 11.56 53.13
CHD CLA EL . -34.54 8.06 51.30
NA CLA EL . -35.77 10.07 55.99
C1A CLA EL . -36.78 9.35 56.27
C2A CLA EL . -37.49 9.82 57.50
C3A CLA EL . -36.70 11.05 57.86
C4A CLA EL . -35.63 11.01 56.88
CMA CLA EL . -37.52 12.32 57.91
CAA CLA EL . -37.35 8.76 58.62
CBA CLA EL . -36.19 8.82 59.62
CGA CLA EL . -36.65 9.64 60.80
O1A CLA EL . -37.80 9.73 61.10
O2A CLA EL . -35.92 10.43 61.52
NB CLA EL . -33.33 11.51 54.97
C1B CLA EL . -33.54 12.17 56.10
C2B CLA EL . -32.55 13.20 56.42
C3B CLA EL . -31.67 13.09 55.28
C4B CLA EL . -32.23 12.01 54.41
CMB CLA EL . -32.58 14.06 57.65
CAB CLA EL . -30.43 13.85 54.97
CBB CLA EL . -29.65 14.35 55.89
NC CLA EL . -33.24 9.78 52.49
C1C CLA EL . -32.18 10.53 52.21
C2C CLA EL . -31.55 10.23 50.91
C3C CLA EL . -32.39 9.16 50.40
C4C CLA EL . -33.40 8.98 51.44
CMC CLA EL . -30.35 10.85 50.28
CAC CLA EL . -32.30 8.41 49.11
CBC CLA EL . -33.31 8.94 48.13
ND CLA EL . -35.52 8.47 53.43
C1D CLA EL . -35.54 7.80 52.30
C2D CLA EL . -36.63 6.84 52.12
C3D CLA EL . -37.29 7.02 53.41
C4D CLA EL . -36.61 7.95 54.10
CMD CLA EL . -37.04 5.91 51.02
CAD CLA EL . -38.45 6.55 54.21
OBD CLA EL . -39.16 5.52 53.93
CBD CLA EL . -38.26 7.08 55.59
CGD CLA EL . -39.55 7.53 56.20
O1D CLA EL . -40.27 8.33 55.67
O2D CLA EL . -39.95 7.06 57.51
CED CLA EL . -41.28 7.34 57.95
C1 CLA EL . -36.53 11.78 62.11
C2 CLA EL . -36.83 12.99 61.27
C3 CLA EL . -35.85 13.81 60.88
C4 CLA EL . -34.42 13.53 61.24
C5 CLA EL . -36.18 15.01 60.02
C6 CLA EL . -35.53 16.26 60.59
C7 CLA EL . -36.47 17.00 61.53
C8 CLA EL . -36.27 18.50 61.43
C9 CLA EL . -34.80 18.84 61.61
C10 CLA EL . -37.16 19.19 62.46
C11 CLA EL . -36.77 20.65 62.69
C12 CLA EL . -37.27 21.56 61.58
C13 CLA EL . -37.14 23.04 61.94
C14 CLA EL . -37.53 23.92 60.76
C15 CLA EL . -35.71 23.34 62.38
MG CLA FL . -50.03 30.53 54.07
CHA CLA FL . -50.27 27.18 55.10
CHB CLA FL . -46.67 30.33 54.80
CHC CLA FL . -49.79 33.70 52.97
CHD CLA FL . -53.51 30.53 53.30
NA CLA FL . -48.61 28.96 54.84
C1A CLA FL . -48.89 27.77 55.18
C2A CLA FL . -47.68 26.99 55.66
C3A CLA FL . -46.58 28.03 55.59
C4A CLA FL . -47.33 29.19 55.04
CMA CLA FL . -45.65 28.24 56.77
CAA CLA FL . -47.35 25.94 54.61
CBA CLA FL . -46.18 25.06 55.04
CGA CLA FL . -46.65 23.99 55.98
O1A CLA FL . -46.58 24.07 57.20
O2A CLA FL . -47.20 22.85 55.60
NB CLA FL . -48.43 31.83 53.90
C1B CLA FL . -47.16 31.61 54.26
C2B CLA FL . -46.28 32.79 54.06
C3B CLA FL . -47.23 33.78 53.53
C4B CLA FL . -48.54 33.09 53.45
CMB CLA FL . -44.80 32.95 54.34
CAB CLA FL . -46.92 35.17 53.11
CBB CLA FL . -47.52 36.23 53.63
NC CLA FL . -51.42 31.88 53.21
C1C CLA FL . -51.15 33.14 52.87
C2C CLA FL . -52.29 33.95 52.39
C3C CLA FL . -53.38 32.99 52.47
C4C CLA FL . -52.74 31.76 52.98
CMC CLA FL . -52.30 35.39 51.94
CAC CLA FL . -54.83 33.20 52.11
CBC CLA FL . -55.60 33.62 53.34
ND CLA FL . -51.59 29.28 54.13
C1D CLA FL . -52.89 29.30 53.82
C2D CLA FL . -53.62 28.03 54.07
C3D CLA FL . -52.51 27.23 54.59
C4D CLA FL . -51.40 27.98 54.59
CMD CLA FL . -55.00 27.47 53.94
CAD CLA FL . -52.25 25.87 55.09
OBD CLA FL . -53.12 24.95 55.23
CBD CLA FL . -50.80 25.80 55.47
CGD CLA FL . -50.70 25.43 56.93
O1D CLA FL . -51.24 24.42 57.33
O2D CLA FL . -49.97 26.23 57.89
CED CLA FL . -49.11 25.55 58.79
MG CLA GL . -48.21 37.83 48.14
CHA CLA GL . -51.57 37.68 47.24
CHB CLA GL . -48.20 41.08 46.99
CHC CLA GL . -44.94 37.98 49.01
CHD CLA GL . -48.35 34.46 49.24
NA CLA GL . -49.68 39.24 47.23
C1A CLA GL . -50.91 39.01 46.97
C2A CLA GL . -51.65 40.19 46.39
C3A CLA GL . -50.53 41.22 46.29
C4A CLA GL . -49.40 40.47 46.88
CMA CLA GL . -50.29 41.94 44.96
CAA CLA GL . -52.63 40.67 47.46
CBA CLA GL . -52.91 42.16 47.47
CGA CLA GL . -53.11 42.67 48.88
O1A CLA GL . -54.06 42.41 49.59
O2A CLA GL . -52.25 43.49 49.46
NB CLA GL . -46.79 39.31 48.01
C1B CLA GL . -46.94 40.56 47.53
C2B CLA GL . -45.73 41.40 47.58
C3B CLA GL . -44.76 40.48 48.18
C4B CLA GL . -45.51 39.21 48.41
CMB CLA GL . -45.62 42.83 47.12
CAB CLA GL . -43.32 40.67 48.52
CBB CLA GL . -42.53 41.51 47.90
NC CLA GL . -46.88 36.46 49.11
C1C CLA GL . -45.57 36.68 49.31
C2C CLA GL . -44.82 35.53 49.86
C3C CLA GL . -45.86 34.52 49.97
C4C CLA GL . -47.08 35.19 49.48
CMC CLA GL . -43.36 35.41 50.21
CAC CLA GL . -45.74 33.09 50.47
CBC CLA GL . -45.54 32.10 49.34
ND CLA GL . -49.52 36.32 48.26
C1D CLA GL . -49.56 35.06 48.70
C2D CLA GL . -50.89 34.39 48.60
C3D CLA GL . -51.66 35.50 47.99
C4D CLA GL . -50.84 36.55 47.85
CMD CLA GL . -51.53 33.06 48.91
CAD CLA GL . -53.01 35.82 47.52
OBD CLA GL . -54.09 35.20 47.85
CBD CLA GL . -52.98 37.20 46.93
CGD CLA GL . -53.19 37.10 45.44
O1D CLA GL . -52.93 36.07 44.85
O2D CLA GL . -53.70 38.21 44.68
CED CLA GL . -54.58 37.98 43.59
C1 CLA GL . -52.09 43.52 51.05
C2 CLA GL . -53.00 44.29 51.97
C3 CLA GL . -52.50 45.17 52.85
C4 CLA GL . -51.02 45.41 52.92
C5 CLA GL . -53.43 45.94 53.76
MG CLA HL . -42.75 42.20 38.53
CHA CLA HL . -39.96 44.08 37.57
CHB CLA HL . -41.88 42.87 41.77
CHC CLA HL . -45.53 40.57 39.48
CHD CLA HL . -43.51 41.59 35.15
NA CLA HL . -41.16 43.34 39.56
C1A CLA HL . -40.19 43.97 39.04
C2A CLA HL . -39.30 44.63 40.04
C3A CLA HL . -39.89 44.12 41.30
C4A CLA HL . -41.09 43.42 40.86
CMA CLA HL . -38.96 43.15 41.98
CAA CLA HL . -39.70 46.11 39.99
CBA CLA HL . -38.59 47.07 40.35
CGA CLA HL . -38.56 47.16 41.85
O1A CLA HL . -39.42 47.71 42.51
O2A CLA HL . -37.66 46.56 42.60
NB CLA HL . -43.58 41.81 40.37
C1B CLA HL . -43.09 42.08 41.58
C2B CLA HL . -43.87 41.54 42.71
C3B CLA HL . -44.95 40.86 42.00
C4B CLA HL . -44.68 41.07 40.56
CMB CLA HL . -43.57 41.70 44.17
CAB CLA HL . -46.12 40.08 42.49
CBB CLA HL . -46.63 40.19 43.69
NC CLA HL . -44.28 41.20 37.47
C1C CLA HL . -45.27 40.52 38.04
C2C CLA HL . -46.07 39.69 37.15
C3C CLA HL . -45.45 39.96 35.87
C4C CLA HL . -44.34 40.91 36.17
CMC CLA HL . -47.24 38.82 37.48
CAC CLA HL . -45.82 39.37 34.54
CBC CLA HL . -44.79 38.34 34.18
ND CLA HL . -42.02 42.63 36.72
C1D CLA HL . -42.35 42.42 35.46
C2D CLA HL . -41.44 43.08 34.46
C3D CLA HL . -40.51 43.72 35.38
C4D CLA HL . -40.89 43.44 36.63
CMD CLA HL . -41.30 43.24 32.99
CAD CLA HL . -39.31 44.58 35.39
OBD CLA HL . -38.64 44.94 34.36
CBD CLA HL . -38.86 44.78 36.80
CGD CLA HL . -37.51 44.15 37.02
O1D CLA HL . -36.84 44.41 37.99
O2D CLA HL . -36.93 43.20 36.09
CED CLA HL . -35.90 42.36 36.57
C1 CLA HL . -36.09 46.71 42.36
C2 CLA HL . -35.38 47.86 43.02
C3 CLA HL . -34.59 48.70 42.36
C4 CLA HL . -34.35 48.51 40.89
C5 CLA HL . -33.92 49.85 43.09
C6 CLA HL . -34.54 50.00 44.47
C7 CLA HL . -34.41 51.42 45.01
C8 CLA HL . -34.88 51.46 46.45
C9 CLA HL . -36.32 50.99 46.56
C10 CLA HL . -34.79 52.88 47.00
C11 CLA HL . -33.42 53.53 46.83
C12 CLA HL . -33.52 54.98 47.28
C13 CLA HL . -32.62 55.86 46.41
C14 CLA HL . -31.39 56.30 47.18
C15 CLA HL . -33.39 57.05 45.84
C16 CLA HL . -34.36 57.70 46.83
C17 CLA HL . -35.57 58.26 46.07
C18 CLA HL . -35.59 59.78 46.05
C19 CLA HL . -34.78 60.33 44.88
C20 CLA HL . -37.01 60.30 45.99
MG CLA IL . -37.01 41.04 46.09
CHA CLA IL . -39.72 38.88 46.55
CHB CLA IL . -37.10 40.23 42.78
CHC CLA IL . -34.52 43.28 45.64
CHD CLA IL . -37.06 41.79 49.54
NA CLA IL . -38.25 39.74 44.79
C1A CLA IL . -39.21 38.99 45.15
C2A CLA IL . -39.79 38.19 44.02
C3A CLA IL . -38.89 38.59 42.89
C4A CLA IL . -38.04 39.60 43.51
CMA CLA IL . -38.10 37.42 42.31
CAA CLA IL . -41.14 38.82 43.71
CBA CLA IL . -41.76 38.25 42.46
CGA CLA IL . -42.36 36.90 42.72
O1A CLA IL . -43.14 36.66 43.60
O2A CLA IL . -42.12 35.82 42.00
NB CLA IL . -35.98 41.67 44.42
C1B CLA IL . -36.11 41.23 43.18
C2B CLA IL . -35.17 41.86 42.23
C3B CLA IL . -34.41 42.75 43.11
C4B CLA IL . -34.99 42.57 44.45
CMB CLA IL . -35.05 41.61 40.75
CAB CLA IL . -33.30 43.70 42.84
CBB CLA IL . -33.20 44.38 41.74
NC CLA IL . -36.00 42.38 47.37
C1C CLA IL . -34.95 43.13 47.03
C2C CLA IL . -34.24 43.79 48.14
C3C CLA IL . -35.04 43.33 49.27
C4C CLA IL . -36.07 42.48 48.69
CMC CLA IL . -33.04 44.67 48.11
CAC CLA IL . -34.88 43.59 50.72
CBC CLA IL . -33.96 42.53 51.25
ND CLA IL . -38.06 40.57 47.73
C1D CLA IL . -38.02 40.84 49.03
C2D CLA IL . -39.00 40.09 49.87
C3D CLA IL . -39.65 39.32 48.80
C4D CLA IL . -39.08 39.64 47.64
CMD CLA IL . -39.41 39.97 51.30
CAD CLA IL . -40.72 38.34 48.62
OBD CLA IL . -41.62 38.08 49.49
CBD CLA IL . -40.85 38.08 47.16
CGD CLA IL . -40.71 36.60 46.94
O1D CLA IL . -41.67 35.93 46.71
O2D CLA IL . -39.40 35.96 46.98
CED CLA IL . -39.24 34.73 46.29
C1 CLA IL . -41.57 34.48 42.67
C2 CLA IL . -40.11 34.13 42.69
C3 CLA IL . -39.68 32.92 42.34
C4 CLA IL . -40.66 31.88 41.89
C5 CLA IL . -38.21 32.59 42.35
C6 CLA IL . -37.62 32.71 43.75
C7 CLA IL . -36.46 33.70 43.73
C8 CLA IL . -35.22 33.13 44.42
C9 CLA IL . -35.44 33.03 45.93
C10 CLA IL . -33.94 33.93 44.13
C11 CLA IL . -34.14 35.18 43.29
C12 CLA IL . -33.23 36.33 43.71
C13 CLA IL . -34.07 37.55 44.07
C14 CLA IL . -33.21 38.80 44.07
C15 CLA IL . -34.75 37.25 45.40
C16 CLA IL . -34.83 38.40 46.39
C17 CLA IL . -34.51 37.91 47.80
C18 CLA IL . -35.76 37.80 48.67
C19 CLA IL . -36.47 36.46 48.51
C20 CLA IL . -35.42 38.01 50.13
MG CLA JL . -35.13 45.30 63.43
CHA CLA JL . -34.19 44.41 66.67
CHB CLA JL . -33.89 42.25 62.41
CHC CLA JL . -36.16 46.09 60.33
CHD CLA JL . -36.36 48.40 64.64
NA CLA JL . -34.17 43.53 64.40
C1A CLA JL . -33.89 43.37 65.63
C2A CLA JL . -33.24 42.05 65.95
C3A CLA JL . -33.11 41.44 64.58
C4A CLA JL . -33.77 42.46 63.74
CMA CLA JL . -31.72 40.99 64.18
CAA CLA JL . -34.15 41.11 66.72
CBA CLA JL . -35.63 41.31 66.43
CGA CLA JL . -36.47 40.32 67.19
O1A CLA JL . -36.04 39.59 68.06
O2A CLA JL . -37.76 40.13 67.03
NB CLA JL . -35.03 44.30 61.64
C1B CLA JL . -34.49 43.11 61.39
C2B CLA JL . -34.54 42.70 59.95
C3B CLA JL . -35.21 43.87 59.36
C4B CLA JL . -35.48 44.80 60.48
CMB CLA JL . -34.02 41.43 59.34
CAB CLA JL . -35.61 44.19 57.98
CBB CLA JL . -34.99 43.72 56.91
NC CLA JL . -36.13 46.99 62.62
C1C CLA JL . -36.46 47.14 61.33
C2C CLA JL . -37.14 48.40 60.98
C3C CLA JL . -37.20 49.06 62.27
C4C CLA JL . -36.55 48.12 63.21
CMC CLA JL . -37.65 48.86 59.63
CAC CLA JL . -37.80 50.41 62.62
CBC CLA JL . -36.94 51.53 62.09
ND CLA JL . -35.31 46.29 65.17
C1D CLA JL . -35.78 47.46 65.59
C2D CLA JL . -35.64 47.68 67.07
C3D CLA JL . -34.99 46.42 67.43
C4D CLA JL . -34.84 45.70 66.32
CMD CLA JL . -35.95 48.73 68.10
CAD CLA JL . -34.48 45.71 68.61
OBD CLA JL . -34.24 46.25 69.75
CBD CLA JL . -33.94 44.39 68.16
CGD CLA JL . -32.48 44.30 68.47
O1D CLA JL . -31.64 44.55 67.63
O2D CLA JL . -32.04 43.90 69.79
CED CLA JL . -30.85 44.44 70.33
MG CLA KL . -27.53 38.29 60.73
CHA CLA KL . -26.65 41.08 58.81
CHB CLA KL . -30.71 39.61 60.92
CHC CLA KL . -28.42 35.51 62.40
CHD CLA KL . -24.22 37.07 60.46
NA CLA KL . -28.59 40.10 59.97
C1A CLA KL . -28.10 41.06 59.27
C2A CLA KL . -29.08 42.11 58.92
C3A CLA KL . -30.29 41.66 59.67
C4A CLA KL . -29.85 40.37 60.22
CMA CLA KL . -30.82 42.70 60.65
CAA CLA KL . -29.39 41.87 57.43
CBA CLA KL . -30.85 41.81 56.99
CGA CLA KL . -31.20 40.55 56.27
O1A CLA KL . -30.81 39.44 56.56
O2A CLA KL . -32.00 40.50 55.23
NB CLA KL . -29.33 37.66 61.53
C1B CLA KL . -30.49 38.31 61.57
C2B CLA KL . -31.57 37.59 62.30
C3B CLA KL . -30.84 36.38 62.73
C4B CLA KL . -29.48 36.52 62.21
CMB CLA KL . -32.99 38.04 62.51
CAB CLA KL . -31.27 35.20 63.51
CBB CLA KL . -32.33 35.15 64.28
NC CLA KL . -26.48 36.55 61.33
C1C CLA KL . -26.99 35.55 62.04
C2C CLA KL . -26.05 34.49 62.44
C3C CLA KL . -24.81 34.97 61.86
C4C CLA KL . -25.19 36.24 61.21
CMC CLA KL . -26.31 33.23 63.23
CAC CLA KL . -23.44 34.34 61.91
CBC CLA KL . -22.65 34.95 63.04
ND CLA KL . -25.80 38.81 59.90
C1D CLA KL . -24.56 38.34 59.81
C2D CLA KL . -23.60 39.18 59.04
C3D CLA KL . -24.52 40.27 58.68
C4D CLA KL . -25.73 40.00 59.19
CMD CLA KL . -22.16 39.16 58.64
CAD CLA KL . -24.52 41.54 57.95
OBD CLA KL . -23.56 41.97 57.20
CBD CLA KL . -25.91 42.06 57.92
CGD CLA KL . -25.92 43.50 58.35
O1D CLA KL . -25.54 44.35 57.56
O2D CLA KL . -26.36 43.94 59.65
CED CLA KL . -27.08 45.16 59.74
C1 CLA KL . -33.19 39.44 55.24
C2 CLA KL . -34.40 39.63 54.36
C3 CLA KL . -35.63 39.46 54.83
C4 CLA KL . -35.87 39.06 56.25
C5 CLA KL . -36.79 39.67 53.91
C6 CLA KL . -37.82 40.52 54.62
C7 CLA KL . -37.41 41.99 54.60
C8 CLA KL . -38.40 42.81 55.40
C9 CLA KL . -38.62 42.24 56.80
C10 CLA KL . -39.71 42.87 54.64
C11 CLA KL . -40.69 43.81 55.33
C12 CLA KL . -42.03 43.13 55.54
C13 CLA KL . -43.15 44.16 55.58
C14 CLA KL . -43.01 45.07 56.79
C15 CLA KL . -44.49 43.45 55.60
MG CLA LL . -30.95 32.59 68.42
CHA CLA LL . -31.42 36.00 67.81
CHB CLA LL . -33.93 32.64 70.13
CHC CLA LL . -30.52 29.28 68.92
CHD CLA LL . -27.91 32.70 66.62
NA CLA LL . -32.51 34.11 68.91
C1A CLA LL . -32.52 35.35 68.60
C2A CLA LL . -33.72 36.11 69.13
C3A CLA LL . -34.46 35.01 69.87
C4A CLA LL . -33.59 33.84 69.62
CMA CLA LL . -34.87 35.34 71.27
CAA CLA LL . -34.66 36.65 68.06
CBA CLA LL . -34.80 35.79 66.83
CGA CLA LL . -35.19 36.69 65.69
O1A CLA LL . -34.63 37.74 65.44
O2A CLA LL . -36.18 36.47 64.86
NB CLA LL . -32.08 31.18 69.39
C1B CLA LL . -33.23 31.34 70.04
C2B CLA LL . -33.75 30.11 70.67
C3B CLA LL . -32.72 29.14 70.30
C4B CLA LL . -31.73 29.89 69.51
CMB CLA LL . -35.03 29.94 71.48
CAB CLA LL . -32.61 27.70 70.60
CBB CLA LL . -32.80 27.23 71.81
NC CLA LL . -29.46 31.19 67.82
C1C CLA LL . -29.46 29.89 68.11
C2C CLA LL . -28.32 29.12 67.57
C3C CLA LL . -27.59 30.15 66.86
C4C CLA LL . -28.36 31.37 67.08
CMC CLA LL . -28.02 27.65 67.70
CAC CLA LL . -26.32 30.03 66.05
CBC CLA LL . -26.66 29.78 64.60
ND CLA LL . -29.85 33.90 67.39
C1D CLA LL . -28.67 33.93 66.79
C2D CLA LL . -28.21 35.27 66.34
C3D CLA LL . -29.37 36.06 66.77
C4D CLA LL . -30.25 35.24 67.35
CMD CLA LL . -27.03 35.88 65.66
CAD CLA LL . -29.86 37.45 66.78
OBD CLA LL . -29.36 38.42 66.12
CBD CLA LL . -31.22 37.45 67.40
CGD CLA LL . -31.20 38.32 68.62
O1D CLA LL . -30.61 37.98 69.62
O2D CLA LL . -31.91 39.58 68.63
CED CLA LL . -31.22 40.78 68.96
MG CLA ML . -48.66 58.65 40.65
CHA CLA ML . -51.42 60.19 39.24
CHB CLA ML . -47.87 57.56 37.49
CHC CLA ML . -45.87 57.30 42.00
CHD CLA ML . -49.67 59.74 43.88
NA CLA ML . -49.49 58.85 38.60
C1A CLA ML . -50.55 59.47 38.25
C2A CLA ML . -50.90 59.35 36.79
C3A CLA ML . -49.79 58.48 36.30
C4A CLA ML . -48.98 58.28 37.53
CMA CLA ML . -50.36 57.26 35.59
CAA CLA ML . -50.76 60.66 36.01
CBA CLA ML . -49.60 61.52 36.49
CGA CLA ML . -49.24 62.48 35.38
O1A CLA ML . -48.55 63.48 35.52
O2A CLA ML . -49.63 62.33 34.13
NB CLA ML . -47.09 57.59 39.84
C1B CLA ML . -46.93 57.21 38.58
C2B CLA ML . -45.70 56.41 38.33
C3B CLA ML . -45.13 56.35 39.69
C4B CLA ML . -46.07 57.11 40.55
CMB CLA ML . -45.24 55.85 37.02
CAB CLA ML . -43.91 55.71 40.22
CBB CLA ML . -43.40 54.62 39.72
NC CLA ML . -47.86 58.57 42.63
C1C CLA ML . -46.73 57.98 42.98
C2C CLA ML . -46.38 58.05 44.41
C3C CLA ML . -47.51 58.80 44.96
C4C CLA ML . -48.36 59.06 43.77
CMC CLA ML . -45.16 57.50 45.11
CAC CLA ML . -47.75 59.23 46.39
CBC CLA ML . -48.56 58.23 47.17
ND CLA ML . -50.12 59.71 41.50
C1D CLA ML . -50.49 60.11 42.72
C2D CLA ML . -51.77 60.88 42.77
C3D CLA ML . -52.09 60.88 41.33
C4D CLA ML . -51.11 60.22 40.68
CMD CLA ML . -52.64 61.54 43.79
CAD CLA ML . -53.10 61.36 40.37
OBD CLA ML . -54.24 61.85 40.70
CBD CLA ML . -52.75 60.84 39.02
CGD CLA ML . -53.65 59.70 38.70
O1D CLA ML . -53.93 58.91 39.59
O2D CLA ML . -54.12 59.46 37.36
CED CLA ML . -54.68 60.51 36.58
MG CLA NL . -55.32 45.18 47.88
CHA CLA NL . -56.28 42.86 45.46
CHB CLA NL . -58.22 44.40 49.58
CHC CLA NL . -54.33 47.33 50.31
CHD CLA NL . -52.51 46.10 45.95
NA CLA NL . -57.06 43.81 47.60
C1A CLA NL . -57.26 43.00 46.61
C2A CLA NL . -58.56 42.23 46.73
C3A CLA NL . -59.14 42.77 48.04
C4A CLA NL . -58.08 43.73 48.45
CMA CLA NL . -60.60 43.21 48.05
CAA CLA NL . -58.33 40.73 46.89
CBA CLA NL . -57.69 40.35 48.23
CGA CLA NL . -56.69 39.22 48.10
O1A CLA NL . -56.02 39.00 47.12
O2A CLA NL . -56.43 38.35 49.07
NB CLA NL . -56.16 45.76 49.67
C1B CLA NL . -57.32 45.38 50.21
C2B CLA NL . -57.64 46.04 51.50
C3B CLA NL . -56.48 46.90 51.69
C4B CLA NL . -55.61 46.67 50.51
CMB CLA NL . -58.84 45.86 52.37
CAB CLA NL . -56.16 47.84 52.79
CBB CLA NL . -56.98 48.82 53.10
NC CLA NL . -53.62 46.43 48.15
C1C CLA NL . -53.40 47.22 49.19
C2C CLA NL . -52.13 47.97 49.17
C3C CLA NL . -51.56 47.53 47.91
C4C CLA NL . -52.56 46.60 47.34
CMC CLA NL . -51.59 48.91 50.23
CAC CLA NL . -50.25 47.93 47.29
CBC CLA NL . -49.27 46.80 47.49
ND CLA NL . -54.49 44.71 46.13
C1D CLA NL . -53.40 45.06 45.43
C2D CLA NL . -53.24 44.33 44.14
C3D CLA NL . -54.43 43.47 44.21
C4D CLA NL . -55.09 43.73 45.35
CMD CLA NL . -52.30 44.27 42.95
CAD CLA NL . -55.11 42.42 43.43
OBD CLA NL . -54.55 41.78 42.47
CBD CLA NL . -56.21 41.88 44.29
CGD CLA NL . -57.50 41.71 43.53
O1D CLA NL . -58.10 42.65 43.06
O2D CLA NL . -58.08 40.40 43.32
CED CLA NL . -58.80 40.15 42.13
C1 CLA NL . -55.00 38.34 49.76
C2 CLA NL . -54.84 38.34 51.25
C3 CLA NL . -53.69 38.73 51.84
C4 CLA NL . -53.61 38.69 53.34
C5 CLA NL . -52.52 39.19 51.00
C6 CLA NL . -51.23 39.27 51.83
C7 CLA NL . -50.03 39.66 50.98
C8 CLA NL . -49.41 40.96 51.49
C9 CLA NL . -48.92 41.83 50.35
C10 CLA NL . -48.26 40.64 52.44
C11 CLA NL . -47.10 39.96 51.71
C12 CLA NL . -45.79 40.71 51.94
C13 CLA NL . -44.83 39.91 52.80
C14 CLA NL . -45.17 40.06 54.28
C15 CLA NL . -43.40 40.35 52.51
C16 CLA NL . -42.42 39.63 53.43
C17 CLA NL . -42.29 38.16 53.07
C18 CLA NL . -41.81 37.34 54.26
C19 CLA NL . -42.03 35.86 54.04
C20 CLA NL . -40.34 37.64 54.56
MG CLA OL . -43.38 63.81 32.27
CHA CLA OL . -46.19 61.96 31.32
CHB CLA OL . -43.30 65.03 29.05
CHC CLA OL . -40.70 65.66 33.20
CHD CLA OL . -43.57 62.44 35.52
NA CLA OL . -44.58 63.56 30.41
C1A CLA OL . -45.61 62.82 30.24
C2A CLA OL . -46.17 62.88 28.84
C3A CLA OL . -45.21 63.81 28.16
C4A CLA OL . -44.29 64.17 29.28
CMA CLA OL . -44.56 63.25 26.93
CAA CLA OL . -47.55 63.53 28.77
CBA CLA OL . -47.66 64.86 29.51
CGA CLA OL . -48.30 64.68 30.87
O1A CLA OL . -49.37 64.15 31.08
O2A CLA OL . -47.75 65.10 32.00
NB CLA OL . -42.19 65.15 31.26
C1B CLA OL . -42.27 65.53 29.98
C2B CLA OL . -41.24 66.50 29.55
C3B CLA OL . -40.48 66.67 30.80
C4B CLA OL . -41.14 65.79 31.79
CMB CLA OL . -41.10 67.10 28.18
CAB CLA OL . -39.30 67.50 31.15
CBB CLA OL . -38.82 68.45 30.39
NC CLA OL . -42.35 64.08 34.11
C1C CLA OL . -41.26 64.82 34.28
C2C CLA OL . -40.65 64.78 35.62
C3C CLA OL . -41.53 63.85 36.31
C4C CLA OL . -42.54 63.48 35.29
CMC CLA OL . -39.43 65.51 36.12
CAC CLA OL . -41.46 63.37 37.74
CBC CLA OL . -42.50 64.06 38.60
ND CLA OL . -44.52 62.54 33.31
C1D CLA OL . -44.56 62.04 34.53
C2D CLA OL . -45.65 61.04 34.76
C3D CLA OL . -46.27 61.07 33.43
C4D CLA OL . -45.59 61.93 32.67
CMD CLA OL . -46.15 60.17 35.87
CAD CLA OL . -47.37 60.45 32.67
OBD CLA OL . -48.29 59.70 33.16
CBD CLA OL . -47.36 60.99 31.28
CGD CLA OL . -47.16 59.89 30.28
O1D CLA OL . -46.11 59.74 29.69
O2D CLA OL . -48.22 58.97 29.94
CED CLA OL . -47.95 57.97 28.96
MG CLA PL . -42.04 55.14 36.00
CHA CLA PL . -41.89 51.99 37.49
CHB CLA PL . -39.64 56.14 38.26
CHC CLA PL . -42.11 58.14 34.50
CHD CLA PL . -44.44 53.93 33.69
NA CLA PL . -40.88 54.20 37.67
C1A CLA PL . -40.96 53.00 38.11
C2A CLA PL . -40.07 52.73 39.29
C3A CLA PL . -39.41 54.07 39.50
C4A CLA PL . -40.01 54.86 38.40
CMA CLA PL . -39.38 54.64 40.90
CAA CLA PL . -38.94 51.80 38.92
CBA CLA PL . -38.35 51.07 40.11
CGA CLA PL . -36.85 51.16 39.96
O1A CLA PL . -36.23 50.74 39.01
O2A CLA PL . -36.05 51.70 40.85
NB CLA PL . -41.00 56.88 36.34
C1B CLA PL . -40.09 57.14 37.28
C2B CLA PL . -39.57 58.52 37.26
C3B CLA PL . -40.32 59.09 36.14
C4B CLA PL . -41.18 58.00 35.63
CMB CLA PL . -38.54 59.13 38.19
CAB CLA PL . -40.26 60.46 35.57
CBB CLA PL . -39.12 61.03 35.27
NC CLA PL . -43.10 55.90 34.33
C1C CLA PL . -43.03 57.15 33.89
C2C CLA PL . -43.91 57.48 32.75
C3C CLA PL . -44.58 56.22 32.51
C4C CLA PL . -44.02 55.32 33.53
CMC CLA PL . -44.07 58.77 32.00
CAC CLA PL . -45.63 55.93 31.46
CBC CLA PL . -45.03 55.42 30.19
ND CLA PL . -42.99 53.44 35.55
C1D CLA PL . -43.93 53.03 34.71
C2D CLA PL . -44.40 51.62 34.91
C3D CLA PL . -43.53 51.27 36.04
C4D CLA PL . -42.77 52.32 36.36
CMD CLA PL . -45.38 50.66 34.30
CAD CLA PL . -43.25 50.14 36.92
OBD CLA PL . -44.06 49.18 37.16
CBD CLA PL . -42.13 50.53 37.82
CGD CLA PL . -42.56 50.37 39.24
O1D CLA PL . -41.79 49.94 40.08
O2D CLA PL . -43.88 50.72 39.66
CED CLA PL . -44.01 51.30 40.94
C1 CLA PL . -36.68 52.41 42.14
C2 CLA PL . -36.25 53.78 42.59
C3 CLA PL . -36.94 54.40 43.54
C4 CLA PL . -35.85 55.39 43.27
C5 CLA PL . -37.36 55.48 44.51
C6 CLA PL . -38.84 55.83 44.34
C7 CLA PL . -38.99 57.15 43.59
C8 CLA PL . -40.41 57.72 43.59
C9 CLA PL . -41.43 56.69 43.11
C10 CLA PL . -40.49 58.92 42.66
C11 CLA PL . -39.34 59.89 42.85
C12 CLA PL . -39.83 61.33 42.72
C13 CLA PL . -38.78 62.18 42.02
C14 CLA PL . -38.38 63.39 42.86
C15 CLA PL . -39.33 62.62 40.66
MG CLA QL . -28.43 64.52 49.65
CHA CLA QL . -27.95 64.29 53.09
CHB CLA QL . -28.97 61.13 49.65
CHC CLA QL . -28.99 64.75 46.35
CHD CLA QL . -27.71 67.99 49.76
NA CLA QL . -28.48 62.88 51.16
C1A CLA QL . -28.27 62.97 52.42
C2A CLA QL . -28.32 61.64 53.13
C3A CLA QL . -28.60 60.69 52.00
C4A CLA QL . -28.70 61.62 50.85
CMA CLA QL . -27.66 59.52 51.80
CAA CLA QL . -29.43 61.55 54.18
CBA CLA QL . -30.82 61.24 53.67
CGA CLA QL . -31.75 61.56 54.82
O1A CLA QL . -31.45 62.32 55.72
O2A CLA QL . -32.95 61.08 55.02
NB CLA QL . -28.91 63.12 48.21
C1B CLA QL . -29.09 61.81 48.36
C2B CLA QL . -29.41 61.07 47.10
C3B CLA QL . -29.40 62.18 46.14
C4B CLA QL . -29.09 63.40 46.92
CMB CLA QL . -29.65 59.60 46.95
CAB CLA QL . -29.64 62.22 44.68
CBB CLA QL . -29.75 61.16 43.90
NC CLA QL . -28.46 66.14 48.29
C1C CLA QL . -28.65 66.02 46.98
C2C CLA QL . -28.49 67.25 46.19
C3C CLA QL . -28.16 68.23 47.22
C4C CLA QL . -28.17 67.44 48.47
CMC CLA QL . -28.64 67.40 44.71
CAC CLA QL . -27.88 69.70 47.08
CBC CLA QL . -26.41 69.91 46.78
ND CLA QL . -27.93 65.92 50.98
C1D CLA QL . -27.69 67.22 51.01
C2D CLA QL . -27.39 67.78 52.36
C3D CLA QL . -27.51 66.55 53.14
C4D CLA QL . -27.82 65.55 52.33
CMD CLA QL . -27.05 69.12 52.99
CAD CLA QL . -27.41 66.08 54.54
OBD CLA QL . -27.26 66.83 55.57
CBD CLA QL . -27.70 64.62 54.56
CGD CLA QL . -26.52 63.86 55.09
O1D CLA QL . -26.61 63.26 56.14
O2D CLA QL . -25.26 63.82 54.38
CED CLA QL . -24.69 62.56 54.04
C1 CLA QL . -34.18 62.05 55.31
C2 CLA QL . -34.72 62.95 54.23
C3 CLA QL . -35.01 64.25 54.44
C4 CLA QL . -34.78 64.87 55.78
C5 CLA QL . -35.57 65.09 53.31
C6 CLA QL . -35.18 64.50 51.96
C7 CLA QL . -36.41 64.10 51.15
C8 CLA QL . -36.02 63.61 49.77
C9 CLA QL . -36.68 64.46 48.68
C10 CLA QL . -36.38 62.14 49.61
MG CLA RL . -24.15 72.73 42.24
CHA CLA RL . -23.24 75.70 43.82
CHB CLA RL . -27.04 72.84 44.07
CHC CLA RL . -25.01 69.88 40.68
CHD CLA RL . -21.05 72.75 40.45
NA CLA RL . -25.05 74.09 43.76
C1A CLA RL . -24.57 75.17 44.23
C2A CLA RL . -25.44 75.84 45.27
C3A CLA RL . -26.61 74.89 45.34
C4A CLA RL . -26.23 73.87 44.33
CMA CLA RL . -27.09 74.43 46.70
CAA CLA RL . -26.01 77.16 44.75
CBA CLA RL . -25.16 77.80 43.65
CGA CLA RL . -25.91 77.77 42.35
O1A CLA RL . -26.99 77.25 42.18
O2A CLA RL . -25.46 78.33 41.24
NB CLA RL . -25.81 71.53 42.37
C1B CLA RL . -26.88 71.71 43.14
C2B CLA RL . -27.91 70.66 42.98
C3B CLA RL . -27.29 69.81 41.98
C4B CLA RL . -25.99 70.41 41.65
CMB CLA RL . -29.25 70.53 43.67
CAB CLA RL . -27.86 68.57 41.41
CBB CLA RL . -28.04 68.44 40.12
NC CLA RL . -23.14 71.48 40.84
C1C CLA RL . -23.69 70.40 40.28
C2C CLA RL . -22.90 69.76 39.21
C3C CLA RL . -21.72 70.62 39.16
C4C CLA RL . -21.96 71.63 40.20
CMC CLA RL . -23.24 68.56 38.37
CAC CLA RL . -20.51 70.49 38.26
CBC CLA RL . -20.50 71.59 37.22
ND CLA RL . -22.49 73.84 42.08
C1D CLA RL . -21.34 73.85 41.39
C2D CLA RL . -20.44 75.01 41.64
C3D CLA RL . -21.27 75.72 42.64
C4D CLA RL . -22.39 75.01 42.83
CMD CLA RL . -19.11 75.53 41.19
CAD CLA RL . -21.28 76.94 43.47
OBD CLA RL . -20.60 77.99 43.21
CBD CLA RL . -22.50 76.92 44.33
CGD CLA RL . -22.14 76.71 45.76
O1D CLA RL . -21.04 76.30 46.08
O2D CLA RL . -23.09 76.98 46.81
CED CLA RL . -22.92 76.38 48.08
MG CLA SL . -30.64 69.52 55.82
CHA CLA SL . -30.68 69.20 59.29
CHB CLA SL . -31.21 66.14 55.66
CHC CLA SL . -30.67 69.85 52.46
CHD CLA SL . -30.17 73.05 56.14
NA CLA SL . -30.92 67.85 57.27
C1A CLA SL . -30.91 67.91 58.55
C2A CLA SL . -31.09 66.58 59.24
C3A CLA SL . -31.23 65.64 58.05
C4A CLA SL . -31.13 66.60 56.92
CMA CLA SL . -30.37 64.39 58.00
CAA CLA SL . -32.35 66.44 60.09
CBA CLA SL . -33.62 66.84 59.36
CGA CLA SL . -34.76 66.75 60.34
O1A CLA SL . -34.63 66.41 61.51
O2A CLA SL . -36.02 67.01 60.05
NB CLA SL . -30.91 68.18 54.29
C1B CLA SL . -31.12 66.87 54.39
C2B CLA SL . -31.24 66.18 53.09
C3B CLA SL . -31.08 67.28 52.15
C4B CLA SL . -30.87 68.49 52.98
CMB CLA SL . -31.47 64.73 52.83
CAB CLA SL . -31.09 67.20 50.66
CBB CLA SL . -31.92 67.89 49.92
NC CLA SL . -30.49 71.19 54.51
C1C CLA SL . -30.48 71.12 53.18
C2C CLA SL . -30.25 72.37 52.44
C3C CLA SL . -30.13 73.31 53.55
C4C CLA SL . -30.28 72.50 54.77
CMC CLA SL . -30.20 72.56 50.94
CAC CLA SL . -29.89 74.80 53.48
CBC CLA SL . -28.49 75.03 52.98
ND CLA SL . -30.47 70.91 57.26
C1D CLA SL . -30.26 72.23 57.36
C2D CLA SL . -30.12 72.73 58.76
C3D CLA SL . -30.29 71.46 59.48
C4D CLA SL . -30.50 70.49 58.58
CMD CLA SL . -29.87 74.02 59.47
CAD CLA SL . -30.33 70.93 60.85
OBD CLA SL . -30.38 71.63 61.92
CBD CLA SL . -30.54 69.46 60.78
CGD CLA SL . -29.33 68.76 61.34
O1D CLA SL . -29.28 68.47 62.52
O2D CLA SL . -28.21 68.42 60.50
CED CLA SL . -27.66 67.10 60.51
MG CLA TL . -15.81 66.35 31.20
CHA CLA TL . -12.34 66.57 31.45
CHB CLA TL . -15.96 69.08 33.31
CHC CLA TL . -19.19 66.10 31.04
CHD CLA TL . -15.51 63.55 29.10
NA CLA TL . -14.35 67.69 32.25
C1A CLA TL . -13.08 67.63 32.22
C2A CLA TL . -12.39 68.70 33.02
C3A CLA TL . -13.57 69.43 33.61
C4A CLA TL . -14.71 68.69 33.03
CMA CLA TL . -13.59 69.70 35.09
CAA CLA TL . -11.64 69.82 32.26
CBA CLA TL . -11.28 69.76 30.76
CGA CLA TL . -12.48 69.76 29.87
O1A CLA TL . -13.50 70.39 30.09
O2A CLA TL . -12.61 69.11 28.74
NB CLA TL . -17.33 67.43 32.06
C1B CLA TL . -17.24 68.51 32.86
C2B CLA TL . -18.54 69.09 33.27
C3B CLA TL . -19.47 68.18 32.58
C4B CLA TL . -18.64 67.20 31.86
CMB CLA TL . -18.74 70.29 34.16
CAB CLA TL . -20.95 68.13 32.50
CBB CLA TL . -21.76 69.00 33.05
NC CLA TL . -17.14 65.09 30.14
C1C CLA TL . -18.47 65.14 30.19
C2C CLA TL . -19.18 64.17 29.32
C3C CLA TL . -18.07 63.46 28.70
C4C CLA TL . -16.87 64.10 29.28
CMC CLA TL . -20.65 63.97 29.12
CAC CLA TL . -18.14 62.35 27.69
CBC CLA TL . -17.98 61.01 28.33
ND CLA TL . -14.37 65.20 30.45
C1D CLA TL . -14.30 64.21 29.57
C2D CLA TL . -12.91 63.85 29.16
C3D CLA TL . -12.16 64.83 29.96
C4D CLA TL . -13.05 65.56 30.64
CMD CLA TL . -12.28 62.85 28.25
CAD CLA TL . -10.79 65.28 30.22
OBD CLA TL . -9.99 65.50 29.25
CBD CLA TL . -10.85 66.32 31.30
CGD CLA TL . -10.09 65.88 32.52
O1D CLA TL . -8.99 65.39 32.39
O2D CLA TL . -10.59 66.06 33.86
CED CLA TL . -9.74 66.67 34.84
C1 CLA TL . -14.02 68.42 28.43
C2 CLA TL . -14.13 67.32 27.42
C3 CLA TL . -15.31 66.89 26.94
C4 CLA TL . -15.27 65.79 25.93
C5 CLA TL . -16.62 67.46 27.43
C6 CLA TL . -17.81 66.70 26.85
C7 CLA TL . -18.52 67.50 25.75
C8 CLA TL . -20.03 67.30 25.77
C9 CLA TL . -20.60 67.38 27.19
C10 CLA TL . -20.38 65.97 25.11
C11 CLA TL . -21.82 65.98 24.58
C12 CLA TL . -22.58 64.74 25.02
C13 CLA TL . -22.22 63.54 24.13
C14 CLA TL . -23.26 63.35 23.03
C15 CLA TL . -22.10 62.28 24.98
C16 CLA TL . -20.67 61.77 24.94
C17 CLA TL . -20.54 60.36 25.52
C18 CLA TL . -19.43 59.58 24.85
C19 CLA TL . -19.26 58.21 25.48
C20 CLA TL . -19.67 59.47 23.35
MG CLA UL . -16.94 55.72 34.34
CHA CLA UL . -16.41 53.09 36.55
CHB CLA UL . -14.84 57.59 36.36
CHC CLA UL . -17.39 58.28 32.18
CHD CLA UL . -19.05 53.68 32.38
NA CLA UL . -15.74 55.41 36.21
C1A CLA UL . -15.68 54.35 36.91
C2A CLA UL . -14.83 54.50 38.13
C3A CLA UL . -14.43 55.95 38.07
C4A CLA UL . -15.02 56.35 36.78
CMA CLA UL . -14.84 56.72 39.30
CAA CLA UL . -13.57 53.66 37.91
CBA CLA UL . -12.25 54.26 38.36
CGA CLA UL . -11.36 54.25 37.16
O1A CLA UL . -10.17 54.45 37.20
O2A CLA UL . -11.77 53.99 35.94
NB CLA UL . -16.21 57.65 34.29
C1B CLA UL . -15.39 58.24 35.16
C2B CLA UL . -15.08 59.67 34.85
C3B CLA UL . -15.85 59.84 33.63
C4B CLA UL . -16.52 58.55 33.34
CMB CLA UL . -14.22 60.61 35.63
CAB CLA UL . -15.95 61.08 32.81
CBB CLA UL . -15.39 61.11 31.63
NC CLA UL . -18.01 55.93 32.52
C1C CLA UL . -18.17 57.08 31.85
C2C CLA UL . -19.15 57.04 30.75
C3C CLA UL . -19.62 55.66 30.80
C4C CLA UL . -18.86 55.07 31.92
CMC CLA UL . -19.58 58.13 29.82
CAC CLA UL . -20.66 55.01 29.93
CBC CLA UL . -22.00 55.03 30.64
ND CLA UL . -17.64 53.85 34.33
C1D CLA UL . -18.43 53.10 33.57
C2D CLA UL . -18.64 51.71 34.05
C3D CLA UL . -17.79 51.77 35.25
C4D CLA UL . -17.26 52.99 35.35
CMD CLA UL . -19.40 50.48 33.65
CAD CLA UL . -17.35 50.94 36.39
OBD CLA UL . -17.66 49.71 36.57
CBD CLA UL . -16.45 51.74 37.25
CGD CLA UL . -16.96 51.86 38.65
O1D CLA UL . -17.85 52.63 38.92
O2D CLA UL . -16.37 51.08 39.72
CED CLA UL . -17.17 50.57 40.77
C1 CLA UL . -11.53 55.05 34.77
C2 CLA UL . -12.68 55.71 34.07
C3 CLA UL . -12.85 55.58 32.75
C4 CLA UL . -11.88 54.77 31.96
C5 CLA UL . -14.02 56.26 32.09
C6 CLA UL . -14.74 55.35 31.10
C7 CLA UL . -14.51 55.83 29.67
C8 CLA UL . -15.62 56.70 29.12
C9 CLA UL . -15.94 56.32 27.68
C10 CLA UL . -15.21 58.16 29.19
MG CLA VL . -23.98 55.18 40.79
CHA CLA VL . -22.80 55.30 44.05
CHB CLA VL . -20.96 53.81 39.90
CHC CLA VL . -25.14 54.97 37.63
CHD CLA VL . -27.01 56.69 41.79
NA CLA VL . -22.10 54.61 41.82
C1A CLA VL . -21.82 54.75 43.05
C2A CLA VL . -20.44 54.28 43.39
C3A CLA VL . -19.85 53.91 42.05
C4A CLA VL . -21.05 54.12 41.19
CMA CLA VL . -18.54 54.50 41.61
CAA CLA VL . -20.66 52.95 44.14
CBA CLA VL . -20.38 51.60 43.48
CGA CLA VL . -21.44 51.03 42.57
O1A CLA VL . -22.53 51.52 42.39
O2A CLA VL . -21.23 49.96 41.83
NB CLA VL . -23.16 54.50 39.04
C1B CLA VL . -21.95 53.96 38.85
C2B CLA VL . -21.69 53.52 37.46
C3B CLA VL . -22.94 53.89 36.78
C4B CLA VL . -23.78 54.48 37.85
CMB CLA VL . -20.43 52.89 36.97
CAB CLA VL . -23.40 53.74 35.38
CBB CLA VL . -22.64 53.37 34.37
NC CLA VL . -25.82 55.70 39.87
C1C CLA VL . -26.08 55.56 38.58
C2C CLA VL . -27.38 56.02 38.12
C3C CLA VL . -27.97 56.50 39.36
C4C CLA VL . -26.92 56.27 40.38
CMC CLA VL . -27.91 55.98 36.73
CAC CLA VL . -29.32 57.11 39.55
CBC CLA VL . -30.33 55.99 39.57
ND CLA VL . -24.81 55.92 42.44
C1D CLA VL . -26.01 56.39 42.80
C2D CLA VL . -26.17 56.58 44.27
C3D CLA VL . -24.85 56.12 44.71
C4D CLA VL . -24.14 55.77 43.63
CMD CLA VL . -27.22 57.03 45.22
CAD CLA VL . -24.07 55.93 45.94
OBD CLA VL . -24.51 55.99 47.13
CBD CLA VL . -22.73 55.43 45.56
CGD CLA VL . -21.69 56.37 46.10
O1D CLA VL . -21.67 56.65 47.29
O2D CLA VL . -20.64 56.95 45.29
CED CLA VL . -19.35 57.00 45.88
C1 CLA VL . -20.88 50.03 40.28
C2 CLA VL . -21.94 50.02 39.21
C3 CLA VL . -21.76 49.34 38.07
C4 CLA VL . -20.49 48.56 37.85
C5 CLA VL . -22.81 49.33 36.99
C6 CLA VL . -23.80 50.46 37.17
C7 CLA VL . -25.19 50.08 36.71
C8 CLA VL . -25.84 51.13 35.82
C9 CLA VL . -27.20 51.52 36.34
C10 CLA VL . -25.95 50.59 34.41
C11 CLA VL . -26.05 51.71 33.39
C12 CLA VL . -25.99 51.15 31.99
C13 CLA VL . -24.98 51.90 31.13
C14 CLA VL . -25.37 51.85 29.66
C15 CLA VL . -23.58 51.35 31.42
C16 CLA VL . -23.05 50.35 30.40
C17 CLA VL . -23.18 48.92 30.88
C18 CLA VL . -22.25 48.61 32.03
C19 CLA VL . -23.01 47.90 33.13
C20 CLA VL . -21.05 47.78 31.57
MG CLA WL . -36.59 67.52 27.36
CHA CLA WL . -38.87 66.01 25.20
CHB CLA WL . -36.03 69.86 24.90
CHC CLA WL . -34.36 68.97 29.46
CHD CLA WL . -37.13 64.97 29.74
NA CLA WL . -37.35 67.93 25.31
C1A CLA WL . -38.22 67.26 24.65
C2A CLA WL . -38.51 67.80 23.28
C3A CLA WL . -37.55 68.97 23.22
C4A CLA WL . -36.94 68.93 24.57
CMA CLA WL . -36.59 69.01 22.06
CAA CLA WL . -39.91 68.42 23.15
CBA CLA WL . -40.51 68.84 24.49
CGA CLA WL . -41.50 69.95 24.35
O1A CLA WL . -41.83 70.47 23.30
O2A CLA WL . -42.16 70.48 25.37
NB CLA WL . -35.38 69.19 27.18
C1B CLA WL . -35.27 70.01 26.14
C2B CLA WL . -34.28 71.12 26.35
C3B CLA WL . -33.81 70.81 27.69
C4B CLA WL . -34.54 69.61 28.14
CMB CLA WL . -33.89 72.21 25.40
CAB CLA WL . -32.80 71.53 28.51
CBB CLA WL . -31.60 71.72 28.05
NC CLA WL . -35.97 67.12 29.36
C1C CLA WL . -35.01 67.78 30.01
C2C CLA WL . -34.64 67.23 31.33
C3C CLA WL . -35.54 66.08 31.44
C4C CLA WL . -36.31 66.11 30.18
CMC CLA WL . -33.62 67.72 32.31
CAC CLA WL . -35.66 65.08 32.56
CBC CLA WL . -36.97 65.33 33.29
ND CLA WL . -37.66 65.86 27.55
C1D CLA WL . -37.87 64.93 28.48
C2D CLA WL . -38.88 63.90 28.12
C3D CLA WL . -39.24 64.40 26.79
C4D CLA WL . -38.53 65.49 26.54
CMD CLA WL . -39.47 62.69 28.74
CAD CLA WL . -40.13 64.08 25.66
OBD CLA WL . -41.11 63.26 25.70
CBD CLA WL . -39.90 65.08 24.59
CGD CLA WL . -39.39 64.36 23.38
O1D CLA WL . -40.09 64.29 22.39
O2D CLA WL . -38.09 63.75 23.33
CED CLA WL . -37.50 63.47 22.07
C1 CLA WL . -41.47 71.59 26.30
C2 CLA WL . -39.98 71.61 26.58
C3 CLA WL . -39.49 71.83 27.81
C4 CLA WL . -40.44 72.07 28.96
C5 CLA WL . -37.99 71.84 28.02
C6 CLA WL . -37.66 71.83 29.50
C7 CLA WL . -36.27 72.40 29.77
C8 CLA WL . -35.91 72.58 31.25
C9 CLA WL . -34.53 72.02 31.53
C10 CLA WL . -36.93 71.95 32.20
MG CLA XL . -30.19 52.50 24.62
CHA CLA XL . -31.53 51.19 21.71
CHB CLA XL . -32.21 50.29 26.34
CHC CLA XL . -28.81 53.68 27.46
CHD CLA XL . -28.16 54.70 22.73
NA CLA XL . -31.68 50.91 24.12
C1A CLA XL . -32.05 50.56 22.96
C2A CLA XL . -33.10 49.47 22.96
C3A CLA XL . -33.33 49.29 24.44
C4A CLA XL . -32.34 50.21 25.01
CMA CLA XL . -34.75 49.55 24.87
CAA CLA XL . -32.52 48.17 22.38
CBA CLA XL . -31.53 47.44 23.28
CGA CLA XL . -30.24 47.06 22.62
O1A CLA XL . -30.08 46.87 21.43
O2A CLA XL . -29.13 46.92 23.32
NB CLA XL . -30.47 52.03 26.60
C1B CLA XL . -31.32 51.14 27.12
C2B CLA XL . -31.29 51.07 28.59
C3B CLA XL . -30.28 52.07 28.91
C4B CLA XL . -29.83 52.62 27.62
CMB CLA XL . -32.13 50.16 29.43
CAB CLA XL . -29.76 52.50 30.23
CBB CLA XL . -29.52 51.64 31.18
NC CLA XL . -28.69 53.95 25.03
C1C CLA XL . -28.27 54.30 26.24
C2C CLA XL . -27.23 55.34 26.28
C3C CLA XL . -27.03 55.62 24.86
C4C CLA XL . -27.98 54.72 24.19
CMC CLA XL . -26.55 55.92 27.48
CAC CLA XL . -26.08 56.60 24.21
CBC CLA XL . -26.55 58.02 24.35
ND CLA XL . -29.83 52.95 22.71
C1D CLA XL . -29.05 53.77 22.02
C2D CLA XL . -29.16 53.65 20.54
C3D CLA XL . -30.18 52.58 20.48
C4D CLA XL . -30.51 52.25 21.73
CMD CLA XL . -28.53 54.27 19.33
CAD CLA XL . -30.96 51.77 19.52
OBD CLA XL . -30.91 51.83 18.25
CBD CLA XL . -31.90 50.91 20.27
CGD CLA XL . -33.33 51.28 20.02
O1D CLA XL . -33.66 52.43 19.89
O2D CLA XL . -34.35 50.25 19.95
CED CLA XL . -34.97 49.89 18.73
C1 CLA XL . -27.99 45.86 22.98
C2 CLA XL . -28.10 44.37 23.17
C3 CLA XL . -27.54 43.77 24.23
C4 CLA XL . -26.82 44.58 25.26
C5 CLA XL . -27.63 42.28 24.41
C6 CLA XL . -29.04 41.74 24.35
C7 CLA XL . -28.99 40.25 24.63
C8 CLA XL . -30.35 39.63 24.85
C9 CLA XL . -31.23 40.43 25.80
C10 CLA XL . -30.18 38.23 25.40
C11 CLA XL . -29.84 37.23 24.30
C12 CLA XL . -30.93 36.17 24.27
C13 CLA XL . -30.39 34.77 24.02
C14 CLA XL . -29.35 34.73 22.93
C15 CLA XL . -31.55 33.87 23.65
C16 CLA XL . -32.35 34.44 22.48
C17 CLA XL . -33.14 33.34 21.80
C18 CLA XL . -34.62 33.49 22.11
C19 CLA XL . -35.43 33.16 20.87
C20 CLA XL . -35.01 32.58 23.25
MG CLA YL . -30.93 59.72 16.14
CHA CLA YL . -33.28 61.35 14.14
CHB CLA YL . -29.83 58.11 13.32
CHC CLA YL . -28.68 58.13 18.09
CHD CLA YL . -32.25 61.31 18.98
NA CLA YL . -31.45 59.72 13.98
C1A CLA YL . -32.36 60.41 13.38
C2A CLA YL . -32.43 60.17 11.90
C3A CLA YL . -31.36 59.11 11.71
C4A CLA YL . -30.84 58.97 13.08
CMA CLA YL . -31.71 57.85 10.92
CAA CLA YL . -32.02 61.45 11.16
CBA CLA YL . -30.72 61.44 10.35
CGA CLA YL . -29.62 62.14 11.11
O1A CLA YL . -29.58 62.24 12.33
O2A CLA YL . -28.59 62.73 10.55
NB CLA YL . -29.47 58.32 15.75
C1B CLA YL . -29.15 57.78 14.57
C2B CLA YL . -28.02 56.80 14.63
C3B CLA YL . -27.71 56.84 16.07
C4B CLA YL . -28.66 57.80 16.67
CMB CLA YL . -27.43 56.04 13.49
CAB CLA YL . -26.69 56.12 16.88
CBB CLA YL . -26.08 55.03 16.50
NC CLA YL . -30.43 59.83 18.19
C1C CLA YL . -29.51 59.09 18.82
C2C CLA YL . -29.37 59.32 20.27
C3C CLA YL . -30.38 60.34 20.48
C4C CLA YL . -30.98 60.58 19.16
CMC CLA YL . -28.44 58.67 21.25
CAC CLA YL . -30.73 61.02 21.77
CBC CLA YL . -30.36 62.49 21.67
ND CLA YL . -32.38 61.01 16.61
C1D CLA YL . -32.85 61.61 17.69
C2D CLA YL . -34.00 62.52 17.48
C3D CLA YL . -34.11 62.37 16.03
C4D CLA YL . -33.18 61.52 15.60
CMD CLA YL . -34.89 63.40 18.31
CAD CLA YL . -34.94 62.85 14.90
OBD CLA YL . -36.10 63.36 15.02
CBD CLA YL . -34.41 62.22 13.66
CGD CLA YL . -35.50 61.43 13.03
O1D CLA YL . -36.07 61.84 12.04
O2D CLA YL . -35.91 60.15 13.56
CED CLA YL . -36.11 59.04 12.69
CAA F6C ZL . -30.77 51.78 8.75
CAB F6C ZL . -25.55 45.19 13.30
CAC F6C ZL . -26.66 50.97 18.79
CAD F6C ZL . -31.85 54.04 13.02
NA F6C ZL . -29.77 50.01 11.51
CBA F6C ZL . -29.46 51.56 8.01
CBB F6C ZL . -25.85 44.36 14.26
CBC F6C ZL . -27.51 50.23 19.80
CBD F6C ZL . -31.89 53.26 11.75
NB F6C ZL . -27.83 48.13 12.80
OBD F6C ZL . -32.75 54.87 13.40
CGA F6C ZL . -28.54 52.73 8.23
CGD F6C ZL . -33.27 52.71 11.52
ND F6C ZL . -29.40 51.63 14.10
CED F6C ZL . -35.62 53.46 11.30
CHA F6C ZL . -30.93 52.12 11.98
CHB F6C ZL . -28.93 47.98 10.60
CHC F6C ZL . -26.47 47.75 14.86
CHD F6C ZL . -28.45 51.96 16.30
CMA F6C ZL . -31.51 48.26 8.97
CMB F6C ZL . -27.14 45.26 10.40
CMC F6C ZL . -25.28 48.10 17.75
CMD F6C ZL . -30.60 54.66 16.16
OMB F6C ZL . -26.56 45.54 9.37
C1A F6C ZL . -30.58 50.93 11.12
C1B F6C ZL . -28.02 47.48 11.65
C1C F6C ZL . -26.81 48.90 15.69
C1D F6C ZL . -29.34 52.36 15.21
O1A F6C ZL . -28.29 53.23 9.30
O1D F6C ZL . -33.55 51.60 11.92
C2A F6C ZL . -31.16 50.67 9.75
C2B F6C ZL . -27.21 46.24 11.52
C2C F6C ZL . -26.23 49.02 17.04
C2D F6C ZL . -30.25 53.54 15.23
O2A F6C ZL . -27.86 53.33 7.26
O2D F6C ZL . -34.29 53.47 10.81
C3A F6C ZL . -30.54 49.35 9.38
C3B F6C ZL . -26.52 46.20 12.80
C3C F6C ZL . -26.84 50.27 17.47
C3D F6C ZL . -30.86 53.39 13.91
C4A F6C ZL . -29.68 49.08 10.56
C4B F6C ZL . -26.96 47.41 13.52
C4C F6C ZL . -27.68 50.70 16.33
C4D F6C ZL . -30.34 52.31 13.32
NC F6C ZL . -27.63 49.86 15.29
MG F6C ZL . -28.71 49.87 13.46
MG CLA AM . -31.91 41.21 17.27
CHA CLA AM . -32.23 44.54 18.21
CHB CLA AM . -29.38 42.19 15.15
CHC CLA AM . -31.42 37.95 16.56
CHD CLA AM . -34.60 40.32 19.39
NA CLA AM . -30.89 43.12 16.74
C1A CLA AM . -31.16 44.29 17.18
C2A CLA AM . -30.31 45.36 16.55
C3A CLA AM . -29.50 44.58 15.55
C4A CLA AM . -29.94 43.20 15.83
CMA CLA AM . -29.58 45.08 14.13
CAA CLA AM . -29.38 45.99 17.59
CBA CLA AM . -27.94 45.48 17.62
CGA CLA AM . -27.53 45.17 19.03
O1A CLA AM . -28.31 44.82 19.90
O2A CLA AM . -26.30 45.25 19.48
NB CLA AM . -30.58 40.23 16.04
C1B CLA AM . -29.66 40.76 15.23
C2B CLA AM . -28.92 39.75 14.42
C3B CLA AM . -29.56 38.53 14.86
C4B CLA AM . -30.56 38.91 15.86
CMB CLA AM . -27.83 39.95 13.40
CAB CLA AM . -29.27 37.14 14.44
CBB CLA AM . -28.35 36.46 15.07
NC CLA AM . -32.88 39.43 17.87
C1C CLA AM . -32.52 38.21 17.49
C2C CLA AM . -33.30 37.12 18.06
C3C CLA AM . -34.26 37.81 18.89
C4C CLA AM . -33.92 39.23 18.70
CMC CLA AM . -33.13 35.67 17.86
CAC CLA AM . -35.33 37.20 19.75
CBC CLA AM . -36.58 37.03 18.95
ND CLA AM . -33.17 42.08 18.54
C1D CLA AM . -34.19 41.72 19.32
C2D CLA AM . -34.86 42.84 20.03
C3D CLA AM . -34.02 43.94 19.55
C4D CLA AM . -33.10 43.45 18.72
CMD CLA AM . -36.00 43.03 20.97
CAD CLA AM . -33.88 45.40 19.67
OBD CLA AM . -34.50 46.15 20.51
CBD CLA AM . -32.67 45.81 18.91
CGD CLA AM . -33.02 46.89 17.94
O1D CLA AM . -32.42 47.95 17.96
O2D CLA AM . -34.06 46.72 16.95
CED CLA AM . -33.72 46.70 15.59
C1 CLA AM . -25.42 43.92 19.61
C2 CLA AM . -25.80 42.84 20.60
C3 CLA AM . -25.01 41.79 20.83
C4 CLA AM . -23.70 41.64 20.10
C5 CLA AM . -25.47 40.76 21.83
C6 CLA AM . -24.70 39.46 21.73
C7 CLA AM . -25.33 38.54 20.70
C8 CLA AM . -25.66 37.17 21.28
C9 CLA AM . -26.00 36.24 20.13
C10 CLA AM . -26.83 37.34 22.23
MG CLA BM . -35.91 47.24 27.07
CHA CLA BM . -36.31 48.65 30.22
CHB CLA BM . -32.98 45.88 28.19
CHC CLA BM . -35.56 45.88 24.00
CHD CLA BM . -39.00 48.68 26.03
NA CLA BM . -34.75 47.23 28.98
C1A CLA BM . -35.07 47.81 30.08
C2A CLA BM . -34.09 47.56 31.19
C3A CLA BM . -33.06 46.67 30.51
C4A CLA BM . -33.62 46.58 29.12
CMA CLA BM . -31.57 46.86 30.75
CAA CLA BM . -34.68 46.78 32.35
CBA CLA BM . -33.89 47.02 33.63
CGA CLA BM . -34.77 46.80 34.83
O1A CLA BM . -35.20 45.72 35.16
O2A CLA BM . -35.16 47.75 35.64
NB CLA BM . -34.47 46.04 26.23
C1B CLA BM . -33.33 45.61 26.78
C2B CLA BM . -32.48 44.80 25.87
C3B CLA BM . -33.29 44.82 24.65
C4B CLA BM . -34.49 45.61 24.96
CMB CLA BM . -31.16 44.18 26.19
CAB CLA BM . -33.07 44.23 23.30
CBB CLA BM . -31.93 43.78 22.85
NC CLA BM . -37.15 47.18 25.33
C1C CLA BM . -36.80 46.67 24.16
C2C CLA BM . -37.70 46.94 23.03
C3C CLA BM . -38.73 47.72 23.67
C4C CLA BM . -38.30 47.82 25.07
CMC CLA BM . -37.58 46.52 21.59
CAC CLA BM . -39.97 48.33 23.04
CBC CLA BM . -41.14 47.41 23.27
ND CLA BM . -37.39 48.37 27.81
C1D CLA BM . -38.52 48.90 27.39
C2D CLA BM . -39.21 49.74 28.39
C3D CLA BM . -38.28 49.59 29.50
C4D CLA BM . -37.28 48.82 29.11
CMD CLA BM . -40.48 50.55 28.47
CAD CLA BM . -38.09 50.04 30.90
OBD CLA BM . -38.61 51.12 31.36
CBD CLA BM . -36.82 49.45 31.39
CGD CLA BM . -35.91 50.56 31.79
O1D CLA BM . -35.63 50.74 32.97
O2D CLA BM . -35.31 51.48 30.84
CED CLA BM . -34.28 52.35 31.27
C1 CLA BM . -36.71 48.13 35.89
C2 CLA BM . -37.78 48.10 34.82
C3 CLA BM . -38.77 49.02 34.81
C4 CLA BM . -38.77 50.09 35.84
C5 CLA BM . -39.87 49.06 33.77
C6 CLA BM . -40.68 47.77 33.70
C7 CLA BM . -41.92 47.97 32.83
C8 CLA BM . -41.96 47.18 31.53
C9 CLA BM . -40.58 46.91 30.95
C10 CLA BM . -42.84 47.91 30.51
C11 CLA BM . -43.53 46.99 29.51
C12 CLA BM . -45.06 47.16 29.54
C13 CLA BM . -45.77 46.35 28.46
C14 CLA BM . -47.28 46.36 28.64
C15 CLA BM . -45.31 44.90 28.45
MG CLA CM . -22.89 35.48 31.19
CHA CLA CM . -20.07 37.26 32.22
CHB CLA CM . -22.69 37.18 28.21
CHC CLA CM . -25.43 33.56 30.11
CHD CLA CM . -23.00 33.85 34.33
NA CLA CM . -21.57 37.02 30.28
C1A CLA CM . -20.56 37.58 30.83
C2A CLA CM . -19.92 38.62 29.95
C3A CLA CM . -20.79 38.61 28.72
C4A CLA CM . -21.76 37.54 29.09
CMA CLA CM . -21.27 39.95 28.20
CAA CLA CM . -18.55 38.11 29.55
CBA CLA CM . -18.40 37.23 28.33
CGA CLA CM . -16.98 37.32 27.87
O1A CLA CM . -16.02 36.96 28.51
O2A CLA CM . -16.65 37.78 26.70
NB CLA CM . -23.90 35.40 29.40
C1B CLA CM . -23.73 36.16 28.32
C2B CLA CM . -24.65 35.85 27.20
C3B CLA CM . -25.46 34.78 27.80
C4B CLA CM . -24.92 34.57 29.16
CMB CLA CM . -24.72 36.51 25.85
CAB CLA CM . -26.58 34.01 27.23
CBB CLA CM . -26.51 33.50 26.02
NC CLA CM . -24.07 33.97 32.10
C1C CLA CM . -25.04 33.30 31.50
C2C CLA CM . -25.71 32.26 32.31
C3C CLA CM . -24.99 32.39 33.58
C4C CLA CM . -24.02 33.46 33.34
CMC CLA CM . -26.81 31.33 31.91
CAC CLA CM . -25.19 31.63 34.87
CBC CLA CM . -24.19 30.52 34.99
ND CLA CM . -21.88 35.45 32.91
C1D CLA CM . -21.94 34.81 34.08
C2D CLA CM . -20.90 35.19 35.06
C3D CLA CM . -20.17 36.18 34.25
C4D CLA CM . -20.77 36.27 33.06
CMD CLA CM . -20.50 34.82 36.45
CAD CLA CM . -19.01 37.09 34.32
OBD CLA CM . -18.43 37.43 35.41
CBD CLA CM . -18.95 37.84 33.05
CGD CLA CM . -19.17 39.30 33.30
O1D CLA CM . -20.25 39.82 33.09
O2D CLA CM . -18.10 40.12 33.80
CED CLA CM . -18.38 41.39 34.36
C1 CLA CM . -15.17 37.60 26.15
C2 CLA CM . -14.22 38.77 26.04
C3 CLA CM . -13.74 39.13 24.84
C4 CLA CM . -14.12 38.38 23.60
C5 CLA CM . -12.81 40.31 24.73
C6 CLA CM . -13.19 41.16 23.52
C7 CLA CM . -13.49 42.60 23.92
C8 CLA CM . -14.25 43.32 22.82
C9 CLA CM . -15.65 42.76 22.69
C10 CLA CM . -13.50 43.20 21.50
MG CLA DM . -14.99 45.55 32.69
CHA CLA DM . -16.82 43.14 31.01
CHB CLA DM . -16.68 47.92 30.84
CHC CLA DM . -13.27 47.83 34.37
CHD CLA DM . -13.43 42.98 34.62
NA CLA DM . -16.57 45.57 31.13
C1A CLA DM . -17.14 44.55 30.61
C2A CLA DM . -18.12 44.90 29.53
C3A CLA DM . -18.00 46.40 29.47
C4A CLA DM . -17.03 46.66 30.56
CMA CLA DM . -17.64 46.96 28.11
CAA CLA DM . -19.52 44.66 30.07
CBA CLA DM . -20.40 44.03 29.01
CGA CLA DM . -21.75 44.67 29.10
O1A CLA DM . -21.97 45.82 28.82
O2A CLA DM . -22.83 44.04 29.50
NB CLA DM . -14.99 47.62 32.61
C1B CLA DM . -15.71 48.42 31.83
C2B CLA DM . -15.45 49.86 32.06
C3B CLA DM . -14.44 49.81 33.11
C4B CLA DM . -14.21 48.37 33.38
CMB CLA DM . -16.10 51.03 31.36
CAB CLA DM . -13.71 50.88 33.82
CBB CLA DM . -14.21 52.06 34.09
NC CLA DM . -13.59 45.42 34.27
C1C CLA DM . -12.95 46.45 34.77
C2C CLA DM . -11.92 46.13 35.76
C3C CLA DM . -11.98 44.68 35.82
C4C CLA DM . -13.03 44.35 34.87
CMC CLA DM . -11.06 47.09 36.47
CAC CLA DM . -11.17 43.68 36.63
CBC CLA DM . -9.98 43.20 35.86
ND CLA DM . -15.03 43.58 32.92
C1D CLA DM . -14.39 42.63 33.61
C2D CLA DM . -14.70 41.24 33.24
C3D CLA DM . -15.68 41.53 32.20
C4D CLA DM . -15.83 42.84 32.06
CMD CLA DM . -14.30 39.86 33.66
CAD CLA DM . -16.54 40.82 31.27
OBD CLA DM . -16.30 39.62 30.97
CBD CLA DM . -17.33 41.81 30.49
CGD CLA DM . -16.95 41.67 29.06
O1D CLA DM . -15.83 41.33 28.73
O2D CLA DM . -17.89 41.95 28.00
CED CLA DM . -17.33 42.10 26.71
C1 CLA DM . -24.28 44.49 29.02
C2 CLA DM . -24.99 45.67 29.62
C3 CLA DM . -25.87 45.52 30.63
C4 CLA DM . -26.14 44.16 31.19
C5 CLA DM . -26.58 46.71 31.22
C6 CLA DM . -26.97 47.72 30.15
C7 CLA DM . -28.20 47.26 29.40
C8 CLA DM . -28.52 48.12 28.19
C9 CLA DM . -29.57 47.41 27.33
C10 CLA DM . -27.25 48.42 27.43
C11 CLA DM . -27.50 48.82 25.99
C12 CLA DM . -27.66 50.32 25.89
C13 CLA DM . -27.05 50.90 24.61
C14 CLA DM . -27.33 50.01 23.41
C15 CLA DM . -25.57 51.09 24.84
C16 CLA DM . -25.08 52.40 24.24
C17 CLA DM . -23.62 52.65 24.60
C18 CLA DM . -23.45 53.87 25.50
C19 CLA DM . -23.46 53.48 26.97
C20 CLA DM . -22.15 54.59 25.18
MG CLA EM . -26.77 37.34 50.73
CHA CLA EM . -27.52 40.20 52.54
CHB CLA EM . -23.47 37.90 51.57
CHC CLA EM . -25.98 34.53 49.05
CHD CLA EM . -30.14 36.99 49.77
NA CLA EM . -25.60 38.84 51.89
C1A CLA EM . -26.06 39.88 52.48
C2A CLA EM . -24.99 40.74 53.07
C3A CLA EM . -23.74 40.04 52.65
C4A CLA EM . -24.28 38.85 51.98
CMA CLA EM . -22.87 40.94 51.82
CAA CLA EM . -25.01 40.67 54.60
CBA CLA EM . -24.58 39.36 55.27
CGA CLA EM . -25.71 38.38 55.36
O1A CLA EM . -25.80 37.35 54.73
O2A CLA EM . -26.74 38.51 56.17
NB CLA EM . -24.98 36.39 50.37
C1B CLA EM . -23.77 36.68 50.83
C2B CLA EM . -22.72 35.69 50.55
C3B CLA EM . -23.49 34.71 49.80
C4B CLA EM . -24.88 35.22 49.72
CMB CLA EM . -21.27 35.76 50.95
CAB CLA EM . -23.05 33.44 49.22
CBB CLA EM . -22.35 32.56 49.90
NC CLA EM . -27.91 35.91 49.66
C1C CLA EM . -27.42 34.88 48.99
C2C CLA EM . -28.38 34.09 48.20
C3C CLA EM . -29.62 34.82 48.47
C4C CLA EM . -29.22 35.91 49.37
CMC CLA EM . -28.14 32.88 47.35
CAC CLA EM . -31.02 34.55 47.98
CBC CLA EM . -31.16 34.99 46.55
ND CLA EM . -28.50 38.30 50.96
C1D CLA EM . -29.77 38.10 50.66
C2D CLA EM . -30.72 39.08 51.26
C3D CLA EM . -29.75 39.88 52.02
C4D CLA EM . -28.52 39.40 51.80
CMD CLA EM . -32.18 39.35 51.29
CAD CLA EM . -29.68 41.06 52.90
OBD CLA EM . -30.63 41.89 53.14
CBD CLA EM . -28.27 41.25 53.34
CGD CLA EM . -27.86 42.62 52.98
O1D CLA EM . -28.15 43.04 51.89
O2D CLA EM . -27.14 43.47 53.91
CED CLA EM . -27.40 44.86 53.96
C1 CLA EM . -27.35 37.23 56.88
C2 CLA EM . -28.83 37.16 57.16
C3 CLA EM . -29.38 36.22 57.92
C4 CLA EM . -30.88 36.27 58.14
C5 CLA EM . -28.56 35.12 58.54
C6 CLA EM . -29.41 33.86 58.65
C7 CLA EM . -28.86 32.90 59.70
C8 CLA EM . -29.93 32.00 60.34
C9 CLA EM . -31.35 32.53 60.22
C10 CLA EM . -29.55 31.81 61.81
C11 CLA EM . -30.46 30.82 62.53
C12 CLA EM . -31.12 31.50 63.74
C13 CLA EM . -31.41 30.57 64.92
C14 CLA EM . -31.39 29.09 64.56
C15 CLA EM . -32.75 30.96 65.54
MG CLA FM . -27.28 45.21 45.74
CHA CLA FM . -25.01 47.48 47.14
CHB CLA FM . -27.93 44.13 48.90
CHC CLA FM . -29.51 43.06 44.37
CHD CLA FM . -26.44 46.36 42.53
NA CLA FM . -26.59 45.72 47.80
C1A CLA FM . -25.70 46.59 48.14
C2A CLA FM . -25.38 46.56 49.60
C3A CLA FM . -26.27 45.45 50.10
C4A CLA FM . -26.98 45.07 48.86
CMA CLA FM . -25.50 44.35 50.81
CAA CLA FM . -25.74 47.84 50.35
CBA CLA FM . -27.22 48.06 50.61
CGA CLA FM . -27.62 49.30 49.87
O1A CLA FM . -28.66 49.90 50.01
O2A CLA FM . -26.83 49.90 49.00
NB CLA FM . -28.53 43.80 46.54
C1B CLA FM . -28.74 43.54 47.82
C2B CLA FM . -29.79 42.53 48.07
C3B CLA FM . -30.23 42.23 46.70
C4B CLA FM . -29.40 43.06 45.82
CMB CLA FM . -30.23 42.02 49.40
CAB CLA FM . -31.26 41.32 46.15
CBB CLA FM . -32.12 40.66 46.88
NC CLA FM . -27.95 44.85 43.76
C1C CLA FM . -28.83 43.92 43.39
C2C CLA FM . -29.08 43.81 41.94
C3C CLA FM . -28.21 44.84 41.42
C4C CLA FM . -27.55 45.40 42.61
CMC CLA FM . -30.02 42.89 41.21
CAC CLA FM . -27.99 45.28 40.01
CBC CLA FM . -28.80 46.55 39.80
ND CLA FM . -26.08 46.55 44.90
C1D CLA FM . -25.80 46.97 43.68
C2D CLA FM . -24.79 48.04 43.59
C3D CLA FM . -24.51 48.22 45.01
C4D CLA FM . -25.27 47.35 45.69
CMD CLA FM . -24.18 48.82 42.48
CAD CLA FM . -23.68 49.02 45.94
OBD CLA FM . -22.87 49.94 45.62
CBD CLA FM . -24.02 48.61 47.32
CGD CLA FM . -22.80 48.12 48.04
O1D CLA FM . -21.99 47.42 47.47
O2D CLA FM . -22.57 48.45 49.43
CED CLA FM . -21.24 48.71 49.85
C1 CLA FM . -27.46 50.79 47.84
C2 CLA FM . -26.77 50.90 46.50
C3 CLA FM . -26.12 52.03 46.19
C4 CLA FM . -26.07 53.16 47.17
C5 CLA FM . -25.43 52.17 44.86
C6 CLA FM . -26.44 52.24 43.75
C7 CLA FM . -25.74 52.53 42.43
C8 CLA FM . -26.49 51.96 41.24
C9 CLA FM . -25.57 51.91 40.04
C10 CLA FM . -27.72 52.80 40.94
C11 CLA FM . -28.91 51.92 40.57
C12 CLA FM . -29.49 52.32 39.22
C13 CLA FM . -30.88 51.73 38.99
C14 CLA FM . -31.82 52.04 40.14
C15 CLA FM . -30.77 50.23 38.76
C16 CLA FM . -31.51 49.81 37.49
C17 CLA FM . -30.55 49.64 36.34
C18 CLA FM . -31.25 49.31 35.04
C19 CLA FM . -32.37 50.29 34.74
C20 CLA FM . -30.26 49.26 33.88
MG CLA GM . -40.45 33.76 38.61
CHA CLA GM . -43.14 31.57 38.27
CHB CLA GM . -42.75 36.30 38.76
CHC CLA GM . -37.87 35.89 39.07
CHD CLA GM . -38.18 31.10 38.33
NA CLA GM . -42.67 33.95 38.54
C1A CLA GM . -43.53 33.01 38.41
C2A CLA GM . -44.95 33.51 38.41
C3A CLA GM . -44.77 34.99 38.50
C4A CLA GM . -43.30 35.11 38.61
CMA CLA GM . -45.41 35.78 37.39
CAA CLA GM . -45.68 33.08 39.68
CBA CLA GM . -44.88 33.24 40.95
CGA CLA GM . -45.58 32.55 42.09
O1A CLA GM . -46.07 31.44 42.01
O2A CLA GM . -45.78 33.07 43.29
NB CLA GM . -40.33 35.79 38.89
C1B CLA GM . -41.34 36.64 38.87
C2B CLA GM . -40.92 38.03 39.03
C3B CLA GM . -39.47 37.94 39.13
C4B CLA GM . -39.20 36.49 39.03
CMB CLA GM . -41.87 39.15 39.05
CAB CLA GM . -38.44 39.00 39.28
CBB CLA GM . -38.58 40.22 38.82
NC CLA GM . -38.36 33.51 38.74
C1C CLA GM . -37.50 34.48 39.02
C2C CLA GM . -36.13 34.07 39.30
C3C CLA GM . -36.22 32.61 39.14
C4C CLA GM . -37.63 32.39 38.77
CMC CLA GM . -35.00 34.97 39.68
CAC CLA GM . -35.15 31.56 39.30
CBC CLA GM . -35.33 30.83 40.61
ND CLA GM . -40.49 31.79 38.38
C1D CLA GM . -39.61 30.81 38.23
C2D CLA GM . -40.20 29.49 37.94
C3D CLA GM . -41.62 29.86 37.97
C4D CLA GM . -41.72 31.16 38.22
CMD CLA GM . -39.67 28.11 37.68
CAD CLA GM . -42.96 29.27 37.82
OBD CLA GM . -43.23 28.05 37.56
CBD CLA GM . -43.98 30.32 38.13
CGD CLA GM . -44.97 30.33 37.02
O1D CLA GM . -45.79 29.43 36.91
O2D CLA GM . -45.02 31.36 36.03
CED CLA GM . -46.19 31.54 35.26
C1 CLA GM . -44.58 33.13 44.33
C2 CLA GM . -43.75 31.93 44.68
C3 CLA GM . -43.05 31.85 45.82
C4 CLA GM . -43.09 33.01 46.78
C5 CLA GM . -42.22 30.63 46.13
C6 CLA GM . -41.18 30.95 47.20
C7 CLA GM . -40.40 29.72 47.66
C8 CLA GM . -38.92 29.89 47.37
C9 CLA GM . -38.46 28.88 46.34
C10 CLA GM . -38.10 29.76 48.66
C11 CLA GM . -37.12 30.92 48.79
C12 CLA GM . -36.01 30.63 49.80
C13 CLA GM . -35.66 31.86 50.62
C14 CLA GM . -35.28 33.03 49.71
C15 CLA GM . -34.52 31.54 51.58
MG CLA HM . -28.42 30.87 14.38
CHA CLA HM . -30.09 31.62 11.40
CHB CLA HM . -26.80 28.40 12.64
CHC CLA HM . -26.72 30.19 17.22
CHD CLA HM . -30.17 33.43 16.01
NA CLA HM . -28.40 30.10 12.29
C1A CLA HM . -29.09 30.50 11.29
C2A CLA HM . -28.89 29.72 10.04
C3A CLA HM . -27.88 28.69 10.49
C4A CLA HM . -27.67 29.09 11.89
CMA CLA HM . -28.31 27.26 10.31
CAA CLA HM . -28.20 30.54 8.96
CBA CLA HM . -27.09 31.44 9.47
CGA CLA HM . -25.99 31.40 8.45
O1A CLA HM . -25.74 30.45 7.76
O2A CLA HM . -25.17 32.39 8.17
NB CLA HM . -26.96 29.49 14.84
C1B CLA HM . -26.44 28.58 14.04
C2B CLA HM . -25.43 27.72 14.68
C3B CLA HM . -25.42 28.26 16.04
C4B CLA HM . -26.41 29.35 16.05
CMB CLA HM . -24.67 26.60 14.03
CAB CLA HM . -24.61 27.83 17.20
CBB CLA HM . -23.31 27.77 17.07
NC CLA HM . -28.41 31.73 16.32
C1C CLA HM . -27.73 31.25 17.36
C2C CLA HM . -28.06 31.86 18.66
C3C CLA HM . -29.08 32.83 18.29
C4C CLA HM . -29.22 32.66 16.82
CMC CLA HM . -27.49 31.55 20.02
CAC CLA HM . -29.85 33.78 19.17
CBC CLA HM . -29.34 35.20 19.06
ND CLA HM . -29.77 32.27 13.96
C1D CLA HM . -30.45 33.19 14.61
C2D CLA HM . -31.50 33.89 13.81
C3D CLA HM . -31.29 33.21 12.54
C4D CLA HM . -30.31 32.33 12.68
CMD CLA HM . -32.52 34.96 13.99
CAD CLA HM . -31.81 33.20 11.16
OBD CLA HM . -32.90 33.74 10.81
CBD CLA HM . -31.07 32.17 10.39
CGD CLA HM . -32.03 31.12 9.89
O1D CLA HM . -31.82 30.57 8.84
O2D CLA HM . -33.20 30.67 10.58
CED CLA HM . -33.90 29.55 10.04
C1 CLA HM . -23.71 32.42 8.81
C2 CLA HM . -23.07 33.70 9.26
C3 CLA HM . -21.78 33.73 9.59
C4 CLA HM . -21.17 35.03 10.04
C5 CLA HM . -20.92 32.49 9.51
MG CLA IM . -21.22 24.02 12.33
CHA CLA IM . -23.83 24.39 10.07
CHB CLA IM . -21.61 20.62 11.97
CHC CLA IM . -18.59 23.62 14.44
CHD CLA IM . -20.98 27.51 12.67
NA CLA IM . -22.52 22.64 11.16
C1A CLA IM . -23.46 22.95 10.36
C2A CLA IM . -24.17 21.75 9.76
C3A CLA IM . -23.47 20.61 10.44
C4A CLA IM . -22.46 21.33 11.23
CMA CLA IM . -24.37 19.67 11.19
CAA CLA IM . -23.86 21.55 8.27
CBA CLA IM . -22.61 22.29 7.81
CGA CLA IM . -21.86 21.63 6.70
O1A CLA IM . -22.36 21.11 5.73
O2A CLA IM . -20.54 21.55 6.69
NB CLA IM . -20.25 22.37 13.07
C1B CLA IM . -20.54 21.09 12.85
C2B CLA IM . -19.70 20.13 13.59
C3B CLA IM . -18.81 21.04 14.32
C4B CLA IM . -19.23 22.40 13.94
CMB CLA IM . -19.83 18.65 13.52
CAB CLA IM . -17.71 20.77 15.26
CBB CLA IM . -16.98 19.68 15.22
NC CLA IM . -19.96 25.38 13.37
C1C CLA IM . -18.97 25.02 14.20
C2C CLA IM . -18.27 26.13 14.85
C3C CLA IM . -18.97 27.29 14.32
C4C CLA IM . -20.00 26.71 13.42
CMC CLA IM . -17.13 26.03 15.82
CAC CLA IM . -18.76 28.76 14.59
CBC CLA IM . -19.70 29.23 15.67
ND CLA IM . -22.08 25.66 11.59
C1D CLA IM . -22.00 26.96 11.76
C2D CLA IM . -23.00 27.76 11.01
C3D CLA IM . -23.71 26.66 10.34
C4D CLA IM . -23.14 25.51 10.71
CMD CLA IM . -23.36 29.21 10.85
CAD CLA IM . -24.82 26.40 9.41
OBD CLA IM . -25.25 27.27 8.57
CBD CLA IM . -24.91 24.94 9.16
CGD CLA IM . -26.27 24.40 9.54
O1D CLA IM . -26.65 24.42 10.69
O2D CLA IM . -27.15 23.83 8.54
CED CLA IM . -28.55 23.96 8.67
C1 CLA IM . -19.67 22.41 5.67
C2 CLA IM . -18.17 22.50 5.86
C3 CLA IM . -17.47 23.56 5.46
C4 CLA IM . -18.13 24.73 4.80
C5 CLA IM . -15.98 23.58 5.68
C6 CLA IM . -15.61 24.58 6.77
C7 CLA IM . -14.10 24.75 6.81
C8 CLA IM . -13.60 26.04 7.49
C9 CLA IM . -13.19 25.80 8.93
C10 CLA IM . -14.63 27.16 7.39
MG CLA JM . -8.30 18.48 21.15
CHA CLA JM . -11.60 17.56 20.54
CHB CLA JM . -8.00 15.63 23.04
CHC CLA JM . -5.05 19.30 21.67
CHD CLA JM . -8.73 21.42 19.26
NA CLA JM . -9.61 16.77 21.73
C1A CLA JM . -10.83 16.60 21.42
C2A CLA JM . -11.46 15.40 22.09
C3A CLA JM . -10.31 14.88 22.90
C4A CLA JM . -9.22 15.81 22.53
CMA CLA JM . -10.58 14.85 24.39
CAA CLA JM . -11.83 14.34 21.06
CBA CLA JM . -12.03 12.95 21.64
CGA CLA JM . -13.49 12.61 21.57
O1A CLA JM . -13.93 11.65 20.98
O2A CLA JM . -14.45 13.30 22.13
NB CLA JM . -6.76 17.58 22.20
C1B CLA JM . -6.80 16.43 22.86
C2B CLA JM . -5.49 16.04 23.46
C3B CLA JM . -4.65 17.15 23.04
C4B CLA JM . -5.52 18.06 22.27
CMB CLA JM . -5.14 14.83 24.28
CAB CLA JM . -3.21 17.35 23.33
CBB CLA JM . -2.30 17.17 22.40
NC CLA JM . -7.07 20.10 20.54
C1C CLA JM . -5.79 20.28 20.87
C2C CLA JM . -5.16 21.51 20.37
C3C CLA JM . -6.26 22.12 19.65
C4C CLA JM . -7.39 21.18 19.83
CMC CLA JM . -3.75 21.99 20.56
CAC CLA JM . -6.28 23.43 18.91
CBC CLA JM . -6.71 24.52 19.85
ND CLA JM . -9.73 19.40 20.10
C1D CLA JM . -9.86 20.51 19.41
C2D CLA JM . -11.22 20.71 18.82
C3D CLA JM . -11.87 19.49 19.31
C4D CLA JM . -10.97 18.79 20.02
CMD CLA JM . -11.93 21.73 17.98
CAD CLA JM . -13.17 18.79 19.29
OBD CLA JM . -14.21 19.15 18.64
CBD CLA JM . -13.04 17.54 20.08
CGD CLA JM . -13.96 17.59 21.26
O1D CLA JM . -13.70 18.31 22.20
O2D CLA JM . -15.14 16.77 21.34
CED CLA JM . -16.40 17.37 21.57
C1 CLA JM . -15.57 12.60 23.04
C2 CLA JM . -15.64 11.17 23.51
C3 CLA JM . -16.81 10.54 23.59
C4 CLA JM . -18.08 11.24 23.21
C5 CLA JM . -16.89 9.10 24.06
C6 CLA JM . -16.12 8.89 25.36
C7 CLA JM . -15.59 7.47 25.45
C8 CLA JM . -16.67 6.42 25.66
C9 CLA JM . -16.40 5.67 26.96
C10 CLA JM . -16.68 5.47 24.47
C11 CLA JM . -17.99 4.70 24.30
C12 CLA JM . -17.83 3.64 23.21
C13 CLA JM . -19.14 2.98 22.78
C14 CLA JM . -20.27 3.99 22.65
C15 CLA JM . -19.53 1.86 23.74
MG CLA KM . -3.59 13.81 28.84
CHA CLA KM . -0.31 12.88 28.15
CHB CLA KM . -3.09 16.51 26.76
CHC CLA KM . -6.82 14.60 29.33
CHD CLA KM . -3.93 11.04 31.01
NA CLA KM . -1.94 14.62 27.58
C1A CLA KM . -0.77 14.14 27.45
C2A CLA KM . 0.12 14.96 26.56
C3A CLA KM . -0.76 16.12 26.22
C4A CLA KM . -2.02 15.74 26.90
CMA CLA KM . -0.20 17.49 26.56
CAA CLA KM . 0.34 14.28 25.21
CBA CLA KM . -0.78 13.34 24.77
CGA CLA KM . -1.13 13.52 23.32
O1A CLA KM . -0.64 14.35 22.59
O2A CLA KM . -1.99 12.76 22.70
NB CLA KM . -4.77 15.33 28.13
C1B CLA KM . -4.42 16.35 27.33
C2B CLA KM . -5.51 17.29 27.03
C3B CLA KM . -6.59 16.70 27.80
C4B CLA KM . -6.05 15.50 28.46
CMB CLA KM . -5.50 18.53 26.17
CAB CLA KM . -7.97 17.19 27.90
CBB CLA KM . -8.69 17.10 26.81
NC CLA KM . -5.15 12.94 29.98
C1C CLA KM . -6.39 13.42 30.10
C2C CLA KM . -7.27 12.70 31.03
C3C CLA KM . -6.38 11.66 31.51
C4C CLA KM . -5.11 11.90 30.82
CMC CLA KM . -8.71 12.96 31.37
CAC CLA KM . -6.64 10.56 32.51
CBC CLA KM . -6.74 11.13 33.89
ND CLA KM . -2.51 12.28 29.51
C1D CLA KM . -2.65 11.23 30.32
C2D CLA KM . -1.46 10.35 30.45
C3D CLA KM . -0.56 11.08 29.56
C4D CLA KM . -1.20 12.14 29.06
CMD CLA KM . -1.06 9.10 31.18
CAD CLA KM . 0.81 11.02 29.02
OBD CLA KM . 1.66 10.10 29.25
CBD CLA KM . 1.01 12.17 28.10
CGD CLA KM . 2.17 12.95 28.63
O1D CLA KM . 3.26 12.45 28.67
O2D CLA KM . 2.06 14.31 29.11
CED CLA KM . 3.10 15.18 28.73
C1 CLA KM . -2.19 12.82 21.10
C2 CLA KM . -3.21 13.73 20.48
C3 CLA KM . -3.73 13.48 19.27
C4 CLA KM . -3.29 12.29 18.49
C5 CLA KM . -4.75 14.39 18.65
C6 CLA KM . -4.96 15.64 19.45
C7 CLA KM . -6.27 16.31 19.03
C8 CLA KM . -6.09 17.21 17.83
C9 CLA KM . -4.95 18.18 18.02
C10 CLA KM . -7.40 17.93 17.55
C11 CLA KM . -7.25 19.02 16.51
C12 CLA KM . -8.60 19.52 16.05
C13 CLA KM . -8.45 20.60 15.00
C14 CLA KM . -7.97 21.92 15.61
C15 CLA KM . -9.76 20.82 14.26
C16 CLA KM . -9.48 20.85 12.77
C17 CLA KM . -10.46 21.72 12.00
C18 CLA KM . -10.40 21.39 10.52
C19 CLA KM . -11.32 22.31 9.73
C20 CLA KM . -8.98 21.46 9.98
MG CLA LM . -9.90 47.87 26.83
CHA CLA LM . -9.48 51.20 27.81
CHB CLA LM . -11.99 47.46 29.53
CHC CLA LM . -10.31 44.67 25.83
CHD CLA LM . -7.77 48.42 24.07
NA CLA LM . -10.68 49.16 28.48
C1A CLA LM . -10.40 50.39 28.69
C2A CLA LM . -11.06 50.94 29.93
C3A CLA LM . -11.75 49.72 30.47
C4A CLA LM . -11.47 48.70 29.43
CMA CLA LM . -11.26 49.41 31.86
CAA CLA LM . -12.12 51.98 29.55
CBA CLA LM . -13.43 51.41 28.97
CGA CLA LM . -13.88 52.16 27.74
O1A CLA LM . -13.42 53.24 27.39
O2A CLA LM . -14.80 51.73 26.91
NB CLA LM . -11.00 46.31 27.59
C1B CLA LM . -11.79 46.30 28.64
C2B CLA LM . -12.48 45.00 28.85
C3B CLA LM . -11.95 44.21 27.74
C4B CLA LM . -11.04 45.11 27.03
CMB CLA LM . -13.44 44.63 29.91
CAB CLA LM . -12.17 42.81 27.29
CBB CLA LM . -12.55 41.85 28.09
NC CLA LM . -9.20 46.75 25.17
C1C CLA LM . -9.49 45.48 24.93
C2C CLA LM . -8.95 44.91 23.68
C3C CLA LM . -8.23 46.06 23.15
C4C CLA LM . -8.45 47.12 24.14
CMC CLA LM . -9.12 43.51 23.14
CAC CLA LM . -7.45 46.19 21.87
CBC CLA LM . -8.35 46.79 20.82
ND CLA LM . -8.86 49.37 26.00
C1D CLA LM . -8.02 49.52 24.99
C2D CLA LM . -7.38 50.86 24.91
C3D CLA LM . -8.01 51.48 26.08
C4D CLA LM . -8.83 50.60 26.64
CMD CLA LM . -6.39 51.55 24.02
CAD CLA LM . -8.03 52.76 26.81
OBD CLA LM . -7.12 53.65 26.75
CBD CLA LM . -9.04 52.65 27.90
CGD CLA LM . -8.38 52.95 29.22
O1D CLA LM . -7.35 52.41 29.55
O2D CLA LM . -8.99 53.90 30.13
CED CLA LM . -8.17 54.68 31.00
C1 CLA LM . -16.35 51.99 27.22
C2 CLA LM . -17.42 50.91 27.22
C3 CLA LM . -18.49 51.04 28.01
C4 CLA LM . -18.62 52.23 28.91
C5 CLA LM . -19.59 50.01 28.06
C6 CLA LM . -19.95 49.51 26.67
C7 CLA LM . -20.91 48.34 26.76
C8 CLA LM . -22.29 48.70 26.25
C9 CLA LM . -23.38 48.38 27.26
C10 CLA LM . -22.56 47.94 24.96
C11 CLA LM . -22.78 48.92 23.81
C12 CLA LM . -22.21 48.33 22.52
C13 CLA LM . -23.27 48.15 21.43
C14 CLA LM . -24.65 47.78 21.97
C15 CLA LM . -22.77 47.04 20.51
MG CLA MM . -8.35 56.87 23.42
CHA CLA MM . -8.88 59.74 25.29
CHB CLA MM . -10.67 55.32 25.42
CHC CLA MM . -7.90 54.12 21.53
CHD CLA MM . -5.92 58.58 21.47
NA CLA MM . -9.64 57.43 25.15
C1A CLA MM . -9.72 58.56 25.74
C2A CLA MM . -10.66 58.58 26.93
C3A CLA MM . -11.17 57.15 26.94
C4A CLA MM . -10.45 56.59 25.76
CMA CLA MM . -11.15 56.40 28.26
CAA CLA MM . -11.82 59.57 26.74
CBA CLA MM . -13.15 59.00 26.26
CGA CLA MM . -13.47 59.54 24.89
O1A CLA MM . -12.66 59.62 23.98
O2A CLA MM . -14.65 59.97 24.52
NB CLA MM . -9.17 54.98 23.47
C1B CLA MM . -10.08 54.54 24.33
C2B CLA MM . -10.48 53.13 24.12
C3B CLA MM . -9.67 52.75 22.97
C4B CLA MM . -8.88 53.97 22.62
CMB CLA MM . -11.48 52.34 24.91
CAB CLA MM . -9.71 51.40 22.35
CBB CLA MM . -9.16 51.01 21.21
NC CLA MM . -7.16 56.45 21.70
C1C CLA MM . -7.07 55.26 21.10
C2C CLA MM . -6.09 55.16 20.00
C3C CLA MM . -5.55 56.52 19.97
C4C CLA MM . -6.27 57.22 21.06
CMC CLA MM . -5.76 53.99 19.12
CAC CLA MM . -4.50 57.10 19.06
CBC CLA MM . -3.13 56.80 19.63
ND CLA MM . -7.51 58.68 23.28
C1D CLA MM . -6.59 59.30 22.55
C2D CLA MM . -6.32 60.72 22.93
C3D CLA MM . -7.28 60.83 24.04
C4D CLA MM . -7.92 59.65 24.18
CMD CLA MM . -5.45 61.86 22.51
CAD CLA MM . -7.75 61.80 25.03
OBD CLA MM . -7.09 62.85 25.39
CBD CLA MM . -8.79 61.13 25.86
CGD CLA MM . -8.30 61.04 27.25
O1D CLA MM . -7.21 60.59 27.50
O2D CLA MM . -9.12 61.46 28.35
CED CLA MM . -8.69 62.69 28.90
MG CLA NM . -11.85 37.45 34.61
CHA CLA NM . -9.66 39.22 32.57
CHB CLA NM . -13.72 36.83 31.80
CHC CLA NM . -13.86 35.57 36.54
CHD CLA NM . -9.81 38.14 37.42
NA CLA NM . -11.72 37.94 32.44
C1A CLA NM . -10.83 38.62 31.84
C2A CLA NM . -11.09 38.83 30.37
C3A CLA NM . -12.39 38.09 30.20
C4A CLA NM . -12.62 37.56 31.56
CMA CLA NM . -13.53 38.84 29.56
CAA CLA NM . -10.02 38.17 29.50
CBA CLA NM . -10.35 38.31 28.03
CGA CLA NM . -9.49 39.32 27.36
O1A CLA NM . -9.43 40.48 27.68
O2A CLA NM . -8.73 39.06 26.34
NB CLA NM . -13.55 36.35 34.21
C1B CLA NM . -14.20 36.24 33.05
C2B CLA NM . -15.45 35.45 33.14
C3B CLA NM . -15.45 35.11 34.57
C4B CLA NM . -14.24 35.70 35.13
CMB CLA NM . -16.40 35.15 32.03
CAB CLA NM . -16.39 34.32 35.41
CBB CLA NM . -17.39 33.62 34.96
NC CLA NM . -11.79 36.87 36.66
C1C CLA NM . -12.77 36.22 37.27
C2C CLA NM . -12.73 36.17 38.73
C3C CLA NM . -11.51 36.93 39.01
C4C CLA NM . -11.01 37.32 37.66
CMC CLA NM . -13.69 35.52 39.67
CAC CLA NM . -10.94 37.26 40.36
CBC CLA NM . -9.69 36.50 40.65
ND CLA NM . -10.13 38.36 35.03
C1D CLA NM . -9.43 38.68 36.11
C2D CLA NM . -8.30 39.62 35.85
C3D CLA NM . -8.45 39.78 34.42
C4D CLA NM . -9.48 39.05 34.02
CMD CLA NM . -7.22 40.34 36.58
CAD CLA NM . -7.82 40.50 33.31
OBD CLA NM . -7.24 41.63 33.44
CBD CLA NM . -8.53 40.11 32.06
CGD CLA NM . -9.08 41.35 31.47
O1D CLA NM . -8.90 41.62 30.30
O2D CLA NM . -9.88 42.26 32.26
CED CLA NM . -11.16 42.60 31.77
C1 CLA NM . -9.37 38.98 24.88
C2 CLA NM . -8.65 39.56 23.70
C3 CLA NM . -9.10 39.36 22.45
C4 CLA NM . -8.35 39.94 21.30
C5 CLA NM . -10.33 38.54 22.21
MG CLA OM . -10.32 30.62 24.95
CHA CLA OM . -9.10 33.14 26.98
CHB CLA OM . -13.43 31.21 26.34
CHC CLA OM . -11.54 28.21 22.94
CHD CLA OM . -7.08 30.04 23.67
NA CLA OM . -11.22 32.00 26.46
C1A CLA OM . -10.59 32.89 27.13
C2A CLA OM . -11.46 33.62 28.10
C3A CLA OM . -12.80 32.97 27.90
C4A CLA OM . -12.48 32.00 26.83
CMA CLA OM . -13.59 32.57 29.13
CAA CLA OM . -11.60 35.08 27.74
CBA CLA OM . -12.35 35.39 26.46
CGA CLA OM . -11.52 35.53 25.22
O1A CLA OM . -11.94 36.00 24.19
O2A CLA OM . -10.26 35.19 25.06
NB CLA OM . -12.21 29.83 24.67
C1B CLA OM . -13.33 30.18 25.31
C2B CLA OM . -14.52 29.41 24.89
C3B CLA OM . -13.96 28.53 23.88
C4B CLA OM . -12.52 28.86 23.82
CMB CLA OM . -15.93 29.54 25.39
CAB CLA OM . -14.73 27.51 23.11
CBB CLA OM . -14.68 27.39 21.81
NC CLA OM . -9.45 29.35 23.49
C1C CLA OM . -10.10 28.43 22.79
C2C CLA OM . -9.29 27.65 21.84
C3C CLA OM . -7.97 28.23 22.05
C4C CLA OM . -8.18 29.25 23.09
CMC CLA OM . -9.72 26.56 20.89
CAC CLA OM . -6.67 27.88 21.38
CBC CLA OM . -6.41 28.84 20.25
ND CLA OM . -8.46 31.30 25.18
C1D CLA OM . -7.26 31.11 24.64
C2D CLA OM . -6.21 32.03 25.14
C3D CLA OM . -7.01 32.82 26.07
C4D CLA OM . -8.27 32.37 26.05
CMD CLA OM . -4.74 32.28 24.90
CAD CLA OM . -6.89 33.95 27.01
OBD CLA OM . -6.02 34.86 26.90
CBD CLA OM . -8.20 34.16 27.65
CGD CLA OM . -8.11 33.96 29.14
O1D CLA OM . -7.68 32.93 29.61
O2D CLA OM . -8.54 34.99 30.05
CED CLA OM . -7.97 34.99 31.35
C1 CLA OM . -9.80 34.59 23.65
C2 CLA OM . -10.61 33.54 22.94
C3 CLA OM . -10.12 32.80 21.95
C4 CLA OM . -8.72 32.98 21.49
C5 CLA OM . -10.99 31.78 21.28
C6 CLA OM . -10.23 30.98 20.25
C7 CLA OM . -10.75 31.25 18.85
C8 CLA OM . -11.93 30.38 18.40
C9 CLA OM . -13.24 31.16 18.46
C10 CLA OM . -12.05 29.09 19.20
C11 CLA OM . -13.11 28.19 18.61
C12 CLA OM . -12.53 27.36 17.49
C13 CLA OM . -13.01 25.92 17.60
C14 CLA OM . -12.78 25.33 18.98
C15 CLA OM . -12.29 25.12 16.53
C16 CLA OM . -13.02 25.21 15.20
C17 CLA OM . -13.94 24.03 15.02
C18 CLA OM . -13.88 23.55 13.59
C19 CLA OM . -14.70 22.29 13.42
C20 CLA OM . -14.36 24.63 12.64
MG CLA PM . -20.05 30.86 22.78
CHA CLA PM . -18.50 33.13 24.89
CHB CLA PM . -23.03 31.67 24.32
CHC CLA PM . -21.55 28.63 20.75
CHD CLA PM . -16.96 30.16 21.24
NA CLA PM . -20.72 32.24 24.40
C1A CLA PM . -19.99 33.01 25.10
C2A CLA PM . -20.74 33.71 26.20
C3A CLA PM . -22.15 33.19 26.00
C4A CLA PM . -21.97 32.32 24.82
CMA CLA PM . -22.78 32.54 27.20
CAA CLA PM . -20.73 35.22 26.09
CBA CLA PM . -21.04 35.74 24.71
CGA CLA PM . -20.67 37.18 24.76
O1A CLA PM . -19.53 37.57 24.88
O2A CLA PM . -21.53 38.17 24.72
NB CLA PM . -22.01 30.25 22.58
C1B CLA PM . -23.09 30.70 23.22
C2B CLA PM . -24.36 30.09 22.75
C3B CLA PM . -23.86 29.20 21.71
C4B CLA PM . -22.41 29.36 21.67
CMB CLA PM . -25.74 30.37 23.25
CAB CLA PM . -24.54 28.26 20.78
CBB CLA PM . -25.77 28.41 20.39
NC CLA PM . -19.37 29.64 21.19
C1C CLA PM . -20.11 28.77 20.51
C2C CLA PM . -19.43 27.95 19.50
C3C CLA PM . -18.06 28.45 19.64
C4C CLA PM . -18.14 29.47 20.69
CMC CLA PM . -20.00 26.91 18.60
CAC CLA PM . -16.83 28.04 18.88
CBC CLA PM . -16.57 29.08 17.81
ND CLA PM . -18.15 31.40 22.93
C1D CLA PM . -17.00 31.15 22.30
C2D CLA PM . -15.84 31.94 22.78
C3D CLA PM . -16.51 32.72 23.83
C4D CLA PM . -17.80 32.36 23.85
CMD CLA PM . -14.38 32.11 22.47
CAD CLA PM . -16.24 33.74 24.85
OBD CLA PM . -15.17 34.41 24.95
CBD CLA PM . -17.47 33.93 25.66
CGD CLA PM . -17.27 33.34 27.02
O1D CLA PM . -16.38 32.56 27.22
O2D CLA PM . -18.12 33.67 28.13
CED CLA PM . -17.85 33.10 29.40
C1 CLA PM . -21.07 39.63 24.26
C2 CLA PM . -20.60 39.93 22.85
C3 CLA PM . -19.34 40.30 22.59
C4 CLA PM . -18.35 40.41 23.70
C5 CLA PM . -18.91 40.60 21.18
MG CLA QM . -49.24 11.57 63.32
CHA CLA QM . -47.64 8.49 63.59
CHB CLA QM . -50.91 10.80 66.24
CHC CLA QM . -50.79 14.59 63.11
CHD CLA QM . -47.51 12.26 60.33
NA CLA QM . -49.29 9.88 64.79
C1A CLA QM . -48.61 8.80 64.73
C2A CLA QM . -48.87 7.89 65.89
C3A CLA QM . -49.94 8.64 66.68
C4A CLA QM . -50.05 9.86 65.86
CMA CLA QM . -51.20 7.92 67.13
CAA CLA QM . -47.72 7.76 66.91
CBA CLA QM . -46.40 8.50 66.71
CGA CLA QM . -46.45 9.99 66.88
O1A CLA QM . -47.32 10.61 67.45
O2A CLA QM . -45.52 10.79 66.42
NB CLA QM . -50.63 12.53 64.50
C1B CLA QM . -51.22 12.08 65.62
C2B CLA QM . -52.21 13.01 66.19
C3B CLA QM . -52.16 14.11 65.25
C4B CLA QM . -51.16 13.73 64.24
CMB CLA QM . -53.05 12.82 67.42
CAB CLA QM . -52.91 15.38 65.24
CBB CLA QM . -52.89 16.19 66.27
NC CLA QM . -49.16 13.17 61.95
C1C CLA QM . -49.80 14.34 62.07
C2C CLA QM . -49.44 15.39 61.10
C3C CLA QM . -48.46 14.69 60.30
C4C CLA QM . -48.36 13.34 60.89
CMC CLA QM . -49.93 16.81 60.98
CAC CLA QM . -47.69 15.25 59.15
CBC CLA QM . -46.41 15.83 59.70
ND CLA QM . -47.89 10.70 62.13
C1D CLA QM . -47.24 10.97 61.00
C2D CLA QM . -46.30 9.90 60.54
C3D CLA QM . -46.52 8.94 61.63
C4D CLA QM . -47.41 9.44 62.49
CMD CLA QM . -45.35 9.65 59.41
CAD CLA QM . -46.07 7.61 62.08
OBD CLA QM . -45.23 6.86 61.47
CBD CLA QM . -46.77 7.28 63.36
CGD CLA QM . -47.56 6.02 63.20
O1D CLA QM . -47.97 5.67 62.11
O2D CLA QM . -47.86 5.17 64.36
CED CLA QM . -47.70 3.76 64.31
C1 CLA QM . -45.43 11.26 64.90
C2 CLA QM . -45.82 12.67 64.58
C3 CLA QM . -45.40 13.32 63.48
C4 CLA QM . -44.48 12.66 62.51
C5 CLA QM . -45.84 14.75 63.23
C6 CLA QM . -47.02 15.11 64.13
C7 CLA QM . -46.83 16.47 64.77
C8 CLA QM . -48.10 17.30 64.68
C9 CLA QM . -47.78 18.78 64.71
C10 CLA QM . -49.04 16.93 65.82
MG CLA RM . -51.88 16.91 58.02
CHA CLA RM . -53.96 18.41 60.38
CHB CLA RM . -51.58 20.01 56.57
CHC CLA RM . -49.71 15.49 55.86
CHD CLA RM . -52.36 13.75 59.59
NA CLA RM . -52.65 18.99 58.41
C1A CLA RM . -53.43 19.37 59.34
C2A CLA RM . -53.79 20.84 59.29
C3A CLA RM . -53.04 21.28 58.03
C4A CLA RM . -52.37 20.02 57.63
CMA CLA RM . -53.78 22.08 56.97
CAA CLA RM . -53.25 21.60 60.50
CBA CLA RM . -52.70 23.01 60.27
CGA CLA RM . -52.68 23.80 61.54
O1A CLA RM . -51.97 24.78 61.74
O2A CLA RM . -53.44 23.54 62.59
NB CLA RM . -50.79 17.66 56.45
C1B CLA RM . -50.81 18.92 55.97
C2B CLA RM . -49.96 19.12 54.78
C3B CLA RM . -49.42 17.78 54.58
C4B CLA RM . -49.99 16.94 55.66
CMB CLA RM . -49.74 20.38 53.99
CAB CLA RM . -48.49 17.38 53.52
CBB CLA RM . -48.75 16.42 52.67
NC CLA RM . -51.11 14.94 57.80
C1C CLA RM . -50.25 14.55 56.86
C2C CLA RM . -49.86 13.12 56.88
C3C CLA RM . -50.62 12.64 58.02
C4C CLA RM . -51.36 13.82 58.51
CMC CLA RM . -48.91 12.37 55.99
CAC CLA RM . -50.67 11.23 58.58
CBC CLA RM . -51.84 10.49 58.00
ND CLA RM . -52.87 16.13 59.57
C1D CLA RM . -53.02 14.93 60.16
C2D CLA RM . -53.91 14.92 61.36
C3D CLA RM . -54.25 16.36 61.39
C4D CLA RM . -53.63 16.97 60.37
CMD CLA RM . -54.44 13.95 62.38
CAD CLA RM . -55.03 17.30 62.18
OBD CLA RM . -55.45 17.11 63.38
CBD CLA RM . -54.88 18.65 61.56
CGD CLA RM . -56.22 19.13 61.09
O1D CLA RM . -56.97 18.38 60.48
O2D CLA RM . -56.61 20.49 61.37
CED CLA RM . -57.33 20.76 62.57
MG CLA SM . -38.43 22.63 54.28
CHA CLA SM . -39.98 24.29 51.64
CHB CLA SM . -36.19 25.24 54.40
CHC CLA SM . -37.00 21.07 56.92
CHD CLA SM . -40.71 19.94 53.96
NA CLA SM . -38.10 24.56 53.19
C1A CLA SM . -38.79 25.02 52.21
C2A CLA SM . -38.26 26.31 51.66
C3A CLA SM . -37.04 26.54 52.53
C4A CLA SM . -37.11 25.38 53.44
CMA CLA SM . -35.73 26.78 51.80
CAA CLA SM . -39.23 27.49 51.81
CBA CLA SM . -39.28 28.13 53.20
CGA CLA SM . -40.54 27.74 53.90
O1A CLA SM . -40.84 28.09 55.03
O2A CLA SM . -41.49 26.97 53.37
NB CLA SM . -36.83 23.10 55.48
C1B CLA SM . -36.03 24.17 55.40
C2B CLA SM . -34.94 24.20 56.40
C3B CLA SM . -35.18 22.95 57.13
C4B CLA SM . -36.37 22.34 56.49
CMB CLA SM . -33.87 25.22 56.60
CAB CLA SM . -34.41 22.43 58.28
CBB CLA SM . -33.82 21.25 58.27
NC CLA SM . -38.84 20.83 55.33
C1C CLA SM . -38.13 20.35 56.35
C2C CLA SM . -38.57 19.05 56.89
C3C CLA SM . -39.71 18.74 56.03
C4C CLA SM . -39.78 19.89 55.10
CMC CLA SM . -37.99 18.26 58.03
CAC CLA SM . -40.61 17.54 56.04
CBC CLA SM . -40.08 16.45 55.14
ND CLA SM . -39.99 22.10 53.15
C1D CLA SM . -40.83 21.08 53.07
C2D CLA SM . -41.86 21.22 52.00
C3D CLA SM . -41.47 22.53 51.46
C4D CLA SM . -40.41 22.97 52.16
CMD CLA SM . -43.00 20.42 51.46
CAD CLA SM . -41.84 23.49 50.43
OBD CLA SM . -42.93 23.47 49.75
CBD CLA SM . -40.88 24.64 50.48
CGD CLA SM . -40.07 24.68 49.22
O1D CLA SM . -39.10 23.97 49.09
O2D CLA SM . -40.40 25.55 48.11
CED CLA SM . -40.10 25.13 46.79
C1 CLA SM . -42.29 25.89 54.25
C2 CLA SM . -41.58 25.05 55.28
C3 CLA SM . -41.96 23.79 55.55
C4 CLA SM . -43.11 23.16 54.82
C5 CLA SM . -41.21 23.02 56.60
C6 CLA SM . -41.99 21.80 57.06
C7 CLA SM . -42.56 21.99 58.47
C8 CLA SM . -41.90 21.09 59.50
C9 CLA SM . -40.51 21.59 59.87
C10 CLA SM . -41.85 19.65 59.02
MG CLA TM . -13.89 66.48 19.92
CHA CLA TM . -12.35 64.60 22.45
CHB CLA TM . -10.75 67.52 18.97
CHC CLA TM . -15.40 68.22 17.44
CHD CLA TM . -17.07 65.30 20.99
NA CLA TM . -11.79 66.11 20.59
C1A CLA TM . -11.39 65.38 21.57
C2A CLA TM . -9.88 65.36 21.73
C3A CLA TM . -9.44 66.31 20.62
C4A CLA TM . -10.75 66.67 20.02
CMA CLA TM . -8.40 67.38 20.88
CAA CLA TM . -9.28 63.96 21.56
CBA CLA TM . -8.48 63.70 20.29
CGA CLA TM . -9.04 62.45 19.62
O1A CLA TM . -8.97 61.33 20.08
O2A CLA TM . -9.65 62.46 18.45
NB CLA TM . -13.17 67.69 18.43
C1B CLA TM . -11.89 68.03 18.19
C2B CLA TM . -11.71 68.95 17.04
C3B CLA TM . -13.09 69.16 16.62
C4B CLA TM . -13.93 68.33 17.53
CMB CLA TM . -10.45 69.54 16.48
CAB CLA TM . -13.59 69.98 15.50
CBB CLA TM . -14.16 71.14 15.73
NC CLA TM . -15.92 66.68 19.28
C1C CLA TM . -16.33 67.44 18.27
C2C CLA TM . -17.79 67.43 17.99
C3C CLA TM . -18.28 66.52 19.03
C4C CLA TM . -17.05 66.13 19.76
CMC CLA TM . -18.55 68.15 16.93
CAC CLA TM . -19.69 66.08 19.29
CBC CLA TM . -20.32 66.81 20.45
ND CLA TM . -14.67 65.26 21.31
C1D CLA TM . -15.88 64.86 21.72
C2D CLA TM . -15.89 63.99 22.93
C3D CLA TM . -14.45 63.92 23.16
C4D CLA TM . -13.82 64.65 22.23
CMD CLA TM . -16.90 63.27 23.79
CAD CLA TM . -13.49 63.33 24.10
OBD CLA TM . -13.77 62.93 25.28
CBD CLA TM . -12.12 63.66 23.62
CGD CLA TM . -11.30 64.30 24.71
O1D CLA TM . -10.12 64.06 24.81
O2D CLA TM . -11.87 65.21 25.67
CED CLA TM . -11.00 66.21 26.19
C1 PQN UM . -39.96 13.11 49.35
O1 PQN UM . -38.74 12.95 49.47
C2 PQN UM . -40.81 13.16 50.57
C2M PQN UM . -40.20 13.02 51.92
C3 PQN UM . -42.27 13.35 50.45
C4 PQN UM . -42.88 13.49 49.11
O4 PQN UM . -44.11 13.65 49.02
C5 PQN UM . -42.04 13.45 47.90
C6 PQN UM . -42.62 13.57 46.65
C7 PQN UM . -41.82 13.53 45.52
C8 PQN UM . -40.46 13.35 45.61
C9 PQN UM . -39.83 13.21 46.85
C10 PQN UM . -40.59 13.25 48.00
C11 PQN UM . -43.16 13.41 51.66
C12 PQN UM . -43.22 14.84 52.11
C13 PQN UM . -44.35 15.40 52.53
C14 PQN UM . -45.63 14.63 52.55
C15 PQN UM . -44.32 16.85 52.94
C16 PQN UM . -43.87 16.95 54.39
C17 PQN UM . -44.45 18.20 55.03
C18 PQN UM . -45.10 17.85 56.36
C19 PQN UM . -46.12 16.74 56.15
C20 PQN UM . -45.66 19.12 57.02
C21 PQN UM . -47.19 19.19 57.07
C22 PQN UM . -47.71 19.07 58.50
C23 PQN UM . -48.78 20.09 58.88
C24 PQN UM . -48.65 21.42 58.15
C25 PQN UM . -48.70 20.31 60.38
C26 PQN UM . -47.39 21.01 60.75
C27 PQN UM . -47.44 21.49 62.19
C28 PQN UM . -47.35 23.01 62.29
C29 PQN UM . -48.70 23.67 62.04
C30 PQN UM . -46.80 23.41 63.66
FE1 SF4 VM . -42.48 9.93 37.20
FE2 SF4 VM . -40.97 9.79 34.94
FE3 SF4 VM . -43.56 10.68 34.82
FE4 SF4 VM . -43.04 8.04 35.31
S1 SF4 VM . -42.55 9.19 33.40
S2 SF4 VM . -44.53 9.37 36.41
S3 SF4 VM . -41.12 8.21 36.56
S4 SF4 VM . -41.82 11.69 35.91
C1 BCR WM . -32.14 66.08 15.89
C2 BCR WM . -32.04 65.44 14.52
C3 BCR WM . -30.63 64.98 14.21
C4 BCR WM . -30.18 63.93 15.21
C5 BCR WM . -30.46 64.38 16.63
C6 BCR WM . -31.44 65.24 16.93
C7 BCR WM . -31.88 65.36 18.35
C8 BCR WM . -31.48 66.28 19.24
C9 BCR WM . -31.96 66.21 20.41
C10 BCR WM . -31.19 66.14 21.39
C11 BCR WM . -31.01 66.46 22.51
C33 BCR WM . -29.61 63.76 17.70
C31 BCR WM . -33.60 66.26 16.27
C32 BCR WM . -31.48 67.44 15.83
C34 BCR WM . -33.44 66.23 20.63
C12 BCR WM . -30.78 66.79 23.69
C13 BCR WM . -31.07 67.40 25.00
C14 BCR WM . -30.22 67.23 26.01
C15 BCR WM . -30.47 67.81 27.32
C16 BCR WM . -30.14 68.15 28.56
C17 BCR WM . -29.49 68.28 29.57
C18 BCR WM . -28.49 68.09 30.43
C19 BCR WM . -28.48 68.74 31.76
C20 BCR WM . -27.73 69.35 32.67
C21 BCR WM . -27.33 69.94 33.63
C22 BCR WM . -26.48 70.30 34.59
C23 BCR WM . -26.85 71.37 35.53
C24 BCR WM . -26.21 71.53 36.70
C25 BCR WM . -26.51 72.62 37.67
C26 BCR WM . -27.49 72.47 38.58
C27 BCR WM . -27.69 73.45 39.71
C28 BCR WM . -26.42 74.23 39.96
C29 BCR WM . -26.04 74.89 38.66
C30 BCR WM . -25.64 73.86 37.62
C35 BCR WM . -32.32 68.19 25.18
C36 BCR WM . -27.32 67.25 30.02
C37 BCR WM . -25.15 69.63 34.72
C38 BCR WM . -28.47 71.34 38.54
C39 BCR WM . -24.20 73.45 37.85
C40 BCR WM . -25.73 74.57 36.27
C1 BCR XM . -34.39 57.93 51.52
C2 BCR XM . -34.53 56.42 51.68
C3 BCR XM . -33.23 55.71 51.95
C4 BCR XM . -32.30 55.98 50.79
C5 BCR XM . -32.08 57.46 50.71
C6 BCR XM . -33.07 58.34 50.89
C7 BCR XM . -32.92 59.78 50.52
C8 BCR XM . -32.94 60.30 49.28
C9 BCR XM . -32.82 61.56 49.13
C10 BCR XM . -33.24 62.14 48.11
C11 BCR XM . -33.03 63.00 47.33
C33 BCR XM . -30.67 57.91 50.46
C31 BCR XM . -34.45 58.60 52.88
C32 BCR XM . -35.54 58.41 50.67
C34 BCR XM . -32.21 62.40 50.19
C12 BCR XM . -32.86 63.94 46.52
C13 BCR XM . -32.62 64.48 45.17
C14 BCR XM . -32.39 65.78 44.95
C15 BCR XM . -32.16 66.24 43.59
C16 BCR XM . -32.31 67.02 42.54
C17 BCR XM . -32.12 67.45 41.42
C18 BCR XM . -32.06 67.44 40.09
C19 BCR XM . -31.69 68.62 39.30
C20 BCR XM . -31.72 69.22 38.12
C21 BCR XM . -31.55 70.00 37.22
C22 BCR XM . -31.42 70.40 35.96
C23 BCR XM . -31.14 71.80 35.58
C24 BCR XM . -31.76 72.30 34.51
C25 BCR XM . -31.54 73.68 34.02
C26 BCR XM . -30.54 73.86 33.14
C27 BCR XM . -29.77 75.15 33.08
C28 BCR XM . -30.74 76.31 33.27
C29 BCR XM . -31.54 76.10 34.54
C30 BCR XM . -32.41 74.85 34.44
C35 BCR XM . -32.68 63.54 44.00
C36 BCR XM . -32.36 66.17 39.37
C37 BCR XM . -31.56 69.39 34.87
C38 BCR XM . -30.17 72.75 32.19
C39 BCR XM . -33.45 75.08 33.36
C40 BCR XM . -33.14 74.63 35.75
C1 BCR YM . -36.01 70.86 39.43
C2 BCR YM . -36.52 72.29 39.55
C3 BCR YM . -36.54 72.76 41.00
C4 BCR YM . -37.45 71.86 41.83
C5 BCR YM . -37.01 70.44 41.65
C6 BCR YM . -36.73 69.97 40.43
C7 BCR YM . -37.13 68.59 40.04
C8 BCR YM . -36.31 67.54 40.08
C9 BCR YM . -36.72 66.39 39.71
C10 BCR YM . -35.87 65.48 39.53
C11 BCR YM . -35.44 64.46 39.91
C33 BCR YM . -36.93 69.56 42.85
C31 BCR YM . -34.53 70.82 39.76
C32 BCR YM . -36.25 70.38 38.00
C34 BCR YM . -38.16 66.08 39.58
C12 BCR YM . -34.96 63.39 40.33
C13 BCR YM . -34.89 61.94 40.53
C14 BCR YM . -33.90 61.42 41.25
C15 BCR YM . -33.75 59.99 41.50
C16 BCR YM . -32.98 59.01 41.93
C17 BCR YM . -32.52 57.95 42.24
C18 BCR YM . -31.60 57.11 42.71
C19 BCR YM . -31.88 55.67 42.75
C20 BCR YM . -31.66 54.47 43.25
C21 BCR YM . -31.17 53.55 43.82
C22 BCR YM . -30.52 52.77 44.69
C23 BCR YM . -30.75 51.33 44.54
C24 BCR YM . -30.00 50.44 45.16
C25 BCR YM . -30.27 48.99 44.99
C26 BCR YM . -30.10 48.42 43.78
C27 BCR YM . -30.98 47.28 43.36
C28 BCR YM . -31.08 46.32 44.52
C29 BCR YM . -31.62 47.03 45.74
C30 BCR YM . -30.74 48.19 46.18
C35 BCR YM . -35.93 61.05 39.93
C36 BCR YM . -30.29 57.64 43.19
C37 BCR YM . -29.58 53.34 45.69
C38 BCR YM . -29.05 48.90 42.81
C39 BCR YM . -29.52 47.65 46.90
C40 BCR YM . -31.53 49.06 47.13
C1 BCR ZM . -37.88 37.87 23.52
C2 BCR ZM . -38.76 36.62 23.58
C3 BCR ZM . -38.55 35.86 24.87
C4 BCR ZM . -37.11 35.38 24.91
C5 BCR ZM . -36.22 36.59 24.87
C6 BCR ZM . -36.49 37.62 24.06
C7 BCR ZM . -35.42 38.60 23.75
C8 BCR ZM . -34.43 38.40 22.88
C9 BCR ZM . -33.57 39.29 22.68
C10 BCR ZM . -32.50 38.95 22.16
C11 BCR ZM . -31.64 39.26 21.43
C33 BCR ZM . -35.06 36.65 25.80
C31 BCR ZM . -38.44 38.94 24.42
C32 BCR ZM . -37.87 38.42 22.12
C34 BCR ZM . -33.78 40.72 23.09
C12 BCR ZM . -30.70 39.53 20.66
C13 BCR ZM . -29.73 40.37 19.97
C14 BCR ZM . -28.89 39.77 19.15
C15 BCR ZM . -27.87 40.47 18.40
C16 BCR ZM . -26.85 40.47 17.57
C17 BCR ZM . -26.03 40.00 16.84
C18 BCR ZM . -24.98 39.88 16.03
C19 BCR ZM . -24.22 41.07 15.63
C20 BCR ZM . -23.11 41.62 15.15
C21 BCR ZM . -21.97 41.74 14.81
C22 BCR ZM . -20.78 41.41 14.28
C23 BCR ZM . -19.69 42.39 14.17
C24 BCR ZM . -19.41 42.96 13.00
C25 BCR ZM . -18.30 43.93 12.81
C26 BCR ZM . -18.40 45.22 13.09
C27 BCR ZM . -18.05 46.20 12.00
C28 BCR ZM . -16.62 45.87 11.57
C29 BCR ZM . -16.52 44.41 11.16
C30 BCR ZM . -16.98 43.44 12.25
C35 BCR ZM . -29.69 41.84 20.21
C36 BCR ZM . -24.60 38.53 15.51
C37 BCR ZM . -20.54 40.00 13.87
C38 BCR ZM . -18.80 45.75 14.44
C39 BCR ZM . -15.97 43.41 13.39
C40 BCR ZM . -17.12 42.05 11.64
C1 BCR AN . -30.60 32.17 28.31
C2 BCR AN . -31.79 31.24 28.10
C3 BCR AN . -32.68 31.77 27.00
C4 BCR AN . -33.33 33.04 27.49
C5 BCR AN . -32.33 33.98 28.11
C6 BCR AN . -31.10 33.58 28.50
C7 BCR AN . -30.23 34.59 29.17
C8 BCR AN . -29.34 35.33 28.52
C9 BCR AN . -28.63 36.21 29.10
C10 BCR AN . -28.34 37.24 28.49
C11 BCR AN . -27.50 38.00 28.17
C33 BCR AN . -32.79 35.39 28.30
C31 BCR AN . -29.69 32.06 27.11
C32 BCR AN . -29.85 31.76 29.56
C34 BCR AN . -28.15 36.05 30.50
C12 BCR AN . -26.68 38.83 27.78
C13 BCR AN . -25.58 39.82 27.82
C14 BCR AN . -25.21 40.34 26.66
C15 BCR AN . -24.15 41.31 26.54
C16 BCR AN . -23.36 42.03 25.78
C17 BCR AN . -22.52 42.76 25.35
C18 BCR AN . -21.91 43.47 24.41
C19 BCR AN . -20.67 44.21 24.67
C20 BCR AN . -19.80 45.04 24.14
C21 BCR AN . -18.86 45.74 23.92
C22 BCR AN . -18.00 46.42 23.15
C23 BCR AN . -16.87 47.12 23.76
C24 BCR AN . -15.70 46.79 23.25
C25 BCR AN . -14.41 47.35 23.71
C26 BCR AN . -14.09 47.43 25.00
C27 BCR AN . -13.46 48.69 25.50
C28 BCR AN . -12.25 48.87 24.62
C29 BCR AN . -12.67 49.04 23.17
C30 BCR AN . -13.41 47.81 22.67
C35 BCR AN . -24.92 40.22 29.09
C36 BCR AN . -22.49 43.53 23.05
C37 BCR AN . -18.22 46.47 21.67
C38 BCR AN . -14.33 46.29 25.95
C39 BCR AN . -12.41 46.68 22.45
C40 BCR AN . -14.11 48.14 21.36
C1 BCR BN . -27.52 32.76 54.54
C2 BCR BN . -26.56 32.21 53.51
C3 BCR BN . -26.86 32.72 52.11
C4 BCR BN . -28.27 32.33 51.70
C5 BCR BN . -29.21 32.84 52.76
C6 BCR BN . -28.95 32.66 54.05
C7 BCR BN . -30.06 32.43 54.99
C8 BCR BN . -30.67 31.26 55.15
C9 BCR BN . -31.63 31.16 55.98
C10 BCR BN . -31.90 30.10 56.55
C11 BCR BN . -31.52 29.07 56.99
C33 BCR BN . -30.44 33.58 52.34
C31 BCR BN . -27.26 34.24 54.75
C32 BCR BN . -27.34 32.02 55.86
C34 BCR BN . -32.49 32.35 56.29
C12 BCR BN . -31.25 27.98 57.54
C13 BCR BN . -30.68 26.65 57.75
C14 BCR BN . -31.15 25.97 58.81
C15 BCR BN . -30.73 24.63 59.20
C16 BCR BN . -30.82 23.57 59.97
C17 BCR BN . -30.62 22.51 60.49
C18 BCR BN . -30.80 21.47 61.30
C19 BCR BN . -31.94 21.41 62.21
C20 BCR BN . -32.41 20.95 63.35
C21 BCR BN . -33.14 20.71 64.26
C22 BCR BN . -33.69 19.94 65.19
C23 BCR BN . -34.73 20.44 66.10
C24 BCR BN . -35.88 19.77 66.16
C25 BCR BN . -37.07 20.05 67.01
C26 BCR BN . -37.68 18.97 67.52
C27 BCR BN . -38.54 19.02 68.77
C28 BCR BN . -39.12 20.40 69.03
C29 BCR BN . -39.03 21.32 67.82
C30 BCR BN . -37.60 21.45 67.31
C35 BCR BN . -29.63 26.08 56.85
C36 BCR BN . -29.85 20.32 61.32
C37 BCR BN . -33.21 18.54 65.32
C38 BCR BN . -37.52 17.64 66.84
C39 BCR BN . -36.75 22.14 68.39
C40 BCR BN . -37.65 22.32 66.06
O1 LHG CN . -52.51 23.02 40.02
C1 LHG CN . -51.60 24.05 39.62
C2 LHG CN . -50.36 23.99 40.49
O2 LHG CN . -49.69 25.26 40.46
C3 LHG CN . -49.43 22.90 39.97
O3 LHG CN . -48.09 23.24 40.27
P LHG CN . -47.19 22.32 41.23
O4 LHG CN . -48.03 21.91 42.42
O5 LHG CN . -46.55 21.25 40.39
O6 LHG CN . -46.07 23.36 41.75
C4 LHG CN . -44.68 23.06 41.85
C5 LHG CN . -44.00 24.28 42.48
C6 LHG CN . -44.02 25.43 41.48
O7 LHG CN . -44.78 24.64 43.61
C7 LHG CN . -44.06 24.70 44.89
O9 LHG CN . -43.30 23.81 45.19
C8 LHG CN . -44.30 25.88 45.80
C9 LHG CN . -44.02 25.51 47.25
C10 LHG CN . -44.84 26.37 48.21
O8 LHG CN . -42.76 26.09 41.38
C23 LHG CN . -42.65 27.52 41.58
O10 LHG CN . -43.60 28.14 42.07
C24 LHG CN . -41.39 28.27 41.21
C11 LHG CN . -43.95 27.27 49.07
C12 LHG CN . -44.52 27.37 50.48
C13 LHG CN . -43.84 28.38 51.40
C14 LHG CN . -43.05 29.47 50.67
C15 LHG CN . -42.64 30.59 51.62
C16 LHG CN . -41.23 31.07 51.37
C17 LHG CN . -41.14 32.59 51.49
C18 LHG CN . -39.80 33.12 50.97
C19 LHG CN . -39.58 34.57 51.38
C25 LHG CN . -40.28 28.08 42.25
C26 LHG CN . -39.13 27.25 41.68
C27 LHG CN . -37.78 27.67 42.29
C28 LHG CN . -37.40 26.82 43.49
C29 LHG CN . -35.91 26.93 43.82
C30 LHG CN . -35.47 28.33 44.29
C31 LHG CN . -34.14 28.23 45.01
C32 LHG CN . -34.13 28.84 46.42
C33 LHG CN . -32.71 28.80 46.98
C34 LHG CN . -32.55 29.67 48.23
O3 LHG DN . -28.82 51.80 3.06
P LHG DN . -29.49 50.37 3.42
O4 LHG DN . -30.70 50.61 4.28
O5 LHG DN . -29.61 49.56 2.16
O6 LHG DN . -28.37 49.71 4.35
C4 LHG DN . -28.11 48.31 4.23
C5 LHG DN . -26.88 47.95 5.04
C6 LHG DN . -25.81 47.44 4.08
O7 LHG DN . -26.40 49.12 5.68
C7 LHG DN . -25.88 48.86 7.01
O9 LHG DN . -24.86 48.21 7.12
C8 LHG DN . -26.57 49.40 8.23
C9 LHG DN . -25.56 50.00 9.20
C10 LHG DN . -25.21 48.97 10.27
O8 LHG DN . -24.89 48.50 3.95
C23 LHG DN . -23.50 48.30 3.58
O10 LHG DN . -23.20 47.46 2.74
C24 LHG DN . -22.47 49.15 4.27
C11 LHG DN . -24.33 49.54 11.36
C12 LHG DN . -23.41 48.43 11.85
C13 LHG DN . -23.02 48.65 13.31
C14 LHG DN . -22.07 47.54 13.74
C15 LHG DN . -21.97 47.47 15.25
C16 LHG DN . -22.32 46.08 15.74
C17 LHG DN . -21.88 45.90 17.19
C18 LHG DN . -22.23 44.51 17.71
C19 LHG DN . -21.32 44.15 18.86
C20 LHG DN . -19.86 44.05 18.42
C21 LHG DN . -19.47 42.62 18.13
C22 LHG DN . -17.98 42.53 17.85
C25 LHG DN . -21.07 48.62 4.07
C26 LHG DN . -20.13 49.80 3.85
C27 LHG DN . -18.73 49.43 4.28
C28 LHG DN . -18.02 50.58 4.99
C29 LHG DN . -16.53 50.30 5.07
C30 LHG DN . -15.81 51.45 5.76
C31 LHG DN . -14.96 52.23 4.78
C32 LHG DN . -14.23 53.36 5.49
C33 LHG DN . -13.31 54.10 4.53
C34 LHG DN . -11.95 54.36 5.16
C35 LHG DN . -11.34 53.09 5.73
C36 LHG DN . -9.98 52.79 5.11
C37 LHG DN . -8.98 52.35 6.18
C38 LHG DN . -9.35 51.03 6.78
C1 LMG EN . 4.15 24.72 25.50
O1 LMG EN . 2.80 25.19 25.59
C2 LMG EN . 4.86 24.95 26.83
O2 LMG EN . 4.99 26.35 27.05
C3 LMG EN . 6.27 24.35 26.85
O3 LMG EN . 6.67 24.21 28.21
C4 LMG EN . 6.38 22.99 26.16
O4 LMG EN . 6.09 21.94 27.09
C5 LMG EN . 5.51 22.86 24.92
O5 LMG EN . 6.76 20.96 24.11
C6 LMG EN . 5.44 21.40 24.50
O6 LMG EN . 4.19 23.34 25.18
C7 LMG EN . 1.95 24.59 24.62
C8 LMG EN . 0.60 25.30 24.55
C9 LMG EN . 0.84 26.72 24.06
O7 LMG EN . -0.29 24.62 23.66
C10 LMG EN . -1.20 23.70 24.34
O9 LMG EN . -0.81 23.12 25.34
C11 LMG EN . -2.60 23.47 23.85
C12 LMG EN . -3.27 22.35 24.65
C13 LMG EN . -4.73 22.17 24.27
C14 LMG EN . -5.60 23.33 24.75
C15 LMG EN . -6.53 23.80 23.64
C16 LMG EN . -7.93 24.08 24.15
C17 LMG EN . -8.01 25.26 25.10
C18 LMG EN . -9.46 25.52 25.37
O8 LMG EN . 0.91 27.56 25.21
C28 LMG EN . 0.75 29.00 25.13
O10 LMG EN . 1.69 29.70 25.50
C29 LMG EN . -0.51 29.64 24.57
C30 LMG EN . -1.77 29.34 25.39
C31 LMG EN . -2.35 27.96 25.17
C32 LMG EN . -3.64 28.02 24.37
C33 LMG EN . -3.54 27.19 23.10
C34 LMG EN . -2.55 27.82 22.12
C35 LMG EN . -2.89 29.25 21.76
C36 LMG EN . -1.64 29.91 21.21
C37 LMG EN . -1.68 31.06 20.54
C38 LMG EN . -2.98 31.76 20.25
C39 LMG EN . -3.43 31.43 18.85
C40 LMG EN . -4.64 31.80 18.46
C41 LMG EN . -5.12 31.49 17.07
C42 LMG EN . -6.57 31.90 16.98
C43 LMG EN . -6.90 33.16 17.24
C44 LMG EN . -8.35 33.59 17.16
C45 LMG EN . -8.94 33.14 15.84
C1B LMT FN . 3.11 40.55 29.60
C2B LMT FN . 3.85 39.57 30.53
C3B LMT FN . 2.86 38.87 31.46
C4B LMT FN . 2.00 39.90 32.22
C5B LMT FN . 1.37 40.83 31.17
C6B LMT FN . 0.51 41.87 31.86
O1B LMT FN . 2.29 39.85 28.74
O2B LMT FN . 4.52 38.66 29.77
O3B LMT FN . 3.49 38.00 32.30
O4' LMT FN . 0.99 39.28 32.93
O5B LMT FN . 2.35 41.45 30.36
O6B LMT FN . 1.26 42.91 32.32
C1' LMT FN . 1.43 38.47 24.95
C2' LMT FN . 2.76 37.99 25.57
C3' LMT FN . 2.68 38.23 27.08
C4' LMT FN . 2.66 39.73 27.38
C5' LMT FN . 1.54 40.36 26.52
C6' LMT FN . 1.96 41.54 25.68
O1' LMT FN . 1.62 39.01 23.72
O2' LMT FN . 2.87 36.65 25.33
O3' LMT FN . 3.75 37.67 27.70
O5' LMT FN . 0.75 39.43 25.78
O6' LMT FN . 2.27 42.50 26.57
C1 LMT FN . 0.98 38.31 22.69
C2 LMT FN . -0.29 39.06 22.49
C3 LMT FN . -1.23 38.52 21.47
C4 LMT FN . -2.40 39.46 21.43
C5 LMT FN . -3.02 39.44 20.09
C6 LMT FN . -3.85 40.65 19.85
C7 LMT FN . -4.47 40.58 18.50
C8 LMT FN . -5.55 39.55 18.52
C1B LMT GN . -20.72 32.91 20.19
C2B LMT GN . -21.17 31.92 19.11
C3B LMT GN . -22.63 32.19 18.70
C4B LMT GN . -23.46 32.79 19.88
C5B LMT GN . -22.76 34.09 20.35
C6B LMT GN . -23.03 34.32 21.82
O1B LMT GN . -19.33 33.01 20.22
O2B LMT GN . -20.32 32.06 18.05
O3B LMT GN . -23.22 31.08 18.17
O4' LMT GN . -24.72 33.10 19.47
O5B LMT GN . -21.37 34.13 20.07
O6B LMT GN . -24.36 34.24 22.08
C1' LMT GN . -16.14 35.33 20.92
C2' LMT GN . -17.42 36.04 21.36
C3' LMT GN . -18.55 34.99 21.39
C4' LMT GN . -18.67 34.23 20.03
C5' LMT GN . -17.23 33.78 19.66
C6' LMT GN . -17.15 33.01 18.37
O1' LMT GN . -15.07 36.16 20.89
O2' LMT GN . -17.26 36.53 22.63
O3' LMT GN . -19.73 35.60 21.69
O5' LMT GN . -16.35 34.86 19.61
O6' LMT GN . -15.85 33.11 17.98
C1 LMT GN . -13.87 35.55 21.33
C2 LMT GN . -12.78 36.29 20.62
C3 LMT GN . -12.45 35.81 19.25
C4 LMT GN . -11.18 35.01 19.36
C5 LMT GN . -10.03 35.90 19.69
C1B LMT HN . -33.75 47.32 77.34
C2B LMT HN . -32.22 47.44 77.37
C3B LMT HN . -31.61 46.32 78.24
C4B LMT HN . -32.29 46.26 79.63
C5B LMT HN . -33.81 46.20 79.41
C6B LMT HN . -34.54 46.15 80.75
O1B LMT HN . -34.13 46.18 76.62
O2B LMT HN . -31.76 47.38 76.09
O3B LMT HN . -30.25 46.43 78.33
O4' LMT HN . -31.89 45.15 80.32
O5B LMT HN . -34.28 47.27 78.62
O6B LMT HN . -35.56 45.22 80.69
C1' LMT HN . -36.22 45.22 73.12
C2' LMT HN . -34.85 45.92 72.94
C3' LMT HN . -34.03 45.85 74.25
C4' LMT HN . -34.85 46.37 75.43
C5' LMT HN . -36.10 45.47 75.44
C6' LMT HN . -36.97 45.61 76.66
O1' LMT HN . -37.04 45.54 72.08
O2' LMT HN . -34.15 45.25 71.97
O3' LMT HN . -32.87 46.58 74.13
O5' LMT HN . -36.87 45.72 74.29
O6' LMT HN . -36.32 44.92 77.65
C1 LMT HN . -37.79 44.46 71.57
C2 LMT HN . -38.28 44.95 70.23
C3 LMT HN . -37.84 44.18 69.04
C4 LMT HN . -38.43 44.85 67.82
C5 LMT HN . -38.26 43.98 66.63
C6 LMT HN . -38.49 44.72 65.35
C7 LMT HN . -38.27 43.81 64.19
C8 LMT HN . -38.65 44.52 62.94
C9 LMT HN . -38.64 43.67 61.73
O1B LMT IN . -34.07 65.71 69.68
C1' LMT IN . -35.66 64.15 66.24
C2' LMT IN . -35.94 65.66 66.42
C3' LMT IN . -35.09 66.23 67.59
C4' LMT IN . -35.13 65.33 68.84
C5' LMT IN . -34.87 63.89 68.37
C6' LMT IN . -34.73 62.87 69.47
O1' LMT IN . -36.52 63.61 65.34
O2' LMT IN . -35.59 66.31 65.26
O3' LMT IN . -35.51 67.49 67.92
O5' LMT IN . -35.87 63.49 67.47
O6' LMT IN . -35.42 63.37 70.55
C1 LMT IN . -35.91 62.98 64.24
C2 LMT IN . -36.36 63.78 63.06
C3 LMT IN . -35.88 63.31 61.73
C4 LMT IN . -37.09 63.16 60.83
C5 LMT IN . -36.67 62.93 59.42
C6 LMT IN . -37.85 62.65 58.56
C7 LMT IN . -37.43 62.61 57.13
C8 LMT IN . -38.62 62.24 56.31
C9 LMT IN . -38.39 62.33 54.83
C10 LMT IN . -39.71 62.09 54.17
C11 LMT IN . -39.58 62.07 52.69
C12 LMT IN . -38.69 60.98 52.22
CL CL JN . -1.76 18.58 44.35
MG CLA KN . -15.77 14.52 51.26
CHA CLA KN . -16.59 11.23 52.13
CHB CLA KN . -18.42 14.48 49.17
CHC CLA KN . -15.08 17.76 50.59
CHD CLA KN . -12.99 14.41 53.41
NA CLA KN . -17.34 13.06 50.69
C1A CLA KN . -17.44 11.84 51.06
C2A CLA KN . -18.47 11.07 50.29
C3A CLA KN . -18.90 12.09 49.32
C4A CLA KN . -18.20 13.30 49.74
CMA CLA KN . -18.32 11.57 48.03
CAA CLA KN . -19.70 10.88 51.14
CBA CLA KN . -20.71 9.96 50.50
CGA CLA KN . -21.86 10.02 51.45
O1A CLA KN . -22.99 9.63 51.26
O2A CLA KN . -21.72 10.54 52.64
NB CLA KN . -16.64 15.92 50.03
C1B CLA KN . -17.76 15.77 49.34
C2B CLA KN . -18.22 17.03 48.70
C3B CLA KN . -17.19 17.98 49.13
C4B CLA KN . -16.26 17.19 49.95
CMB CLA KN . -19.45 17.24 47.88
CAB CLA KN . -16.99 19.43 48.89
CBB CLA KN . -17.43 20.05 47.82
NC CLA KN . -14.28 15.87 51.92
C1C CLA KN . -14.12 17.12 51.49
C2C CLA KN . -12.95 17.82 52.00
C3C CLA KN . -12.34 16.81 52.86
C4C CLA KN . -13.24 15.66 52.72
CMC CLA KN . -12.50 19.21 51.74
CAC CLA KN . -11.09 16.88 53.68
CBC CLA KN . -9.94 16.52 52.78
ND CLA KN . -14.90 13.24 52.51
C1D CLA KN . -13.84 13.24 53.28
C2D CLA KN . -13.58 11.97 53.98
C3D CLA KN . -14.72 11.18 53.48
C4D CLA KN . -15.41 11.96 52.65
CMD CLA KN . -12.54 11.52 54.91
CAD CLA KN . -15.34 9.83 53.57
OBD CLA KN . -15.00 8.94 54.42
CBD CLA KN . -16.71 9.99 53.00
CGD CLA KN . -17.23 8.71 52.39
O1D CLA KN . -16.63 8.07 51.57
O2D CLA KN . -18.51 8.20 52.79
CED CLA KN . -18.59 6.92 53.37
C1 CLA KN . -22.50 10.00 53.92
C2 CLA KN . -22.49 10.93 55.10
C3 CLA KN . -22.13 10.50 56.32
C4 CLA KN . -21.73 9.08 56.54
C5 CLA KN . -22.15 11.49 57.46
C6 CLA KN . -20.71 11.82 57.79
C7 CLA KN . -20.55 13.01 58.71
C8 CLA KN . -21.13 12.92 60.11
C9 CLA KN . -20.85 14.22 60.83
C10 CLA KN . -20.58 11.72 60.87
C11 CLA KN . -21.68 10.70 61.05
C12 CLA KN . -21.47 9.79 62.24
C13 CLA KN . -22.59 9.97 63.24
C14 CLA KN . -22.47 8.91 64.31
C15 CLA KN . -23.94 9.84 62.57
C16 CLA KN . -24.87 10.94 63.00
C17 CLA KN . -26.11 10.33 63.62
C18 CLA KN . -27.37 11.00 63.13
C19 CLA KN . -28.59 10.19 63.55
C20 CLA KN . -27.47 12.43 63.64
MG CLA LN . -26.98 12.28 56.11
CHA CLA LN . -24.42 14.65 56.01
CHB CLA LN . -27.54 13.24 59.33
CHC CLA LN . -29.60 10.11 56.13
CHD CLA LN . -26.22 11.30 52.83
NA CLA LN . -26.09 13.76 57.52
C1A CLA LN . -25.10 14.55 57.34
C2A CLA LN . -24.65 15.26 58.60
C3A CLA LN . -25.67 14.74 59.60
C4A CLA LN . -26.49 13.85 58.76
CMA CLA LN . -25.12 14.13 60.87
CAA CLA LN . -24.61 16.79 58.53
CBA CLA LN . -25.52 17.59 59.43
CGA CLA LN . -24.98 17.84 60.79
O1A CLA LN . -23.81 17.97 61.09
O2A CLA LN . -25.80 17.93 61.81
NB CLA LN . -28.36 11.76 57.54
C1B CLA LN . -28.48 12.29 58.75
C2B CLA LN . -29.64 11.80 59.52
C3B CLA LN . -30.22 10.86 58.57
C4B CLA LN . -29.37 10.90 57.36
CMB CLA LN . -30.03 12.21 60.91
CAB CLA LN . -31.43 10.04 58.73
CBB CLA LN . -32.54 10.47 59.28
NC CLA LN . -27.84 10.97 54.66
C1C CLA LN . -28.81 10.08 54.88
C2C CLA LN . -29.02 9.09 53.81
C3C CLA LN . -28.01 9.48 52.84
C4C CLA LN . -27.35 10.63 53.46
CMC CLA LN . -30.00 7.96 53.72
CAC CLA LN . -27.67 8.86 51.49
CBC CLA LN . -26.47 7.93 51.58
ND CLA LN . -25.63 12.69 54.71
C1D CLA LN . -25.49 12.40 53.42
C2D CLA LN . -24.55 13.25 52.68
C3D CLA LN . -24.14 14.14 53.78
C4D CLA LN . -24.78 13.76 54.89
CMD CLA LN . -24.11 13.30 51.25
CAD CLA LN . -23.28 15.31 54.04
OBD CLA LN . -23.25 16.29 53.22
CBD CLA LN . -23.42 15.66 55.46
CGD CLA LN . -22.09 15.84 56.12
O1D CLA LN . -21.90 16.72 56.93
O2D CLA LN . -20.94 15.04 55.81
CED CLA LN . -19.73 15.53 56.35
C1 CLA LN . -26.42 19.34 62.17
C2 CLA LN . -25.63 20.15 63.15
C3 CLA LN . -25.89 21.42 63.41
C4 CLA LN . -25.01 22.06 64.42
C5 CLA LN . -26.98 22.21 62.71
C6 CLA LN . -28.00 22.70 63.72
C7 CLA LN . -27.88 24.19 63.97
C8 CLA LN . -29.04 24.96 63.39
C9 CLA LN . -28.56 26.36 63.00
C10 CLA LN . -30.18 25.03 64.39
MG CLA MN . -23.30 16.57 34.25
CHA CLA MN . -24.03 17.58 31.02
CHB CLA MN . -20.34 15.33 33.07
CHC CLA MN . -22.45 15.91 37.42
CHD CLA MN . -26.48 17.57 35.29
NA CLA MN . -22.29 16.46 32.29
C1A CLA MN . -22.73 16.84 31.17
C2A CLA MN . -21.81 16.49 30.05
C3A CLA MN . -20.73 15.71 30.73
C4A CLA MN . -21.14 15.83 32.12
CMA CLA MN . -20.45 14.31 30.19
CAA CLA MN . -21.10 17.79 29.71
CBA CLA MN . -20.29 17.77 28.43
CGA CLA MN . -18.82 17.58 28.73
O1A CLA MN . -18.25 18.08 29.67
O2A CLA MN . -18.00 16.84 28.04
NB CLA MN . -21.61 15.74 35.11
C1B CLA MN . -20.53 15.30 34.52
C2B CLA MN . -19.47 14.79 35.44
C3B CLA MN . -20.15 14.97 36.72
C4B CLA MN . -21.46 15.56 36.41
CMB CLA MN . -18.12 14.25 35.09
CAB CLA MN . -19.71 14.71 38.11
CBB CLA MN . -18.51 15.04 38.48
NC CLA MN . -24.35 16.77 36.09
C1C CLA MN . -23.82 16.41 37.24
C2C CLA MN . -24.67 16.55 38.38
C3C CLA MN . -25.91 17.06 37.83
C4C CLA MN . -25.59 17.14 36.37
CMC CLA MN . -24.25 16.26 39.76
CAC CLA MN . -27.14 17.34 38.69
CBC CLA MN . -28.12 18.39 38.24
ND CLA MN . -24.94 17.39 33.48
C1D CLA MN . -26.14 17.75 33.90
C2D CLA MN . -27.04 18.28 32.86
C3D CLA MN . -26.14 18.20 31.72
C4D CLA MN . -24.97 17.68 32.12
CMD CLA MN . -28.44 18.81 32.81
CAD CLA MN . -26.09 18.48 30.29
OBD CLA MN . -26.94 19.19 29.64
CBD CLA MN . -24.66 18.40 29.89
CGD CLA MN . -24.47 17.86 28.51
O1D CLA MN . -25.07 16.89 28.11
O2D CLA MN . -23.52 18.53 27.65
CED CLA MN . -23.52 18.27 26.28
C1 CLA MN . -16.75 16.16 28.75
C2 CLA MN . -16.90 14.96 29.63
C3 CLA MN . -16.55 14.97 30.92
C4 CLA MN . -16.01 16.20 31.57
C5 CLA MN . -16.74 13.69 31.71
C6 CLA MN . -15.43 13.26 32.34
C7 CLA MN . -14.44 12.85 31.26
C8 CLA MN . -13.12 12.41 31.87
C9 CLA MN . -12.48 13.59 32.57
C10 CLA MN . -12.24 11.88 30.76
C11 CLA MN . -12.32 10.37 30.62
C12 CLA MN . -11.09 9.86 29.89
C13 CLA MN . -11.40 8.67 28.99
C14 CLA MN . -12.50 8.98 28.00
C15 CLA MN . -11.79 7.49 29.87
C16 CLA MN . -11.93 6.25 29.00
C17 CLA MN . -11.64 5.02 29.83
C18 CLA MN . -12.34 3.81 29.23
C19 CLA MN . -11.97 2.57 30.03
C20 CLA MN . -13.85 4.00 29.21
MG CLA NN . -22.83 -13.92 32.13
CHA CLA NN . -24.76 -15.06 29.48
CHB CLA NN . -22.78 -17.15 33.31
CHC CLA NN . -20.83 -12.83 34.63
CHD CLA NN . -23.11 -10.60 30.92
NA CLA NN . -23.65 -15.89 31.50
C1A CLA NN . -24.36 -16.13 30.47
C2A CLA NN . -24.77 -17.56 30.35
C3A CLA NN . -24.17 -18.17 31.60
C4A CLA NN . -23.49 -17.00 32.19
CMA CLA NN . -25.13 -18.93 32.48
CAA CLA NN . -24.08 -18.19 29.14
CBA CLA NN . -22.57 -18.33 29.22
CGA CLA NN . -21.88 -17.19 28.52
O1A CLA NN . -22.07 -16.84 27.39
O2A CLA NN . -20.95 -16.47 29.06
NB CLA NN . -21.94 -14.87 33.73
C1B CLA NN . -22.03 -16.16 34.08
C2B CLA NN . -21.30 -16.53 35.31
C3B CLA NN . -20.72 -15.23 35.69
C4B CLA NN . -21.18 -14.27 34.65
CMB CLA NN . -21.20 -17.89 35.94
CAB CLA NN . -19.86 -14.86 36.83
CBB CLA NN . -19.95 -15.43 38.01
NC CLA NN . -22.00 -12.02 32.63
C1C CLA NN . -21.27 -11.76 33.71
C2C CLA NN . -20.95 -10.33 33.93
C3C CLA NN . -21.59 -9.70 32.79
C4C CLA NN . -22.22 -10.82 32.06
CMC CLA NN . -20.17 -9.67 35.04
CAC CLA NN . -21.65 -8.23 32.45
CBC CLA NN . -20.58 -7.91 31.43
ND CLA NN . -23.71 -12.93 30.63
C1D CLA NN . -23.75 -11.69 30.17
C2D CLA NN . -24.49 -11.51 28.88
C3D CLA NN . -24.87 -12.91 28.66
C4D CLA NN . -24.41 -13.65 29.68
CMD CLA NN . -24.85 -10.43 27.92
CAD CLA NN . -25.60 -13.74 27.69
OBD CLA NN . -25.79 -13.43 26.46
CBD CLA NN . -25.51 -15.15 28.15
CGD CLA NN . -26.86 -15.80 28.25
O1D CLA NN . -27.23 -16.57 27.39
O2D CLA NN . -27.75 -15.57 29.35
CED CLA NN . -28.55 -16.67 29.75
C1 CLA NN . -21.16 -14.91 29.27
C2 CLA NN . -20.72 -13.95 28.22
C3 CLA NN . -19.91 -12.95 28.56
C4 CLA NN . -19.46 -12.00 27.49
C5 CLA NN . -19.44 -12.81 30.00
C6 CLA NN . -18.69 -11.50 30.20
C7 CLA NN . -17.27 -11.77 30.67
C8 CLA NN . -16.65 -10.53 31.30
C9 CLA NN . -17.58 -9.95 32.36
C10 CLA NN . -16.40 -9.48 30.22
C11 CLA NN . -15.14 -8.67 30.48
C12 CLA NN . -14.59 -8.17 29.15
C13 CLA NN . -13.33 -7.34 29.29
C14 CLA NN . -13.59 -5.91 28.81
C15 CLA NN . -12.20 -8.04 28.54
C16 CLA NN . -11.33 -7.19 27.63
C17 CLA NN . -9.84 -7.37 27.90
C18 CLA NN . -9.29 -8.75 27.63
C19 CLA NN . -8.06 -8.70 26.75
C20 CLA NN . -8.92 -9.49 28.90
MG CLA ON . -27.55 -18.56 42.32
CHA CLA ON . -26.74 -19.51 45.60
CHB CLA ON . -24.20 -17.94 41.84
CHC CLA ON . -28.28 -17.84 39.10
CHD CLA ON . -30.91 -19.34 42.92
NA CLA ON . -25.69 -18.71 43.53
C1A CLA ON . -25.59 -19.07 44.75
C2A CLA ON . -24.18 -19.04 45.25
C3A CLA ON . -23.47 -18.44 44.07
C4A CLA ON . -24.52 -18.39 43.06
CMA CLA ON . -22.97 -17.06 44.38
CAA CLA ON . -23.76 -20.51 45.39
CBA CLA ON . -22.59 -21.04 44.56
CGA CLA ON . -21.28 -20.71 45.25
O1A CLA ON . -20.26 -20.39 44.69
O2A CLA ON . -21.16 -20.74 46.56
NB CLA ON . -26.39 -18.00 40.70
C1B CLA ON . -25.08 -17.74 40.69
C2B CLA ON . -24.55 -17.25 39.39
C3B CLA ON . -25.79 -17.22 38.59
C4B CLA ON . -26.86 -17.69 39.49
CMB CLA ON . -23.13 -16.89 39.07
CAB CLA ON . -26.01 -16.82 37.18
CBB CLA ON . -25.09 -16.84 36.25
NC CLA ON . -29.35 -18.55 41.20
C1C CLA ON . -29.46 -18.13 39.94
C2C CLA ON . -30.83 -17.99 39.44
C3C CLA ON . -31.61 -18.39 40.62
C4C CLA ON . -30.59 -18.71 41.63
CMC CLA ON . -31.31 -17.57 38.09
CAC CLA ON . -33.10 -18.45 40.78
CBC CLA ON . -33.51 -17.22 41.55
ND CLA ON . -28.68 -19.27 43.80
C1D CLA ON . -29.96 -19.53 44.00
C2D CLA ON . -30.29 -19.97 45.37
C3D CLA ON . -28.96 -19.95 45.96
C4D CLA ON . -28.10 -19.54 45.03
CMD CLA ON . -31.50 -20.39 46.14
CAD CLA ON . -28.28 -20.22 47.25
OBD CLA ON . -28.88 -20.31 48.37
CBD CLA ON . -26.84 -19.94 47.06
CGD CLA ON . -26.38 -18.86 48.00
O1D CLA ON . -25.21 -18.72 48.29
O2D CLA ON . -27.28 -17.92 48.62
CED CLA ON . -26.78 -16.62 48.90
C1 CLA ON . -21.04 -19.45 47.50
C2 CLA ON . -20.34 -19.61 48.81
C3 CLA ON . -21.01 -19.67 49.97
C4 CLA ON . -20.26 -19.84 51.24
C5 CLA ON . -22.51 -19.59 50.00
C6 CLA ON . -23.08 -20.69 50.89
C7 CLA ON . -23.74 -21.76 50.05
C8 CLA ON . -24.60 -22.71 50.87
C9 CLA ON . -23.83 -23.28 52.05
C10 CLA ON . -25.11 -23.84 49.98
C11 CLA ON . -26.49 -23.52 49.42
C12 CLA ON . -26.79 -24.33 48.17
C13 CLA ON . -28.10 -23.82 47.59
C14 CLA ON . -29.23 -24.11 48.56
C15 CLA ON . -28.40 -24.43 46.23
C16 CLA ON . -29.74 -23.96 45.71
C17 CLA ON . -29.75 -23.79 44.20
C18 CLA ON . -30.27 -25.05 43.52
C19 CLA ON . -31.67 -25.39 44.02
C20 CLA ON . -30.24 -24.91 42.01
MG CLA PN . -19.65 -13.43 43.68
CHA CLA PN . -21.12 -12.58 40.61
CHB CLA PN . -22.79 -13.56 44.98
CHC CLA PN . -18.23 -14.49 46.53
CHD CLA PN . -16.47 -13.27 42.17
NA CLA PN . -21.72 -13.14 42.92
C1A CLA PN . -22.09 -12.79 41.74
C2A CLA PN . -23.57 -12.58 41.62
C3A CLA PN . -24.01 -12.80 43.03
C4A CLA PN . -22.76 -13.22 43.69
CMA CLA PN . -24.59 -11.57 43.66
CAA CLA PN . -24.22 -13.77 40.92
CBA CLA PN . -24.66 -13.51 39.48
CGA CLA PN . -26.06 -12.99 39.35
O1A CLA PN . -27.05 -13.66 39.50
O2A CLA PN . -26.37 -11.75 39.02
NB CLA PN . -20.43 -13.97 45.49
C1B CLA PN . -21.70 -13.95 45.88
C2B CLA PN . -21.91 -14.33 47.30
C3B CLA PN . -20.53 -14.59 47.72
C4B CLA PN . -19.69 -14.35 46.54
CMB CLA PN . -23.19 -14.41 48.07
CAB CLA PN . -19.98 -15.02 49.02
CBB CLA PN . -20.46 -16.07 49.65
NC CLA PN . -17.66 -13.87 44.24
C1C CLA PN . -17.27 -14.22 45.46
C2C CLA PN . -15.81 -14.33 45.68
C3C CLA PN . -15.32 -13.99 44.36
C4C CLA PN . -16.53 -13.72 43.56
CMC CLA PN . -15.07 -14.71 46.93
CAC CLA PN . -13.92 -13.88 43.86
CBC CLA PN . -13.50 -12.45 44.07
ND CLA PN . -18.84 -13.07 41.89
C1D CLA PN . -17.63 -12.96 41.36
C2D CLA PN . -17.58 -12.52 39.95
C3D CLA PN . -19.00 -12.39 39.72
C4D CLA PN . -19.66 -12.71 40.84
CMD CLA PN . -16.53 -12.23 38.91
CAD CLA PN . -19.95 -12.01 38.66
OBD CLA PN . -19.61 -11.70 37.48
CBD CLA PN . -21.34 -12.23 39.15
CGD CLA PN . -22.11 -10.97 38.93
O1D CLA PN . -22.73 -10.80 37.91
O2D CLA PN . -22.13 -9.95 39.95
CED CLA PN . -22.89 -8.77 39.74
C1 CLA PN . -26.17 -10.56 40.07
C2 CLA PN . -27.25 -9.60 40.43
C3 CLA PN . -27.01 -8.63 41.33
C4 CLA PN . -28.09 -7.69 41.67
C5 CLA PN . -25.68 -8.50 42.02
C6 CLA PN . -25.57 -7.25 42.89
C7 CLA PN . -24.09 -6.93 43.08
C8 CLA PN . -23.74 -6.54 44.51
C9 CLA PN . -22.44 -5.76 44.52
C10 CLA PN . -23.69 -7.79 45.38
C11 CLA PN . -22.71 -7.70 46.55
C12 CLA PN . -22.72 -8.96 47.40
C13 CLA PN . -21.78 -10.07 46.92
C14 CLA PN . -21.30 -10.87 48.11
C15 CLA PN . -20.56 -9.51 46.21
C16 CLA PN . -20.38 -10.06 44.80
C17 CLA PN . -18.91 -10.00 44.48
C18 CLA PN . -18.61 -9.82 43.00
C19 CLA PN . -19.61 -8.91 42.29
C20 CLA PN . -17.19 -9.32 42.83
MG CLA QN . -2.28 -12.72 37.44
CHA CLA QN . -0.02 -10.35 36.22
CHB CLA QN . -4.18 -10.07 38.54
CHC CLA QN . -4.48 -14.97 38.56
CHD CLA QN . -0.22 -15.28 36.22
NA CLA QN . -2.16 -10.48 37.39
C1A CLA QN . -1.23 -9.77 36.90
C2A CLA QN . -1.41 -8.31 37.07
C3A CLA QN . -2.66 -8.27 37.87
C4A CLA QN . -3.05 -9.70 37.93
CMA CLA QN . -2.48 -7.63 39.22
CAA CLA QN . -1.73 -7.60 35.74
CBA CLA QN . -2.80 -8.20 34.84
CGA CLA QN . -2.30 -9.28 33.91
O1A CLA QN . -1.33 -9.20 33.18
O2A CLA QN . -2.90 -10.44 33.78
NB CLA QN . -4.08 -12.53 38.41
C1B CLA QN . -4.72 -11.41 38.78
C2B CLA QN . -6.03 -11.64 39.43
C3B CLA QN . -6.07 -13.10 39.44
C4B CLA QN . -4.84 -13.56 38.79
CMB CLA QN . -7.03 -10.65 39.97
CAB CLA QN . -7.13 -14.00 39.93
CBB CLA QN . -8.30 -14.00 39.34
NC CLA QN . -2.36 -14.82 37.36
C1C CLA QN . -3.28 -15.56 37.98
C2C CLA QN . -3.02 -17.01 38.03
C3C CLA QN . -1.75 -17.10 37.33
C4C CLA QN . -1.44 -15.70 36.96
CMC CLA QN . -3.83 -18.12 38.65
CAC CLA QN . -0.95 -18.34 37.05
CBC CLA QN . -1.03 -18.67 35.59
ND CLA QN . -0.55 -12.92 36.48
C1D CLA QN . 0.19 -13.90 35.99
C2D CLA QN . 1.41 -13.48 35.25
C3D CLA QN . 1.27 -12.02 35.39
C4D CLA QN . 0.16 -11.79 36.08
CMD CLA QN . 2.56 -14.12 34.53
CAD CLA QN . 1.94 -10.76 35.02
OBD CLA QN . 2.59 -10.61 33.92
CBD CLA QN . 1.19 -9.64 35.66
CGD CLA QN . 1.96 -9.00 36.77
O1D CLA QN . 2.55 -9.66 37.59
O2D CLA QN . 2.03 -7.56 36.93
CED CLA QN . 3.17 -6.98 37.54
C1 CLA QN . -2.17 -11.78 33.30
C2 CLA QN . -2.90 -13.07 33.54
C3 CLA QN . -2.46 -14.29 33.18
C4 CLA QN . -1.15 -14.42 32.48
C5 CLA QN . -3.27 -15.52 33.48
C6 CLA QN . -4.51 -15.18 34.28
C7 CLA QN . -5.26 -16.43 34.68
C8 CLA QN . -6.37 -16.07 35.66
C9 CLA QN . -6.71 -17.29 36.50
C10 CLA QN . -7.59 -15.54 34.92
C11 CLA QN . -8.71 -15.28 35.91
C12 CLA QN . -10.04 -15.07 35.21
C13 CLA QN . -11.14 -14.71 36.20
C14 CLA QN . -11.27 -15.78 37.27
C15 CLA QN . -12.45 -14.52 35.45
C16 CLA QN . -13.23 -13.33 36.00
C17 CLA QN . -14.38 -12.94 35.08
C18 CLA QN . -14.63 -11.44 34.93
C19 CLA QN . -16.01 -11.07 35.47
C20 CLA QN . -13.57 -10.55 35.56
MG CLA RN . -4.60 -4.97 43.52
CHA CLA RN . -4.59 -7.29 46.13
CHB CLA RN . -5.39 -7.56 41.40
CHC CLA RN . -4.72 -2.70 41.03
CHD CLA RN . -3.77 -2.42 45.79
NA CLA RN . -4.95 -7.16 43.69
C1A CLA RN . -4.86 -7.86 44.76
C2A CLA RN . -5.22 -9.28 44.56
C3A CLA RN . -5.36 -9.37 43.07
C4A CLA RN . -5.22 -7.95 42.67
CMA CLA RN . -4.38 -10.35 42.45
CAA CLA RN . -6.65 -9.51 45.11
CBA CLA RN . -7.83 -8.61 44.67
CGA CLA RN . -7.86 -7.15 45.13
O1A CLA RN . -7.82 -6.78 46.28
O2A CLA RN . -7.91 -6.11 44.35
NB CLA RN . -5.00 -5.13 41.52
C1B CLA RN . -5.29 -6.23 40.83
C2B CLA RN . -5.58 -5.97 39.40
C3B CLA RN . -5.36 -4.53 39.33
C4B CLA RN . -5.01 -4.09 40.68
CMB CLA RN . -5.96 -6.88 38.29
CAB CLA RN . -5.49 -3.69 38.14
CBB CLA RN . -6.48 -2.85 38.02
NC CLA RN . -4.31 -2.88 43.42
C1C CLA RN . -4.39 -2.13 42.34
C2C CLA RN . -4.17 -0.68 42.55
C3C CLA RN . -3.89 -0.63 43.97
C4C CLA RN . -3.98 -2.03 44.39
CMC CLA RN . -4.23 0.44 41.54
CAC CLA RN . -3.56 0.54 44.85
CBC CLA RN . -4.84 1.05 45.44
ND CLA RN . -4.16 -4.76 45.45
C1D CLA RN . -3.99 -3.76 46.28
C2D CLA RN . -4.00 -4.11 47.71
C3D CLA RN . -4.24 -5.55 47.60
C4D CLA RN . -4.31 -5.85 46.30
CMD CLA RN . -3.86 -3.34 48.97
CAD CLA RN . -4.42 -6.75 48.42
OBD CLA RN . -4.90 -6.67 49.60
CBD CLA RN . -4.68 -7.91 47.51
CGD CLA RN . -3.79 -9.09 47.78
O1D CLA RN . -3.94 -9.75 48.80
O2D CLA RN . -2.77 -9.52 46.87
CED CLA RN . -2.41 -10.90 46.82
C1 CLA RN . -7.70 -4.63 44.94
C2 CLA RN . -7.90 -3.41 44.08
C3 CLA RN . -7.81 -2.16 44.57
C4 CLA RN . -7.51 -1.95 46.01
C5 CLA RN . -8.02 -0.96 43.69
C6 CLA RN . -7.86 -1.30 42.22
C7 CLA RN . -9.18 -1.21 41.49
C8 CLA RN . -9.26 -2.27 40.40
C9 CLA RN . -10.21 -1.80 39.31
C10 CLA RN . -9.73 -3.58 41.02
C11 CLA RN . -9.84 -4.69 39.99
C12 CLA RN . -9.27 -5.99 40.52
C13 CLA RN . -10.37 -6.99 40.82
C14 CLA RN . -10.76 -6.93 42.29
C15 CLA RN . -9.94 -8.41 40.47
C16 CLA RN . -10.88 -9.44 41.08
C17 CLA RN . -10.76 -10.83 40.45
C18 CLA RN . -12.06 -11.28 39.81
C19 CLA RN . -12.01 -12.76 39.49
C20 CLA RN . -13.26 -10.97 40.68
MG CLA SN . -2.19 2.98 37.77
CHA CLA SN . -1.61 -0.40 38.39
CHB CLA SN . -3.18 2.10 34.63
CHC CLA SN . -3.10 6.21 37.32
CHD CLA SN . -0.99 3.79 40.97
NA CLA SN . -2.39 1.09 36.62
C1A CLA SN . -2.08 -0.08 37.00
C2A CLA SN . -2.23 -1.09 35.90
C3A CLA SN . -2.64 -0.25 34.72
C4A CLA SN . -2.77 1.07 35.36
CMA CLA SN . -1.65 -0.32 33.60
CAA CLA SN . -3.43 -1.96 36.24
CBA CLA SN . -4.21 -2.56 35.07
CGA CLA SN . -3.55 -3.84 34.68
O1A CLA SN . -2.42 -3.94 34.28
O2A CLA SN . -4.15 -5.01 34.69
NB CLA SN . -3.03 4.00 36.20
C1B CLA SN . -3.33 3.50 35.02
C2B CLA SN . -3.85 4.50 34.08
C3B CLA SN . -3.81 5.73 34.87
C4B CLA SN . -3.29 5.30 36.18
CMB CLA SN . -4.28 4.24 32.70
CAB CLA SN . -4.22 7.11 34.52
CBB CLA SN . -4.24 7.59 33.30
NC CLA SN . -2.07 4.73 38.98
C1C CLA SN . -2.41 5.93 38.58
C2C CLA SN . -2.05 7.04 39.45
C3C CLA SN . -1.40 6.33 40.55
C4C CLA SN . -1.46 4.91 40.15
CMC CLA SN . -2.31 8.48 39.20
CAC CLA SN . -0.75 6.88 41.79
CBC CLA SN . 0.74 6.96 41.54
ND CLA SN . -1.42 2.06 39.36
C1D CLA SN . -1.05 2.39 40.58
C2D CLA SN . -0.70 1.26 41.46
C3D CLA SN . -0.93 0.16 40.53
C4D CLA SN . -1.34 0.67 39.36
CMD CLA SN . -0.26 1.11 42.88
CAD CLA SN . -0.87 -1.32 40.44
OBD CLA SN . -0.75 -2.11 41.43
CBD CLA SN . -1.38 -1.73 39.11
CGD CLA SN . -0.43 -2.61 38.37
O1D CLA SN . 0.70 -2.28 38.13
O2D CLA SN . -0.86 -3.90 37.90
CED CLA SN . 0.13 -4.84 37.53
C1 CLA SN . -5.57 -5.15 33.96
C2 CLA SN . -6.84 -5.16 34.75
C3 CLA SN . -7.83 -4.31 34.48
C4 CLA SN . -7.65 -3.31 33.37
C5 CLA SN . -9.09 -4.38 35.31
C6 CLA SN . -9.96 -3.14 35.18
C7 CLA SN . -11.18 -3.41 34.29
C8 CLA SN . -12.50 -3.71 34.99
C9 CLA SN . -13.57 -2.70 34.57
C10 CLA SN . -12.39 -3.73 36.51
C11 CLA SN . -12.39 -5.18 37.00
C12 CLA SN . -13.69 -5.91 36.65
C13 CLA SN . -14.80 -5.77 37.71
C14 CLA SN . -15.82 -4.71 37.32
C15 CLA SN . -14.22 -5.49 39.10
C16 CLA SN . -14.17 -6.76 39.91
C17 CLA SN . -15.45 -6.87 40.71
C18 CLA SN . -15.54 -5.69 41.66
C19 CLA SN . -16.98 -5.29 41.89
C20 CLA SN . -14.83 -6.04 42.95
CAA F6C TN . 3.50 6.24 28.15
CAB F6C TN . -3.56 0.14 30.66
CAC F6C TN . -7.45 6.99 29.10
CAD F6C TN . 0.01 9.29 26.33
NA F6C TN . 0.23 4.93 28.21
CBA F6C TN . 4.82 6.05 27.43
CBB F6C TN . -4.46 0.32 31.60
CBC F6C TN . -7.50 7.81 30.37
CBD F6C TN . 1.08 8.27 26.49
NB F6C TN . -1.89 3.10 29.17
OBD F6C TN . 0.01 10.14 25.39
CGA F6C TN . 4.81 6.12 25.90
CGD F6C TN . 1.40 7.74 25.13
ND F6C TN . -2.11 6.98 28.04
CED F6C TN . 2.47 7.91 22.96
CHA F6C TN . 0.42 7.16 27.26
CHB F6C TN . 0.53 2.71 29.00
CHC F6C TN . -4.34 2.97 29.51
CHD F6C TN . -4.42 7.65 28.32
CMA F6C TN . 3.04 2.82 27.35
CMB F6C TN . -0.28 -0.14 30.36
CMC F6C TN . -7.41 3.71 29.78
CMD F6C TN . -3.25 10.39 26.67
OMB F6C TN . 0.81 -0.33 29.86
C1 F6C TN . 4.90 5.07 23.59
C1A F6C TN . 0.98 5.84 27.71
C1B F6C TN . -0.83 2.32 29.39
C1C F6C TN . -4.84 4.33 29.30
C1D F6C TN . -3.05 7.89 27.84
O1A F6C TN . 5.28 7.00 25.23
O1D F6C TN . 0.77 6.83 24.63
C2 F6C TN . 3.96 4.74 22.49
C2A F6C TN . 2.40 5.38 27.52
C2B F6C TN . -1.17 1.01 29.98
C2C F6C TN . -6.28 4.64 29.44
C2D F6C TN . -2.63 9.11 27.13
O2A F6C TN . 4.36 5.18 25.08
O2D F6C TN . 2.48 8.26 24.33
C3 F6C TN . 3.60 3.49 22.21
C3A F6C TN . 2.39 3.97 28.10
C3B F6C TN . -2.61 1.14 30.13
C3C F6C TN . -6.28 6.06 29.14
C3D F6C TN . -1.22 8.76 26.94
C4 F6C TN . 2.65 3.35 21.07
C4A F6C TN . 0.96 3.85 28.46
C4B F6C TN . -2.97 2.46 29.59
C4C F6C TN . -4.86 6.37 28.87
C4D F6C TN . -0.99 7.56 27.47
C5 F6C TN . 4.09 2.27 22.95
C6 F6C TN . 3.23 1.06 22.60
C7 F6C TN . 4.07 -0.10 22.05
C8 F6C TN . 3.54 -0.84 20.82
C9 F6C TN . 4.54 -0.73 19.68
C10 F6C TN . 2.17 -0.40 20.31
C11 F6C TN . 1.63 -1.49 19.38
C12 F6C TN . 0.88 -0.94 18.17
C13 F6C TN . 0.25 -2.06 17.34
C14 F6C TN . -0.12 -1.54 15.96
C15 F6C TN . -0.93 -2.66 18.09
NC F6C TN . -4.05 5.32 28.98
MG F6C TN . -1.98 5.06 28.54
C16 F6C TN . -2.04 -3.25 17.24
C17 F6C TN . -3.34 -2.46 17.37
C18 F6C TN . -4.47 -3.19 18.10
C19 F6C TN . -5.82 -2.67 17.62
C20 F6C TN . -4.38 -4.70 17.94
MG CLA UN . -21.09 -35.03 40.10
CHA CLA UN . -22.68 -37.81 38.72
CHB CLA UN . -24.01 -34.38 41.78
CHC CLA UN . -19.51 -32.43 41.57
CHD CLA UN . -18.16 -35.79 38.29
NA CLA UN . -23.11 -35.95 40.27
C1A CLA UN . -23.53 -37.00 39.66
C2A CLA UN . -24.96 -37.31 39.94
C3A CLA UN . -25.36 -36.18 40.85
C4A CLA UN . -24.08 -35.45 40.98
CMA CLA UN . -26.55 -35.42 40.32
CAA CLA UN . -25.14 -38.60 40.74
CBA CLA UN . -24.18 -38.77 41.92
CGA CLA UN . -24.83 -39.79 42.81
O1A CLA UN . -26.03 -39.95 42.87
O2A CLA UN . -24.24 -40.65 43.61
NB CLA UN . -21.68 -33.62 41.48
C1B CLA UN . -22.89 -33.48 42.05
C2B CLA UN . -22.99 -32.36 43.01
C3B CLA UN . -21.64 -31.79 42.91
C4B CLA UN . -20.91 -32.64 41.95
CMB CLA UN . -24.20 -31.97 43.80
CAB CLA UN . -20.99 -30.63 43.59
CBB CLA UN . -21.61 -29.79 44.37
NC CLA UN . -19.11 -34.24 39.96
C1C CLA UN . -18.66 -33.20 40.65
C2C CLA UN . -17.24 -32.85 40.43
C3C CLA UN . -16.85 -33.86 39.46
C4C CLA UN . -18.07 -34.66 39.23
CMC CLA UN . -16.44 -31.75 41.07
CAC CLA UN . -15.50 -34.09 38.82
CBC CLA UN . -15.47 -33.44 37.45
ND CLA UN . -20.43 -36.41 38.82
C1D CLA UN . -19.32 -36.65 38.12
C2D CLA UN . -19.41 -37.81 37.19
C3D CLA UN . -20.78 -38.23 37.48
C4D CLA UN . -21.30 -37.40 38.40
CMD CLA UN . -18.54 -38.54 36.19
CAD CLA UN . -21.78 -39.25 37.09
OBD CLA UN . -21.54 -40.27 36.36
CBD CLA UN . -23.02 -39.04 37.90
CGD CLA UN . -24.20 -38.80 37.02
O1D CLA UN . -24.39 -37.70 36.54
O2D CLA UN . -25.17 -39.83 36.73
CED CLA UN . -25.68 -39.98 35.41
C1 CLA UN . -22.85 -40.41 44.38
C2 CLA UN . -22.59 -41.14 45.67
C3 CLA UN . -21.42 -41.10 46.30
C4 CLA UN . -21.23 -41.84 47.58
C5 CLA UN . -20.25 -40.33 45.72
C6 CLA UN . -19.12 -41.29 45.37
C7 CLA UN . -17.77 -40.74 45.83
C8 CLA UN . -16.97 -40.16 44.67
C9 CLA UN . -16.86 -41.16 43.52
C10 CLA UN . -15.59 -39.75 45.15
C11 CLA UN . -15.42 -38.24 45.08
C12 CLA UN . -14.01 -37.83 45.51
C13 CLA UN . -14.07 -36.84 46.66
C14 CLA UN . -14.78 -35.55 46.25
C15 CLA UN . -12.65 -36.54 47.15
MG CLA VN . -24.01 -39.51 49.45
CHA CLA VN . -26.54 -39.25 47.06
CHB CLA VN . -26.10 -41.61 51.20
CHC CLA VN . -21.54 -39.81 51.74
CHD CLA VN . -21.97 -37.34 47.55
NA CLA VN . -26.06 -40.36 49.18
C1A CLA VN . -26.88 -40.16 48.21
C2A CLA VN . -28.19 -40.88 48.36
C3A CLA VN . -28.01 -41.55 49.70
C4A CLA VN . -26.62 -41.16 50.05
CMA CLA VN . -29.05 -41.24 50.73
CAA CLA VN . -28.47 -42.01 47.36
CBA CLA VN . -27.38 -42.45 46.39
CGA CLA VN . -26.45 -43.49 46.94
O1A CLA VN . -26.50 -43.95 48.07
O2A CLA VN . -25.47 -44.04 46.25
NB CLA VN . -23.85 -40.57 51.20
C1B CLA VN . -24.78 -41.35 51.78
C2B CLA VN . -24.35 -41.94 53.08
C3B CLA VN . -23.01 -41.40 53.22
C4B CLA VN . -22.78 -40.55 52.02
CMB CLA VN . -25.09 -42.86 53.99
CAB CLA VN . -22.06 -41.63 54.32
CBB CLA VN . -20.97 -42.32 54.15
NC CLA VN . -22.03 -38.74 49.59
C1C CLA VN . -21.20 -38.94 50.60
C2C CLA VN . -19.89 -38.26 50.52
C3C CLA VN . -20.02 -37.56 49.25
C4C CLA VN . -21.37 -37.91 48.76
CMC CLA VN . -18.75 -38.29 51.49
CAC CLA VN . -19.01 -36.65 48.58
CBC CLA VN . -18.29 -37.41 47.48
ND CLA VN . -24.08 -38.51 47.74
C1D CLA VN . -23.31 -37.67 47.06
C2D CLA VN . -23.93 -37.12 45.81
C3D CLA VN . -25.22 -37.80 45.87
C4D CLA VN . -25.25 -38.56 46.97
CMD CLA VN . -23.55 -36.18 44.72
CAD CLA VN . -26.50 -37.90 45.14
OBD CLA VN . -26.74 -37.42 43.98
CBD CLA VN . -27.38 -38.86 45.85
CGD CLA VN . -28.69 -38.24 46.26
O1D CLA VN . -28.88 -37.83 47.39
O2D CLA VN . -29.78 -38.14 45.32
CED CLA VN . -30.87 -37.30 45.67
MG CLA WN . -24.32 -30.37 47.06
CHA CLA WN . -24.40 -27.14 45.75
CHB CLA WN . -21.27 -29.57 48.41
CHC CLA WN . -24.27 -33.45 48.39
CHD CLA WN . -27.52 -31.01 45.70
NA CLA WN . -22.98 -28.59 47.11
C1A CLA WN . -23.17 -27.45 46.56
C2A CLA WN . -22.06 -26.47 46.78
C3A CLA WN . -21.08 -27.31 47.59
C4A CLA WN . -21.82 -28.58 47.73
CMA CLA WN . -19.65 -27.39 47.13
CAA CLA WN . -22.63 -25.33 47.63
CBA CLA WN . -21.83 -24.84 48.83
CGA CLA WN . -20.67 -24.05 48.31
O1A CLA WN . -20.69 -23.38 47.32
O2A CLA WN . -19.48 -24.09 48.84
NB CLA WN . -22.95 -31.36 48.25
C1B CLA WN . -21.77 -30.92 48.68
C2B CLA WN . -21.01 -31.90 49.50
C3B CLA WN . -21.92 -33.04 49.47
C4B CLA WN . -23.09 -32.61 48.68
CMB CLA WN . -19.65 -31.70 50.13
CAB CLA WN . -21.78 -34.39 50.09
CBB CLA WN . -21.26 -34.57 51.28
NC CLA WN . -25.72 -31.97 47.09
C1C CLA WN . -25.51 -33.14 47.66
C2C CLA WN . -26.59 -34.13 47.49
C3C CLA WN . -27.58 -33.40 46.72
C4C CLA WN . -26.94 -32.08 46.52
CMC CLA WN . -26.68 -35.53 47.99
CAC CLA WN . -28.90 -33.91 46.23
CBC CLA WN . -30.04 -33.53 47.14
ND CLA WN . -25.73 -29.42 46.01
C1D CLA WN . -26.91 -29.71 45.47
C2D CLA WN . -27.51 -28.62 44.64
C3D CLA WN . -26.45 -27.62 44.80
C4D CLA WN . -25.49 -28.13 45.58
CMD CLA WN . -28.75 -28.39 43.83
CAD CLA WN . -26.10 -26.24 44.40
OBD CLA WN . -26.76 -25.53 43.56
CBD CLA WN . -24.73 -25.95 44.88
CGD CLA WN . -23.85 -26.05 43.69
O1D CLA WN . -24.29 -26.53 42.67
O2D CLA WN . -22.48 -25.65 43.64
CED CLA WN . -21.80 -26.10 42.47
C1 CLA WN . -19.15 -23.44 50.26
C2 CLA WN . -19.78 -23.72 51.59
C3 CLA WN . -18.99 -24.08 52.61
C4 CLA WN . -17.52 -24.27 52.43
C5 CLA WN . -19.58 -24.32 53.96
C6 CLA WN . -20.26 -23.03 54.34
C7 CLA WN . -20.35 -22.88 55.85
C8 CLA WN . -20.24 -21.42 56.24
C9 CLA WN . -21.25 -20.56 55.51
C10 CLA WN . -18.82 -20.98 55.91
C11 CLA WN . -17.84 -21.70 56.82
C12 CLA WN . -17.59 -20.80 58.02
C13 CLA WN . -16.11 -20.61 58.28
C14 CLA WN . -15.97 -19.47 59.27
C15 CLA WN . -15.33 -20.37 56.99
C16 CLA WN . -13.98 -19.73 57.24
C17 CLA WN . -13.09 -19.98 56.03
C18 CLA WN . -12.18 -18.80 55.78
C19 CLA WN . -11.21 -18.62 56.92
C20 CLA WN . -11.43 -18.98 54.47
MG CLA XN . -4.36 -29.81 54.55
CHA CLA XN . -1.30 -28.63 53.32
CHB CLA XN . -5.76 -26.88 53.39
CHC CLA XN . -7.32 -31.05 55.49
CHD CLA XN . -2.72 -32.69 55.82
NA CLA XN . -3.66 -27.99 53.47
C1A CLA XN . -2.47 -27.71 53.11
C2A CLA XN . -2.32 -26.37 52.44
C3A CLA XN . -3.72 -25.84 52.57
C4A CLA XN . -4.44 -26.97 53.17
CMA CLA XN . -3.80 -24.57 53.39
CAA CLA XN . -2.07 -26.51 50.94
CBA CLA XN . -2.77 -27.74 50.35
CGA CLA XN . -2.28 -28.13 48.98
O1A CLA XN . -1.17 -27.90 48.53
O2A CLA XN . -3.02 -28.82 48.14
NB CLA XN . -6.28 -29.06 54.43
C1B CLA XN . -6.67 -27.86 53.99
C2B CLA XN . -8.13 -27.59 54.14
C3B CLA XN . -8.57 -28.84 54.77
C4B CLA XN . -7.35 -29.68 54.92
CMB CLA XN . -8.86 -26.34 53.73
CAB CLA XN . -9.92 -29.27 55.21
CBB CLA XN . -10.91 -28.45 55.50
NC CLA XN . -4.94 -31.64 55.46
C1C CLA XN . -6.19 -31.93 55.84
C2C CLA XN . -6.33 -33.19 56.60
C3C CLA XN . -4.97 -33.69 56.66
C4C CLA XN . -4.19 -32.66 55.94
CMC CLA XN . -7.56 -33.82 57.16
CAC CLA XN . -4.47 -34.94 57.35
CBC CLA XN . -4.03 -36.00 56.37
ND CLA XN . -2.52 -30.59 54.64
C1D CLA XN . -1.94 -31.68 55.11
C2D CLA XN . -0.48 -31.78 54.86
C3D CLA XN . -0.29 -30.52 54.14
C4D CLA XN . -1.47 -29.91 54.05
CMD CLA XN . 0.64 -32.73 55.14
CAD CLA XN . 0.77 -29.73 53.48
OBD CLA XN . 1.91 -30.18 53.10
CBD CLA XN . 0.15 -28.52 52.90
CGD CLA XN . 0.86 -27.33 53.45
O1D CLA XN . 1.48 -26.59 52.70
O2D CLA XN . 0.86 -27.00 54.85
CED CLA XN . 1.56 -25.83 55.23
C1 CLA XN . -2.99 -30.42 48.16
C2 CLA XN . -2.13 -31.19 47.19
C3 CLA XN . -1.99 -32.52 47.26
C4 CLA XN . -1.11 -33.22 46.26
C5 CLA XN . -2.67 -33.34 48.34
C6 CLA XN . -3.76 -34.20 47.73
C7 CLA XN . -4.92 -34.43 48.69
C8 CLA XN . -6.21 -33.88 48.10
C9 CLA XN . -6.13 -32.37 48.00
C10 CLA XN . -7.43 -34.29 48.94
C11 CLA XN . -8.70 -34.25 48.09
C12 CLA XN . -9.62 -33.08 48.45
C13 CLA XN . -10.41 -32.59 47.25
C14 CLA XN . -9.51 -32.39 46.04
C15 CLA XN . -11.13 -31.30 47.60
C16 CLA XN . -12.64 -31.48 47.62
C17 CLA XN . -13.28 -30.90 46.36
C18 CLA XN . -13.73 -32.02 45.41
C19 CLA XN . -15.18 -31.85 45.01
C20 CLA XN . -12.85 -32.06 44.17
MG CLA YN . -5.82 -37.79 62.24
CHA CLA YN . -3.10 -39.90 62.72
CHB CLA YN . -5.80 -38.77 58.94
CHC CLA YN . -8.60 -35.95 61.81
CHD CLA YN . -5.72 -36.83 65.66
NA CLA YN . -4.63 -39.17 60.96
C1A CLA YN . -3.63 -39.88 61.31
C2A CLA YN . -3.03 -40.66 60.16
C3A CLA YN . -3.89 -40.25 59.00
C4A CLA YN . -4.83 -39.33 59.67
CMA CLA YN . -3.22 -39.86 57.69
CAA CLA YN . -3.22 -42.17 60.31
CBA CLA YN . -4.52 -42.55 61.03
CGA CLA YN . -5.14 -43.74 60.33
O1A CLA YN . -6.00 -44.46 60.82
O2A CLA YN . -4.83 -44.13 59.11
NB CLA YN . -7.02 -37.43 60.60
C1B CLA YN . -6.85 -37.84 59.35
C2B CLA YN . -7.86 -37.34 58.38
C3B CLA YN . -8.67 -36.49 59.26
C4B CLA YN . -8.08 -36.63 60.61
CMB CLA YN . -7.95 -37.62 56.91
CAB CLA YN . -9.86 -35.67 58.97
CBB CLA YN . -10.83 -36.13 58.22
NC CLA YN . -6.95 -36.55 63.53
C1C CLA YN . -8.06 -35.93 63.17
C2C CLA YN . -8.77 -35.21 64.22
C3C CLA YN . -7.93 -35.45 65.38
C4C CLA YN . -6.81 -36.28 64.84
CMC CLA YN . -10.06 -34.49 64.07
CAC CLA YN . -8.12 -34.97 66.79
CBC CLA YN . -8.79 -36.06 67.59
ND CLA YN . -4.77 -38.19 63.88
C1D CLA YN . -4.73 -37.79 65.16
C2D CLA YN . -3.62 -38.39 65.96
C3D CLA YN . -3.01 -39.21 64.92
C4D CLA YN . -3.69 -39.06 63.78
CMD CLA YN . -3.07 -38.33 67.36
CAD CLA YN . -1.90 -40.15 64.71
OBD CLA YN . -1.02 -40.43 65.59
CBD CLA YN . -1.96 -40.71 63.34
CGD CLA YN . -0.61 -40.53 62.70
O1D CLA YN . 0.25 -39.85 63.21
O2D CLA YN . -0.21 -41.17 61.47
CED CLA YN . 0.74 -40.46 60.68
MG CLA ZN . -14.54 -32.33 73.73
CHA CLA ZN . -12.93 -31.30 76.64
CHB CLA ZN . -11.78 -34.28 73.08
CHC CLA ZN . -16.14 -33.41 70.96
CHD CLA ZN . -17.29 -30.22 74.49
NA CLA ZN . -12.60 -32.78 74.72
C1A CLA ZN . -12.14 -32.29 75.81
C2A CLA ZN . -10.75 -32.75 76.15
C3A CLA ZN . -10.43 -33.65 74.97
C4A CLA ZN . -11.69 -33.57 74.20
CMA CLA ZN . -9.14 -33.39 74.22
CAA CLA ZN . -10.70 -33.68 77.35
CBA CLA ZN . -12.03 -34.38 77.56
CGA CLA ZN . -11.99 -35.87 77.79
O1A CLA ZN . -11.15 -36.47 78.43
O2A CLA ZN . -12.90 -36.69 77.31
NB CLA ZN . -14.03 -33.66 72.25
C1B CLA ZN . -12.89 -34.35 72.13
C2B CLA ZN . -12.82 -35.23 70.93
C3B CLA ZN . -14.12 -34.95 70.31
C4B CLA ZN . -14.79 -33.96 71.20
CMB CLA ZN . -11.68 -36.13 70.52
CAB CLA ZN . -14.73 -35.47 69.08
CBB CLA ZN . -14.62 -36.73 68.73
NC CLA ZN . -16.46 -31.93 72.89
C1C CLA ZN . -16.92 -32.44 71.76
C2C CLA ZN . -18.26 -31.99 71.36
C3C CLA ZN . -18.61 -31.08 72.44
C4C CLA ZN . -17.43 -31.11 73.33
CMC CLA ZN . -19.09 -32.37 70.16
CAC CLA ZN . -19.87 -30.28 72.58
CBC CLA ZN . -20.76 -30.87 73.66
ND CLA ZN . -15.11 -31.04 75.14
C1D CLA ZN . -16.15 -30.27 75.42
C2D CLA ZN . -16.05 -29.50 76.70
C3D CLA ZN . -14.74 -29.96 77.13
C4D CLA ZN . -14.26 -30.82 76.22
CMD CLA ZN . -16.87 -28.52 77.50
CAD CLA ZN . -13.77 -29.78 78.23
OBD CLA ZN . -13.99 -29.11 79.30
CBD CLA ZN . -12.59 -30.64 77.96
CGD CLA ZN . -11.35 -29.80 77.84
O1D CLA ZN . -11.02 -29.34 76.75
O2D CLA ZN . -10.52 -29.52 78.99
CED CLA ZN . -9.58 -28.46 78.93
MG CLA AO . -16.78 -21.91 69.72
CHA CLA AO . -15.81 -18.71 68.78
CHB CLA AO . -13.53 -22.41 70.74
CHC CLA AO . -17.75 -24.95 70.83
CHD CLA AO . -20.08 -21.28 68.58
NA CLA AO . -14.89 -20.73 69.79
C1A CLA AO . -14.70 -19.53 69.41
C2A CLA AO . -13.30 -19.05 69.57
C3A CLA AO . -12.61 -20.25 70.15
C4A CLA AO . -13.75 -21.18 70.26
CMA CLA AO . -11.32 -20.72 69.50
CAA CLA AO . -13.17 -17.94 70.61
CBA CLA AO . -13.97 -18.22 71.88
CGA CLA AO . -13.09 -17.85 73.04
O1A CLA AO . -11.88 -17.94 73.04
O2A CLA AO . -13.54 -17.35 74.17
NB CLA AO . -15.79 -23.43 70.67
C1B CLA AO . -14.49 -23.49 70.93
C2B CLA AO . -14.05 -24.80 71.45
C3B CLA AO . -15.29 -25.54 71.48
C4B CLA AO . -16.33 -24.61 70.97
CMB CLA AO . -12.67 -25.21 71.81
CAB CLA AO . -15.50 -26.92 71.92
CBB CLA AO . -15.97 -27.15 73.12
NC CLA AO . -18.65 -22.93 69.75
C1C CLA AO . -18.82 -24.19 70.17
C2C CLA AO . -20.16 -24.79 69.94
C3C CLA AO . -20.85 -23.68 69.28
C4C CLA AO . -19.83 -22.59 69.21
CMC CLA AO . -20.66 -26.16 70.29
CAC CLA AO . -22.26 -23.66 68.79
CBC CLA AO . -23.14 -22.91 69.76
ND CLA AO . -17.83 -20.43 68.90
C1D CLA AO . -19.07 -20.23 68.45
C2D CLA AO . -19.27 -18.89 67.81
C3D CLA AO . -17.92 -18.34 67.99
C4D CLA AO . -17.17 -19.25 68.60
CMD CLA AO . -20.37 -18.12 67.15
CAD CLA AO . -17.15 -17.12 67.70
OBD CLA AO . -17.35 -16.43 66.65
CBD CLA AO . -15.77 -17.32 68.21
CGD CLA AO . -14.85 -17.30 67.03
O1D CLA AO . -14.93 -18.16 66.19
O2D CLA AO . -13.83 -16.27 66.89
CED CLA AO . -13.54 -15.71 65.62
C1 CLA AO . -13.64 -18.24 75.50
C2 CLA AO . -14.72 -19.25 75.80
C3 CLA AO . -16.02 -18.92 75.88
C4 CLA AO . -16.50 -17.54 75.60
C5 CLA AO . -17.03 -19.99 76.23
C6 CLA AO . -17.92 -20.27 75.05
C7 CLA AO . -17.28 -21.32 74.16
C8 CLA AO . -18.20 -21.67 73.00
C9 CLA AO . -18.61 -20.42 72.26
C10 CLA AO . -19.43 -22.41 73.52
C11 CLA AO . -19.04 -23.68 74.26
C12 CLA AO . -19.88 -24.86 73.81
C13 CLA AO . -20.20 -25.76 74.99
C14 CLA AO . -20.32 -27.21 74.55
C15 CLA AO . -21.50 -25.28 75.63
MG CLA BO . -14.31 -22.25 60.71
CHA CLA BO . -11.14 -20.95 60.35
CHB CLA BO . -14.70 -20.19 63.44
CHC CLA BO . -17.48 -23.44 61.02
CHD CLA BO . -13.81 -24.37 57.93
NA CLA BO . -13.10 -20.73 61.79
C1A CLA BO . -11.90 -20.39 61.53
C2A CLA BO . -11.34 -19.40 62.50
C3A CLA BO . -12.46 -19.27 63.51
C4A CLA BO . -13.50 -20.11 62.88
CMA CLA BO . -12.16 -19.47 64.99
CAA CLA BO . -11.19 -18.07 61.75
CBA CLA BO . -12.07 -16.88 62.14
CGA CLA BO . -13.39 -16.88 61.44
O1A CLA BO . -13.66 -17.72 60.64
O2A CLA BO . -14.36 -16.06 61.73
NB CLA BO . -15.85 -21.86 62.04
C1B CLA BO . -15.86 -20.99 63.04
C2B CLA BO . -17.15 -20.90 63.78
C3B CLA BO . -17.94 -21.89 63.05
C4B CLA BO . -17.06 -22.42 61.99
CMB CLA BO . -17.47 -20.03 64.95
CAB CLA BO . -19.34 -22.34 63.22
CBB CLA BO . -19.86 -22.54 64.40
NC CLA BO . -15.47 -23.68 59.65
C1C CLA BO . -16.72 -24.04 59.92
C2C CLA BO . -17.31 -25.06 59.05
C3C CLA BO . -16.21 -25.32 58.14
C4C CLA BO . -15.13 -24.43 58.60
CMC CLA BO . -18.68 -25.66 59.11
CAC CLA BO . -16.16 -26.28 57.01
CBC CLA BO . -16.42 -25.58 55.70
ND CLA BO . -12.88 -22.70 59.40
C1D CLA BO . -12.74 -23.44 58.31
C2D CLA BO . -11.46 -23.25 57.58
C3D CLA BO . -10.86 -22.23 58.45
C4D CLA BO . -11.71 -21.96 59.45
CMD CLA BO . -10.78 -23.78 56.35
CAD CLA BO . -9.64 -21.42 58.59
OBD CLA BO . -8.80 -21.19 57.65
CBD CLA BO . -9.73 -20.66 59.87
CGD CLA BO . -8.75 -21.18 60.89
O1D CLA BO . -8.65 -22.36 61.15
O2D CLA BO . -7.89 -20.26 61.60
CED CLA BO . -6.57 -20.64 61.92
C1 CLA BO . -15.67 -16.59 62.48
C2 CLA BO . -16.87 -17.00 61.68
C3 CLA BO . -18.12 -16.80 62.13
C4 CLA BO . -18.35 -16.14 63.46
C5 CLA BO . -19.28 -17.19 61.27
C6 CLA BO . -19.47 -18.70 61.30
C7 CLA BO . -20.95 -19.11 61.20
C8 CLA BO . -21.71 -18.98 62.52
C9 CLA BO . -20.81 -19.25 63.72
C10 CLA BO . -22.87 -19.98 62.51
C11 CLA BO . -24.21 -19.41 63.00
C12 CLA BO . -24.22 -18.78 64.39
C13 CLA BO . -25.01 -19.55 65.44
C14 CLA BO . -24.89 -18.87 66.80
C15 CLA BO . -24.54 -21.00 65.56
MG CLA CO . -30.89 -27.41 62.32
CHA CLA CO . -34.33 -27.70 62.49
CHB CLA CO . -31.36 -25.64 59.39
CHC CLA CO . -27.57 -26.89 62.26
CHD CLA CO . -30.56 -29.29 65.32
NA CLA CO . -32.61 -26.74 61.08
C1A CLA CO . -33.85 -26.93 61.29
C2A CLA CO . -34.75 -26.34 60.25
C3A CLA CO . -33.76 -25.79 59.26
C4A CLA CO . -32.49 -26.06 59.96
CMA CLA CO . -33.81 -26.37 57.87
CAA CLA CO . -35.49 -25.11 60.79
CBA CLA CO . -34.78 -24.41 61.94
CGA CLA CO . -35.18 -22.98 62.17
O1A CLA CO . -36.23 -22.62 62.70
O2A CLA CO . -34.45 -21.95 61.81
NB CLA CO . -29.67 -26.40 61.02
C1B CLA CO . -30.00 -25.81 59.88
C2B CLA CO . -28.86 -25.27 59.12
C3B CLA CO . -27.75 -25.64 59.96
C4B CLA CO . -28.33 -26.34 61.13
CMB CLA CO . -28.88 -24.57 57.81
CAB CLA CO . -26.32 -25.37 59.70
CBB CLA CO . -25.77 -24.33 60.27
NC CLA CO . -29.31 -28.01 63.61
C1C CLA CO . -28.03 -27.71 63.40
C2C CLA CO . -27.08 -28.22 64.39
C3C CLA CO . -27.96 -28.93 65.32
C4C CLA CO . -29.32 -28.74 64.73
CMC CLA CO . -25.60 -28.01 64.39
CAC CLA CO . -27.60 -29.68 66.56
CBC CLA CO . -27.58 -31.17 66.36
ND CLA CO . -32.04 -28.31 63.68
C1D CLA CO . -31.90 -29.03 64.79
C2D CLA CO . -33.19 -29.54 65.38
C3D CLA CO . -34.13 -28.97 64.40
C4D CLA CO . -33.42 -28.29 63.49
CMD CLA CO . -33.63 -30.38 66.54
CAD CLA CO . -35.56 -28.89 64.10
OBD CLA CO . -36.48 -29.67 64.55
CBD CLA CO . -35.74 -28.04 62.89
CGD CLA CO . -36.33 -28.87 61.79
O1D CLA CO . -35.78 -29.88 61.42
O2D CLA CO . -37.54 -28.41 61.15
CED CLA CO . -37.77 -28.76 59.80
C1 CLA CO . -33.83 -20.88 62.82
C2 CLA CO . -34.64 -20.06 63.78
C3 CLA CO . -34.15 -18.99 64.44
C4 CLA CO . -35.04 -18.24 65.38
C5 CLA CO . -32.72 -18.52 64.26
C6 CLA CO . -31.81 -19.22 65.28
C7 CLA CO . -31.24 -18.29 66.35
C8 CLA CO . -29.72 -18.42 66.55
C9 CLA CO . -29.01 -19.16 65.41
C10 CLA CO . -29.35 -19.02 67.90
C11 CLA CO . -29.92 -20.42 68.14
C12 CLA CO . -28.89 -21.55 68.06
C13 CLA CO . -28.17 -21.76 69.38
C14 CLA CO . -26.66 -21.73 69.18
C15 CLA CO . -28.60 -23.09 69.97
C16 CLA CO . -28.47 -23.09 71.49
C17 CLA CO . -29.12 -21.87 72.10
C18 CLA CO . -30.27 -22.24 73.03
C19 CLA CO . -30.69 -21.05 73.88
C20 CLA CO . -31.45 -22.78 72.25
MG CLA DO . -24.18 -41.86 58.08
CHA CLA DO . -27.47 -42.05 56.89
CHB CLA DO . -24.86 -44.61 60.01
CHC CLA DO . -21.00 -41.65 59.21
CHD CLA DO . -23.65 -38.93 56.16
NA CLA DO . -25.94 -43.20 58.42
C1A CLA DO . -27.10 -43.13 57.89
C2A CLA DO . -28.06 -44.18 58.39
C3A CLA DO . -27.21 -44.94 59.39
C4A CLA DO . -25.90 -44.22 59.27
CMA CLA DO . -27.76 -45.18 60.77
CAA CLA DO . -28.54 -45.14 57.28
CBA CLA DO . -27.69 -46.38 57.05
CGA CLA DO . -27.01 -46.22 55.72
O1A CLA DO . -26.30 -47.06 55.18
O2A CLA DO . -27.12 -45.14 54.98
NB CLA DO . -23.10 -42.99 59.42
C1B CLA DO . -23.50 -44.07 60.10
C2B CLA DO . -22.44 -44.64 60.99
C3B CLA DO . -21.33 -43.74 60.73
C4B CLA DO . -21.82 -42.74 59.75
CMB CLA DO . -22.51 -45.83 61.91
CAB CLA DO . -19.96 -43.77 61.30
CBB CLA DO . -18.94 -44.16 60.58
NC CLA DO . -22.53 -40.60 57.60
C1C CLA DO . -21.35 -40.61 58.24
C2C CLA DO . -20.42 -39.51 57.91
C3C CLA DO . -21.20 -38.76 56.92
C4C CLA DO . -22.47 -39.51 56.82
CMC CLA DO . -19.05 -39.24 58.44
CAC CLA DO . -20.81 -37.51 56.19
CBC CLA DO . -20.39 -37.85 54.77
ND CLA DO . -25.19 -40.67 56.84
C1D CLA DO . -24.94 -39.60 56.08
C2D CLA DO . -26.07 -39.16 55.22
C3D CLA DO . -27.05 -40.18 55.60
C4D CLA DO . -26.51 -41.00 56.51
CMD CLA DO . -26.36 -38.08 54.22
CAD CLA DO . -28.43 -40.60 55.29
OBD CLA DO . -29.32 -39.80 54.82
CBD CLA DO . -28.74 -41.79 56.10
CGD CLA DO . -29.95 -41.42 56.90
O1D CLA DO . -31.04 -41.87 56.60
O2D CLA DO . -29.87 -40.53 58.03
CED CLA DO . -30.96 -40.54 58.95
MG CLA EO . -35.19 -37.25 66.08
CHA CLA EO . -36.83 -40.13 64.96
CHB CLA EO . -37.96 -36.60 67.98
CHC CLA EO . -33.60 -34.46 67.17
CHD CLA EO . -32.44 -38.02 64.05
NA CLA EO . -37.16 -38.23 66.47
C1A CLA EO . -37.60 -39.31 65.96
C2A CLA EO . -38.99 -39.67 66.40
C3A CLA EO . -39.31 -38.49 67.29
C4A CLA EO . -38.05 -37.73 67.27
CMA CLA EO . -40.51 -37.70 66.85
CAA CLA EO . -39.07 -40.96 67.23
CBA CLA EO . -38.47 -40.85 68.62
CGA CLA EO . -38.78 -42.11 69.41
O1A CLA EO . -38.24 -42.41 70.46
O2A CLA EO . -39.67 -43.00 69.05
NB CLA EO . -35.72 -35.76 67.40
C1B CLA EO . -36.85 -35.64 68.09
C2B CLA EO . -36.91 -34.44 68.97
C3B CLA EO . -35.62 -33.83 68.69
C4B CLA EO . -34.95 -34.71 67.72
CMB CLA EO . -38.06 -34.03 69.85
CAB CLA EO . -34.97 -32.59 69.21
CBB CLA EO . -35.35 -31.98 70.30
NC CLA EO . -33.27 -36.42 65.74
C1C CLA EO . -32.81 -35.28 66.24
C2C CLA EO . -31.45 -34.88 65.82
C3C CLA EO . -31.11 -35.99 64.93
C4C CLA EO . -32.30 -36.87 64.95
CMC CLA EO . -30.64 -33.68 66.20
CAC CLA EO . -29.85 -36.24 64.17
CBC CLA EO . -29.04 -37.29 64.89
ND CLA EO . -34.61 -38.67 64.80
C1D CLA EO . -33.58 -38.94 64.02
C2D CLA EO . -33.70 -40.15 63.17
C3D CLA EO . -35.03 -40.58 63.60
C4D CLA EO . -35.48 -39.71 64.51
CMD CLA EO . -32.89 -40.91 62.15
CAD CLA EO . -36.01 -41.65 63.36
OBD CLA EO . -36.06 -42.37 62.30
CBD CLA EO . -37.20 -41.39 64.22
CGD CLA EO . -38.36 -41.15 63.30
O1D CLA EO . -38.95 -42.08 62.81
O2D CLA EO . -38.77 -39.80 62.96
CED CLA EO . -40.16 -39.46 62.91
CAA F6C FO . -45.50 -32.02 67.47
CAB F6C FO . -42.22 -23.39 69.63
CAC F6C FO . -35.60 -27.93 68.26
CAD F6C FO . -41.33 -33.43 65.67
NA F6C FO . -43.39 -29.44 67.19
CBA F6C FO . -44.85 -31.78 68.83
CBB F6C FO . -40.96 -23.07 69.71
CBC F6C FO . -35.18 -28.36 69.64
CBD F6C FO . -42.75 -33.01 65.88
NB F6C FO . -42.31 -26.85 68.26
OBD F6C FO . -40.95 -34.45 64.98
CGA F6C FO . -45.77 -32.30 69.90
CGD F6C FO . -43.47 -33.01 64.56
ND F6C FO . -40.41 -30.24 67.06
CED F6C FO . -44.16 -34.36 62.58
CHA F6C FO . -42.60 -31.61 66.40
CHB F6C FO . -44.65 -27.54 67.86
CHC F6C FO . -40.18 -25.68 68.84
CHD F6C FO . -38.03 -29.82 67.33
CMA F6C FO . -46.82 -28.92 66.16
CMB F6C FO . -45.28 -24.58 68.99
CMC F6C FO . -37.08 -25.12 69.32
CMD F6C FO . -37.94 -33.01 65.96
OMB F6C FO . -45.39 -23.37 68.93
C1 F6C FO . -45.71 -32.15 72.44
C1A F6C FO . -43.65 -30.60 66.72
C1B F6C FO . -43.62 -26.59 68.29
C1C F6C FO . -39.13 -26.66 68.52
C1D F6C FO . -39.16 -30.68 66.92
O1A F6C FO . -46.27 -33.41 69.89
O1D F6C FO . -44.31 -32.17 64.31
C2 F6C FO . -44.40 -31.77 73.06
C2A F6C FO . -45.11 -30.88 66.53
C2B F6C FO . -43.94 -25.23 68.81
C2C F6C FO . -37.71 -26.36 68.75
C2D F6C FO . -39.02 -32.05 66.35
O2A F6C FO . -46.12 -31.63 70.98
O2D F6C FO . -43.18 -34.03 63.56
C3 F6C FO . -44.33 -30.82 74.00
C3A F6C FO . -45.74 -29.57 67.00
C3B F6C FO . -42.61 -24.71 69.09
C3C F6C FO . -37.08 -27.60 68.28
C3D F6C FO . -40.45 -32.36 66.16
C4 F6C FO . -45.58 -30.12 74.46
C4A F6C FO . -44.53 -28.79 67.38
C4B F6C FO . -41.66 -25.78 68.72
C4C F6C FO . -38.21 -28.45 67.83
C4D F6C FO . -41.16 -31.31 66.58
C5 F6C FO . -43.00 -30.45 74.60
C6 F6C FO . -43.23 -29.66 75.89
C7 F6C FO . -43.63 -28.23 75.57
C8 F6C FO . -42.45 -27.27 75.77
C9 F6C FO . -41.43 -27.85 76.74
C10 F6C FO . -42.98 -25.93 76.27
NC F6C FO . -39.41 -27.86 67.99
MG F6C FO . -41.38 -28.57 67.63
MG CLA GO . -42.04 -19.61 61.30
CHA CLA GO . -40.25 -22.57 61.44
CHB CLA GO . -42.56 -19.94 64.70
CHC CLA GO . -43.75 -16.69 61.19
CHD CLA GO . -41.42 -19.34 57.83
NA CLA GO . -41.48 -21.05 62.91
C1A CLA GO . -40.79 -22.12 62.77
C2A CLA GO . -40.58 -22.89 64.05
C3A CLA GO . -41.34 -22.03 65.05
C4A CLA GO . -41.84 -20.93 64.17
CMA CLA GO . -42.27 -22.68 66.05
CAA CLA GO . -39.12 -22.85 64.48
CBA CLA GO . -38.86 -23.80 65.64
CGA CLA GO . -37.96 -24.91 65.18
O1A CLA GO . -38.25 -25.78 64.39
O2A CLA GO . -36.72 -25.05 65.63
NB CLA GO . -43.01 -18.50 62.75
C1B CLA GO . -43.14 -18.76 64.05
C2B CLA GO . -43.93 -17.73 64.80
C3B CLA GO . -44.26 -16.80 63.72
C4B CLA GO . -43.65 -17.35 62.50
CMB CLA GO . -44.25 -17.70 66.27
CAB CLA GO . -45.03 -15.52 63.71
CBB CLA GO . -46.02 -15.27 64.53
NC CLA GO . -42.47 -18.21 59.75
C1C CLA GO . -43.23 -17.13 59.89
C2C CLA GO . -43.52 -16.38 58.66
C3C CLA GO . -42.81 -17.17 57.67
C4C CLA GO . -42.21 -18.28 58.45
CMC CLA GO . -44.33 -15.12 58.49
CAC CLA GO . -42.72 -16.96 56.19
CBC CLA GO . -41.75 -15.83 55.93
ND CLA GO . -41.11 -20.61 59.86
C1D CLA GO . -40.87 -20.49 58.55
C2D CLA GO . -40.04 -21.58 57.97
C3D CLA GO . -39.82 -22.38 59.18
C4D CLA GO . -40.45 -21.78 60.20
CMD CLA GO . -39.48 -21.94 56.62
CAD CLA GO . -39.17 -23.62 59.64
OBD CLA GO . -38.71 -24.53 58.86
CBD CLA GO . -39.50 -23.82 61.07
CGD CLA GO . -40.44 -24.97 61.19
O1D CLA GO . -41.58 -24.89 60.79
O2D CLA GO . -40.05 -26.23 61.77
CED CLA GO . -40.76 -27.38 61.35
C1 CLA GO . -35.89 -23.73 65.97
C2 CLA GO . -34.41 -23.79 66.20
C3 CLA GO . -33.75 -22.81 66.83
C4 CLA GO . -32.28 -22.95 67.00
C5 CLA GO . -34.44 -21.57 67.34
C6 CLA GO . -34.43 -21.46 68.86
C7 CLA GO . -33.30 -20.61 69.45
C8 CLA GO . -33.71 -19.30 70.10
C9 CLA GO . -34.38 -19.54 71.46
C10 CLA GO . -34.56 -18.49 69.12
C11 CLA GO . -35.70 -17.71 69.75
C12 CLA GO . -36.47 -16.96 68.68
C13 CLA GO . -36.99 -15.63 69.22
C14 CLA GO . -37.86 -15.87 70.45
C15 CLA GO . -37.74 -14.86 68.15
C16 CLA GO . -38.79 -15.71 67.46
C17 CLA GO . -40.19 -15.13 67.64
C18 CLA GO . -40.63 -14.33 66.42
C19 CLA GO . -40.61 -15.19 65.17
C20 CLA GO . -42.01 -13.76 66.65
MG CLA HO . -33.02 -24.23 54.98
CHA CLA HO . -29.97 -24.51 53.28
CHB CLA HO . -31.64 -21.69 56.77
CHC CLA HO . -36.02 -23.90 56.54
CHD CLA HO . -34.35 -26.87 53.04
NA CLA HO . -31.05 -23.18 55.03
C1A CLA HO . -30.00 -23.39 54.31
C2A CLA HO . -28.84 -22.47 54.63
C3A CLA HO . -29.47 -21.59 55.72
C4A CLA HO . -30.81 -22.19 55.85
CMA CLA HO . -28.81 -21.13 57.01
CAA CLA HO . -28.33 -21.65 53.43
CBA CLA HO . -27.89 -20.24 53.76
CGA CLA HO . -26.47 -19.98 53.35
O1A CLA HO . -26.08 -20.08 52.20
O2A CLA HO . -25.49 -19.59 54.16
NB CLA HO . -33.70 -22.95 56.43
C1B CLA HO . -33.02 -22.04 57.10
C2B CLA HO . -33.75 -21.39 58.21
C3B CLA HO . -35.04 -22.08 58.09
C4B CLA HO . -34.93 -23.02 56.97
CMB CLA HO . -33.23 -20.32 59.13
CAB CLA HO . -36.31 -21.98 58.84
CBB CLA HO . -36.55 -21.06 59.73
NC CLA HO . -34.90 -25.20 54.79
C1C CLA HO . -36.00 -24.94 55.50
C2C CLA HO . -37.19 -25.74 55.17
C3C CLA HO . -36.67 -26.59 54.10
C4C CLA HO . -35.27 -26.19 53.95
CMC CLA HO . -38.57 -25.69 55.76
CAC CLA HO . -37.37 -27.65 53.31
CBC CLA HO . -37.85 -27.06 52.00
ND CLA HO . -32.45 -25.44 53.50
C1D CLA HO . -32.98 -26.43 52.81
C2D CLA HO . -32.08 -27.06 51.82
C3D CLA HO . -30.89 -26.24 52.06
C4D CLA HO . -31.15 -25.34 53.02
CMD CLA HO . -32.18 -28.17 50.83
CAD CLA HO . -29.50 -26.07 51.58
OBD CLA HO . -28.90 -26.85 50.77
CBD CLA HO . -28.85 -25.01 52.41
CGD CLA HO . -27.79 -25.71 53.24
O1D CLA HO . -26.70 -25.96 52.77
O2D CLA HO . -28.05 -26.11 54.60
CED CLA HO . -26.96 -26.54 55.40
C1 CLA HO . -25.66 -19.50 55.76
C2 CLA HO . -24.71 -20.26 56.63
C3 CLA HO . -24.84 -20.45 57.96
C4 CLA HO . -23.78 -21.26 58.66
C5 CLA HO . -25.99 -19.90 58.76
C6 CLA HO . -26.40 -20.91 59.81
C7 CLA HO . -27.43 -20.38 60.80
C8 CLA HO . -28.74 -21.13 60.69
C9 CLA HO . -29.93 -20.22 61.00
C10 CLA HO . -28.74 -22.34 61.61
C11 CLA HO . -28.58 -21.96 63.07
C12 CLA HO . -29.77 -22.41 63.91
C13 CLA HO . -29.89 -23.93 63.97
C14 CLA HO . -31.34 -24.32 63.74
C15 CLA HO . -29.35 -24.40 65.32
C16 CLA HO . -30.08 -25.61 65.92
C17 CLA HO . -29.90 -25.67 67.43
C18 CLA HO . -30.83 -26.70 68.06
C19 CLA HO . -30.02 -27.80 68.75
C20 CLA HO . -31.78 -26.06 69.05
MG CLA IO . -29.46 -6.50 60.53
CHA CLA IO . -26.77 -6.96 62.70
CHB CLA IO . -31.32 -8.46 62.64
CHC CLA IO . -32.10 -5.86 58.54
CHD CLA IO . -27.39 -4.64 58.36
NA CLA IO . -29.13 -7.59 62.44
C1A CLA IO . -28.04 -7.66 63.11
C2A CLA IO . -28.16 -8.51 64.33
C3A CLA IO . -29.57 -9.02 64.24
C4A CLA IO . -30.05 -8.31 63.03
CMA CLA IO . -29.68 -10.52 64.27
CAA CLA IO . -28.19 -7.50 65.45
CBA CLA IO . -29.00 -7.82 66.69
CGA CLA IO . -29.19 -6.48 67.32
O1A CLA IO . -29.41 -5.47 66.70
O2A CLA IO . -29.13 -6.24 68.60
NB CLA IO . -31.43 -7.08 60.60
C1B CLA IO . -32.03 -7.88 61.49
C2B CLA IO . -33.47 -8.13 61.23
C3B CLA IO . -33.67 -7.35 60.00
C4B CLA IO . -32.35 -6.74 59.70
CMB CLA IO . -34.41 -8.97 62.05
CAB CLA IO . -34.86 -7.11 59.14
CBB CLA IO . -36.02 -7.67 59.32
NC CLA IO . -29.72 -5.34 58.77
C1C CLA IO . -30.86 -5.22 58.11
C2C CLA IO . -30.81 -4.41 56.89
C3C CLA IO . -29.42 -4.00 56.86
C4C CLA IO . -28.83 -4.63 58.05
CMC CLA IO . -31.93 -4.09 55.94
CAC CLA IO . -28.69 -3.13 55.86
CBC CLA IO . -28.46 -1.76 56.46
ND CLA IO . -27.57 -5.87 60.42
C1D CLA IO . -26.82 -5.15 59.59
C2D CLA IO . -25.41 -4.97 60.01
C3D CLA IO . -25.45 -5.72 61.28
C4D CLA IO . -26.69 -6.19 61.44
CMD CLA IO . -24.18 -4.29 59.48
CAD CLA IO . -24.59 -6.13 62.40
OBD CLA IO . -23.31 -6.10 62.42
CBD CLA IO . -25.41 -6.90 63.38
CGD CLA IO . -24.76 -8.23 63.59
O1D CLA IO . -23.88 -8.35 64.41
O2D CLA IO . -25.18 -9.42 62.87
CED CLA IO . -24.91 -10.69 63.44
C1 CLA IO . -29.97 -7.13 69.61
C2 CLA IO . -31.24 -6.64 70.24
C3 CLA IO . -31.41 -6.58 71.57
C4 CLA IO . -32.72 -6.06 72.09
C5 CLA IO . -30.32 -6.99 72.54
C6 CLA IO . -30.26 -8.50 72.81
C7 CLA IO . -31.39 -9.00 73.70
C8 CLA IO . -30.92 -9.80 74.93
C9 CLA IO . -29.49 -9.47 75.31
C10 CLA IO . -31.12 -11.29 74.65
C11 CLA IO . -30.54 -12.16 75.76
C12 CLA IO . -31.51 -12.32 76.91
C13 CLA IO . -31.14 -13.49 77.81
C14 CLA IO . -31.37 -14.81 77.10
C15 CLA IO . -31.95 -13.38 79.10
C16 CLA IO . -31.70 -14.54 80.06
C17 CLA IO . -32.69 -14.52 81.20
C18 CLA IO . -32.03 -14.10 82.52
C19 CLA IO . -32.18 -12.60 82.75
C20 CLA IO . -32.59 -14.88 83.70
MG CLA JO . -21.44 -12.15 69.66
CHA CLA JO . -24.41 -11.37 68.01
CHB CLA JO . -22.48 -15.42 69.65
CHC CLA JO . -18.51 -12.91 71.10
CHD CLA JO . -20.45 -8.75 69.51
NA CLA JO . -23.22 -13.29 68.93
C1A CLA JO . -24.27 -12.83 68.34
C2A CLA JO . -25.32 -13.89 68.08
C3A CLA JO . -24.65 -15.14 68.64
C4A CLA JO . -23.36 -14.58 69.10
CMA CLA JO . -25.41 -16.03 69.60
CAA CLA JO . -25.59 -14.15 66.61
CBA CLA JO . -26.89 -14.91 66.43
CGA CLA JO . -26.99 -15.37 64.99
O1A CLA JO . -26.30 -14.97 64.09
O2A CLA JO . -27.87 -16.27 64.57
NB CLA JO . -20.62 -13.94 70.28
C1B CLA JO . -21.15 -15.15 70.21
C2B CLA JO . -20.30 -16.23 70.75
C3B CLA JO . -19.13 -15.46 71.18
C4B CLA JO . -19.42 -14.04 70.84
CMB CLA JO . -20.63 -17.70 70.82
CAB CLA JO . -17.86 -15.90 71.83
CBB CLA JO . -17.31 -17.06 71.59
NC CLA JO . -19.73 -11.00 70.21
C1C CLA JO . -18.66 -11.48 70.83
C2C CLA JO . -17.63 -10.49 71.22
C3C CLA JO . -18.24 -9.24 70.75
C4C CLA JO . -19.52 -9.68 70.15
CMC CLA JO . -16.33 -10.74 71.92
CAC CLA JO . -17.70 -7.83 70.82
CBC CLA JO . -18.34 -7.06 71.95
ND CLA JO . -22.11 -10.41 68.96
C1D CLA JO . -21.73 -9.15 68.95
C2D CLA JO . -22.71 -8.20 68.37
C3D CLA JO . -23.75 -9.16 68.02
C4D CLA JO . -23.37 -10.39 68.37
CMD CLA JO . -22.81 -6.72 68.11
CAD CLA JO . -25.08 -9.20 67.41
OBD CLA JO . -25.84 -8.19 67.45
CBD CLA JO . -25.51 -10.61 67.29
CGD CLA JO . -26.87 -10.80 67.90
O1D CLA JO . -27.70 -11.48 67.35
O2D CLA JO . -27.23 -10.17 69.16
CED CLA JO . -28.07 -10.88 70.05
C1 CLA JO . -28.14 -16.54 63.02
C2 CLA JO . -29.26 -15.86 62.28
C3 CLA JO . -29.40 -16.03 60.97
C4 CLA JO . -28.44 -16.88 60.21
C5 CLA JO . -30.53 -15.33 60.25
C6 CLA JO . -31.68 -16.29 60.05
C7 CLA JO . -32.94 -15.49 59.76
C8 CLA JO . -33.98 -16.35 59.05
C9 CLA JO . -34.58 -15.58 57.88
C10 CLA JO . -35.07 -16.85 60.00
C11 CLA JO . -35.17 -16.13 61.35
C12 CLA JO . -36.30 -15.13 61.30
C13 CLA JO . -36.51 -14.45 62.64
C14 CLA JO . -36.86 -15.46 63.72
C15 CLA JO . -37.61 -13.42 62.49
C16 CLA JO . -37.36 -12.21 63.38
C17 CLA JO . -38.29 -11.06 63.03
C18 CLA JO . -37.79 -9.75 63.60
C19 CLA JO . -38.86 -8.67 63.49
C20 CLA JO . -37.34 -9.88 65.05
MG CLA KO . -13.74 -5.26 49.34
CHA CLA KO . -11.11 -7.34 48.48
CHB CLA KO . -11.68 -3.89 51.71
CHC CLA KO . -16.26 -3.15 50.12
CHD CLA KO . -15.80 -6.86 46.98
NA CLA KO . -11.65 -5.54 50.04
C1A CLA KO . -10.81 -6.42 49.63
C2A CLA KO . -9.53 -6.45 50.41
C3A CLA KO . -9.81 -5.42 51.47
C4A CLA KO . -11.13 -4.90 51.05
CMA CLA KO . -9.71 -5.97 52.88
CAA CLA KO . -8.30 -5.92 49.64
CBA CLA KO . -8.39 -4.53 49.01
CGA CLA KO . -7.68 -3.51 49.88
O1A CLA KO . -6.63 -3.74 50.43
O2A CLA KO . -8.12 -2.33 50.28
NB CLA KO . -13.92 -3.74 50.72
C1B CLA KO . -12.98 -3.27 51.54
C2B CLA KO . -13.39 -2.09 52.31
C3B CLA KO . -14.76 -1.90 51.83
C4B CLA KO . -15.00 -2.97 50.85
CMB CLA KO . -12.58 -1.32 53.31
CAB CLA KO . -15.75 -0.87 52.19
CBB CLA KO . -15.50 0.40 51.96
NC CLA KO . -15.70 -4.98 48.58
C1C CLA KO . -16.61 -4.14 49.08
C2C CLA KO . -17.95 -4.24 48.52
C3C CLA KO . -17.80 -5.31 47.55
C4C CLA KO . -16.38 -5.70 47.68
CMC CLA KO . -19.18 -3.44 48.87
CAC CLA KO . -18.83 -5.94 46.62
CBC CLA KO . -18.64 -5.52 45.19
ND CLA KO . -13.67 -6.78 48.06
C1D CLA KO . -14.42 -7.27 47.09
C2D CLA KO . -13.74 -8.22 46.19
C3D CLA KO . -12.42 -8.21 46.81
C4D CLA KO . -12.44 -7.39 47.85
CMD CLA KO . -14.07 -9.04 44.99
CAD CLA KO . -11.09 -8.81 46.67
OBD CLA KO . -10.73 -9.60 45.73
CBD CLA KO . -10.23 -8.32 47.77
CGD CLA KO . -9.86 -9.46 48.64
O1D CLA KO . -10.74 -10.20 49.00
O2D CLA KO . -8.50 -9.70 49.03
CED CLA KO . -8.03 -11.04 49.10
C1 CLA KO . -8.90 -1.29 49.35
C2 CLA KO . -10.39 -1.09 49.44
C3 CLA KO . -11.05 -0.30 48.59
C4 CLA KO . -12.53 -0.19 48.76
C5 CLA KO . -10.30 0.45 47.50
C6 CLA KO . -11.24 1.18 46.54
C7 CLA KO . -11.36 0.51 45.16
C8 CLA KO . -12.68 0.86 44.49
C9 CLA KO . -13.81 0.60 45.47
C10 CLA KO . -12.93 0.09 43.21
C11 CLA KO . -14.43 -0.03 42.86
C12 CLA KO . -14.89 -1.49 42.74
C13 CLA KO . -16.02 -1.93 43.70
C14 CLA KO . -16.95 -0.77 44.06
C15 CLA KO . -15.52 -2.62 44.97
C16 CLA KO . -14.10 -3.12 44.89
C17 CLA KO . -13.52 -3.47 46.25
C18 CLA KO . -12.16 -4.18 46.19
C19 CLA KO . -11.71 -4.58 44.80
C20 CLA KO . -11.09 -3.34 46.81
MG CLA LO . -14.84 -13.44 53.21
CHA CLA LO . -11.89 -14.12 54.95
CHB CLA LO . -12.89 -11.98 50.81
CHC CLA LO . -17.68 -12.89 51.47
CHD CLA LO . -16.73 -14.95 55.77
NA CLA LO . -12.67 -13.08 52.88
C1A CLA LO . -11.70 -13.39 53.65
C2A CLA LO . -10.36 -12.96 53.13
C3A CLA LO . -10.73 -12.20 51.91
C4A CLA LO . -12.19 -12.44 51.84
CMA CLA LO . -10.30 -10.76 52.04
CAA CLA LO . -9.58 -14.21 52.72
CBA CLA LO . -9.74 -14.73 51.28
CGA CLA LO . -10.18 -16.17 51.25
O1A CLA LO . -10.97 -16.66 52.04
O2A CLA LO . -9.79 -17.07 50.37
NB CLA LO . -15.22 -12.56 51.40
C1B CLA LO . -14.33 -12.05 50.56
C2B CLA LO . -14.93 -11.52 49.32
C3B CLA LO . -16.36 -11.80 49.53
C4B CLA LO . -16.43 -12.44 50.86
CMB CLA LO . -14.16 -10.90 48.20
CAB CLA LO . -17.57 -11.55 48.72
CBB CLA LO . -17.55 -10.91 47.58
NC CLA LO . -16.88 -13.90 53.56
C1C CLA LO . -17.89 -13.60 52.73
C2C CLA LO . -19.22 -14.01 53.18
C3C CLA LO . -18.92 -14.65 54.46
C4C CLA LO . -17.46 -14.52 54.59
CMC CLA LO . -20.53 -13.81 52.47
CAC CLA LO . -19.85 -15.31 55.43
CBC CLA LO . -19.82 -16.80 55.18
ND CLA LO . -14.53 -14.36 54.95
C1D CLA LO . -15.26 -14.89 55.90
C2D CLA LO . -14.51 -15.38 57.07
C3D CLA LO . -13.15 -15.04 56.64
C4D CLA LO . -13.24 -14.47 55.43
CMD CLA LO . -14.85 -16.03 58.35
CAD CLA LO . -11.75 -15.12 57.08
OBD CLA LO . -11.33 -15.56 58.20
CBD CLA LO . -10.88 -14.60 55.98
CGD CLA LO . -10.04 -13.47 56.48
O1D CLA LO . -10.50 -12.59 57.18
O2D CLA LO . -8.65 -13.39 56.09
CED CLA LO . -7.74 -12.76 56.98
C1 CLA LO . -10.79 -18.23 49.89
C2 CLA LO . -10.97 -19.57 50.59
C3 CLA LO . -11.35 -20.65 49.90
C4 CLA LO . -11.60 -20.57 48.42
C5 CLA LO . -11.54 -21.99 50.55
C6 CLA LO . -11.85 -21.90 52.04
C7 CLA LO . -11.91 -23.30 52.62
C8 CLA LO . -13.33 -23.81 52.79
C9 CLA LO . -14.10 -22.95 53.78
C10 CLA LO . -13.32 -25.26 53.22
C11 CLA LO . -12.83 -26.20 52.13
C12 CLA LO . -13.31 -27.62 52.37
C13 CLA LO . -12.36 -28.66 51.79
C14 CLA LO . -12.47 -28.73 50.28
C15 CLA LO . -12.67 -30.00 52.45
C16 CLA LO . -12.11 -31.19 51.68
C17 CLA LO . -11.64 -32.29 52.62
C18 CLA LO . -12.05 -33.65 52.11
C19 CLA LO . -10.85 -34.47 51.63
C20 CLA LO . -12.78 -34.42 53.20
MG CLA MO . -30.08 -10.30 42.76
CHA CLA MO . -32.29 -9.57 40.18
CHB CLA MO . -29.58 -13.34 41.24
CHC CLA MO . -27.93 -11.09 45.26
CHD CLA MO . -30.71 -7.21 44.28
NA CLA MO . -30.80 -11.35 40.94
C1A CLA MO . -31.62 -10.90 40.08
C2A CLA MO . -31.86 -11.86 38.94
C3A CLA MO . -31.05 -13.06 39.34
C4A CLA MO . -30.43 -12.56 40.58
CMA CLA MO . -31.83 -14.33 39.48
CAA CLA MO . -31.24 -11.35 37.65
CBA CLA MO . -29.90 -10.65 37.81
CGA CLA MO . -29.48 -10.17 36.45
O1A CLA MO . -30.15 -9.41 35.81
O2A CLA MO . -28.44 -10.52 35.75
NB CLA MO . -28.94 -11.95 43.19
C1B CLA MO . -28.86 -13.07 42.47
C2B CLA MO . -27.94 -14.06 43.02
C3B CLA MO . -27.45 -13.41 44.22
C4B CLA MO . -28.12 -12.10 44.24
CMB CLA MO . -27.67 -15.35 42.40
CAB CLA MO . -26.48 -13.90 45.24
CBB CLA MO . -26.36 -15.16 45.58
NC CLA MO . -29.38 -9.27 44.47
C1C CLA MO . -28.44 -9.72 45.29
C2C CLA MO . -27.92 -8.77 46.25
C3C CLA MO . -28.69 -7.57 45.92
C4C CLA MO . -29.59 -8.01 44.83
CMC CLA MO . -26.84 -9.05 47.25
CAC CLA MO . -28.65 -6.20 46.55
CBC CLA MO . -27.56 -5.41 45.90
ND CLA MO . -31.18 -8.69 42.44
C1D CLA MO . -31.42 -7.53 43.04
C2D CLA MO . -32.45 -6.68 42.37
C3D CLA MO . -32.76 -7.57 41.22
C4D CLA MO . -32.01 -8.65 41.32
CMD CLA MO . -33.09 -5.36 42.61
CAD CLA MO . -33.61 -7.65 40.00
OBD CLA MO . -34.35 -6.71 39.54
CBD CLA MO . -33.32 -8.92 39.29
CGD CLA MO . -34.58 -9.74 39.12
O1D CLA MO . -34.78 -10.78 39.71
O2D CLA MO . -35.62 -9.33 38.22
CED CLA MO . -36.97 -9.51 38.63
C1 CLA MO . -27.13 -9.64 35.53
C2 CLA MO . -26.95 -8.22 35.99
C3 CLA MO . -25.75 -7.62 35.86
C4 CLA MO . -24.60 -8.36 35.26
C5 CLA MO . -25.58 -6.19 36.32
C6 CLA MO . -24.15 -5.96 36.81
C7 CLA MO . -23.98 -4.53 37.30
C8 CLA MO . -24.02 -4.46 38.81
C9 CLA MO . -25.36 -3.94 39.30
C10 CLA MO . -22.88 -3.58 39.33
C11 CLA MO . -21.55 -3.97 38.72
C12 CLA MO . -20.38 -3.38 39.52
C13 CLA MO . -19.55 -2.39 38.72
C14 CLA MO . -19.43 -2.78 37.25
C15 CLA MO . -18.16 -2.28 39.34
C16 CLA MO . -17.25 -1.40 38.50
C17 CLA MO . -16.44 -0.44 39.36
C18 CLA MO . -15.08 -0.02 38.78
C19 CLA MO . -14.70 -0.78 37.51
C20 CLA MO . -15.04 1.48 38.51
MG CLA NO . -47.82 -9.40 63.51
CHA CLA NO . -50.73 -11.31 63.75
CHB CLA NO . -49.59 -6.83 64.92
CHC CLA NO . -44.98 -7.55 63.31
CHD CLA NO . -46.12 -12.13 62.11
NA CLA NO . -49.89 -9.08 64.27
C1A CLA NO . -50.86 -9.91 64.29
C2A CLA NO . -52.14 -9.37 64.87
C3A CLA NO . -51.73 -7.96 65.17
C4A CLA NO . -50.30 -7.94 64.76
CMA CLA NO . -52.61 -6.91 64.53
CAA CLA NO . -52.50 -10.06 66.20
CBA CLA NO . -51.67 -9.64 67.41
CGA CLA NO . -52.16 -10.25 68.69
O1A CLA NO . -52.47 -11.42 68.84
O2A CLA NO . -52.32 -9.58 69.82
NB CLA NO . -47.37 -7.47 64.05
C1B CLA NO . -48.18 -6.56 64.59
C2B CLA NO . -47.53 -5.26 64.86
C3B CLA NO . -46.19 -5.50 64.36
C4B CLA NO . -46.16 -6.90 63.89
CMB CLA NO . -48.14 -4.03 65.45
CAB CLA NO . -45.03 -4.60 64.34
CBB CLA NO . -44.58 -4.05 65.45
NC CLA NO . -45.84 -9.80 62.86
C1C CLA NO . -44.85 -8.92 62.80
C2C CLA NO . -43.59 -9.39 62.19
C3C CLA NO . -43.94 -10.77 61.85
C4C CLA NO . -45.34 -10.90 62.29
CMC CLA NO . -42.30 -8.65 61.99
CAC CLA NO . -43.07 -11.81 61.19
CBC CLA NO . -42.49 -12.76 62.21
ND CLA NO . -48.17 -11.30 63.04
C1D CLA NO . -47.54 -12.30 62.44
C2D CLA NO . -48.37 -13.50 62.14
C3D CLA NO . -49.63 -13.03 62.71
C4D CLA NO . -49.46 -11.80 63.19
CMD CLA NO . -48.23 -14.85 61.51
CAD CLA NO . -51.01 -13.48 62.90
OBD CLA NO . -51.50 -14.57 62.47
CBD CLA NO . -51.74 -12.42 63.64
CGD CLA NO . -52.92 -12.01 62.82
O1D CLA NO . -54.04 -12.38 63.11
O2D CLA NO . -52.80 -11.16 61.66
CED CLA NO . -53.77 -10.13 61.53
MG CLA OO . -49.07 -0.88 68.63
CHA CLA OO . -51.84 -2.62 67.47
CHB CLA OO . -50.71 2.00 67.68
CHC CLA OO . -46.50 0.86 69.95
CHD CLA OO . -47.47 -3.92 69.48
NA CLA OO . -51.03 -0.34 67.71
C1A CLA OO . -51.95 -1.12 67.32
C2A CLA OO . -53.12 -0.43 66.67
C3A CLA OO . -52.67 1.00 66.70
C4A CLA OO . -51.40 0.89 67.43
CMA CLA OO . -52.57 1.61 65.31
CAA CLA OO . -54.42 -0.47 67.48
CBA CLA OO . -54.24 -0.76 68.97
CGA CLA OO . -54.42 0.45 69.84
O1A CLA OO . -53.71 1.44 69.81
O2A CLA OO . -55.35 0.57 70.77
NB CLA OO . -48.68 1.13 68.81
C1B CLA OO . -49.41 2.16 68.35
C2B CLA OO . -48.81 3.49 68.56
C3B CLA OO . -47.54 3.12 69.22
C4B CLA OO . -47.57 1.65 69.33
CMB CLA OO . -49.37 4.82 68.16
CAB CLA OO . -46.44 3.97 69.73
CBB CLA OO . -46.65 5.12 70.33
NC CLA OO . -47.27 -1.46 69.58
C1C CLA OO . -46.34 -0.60 69.99
C2C CLA OO . -45.11 -1.21 70.52
C3C CLA OO . -45.38 -2.63 70.38
C4C CLA OO . -46.74 -2.67 69.78
CMC CLA OO . -43.93 -0.46 71.06
CAC CLA OO . -44.48 -3.79 70.73
CBC CLA OO . -44.86 -4.41 72.05
ND CLA OO . -49.44 -2.83 68.57
C1D CLA OO . -48.82 -3.97 68.88
C2D CLA OO . -49.57 -5.21 68.54
C3D CLA OO . -50.78 -4.58 67.98
C4D CLA OO . -50.64 -3.27 68.03
CMD CLA OO . -49.42 -6.71 68.64
CAD CLA OO . -52.08 -4.95 67.40
OBD CLA OO . -52.67 -6.04 67.67
CBD CLA OO . -52.81 -3.69 67.05
CGD CLA OO . -53.07 -3.62 65.56
O1D CLA OO . -52.16 -3.67 64.75
O2D CLA OO . -54.42 -3.47 65.09
CED CLA OO . -54.82 -4.16 63.90
C1 CLA OO . -55.12 1.49 72.05
C2 CLA OO . -53.94 1.27 72.98
C3 CLA OO . -53.62 2.16 73.93
C4 CLA OO . -54.43 3.41 74.11
C5 CLA OO . -52.44 1.92 74.85
C6 CLA OO . -52.54 0.58 75.56
C7 CLA OO . -51.17 -0.07 75.73
C8 CLA OO . -50.51 0.18 77.09
C9 CLA OO . -51.52 0.38 78.22
C10 CLA OO . -49.55 1.36 77.01
MG CLA PO . -40.28 12.57 73.14
CHA CLA PO . -42.35 11.29 70.68
CHB CLA PO . -40.30 15.53 71.37
CHC CLA PO . -38.37 13.88 75.59
CHD CLA PO . -40.36 9.46 74.86
NA CLA PO . -41.21 13.35 71.26
C1A CLA PO . -41.97 12.71 70.46
C2A CLA PO . -42.42 13.53 69.26
C3A CLA PO . -41.72 14.84 69.50
C4A CLA PO . -41.03 14.57 70.79
CMA CLA PO . -40.93 15.46 68.36
CAA CLA PO . -43.90 13.86 69.45
CBA CLA PO . -44.70 13.81 68.15
CGA CLA PO . -46.04 14.49 68.39
O1A CLA PO . -46.16 15.56 68.98
O2A CLA PO . -47.21 14.03 68.00
NB CLA PO . -39.47 14.44 73.42
C1B CLA PO . -39.54 15.50 72.62
C2B CLA PO . -38.82 16.70 73.12
C3B CLA PO . -38.25 16.17 74.37
C4B CLA PO . -38.70 14.77 74.47
CMB CLA PO . -38.71 18.04 72.44
CAB CLA PO . -37.41 16.80 75.41
CBB CLA PO . -37.29 18.10 75.58
NC CLA PO . -39.52 11.80 74.97
C1C CLA PO . -38.72 12.46 75.80
C2C CLA PO . -38.22 11.69 76.96
C3C CLA PO . -38.84 10.39 76.73
C4C CLA PO . -39.61 10.56 75.49
CMC CLA PO . -37.30 12.13 78.07
CAC CLA PO . -38.72 9.15 77.57
CBC CLA PO . -37.45 8.43 77.19
ND CLA PO . -41.11 10.77 72.96
C1D CLA PO . -41.12 9.60 73.61
C2D CLA PO . -41.90 8.52 72.94
C3D CLA PO . -42.38 9.27 71.77
C4D CLA PO . -41.91 10.52 71.85
CMD CLA PO . -42.26 7.07 73.16
CAD CLA PO . -43.19 9.09 70.56
OBD CLA PO . -43.54 7.96 70.07
CBD CLA PO . -43.13 10.36 69.78
CGD CLA PO . -42.27 10.12 68.59
O1D CLA PO . -41.12 9.76 68.75
O2D CLA PO . -42.74 10.29 67.25
CED CLA PO . -42.65 9.17 66.38
C1 CLA PO . -48.18 13.34 69.08
C2 CLA PO . -47.54 12.63 70.26
C3 CLA PO . -48.00 11.48 70.75
C4 CLA PO . -49.20 10.81 70.14
C5 CLA PO . -47.28 10.87 71.94
C6 CLA PO . -47.78 9.46 72.26
C7 CLA PO . -47.70 9.19 73.76
C8 CLA PO . -48.85 8.31 74.23
C9 CLA PO . -49.22 8.63 75.68
C10 CLA PO . -48.47 6.84 74.08
C11 CLA PO . -47.17 6.52 74.81
C12 CLA PO . -46.21 5.74 73.93
C13 CLA PO . -46.00 4.32 74.44
C14 CLA PO . -45.54 4.32 75.89
C15 CLA PO . -45.00 3.60 73.56
CAA F6C QO . -33.41 22.67 79.20
CAB F6C QO . -34.06 16.37 72.22
CAC F6C QO . -30.96 23.16 68.68
CAD F6C QO . -30.28 25.53 76.65
NA F6C QO . -32.33 21.25 76.33
CBA F6C QO . -34.51 23.02 78.19
CBB F6C QO . -35.22 15.75 72.23
CBC F6C QO . -31.96 24.24 68.35
CBD F6C QO . -30.74 24.50 77.63
NB F6C QO . -32.98 19.48 74.02
OBD F6C QO . -29.45 26.46 76.93
CGA F6C QO . -35.66 23.66 78.92
CGD F6C QO . -29.50 23.93 78.30
ND F6C QO . -31.29 23.16 74.13
CED F6C QO . -28.68 21.81 79.31
CHA F6C QO . -31.36 23.44 76.77
CHB F6C QO . -33.27 19.08 76.44
CHC F6C QO . -32.90 19.32 71.53
CHD F6C QO . -30.78 23.75 71.83
CMA F6C QO . -32.42 19.26 79.33
CMB F6C QO . -34.28 16.23 75.54
CMC F6C QO . -32.29 20.07 68.53
CMD F6C QO . -29.49 26.52 73.45
OMB F6C QO . -34.31 15.08 75.14
C1A F6C QO . -32.01 22.15 77.17
C1B F6C QO . -33.33 18.68 75.03
C1C F6C QO . -32.31 20.61 71.13
C1D F6C QO . -30.77 24.04 73.26
O1A F6C QO . -36.56 24.27 78.38
O1D F6C QO . -28.78 24.63 78.98
C2A F6C QO . -32.31 21.79 78.60
C2B F6C QO . -33.82 17.35 74.64
C2C F6C QO . -32.03 20.94 69.71
C2D F6C QO . -30.19 25.26 73.88
O2A F6C QO . -35.83 23.62 80.22
O2D F6C QO . -29.14 22.52 78.17
C3A F6C QO . -32.91 20.40 78.45
C3B F6C QO . -33.71 17.43 73.19
C3C F6C QO . -31.46 22.28 69.80
C3D F6C QO . -30.46 24.96 75.29
C4A F6C QO . -32.84 20.23 76.97
C4B F6C QO . -33.18 18.78 72.88
C4C F6C QO . -31.46 22.57 71.25
C4D F6C QO . -31.09 23.78 75.36
NC F6C QO . -31.97 21.56 71.99
MG F6C QO . -32.10 21.33 74.11
MG CLA RO . -24.00 -13.47 77.21
CHA CLA RO . -21.65 -15.95 77.93
CHB CLA RO . -22.69 -13.37 74.04
CHC CLA RO . -26.37 -11.17 76.48
CHD CLA RO . -25.14 -13.59 80.56
NA CLA RO . -22.39 -14.52 76.10
C1A CLA RO . -21.60 -15.42 76.53
C2A CLA RO . -20.57 -15.87 75.52
C3A CLA RO . -20.89 -14.96 74.38
C4A CLA RO . -22.09 -14.24 74.86
CMA CLA RO . -19.71 -14.04 74.23
CAA CLA RO . -20.80 -17.33 75.08
CBA CLA RO . -22.00 -17.53 74.15
CGA CLA RO . -22.34 -18.97 73.94
O1A CLA RO . -21.57 -19.86 73.63
O2A CLA RO . -23.57 -19.41 74.07
NB CLA RO . -24.46 -12.42 75.49
C1B CLA RO . -23.83 -12.49 74.31
C2B CLA RO . -24.41 -11.59 73.27
C3B CLA RO . -25.48 -10.96 74.02
C4B CLA RO . -25.44 -11.53 75.38
CMB CLA RO . -24.01 -11.40 71.84
CAB CLA RO . -26.44 -9.95 73.50
CBB CLA RO . -26.31 -8.70 73.85
NC CLA RO . -25.60 -12.61 78.31
C1C CLA RO . -26.42 -11.65 77.86
C2C CLA RO . -27.38 -11.13 78.85
C3C CLA RO . -27.05 -11.91 80.04
C4C CLA RO . -25.93 -12.78 79.61
CMC CLA RO . -28.44 -10.07 78.71
CAC CLA RO . -27.68 -11.84 81.39
CBC CLA RO . -28.62 -13.00 81.54
ND CLA RO . -23.62 -14.47 78.91
C1D CLA RO . -24.05 -14.48 80.16
C2D CLA RO . -23.31 -15.41 81.08
C3D CLA RO . -22.37 -15.97 80.11
C4D CLA RO . -22.60 -15.41 78.92
CMD CLA RO . -23.30 -15.85 82.51
CAD CLA RO . -21.27 -16.94 80.03
OBD CLA RO . -20.95 -17.79 80.94
CBD CLA RO . -20.74 -16.93 78.63
CGD CLA RO . -19.35 -16.36 78.63
O1D CLA RO . -19.16 -15.17 78.80
O2D CLA RO . -18.19 -17.19 78.42
CED CLA RO . -17.04 -16.79 79.15
C1 CLA RO . -24.20 -20.45 73.02
C2 CLA RO . -24.20 -21.93 73.27
C3 CLA RO . -24.80 -22.48 74.34
C4 CLA RO . -24.76 -23.98 74.50
C5 CLA RO . -25.49 -21.65 75.39
C6 CLA RO . -26.96 -21.48 75.07
C7 CLA RO . -27.83 -21.79 76.28
C8 CLA RO . -27.81 -20.64 77.28
C9 CLA RO . -27.32 -21.15 78.63
C10 CLA RO . -29.21 -20.05 77.39
C11 CLA RO . -29.21 -18.79 78.24
C12 CLA RO . -30.54 -18.58 78.97
C13 CLA RO . -30.31 -18.33 80.45
C14 CLA RO . -29.55 -19.51 81.04
C15 CLA RO . -31.63 -18.11 81.17
C16 CLA RO . -31.53 -18.29 82.69
C17 CLA RO . -32.70 -19.10 83.22
C18 CLA RO . -32.66 -19.33 84.73
C19 CLA RO . -31.94 -20.62 85.07
C20 CLA RO . -32.07 -18.15 85.50
MG CLA SO . -24.63 -20.10 81.91
CHA CLA SO . -22.81 -23.06 82.25
CHB CLA SO . -23.64 -20.04 78.63
CHC CLA SO . -26.58 -17.35 81.53
CHD CLA SO . -25.50 -20.22 85.35
NA CLA SO . -23.38 -21.37 80.57
C1A CLA SO . -22.74 -22.45 80.86
C2A CLA SO . -21.93 -23.01 79.72
C3A CLA SO . -22.22 -22.01 78.61
C4A CLA SO . -23.14 -21.07 79.31
CMA CLA SO . -21.06 -21.47 77.79
CAA CLA SO . -22.36 -24.40 79.24
CBA CLA SO . -23.74 -24.41 78.57
CGA CLA SO . -24.17 -25.81 78.23
O1A CLA SO . -23.85 -26.81 78.85
O2A CLA SO . -24.96 -26.11 77.21
NB CLA SO . -25.04 -18.89 80.31
C1B CLA SO . -24.56 -18.98 79.07
C2B CLA SO . -25.03 -17.94 78.14
C3B CLA SO . -25.90 -17.15 79.01
C4B CLA SO . -25.85 -17.82 80.34
CMB CLA SO . -24.67 -17.78 76.69
CAB CLA SO . -26.70 -15.94 78.73
CBB CLA SO . -27.39 -15.81 77.62
NC CLA SO . -25.88 -18.99 83.23
C1C CLA SO . -26.57 -17.89 82.89
C2C CLA SO . -27.36 -17.26 83.97
C3C CLA SO . -27.05 -18.13 85.09
C4C CLA SO . -26.13 -19.15 84.54
CMC CLA SO . -28.24 -16.05 83.91
CAC CLA SO . -27.55 -18.01 86.51
CBC CLA SO . -28.68 -19.00 86.73
ND CLA SO . -24.31 -21.26 83.51
C1D CLA SO . -24.67 -21.30 84.79
C2D CLA SO . -24.15 -22.47 85.55
C3D CLA SO . -23.41 -23.13 84.47
C4D CLA SO . -23.53 -22.39 83.36
CMD CLA SO . -24.21 -23.05 86.94
CAD CLA SO . -22.60 -24.32 84.24
OBD CLA SO . -22.61 -25.35 85.00
CBD CLA SO . -22.22 -24.34 82.80
CGD CLA SO . -20.73 -24.42 82.66
O1D CLA SO . -20.01 -23.57 83.16
O2D CLA SO . -20.13 -25.51 81.92
CED CLA SO . -19.10 -26.29 82.50
MG CLA TO . -26.73 -26.95 86.04
CHA CLA TO . -25.57 -30.24 85.96
CHB CLA TO . -25.73 -26.71 82.74
CHC CLA TO . -27.95 -23.82 86.08
CHD CLA TO . -27.76 -27.38 89.41
NA CLA TO . -25.77 -28.29 84.51
C1A CLA TO . -25.40 -29.51 84.66
C2A CLA TO . -24.76 -30.11 83.43
C3A CLA TO . -24.82 -28.95 82.45
C4A CLA TO . -25.49 -27.90 83.28
CMA CLA TO . -23.58 -28.60 81.64
CAA CLA TO . -25.56 -31.29 82.86
CBA CLA TO . -26.81 -30.93 82.05
CGA CLA TO . -28.01 -30.66 82.93
O1A CLA TO . -28.86 -29.80 82.70
O2A CLA TO . -28.31 -31.31 84.04
NB CLA TO . -26.83 -25.48 84.59
C1B CLA TO . -26.37 -25.52 83.34
C2B CLA TO . -26.58 -24.27 82.58
C3B CLA TO . -27.22 -23.42 83.56
C4B CLA TO . -27.34 -24.25 84.79
CMB CLA TO . -26.21 -23.92 81.16
CAB CLA TO . -27.65 -22.02 83.31
CBB CLA TO . -28.73 -21.46 83.80
NC CLA TO . -27.74 -25.79 87.51
C1C CLA TO . -28.13 -24.54 87.34
C2C CLA TO . -28.76 -23.88 88.50
C3C CLA TO . -28.72 -24.96 89.49
C4C CLA TO . -28.07 -26.09 88.78
CMC CLA TO . -29.30 -22.48 88.61
CAC CLA TO . -29.22 -24.93 90.92
CBC CLA TO . -28.31 -24.11 91.78
ND CLA TO . -26.76 -28.37 87.44
C1D CLA TO . -27.13 -28.51 88.71
C2D CLA TO . -26.83 -29.83 89.32
C3D CLA TO . -26.21 -30.48 88.17
C4D CLA TO . -26.20 -29.61 87.14
CMD CLA TO . -27.00 -30.55 90.64
CAD CLA TO . -25.60 -31.76 87.77
OBD CLA TO . -25.34 -32.74 88.55
CBD CLA TO . -25.12 -31.63 86.37
CGD CLA TO . -23.61 -31.68 86.36
O1D CLA TO . -22.98 -31.20 87.27
O2D CLA TO . -22.92 -32.32 85.25
CED CLA TO . -22.05 -33.42 85.49
MG CLA UO . -22.30 -3.20 68.96
CHA CLA UO . -22.74 -4.19 72.27
CHB CLA UO . -25.47 -4.35 68.37
CHC CLA UO . -21.89 -2.10 65.81
CHD CLA UO . -19.07 -1.98 69.77
NA CLA UO . -23.93 -4.14 70.15
C1A CLA UO . -23.92 -4.45 71.39
C2A CLA UO . -25.16 -5.14 71.87
C3A CLA UO . -25.96 -5.21 70.60
C4A CLA UO . -25.08 -4.51 69.65
CMA CLA UO . -26.38 -6.62 70.24
CAA CLA UO . -25.97 -4.30 72.85
CBA CLA UO . -26.93 -5.19 73.64
CGA CLA UO . -27.66 -4.42 74.70
O1A CLA UO . -27.13 -3.68 75.50
O2A CLA UO . -28.96 -4.44 74.90
NB CLA UO . -23.53 -3.21 67.32
C1B CLA UO . -24.76 -3.72 67.24
C2B CLA UO . -25.37 -3.61 65.88
C3B CLA UO . -24.29 -2.96 65.14
C4B CLA UO . -23.18 -2.73 66.11
CMB CLA UO . -26.70 -4.06 65.40
CAB CLA UO . -24.33 -2.59 63.72
CBB CLA UO . -23.45 -2.98 62.84
NC CLA UO . -20.72 -2.15 67.97
C1C CLA UO . -20.76 -1.78 66.69
C2C CLA UO . -19.56 -1.05 66.21
C3C CLA UO . -18.73 -0.98 67.41
C4C CLA UO . -19.55 -1.69 68.42
CMC CLA UO . -19.30 -0.50 64.83
CAC CLA UO . -17.38 -0.32 67.59
CBC CLA UO . -16.22 -1.27 67.73
ND CLA UO . -21.11 -3.01 70.55
C1D CLA UO . -19.87 -2.62 70.81
C2D CLA UO . -19.38 -2.90 72.18
C3D CLA UO . -20.59 -3.53 72.71
C4D CLA UO . -21.52 -3.55 71.76
CMD CLA UO . -18.13 -2.72 72.98
CAD CLA UO . -21.10 -4.13 73.95
OBD CLA UO . -20.47 -4.21 75.04
CBD CLA UO . -22.50 -4.58 73.72
CGD CLA UO . -22.51 -6.08 73.83
O1D CLA UO . -23.01 -6.61 74.80
O2D CLA UO . -21.93 -6.91 72.81
CED CLA UO . -22.60 -8.10 72.44
C1 CLA UO . -29.66 -4.69 76.31
C2 CLA UO . -30.23 -6.05 76.66
C3 CLA UO . -30.80 -6.30 77.86
C4 CLA UO . -30.89 -5.23 78.90
C5 CLA UO . -31.34 -7.69 78.13
C6 CLA UO . -32.86 -7.66 78.26
C7 CLA UO . -33.45 -9.06 78.06
C8 CLA UO . -34.41 -9.18 76.87
C9 CLA UO . -34.18 -8.11 75.81
C10 CLA UO . -35.86 -9.17 77.35
C11 CLA UO . -36.77 -9.99 76.43
C12 CLA UO . -37.60 -9.10 75.50
C13 CLA UO . -39.03 -9.59 75.33
C14 CLA UO . -39.27 -10.08 73.91
C15 CLA UO . -39.97 -8.45 75.68
C16 CLA UO . -41.43 -8.90 75.63
C17 CLA UO . -42.32 -7.82 75.03
C18 CLA UO . -43.26 -7.22 76.07
C19 CLA UO . -44.22 -6.24 75.40
C20 CLA UO . -44.03 -8.31 76.82
MG CLA VO . -32.47 2.15 73.67
CHA CLA VO . -29.34 0.77 74.31
CHB CLA VO . -32.40 0.53 70.63
CHC CLA VO . -35.54 3.42 73.09
CHD CLA VO . -32.38 3.77 76.83
NA CLA VO . -31.08 0.81 72.57
C1A CLA VO . -29.93 0.41 72.97
C2A CLA VO . -29.27 -0.55 72.03
C3A CLA VO . -30.21 -0.54 70.86
C4A CLA VO . -31.30 0.32 71.37
CMA CLA VO . -29.60 -0.22 69.52
CAA CLA VO . -29.32 -1.97 72.64
CBA CLA VO . -30.67 -2.63 72.95
CGA CLA VO . -31.52 -2.05 74.07
O1A CLA VO . -31.33 -2.17 75.26
O2A CLA VO . -32.57 -1.30 73.85
NB CLA VO . -33.77 1.98 72.08
C1B CLA VO . -33.59 1.34 70.94
C2B CLA VO . -34.73 1.43 69.99
C3B CLA VO . -35.64 2.30 70.74
C4B CLA VO . -34.96 2.58 72.03
CMB CLA VO . -34.85 0.80 68.62
CAB CLA VO . -36.97 2.81 70.38
CBB CLA VO . -37.89 2.07 69.81
NC CLA VO . -33.79 3.35 74.82
C1C CLA VO . -34.97 3.80 74.40
C2C CLA VO . -35.68 4.70 75.33
C3C CLA VO . -34.75 4.77 76.45
C4C CLA VO . -33.62 3.91 76.03
CMC CLA VO . -37.02 5.36 75.15
CAC CLA VO . -34.88 5.55 77.73
CBC CLA VO . -34.15 6.87 77.61
ND CLA VO . -31.26 2.33 75.26
C1D CLA VO . -31.26 2.94 76.44
C2D CLA VO . -30.05 2.69 77.27
C3D CLA VO . -29.32 1.82 76.35
C4D CLA VO . -30.06 1.65 75.25
CMD CLA VO . -29.51 3.09 78.61
CAD CLA VO . -28.06 1.06 76.26
OBD CLA VO . -27.51 0.53 77.27
CBD CLA VO . -28.03 0.38 74.94
CGD CLA VO . -26.87 0.86 74.13
O1D CLA VO . -26.51 2.01 74.13
O2D CLA VO . -26.16 -0.09 73.29
CED CLA VO . -24.75 0.00 73.25
C1 CLA VO . -33.89 -1.29 74.73
C2 CLA VO . -34.14 -0.37 75.90
C3 CLA VO . -35.39 0.06 76.15
C4 CLA VO . -35.63 0.95 77.32
C5 CLA VO . -36.53 -0.37 75.26
C6 CLA VO . -37.44 0.84 74.99
C7 CLA VO . -38.51 0.52 73.95
C8 CLA VO . -39.83 1.18 74.34
C9 CLA VO . -40.98 0.63 73.52
C10 CLA VO . -39.76 2.69 74.19
C11 CLA VO . -40.99 3.35 74.79
C12 CLA VO . -40.65 4.66 75.50
C13 CLA VO . -40.97 4.61 76.98
C14 CLA VO . -42.22 5.44 77.29
C15 CLA VO . -39.79 5.11 77.79
MG CLA WO . -37.08 -3.63 66.22
CHA CLA WO . -33.72 -3.93 67.11
CHB CLA WO . -36.27 -5.09 63.23
CHC CLA WO . -40.33 -3.36 65.43
CHD CLA WO . -37.70 -2.02 69.29
NA CLA WO . -35.23 -4.44 65.26
C1A CLA WO . -34.04 -4.44 65.73
C2A CLA WO . -33.00 -4.94 64.76
C3A CLA WO . -33.85 -5.25 63.55
C4A CLA WO . -35.21 -4.90 64.04
CMA CLA WO . -33.44 -4.61 62.24
CAA CLA WO . -32.24 -6.21 65.11
CBA CLA WO . -32.75 -7.07 66.25
CGA CLA WO . -33.21 -8.42 65.80
O1A CLA WO . -34.27 -8.64 65.27
O2A CLA WO . -32.53 -9.55 65.93
NB CLA WO . -38.15 -4.16 64.55
C1B CLA WO . -37.69 -4.78 63.46
C2B CLA WO . -38.73 -5.10 62.46
C3B CLA WO . -39.93 -4.57 63.11
C4B CLA WO . -39.48 -4.01 64.41
CMB CLA WO . -38.60 -5.78 61.14
CAB CLA WO . -41.28 -4.67 62.51
CBB CLA WO . -42.29 -3.85 62.73
NC CLA WO . -38.78 -2.93 67.28
C1C CLA WO . -40.00 -2.83 66.76
C2C CLA WO . -41.01 -2.15 67.62
C3C CLA WO . -40.20 -1.83 68.79
C4C CLA WO . -38.87 -2.35 68.47
CMC CLA WO . -42.46 -1.87 67.35
CAC CLA WO . -40.56 -1.14 70.08
CBC CLA WO . -40.74 -2.19 71.15
ND CLA WO . -36.09 -3.02 67.84
C1D CLA WO . -36.37 -2.49 69.02
C2D CLA WO . -35.25 -2.40 69.98
C3D CLA WO . -34.22 -2.99 69.15
C4D CLA WO . -34.75 -3.32 67.97
CMD CLA WO . -34.99 -1.93 71.38
CAD CLA WO . -32.80 -3.34 69.19
OBD CLA WO . -32.05 -3.28 70.20
CBD CLA WO . -32.41 -3.91 67.89
CGD CLA WO . -31.39 -2.99 67.35
O1D CLA WO . -30.28 -2.96 67.83
O2D CLA WO . -31.65 -2.13 66.24
CED CLA WO . -30.59 -2.11 65.32
C1 CLA WO . -32.92 -10.54 67.14
C2 CLA WO . -32.14 -10.55 68.43
C3 CLA WO . -32.60 -11.17 69.52
C4 CLA WO . -31.77 -11.15 70.77
C5 CLA WO . -33.94 -11.86 69.53
C6 CLA WO . -33.87 -13.12 70.39
C7 CLA WO . -34.86 -13.08 71.55
C8 CLA WO . -34.23 -13.54 72.87
C9 CLA WO . -33.38 -14.79 72.69
C10 CLA WO . -35.35 -13.79 73.89
CAA F6C XO . -18.58 16.05 15.58
CAB F6C XO . -19.06 6.73 14.15
CAC F6C XO . -21.54 7.66 21.73
CAD F6C XO . -21.36 15.66 19.73
NA F6C XO . -19.92 12.97 16.06
CBA F6C XO . -17.32 15.31 15.95
CBB F6C XO . -17.91 6.21 13.87
CBC F6C XO . -20.42 7.99 22.69
CBD F6C XO . -20.80 15.98 18.38
NB F6C XO . -19.65 10.02 15.69
OBD F6C XO . -21.24 16.46 20.72
CGA F6C XO . -16.87 15.94 17.22
CGD F6C XO . -21.77 16.81 17.57
ND F6C XO . -20.94 12.21 18.83
CED F6C XO . -22.20 19.08 16.64
CHA F6C XO . -20.55 14.61 17.78
CHB F6C XO . -19.25 11.84 14.08
CHC F6C XO . -19.91 7.85 16.88
CHD F6C XO . -21.59 10.60 20.50
CMA F6C XO . -20.39 14.46 13.02
CMB F6C XO . -18.57 9.43 12.11
CMC F6C XO . -20.43 5.76 19.23
CMD F6C XO . -22.33 13.29 22.20
OMB F6C XO . -18.18 8.45 11.52
C1 F6C XO . -16.42 13.89 18.50
C1A F6C XO . -20.07 14.19 16.41
C1B F6C XO . -19.30 10.43 14.48
C1C F6C XO . -20.41 8.22 18.21
C1D F6C XO . -21.41 11.96 20.03
O1A F6C XO . -16.35 17.03 17.28
O1D F6C XO . -22.95 16.51 17.48
C2 F6C XO . -17.16 12.75 19.11
C2A F6C XO . -19.79 15.16 15.31
C2B F6C XO . -18.98 9.33 13.55
C2C F6C XO . -20.65 7.23 19.25
C2D F6C XO . -21.77 13.13 20.83
O2A F6C XO . -16.99 15.37 18.39
O2D F6C XO . -21.33 17.99 16.87
C3 F6C XO . -16.85 11.49 18.77
C3A F6C XO . -19.45 14.26 14.18
C3B F6C XO . -19.20 8.17 14.41
C3C F6C XO . -21.12 8.06 20.35
C3D F6C XO . -21.40 14.19 19.87
C4 F6C XO . -17.60 10.38 19.43
C4A F6C XO . -19.51 12.93 14.81
C4B F6C XO . -19.60 8.69 15.71
C4C F6C XO . -21.11 9.42 19.77
C4D F6C XO . -20.94 13.60 18.78
C5 F6C XO . -15.75 11.19 17.77
C6 F6C XO . -16.17 9.99 16.92
C7 F6C XO . -15.11 9.51 15.94
C8 F6C XO . -15.25 8.04 15.54
C9 F6C XO . -15.93 7.24 16.64
C10 F6C XO . -13.88 7.46 15.19
C11 F6C XO . -13.77 5.96 15.43
C12 F6C XO . -12.66 5.57 16.42
C13 F6C XO . -12.18 4.13 16.33
C14 F6C XO . -12.80 3.39 15.15
C15 F6C XO . -12.48 3.36 17.62
NC F6C XO . -20.69 9.47 18.51
MG F6C XO . -20.35 11.15 17.25
C16 F6C XO . -11.73 2.04 17.73
C17 F6C XO . -12.66 0.83 17.64
C18 F6C XO . -12.20 -0.34 18.49
C19 F6C XO . -12.54 -0.09 19.95
C20 F6C XO . -12.87 -1.62 18.02
CAA F6C YO . -20.41 1.05 18.14
CAB F6C YO . -25.75 5.41 24.53
CAC F6C YO . -24.95 10.69 18.46
CAD F6C YO . -21.77 4.08 14.60
NA F6C YO . -22.98 2.99 19.08
CBA F6C YO . -19.73 2.00 19.10
CBB F6C YO . -26.80 4.86 25.07
CBC F6C YO . -26.23 10.87 17.74
CBD F6C YO . -21.74 2.82 15.41
NB F6C YO . -24.28 4.58 21.25
OBD F6C YO . -20.97 4.32 13.64
CGA F6C YO . -18.70 2.88 18.46
CGD F6C YO . -22.48 1.67 14.79
ND F6C YO . -23.40 5.58 17.44
CED F6C YO . -22.61 -0.01 12.95
CHA F6C YO . -22.33 3.25 16.74
CHB F6C YO . -23.44 2.25 21.27
CHC F6C YO . -25.28 6.80 21.79
CHD F6C YO . -24.06 7.89 17.20
CMA F6C YO . -23.09 -0.47 19.98
CMB F6C YO . -24.48 2.27 24.25
CMC F6C YO . -25.91 9.93 21.56
CMD F6C YO . -22.62 7.34 14.16
OMB F6C YO . -25.26 1.34 24.18
C1 F6C YO . -16.93 4.62 18.91
C1A F6C YO . -22.45 2.49 18.04
C1B F6C YO . -24.09 3.42 21.87
C1C F6C YO . -25.03 7.59 20.57
C1D F6C YO . -23.44 6.67 16.70
O1A F6C YO . -18.80 3.47 17.39
O1D F6C YO . -23.57 1.33 15.18
C2 F6C YO . -15.64 5.03 19.58
C2A F6C YO . -21.95 1.09 18.21
C2B F6C YO . -24.57 3.40 23.27
C2C F6C YO . -25.34 9.03 20.51
C2D F6C YO . -22.85 6.51 15.36
O2A F6C YO . -17.55 3.15 19.02
O2D F6C YO . -21.86 0.90 13.73
C3 F6C YO . -15.61 6.16 20.31
C3A F6C YO . -22.35 0.81 19.65
C3B F6C YO . -25.10 4.76 23.39
C3C F6C YO . -24.91 9.35 19.15
C3D F6C YO . -22.42 5.11 15.42
C4 F6C YO . -16.86 6.97 20.49
C4A F6C YO . -22.97 2.10 20.04
C4B F6C YO . -24.88 5.41 22.09
C4C F6C YO . -24.44 8.07 18.61
C4D F6C YO . -22.76 4.65 16.62
C5 F6C YO . -14.34 6.60 20.99
C6 F6C YO . -13.33 7.04 19.94
C7 F6C YO . -12.71 8.39 20.28
C8 F6C YO . -11.38 8.58 19.54
C9 F6C YO . -10.65 9.79 20.07
C10 F6C YO . -11.63 8.76 18.06
C11 F6C YO . -10.31 8.93 17.32
C12 F6C YO . -10.57 9.53 15.95
C13 F6C YO . -9.37 9.35 15.02
C14 F6C YO . -8.39 10.50 15.21
C15 F6C YO . -9.93 9.28 13.59
NC F6C YO . -24.50 7.05 19.48
MG F6C YO . -23.82 5.05 19.30
C16 F6C YO . -8.92 9.60 12.50
C17 F6C YO . -8.16 8.34 12.15
C18 F6C YO . -7.45 8.44 10.81
C19 F6C YO . -6.72 7.14 10.51
C20 F6C YO . -8.41 8.77 9.69
MG CLA ZO . -19.89 5.57 33.71
CHA CLA ZO . -21.46 2.48 33.88
CHB CLA ZO . -17.62 4.36 35.98
CHC CLA ZO . -18.35 8.58 33.57
CHD CLA ZO . -22.32 6.73 31.47
NA CLA ZO . -19.54 3.67 34.81
C1A CLA ZO . -20.25 2.59 34.75
C2A CLA ZO . -19.79 1.53 35.72
C3A CLA ZO . -18.62 2.19 36.39
C4A CLA ZO . -18.58 3.49 35.69
CMA CLA ZO . -18.68 2.26 37.89
CAA CLA ZO . -19.28 0.27 35.05
CBA CLA ZO . -18.51 0.61 33.80
CGA CLA ZO . -18.02 -0.67 33.22
O1A CLA ZO . -18.68 -1.42 32.54
O2A CLA ZO . -16.82 -1.12 33.42
NB CLA ZO . -18.23 6.34 34.66
C1B CLA ZO . -17.39 5.71 35.48
C2B CLA ZO . -16.24 6.52 35.89
C3B CLA ZO . -16.47 7.77 35.18
C4B CLA ZO . -17.72 7.57 34.44
CMB CLA ZO . -15.11 6.12 36.79
CAB CLA ZO . -15.63 8.99 35.18
CBB CLA ZO . -14.67 9.17 34.29
NC CLA ZO . -20.22 7.35 32.59
C1C CLA ZO . -19.53 8.47 32.71
C2C CLA ZO . -19.98 9.61 31.91
C3C CLA ZO . -21.15 9.03 31.23
C4C CLA ZO . -21.19 7.64 31.74
CMC CLA ZO . -19.34 10.97 31.88
CAC CLA ZO . -22.12 9.58 30.22
CBC CLA ZO . -22.66 10.96 30.49
ND CLA ZO . -21.53 4.91 32.82
C1D CLA ZO . -22.42 5.36 31.96
C2D CLA ZO . -23.47 4.39 31.57
C3D CLA ZO . -23.03 3.25 32.38
C4D CLA ZO . -21.93 3.61 33.05
CMD CLA ZO . -24.68 4.33 30.69
CAD CLA ZO . -23.39 1.86 32.68
OBD CLA ZO . -24.24 1.16 32.04
CBD CLA ZO . -22.42 1.32 33.68
CGD CLA ZO . -23.12 1.00 34.96
O1D CLA ZO . -23.27 1.85 35.82
O2D CLA ZO . -23.64 -0.32 35.24
CED CLA ZO . -24.93 -0.48 35.81
C1 CLA ZO . -15.70 -0.65 32.38
C2 CLA ZO . -15.90 -0.82 30.90
C3 CLA ZO . -14.83 -0.85 30.11
C4 CLA ZO . -13.46 -0.69 30.70
C5 CLA ZO . -14.99 -1.01 28.63
C6 CLA ZO . -15.22 0.38 28.05
C7 CLA ZO . -14.19 0.69 26.97
C8 CLA ZO . -14.80 1.58 25.90
C9 CLA ZO . -16.06 0.94 25.34
C10 CLA ZO . -13.79 1.80 24.79
C11 CLA ZO . -13.45 3.28 24.64
C12 CLA ZO . -11.99 3.47 24.26
C13 CLA ZO . -11.86 4.16 22.92
C14 CLA ZO . -11.93 3.12 21.81
C15 CLA ZO . -10.58 4.97 22.89
C16 CLA ZO . -10.01 5.20 21.50
C17 CLA ZO . -8.55 4.82 21.46
C18 CLA ZO . -7.72 5.69 20.53
C19 CLA ZO . -6.28 5.23 20.57
C20 CLA ZO . -8.22 5.65 19.11
MG CLA AP . -47.12 -16.93 72.58
CHA CLA AP . -49.66 -15.22 70.91
CHB CLA AP . -44.89 -15.11 70.69
CHC CLA AP . -44.64 -18.52 74.22
CHD CLA AP . -49.54 -18.75 74.45
NA CLA AP . -47.23 -15.34 71.00
C1A CLA AP . -48.27 -14.81 70.49
C2A CLA AP . -47.97 -13.77 69.44
C3A CLA AP . -46.46 -13.81 69.38
C4A CLA AP . -46.17 -14.81 70.44
CMA CLA AP . -45.75 -14.04 68.07
CAA CLA AP . -48.42 -12.38 69.88
CBA CLA AP . -47.79 -11.20 69.12
CGA CLA AP . -48.18 -11.19 67.66
O1A CLA AP . -49.20 -11.71 67.22
O2A CLA AP . -47.51 -10.63 66.68
NB CLA AP . -45.07 -16.80 72.46
C1B CLA AP . -44.33 -16.05 71.65
C2B CLA AP . -42.86 -16.25 71.78
C3B CLA AP . -42.81 -17.25 72.83
C4B CLA AP . -44.23 -17.55 73.19
CMB CLA AP . -41.75 -15.55 71.02
CAB CLA AP . -41.65 -17.91 73.45
CBB CLA AP . -40.70 -18.45 72.72
NC CLA AP . -47.10 -18.35 74.16
C1C CLA AP . -46.00 -18.94 74.62
C2C CLA AP . -46.19 -20.04 75.58
C3C CLA AP . -47.65 -20.08 75.67
C4C CLA AP . -48.11 -19.00 74.75
CMC CLA AP . -45.16 -20.88 76.28
CAC CLA AP . -48.50 -21.00 76.49
CBC CLA AP . -48.56 -22.34 75.79
ND CLA AP . -49.12 -17.06 72.76
C1D CLA AP . -50.01 -17.76 73.46
C2D CLA AP . -51.44 -17.45 73.15
C3D CLA AP . -51.22 -16.42 72.11
C4D CLA AP . -49.90 -16.25 71.94
CMD CLA AP . -52.82 -17.88 73.57
CAD CLA AP . -51.98 -15.53 71.21
OBD CLA AP . -53.23 -15.30 71.28
CBD CLA AP . -51.01 -14.77 70.37
CGD CLA AP . -51.14 -15.21 68.94
O1D CLA AP . -51.56 -16.31 68.69
O2D CLA AP . -50.74 -14.33 67.84
CED CLA AP . -50.93 -14.70 66.48
C1 CLA AP . -45.92 -10.81 66.51
C2 CLA AP . -44.91 -9.69 66.36
C3 CLA AP . -44.92 -8.52 67.01
C4 CLA AP . -45.99 -8.16 68.01
C5 CLA AP . -43.84 -7.51 66.75
C6 CLA AP . -42.51 -8.17 66.40
C7 CLA AP . -41.44 -7.11 66.17
C8 CLA AP . -40.50 -6.98 67.36
C9 CLA AP . -41.01 -5.97 68.37
C10 CLA AP . -39.12 -6.60 66.84
C11 CLA AP . -38.01 -7.25 67.66
C12 CLA AP . -37.39 -6.29 68.67
C13 CLA AP . -36.03 -6.69 69.20
C14 CLA AP . -35.43 -7.91 68.52
C15 CLA AP . -36.11 -6.96 70.69
C16 CLA AP . -36.53 -5.73 71.48
C17 CLA AP . -36.34 -5.99 72.97
C18 CLA AP . -36.28 -4.69 73.77
C19 CLA AP . -37.62 -4.41 74.46
C20 CLA AP . -35.14 -4.72 74.78
C1 PQN BP . -28.40 10.82 32.45
O1 PQN BP . -28.02 11.35 33.49
C2 PQN BP . -27.52 10.79 31.28
C2M PQN BP . -26.18 11.42 31.40
C3 PQN BP . -27.98 10.15 30.01
C4 PQN BP . -29.32 9.55 29.96
O4 PQN BP . -29.70 9.02 28.91
C5 PQN BP . -30.20 9.58 31.13
C6 PQN BP . -31.46 9.02 31.08
C7 PQN BP . -32.26 9.07 32.21
C8 PQN BP . -31.83 9.68 33.37
C9 PQN BP . -30.57 10.24 33.48
C10 PQN BP . -29.74 10.21 32.38
C11 PQN BP . -27.13 10.09 28.78
C12 PQN BP . -26.08 9.01 28.93
C13 PQN BP . -25.85 8.13 27.98
C14 PQN BP . -26.63 8.13 26.70
C15 PQN BP . -24.78 7.11 28.24
C16 PQN BP . -23.92 6.95 27.01
C17 PQN BP . -22.47 7.28 27.33
C18 PQN BP . -21.52 6.29 26.68
C19 PQN BP . -21.95 5.91 25.27
C20 PQN BP . -21.45 5.05 27.55
C21 PQN BP . -20.37 5.17 28.61
C22 PQN BP . -19.74 3.82 28.81
C23 PQN BP . -19.47 3.53 30.27
C24 PQN BP . -18.31 4.36 30.80
C25 PQN BP . -19.16 2.06 30.42
C26 PQN BP . -20.34 1.22 29.96
C27 PQN BP . -19.86 -0.10 29.40
C28 PQN BP . -20.70 -1.25 29.91
C29 PQN BP . -22.15 -1.08 29.49
C30 PQN BP . -20.14 -2.58 29.42
C1 BCR CP . -9.38 -40.21 63.67
C2 BCR CP . -8.16 -40.71 62.92
C3 BCR CP . -8.13 -40.44 61.42
C4 BCR CP . -9.50 -40.63 60.79
C5 BCR CP . -10.43 -39.67 61.47
C6 BCR CP . -10.46 -39.58 62.80
C7 BCR CP . -11.57 -38.88 63.49
C8 BCR CP . -12.79 -39.39 63.69
C9 BCR CP . -13.66 -38.66 64.30
C10 BCR CP . -14.77 -38.43 63.79
C11 BCR CP . -15.93 -38.65 63.78
C33 BCR CP . -11.29 -38.80 60.60
C31 BCR CP . -8.98 -39.19 64.71
C32 BCR CP . -9.99 -41.42 64.36
C34 BCR CP . -13.31 -38.09 65.64
C12 BCR CP . -17.18 -38.89 63.72
C13 BCR CP . -18.56 -38.89 64.23
C14 BCR CP . -19.52 -39.47 63.50
C15 BCR CP . -20.92 -39.52 63.92
C16 BCR CP . -22.15 -39.96 63.76
C17 BCR CP . -23.33 -40.21 63.89
C18 BCR CP . -24.46 -40.84 63.58
C19 BCR CP . -25.77 -40.64 64.21
C20 BCR CP . -26.94 -41.24 64.37
C21 BCR CP . -28.06 -41.54 64.67
C22 BCR CP . -29.29 -42.03 64.53
C23 BCR CP . -30.20 -42.09 65.69
C24 BCR CP . -31.46 -41.66 65.61
C25 BCR CP . -32.40 -41.71 66.76
C26 BCR CP . -32.52 -40.68 67.60
C27 BCR CP . -33.87 -40.16 67.99
C28 BCR CP . -34.94 -41.21 67.71
C29 BCR CP . -34.42 -42.63 67.89
C30 BCR CP . -33.27 -42.92 66.93
C35 BCR CP . -18.91 -38.25 65.53
C36 BCR CP . -24.39 -41.89 62.51
C37 BCR CP . -29.73 -42.54 63.20
C38 BCR CP . -31.32 -39.99 68.21
C39 BCR CP . -33.82 -43.35 65.58
C40 BCR CP . -32.45 -44.06 67.55
C1 BCR DP . -13.21 -38.90 55.43
C2 BCR DP . -13.50 -39.03 56.92
C3 BCR DP . -14.90 -38.56 57.27
C4 BCR DP . -15.96 -39.39 56.54
C5 BCR DP . -15.51 -39.74 55.15
C6 BCR DP . -14.45 -39.16 54.60
C7 BCR DP . -14.47 -38.85 53.15
C8 BCR DP . -15.17 -37.88 52.58
C9 BCR DP . -15.13 -37.73 51.31
C10 BCR DP . -15.65 -36.74 50.73
C11 BCR DP . -15.82 -35.58 50.70
C33 BCR DP . -16.29 -40.77 54.39
C31 BCR DP . -12.14 -39.89 55.01
C32 BCR DP . -12.71 -37.49 55.17
C34 BCR DP . -14.45 -38.75 50.43
C12 BCR DP . -16.04 -34.36 50.58
C13 BCR DP . -16.00 -32.93 50.95
C14 BCR DP . -16.11 -32.02 49.98
C15 BCR DP . -16.08 -30.57 50.19
C16 BCR DP . -16.04 -29.35 49.68
C17 BCR DP . -15.98 -28.16 49.51
C18 BCR DP . -15.91 -27.03 48.79
C19 BCR DP . -15.78 -25.70 49.40
C20 BCR DP . -15.84 -24.39 49.24
C21 BCR DP . -15.77 -23.21 49.44
C22 BCR DP . -15.95 -21.91 49.18
C23 BCR DP . -15.52 -20.86 50.12
C24 BCR DP . -16.25 -19.76 50.17
C25 BCR DP . -15.93 -18.60 51.05
C26 BCR DP . -16.04 -18.70 52.38
C27 BCR DP . -15.18 -17.87 53.31
C28 BCR DP . -14.23 -17.00 52.51
C29 BCR DP . -15.00 -16.31 51.40
C30 BCR DP . -15.50 -17.32 50.39
C35 BCR DP . -15.84 -32.54 52.38
C36 BCR DP . -15.95 -27.13 47.30
C37 BCR DP . -16.57 -21.49 47.89
C38 BCR DP . -17.03 -19.62 53.02
C39 BCR DP . -14.40 -17.59 49.38
C40 BCR DP . -16.70 -16.72 49.67
C1 BCR EP . -8.10 -42.56 56.81
C2 BCR EP . -9.03 -43.61 57.40
C3 BCR EP . -8.49 -45.02 57.21
C4 BCR EP . -8.39 -45.28 55.72
C5 BCR EP . -7.41 -44.29 55.14
C6 BCR EP . -7.15 -43.13 55.78
C7 BCR EP . -5.89 -42.43 55.44
C8 BCR EP . -5.82 -41.34 54.66
C9 BCR EP . -4.70 -40.78 54.43
C10 BCR EP . -4.64 -39.56 54.19
C11 BCR EP . -5.26 -38.57 53.96
C33 BCR EP . -6.71 -44.66 53.87
C31 BCR EP . -7.26 -41.94 57.92
C32 BCR EP . -8.97 -41.50 56.15
C34 BCR EP . -3.44 -41.59 54.38
C12 BCR EP . -5.88 -37.49 53.78
C13 BCR EP . -6.61 -36.48 53.00
C14 BCR EP . -6.39 -35.19 53.30
C15 BCR EP . -7.00 -34.06 52.63
C16 BCR EP . -6.93 -32.79 52.21
C17 BCR EP . -7.20 -31.72 51.74
C18 BCR EP . -6.97 -30.52 51.20
C19 BCR EP . -8.07 -29.61 50.85
C20 BCR EP . -8.51 -28.42 50.47
C21 BCR EP . -8.54 -27.25 50.19
C22 BCR EP . -8.99 -26.08 49.70
C23 BCR EP . -8.17 -24.87 49.78
C24 BCR EP . -7.09 -24.81 50.54
C25 BCR EP . -6.23 -23.60 50.64
C26 BCR EP . -5.09 -23.58 49.94
C27 BCR EP . -3.96 -22.65 50.29
C28 BCR EP . -4.47 -21.37 50.91
C29 BCR EP . -5.46 -21.67 52.02
C30 BCR EP . -6.67 -22.44 51.51
C35 BCR EP . -7.58 -36.87 51.93
C36 BCR EP . -5.55 -30.11 50.94
C37 BCR EP . -10.35 -25.98 49.08
C38 BCR EP . -4.86 -24.52 48.79
C39 BCR EP . -7.54 -21.50 50.70
C40 BCR EP . -7.44 -22.95 52.71
C1 BCR FP . -35.63 -26.00 73.82
C2 BCR FP . -34.52 -27.04 73.85
C3 BCR FP . -33.42 -26.69 74.84
C4 BCR FP . -32.81 -25.34 74.49
C5 BCR FP . -33.93 -24.33 74.42
C6 BCR FP . -35.04 -24.60 73.73
C7 BCR FP . -35.65 -23.52 72.91
C8 BCR FP . -36.78 -22.90 73.26
C9 BCR FP . -37.24 -21.97 72.52
C10 BCR FP . -37.48 -22.20 71.31
C11 BCR FP . -37.80 -21.70 70.29
C33 BCR FP . -33.77 -23.02 75.14
C31 BCR FP . -36.44 -26.06 75.11
C32 BCR FP . -36.51 -26.31 72.62
C34 BCR FP . -37.54 -20.63 73.10
C12 BCR FP . -38.15 -21.23 69.18
C13 BCR FP . -38.76 -20.25 68.27
C14 BCR FP . -38.38 -20.30 66.99
C15 BCR FP . -38.91 -19.37 65.99
C16 BCR FP . -38.95 -18.94 64.74
C17 BCR FP . -39.19 -18.30 63.76
C18 BCR FP . -39.20 -18.01 62.47
C19 BCR FP . -39.77 -16.76 61.95
C20 BCR FP . -39.80 -15.95 60.91
C21 BCR FP . -39.99 -15.02 60.19
C22 BCR FP . -39.80 -14.24 59.13
C23 BCR FP . -40.50 -12.97 58.99
C24 BCR FP . -40.09 -12.13 58.04
C25 BCR FP . -40.72 -10.81 57.84
C26 BCR FP . -41.94 -10.73 57.34
C27 BCR FP . -42.91 -9.71 57.88
C28 BCR FP . -42.20 -8.42 58.28
C29 BCR FP . -40.76 -8.33 57.82
C30 BCR FP . -39.93 -9.57 58.17
C35 BCR FP . -39.78 -19.25 68.73
C36 BCR FP . -38.60 -18.95 61.49
C37 BCR FP . -38.84 -14.68 58.07
C38 BCR FP . -42.37 -11.66 56.24
C39 BCR FP . -39.56 -9.55 59.64
C40 BCR FP . -38.67 -9.55 57.34
C1 BCR GP . -27.93 -17.09 72.92
C2 BCR GP . -26.47 -17.06 73.33
C3 BCR GP . -26.07 -15.75 74.02
C4 BCR GP . -26.33 -14.60 73.08
C5 BCR GP . -27.79 -14.61 72.77
C6 BCR GP . -28.38 -15.74 72.38
C7 BCR GP . -29.50 -15.68 71.43
C8 BCR GP . -29.33 -15.31 70.15
C9 BCR GP . -30.33 -15.28 69.36
C10 BCR GP . -30.24 -14.61 68.32
C11 BCR GP . -30.78 -14.26 67.34
C33 BCR GP . -28.55 -13.32 72.92
C31 BCR GP . -28.83 -17.41 74.10
C32 BCR GP . -28.09 -18.15 71.84
C34 BCR GP . -31.61 -16.00 69.63
C12 BCR GP . -31.33 -13.89 66.29
C13 BCR GP . -32.40 -13.61 65.32
C14 BCR GP . -32.05 -13.11 64.14
C15 BCR GP . -33.07 -12.81 63.14
C16 BCR GP . -33.43 -12.43 61.95
C17 BCR GP . -33.25 -12.06 60.84
C18 BCR GP . -33.37 -11.65 59.58
C19 BCR GP . -34.61 -11.62 58.81
C20 BCR GP . -35.07 -11.65 57.58
C21 BCR GP . -35.76 -11.66 56.60
C22 BCR GP . -36.10 -11.49 55.32
C23 BCR GP . -37.42 -11.88 54.85
C24 BCR GP . -37.69 -11.93 53.54
C25 BCR GP . -39.02 -12.32 52.98
C26 BCR GP . -39.96 -11.39 52.75
C27 BCR GP . -41.00 -11.56 51.67
C28 BCR GP . -41.22 -12.99 51.22
C29 BCR GP . -40.73 -14.00 52.23
C30 BCR GP . -39.28 -13.78 52.63
C35 BCR GP . -33.81 -13.87 65.69
C36 BCR GP . -32.13 -11.23 58.89
C37 BCR GP . -35.12 -10.89 54.37
C38 BCR GP . -40.06 -10.11 53.52
C39 BCR GP . -38.32 -14.28 51.58
C40 BCR GP . -39.10 -14.65 53.84
C1 BCR HP . -39.79 18.97 79.03
C2 BCR HP . -38.44 19.21 79.70
C3 BCR HP . -37.39 19.72 78.73
C4 BCR HP . -37.79 21.01 78.03
C5 BCR HP . -39.30 21.13 77.98
C6 BCR HP . -40.06 20.05 78.01
C7 BCR HP . -41.20 19.92 77.07
C8 BCR HP . -40.98 19.83 75.75
C9 BCR HP . -41.92 19.73 74.90
C10 BCR HP . -41.61 19.53 73.69
C11 BCR HP . -41.98 19.35 72.59
C33 BCR HP . -39.92 22.50 77.91
C31 BCR HP . -40.91 19.01 80.07
C32 BCR HP . -39.78 17.63 78.32
C34 BCR HP . -43.36 19.89 75.29
C12 BCR HP . -42.26 19.20 71.37
C13 BCR HP . -42.99 18.74 70.18
C14 BCR HP . -42.36 18.86 69.01
C15 BCR HP . -42.86 18.45 67.69
C16 BCR HP . -42.62 18.31 66.39
C17 BCR HP . -42.61 18.03 65.22
C18 BCR HP . -42.35 18.22 63.91
C19 BCR HP . -42.62 17.19 62.89
C20 BCR HP . -42.18 16.53 61.83
C21 BCR HP . -42.11 15.77 60.90
C22 BCR HP . -41.64 15.21 59.78
C23 BCR HP . -42.33 14.08 59.13
C24 BCR HP . -42.19 13.90 57.81
C25 BCR HP . -42.79 12.81 56.99
C26 BCR HP . -44.08 12.79 56.59
C27 BCR HP . -44.43 12.32 55.20
C28 BCR HP . -43.73 11.02 54.87
C29 BCR HP . -42.73 10.57 55.92
C30 BCR HP . -41.89 11.69 56.54
C35 BCR HP . -44.38 18.17 70.27
C36 BCR HP . -41.78 19.53 63.47
C37 BCR HP . -40.34 15.68 59.21
C38 BCR HP . -45.22 13.17 57.47
C39 BCR HP . -40.86 12.23 55.55
C40 BCR HP . -41.15 11.11 57.73
C1 BCR IP . -6.71 1.91 37.55
C2 BCR IP . -5.51 2.01 38.46
C3 BCR IP . -5.64 3.19 39.39
C4 BCR IP . -6.81 2.96 40.32
C5 BCR IP . -8.07 2.59 39.56
C6 BCR IP . -8.02 2.09 38.32
C7 BCR IP . -9.29 1.67 37.68
C8 BCR IP . -10.01 2.41 36.85
C9 BCR IP . -11.08 1.93 36.36
C10 BCR IP . -12.03 2.68 36.11
C11 BCR IP . -12.60 3.29 35.27
C33 BCR IP . -9.36 2.78 40.28
C31 BCR IP . -6.73 0.55 36.86
C32 BCR IP . -6.58 2.99 36.49
C34 BCR IP . -11.22 0.46 36.07
C12 BCR IP . -13.20 3.97 34.42
C13 BCR IP . -14.27 4.26 33.47
C14 BCR IP . -14.27 5.47 32.92
C15 BCR IP . -15.26 5.92 31.98
C16 BCR IP . -15.77 6.90 31.25
C17 BCR IP . -16.43 7.54 30.51
C18 BCR IP . -16.81 8.62 29.84
C19 BCR IP . -17.97 8.59 28.94
C20 BCR IP . -18.80 9.25 28.18
C21 BCR IP . -19.44 10.13 27.71
C22 BCR IP . -19.84 11.22 27.05
C23 BCR IP . -21.29 11.38 26.87
C24 BCR IP . -21.78 11.99 25.81
C25 BCR IP . -23.24 12.16 25.66
C26 BCR IP . -23.96 11.24 24.98
C27 BCR IP . -25.46 11.22 24.99
C28 BCR IP . -26.10 12.52 25.47
C29 BCR IP . -25.15 13.70 25.49
C30 BCR IP . -23.88 13.38 26.27
C35 BCR IP . -15.34 3.27 33.15
C36 BCR IP . -16.04 9.88 29.97
C37 BCR IP . -18.88 12.27 26.63
C38 BCR IP . -23.26 10.19 24.17
C39 BCR IP . -24.19 13.17 27.74
C40 BCR IP . -22.93 14.55 26.14
C1 LMG JP . -35.95 -5.68 33.98
O1 LMG JP . -35.25 -4.56 34.53
C2 LMG JP . -37.11 -6.16 34.87
O2 LMG JP . -36.66 -6.92 36.00
C3 LMG JP . -38.10 -7.06 34.14
O3 LMG JP . -39.29 -7.15 34.92
C4 LMG JP . -38.45 -6.54 32.76
O4 LMG JP . -39.17 -5.31 32.88
C5 LMG JP . -37.17 -6.28 32.00
O5 LMG JP . -38.62 -5.02 30.53
C6 LMG JP . -37.45 -5.86 30.56
O6 LMG JP . -36.46 -5.26 32.70
C7 LMG JP . -34.30 -4.89 35.55
C8 LMG JP . -33.22 -3.83 35.66
C9 LMG JP . -32.37 -4.07 36.91
O7 LMG JP . -32.37 -3.94 34.53
C10 LMG JP . -32.61 -2.90 33.56
O9 LMG JP . -33.57 -2.98 32.82
C11 LMG JP . -31.67 -1.74 33.49
C12 LMG JP . -30.57 -1.89 32.45
C13 LMG JP . -29.28 -1.32 33.04
C14 LMG JP . -28.05 -1.68 32.23
C15 LMG JP . -26.94 -2.24 33.09
C16 LMG JP . -25.71 -2.56 32.26
C17 LMG JP . -24.60 -3.23 33.05
C18 LMG JP . -23.32 -2.98 32.31
C19 LMG JP . -22.11 -3.37 32.73
C20 LMG JP . -21.90 -4.13 34.01
C21 LMG JP . -20.42 -4.34 34.17
C22 LMG JP . -19.70 -4.76 33.14
C23 LMG JP . -18.21 -4.98 33.26
C24 LMG JP . -17.92 -5.88 34.43
O8 LMG JP . -31.57 -5.24 36.78
C28 LMG JP . -30.71 -5.61 37.90
O10 LMG JP . -29.83 -6.43 37.75
C29 LMG JP . -30.93 -4.99 39.25
C30 LMG JP . -29.61 -4.93 39.99
C31 LMG JP . -29.76 -4.23 41.33
C32 LMG JP . -28.40 -4.07 41.97
C33 LMG JP . -28.35 -2.94 42.99
C34 LMG JP . -26.92 -2.80 43.48
C35 LMG JP . -26.50 -1.38 43.73
C36 LMG JP . -25.14 -1.20 43.09
C37 LMG JP . -24.15 -2.02 43.33
C38 LMG JP . -22.82 -1.78 42.64
C39 LMG JP . -21.68 -2.34 43.46
C1B LMT KP . -27.14 -43.74 36.38
C2B LMT KP . -28.15 -44.91 36.31
C3B LMT KP . -27.66 -46.01 35.35
C4B LMT KP . -27.24 -45.41 33.98
C5B LMT KP . -26.24 -44.27 34.25
C6B LMT KP . -25.80 -43.64 32.93
O1B LMT KP . -26.03 -44.15 37.12
O2B LMT KP . -28.30 -45.42 37.57
O3B LMT KP . -28.57 -47.02 35.21
O4' LMT KP . -26.63 -46.36 33.19
O5B LMT KP . -26.77 -43.29 35.11
O6B LMT KP . -24.72 -42.83 33.12
C1' LMT KP . -23.31 -42.79 39.93
C2' LMT KP . -24.77 -42.42 40.24
C3' LMT KP . -25.74 -43.22 39.32
C4' LMT KP . -25.33 -43.16 37.84
C5' LMT KP . -23.83 -43.56 37.82
C6' LMT KP . -23.23 -43.73 36.46
O1' LMT KP . -22.48 -41.94 40.60
O2' LMT KP . -25.03 -42.76 41.54
O3' LMT KP . -27.01 -42.73 39.48
O5' LMT KP . -23.08 -42.62 38.54
O6' LMT KP . -23.63 -42.65 35.73
C1 LMT KP . -21.22 -41.71 39.99
C2 LMT KP . -20.41 -41.01 41.03
C3 LMT KP . -20.65 -39.55 41.21
C4 LMT KP . -19.44 -38.98 41.89
C5 LMT KP . -19.47 -37.50 41.91
C6 LMT KP . -20.13 -36.95 43.12
C7 LMT KP . -19.24 -35.95 43.77
C8 LMT KP . -20.09 -34.95 44.43
C9 LMT KP . -19.56 -34.40 45.70
C10 LMT KP . -18.84 -33.13 45.41
C11 LMT KP . -18.47 -32.43 46.67
C12 LMT KP . -18.41 -30.95 46.50
C1B LMT LP . -59.21 -6.71 66.08
C2B LMT LP . -60.45 -7.60 66.31
C3B LMT LP . -60.04 -9.08 66.39
C4B LMT LP . -59.19 -9.49 65.16
C5B LMT LP . -58.02 -8.50 65.06
C6B LMT LP . -57.14 -8.84 63.86
O1B LMT LP . -58.47 -6.67 67.26
O2B LMT LP . -61.02 -7.20 67.49
O3B LMT LP . -61.14 -9.90 66.54
O4' LMT LP . -58.67 -10.75 65.34
O5B LMT LP . -58.45 -7.15 64.99
O6B LMT LP . -56.05 -8.02 63.81
C1' LMT LP . -56.04 -4.48 69.65
C2' LMT LP . -57.10 -3.61 68.97
C3' LMT LP . -58.15 -4.52 68.28
C4' LMT LP . -57.51 -5.65 67.42
C5' LMT LP . -56.37 -6.26 68.26
C6' LMT LP . -55.65 -7.39 67.58
O1' LMT LP . -55.04 -3.72 70.17
O2' LMT LP . -57.73 -2.88 69.94
O3' LMT LP . -58.98 -3.76 67.50
O5' LMT LP . -55.44 -5.28 68.64
O6' LMT LP . -54.42 -7.46 68.16
C1 LMT LP . -54.01 -4.47 70.77
C2 LMT LP . -53.02 -3.45 71.25
C3 LMT LP . -51.77 -4.01 71.81
C4 LMT LP . -50.82 -2.87 72.07
C5 LMT LP . -49.56 -3.39 72.65
C6 LMT LP . -48.70 -2.31 73.19
C7 LMT LP . -47.61 -2.93 74.02
C8 LMT LP . -46.56 -1.90 74.25
C9 LMT LP . -45.44 -2.39 75.10
C10 LMT LP . -44.42 -1.28 75.18
C11 LMT LP . -43.07 -1.80 75.56
C12 LMT LP . -42.43 -0.94 76.60
C1B LMT MP . -12.84 -31.76 82.13
C2B LMT MP . -11.52 -32.58 82.20
C3B LMT MP . -10.31 -31.77 82.76
C4B LMT MP . -10.69 -30.50 83.56
C5B LMT MP . -12.08 -30.73 84.18
C6B LMT MP . -12.41 -29.62 85.17
O1B LMT MP . -13.92 -32.63 82.02
O2B LMT MP . -11.75 -33.71 82.95
O3B LMT MP . -9.40 -31.51 81.78
O4' LMT MP . -9.78 -30.24 84.56
O5B LMT MP . -13.07 -30.84 83.19
O6B LMT MP . -12.91 -30.16 86.32
C1' LMT MP . -16.49 -33.78 78.84
C2' LMT MP . -15.22 -34.68 79.10
C3' LMT MP . -14.48 -34.35 80.45
C4' LMT MP . -14.46 -32.84 80.74
C5' LMT MP . -15.96 -32.53 80.73
C6' LMT MP . -16.38 -31.30 81.48
O1' LMT MP . -16.79 -33.55 77.52
O2' LMT MP . -15.60 -36.00 79.15
O3' LMT MP . -13.21 -34.86 80.48
O5' LMT MP . -16.37 -32.47 79.40
O6' LMT MP . -16.08 -31.59 82.79
C1 LMT MP . -16.14 -34.29 76.49
C2 LMT MP . -17.19 -34.49 75.46
C3 LMT MP . -16.88 -35.47 74.38
C4 LMT MP . -18.06 -35.51 73.45
C5 LMT MP . -17.92 -36.65 72.51
C6 LMT MP . -18.64 -36.41 71.23
C7 LMT MP . -19.00 -37.72 70.59
C8 LMT MP . -17.89 -38.14 69.70
C9 LMT MP . -18.10 -39.48 69.08
C10 LMT MP . -16.88 -39.81 68.25
C11 LMT MP . -16.82 -41.26 67.90
C12 LMT MP . -15.64 -41.57 67.04
C1B LMT NP . -45.39 -38.51 65.82
C2B LMT NP . -44.79 -38.54 64.39
C3B LMT NP . -45.74 -37.91 63.36
C4B LMT NP . -47.20 -38.42 63.53
C5B LMT NP . -47.59 -38.20 64.99
C6B LMT NP . -49.04 -38.63 65.22
O1B LMT NP . -45.22 -37.23 66.34
O2B LMT NP . -43.61 -37.83 64.45
O3B LMT NP . -45.29 -38.10 62.08
O4' LMT NP . -48.06 -37.71 62.72
O5B LMT NP . -46.73 -38.90 65.86
O6B LMT NP . -49.82 -37.54 65.51
C1' LMT NP . -43.46 -35.15 69.09
C2' LMT NP . -43.24 -36.62 69.43
C3' LMT NP . -43.78 -37.47 68.25
C4' LMT NP . -45.19 -37.07 67.74
C5' LMT NP . -45.43 -35.55 67.94
C6' LMT NP . -46.89 -35.21 67.90
O1' LMT NP . -42.94 -34.34 70.05
O2' LMT NP . -41.90 -36.83 69.58
O3' LMT NP . -43.75 -38.80 68.60
O5' LMT NP . -44.86 -35.01 69.11
O6' LMT NP . -47.25 -35.25 66.57
C1 LMT NP . -41.78 -33.62 69.67
C2 LMT NP . -41.57 -32.61 70.75
C3 LMT NP . -40.73 -31.42 70.42
C4 LMT NP . -41.45 -30.20 70.91
C5 LMT NP . -40.49 -29.12 71.26
C6 LMT NP . -41.17 -27.96 71.91
C7 LMT NP . -40.16 -26.91 72.27
C8 LMT NP . -40.85 -25.79 72.97
FE1 SF4 OP . -50.95 6.78 25.20
FE2 SF4 OP . -52.98 6.12 23.46
FE3 SF4 OP . -53.00 5.15 26.02
FE4 SF4 OP . -51.15 4.22 24.23
S1 SF4 OP . -53.43 3.96 24.12
S2 SF4 OP . -50.76 4.84 26.41
S3 SF4 OP . -50.73 6.11 23.02
S4 SF4 OP . -53.16 7.34 25.40
FE1 SF4 PP . -62.13 4.50 30.74
FE2 SF4 PP . -62.09 4.85 28.02
FE3 SF4 PP . -64.08 6.01 29.52
FE4 SF4 PP . -64.03 3.29 29.17
S1 SF4 PP . -64.34 4.88 27.54
S2 SF4 PP . -64.39 4.41 31.13
S3 SF4 PP . -61.77 2.88 29.16
S4 SF4 PP . -61.83 6.48 29.61
C1 BCR QP . -8.33 -10.30 35.36
C2 BCR QP . -7.63 -11.53 35.89
C3 BCR QP . -6.19 -11.53 35.43
C4 BCR QP . -6.17 -11.75 33.93
C5 BCR QP . -7.20 -10.89 33.23
C6 BCR QP . -8.13 -10.16 33.87
C7 BCR QP . -9.02 -9.25 33.10
C8 BCR QP . -8.74 -7.97 32.86
C9 BCR QP . -9.54 -7.24 32.20
C10 BCR QP . -9.10 -6.55 31.26
C11 BCR QP . -9.10 -5.52 30.70
C33 BCR QP . -7.15 -10.90 31.73
C31 BCR QP . -7.75 -9.08 36.03
C32 BCR QP . -9.82 -10.38 35.66
C34 BCR QP . -11.00 -7.17 32.56
C12 BCR QP . -9.04 -4.42 30.10
C13 BCR QP . -9.60 -3.27 29.38
C14 BCR QP . -8.78 -2.40 28.78
C15 BCR QP . -9.28 -1.25 28.05
C16 BCR QP . -9.16 -0.12 27.38
C17 BCR QP . -8.69 0.90 26.95
C18 BCR QP . -7.90 1.72 26.25
C19 BCR QP . -8.14 3.18 26.25
C20 BCR QP . -7.90 4.38 25.76
C21 BCR QP . -7.94 5.57 25.65
C22 BCR QP . -7.47 6.78 25.36
C23 BCR QP . -8.26 7.98 25.61
C24 BCR QP . -7.80 9.17 25.24
C25 BCR QP . -8.54 10.42 25.51
C26 BCR QP . -9.71 10.68 24.94
C27 BCR QP . -10.82 11.38 25.68
C28 BCR QP . -10.27 12.22 26.84
C29 BCR QP . -8.83 12.62 26.63
C30 BCR QP . -7.92 11.41 26.47
C35 BCR QP . -11.08 -3.09 29.32
C36 BCR QP . -6.71 1.20 25.51
C37 BCR QP . -6.08 6.90 24.81
C38 BCR QP . -9.95 10.27 23.52
C39 BCR QP . -7.69 10.72 27.79
C40 BCR QP . -6.60 11.89 25.90
C1 BCR RP . -2.12 3.90 24.36
C2 BCR RP . -2.20 2.49 23.84
C3 BCR RP . -0.89 2.13 23.17
C4 BCR RP . -0.76 2.94 21.92
C5 BCR RP . -0.99 4.39 22.19
C6 BCR RP . -1.72 4.84 23.23
C7 BCR RP . -2.09 6.28 23.28
C8 BCR RP . -3.12 6.78 22.60
C9 BCR RP . -3.42 8.00 22.62
C10 BCR RP . -4.49 8.31 22.06
C11 BCR RP . -5.12 9.15 21.56
C33 BCR RP . -0.34 5.33 21.22
C31 BCR RP . -1.00 3.92 25.35
C32 BCR RP . -3.39 4.32 25.07
C34 BCR RP . -2.55 9.05 23.21
C12 BCR RP . -5.82 10.00 20.98
C13 BCR RP . -6.58 11.23 20.84
C14 BCR RP . -7.20 11.42 19.69
C15 BCR RP . -7.99 12.60 19.42
C16 BCR RP . -8.83 13.23 18.64
C17 BCR RP . -9.53 14.04 18.14
C18 BCR RP . -10.48 14.49 17.33
C19 BCR RP . -10.77 15.91 17.22
C20 BCR RP . -11.40 16.82 16.52
C21 BCR RP . -12.06 17.22 15.63
C22 BCR RP . -12.83 17.91 14.81
C23 BCR RP . -13.22 17.20 13.61
C24 BCR RP . -13.94 17.75 12.64
C25 BCR RP . -14.28 16.94 11.45
C26 BCR RP . -13.48 17.04 10.38
C27 BCR RP . -13.70 16.20 9.15
C28 BCR RP . -14.70 15.09 9.40
C29 BCR RP . -15.91 15.65 10.09
C30 BCR RP . -15.53 16.08 11.49
C35 BCR RP . -6.69 12.21 21.95
C36 BCR RP . -11.27 13.51 16.53
C37 BCR RP . -13.26 19.32 15.09
C38 BCR RP . -12.36 18.03 10.32
C39 BCR RP . -15.36 14.81 12.33
C40 BCR RP . -16.65 16.91 12.08
C1 LMG SP . 14.45 -12.53 28.97
O1 LMG SP . 14.21 -12.90 27.62
C2 LMG SP . 15.63 -13.31 29.52
O2 LMG SP . 15.28 -14.69 29.61
C3 LMG SP . 16.04 -12.84 30.92
O3 LMG SP . 17.31 -13.40 31.25
C4 LMG SP . 16.11 -11.33 31.01
O4 LMG SP . 17.22 -10.85 30.24
C5 LMG SP . 14.83 -10.74 30.45
O5 LMG SP . 14.37 -8.95 32.00
C6 LMG SP . 14.77 -9.23 30.65
O6 LMG SP . 14.71 -11.12 29.08
C7 LMG SP . 12.82 -13.13 27.36
C8 LMG SP . 12.65 -14.36 26.47
C9 LMG SP . 13.36 -15.54 27.11
O7 LMG SP . 11.27 -14.69 26.35
C10 LMG SP . 10.78 -14.52 25.00
O9 LMG SP . 11.06 -13.49 24.41
C11 LMG SP . 9.93 -15.59 24.33
C12 LMG SP . 8.65 -15.81 25.11
C13 LMG SP . 7.41 -15.64 24.25
C14 LMG SP . 6.42 -14.73 24.96
C15 LMG SP . 5.01 -14.81 24.38
C16 LMG SP . 4.03 -14.12 25.33
C17 LMG SP . 2.67 -13.91 24.67
O8 LMG SP . 12.69 -15.92 28.30
C28 LMG SP . 13.23 -16.94 29.18
O10 LMG SP . 13.50 -16.65 30.33
C29 LMG SP . 13.48 -18.34 28.66
C30 LMG SP . 12.19 -19.14 28.63
C31 LMG SP . 11.30 -18.77 27.45
C32 LMG SP . 10.31 -19.89 27.17
C33 LMG SP . 9.06 -19.77 28.03
C34 LMG SP . 8.00 -18.94 27.31
C35 LMG SP . 6.88 -18.53 28.25
C36 LMG SP . 5.66 -18.20 27.44
C37 LMG SP . 4.68 -17.49 27.98
C1B LMT TP . 19.31 -5.25 29.07
C2B LMT TP . 20.29 -4.12 28.68
C3B LMT TP . 21.11 -4.48 27.43
C4B LMT TP . 21.75 -5.88 27.57
C5B LMT TP . 20.61 -6.88 27.91
C6B LMT TP . 21.18 -8.29 28.02
O1B LMT TP . 18.19 -5.23 28.22
O2B LMT TP . 19.52 -3.00 28.45
O3B LMT TP . 22.05 -3.53 27.16
O4' LMT TP . 22.32 -6.27 26.38
O5B LMT TP . 19.93 -6.51 29.09
O6B LMT TP . 21.00 -8.97 26.84
C1' LMT TP . 14.23 -6.45 28.05
C2' LMT TP . 14.64 -5.72 29.34
C3' LMT TP . 16.01 -5.02 29.19
C4' LMT TP . 17.06 -5.97 28.60
C5' LMT TP . 16.39 -6.50 27.32
C6' LMT TP . 17.31 -7.29 26.43
O1' LMT TP . 13.14 -7.24 28.27
O2' LMT TP . 13.69 -4.77 29.61
O3' LMT TP . 16.42 -4.54 30.39
O5' LMT TP . 15.29 -7.29 27.65
O6' LMT TP . 16.93 -8.59 26.56
C1 LMT TP . 12.22 -7.23 27.23
C2 LMT TP . 11.45 -8.50 27.36
C3 LMT TP . 11.24 -9.25 26.09
C4 LMT TP . 9.85 -9.79 26.06
C5 LMT TP . 9.62 -10.48 24.76
C6 LMT TP . 8.23 -10.99 24.63
C7 LMT TP . 7.68 -10.61 23.31
C8 LMT TP . 7.76 -11.79 22.40
C9 LMT TP . 6.44 -12.36 22.02
C10 LMT TP . 5.64 -11.25 21.42
C11 LMT TP . 4.19 -11.57 21.46
C12 LMT TP . 3.43 -10.54 20.73
MG CLA UP . -26.57 79.25 25.02
CHA CLA UP . -24.72 81.19 22.77
CHB CLA UP . -29.41 80.58 23.59
CHC CLA UP . -28.34 77.30 27.12
CHD CLA UP . -23.55 77.98 26.38
NA CLA UP . -27.05 80.70 23.37
C1A CLA UP . -26.21 81.32 22.62
C2A CLA UP . -26.87 82.27 21.63
C3A CLA UP . -28.35 82.03 21.92
C4A CLA UP . -28.27 81.04 23.03
CMA CLA UP . -29.30 83.21 22.05
CAA CLA UP . -26.51 82.03 20.15
CBA CLA UP . -27.40 81.09 19.35
CGA CLA UP . -26.97 79.67 19.57
O1A CLA UP . -25.82 79.28 19.53
O2A CLA UP . -27.81 78.68 19.81
NB CLA UP . -28.59 78.98 25.30
C1B CLA UP . -29.60 79.60 24.68
C2B CLA UP . -30.95 79.23 25.19
C3B CLA UP . -30.59 78.26 26.23
C4B CLA UP . -29.12 78.18 26.23
CMB CLA UP . -32.31 79.70 24.75
CAB CLA UP . -31.49 77.51 27.13
CBB CLA UP . -31.63 77.86 28.38
NC CLA UP . -26.01 77.79 26.47
C1C CLA UP . -26.87 77.16 27.27
C2C CLA UP . -26.28 76.31 28.33
C3C CLA UP . -24.84 76.48 28.07
C4C CLA UP . -24.80 77.40 26.91
CMC CLA UP . -26.98 75.50 29.38
CAC CLA UP . -23.70 75.86 28.85
CBC CLA UP . -22.77 74.98 28.03
ND CLA UP . -24.59 79.42 24.75
C1D CLA UP . -23.47 78.94 25.28
C2D CLA UP . -22.20 79.44 24.69
C3D CLA UP . -22.78 80.33 23.69
C4D CLA UP . -24.12 80.28 23.77
CMD CLA UP . -20.71 79.26 24.85
CAD CLA UP . -22.35 81.26 22.63
OBD CLA UP . -21.19 81.80 22.61
CBD CLA UP . -23.58 81.92 22.09
CGD CLA UP . -23.59 83.34 22.55
O1D CLA UP . -22.91 84.18 21.99
O2D CLA UP . -24.39 83.74 23.70
CED CLA UP . -25.18 84.93 23.64
C1 BCR VP . -25.64 71.08 29.16
C2 BCR VP . -24.81 70.09 29.94
C3 BCR VP . -23.49 69.83 29.23
C4 BCR VP . -23.75 69.20 27.87
C5 BCR VP . -24.72 70.06 27.10
C6 BCR VP . -25.75 70.66 27.70
C7 BCR VP . -26.99 70.90 26.95
C8 BCR VP . -27.38 72.06 26.40
C9 BCR VP . -28.50 72.06 25.80
C10 BCR VP . -29.29 73.04 25.82
C11 BCR VP . -29.99 73.65 25.11
C33 BCR VP . -24.50 70.18 25.62
C31 BCR VP . -24.95 72.42 29.21
C32 BCR VP . -27.02 71.26 29.77
C34 BCR VP . -28.94 70.85 25.03
C12 BCR VP . -30.80 74.26 24.37
C13 BCR VP . -31.66 75.35 23.90
C14 BCR VP . -31.29 75.99 22.81
C15 BCR VP . -32.02 77.09 22.20
C16 BCR VP . -32.10 78.02 21.27
C17 BCR VP . -32.46 78.90 20.54
C18 BCR VP . -32.29 79.93 19.71
C19 BCR VP . -33.40 80.59 19.02
C20 BCR VP . -33.72 81.29 17.96
C21 BCR VP . -34.35 81.91 17.14
C22 BCR VP . -34.64 82.84 16.24
C23 BCR VP . -35.94 82.78 15.58
C24 BCR VP . -36.50 83.82 14.98
C25 BCR VP . -37.83 83.77 14.31
C26 BCR VP . -38.95 84.08 14.99
C27 BCR VP . -40.01 84.92 14.35
C28 BCR VP . -40.21 84.55 12.87
C29 BCR VP . -39.40 83.33 12.44
C30 BCR VP . -37.93 83.43 12.83
C35 BCR VP . -32.95 75.71 24.59
C36 BCR VP . -30.92 80.45 19.46
C37 BCR VP . -33.66 83.95 15.92
C38 BCR VP . -39.18 83.65 16.41
C39 BCR VP . -37.24 84.53 12.03
C40 BCR VP . -37.28 82.10 12.47
CA CA WP . 9.43 12.52 29.42
MG CLA XP . -5.89 16.53 -2.29
CHA CLA XP . -3.77 14.11 -3.63
CHB CLA XP . -4.13 16.22 0.63
CHC CLA XP . -8.05 18.73 -1.01
CHD CLA XP . -7.49 16.84 -5.47
NA CLA XP . -4.15 15.32 -1.55
C1A CLA XP . -3.48 14.48 -2.21
C2A CLA XP . -2.36 13.84 -1.45
C3A CLA XP . -2.50 14.52 -0.09
C4A CLA XP . -3.66 15.42 -0.34
CMA CLA XP . -2.51 13.64 1.13
CAA CLA XP . -1.01 14.11 -2.12
CBA CLA XP . -0.58 15.57 -2.18
CGA CLA XP . -1.06 16.19 -3.48
O1A CLA XP . -0.98 15.69 -4.56
O2A CLA XP . -1.62 17.36 -3.57
NB CLA XP . -6.06 17.36 -0.43
C1B CLA XP . -5.27 17.17 0.63
C2B CLA XP . -5.67 17.98 1.81
C3B CLA XP . -6.82 18.70 1.29
C4B CLA XP . -6.99 18.26 -0.10
CMB CLA XP . -5.04 18.03 3.16
CAB CLA XP . -7.69 19.69 1.94
CBB CLA XP . -7.63 19.91 3.23
NC CLA XP . -7.54 17.59 -3.12
C1C CLA XP . -8.27 18.48 -2.44
C2C CLA XP . -9.28 19.21 -3.20
C3C CLA XP . -9.10 18.64 -4.52
C4C CLA XP . -8.01 17.65 -4.36
CMC CLA XP . -10.23 20.26 -2.72
CAC CLA XP . -9.85 18.96 -5.80
CBC CLA XP . -9.00 19.85 -6.65
ND CLA XP . -5.78 15.76 -4.14
C1D CLA XP . -6.39 15.90 -5.31
C2D CLA XP . -5.85 15.05 -6.40
C3D CLA XP . -4.81 14.36 -5.65
C4D CLA XP . -4.82 14.80 -4.40
CMD CLA XP . -6.11 14.79 -7.86
CAD CLA XP . -3.74 13.35 -5.82
OBD CLA XP . -3.75 12.48 -6.74
CBD CLA XP . -3.13 13.07 -4.50
CGD CLA XP . -3.52 11.67 -4.07
O1D CLA XP . -4.45 11.07 -4.58
O2D CLA XP . -2.80 10.96 -3.04
CED CLA XP . -3.23 9.66 -2.66
C1 CLA XP . -2.81 17.66 -4.57
C2 CLA XP . -3.78 18.72 -4.14
C3 CLA XP . -4.61 19.34 -4.98
C4 CLA XP . -4.65 19.00 -6.44
C5 CLA XP . -5.53 20.39 -4.45
C6 CLA XP . -5.24 20.65 -2.98
C7 CLA XP . -6.15 21.77 -2.53
C8 CLA XP . -6.19 21.87 -1.01
C9 CLA XP . -7.28 22.83 -0.57
C10 CLA XP . -4.83 22.31 -0.50
C11 CLA XP . -4.78 22.32 1.01
C12 CLA XP . -3.50 22.98 1.52
C13 CLA XP . -3.76 24.42 1.94
C14 CLA XP . -4.35 25.22 0.79
C15 CLA XP . -2.46 25.06 2.40
C16 CLA XP . -1.81 24.18 3.46
C17 CLA XP . -0.95 23.10 2.81
C18 CLA XP . 0.19 22.71 3.73
C19 CLA XP . -0.22 22.85 5.19
C20 CLA XP . 0.66 21.30 3.42
MG CLA YP . -10.77 14.61 9.05
CHA CLA YP . -10.71 15.24 5.64
CHB CLA YP . -8.47 17.16 9.40
CHC CLA YP . -10.82 14.02 12.36
CHD CLA YP . -13.01 11.94 8.53
NA CLA YP . -9.72 16.06 7.73
C1A CLA YP . -9.85 16.16 6.45
C2A CLA YP . -9.04 17.24 5.83
C3A CLA YP . -8.29 17.75 7.02
C4A CLA YP . -8.85 16.95 8.14
CMA CLA YP . -6.79 17.68 6.85
CAA CLA YP . -9.97 18.39 5.37
CBA CLA YP . -11.08 18.64 6.39
CGA CLA YP . -12.07 19.71 6.10
O1A CLA YP . -11.83 20.89 5.99
O2A CLA YP . -13.34 19.45 5.96
NB CLA YP . -9.78 15.47 10.64
C1B CLA YP . -8.90 16.47 10.61
C2B CLA YP . -8.39 16.85 11.95
C3B CLA YP . -9.08 15.92 12.80
C4B CLA YP . -9.94 15.09 11.92
CMB CLA YP . -7.39 17.92 12.28
CAB CLA YP . -8.98 15.77 14.27
CBB CLA YP . -7.88 15.27 14.79
NC CLA YP . -11.85 13.26 10.28
C1C CLA YP . -11.73 13.16 11.59
C2C CLA YP . -12.57 12.13 12.22
C3C CLA YP . -13.27 11.56 11.06
C4C CLA YP . -12.74 12.31 9.93
CMC CLA YP . -12.68 11.76 13.67
CAC CLA YP . -14.30 10.47 11.02
CBC CLA YP . -15.66 11.12 10.90
ND CLA YP . -11.72 13.71 7.54
C1D CLA YP . -12.55 12.70 7.37
C2D CLA YP . -12.92 12.41 5.96
C3D CLA YP . -12.15 13.48 5.31
C4D CLA YP . -11.51 14.16 6.25
CMD CLA YP . -13.78 11.42 5.23
CAD CLA YP . -11.85 14.04 3.98
OBD CLA YP . -12.39 13.71 2.87
CBD CLA YP . -10.85 15.13 4.13
CGD CLA YP . -9.52 14.70 3.59
O1D CLA YP . -9.02 13.66 3.92
O2D CLA YP . -8.77 15.50 2.66
CED CLA YP . -7.58 14.95 2.12
C1 CLA YP . -14.48 20.36 6.60
C2 CLA YP . -14.80 20.44 8.07
C3 CLA YP . -15.91 19.88 8.56
C4 CLA YP . -16.85 19.13 7.65
C5 CLA YP . -16.22 19.97 10.03
C6 CLA YP . -16.57 21.40 10.43
C7 CLA YP . -17.94 21.77 9.91
C8 CLA YP . -18.39 23.18 10.26
C9 CLA YP . -19.51 23.55 9.33
C10 CLA YP . -17.26 24.20 10.18
C11 CLA YP . -17.81 25.62 10.14
C12 CLA YP . -16.96 26.58 10.95
C13 CLA YP . -17.01 27.99 10.37
C14 CLA YP . -16.23 28.95 11.26
C15 CLA YP . -18.44 28.45 10.21
MG CLA ZP . 0.90 19.63 12.84
CHA CLA ZP . 3.76 19.58 10.89
CHB CLA ZP . 2.97 19.53 15.60
CHC CLA ZP . -1.87 19.72 14.74
CHD CLA ZP . -1.10 19.82 9.92
NA CLA ZP . 3.09 19.58 13.24
C1A CLA ZP . 4.02 19.55 12.37
C2A CLA ZP . 5.40 19.48 12.95
C3A CLA ZP . 5.11 19.39 14.42
C4A CLA ZP . 3.63 19.51 14.43
CMA CLA ZP . 5.74 18.25 15.19
CAA CLA ZP . 5.95 20.89 12.84
CBA CLA ZP . 7.06 21.18 11.85
CGA CLA ZP . 8.34 20.51 12.23
O1A CLA ZP . 8.59 20.03 13.31
O2A CLA ZP . 9.34 20.37 11.40
NB CLA ZP . 0.61 19.62 14.88
C1B CLA ZP . 1.52 19.60 15.84
C2B CLA ZP . 0.94 19.65 17.20
C3B CLA ZP . -0.49 19.70 16.92
C4B CLA ZP . -0.60 19.68 15.45
CMB CLA ZP . 1.68 19.65 18.50
CAB CLA ZP . -1.65 19.76 17.83
CBB CLA ZP . -1.69 19.21 19.03
NC CLA ZP . -1.17 19.78 12.39
C1C CLA ZP . -2.13 19.81 13.30
C2C CLA ZP . -3.50 19.94 12.80
C3C CLA ZP . -3.27 20.00 11.35
C4C CLA ZP . -1.80 19.89 11.22
CMC CLA ZP . -4.76 20.01 13.60
CAC CLA ZP . -4.27 20.15 10.24
CBC CLA ZP . -4.72 18.81 9.72
ND CLA ZP . 1.12 19.71 10.87
C1D CLA ZP . 0.35 19.76 9.79
C2D CLA ZP . 1.08 19.73 8.50
C3D CLA ZP . 2.45 19.66 9.01
C4D CLA ZP . 2.41 19.67 10.34
CMD CLA ZP . 0.74 19.75 7.05
CAD CLA ZP . 3.86 19.60 8.55
OBD CLA ZP . 4.26 19.55 7.34
CBD CLA ZP . 4.73 19.44 9.74
CGD CLA ZP . 5.32 18.07 9.78
O1D CLA ZP . 4.65 17.11 10.10
O2D CLA ZP . 6.69 17.82 9.45
CED CLA ZP . 7.02 16.53 8.95
C1 CLA ZP . 9.45 21.27 10.09
C2 CLA ZP . 8.78 20.91 8.78
C3 CLA ZP . 9.29 19.94 8.01
C4 CLA ZP . 10.52 19.18 8.43
C5 CLA ZP . 8.63 19.60 6.70
C6 CLA ZP . 8.22 20.89 6.03
C7 CLA ZP . 6.95 20.70 5.22
C8 CLA ZP . 7.26 20.12 3.85
C9 CLA ZP . 8.31 20.96 3.14
C10 CLA ZP . 5.98 20.05 3.04
C11 CLA ZP . 4.97 19.09 3.64
C12 CLA ZP . 4.06 18.50 2.57
C13 CLA ZP . 2.81 19.37 2.42
C14 CLA ZP . 1.94 19.25 3.65
C15 CLA ZP . 2.07 18.95 1.16
C16 CLA ZP . 0.69 19.56 1.08
C17 CLA ZP . -0.27 18.61 0.38
C18 CLA ZP . -1.48 19.36 -0.15
C19 CLA ZP . -2.31 19.90 1.00
C20 CLA ZP . -1.05 20.48 -1.08
C1 BCR AQ . -18.79 -7.23 27.43
C2 BCR AQ . -19.68 -8.36 27.93
C3 BCR AQ . -21.04 -8.56 27.27
C4 BCR AQ . -21.03 -8.12 25.83
C5 BCR AQ . -20.63 -6.67 25.85
C6 BCR AQ . -19.49 -6.31 26.44
C7 BCR AQ . -18.94 -4.97 26.15
C8 BCR AQ . -18.12 -4.80 25.12
C9 BCR AQ . -17.67 -3.66 24.82
C10 BCR AQ . -17.86 -3.30 23.65
C11 BCR AQ . -17.53 -2.66 22.75
C33 BCR AQ . -21.53 -5.67 25.20
C31 BCR AQ . -17.54 -7.82 26.82
C32 BCR AQ . -18.43 -6.35 28.61
C34 BCR AQ . -16.98 -2.78 25.81
C12 BCR AQ . -17.24 -2.03 21.71
C13 BCR AQ . -16.74 -0.94 20.87
C14 BCR AQ . -16.98 -1.10 19.57
C15 BCR AQ . -16.59 -0.16 18.55
C16 BCR AQ . -16.75 0.31 17.34
C17 BCR AQ . -16.67 0.95 16.33
C18 BCR AQ . -17.04 1.37 15.13
C19 BCR AQ . -16.26 2.37 14.40
C20 BCR AQ . -16.24 3.14 13.34
C21 BCR AQ . -15.96 3.84 12.43
C22 BCR AQ . -16.17 4.53 11.33
C23 BCR AQ . -15.09 5.19 10.63
C24 BCR AQ . -15.18 6.42 10.15
C25 BCR AQ . -14.07 7.03 9.39
C26 BCR AQ . -12.84 7.23 9.91
C27 BCR AQ . -11.68 7.35 8.97
C28 BCR AQ . -12.03 8.36 7.92
C29 BCR AQ . -13.24 7.90 7.14
C30 BCR AQ . -14.42 7.39 7.96
C35 BCR AQ . -16.04 0.24 21.44
C36 BCR AQ . -18.27 0.81 14.50
C37 BCR AQ . -17.54 4.59 10.75
C38 BCR AQ . -12.54 7.34 11.37
C39 BCR AQ . -14.98 6.17 7.26
C40 BCR AQ . -15.50 8.46 7.98
C1 BCR BQ . -3.17 -19.13 19.75
C2 BCR BQ . -4.55 -18.88 20.39
C3 BCR BQ . -5.51 -18.12 19.47
C4 BCR BQ . -5.68 -18.81 18.12
C5 BCR BQ . -4.32 -19.21 17.60
C6 BCR BQ . -3.24 -18.86 18.27
C7 BCR BQ . -2.10 -18.27 17.53
C8 BCR BQ . -2.12 -17.04 17.02
C9 BCR BQ . -1.10 -16.64 16.40
C10 BCR BQ . -0.62 -15.51 16.60
C11 BCR BQ . -0.25 -14.52 16.11
C33 BCR BQ . -4.21 -20.01 16.34
C31 BCR BQ . -2.79 -20.58 19.96
C32 BCR BQ . -2.12 -18.24 20.39
C34 BCR BQ . -0.45 -17.53 15.39
C12 BCR BQ . 0.15 -13.43 15.64
C13 BCR BQ . 0.69 -12.50 14.65
C14 BCR BQ . 0.28 -11.24 14.73
C15 BCR BQ . 0.69 -10.17 13.83
C16 BCR BQ . 0.62 -8.90 13.50
C17 BCR BQ . 0.75 -7.85 12.96
C18 BCR BQ . 0.68 -6.53 12.87
C19 BCR BQ . 1.05 -5.77 11.67
C20 BCR BQ . 1.41 -4.58 11.25
C21 BCR BQ . 1.73 -3.62 10.60
C22 BCR BQ . 1.85 -2.33 10.32
C23 BCR BQ . 2.55 -1.90 9.12
C24 BCR BQ . 2.61 -0.59 8.82
C25 BCR BQ . 3.26 0.08 7.67
C26 BCR BQ . 2.75 0.02 6.41
C27 BCR BQ . 3.16 0.94 5.29
C28 BCR BQ . 4.46 1.69 5.55
C29 BCR BQ . 5.28 1.09 6.67
C30 BCR BQ . 4.49 0.90 7.96
C35 BCR BQ . 1.66 -12.93 13.61
C36 BCR BQ . 0.21 -5.76 14.07
C37 BCR BQ . 1.27 -1.32 11.25
C38 BCR BQ . 1.69 -0.96 6.01
C39 BCR BQ . 4.08 2.24 8.56
C40 BCR BQ . 5.39 0.22 8.97
O6 LHG CQ . -21.60 20.23 1.20
C4 LHG CQ . -22.76 19.42 1.01
C5 LHG CQ . -22.71 18.64 -0.31
C6 LHG CQ . -22.06 17.27 -0.11
O7 LHG CQ . -24.02 18.44 -0.81
C7 LHG CQ . -24.24 19.20 -2.02
O9 LHG CQ . -23.43 19.15 -2.93
C8 LHG CQ . -25.48 20.03 -2.20
C9 LHG CQ . -26.55 19.20 -2.88
C10 LHG CQ . -26.90 19.77 -4.25
O8 LHG CQ . -22.66 16.23 -0.89
C23 LHG CQ . -21.79 15.52 -1.80
O10 LHG CQ . -20.74 16.04 -2.11
C24 LHG CQ . -22.12 14.17 -2.38
C11 LHG CQ . -25.70 20.35 -4.99
C12 LHG CQ . -26.12 21.14 -6.22
C13 LHG CQ . -26.75 20.23 -7.27
C14 LHG CQ . -28.15 20.69 -7.62
C25 LHG CQ . -23.10 14.34 -3.52
C26 LHG CQ . -23.41 13.02 -4.20
C27 LHG CQ . -24.60 13.22 -5.13
C28 LHG CQ . -24.30 14.20 -6.27
C29 LHG CQ . -24.16 13.52 -7.63
C30 LHG CQ . -25.36 12.65 -7.96
C31 LHG CQ . -24.94 11.20 -8.22
O1 LHG DQ . -22.62 24.66 -7.79
C1 LHG DQ . -21.46 24.06 -7.20
C2 LHG DQ . -20.19 24.57 -7.88
O2 LHG DQ . -19.34 25.15 -6.90
C3 LHG DQ . -20.55 25.59 -8.96
O3 LHG DQ . -19.70 26.73 -8.88
P LHG DQ . -19.30 27.54 -10.21
O4 LHG DQ . -19.04 26.55 -11.32
O5 LHG DQ . -20.28 28.67 -10.41
O6 LHG DQ . -17.89 28.19 -9.76
C4 LHG DQ . -17.11 28.98 -10.64
C5 LHG DQ . -16.26 29.96 -9.84
C6 LHG DQ . -16.43 29.68 -8.35
O7 LHG DQ . -14.89 29.78 -10.19
C7 LHG DQ . -14.15 31.03 -10.19
O9 LHG DQ . -14.69 32.05 -9.81
C8 LHG DQ . -12.72 31.08 -10.65
C9 LHG DQ . -12.14 32.44 -10.31
C10 LHG DQ . -11.27 32.39 -9.07
O8 LHG DQ . -15.71 28.50 -8.00
C23 LHG DQ . -15.15 28.38 -6.67
O10 LHG DQ . -15.77 28.85 -5.73
C24 LHG DQ . -13.82 27.71 -6.47
C11 LHG DQ . -10.02 33.25 -9.28
C12 LHG DQ . -9.12 33.25 -8.05
C13 LHG DQ . -8.14 34.42 -8.13
C14 LHG DQ . -8.35 35.40 -6.98
C15 LHG DQ . -7.23 35.38 -5.98
C16 LHG DQ . -7.75 34.86 -4.65
C17 LHG DQ . -6.68 34.93 -3.56
C18 LHG DQ . -6.93 33.80 -2.57
C19 LHG DQ . -6.26 34.06 -1.24
C20 LHG DQ . -6.84 33.09 -0.21
C21 LHG DQ . -5.99 33.05 1.04
C22 LHG DQ . -6.04 34.38 1.76
C25 LHG DQ . -12.73 28.77 -6.33
C26 LHG DQ . -11.37 28.14 -6.10
C27 LHG DQ . -10.40 29.15 -5.52
C28 LHG DQ . -9.06 28.52 -5.19
C29 LHG DQ . -7.93 29.19 -5.96
C30 LHG DQ . -6.65 29.26 -5.13
C31 LHG DQ . -6.07 30.67 -5.14
C32 LHG DQ . -4.66 30.72 -4.56
C33 LHG DQ . -4.61 30.13 -3.16
C34 LHG DQ . -3.17 29.98 -2.67
C35 LHG DQ . -2.40 31.28 -2.75
C36 LHG DQ . -1.47 31.47 -1.55
C37 LHG DQ . -1.45 32.91 -1.03
C38 LHG DQ . -1.59 33.95 -2.12
C1' LMT EQ . -16.69 16.63 -12.53
O1' LMT EQ . -16.51 17.96 -12.78
C1 LMT EQ . -16.36 18.76 -11.63
C2 LMT EQ . -14.90 19.06 -11.54
C3 LMT EQ . -14.51 20.48 -11.38
C4 LMT EQ . -13.12 20.48 -10.81
C5 LMT EQ . -12.79 21.82 -10.23
C6 LMT EQ . -12.05 21.70 -8.93
C7 LMT EQ . -12.56 22.74 -7.98
C8 LMT EQ . -11.86 22.58 -6.69
C9 LMT EQ . -11.88 23.80 -5.85
C10 LMT EQ . -11.31 23.41 -4.52
C11 LMT EQ . -11.16 24.59 -3.63
C12 LMT EQ . -9.72 24.91 -3.41
C1B LMT FQ . 12.92 20.14 17.07
C2B LMT FQ . 14.39 20.57 17.28
C3B LMT FQ . 15.35 19.92 16.25
C4B LMT FQ . 15.03 18.42 16.03
C5B LMT FQ . 13.54 18.36 15.68
C6B LMT FQ . 13.12 16.96 15.21
O1B LMT FQ . 12.23 20.89 16.09
O2B LMT FQ . 14.42 21.92 17.19
O3B LMT FQ . 16.65 20.12 16.57
O4' LMT FQ . 15.78 17.90 15.01
O5B LMT FQ . 12.79 18.77 16.78
O6B LMT FQ . 14.21 16.17 14.99
C1' LMT FQ . 8.46 22.79 15.69
C2' LMT FQ . 9.70 23.72 15.66
C3' LMT FQ . 11.03 22.89 15.52
C4' LMT FQ . 11.09 21.66 16.48
C5' LMT FQ . 9.72 20.93 16.22
C6' LMT FQ . 9.48 19.57 16.81
O1' LMT FQ . 7.34 23.48 16.07
O2' LMT FQ . 9.60 24.53 14.56
O3' LMT FQ . 12.11 23.68 15.71
O5' LMT FQ . 8.67 21.77 16.64
O6' LMT FQ . 8.15 19.51 17.03
C1 LMT FQ . 6.12 22.83 15.76
C2 LMT FQ . 5.02 23.82 15.99
C3 LMT FQ . 3.62 23.30 15.84
C4 LMT FQ . 3.31 23.36 14.37
C5 LMT FQ . 1.85 23.24 14.12
C6 LMT FQ . 1.57 23.14 12.67
C7 LMT FQ . 0.13 23.41 12.41
C8 LMT FQ . -0.05 23.61 10.97
C9 LMT FQ . -1.48 23.69 10.54
C10 LMT FQ . -1.50 23.42 9.08
C11 LMT FQ . -2.83 23.71 8.48
C12 LMT FQ . -2.70 24.42 7.18
C1B LMT GQ . 8.63 23.83 21.94
C2B LMT GQ . 9.50 24.56 22.97
C3B LMT GQ . 10.44 25.60 22.31
C4B LMT GQ . 10.75 25.36 20.79
C5B LMT GQ . 10.53 23.87 20.40
C6B LMT GQ . 11.83 23.07 20.57
O1B LMT GQ . 7.71 24.71 21.33
O2B LMT GQ . 8.64 25.17 23.86
O3B LMT GQ . 11.59 25.78 23.03
O4' LMT GQ . 9.95 26.16 19.99
O5B LMT GQ . 9.41 23.17 20.97
O6B LMT GQ . 11.69 22.14 21.56
C1' LMT GQ . 3.64 25.11 20.52
C2' LMT GQ . 4.13 25.64 21.89
C3' LMT GQ . 5.67 25.76 21.94
C4' LMT GQ . 6.34 24.46 21.46
C5' LMT GQ . 5.75 24.26 20.06
C6' LMT GQ . 6.44 23.23 19.24
O1' LMT GQ . 2.34 24.69 20.60
O2' LMT GQ . 3.59 26.90 22.07
O3' LMT GQ . 6.11 26.07 23.19
O5' LMT GQ . 4.39 23.95 20.16
O6' LMT GQ . 7.53 23.84 18.70
C1 LMT GQ . 1.56 24.96 19.46
C2 LMT GQ . 1.14 23.61 18.97
C3 LMT GQ . -0.31 23.45 18.65
C4 LMT GQ . -0.48 23.65 17.18
C5 LMT GQ . -1.92 23.52 16.82
C6 LMT GQ . -2.11 23.42 15.35
C7 LMT GQ . -3.57 23.45 15.04
C8 LMT GQ . -3.74 23.73 13.59
C9 LMT GQ . -5.15 23.69 13.12
C10 LMT GQ . -5.13 23.79 11.62
C11 LMT GQ . -6.45 24.28 11.10
C12 LMT GQ . -6.36 24.68 9.66
MG CLA HQ . -10.59 -30.52 24.28
CHA CLA HQ . -13.51 -32.44 24.36
CHB CLA HQ . -11.22 -29.71 27.56
CHC CLA HQ . -7.66 -28.82 24.24
CHD CLA HQ . -10.09 -31.39 20.88
NA CLA HQ . -12.15 -31.01 25.80
C1A CLA HQ . -13.19 -31.74 25.65
C2A CLA HQ . -14.10 -31.81 26.85
C3A CLA HQ . -13.36 -30.91 27.82
C4A CLA HQ . -12.16 -30.51 27.03
CMA CLA HQ . -14.25 -29.85 28.45
CAA CLA HQ . -14.12 -33.18 27.53
CBA CLA HQ . -12.77 -33.87 27.48
CGA CLA HQ . -12.64 -34.81 28.64
O1A CLA HQ . -13.57 -35.32 29.22
O2A CLA HQ . -11.49 -35.20 29.15
NB CLA HQ . -9.58 -29.44 25.71
C1B CLA HQ . -9.98 -29.19 26.96
C2B CLA HQ . -9.00 -28.33 27.70
C3B CLA HQ . -7.98 -28.09 26.70
C4B CLA HQ . -8.42 -28.80 25.49
CMB CLA HQ . -9.07 -27.84 29.11
CAB CLA HQ . -6.75 -27.28 26.84
CBB CLA HQ . -5.58 -27.87 26.96
NC CLA HQ . -9.09 -30.20 22.80
C1C CLA HQ . -8.00 -29.44 22.96
C2C CLA HQ . -7.15 -29.26 21.77
C3C CLA HQ . -7.88 -30.04 20.78
C4C CLA HQ . -9.05 -30.56 21.51
CMC CLA HQ . -5.87 -28.48 21.63
CAC CLA HQ . -7.55 -30.25 19.33
CBC CLA HQ . -7.88 -29.00 18.56
ND CLA HQ . -11.47 -31.60 22.86
C1D CLA HQ . -11.25 -31.93 21.59
C2D CLA HQ . -12.27 -32.84 21.00
C3D CLA HQ . -13.14 -33.00 22.16
C4D CLA HQ . -12.64 -32.29 23.17
CMD CLA HQ . -12.55 -33.53 19.71
CAD CLA HQ . -14.38 -33.70 22.55
OBD CLA HQ . -14.96 -34.60 21.86
CBD CLA HQ . -14.63 -33.40 23.99
CGD CLA HQ . -16.00 -32.84 24.15
O1D CLA HQ . -16.27 -31.75 23.72
O2D CLA HQ . -17.03 -33.61 24.81
CED CLA HQ . -18.24 -33.96 24.15
C1 CLA HQ . -11.23 -35.13 30.73
C2 CLA HQ . -10.71 -36.32 31.49
C3 CLA HQ . -10.68 -36.32 32.82
C4 CLA HQ . -10.15 -37.52 33.56
C5 CLA HQ . -11.15 -35.12 33.60
C1 BCR IQ . -17.33 -15.83 32.92
C2 BCR IQ . -18.72 -15.83 32.30
C3 BCR IQ . -18.87 -17.00 31.36
C4 BCR IQ . -18.85 -18.31 32.10
C5 BCR IQ . -17.78 -18.29 33.15
C6 BCR IQ . -16.95 -17.25 33.31
C7 BCR IQ . -15.63 -17.52 33.92
C8 BCR IQ . -14.55 -17.92 33.25
C9 BCR IQ . -13.48 -18.14 33.89
C10 BCR IQ . -12.41 -17.62 33.51
C11 BCR IQ . -11.34 -17.79 33.05
C33 BCR IQ . -17.68 -19.49 34.04
C31 BCR IQ . -17.31 -14.95 34.14
C32 BCR IQ . -16.36 -15.26 31.91
C34 BCR IQ . -13.49 -19.03 35.08
C12 BCR IQ . -10.21 -17.92 32.52
C13 BCR IQ . -8.81 -18.32 32.50
C14 BCR IQ . -8.04 -17.91 31.48
C15 BCR IQ . -6.63 -18.30 31.44
C16 BCR IQ . -5.39 -18.35 31.00
C17 BCR IQ . -4.36 -18.27 30.39
C18 BCR IQ . -3.03 -18.36 30.30
C19 BCR IQ . -2.22 -18.18 29.10
C20 BCR IQ . -1.13 -18.57 28.45
C21 BCR IQ . -0.14 -19.21 28.19
C22 BCR IQ . 0.99 -19.58 27.58
C23 BCR IQ . 1.68 -20.83 27.92
C24 BCR IQ . 2.66 -21.30 27.12
C25 BCR IQ . 3.45 -22.56 27.33
C26 BCR IQ . 3.05 -23.71 26.74
C27 BCR IQ . 3.99 -24.84 26.40
C28 BCR IQ . 5.20 -24.91 27.32
C29 BCR IQ . 5.11 -23.97 28.51
C30 BCR IQ . 4.75 -22.55 28.12
C35 BCR IQ . -8.22 -19.17 33.59
C36 BCR IQ . -2.30 -18.67 31.57
C37 BCR IQ . 1.58 -18.66 26.56
C38 BCR IQ . 1.62 -23.95 26.37
C39 BCR IQ . 5.86 -21.96 27.25
C40 BCR IQ . 4.66 -21.74 29.40
C1B LMT JQ . -20.61 -32.04 20.65
C2B LMT JQ . -21.72 -31.70 21.66
C3B LMT JQ . -21.84 -32.83 22.70
C4B LMT JQ . -22.07 -34.18 21.99
C5B LMT JQ . -20.88 -34.38 21.05
C6B LMT JQ . -21.04 -35.70 20.32
O1B LMT JQ . -19.37 -31.85 21.24
O2B LMT JQ . -21.37 -30.53 22.27
O3B LMT JQ . -22.82 -32.56 23.62
O4' LMT JQ . -22.11 -35.20 22.91
O5B LMT JQ . -20.75 -33.33 20.12
O6B LMT JQ . -21.21 -36.71 21.22
C1' LMT JQ . -15.88 -29.69 20.64
C2' LMT JQ . -17.17 -28.86 20.70
C3' LMT JQ . -18.28 -29.72 21.37
C4' LMT JQ . -18.46 -31.01 20.56
C5' LMT JQ . -17.08 -31.69 20.54
C6' LMT JQ . -17.10 -33.05 19.91
O1' LMT JQ . -14.92 -28.99 19.97
O2' LMT JQ . -16.96 -27.74 21.45
O3' LMT JQ . -19.45 -29.04 21.44
O5' LMT JQ . -16.14 -30.86 19.90
O6' LMT JQ . -17.57 -33.89 20.87
C1 LMT JQ . -13.60 -29.38 20.23
C2 LMT JQ . -12.82 -28.88 19.05
C3 LMT JQ . -11.82 -27.82 19.30
C4 LMT JQ . -11.60 -27.09 18.01
C5 LMT JQ . -10.40 -26.22 18.11
C6 LMT JQ . -10.69 -24.80 17.79
C7 LMT JQ . -9.43 -24.12 17.38
C8 LMT JQ . -9.65 -22.66 17.34
C9 LMT JQ . -9.86 -22.05 18.69
C10 LMT JQ . -9.51 -20.60 18.59
C11 LMT JQ . -9.78 -19.89 19.87
C12 LMT JQ . -9.52 -18.42 19.75
FE1 FES KQ . -69.72 11.67 33.14
FE2 FES KQ . -71.30 13.79 33.68
S1 FES KQ . -71.91 11.72 33.25
S2 FES KQ . -69.12 13.65 33.90
#